data_8SUG
#
_entry.id   8SUG
#
_cell.length_a   1.00
_cell.length_b   1.00
_cell.length_c   1.00
_cell.angle_alpha   90.00
_cell.angle_beta   90.00
_cell.angle_gamma   90.00
#
_symmetry.space_group_name_H-M   'P 1'
#
_entity_poly.entity_id   1
_entity_poly.type   'polypeptide(L)'
_entity_poly.pdbx_seq_one_letter_code
;VNTNIASLNTQRNLNASSNDLNTSLQRLTTGYRINSAKDDAAGLQISNRLSNQISGLNVATRNANDGISLAQTAEGALQQ
STNILQRIRDLALQSANGSNSDADRAALQKEVAAQQAELTRISDTTTFGGRKLLDGSFGTTSFQVGSNAYETIDISLQNA
SASAIGSYQVGSNGAGTVASVAGTATASGIASGTVNLVGGGQVKNIAIAAGDSAKAIAEKMDGAIPNLSARARTVFTADV
SGVTGGSLNFDVTVGSNTVSLAGVTSTQDLADQLNSNSSKLGITASINDKGVLTITSATGENVKFGAQTGTATAGQVAVK
VQGSDGKFEAAAKNVVAAGTAATTTIVTGYVQLNSPTAYSVSGTGTQASQVFGNASAAQKSSVASVDISTADGAQNAIAV
VDNALAAIDAQRADLAAVQNRFKNTIDNLTNISENATNARSRIKDTDFAAETAALSKNQVLQQAGTAILAQANQLPQAVL
SLLR
;
_entity_poly.pdbx_strand_id   A,B,C,D,E,F,G,H,I,J,K,L,M,N,O,P,Q,R,S,T,U,V,W,X,Y,Z,a,b,c,d,e,f,g
#
# COMPACT_ATOMS: atom_id res chain seq x y z
N VAL A 1 72.01 8.16 -89.44
CA VAL A 1 70.97 8.82 -90.21
C VAL A 1 70.64 10.18 -89.62
N ASN A 2 70.26 11.14 -90.47
CA ASN A 2 69.94 12.49 -90.01
C ASN A 2 68.65 13.06 -90.57
N THR A 3 68.14 12.58 -91.71
CA THR A 3 66.91 13.14 -92.27
C THR A 3 65.68 12.73 -91.49
N ASN A 4 65.65 11.53 -90.91
CA ASN A 4 64.48 11.07 -90.17
C ASN A 4 64.94 9.95 -89.25
N ILE A 5 64.24 9.80 -88.14
CA ILE A 5 64.55 8.80 -87.12
C ILE A 5 63.42 7.78 -87.10
N ALA A 6 63.78 6.49 -87.08
CA ALA A 6 62.78 5.44 -87.05
C ALA A 6 62.03 5.37 -85.72
N SER A 7 62.31 6.28 -84.79
CA SER A 7 61.63 6.31 -83.50
C SER A 7 60.18 6.75 -83.59
N LEU A 8 59.65 7.00 -84.79
CA LEU A 8 58.25 7.37 -84.93
C LEU A 8 57.31 6.25 -84.52
N ASN A 9 57.81 5.01 -84.41
CA ASN A 9 57.03 3.95 -83.78
C ASN A 9 56.75 4.29 -82.31
N THR A 10 57.71 4.96 -81.65
CA THR A 10 57.45 5.44 -80.30
C THR A 10 56.36 6.50 -80.29
N GLN A 11 56.29 7.33 -81.33
CA GLN A 11 55.20 8.30 -81.43
C GLN A 11 53.86 7.60 -81.61
N ARG A 12 53.82 6.57 -82.45
CA ARG A 12 52.59 5.80 -82.63
C ARG A 12 52.15 5.18 -81.30
N ASN A 13 53.10 4.56 -80.59
CA ASN A 13 52.80 4.00 -79.28
C ASN A 13 52.34 5.06 -78.30
N LEU A 14 52.92 6.27 -78.39
CA LEU A 14 52.50 7.35 -77.51
C LEU A 14 51.07 7.75 -77.77
N ASN A 15 50.69 7.88 -79.05
CA ASN A 15 49.31 8.20 -79.38
C ASN A 15 48.36 7.12 -78.90
N ALA A 16 48.72 5.85 -79.12
CA ALA A 16 47.86 4.76 -78.68
C ALA A 16 47.71 4.75 -77.17
N SER A 17 48.81 4.92 -76.44
CA SER A 17 48.75 4.92 -74.98
C SER A 17 47.96 6.12 -74.46
N SER A 18 48.06 7.27 -75.14
CA SER A 18 47.30 8.43 -74.70
C SER A 18 45.81 8.22 -74.91
N ASN A 19 45.42 7.64 -76.05
CA ASN A 19 44.01 7.34 -76.28
C ASN A 19 43.49 6.33 -75.25
N ASP A 20 44.27 5.29 -74.98
CA ASP A 20 43.88 4.31 -73.97
C ASP A 20 43.77 4.98 -72.61
N LEU A 21 44.65 5.92 -72.32
CA LEU A 21 44.61 6.62 -71.04
C LEU A 21 43.37 7.49 -70.94
N ASN A 22 43.01 8.19 -72.02
CA ASN A 22 41.78 8.98 -71.99
C ASN A 22 40.57 8.09 -71.75
N THR A 23 40.52 6.93 -72.42
CA THR A 23 39.39 6.02 -72.21
C THR A 23 39.35 5.52 -70.76
N SER A 24 40.50 5.15 -70.21
CA SER A 24 40.52 4.63 -68.84
C SER A 24 40.15 5.72 -67.83
N LEU A 25 40.63 6.95 -68.06
CA LEU A 25 40.28 8.04 -67.16
C LEU A 25 38.80 8.36 -67.23
N GLN A 26 38.21 8.30 -68.43
CA GLN A 26 36.76 8.44 -68.55
C GLN A 26 36.03 7.35 -67.77
N ARG A 27 36.49 6.11 -67.91
CA ARG A 27 35.88 4.98 -67.20
C ARG A 27 35.95 5.19 -65.69
N LEU A 28 37.08 5.70 -65.20
CA LEU A 28 37.24 5.88 -63.76
C LEU A 28 36.42 7.04 -63.24
N THR A 29 36.35 8.14 -64.00
CA THR A 29 35.61 9.31 -63.52
C THR A 29 34.10 9.15 -63.68
N THR A 30 33.67 8.27 -64.58
CA THR A 30 32.24 8.04 -64.78
C THR A 30 31.70 6.90 -63.93
N GLY A 31 32.55 5.95 -63.54
CA GLY A 31 32.10 4.78 -62.82
C GLY A 31 31.55 3.69 -63.71
N TYR A 32 31.64 3.84 -65.03
CA TYR A 32 31.10 2.86 -65.98
C TYR A 32 32.26 2.34 -66.83
N ARG A 33 32.52 1.03 -66.73
CA ARG A 33 33.56 0.42 -67.56
C ARG A 33 33.21 0.55 -69.03
N ILE A 34 31.98 0.21 -69.39
CA ILE A 34 31.47 0.59 -70.69
C ILE A 34 30.96 2.02 -70.61
N ASN A 35 31.69 2.94 -71.23
CA ASN A 35 31.31 4.34 -71.20
C ASN A 35 29.99 4.53 -71.92
N SER A 36 29.33 5.66 -71.63
CA SER A 36 28.13 6.03 -72.37
C SER A 36 28.41 6.21 -73.85
N ALA A 37 29.68 6.16 -74.26
CA ALA A 37 30.06 6.29 -75.65
C ALA A 37 29.84 4.97 -76.38
N LYS A 38 30.47 4.87 -77.56
CA LYS A 38 30.22 3.78 -78.49
C LYS A 38 30.50 2.40 -77.88
N ASP A 39 31.39 2.33 -76.90
CA ASP A 39 31.99 1.06 -76.50
C ASP A 39 30.93 0.04 -76.09
N ASP A 40 31.06 -1.17 -76.61
CA ASP A 40 30.20 -2.31 -76.25
C ASP A 40 28.73 -2.00 -76.55
N ALA A 41 28.47 -1.84 -77.85
CA ALA A 41 27.12 -1.52 -78.33
C ALA A 41 26.09 -2.54 -77.84
N ALA A 42 26.46 -3.82 -77.78
CA ALA A 42 25.55 -4.82 -77.22
C ALA A 42 25.35 -4.59 -75.73
N GLY A 43 26.46 -4.44 -75.00
CA GLY A 43 26.35 -4.05 -73.60
C GLY A 43 25.66 -2.71 -73.43
N LEU A 44 25.81 -1.82 -74.41
CA LEU A 44 25.10 -0.55 -74.36
C LEU A 44 23.59 -0.76 -74.45
N GLN A 45 23.15 -1.65 -75.33
CA GLN A 45 21.73 -1.99 -75.43
C GLN A 45 21.22 -2.59 -74.12
N ILE A 46 21.96 -3.56 -73.58
CA ILE A 46 21.55 -4.18 -72.32
C ILE A 46 21.44 -3.13 -71.22
N SER A 47 22.41 -2.22 -71.15
CA SER A 47 22.42 -1.20 -70.11
C SER A 47 21.26 -0.23 -70.27
N ASN A 48 21.01 0.21 -71.50
CA ASN A 48 19.90 1.14 -71.74
C ASN A 48 18.57 0.51 -71.38
N ARG A 49 18.34 -0.73 -71.84
CA ARG A 49 17.10 -1.41 -71.54
C ARG A 49 16.94 -1.66 -70.05
N LEU A 50 18.05 -2.00 -69.37
CA LEU A 50 18.00 -2.19 -67.93
C LEU A 50 17.65 -0.88 -67.21
N SER A 51 18.17 0.25 -67.69
CA SER A 51 17.85 1.53 -67.07
C SER A 51 16.38 1.87 -67.27
N ASN A 52 15.86 1.66 -68.48
CA ASN A 52 14.42 1.86 -68.70
C ASN A 52 13.60 0.97 -67.78
N GLN A 53 14.01 -0.30 -67.64
CA GLN A 53 13.28 -1.21 -66.77
C GLN A 53 13.30 -0.74 -65.32
N ILE A 54 14.47 -0.30 -64.84
CA ILE A 54 14.57 0.18 -63.47
C ILE A 54 13.66 1.37 -63.25
N SER A 55 13.70 2.35 -64.17
CA SER A 55 12.86 3.53 -64.02
C SER A 55 11.38 3.17 -64.05
N GLY A 56 10.99 2.27 -64.95
CA GLY A 56 9.61 1.83 -65.00
C GLY A 56 9.17 1.16 -63.72
N LEU A 57 10.06 0.35 -63.13
CA LEU A 57 9.73 -0.30 -61.88
C LEU A 57 9.60 0.70 -60.73
N ASN A 58 10.45 1.73 -60.70
CA ASN A 58 10.30 2.74 -59.66
C ASN A 58 8.97 3.48 -59.79
N VAL A 59 8.63 3.93 -61.00
CA VAL A 59 7.37 4.65 -61.15
C VAL A 59 6.18 3.72 -60.91
N ALA A 60 6.34 2.43 -61.20
CA ALA A 60 5.27 1.49 -60.94
C ALA A 60 5.08 1.27 -59.44
N THR A 61 6.17 1.21 -58.68
CA THR A 61 6.06 1.13 -57.23
C THR A 61 5.40 2.39 -56.67
N ARG A 62 5.68 3.55 -57.26
CA ARG A 62 5.04 4.77 -56.78
C ARG A 62 3.54 4.74 -57.06
N ASN A 63 3.15 4.32 -58.26
CA ASN A 63 1.73 4.13 -58.56
C ASN A 63 1.12 3.11 -57.61
N ALA A 64 1.89 2.09 -57.22
CA ALA A 64 1.37 1.07 -56.30
C ALA A 64 1.10 1.65 -54.92
N ASN A 65 2.01 2.49 -54.41
CA ASN A 65 1.76 3.17 -53.15
C ASN A 65 0.55 4.08 -53.24
N ASP A 66 0.41 4.80 -54.36
CA ASP A 66 -0.77 5.65 -54.54
C ASP A 66 -2.05 4.83 -54.49
N GLY A 67 -2.05 3.67 -55.16
CA GLY A 67 -3.22 2.81 -55.14
C GLY A 67 -3.50 2.23 -53.77
N ILE A 68 -2.45 1.86 -53.04
CA ILE A 68 -2.62 1.36 -51.69
C ILE A 68 -3.25 2.41 -50.80
N SER A 69 -2.81 3.67 -50.94
CA SER A 69 -3.40 4.75 -50.16
C SER A 69 -4.86 4.98 -50.52
N LEU A 70 -5.17 4.94 -51.82
CA LEU A 70 -6.56 5.09 -52.26
C LEU A 70 -7.43 3.99 -51.68
N ALA A 71 -6.97 2.74 -51.79
CA ALA A 71 -7.73 1.63 -51.23
C ALA A 71 -7.85 1.71 -49.72
N GLN A 72 -6.84 2.26 -49.04
CA GLN A 72 -6.94 2.42 -47.59
C GLN A 72 -7.99 3.46 -47.22
N THR A 73 -8.06 4.56 -47.98
CA THR A 73 -9.12 5.54 -47.74
C THR A 73 -10.49 4.93 -47.98
N ALA A 74 -10.64 4.17 -49.08
CA ALA A 74 -11.91 3.50 -49.34
C ALA A 74 -12.24 2.50 -48.23
N GLU A 75 -11.22 1.83 -47.69
CA GLU A 75 -11.41 0.90 -46.59
C GLU A 75 -11.90 1.60 -45.34
N GLY A 76 -11.33 2.77 -45.03
CA GLY A 76 -11.82 3.54 -43.90
C GLY A 76 -13.27 3.96 -44.08
N ALA A 77 -13.62 4.41 -45.29
CA ALA A 77 -15.01 4.76 -45.56
C ALA A 77 -15.93 3.56 -45.42
N LEU A 78 -15.48 2.38 -45.86
CA LEU A 78 -16.29 1.18 -45.71
C LEU A 78 -16.46 0.80 -44.24
N GLN A 79 -15.42 0.97 -43.43
CA GLN A 79 -15.54 0.71 -42.00
C GLN A 79 -16.55 1.66 -41.36
N GLN A 80 -16.51 2.94 -41.75
CA GLN A 80 -17.49 3.88 -41.23
C GLN A 80 -18.91 3.48 -41.64
N SER A 81 -19.08 3.04 -42.89
CA SER A 81 -20.42 2.66 -43.35
C SER A 81 -20.93 1.44 -42.61
N THR A 82 -20.07 0.45 -42.35
CA THR A 82 -20.55 -0.73 -41.65
C THR A 82 -20.81 -0.44 -40.18
N ASN A 83 -20.06 0.51 -39.59
CA ASN A 83 -20.40 0.97 -38.24
C ASN A 83 -21.76 1.65 -38.23
N ILE A 84 -22.05 2.45 -39.26
CA ILE A 84 -23.35 3.10 -39.36
C ILE A 84 -24.46 2.06 -39.51
N LEU A 85 -24.20 1.00 -40.27
CA LEU A 85 -25.19 -0.06 -40.41
C LEU A 85 -25.40 -0.82 -39.11
N GLN A 86 -24.32 -1.02 -38.36
CA GLN A 86 -24.44 -1.56 -37.00
C GLN A 86 -25.40 -0.73 -36.17
N ARG A 87 -25.13 0.58 -36.09
CA ARG A 87 -26.01 1.47 -35.33
C ARG A 87 -27.44 1.45 -35.88
N ILE A 88 -27.59 1.27 -37.19
CA ILE A 88 -28.92 1.20 -37.78
C ILE A 88 -29.66 -0.03 -37.28
N ARG A 89 -28.97 -1.17 -37.22
CA ARG A 89 -29.63 -2.36 -36.68
C ARG A 89 -29.98 -2.18 -35.20
N ASP A 90 -29.09 -1.53 -34.44
CA ASP A 90 -29.44 -1.25 -33.04
C ASP A 90 -30.71 -0.42 -32.96
N LEU A 91 -30.80 0.65 -33.75
CA LEU A 91 -31.97 1.52 -33.71
C LEU A 91 -33.22 0.78 -34.17
N ALA A 92 -33.07 -0.13 -35.14
CA ALA A 92 -34.22 -0.86 -35.65
C ALA A 92 -34.74 -1.87 -34.63
N LEU A 93 -33.82 -2.54 -33.92
CA LEU A 93 -34.26 -3.52 -32.93
C LEU A 93 -34.76 -2.85 -31.66
N GLN A 94 -34.22 -1.70 -31.29
CA GLN A 94 -34.81 -0.96 -30.18
C GLN A 94 -36.13 -0.32 -30.61
N SER A 95 -36.33 -0.15 -31.91
CA SER A 95 -37.60 0.29 -32.46
C SER A 95 -38.68 -0.78 -32.37
N ALA A 96 -38.34 -2.00 -31.94
CA ALA A 96 -39.39 -2.97 -31.63
C ALA A 96 -40.34 -2.43 -30.59
N ASN A 97 -39.80 -1.80 -29.54
CA ASN A 97 -40.53 -0.97 -28.58
C ASN A 97 -41.78 -1.65 -28.03
N GLY A 98 -41.80 -2.98 -28.00
CA GLY A 98 -42.99 -3.70 -27.60
C GLY A 98 -44.15 -3.49 -28.57
N SER A 99 -43.87 -2.83 -29.69
CA SER A 99 -44.78 -2.59 -30.79
C SER A 99 -45.85 -1.56 -30.44
N ASN A 100 -45.96 -1.18 -29.17
CA ASN A 100 -46.86 -0.08 -28.82
C ASN A 100 -46.33 0.79 -27.67
N SER A 101 -45.15 0.51 -27.12
CA SER A 101 -44.77 1.16 -25.87
C SER A 101 -44.11 2.52 -26.09
N ASP A 102 -43.37 2.70 -27.18
CA ASP A 102 -42.67 3.96 -27.46
C ASP A 102 -43.55 4.78 -28.40
N ALA A 103 -44.29 5.73 -27.82
CA ALA A 103 -45.12 6.62 -28.62
C ALA A 103 -44.28 7.61 -29.43
N ASP A 104 -42.96 7.60 -29.24
CA ASP A 104 -42.05 8.48 -29.96
C ASP A 104 -41.48 7.84 -31.21
N ARG A 105 -42.25 6.96 -31.86
CA ARG A 105 -41.84 6.37 -33.13
C ARG A 105 -41.53 7.44 -34.17
N ALA A 106 -42.15 8.61 -34.08
CA ALA A 106 -41.84 9.70 -35.00
C ALA A 106 -40.39 10.16 -34.83
N ALA A 107 -39.98 10.40 -33.58
CA ALA A 107 -38.59 10.80 -33.34
C ALA A 107 -37.64 9.66 -33.65
N LEU A 108 -38.07 8.42 -33.44
CA LEU A 108 -37.23 7.28 -33.81
C LEU A 108 -36.98 7.25 -35.32
N GLN A 109 -38.04 7.47 -36.10
CA GLN A 109 -37.90 7.56 -37.55
C GLN A 109 -37.03 8.75 -37.95
N LYS A 110 -37.15 9.85 -37.21
CA LYS A 110 -36.30 11.00 -37.49
C LYS A 110 -34.83 10.68 -37.25
N GLU A 111 -34.53 9.96 -36.16
CA GLU A 111 -33.15 9.55 -35.89
C GLU A 111 -32.63 8.63 -36.98
N VAL A 112 -33.43 7.64 -37.38
CA VAL A 112 -32.93 6.69 -38.38
C VAL A 112 -32.78 7.39 -39.74
N ALA A 113 -33.61 8.39 -40.02
CA ALA A 113 -33.47 9.15 -41.26
C ALA A 113 -32.20 10.00 -41.23
N ALA A 114 -31.91 10.61 -40.08
CA ALA A 114 -30.65 11.32 -39.94
C ALA A 114 -29.46 10.38 -40.11
N GLN A 115 -29.59 9.15 -39.60
CA GLN A 115 -28.53 8.17 -39.77
C GLN A 115 -28.34 7.80 -41.24
N GLN A 116 -29.44 7.63 -41.97
CA GLN A 116 -29.31 7.34 -43.41
C GLN A 116 -28.69 8.51 -44.15
N ALA A 117 -29.04 9.75 -43.78
CA ALA A 117 -28.41 10.91 -44.38
C ALA A 117 -26.92 10.94 -44.08
N GLU A 118 -26.54 10.59 -42.86
CA GLU A 118 -25.12 10.55 -42.51
C GLU A 118 -24.39 9.47 -43.30
N LEU A 119 -25.05 8.33 -43.51
CA LEU A 119 -24.45 7.30 -44.36
C LEU A 119 -24.26 7.78 -45.79
N THR A 120 -25.27 8.48 -46.33
CA THR A 120 -25.14 9.07 -47.66
C THR A 120 -24.00 10.08 -47.71
N ARG A 121 -23.76 10.78 -46.59
CA ARG A 121 -22.64 11.71 -46.53
C ARG A 121 -21.29 11.00 -46.47
N ILE A 122 -21.20 9.89 -45.74
CA ILE A 122 -19.97 9.10 -45.73
C ILE A 122 -19.71 8.51 -47.10
N SER A 123 -20.78 8.24 -47.86
CA SER A 123 -20.58 7.90 -49.27
C SER A 123 -19.79 8.99 -49.98
N ASP A 124 -20.16 10.25 -49.74
CA ASP A 124 -19.40 11.40 -50.22
C ASP A 124 -18.22 11.63 -49.27
N THR A 125 -17.59 12.81 -49.39
CA THR A 125 -16.49 13.23 -48.53
C THR A 125 -15.25 12.35 -48.72
N THR A 126 -15.27 11.51 -49.76
CA THR A 126 -14.13 10.68 -50.13
C THR A 126 -13.40 11.30 -51.32
N THR A 127 -13.26 12.62 -51.31
CA THR A 127 -12.77 13.38 -52.45
C THR A 127 -11.24 13.27 -52.58
N PHE A 128 -10.78 12.02 -52.65
CA PHE A 128 -9.37 11.75 -52.89
C PHE A 128 -9.04 12.04 -54.34
N GLY A 129 -8.96 13.32 -54.69
CA GLY A 129 -8.73 13.73 -56.06
C GLY A 129 -9.90 14.40 -56.76
N GLY A 130 -10.90 14.85 -56.03
CA GLY A 130 -12.09 15.41 -56.64
C GLY A 130 -12.85 14.34 -57.41
N ARG A 131 -12.59 13.08 -57.05
CA ARG A 131 -13.08 11.92 -57.79
C ARG A 131 -13.64 10.90 -56.80
N LYS A 132 -14.54 11.36 -55.92
CA LYS A 132 -15.01 10.63 -54.75
C LYS A 132 -15.11 9.14 -54.98
N LEU A 133 -14.48 8.36 -54.09
CA LEU A 133 -14.19 6.96 -54.40
C LEU A 133 -15.44 6.10 -54.38
N LEU A 134 -16.20 6.14 -53.28
CA LEU A 134 -17.32 5.22 -53.10
C LEU A 134 -18.53 5.58 -53.94
N ASP A 135 -19.00 6.82 -53.90
CA ASP A 135 -20.21 7.19 -54.61
C ASP A 135 -19.90 8.08 -55.80
N GLY A 136 -20.95 8.61 -56.41
CA GLY A 136 -20.79 9.50 -57.55
C GLY A 136 -20.42 8.72 -58.79
N SER A 137 -19.38 9.17 -59.48
CA SER A 137 -18.94 8.57 -60.75
C SER A 137 -17.53 8.02 -60.57
N PHE A 138 -17.44 6.73 -60.26
CA PHE A 138 -16.17 6.03 -60.22
C PHE A 138 -16.03 5.18 -61.48
N GLY A 139 -15.01 5.49 -62.28
CA GLY A 139 -14.86 4.87 -63.58
C GLY A 139 -14.45 3.41 -63.56
N THR A 140 -14.28 2.82 -62.39
CA THR A 140 -13.81 1.44 -62.25
C THR A 140 -12.51 1.26 -63.04
N THR A 141 -11.50 2.00 -62.61
CA THR A 141 -10.25 2.11 -63.35
C THR A 141 -9.36 0.92 -63.05
N SER A 142 -8.11 0.99 -63.50
CA SER A 142 -7.15 -0.09 -63.33
C SER A 142 -5.77 0.52 -63.13
N PHE A 143 -5.19 0.30 -61.96
CA PHE A 143 -3.89 0.90 -61.64
C PHE A 143 -2.78 0.09 -62.29
N GLN A 144 -2.02 0.73 -63.17
CA GLN A 144 -0.93 0.05 -63.85
C GLN A 144 0.27 -0.06 -62.91
N VAL A 145 0.76 -1.29 -62.73
CA VAL A 145 1.84 -1.57 -61.81
C VAL A 145 3.07 -2.18 -62.48
N GLY A 146 3.11 -2.23 -63.82
CA GLY A 146 4.24 -2.81 -64.52
C GLY A 146 4.78 -1.84 -65.55
N SER A 147 6.01 -2.12 -65.98
CA SER A 147 6.68 -1.32 -67.00
C SER A 147 6.37 -1.81 -68.42
N ASN A 148 5.32 -2.59 -68.59
CA ASN A 148 4.93 -3.11 -69.90
C ASN A 148 3.54 -2.62 -70.27
N ALA A 149 3.21 -2.73 -71.54
CA ALA A 149 1.94 -2.22 -72.03
C ALA A 149 0.77 -3.06 -71.51
N TYR A 150 -0.25 -2.38 -70.99
CA TYR A 150 -1.51 -2.98 -70.58
C TYR A 150 -1.34 -4.01 -69.47
N GLU A 151 -0.20 -4.01 -68.79
CA GLU A 151 -0.05 -4.83 -67.61
C GLU A 151 -0.54 -4.04 -66.39
N THR A 152 -1.81 -4.22 -66.04
CA THR A 152 -2.45 -3.41 -65.01
C THR A 152 -3.22 -4.31 -64.05
N ILE A 153 -3.78 -3.68 -63.02
CA ILE A 153 -4.52 -4.37 -61.96
C ILE A 153 -5.94 -3.82 -61.95
N ASP A 154 -6.91 -4.68 -62.20
CA ASP A 154 -8.30 -4.27 -62.21
C ASP A 154 -8.82 -4.04 -60.79
N ILE A 155 -9.62 -2.99 -60.64
CA ILE A 155 -10.23 -2.64 -59.36
C ILE A 155 -11.66 -2.20 -59.61
N SER A 156 -12.60 -2.77 -58.84
CA SER A 156 -14.03 -2.66 -59.09
C SER A 156 -14.78 -2.23 -57.85
N LEU A 157 -14.34 -1.13 -57.21
CA LEU A 157 -15.01 -0.60 -56.03
C LEU A 157 -16.51 -0.43 -56.24
N GLN A 158 -17.26 -0.47 -55.13
CA GLN A 158 -18.72 -0.41 -55.18
C GLN A 158 -19.19 0.86 -55.88
N ASN A 159 -20.35 0.77 -56.52
CA ASN A 159 -20.94 1.94 -57.17
C ASN A 159 -21.21 3.05 -56.16
N ALA A 160 -21.71 2.69 -54.98
CA ALA A 160 -21.93 3.64 -53.89
C ALA A 160 -22.34 2.90 -52.64
N SER A 161 -21.95 3.45 -51.49
CA SER A 161 -22.58 3.12 -50.22
C SER A 161 -23.77 4.01 -49.95
N ALA A 162 -24.39 4.54 -50.99
CA ALA A 162 -25.48 5.50 -50.95
C ALA A 162 -26.84 4.82 -50.80
N SER A 163 -27.89 5.54 -51.20
CA SER A 163 -29.26 5.11 -51.04
C SER A 163 -29.58 3.92 -51.95
N ALA A 164 -30.88 3.72 -52.20
CA ALA A 164 -31.52 2.45 -52.50
C ALA A 164 -30.68 1.42 -53.23
N ILE A 165 -29.81 1.84 -54.15
CA ILE A 165 -29.03 0.91 -54.98
C ILE A 165 -28.36 -0.19 -54.15
N GLY A 166 -27.91 0.14 -52.94
CA GLY A 166 -27.31 -0.89 -52.10
C GLY A 166 -28.15 -1.29 -50.90
N SER A 167 -28.81 -2.44 -51.00
CA SER A 167 -29.57 -3.03 -49.90
C SER A 167 -30.02 -4.43 -50.25
N TYR A 168 -30.93 -5.00 -49.46
CA TYR A 168 -31.56 -6.28 -49.77
C TYR A 168 -32.47 -6.06 -50.98
N GLN A 169 -32.39 -6.97 -51.94
CA GLN A 169 -33.23 -6.85 -53.13
C GLN A 169 -34.55 -7.57 -52.91
N VAL A 170 -35.65 -6.87 -53.13
CA VAL A 170 -36.98 -7.33 -52.72
C VAL A 170 -37.53 -8.25 -53.80
N GLY A 171 -37.54 -9.56 -53.54
CA GLY A 171 -38.36 -10.48 -54.30
C GLY A 171 -39.58 -10.83 -53.48
N SER A 172 -40.72 -10.21 -53.78
CA SER A 172 -41.89 -10.27 -52.92
C SER A 172 -43.13 -10.65 -53.72
N ASN A 173 -44.25 -10.79 -53.00
CA ASN A 173 -45.50 -11.20 -53.62
C ASN A 173 -46.12 -10.09 -54.46
N GLY A 174 -46.48 -8.98 -53.84
CA GLY A 174 -47.11 -7.90 -54.57
C GLY A 174 -46.10 -6.99 -55.26
N ALA A 175 -44.90 -7.51 -55.52
CA ALA A 175 -43.80 -6.74 -56.11
C ALA A 175 -44.21 -5.99 -57.37
N GLY A 176 -44.62 -6.72 -58.41
CA GLY A 176 -44.95 -6.04 -59.65
C GLY A 176 -46.29 -5.34 -59.68
N THR A 177 -47.38 -6.11 -59.71
CA THR A 177 -48.70 -5.53 -59.63
C THR A 177 -49.50 -6.11 -58.47
N VAL A 178 -49.62 -7.44 -58.44
CA VAL A 178 -50.44 -8.15 -57.46
C VAL A 178 -50.00 -9.60 -57.47
N ALA A 179 -50.30 -10.32 -56.38
CA ALA A 179 -49.82 -11.69 -56.20
C ALA A 179 -50.97 -12.68 -56.33
N SER A 180 -50.66 -13.87 -56.84
CA SER A 180 -51.59 -14.98 -56.85
C SER A 180 -51.60 -15.67 -55.49
N VAL A 181 -52.06 -16.93 -55.50
CA VAL A 181 -52.41 -17.72 -54.32
C VAL A 181 -51.50 -17.47 -53.14
N ALA A 182 -50.19 -17.42 -53.38
CA ALA A 182 -49.24 -17.14 -52.31
C ALA A 182 -49.55 -15.80 -51.65
N GLY A 183 -49.92 -15.83 -50.38
CA GLY A 183 -50.23 -14.62 -49.65
C GLY A 183 -51.63 -14.07 -49.87
N THR A 184 -52.59 -14.96 -50.13
CA THR A 184 -53.97 -14.55 -50.32
C THR A 184 -54.85 -15.80 -50.25
N ALA A 185 -56.16 -15.58 -50.13
CA ALA A 185 -57.10 -16.67 -50.07
C ALA A 185 -57.48 -17.14 -51.48
N THR A 186 -57.83 -18.42 -51.58
CA THR A 186 -58.18 -19.02 -52.87
C THR A 186 -58.87 -20.35 -52.63
N ALA A 187 -59.45 -20.91 -53.70
CA ALA A 187 -60.16 -22.17 -53.60
C ALA A 187 -59.21 -23.36 -53.65
N SER A 188 -58.48 -23.50 -54.76
CA SER A 188 -57.63 -24.67 -54.96
C SER A 188 -56.42 -24.66 -54.03
N GLY A 189 -55.69 -23.56 -54.01
CA GLY A 189 -54.49 -23.48 -53.19
C GLY A 189 -53.22 -23.51 -54.03
N ILE A 190 -52.10 -23.72 -53.32
CA ILE A 190 -50.79 -23.81 -53.96
C ILE A 190 -50.78 -24.99 -54.92
N ALA A 191 -50.44 -24.73 -56.17
CA ALA A 191 -50.42 -25.75 -57.22
C ALA A 191 -49.00 -26.25 -57.43
N SER A 192 -48.83 -27.11 -58.43
CA SER A 192 -47.52 -27.66 -58.76
C SER A 192 -46.66 -26.62 -59.46
N GLY A 193 -45.46 -27.02 -59.85
CA GLY A 193 -44.55 -26.14 -60.54
C GLY A 193 -43.10 -26.54 -60.32
N THR A 194 -42.25 -25.99 -61.19
CA THR A 194 -40.80 -26.21 -61.16
C THR A 194 -40.10 -24.85 -61.30
N VAL A 195 -40.53 -23.91 -60.47
CA VAL A 195 -40.09 -22.51 -60.51
C VAL A 195 -38.59 -22.40 -60.63
N ASN A 196 -38.13 -21.64 -61.63
CA ASN A 196 -36.70 -21.49 -61.88
C ASN A 196 -36.08 -20.53 -60.88
N LEU A 197 -34.86 -20.85 -60.46
CA LEU A 197 -34.08 -20.01 -59.57
C LEU A 197 -32.81 -19.57 -60.30
N VAL A 198 -32.54 -18.26 -60.24
CA VAL A 198 -31.42 -17.66 -60.95
C VAL A 198 -30.59 -16.85 -59.97
N GLY A 199 -29.27 -16.98 -60.08
CA GLY A 199 -28.36 -16.19 -59.26
C GLY A 199 -27.01 -16.83 -59.05
N GLY A 200 -25.95 -16.04 -59.19
CA GLY A 200 -24.59 -16.48 -58.99
C GLY A 200 -24.21 -17.73 -59.77
N GLY A 201 -24.76 -17.88 -60.98
CA GLY A 201 -24.50 -19.05 -61.80
C GLY A 201 -24.76 -20.35 -61.07
N GLN A 202 -25.84 -20.39 -60.29
CA GLN A 202 -26.18 -21.58 -59.50
C GLN A 202 -27.65 -21.93 -59.67
N VAL A 203 -28.13 -21.97 -60.91
CA VAL A 203 -29.54 -22.21 -61.20
C VAL A 203 -29.96 -23.58 -60.68
N LYS A 204 -31.02 -23.60 -59.87
CA LYS A 204 -31.55 -24.85 -59.31
C LYS A 204 -33.06 -24.78 -59.41
N ASN A 205 -33.65 -25.64 -60.23
CA ASN A 205 -35.10 -25.67 -60.43
C ASN A 205 -35.74 -26.35 -59.22
N ILE A 206 -36.30 -25.54 -58.31
CA ILE A 206 -36.96 -26.10 -57.14
C ILE A 206 -38.28 -26.73 -57.55
N ALA A 207 -38.59 -27.88 -56.96
CA ALA A 207 -39.82 -28.60 -57.24
C ALA A 207 -40.83 -28.29 -56.14
N ILE A 208 -41.98 -27.76 -56.54
CA ILE A 208 -43.05 -27.41 -55.60
C ILE A 208 -44.29 -28.18 -56.03
N ALA A 209 -44.79 -29.04 -55.16
CA ALA A 209 -45.99 -29.81 -55.47
C ALA A 209 -47.25 -29.01 -55.13
N ALA A 210 -48.40 -29.59 -55.48
CA ALA A 210 -49.68 -28.95 -55.25
C ALA A 210 -50.18 -29.33 -53.86
N GLY A 211 -50.22 -28.35 -52.95
CA GLY A 211 -50.71 -28.60 -51.62
C GLY A 211 -49.79 -28.12 -50.52
N ASP A 212 -48.50 -27.97 -50.84
CA ASP A 212 -47.49 -27.56 -49.86
C ASP A 212 -47.84 -26.20 -49.25
N SER A 213 -47.72 -26.10 -47.93
CA SER A 213 -48.00 -24.85 -47.24
C SER A 213 -46.90 -23.82 -47.54
N ALA A 214 -47.14 -22.58 -47.11
CA ALA A 214 -46.17 -21.51 -47.28
C ALA A 214 -44.86 -21.85 -46.58
N LYS A 215 -44.95 -22.49 -45.41
CA LYS A 215 -43.76 -22.91 -44.68
C LYS A 215 -42.95 -23.93 -45.50
N ALA A 216 -43.65 -24.83 -46.19
CA ALA A 216 -43.00 -25.86 -46.98
C ALA A 216 -42.19 -25.26 -48.11
N ILE A 217 -42.81 -24.39 -48.91
CA ILE A 217 -42.12 -23.77 -50.04
C ILE A 217 -41.01 -22.87 -49.50
N ALA A 218 -41.26 -22.21 -48.37
CA ALA A 218 -40.25 -21.39 -47.73
C ALA A 218 -39.00 -22.21 -47.45
N GLU A 219 -39.18 -23.39 -46.86
CA GLU A 219 -38.07 -24.31 -46.64
C GLU A 219 -37.45 -24.75 -47.96
N LYS A 220 -38.28 -24.91 -48.99
CA LYS A 220 -37.82 -25.39 -50.29
C LYS A 220 -36.84 -24.43 -50.94
N MET A 221 -37.25 -23.18 -51.14
CA MET A 221 -36.34 -22.21 -51.76
C MET A 221 -35.13 -21.94 -50.87
N ASP A 222 -35.25 -22.16 -49.57
CA ASP A 222 -34.12 -22.04 -48.67
C ASP A 222 -33.04 -23.07 -49.03
N GLY A 223 -31.81 -22.80 -48.59
CA GLY A 223 -30.74 -23.75 -48.78
C GLY A 223 -29.87 -23.50 -50.01
N ALA A 224 -30.19 -24.20 -51.10
CA ALA A 224 -29.35 -24.30 -52.29
C ALA A 224 -28.68 -23.00 -52.70
N ILE A 225 -29.46 -21.95 -52.92
CA ILE A 225 -28.90 -20.68 -53.38
C ILE A 225 -28.06 -20.06 -52.27
N PRO A 226 -26.78 -19.74 -52.52
CA PRO A 226 -25.97 -19.09 -51.50
C PRO A 226 -26.52 -17.74 -51.08
N ASN A 227 -26.23 -17.32 -49.85
CA ASN A 227 -26.65 -16.05 -49.25
C ASN A 227 -28.09 -15.67 -49.57
N LEU A 228 -28.99 -16.65 -49.58
CA LEU A 228 -30.41 -16.39 -49.78
C LEU A 228 -31.20 -17.04 -48.66
N SER A 229 -32.15 -16.29 -48.11
CA SER A 229 -33.02 -16.80 -47.05
C SER A 229 -34.48 -16.63 -47.47
N ALA A 230 -35.35 -17.42 -46.86
CA ALA A 230 -36.77 -17.40 -47.23
C ALA A 230 -37.58 -17.66 -45.97
N ARG A 231 -38.22 -16.62 -45.44
CA ARG A 231 -39.07 -16.78 -44.27
C ARG A 231 -40.51 -17.05 -44.69
N ALA A 232 -41.33 -17.45 -43.71
CA ALA A 232 -42.74 -17.71 -43.93
C ALA A 232 -43.56 -17.00 -42.85
N ARG A 233 -44.76 -16.56 -43.24
CA ARG A 233 -45.62 -15.81 -42.32
C ARG A 233 -47.03 -15.78 -42.90
N THR A 234 -48.02 -16.07 -42.05
CA THR A 234 -49.43 -16.06 -42.45
C THR A 234 -50.17 -15.15 -41.47
N VAL A 235 -50.55 -13.96 -41.94
CA VAL A 235 -51.29 -12.99 -41.14
C VAL A 235 -52.61 -12.71 -41.85
N PHE A 236 -53.72 -12.95 -41.16
CA PHE A 236 -55.05 -12.71 -41.72
C PHE A 236 -55.98 -12.22 -40.62
N THR A 237 -56.94 -11.38 -41.00
CA THR A 237 -57.95 -10.88 -40.07
C THR A 237 -59.26 -11.64 -40.26
N ALA A 238 -60.29 -11.19 -39.55
CA ALA A 238 -61.60 -11.80 -39.64
C ALA A 238 -62.64 -10.79 -39.17
N ASP A 239 -63.82 -10.85 -39.79
CA ASP A 239 -64.93 -9.98 -39.42
CA ASP A 239 -64.93 -9.99 -39.42
C ASP A 239 -66.26 -10.66 -39.75
N VAL A 240 -66.92 -11.19 -38.72
CA VAL A 240 -68.19 -11.90 -38.90
C VAL A 240 -69.31 -10.89 -39.13
N SER A 241 -70.12 -11.13 -40.17
CA SER A 241 -71.25 -10.26 -40.46
C SER A 241 -72.48 -10.71 -39.67
N GLY A 242 -73.65 -10.16 -40.01
CA GLY A 242 -74.88 -10.52 -39.34
C GLY A 242 -75.25 -11.98 -39.47
N VAL A 243 -75.89 -12.53 -38.46
CA VAL A 243 -76.29 -13.93 -38.45
C VAL A 243 -77.81 -14.06 -38.35
N THR A 244 -78.44 -14.39 -39.47
CA THR A 244 -79.89 -14.50 -39.51
C THR A 244 -80.33 -15.87 -38.99
N GLY A 245 -80.87 -15.89 -37.77
CA GLY A 245 -81.42 -17.10 -37.18
C GLY A 245 -80.48 -18.28 -37.12
N GLY A 246 -79.43 -18.18 -36.30
CA GLY A 246 -78.48 -19.25 -36.10
C GLY A 246 -77.06 -18.74 -36.07
N SER A 247 -76.14 -19.69 -36.03
CA SER A 247 -74.71 -19.40 -35.99
C SER A 247 -74.00 -20.17 -37.09
N LEU A 248 -72.74 -19.81 -37.33
CA LEU A 248 -71.92 -20.46 -38.34
C LEU A 248 -71.09 -21.55 -37.65
N ASN A 249 -71.63 -22.76 -37.65
CA ASN A 249 -70.97 -23.92 -37.06
C ASN A 249 -70.06 -24.53 -38.11
N PHE A 250 -68.87 -23.96 -38.27
CA PHE A 250 -67.92 -24.46 -39.25
C PHE A 250 -66.64 -24.93 -38.58
N ASP A 251 -65.66 -25.35 -39.38
CA ASP A 251 -64.39 -25.85 -38.86
C ASP A 251 -63.24 -25.07 -39.47
N VAL A 252 -62.06 -25.22 -38.86
CA VAL A 252 -60.85 -24.56 -39.32
C VAL A 252 -59.71 -25.58 -39.29
N THR A 253 -59.12 -25.83 -40.45
CA THR A 253 -58.03 -26.80 -40.58
C THR A 253 -56.70 -26.05 -40.53
N VAL A 254 -56.08 -26.02 -39.36
CA VAL A 254 -54.78 -25.39 -39.20
C VAL A 254 -53.67 -26.42 -39.44
N GLY A 255 -53.32 -26.62 -40.71
CA GLY A 255 -52.27 -27.58 -41.03
C GLY A 255 -52.76 -29.01 -40.84
N SER A 256 -52.02 -29.77 -40.04
CA SER A 256 -52.36 -31.17 -39.78
C SER A 256 -53.67 -31.29 -39.04
N ASN A 257 -53.73 -30.77 -37.82
CA ASN A 257 -54.94 -30.86 -37.02
C ASN A 257 -55.99 -29.86 -37.52
N THR A 258 -57.23 -30.10 -37.11
CA THR A 258 -58.37 -29.30 -37.55
C THR A 258 -59.19 -28.87 -36.35
N VAL A 259 -59.53 -27.59 -36.30
CA VAL A 259 -60.35 -27.03 -35.22
C VAL A 259 -61.79 -27.48 -35.43
N SER A 260 -62.53 -27.66 -34.34
CA SER A 260 -63.93 -28.07 -34.41
C SER A 260 -64.80 -27.04 -33.70
N LEU A 261 -64.57 -25.76 -33.98
CA LEU A 261 -65.28 -24.67 -33.33
C LEU A 261 -66.75 -24.65 -33.72
N ALA A 262 -67.53 -23.86 -33.01
CA ALA A 262 -68.96 -23.72 -33.27
C ALA A 262 -69.45 -22.45 -32.59
N GLY A 263 -70.75 -22.16 -32.73
CA GLY A 263 -71.35 -20.98 -32.14
C GLY A 263 -70.68 -19.68 -32.56
N VAL A 264 -70.65 -19.41 -33.85
CA VAL A 264 -70.06 -18.21 -34.40
C VAL A 264 -71.18 -17.24 -34.76
N THR A 265 -71.28 -16.14 -34.02
CA THR A 265 -72.30 -15.12 -34.28
C THR A 265 -71.65 -13.77 -34.52
N SER A 266 -70.58 -13.48 -33.77
CA SER A 266 -69.85 -12.23 -33.89
C SER A 266 -68.36 -12.50 -33.88
N THR A 267 -67.58 -11.44 -34.14
CA THR A 267 -66.12 -11.57 -34.16
C THR A 267 -65.58 -11.94 -32.79
N GLN A 268 -66.21 -11.44 -31.73
CA GLN A 268 -65.75 -11.71 -30.37
C GLN A 268 -65.84 -13.19 -30.02
N ASP A 269 -66.93 -13.84 -30.45
CA ASP A 269 -67.10 -15.27 -30.21
C ASP A 269 -65.98 -16.08 -30.84
N LEU A 270 -65.74 -15.85 -32.14
CA LEU A 270 -64.67 -16.55 -32.85
C LEU A 270 -63.32 -16.28 -32.20
N ALA A 271 -63.07 -15.02 -31.83
CA ALA A 271 -61.84 -14.66 -31.16
C ALA A 271 -61.63 -15.44 -29.87
N ASP A 272 -62.68 -15.52 -29.06
CA ASP A 272 -62.64 -16.28 -27.82
C ASP A 272 -62.37 -17.76 -28.08
N GLN A 273 -63.01 -18.30 -29.11
CA GLN A 273 -62.80 -19.72 -29.42
C GLN A 273 -61.35 -19.99 -29.83
N LEU A 274 -60.77 -19.11 -30.65
CA LEU A 274 -59.38 -19.30 -31.03
C LEU A 274 -58.44 -19.11 -29.85
N ASN A 275 -58.75 -18.16 -28.97
CA ASN A 275 -57.91 -17.94 -27.80
C ASN A 275 -57.98 -19.12 -26.83
N SER A 276 -59.13 -19.78 -26.76
CA SER A 276 -59.29 -20.95 -25.91
C SER A 276 -58.56 -22.15 -26.51
N ASN A 277 -58.85 -22.46 -27.78
CA ASN A 277 -58.24 -23.62 -28.41
C ASN A 277 -56.80 -23.33 -28.83
N SER A 278 -56.27 -22.18 -28.42
CA SER A 278 -54.91 -21.76 -28.76
C SER A 278 -53.87 -22.82 -28.41
N SER A 279 -54.16 -23.66 -27.43
CA SER A 279 -53.28 -24.77 -27.08
C SER A 279 -53.07 -25.69 -28.28
N LYS A 280 -54.16 -26.21 -28.83
CA LYS A 280 -54.09 -27.14 -29.96
C LYS A 280 -53.61 -26.43 -31.22
N LEU A 281 -54.29 -25.35 -31.60
CA LEU A 281 -53.94 -24.60 -32.81
C LEU A 281 -52.73 -23.72 -32.53
N GLY A 282 -51.62 -24.05 -33.19
CA GLY A 282 -50.39 -23.31 -33.02
C GLY A 282 -50.36 -22.01 -33.80
N ILE A 283 -51.39 -21.19 -33.63
CA ILE A 283 -51.50 -19.91 -34.34
C ILE A 283 -52.18 -18.90 -33.42
N THR A 284 -51.44 -17.86 -33.02
CA THR A 284 -51.95 -16.91 -32.04
C THR A 284 -53.03 -16.02 -32.65
N ALA A 285 -54.00 -15.65 -31.83
CA ALA A 285 -55.09 -14.78 -32.22
C ALA A 285 -55.02 -13.47 -31.44
N SER A 286 -55.62 -12.43 -32.02
CA SER A 286 -55.61 -11.11 -31.39
C SER A 286 -56.75 -10.24 -31.90
N ILE A 287 -57.73 -9.97 -31.05
CA ILE A 287 -58.84 -9.10 -31.38
C ILE A 287 -58.60 -7.76 -30.70
N ASN A 288 -58.18 -6.77 -31.49
CA ASN A 288 -57.89 -5.46 -30.94
C ASN A 288 -59.18 -4.77 -30.51
N ASP A 289 -59.06 -3.87 -29.55
CA ASP A 289 -60.22 -3.19 -28.97
C ASP A 289 -60.95 -2.33 -29.99
N LYS A 290 -60.28 -1.99 -31.09
CA LYS A 290 -60.94 -1.26 -32.17
C LYS A 290 -62.08 -2.07 -32.76
N GLY A 291 -61.86 -3.38 -32.96
CA GLY A 291 -62.92 -4.25 -33.42
C GLY A 291 -62.48 -5.33 -34.40
N VAL A 292 -61.33 -5.16 -35.02
CA VAL A 292 -60.88 -6.10 -36.05
C VAL A 292 -60.04 -7.22 -35.43
N LEU A 293 -60.61 -8.43 -35.41
CA LEU A 293 -59.88 -9.59 -34.95
C LEU A 293 -58.73 -9.91 -35.92
N THR A 294 -57.55 -10.13 -35.36
CA THR A 294 -56.36 -10.40 -36.15
C THR A 294 -55.75 -11.71 -35.70
N ILE A 295 -55.37 -12.54 -36.67
CA ILE A 295 -54.79 -13.85 -36.40
C ILE A 295 -53.48 -13.95 -37.15
N THR A 296 -52.45 -14.49 -36.49
CA THR A 296 -51.11 -14.54 -37.06
C THR A 296 -50.47 -15.88 -36.74
N SER A 297 -49.88 -16.51 -37.76
CA SER A 297 -49.13 -17.75 -37.61
C SER A 297 -47.66 -17.45 -37.85
N ALA A 298 -46.87 -17.46 -36.77
CA ALA A 298 -45.43 -17.21 -36.89
C ALA A 298 -44.76 -18.19 -37.84
N THR A 299 -45.20 -19.45 -37.83
CA THR A 299 -44.60 -20.46 -38.69
C THR A 299 -44.89 -20.20 -40.16
N GLY A 300 -46.16 -19.98 -40.50
CA GLY A 300 -46.54 -19.73 -41.87
C GLY A 300 -47.44 -20.81 -42.45
N GLU A 301 -48.27 -21.41 -41.60
CA GLU A 301 -49.16 -22.49 -42.04
C GLU A 301 -50.30 -21.94 -42.89
N ASN A 302 -50.62 -22.65 -43.97
CA ASN A 302 -51.70 -22.26 -44.88
C ASN A 302 -53.03 -22.55 -44.21
N VAL A 303 -53.59 -21.51 -43.58
CA VAL A 303 -54.82 -21.66 -42.81
C VAL A 303 -55.97 -22.08 -43.72
N LYS A 304 -56.82 -22.95 -43.20
CA LYS A 304 -57.98 -23.46 -43.93
C LYS A 304 -59.22 -23.31 -43.07
N PHE A 305 -60.28 -22.80 -43.68
CA PHE A 305 -61.60 -22.71 -43.06
C PHE A 305 -62.48 -23.78 -43.68
N GLY A 306 -62.92 -24.73 -42.87
CA GLY A 306 -63.69 -25.86 -43.36
C GLY A 306 -65.04 -25.45 -43.92
N ALA A 307 -65.75 -26.44 -44.44
CA ALA A 307 -67.09 -26.21 -44.98
C ALA A 307 -68.02 -25.74 -43.87
N GLN A 308 -68.89 -24.80 -44.21
CA GLN A 308 -69.80 -24.19 -43.23
C GLN A 308 -71.09 -24.99 -43.17
N THR A 309 -71.09 -26.00 -42.30
CA THR A 309 -72.28 -26.77 -42.00
C THR A 309 -73.05 -26.25 -40.78
N GLY A 310 -73.26 -24.94 -40.72
CA GLY A 310 -73.82 -24.33 -39.54
C GLY A 310 -75.34 -24.35 -39.53
N THR A 311 -75.89 -23.61 -38.57
CA THR A 311 -77.33 -23.55 -38.36
C THR A 311 -77.95 -22.21 -38.76
N ALA A 312 -77.14 -21.26 -39.24
CA ALA A 312 -77.67 -19.97 -39.68
C ALA A 312 -78.24 -20.08 -41.08
N THR A 313 -78.77 -18.96 -41.60
CA THR A 313 -79.34 -18.96 -42.94
C THR A 313 -78.60 -17.97 -43.84
N ALA A 314 -78.04 -16.92 -43.24
CA ALA A 314 -77.30 -15.91 -44.00
C ALA A 314 -76.15 -15.41 -43.14
N GLY A 315 -75.16 -14.83 -43.80
CA GLY A 315 -73.98 -14.31 -43.16
C GLY A 315 -72.72 -14.77 -43.85
N GLN A 316 -71.61 -14.15 -43.45
CA GLN A 316 -70.31 -14.46 -44.04
C GLN A 316 -69.23 -13.97 -43.08
N VAL A 317 -68.03 -14.53 -43.24
CA VAL A 317 -66.88 -14.13 -42.45
C VAL A 317 -65.76 -13.70 -43.38
N ALA A 318 -65.70 -12.41 -43.69
CA ALA A 318 -64.70 -11.91 -44.63
C ALA A 318 -63.31 -12.02 -44.02
N VAL A 319 -62.34 -12.34 -44.88
CA VAL A 319 -60.95 -12.51 -44.46
C VAL A 319 -60.04 -11.79 -45.45
N LYS A 320 -59.05 -11.09 -44.92
CA LYS A 320 -58.03 -10.43 -45.71
C LYS A 320 -56.68 -10.98 -45.29
N VAL A 321 -55.71 -10.90 -46.20
CA VAL A 321 -54.37 -11.46 -45.97
C VAL A 321 -53.36 -10.34 -46.05
N GLN A 322 -52.41 -10.34 -45.12
CA GLN A 322 -51.35 -9.33 -45.12
C GLN A 322 -50.40 -9.54 -46.29
N GLY A 323 -50.01 -8.43 -46.92
CA GLY A 323 -49.07 -8.52 -48.02
C GLY A 323 -47.65 -8.74 -47.53
N SER A 324 -46.76 -9.04 -48.48
CA SER A 324 -45.36 -9.28 -48.16
C SER A 324 -44.71 -8.06 -47.51
N ASP A 325 -44.63 -6.95 -48.25
CA ASP A 325 -44.03 -5.73 -47.71
C ASP A 325 -44.94 -5.09 -46.68
N GLY A 326 -46.24 -5.03 -46.95
CA GLY A 326 -47.20 -4.43 -46.05
C GLY A 326 -48.49 -4.07 -46.73
N LYS A 327 -49.07 -2.93 -46.35
CA LYS A 327 -50.33 -2.46 -46.92
C LYS A 327 -51.40 -3.55 -46.90
N PHE A 328 -51.87 -3.89 -45.70
CA PHE A 328 -52.86 -4.94 -45.51
C PHE A 328 -54.00 -4.82 -46.51
N GLU A 329 -54.43 -5.97 -47.04
CA GLU A 329 -55.41 -6.02 -48.11
C GLU A 329 -56.70 -5.31 -47.71
N ALA A 330 -57.16 -4.43 -48.59
CA ALA A 330 -58.41 -3.70 -48.37
C ALA A 330 -59.60 -4.50 -48.87
N ALA A 331 -59.49 -5.01 -50.10
CA ALA A 331 -60.56 -5.81 -50.68
C ALA A 331 -60.79 -7.07 -49.86
N ALA A 332 -62.05 -7.33 -49.51
CA ALA A 332 -62.41 -8.44 -48.66
C ALA A 332 -62.77 -9.66 -49.50
N LYS A 333 -62.73 -10.85 -48.89
CA LYS A 333 -63.11 -12.08 -49.56
C LYS A 333 -63.42 -13.13 -48.50
N ASN A 334 -64.64 -13.67 -48.56
CA ASN A 334 -65.16 -14.52 -47.50
C ASN A 334 -64.56 -15.92 -47.56
N VAL A 335 -64.52 -16.60 -46.41
CA VAL A 335 -64.10 -18.00 -46.36
C VAL A 335 -65.26 -18.96 -46.07
N VAL A 336 -66.23 -18.58 -45.24
CA VAL A 336 -67.36 -19.44 -44.90
C VAL A 336 -68.63 -18.60 -44.96
N ALA A 337 -69.73 -19.21 -45.40
CA ALA A 337 -70.98 -18.48 -45.58
C ALA A 337 -72.15 -19.37 -45.24
N ALA A 338 -73.08 -18.84 -44.44
CA ALA A 338 -74.32 -19.54 -44.14
C ALA A 338 -75.17 -19.64 -45.40
N GLY A 339 -75.49 -20.87 -45.80
CA GLY A 339 -76.23 -21.09 -47.02
C GLY A 339 -75.35 -21.54 -48.17
N THR A 340 -75.31 -20.76 -49.24
CA THR A 340 -74.47 -21.06 -50.39
C THR A 340 -73.00 -21.08 -50.01
N ALA A 341 -72.28 -22.11 -50.44
CA ALA A 341 -70.85 -22.20 -50.14
C ALA A 341 -70.08 -21.13 -50.90
N ALA A 342 -69.24 -20.40 -50.17
CA ALA A 342 -68.44 -19.32 -50.77
C ALA A 342 -67.16 -19.87 -51.38
N THR A 343 -66.32 -18.98 -51.90
CA THR A 343 -65.03 -19.33 -52.49
C THR A 343 -63.91 -18.89 -51.55
N THR A 344 -62.68 -19.08 -52.01
CA THR A 344 -61.48 -18.72 -51.25
C THR A 344 -61.51 -19.35 -49.86
N THR A 345 -61.63 -20.68 -49.82
CA THR A 345 -61.83 -21.39 -48.57
C THR A 345 -60.56 -21.51 -47.73
N ILE A 346 -59.39 -21.21 -48.27
CA ILE A 346 -58.14 -21.32 -47.53
C ILE A 346 -57.62 -19.93 -47.23
N VAL A 347 -56.58 -19.88 -46.40
CA VAL A 347 -55.82 -18.66 -46.15
C VAL A 347 -54.34 -19.01 -46.31
N THR A 348 -53.68 -18.33 -47.25
CA THR A 348 -52.29 -18.61 -47.57
C THR A 348 -51.41 -17.44 -47.16
N GLY A 349 -50.26 -17.75 -46.56
CA GLY A 349 -49.31 -16.74 -46.18
C GLY A 349 -48.37 -16.39 -47.32
N TYR A 350 -47.50 -15.42 -47.04
CA TYR A 350 -46.58 -14.90 -48.03
C TYR A 350 -45.14 -15.29 -47.70
N VAL A 351 -44.30 -15.30 -48.72
CA VAL A 351 -42.89 -15.61 -48.59
C VAL A 351 -42.10 -14.38 -49.02
N GLN A 352 -40.89 -14.25 -48.47
CA GLN A 352 -40.03 -13.09 -48.76
C GLN A 352 -38.63 -13.60 -49.04
N LEU A 353 -38.09 -13.25 -50.20
CA LEU A 353 -36.75 -13.66 -50.61
C LEU A 353 -35.85 -12.42 -50.65
N ASN A 354 -35.22 -12.14 -49.50
CA ASN A 354 -34.25 -11.06 -49.44
C ASN A 354 -32.99 -11.43 -50.20
N SER A 355 -32.53 -10.51 -51.04
CA SER A 355 -31.40 -10.77 -51.93
C SER A 355 -30.31 -9.73 -51.72
N PRO A 356 -29.08 -10.17 -51.40
CA PRO A 356 -28.00 -9.20 -51.15
C PRO A 356 -27.55 -8.44 -52.39
N THR A 357 -27.20 -9.14 -53.48
CA THR A 357 -26.64 -8.45 -54.64
C THR A 357 -27.49 -8.62 -55.90
N ALA A 358 -27.89 -9.85 -56.22
CA ALA A 358 -28.63 -10.13 -57.44
C ALA A 358 -29.33 -11.49 -57.34
N TYR A 359 -30.63 -11.49 -57.57
CA TYR A 359 -31.42 -12.71 -57.50
C TYR A 359 -32.65 -12.65 -58.40
N SER A 360 -32.56 -13.26 -59.57
CA SER A 360 -33.68 -13.32 -60.49
C SER A 360 -34.48 -14.60 -60.25
N VAL A 361 -35.77 -14.52 -60.55
CA VAL A 361 -36.69 -15.65 -60.40
C VAL A 361 -37.62 -15.69 -61.60
N SER A 362 -37.97 -16.89 -62.02
CA SER A 362 -38.87 -17.09 -63.15
C SER A 362 -39.70 -18.35 -62.93
N GLY A 363 -40.86 -18.39 -63.56
CA GLY A 363 -41.75 -19.52 -63.45
C GLY A 363 -42.67 -19.66 -64.64
N THR A 364 -42.80 -20.88 -65.16
CA THR A 364 -43.61 -21.12 -66.35
C THR A 364 -45.09 -20.87 -66.07
N GLY A 365 -45.61 -19.78 -66.61
CA GLY A 365 -47.02 -19.45 -66.48
C GLY A 365 -47.50 -19.32 -65.05
N THR A 366 -48.32 -20.29 -64.62
CA THR A 366 -48.93 -20.27 -63.30
C THR A 366 -47.91 -20.26 -62.18
N GLN A 367 -46.71 -20.80 -62.44
CA GLN A 367 -45.67 -20.92 -61.42
C GLN A 367 -45.26 -19.56 -60.86
N ALA A 368 -44.77 -18.68 -61.72
CA ALA A 368 -44.27 -17.37 -61.28
C ALA A 368 -45.37 -16.56 -60.62
N SER A 369 -46.58 -16.59 -61.21
CA SER A 369 -47.69 -15.85 -60.64
C SER A 369 -48.04 -16.37 -59.25
N GLN A 370 -48.15 -17.70 -59.11
CA GLN A 370 -48.56 -18.29 -57.84
C GLN A 370 -47.47 -18.26 -56.79
N VAL A 371 -46.22 -17.99 -57.17
CA VAL A 371 -45.12 -17.88 -56.21
C VAL A 371 -44.86 -16.42 -55.83
N PHE A 372 -44.48 -15.59 -56.80
CA PHE A 372 -44.13 -14.20 -56.50
C PHE A 372 -44.72 -13.26 -57.56
N GLY A 373 -45.90 -13.61 -58.08
CA GLY A 373 -46.56 -12.79 -59.08
C GLY A 373 -45.71 -12.51 -60.30
N ASN A 374 -45.93 -11.36 -60.93
CA ASN A 374 -45.17 -10.96 -62.12
C ASN A 374 -44.05 -10.03 -61.71
N ALA A 375 -43.13 -10.56 -60.90
CA ALA A 375 -41.99 -9.78 -60.45
C ALA A 375 -40.80 -9.97 -61.38
N SER A 376 -40.30 -11.22 -61.46
CA SER A 376 -39.26 -11.60 -62.40
C SER A 376 -37.95 -10.85 -62.21
N ALA A 377 -37.88 -10.01 -61.18
CA ALA A 377 -36.71 -9.17 -60.92
C ALA A 377 -36.70 -8.71 -59.48
N ALA A 378 -35.53 -8.78 -58.85
CA ALA A 378 -35.38 -8.44 -57.44
C ALA A 378 -35.18 -6.94 -57.23
N GLN A 379 -35.32 -6.15 -58.29
CA GLN A 379 -35.07 -4.71 -58.25
C GLN A 379 -36.09 -4.06 -57.30
N LYS A 380 -35.95 -2.73 -57.09
CA LYS A 380 -36.59 -1.99 -56.01
C LYS A 380 -36.02 -2.44 -54.67
N SER A 381 -34.69 -2.40 -54.53
CA SER A 381 -34.05 -2.78 -53.27
C SER A 381 -34.45 -1.81 -52.16
N SER A 382 -34.28 -0.50 -52.40
CA SER A 382 -34.87 0.54 -51.57
C SER A 382 -34.44 0.53 -50.10
N VAL A 383 -33.15 0.79 -49.83
CA VAL A 383 -32.69 0.93 -48.46
C VAL A 383 -33.30 2.17 -47.84
N ALA A 384 -33.56 3.19 -48.65
CA ALA A 384 -34.09 4.46 -48.15
C ALA A 384 -35.52 4.27 -47.63
N SER A 385 -36.27 3.38 -48.27
CA SER A 385 -37.69 3.19 -47.97
C SER A 385 -37.92 2.72 -46.53
N VAL A 386 -36.87 2.25 -45.86
CA VAL A 386 -36.99 1.69 -44.52
C VAL A 386 -37.66 2.66 -43.57
N ASP A 387 -38.81 2.27 -43.03
CA ASP A 387 -39.49 3.02 -42.00
C ASP A 387 -39.25 2.38 -40.64
N ILE A 388 -39.79 3.00 -39.60
CA ILE A 388 -39.63 2.52 -38.23
C ILE A 388 -40.96 2.51 -37.48
N SER A 389 -41.90 3.34 -37.91
CA SER A 389 -43.04 3.77 -37.08
C SER A 389 -43.74 2.66 -36.31
N THR A 390 -44.34 1.70 -37.00
CA THR A 390 -45.19 0.75 -36.28
C THR A 390 -44.73 -0.71 -36.34
N ALA A 391 -44.61 -1.27 -37.54
CA ALA A 391 -44.41 -2.71 -37.66
C ALA A 391 -43.25 -3.07 -38.58
N ASP A 392 -43.27 -2.52 -39.80
CA ASP A 392 -42.28 -2.87 -40.82
C ASP A 392 -40.86 -2.66 -40.30
N GLY A 393 -40.63 -1.52 -39.66
CA GLY A 393 -39.32 -1.22 -39.09
C GLY A 393 -38.85 -2.23 -38.07
N ALA A 394 -39.78 -2.81 -37.32
CA ALA A 394 -39.43 -3.76 -36.27
C ALA A 394 -38.77 -5.00 -36.85
N GLN A 395 -39.21 -5.44 -38.03
CA GLN A 395 -38.71 -6.67 -38.62
C GLN A 395 -38.05 -6.47 -39.99
N ASN A 396 -38.71 -5.78 -40.92
CA ASN A 396 -38.19 -5.68 -42.28
C ASN A 396 -36.83 -5.00 -42.32
N ALA A 397 -36.62 -4.01 -41.44
CA ALA A 397 -35.34 -3.31 -41.39
C ALA A 397 -34.20 -4.29 -41.11
N ILE A 398 -34.49 -5.38 -40.40
CA ILE A 398 -33.49 -6.42 -40.21
C ILE A 398 -33.05 -6.98 -41.56
N ALA A 399 -33.99 -7.62 -42.28
CA ALA A 399 -33.68 -8.18 -43.58
C ALA A 399 -33.05 -7.16 -44.51
N VAL A 400 -33.30 -5.87 -44.28
CA VAL A 400 -32.56 -4.83 -44.99
C VAL A 400 -31.09 -4.87 -44.59
N VAL A 401 -30.82 -4.70 -43.29
CA VAL A 401 -29.45 -4.44 -42.86
C VAL A 401 -28.57 -5.68 -42.98
N ASP A 402 -29.14 -6.88 -42.89
CA ASP A 402 -28.33 -8.08 -43.12
C ASP A 402 -27.67 -8.01 -44.49
N ASN A 403 -28.47 -7.88 -45.54
CA ASN A 403 -27.90 -7.83 -46.89
C ASN A 403 -27.08 -6.56 -47.12
N ALA A 404 -27.46 -5.46 -46.46
CA ALA A 404 -26.67 -4.24 -46.58
C ALA A 404 -25.25 -4.45 -46.08
N LEU A 405 -25.11 -4.92 -44.83
CA LEU A 405 -23.79 -5.19 -44.28
C LEU A 405 -23.09 -6.30 -45.04
N ALA A 406 -23.84 -7.26 -45.59
CA ALA A 406 -23.23 -8.31 -46.39
C ALA A 406 -22.54 -7.73 -47.61
N ALA A 407 -23.24 -6.85 -48.33
CA ALA A 407 -22.64 -6.21 -49.50
C ALA A 407 -21.47 -5.31 -49.11
N ILE A 408 -21.61 -4.57 -48.02
CA ILE A 408 -20.53 -3.67 -47.58
C ILE A 408 -19.28 -4.49 -47.24
N ASP A 409 -19.47 -5.62 -46.55
CA ASP A 409 -18.31 -6.40 -46.13
C ASP A 409 -17.75 -7.22 -47.29
N ALA A 410 -18.59 -7.51 -48.29
CA ALA A 410 -18.07 -8.09 -49.53
C ALA A 410 -17.18 -7.09 -50.27
N GLN A 411 -17.59 -5.82 -50.28
CA GLN A 411 -16.72 -4.79 -50.83
C GLN A 411 -15.45 -4.64 -50.01
N ARG A 412 -15.56 -4.78 -48.69
CA ARG A 412 -14.38 -4.78 -47.83
C ARG A 412 -13.44 -5.92 -48.18
N ALA A 413 -14.00 -7.09 -48.45
CA ALA A 413 -13.18 -8.24 -48.85
C ALA A 413 -12.53 -8.02 -50.21
N ASP A 414 -13.25 -7.36 -51.12
CA ASP A 414 -12.64 -6.99 -52.40
C ASP A 414 -11.45 -6.06 -52.18
N LEU A 415 -11.62 -5.04 -51.33
CA LEU A 415 -10.51 -4.16 -50.99
C LEU A 415 -9.36 -4.92 -50.34
N ALA A 416 -9.69 -5.89 -49.49
CA ALA A 416 -8.66 -6.71 -48.86
C ALA A 416 -7.86 -7.49 -49.91
N ALA A 417 -8.57 -8.09 -50.86
CA ALA A 417 -7.91 -8.83 -51.93
C ALA A 417 -7.00 -7.92 -52.75
N VAL A 418 -7.50 -6.75 -53.15
CA VAL A 418 -6.71 -5.87 -54.00
C VAL A 418 -5.50 -5.33 -53.23
N GLN A 419 -5.66 -5.07 -51.93
CA GLN A 419 -4.52 -4.57 -51.16
C GLN A 419 -3.47 -5.64 -50.89
N ASN A 420 -3.90 -6.88 -50.61
CA ASN A 420 -2.93 -7.97 -50.48
C ASN A 420 -2.20 -8.19 -51.79
N ARG A 421 -2.94 -8.15 -52.91
CA ARG A 421 -2.34 -8.24 -54.22
C ARG A 421 -1.35 -7.11 -54.45
N PHE A 422 -1.68 -5.90 -54.00
CA PHE A 422 -0.78 -4.77 -54.19
C PHE A 422 0.48 -4.90 -53.36
N LYS A 423 0.38 -5.44 -52.15
CA LYS A 423 1.57 -5.59 -51.33
C LYS A 423 2.49 -6.69 -51.89
N ASN A 424 1.89 -7.80 -52.33
CA ASN A 424 2.70 -8.82 -52.99
C ASN A 424 3.32 -8.28 -54.28
N THR A 425 2.58 -7.44 -55.00
CA THR A 425 3.08 -6.85 -56.22
C THR A 425 4.26 -5.93 -55.95
N ILE A 426 4.13 -5.06 -54.94
CA ILE A 426 5.23 -4.14 -54.66
C ILE A 426 6.45 -4.90 -54.17
N ASP A 427 6.24 -5.99 -53.43
CA ASP A 427 7.39 -6.79 -52.99
C ASP A 427 8.08 -7.44 -54.19
N ASN A 428 7.31 -8.06 -55.07
CA ASN A 428 7.89 -8.67 -56.27
C ASN A 428 8.60 -7.61 -57.12
N LEU A 429 8.01 -6.42 -57.23
CA LEU A 429 8.59 -5.40 -58.08
C LEU A 429 9.86 -4.82 -57.49
N THR A 430 9.92 -4.63 -56.17
CA THR A 430 11.17 -4.14 -55.58
C THR A 430 12.26 -5.21 -55.66
N ASN A 431 11.89 -6.49 -55.54
CA ASN A 431 12.87 -7.55 -55.72
C ASN A 431 13.43 -7.55 -57.14
N ILE A 432 12.54 -7.48 -58.14
CA ILE A 432 12.99 -7.44 -59.54
C ILE A 432 13.81 -6.19 -59.79
N SER A 433 13.44 -5.06 -59.17
CA SER A 433 14.19 -3.83 -59.36
C SER A 433 15.60 -3.95 -58.80
N GLU A 434 15.74 -4.55 -57.62
CA GLU A 434 17.07 -4.68 -57.04
C GLU A 434 17.91 -5.68 -57.81
N ASN A 435 17.29 -6.74 -58.33
CA ASN A 435 18.04 -7.70 -59.12
C ASN A 435 18.49 -7.10 -60.45
N ALA A 436 17.62 -6.31 -61.08
CA ALA A 436 18.01 -5.63 -62.30
C ALA A 436 19.04 -4.54 -62.03
N THR A 437 19.01 -3.94 -60.84
CA THR A 437 20.06 -2.99 -60.46
C THR A 437 21.40 -3.71 -60.31
N ASN A 438 21.38 -4.90 -59.71
CA ASN A 438 22.60 -5.70 -59.62
C ASN A 438 23.10 -6.07 -61.01
N ALA A 439 22.18 -6.39 -61.93
CA ALA A 439 22.57 -6.68 -63.31
C ALA A 439 23.20 -5.44 -63.97
N ARG A 440 22.58 -4.28 -63.78
CA ARG A 440 23.09 -3.05 -64.36
C ARG A 440 24.46 -2.70 -63.80
N SER A 441 24.70 -3.01 -62.53
CA SER A 441 26.02 -2.78 -61.94
C SER A 441 27.04 -3.76 -62.52
N ARG A 442 26.69 -5.04 -62.61
CA ARG A 442 27.60 -6.03 -63.16
C ARG A 442 27.94 -5.75 -64.62
N ILE A 443 27.02 -5.14 -65.38
CA ILE A 443 27.29 -4.84 -66.77
C ILE A 443 27.83 -3.43 -67.00
N LYS A 444 27.65 -2.52 -66.04
CA LYS A 444 28.01 -1.11 -66.19
C LYS A 444 29.05 -0.65 -65.19
N ASP A 445 28.83 -0.87 -63.89
CA ASP A 445 29.73 -0.37 -62.87
C ASP A 445 31.12 -0.94 -63.09
N THR A 446 32.10 -0.05 -63.27
CA THR A 446 33.47 -0.50 -63.53
C THR A 446 34.06 -1.17 -62.29
N ASP A 447 34.61 -2.38 -62.49
CA ASP A 447 35.40 -3.03 -61.45
C ASP A 447 36.81 -2.44 -61.47
N PHE A 448 36.88 -1.17 -61.10
CA PHE A 448 38.10 -0.37 -61.31
C PHE A 448 39.27 -0.82 -60.46
N ALA A 449 39.14 -1.92 -59.71
CA ALA A 449 40.32 -2.52 -59.09
C ALA A 449 41.38 -2.86 -60.12
N ALA A 450 40.97 -3.16 -61.36
CA ALA A 450 41.91 -3.36 -62.46
C ALA A 450 42.11 -2.13 -63.32
N GLU A 451 41.09 -1.27 -63.45
CA GLU A 451 41.25 -0.04 -64.20
C GLU A 451 42.22 0.94 -63.55
N THR A 452 42.36 0.90 -62.22
CA THR A 452 43.37 1.71 -61.58
C THR A 452 44.78 1.25 -61.95
N ALA A 453 45.00 -0.07 -61.96
CA ALA A 453 46.29 -0.59 -62.41
C ALA A 453 46.52 -0.27 -63.88
N ALA A 454 45.47 -0.33 -64.70
CA ALA A 454 45.60 0.02 -66.11
C ALA A 454 45.98 1.50 -66.27
N LEU A 455 45.36 2.36 -65.47
CA LEU A 455 45.67 3.79 -65.52
C LEU A 455 47.10 4.04 -65.11
N SER A 456 47.56 3.39 -64.04
CA SER A 456 48.95 3.54 -63.60
C SER A 456 49.90 3.09 -64.69
N LYS A 457 49.63 1.92 -65.29
CA LYS A 457 50.48 1.42 -66.37
C LYS A 457 50.48 2.40 -67.55
N ASN A 458 49.33 2.98 -67.87
CA ASN A 458 49.25 3.93 -68.97
C ASN A 458 50.10 5.16 -68.68
N GLN A 459 50.06 5.65 -67.44
CA GLN A 459 50.87 6.81 -67.07
C GLN A 459 52.36 6.46 -67.12
N VAL A 460 52.71 5.24 -66.71
CA VAL A 460 54.10 4.79 -66.80
C VAL A 460 54.55 4.77 -68.25
N LEU A 461 53.75 4.18 -69.13
CA LEU A 461 54.10 4.14 -70.55
C LEU A 461 54.16 5.54 -71.14
N GLN A 462 53.32 6.45 -70.66
CA GLN A 462 53.36 7.84 -71.12
C GLN A 462 54.71 8.47 -70.79
N GLN A 463 55.07 8.46 -69.51
CA GLN A 463 56.34 9.08 -69.11
C GLN A 463 57.53 8.36 -69.74
N ALA A 464 57.41 7.05 -69.93
CA ALA A 464 58.48 6.29 -70.58
C ALA A 464 58.65 6.72 -72.03
N GLY A 465 57.54 6.92 -72.74
CA GLY A 465 57.62 7.41 -74.10
C GLY A 465 58.24 8.79 -74.16
N THR A 466 57.86 9.67 -73.23
CA THR A 466 58.48 11.00 -73.20
C THR A 466 59.98 10.91 -73.00
N ALA A 467 60.43 10.12 -72.01
CA ALA A 467 61.86 10.02 -71.75
C ALA A 467 62.61 9.39 -72.91
N ILE A 468 62.06 8.32 -73.49
CA ILE A 468 62.70 7.66 -74.62
C ILE A 468 62.77 8.59 -75.82
N LEU A 469 61.72 9.39 -76.05
CA LEU A 469 61.77 10.35 -77.15
C LEU A 469 62.83 11.41 -76.91
N ALA A 470 62.93 11.92 -75.69
CA ALA A 470 63.93 12.93 -75.36
C ALA A 470 65.34 12.36 -75.44
N GLN A 471 65.47 11.04 -75.27
CA GLN A 471 66.80 10.43 -75.41
C GLN A 471 67.10 10.10 -76.87
N ALA A 472 66.08 9.79 -77.66
CA ALA A 472 66.29 9.33 -79.03
C ALA A 472 66.49 10.50 -80.00
N ASN A 473 65.86 11.65 -79.74
CA ASN A 473 65.98 12.76 -80.67
C ASN A 473 67.37 13.39 -80.61
N GLN A 474 68.27 12.82 -79.81
CA GLN A 474 69.61 13.37 -79.64
C GLN A 474 70.68 12.60 -80.38
N LEU A 475 70.39 11.41 -80.89
CA LEU A 475 71.40 10.64 -81.62
C LEU A 475 71.85 11.33 -82.91
N PRO A 476 70.96 11.91 -83.73
CA PRO A 476 71.48 12.66 -84.89
C PRO A 476 72.37 13.81 -84.47
N GLN A 477 71.99 14.51 -83.41
CA GLN A 477 72.84 15.57 -82.86
C GLN A 477 74.25 15.06 -82.62
N ALA A 478 74.37 13.95 -81.88
CA ALA A 478 75.70 13.43 -81.56
C ALA A 478 76.46 13.03 -82.82
N VAL A 479 75.83 12.25 -83.71
CA VAL A 479 76.57 11.70 -84.84
C VAL A 479 77.04 12.80 -85.76
N LEU A 480 76.19 13.78 -86.05
CA LEU A 480 76.62 14.87 -86.93
C LEU A 480 77.59 15.82 -86.25
N SER A 481 77.38 16.15 -84.97
CA SER A 481 78.28 17.08 -84.30
C SER A 481 79.67 16.50 -84.11
N LEU A 482 79.77 15.18 -83.98
CA LEU A 482 81.07 14.57 -83.76
C LEU A 482 81.73 14.10 -85.06
N LEU A 483 80.95 13.72 -86.07
CA LEU A 483 81.50 13.21 -87.31
C LEU A 483 81.90 14.33 -88.28
N ARG A 484 81.35 15.53 -88.10
CA ARG A 484 81.67 16.65 -88.98
C ARG A 484 82.89 17.40 -88.48
N VAL B 1 33.12 -0.82 -57.72
CA VAL B 1 31.72 -0.74 -57.35
C VAL B 1 31.42 0.57 -56.62
N ASN B 2 31.16 1.62 -57.39
CA ASN B 2 30.90 2.94 -56.80
C ASN B 2 29.68 3.65 -57.34
N THR B 3 29.16 3.32 -58.53
CA THR B 3 27.97 3.99 -59.02
C THR B 3 26.70 3.51 -58.34
N ASN B 4 26.76 2.40 -57.61
CA ASN B 4 25.62 1.88 -56.87
C ASN B 4 26.13 0.81 -55.90
N ILE B 5 25.33 0.56 -54.87
CA ILE B 5 25.67 -0.41 -53.83
C ILE B 5 24.53 -1.42 -53.75
N ALA B 6 24.87 -2.71 -53.74
CA ALA B 6 23.87 -3.76 -53.69
C ALA B 6 23.22 -3.90 -52.31
N SER B 7 23.49 -2.99 -51.38
CA SER B 7 22.93 -3.08 -50.04
C SER B 7 21.45 -2.75 -49.98
N LEU B 8 20.80 -2.48 -51.11
CA LEU B 8 19.39 -2.10 -51.08
C LEU B 8 18.46 -3.26 -50.73
N ASN B 9 18.97 -4.49 -50.71
CA ASN B 9 18.22 -5.59 -50.12
C ASN B 9 17.92 -5.30 -48.65
N THR B 10 18.88 -4.68 -47.96
CA THR B 10 18.65 -4.25 -46.59
C THR B 10 17.58 -3.16 -46.54
N GLN B 11 17.54 -2.29 -47.55
CA GLN B 11 16.46 -1.30 -47.63
C GLN B 11 15.10 -1.99 -47.75
N ARG B 12 15.00 -2.99 -48.63
CA ARG B 12 13.76 -3.75 -48.77
C ARG B 12 13.37 -4.38 -47.45
N ASN B 13 14.34 -4.99 -46.76
CA ASN B 13 14.06 -5.65 -45.50
C ASN B 13 13.62 -4.67 -44.42
N LEU B 14 14.24 -3.49 -44.34
CA LEU B 14 13.82 -2.52 -43.33
C LEU B 14 12.45 -1.96 -43.67
N ASN B 15 12.14 -1.80 -44.96
CA ASN B 15 10.80 -1.38 -45.35
C ASN B 15 9.76 -2.40 -44.90
N ALA B 16 10.02 -3.68 -45.19
CA ALA B 16 9.09 -4.73 -44.79
C ALA B 16 8.94 -4.80 -43.27
N SER B 17 10.05 -4.70 -42.54
CA SER B 17 9.96 -4.76 -41.08
C SER B 17 9.24 -3.56 -40.52
N SER B 18 9.36 -2.39 -41.17
CA SER B 18 8.60 -1.23 -40.72
C SER B 18 7.11 -1.43 -40.96
N ASN B 19 6.75 -2.02 -42.10
CA ASN B 19 5.34 -2.36 -42.32
C ASN B 19 4.82 -3.29 -41.24
N ASP B 20 5.60 -4.34 -40.93
CA ASP B 20 5.20 -5.28 -39.88
C ASP B 20 5.08 -4.58 -38.53
N LEU B 21 5.99 -3.65 -38.24
CA LEU B 21 5.97 -2.95 -36.96
C LEU B 21 4.75 -2.05 -36.86
N ASN B 22 4.42 -1.34 -37.93
CA ASN B 22 3.22 -0.52 -37.93
C ASN B 22 1.96 -1.36 -37.76
N THR B 23 1.91 -2.53 -38.42
CA THR B 23 0.75 -3.39 -38.28
C THR B 23 0.62 -3.90 -36.85
N SER B 24 1.73 -4.34 -36.24
CA SER B 24 1.68 -4.81 -34.86
C SER B 24 1.34 -3.67 -33.90
N LEU B 25 1.81 -2.46 -34.20
CA LEU B 25 1.45 -1.31 -33.40
C LEU B 25 -0.04 -1.06 -33.43
N GLN B 26 -0.64 -1.07 -34.63
CA GLN B 26 -2.09 -0.94 -34.74
C GLN B 26 -2.79 -2.04 -33.95
N ARG B 27 -2.34 -3.28 -34.11
CA ARG B 27 -2.98 -4.41 -33.44
C ARG B 27 -2.95 -4.23 -31.93
N LEU B 28 -1.83 -3.76 -31.39
CA LEU B 28 -1.73 -3.61 -29.94
C LEU B 28 -2.50 -2.39 -29.44
N THR B 29 -2.59 -1.34 -30.27
CA THR B 29 -3.26 -0.13 -29.80
C THR B 29 -4.78 -0.22 -29.91
N THR B 30 -5.29 -1.08 -30.79
CA THR B 30 -6.73 -1.33 -30.80
C THR B 30 -7.11 -2.57 -30.00
N GLY B 31 -6.14 -3.38 -29.59
CA GLY B 31 -6.41 -4.62 -28.90
C GLY B 31 -6.90 -5.75 -29.78
N TYR B 32 -6.94 -5.56 -31.10
CA TYR B 32 -7.48 -6.55 -32.03
C TYR B 32 -6.34 -7.12 -32.84
N ARG B 33 -6.20 -8.46 -32.81
CA ARG B 33 -5.19 -9.10 -33.66
C ARG B 33 -5.52 -8.91 -35.13
N ILE B 34 -6.75 -9.21 -35.53
CA ILE B 34 -7.24 -8.80 -36.84
C ILE B 34 -7.74 -7.36 -36.71
N ASN B 35 -7.14 -6.47 -37.47
CA ASN B 35 -7.54 -5.07 -37.42
C ASN B 35 -8.93 -4.91 -38.04
N SER B 36 -9.55 -3.76 -37.76
CA SER B 36 -10.72 -3.36 -38.52
C SER B 36 -10.38 -3.18 -40.00
N ALA B 37 -9.10 -3.31 -40.35
CA ALA B 37 -8.64 -3.17 -41.72
C ALA B 37 -8.89 -4.46 -42.51
N LYS B 38 -8.21 -4.54 -43.66
CA LYS B 38 -8.43 -5.60 -44.62
C LYS B 38 -8.15 -7.00 -44.06
N ASP B 39 -7.26 -7.11 -43.08
CA ASP B 39 -6.67 -8.39 -42.73
C ASP B 39 -7.72 -9.42 -42.32
N ASP B 40 -7.60 -10.63 -42.87
CA ASP B 40 -8.46 -11.77 -42.55
C ASP B 40 -9.94 -11.44 -42.83
N ALA B 41 -10.21 -11.24 -44.12
CA ALA B 41 -11.55 -10.89 -44.57
C ALA B 41 -12.60 -11.89 -44.10
N ALA B 42 -12.27 -13.17 -44.06
CA ALA B 42 -13.19 -14.16 -43.52
C ALA B 42 -13.39 -13.95 -42.02
N GLY B 43 -12.29 -13.81 -41.28
CA GLY B 43 -12.40 -13.45 -39.88
C GLY B 43 -13.08 -12.12 -39.69
N LEU B 44 -12.92 -11.20 -40.65
CA LEU B 44 -13.61 -9.92 -40.56
C LEU B 44 -15.11 -10.11 -40.66
N GLN B 45 -15.56 -10.94 -41.61
CA GLN B 45 -16.99 -11.24 -41.72
C GLN B 45 -17.51 -11.88 -40.44
N ILE B 46 -16.75 -12.85 -39.91
CA ILE B 46 -17.16 -13.51 -38.68
C ILE B 46 -17.31 -12.49 -37.55
N SER B 47 -16.37 -11.56 -37.46
CA SER B 47 -16.38 -10.58 -36.38
C SER B 47 -17.55 -9.60 -36.53
N ASN B 48 -17.77 -9.11 -37.75
CA ASN B 48 -18.89 -8.19 -37.96
C ASN B 48 -20.22 -8.87 -37.67
N ARG B 49 -20.37 -10.11 -38.12
CA ARG B 49 -21.62 -10.83 -37.86
C ARG B 49 -21.81 -11.09 -36.38
N LEU B 50 -20.73 -11.43 -35.67
CA LEU B 50 -20.83 -11.63 -34.23
C LEU B 50 -21.16 -10.34 -33.50
N SER B 51 -20.63 -9.21 -33.99
CA SER B 51 -20.95 -7.93 -33.36
C SER B 51 -22.41 -7.57 -33.57
N ASN B 52 -22.92 -7.77 -34.80
CA ASN B 52 -24.35 -7.60 -35.03
C ASN B 52 -25.16 -8.48 -34.08
N GLN B 53 -24.74 -9.74 -33.93
CA GLN B 53 -25.47 -10.67 -33.08
C GLN B 53 -25.48 -10.20 -31.63
N ILE B 54 -24.33 -9.80 -31.10
CA ILE B 54 -24.25 -9.42 -29.68
C ILE B 54 -25.02 -8.12 -29.43
N SER B 55 -24.98 -7.20 -30.40
CA SER B 55 -25.70 -5.95 -30.23
C SER B 55 -27.20 -6.18 -30.23
N GLY B 56 -27.69 -6.90 -31.24
CA GLY B 56 -29.12 -7.24 -31.26
C GLY B 56 -29.51 -8.04 -30.03
N LEU B 57 -28.59 -8.86 -29.53
CA LEU B 57 -28.89 -9.67 -28.36
C LEU B 57 -29.06 -8.82 -27.12
N ASN B 58 -28.15 -7.87 -26.88
CA ASN B 58 -28.29 -7.04 -25.69
C ASN B 58 -29.52 -6.14 -25.79
N VAL B 59 -29.81 -5.62 -26.99
CA VAL B 59 -31.01 -4.79 -27.10
C VAL B 59 -32.27 -5.65 -26.95
N ALA B 60 -32.21 -6.93 -27.33
CA ALA B 60 -33.35 -7.82 -27.13
C ALA B 60 -33.52 -8.14 -25.64
N THR B 61 -32.41 -8.30 -24.93
CA THR B 61 -32.50 -8.48 -23.47
C THR B 61 -33.12 -7.26 -22.81
N ARG B 62 -32.77 -6.06 -23.29
CA ARG B 62 -33.41 -4.86 -22.73
C ARG B 62 -34.89 -4.81 -23.05
N ASN B 63 -35.27 -5.19 -24.27
CA ASN B 63 -36.68 -5.28 -24.61
C ASN B 63 -37.41 -6.28 -23.71
N ALA B 64 -36.77 -7.41 -23.41
CA ALA B 64 -37.35 -8.38 -22.50
C ALA B 64 -37.44 -7.83 -21.08
N ASN B 65 -36.51 -6.94 -20.71
CA ASN B 65 -36.61 -6.30 -19.41
C ASN B 65 -37.83 -5.38 -19.32
N ASP B 66 -38.05 -4.56 -20.36
CA ASP B 66 -39.29 -3.80 -20.41
C ASP B 66 -40.50 -4.73 -20.37
N GLY B 67 -40.40 -5.89 -21.04
CA GLY B 67 -41.49 -6.84 -21.02
C GLY B 67 -41.79 -7.38 -19.63
N ILE B 68 -40.75 -7.74 -18.86
CA ILE B 68 -40.97 -8.29 -17.53
C ILE B 68 -41.49 -7.20 -16.59
N SER B 69 -41.07 -5.95 -16.79
CA SER B 69 -41.63 -4.87 -15.99
C SER B 69 -43.11 -4.68 -16.27
N LEU B 70 -43.48 -4.69 -17.56
CA LEU B 70 -44.89 -4.58 -17.93
C LEU B 70 -45.70 -5.74 -17.35
N ALA B 71 -45.13 -6.95 -17.43
CA ALA B 71 -45.81 -8.13 -16.89
C ALA B 71 -45.98 -8.04 -15.39
N GLN B 72 -44.99 -7.50 -14.66
CA GLN B 72 -45.14 -7.34 -13.22
C GLN B 72 -46.20 -6.29 -12.88
N THR B 73 -46.25 -5.21 -13.66
CA THR B 73 -47.30 -4.22 -13.46
C THR B 73 -48.68 -4.84 -13.67
N ALA B 74 -48.84 -5.62 -14.75
CA ALA B 74 -50.12 -6.27 -15.01
C ALA B 74 -50.44 -7.29 -13.91
N GLU B 75 -49.42 -7.97 -13.39
CA GLU B 75 -49.64 -8.93 -12.31
C GLU B 75 -50.14 -8.23 -11.05
N GLY B 76 -49.56 -7.06 -10.74
CA GLY B 76 -50.06 -6.29 -9.61
C GLY B 76 -51.49 -5.83 -9.81
N ALA B 77 -51.81 -5.38 -11.03
CA ALA B 77 -53.19 -4.99 -11.32
C ALA B 77 -54.15 -6.16 -11.14
N LEU B 78 -53.77 -7.35 -11.64
CA LEU B 78 -54.63 -8.51 -11.49
C LEU B 78 -54.74 -8.94 -10.03
N GLN B 79 -53.67 -8.77 -9.25
CA GLN B 79 -53.76 -9.07 -7.82
C GLN B 79 -54.75 -8.14 -7.13
N GLN B 80 -54.72 -6.85 -7.48
CA GLN B 80 -55.73 -5.93 -6.96
C GLN B 80 -57.14 -6.35 -7.39
N SER B 81 -57.26 -6.86 -8.62
CA SER B 81 -58.55 -7.34 -9.09
C SER B 81 -59.04 -8.54 -8.26
N THR B 82 -58.13 -9.47 -7.94
CA THR B 82 -58.50 -10.59 -7.08
C THR B 82 -58.92 -10.10 -5.70
N ASN B 83 -58.22 -9.10 -5.17
CA ASN B 83 -58.58 -8.57 -3.86
C ASN B 83 -59.98 -7.95 -3.87
N ILE B 84 -60.28 -7.14 -4.88
CA ILE B 84 -61.59 -6.50 -4.92
C ILE B 84 -62.68 -7.54 -5.19
N LEU B 85 -62.39 -8.57 -5.97
CA LEU B 85 -63.38 -9.63 -6.20
C LEU B 85 -63.63 -10.43 -4.92
N GLN B 86 -62.58 -10.66 -4.12
CA GLN B 86 -62.77 -11.32 -2.83
C GLN B 86 -63.62 -10.46 -1.92
N ARG B 87 -63.36 -9.15 -1.88
CA ARG B 87 -64.19 -8.24 -1.10
C ARG B 87 -65.65 -8.28 -1.56
N ILE B 88 -65.86 -8.36 -2.87
CA ILE B 88 -67.22 -8.46 -3.40
C ILE B 88 -67.86 -9.78 -2.96
N ARG B 89 -67.09 -10.86 -2.92
CA ARG B 89 -67.60 -12.11 -2.39
C ARG B 89 -68.03 -11.97 -0.93
N ASP B 90 -67.20 -11.30 -0.13
CA ASP B 90 -67.56 -11.12 1.28
C ASP B 90 -68.84 -10.32 1.42
N LEU B 91 -68.97 -9.24 0.64
CA LEU B 91 -70.19 -8.44 0.71
C LEU B 91 -71.40 -9.21 0.20
N ALA B 92 -71.20 -10.09 -0.77
CA ALA B 92 -72.31 -10.90 -1.28
C ALA B 92 -72.76 -11.92 -0.24
N LEU B 93 -71.81 -12.53 0.46
CA LEU B 93 -72.18 -13.43 1.55
C LEU B 93 -72.84 -12.66 2.69
N GLN B 94 -72.40 -11.42 2.94
CA GLN B 94 -73.07 -10.57 3.92
C GLN B 94 -74.49 -10.22 3.46
N SER B 95 -74.72 -10.22 2.15
CA SER B 95 -76.02 -9.87 1.59
C SER B 95 -77.10 -10.90 1.89
N ALA B 96 -76.77 -12.00 2.57
CA ALA B 96 -77.80 -12.96 2.96
C ALA B 96 -78.84 -12.32 3.87
N ASN B 97 -78.40 -11.54 4.86
CA ASN B 97 -79.25 -10.70 5.69
C ASN B 97 -80.30 -11.50 6.47
N GLY B 98 -80.20 -12.83 6.49
CA GLY B 98 -81.26 -13.64 7.03
C GLY B 98 -82.56 -13.49 6.28
N SER B 99 -82.50 -12.79 5.15
CA SER B 99 -83.60 -12.54 4.21
C SER B 99 -84.64 -11.57 4.77
N ASN B 100 -84.54 -11.22 6.05
CA ASN B 100 -85.46 -10.23 6.61
C ASN B 100 -84.84 -9.30 7.64
N SER B 101 -83.54 -9.38 7.91
CA SER B 101 -82.98 -8.66 9.06
C SER B 101 -82.34 -7.34 8.67
N ASP B 102 -81.68 -7.27 7.52
CA ASP B 102 -80.91 -6.09 7.12
C ASP B 102 -81.77 -5.25 6.18
N ALA B 103 -82.39 -4.21 6.74
CA ALA B 103 -83.13 -3.26 5.93
C ALA B 103 -82.20 -2.31 5.16
N ASP B 104 -80.89 -2.41 5.40
CA ASP B 104 -79.90 -1.58 4.72
C ASP B 104 -79.41 -2.19 3.42
N ARG B 105 -80.26 -2.99 2.77
CA ARG B 105 -79.92 -3.54 1.46
C ARG B 105 -79.66 -2.45 0.43
N ALA B 106 -80.33 -1.30 0.55
CA ALA B 106 -80.07 -0.19 -0.37
C ALA B 106 -78.65 0.35 -0.18
N ALA B 107 -78.24 0.53 1.08
CA ALA B 107 -76.88 0.99 1.35
C ALA B 107 -75.87 -0.05 0.90
N LEU B 108 -76.18 -1.33 1.08
CA LEU B 108 -75.27 -2.38 0.62
C LEU B 108 -75.15 -2.37 -0.90
N GLN B 109 -76.26 -2.13 -1.60
CA GLN B 109 -76.21 -2.04 -3.06
C GLN B 109 -75.41 -0.82 -3.50
N LYS B 110 -75.56 0.30 -2.81
CA LYS B 110 -74.74 1.47 -3.12
C LYS B 110 -73.27 1.18 -2.89
N GLU B 111 -72.95 0.43 -1.84
CA GLU B 111 -71.55 0.10 -1.55
C GLU B 111 -70.97 -0.81 -2.63
N VAL B 112 -71.74 -1.82 -3.05
CA VAL B 112 -71.20 -2.71 -4.08
C VAL B 112 -71.15 -2.01 -5.43
N ALA B 113 -72.01 -1.01 -5.65
CA ALA B 113 -71.91 -0.22 -6.88
C ALA B 113 -70.65 0.65 -6.85
N ALA B 114 -70.33 1.22 -5.68
CA ALA B 114 -69.07 1.93 -5.52
C ALA B 114 -67.89 1.00 -5.76
N GLN B 115 -68.00 -0.24 -5.29
CA GLN B 115 -66.93 -1.22 -5.52
C GLN B 115 -66.83 -1.58 -7.00
N GLN B 116 -67.95 -1.62 -7.70
CA GLN B 116 -67.92 -1.86 -9.14
C GLN B 116 -67.25 -0.71 -9.88
N ALA B 117 -67.56 0.52 -9.51
CA ALA B 117 -66.85 1.67 -10.06
C ALA B 117 -65.36 1.59 -9.74
N GLU B 118 -65.02 1.13 -8.54
CA GLU B 118 -63.62 0.92 -8.18
C GLU B 118 -62.96 -0.10 -9.09
N LEU B 119 -63.67 -1.19 -9.39
CA LEU B 119 -63.11 -2.21 -10.27
C LEU B 119 -62.91 -1.66 -11.68
N THR B 120 -63.86 -0.85 -12.17
CA THR B 120 -63.69 -0.22 -13.47
C THR B 120 -62.52 0.75 -13.45
N ARG B 121 -62.25 1.38 -12.30
CA ARG B 121 -61.10 2.26 -12.19
C ARG B 121 -59.78 1.49 -12.12
N ILE B 122 -59.78 0.33 -11.47
CA ILE B 122 -58.60 -0.53 -11.47
C ILE B 122 -58.32 -1.03 -12.88
N SER B 123 -59.37 -1.25 -13.67
CA SER B 123 -59.16 -1.50 -15.09
C SER B 123 -58.34 -0.40 -15.73
N ASP B 124 -58.71 0.86 -15.45
CA ASP B 124 -57.93 2.01 -15.89
C ASP B 124 -56.78 2.24 -14.91
N THR B 125 -56.14 3.41 -15.00
CA THR B 125 -55.06 3.84 -14.11
C THR B 125 -53.81 2.97 -14.27
N THR B 126 -53.82 2.05 -15.23
CA THR B 126 -52.65 1.26 -15.59
C THR B 126 -52.00 1.85 -16.84
N THR B 127 -51.96 3.18 -16.91
CA THR B 127 -51.49 3.90 -18.10
C THR B 127 -49.96 3.85 -18.15
N PHE B 128 -49.44 2.63 -18.33
CA PHE B 128 -48.01 2.43 -18.50
C PHE B 128 -47.63 2.66 -19.96
N GLY B 129 -47.53 3.92 -20.36
CA GLY B 129 -47.17 4.27 -21.71
C GLY B 129 -48.28 4.85 -22.56
N GLY B 130 -49.35 5.36 -21.95
CA GLY B 130 -50.49 5.84 -22.70
C GLY B 130 -51.19 4.74 -23.45
N ARG B 131 -50.95 3.50 -23.02
CA ARG B 131 -51.45 2.30 -23.69
C ARG B 131 -52.01 1.33 -22.64
N LYS B 132 -52.86 1.86 -21.76
CA LYS B 132 -53.37 1.17 -20.58
C LYS B 132 -53.61 -0.32 -20.82
N LEU B 133 -53.05 -1.15 -19.95
CA LEU B 133 -52.93 -2.58 -20.24
C LEU B 133 -54.29 -3.26 -20.23
N LEU B 134 -54.98 -3.23 -19.09
CA LEU B 134 -56.22 -3.98 -18.93
C LEU B 134 -57.36 -3.46 -19.79
N ASP B 135 -57.83 -2.25 -19.56
CA ASP B 135 -58.98 -1.74 -20.31
C ASP B 135 -58.53 -0.81 -21.43
N GLY B 136 -59.51 -0.19 -22.06
CA GLY B 136 -59.20 0.75 -23.14
C GLY B 136 -58.82 0.01 -24.41
N SER B 137 -57.73 0.44 -25.02
CA SER B 137 -57.28 -0.10 -26.30
C SER B 137 -55.92 -0.77 -26.11
N PHE B 138 -55.95 -2.09 -25.90
CA PHE B 138 -54.73 -2.89 -25.83
C PHE B 138 -54.56 -3.68 -27.12
N GLY B 139 -53.50 -3.37 -27.86
CA GLY B 139 -53.29 -3.95 -29.16
C GLY B 139 -52.91 -5.42 -29.16
N THR B 140 -52.70 -6.01 -27.98
CA THR B 140 -52.30 -7.40 -27.85
C THR B 140 -51.02 -7.65 -28.66
N THR B 141 -49.96 -6.96 -28.25
CA THR B 141 -48.72 -6.91 -29.01
C THR B 141 -47.88 -8.15 -28.72
N SER B 142 -46.63 -8.14 -29.20
CA SER B 142 -45.73 -9.28 -29.05
C SER B 142 -44.30 -8.73 -29.02
N PHE B 143 -43.61 -8.93 -27.90
CA PHE B 143 -42.28 -8.38 -27.72
C PHE B 143 -41.26 -9.26 -28.45
N GLN B 144 -40.46 -8.64 -29.31
CA GLN B 144 -39.41 -9.37 -30.01
C GLN B 144 -38.18 -9.50 -29.11
N VAL B 145 -37.72 -10.73 -28.93
CA VAL B 145 -36.58 -11.01 -28.06
C VAL B 145 -35.45 -11.74 -28.77
N GLY B 146 -35.55 -11.95 -30.09
CA GLY B 146 -34.53 -12.67 -30.82
C GLY B 146 -33.69 -11.73 -31.67
N SER B 147 -32.55 -12.26 -32.12
CA SER B 147 -31.63 -11.51 -32.96
C SER B 147 -31.99 -11.58 -34.44
N ASN B 148 -33.11 -12.20 -34.79
CA ASN B 148 -33.55 -12.33 -36.16
C ASN B 148 -34.97 -11.79 -36.31
N ALA B 149 -35.35 -11.54 -37.57
CA ALA B 149 -36.64 -10.92 -37.84
C ALA B 149 -37.78 -11.84 -37.45
N TYR B 150 -38.84 -11.23 -36.90
CA TYR B 150 -40.11 -11.91 -36.59
C TYR B 150 -39.95 -12.96 -35.49
N GLU B 151 -38.76 -13.08 -34.91
CA GLU B 151 -38.58 -13.96 -33.77
C GLU B 151 -39.08 -13.28 -32.51
N THR B 152 -40.37 -13.40 -32.23
CA THR B 152 -41.02 -12.64 -31.19
C THR B 152 -41.79 -13.57 -30.26
N ILE B 153 -42.24 -13.01 -29.14
CA ILE B 153 -42.97 -13.75 -28.11
C ILE B 153 -44.34 -13.09 -27.96
N ASP B 154 -45.40 -13.84 -28.28
CA ASP B 154 -46.74 -13.31 -28.24
C ASP B 154 -47.25 -13.21 -26.81
N ILE B 155 -48.12 -12.23 -26.57
CA ILE B 155 -48.77 -12.03 -25.29
C ILE B 155 -50.26 -11.91 -25.53
N SER B 156 -51.05 -12.52 -24.65
CA SER B 156 -52.50 -12.60 -24.81
C SER B 156 -53.21 -12.01 -23.59
N LEU B 157 -52.78 -10.81 -23.20
CA LEU B 157 -53.37 -10.11 -22.07
C LEU B 157 -54.88 -9.97 -22.26
N GLN B 158 -55.63 -10.01 -21.15
CA GLN B 158 -57.09 -9.96 -21.22
C GLN B 158 -57.54 -8.67 -21.91
N ASN B 159 -58.68 -8.78 -22.60
CA ASN B 159 -59.22 -7.62 -23.31
C ASN B 159 -59.58 -6.51 -22.34
N ALA B 160 -60.10 -6.87 -21.16
CA ALA B 160 -60.44 -5.90 -20.14
C ALA B 160 -60.74 -6.61 -18.82
N SER B 161 -60.30 -5.99 -17.72
CA SER B 161 -60.80 -6.30 -16.40
C SER B 161 -62.00 -5.44 -16.04
N ALA B 162 -62.76 -5.00 -17.04
CA ALA B 162 -63.82 -4.02 -16.93
C ALA B 162 -65.18 -4.64 -16.65
N SER B 163 -66.23 -3.89 -16.98
CA SER B 163 -67.61 -4.30 -16.77
C SER B 163 -67.97 -5.48 -17.66
N ALA B 164 -69.28 -5.65 -17.89
CA ALA B 164 -69.94 -6.89 -18.27
C ALA B 164 -69.13 -7.86 -19.13
N ILE B 165 -68.27 -7.35 -20.03
CA ILE B 165 -67.51 -8.19 -20.97
C ILE B 165 -66.91 -9.42 -20.27
N GLY B 166 -66.36 -9.24 -19.07
CA GLY B 166 -65.82 -10.38 -18.35
C GLY B 166 -66.59 -10.75 -17.09
N SER B 167 -67.36 -11.83 -17.16
CA SER B 167 -68.07 -12.38 -16.01
C SER B 167 -68.65 -13.75 -16.36
N TYR B 168 -69.53 -14.26 -15.50
CA TYR B 168 -70.19 -15.55 -15.72
C TYR B 168 -71.11 -15.38 -16.93
N GLN B 169 -71.03 -16.31 -17.87
CA GLN B 169 -71.88 -16.25 -19.05
C GLN B 169 -73.18 -17.00 -18.79
N VAL B 170 -74.31 -16.36 -19.10
CA VAL B 170 -75.61 -16.85 -18.70
C VAL B 170 -76.06 -17.97 -19.63
N GLY B 171 -76.16 -19.18 -19.10
CA GLY B 171 -76.93 -20.22 -19.76
C GLY B 171 -78.26 -20.35 -19.06
N SER B 172 -79.32 -19.80 -19.65
CA SER B 172 -80.60 -19.68 -18.97
C SER B 172 -81.73 -20.13 -19.88
N ASN B 173 -82.90 -20.34 -19.28
CA ASN B 173 -84.05 -20.84 -20.02
C ASN B 173 -84.68 -19.75 -20.89
N GLY B 174 -85.17 -18.69 -20.25
CA GLY B 174 -85.83 -17.63 -20.99
C GLY B 174 -84.86 -16.62 -21.57
N ALA B 175 -83.64 -17.05 -21.87
CA ALA B 175 -82.58 -16.18 -22.38
C ALA B 175 -83.03 -15.32 -23.55
N GLY B 176 -83.43 -15.95 -24.65
CA GLY B 176 -83.82 -15.18 -25.82
C GLY B 176 -85.15 -14.47 -25.68
N THR B 177 -86.25 -15.22 -25.76
CA THR B 177 -87.58 -14.67 -25.53
C THR B 177 -88.29 -15.38 -24.39
N VAL B 178 -88.42 -16.71 -24.53
CA VAL B 178 -89.14 -17.53 -23.57
C VAL B 178 -88.72 -18.98 -23.79
N ALA B 179 -88.90 -19.83 -22.78
CA ALA B 179 -88.44 -21.21 -22.82
C ALA B 179 -89.61 -22.17 -22.85
N SER B 180 -89.36 -23.37 -23.36
CA SER B 180 -90.33 -24.46 -23.29
C SER B 180 -90.28 -25.12 -21.92
N VAL B 181 -90.76 -26.36 -21.87
CA VAL B 181 -91.12 -27.10 -20.65
C VAL B 181 -90.20 -26.80 -19.47
N ALA B 182 -88.89 -26.76 -19.72
CA ALA B 182 -87.95 -26.40 -18.66
C ALA B 182 -88.21 -24.98 -18.16
N GLY B 183 -88.69 -24.85 -16.93
CA GLY B 183 -88.96 -23.55 -16.35
C GLY B 183 -90.33 -23.01 -16.66
N THR B 184 -91.31 -23.90 -16.87
CA THR B 184 -92.69 -23.51 -17.09
C THR B 184 -93.58 -24.73 -16.90
N ALA B 185 -94.87 -24.47 -16.69
CA ALA B 185 -95.83 -25.55 -16.54
C ALA B 185 -96.12 -26.21 -17.88
N THR B 186 -96.47 -27.49 -17.84
CA THR B 186 -96.69 -28.26 -19.05
C THR B 186 -97.44 -29.53 -18.72
N ALA B 187 -98.04 -30.14 -19.74
CA ALA B 187 -98.79 -31.38 -19.56
C ALA B 187 -97.89 -32.59 -19.70
N SER B 188 -97.22 -32.72 -20.85
CA SER B 188 -96.37 -33.89 -21.11
C SER B 188 -95.12 -33.88 -20.25
N GLY B 189 -94.35 -32.80 -20.31
CA GLY B 189 -93.12 -32.71 -19.56
C GLY B 189 -91.89 -32.72 -20.44
N ILE B 190 -90.74 -32.92 -19.80
CA ILE B 190 -89.45 -33.00 -20.49
C ILE B 190 -89.48 -34.16 -21.48
N ALA B 191 -89.14 -33.87 -22.73
CA ALA B 191 -89.15 -34.87 -23.79
C ALA B 191 -87.73 -35.36 -24.06
N SER B 192 -87.58 -36.15 -25.13
CA SER B 192 -86.29 -36.69 -25.50
C SER B 192 -85.40 -35.59 -26.09
N GLY B 193 -84.18 -35.96 -26.45
CA GLY B 193 -83.24 -35.03 -27.05
C GLY B 193 -81.81 -35.49 -26.86
N THR B 194 -80.95 -34.91 -27.72
CA THR B 194 -79.51 -35.17 -27.71
C THR B 194 -78.77 -33.83 -27.75
N VAL B 195 -79.18 -32.93 -26.85
CA VAL B 195 -78.74 -31.54 -26.79
C VAL B 195 -77.22 -31.42 -26.90
N ASN B 196 -76.76 -30.55 -27.78
CA ASN B 196 -75.34 -30.35 -28.00
C ASN B 196 -74.78 -29.28 -27.07
N LEU B 197 -73.54 -29.49 -26.64
CA LEU B 197 -72.80 -28.50 -25.85
C LEU B 197 -71.51 -28.13 -26.58
N VAL B 198 -71.17 -26.86 -26.54
CA VAL B 198 -70.00 -26.33 -27.24
C VAL B 198 -69.12 -25.60 -26.24
N GLY B 199 -67.82 -25.87 -26.31
CA GLY B 199 -66.86 -25.23 -25.44
C GLY B 199 -65.60 -26.04 -25.23
N GLY B 200 -64.45 -25.39 -25.29
CA GLY B 200 -63.17 -26.05 -25.15
C GLY B 200 -62.95 -27.18 -26.14
N GLY B 201 -63.57 -27.09 -27.31
CA GLY B 201 -63.47 -28.11 -28.34
C GLY B 201 -63.78 -29.51 -27.85
N GLN B 202 -64.80 -29.64 -26.99
CA GLN B 202 -65.17 -30.94 -26.43
C GLN B 202 -66.69 -31.12 -26.50
N VAL B 203 -67.25 -31.04 -27.71
CA VAL B 203 -68.69 -31.24 -27.91
C VAL B 203 -69.11 -32.56 -27.28
N LYS B 204 -70.22 -32.54 -26.56
CA LYS B 204 -70.68 -33.72 -25.83
C LYS B 204 -72.19 -33.81 -25.99
N ASN B 205 -72.66 -34.83 -26.71
CA ASN B 205 -74.09 -35.05 -26.91
C ASN B 205 -74.67 -35.65 -25.64
N ILE B 206 -75.29 -34.81 -24.81
CA ILE B 206 -75.89 -35.30 -23.58
C ILE B 206 -77.19 -36.01 -23.89
N ALA B 207 -77.49 -37.05 -23.10
CA ALA B 207 -78.67 -37.88 -23.30
C ALA B 207 -79.80 -37.33 -22.44
N ILE B 208 -80.89 -36.94 -23.09
CA ILE B 208 -82.06 -36.38 -22.40
C ILE B 208 -83.22 -37.32 -22.70
N ALA B 209 -83.65 -38.08 -21.69
CA ALA B 209 -84.81 -38.94 -21.84
C ALA B 209 -86.09 -38.16 -21.58
N ALA B 210 -87.21 -38.75 -21.97
CA ALA B 210 -88.52 -38.11 -21.81
C ALA B 210 -89.06 -38.42 -20.42
N GLY B 211 -89.04 -37.40 -19.55
CA GLY B 211 -89.60 -37.55 -18.22
C GLY B 211 -88.67 -37.11 -17.10
N ASP B 212 -87.38 -36.99 -17.40
CA ASP B 212 -86.39 -36.62 -16.41
C ASP B 212 -86.68 -35.26 -15.78
N SER B 213 -86.57 -35.17 -14.46
CA SER B 213 -86.79 -33.90 -13.78
C SER B 213 -85.65 -32.93 -14.06
N ALA B 214 -85.87 -31.67 -13.71
CA ALA B 214 -84.88 -30.62 -13.93
C ALA B 214 -83.57 -30.93 -13.21
N LYS B 215 -83.67 -31.55 -12.04
CA LYS B 215 -82.48 -31.92 -11.29
C LYS B 215 -81.65 -32.94 -12.06
N ALA B 216 -82.31 -33.87 -12.74
CA ALA B 216 -81.61 -34.86 -13.55
C ALA B 216 -80.87 -34.19 -14.71
N ILE B 217 -81.53 -33.21 -15.33
CA ILE B 217 -80.93 -32.43 -16.42
C ILE B 217 -79.68 -31.75 -15.90
N ALA B 218 -79.79 -31.10 -14.74
CA ALA B 218 -78.65 -30.43 -14.12
C ALA B 218 -77.51 -31.42 -13.87
N GLU B 219 -77.84 -32.60 -13.34
CA GLU B 219 -76.86 -33.64 -13.07
C GLU B 219 -76.10 -34.04 -14.33
N LYS B 220 -76.81 -34.50 -15.35
CA LYS B 220 -76.14 -35.03 -16.53
C LYS B 220 -75.42 -33.94 -17.30
N MET B 221 -76.03 -32.75 -17.41
CA MET B 221 -75.39 -31.66 -18.14
C MET B 221 -74.10 -31.22 -17.46
N ASP B 222 -74.01 -31.38 -16.14
CA ASP B 222 -72.79 -31.08 -15.40
C ASP B 222 -71.70 -32.09 -15.74
N GLY B 223 -70.49 -31.81 -15.26
CA GLY B 223 -69.40 -32.75 -15.40
C GLY B 223 -68.48 -32.52 -16.58
N ALA B 224 -68.74 -33.25 -17.67
CA ALA B 224 -67.85 -33.33 -18.83
C ALA B 224 -67.23 -31.99 -19.23
N ILE B 225 -68.05 -30.98 -19.47
CA ILE B 225 -67.55 -29.68 -19.89
C ILE B 225 -66.77 -29.04 -18.74
N PRO B 226 -65.51 -28.67 -18.96
CA PRO B 226 -64.71 -28.06 -17.88
C PRO B 226 -65.32 -26.78 -17.34
N ASN B 227 -65.10 -26.51 -16.06
CA ASN B 227 -65.53 -25.32 -15.32
C ASN B 227 -66.94 -24.83 -15.68
N LEU B 228 -67.89 -25.75 -15.77
CA LEU B 228 -69.31 -25.40 -15.90
C LEU B 228 -70.09 -26.06 -14.80
N SER B 229 -70.94 -25.30 -14.13
CA SER B 229 -71.81 -25.82 -13.07
C SER B 229 -73.27 -25.61 -13.47
N ALA B 230 -74.15 -26.40 -12.86
CA ALA B 230 -75.57 -26.33 -13.19
C ALA B 230 -76.37 -26.59 -11.92
N ARG B 231 -76.93 -25.53 -11.35
CA ARG B 231 -77.81 -25.67 -10.20
C ARG B 231 -79.26 -25.78 -10.66
N ALA B 232 -80.04 -26.57 -9.93
CA ALA B 232 -81.45 -26.76 -10.23
C ALA B 232 -82.29 -26.21 -9.08
N ARG B 233 -83.38 -25.53 -9.44
CA ARG B 233 -84.25 -24.89 -8.45
C ARG B 233 -85.65 -24.82 -9.03
N THR B 234 -86.64 -25.31 -8.27
CA THR B 234 -88.04 -25.30 -8.69
C THR B 234 -88.82 -24.45 -7.70
N VAL B 235 -89.14 -23.22 -8.11
CA VAL B 235 -89.93 -22.29 -7.30
C VAL B 235 -91.24 -22.04 -8.02
N PHE B 236 -92.34 -22.45 -7.42
CA PHE B 236 -93.66 -22.32 -8.02
C PHE B 236 -94.66 -21.83 -7.00
N THR B 237 -95.43 -20.81 -7.37
CA THR B 237 -96.47 -20.24 -6.54
C THR B 237 -97.83 -20.82 -6.93
N ALA B 238 -98.71 -20.97 -5.93
CA ALA B 238 -100.04 -21.51 -6.17
C ALA B 238 -101.06 -20.58 -5.53
N ASP B 239 -102.25 -20.54 -6.14
CA ASP B 239 -103.33 -19.70 -5.64
CA ASP B 239 -103.33 -19.70 -5.64
C ASP B 239 -104.68 -20.33 -5.95
N VAL B 240 -105.32 -20.92 -4.94
CA VAL B 240 -106.60 -21.59 -5.11
C VAL B 240 -107.69 -20.56 -5.36
N SER B 241 -108.52 -20.80 -6.39
CA SER B 241 -109.63 -19.90 -6.69
C SER B 241 -110.87 -20.31 -5.90
N GLY B 242 -112.02 -19.74 -6.24
CA GLY B 242 -113.26 -20.06 -5.57
C GLY B 242 -113.65 -21.52 -5.69
N VAL B 243 -114.33 -22.05 -4.67
CA VAL B 243 -114.73 -23.44 -4.65
C VAL B 243 -116.25 -23.54 -4.53
N THR B 244 -116.91 -23.86 -5.65
CA THR B 244 -118.36 -23.95 -5.67
C THR B 244 -118.82 -25.33 -5.20
N GLY B 245 -119.37 -25.39 -4.00
CA GLY B 245 -119.95 -26.62 -3.47
C GLY B 245 -118.99 -27.80 -3.41
N GLY B 246 -117.98 -27.71 -2.55
CA GLY B 246 -117.04 -28.78 -2.35
C GLY B 246 -115.61 -28.28 -2.33
N SER B 247 -114.68 -29.23 -2.27
CA SER B 247 -113.26 -28.95 -2.24
C SER B 247 -112.57 -29.71 -3.37
N LEU B 248 -111.32 -29.33 -3.63
CA LEU B 248 -110.51 -29.98 -4.66
C LEU B 248 -109.67 -31.06 -4.00
N ASN B 249 -110.21 -32.29 -3.99
CA ASN B 249 -109.53 -33.44 -3.41
C ASN B 249 -108.68 -34.07 -4.51
N PHE B 250 -107.47 -33.53 -4.69
CA PHE B 250 -106.57 -34.03 -5.73
C PHE B 250 -105.30 -34.59 -5.10
N ASP B 251 -104.36 -35.01 -5.95
CA ASP B 251 -103.10 -35.58 -5.50
C ASP B 251 -101.94 -34.82 -6.14
N VAL B 252 -100.79 -34.89 -5.49
CA VAL B 252 -99.57 -34.24 -5.96
C VAL B 252 -98.47 -35.30 -6.04
N THR B 253 -98.02 -35.60 -7.26
CA THR B 253 -96.98 -36.60 -7.49
C THR B 253 -95.63 -35.88 -7.55
N VAL B 254 -94.97 -35.76 -6.40
CA VAL B 254 -93.67 -35.09 -6.35
C VAL B 254 -92.55 -36.10 -6.64
N GLY B 255 -92.27 -36.30 -7.93
CA GLY B 255 -91.23 -37.25 -8.30
C GLY B 255 -91.68 -38.67 -8.05
N SER B 256 -90.85 -39.42 -7.33
CA SER B 256 -91.13 -40.82 -7.02
C SER B 256 -92.38 -40.97 -6.18
N ASN B 257 -92.35 -40.44 -4.95
CA ASN B 257 -93.49 -40.55 -4.06
C ASN B 257 -94.61 -39.62 -4.49
N THR B 258 -95.81 -39.89 -3.99
CA THR B 258 -97.00 -39.14 -4.36
C THR B 258 -97.76 -38.75 -3.10
N VAL B 259 -98.15 -37.48 -3.02
CA VAL B 259 -98.92 -36.97 -1.89
C VAL B 259 -100.39 -37.30 -2.08
N SER B 260 -101.12 -37.53 -0.99
CA SER B 260 -102.52 -37.87 -1.07
C SER B 260 -103.34 -36.96 -0.16
N LEU B 261 -103.10 -35.65 -0.25
CA LEU B 261 -103.79 -34.68 0.58
C LEU B 261 -105.26 -34.55 0.18
N ALA B 262 -106.02 -33.78 0.95
CA ALA B 262 -107.42 -33.53 0.67
C ALA B 262 -107.82 -32.21 1.33
N GLY B 263 -109.08 -31.83 1.19
CA GLY B 263 -109.58 -30.61 1.80
C GLY B 263 -108.91 -29.35 1.31
N VAL B 264 -108.99 -29.09 0.00
CA VAL B 264 -108.42 -27.89 -0.60
C VAL B 264 -109.56 -26.95 -0.96
N THR B 265 -109.69 -25.86 -0.20
CA THR B 265 -110.72 -24.88 -0.46
C THR B 265 -110.11 -23.50 -0.70
N SER B 266 -109.05 -23.18 0.05
CA SER B 266 -108.36 -21.92 -0.08
C SER B 266 -106.85 -22.16 -0.08
N THR B 267 -106.09 -21.10 -0.35
CA THR B 267 -104.63 -21.20 -0.35
C THR B 267 -104.10 -21.59 1.03
N GLN B 268 -104.74 -21.09 2.08
CA GLN B 268 -104.32 -21.39 3.44
C GLN B 268 -104.41 -22.87 3.74
N ASP B 269 -105.53 -23.50 3.35
CA ASP B 269 -105.72 -24.93 3.59
C ASP B 269 -104.66 -25.76 2.89
N LEU B 270 -104.41 -25.44 1.62
CA LEU B 270 -103.37 -26.12 0.84
C LEU B 270 -102.02 -25.96 1.51
N ALA B 271 -101.72 -24.74 1.98
CA ALA B 271 -100.49 -24.50 2.72
C ALA B 271 -100.40 -25.39 3.95
N ASP B 272 -101.53 -25.58 4.63
CA ASP B 272 -101.57 -26.45 5.80
C ASP B 272 -101.24 -27.89 5.43
N GLN B 273 -101.87 -28.44 4.38
CA GLN B 273 -101.55 -29.81 4.01
C GLN B 273 -100.09 -29.96 3.60
N LEU B 274 -99.57 -28.99 2.85
CA LEU B 274 -98.17 -29.07 2.42
C LEU B 274 -97.21 -28.98 3.59
N ASN B 275 -97.47 -28.08 4.55
CA ASN B 275 -96.61 -27.96 5.71
C ASN B 275 -96.73 -29.19 6.62
N SER B 276 -97.88 -29.85 6.59
CA SER B 276 -98.06 -31.07 7.37
C SER B 276 -97.25 -32.20 6.76
N ASN B 277 -97.39 -32.39 5.45
CA ASN B 277 -96.68 -33.46 4.76
C ASN B 277 -95.25 -33.05 4.43
N SER B 278 -94.83 -31.88 4.91
CA SER B 278 -93.49 -31.36 4.67
C SER B 278 -92.41 -32.34 5.11
N SER B 279 -92.70 -33.11 6.15
CA SER B 279 -91.79 -34.18 6.58
C SER B 279 -91.64 -35.21 5.46
N LYS B 280 -92.76 -35.68 4.93
CA LYS B 280 -92.76 -36.68 3.87
C LYS B 280 -92.21 -36.11 2.56
N LEU B 281 -92.85 -35.06 2.05
CA LEU B 281 -92.45 -34.46 0.76
C LEU B 281 -91.30 -33.50 1.01
N GLY B 282 -90.18 -33.75 0.35
CA GLY B 282 -89.00 -32.92 0.50
C GLY B 282 -89.07 -31.65 -0.31
N ILE B 283 -90.20 -30.93 -0.22
CA ILE B 283 -90.40 -29.70 -0.97
C ILE B 283 -90.80 -28.61 0.01
N THR B 284 -89.87 -27.70 0.31
CA THR B 284 -90.11 -26.66 1.29
C THR B 284 -91.21 -25.72 0.82
N ALA B 285 -92.27 -25.62 1.63
CA ALA B 285 -93.40 -24.74 1.34
C ALA B 285 -93.59 -23.76 2.50
N SER B 286 -94.02 -22.56 2.17
CA SER B 286 -94.23 -21.52 3.17
C SER B 286 -95.10 -20.38 2.62
N ILE B 287 -96.15 -20.03 3.35
CA ILE B 287 -97.05 -18.95 2.97
C ILE B 287 -96.67 -17.73 3.81
N ASN B 288 -96.21 -16.68 3.14
CA ASN B 288 -95.81 -15.44 3.83
C ASN B 288 -97.03 -14.74 4.41
N ASP B 289 -96.79 -13.82 5.34
CA ASP B 289 -97.85 -13.07 6.00
C ASP B 289 -98.68 -12.27 5.01
N LYS B 290 -98.09 -11.93 3.86
CA LYS B 290 -98.82 -11.16 2.85
C LYS B 290 -100.03 -11.93 2.34
N GLY B 291 -99.84 -13.19 1.99
CA GLY B 291 -100.94 -14.02 1.56
C GLY B 291 -100.63 -14.91 0.37
N VAL B 292 -99.52 -14.63 -0.32
CA VAL B 292 -99.13 -15.39 -1.50
C VAL B 292 -98.38 -16.65 -1.10
N LEU B 293 -99.05 -17.79 -1.21
CA LEU B 293 -98.43 -19.07 -0.88
C LEU B 293 -97.28 -19.36 -1.83
N THR B 294 -96.15 -19.76 -1.27
CA THR B 294 -94.96 -20.05 -2.06
C THR B 294 -94.42 -21.42 -1.66
N ILE B 295 -94.08 -22.21 -2.67
CA ILE B 295 -93.51 -23.55 -2.47
C ILE B 295 -92.20 -23.62 -3.24
N THR B 296 -91.19 -24.20 -2.59
CA THR B 296 -89.85 -24.20 -3.15
C THR B 296 -89.27 -25.61 -3.12
N SER B 297 -88.68 -26.02 -4.23
CA SER B 297 -87.96 -27.28 -4.35
C SER B 297 -86.48 -26.94 -4.53
N ALA B 298 -85.71 -27.10 -3.45
CA ALA B 298 -84.30 -26.74 -3.48
C ALA B 298 -83.51 -27.58 -4.49
N THR B 299 -83.75 -28.88 -4.51
CA THR B 299 -83.02 -29.77 -5.40
C THR B 299 -83.38 -29.52 -6.87
N GLY B 300 -84.59 -29.02 -7.12
CA GLY B 300 -85.04 -28.76 -8.48
C GLY B 300 -85.93 -29.86 -9.00
N GLU B 301 -86.70 -30.48 -8.11
CA GLU B 301 -87.54 -31.59 -8.48
C GLU B 301 -88.76 -31.11 -9.25
N ASN B 302 -89.14 -31.87 -10.28
CA ASN B 302 -90.30 -31.54 -11.11
C ASN B 302 -91.57 -31.99 -10.39
N VAL B 303 -92.20 -31.04 -9.69
CA VAL B 303 -93.44 -31.35 -8.98
C VAL B 303 -94.57 -31.54 -9.98
N LYS B 304 -95.38 -32.58 -9.74
CA LYS B 304 -96.48 -32.92 -10.62
C LYS B 304 -97.76 -33.02 -9.80
N PHE B 305 -98.83 -32.43 -10.33
CA PHE B 305 -100.15 -32.46 -9.70
C PHE B 305 -100.97 -33.55 -10.37
N GLY B 306 -101.40 -34.54 -9.58
CA GLY B 306 -102.18 -35.64 -10.10
C GLY B 306 -103.57 -35.20 -10.55
N ALA B 307 -104.34 -36.20 -10.98
CA ALA B 307 -105.70 -35.95 -11.44
C ALA B 307 -106.55 -35.42 -10.29
N GLN B 308 -107.45 -34.50 -10.61
CA GLN B 308 -108.29 -33.85 -9.60
C GLN B 308 -109.61 -34.61 -9.47
N THR B 309 -109.59 -35.61 -8.60
CA THR B 309 -110.79 -36.37 -8.25
C THR B 309 -111.50 -35.82 -7.03
N GLY B 310 -111.82 -34.53 -7.03
CA GLY B 310 -112.39 -33.88 -5.86
C GLY B 310 -113.90 -34.02 -5.81
N THR B 311 -114.48 -33.24 -4.89
CA THR B 311 -115.92 -33.22 -4.68
C THR B 311 -116.57 -31.92 -5.09
N ALA B 312 -115.79 -30.93 -5.56
CA ALA B 312 -116.35 -29.65 -5.99
C ALA B 312 -116.88 -29.74 -7.40
N THR B 313 -117.30 -28.61 -7.96
CA THR B 313 -117.84 -28.59 -9.32
C THR B 313 -117.14 -27.55 -10.17
N ALA B 314 -116.68 -26.47 -9.56
CA ALA B 314 -116.00 -25.41 -10.29
C ALA B 314 -114.85 -24.88 -9.44
N GLY B 315 -113.87 -24.29 -10.11
CA GLY B 315 -112.68 -23.76 -9.49
C GLY B 315 -111.43 -24.29 -10.14
N GLN B 316 -110.30 -23.70 -9.77
CA GLN B 316 -109.01 -24.08 -10.30
C GLN B 316 -107.92 -23.55 -9.39
N VAL B 317 -106.72 -24.10 -9.54
CA VAL B 317 -105.55 -23.65 -8.79
C VAL B 317 -104.46 -23.24 -9.76
N ALA B 318 -104.40 -21.96 -10.09
CA ALA B 318 -103.39 -21.47 -11.02
C ALA B 318 -102.02 -21.49 -10.37
N VAL B 319 -101.00 -21.81 -11.18
CA VAL B 319 -99.62 -21.86 -10.71
C VAL B 319 -98.72 -21.13 -11.71
N LYS B 320 -97.56 -20.72 -11.22
CA LYS B 320 -96.53 -20.09 -12.04
C LYS B 320 -95.21 -20.78 -11.77
N VAL B 321 -94.19 -20.42 -12.56
CA VAL B 321 -92.85 -20.97 -12.42
C VAL B 321 -91.85 -19.82 -12.41
N GLN B 322 -90.89 -19.89 -11.49
CA GLN B 322 -89.87 -18.85 -11.40
C GLN B 322 -88.92 -18.94 -12.59
N GLY B 323 -88.60 -17.78 -13.16
CA GLY B 323 -87.64 -17.74 -14.25
C GLY B 323 -86.23 -18.01 -13.77
N SER B 324 -85.36 -18.37 -14.72
CA SER B 324 -83.97 -18.66 -14.42
C SER B 324 -83.26 -17.47 -13.79
N ASP B 325 -83.16 -16.37 -14.54
CA ASP B 325 -82.56 -15.15 -14.00
C ASP B 325 -83.43 -14.54 -12.93
N GLY B 326 -84.74 -14.62 -13.09
CA GLY B 326 -85.69 -14.05 -12.15
C GLY B 326 -86.99 -13.69 -12.83
N LYS B 327 -87.58 -12.55 -12.47
CA LYS B 327 -88.80 -12.06 -13.09
C LYS B 327 -89.90 -13.12 -13.06
N PHE B 328 -90.39 -13.43 -11.85
CA PHE B 328 -91.39 -14.48 -11.67
C PHE B 328 -92.55 -14.31 -12.65
N GLU B 329 -93.02 -15.44 -13.17
CA GLU B 329 -94.04 -15.45 -14.21
C GLU B 329 -95.31 -14.74 -13.76
N ALA B 330 -95.84 -13.89 -14.64
CA ALA B 330 -97.10 -13.20 -14.39
C ALA B 330 -98.28 -14.04 -14.86
N ALA B 331 -98.16 -14.59 -16.07
CA ALA B 331 -99.23 -15.42 -16.63
C ALA B 331 -99.43 -16.67 -15.79
N ALA B 332 -100.67 -16.94 -15.41
CA ALA B 332 -100.99 -18.04 -14.52
C ALA B 332 -101.53 -19.22 -15.33
N LYS B 333 -101.32 -20.43 -14.81
CA LYS B 333 -101.78 -21.65 -15.46
C LYS B 333 -102.21 -22.64 -14.38
N ASN B 334 -103.45 -23.11 -14.47
CA ASN B 334 -103.97 -24.02 -13.46
C ASN B 334 -103.47 -25.44 -13.69
N VAL B 335 -103.20 -26.15 -12.60
CA VAL B 335 -102.81 -27.56 -12.68
C VAL B 335 -103.97 -28.50 -12.36
N VAL B 336 -104.87 -28.11 -11.47
CA VAL B 336 -106.06 -28.90 -11.15
C VAL B 336 -107.26 -27.98 -11.16
N ALA B 337 -108.40 -28.50 -11.63
CA ALA B 337 -109.61 -27.70 -11.76
C ALA B 337 -110.82 -28.59 -11.53
N ALA B 338 -111.72 -28.15 -10.66
CA ALA B 338 -112.96 -28.89 -10.40
C ALA B 338 -113.80 -28.94 -11.67
N GLY B 339 -114.15 -30.16 -12.10
CA GLY B 339 -114.89 -30.34 -13.32
C GLY B 339 -114.02 -30.81 -14.47
N THR B 340 -114.01 -30.03 -15.55
CA THR B 340 -113.19 -30.35 -16.72
C THR B 340 -111.70 -30.31 -16.36
N ALA B 341 -110.96 -31.34 -16.77
CA ALA B 341 -109.54 -31.40 -16.49
C ALA B 341 -108.79 -30.30 -17.24
N ALA B 342 -107.93 -29.59 -16.52
CA ALA B 342 -107.16 -28.50 -17.11
C ALA B 342 -105.90 -29.03 -17.79
N THR B 343 -105.08 -28.12 -18.31
CA THR B 343 -103.83 -28.46 -18.97
C THR B 343 -102.66 -27.96 -18.11
N THR B 344 -101.44 -28.25 -18.58
CA THR B 344 -100.22 -27.90 -17.87
C THR B 344 -100.26 -28.38 -16.41
N THR B 345 -100.41 -29.70 -16.26
CA THR B 345 -100.60 -30.29 -14.94
C THR B 345 -99.33 -30.34 -14.11
N ILE B 346 -98.15 -30.34 -14.72
CA ILE B 346 -96.90 -30.47 -13.98
C ILE B 346 -96.13 -29.16 -14.07
N VAL B 347 -95.15 -29.02 -13.18
CA VAL B 347 -94.31 -27.83 -13.10
C VAL B 347 -92.85 -28.27 -13.12
N THR B 348 -92.09 -27.70 -14.04
CA THR B 348 -90.66 -28.01 -14.18
C THR B 348 -89.85 -26.78 -13.77
N GLY B 349 -88.83 -26.99 -12.95
CA GLY B 349 -87.99 -25.91 -12.48
C GLY B 349 -87.05 -25.40 -13.56
N TYR B 350 -86.15 -24.53 -13.14
CA TYR B 350 -85.19 -23.88 -14.02
C TYR B 350 -83.78 -24.32 -13.70
N VAL B 351 -82.92 -24.32 -14.72
CA VAL B 351 -81.51 -24.59 -14.58
C VAL B 351 -80.72 -23.36 -15.04
N GLN B 352 -79.53 -23.20 -14.50
CA GLN B 352 -78.69 -22.05 -14.83
C GLN B 352 -77.28 -22.54 -15.11
N LEU B 353 -76.76 -22.21 -16.29
CA LEU B 353 -75.42 -22.62 -16.69
C LEU B 353 -74.50 -21.41 -16.73
N ASN B 354 -73.87 -21.14 -15.59
CA ASN B 354 -72.88 -20.07 -15.51
C ASN B 354 -71.57 -20.51 -16.17
N SER B 355 -71.09 -19.67 -17.09
CA SER B 355 -69.92 -20.00 -17.89
C SER B 355 -68.85 -18.92 -17.73
N PRO B 356 -67.63 -19.32 -17.38
CA PRO B 356 -66.57 -18.31 -17.18
C PRO B 356 -66.09 -17.64 -18.47
N THR B 357 -65.74 -18.42 -19.50
CA THR B 357 -65.15 -17.83 -20.69
C THR B 357 -66.07 -17.97 -21.91
N ALA B 358 -66.45 -19.21 -22.23
CA ALA B 358 -67.27 -19.48 -23.40
C ALA B 358 -67.89 -20.86 -23.30
N TYR B 359 -69.23 -20.92 -23.43
CA TYR B 359 -69.94 -22.18 -23.41
C TYR B 359 -71.25 -22.06 -24.18
N SER B 360 -71.27 -22.55 -25.41
CA SER B 360 -72.44 -22.47 -26.26
C SER B 360 -73.27 -23.75 -26.17
N VAL B 361 -74.56 -23.61 -26.47
CA VAL B 361 -75.50 -24.72 -26.40
C VAL B 361 -76.30 -24.76 -27.71
N SER B 362 -76.63 -25.97 -28.16
CA SER B 362 -77.41 -26.15 -29.36
C SER B 362 -78.32 -27.36 -29.19
N GLY B 363 -79.42 -27.37 -29.93
CA GLY B 363 -80.39 -28.44 -29.86
C GLY B 363 -81.30 -28.51 -31.06
N THR B 364 -81.49 -29.71 -31.60
CA THR B 364 -82.31 -29.89 -32.79
C THR B 364 -83.78 -29.61 -32.49
N GLY B 365 -84.27 -28.47 -32.97
CA GLY B 365 -85.67 -28.11 -32.81
C GLY B 365 -86.17 -28.06 -31.38
N THR B 366 -87.01 -29.03 -31.02
CA THR B 366 -87.66 -29.05 -29.71
C THR B 366 -86.66 -29.13 -28.55
N GLN B 367 -85.47 -29.66 -28.82
CA GLN B 367 -84.47 -29.85 -27.78
C GLN B 367 -84.04 -28.52 -27.16
N ALA B 368 -83.61 -27.58 -28.01
CA ALA B 368 -83.13 -26.29 -27.52
C ALA B 368 -84.22 -25.55 -26.75
N SER B 369 -85.44 -25.55 -27.29
CA SER B 369 -86.55 -24.91 -26.60
C SER B 369 -86.82 -25.56 -25.26
N GLN B 370 -86.92 -26.89 -25.24
CA GLN B 370 -87.28 -27.62 -24.03
C GLN B 370 -86.17 -27.63 -22.99
N VAL B 371 -84.95 -27.23 -23.35
CA VAL B 371 -83.85 -27.14 -22.41
C VAL B 371 -83.61 -25.70 -21.95
N PHE B 372 -83.24 -24.82 -22.89
CA PHE B 372 -82.89 -23.45 -22.53
C PHE B 372 -83.44 -22.46 -23.56
N GLY B 373 -84.60 -22.78 -24.12
CA GLY B 373 -85.22 -21.92 -25.11
C GLY B 373 -84.34 -21.65 -26.32
N ASN B 374 -84.56 -20.50 -26.96
CA ASN B 374 -83.79 -20.12 -28.16
C ASN B 374 -82.65 -19.18 -27.74
N ALA B 375 -81.69 -19.73 -27.01
CA ALA B 375 -80.53 -18.95 -26.58
C ALA B 375 -79.38 -19.11 -27.57
N SER B 376 -78.88 -20.34 -27.71
CA SER B 376 -77.86 -20.69 -28.69
C SER B 376 -76.54 -19.94 -28.47
N ALA B 377 -76.45 -19.15 -27.40
CA ALA B 377 -75.27 -18.33 -27.13
C ALA B 377 -75.24 -17.95 -25.65
N ALA B 378 -74.05 -17.96 -25.06
CA ALA B 378 -73.87 -17.64 -23.65
C ALA B 378 -73.63 -16.15 -23.45
N GLN B 379 -73.87 -15.35 -24.47
CA GLN B 379 -73.58 -13.91 -24.44
C GLN B 379 -74.43 -13.23 -23.36
N LYS B 380 -74.20 -11.94 -23.13
CA LYS B 380 -74.79 -11.16 -22.04
C LYS B 380 -74.33 -11.66 -20.68
N SER B 381 -73.01 -11.73 -20.48
CA SER B 381 -72.46 -12.17 -19.20
C SER B 381 -72.88 -11.23 -18.07
N SER B 382 -72.75 -9.92 -18.30
CA SER B 382 -73.39 -8.89 -17.48
C SER B 382 -73.01 -8.88 -16.01
N VAL B 383 -71.75 -8.56 -15.69
CA VAL B 383 -71.33 -8.40 -14.30
C VAL B 383 -71.93 -7.12 -13.73
N ALA B 384 -72.18 -6.14 -14.59
CA ALA B 384 -72.67 -4.84 -14.15
C ALA B 384 -74.08 -4.94 -13.56
N SER B 385 -74.92 -5.79 -14.14
CA SER B 385 -76.32 -5.89 -13.77
C SER B 385 -76.52 -6.42 -12.35
N VAL B 386 -75.45 -6.94 -11.74
CA VAL B 386 -75.52 -7.56 -10.42
C VAL B 386 -76.17 -6.63 -9.41
N ASP B 387 -77.26 -7.09 -8.82
CA ASP B 387 -77.93 -6.37 -7.74
C ASP B 387 -77.90 -7.20 -6.46
N ILE B 388 -78.24 -6.55 -5.36
CA ILE B 388 -78.08 -7.14 -4.02
C ILE B 388 -79.38 -7.10 -3.24
N SER B 389 -80.30 -6.22 -3.62
CA SER B 389 -81.42 -5.79 -2.79
C SER B 389 -82.15 -6.92 -2.07
N THR B 390 -82.82 -7.81 -2.81
CA THR B 390 -83.62 -8.81 -2.12
C THR B 390 -83.20 -10.26 -2.39
N ALA B 391 -83.18 -10.69 -3.65
CA ALA B 391 -83.04 -12.11 -3.94
C ALA B 391 -81.74 -12.45 -4.66
N ASP B 392 -81.51 -11.79 -5.80
CA ASP B 392 -80.40 -12.13 -6.69
C ASP B 392 -79.05 -12.02 -6.01
N GLY B 393 -78.88 -11.02 -5.17
CA GLY B 393 -77.64 -10.84 -4.44
C GLY B 393 -77.26 -12.04 -3.60
N ALA B 394 -78.26 -12.76 -3.09
CA ALA B 394 -78.04 -13.92 -2.24
C ALA B 394 -77.37 -15.06 -3.00
N GLN B 395 -77.83 -15.34 -4.22
CA GLN B 395 -77.39 -16.51 -4.97
C GLN B 395 -76.66 -16.17 -6.25
N ASN B 396 -77.21 -15.28 -7.08
CA ASN B 396 -76.63 -15.02 -8.39
C ASN B 396 -75.21 -14.45 -8.27
N ALA B 397 -75.04 -13.49 -7.36
CA ALA B 397 -73.76 -12.81 -7.20
C ALA B 397 -72.63 -13.80 -6.93
N ILE B 398 -72.95 -14.91 -6.27
CA ILE B 398 -71.98 -15.99 -6.03
C ILE B 398 -71.52 -16.58 -7.36
N ALA B 399 -72.48 -16.96 -8.21
CA ALA B 399 -72.14 -17.43 -9.55
C ALA B 399 -71.33 -16.41 -10.33
N VAL B 400 -71.63 -15.13 -10.17
CA VAL B 400 -70.91 -14.09 -10.89
C VAL B 400 -69.45 -14.06 -10.44
N VAL B 401 -69.23 -13.94 -9.13
CA VAL B 401 -67.87 -13.77 -8.63
C VAL B 401 -67.06 -15.03 -8.84
N ASP B 402 -67.70 -16.21 -8.82
CA ASP B 402 -66.97 -17.44 -9.06
C ASP B 402 -66.31 -17.44 -10.44
N ASN B 403 -67.10 -17.20 -11.49
CA ASN B 403 -66.52 -17.18 -12.83
C ASN B 403 -65.62 -15.98 -13.05
N ALA B 404 -65.91 -14.86 -12.38
CA ALA B 404 -65.02 -13.70 -12.47
C ALA B 404 -63.63 -14.04 -11.96
N LEU B 405 -63.56 -14.60 -10.74
CA LEU B 405 -62.26 -14.96 -10.19
C LEU B 405 -61.63 -16.11 -10.98
N ALA B 406 -62.43 -16.98 -11.58
CA ALA B 406 -61.87 -18.02 -12.44
C ALA B 406 -61.16 -17.42 -13.64
N ALA B 407 -61.81 -16.48 -14.32
CA ALA B 407 -61.17 -15.82 -15.47
C ALA B 407 -59.95 -15.01 -15.03
N ILE B 408 -60.03 -14.37 -13.87
CA ILE B 408 -58.90 -13.58 -13.39
C ILE B 408 -57.72 -14.49 -13.05
N ASP B 409 -58.00 -15.67 -12.48
CA ASP B 409 -56.93 -16.60 -12.17
C ASP B 409 -56.32 -17.18 -13.44
N ALA B 410 -57.16 -17.43 -14.46
CA ALA B 410 -56.62 -17.87 -15.75
C ALA B 410 -55.70 -16.81 -16.33
N GLN B 411 -56.10 -15.54 -16.25
CA GLN B 411 -55.25 -14.47 -16.77
C GLN B 411 -53.96 -14.34 -15.97
N ARG B 412 -54.05 -14.52 -14.64
CA ARG B 412 -52.85 -14.47 -13.81
C ARG B 412 -51.91 -15.62 -14.15
N ALA B 413 -52.46 -16.81 -14.43
CA ALA B 413 -51.62 -17.93 -14.83
C ALA B 413 -50.97 -17.68 -16.18
N ASP B 414 -51.70 -17.06 -17.11
CA ASP B 414 -51.10 -16.67 -18.38
C ASP B 414 -49.97 -15.68 -18.17
N LEU B 415 -50.17 -14.70 -17.28
CA LEU B 415 -49.12 -13.74 -16.99
C LEU B 415 -47.90 -14.40 -16.36
N ALA B 416 -48.13 -15.35 -15.45
CA ALA B 416 -47.02 -16.08 -14.84
C ALA B 416 -46.28 -16.91 -15.89
N ALA B 417 -47.02 -17.46 -16.85
CA ALA B 417 -46.40 -18.17 -17.95
C ALA B 417 -45.49 -17.23 -18.75
N VAL B 418 -45.99 -16.05 -19.08
CA VAL B 418 -45.20 -15.08 -19.84
C VAL B 418 -43.96 -14.67 -19.05
N GLN B 419 -44.11 -14.50 -17.73
CA GLN B 419 -42.97 -14.11 -16.91
C GLN B 419 -41.92 -15.20 -16.82
N ASN B 420 -42.33 -16.45 -16.60
CA ASN B 420 -41.37 -17.55 -16.58
C ASN B 420 -40.70 -17.71 -17.94
N ARG B 421 -41.47 -17.54 -19.01
CA ARG B 421 -40.90 -17.62 -20.35
C ARG B 421 -39.87 -16.53 -20.58
N PHE B 422 -40.17 -15.30 -20.14
CA PHE B 422 -39.22 -14.21 -20.29
C PHE B 422 -37.97 -14.43 -19.45
N LYS B 423 -38.12 -15.00 -18.26
CA LYS B 423 -36.94 -15.22 -17.42
C LYS B 423 -36.05 -16.31 -18.02
N ASN B 424 -36.66 -17.40 -18.48
CA ASN B 424 -35.87 -18.43 -19.16
C ASN B 424 -35.20 -17.88 -20.41
N THR B 425 -35.93 -17.06 -21.17
CA THR B 425 -35.37 -16.45 -22.36
C THR B 425 -34.21 -15.54 -22.02
N ILE B 426 -34.32 -14.76 -20.94
CA ILE B 426 -33.26 -13.81 -20.63
C ILE B 426 -32.01 -14.55 -20.13
N ASP B 427 -32.20 -15.64 -19.38
CA ASP B 427 -31.02 -16.42 -18.99
C ASP B 427 -30.37 -17.04 -20.22
N ASN B 428 -31.16 -17.65 -21.11
CA ASN B 428 -30.61 -18.23 -22.33
C ASN B 428 -29.87 -17.17 -23.14
N LEU B 429 -30.46 -15.98 -23.28
CA LEU B 429 -29.86 -14.96 -24.13
C LEU B 429 -28.61 -14.38 -23.49
N THR B 430 -28.58 -14.23 -22.17
CA THR B 430 -27.37 -13.77 -21.51
C THR B 430 -26.24 -14.78 -21.65
N ASN B 431 -26.57 -16.07 -21.54
CA ASN B 431 -25.55 -17.10 -21.76
C ASN B 431 -25.02 -17.03 -23.19
N ILE B 432 -25.92 -16.92 -24.16
CA ILE B 432 -25.49 -16.82 -25.56
C ILE B 432 -24.67 -15.56 -25.78
N SER B 433 -25.01 -14.49 -25.07
CA SER B 433 -24.29 -13.23 -25.22
C SER B 433 -22.87 -13.33 -24.70
N GLU B 434 -22.70 -13.89 -23.51
CA GLU B 434 -21.35 -14.07 -22.97
C GLU B 434 -20.54 -15.04 -23.83
N ASN B 435 -21.20 -16.06 -24.38
CA ASN B 435 -20.49 -17.03 -25.21
C ASN B 435 -20.05 -16.40 -26.53
N ALA B 436 -20.94 -15.62 -27.16
CA ALA B 436 -20.57 -14.93 -28.39
C ALA B 436 -19.52 -13.86 -28.13
N THR B 437 -19.52 -13.26 -26.93
CA THR B 437 -18.47 -12.33 -26.58
C THR B 437 -17.13 -13.04 -26.44
N ASN B 438 -17.13 -14.25 -25.85
CA ASN B 438 -15.91 -15.04 -25.79
C ASN B 438 -15.44 -15.43 -27.18
N ALA B 439 -16.37 -15.74 -28.08
CA ALA B 439 -16.00 -16.06 -29.46
C ALA B 439 -15.39 -14.85 -30.15
N ARG B 440 -16.02 -13.68 -30.00
CA ARG B 440 -15.48 -12.46 -30.57
C ARG B 440 -14.12 -12.11 -29.97
N SER B 441 -13.91 -12.51 -28.71
CA SER B 441 -12.60 -12.29 -28.09
C SER B 441 -11.54 -13.20 -28.71
N ARG B 442 -11.86 -14.48 -28.85
CA ARG B 442 -10.93 -15.43 -29.43
C ARG B 442 -10.64 -15.14 -30.89
N ILE B 443 -11.56 -14.49 -31.60
CA ILE B 443 -11.35 -14.19 -33.01
C ILE B 443 -10.84 -12.77 -33.25
N LYS B 444 -11.03 -11.85 -32.31
CA LYS B 444 -10.69 -10.45 -32.49
C LYS B 444 -9.61 -9.94 -31.56
N ASP B 445 -9.81 -10.04 -30.24
CA ASP B 445 -8.86 -9.47 -29.29
C ASP B 445 -7.53 -10.22 -29.36
N THR B 446 -6.45 -9.45 -29.53
CA THR B 446 -5.14 -10.04 -29.74
C THR B 446 -4.64 -10.72 -28.47
N ASP B 447 -4.03 -11.89 -28.64
CA ASP B 447 -3.24 -12.52 -27.59
C ASP B 447 -1.82 -11.92 -27.63
N PHE B 448 -1.74 -10.65 -27.23
CA PHE B 448 -0.55 -9.83 -27.41
C PHE B 448 0.68 -10.38 -26.71
N ALA B 449 0.57 -11.48 -25.96
CA ALA B 449 1.74 -12.12 -25.39
C ALA B 449 2.79 -12.42 -26.45
N ALA B 450 2.38 -12.65 -27.69
CA ALA B 450 3.29 -12.77 -28.82
C ALA B 450 3.40 -11.50 -29.64
N GLU B 451 2.42 -10.61 -29.57
CA GLU B 451 2.49 -9.35 -30.31
C GLU B 451 3.56 -8.41 -29.77
N THR B 452 3.78 -8.41 -28.45
CA THR B 452 4.90 -7.64 -27.91
C THR B 452 6.23 -8.17 -28.44
N ALA B 453 6.37 -9.50 -28.49
CA ALA B 453 7.59 -10.08 -29.06
C ALA B 453 7.73 -9.70 -30.52
N ALA B 454 6.61 -9.68 -31.26
CA ALA B 454 6.68 -9.34 -32.68
C ALA B 454 7.10 -7.88 -32.87
N LEU B 455 6.54 -6.97 -32.09
CA LEU B 455 6.92 -5.56 -32.21
C LEU B 455 8.38 -5.37 -31.82
N SER B 456 8.83 -6.06 -30.77
CA SER B 456 10.23 -5.93 -30.37
C SER B 456 11.17 -6.46 -31.45
N LYS B 457 10.82 -7.61 -32.06
CA LYS B 457 11.66 -8.16 -33.11
C LYS B 457 11.68 -7.26 -34.33
N ASN B 458 10.54 -6.64 -34.66
CA ASN B 458 10.51 -5.69 -35.77
C ASN B 458 11.41 -4.49 -35.46
N GLN B 459 11.38 -4.02 -34.22
CA GLN B 459 12.22 -2.90 -33.83
C GLN B 459 13.70 -3.25 -33.93
N VAL B 460 14.06 -4.48 -33.55
CA VAL B 460 15.47 -4.85 -33.60
C VAL B 460 15.93 -5.06 -35.04
N LEU B 461 15.04 -5.56 -35.91
CA LEU B 461 15.41 -5.62 -37.33
C LEU B 461 15.56 -4.22 -37.91
N GLN B 462 14.72 -3.28 -37.48
CA GLN B 462 14.85 -1.91 -37.96
C GLN B 462 16.18 -1.28 -37.53
N GLN B 463 16.55 -1.47 -36.26
CA GLN B 463 17.81 -0.89 -35.79
C GLN B 463 18.99 -1.59 -36.43
N ALA B 464 18.90 -2.91 -36.65
CA ALA B 464 19.95 -3.61 -37.37
C ALA B 464 20.09 -3.07 -38.80
N GLY B 465 18.96 -2.78 -39.44
CA GLY B 465 18.99 -2.24 -40.78
C GLY B 465 19.65 -0.88 -40.86
N THR B 466 19.26 0.04 -39.97
CA THR B 466 19.87 1.36 -40.00
C THR B 466 21.35 1.29 -39.63
N ALA B 467 21.72 0.34 -38.75
CA ALA B 467 23.13 0.19 -38.39
C ALA B 467 23.94 -0.35 -39.57
N ILE B 468 23.41 -1.36 -40.28
CA ILE B 468 24.17 -1.89 -41.41
C ILE B 468 24.22 -0.87 -42.53
N LEU B 469 23.19 -0.04 -42.69
CA LEU B 469 23.30 1.09 -43.61
C LEU B 469 24.43 2.02 -43.21
N ALA B 470 24.47 2.42 -41.93
CA ALA B 470 25.50 3.35 -41.48
C ALA B 470 26.91 2.78 -41.65
N GLN B 471 27.06 1.47 -41.50
CA GLN B 471 28.41 0.89 -41.61
C GLN B 471 28.75 0.51 -43.05
N ALA B 472 27.75 0.37 -43.92
CA ALA B 472 28.01 -0.07 -45.29
C ALA B 472 28.15 1.09 -46.25
N ASN B 473 27.45 2.20 -46.00
CA ASN B 473 27.49 3.33 -46.91
C ASN B 473 28.87 4.01 -46.93
N GLN B 474 29.76 3.57 -46.06
CA GLN B 474 31.12 4.12 -46.00
C GLN B 474 32.15 3.26 -46.71
N LEU B 475 31.76 2.06 -47.17
CA LEU B 475 32.70 1.20 -47.89
C LEU B 475 33.18 1.83 -49.20
N PRO B 476 32.29 2.30 -50.10
CA PRO B 476 32.81 2.95 -51.31
C PRO B 476 33.64 4.17 -51.02
N GLN B 477 33.26 4.96 -50.00
CA GLN B 477 34.07 6.10 -49.58
C GLN B 477 35.50 5.67 -49.30
N ALA B 478 35.66 4.64 -48.47
CA ALA B 478 37.01 4.21 -48.10
C ALA B 478 37.78 3.66 -49.30
N VAL B 479 37.15 2.80 -50.11
CA VAL B 479 37.89 2.15 -51.18
C VAL B 479 38.31 3.18 -52.23
N LEU B 480 37.43 4.14 -52.54
CA LEU B 480 37.82 5.18 -53.50
C LEU B 480 38.83 6.15 -52.92
N SER B 481 38.71 6.51 -51.64
CA SER B 481 39.66 7.44 -51.05
C SER B 481 41.05 6.83 -50.94
N LEU B 482 41.14 5.51 -50.81
CA LEU B 482 42.45 4.87 -50.74
C LEU B 482 42.98 4.47 -52.11
N LEU B 483 42.10 4.23 -53.08
CA LEU B 483 42.52 3.91 -54.44
C LEU B 483 42.94 5.12 -55.26
N ARG B 484 42.99 6.30 -54.66
CA ARG B 484 43.36 7.50 -55.38
C ARG B 484 44.43 8.29 -54.63
N VAL C 1 111.76 19.42 -123.97
CA VAL C 1 110.32 19.42 -123.78
C VAL C 1 109.91 20.65 -122.97
N ASN C 2 109.44 21.69 -123.66
CA ASN C 2 109.04 22.92 -122.98
C ASN C 2 107.70 23.49 -123.44
N THR C 3 107.23 23.21 -124.65
CA THR C 3 105.98 23.79 -125.12
C THR C 3 104.76 23.26 -124.38
N ASN C 4 104.77 22.00 -123.97
CA ASN C 4 103.64 21.40 -123.27
C ASN C 4 104.19 20.56 -122.12
N ILE C 5 103.28 20.18 -121.23
CA ILE C 5 103.62 19.35 -120.06
C ILE C 5 102.61 18.21 -120.00
N ALA C 6 103.11 16.99 -119.77
CA ALA C 6 102.24 15.82 -119.71
C ALA C 6 101.46 15.73 -118.40
N SER C 7 101.57 16.71 -117.52
CA SER C 7 100.89 16.65 -116.22
C SER C 7 99.40 16.95 -116.31
N LEU C 8 98.83 17.06 -117.51
CA LEU C 8 97.41 17.33 -117.64
C LEU C 8 96.54 16.20 -117.14
N ASN C 9 97.10 14.99 -116.99
CA ASN C 9 96.36 13.91 -116.34
C ASN C 9 96.02 14.26 -114.91
N THR C 10 96.97 14.90 -114.20
CA THR C 10 96.70 15.37 -112.85
C THR C 10 95.59 16.42 -112.84
N GLN C 11 95.57 17.29 -113.86
CA GLN C 11 94.50 18.28 -113.95
C GLN C 11 93.14 17.61 -114.15
N ARG C 12 93.08 16.64 -115.06
CA ARG C 12 91.84 15.89 -115.26
C ARG C 12 91.39 15.22 -113.96
N ASN C 13 92.33 14.59 -113.26
CA ASN C 13 92.00 13.91 -112.01
C ASN C 13 91.49 14.88 -110.96
N LEU C 14 92.13 16.05 -110.83
CA LEU C 14 91.67 17.00 -109.80
C LEU C 14 90.32 17.59 -110.17
N ASN C 15 90.06 17.84 -111.45
CA ASN C 15 88.73 18.30 -111.85
C ASN C 15 87.67 17.25 -111.53
N ALA C 16 87.94 15.99 -111.86
CA ALA C 16 86.98 14.92 -111.55
C ALA C 16 86.75 14.82 -110.04
N SER C 17 87.82 14.86 -109.25
CA SER C 17 87.67 14.76 -107.81
C SER C 17 86.92 15.96 -107.24
N SER C 18 87.10 17.14 -107.83
CA SER C 18 86.33 18.29 -107.39
C SER C 18 84.86 18.11 -107.70
N ASN C 19 84.54 17.51 -108.85
CA ASN C 19 83.14 17.20 -109.15
C ASN C 19 82.55 16.28 -108.10
N ASP C 20 83.22 15.15 -107.84
CA ASP C 20 82.72 14.24 -106.81
C ASP C 20 82.68 14.91 -105.43
N LEU C 21 83.57 15.87 -105.19
CA LEU C 21 83.57 16.58 -103.92
C LEU C 21 82.33 17.45 -103.77
N ASN C 22 81.97 18.16 -104.84
CA ASN C 22 80.72 18.93 -104.81
C ASN C 22 79.52 18.02 -104.61
N THR C 23 79.51 16.87 -105.29
CA THR C 23 78.40 15.92 -105.08
C THR C 23 78.34 15.46 -103.63
N SER C 24 79.49 15.14 -103.03
CA SER C 24 79.49 14.67 -101.65
C SER C 24 79.09 15.78 -100.69
N LEU C 25 79.53 17.01 -100.95
CA LEU C 25 79.13 18.14 -100.11
C LEU C 25 77.62 18.36 -100.17
N GLN C 26 77.04 18.25 -101.37
CA GLN C 26 75.58 18.35 -101.50
C GLN C 26 74.89 17.24 -100.71
N ARG C 27 75.37 16.00 -100.87
CA ARG C 27 74.76 14.87 -100.17
C ARG C 27 74.87 15.04 -98.66
N LEU C 28 75.93 15.70 -98.19
CA LEU C 28 76.12 15.87 -96.77
C LEU C 28 75.25 16.99 -96.21
N THR C 29 75.15 18.11 -96.94
CA THR C 29 74.37 19.23 -96.44
C THR C 29 72.88 18.99 -96.57
N THR C 30 72.47 18.19 -97.55
CA THR C 30 71.05 17.91 -97.75
C THR C 30 70.60 16.67 -96.99
N GLY C 31 71.49 15.71 -96.76
CA GLY C 31 71.13 14.46 -96.14
C GLY C 31 70.61 13.41 -97.09
N TYR C 32 70.62 13.68 -98.40
CA TYR C 32 70.11 12.75 -99.40
C TYR C 32 71.29 12.22 -100.20
N ARG C 33 71.50 10.90 -100.14
CA ARG C 33 72.49 10.28 -101.02
C ARG C 33 72.07 10.43 -102.48
N ILE C 34 70.78 10.35 -102.75
CA ILE C 34 70.25 10.65 -104.08
C ILE C 34 69.76 12.09 -104.08
N ASN C 35 70.54 12.97 -104.73
CA ASN C 35 70.17 14.37 -104.83
C ASN C 35 68.90 14.52 -105.67
N SER C 36 68.25 15.68 -105.53
CA SER C 36 67.05 15.96 -106.30
C SER C 36 67.33 16.07 -107.80
N ALA C 37 68.60 15.99 -108.21
CA ALA C 37 68.95 16.04 -109.61
C ALA C 37 68.53 14.75 -110.31
N LYS C 38 68.80 14.68 -111.62
CA LYS C 38 68.39 13.53 -112.41
C LYS C 38 69.20 12.29 -112.08
N ASP C 39 70.25 12.44 -111.28
CA ASP C 39 71.08 11.29 -110.90
C ASP C 39 70.25 10.26 -110.16
N ASP C 40 70.37 9.00 -110.58
CA ASP C 40 69.60 7.88 -110.04
C ASP C 40 68.10 8.15 -110.15
N ALA C 41 67.65 8.27 -111.41
CA ALA C 41 66.28 8.62 -111.70
C ALA C 41 65.29 7.62 -111.11
N ALA C 42 65.67 6.34 -111.06
CA ALA C 42 64.79 5.34 -110.45
C ALA C 42 64.58 5.62 -108.97
N GLY C 43 65.68 5.88 -108.25
CA GLY C 43 65.56 6.25 -106.84
C GLY C 43 64.79 7.54 -106.65
N LEU C 44 64.95 8.49 -107.57
CA LEU C 44 64.21 9.74 -107.48
C LEU C 44 62.72 9.50 -107.64
N GLN C 45 62.34 8.66 -108.60
CA GLN C 45 60.93 8.33 -108.80
C GLN C 45 60.37 7.60 -107.58
N ILE C 46 61.14 6.67 -107.02
CA ILE C 46 60.69 5.96 -105.83
C ILE C 46 60.49 6.93 -104.67
N SER C 47 61.42 7.87 -104.49
CA SER C 47 61.30 8.83 -103.41
C SER C 47 60.07 9.71 -103.60
N ASN C 48 59.83 10.16 -104.84
CA ASN C 48 58.66 10.98 -105.13
C ASN C 48 57.38 10.21 -104.82
N ARG C 49 57.31 8.95 -105.25
CA ARG C 49 56.11 8.16 -105.02
C ARG C 49 55.87 7.93 -103.54
N LEU C 50 56.92 7.57 -102.79
CA LEU C 50 56.75 7.35 -101.35
C LEU C 50 56.39 8.64 -100.63
N SER C 51 56.95 9.77 -101.04
CA SER C 51 56.58 11.03 -100.41
C SER C 51 55.12 11.37 -100.66
N ASN C 52 54.65 11.18 -101.90
CA ASN C 52 53.25 11.38 -102.20
C ASN C 52 52.38 10.47 -101.34
N GLN C 53 52.77 9.19 -101.22
CA GLN C 53 51.99 8.26 -100.41
C GLN C 53 51.92 8.71 -98.96
N ILE C 54 53.06 9.04 -98.36
CA ILE C 54 53.07 9.38 -96.94
C ILE C 54 52.31 10.67 -96.68
N SER C 55 52.41 11.63 -97.60
CA SER C 55 51.63 12.86 -97.45
C SER C 55 50.13 12.54 -97.51
N GLY C 56 49.74 11.67 -98.44
CA GLY C 56 48.34 11.24 -98.49
C GLY C 56 47.90 10.57 -97.21
N LEU C 57 48.77 9.76 -96.62
CA LEU C 57 48.40 9.08 -95.37
C LEU C 57 48.28 10.06 -94.22
N ASN C 58 49.14 11.08 -94.16
CA ASN C 58 49.01 12.08 -93.11
C ASN C 58 47.70 12.87 -93.26
N VAL C 59 47.40 13.34 -94.47
CA VAL C 59 46.17 14.09 -94.64
C VAL C 59 44.95 13.20 -94.43
N ALA C 60 45.07 11.90 -94.73
CA ALA C 60 43.96 10.99 -94.50
C ALA C 60 43.75 10.73 -93.02
N THR C 61 44.84 10.59 -92.26
CA THR C 61 44.71 10.44 -90.82
C THR C 61 44.11 11.69 -90.19
N ARG C 62 44.45 12.87 -90.72
CA ARG C 62 43.86 14.10 -90.22
C ARG C 62 42.37 14.15 -90.52
N ASN C 63 41.97 13.83 -91.75
CA ASN C 63 40.55 13.77 -92.08
C ASN C 63 39.83 12.75 -91.23
N ALA C 64 40.49 11.63 -90.91
CA ALA C 64 39.89 10.62 -90.04
C ALA C 64 39.73 11.15 -88.62
N ASN C 65 40.66 11.99 -88.17
CA ASN C 65 40.51 12.62 -86.86
C ASN C 65 39.29 13.55 -86.84
N ASP C 66 39.14 14.36 -87.89
CA ASP C 66 37.92 15.17 -87.99
C ASP C 66 36.67 14.29 -88.01
N GLY C 67 36.74 13.16 -88.70
CA GLY C 67 35.60 12.26 -88.77
C GLY C 67 35.24 11.66 -87.42
N ILE C 68 36.25 11.23 -86.66
CA ILE C 68 35.97 10.63 -85.35
C ILE C 68 35.46 11.69 -84.39
N SER C 69 35.94 12.94 -84.52
CA SER C 69 35.39 14.00 -83.67
C SER C 69 33.93 14.26 -84.01
N LEU C 70 33.60 14.32 -85.30
CA LEU C 70 32.22 14.48 -85.72
C LEU C 70 31.35 13.34 -85.20
N ALA C 71 31.86 12.10 -85.31
CA ALA C 71 31.11 10.95 -84.83
C ALA C 71 30.94 10.97 -83.31
N GLN C 72 31.93 11.46 -82.57
CA GLN C 72 31.77 11.56 -81.11
C GLN C 72 30.75 12.62 -80.74
N THR C 73 30.73 13.73 -81.48
CA THR C 73 29.68 14.73 -81.25
C THR C 73 28.29 14.14 -81.52
N ALA C 74 28.16 13.40 -82.62
CA ALA C 74 26.90 12.73 -82.91
C ALA C 74 26.54 11.73 -81.83
N GLU C 75 27.53 11.01 -81.31
CA GLU C 75 27.27 10.02 -80.26
C GLU C 75 26.81 10.68 -78.97
N GLY C 76 27.39 11.84 -78.64
CA GLY C 76 26.93 12.57 -77.47
C GLY C 76 25.51 13.08 -77.63
N ALA C 77 25.18 13.63 -78.79
CA ALA C 77 23.80 14.03 -79.05
C ALA C 77 22.85 12.85 -78.97
N LEU C 78 23.29 11.69 -79.46
CA LEU C 78 22.47 10.49 -79.37
C LEU C 78 22.27 10.05 -77.92
N GLN C 79 23.32 10.14 -77.10
CA GLN C 79 23.18 9.85 -75.67
C GLN C 79 22.16 10.77 -75.03
N GLN C 80 22.19 12.05 -75.39
CA GLN C 80 21.21 12.98 -74.86
C GLN C 80 19.79 12.60 -75.29
N SER C 81 19.63 12.14 -76.53
CA SER C 81 18.32 11.69 -76.97
C SER C 81 17.87 10.45 -76.20
N THR C 82 18.81 9.55 -75.89
CA THR C 82 18.46 8.39 -75.05
C THR C 82 18.00 8.83 -73.67
N ASN C 83 18.70 9.78 -73.06
CA ASN C 83 18.27 10.28 -71.75
C ASN C 83 16.87 10.90 -71.84
N ILE C 84 16.61 11.65 -72.91
CA ILE C 84 15.28 12.22 -73.11
C ILE C 84 14.23 11.13 -73.25
N LEU C 85 14.57 10.06 -73.97
CA LEU C 85 13.61 8.97 -74.14
C LEU C 85 13.34 8.24 -72.82
N GLN C 86 14.37 8.10 -71.97
CA GLN C 86 14.16 7.52 -70.66
C GLN C 86 13.23 8.40 -69.82
N ARG C 87 13.46 9.71 -69.85
CA ARG C 87 12.57 10.64 -69.17
C ARG C 87 11.15 10.55 -69.72
N ILE C 88 11.02 10.35 -71.03
CA ILE C 88 9.70 10.24 -71.64
C ILE C 88 8.98 8.99 -71.16
N ARG C 89 9.70 7.85 -71.12
CA ARG C 89 9.08 6.63 -70.63
C ARG C 89 8.68 6.77 -69.16
N ASP C 90 9.52 7.43 -68.35
CA ASP C 90 9.17 7.65 -66.96
C ASP C 90 7.90 8.48 -66.83
N LEU C 91 7.85 9.61 -67.55
CA LEU C 91 6.68 10.47 -67.44
C LEU C 91 5.44 9.82 -68.04
N ALA C 92 5.62 8.90 -68.98
CA ALA C 92 4.49 8.21 -69.58
C ALA C 92 3.93 7.15 -68.64
N LEU C 93 4.81 6.39 -67.99
CA LEU C 93 4.34 5.43 -66.99
C LEU C 93 3.78 6.14 -65.77
N GLN C 94 4.24 7.37 -65.49
CA GLN C 94 3.58 8.19 -64.49
C GLN C 94 2.22 8.66 -64.99
N SER C 95 2.09 8.87 -66.29
CA SER C 95 0.83 9.27 -66.89
C SER C 95 -0.23 8.19 -66.81
N ALA C 96 0.14 6.96 -66.42
CA ALA C 96 -0.87 5.95 -66.13
C ALA C 96 -1.77 6.41 -64.99
N ASN C 97 -1.18 6.95 -63.93
CA ASN C 97 -1.88 7.61 -62.82
C ASN C 97 -3.10 6.82 -62.34
N GLY C 98 -3.08 5.50 -62.45
CA GLY C 98 -4.24 4.71 -62.12
C GLY C 98 -5.43 5.00 -63.01
N SER C 99 -5.18 5.73 -64.09
CA SER C 99 -6.13 6.06 -65.15
C SER C 99 -7.15 7.10 -64.69
N ASN C 100 -7.17 7.44 -63.40
CA ASN C 100 -8.05 8.52 -62.95
C ASN C 100 -7.49 9.38 -61.83
N SER C 101 -6.26 9.13 -61.33
CA SER C 101 -5.84 9.80 -60.10
C SER C 101 -5.30 11.19 -60.34
N ASP C 102 -4.77 11.47 -61.53
CA ASP C 102 -4.18 12.76 -61.84
C ASP C 102 -5.13 13.53 -62.76
N ALA C 103 -5.92 14.41 -62.16
CA ALA C 103 -6.77 15.30 -62.95
C ALA C 103 -5.96 16.29 -63.78
N ASP C 104 -4.66 16.40 -63.51
CA ASP C 104 -3.76 17.27 -64.26
C ASP C 104 -3.04 16.54 -65.39
N ARG C 105 -3.72 15.57 -66.01
CA ARG C 105 -3.26 15.01 -67.26
C ARG C 105 -2.96 16.09 -68.29
N ALA C 106 -3.64 17.23 -68.21
CA ALA C 106 -3.35 18.34 -69.11
C ALA C 106 -1.95 18.90 -68.87
N ALA C 107 -1.59 19.11 -67.59
CA ALA C 107 -0.25 19.57 -67.28
C ALA C 107 0.80 18.51 -67.61
N LEU C 108 0.44 17.24 -67.44
CA LEU C 108 1.34 16.16 -67.84
C LEU C 108 1.58 16.19 -69.34
N GLN C 109 0.53 16.40 -70.13
CA GLN C 109 0.69 16.52 -71.58
C GLN C 109 1.51 17.74 -71.93
N LYS C 110 1.33 18.84 -71.20
CA LYS C 110 2.13 20.05 -71.45
C LYS C 110 3.61 19.77 -71.22
N GLU C 111 3.94 19.09 -70.12
CA GLU C 111 5.34 18.84 -69.81
C GLU C 111 5.96 17.83 -70.78
N VAL C 112 5.18 16.83 -71.20
CA VAL C 112 5.75 15.87 -72.15
C VAL C 112 5.89 16.52 -73.52
N ALA C 113 5.01 17.47 -73.87
CA ALA C 113 5.18 18.20 -75.12
C ALA C 113 6.40 19.11 -75.07
N ALA C 114 6.65 19.72 -73.90
CA ALA C 114 7.89 20.47 -73.72
C ALA C 114 9.10 19.56 -73.87
N GLN C 115 9.01 18.33 -73.37
CA GLN C 115 10.11 17.38 -73.54
C GLN C 115 10.30 17.02 -75.01
N GLN C 116 9.22 16.83 -75.75
CA GLN C 116 9.35 16.57 -77.18
C GLN C 116 9.95 17.74 -77.92
N ALA C 117 9.59 18.97 -77.53
CA ALA C 117 10.21 20.15 -78.13
C ALA C 117 11.69 20.21 -77.80
N GLU C 118 12.06 19.82 -76.58
CA GLU C 118 13.47 19.77 -76.21
C GLU C 118 14.21 18.73 -77.05
N LEU C 119 13.56 17.59 -77.32
CA LEU C 119 14.17 16.59 -78.20
C LEU C 119 14.37 17.13 -79.61
N THR C 120 13.35 17.79 -80.17
CA THR C 120 13.50 18.37 -81.50
C THR C 120 14.55 19.47 -81.50
N ARG C 121 14.79 20.09 -80.34
CA ARG C 121 15.89 21.04 -80.22
C ARG C 121 17.24 20.36 -80.20
N ILE C 122 17.35 19.22 -79.50
CA ILE C 122 18.57 18.42 -79.55
C ILE C 122 18.84 17.97 -80.98
N SER C 123 17.78 17.75 -81.76
CA SER C 123 17.95 17.48 -83.18
C SER C 123 18.76 18.59 -83.84
N ASP C 124 18.34 19.84 -83.64
CA ASP C 124 19.10 21.00 -84.09
C ASP C 124 20.22 21.28 -83.09
N THR C 125 20.83 22.47 -83.21
CA THR C 125 21.87 22.94 -82.29
C THR C 125 23.10 22.03 -82.28
N THR C 126 23.28 21.23 -83.33
CA THR C 126 24.48 20.43 -83.52
C THR C 126 25.29 20.97 -84.69
N THR C 127 25.37 22.30 -84.79
CA THR C 127 25.94 22.97 -85.96
C THR C 127 27.46 22.87 -85.99
N PHE C 128 27.94 21.62 -85.98
CA PHE C 128 29.36 21.36 -86.15
C PHE C 128 29.74 21.56 -87.61
N GLY C 129 29.95 22.80 -88.01
CA GLY C 129 30.27 23.14 -89.38
C GLY C 129 29.15 23.70 -90.20
N GLY C 130 28.04 24.11 -89.58
CA GLY C 130 26.90 24.61 -90.31
C GLY C 130 26.22 23.54 -91.14
N ARG C 131 26.52 22.28 -90.81
CA ARG C 131 26.02 21.12 -91.54
C ARG C 131 25.45 20.11 -90.55
N LYS C 132 24.55 20.60 -89.69
CA LYS C 132 24.00 19.88 -88.54
C LYS C 132 23.84 18.39 -88.80
N LEU C 133 24.36 17.57 -87.89
CA LEU C 133 24.66 16.19 -88.20
C LEU C 133 23.41 15.34 -88.34
N LEU C 134 22.65 15.18 -87.26
CA LEU C 134 21.62 14.16 -87.22
C LEU C 134 20.25 14.62 -87.70
N ASP C 135 19.97 15.92 -87.67
CA ASP C 135 18.67 16.39 -88.10
C ASP C 135 18.75 16.97 -89.51
N GLY C 136 17.60 17.46 -89.99
CA GLY C 136 17.56 18.05 -91.30
C GLY C 136 17.83 17.02 -92.38
N SER C 137 18.67 17.39 -93.34
CA SER C 137 19.04 16.53 -94.45
C SER C 137 20.56 16.34 -94.42
N PHE C 138 20.99 15.21 -93.87
CA PHE C 138 22.40 14.86 -93.83
C PHE C 138 22.80 14.21 -95.15
N GLY C 139 23.89 14.70 -95.74
CA GLY C 139 24.29 14.28 -97.07
C GLY C 139 24.77 12.85 -97.18
N THR C 140 24.89 12.14 -96.06
CA THR C 140 25.42 10.77 -96.03
C THR C 140 26.79 10.72 -96.72
N THR C 141 27.72 11.48 -96.15
CA THR C 141 29.02 11.69 -96.76
C THR C 141 29.91 10.47 -96.54
N SER C 142 31.16 10.57 -96.97
CA SER C 142 32.13 9.47 -96.83
C SER C 142 33.52 10.11 -96.73
N PHE C 143 34.10 10.05 -95.54
CA PHE C 143 35.41 10.66 -95.31
C PHE C 143 36.52 9.78 -95.87
N GLN C 144 37.31 10.31 -96.79
CA GLN C 144 38.39 9.56 -97.39
C GLN C 144 39.49 9.30 -96.39
N VAL C 145 39.93 8.05 -96.30
CA VAL C 145 40.96 7.64 -95.35
C VAL C 145 42.18 7.04 -96.02
N GLY C 146 42.26 7.04 -97.36
CA GLY C 146 43.39 6.49 -98.05
C GLY C 146 43.98 7.48 -99.03
N SER C 147 45.18 7.15 -99.50
CA SER C 147 45.90 7.99 -100.46
C SER C 147 45.52 7.69 -101.90
N ASN C 148 44.46 6.94 -102.13
CA ASN C 148 44.00 6.60 -103.47
C ASN C 148 42.57 7.07 -103.68
N ALA C 149 42.19 7.21 -104.94
CA ALA C 149 40.86 7.74 -105.26
C ALA C 149 39.77 6.73 -104.90
N TYR C 150 38.64 7.27 -104.44
CA TYR C 150 37.42 6.50 -104.20
C TYR C 150 37.53 5.51 -103.04
N GLU C 151 38.70 5.43 -102.38
CA GLU C 151 38.78 4.60 -101.19
C GLU C 151 38.40 5.42 -99.96
N THR C 152 37.21 5.17 -99.44
CA THR C 152 36.65 5.96 -98.34
C THR C 152 35.84 5.07 -97.41
N ILE C 153 35.43 5.66 -96.29
CA ILE C 153 34.57 4.98 -95.31
C ILE C 153 33.29 5.78 -95.22
N ASP C 154 32.17 5.15 -95.55
CA ASP C 154 30.88 5.83 -95.56
C ASP C 154 30.35 6.03 -94.15
N ILE C 155 29.49 7.03 -93.99
CA ILE C 155 28.83 7.33 -92.72
C ILE C 155 27.34 7.43 -92.99
N SER C 156 26.54 6.80 -92.14
CA SER C 156 25.10 6.64 -92.35
C SER C 156 24.32 7.21 -91.17
N LEU C 157 24.63 8.45 -90.81
CA LEU C 157 23.94 9.16 -89.74
C LEU C 157 22.43 9.12 -89.93
N GLN C 158 21.69 9.10 -88.82
CA GLN C 158 20.23 9.07 -88.88
C GLN C 158 19.70 10.31 -89.57
N ASN C 159 18.55 10.15 -90.24
CA ASN C 159 17.95 11.28 -90.94
C ASN C 159 17.51 12.37 -89.97
N ALA C 160 16.90 11.96 -88.84
CA ALA C 160 16.45 12.92 -87.84
C ALA C 160 16.09 12.18 -86.56
N SER C 161 16.50 12.76 -85.42
CA SER C 161 15.93 12.43 -84.14
C SER C 161 14.75 13.34 -83.83
N ALA C 162 14.12 13.90 -84.85
CA ALA C 162 13.03 14.86 -84.77
C ALA C 162 11.68 14.17 -84.64
N SER C 163 10.62 14.87 -85.05
CA SER C 163 9.25 14.39 -84.96
C SER C 163 9.04 13.19 -85.88
N ALA C 164 7.77 12.93 -86.19
CA ALA C 164 7.21 11.62 -86.54
C ALA C 164 8.15 10.64 -87.24
N ILE C 165 9.06 11.12 -88.11
CA ILE C 165 9.92 10.27 -88.90
C ILE C 165 10.55 9.14 -88.07
N GLY C 166 10.96 9.45 -86.84
CA GLY C 166 11.50 8.41 -85.98
C GLY C 166 10.61 8.00 -84.82
N SER C 167 9.96 6.84 -84.97
CA SER C 167 9.16 6.23 -83.91
C SER C 167 8.76 4.82 -84.32
N TYR C 168 7.82 4.22 -83.59
CA TYR C 168 7.26 2.91 -83.95
C TYR C 168 6.49 3.12 -85.25
N GLN C 169 6.66 2.20 -86.19
CA GLN C 169 5.87 2.24 -87.42
C GLN C 169 4.56 1.48 -87.20
N VAL C 170 3.44 2.16 -87.34
CA VAL C 170 2.15 1.62 -86.93
C VAL C 170 1.60 0.71 -88.02
N GLY C 171 1.49 -0.58 -87.70
CA GLY C 171 0.68 -1.49 -88.48
C GLY C 171 -0.61 -1.78 -87.76
N SER C 172 -1.71 -1.16 -88.21
CA SER C 172 -2.96 -1.20 -87.47
C SER C 172 -4.09 -1.68 -88.37
N ASN C 173 -5.22 -1.96 -87.74
CA ASN C 173 -6.37 -2.50 -88.46
C ASN C 173 -7.04 -1.45 -89.33
N GLY C 174 -7.55 -0.39 -88.71
CA GLY C 174 -8.22 0.65 -89.47
C GLY C 174 -7.26 1.68 -90.03
N ALA C 175 -6.01 1.27 -90.30
CA ALA C 175 -4.96 2.17 -90.76
C ALA C 175 -5.37 2.97 -91.99
N GLY C 176 -5.70 2.30 -93.09
CA GLY C 176 -6.03 3.03 -94.30
C GLY C 176 -7.37 3.74 -94.26
N THR C 177 -8.46 2.97 -94.34
CA THR C 177 -9.79 3.56 -94.19
C THR C 177 -10.56 2.90 -93.06
N VAL C 178 -10.68 1.57 -93.12
CA VAL C 178 -11.46 0.80 -92.16
C VAL C 178 -11.02 -0.66 -92.28
N ALA C 179 -11.25 -1.45 -91.23
CA ALA C 179 -10.78 -2.81 -91.17
C ALA C 179 -11.94 -3.79 -91.32
N SER C 180 -11.63 -4.99 -91.80
CA SER C 180 -12.57 -6.10 -91.81
C SER C 180 -12.61 -6.75 -90.43
N VAL C 181 -13.09 -8.00 -90.41
CA VAL C 181 -13.46 -8.74 -89.21
C VAL C 181 -12.54 -8.45 -88.03
N ALA C 182 -11.23 -8.41 -88.26
CA ALA C 182 -10.29 -8.06 -87.20
C ALA C 182 -10.59 -6.67 -86.66
N GLY C 183 -11.03 -6.60 -85.41
CA GLY C 183 -11.34 -5.33 -84.77
C GLY C 183 -12.73 -4.81 -85.06
N THR C 184 -13.68 -5.71 -85.31
CA THR C 184 -15.07 -5.34 -85.53
C THR C 184 -15.93 -6.59 -85.40
N ALA C 185 -17.23 -6.38 -85.23
CA ALA C 185 -18.16 -7.49 -85.12
C ALA C 185 -18.48 -8.07 -86.49
N THR C 186 -18.85 -9.35 -86.51
CA THR C 186 -19.09 -10.05 -87.76
C THR C 186 -19.89 -11.32 -87.47
N ALA C 187 -20.38 -11.94 -88.54
CA ALA C 187 -21.16 -13.17 -88.40
C ALA C 187 -20.27 -14.41 -88.45
N SER C 188 -19.51 -14.57 -89.54
CA SER C 188 -18.69 -15.76 -89.71
C SER C 188 -17.48 -15.77 -88.79
N GLY C 189 -16.74 -14.66 -88.75
CA GLY C 189 -15.54 -14.58 -87.95
C GLY C 189 -14.27 -14.51 -88.78
N ILE C 190 -13.15 -14.72 -88.11
CA ILE C 190 -11.84 -14.73 -88.75
C ILE C 190 -11.81 -15.86 -89.77
N ALA C 191 -11.45 -15.54 -91.01
CA ALA C 191 -11.40 -16.50 -92.10
C ALA C 191 -9.97 -16.97 -92.32
N SER C 192 -9.78 -17.77 -93.37
CA SER C 192 -8.47 -18.29 -93.72
C SER C 192 -7.61 -17.18 -94.32
N GLY C 193 -6.35 -17.51 -94.60
CA GLY C 193 -5.42 -16.58 -95.19
C GLY C 193 -3.97 -16.96 -94.90
N THR C 194 -3.09 -16.47 -95.76
CA THR C 194 -1.66 -16.70 -95.68
C THR C 194 -0.91 -15.38 -95.91
N VAL C 195 -1.34 -14.35 -95.19
CA VAL C 195 -0.86 -12.97 -95.36
C VAL C 195 0.66 -12.89 -95.41
N ASN C 196 1.18 -12.02 -96.25
CA ASN C 196 2.62 -11.87 -96.41
C ASN C 196 3.16 -10.81 -95.44
N LEU C 197 4.37 -11.05 -94.96
CA LEU C 197 5.08 -10.12 -94.09
C LEU C 197 6.42 -9.78 -94.70
N VAL C 198 6.73 -8.48 -94.73
CA VAL C 198 7.93 -7.96 -95.37
C VAL C 198 8.73 -7.19 -94.33
N GLY C 199 10.04 -7.41 -94.33
CA GLY C 199 10.94 -6.73 -93.42
C GLY C 199 12.20 -7.50 -93.14
N GLY C 200 13.34 -6.81 -93.14
CA GLY C 200 14.63 -7.44 -92.93
C GLY C 200 14.92 -8.58 -93.89
N GLY C 201 14.34 -8.52 -95.09
CA GLY C 201 14.50 -9.55 -96.09
C GLY C 201 14.18 -10.95 -95.59
N GLN C 202 13.12 -11.10 -94.79
CA GLN C 202 12.74 -12.39 -94.27
C GLN C 202 11.24 -12.61 -94.42
N VAL C 203 10.75 -12.63 -95.65
CA VAL C 203 9.34 -12.91 -95.92
C VAL C 203 8.96 -14.25 -95.32
N LYS C 204 7.81 -14.30 -94.64
CA LYS C 204 7.37 -15.52 -93.98
C LYS C 204 5.84 -15.56 -94.07
N ASN C 205 5.32 -16.50 -94.85
CA ASN C 205 3.88 -16.66 -95.01
C ASN C 205 3.31 -17.37 -93.79
N ILE C 206 2.74 -16.59 -92.87
CA ILE C 206 2.14 -17.18 -91.68
C ILE C 206 0.79 -17.79 -92.03
N ALA C 207 0.51 -18.95 -91.44
CA ALA C 207 -0.72 -19.70 -91.67
C ALA C 207 -1.82 -19.14 -90.76
N ILE C 208 -2.90 -18.68 -91.37
CA ILE C 208 -4.06 -18.15 -90.64
C ILE C 208 -5.26 -18.98 -91.04
N ALA C 209 -5.76 -19.79 -90.10
CA ALA C 209 -6.94 -20.59 -90.37
C ALA C 209 -8.21 -19.78 -90.08
N ALA C 210 -9.35 -20.38 -90.39
CA ALA C 210 -10.65 -19.73 -90.20
C ALA C 210 -11.19 -20.08 -88.82
N GLY C 211 -11.23 -19.10 -87.93
CA GLY C 211 -11.81 -19.31 -86.62
C GLY C 211 -10.94 -18.84 -85.47
N ASP C 212 -9.63 -18.72 -85.71
CA ASP C 212 -8.69 -18.34 -84.66
C ASP C 212 -9.00 -16.97 -84.09
N SER C 213 -8.92 -16.84 -82.77
CA SER C 213 -9.18 -15.56 -82.11
C SER C 213 -8.03 -14.60 -82.36
N ALA C 214 -8.25 -13.34 -81.98
CA ALA C 214 -7.24 -12.29 -82.15
C ALA C 214 -5.96 -12.61 -81.40
N LYS C 215 -6.09 -13.25 -80.24
CA LYS C 215 -4.92 -13.64 -79.45
C LYS C 215 -4.05 -14.63 -80.21
N ALA C 216 -4.66 -15.61 -80.86
CA ALA C 216 -3.93 -16.60 -81.65
C ALA C 216 -3.25 -15.92 -82.83
N ILE C 217 -3.94 -14.97 -83.46
CA ILE C 217 -3.38 -14.20 -84.56
C ILE C 217 -2.12 -13.49 -84.10
N ALA C 218 -2.22 -12.78 -82.98
CA ALA C 218 -1.09 -12.04 -82.42
C ALA C 218 0.06 -12.97 -82.11
N GLU C 219 -0.24 -14.12 -81.50
CA GLU C 219 0.78 -15.12 -81.21
C GLU C 219 1.49 -15.56 -82.49
N LYS C 220 0.72 -15.82 -83.55
CA LYS C 220 1.28 -16.31 -84.80
C LYS C 220 2.17 -15.27 -85.45
N MET C 221 1.70 -14.02 -85.54
CA MET C 221 2.53 -12.99 -86.16
C MET C 221 3.77 -12.67 -85.32
N ASP C 222 3.72 -12.96 -84.02
CA ASP C 222 4.88 -12.77 -83.16
C ASP C 222 5.97 -13.78 -83.51
N GLY C 223 7.19 -13.50 -83.05
CA GLY C 223 8.28 -14.43 -83.25
C GLY C 223 9.15 -14.16 -84.46
N ALA C 224 8.85 -14.85 -85.57
CA ALA C 224 9.70 -14.91 -86.75
C ALA C 224 10.31 -13.57 -87.16
N ILE C 225 9.48 -12.55 -87.39
CA ILE C 225 9.99 -11.26 -87.83
C ILE C 225 10.79 -10.62 -86.69
N PRO C 226 12.06 -10.29 -86.92
CA PRO C 226 12.90 -9.71 -85.85
C PRO C 226 12.33 -8.40 -85.32
N ASN C 227 12.57 -8.14 -84.03
CA ASN C 227 12.13 -6.94 -83.30
C ASN C 227 10.73 -6.47 -83.70
N LEU C 228 9.79 -7.40 -83.81
CA LEU C 228 8.38 -7.07 -84.04
C LEU C 228 7.54 -7.74 -82.98
N SER C 229 6.56 -7.03 -82.45
CA SER C 229 5.65 -7.57 -81.46
C SER C 229 4.22 -7.48 -81.99
N ALA C 230 3.36 -8.37 -81.49
CA ALA C 230 1.96 -8.39 -81.91
C ALA C 230 1.10 -8.53 -80.66
N ARG C 231 0.43 -7.44 -80.29
CA ARG C 231 -0.39 -7.43 -79.09
C ARG C 231 -1.86 -7.62 -79.45
N ALA C 232 -2.60 -8.23 -78.53
CA ALA C 232 -4.02 -8.48 -78.71
C ALA C 232 -4.82 -7.83 -77.60
N ARG C 233 -6.00 -7.31 -77.95
CA ARG C 233 -6.86 -6.63 -76.99
C ARG C 233 -8.27 -6.57 -77.56
N THR C 234 -9.27 -6.92 -76.74
CA THR C 234 -10.67 -6.90 -77.15
C THR C 234 -11.43 -6.00 -76.19
N VAL C 235 -11.76 -4.79 -76.64
CA VAL C 235 -12.54 -3.82 -75.88
C VAL C 235 -13.84 -3.57 -76.63
N PHE C 236 -14.96 -4.01 -76.05
CA PHE C 236 -16.27 -3.88 -76.68
C PHE C 236 -17.30 -3.49 -75.63
N THR C 237 -18.26 -2.66 -76.03
CA THR C 237 -19.30 -2.18 -75.14
C THR C 237 -20.58 -3.01 -75.30
N ALA C 238 -21.63 -2.56 -74.62
CA ALA C 238 -22.94 -3.18 -74.74
C ALA C 238 -23.99 -2.19 -74.26
N ASP C 239 -25.15 -2.23 -74.91
CA ASP C 239 -26.27 -1.38 -74.54
CA ASP C 239 -26.27 -1.38 -74.54
C ASP C 239 -27.59 -2.04 -74.90
N VAL C 240 -28.27 -2.62 -73.91
CA VAL C 240 -29.54 -3.31 -74.12
C VAL C 240 -30.63 -2.31 -74.44
N SER C 241 -31.40 -2.57 -75.50
CA SER C 241 -32.50 -1.71 -75.87
C SER C 241 -33.77 -2.09 -75.10
N GLY C 242 -34.90 -1.52 -75.48
CA GLY C 242 -36.16 -1.83 -74.84
C GLY C 242 -36.59 -3.26 -75.03
N VAL C 243 -37.24 -3.84 -74.01
CA VAL C 243 -37.69 -5.23 -74.08
C VAL C 243 -39.22 -5.28 -74.02
N THR C 244 -39.83 -5.97 -74.97
CA THR C 244 -41.28 -6.09 -75.00
C THR C 244 -41.71 -7.45 -74.46
N GLY C 245 -42.28 -7.45 -73.25
CA GLY C 245 -42.84 -8.64 -72.66
C GLY C 245 -41.88 -9.82 -72.56
N GLY C 246 -40.87 -9.70 -71.72
CA GLY C 246 -39.91 -10.77 -71.49
C GLY C 246 -38.50 -10.25 -71.38
N SER C 247 -37.57 -11.20 -71.31
CA SER C 247 -36.15 -10.90 -71.18
C SER C 247 -35.39 -11.59 -72.31
N LEU C 248 -34.12 -11.23 -72.45
CA LEU C 248 -33.24 -11.83 -73.45
C LEU C 248 -32.45 -12.94 -72.79
N ASN C 249 -33.01 -14.14 -72.82
CA ASN C 249 -32.38 -15.33 -72.25
C ASN C 249 -31.52 -15.97 -73.32
N PHE C 250 -30.29 -15.47 -73.45
CA PHE C 250 -29.37 -15.98 -74.47
C PHE C 250 -28.10 -16.53 -73.85
N ASP C 251 -27.15 -16.94 -74.68
CA ASP C 251 -25.88 -17.46 -74.23
C ASP C 251 -24.75 -16.66 -74.84
N VAL C 252 -23.57 -16.76 -74.23
CA VAL C 252 -22.38 -16.05 -74.68
C VAL C 252 -21.23 -17.05 -74.72
N THR C 253 -20.73 -17.33 -75.92
CA THR C 253 -19.67 -18.32 -76.11
C THR C 253 -18.32 -17.61 -76.05
N VAL C 254 -17.69 -17.63 -74.88
CA VAL C 254 -16.38 -17.02 -74.72
C VAL C 254 -15.28 -18.03 -75.06
N GLY C 255 -15.02 -18.20 -76.35
CA GLY C 255 -13.98 -19.12 -76.78
C GLY C 255 -14.36 -20.55 -76.50
N SER C 256 -13.49 -21.24 -75.77
CA SER C 256 -13.70 -22.66 -75.45
C SER C 256 -14.96 -22.86 -74.63
N ASN C 257 -15.00 -22.31 -73.43
CA ASN C 257 -16.17 -22.44 -72.58
C ASN C 257 -17.27 -21.47 -73.04
N THR C 258 -18.49 -21.75 -72.61
CA THR C 258 -19.66 -20.96 -73.00
C THR C 258 -20.44 -20.58 -71.76
N VAL C 259 -20.81 -19.30 -71.67
CA VAL C 259 -21.60 -18.80 -70.55
C VAL C 259 -23.06 -19.17 -70.76
N SER C 260 -23.77 -19.43 -69.67
CA SER C 260 -25.19 -19.80 -69.75
C SER C 260 -26.02 -18.84 -68.91
N LEU C 261 -25.77 -17.53 -69.06
CA LEU C 261 -26.48 -16.51 -68.31
C LEU C 261 -27.92 -16.39 -68.76
N ALA C 262 -28.72 -15.63 -68.02
CA ALA C 262 -30.12 -15.40 -68.35
C ALA C 262 -30.57 -14.11 -67.66
N GLY C 263 -31.84 -13.76 -67.82
CA GLY C 263 -32.39 -12.57 -67.21
C GLY C 263 -31.74 -11.28 -67.65
N VAL C 264 -31.80 -11.00 -68.96
CA VAL C 264 -31.27 -9.77 -69.53
C VAL C 264 -32.45 -8.89 -69.93
N THR C 265 -32.71 -7.86 -69.13
CA THR C 265 -33.79 -6.92 -69.42
C THR C 265 -33.23 -5.51 -69.60
N SER C 266 -32.18 -5.19 -68.86
CA SER C 266 -31.51 -3.90 -68.94
C SER C 266 -30.00 -4.12 -68.94
N THR C 267 -29.27 -3.05 -69.22
CA THR C 267 -27.81 -3.12 -69.24
C THR C 267 -27.24 -3.48 -67.87
N GLN C 268 -27.86 -2.97 -66.81
CA GLN C 268 -27.40 -3.28 -65.46
C GLN C 268 -27.52 -4.76 -65.15
N ASP C 269 -28.59 -5.41 -65.63
CA ASP C 269 -28.77 -6.84 -65.44
C ASP C 269 -27.64 -7.62 -66.10
N LEU C 270 -27.32 -7.27 -67.34
CA LEU C 270 -26.21 -7.89 -68.06
C LEU C 270 -24.90 -7.68 -67.32
N ALA C 271 -24.70 -6.47 -66.77
CA ALA C 271 -23.53 -6.20 -65.95
C ALA C 271 -23.46 -7.15 -64.76
N ASP C 272 -24.62 -7.41 -64.15
CA ASP C 272 -24.68 -8.32 -63.01
C ASP C 272 -24.29 -9.74 -63.41
N GLN C 273 -24.88 -10.26 -64.50
CA GLN C 273 -24.51 -11.61 -64.91
C GLN C 273 -23.02 -11.71 -65.24
N LEU C 274 -22.49 -10.70 -65.94
CA LEU C 274 -21.08 -10.73 -66.30
C LEU C 274 -20.17 -10.67 -65.08
N ASN C 275 -20.50 -9.81 -64.12
CA ASN C 275 -19.67 -9.70 -62.92
C ASN C 275 -19.78 -10.94 -62.05
N SER C 276 -20.93 -11.62 -62.09
CA SER C 276 -21.07 -12.85 -61.32
C SER C 276 -20.27 -13.97 -61.97
N ASN C 277 -20.39 -14.10 -63.29
CA ASN C 277 -19.69 -15.17 -64.00
C ASN C 277 -18.24 -14.80 -64.26
N SER C 278 -17.79 -13.67 -63.71
CA SER C 278 -16.41 -13.21 -63.87
C SER C 278 -15.40 -14.27 -63.42
N SER C 279 -15.81 -15.11 -62.45
CA SER C 279 -14.97 -16.22 -62.02
C SER C 279 -14.67 -17.17 -63.17
N LYS C 280 -15.71 -17.63 -63.86
CA LYS C 280 -15.56 -18.58 -64.95
C LYS C 280 -14.90 -17.95 -66.16
N LEU C 281 -15.47 -16.84 -66.65
CA LEU C 281 -14.97 -16.17 -67.86
C LEU C 281 -13.89 -15.17 -67.44
N GLY C 282 -12.70 -15.37 -68.00
CA GLY C 282 -11.57 -14.49 -67.73
C GLY C 282 -11.63 -13.20 -68.51
N ILE C 283 -12.77 -12.50 -68.43
CA ILE C 283 -12.96 -11.25 -69.15
C ILE C 283 -13.54 -10.22 -68.18
N THR C 284 -12.74 -9.23 -67.82
CA THR C 284 -13.17 -8.21 -66.86
C THR C 284 -14.30 -7.37 -67.44
N ALA C 285 -15.41 -7.31 -66.70
CA ALA C 285 -16.56 -6.50 -67.06
C ALA C 285 -16.71 -5.36 -66.06
N SER C 286 -17.30 -4.26 -66.53
CA SER C 286 -17.42 -3.07 -65.69
C SER C 286 -18.54 -2.16 -66.16
N ILE C 287 -19.38 -1.71 -65.23
CA ILE C 287 -20.44 -0.76 -65.51
C ILE C 287 -20.06 0.57 -64.84
N ASN C 288 -19.66 1.54 -65.64
CA ASN C 288 -19.37 2.87 -65.12
C ASN C 288 -20.64 3.61 -64.78
N ASP C 289 -20.54 4.55 -63.85
CA ASP C 289 -21.69 5.32 -63.40
C ASP C 289 -22.29 6.17 -64.53
N LYS C 290 -21.53 6.37 -65.61
CA LYS C 290 -22.05 7.10 -66.76
C LYS C 290 -23.25 6.38 -67.36
N GLY C 291 -23.09 5.10 -67.66
CA GLY C 291 -24.17 4.31 -68.21
C GLY C 291 -23.76 3.36 -69.33
N VAL C 292 -22.55 3.54 -69.85
CA VAL C 292 -22.08 2.73 -70.97
C VAL C 292 -21.27 1.54 -70.46
N LEU C 293 -21.81 0.33 -70.65
CA LEU C 293 -21.11 -0.88 -70.24
C LEU C 293 -19.82 -1.05 -71.03
N THR C 294 -18.77 -1.49 -70.33
CA THR C 294 -17.51 -1.85 -70.95
C THR C 294 -17.10 -3.22 -70.47
N ILE C 295 -16.90 -4.13 -71.42
CA ILE C 295 -16.46 -5.49 -71.14
C ILE C 295 -15.20 -5.75 -71.93
N THR C 296 -14.09 -5.95 -71.22
CA THR C 296 -12.78 -6.01 -71.85
C THR C 296 -12.08 -7.29 -71.44
N SER C 297 -11.42 -7.93 -72.41
CA SER C 297 -10.59 -9.10 -72.18
C SER C 297 -9.14 -8.67 -72.39
N ALA C 298 -8.35 -8.70 -71.32
CA ALA C 298 -6.96 -8.28 -71.41
C ALA C 298 -6.18 -9.10 -72.42
N THR C 299 -6.48 -10.40 -72.53
CA THR C 299 -5.79 -11.26 -73.47
C THR C 299 -6.12 -10.88 -74.91
N GLY C 300 -7.39 -10.59 -75.19
CA GLY C 300 -7.81 -10.26 -76.54
C GLY C 300 -8.66 -11.34 -77.16
N GLU C 301 -9.45 -12.03 -76.33
CA GLU C 301 -10.24 -13.15 -76.80
C GLU C 301 -11.40 -12.66 -77.66
N ASN C 302 -11.65 -13.36 -78.77
CA ASN C 302 -12.76 -13.06 -79.66
C ASN C 302 -14.06 -13.53 -79.02
N VAL C 303 -14.71 -12.60 -78.32
CA VAL C 303 -15.95 -12.95 -77.62
C VAL C 303 -17.06 -13.24 -78.64
N LYS C 304 -17.82 -14.28 -78.37
CA LYS C 304 -18.90 -14.71 -79.26
C LYS C 304 -20.19 -14.81 -78.45
N PHE C 305 -21.29 -14.43 -79.10
CA PHE C 305 -22.62 -14.44 -78.48
C PHE C 305 -23.42 -15.58 -79.10
N GLY C 306 -23.98 -16.43 -78.23
CA GLY C 306 -24.78 -17.54 -78.70
C GLY C 306 -26.11 -17.10 -79.29
N ALA C 307 -26.90 -18.10 -79.66
CA ALA C 307 -28.21 -17.84 -80.26
C ALA C 307 -29.15 -17.20 -79.26
N GLN C 308 -30.14 -16.47 -79.77
CA GLN C 308 -31.10 -15.76 -78.93
C GLN C 308 -32.33 -16.65 -78.72
N THR C 309 -32.19 -17.59 -77.79
CA THR C 309 -33.31 -18.42 -77.35
C THR C 309 -34.00 -17.84 -76.11
N GLY C 310 -34.41 -16.58 -76.16
CA GLY C 310 -34.96 -15.91 -75.01
C GLY C 310 -36.47 -16.07 -74.92
N THR C 311 -37.06 -15.25 -74.04
CA THR C 311 -38.49 -15.25 -73.82
C THR C 311 -39.16 -13.95 -74.23
N ALA C 312 -38.40 -12.97 -74.70
CA ALA C 312 -38.97 -11.70 -75.12
C ALA C 312 -39.51 -11.79 -76.54
N THR C 313 -39.91 -10.66 -77.12
CA THR C 313 -40.46 -10.65 -78.47
C THR C 313 -39.77 -9.61 -79.34
N ALA C 314 -39.23 -8.56 -78.72
CA ALA C 314 -38.57 -7.50 -79.46
C ALA C 314 -37.47 -6.91 -78.59
N GLY C 315 -36.47 -6.32 -79.26
CA GLY C 315 -35.32 -5.74 -78.61
C GLY C 315 -34.03 -6.25 -79.19
N GLN C 316 -32.94 -5.62 -78.77
CA GLN C 316 -31.60 -5.99 -79.24
C GLN C 316 -30.58 -5.41 -78.29
N VAL C 317 -29.35 -5.91 -78.41
CA VAL C 317 -28.23 -5.42 -77.61
C VAL C 317 -27.12 -4.96 -78.56
N ALA C 318 -27.12 -3.68 -78.91
CA ALA C 318 -26.10 -3.16 -79.81
C ALA C 318 -24.74 -3.12 -79.10
N VAL C 319 -23.69 -3.35 -79.88
CA VAL C 319 -22.32 -3.34 -79.37
C VAL C 319 -21.43 -2.61 -80.35
N LYS C 320 -20.29 -2.12 -79.84
CA LYS C 320 -19.26 -1.50 -80.65
C LYS C 320 -17.92 -2.12 -80.30
N VAL C 321 -16.92 -1.86 -81.14
CA VAL C 321 -15.59 -2.44 -80.99
C VAL C 321 -14.57 -1.30 -80.98
N GLN C 322 -13.58 -1.42 -80.10
CA GLN C 322 -12.52 -0.42 -80.02
C GLN C 322 -11.56 -0.55 -81.19
N GLY C 323 -11.23 0.57 -81.81
CA GLY C 323 -10.28 0.57 -82.90
C GLY C 323 -8.87 0.32 -82.40
N SER C 324 -7.97 0.03 -83.35
CA SER C 324 -6.57 -0.24 -83.03
C SER C 324 -5.92 0.95 -82.34
N ASP C 325 -5.84 2.08 -83.04
CA ASP C 325 -5.25 3.29 -82.46
C ASP C 325 -6.18 3.90 -81.41
N GLY C 326 -7.49 3.82 -81.66
CA GLY C 326 -8.47 4.40 -80.75
C GLY C 326 -9.81 4.61 -81.44
N LYS C 327 -10.36 5.82 -81.31
CA LYS C 327 -11.61 6.24 -81.93
C LYS C 327 -12.69 5.17 -81.84
N PHE C 328 -13.15 4.88 -80.62
CA PHE C 328 -14.16 3.86 -80.37
C PHE C 328 -15.34 4.02 -81.33
N GLU C 329 -15.82 2.88 -81.83
CA GLU C 329 -16.85 2.87 -82.87
C GLU C 329 -18.09 3.64 -82.44
N ALA C 330 -18.58 4.48 -83.35
CA ALA C 330 -19.83 5.20 -83.14
C ALA C 330 -21.02 4.39 -83.63
N ALA C 331 -20.91 3.87 -84.85
CA ALA C 331 -21.98 3.06 -85.42
C ALA C 331 -22.18 1.79 -84.62
N ALA C 332 -23.43 1.53 -84.23
CA ALA C 332 -23.75 0.39 -83.38
C ALA C 332 -24.22 -0.78 -84.23
N LYS C 333 -24.17 -1.99 -83.66
CA LYS C 333 -24.66 -3.19 -84.33
C LYS C 333 -24.91 -4.25 -83.27
N ASN C 334 -26.09 -4.85 -83.30
CA ASN C 334 -26.48 -5.80 -82.27
C ASN C 334 -25.87 -7.17 -82.52
N VAL C 335 -25.57 -7.89 -81.44
CA VAL C 335 -25.13 -9.28 -81.52
C VAL C 335 -26.26 -10.27 -81.26
N VAL C 336 -27.23 -9.91 -80.43
CA VAL C 336 -28.39 -10.76 -80.15
C VAL C 336 -29.63 -9.88 -80.19
N ALA C 337 -30.75 -10.45 -80.65
CA ALA C 337 -31.98 -9.70 -80.77
C ALA C 337 -33.15 -10.66 -80.59
N ALA C 338 -34.05 -10.34 -79.67
CA ALA C 338 -35.24 -11.16 -79.46
C ALA C 338 -36.12 -11.14 -80.69
N GLY C 339 -36.51 -12.33 -81.16
CA GLY C 339 -37.30 -12.43 -82.37
C GLY C 339 -36.47 -12.86 -83.56
N THR C 340 -36.45 -12.04 -84.61
CA THR C 340 -35.65 -12.33 -85.79
C THR C 340 -34.17 -12.37 -85.46
N ALA C 341 -33.44 -13.29 -86.06
CA ALA C 341 -32.01 -13.40 -85.81
C ALA C 341 -31.26 -12.24 -86.45
N ALA C 342 -30.41 -11.58 -85.66
CA ALA C 342 -29.62 -10.46 -86.14
C ALA C 342 -28.32 -10.95 -86.77
N THR C 343 -27.49 -10.02 -87.23
CA THR C 343 -26.21 -10.32 -87.84
C THR C 343 -25.09 -9.76 -86.96
N THR C 344 -23.85 -10.07 -87.33
CA THR C 344 -22.65 -9.67 -86.58
C THR C 344 -22.76 -10.09 -85.12
N THR C 345 -23.05 -11.38 -84.91
CA THR C 345 -23.29 -11.91 -83.57
C THR C 345 -22.01 -12.05 -82.75
N ILE C 346 -20.84 -12.14 -83.39
CA ILE C 346 -19.59 -12.32 -82.68
C ILE C 346 -18.70 -11.10 -82.92
N VAL C 347 -17.79 -10.87 -81.98
CA VAL C 347 -16.91 -9.70 -82.00
C VAL C 347 -15.47 -10.18 -82.00
N THR C 348 -14.65 -9.61 -82.88
CA THR C 348 -13.24 -9.94 -83.00
C THR C 348 -12.41 -8.75 -82.53
N GLY C 349 -11.38 -9.03 -81.74
CA GLY C 349 -10.52 -7.99 -81.22
C GLY C 349 -9.58 -7.45 -82.29
N TYR C 350 -8.74 -6.51 -81.87
CA TYR C 350 -7.81 -5.83 -82.75
C TYR C 350 -6.37 -6.16 -82.37
N VAL C 351 -5.49 -6.11 -83.37
CA VAL C 351 -4.07 -6.36 -83.18
C VAL C 351 -3.31 -5.10 -83.54
N GLN C 352 -2.11 -4.95 -82.97
CA GLN C 352 -1.27 -3.78 -83.22
C GLN C 352 0.15 -4.25 -83.46
N LEU C 353 0.71 -3.87 -84.62
CA LEU C 353 2.07 -4.28 -85.00
C LEU C 353 2.97 -3.06 -84.98
N ASN C 354 3.56 -2.79 -83.82
CA ASN C 354 4.54 -1.72 -83.69
C ASN C 354 5.85 -2.13 -84.34
N SER C 355 6.40 -1.23 -85.16
CA SER C 355 7.57 -1.56 -85.98
C SER C 355 8.65 -0.50 -85.80
N PRO C 356 9.88 -0.92 -85.48
CA PRO C 356 10.95 0.07 -85.24
C PRO C 356 11.37 0.83 -86.48
N THR C 357 11.73 0.15 -87.57
CA THR C 357 12.25 0.85 -88.74
C THR C 357 11.40 0.63 -89.99
N ALA C 358 11.06 -0.62 -90.29
CA ALA C 358 10.34 -0.95 -91.52
C ALA C 358 9.72 -2.34 -91.40
N TYR C 359 8.41 -2.40 -91.61
CA TYR C 359 7.69 -3.67 -91.58
C TYR C 359 6.42 -3.58 -92.42
N SER C 360 6.46 -4.15 -93.62
CA SER C 360 5.33 -4.14 -94.53
C SER C 360 4.54 -5.44 -94.43
N VAL C 361 3.24 -5.34 -94.67
CA VAL C 361 2.34 -6.49 -94.60
C VAL C 361 1.41 -6.44 -95.81
N SER C 362 1.04 -7.61 -96.33
CA SER C 362 0.15 -7.71 -97.47
C SER C 362 -0.70 -8.96 -97.32
N GLY C 363 -1.81 -8.97 -98.06
CA GLY C 363 -2.73 -10.09 -98.01
C GLY C 363 -3.58 -10.19 -99.25
N THR C 364 -3.71 -11.41 -99.79
CA THR C 364 -4.47 -11.63 -101.02
C THR C 364 -5.96 -11.38 -100.79
N GLY C 365 -6.47 -10.27 -101.32
CA GLY C 365 -7.88 -9.94 -101.23
C GLY C 365 -8.42 -9.85 -99.81
N THR C 366 -9.27 -10.80 -99.45
CA THR C 366 -9.93 -10.82 -98.14
C THR C 366 -8.93 -10.89 -96.99
N GLN C 367 -7.74 -11.43 -97.25
CA GLN C 367 -6.73 -11.62 -96.22
C GLN C 367 -6.27 -10.29 -95.62
N ALA C 368 -5.83 -9.37 -96.47
CA ALA C 368 -5.33 -8.07 -96.02
C ALA C 368 -6.40 -7.32 -95.23
N SER C 369 -7.63 -7.32 -95.75
CA SER C 369 -8.73 -6.66 -95.05
C SER C 369 -8.99 -7.30 -93.70
N GLN C 370 -9.10 -8.63 -93.68
CA GLN C 370 -9.44 -9.36 -92.46
C GLN C 370 -8.32 -9.37 -91.44
N VAL C 371 -7.12 -8.92 -91.81
CA VAL C 371 -6.01 -8.80 -90.87
C VAL C 371 -5.81 -7.34 -90.43
N PHE C 372 -5.49 -6.45 -91.37
CA PHE C 372 -5.18 -5.07 -91.03
C PHE C 372 -5.80 -4.11 -92.03
N GLY C 373 -6.93 -4.49 -92.61
CA GLY C 373 -7.58 -3.65 -93.60
C GLY C 373 -6.69 -3.34 -94.79
N ASN C 374 -6.89 -2.18 -95.41
CA ASN C 374 -6.10 -1.77 -96.57
C ASN C 374 -4.97 -0.84 -96.10
N ALA C 375 -4.04 -1.42 -95.35
CA ALA C 375 -2.90 -0.65 -94.87
C ALA C 375 -1.70 -0.80 -95.79
N SER C 376 -1.20 -2.04 -95.92
CA SER C 376 -0.12 -2.39 -96.85
C SER C 376 1.18 -1.64 -96.56
N ALA C 377 1.20 -0.84 -95.49
CA ALA C 377 2.37 -0.03 -95.15
C ALA C 377 2.27 0.45 -93.71
N ALA C 378 3.39 0.36 -92.99
CA ALA C 378 3.43 0.74 -91.57
C ALA C 378 3.76 2.21 -91.39
N GLN C 379 3.66 2.99 -92.46
CA GLN C 379 3.99 4.43 -92.43
C GLN C 379 3.02 5.17 -91.52
N LYS C 380 3.22 6.48 -91.35
CA LYS C 380 2.61 7.29 -90.30
C LYS C 380 3.12 6.87 -88.93
N SER C 381 4.45 6.89 -88.76
CA SER C 381 5.05 6.54 -87.48
C SER C 381 4.51 7.41 -86.34
N SER C 382 4.53 8.73 -86.54
CA SER C 382 3.80 9.67 -85.69
C SER C 382 4.21 9.65 -84.22
N VAL C 383 5.44 10.07 -83.91
CA VAL C 383 5.85 10.21 -82.52
C VAL C 383 5.27 11.49 -81.93
N ALA C 384 5.07 12.50 -82.78
CA ALA C 384 4.61 13.80 -82.31
C ALA C 384 3.18 13.73 -81.78
N SER C 385 2.34 12.94 -82.44
CA SER C 385 0.92 12.87 -82.11
C SER C 385 0.65 12.29 -80.73
N VAL C 386 1.67 11.65 -80.14
CA VAL C 386 1.54 10.99 -78.83
C VAL C 386 0.96 11.94 -77.80
N ASP C 387 -0.18 11.55 -77.23
CA ASP C 387 -0.83 12.32 -76.17
C ASP C 387 -0.65 11.60 -74.84
N ILE C 388 -1.24 12.17 -73.81
CA ILE C 388 -1.13 11.65 -72.44
C ILE C 388 -2.49 11.54 -71.77
N SER C 389 -3.46 12.33 -72.21
CA SER C 389 -4.65 12.67 -71.44
C SER C 389 -5.33 11.51 -70.74
N THR C 390 -5.89 10.56 -71.48
CA THR C 390 -6.72 9.55 -70.82
C THR C 390 -6.20 8.12 -70.94
N ALA C 391 -6.01 7.61 -72.15
CA ALA C 391 -5.69 6.20 -72.35
C ALA C 391 -4.38 5.99 -73.07
N ASP C 392 -4.25 6.61 -74.25
CA ASP C 392 -3.11 6.39 -75.14
C ASP C 392 -1.78 6.63 -74.46
N GLY C 393 -1.64 7.78 -73.78
CA GLY C 393 -0.41 8.09 -73.07
C GLY C 393 -0.05 7.05 -72.03
N ALA C 394 -1.06 6.52 -71.34
CA ALA C 394 -0.83 5.50 -70.33
C ALA C 394 -0.34 4.19 -70.95
N GLN C 395 -0.78 3.89 -72.17
CA GLN C 395 -0.49 2.63 -72.83
C GLN C 395 0.36 2.76 -74.07
N ASN C 396 -0.08 3.55 -75.05
CA ASN C 396 0.57 3.57 -76.35
C ASN C 396 1.99 4.13 -76.26
N ALA C 397 2.20 5.11 -75.38
CA ALA C 397 3.50 5.75 -75.25
C ALA C 397 4.60 4.74 -74.98
N ILE C 398 4.27 3.66 -74.27
CA ILE C 398 5.23 2.58 -74.06
C ILE C 398 5.67 2.00 -75.41
N ALA C 399 4.71 1.61 -76.24
CA ALA C 399 5.02 1.09 -77.56
C ALA C 399 5.78 2.10 -78.40
N VAL C 400 5.54 3.39 -78.19
CA VAL C 400 6.30 4.41 -78.91
C VAL C 400 7.75 4.38 -78.47
N VAL C 401 8.00 4.52 -77.16
CA VAL C 401 9.36 4.68 -76.68
C VAL C 401 10.17 3.41 -76.89
N ASP C 402 9.51 2.25 -76.91
CA ASP C 402 10.24 1.01 -77.19
C ASP C 402 10.97 1.09 -78.52
N ASN C 403 10.22 1.27 -79.61
CA ASN C 403 10.84 1.34 -80.92
C ASN C 403 11.68 2.61 -81.08
N ALA C 404 11.33 3.68 -80.36
CA ALA C 404 12.16 4.88 -80.39
C ALA C 404 13.58 4.59 -79.91
N LEU C 405 13.70 4.04 -78.70
CA LEU C 405 15.02 3.71 -78.18
C LEU C 405 15.66 2.58 -78.99
N ALA C 406 14.86 1.70 -79.59
CA ALA C 406 15.42 0.68 -80.46
C ALA C 406 16.15 1.30 -81.64
N ALA C 407 15.49 2.23 -82.35
CA ALA C 407 16.11 2.89 -83.48
C ALA C 407 17.30 3.75 -83.04
N ILE C 408 17.17 4.41 -81.88
CA ILE C 408 18.26 5.23 -81.38
C ILE C 408 19.49 4.37 -81.09
N ASP C 409 19.28 3.20 -80.48
CA ASP C 409 20.40 2.33 -80.15
C ASP C 409 20.97 1.68 -81.42
N ALA C 410 20.13 1.44 -82.42
CA ALA C 410 20.64 1.00 -83.71
C ALA C 410 21.57 2.04 -84.32
N GLN C 411 21.17 3.31 -84.26
CA GLN C 411 22.03 4.39 -84.75
C GLN C 411 23.33 4.47 -83.93
N ARG C 412 23.22 4.28 -82.62
CA ARG C 412 24.41 4.33 -81.77
C ARG C 412 25.36 3.19 -82.10
N ALA C 413 24.84 2.00 -82.35
CA ALA C 413 25.68 0.88 -82.74
C ALA C 413 26.30 1.09 -84.11
N ASP C 414 25.57 1.72 -85.03
CA ASP C 414 26.15 2.08 -86.31
C ASP C 414 27.32 3.02 -86.12
N LEU C 415 27.14 4.06 -85.30
CA LEU C 415 28.22 4.99 -85.01
C LEU C 415 29.39 4.28 -84.34
N ALA C 416 29.09 3.30 -83.48
CA ALA C 416 30.15 2.52 -82.85
C ALA C 416 30.97 1.77 -83.88
N ALA C 417 30.29 1.14 -84.84
CA ALA C 417 30.98 0.45 -85.92
C ALA C 417 31.85 1.42 -86.71
N VAL C 418 31.31 2.59 -87.05
CA VAL C 418 32.08 3.57 -87.82
C VAL C 418 33.32 4.00 -87.05
N GLN C 419 33.18 4.28 -85.76
CA GLN C 419 34.33 4.74 -84.99
C GLN C 419 35.36 3.63 -84.77
N ASN C 420 34.92 2.38 -84.58
CA ASN C 420 35.87 1.28 -84.45
C ASN C 420 36.63 1.08 -85.75
N ARG C 421 35.93 1.15 -86.89
CA ARG C 421 36.60 1.03 -88.18
C ARG C 421 37.57 2.20 -88.39
N PHE C 422 37.19 3.40 -87.96
CA PHE C 422 38.08 4.55 -88.06
C PHE C 422 39.33 4.34 -87.22
N LYS C 423 39.18 3.81 -86.01
CA LYS C 423 40.33 3.56 -85.15
C LYS C 423 41.27 2.54 -85.78
N ASN C 424 40.72 1.40 -86.20
CA ASN C 424 41.56 0.37 -86.82
C ASN C 424 42.25 0.91 -88.07
N THR C 425 41.52 1.68 -88.87
CA THR C 425 42.09 2.21 -90.10
C THR C 425 43.18 3.23 -89.82
N ILE C 426 42.99 4.08 -88.80
CA ILE C 426 44.01 5.09 -88.52
C ILE C 426 45.26 4.44 -87.95
N ASP C 427 45.10 3.38 -87.15
CA ASP C 427 46.30 2.67 -86.69
C ASP C 427 47.02 2.00 -87.85
N ASN C 428 46.27 1.34 -88.74
CA ASN C 428 46.89 0.72 -89.91
C ASN C 428 47.61 1.76 -90.77
N LEU C 429 46.99 2.93 -90.94
CA LEU C 429 47.57 3.97 -91.78
C LEU C 429 48.82 4.56 -91.15
N THR C 430 48.80 4.77 -89.82
CA THR C 430 50.02 5.23 -89.15
C THR C 430 51.14 4.21 -89.29
N ASN C 431 50.82 2.91 -89.13
CA ASN C 431 51.84 1.88 -89.29
C ASN C 431 52.43 1.90 -90.70
N ILE C 432 51.57 1.95 -91.72
CA ILE C 432 52.04 1.99 -93.10
C ILE C 432 52.84 3.26 -93.36
N SER C 433 52.44 4.37 -92.71
CA SER C 433 53.16 5.62 -92.92
C SER C 433 54.57 5.55 -92.35
N GLU C 434 54.73 5.00 -91.15
CA GLU C 434 56.07 4.89 -90.59
C GLU C 434 56.89 3.86 -91.35
N ASN C 435 56.25 2.81 -91.86
CA ASN C 435 56.97 1.85 -92.70
C ASN C 435 57.49 2.51 -93.97
N ALA C 436 56.64 3.28 -94.66
CA ALA C 436 57.06 3.95 -95.88
C ALA C 436 58.09 5.04 -95.58
N THR C 437 58.01 5.68 -94.42
CA THR C 437 59.02 6.66 -94.05
C THR C 437 60.35 5.99 -93.79
N ASN C 438 60.35 4.82 -93.15
CA ASN C 438 61.59 4.08 -92.96
C ASN C 438 62.18 3.66 -94.30
N ALA C 439 61.32 3.23 -95.24
CA ALA C 439 61.81 2.89 -96.57
C ALA C 439 62.40 4.11 -97.28
N ARG C 440 61.73 5.25 -97.15
CA ARG C 440 62.22 6.48 -97.77
C ARG C 440 63.57 6.89 -97.17
N SER C 441 63.75 6.67 -95.86
CA SER C 441 65.04 6.97 -95.25
C SER C 441 66.12 6.01 -95.76
N ARG C 442 65.80 4.71 -95.82
CA ARG C 442 66.76 3.74 -96.32
C ARG C 442 67.13 3.98 -97.77
N ILE C 443 66.24 4.58 -98.57
CA ILE C 443 66.52 4.80 -99.98
C ILE C 443 67.06 6.20 -100.27
N LYS C 444 66.84 7.17 -99.38
CA LYS C 444 67.22 8.55 -99.61
C LYS C 444 68.20 9.10 -98.58
N ASP C 445 67.95 8.89 -97.29
CA ASP C 445 68.84 9.41 -96.27
C ASP C 445 70.24 8.83 -96.45
N THR C 446 71.22 9.70 -96.66
CA THR C 446 72.57 9.25 -96.96
C THR C 446 73.20 8.58 -95.75
N ASP C 447 73.91 7.48 -96.00
CA ASP C 447 74.68 6.80 -94.96
C ASP C 447 76.04 7.48 -94.81
N PHE C 448 76.01 8.69 -94.23
CA PHE C 448 77.18 9.56 -94.14
C PHE C 448 78.32 8.97 -93.32
N ALA C 449 78.11 7.82 -92.66
CA ALA C 449 79.21 7.17 -91.96
C ALA C 449 80.37 6.84 -92.88
N ALA C 450 80.09 6.52 -94.14
CA ALA C 450 81.11 6.35 -95.16
C ALA C 450 81.25 7.54 -96.09
N GLU C 451 80.20 8.36 -96.21
CA GLU C 451 80.27 9.54 -97.05
C GLU C 451 81.22 10.60 -96.48
N THR C 452 81.31 10.72 -95.16
CA THR C 452 82.30 11.64 -94.58
C THR C 452 83.71 11.18 -94.87
N ALA C 453 83.96 9.87 -94.77
CA ALA C 453 85.27 9.34 -95.13
C ALA C 453 85.57 9.57 -96.60
N ALA C 454 84.56 9.41 -97.46
CA ALA C 454 84.74 9.68 -98.88
C ALA C 454 85.06 11.14 -99.13
N LEU C 455 84.39 12.03 -98.38
CA LEU C 455 84.66 13.47 -98.48
C LEU C 455 86.11 13.78 -98.09
N SER C 456 86.56 13.19 -96.99
CA SER C 456 87.93 13.42 -96.54
C SER C 456 88.93 12.87 -97.55
N LYS C 457 88.65 11.69 -98.11
CA LYS C 457 89.50 11.14 -99.15
C LYS C 457 89.55 12.05 -100.38
N ASN C 458 88.40 12.61 -100.75
CA ASN C 458 88.36 13.51 -101.90
C ASN C 458 89.17 14.77 -101.64
N GLN C 459 89.10 15.29 -100.42
CA GLN C 459 89.91 16.44 -100.06
C GLN C 459 91.40 16.09 -100.13
N VAL C 460 91.74 14.86 -99.72
CA VAL C 460 93.13 14.41 -99.84
C VAL C 460 93.56 14.37 -101.30
N LEU C 461 92.73 13.80 -102.17
CA LEU C 461 93.08 13.76 -103.59
C LEU C 461 93.20 15.15 -104.18
N GLN C 462 92.35 16.07 -103.74
CA GLN C 462 92.43 17.45 -104.21
C GLN C 462 93.77 18.08 -103.83
N GLN C 463 94.11 18.04 -102.54
CA GLN C 463 95.37 18.63 -102.09
C GLN C 463 96.56 17.94 -102.74
N ALA C 464 96.46 16.63 -102.99
CA ALA C 464 97.54 15.90 -103.63
C ALA C 464 97.71 16.33 -105.08
N GLY C 465 96.60 16.52 -105.79
CA GLY C 465 96.69 17.00 -107.16
C GLY C 465 97.29 18.39 -107.23
N THR C 466 96.90 19.28 -106.31
CA THR C 466 97.53 20.59 -106.26
C THR C 466 99.02 20.48 -105.99
N ALA C 467 99.41 19.59 -105.08
CA ALA C 467 100.83 19.41 -104.78
C ALA C 467 101.60 18.93 -106.00
N ILE C 468 101.07 17.93 -106.71
CA ILE C 468 101.77 17.41 -107.88
C ILE C 468 101.84 18.44 -108.99
N LEU C 469 100.78 19.25 -109.18
CA LEU C 469 100.85 20.26 -110.23
C LEU C 469 101.87 21.34 -109.85
N ALA C 470 101.91 21.74 -108.58
CA ALA C 470 102.90 22.72 -108.15
C ALA C 470 104.31 22.18 -108.28
N GLN C 471 104.48 20.87 -108.10
CA GLN C 471 105.81 20.27 -108.24
C GLN C 471 106.21 20.14 -109.71
N ALA C 472 105.24 19.88 -110.59
CA ALA C 472 105.55 19.67 -112.00
C ALA C 472 105.70 20.97 -112.76
N ASN C 473 105.04 22.05 -112.31
CA ASN C 473 105.09 23.31 -113.03
C ASN C 473 106.48 23.92 -113.04
N GLN C 474 107.32 23.56 -112.07
CA GLN C 474 108.68 24.07 -112.01
C GLN C 474 109.70 23.14 -112.65
N LEU C 475 109.28 21.97 -113.12
CA LEU C 475 110.20 21.06 -113.79
C LEU C 475 110.72 21.62 -115.11
N PRO C 476 109.88 22.00 -116.08
CA PRO C 476 110.44 22.54 -117.33
C PRO C 476 111.22 23.82 -117.14
N GLN C 477 110.81 24.66 -116.17
CA GLN C 477 111.60 25.83 -115.81
C GLN C 477 113.02 25.43 -115.44
N ALA C 478 113.15 24.38 -114.62
CA ALA C 478 114.47 23.89 -114.23
C ALA C 478 115.24 23.36 -115.43
N VAL C 479 114.57 22.61 -116.31
CA VAL C 479 115.24 22.05 -117.48
C VAL C 479 115.82 23.16 -118.35
N LEU C 480 115.00 24.17 -118.64
CA LEU C 480 115.48 25.25 -119.51
C LEU C 480 116.50 26.15 -118.80
N SER C 481 116.41 26.30 -117.48
CA SER C 481 117.39 27.13 -116.79
C SER C 481 118.74 26.45 -116.69
N LEU C 482 118.76 25.12 -116.56
CA LEU C 482 120.03 24.41 -116.48
C LEU C 482 120.60 24.05 -117.84
N LEU C 483 119.76 23.94 -118.87
CA LEU C 483 120.24 23.60 -120.21
C LEU C 483 120.60 24.82 -121.04
N ARG C 484 120.35 26.03 -120.54
CA ARG C 484 120.73 27.24 -121.27
C ARG C 484 121.88 27.95 -120.58
N VAL D 1 49.44 17.56 -76.94
CA VAL D 1 48.36 17.85 -76.02
C VAL D 1 48.80 18.84 -74.93
N ASN D 2 48.94 20.11 -75.31
CA ASN D 2 49.34 21.14 -74.36
C ASN D 2 48.44 22.37 -74.34
N THR D 3 47.79 22.71 -75.45
CA THR D 3 46.90 23.87 -75.44
C THR D 3 45.53 23.56 -74.85
N ASN D 4 45.25 22.30 -74.55
CA ASN D 4 43.99 21.90 -73.94
C ASN D 4 44.14 20.47 -73.44
N ILE D 5 43.23 20.08 -72.54
CA ILE D 5 43.22 18.73 -71.99
C ILE D 5 41.78 18.21 -72.09
N ALA D 6 41.62 17.01 -72.64
CA ALA D 6 40.29 16.41 -72.77
C ALA D 6 39.71 15.96 -71.43
N SER D 7 40.40 16.22 -70.32
CA SER D 7 39.95 15.79 -69.01
C SER D 7 38.74 16.58 -68.50
N LEU D 8 38.20 17.52 -69.26
CA LEU D 8 37.03 18.26 -68.82
C LEU D 8 35.75 17.45 -68.88
N ASN D 9 35.81 16.22 -69.42
CA ASN D 9 34.70 15.30 -69.22
C ASN D 9 34.55 14.98 -67.73
N THR D 10 35.67 14.87 -67.03
CA THR D 10 35.62 14.76 -65.58
C THR D 10 34.97 15.99 -64.96
N GLN D 11 35.19 17.16 -65.54
CA GLN D 11 34.53 18.37 -65.06
C GLN D 11 33.02 18.27 -65.24
N ARG D 12 32.57 17.88 -66.43
CA ARG D 12 31.14 17.70 -66.66
C ARG D 12 30.56 16.73 -65.64
N ASN D 13 31.24 15.60 -65.43
CA ASN D 13 30.78 14.61 -64.48
C ASN D 13 30.70 15.16 -63.07
N LEU D 14 31.68 15.97 -62.65
CA LEU D 14 31.67 16.48 -61.29
C LEU D 14 30.58 17.53 -61.11
N ASN D 15 30.35 18.37 -62.13
CA ASN D 15 29.23 19.32 -62.02
C ASN D 15 27.90 18.58 -61.93
N ALA D 16 27.70 17.57 -62.78
CA ALA D 16 26.46 16.80 -62.72
C ALA D 16 26.28 16.13 -61.36
N SER D 17 27.33 15.48 -60.87
CA SER D 17 27.23 14.77 -59.60
C SER D 17 27.07 15.72 -58.43
N SER D 18 27.60 16.94 -58.54
CA SER D 18 27.37 17.94 -57.51
C SER D 18 25.93 18.43 -57.55
N ASN D 19 25.35 18.51 -58.75
CA ASN D 19 23.93 18.82 -58.84
C ASN D 19 23.09 17.76 -58.13
N ASP D 20 23.39 16.48 -58.40
CA ASP D 20 22.67 15.41 -57.70
C ASP D 20 22.94 15.46 -56.19
N LEU D 21 24.17 15.83 -55.80
CA LEU D 21 24.48 15.92 -54.39
C LEU D 21 23.67 17.03 -53.72
N ASN D 22 23.54 18.17 -54.38
CA ASN D 22 22.76 19.26 -53.83
C ASN D 22 21.29 18.89 -53.73
N THR D 23 20.74 18.25 -54.75
CA THR D 23 19.32 17.89 -54.69
C THR D 23 19.07 16.83 -53.62
N SER D 24 19.98 15.87 -53.47
CA SER D 24 19.82 14.87 -52.43
C SER D 24 20.00 15.49 -51.04
N LEU D 25 20.89 16.48 -50.95
CA LEU D 25 21.09 17.19 -49.68
C LEU D 25 19.83 17.91 -49.27
N GLN D 26 19.18 18.60 -50.22
CA GLN D 26 17.92 19.26 -49.95
C GLN D 26 16.85 18.27 -49.56
N ARG D 27 16.78 17.14 -50.28
CA ARG D 27 15.80 16.10 -49.97
C ARG D 27 16.00 15.57 -48.55
N LEU D 28 17.26 15.44 -48.14
CA LEU D 28 17.55 14.89 -46.81
C LEU D 28 17.24 15.89 -45.71
N THR D 29 17.56 17.17 -45.93
CA THR D 29 17.31 18.15 -44.88
C THR D 29 15.83 18.52 -44.78
N THR D 30 15.09 18.40 -45.88
CA THR D 30 13.67 18.71 -45.86
C THR D 30 12.80 17.52 -45.51
N GLY D 31 13.27 16.31 -45.78
CA GLY D 31 12.49 15.12 -45.57
C GLY D 31 11.53 14.77 -46.68
N TYR D 32 11.64 15.42 -47.83
CA TYR D 32 10.75 15.20 -48.96
C TYR D 32 11.57 14.70 -50.15
N ARG D 33 11.25 13.49 -50.63
CA ARG D 33 11.93 12.97 -51.81
C ARG D 33 11.70 13.87 -53.02
N ILE D 34 10.43 14.16 -53.32
CA ILE D 34 10.14 15.22 -54.26
C ILE D 34 10.21 16.54 -53.51
N ASN D 35 11.08 17.44 -53.97
CA ASN D 35 11.26 18.70 -53.28
C ASN D 35 9.99 19.56 -53.43
N SER D 36 9.84 20.51 -52.51
CA SER D 36 8.82 21.54 -52.68
C SER D 36 9.02 22.33 -53.95
N ALA D 37 10.17 22.18 -54.61
CA ALA D 37 10.47 22.82 -55.87
C ALA D 37 9.81 22.05 -57.01
N LYS D 38 10.28 22.35 -58.23
CA LYS D 38 9.64 21.88 -59.46
C LYS D 38 9.53 20.36 -59.53
N ASP D 39 10.41 19.64 -58.85
CA ASP D 39 10.60 18.21 -59.12
C ASP D 39 9.29 17.43 -59.00
N ASP D 40 9.01 16.62 -60.02
CA ASP D 40 7.83 15.74 -60.07
C ASP D 40 6.54 16.55 -59.91
N ALA D 41 6.29 17.39 -60.93
CA ALA D 41 5.13 18.27 -60.92
C ALA D 41 3.83 17.51 -60.74
N ALA D 42 3.73 16.29 -61.27
CA ALA D 42 2.55 15.48 -61.03
C ALA D 42 2.44 15.10 -59.56
N GLY D 43 3.53 14.57 -58.99
CA GLY D 43 3.57 14.32 -57.57
C GLY D 43 3.40 15.60 -56.76
N LEU D 44 3.85 16.72 -57.31
CA LEU D 44 3.67 18.00 -56.63
C LEU D 44 2.20 18.36 -56.52
N GLN D 45 1.45 18.21 -57.62
CA GLN D 45 0.01 18.44 -57.58
C GLN D 45 -0.67 17.47 -56.62
N ILE D 46 -0.27 16.20 -56.67
CA ILE D 46 -0.86 15.20 -55.77
C ILE D 46 -0.64 15.60 -54.33
N SER D 47 0.57 16.04 -53.99
CA SER D 47 0.88 16.41 -52.62
C SER D 47 0.15 17.68 -52.21
N ASN D 48 0.04 18.65 -53.11
CA ASN D 48 -0.68 19.89 -52.79
C ASN D 48 -2.14 19.60 -52.50
N ARG D 49 -2.78 18.78 -53.34
CA ARG D 49 -4.18 18.43 -53.12
C ARG D 49 -4.35 17.59 -51.87
N LEU D 50 -3.39 16.71 -51.59
CA LEU D 50 -3.45 15.93 -50.36
C LEU D 50 -3.35 16.82 -49.12
N SER D 51 -2.48 17.83 -49.17
CA SER D 51 -2.37 18.75 -48.04
C SER D 51 -3.63 19.59 -47.89
N ASN D 52 -4.20 20.03 -49.01
CA ASN D 52 -5.50 20.70 -48.98
C ASN D 52 -6.52 19.85 -48.25
N GLN D 53 -6.63 18.59 -48.65
CA GLN D 53 -7.62 17.70 -48.05
C GLN D 53 -7.33 17.46 -46.56
N ILE D 54 -6.05 17.27 -46.21
CA ILE D 54 -5.69 17.02 -44.82
C ILE D 54 -6.10 18.19 -43.94
N SER D 55 -5.70 19.40 -44.33
CA SER D 55 -6.01 20.58 -43.52
C SER D 55 -7.50 20.84 -43.48
N GLY D 56 -8.21 20.59 -44.60
CA GLY D 56 -9.64 20.75 -44.60
C GLY D 56 -10.34 19.80 -43.65
N LEU D 57 -9.93 18.53 -43.67
CA LEU D 57 -10.49 17.56 -42.74
C LEU D 57 -10.16 17.90 -41.30
N ASN D 58 -8.98 18.46 -41.04
CA ASN D 58 -8.64 18.84 -39.66
C ASN D 58 -9.51 20.00 -39.17
N VAL D 59 -9.65 21.05 -39.98
CA VAL D 59 -10.48 22.17 -39.56
C VAL D 59 -11.94 21.75 -39.48
N ALA D 60 -12.36 20.80 -40.32
CA ALA D 60 -13.72 20.29 -40.22
C ALA D 60 -13.92 19.48 -38.94
N THR D 61 -12.89 18.74 -38.51
CA THR D 61 -12.96 18.04 -37.24
C THR D 61 -13.09 19.04 -36.09
N ARG D 62 -12.34 20.14 -36.16
CA ARG D 62 -12.46 21.16 -35.12
C ARG D 62 -13.86 21.77 -35.10
N ASN D 63 -14.40 22.09 -36.27
CA ASN D 63 -15.75 22.64 -36.34
C ASN D 63 -16.78 21.64 -35.83
N ALA D 64 -16.58 20.35 -36.11
CA ALA D 64 -17.50 19.33 -35.64
C ALA D 64 -17.44 19.18 -34.13
N ASN D 65 -16.25 19.32 -33.54
CA ASN D 65 -16.14 19.29 -32.09
C ASN D 65 -16.85 20.49 -31.47
N ASP D 66 -16.68 21.67 -32.08
CA ASP D 66 -17.40 22.85 -31.60
C ASP D 66 -18.91 22.64 -31.68
N GLY D 67 -19.38 22.02 -32.76
CA GLY D 67 -20.80 21.74 -32.89
C GLY D 67 -21.28 20.72 -31.87
N ILE D 68 -20.44 19.72 -31.58
CA ILE D 68 -20.77 18.76 -30.52
C ILE D 68 -20.95 19.47 -29.19
N SER D 69 -20.05 20.40 -28.88
CA SER D 69 -20.17 21.15 -27.63
C SER D 69 -21.44 22.00 -27.62
N LEU D 70 -21.75 22.64 -28.74
CA LEU D 70 -22.96 23.46 -28.83
C LEU D 70 -24.21 22.62 -28.60
N ALA D 71 -24.32 21.49 -29.30
CA ALA D 71 -25.47 20.62 -29.14
C ALA D 71 -25.51 19.98 -27.75
N GLN D 72 -24.36 19.81 -27.10
CA GLN D 72 -24.35 19.28 -25.74
C GLN D 72 -24.92 20.30 -24.76
N THR D 73 -24.52 21.56 -24.91
CA THR D 73 -25.14 22.62 -24.12
C THR D 73 -26.64 22.69 -24.39
N ALA D 74 -27.03 22.53 -25.66
CA ALA D 74 -28.45 22.49 -25.99
C ALA D 74 -29.17 21.38 -25.23
N GLU D 75 -28.59 20.17 -25.23
CA GLU D 75 -29.23 19.05 -24.55
C GLU D 75 -29.28 19.28 -23.04
N GLY D 76 -28.28 19.96 -22.49
CA GLY D 76 -28.32 20.31 -21.09
C GLY D 76 -29.48 21.24 -20.76
N ALA D 77 -29.63 22.31 -21.54
CA ALA D 77 -30.77 23.20 -21.34
C ALA D 77 -32.09 22.46 -21.52
N LEU D 78 -32.15 21.54 -22.49
CA LEU D 78 -33.36 20.76 -22.70
C LEU D 78 -33.68 19.89 -21.50
N GLN D 79 -32.67 19.24 -20.92
CA GLN D 79 -32.88 18.44 -19.71
C GLN D 79 -33.36 19.31 -18.55
N GLN D 80 -32.82 20.52 -18.44
CA GLN D 80 -33.32 21.45 -17.44
C GLN D 80 -34.80 21.73 -17.65
N SER D 81 -35.21 21.93 -18.90
CA SER D 81 -36.64 22.16 -19.18
C SER D 81 -37.46 20.92 -18.84
N THR D 82 -36.92 19.73 -19.09
CA THR D 82 -37.63 18.50 -18.73
C THR D 82 -37.86 18.40 -17.24
N ASN D 83 -36.83 18.64 -16.43
CA ASN D 83 -37.03 18.55 -14.98
C ASN D 83 -37.97 19.63 -14.49
N ILE D 84 -37.93 20.81 -15.10
CA ILE D 84 -38.86 21.86 -14.72
C ILE D 84 -40.30 21.46 -15.05
N LEU D 85 -40.51 20.83 -16.21
CA LEU D 85 -41.85 20.35 -16.56
C LEU D 85 -42.29 19.23 -15.61
N GLN D 86 -41.34 18.39 -15.18
CA GLN D 86 -41.66 17.38 -14.19
C GLN D 86 -42.16 18.02 -12.89
N ARG D 87 -41.42 19.02 -12.39
CA ARG D 87 -41.86 19.73 -11.21
C ARG D 87 -43.20 20.41 -11.42
N ILE D 88 -43.46 20.90 -12.64
CA ILE D 88 -44.76 21.49 -12.95
C ILE D 88 -45.85 20.45 -12.83
N ARG D 89 -45.59 19.23 -13.31
CA ARG D 89 -46.59 18.17 -13.16
C ARG D 89 -46.82 17.83 -11.69
N ASP D 90 -45.74 17.76 -10.90
CA ASP D 90 -45.92 17.55 -9.46
C ASP D 90 -46.83 18.62 -8.87
N LEU D 91 -46.55 19.89 -9.16
CA LEU D 91 -47.32 20.98 -8.58
C LEU D 91 -48.76 20.95 -9.07
N ALA D 92 -48.97 20.54 -10.33
CA ALA D 92 -50.33 20.55 -10.89
C ALA D 92 -51.16 19.42 -10.32
N LEU D 93 -50.58 18.23 -10.21
CA LEU D 93 -51.33 17.11 -9.65
C LEU D 93 -51.51 17.25 -8.15
N GLN D 94 -50.61 17.98 -7.47
CA GLN D 94 -50.86 18.35 -6.09
C GLN D 94 -51.93 19.42 -6.00
N SER D 95 -52.07 20.24 -7.05
CA SER D 95 -53.10 21.26 -7.13
C SER D 95 -54.49 20.66 -7.25
N ALA D 96 -54.62 19.35 -7.41
CA ALA D 96 -55.92 18.72 -7.27
C ALA D 96 -56.52 18.99 -5.91
N ASN D 97 -55.71 18.89 -4.85
CA ASN D 97 -56.02 19.37 -3.50
C ASN D 97 -57.39 18.92 -3.01
N GLY D 98 -57.93 17.84 -3.56
CA GLY D 98 -59.29 17.44 -3.27
C GLY D 98 -60.32 18.38 -3.86
N SER D 99 -59.84 19.38 -4.59
CA SER D 99 -60.63 20.38 -5.33
C SER D 99 -61.31 21.37 -4.41
N ASN D 100 -61.29 21.11 -3.09
CA ASN D 100 -61.77 22.11 -2.15
C ASN D 100 -60.99 22.16 -0.85
N SER D 101 -59.95 21.35 -0.66
CA SER D 101 -59.37 21.20 0.67
C SER D 101 -58.29 22.24 0.95
N ASP D 102 -57.57 22.68 -0.07
CA ASP D 102 -56.46 23.61 0.10
C ASP D 102 -56.87 24.99 -0.44
N ALA D 103 -57.19 25.90 0.47
CA ALA D 103 -57.44 27.28 0.08
C ALA D 103 -56.15 28.02 -0.28
N ASP D 104 -55.02 27.31 -0.33
CA ASP D 104 -53.73 27.87 -0.69
C ASP D 104 -53.53 27.91 -2.20
N ARG D 105 -54.63 27.91 -2.96
CA ARG D 105 -54.55 27.91 -4.41
C ARG D 105 -53.91 29.17 -4.97
N ALA D 106 -54.08 30.31 -4.30
CA ALA D 106 -53.43 31.54 -4.76
C ALA D 106 -51.91 31.42 -4.71
N ALA D 107 -51.39 30.96 -3.57
CA ALA D 107 -49.94 30.79 -3.45
C ALA D 107 -49.46 29.64 -4.33
N LEU D 108 -50.32 28.66 -4.60
CA LEU D 108 -49.95 27.59 -5.52
C LEU D 108 -49.81 28.12 -6.95
N GLN D 109 -50.72 29.00 -7.36
CA GLN D 109 -50.60 29.65 -8.65
C GLN D 109 -49.36 30.54 -8.69
N LYS D 110 -49.04 31.19 -7.57
CA LYS D 110 -47.81 31.95 -7.49
C LYS D 110 -46.59 31.05 -7.70
N GLU D 111 -46.61 29.86 -7.08
CA GLU D 111 -45.53 28.90 -7.25
C GLU D 111 -45.37 28.49 -8.71
N VAL D 112 -46.49 28.14 -9.35
CA VAL D 112 -46.40 27.67 -10.73
C VAL D 112 -46.03 28.82 -11.67
N ALA D 113 -46.41 30.05 -11.34
CA ALA D 113 -46.00 31.19 -12.16
C ALA D 113 -44.51 31.45 -12.01
N ALA D 114 -43.98 31.32 -10.80
CA ALA D 114 -42.54 31.42 -10.60
C ALA D 114 -41.80 30.33 -11.37
N GLN D 115 -42.33 29.11 -11.36
CA GLN D 115 -41.71 28.04 -12.12
C GLN D 115 -41.76 28.30 -13.62
N GLN D 116 -42.88 28.85 -14.11
CA GLN D 116 -42.98 29.19 -15.52
C GLN D 116 -41.99 30.28 -15.90
N ALA D 117 -41.84 31.29 -15.06
CA ALA D 117 -40.86 32.34 -15.33
C ALA D 117 -39.44 31.78 -15.29
N GLU D 118 -39.18 30.82 -14.41
CA GLU D 118 -37.86 30.21 -14.34
C GLU D 118 -37.57 29.40 -15.59
N LEU D 119 -38.59 28.71 -16.11
CA LEU D 119 -38.44 28.00 -17.37
C LEU D 119 -38.20 28.98 -18.52
N THR D 120 -38.92 30.09 -18.54
CA THR D 120 -38.69 31.11 -19.57
C THR D 120 -37.28 31.67 -19.46
N ARG D 121 -36.75 31.77 -18.25
CA ARG D 121 -35.35 32.18 -18.09
C ARG D 121 -34.39 31.11 -18.57
N ILE D 122 -34.74 29.83 -18.38
CA ILE D 122 -33.95 28.75 -18.97
C ILE D 122 -33.90 28.89 -20.49
N SER D 123 -35.02 29.30 -21.09
CA SER D 123 -35.02 29.59 -22.52
C SER D 123 -33.93 30.61 -22.86
N ASP D 124 -33.87 31.71 -22.10
CA ASP D 124 -32.80 32.68 -22.27
C ASP D 124 -31.56 32.20 -21.52
N THR D 125 -30.58 33.09 -21.35
CA THR D 125 -29.36 32.83 -20.59
C THR D 125 -28.58 31.62 -21.11
N THR D 126 -28.83 31.20 -22.34
CA THR D 126 -28.09 30.12 -22.98
C THR D 126 -27.24 30.67 -24.12
N THR D 127 -26.68 31.86 -23.93
CA THR D 127 -25.93 32.58 -24.96
C THR D 127 -24.56 31.95 -25.17
N PHE D 128 -24.54 30.88 -25.97
CA PHE D 128 -23.28 30.27 -26.36
C PHE D 128 -22.60 31.15 -27.39
N GLY D 129 -22.08 32.29 -26.94
CA GLY D 129 -21.51 33.28 -27.82
C GLY D 129 -22.34 34.53 -28.04
N GLY D 130 -23.23 34.85 -27.10
CA GLY D 130 -24.09 36.02 -27.26
C GLY D 130 -25.13 35.84 -28.34
N ARG D 131 -25.49 34.57 -28.59
CA ARG D 131 -26.36 34.18 -29.70
C ARG D 131 -27.41 33.20 -29.19
N LYS D 132 -28.10 33.57 -28.11
CA LYS D 132 -28.87 32.67 -27.26
C LYS D 132 -29.53 31.54 -28.06
N LEU D 133 -29.26 30.30 -27.65
CA LEU D 133 -29.28 29.18 -28.59
C LEU D 133 -30.70 28.69 -28.85
N LEU D 134 -31.35 28.15 -27.82
CA LEU D 134 -32.60 27.44 -28.04
C LEU D 134 -33.83 28.33 -28.05
N ASP D 135 -33.73 29.55 -27.55
CA ASP D 135 -34.87 30.47 -27.56
C ASP D 135 -34.68 31.55 -28.60
N GLY D 136 -35.62 32.50 -28.62
CA GLY D 136 -35.52 33.62 -29.53
C GLY D 136 -35.63 33.16 -30.96
N SER D 137 -34.72 33.65 -31.80
CA SER D 137 -34.69 33.32 -33.22
C SER D 137 -33.39 32.58 -33.52
N PHE D 138 -33.45 31.25 -33.47
CA PHE D 138 -32.32 30.41 -33.83
C PHE D 138 -32.25 30.31 -35.35
N GLY D 139 -31.08 30.60 -35.91
CA GLY D 139 -30.92 30.70 -37.34
C GLY D 139 -31.10 29.40 -38.10
N THR D 140 -31.28 28.28 -37.40
CA THR D 140 -31.40 26.97 -38.03
C THR D 140 -30.20 26.72 -38.96
N THR D 141 -29.03 26.74 -38.34
CA THR D 141 -27.76 26.75 -39.08
C THR D 141 -27.38 25.33 -39.50
N SER D 142 -26.18 25.19 -40.08
CA SER D 142 -25.71 23.90 -40.59
C SER D 142 -24.19 23.88 -40.44
N PHE D 143 -23.70 22.95 -39.62
CA PHE D 143 -22.26 22.86 -39.37
C PHE D 143 -21.58 22.12 -40.52
N GLN D 144 -20.63 22.79 -41.16
CA GLN D 144 -19.90 22.16 -42.26
C GLN D 144 -18.81 21.23 -41.73
N VAL D 145 -18.89 19.96 -42.11
CA VAL D 145 -17.96 18.95 -41.62
C VAL D 145 -17.17 18.29 -42.75
N GLY D 146 -17.44 18.63 -44.01
CA GLY D 146 -16.71 18.06 -45.12
C GLY D 146 -15.77 19.08 -45.75
N SER D 147 -14.86 18.57 -46.57
CA SER D 147 -13.87 19.39 -47.24
C SER D 147 -14.41 20.00 -48.54
N ASN D 148 -15.71 19.93 -48.78
CA ASN D 148 -16.32 20.47 -49.99
C ASN D 148 -17.45 21.41 -49.61
N ALA D 149 -17.72 22.36 -50.50
CA ALA D 149 -18.76 23.36 -50.25
C ALA D 149 -20.14 22.73 -50.27
N TYR D 150 -21.04 23.27 -49.46
CA TYR D 150 -22.44 22.86 -49.39
C TYR D 150 -22.59 21.42 -48.91
N GLU D 151 -21.49 20.79 -48.51
CA GLU D 151 -21.55 19.47 -47.90
C GLU D 151 -21.56 19.63 -46.38
N THR D 152 -22.75 19.80 -45.80
CA THR D 152 -22.89 20.20 -44.41
C THR D 152 -23.88 19.29 -43.70
N ILE D 153 -24.08 19.58 -42.42
CA ILE D 153 -24.99 18.83 -41.55
C ILE D 153 -26.07 19.79 -41.06
N ASP D 154 -27.31 19.53 -41.43
CA ASP D 154 -28.41 20.40 -41.06
C ASP D 154 -28.90 20.08 -39.65
N ILE D 155 -29.33 21.12 -38.94
CA ILE D 155 -29.88 20.99 -37.61
C ILE D 155 -31.21 21.76 -37.58
N SER D 156 -32.19 21.21 -36.87
CA SER D 156 -33.53 21.77 -36.81
C SER D 156 -33.93 22.01 -35.35
N LEU D 157 -33.04 22.65 -34.60
CA LEU D 157 -33.27 22.97 -33.20
C LEU D 157 -34.56 23.74 -33.00
N GLN D 158 -35.26 23.47 -31.91
CA GLN D 158 -36.56 24.10 -31.65
C GLN D 158 -36.41 25.61 -31.58
N ASN D 159 -37.48 26.32 -31.96
CA ASN D 159 -37.45 27.77 -31.95
C ASN D 159 -37.32 28.32 -30.54
N ALA D 160 -38.04 27.73 -29.59
CA ALA D 160 -38.00 28.16 -28.20
C ALA D 160 -38.69 27.15 -27.31
N SER D 161 -38.31 27.15 -26.03
CA SER D 161 -39.05 26.44 -25.00
C SER D 161 -40.10 27.33 -24.36
N ALA D 162 -40.63 28.31 -25.09
CA ALA D 162 -41.50 29.35 -24.59
C ALA D 162 -42.97 28.98 -24.71
N SER D 163 -43.82 30.00 -24.68
CA SER D 163 -45.28 29.87 -24.75
C SER D 163 -45.72 29.33 -26.11
N ALA D 164 -46.99 29.56 -26.43
CA ALA D 164 -47.77 28.95 -27.54
C ALA D 164 -46.93 28.90 -28.83
N ILE D 165 -45.74 29.52 -28.87
CA ILE D 165 -44.86 29.57 -30.02
C ILE D 165 -44.37 28.16 -30.38
N GLY D 166 -45.02 27.13 -29.82
CA GLY D 166 -44.49 25.78 -29.89
C GLY D 166 -44.70 24.92 -28.66
N SER D 167 -45.74 25.24 -27.90
CA SER D 167 -46.28 24.30 -26.93
C SER D 167 -47.41 23.51 -27.59
N TYR D 168 -48.15 22.70 -26.83
CA TYR D 168 -49.03 21.70 -27.43
C TYR D 168 -50.23 22.43 -28.01
N GLN D 169 -50.59 22.10 -29.26
CA GLN D 169 -51.71 22.75 -29.91
C GLN D 169 -53.03 22.24 -29.35
N VAL D 170 -54.07 23.09 -29.45
CA VAL D 170 -55.35 22.82 -28.81
C VAL D 170 -56.47 22.93 -29.83
N GLY D 171 -57.30 21.89 -29.91
CA GLY D 171 -58.54 21.97 -30.64
C GLY D 171 -59.73 21.89 -29.70
N SER D 172 -60.42 23.02 -29.51
CA SER D 172 -61.46 23.12 -28.48
C SER D 172 -62.76 23.60 -29.11
N ASN D 173 -63.83 23.53 -28.31
CA ASN D 173 -65.17 23.88 -28.81
C ASN D 173 -65.30 25.36 -29.09
N GLY D 174 -65.17 26.20 -28.06
CA GLY D 174 -65.33 27.63 -28.25
C GLY D 174 -64.05 28.31 -28.72
N ALA D 175 -63.18 27.55 -29.39
CA ALA D 175 -61.88 28.04 -29.82
C ALA D 175 -61.95 29.35 -30.60
N GLY D 176 -62.64 29.35 -31.74
CA GLY D 176 -62.63 30.53 -32.58
C GLY D 176 -63.51 31.67 -32.10
N THR D 177 -64.83 31.51 -32.19
CA THR D 177 -65.74 32.52 -31.69
C THR D 177 -66.68 31.93 -30.64
N VAL D 178 -67.38 30.86 -31.01
CA VAL D 178 -68.39 30.25 -30.16
C VAL D 178 -68.63 28.83 -30.66
N ALA D 179 -69.15 27.97 -29.80
CA ALA D 179 -69.34 26.56 -30.13
C ALA D 179 -70.79 26.31 -30.49
N SER D 180 -71.01 25.40 -31.44
CA SER D 180 -72.35 24.94 -31.78
C SER D 180 -72.80 23.88 -30.78
N VAL D 181 -73.81 23.11 -31.20
CA VAL D 181 -74.53 22.14 -30.36
C VAL D 181 -73.58 21.41 -29.41
N ALA D 182 -72.43 20.97 -29.91
CA ALA D 182 -71.43 20.36 -29.05
C ALA D 182 -70.96 21.34 -27.98
N GLY D 183 -71.30 21.06 -26.72
CA GLY D 183 -70.93 21.93 -25.63
C GLY D 183 -71.91 23.05 -25.35
N THR D 184 -73.19 22.82 -25.66
CA THR D 184 -74.25 23.77 -25.36
C THR D 184 -75.59 23.07 -25.50
N ALA D 185 -76.63 23.70 -25.01
CA ALA D 185 -77.97 23.15 -25.10
C ALA D 185 -78.58 23.43 -26.46
N THR D 186 -79.50 22.56 -26.88
CA THR D 186 -80.13 22.68 -28.19
C THR D 186 -81.38 21.82 -28.21
N ALA D 187 -82.21 22.03 -29.24
CA ALA D 187 -83.43 21.27 -29.41
C ALA D 187 -83.19 19.98 -30.19
N SER D 188 -82.66 20.10 -31.40
CA SER D 188 -82.48 18.94 -32.26
C SER D 188 -81.35 18.04 -31.77
N GLY D 189 -80.16 18.60 -31.58
CA GLY D 189 -79.03 17.83 -31.15
C GLY D 189 -77.96 17.71 -32.22
N ILE D 190 -77.00 16.82 -31.96
CA ILE D 190 -75.92 16.54 -32.89
C ILE D 190 -76.50 15.98 -34.19
N ALA D 191 -76.24 16.66 -35.30
CA ALA D 191 -76.72 16.24 -36.60
C ALA D 191 -75.64 15.40 -37.30
N SER D 192 -75.89 15.11 -38.58
CA SER D 192 -74.93 14.35 -39.38
C SER D 192 -73.70 15.19 -39.67
N GLY D 193 -72.71 14.58 -40.32
CA GLY D 193 -71.48 15.26 -40.67
C GLY D 193 -70.35 14.29 -40.94
N THR D 194 -69.37 14.79 -41.69
CA THR D 194 -68.21 14.03 -42.11
C THR D 194 -66.94 14.84 -41.80
N VAL D 195 -66.85 15.34 -40.57
CA VAL D 195 -65.77 16.20 -40.11
C VAL D 195 -64.40 15.66 -40.52
N ASN D 196 -63.57 16.52 -41.09
CA ASN D 196 -62.27 16.11 -41.58
C ASN D 196 -61.20 16.29 -40.51
N LEU D 197 -60.24 15.36 -40.49
CA LEU D 197 -59.10 15.42 -39.59
C LEU D 197 -57.82 15.40 -40.40
N VAL D 198 -56.89 16.29 -40.06
CA VAL D 198 -55.66 16.47 -40.81
C VAL D 198 -54.47 16.33 -39.87
N GLY D 199 -53.43 15.64 -40.33
CA GLY D 199 -52.20 15.49 -39.56
C GLY D 199 -51.40 14.26 -39.94
N GLY D 200 -50.09 14.43 -40.07
CA GLY D 200 -49.20 13.37 -40.46
C GLY D 200 -49.58 12.66 -41.74
N GLY D 201 -50.22 13.38 -42.66
CA GLY D 201 -50.71 12.79 -43.90
C GLY D 201 -51.62 11.60 -43.67
N GLN D 202 -52.54 11.72 -42.71
CA GLN D 202 -53.42 10.61 -42.35
C GLN D 202 -54.87 11.07 -42.26
N VAL D 203 -55.37 11.72 -43.31
CA VAL D 203 -56.76 12.20 -43.35
C VAL D 203 -57.71 11.04 -43.10
N LYS D 204 -58.69 11.26 -42.22
CA LYS D 204 -59.65 10.21 -41.87
C LYS D 204 -60.99 10.90 -41.61
N ASN D 205 -61.94 10.71 -42.52
CA ASN D 205 -63.26 11.33 -42.42
C ASN D 205 -64.08 10.58 -41.37
N ILE D 206 -64.14 11.15 -40.16
CA ILE D 206 -64.96 10.55 -39.11
C ILE D 206 -66.43 10.77 -39.43
N ALA D 207 -67.23 9.70 -39.32
CA ALA D 207 -68.66 9.75 -39.59
C ALA D 207 -69.38 10.02 -38.28
N ILE D 208 -70.11 11.14 -38.23
CA ILE D 208 -70.86 11.54 -37.05
C ILE D 208 -72.34 11.49 -37.43
N ALA D 209 -73.07 10.54 -36.86
CA ALA D 209 -74.49 10.40 -37.17
C ALA D 209 -75.28 11.51 -36.49
N ALA D 210 -76.58 11.56 -36.83
CA ALA D 210 -77.48 12.56 -36.28
C ALA D 210 -78.11 12.02 -35.01
N GLY D 211 -77.58 12.42 -33.85
CA GLY D 211 -78.15 12.02 -32.59
C GLY D 211 -77.17 11.48 -31.57
N ASP D 212 -76.00 11.03 -32.04
CA ASP D 212 -75.01 10.42 -31.15
C ASP D 212 -74.54 11.39 -30.07
N SER D 213 -74.26 10.86 -28.89
CA SER D 213 -73.80 11.69 -27.78
C SER D 213 -72.35 12.09 -27.97
N ALA D 214 -71.87 12.97 -27.08
CA ALA D 214 -70.50 13.43 -27.11
C ALA D 214 -69.53 12.28 -26.87
N LYS D 215 -69.93 11.32 -26.02
CA LYS D 215 -69.10 10.16 -25.74
C LYS D 215 -68.85 9.33 -27.00
N ALA D 216 -69.90 9.14 -27.79
CA ALA D 216 -69.78 8.39 -29.04
C ALA D 216 -68.86 9.10 -30.02
N ILE D 217 -69.04 10.42 -30.15
CA ILE D 217 -68.19 11.24 -31.02
C ILE D 217 -66.75 11.09 -30.60
N ALA D 218 -66.50 11.16 -29.29
CA ALA D 218 -65.16 10.99 -28.73
C ALA D 218 -64.58 9.65 -29.14
N GLU D 219 -65.27 8.57 -28.75
CA GLU D 219 -64.83 7.21 -29.07
C GLU D 219 -64.52 7.05 -30.56
N LYS D 220 -65.32 7.70 -31.41
CA LYS D 220 -65.10 7.63 -32.84
C LYS D 220 -63.80 8.34 -33.25
N MET D 221 -63.63 9.59 -32.81
CA MET D 221 -62.53 10.39 -33.35
C MET D 221 -61.18 9.96 -32.78
N ASP D 222 -61.16 9.12 -31.74
CA ASP D 222 -59.91 8.53 -31.28
C ASP D 222 -59.38 7.55 -32.32
N GLY D 223 -58.14 7.09 -32.11
CA GLY D 223 -57.58 6.06 -32.95
C GLY D 223 -56.75 6.53 -34.11
N ALA D 224 -57.37 6.60 -35.30
CA ALA D 224 -56.71 6.81 -36.58
C ALA D 224 -55.56 7.82 -36.54
N ILE D 225 -55.82 9.02 -36.02
CA ILE D 225 -54.79 10.05 -35.97
C ILE D 225 -53.77 9.68 -34.92
N PRO D 226 -52.49 9.56 -35.27
CA PRO D 226 -51.46 9.20 -34.28
C PRO D 226 -51.38 10.20 -33.14
N ASN D 227 -50.99 9.71 -31.95
CA ASN D 227 -50.82 10.48 -30.72
C ASN D 227 -51.88 11.56 -30.52
N LEU D 228 -53.14 11.22 -30.74
CA LEU D 228 -54.25 12.13 -30.47
C LEU D 228 -55.23 11.45 -29.53
N SER D 229 -55.69 12.17 -28.51
CA SER D 229 -56.67 11.67 -27.57
C SER D 229 -57.84 12.64 -27.49
N ALA D 230 -58.96 12.16 -26.96
CA ALA D 230 -60.17 12.97 -26.88
C ALA D 230 -60.99 12.50 -25.71
N ARG D 231 -61.15 13.37 -24.71
CA ARG D 231 -62.00 13.07 -23.58
C ARG D 231 -63.36 13.76 -23.74
N ALA D 232 -64.35 13.27 -23.00
CA ALA D 232 -65.69 13.83 -23.02
C ALA D 232 -66.11 14.22 -21.61
N ARG D 233 -66.92 15.28 -21.52
CA ARG D 233 -67.32 15.81 -20.21
C ARG D 233 -68.57 16.66 -20.40
N THR D 234 -69.58 16.41 -19.58
CA THR D 234 -70.82 17.18 -19.60
C THR D 234 -71.04 17.77 -18.21
N VAL D 235 -70.71 19.05 -18.07
CA VAL D 235 -70.92 19.81 -16.84
C VAL D 235 -72.00 20.83 -17.10
N PHE D 236 -73.16 20.66 -16.46
CA PHE D 236 -74.29 21.55 -16.64
C PHE D 236 -74.92 21.85 -15.28
N THR D 237 -75.27 23.11 -15.06
CA THR D 237 -75.95 23.52 -13.84
C THR D 237 -77.45 23.62 -14.09
N ALA D 238 -78.18 23.92 -13.01
CA ALA D 238 -79.63 24.07 -13.09
C ALA D 238 -80.09 24.96 -11.95
N ASP D 239 -81.20 25.66 -12.20
CA ASP D 239 -81.77 26.56 -11.20
CA ASP D 239 -81.78 26.55 -11.19
C ASP D 239 -83.27 26.70 -11.41
N VAL D 240 -84.07 26.09 -10.54
CA VAL D 240 -85.52 26.13 -10.65
C VAL D 240 -86.01 27.53 -10.29
N SER D 241 -86.84 28.11 -11.16
CA SER D 241 -87.43 29.41 -10.89
C SER D 241 -88.72 29.25 -10.10
N GLY D 242 -89.49 30.33 -9.98
CA GLY D 242 -90.75 30.29 -9.26
C GLY D 242 -91.73 29.26 -9.80
N VAL D 243 -92.56 28.70 -8.92
CA VAL D 243 -93.51 27.67 -9.30
C VAL D 243 -94.92 28.15 -8.99
N THR D 244 -95.63 28.62 -10.01
CA THR D 244 -96.97 29.14 -9.83
C THR D 244 -97.99 28.01 -9.77
N GLY D 245 -98.48 27.70 -8.57
CA GLY D 245 -99.51 26.71 -8.37
C GLY D 245 -99.21 25.33 -8.92
N GLY D 246 -98.24 24.66 -8.32
CA GLY D 246 -97.89 23.30 -8.70
C GLY D 246 -96.40 23.10 -8.76
N SER D 247 -96.00 21.93 -9.27
CA SER D 247 -94.61 21.55 -9.41
C SER D 247 -94.33 21.15 -10.86
N LEU D 248 -93.05 20.92 -11.15
CA LEU D 248 -92.63 20.53 -12.49
C LEU D 248 -92.46 19.02 -12.53
N ASN D 249 -93.53 18.35 -12.94
CA ASN D 249 -93.52 16.89 -13.07
C ASN D 249 -93.05 16.53 -14.47
N PHE D 250 -91.73 16.53 -14.66
CA PHE D 250 -91.16 16.22 -15.95
C PHE D 250 -90.21 15.03 -15.86
N ASP D 251 -89.62 14.64 -16.98
CA ASP D 251 -88.71 13.51 -17.03
C ASP D 251 -87.33 13.96 -17.51
N VAL D 252 -86.35 13.08 -17.34
CA VAL D 252 -84.97 13.35 -17.73
C VAL D 252 -84.41 12.09 -18.37
N THR D 253 -84.05 12.19 -19.66
CA THR D 253 -83.51 11.05 -20.39
C THR D 253 -81.98 11.08 -20.28
N VAL D 254 -81.45 10.29 -19.35
CA VAL D 254 -80.00 10.19 -19.17
C VAL D 254 -79.43 9.08 -20.05
N GLY D 255 -79.18 9.40 -21.31
CA GLY D 255 -78.64 8.38 -22.21
C GLY D 255 -79.68 7.33 -22.53
N SER D 256 -79.32 6.07 -22.28
CA SER D 256 -80.20 4.94 -22.57
C SER D 256 -81.46 5.00 -21.71
N ASN D 257 -81.30 4.91 -20.39
CA ASN D 257 -82.46 4.95 -19.50
C ASN D 257 -82.95 6.39 -19.32
N THR D 258 -84.17 6.50 -18.79
CA THR D 258 -84.82 7.79 -18.61
C THR D 258 -85.32 7.90 -17.18
N VAL D 259 -85.06 9.04 -16.55
CA VAL D 259 -85.50 9.30 -15.19
C VAL D 259 -86.99 9.65 -15.20
N SER D 260 -87.70 9.27 -14.14
CA SER D 260 -89.11 9.57 -14.03
C SER D 260 -89.38 10.37 -12.76
N LEU D 261 -88.54 11.37 -12.49
CA LEU D 261 -88.68 12.21 -11.31
C LEU D 261 -89.97 13.03 -11.35
N ALA D 262 -90.34 13.61 -10.22
CA ALA D 262 -91.55 14.42 -10.14
C ALA D 262 -91.42 15.35 -8.93
N GLY D 263 -92.34 16.30 -8.81
CA GLY D 263 -92.36 17.22 -7.69
C GLY D 263 -91.13 18.10 -7.58
N VAL D 264 -90.95 18.99 -8.57
CA VAL D 264 -89.84 19.93 -8.57
C VAL D 264 -90.40 21.32 -8.33
N THR D 265 -89.99 21.95 -7.23
CA THR D 265 -90.43 23.30 -6.90
C THR D 265 -89.23 24.22 -6.74
N SER D 266 -88.13 23.68 -6.20
CA SER D 266 -86.91 24.44 -6.00
C SER D 266 -85.72 23.62 -6.45
N THR D 267 -84.54 24.25 -6.45
CA THR D 267 -83.31 23.57 -6.85
C THR D 267 -82.99 22.42 -5.91
N GLN D 268 -83.32 22.57 -4.62
CA GLN D 268 -83.03 21.54 -3.63
C GLN D 268 -83.77 20.24 -3.96
N ASP D 269 -85.02 20.35 -4.40
CA ASP D 269 -85.81 19.17 -4.74
C ASP D 269 -85.18 18.38 -5.88
N LEU D 270 -84.84 19.06 -6.96
CA LEU D 270 -84.21 18.40 -8.11
C LEU D 270 -82.85 17.83 -7.73
N ALA D 271 -82.10 18.56 -6.89
CA ALA D 271 -80.81 18.08 -6.42
C ALA D 271 -80.96 16.77 -5.65
N ASP D 272 -81.91 16.73 -4.72
CA ASP D 272 -82.16 15.52 -3.94
C ASP D 272 -82.62 14.38 -4.83
N GLN D 273 -83.47 14.69 -5.82
CA GLN D 273 -83.95 13.66 -6.73
C GLN D 273 -82.80 13.05 -7.54
N LEU D 274 -81.87 13.88 -7.99
CA LEU D 274 -80.70 13.38 -8.70
C LEU D 274 -79.77 12.59 -7.79
N ASN D 275 -79.56 13.08 -6.56
CA ASN D 275 -78.69 12.36 -5.62
C ASN D 275 -79.28 11.01 -5.25
N SER D 276 -80.60 10.90 -5.21
CA SER D 276 -81.25 9.63 -4.92
C SER D 276 -81.16 8.70 -6.12
N ASN D 277 -81.44 9.23 -7.32
CA ASN D 277 -81.43 8.41 -8.53
C ASN D 277 -80.00 8.14 -8.99
N SER D 278 -79.01 8.61 -8.22
CA SER D 278 -77.60 8.41 -8.54
C SER D 278 -77.26 6.94 -8.76
N SER D 279 -77.98 6.05 -8.10
CA SER D 279 -77.81 4.61 -8.31
C SER D 279 -78.09 4.24 -9.76
N LYS D 280 -79.26 4.63 -10.27
CA LYS D 280 -79.65 4.31 -11.63
C LYS D 280 -78.81 5.07 -12.65
N LEU D 281 -78.81 6.39 -12.57
CA LEU D 281 -78.09 7.25 -13.52
C LEU D 281 -76.65 7.44 -13.03
N GLY D 282 -75.71 7.06 -13.89
CA GLY D 282 -74.30 7.21 -13.57
C GLY D 282 -73.78 8.62 -13.74
N ILE D 283 -74.50 9.59 -13.17
CA ILE D 283 -74.14 11.00 -13.28
C ILE D 283 -74.18 11.62 -11.88
N THR D 284 -73.01 11.87 -11.30
CA THR D 284 -72.94 12.42 -9.95
C THR D 284 -73.50 13.83 -9.92
N ALA D 285 -74.11 14.19 -8.79
CA ALA D 285 -74.74 15.48 -8.60
C ALA D 285 -73.95 16.28 -7.57
N SER D 286 -74.04 17.61 -7.66
CA SER D 286 -73.33 18.49 -6.75
C SER D 286 -74.06 19.82 -6.60
N ILE D 287 -74.80 19.99 -5.50
CA ILE D 287 -75.50 21.23 -5.22
C ILE D 287 -74.67 21.98 -4.17
N ASN D 288 -73.87 22.94 -4.65
CA ASN D 288 -73.12 23.80 -3.75
C ASN D 288 -74.07 24.68 -2.96
N ASP D 289 -73.72 24.92 -1.69
CA ASP D 289 -74.61 25.63 -0.78
C ASP D 289 -74.84 27.08 -1.18
N LYS D 290 -74.04 27.58 -2.13
CA LYS D 290 -74.24 28.93 -2.63
C LYS D 290 -75.59 29.06 -3.33
N GLY D 291 -75.99 28.03 -4.05
CA GLY D 291 -77.31 28.02 -4.66
C GLY D 291 -77.39 27.40 -6.05
N VAL D 292 -76.25 27.30 -6.73
CA VAL D 292 -76.24 26.82 -8.11
C VAL D 292 -75.95 25.31 -8.16
N LEU D 293 -77.02 24.52 -8.22
CA LEU D 293 -76.88 23.07 -8.34
C LEU D 293 -76.14 22.72 -9.62
N THR D 294 -75.19 21.80 -9.50
CA THR D 294 -74.36 21.38 -10.63
C THR D 294 -74.42 19.86 -10.76
N ILE D 295 -74.51 19.39 -12.00
CA ILE D 295 -74.54 17.98 -12.32
C ILE D 295 -73.43 17.69 -13.33
N THR D 296 -72.63 16.66 -13.05
CA THR D 296 -71.47 16.37 -13.87
C THR D 296 -71.47 14.90 -14.25
N SER D 297 -71.22 14.64 -15.54
CA SER D 297 -71.16 13.28 -16.08
C SER D 297 -69.70 13.01 -16.46
N ALA D 298 -69.04 12.14 -15.70
CA ALA D 298 -67.65 11.79 -15.98
C ALA D 298 -67.48 11.21 -17.38
N THR D 299 -68.49 10.47 -17.85
CA THR D 299 -68.43 9.88 -19.18
C THR D 299 -68.52 10.96 -20.26
N GLY D 300 -69.60 11.74 -20.24
CA GLY D 300 -69.81 12.75 -21.27
C GLY D 300 -71.09 12.50 -22.04
N GLU D 301 -72.07 11.90 -21.39
CA GLU D 301 -73.33 11.59 -22.05
C GLU D 301 -74.18 12.84 -22.20
N ASN D 302 -74.79 12.99 -23.38
CA ASN D 302 -75.63 14.15 -23.69
C ASN D 302 -76.95 14.02 -22.92
N VAL D 303 -76.99 14.68 -21.76
CA VAL D 303 -78.17 14.58 -20.90
C VAL D 303 -79.37 15.22 -21.60
N LYS D 304 -80.52 14.58 -21.44
CA LYS D 304 -81.76 15.03 -22.08
C LYS D 304 -82.83 15.19 -21.01
N PHE D 305 -83.61 16.25 -21.15
CA PHE D 305 -84.74 16.54 -20.27
C PHE D 305 -86.02 16.24 -21.03
N GLY D 306 -86.87 15.39 -20.45
CA GLY D 306 -88.11 15.01 -21.09
C GLY D 306 -89.11 16.15 -21.17
N ALA D 307 -90.28 15.83 -21.70
CA ALA D 307 -91.33 16.82 -21.85
C ALA D 307 -91.83 17.29 -20.49
N GLN D 308 -92.35 18.51 -20.47
CA GLN D 308 -92.84 19.12 -19.23
C GLN D 308 -94.33 18.82 -19.06
N THR D 309 -94.60 17.64 -18.53
CA THR D 309 -95.96 17.25 -18.15
C THR D 309 -96.24 17.53 -16.67
N GLY D 310 -96.01 18.75 -16.22
CA GLY D 310 -96.13 19.07 -14.81
C GLY D 310 -97.54 19.47 -14.42
N THR D 311 -97.64 19.93 -13.18
CA THR D 311 -98.91 20.40 -12.62
C THR D 311 -98.92 21.90 -12.33
N ALA D 312 -97.81 22.59 -12.57
CA ALA D 312 -97.75 24.03 -12.35
C ALA D 312 -98.35 24.78 -13.52
N THR D 313 -98.20 26.11 -13.54
CA THR D 313 -98.74 26.92 -14.61
C THR D 313 -97.66 27.79 -15.24
N ALA D 314 -96.66 28.16 -14.44
CA ALA D 314 -95.56 28.99 -14.93
C ALA D 314 -94.29 28.63 -14.18
N GLY D 315 -93.15 28.93 -14.80
CA GLY D 315 -91.85 28.63 -14.25
C GLY D 315 -90.98 27.92 -15.26
N GLN D 316 -89.70 27.81 -14.93
CA GLN D 316 -88.73 27.18 -15.80
C GLN D 316 -87.48 26.87 -15.00
N VAL D 317 -86.65 25.98 -15.55
CA VAL D 317 -85.38 25.63 -14.93
C VAL D 317 -84.26 25.88 -15.93
N ALA D 318 -83.63 27.05 -15.84
CA ALA D 318 -82.56 27.40 -16.76
C ALA D 318 -81.33 26.55 -16.48
N VAL D 319 -80.55 26.30 -17.54
CA VAL D 319 -79.33 25.52 -17.45
C VAL D 319 -78.24 26.18 -18.27
N LYS D 320 -77.00 25.86 -17.95
CA LYS D 320 -75.84 26.30 -18.69
C LYS D 320 -74.94 25.10 -18.97
N VAL D 321 -73.95 25.28 -19.83
CA VAL D 321 -73.02 24.22 -20.20
C VAL D 321 -71.60 24.74 -20.05
N GLN D 322 -70.73 23.91 -19.48
CA GLN D 322 -69.33 24.29 -19.33
C GLN D 322 -68.61 24.29 -20.66
N GLY D 323 -67.80 25.32 -20.90
CA GLY D 323 -67.03 25.38 -22.12
C GLY D 323 -65.86 24.42 -22.10
N SER D 324 -65.25 24.25 -23.27
CA SER D 324 -64.08 23.38 -23.40
C SER D 324 -62.92 23.86 -22.53
N ASP D 325 -62.42 25.06 -22.80
CA ASP D 325 -61.34 25.62 -22.00
C ASP D 325 -61.81 25.97 -20.60
N GLY D 326 -63.02 26.49 -20.48
CA GLY D 326 -63.56 26.91 -19.20
C GLY D 326 -64.65 27.94 -19.38
N LYS D 327 -64.55 29.06 -18.67
CA LYS D 327 -65.48 30.19 -18.74
C LYS D 327 -66.94 29.74 -18.82
N PHE D 328 -67.40 29.08 -17.76
CA PHE D 328 -68.76 28.54 -17.69
C PHE D 328 -69.79 29.56 -18.18
N GLU D 329 -70.73 29.08 -18.99
CA GLU D 329 -71.69 29.93 -19.67
C GLU D 329 -72.45 30.82 -18.69
N ALA D 330 -72.55 32.10 -19.03
CA ALA D 330 -73.34 33.04 -18.25
C ALA D 330 -74.78 33.06 -18.75
N ALA D 331 -74.95 33.11 -20.07
CA ALA D 331 -76.28 33.10 -20.66
C ALA D 331 -76.99 31.79 -20.36
N ALA D 332 -78.22 31.88 -19.86
CA ALA D 332 -78.98 30.72 -19.45
C ALA D 332 -80.02 30.37 -20.51
N LYS D 333 -80.54 29.15 -20.44
CA LYS D 333 -81.60 28.70 -21.34
C LYS D 333 -82.29 27.51 -20.71
N ASN D 334 -83.61 27.63 -20.50
CA ASN D 334 -84.35 26.59 -19.80
C ASN D 334 -84.55 25.37 -20.68
N VAL D 335 -84.52 24.19 -20.05
CA VAL D 335 -84.84 22.94 -20.73
C VAL D 335 -86.28 22.49 -20.49
N VAL D 336 -86.87 22.85 -19.34
CA VAL D 336 -88.26 22.53 -19.04
C VAL D 336 -88.93 23.79 -18.53
N ALA D 337 -90.21 23.95 -18.88
CA ALA D 337 -90.96 25.15 -18.50
C ALA D 337 -92.43 24.78 -18.38
N ALA D 338 -93.02 25.01 -17.21
CA ALA D 338 -94.43 24.74 -17.00
C ALA D 338 -95.26 25.65 -17.89
N GLY D 339 -96.19 25.05 -18.64
CA GLY D 339 -97.00 25.80 -19.58
C GLY D 339 -96.54 25.60 -21.01
N THR D 340 -96.17 26.69 -21.67
CA THR D 340 -95.66 26.63 -23.04
C THR D 340 -94.39 25.80 -23.11
N ALA D 341 -94.23 25.02 -24.18
CA ALA D 341 -93.05 24.20 -24.36
C ALA D 341 -91.83 25.08 -24.64
N ALA D 342 -90.77 24.87 -23.86
CA ALA D 342 -89.55 25.65 -24.02
C ALA D 342 -88.69 25.08 -25.15
N THR D 343 -87.54 25.70 -25.39
CA THR D 343 -86.60 25.26 -26.41
C THR D 343 -85.35 24.71 -25.74
N THR D 344 -84.35 24.36 -26.56
CA THR D 344 -83.11 23.75 -26.11
C THR D 344 -83.37 22.60 -25.16
N THR D 345 -84.09 21.59 -25.68
CA THR D 345 -84.57 20.50 -24.84
C THR D 345 -83.47 19.59 -24.32
N ILE D 346 -82.32 19.53 -24.98
CA ILE D 346 -81.24 18.63 -24.56
C ILE D 346 -80.03 19.47 -24.17
N VAL D 347 -79.06 18.81 -23.54
CA VAL D 347 -77.81 19.43 -23.16
C VAL D 347 -76.67 18.53 -23.63
N THR D 348 -75.73 19.11 -24.37
CA THR D 348 -74.61 18.38 -24.95
C THR D 348 -73.32 18.84 -24.30
N GLY D 349 -72.48 17.89 -23.91
CA GLY D 349 -71.20 18.20 -23.32
C GLY D 349 -70.17 18.63 -24.36
N TYR D 350 -68.97 18.87 -23.88
CA TYR D 350 -67.86 19.32 -24.70
C TYR D 350 -66.79 18.25 -24.82
N VAL D 351 -65.94 18.39 -25.83
CA VAL D 351 -64.79 17.52 -26.02
C VAL D 351 -63.56 18.39 -26.21
N GLN D 352 -62.38 17.77 -26.13
CA GLN D 352 -61.12 18.51 -26.24
C GLN D 352 -60.11 17.62 -26.97
N LEU D 353 -59.55 18.15 -28.06
CA LEU D 353 -58.55 17.41 -28.86
C LEU D 353 -57.17 18.01 -28.61
N ASN D 354 -56.53 17.54 -27.55
CA ASN D 354 -55.15 17.91 -27.29
C ASN D 354 -54.21 17.20 -28.27
N SER D 355 -53.25 17.95 -28.78
CA SER D 355 -52.32 17.42 -29.78
C SER D 355 -50.90 17.90 -29.50
N PRO D 356 -49.91 17.00 -29.60
CA PRO D 356 -48.53 17.41 -29.35
C PRO D 356 -47.95 18.34 -30.40
N THR D 357 -48.06 18.02 -31.69
CA THR D 357 -47.34 18.78 -32.70
C THR D 357 -48.29 19.54 -33.63
N ALA D 358 -49.19 18.83 -34.29
CA ALA D 358 -50.07 19.44 -35.29
C ALA D 358 -51.25 18.52 -35.58
N TYR D 359 -52.45 19.09 -35.51
CA TYR D 359 -53.67 18.33 -35.76
C TYR D 359 -54.80 19.28 -36.17
N SER D 360 -55.09 19.33 -37.48
CA SER D 360 -56.08 20.24 -38.02
C SER D 360 -57.42 19.54 -38.21
N VAL D 361 -58.49 20.32 -38.09
CA VAL D 361 -59.86 19.82 -38.22
C VAL D 361 -60.63 20.76 -39.12
N SER D 362 -61.38 20.20 -40.07
CA SER D 362 -62.23 20.98 -40.96
C SER D 362 -63.54 20.23 -41.18
N GLY D 363 -64.54 20.96 -41.64
CA GLY D 363 -65.86 20.40 -41.87
C GLY D 363 -66.77 21.30 -42.67
N THR D 364 -67.54 20.70 -43.58
CA THR D 364 -68.43 21.48 -44.44
C THR D 364 -69.58 22.08 -43.64
N GLY D 365 -69.52 23.39 -43.42
CA GLY D 365 -70.60 24.11 -42.77
C GLY D 365 -70.91 23.64 -41.36
N THR D 366 -72.06 22.98 -41.20
CA THR D 366 -72.55 22.55 -39.90
C THR D 366 -71.58 21.60 -39.20
N GLN D 367 -70.96 20.71 -39.97
CA GLN D 367 -70.08 19.67 -39.44
C GLN D 367 -68.98 20.25 -38.55
N ALA D 368 -68.21 21.21 -39.08
CA ALA D 368 -67.12 21.81 -38.31
C ALA D 368 -67.65 22.54 -37.08
N SER D 369 -68.76 23.28 -37.26
CA SER D 369 -69.32 24.04 -36.15
C SER D 369 -69.86 23.11 -35.07
N GLN D 370 -70.64 22.10 -35.47
CA GLN D 370 -71.29 21.22 -34.52
C GLN D 370 -70.32 20.34 -33.74
N VAL D 371 -69.02 20.52 -33.94
CA VAL D 371 -68.00 19.77 -33.20
C VAL D 371 -67.03 20.71 -32.50
N PHE D 372 -66.42 21.64 -33.25
CA PHE D 372 -65.38 22.50 -32.69
C PHE D 372 -65.54 23.93 -33.18
N GLY D 373 -66.78 24.32 -33.50
CA GLY D 373 -67.04 25.66 -33.97
C GLY D 373 -66.25 26.05 -35.21
N ASN D 374 -65.92 27.34 -35.33
CA ASN D 374 -65.15 27.83 -36.47
C ASN D 374 -63.68 27.94 -36.03
N ALA D 375 -63.07 26.79 -35.77
CA ALA D 375 -61.67 26.78 -35.34
C ALA D 375 -60.74 26.60 -36.52
N SER D 376 -60.86 25.45 -37.21
CA SER D 376 -60.12 25.17 -38.44
C SER D 376 -58.61 25.13 -38.23
N ALA D 377 -58.16 25.31 -36.99
CA ALA D 377 -56.74 25.33 -36.66
C ALA D 377 -56.55 24.99 -35.20
N ALA D 378 -55.53 24.18 -34.91
CA ALA D 378 -55.23 23.77 -33.54
C ALA D 378 -54.38 24.80 -32.80
N GLN D 379 -54.14 25.94 -33.43
CA GLN D 379 -53.25 26.98 -32.89
C GLN D 379 -53.85 27.55 -31.61
N LYS D 380 -53.17 28.51 -31.00
CA LYS D 380 -53.42 28.95 -29.62
C LYS D 380 -53.10 27.84 -28.62
N SER D 381 -51.83 27.39 -28.66
CA SER D 381 -51.36 26.36 -27.75
C SER D 381 -51.62 26.72 -26.29
N SER D 382 -51.29 27.96 -25.91
CA SER D 382 -51.68 28.53 -24.62
C SER D 382 -51.18 27.75 -23.42
N VAL D 383 -49.86 27.69 -23.23
CA VAL D 383 -49.27 27.10 -22.02
C VAL D 383 -49.20 28.17 -20.93
N ALA D 384 -49.15 29.44 -21.34
CA ALA D 384 -49.08 30.54 -20.39
C ALA D 384 -50.38 30.65 -19.59
N SER D 385 -51.51 30.46 -20.26
CA SER D 385 -52.83 30.65 -19.63
C SER D 385 -53.12 29.61 -18.56
N VAL D 386 -52.26 28.60 -18.43
CA VAL D 386 -52.44 27.54 -17.45
C VAL D 386 -52.65 28.13 -16.06
N ASP D 387 -53.77 27.81 -15.45
CA ASP D 387 -54.08 28.25 -14.10
C ASP D 387 -54.10 27.05 -13.15
N ILE D 388 -54.32 27.33 -11.88
CA ILE D 388 -54.32 26.31 -10.84
C ILE D 388 -55.54 26.41 -9.93
N SER D 389 -56.13 27.61 -9.84
CA SER D 389 -56.95 28.02 -8.71
C SER D 389 -58.01 27.01 -8.26
N THR D 390 -59.04 26.77 -9.08
CA THR D 390 -60.14 25.98 -8.54
C THR D 390 -60.42 24.66 -9.26
N ALA D 391 -60.70 24.69 -10.56
CA ALA D 391 -61.19 23.49 -11.24
C ALA D 391 -60.30 23.05 -12.38
N ASP D 392 -60.07 23.95 -13.34
CA ASP D 392 -59.43 23.61 -14.60
C ASP D 392 -58.01 23.09 -14.41
N GLY D 393 -57.22 23.80 -13.60
CA GLY D 393 -55.81 23.54 -13.44
C GLY D 393 -55.39 22.09 -13.28
N ALA D 394 -55.91 21.43 -12.24
CA ALA D 394 -55.50 20.09 -11.85
C ALA D 394 -55.38 19.12 -13.03
N GLN D 395 -56.20 19.31 -14.06
CA GLN D 395 -56.20 18.44 -15.22
C GLN D 395 -55.66 19.12 -16.48
N ASN D 396 -55.98 20.39 -16.67
CA ASN D 396 -55.53 21.10 -17.88
C ASN D 396 -54.02 21.23 -17.90
N ALA D 397 -53.41 21.48 -16.73
CA ALA D 397 -51.95 21.61 -16.68
C ALA D 397 -51.27 20.32 -17.09
N ILE D 398 -51.84 19.18 -16.70
CA ILE D 398 -51.32 17.89 -17.14
C ILE D 398 -51.51 17.73 -18.64
N ALA D 399 -52.71 18.07 -19.13
CA ALA D 399 -53.00 17.99 -20.55
C ALA D 399 -52.06 18.87 -21.37
N VAL D 400 -51.47 19.89 -20.74
CA VAL D 400 -50.43 20.66 -21.39
C VAL D 400 -49.08 19.94 -21.30
N VAL D 401 -48.64 19.67 -20.07
CA VAL D 401 -47.25 19.29 -19.85
C VAL D 401 -46.93 17.94 -20.45
N ASP D 402 -47.93 17.06 -20.63
CA ASP D 402 -47.65 15.78 -21.27
C ASP D 402 -47.10 15.99 -22.68
N ASN D 403 -47.85 16.67 -23.54
CA ASN D 403 -47.38 16.92 -24.89
C ASN D 403 -46.23 17.92 -24.90
N ALA D 404 -46.14 18.79 -23.89
CA ALA D 404 -45.00 19.69 -23.78
C ALA D 404 -43.70 18.90 -23.65
N LEU D 405 -43.64 17.99 -22.68
CA LEU D 405 -42.46 17.15 -22.52
C LEU D 405 -42.30 16.21 -23.72
N ALA D 406 -43.41 15.85 -24.38
CA ALA D 406 -43.29 15.06 -25.60
C ALA D 406 -42.49 15.81 -26.67
N ALA D 407 -42.84 17.07 -26.91
CA ALA D 407 -42.11 17.86 -27.89
C ALA D 407 -40.68 18.15 -27.43
N ILE D 408 -40.50 18.37 -26.12
CA ILE D 408 -39.16 18.59 -25.59
C ILE D 408 -38.29 17.37 -25.81
N ASP D 409 -38.83 16.18 -25.59
CA ASP D 409 -38.05 14.96 -25.76
C ASP D 409 -37.85 14.64 -27.23
N ALA D 410 -38.78 15.08 -28.09
CA ALA D 410 -38.54 15.00 -29.52
C ALA D 410 -37.33 15.85 -29.92
N GLN D 411 -37.25 17.06 -29.37
CA GLN D 411 -36.07 17.89 -29.60
C GLN D 411 -34.81 17.23 -29.04
N ARG D 412 -34.94 16.57 -27.88
CA ARG D 412 -33.78 15.88 -27.31
C ARG D 412 -33.35 14.72 -28.20
N ALA D 413 -34.30 14.02 -28.81
CA ALA D 413 -33.97 12.95 -29.74
C ALA D 413 -33.30 13.49 -30.99
N ASP D 414 -33.78 14.63 -31.50
CA ASP D 414 -33.10 15.29 -32.60
C ASP D 414 -31.66 15.61 -32.24
N LEU D 415 -31.45 16.19 -31.06
CA LEU D 415 -30.09 16.53 -30.63
C LEU D 415 -29.22 15.29 -30.48
N ALA D 416 -29.81 14.20 -29.98
CA ALA D 416 -29.09 12.94 -29.88
C ALA D 416 -28.66 12.45 -31.27
N ALA D 417 -29.57 12.56 -32.23
CA ALA D 417 -29.24 12.19 -33.61
C ALA D 417 -28.10 13.04 -34.14
N VAL D 418 -28.15 14.35 -33.89
CA VAL D 418 -27.10 15.24 -34.38
C VAL D 418 -25.75 14.88 -33.78
N GLN D 419 -25.71 14.62 -32.47
CA GLN D 419 -24.42 14.30 -31.86
C GLN D 419 -23.92 12.92 -32.22
N ASN D 420 -24.79 11.92 -32.37
CA ASN D 420 -24.34 10.62 -32.83
C ASN D 420 -23.80 10.71 -34.25
N ARG D 421 -24.50 11.46 -35.10
CA ARG D 421 -24.02 11.71 -36.46
C ARG D 421 -22.69 12.44 -36.44
N PHE D 422 -22.52 13.38 -35.51
CA PHE D 422 -21.25 14.09 -35.40
C PHE D 422 -20.12 13.16 -34.98
N LYS D 423 -20.40 12.23 -34.05
CA LYS D 423 -19.33 11.34 -33.61
C LYS D 423 -18.94 10.36 -34.71
N ASN D 424 -19.95 9.82 -35.42
CA ASN D 424 -19.64 8.97 -36.56
C ASN D 424 -18.86 9.75 -37.62
N THR D 425 -19.26 11.00 -37.85
CA THR D 425 -18.57 11.84 -38.84
C THR D 425 -17.15 12.14 -38.40
N ILE D 426 -16.91 12.32 -37.09
CA ILE D 426 -15.56 12.65 -36.65
C ILE D 426 -14.66 11.43 -36.71
N ASP D 427 -15.22 10.23 -36.48
CA ASP D 427 -14.42 9.03 -36.74
C ASP D 427 -14.09 8.90 -38.22
N ASN D 428 -15.07 9.16 -39.09
CA ASN D 428 -14.80 9.14 -40.53
C ASN D 428 -13.72 10.16 -40.89
N LEU D 429 -13.80 11.35 -40.30
CA LEU D 429 -12.86 12.42 -40.60
C LEU D 429 -11.44 12.06 -40.14
N THR D 430 -11.29 11.54 -38.92
CA THR D 430 -9.95 11.20 -38.46
C THR D 430 -9.38 10.04 -39.27
N ASN D 431 -10.22 9.07 -39.66
CA ASN D 431 -9.74 7.97 -40.48
C ASN D 431 -9.28 8.47 -41.85
N ILE D 432 -10.10 9.30 -42.51
CA ILE D 432 -9.74 9.81 -43.82
C ILE D 432 -8.50 10.69 -43.73
N SER D 433 -8.36 11.46 -42.65
CA SER D 433 -7.19 12.31 -42.52
C SER D 433 -5.93 11.50 -42.28
N GLU D 434 -6.03 10.42 -41.49
CA GLU D 434 -4.87 9.55 -41.30
C GLU D 434 -4.48 8.87 -42.61
N ASN D 435 -5.47 8.42 -43.38
CA ASN D 435 -5.16 7.80 -44.67
C ASN D 435 -4.56 8.82 -45.63
N ALA D 436 -5.03 10.06 -45.59
CA ALA D 436 -4.47 11.10 -46.44
C ALA D 436 -3.06 11.47 -46.04
N THR D 437 -2.77 11.48 -44.74
CA THR D 437 -1.39 11.69 -44.28
C THR D 437 -0.50 10.54 -44.71
N ASN D 438 -1.03 9.31 -44.69
CA ASN D 438 -0.25 8.18 -45.18
C ASN D 438 0.05 8.33 -46.66
N ALA D 439 -0.94 8.77 -47.44
CA ALA D 439 -0.71 9.04 -48.86
C ALA D 439 0.32 10.14 -49.06
N ARG D 440 0.22 11.20 -48.27
CA ARG D 440 1.16 12.31 -48.38
C ARG D 440 2.57 11.86 -48.04
N SER D 441 2.70 10.91 -47.10
CA SER D 441 4.02 10.38 -46.79
C SER D 441 4.54 9.50 -47.92
N ARG D 442 3.70 8.59 -48.42
CA ARG D 442 4.12 7.72 -49.51
C ARG D 442 4.49 8.50 -50.77
N ILE D 443 3.90 9.67 -50.97
CA ILE D 443 4.22 10.47 -52.15
C ILE D 443 5.26 11.56 -51.88
N LYS D 444 5.49 11.91 -50.62
CA LYS D 444 6.38 13.01 -50.25
C LYS D 444 7.54 12.58 -49.35
N ASP D 445 7.25 11.84 -48.27
CA ASP D 445 8.28 11.47 -47.32
C ASP D 445 9.35 10.63 -48.00
N THR D 446 10.58 11.14 -48.01
CA THR D 446 11.68 10.42 -48.62
C THR D 446 12.01 9.16 -47.83
N ASP D 447 12.13 8.04 -48.54
CA ASP D 447 12.62 6.80 -47.95
C ASP D 447 14.15 6.82 -47.95
N PHE D 448 14.69 7.75 -47.16
CA PHE D 448 16.11 8.08 -47.20
C PHE D 448 17.02 6.91 -46.83
N ALA D 449 16.47 5.74 -46.48
CA ALA D 449 17.30 4.55 -46.31
C ALA D 449 18.16 4.29 -47.55
N ALA D 450 17.73 4.76 -48.71
CA ALA D 450 18.54 4.74 -49.92
C ALA D 450 19.13 6.11 -50.27
N GLU D 451 18.51 7.20 -49.82
CA GLU D 451 19.01 8.53 -50.14
C GLU D 451 20.30 8.87 -49.40
N THR D 452 20.50 8.37 -48.18
CA THR D 452 21.79 8.56 -47.53
C THR D 452 22.90 7.83 -48.29
N ALA D 453 22.62 6.62 -48.77
CA ALA D 453 23.59 5.91 -49.60
C ALA D 453 23.86 6.65 -50.89
N ALA D 454 22.81 7.19 -51.51
CA ALA D 454 22.98 7.97 -52.74
C ALA D 454 23.83 9.21 -52.48
N LEU D 455 23.61 9.86 -51.33
CA LEU D 455 24.38 11.06 -50.98
C LEU D 455 25.85 10.71 -50.76
N SER D 456 26.12 9.61 -50.07
CA SER D 456 27.50 9.15 -49.91
C SER D 456 28.12 8.84 -51.26
N LYS D 457 27.34 8.25 -52.17
CA LYS D 457 27.83 7.98 -53.52
C LYS D 457 28.18 9.28 -54.25
N ASN D 458 27.34 10.30 -54.11
CA ASN D 458 27.61 11.58 -54.77
C ASN D 458 28.86 12.24 -54.20
N GLN D 459 29.05 12.15 -52.87
CA GLN D 459 30.26 12.71 -52.27
C GLN D 459 31.50 11.95 -52.74
N VAL D 460 31.39 10.62 -52.84
CA VAL D 460 32.46 9.82 -53.42
C VAL D 460 32.76 10.28 -54.83
N LEU D 461 31.72 10.57 -55.60
CA LEU D 461 31.91 11.06 -56.95
C LEU D 461 32.63 12.40 -56.96
N GLN D 462 32.28 13.28 -56.03
CA GLN D 462 32.97 14.57 -55.94
C GLN D 462 34.45 14.38 -55.70
N GLN D 463 34.81 13.61 -54.65
CA GLN D 463 36.22 13.46 -54.32
C GLN D 463 36.97 12.71 -55.42
N ALA D 464 36.35 11.70 -56.02
CA ALA D 464 36.99 10.98 -57.11
C ALA D 464 37.23 11.90 -58.30
N GLY D 465 36.23 12.70 -58.67
CA GLY D 465 36.39 13.58 -59.81
C GLY D 465 37.45 14.64 -59.60
N THR D 466 37.50 15.22 -58.40
CA THR D 466 38.53 16.22 -58.16
C THR D 466 39.92 15.59 -58.09
N ALA D 467 40.01 14.35 -57.60
CA ALA D 467 41.28 13.64 -57.64
C ALA D 467 41.73 13.41 -59.07
N ILE D 468 40.83 12.93 -59.93
CA ILE D 468 41.15 12.75 -61.34
C ILE D 468 41.56 14.07 -61.98
N LEU D 469 40.87 15.16 -61.65
CA LEU D 469 41.21 16.44 -62.25
C LEU D 469 42.61 16.89 -61.83
N ALA D 470 42.91 16.79 -60.53
CA ALA D 470 44.23 17.20 -60.05
C ALA D 470 45.33 16.31 -60.61
N GLN D 471 45.03 15.03 -60.85
CA GLN D 471 46.03 14.13 -61.41
C GLN D 471 46.25 14.40 -62.89
N ALA D 472 45.19 14.75 -63.61
CA ALA D 472 45.31 14.99 -65.05
C ALA D 472 45.91 16.37 -65.33
N ASN D 473 45.83 17.28 -64.37
CA ASN D 473 46.45 18.60 -64.56
C ASN D 473 47.96 18.52 -64.49
N GLN D 474 48.51 17.36 -64.14
CA GLN D 474 49.95 17.17 -64.06
C GLN D 474 50.54 16.54 -65.32
N LEU D 475 49.70 16.16 -66.29
CA LEU D 475 50.23 15.53 -67.51
C LEU D 475 50.98 16.51 -68.41
N PRO D 476 50.41 17.66 -68.79
CA PRO D 476 51.12 18.52 -69.76
C PRO D 476 52.44 19.06 -69.24
N GLN D 477 52.51 19.46 -67.96
CA GLN D 477 53.75 19.95 -67.41
C GLN D 477 54.84 18.89 -67.50
N ALA D 478 54.50 17.65 -67.17
CA ALA D 478 55.48 16.56 -67.24
C ALA D 478 55.92 16.30 -68.66
N VAL D 479 54.97 16.17 -69.59
CA VAL D 479 55.34 15.81 -70.97
C VAL D 479 56.15 16.92 -71.62
N LEU D 480 55.85 18.19 -71.29
CA LEU D 480 56.65 19.28 -71.84
C LEU D 480 58.02 19.39 -71.17
N SER D 481 58.10 19.17 -69.86
CA SER D 481 59.39 19.26 -69.19
C SER D 481 60.32 18.14 -69.63
N LEU D 482 59.76 16.99 -70.00
CA LEU D 482 60.59 15.91 -70.53
C LEU D 482 60.87 16.08 -72.03
N LEU D 483 59.94 16.65 -72.79
CA LEU D 483 60.14 16.84 -74.22
C LEU D 483 60.90 18.12 -74.56
N ARG D 484 61.42 18.84 -73.56
CA ARG D 484 62.16 20.06 -73.81
C ARG D 484 63.51 20.05 -73.08
N VAL E 1 89.53 27.08 -110.09
CA VAL E 1 88.18 27.46 -109.72
C VAL E 1 88.18 28.42 -108.51
N ASN E 2 88.16 29.72 -108.82
CA ASN E 2 88.20 30.74 -107.77
C ASN E 2 87.17 31.85 -107.94
N THR E 3 86.61 32.06 -109.14
CA THR E 3 85.66 33.14 -109.36
C THR E 3 84.37 32.96 -108.57
N ASN E 4 84.01 31.73 -108.23
CA ASN E 4 82.78 31.48 -107.48
C ASN E 4 82.88 30.07 -106.88
N ILE E 5 82.03 29.82 -105.88
CA ILE E 5 81.96 28.52 -105.22
C ILE E 5 80.55 27.97 -105.41
N ALA E 6 80.45 26.74 -105.89
CA ALA E 6 79.16 26.12 -106.13
C ALA E 6 78.43 25.75 -104.85
N SER E 7 78.95 26.13 -103.68
CA SER E 7 78.35 25.75 -102.40
C SER E 7 77.07 26.51 -102.09
N LEU E 8 76.58 27.37 -102.99
CA LEU E 8 75.37 28.13 -102.73
C LEU E 8 74.15 27.24 -102.49
N ASN E 9 74.17 26.00 -102.98
CA ASN E 9 73.12 25.05 -102.65
C ASN E 9 73.07 24.79 -101.15
N THR E 10 74.24 24.79 -100.50
CA THR E 10 74.27 24.62 -99.05
C THR E 10 73.62 25.81 -98.35
N GLN E 11 73.85 27.03 -98.85
CA GLN E 11 73.18 28.19 -98.29
C GLN E 11 71.68 28.11 -98.51
N ARG E 12 71.25 27.64 -99.68
CA ARG E 12 69.82 27.46 -99.94
C ARG E 12 69.21 26.50 -98.94
N ASN E 13 69.86 25.34 -98.75
CA ASN E 13 69.38 24.37 -97.78
C ASN E 13 69.37 24.93 -96.37
N LEU E 14 70.36 25.77 -96.03
CA LEU E 14 70.40 26.38 -94.70
C LEU E 14 69.24 27.34 -94.51
N ASN E 15 68.95 28.16 -95.51
CA ASN E 15 67.80 29.07 -95.41
C ASN E 15 66.50 28.30 -95.27
N ALA E 16 66.34 27.23 -96.06
CA ALA E 16 65.13 26.43 -95.96
C ALA E 16 65.00 25.80 -94.58
N SER E 17 66.07 25.19 -94.07
CA SER E 17 66.02 24.53 -92.78
C SER E 17 65.76 25.54 -91.66
N SER E 18 66.32 26.75 -91.77
CA SER E 18 66.05 27.77 -90.75
C SER E 18 64.61 28.24 -90.82
N ASN E 19 64.05 28.32 -92.03
CA ASN E 19 62.64 28.66 -92.16
C ASN E 19 61.76 27.62 -91.47
N ASP E 20 61.97 26.35 -91.78
CA ASP E 20 61.17 25.30 -91.12
C ASP E 20 61.43 25.27 -89.62
N LEU E 21 62.65 25.59 -89.20
CA LEU E 21 62.96 25.66 -87.78
C LEU E 21 62.14 26.75 -87.09
N ASN E 22 62.06 27.93 -87.73
CA ASN E 22 61.26 29.01 -87.18
C ASN E 22 59.79 28.63 -87.10
N THR E 23 59.27 27.98 -88.15
CA THR E 23 57.87 27.58 -88.12
C THR E 23 57.61 26.54 -87.04
N SER E 24 58.53 25.60 -86.85
CA SER E 24 58.34 24.58 -85.82
C SER E 24 58.43 25.18 -84.42
N LEU E 25 59.36 26.11 -84.22
CA LEU E 25 59.47 26.77 -82.92
C LEU E 25 58.23 27.61 -82.62
N GLN E 26 57.67 28.27 -83.65
CA GLN E 26 56.42 29.00 -83.48
C GLN E 26 55.30 28.04 -83.10
N ARG E 27 55.23 26.89 -83.78
CA ARG E 27 54.21 25.89 -83.47
C ARG E 27 54.33 25.43 -82.02
N LEU E 28 55.55 25.21 -81.56
CA LEU E 28 55.75 24.71 -80.20
C LEU E 28 55.40 25.77 -79.16
N THR E 29 55.84 27.02 -79.38
CA THR E 29 55.57 28.08 -78.41
C THR E 29 54.10 28.51 -78.43
N THR E 30 53.39 28.23 -79.53
CA THR E 30 51.97 28.57 -79.61
C THR E 30 51.07 27.40 -79.21
N GLY E 31 51.55 26.17 -79.39
CA GLY E 31 50.72 25.00 -79.16
C GLY E 31 49.81 24.65 -80.31
N TYR E 32 49.88 25.38 -81.42
CA TYR E 32 49.05 25.13 -82.59
C TYR E 32 49.94 24.74 -83.75
N ARG E 33 49.74 23.53 -84.28
CA ARG E 33 50.45 23.12 -85.48
C ARG E 33 50.10 24.03 -86.66
N ILE E 34 48.84 24.44 -86.74
CA ILE E 34 48.43 25.44 -87.72
C ILE E 34 48.51 26.82 -87.08
N ASN E 35 49.52 27.59 -87.46
CA ASN E 35 49.66 28.95 -86.94
C ASN E 35 48.52 29.83 -87.45
N SER E 36 48.36 30.98 -86.79
CA SER E 36 47.32 31.93 -87.19
C SER E 36 47.55 32.50 -88.59
N ALA E 37 48.68 32.17 -89.22
CA ALA E 37 48.96 32.64 -90.57
C ALA E 37 48.06 31.94 -91.58
N LYS E 38 48.28 32.24 -92.86
CA LYS E 38 47.43 31.71 -93.92
C LYS E 38 47.69 30.24 -94.17
N ASP E 39 48.70 29.66 -93.52
CA ASP E 39 49.02 28.25 -93.73
C ASP E 39 47.84 27.37 -93.35
N ASP E 40 47.49 26.44 -94.25
CA ASP E 40 46.36 25.54 -94.08
C ASP E 40 45.07 26.33 -93.88
N ALA E 41 44.71 27.08 -94.92
CA ALA E 41 43.54 27.95 -94.86
C ALA E 41 42.27 27.18 -94.55
N ALA E 42 42.16 25.94 -95.04
CA ALA E 42 40.99 25.12 -94.73
C ALA E 42 40.91 24.82 -93.24
N GLY E 43 42.01 24.29 -92.67
CA GLY E 43 42.04 24.06 -91.24
C GLY E 43 41.89 25.33 -90.44
N LEU E 44 42.42 26.44 -90.96
CA LEU E 44 42.27 27.72 -90.28
C LEU E 44 40.81 28.14 -90.20
N GLN E 45 40.10 28.05 -91.32
CA GLN E 45 38.67 28.38 -91.33
C GLN E 45 37.89 27.45 -90.40
N ILE E 46 38.21 26.16 -90.45
CA ILE E 46 37.53 25.20 -89.57
C ILE E 46 37.75 25.57 -88.11
N SER E 47 38.99 25.90 -87.74
CA SER E 47 39.29 26.24 -86.36
C SER E 47 38.59 27.52 -85.93
N ASN E 48 38.59 28.53 -86.80
CA ASN E 48 37.93 29.79 -86.46
C ASN E 48 36.44 29.58 -86.25
N ARG E 49 35.78 28.89 -87.20
CA ARG E 49 34.35 28.64 -87.07
C ARG E 49 34.04 27.83 -85.82
N LEU E 50 34.84 26.80 -85.54
CA LEU E 50 34.55 25.95 -84.39
C LEU E 50 34.83 26.66 -83.08
N SER E 51 35.81 27.56 -83.05
CA SER E 51 36.06 28.35 -81.85
C SER E 51 34.95 29.36 -81.60
N ASN E 52 34.44 29.97 -82.67
CA ASN E 52 33.27 30.83 -82.54
C ASN E 52 32.10 30.02 -81.98
N GLN E 53 31.91 28.81 -82.49
CA GLN E 53 30.85 27.94 -81.98
C GLN E 53 31.06 27.63 -80.50
N ILE E 54 32.31 27.39 -80.10
CA ILE E 54 32.61 27.04 -78.70
C ILE E 54 32.29 28.23 -77.79
N SER E 55 32.71 29.43 -78.20
CA SER E 55 32.39 30.62 -77.41
C SER E 55 30.89 30.83 -77.31
N GLY E 56 30.17 30.62 -78.42
CA GLY E 56 28.73 30.73 -78.38
C GLY E 56 28.10 29.72 -77.43
N LEU E 57 28.62 28.49 -77.43
CA LEU E 57 28.08 27.48 -76.54
C LEU E 57 28.37 27.81 -75.08
N ASN E 58 29.53 28.41 -74.79
CA ASN E 58 29.82 28.80 -73.42
C ASN E 58 28.89 29.91 -72.94
N VAL E 59 28.73 30.96 -73.75
CA VAL E 59 27.81 32.01 -73.36
C VAL E 59 26.39 31.47 -73.29
N ALA E 60 26.08 30.42 -74.05
CA ALA E 60 24.77 29.80 -73.96
C ALA E 60 24.62 29.04 -72.65
N THR E 61 25.66 28.34 -72.20
CA THR E 61 25.62 27.74 -70.86
C THR E 61 25.35 28.79 -69.80
N ARG E 62 26.02 29.94 -69.91
CA ARG E 62 25.86 30.96 -68.88
C ARG E 62 24.46 31.56 -68.90
N ASN E 63 23.94 31.84 -70.10
CA ASN E 63 22.57 32.35 -70.21
C ASN E 63 21.56 31.33 -69.71
N ALA E 64 21.81 30.05 -69.98
CA ALA E 64 20.90 29.00 -69.51
C ALA E 64 20.93 28.90 -67.98
N ASN E 65 22.11 29.04 -67.38
CA ASN E 65 22.17 29.04 -65.92
C ASN E 65 21.44 30.24 -65.33
N ASP E 66 21.58 31.40 -65.98
CA ASP E 66 20.83 32.58 -65.52
C ASP E 66 19.33 32.33 -65.61
N GLY E 67 18.87 31.73 -66.70
CA GLY E 67 17.47 31.41 -66.84
C GLY E 67 16.99 30.39 -65.82
N ILE E 68 17.84 29.42 -65.50
CA ILE E 68 17.51 28.43 -64.48
C ILE E 68 17.33 29.13 -63.13
N SER E 69 18.23 30.05 -62.80
CA SER E 69 18.10 30.79 -61.55
C SER E 69 16.82 31.63 -61.54
N LEU E 70 16.50 32.26 -62.66
CA LEU E 70 15.27 33.06 -62.75
C LEU E 70 14.04 32.20 -62.52
N ALA E 71 13.98 31.05 -63.19
CA ALA E 71 12.88 30.12 -63.00
C ALA E 71 12.84 29.58 -61.58
N GLN E 72 13.99 29.46 -60.91
CA GLN E 72 14.01 29.02 -59.53
C GLN E 72 13.39 30.06 -58.61
N THR E 73 13.73 31.34 -58.82
CA THR E 73 13.07 32.39 -58.05
C THR E 73 11.57 32.40 -58.30
N ALA E 74 11.16 32.23 -59.56
CA ALA E 74 9.74 32.18 -59.88
C ALA E 74 9.07 31.00 -59.17
N GLU E 75 9.74 29.85 -59.12
CA GLU E 75 9.17 28.68 -58.47
C GLU E 75 9.06 28.89 -56.96
N GLY E 76 10.04 29.56 -56.36
CA GLY E 76 9.94 29.88 -54.95
C GLY E 76 8.78 30.81 -54.65
N ALA E 77 8.60 31.84 -55.48
CA ALA E 77 7.46 32.74 -55.31
C ALA E 77 6.15 31.99 -55.45
N LEU E 78 6.06 31.10 -56.44
CA LEU E 78 4.85 30.32 -56.63
C LEU E 78 4.60 29.36 -55.46
N GLN E 79 5.67 28.81 -54.89
CA GLN E 79 5.51 27.95 -53.73
C GLN E 79 4.95 28.72 -52.54
N GLN E 80 5.50 29.91 -52.29
CA GLN E 80 4.99 30.72 -51.19
C GLN E 80 3.53 31.10 -51.44
N SER E 81 3.18 31.39 -52.69
CA SER E 81 1.79 31.68 -53.03
C SER E 81 0.90 30.47 -52.79
N THR E 82 1.42 29.27 -53.05
CA THR E 82 0.62 28.07 -52.81
C THR E 82 0.38 27.86 -51.31
N ASN E 83 1.39 28.11 -50.49
CA ASN E 83 1.16 28.04 -49.05
C ASN E 83 0.15 29.10 -48.60
N ILE E 84 0.20 30.28 -49.22
CA ILE E 84 -0.77 31.32 -48.89
C ILE E 84 -2.18 30.89 -49.25
N LEU E 85 -2.34 30.26 -50.41
CA LEU E 85 -3.66 29.78 -50.81
C LEU E 85 -4.13 28.63 -49.91
N GLN E 86 -3.19 27.79 -49.47
CA GLN E 86 -3.51 26.78 -48.46
C GLN E 86 -4.10 27.42 -47.21
N ARG E 87 -3.39 28.42 -46.67
CA ARG E 87 -3.90 29.13 -45.50
C ARG E 87 -5.24 29.78 -45.77
N ILE E 88 -5.44 30.30 -46.99
CA ILE E 88 -6.70 30.96 -47.31
C ILE E 88 -7.85 29.96 -47.33
N ARG E 89 -7.64 28.79 -47.94
CA ARG E 89 -8.69 27.78 -47.95
C ARG E 89 -8.98 27.27 -46.54
N ASP E 90 -7.93 27.11 -45.73
CA ASP E 90 -8.14 26.68 -44.35
C ASP E 90 -8.95 27.71 -43.57
N LEU E 91 -8.64 28.99 -43.80
CA LEU E 91 -9.39 30.07 -43.14
C LEU E 91 -10.84 30.09 -43.62
N ALA E 92 -11.06 29.78 -44.90
CA ALA E 92 -12.41 29.77 -45.43
C ALA E 92 -13.22 28.64 -44.82
N LEU E 93 -12.63 27.44 -44.73
CA LEU E 93 -13.35 26.32 -44.11
C LEU E 93 -13.55 26.55 -42.62
N GLN E 94 -12.60 27.22 -41.95
CA GLN E 94 -12.80 27.60 -40.56
C GLN E 94 -13.92 28.63 -40.43
N SER E 95 -14.08 29.47 -41.45
CA SER E 95 -15.11 30.51 -41.45
C SER E 95 -16.51 29.96 -41.60
N ALA E 96 -16.67 28.64 -41.71
CA ALA E 96 -18.01 28.05 -41.60
C ALA E 96 -18.67 28.48 -40.29
N ASN E 97 -17.88 28.53 -39.21
CA ASN E 97 -18.27 29.15 -37.94
C ASN E 97 -19.60 28.65 -37.42
N GLY E 98 -20.02 27.44 -37.81
CA GLY E 98 -21.35 26.96 -37.49
C GLY E 98 -22.43 27.84 -38.08
N SER E 99 -22.02 28.79 -38.93
CA SER E 99 -22.87 29.74 -39.66
C SER E 99 -23.47 30.79 -38.74
N ASN E 100 -23.35 30.62 -37.42
CA ASN E 100 -23.73 31.69 -36.50
C ASN E 100 -22.86 31.76 -35.25
N SER E 101 -21.85 30.90 -35.08
CA SER E 101 -21.18 30.81 -33.79
C SER E 101 -20.11 31.87 -33.61
N ASP E 102 -19.45 32.28 -34.68
CA ASP E 102 -18.34 33.23 -34.62
C ASP E 102 -18.85 34.59 -35.12
N ALA E 103 -19.26 35.44 -34.18
CA ALA E 103 -19.71 36.78 -34.52
C ALA E 103 -18.56 37.69 -34.95
N ASP E 104 -17.32 37.19 -34.91
CA ASP E 104 -16.16 37.96 -35.30
C ASP E 104 -15.83 37.80 -36.78
N ARG E 105 -16.84 37.61 -37.61
CA ARG E 105 -16.64 37.57 -39.06
C ARG E 105 -16.04 38.86 -39.59
N ALA E 106 -16.20 39.98 -38.88
CA ALA E 106 -15.53 41.22 -39.28
C ALA E 106 -14.02 41.07 -39.15
N ALA E 107 -13.55 40.59 -38.00
CA ALA E 107 -12.12 40.36 -37.82
C ALA E 107 -11.63 39.26 -38.76
N LEU E 108 -12.48 38.27 -39.05
CA LEU E 108 -12.09 37.23 -39.99
C LEU E 108 -11.92 37.80 -41.40
N GLN E 109 -12.79 38.71 -41.80
CA GLN E 109 -12.66 39.34 -43.10
C GLN E 109 -11.44 40.26 -43.14
N LYS E 110 -11.15 40.93 -42.02
CA LYS E 110 -9.90 41.69 -41.92
C LYS E 110 -8.70 40.77 -42.08
N GLU E 111 -8.76 39.58 -41.48
CA GLU E 111 -7.68 38.62 -41.60
C GLU E 111 -7.48 38.17 -43.04
N VAL E 112 -8.58 37.81 -43.72
CA VAL E 112 -8.46 37.35 -45.10
C VAL E 112 -8.04 38.49 -46.03
N ALA E 113 -8.42 39.72 -45.70
CA ALA E 113 -8.00 40.86 -46.50
C ALA E 113 -6.51 41.13 -46.32
N ALA E 114 -6.01 40.98 -45.10
CA ALA E 114 -4.57 41.08 -44.87
C ALA E 114 -3.83 39.99 -45.63
N GLN E 115 -4.37 38.78 -45.64
CA GLN E 115 -3.75 37.70 -46.41
C GLN E 115 -3.75 38.00 -47.91
N GLN E 116 -4.85 38.58 -48.42
CA GLN E 116 -4.92 38.95 -49.82
C GLN E 116 -3.92 40.04 -50.17
N ALA E 117 -3.79 41.05 -49.31
CA ALA E 117 -2.79 42.08 -49.53
C ALA E 117 -1.38 41.50 -49.47
N GLU E 118 -1.16 40.53 -48.59
CA GLU E 118 0.14 39.87 -48.52
C GLU E 118 0.42 39.10 -49.80
N LEU E 119 -0.61 38.49 -50.38
CA LEU E 119 -0.44 37.77 -51.64
C LEU E 119 -0.13 38.72 -52.79
N THR E 120 -0.87 39.83 -52.88
CA THR E 120 -0.58 40.78 -53.96
C THR E 120 0.76 41.46 -53.75
N ARG E 121 1.25 41.49 -52.51
CA ARG E 121 2.63 41.91 -52.27
C ARG E 121 3.63 40.84 -52.72
N ILE E 122 3.30 39.56 -52.52
CA ILE E 122 4.10 38.48 -53.09
C ILE E 122 4.22 38.66 -54.60
N SER E 123 3.14 39.10 -55.24
CA SER E 123 3.18 39.42 -56.66
C SER E 123 4.34 40.37 -56.97
N ASP E 124 4.45 41.45 -56.21
CA ASP E 124 5.56 42.38 -56.34
C ASP E 124 6.73 41.89 -55.50
N THR E 125 7.74 42.75 -55.32
CA THR E 125 8.89 42.52 -54.44
C THR E 125 9.80 41.41 -54.96
N THR E 126 9.46 40.81 -56.09
CA THR E 126 10.30 39.80 -56.74
C THR E 126 11.03 40.39 -57.95
N THR E 127 11.42 41.65 -57.84
CA THR E 127 12.03 42.38 -58.96
C THR E 127 13.46 41.89 -59.22
N PHE E 128 13.53 40.71 -59.83
CA PHE E 128 14.81 40.16 -60.27
C PHE E 128 15.27 40.92 -61.51
N GLY E 129 15.89 42.07 -61.31
CA GLY E 129 16.32 42.92 -62.40
C GLY E 129 15.48 44.16 -62.64
N GLY E 130 14.63 44.54 -61.69
CA GLY E 130 13.72 45.64 -61.90
C GLY E 130 12.65 45.30 -62.91
N ARG E 131 12.51 44.00 -63.18
CA ARG E 131 11.61 43.48 -64.20
C ARG E 131 10.78 42.33 -63.60
N LYS E 132 10.14 42.63 -62.46
CA LYS E 132 9.40 41.68 -61.64
C LYS E 132 8.67 40.63 -62.48
N LEU E 133 8.84 39.36 -62.11
CA LEU E 133 8.53 38.27 -63.03
C LEU E 133 7.03 37.98 -63.08
N LEU E 134 6.45 37.58 -61.97
CA LEU E 134 5.11 36.99 -61.97
C LEU E 134 3.99 38.02 -62.03
N ASP E 135 4.22 39.24 -61.59
CA ASP E 135 3.17 40.26 -61.62
C ASP E 135 3.43 41.28 -62.73
N GLY E 136 2.54 42.25 -62.80
CA GLY E 136 2.71 43.34 -63.75
C GLY E 136 2.55 42.85 -65.18
N SER E 137 3.43 43.33 -66.05
CA SER E 137 3.43 42.99 -67.46
C SER E 137 4.76 42.33 -67.80
N PHE E 138 4.79 41.01 -67.74
CA PHE E 138 5.98 40.24 -68.09
C PHE E 138 6.05 40.10 -69.60
N GLY E 139 7.21 40.42 -70.17
CA GLY E 139 7.36 40.50 -71.61
C GLY E 139 7.32 39.18 -72.34
N THR E 140 7.17 38.07 -71.61
CA THR E 140 7.19 36.73 -72.20
C THR E 140 8.46 36.52 -73.03
N THR E 141 9.59 36.62 -72.34
CA THR E 141 10.89 36.60 -72.99
C THR E 141 11.23 35.17 -73.42
N SER E 142 12.43 35.01 -73.99
CA SER E 142 12.87 33.71 -74.49
C SER E 142 14.39 33.69 -74.45
N PHE E 143 14.94 32.79 -73.63
CA PHE E 143 16.39 32.73 -73.43
C PHE E 143 17.04 31.90 -74.53
N GLN E 144 18.07 32.46 -75.16
CA GLN E 144 18.76 31.76 -76.24
C GLN E 144 19.69 30.70 -75.65
N VAL E 145 19.60 29.48 -76.20
CA VAL E 145 20.35 28.35 -75.69
C VAL E 145 21.33 27.79 -76.71
N GLY E 146 21.13 28.05 -78.01
CA GLY E 146 22.04 27.58 -79.02
C GLY E 146 22.84 28.74 -79.62
N SER E 147 23.88 28.38 -80.35
CA SER E 147 24.76 29.35 -80.99
C SER E 147 24.23 29.83 -82.34
N ASN E 148 22.94 29.64 -82.61
CA ASN E 148 22.34 30.06 -83.87
C ASN E 148 21.31 31.15 -83.61
N ALA E 149 21.05 31.95 -84.63
CA ALA E 149 20.09 33.05 -84.50
C ALA E 149 18.68 32.52 -84.35
N TYR E 150 17.91 33.17 -83.46
CA TYR E 150 16.50 32.85 -83.23
C TYR E 150 16.31 31.46 -82.63
N GLU E 151 17.40 30.75 -82.36
CA GLU E 151 17.30 29.46 -81.70
C GLU E 151 17.22 29.68 -80.18
N THR E 152 16.01 29.75 -79.65
CA THR E 152 15.79 30.13 -78.26
C THR E 152 14.71 29.25 -77.63
N ILE E 153 14.57 29.39 -76.32
CA ILE E 153 13.60 28.63 -75.53
C ILE E 153 12.66 29.61 -74.87
N ASP E 154 11.36 29.49 -75.17
CA ASP E 154 10.37 30.43 -74.66
C ASP E 154 9.98 30.11 -73.22
N ILE E 155 9.43 31.12 -72.55
CA ILE E 155 8.93 30.98 -71.19
C ILE E 155 7.56 31.64 -71.13
N SER E 156 6.63 31.01 -70.41
CA SER E 156 5.22 31.40 -70.39
C SER E 156 4.76 31.67 -68.96
N LEU E 157 5.54 32.48 -68.23
CA LEU E 157 5.20 32.83 -66.86
C LEU E 157 3.81 33.47 -66.81
N GLN E 158 3.17 33.33 -65.64
CA GLN E 158 1.85 33.92 -65.43
C GLN E 158 1.89 35.43 -65.61
N ASN E 159 0.87 35.96 -66.26
CA ASN E 159 0.82 37.39 -66.53
C ASN E 159 0.74 38.19 -65.23
N ALA E 160 -0.05 37.72 -64.28
CA ALA E 160 -0.20 38.42 -63.00
C ALA E 160 -0.73 37.44 -61.96
N SER E 161 -0.08 37.41 -60.80
CA SER E 161 -0.50 36.62 -59.67
C SER E 161 -1.12 37.51 -58.60
N ALA E 162 -1.79 38.58 -59.04
CA ALA E 162 -2.47 39.51 -58.14
C ALA E 162 -3.81 38.93 -57.70
N SER E 163 -4.66 39.77 -57.14
CA SER E 163 -5.97 39.32 -56.68
C SER E 163 -6.93 39.12 -57.85
N ALA E 164 -6.39 39.09 -59.07
CA ALA E 164 -7.18 38.86 -60.26
C ALA E 164 -7.15 37.41 -60.75
N ILE E 165 -6.30 36.56 -60.18
CA ILE E 165 -6.25 35.15 -60.54
C ILE E 165 -7.21 34.39 -59.64
N GLY E 166 -7.93 33.44 -60.22
CA GLY E 166 -8.93 32.69 -59.48
C GLY E 166 -9.78 31.80 -60.35
N SER E 167 -11.10 31.85 -60.15
CA SER E 167 -12.05 31.01 -60.89
C SER E 167 -12.63 31.84 -62.03
N TYR E 168 -12.02 31.73 -63.21
CA TYR E 168 -12.51 32.42 -64.39
C TYR E 168 -13.75 31.68 -64.88
N GLN E 169 -14.85 31.90 -64.16
CA GLN E 169 -16.04 31.09 -64.36
C GLN E 169 -17.31 31.76 -63.83
N VAL E 170 -18.36 31.80 -64.63
CA VAL E 170 -19.68 32.21 -64.16
C VAL E 170 -20.32 31.00 -63.50
N GLY E 171 -20.54 29.96 -64.29
CA GLY E 171 -21.01 28.67 -63.80
C GLY E 171 -22.44 28.38 -64.19
N SER E 172 -23.34 29.35 -63.99
CA SER E 172 -24.73 29.23 -64.42
C SER E 172 -25.53 30.49 -64.12
N ASN E 173 -26.53 30.78 -64.95
CA ASN E 173 -27.68 31.60 -64.59
C ASN E 173 -27.35 33.00 -64.06
N GLY E 174 -26.09 33.40 -64.14
CA GLY E 174 -25.69 34.65 -63.51
C GLY E 174 -25.03 35.67 -64.42
N ALA E 175 -24.83 35.29 -65.69
CA ALA E 175 -24.19 36.21 -66.63
C ALA E 175 -25.20 36.83 -67.58
N GLY E 176 -25.42 38.14 -67.46
CA GLY E 176 -26.31 38.86 -68.36
C GLY E 176 -27.76 38.73 -68.01
N THR E 177 -28.37 37.58 -68.30
CA THR E 177 -29.76 37.32 -68.02
C THR E 177 -29.92 35.95 -67.38
N VAL E 178 -30.98 35.78 -66.61
CA VAL E 178 -31.24 34.49 -65.98
C VAL E 178 -31.61 33.47 -67.06
N ALA E 179 -31.38 32.20 -66.74
CA ALA E 179 -31.71 31.12 -67.66
C ALA E 179 -33.23 30.91 -67.67
N SER E 180 -33.67 30.03 -68.57
CA SER E 180 -35.09 29.73 -68.71
C SER E 180 -35.49 28.41 -68.07
N VAL E 181 -34.59 27.43 -68.05
CA VAL E 181 -34.86 26.13 -67.45
C VAL E 181 -33.99 25.89 -66.21
N ALA E 182 -32.68 26.12 -66.33
CA ALA E 182 -31.80 25.97 -65.19
C ALA E 182 -32.12 27.02 -64.14
N GLY E 183 -32.32 26.56 -62.90
CA GLY E 183 -32.72 27.44 -61.82
C GLY E 183 -34.06 28.11 -62.07
N THR E 184 -34.95 27.41 -62.76
CA THR E 184 -36.25 27.95 -63.12
C THR E 184 -37.27 26.82 -63.31
N ALA E 185 -38.45 26.96 -62.72
CA ALA E 185 -39.48 25.95 -62.87
C ALA E 185 -40.04 25.97 -64.29
N THR E 186 -40.05 24.80 -64.94
CA THR E 186 -40.51 24.67 -66.31
C THR E 186 -41.52 23.54 -66.42
N ALA E 187 -42.31 23.59 -67.49
CA ALA E 187 -43.33 22.58 -67.75
C ALA E 187 -42.76 21.37 -68.49
N SER E 188 -41.98 21.60 -69.54
CA SER E 188 -41.38 20.53 -70.32
C SER E 188 -40.04 20.09 -69.77
N GLY E 189 -39.34 20.98 -69.07
CA GLY E 189 -38.04 20.66 -68.52
C GLY E 189 -36.90 20.96 -69.48
N ILE E 190 -35.77 20.32 -69.21
CA ILE E 190 -34.59 20.45 -70.05
C ILE E 190 -34.91 19.92 -71.45
N ALA E 191 -34.55 20.69 -72.47
CA ALA E 191 -34.77 20.30 -73.85
C ALA E 191 -33.51 19.67 -74.44
N SER E 192 -33.69 19.02 -75.58
CA SER E 192 -32.57 18.37 -76.26
C SER E 192 -31.72 19.38 -77.00
N GLY E 193 -30.58 18.92 -77.53
CA GLY E 193 -29.66 19.75 -78.27
C GLY E 193 -28.25 19.53 -77.79
N THR E 194 -27.39 20.50 -78.09
CA THR E 194 -25.99 20.44 -77.71
C THR E 194 -25.56 21.76 -77.09
N VAL E 195 -24.47 21.70 -76.31
CA VAL E 195 -23.90 22.88 -75.68
C VAL E 195 -22.40 22.88 -75.92
N ASN E 196 -21.93 23.82 -76.74
CA ASN E 196 -20.52 23.86 -77.10
C ASN E 196 -19.67 24.32 -75.92
N LEU E 197 -18.59 23.58 -75.66
CA LEU E 197 -17.64 23.93 -74.60
C LEU E 197 -16.26 24.05 -75.25
N VAL E 198 -15.93 25.27 -75.68
CA VAL E 198 -14.64 25.53 -76.29
C VAL E 198 -13.75 26.26 -75.29
N GLY E 199 -12.48 25.88 -75.25
CA GLY E 199 -11.54 26.52 -74.35
C GLY E 199 -10.26 25.74 -74.16
N GLY E 200 -9.14 26.45 -74.05
CA GLY E 200 -7.85 25.83 -73.85
C GLY E 200 -7.46 24.88 -74.96
N GLY E 201 -7.61 25.32 -76.21
CA GLY E 201 -7.27 24.47 -77.34
C GLY E 201 -8.30 23.40 -77.62
N GLN E 202 -8.59 22.57 -76.61
CA GLN E 202 -9.55 21.48 -76.78
C GLN E 202 -10.94 22.04 -77.06
N VAL E 203 -11.59 21.44 -78.05
CA VAL E 203 -12.95 21.81 -78.44
C VAL E 203 -13.86 20.59 -78.21
N LYS E 204 -14.98 20.83 -77.54
CA LYS E 204 -15.93 19.77 -77.22
C LYS E 204 -17.33 20.19 -77.66
N ASN E 205 -18.15 19.17 -77.95
CA ASN E 205 -19.52 19.43 -78.40
C ASN E 205 -20.54 18.57 -77.67
N ILE E 206 -20.48 18.50 -76.34
CA ILE E 206 -21.35 17.63 -75.55
C ILE E 206 -22.82 17.93 -75.85
N ALA E 207 -23.55 16.94 -76.34
CA ALA E 207 -24.96 17.12 -76.63
C ALA E 207 -25.79 16.75 -75.40
N ILE E 208 -26.74 17.61 -75.05
CA ILE E 208 -27.58 17.41 -73.87
C ILE E 208 -28.91 16.82 -74.31
N ALA E 209 -29.30 15.71 -73.70
CA ALA E 209 -30.60 15.11 -73.97
C ALA E 209 -31.69 15.85 -73.19
N ALA E 210 -32.93 15.66 -73.62
CA ALA E 210 -34.05 16.31 -72.94
C ALA E 210 -34.43 15.54 -71.68
N GLY E 211 -34.89 16.28 -70.68
CA GLY E 211 -35.32 15.67 -69.43
C GLY E 211 -34.19 15.42 -68.45
N ASP E 212 -32.95 15.58 -68.91
CA ASP E 212 -31.77 15.32 -68.10
C ASP E 212 -31.75 16.18 -66.83
N SER E 213 -31.47 15.55 -65.69
CA SER E 213 -31.40 16.28 -64.44
C SER E 213 -30.16 17.17 -64.40
N ALA E 214 -30.12 18.07 -63.43
CA ALA E 214 -28.95 18.94 -63.24
C ALA E 214 -27.69 18.11 -62.99
N LYS E 215 -27.82 17.05 -62.18
CA LYS E 215 -26.71 16.14 -61.95
C LYS E 215 -26.20 15.54 -63.26
N ALA E 216 -27.13 15.11 -64.11
CA ALA E 216 -26.79 14.56 -65.42
C ALA E 216 -26.06 15.59 -66.26
N ILE E 217 -26.62 16.80 -66.37
CA ILE E 217 -26.03 17.89 -67.13
C ILE E 217 -24.59 18.09 -66.68
N ALA E 218 -24.39 18.22 -65.37
CA ALA E 218 -23.08 18.47 -64.79
C ALA E 218 -22.10 17.34 -65.11
N GLU E 219 -22.50 16.10 -64.86
CA GLU E 219 -21.60 14.97 -65.05
C GLU E 219 -21.24 14.80 -66.52
N LYS E 220 -22.14 15.18 -67.43
CA LYS E 220 -21.79 15.13 -68.85
C LYS E 220 -20.81 16.24 -69.21
N MET E 221 -21.12 17.49 -68.85
CA MET E 221 -20.24 18.58 -69.24
C MET E 221 -18.92 18.57 -68.47
N ASP E 222 -18.84 17.84 -67.36
CA ASP E 222 -17.60 17.68 -66.62
C ASP E 222 -16.69 16.70 -67.36
N GLY E 223 -15.43 16.58 -66.94
CA GLY E 223 -14.54 15.62 -67.54
C GLY E 223 -13.75 16.15 -68.72
N ALA E 224 -14.33 16.02 -69.92
CA ALA E 224 -13.68 16.32 -71.19
C ALA E 224 -12.83 17.60 -71.16
N ILE E 225 -13.40 18.70 -70.71
CA ILE E 225 -12.68 19.97 -70.65
C ILE E 225 -11.54 19.86 -69.65
N PRO E 226 -10.30 20.07 -70.07
CA PRO E 226 -9.17 19.96 -69.13
C PRO E 226 -9.25 21.00 -68.03
N ASN E 227 -9.00 20.57 -66.80
CA ASN E 227 -9.04 21.43 -65.62
C ASN E 227 -10.38 22.14 -65.50
N LEU E 228 -11.43 21.35 -65.31
CA LEU E 228 -12.78 21.87 -65.15
C LEU E 228 -13.55 20.96 -64.21
N SER E 229 -14.29 21.56 -63.29
CA SER E 229 -15.15 20.83 -62.37
C SER E 229 -16.60 21.24 -62.63
N ALA E 230 -17.51 20.66 -61.85
CA ALA E 230 -18.93 20.94 -62.04
C ALA E 230 -19.69 20.64 -60.76
N ARG E 231 -20.55 21.57 -60.36
CA ARG E 231 -21.44 21.39 -59.22
C ARG E 231 -22.88 21.33 -59.71
N ALA E 232 -23.81 20.96 -58.81
CA ALA E 232 -25.21 20.92 -59.15
C ALA E 232 -26.07 20.92 -57.88
N ARG E 233 -26.94 21.93 -57.76
CA ARG E 233 -27.85 22.03 -56.62
C ARG E 233 -29.21 22.44 -57.14
N THR E 234 -30.26 22.03 -56.41
CA THR E 234 -31.65 22.31 -56.79
C THR E 234 -32.37 22.83 -55.55
N VAL E 235 -31.77 23.81 -54.90
CA VAL E 235 -32.35 24.45 -53.72
C VAL E 235 -33.50 25.34 -54.15
N PHE E 236 -34.69 25.09 -53.58
CA PHE E 236 -35.87 25.87 -53.92
C PHE E 236 -36.73 26.05 -52.68
N THR E 237 -37.58 27.06 -52.71
CA THR E 237 -38.49 27.37 -51.62
C THR E 237 -39.90 26.93 -51.96
N ALA E 238 -40.79 27.05 -50.98
CA ALA E 238 -42.20 26.70 -51.15
C ALA E 238 -43.00 27.42 -50.09
N ASP E 239 -44.30 27.59 -50.36
CA ASP E 239 -45.19 28.28 -49.42
CA ASP E 239 -45.19 28.28 -49.42
C ASP E 239 -46.61 27.82 -49.69
N VAL E 240 -47.21 27.11 -48.73
CA VAL E 240 -48.58 26.63 -48.87
C VAL E 240 -49.52 27.73 -48.38
N SER E 241 -50.34 28.26 -49.28
CA SER E 241 -51.29 29.31 -48.94
C SER E 241 -52.52 29.18 -49.82
N GLY E 242 -53.61 29.83 -49.41
CA GLY E 242 -54.82 29.85 -50.17
C GLY E 242 -55.67 28.60 -50.03
N VAL E 243 -55.19 27.65 -49.21
CA VAL E 243 -55.89 26.38 -49.02
C VAL E 243 -57.28 26.63 -48.45
N THR E 244 -58.30 26.26 -49.20
CA THR E 244 -59.69 26.44 -48.78
C THR E 244 -60.52 25.26 -49.24
N GLY E 245 -61.28 24.69 -48.32
CA GLY E 245 -62.17 23.58 -48.60
C GLY E 245 -61.50 22.37 -49.20
N GLY E 246 -60.67 21.70 -48.42
CA GLY E 246 -60.00 20.49 -48.84
C GLY E 246 -58.49 20.57 -48.68
N SER E 247 -57.84 19.48 -49.04
CA SER E 247 -56.39 19.35 -48.94
C SER E 247 -55.75 19.45 -50.32
N LEU E 248 -54.45 19.76 -50.32
CA LEU E 248 -53.67 19.95 -51.54
C LEU E 248 -52.84 18.72 -51.91
N ASN E 249 -53.38 17.52 -51.70
CA ASN E 249 -52.68 16.26 -51.96
C ASN E 249 -52.04 16.26 -53.35
N PHE E 250 -50.73 16.03 -53.41
CA PHE E 250 -49.99 16.10 -54.66
C PHE E 250 -48.87 15.07 -54.64
N ASP E 251 -48.31 14.82 -55.83
CA ASP E 251 -47.25 13.85 -56.00
C ASP E 251 -45.89 14.52 -55.92
N VAL E 252 -44.93 13.83 -55.31
CA VAL E 252 -43.56 14.31 -55.15
C VAL E 252 -42.66 13.39 -55.95
N THR E 253 -42.13 13.89 -57.07
CA THR E 253 -41.27 13.13 -57.96
C THR E 253 -39.86 13.70 -57.91
N VAL E 254 -38.91 12.87 -57.49
CA VAL E 254 -37.50 13.25 -57.43
C VAL E 254 -36.67 12.12 -58.01
N GLY E 255 -36.15 12.34 -59.22
CA GLY E 255 -35.30 11.35 -59.86
C GLY E 255 -35.98 10.03 -60.13
N SER E 256 -35.59 8.99 -59.39
CA SER E 256 -36.13 7.65 -59.58
C SER E 256 -37.27 7.34 -58.63
N ASN E 257 -37.02 7.45 -57.31
CA ASN E 257 -38.08 7.23 -56.33
C ASN E 257 -39.11 8.35 -56.38
N THR E 258 -40.37 8.00 -56.14
CA THR E 258 -41.46 8.96 -56.27
C THR E 258 -42.56 8.60 -55.28
N VAL E 259 -42.96 9.58 -54.46
CA VAL E 259 -44.03 9.39 -53.48
C VAL E 259 -45.11 10.44 -53.69
N SER E 260 -46.22 10.30 -52.98
CA SER E 260 -47.32 11.27 -53.06
C SER E 260 -47.81 11.53 -51.65
N LEU E 261 -47.50 12.71 -51.11
CA LEU E 261 -47.93 13.06 -49.77
C LEU E 261 -49.42 13.41 -49.75
N ALA E 262 -49.93 13.65 -48.55
CA ALA E 262 -51.33 14.00 -48.37
C ALA E 262 -51.46 14.89 -47.14
N GLY E 263 -52.60 15.56 -47.03
CA GLY E 263 -52.88 16.41 -45.89
C GLY E 263 -52.25 17.78 -45.99
N VAL E 264 -51.88 18.20 -47.19
CA VAL E 264 -51.23 19.48 -47.40
C VAL E 264 -52.22 20.60 -47.15
N THR E 265 -52.04 21.32 -46.03
CA THR E 265 -52.91 22.45 -45.70
C THR E 265 -52.15 23.70 -45.30
N SER E 266 -50.85 23.61 -44.98
CA SER E 266 -50.10 24.77 -44.55
C SER E 266 -48.61 24.50 -44.75
N THR E 267 -47.80 25.55 -44.58
CA THR E 267 -46.36 25.44 -44.77
C THR E 267 -45.74 24.44 -43.80
N GLN E 268 -46.16 24.47 -42.54
CA GLN E 268 -45.53 23.63 -41.52
C GLN E 268 -45.84 22.15 -41.76
N ASP E 269 -47.08 21.85 -42.16
CA ASP E 269 -47.49 20.48 -42.41
C ASP E 269 -46.64 19.86 -43.52
N LEU E 270 -46.47 20.58 -44.62
CA LEU E 270 -45.63 20.14 -45.71
C LEU E 270 -44.23 19.86 -45.17
N ALA E 271 -43.56 20.91 -44.69
CA ALA E 271 -42.22 20.81 -44.11
C ALA E 271 -42.06 19.56 -43.26
N ASP E 272 -43.01 19.30 -42.35
CA ASP E 272 -42.97 18.13 -41.50
C ASP E 272 -43.00 16.83 -42.29
N GLN E 273 -44.00 16.66 -43.17
CA GLN E 273 -44.14 15.38 -43.85
C GLN E 273 -42.99 15.14 -44.82
N LEU E 274 -42.48 16.19 -45.45
CA LEU E 274 -41.30 16.06 -46.31
C LEU E 274 -40.07 15.69 -45.48
N ASN E 275 -39.87 16.34 -44.33
CA ASN E 275 -38.75 16.00 -43.47
C ASN E 275 -38.82 14.54 -43.04
N SER E 276 -40.03 14.05 -42.76
CA SER E 276 -40.21 12.64 -42.47
C SER E 276 -39.92 11.78 -43.69
N ASN E 277 -40.18 12.32 -44.88
CA ASN E 277 -40.06 11.56 -46.12
C ASN E 277 -38.80 11.91 -46.92
N SER E 278 -37.99 12.87 -46.44
CA SER E 278 -36.81 13.29 -47.18
C SER E 278 -35.80 12.16 -47.36
N SER E 279 -35.65 11.33 -46.33
CA SER E 279 -34.71 10.21 -46.38
C SER E 279 -35.02 9.29 -47.56
N LYS E 280 -36.31 9.05 -47.81
CA LYS E 280 -36.71 8.25 -48.95
C LYS E 280 -36.34 8.94 -50.26
N LEU E 281 -36.69 10.21 -50.39
CA LEU E 281 -36.48 10.95 -51.63
C LEU E 281 -35.03 11.38 -51.78
N GLY E 282 -34.26 11.30 -50.70
CA GLY E 282 -32.87 11.75 -50.75
C GLY E 282 -32.74 13.25 -50.87
N ILE E 283 -33.61 13.99 -50.19
CA ILE E 283 -33.58 15.45 -50.22
C ILE E 283 -33.40 15.96 -48.79
N THR E 284 -33.37 17.29 -48.64
CA THR E 284 -33.20 17.92 -47.33
C THR E 284 -34.30 18.96 -47.14
N ALA E 285 -35.38 18.55 -46.46
CA ALA E 285 -36.45 19.46 -46.12
C ALA E 285 -36.15 20.18 -44.81
N SER E 286 -35.85 21.47 -44.88
CA SER E 286 -35.45 22.27 -43.71
C SER E 286 -36.37 23.47 -43.61
N ILE E 287 -36.98 23.65 -42.45
CA ILE E 287 -37.79 24.83 -42.16
C ILE E 287 -36.97 25.79 -41.33
N ASN E 288 -36.98 27.07 -41.70
CA ASN E 288 -36.22 28.08 -40.99
C ASN E 288 -37.10 28.77 -39.96
N ASP E 289 -36.55 29.79 -39.31
CA ASP E 289 -37.29 30.53 -38.29
C ASP E 289 -38.43 31.33 -38.92
N LYS E 290 -38.28 31.70 -40.18
CA LYS E 290 -39.28 32.51 -40.85
C LYS E 290 -40.37 31.67 -41.50
N GLY E 291 -40.33 30.35 -41.27
CA GLY E 291 -41.37 29.48 -41.76
C GLY E 291 -41.18 29.01 -43.20
N VAL E 292 -40.63 29.88 -44.05
CA VAL E 292 -40.49 29.61 -45.47
C VAL E 292 -39.70 28.31 -45.70
N LEU E 293 -40.18 27.50 -46.65
CA LEU E 293 -39.54 26.24 -46.96
C LEU E 293 -38.14 26.43 -47.55
N THR E 294 -37.19 25.61 -47.12
CA THR E 294 -35.81 25.67 -47.58
C THR E 294 -35.31 24.31 -48.07
N ILE E 295 -36.10 23.64 -48.92
CA ILE E 295 -35.74 22.32 -49.44
C ILE E 295 -34.39 22.39 -50.14
N THR E 296 -33.51 21.44 -49.82
CA THR E 296 -32.17 21.39 -50.37
C THR E 296 -31.95 20.06 -51.10
N SER E 297 -31.22 20.12 -52.20
CA SER E 297 -30.91 18.95 -53.00
C SER E 297 -29.52 18.41 -52.65
N ALA E 298 -29.34 17.11 -52.86
CA ALA E 298 -28.09 16.44 -52.53
C ALA E 298 -27.03 16.69 -53.60
N THR E 299 -27.32 16.27 -54.83
CA THR E 299 -26.37 16.40 -55.94
C THR E 299 -27.02 17.06 -57.15
N GLY E 300 -27.97 17.94 -56.86
CA GLY E 300 -28.70 18.62 -57.92
C GLY E 300 -29.63 17.71 -58.68
N GLU E 301 -30.69 17.25 -58.01
CA GLU E 301 -31.65 16.32 -58.62
C GLU E 301 -32.62 17.07 -59.52
N ASN E 302 -33.70 16.40 -59.92
CA ASN E 302 -34.67 16.96 -60.85
C ASN E 302 -36.07 16.89 -60.26
N VAL E 303 -36.21 17.33 -59.01
CA VAL E 303 -37.47 17.28 -58.26
C VAL E 303 -38.62 17.81 -59.12
N LYS E 304 -39.68 17.03 -59.22
CA LYS E 304 -40.87 17.38 -59.99
C LYS E 304 -42.08 17.40 -59.06
N PHE E 305 -43.19 17.97 -59.53
CA PHE E 305 -44.38 18.12 -58.72
C PHE E 305 -45.57 17.56 -59.47
N GLY E 306 -46.39 16.76 -58.79
CA GLY E 306 -47.52 16.12 -59.42
C GLY E 306 -48.71 17.04 -59.63
N ALA E 307 -49.91 16.50 -59.54
CA ALA E 307 -51.14 17.25 -59.76
C ALA E 307 -51.92 17.34 -58.45
N GLN E 308 -52.93 18.21 -58.45
CA GLN E 308 -53.76 18.44 -57.27
C GLN E 308 -54.77 17.31 -57.11
N THR E 309 -54.29 16.21 -56.51
CA THR E 309 -55.15 15.05 -56.29
C THR E 309 -56.09 15.26 -55.11
N GLY E 310 -55.86 16.30 -54.32
CA GLY E 310 -56.67 16.55 -53.14
C GLY E 310 -58.04 17.09 -53.50
N THR E 311 -58.72 17.57 -52.47
CA THR E 311 -60.07 18.11 -52.61
C THR E 311 -60.14 19.62 -52.47
N ALA E 312 -59.00 20.30 -52.29
CA ALA E 312 -58.96 21.75 -52.14
C ALA E 312 -59.50 22.45 -53.38
N THR E 313 -60.46 23.34 -53.19
CA THR E 313 -61.02 24.12 -54.28
C THR E 313 -59.98 25.10 -54.82
N ALA E 314 -59.37 25.87 -53.92
CA ALA E 314 -58.34 26.84 -54.28
C ALA E 314 -57.07 26.52 -53.51
N GLY E 315 -56.07 27.39 -53.67
CA GLY E 315 -54.79 27.24 -53.01
C GLY E 315 -53.70 26.77 -53.96
N GLN E 316 -52.48 27.17 -53.64
CA GLN E 316 -51.33 26.83 -54.48
C GLN E 316 -50.02 27.00 -53.74
N VAL E 317 -48.91 26.71 -54.42
CA VAL E 317 -47.57 26.87 -53.85
C VAL E 317 -46.67 27.49 -54.91
N ALA E 318 -45.75 28.33 -54.47
CA ALA E 318 -44.80 28.98 -55.36
C ALA E 318 -43.41 28.39 -55.16
N VAL E 319 -42.54 28.59 -56.14
CA VAL E 319 -41.17 28.08 -56.11
C VAL E 319 -40.23 29.18 -56.57
N LYS E 320 -39.10 29.32 -55.87
CA LYS E 320 -38.17 30.41 -56.13
C LYS E 320 -36.73 29.92 -56.26
N VAL E 321 -36.47 28.91 -57.10
CA VAL E 321 -35.17 28.26 -57.22
C VAL E 321 -34.04 29.26 -57.31
N GLN E 322 -33.04 29.12 -56.43
CA GLN E 322 -31.90 30.01 -56.46
C GLN E 322 -30.82 29.47 -57.38
N GLY E 323 -29.86 30.32 -57.72
CA GLY E 323 -28.74 29.93 -58.55
C GLY E 323 -27.40 30.16 -57.87
N SER E 324 -26.34 30.26 -58.67
CA SER E 324 -25.02 30.56 -58.10
C SER E 324 -24.97 31.96 -57.50
N ASP E 325 -25.84 32.86 -57.98
CA ASP E 325 -25.89 34.20 -57.43
C ASP E 325 -26.37 34.23 -55.99
N GLY E 326 -27.06 33.19 -55.53
CA GLY E 326 -27.48 33.10 -54.15
C GLY E 326 -28.87 33.63 -53.88
N LYS E 327 -29.23 34.75 -54.50
CA LYS E 327 -30.52 35.36 -54.27
C LYS E 327 -31.64 34.58 -54.95
N PHE E 328 -32.68 34.22 -54.19
CA PHE E 328 -33.83 33.52 -54.73
C PHE E 328 -34.61 34.43 -55.67
N GLU E 329 -35.10 33.89 -56.79
CA GLU E 329 -35.88 34.67 -57.74
C GLU E 329 -37.12 35.26 -57.08
N ALA E 330 -37.32 36.55 -57.27
CA ALA E 330 -38.42 37.27 -56.63
C ALA E 330 -39.77 36.84 -57.20
N ALA E 331 -39.76 36.11 -58.31
CA ALA E 331 -40.99 35.66 -58.94
C ALA E 331 -41.71 34.63 -58.08
N ALA E 332 -42.96 34.32 -58.43
CA ALA E 332 -43.75 33.35 -57.68
C ALA E 332 -44.41 32.32 -58.59
N LYS E 333 -43.63 31.72 -59.49
CA LYS E 333 -44.15 30.76 -60.46
C LYS E 333 -44.86 29.60 -59.78
N ASN E 334 -46.13 29.40 -60.13
CA ASN E 334 -46.93 28.34 -59.55
C ASN E 334 -46.46 26.97 -60.06
N VAL E 335 -46.37 26.01 -59.15
CA VAL E 335 -45.97 24.66 -59.52
C VAL E 335 -47.12 23.70 -59.28
N VAL E 336 -47.85 23.88 -58.17
CA VAL E 336 -49.03 23.09 -57.89
C VAL E 336 -50.19 24.01 -57.57
N ALA E 337 -51.29 23.85 -58.29
CA ALA E 337 -52.45 24.71 -58.10
C ALA E 337 -53.72 23.87 -58.12
N ALA E 338 -54.69 24.28 -57.31
CA ALA E 338 -55.98 23.61 -57.29
C ALA E 338 -56.83 24.10 -58.46
N GLY E 339 -57.95 23.42 -58.71
CA GLY E 339 -58.76 23.72 -59.88
C GLY E 339 -57.99 23.62 -61.17
N THR E 340 -57.72 24.77 -61.80
CA THR E 340 -56.89 24.82 -63.00
C THR E 340 -55.44 24.73 -62.57
N ALA E 341 -54.83 23.57 -62.76
CA ALA E 341 -53.44 23.37 -62.35
C ALA E 341 -52.51 24.23 -63.20
N ALA E 342 -51.31 24.45 -62.66
CA ALA E 342 -50.30 25.26 -63.36
C ALA E 342 -49.63 24.44 -64.46
N THR E 343 -48.60 25.00 -65.08
CA THR E 343 -47.89 24.32 -66.16
C THR E 343 -46.49 23.90 -65.71
N THR E 344 -45.71 24.86 -65.21
CA THR E 344 -44.35 24.58 -64.78
C THR E 344 -44.33 23.64 -63.59
N THR E 345 -43.86 22.41 -63.79
CA THR E 345 -43.82 21.42 -62.73
C THR E 345 -42.48 20.73 -62.56
N ILE E 346 -41.60 20.78 -63.57
CA ILE E 346 -40.30 20.13 -63.48
C ILE E 346 -39.28 21.12 -62.93
N VAL E 347 -39.13 21.17 -61.61
CA VAL E 347 -38.20 22.06 -60.96
C VAL E 347 -36.77 21.59 -61.20
N THR E 348 -35.94 22.47 -61.76
CA THR E 348 -34.54 22.15 -62.04
C THR E 348 -33.67 23.27 -61.50
N GLY E 349 -32.62 22.90 -60.76
CA GLY E 349 -31.73 23.86 -60.15
C GLY E 349 -30.64 24.32 -61.09
N TYR E 350 -29.66 25.01 -60.51
CA TYR E 350 -28.53 25.55 -61.26
C TYR E 350 -27.43 24.50 -61.38
N VAL E 351 -26.64 24.60 -62.44
CA VAL E 351 -25.59 23.64 -62.73
C VAL E 351 -24.23 24.33 -62.70
N GLN E 352 -24.10 25.33 -61.82
CA GLN E 352 -22.89 26.12 -61.75
C GLN E 352 -21.65 25.23 -61.63
N LEU E 353 -20.70 25.43 -62.52
CA LEU E 353 -19.46 24.68 -62.52
C LEU E 353 -18.29 25.61 -62.23
N ASN E 354 -17.08 25.05 -62.26
CA ASN E 354 -15.87 25.81 -61.97
C ASN E 354 -14.75 25.36 -62.88
N SER E 355 -13.85 26.30 -63.20
CA SER E 355 -12.69 26.03 -64.04
C SER E 355 -11.66 27.14 -63.88
N PRO E 356 -10.39 26.81 -63.63
CA PRO E 356 -9.38 27.88 -63.51
C PRO E 356 -9.07 28.56 -64.82
N THR E 357 -8.95 27.80 -65.91
CA THR E 357 -8.55 28.36 -67.19
C THR E 357 -9.71 29.15 -67.80
N ALA E 358 -9.49 29.68 -69.00
CA ALA E 358 -10.48 30.47 -69.71
C ALA E 358 -11.32 29.54 -70.58
N TYR E 359 -12.63 29.55 -70.36
CA TYR E 359 -13.56 28.68 -71.08
C TYR E 359 -14.44 29.51 -72.00
N SER E 360 -15.35 28.83 -72.70
CA SER E 360 -16.33 29.49 -73.55
C SER E 360 -17.47 28.51 -73.79
N VAL E 361 -18.66 28.85 -73.30
CA VAL E 361 -19.84 27.99 -73.41
C VAL E 361 -20.82 28.63 -74.38
N SER E 362 -21.24 27.85 -75.38
CA SER E 362 -22.20 28.32 -76.38
C SER E 362 -23.15 27.18 -76.71
N GLY E 363 -24.16 27.51 -77.52
CA GLY E 363 -25.15 26.54 -77.93
C GLY E 363 -26.11 27.08 -78.98
N THR E 364 -26.45 26.25 -79.96
CA THR E 364 -27.34 26.67 -81.02
C THR E 364 -28.75 26.91 -80.49
N GLY E 365 -29.33 28.04 -80.88
CA GLY E 365 -30.67 28.38 -80.46
C GLY E 365 -30.80 28.64 -78.97
N THR E 366 -31.77 27.99 -78.33
CA THR E 366 -32.01 28.17 -76.91
C THR E 366 -31.38 27.08 -76.05
N GLN E 367 -30.63 26.16 -76.65
CA GLN E 367 -29.99 25.08 -75.91
C GLN E 367 -29.04 25.62 -74.85
N ALA E 368 -28.41 26.76 -75.12
CA ALA E 368 -27.51 27.37 -74.16
C ALA E 368 -28.26 28.32 -73.22
N SER E 369 -29.20 29.09 -73.77
CA SER E 369 -29.94 30.08 -72.97
C SER E 369 -30.78 29.42 -71.88
N GLN E 370 -31.26 28.20 -72.16
CA GLN E 370 -32.07 27.49 -71.18
C GLN E 370 -31.26 27.10 -69.95
N VAL E 371 -29.94 27.06 -70.08
CA VAL E 371 -29.05 26.64 -69.00
C VAL E 371 -28.19 27.78 -68.49
N PHE E 372 -27.65 28.59 -69.38
CA PHE E 372 -26.69 29.64 -69.02
C PHE E 372 -27.24 31.03 -69.30
N GLY E 373 -28.30 31.12 -70.09
CA GLY E 373 -28.83 32.43 -70.40
C GLY E 373 -27.91 33.21 -71.31
N ASN E 374 -27.65 34.46 -70.93
CA ASN E 374 -26.87 35.38 -71.74
C ASN E 374 -25.38 35.03 -71.71
N ALA E 375 -24.98 34.17 -70.76
CA ALA E 375 -23.59 33.76 -70.60
C ALA E 375 -22.95 33.36 -71.92
N SER E 376 -21.88 34.05 -72.31
CA SER E 376 -21.31 33.83 -73.64
C SER E 376 -19.93 33.21 -73.59
N ALA E 377 -18.96 33.87 -72.94
CA ALA E 377 -17.62 33.30 -72.94
C ALA E 377 -17.12 32.92 -71.55
N ALA E 378 -17.01 33.90 -70.64
CA ALA E 378 -16.40 33.66 -69.34
C ALA E 378 -16.50 34.93 -68.51
N GLN E 379 -15.96 34.84 -67.29
CA GLN E 379 -15.64 36.00 -66.47
C GLN E 379 -14.30 35.75 -65.78
N LYS E 380 -13.96 36.59 -64.80
CA LYS E 380 -12.69 36.44 -64.09
C LYS E 380 -12.94 36.16 -62.62
N SER E 381 -14.05 36.68 -62.10
CA SER E 381 -14.49 36.56 -60.70
C SER E 381 -13.62 37.41 -59.78
N SER E 382 -12.49 37.92 -60.30
CA SER E 382 -11.72 39.01 -59.71
C SER E 382 -11.64 38.90 -58.18
N VAL E 383 -11.04 37.83 -57.66
CA VAL E 383 -11.27 37.51 -56.26
C VAL E 383 -10.55 38.51 -55.35
N ALA E 384 -11.31 39.51 -54.91
CA ALA E 384 -10.95 40.42 -53.84
C ALA E 384 -12.15 40.56 -52.93
N SER E 385 -13.32 40.23 -53.48
CA SER E 385 -14.64 40.18 -52.87
C SER E 385 -14.90 38.89 -52.13
N VAL E 386 -13.83 38.26 -51.66
CA VAL E 386 -13.87 36.99 -50.94
C VAL E 386 -14.96 36.96 -49.88
N ASP E 387 -15.27 38.13 -49.31
CA ASP E 387 -16.33 38.40 -48.34
C ASP E 387 -16.61 37.19 -47.44
N ILE E 388 -15.56 36.75 -46.74
CA ILE E 388 -15.62 35.50 -45.99
C ILE E 388 -16.63 35.55 -44.85
N SER E 389 -17.14 36.75 -44.55
CA SER E 389 -18.13 36.91 -43.49
C SER E 389 -19.39 36.09 -43.76
N THR E 390 -19.88 36.13 -45.00
CA THR E 390 -21.11 35.44 -45.35
C THR E 390 -20.83 33.96 -45.63
N ALA E 391 -21.78 33.11 -45.27
CA ALA E 391 -21.63 31.67 -45.46
C ALA E 391 -21.50 31.30 -46.93
N ASP E 392 -22.49 31.68 -47.73
CA ASP E 392 -22.42 31.43 -49.17
C ASP E 392 -21.20 32.11 -49.78
N GLY E 393 -20.85 33.28 -49.23
CA GLY E 393 -19.62 33.94 -49.60
C GLY E 393 -18.43 33.07 -49.32
N ALA E 394 -18.43 32.40 -48.16
CA ALA E 394 -17.34 31.50 -47.79
C ALA E 394 -17.25 30.31 -48.74
N GLN E 395 -18.40 29.78 -49.15
CA GLN E 395 -18.41 28.66 -50.07
C GLN E 395 -17.87 29.06 -51.44
N ASN E 396 -18.32 30.22 -51.93
CA ASN E 396 -17.80 30.75 -53.18
C ASN E 396 -16.30 31.01 -53.07
N ALA E 397 -15.85 31.42 -51.89
CA ALA E 397 -14.42 31.63 -51.66
C ALA E 397 -13.66 30.30 -51.74
N ILE E 398 -14.23 29.25 -51.17
CA ILE E 398 -13.65 27.92 -51.23
C ILE E 398 -13.48 27.52 -52.69
N ALA E 399 -14.54 27.70 -53.48
CA ALA E 399 -14.49 27.33 -54.89
C ALA E 399 -13.43 28.15 -55.65
N VAL E 400 -13.41 29.47 -55.43
CA VAL E 400 -12.52 30.32 -56.20
C VAL E 400 -11.06 30.08 -55.79
N VAL E 401 -10.84 29.75 -54.52
CA VAL E 401 -9.47 29.47 -54.10
C VAL E 401 -9.04 28.09 -54.58
N ASP E 402 -9.97 27.15 -54.71
CA ASP E 402 -9.64 25.88 -55.34
C ASP E 402 -9.18 26.09 -56.77
N ASN E 403 -9.94 26.87 -57.54
CA ASN E 403 -9.55 27.15 -58.91
C ASN E 403 -8.23 27.94 -58.98
N ALA E 404 -8.03 28.88 -58.05
CA ALA E 404 -6.79 29.67 -58.06
C ALA E 404 -5.58 28.79 -57.76
N LEU E 405 -5.72 27.90 -56.78
CA LEU E 405 -4.62 26.98 -56.48
C LEU E 405 -4.36 26.02 -57.64
N ALA E 406 -5.43 25.58 -58.33
CA ALA E 406 -5.23 24.76 -59.52
C ALA E 406 -4.42 25.51 -60.57
N ALA E 407 -4.77 26.77 -60.82
CA ALA E 407 -4.05 27.56 -61.82
C ALA E 407 -2.59 27.80 -61.40
N ILE E 408 -2.37 28.10 -60.12
CA ILE E 408 -1.02 28.36 -59.66
C ILE E 408 -0.17 27.09 -59.73
N ASP E 409 -0.77 25.94 -59.44
CA ASP E 409 -0.02 24.69 -59.50
C ASP E 409 0.25 24.30 -60.96
N ALA E 410 -0.68 24.63 -61.86
CA ALA E 410 -0.40 24.45 -63.28
C ALA E 410 0.75 25.33 -63.74
N GLN E 411 0.82 26.56 -63.24
CA GLN E 411 1.96 27.42 -63.54
C GLN E 411 3.25 26.83 -62.98
N ARG E 412 3.19 26.25 -61.79
CA ARG E 412 4.35 25.57 -61.21
C ARG E 412 4.77 24.40 -62.08
N ALA E 413 3.81 23.68 -62.64
CA ALA E 413 4.14 22.54 -63.52
C ALA E 413 4.77 23.03 -64.81
N ASP E 414 4.30 24.16 -65.34
CA ASP E 414 4.95 24.77 -66.50
C ASP E 414 6.40 25.15 -66.18
N LEU E 415 6.62 25.74 -65.01
CA LEU E 415 7.98 26.06 -64.59
C LEU E 415 8.83 24.80 -64.45
N ALA E 416 8.24 23.72 -63.92
CA ALA E 416 8.95 22.46 -63.82
C ALA E 416 9.36 21.96 -65.20
N ALA E 417 8.44 22.03 -66.16
CA ALA E 417 8.74 21.58 -67.51
C ALA E 417 9.88 22.40 -68.12
N VAL E 418 9.81 23.73 -68.00
CA VAL E 418 10.81 24.56 -68.66
C VAL E 418 12.17 24.40 -67.99
N GLN E 419 12.19 24.21 -66.67
CA GLN E 419 13.48 24.03 -66.00
C GLN E 419 14.07 22.64 -66.23
N ASN E 420 13.23 21.60 -66.35
CA ASN E 420 13.75 20.29 -66.73
C ASN E 420 14.31 20.34 -68.14
N ARG E 421 13.61 21.03 -69.04
CA ARG E 421 14.14 21.26 -70.38
C ARG E 421 15.47 22.01 -70.33
N PHE E 422 15.58 22.98 -69.42
CA PHE E 422 16.83 23.73 -69.27
C PHE E 422 17.96 22.83 -68.81
N LYS E 423 17.72 21.97 -67.83
CA LYS E 423 18.78 21.09 -67.35
C LYS E 423 19.19 20.11 -68.44
N ASN E 424 18.22 19.56 -69.17
CA ASN E 424 18.57 18.62 -70.23
C ASN E 424 19.36 19.31 -71.34
N THR E 425 18.94 20.52 -71.72
CA THR E 425 19.65 21.21 -72.80
C THR E 425 21.02 21.67 -72.35
N ILE E 426 21.21 21.98 -71.06
CA ILE E 426 22.53 22.43 -70.64
C ILE E 426 23.49 21.23 -70.57
N ASP E 427 22.99 20.06 -70.17
CA ASP E 427 23.85 18.87 -70.26
C ASP E 427 24.20 18.56 -71.71
N ASN E 428 23.20 18.57 -72.60
CA ASN E 428 23.48 18.34 -74.01
C ASN E 428 24.48 19.36 -74.55
N LEU E 429 24.36 20.61 -74.11
CA LEU E 429 25.17 21.68 -74.67
C LEU E 429 26.61 21.61 -74.16
N THR E 430 26.79 21.28 -72.88
CA THR E 430 28.16 21.11 -72.38
C THR E 430 28.82 19.89 -73.01
N ASN E 431 28.04 18.83 -73.28
CA ASN E 431 28.60 17.68 -73.98
C ASN E 431 29.04 18.05 -75.39
N ILE E 432 28.18 18.78 -76.12
CA ILE E 432 28.51 19.17 -77.49
C ILE E 432 29.72 20.11 -77.49
N SER E 433 29.79 21.02 -76.51
CA SER E 433 30.93 21.94 -76.46
C SER E 433 32.22 21.20 -76.14
N GLU E 434 32.16 20.19 -75.28
CA GLU E 434 33.36 19.42 -74.99
C GLU E 434 33.81 18.61 -76.20
N ASN E 435 32.85 18.04 -76.94
CA ASN E 435 33.23 17.35 -78.16
C ASN E 435 33.81 18.32 -79.19
N ALA E 436 33.29 19.54 -79.23
CA ALA E 436 33.86 20.56 -80.10
C ALA E 436 35.28 20.92 -79.69
N THR E 437 35.53 21.03 -78.39
CA THR E 437 36.90 21.29 -77.92
C THR E 437 37.82 20.13 -78.26
N ASN E 438 37.30 18.90 -78.19
CA ASN E 438 38.11 17.74 -78.60
C ASN E 438 38.45 17.81 -80.08
N ALA E 439 37.49 18.21 -80.91
CA ALA E 439 37.76 18.41 -82.33
C ALA E 439 38.80 19.52 -82.53
N ARG E 440 38.68 20.60 -81.77
CA ARG E 440 39.64 21.70 -81.86
C ARG E 440 41.04 21.23 -81.50
N SER E 441 41.15 20.35 -80.50
CA SER E 441 42.45 19.80 -80.14
C SER E 441 42.99 18.91 -81.24
N ARG E 442 42.16 18.01 -81.77
CA ARG E 442 42.62 17.11 -82.83
C ARG E 442 43.00 17.85 -84.10
N ILE E 443 42.44 19.04 -84.33
CA ILE E 443 42.73 19.78 -85.55
C ILE E 443 43.78 20.88 -85.37
N LYS E 444 44.00 21.35 -84.14
CA LYS E 444 44.90 22.48 -83.90
C LYS E 444 46.02 22.17 -82.93
N ASP E 445 45.75 21.44 -81.85
CA ASP E 445 46.80 21.12 -80.88
C ASP E 445 47.91 20.33 -81.56
N THR E 446 49.09 20.92 -81.61
CA THR E 446 50.21 20.29 -82.30
C THR E 446 50.63 19.02 -81.56
N ASP E 447 50.80 17.94 -82.31
CA ASP E 447 51.34 16.69 -81.77
C ASP E 447 52.86 16.82 -81.68
N PHE E 448 53.30 17.59 -80.68
CA PHE E 448 54.70 17.93 -80.54
C PHE E 448 55.59 16.73 -80.23
N ALA E 449 55.04 15.52 -80.07
CA ALA E 449 55.87 14.34 -79.97
C ALA E 449 56.72 14.14 -81.21
N ALA E 450 56.18 14.44 -82.39
CA ALA E 450 56.96 14.42 -83.62
C ALA E 450 57.55 15.77 -83.97
N GLU E 451 56.92 16.87 -83.55
CA GLU E 451 57.47 18.19 -83.81
C GLU E 451 58.76 18.43 -83.04
N THR E 452 58.95 17.79 -81.89
CA THR E 452 60.21 17.90 -81.17
C THR E 452 61.34 17.24 -81.96
N ALA E 453 61.10 16.03 -82.48
CA ALA E 453 62.08 15.39 -83.35
C ALA E 453 62.32 16.23 -84.60
N ALA E 454 61.26 16.86 -85.11
CA ALA E 454 61.41 17.72 -86.28
C ALA E 454 62.31 18.90 -86.00
N LEU E 455 62.11 19.58 -84.87
CA LEU E 455 62.92 20.76 -84.55
C LEU E 455 64.36 20.35 -84.24
N SER E 456 64.55 19.19 -83.60
CA SER E 456 65.91 18.73 -83.36
C SER E 456 66.62 18.44 -84.68
N LYS E 457 65.92 17.77 -85.60
CA LYS E 457 66.48 17.55 -86.93
C LYS E 457 66.81 18.87 -87.62
N ASN E 458 65.92 19.86 -87.48
CA ASN E 458 66.15 21.15 -88.12
C ASN E 458 67.40 21.82 -87.57
N GLN E 459 67.57 21.81 -86.25
CA GLN E 459 68.70 22.51 -85.67
C GLN E 459 70.01 21.76 -85.94
N VAL E 460 69.97 20.42 -85.98
CA VAL E 460 71.20 19.69 -86.26
C VAL E 460 71.57 19.83 -87.73
N LEU E 461 70.57 19.96 -88.61
CA LEU E 461 70.85 20.24 -90.02
C LEU E 461 71.39 21.66 -90.19
N GLN E 462 70.93 22.60 -89.36
CA GLN E 462 71.49 23.94 -89.39
C GLN E 462 72.96 23.92 -88.99
N GLN E 463 73.28 23.20 -87.90
CA GLN E 463 74.67 23.07 -87.48
C GLN E 463 75.50 22.37 -88.55
N ALA E 464 74.93 21.35 -89.19
CA ALA E 464 75.63 20.65 -90.26
C ALA E 464 75.92 21.59 -91.43
N GLY E 465 74.96 22.44 -91.77
CA GLY E 465 75.19 23.41 -92.84
C GLY E 465 76.25 24.43 -92.47
N THR E 466 76.26 24.87 -91.21
CA THR E 466 77.33 25.75 -90.76
C THR E 466 78.69 25.08 -90.90
N ALA E 467 78.77 23.80 -90.53
CA ALA E 467 80.02 23.07 -90.70
C ALA E 467 80.39 22.93 -92.17
N ILE E 468 79.40 22.71 -93.02
CA ILE E 468 79.65 22.59 -94.45
C ILE E 468 80.25 23.89 -94.99
N LEU E 469 79.68 25.03 -94.62
CA LEU E 469 80.28 26.30 -95.02
C LEU E 469 81.69 26.45 -94.48
N ALA E 470 81.88 26.16 -93.19
CA ALA E 470 83.19 26.33 -92.56
C ALA E 470 84.26 25.50 -93.24
N GLN E 471 83.89 24.30 -93.72
CA GLN E 471 84.89 23.44 -94.35
C GLN E 471 85.03 23.71 -95.84
N ALA E 472 83.98 24.20 -96.49
CA ALA E 472 84.01 24.37 -97.95
C ALA E 472 84.60 25.72 -98.34
N ASN E 473 84.38 26.75 -97.53
CA ASN E 473 84.85 28.09 -97.85
C ASN E 473 86.37 28.20 -97.68
N GLN E 474 87.04 27.07 -97.42
CA GLN E 474 88.49 27.05 -97.29
C GLN E 474 89.19 26.42 -98.48
N LEU E 475 88.45 25.79 -99.39
CA LEU E 475 89.09 25.12 -100.53
C LEU E 475 89.79 26.08 -101.47
N PRO E 476 89.14 27.15 -101.97
CA PRO E 476 89.88 28.08 -102.84
C PRO E 476 91.09 28.68 -102.16
N GLN E 477 91.00 28.95 -100.86
CA GLN E 477 92.15 29.41 -100.10
C GLN E 477 93.35 28.50 -100.32
N ALA E 478 93.19 27.22 -99.99
CA ALA E 478 94.29 26.27 -100.09
C ALA E 478 94.79 26.15 -101.52
N VAL E 479 93.88 25.93 -102.48
CA VAL E 479 94.33 25.64 -103.84
C VAL E 479 95.07 26.84 -104.42
N LEU E 480 94.49 28.04 -104.29
CA LEU E 480 95.12 29.24 -104.82
C LEU E 480 96.43 29.56 -104.12
N SER E 481 96.48 29.41 -102.79
CA SER E 481 97.71 29.73 -102.07
C SER E 481 98.83 28.74 -102.40
N LEU E 482 98.48 27.51 -102.74
CA LEU E 482 99.53 26.52 -103.00
C LEU E 482 99.96 26.49 -104.45
N LEU E 483 99.05 26.74 -105.40
CA LEU E 483 99.43 26.68 -106.81
C LEU E 483 100.34 27.82 -107.23
N ARG E 484 100.43 28.89 -106.43
CA ARG E 484 101.26 30.03 -106.77
C ARG E 484 102.61 29.96 -106.05
N VAL F 1 11.36 7.91 -43.04
CA VAL F 1 10.06 8.20 -42.44
C VAL F 1 10.21 9.10 -41.22
N ASN F 2 10.34 10.41 -41.46
CA ASN F 2 10.50 11.37 -40.38
C ASN F 2 9.57 12.57 -40.45
N THR F 3 9.02 12.91 -41.62
CA THR F 3 8.11 14.05 -41.71
C THR F 3 6.76 13.78 -41.08
N ASN F 4 6.42 12.52 -40.84
CA ASN F 4 5.15 12.13 -40.23
C ASN F 4 5.22 10.66 -39.85
N ILE F 5 4.47 10.29 -38.82
CA ILE F 5 4.44 8.93 -38.30
C ILE F 5 3.01 8.43 -38.39
N ALA F 6 2.84 7.21 -38.90
CA ALA F 6 1.51 6.62 -39.04
C ALA F 6 0.89 6.21 -37.70
N SER F 7 1.51 6.58 -36.58
CA SER F 7 1.03 6.19 -35.26
C SER F 7 -0.25 6.91 -34.85
N LEU F 8 -0.85 7.72 -35.71
CA LEU F 8 -2.08 8.44 -35.35
C LEU F 8 -3.26 7.52 -35.10
N ASN F 9 -3.15 6.24 -35.47
CA ASN F 9 -4.15 5.27 -35.04
C ASN F 9 -4.22 5.20 -33.53
N THR F 10 -3.07 5.28 -32.86
CA THR F 10 -3.05 5.33 -31.40
C THR F 10 -3.81 6.54 -30.89
N GLN F 11 -3.63 7.69 -31.55
CA GLN F 11 -4.35 8.90 -31.15
C GLN F 11 -5.86 8.71 -31.31
N ARG F 12 -6.29 8.20 -32.46
CA ARG F 12 -7.72 7.97 -32.68
C ARG F 12 -8.29 7.03 -31.63
N ASN F 13 -7.58 5.94 -31.34
CA ASN F 13 -8.06 4.99 -30.35
C ASN F 13 -8.10 5.60 -28.96
N LEU F 14 -7.13 6.46 -28.61
CA LEU F 14 -7.15 7.05 -27.28
C LEU F 14 -8.26 8.09 -27.16
N ASN F 15 -8.57 8.81 -28.23
CA ASN F 15 -9.74 9.69 -28.20
C ASN F 15 -11.01 8.88 -28.00
N ALA F 16 -11.16 7.79 -28.74
CA ALA F 16 -12.35 6.95 -28.58
C ALA F 16 -12.45 6.43 -27.15
N SER F 17 -11.34 5.93 -26.60
CA SER F 17 -11.36 5.40 -25.25
C SER F 17 -11.65 6.49 -24.23
N SER F 18 -11.19 7.72 -24.49
CA SER F 18 -11.46 8.80 -23.54
C SER F 18 -12.93 9.19 -23.56
N ASN F 19 -13.54 9.22 -24.75
CA ASN F 19 -14.97 9.51 -24.81
C ASN F 19 -15.78 8.43 -24.09
N ASP F 20 -15.54 7.15 -24.40
CA ASP F 20 -16.31 6.11 -23.73
C ASP F 20 -15.98 6.03 -22.24
N LEU F 21 -14.78 6.44 -21.86
CA LEU F 21 -14.39 6.42 -20.46
C LEU F 21 -15.10 7.52 -19.68
N ASN F 22 -15.22 8.70 -20.28
CA ASN F 22 -16.03 9.76 -19.68
C ASN F 22 -17.48 9.34 -19.59
N THR F 23 -17.99 8.64 -20.61
CA THR F 23 -19.34 8.10 -20.55
C THR F 23 -19.49 7.14 -19.37
N SER F 24 -18.50 6.27 -19.16
CA SER F 24 -18.55 5.33 -18.05
C SER F 24 -18.50 6.06 -16.71
N LEU F 25 -17.64 7.08 -16.59
CA LEU F 25 -17.59 7.87 -15.36
C LEU F 25 -18.93 8.53 -15.07
N GLN F 26 -19.57 9.10 -16.10
CA GLN F 26 -20.86 9.73 -15.90
C GLN F 26 -21.91 8.71 -15.47
N ARG F 27 -21.93 7.56 -16.13
CA ARG F 27 -22.89 6.51 -15.78
C ARG F 27 -22.67 6.02 -14.36
N LEU F 28 -21.41 6.03 -13.90
CA LEU F 28 -21.12 5.55 -12.56
C LEU F 28 -21.49 6.59 -11.51
N THR F 29 -21.23 7.87 -11.77
CA THR F 29 -21.52 8.89 -10.77
C THR F 29 -23.01 9.20 -10.70
N THR F 30 -23.74 9.04 -11.80
CA THR F 30 -25.18 9.25 -11.78
C THR F 30 -25.96 7.96 -11.55
N GLY F 31 -25.32 6.81 -11.66
CA GLY F 31 -25.98 5.54 -11.47
C GLY F 31 -26.93 5.15 -12.60
N TYR F 32 -26.95 5.90 -13.69
CA TYR F 32 -27.88 5.67 -14.79
C TYR F 32 -27.10 5.10 -15.97
N ARG F 33 -27.52 3.92 -16.45
CA ARG F 33 -26.91 3.36 -17.65
C ARG F 33 -27.11 4.30 -18.84
N ILE F 34 -28.35 4.66 -19.11
CA ILE F 34 -28.62 5.72 -20.07
C ILE F 34 -28.57 7.05 -19.31
N ASN F 35 -27.55 7.85 -19.60
CA ASN F 35 -27.33 9.08 -18.86
C ASN F 35 -28.50 10.04 -19.08
N SER F 36 -28.60 11.04 -18.21
CA SER F 36 -29.52 12.14 -18.43
C SER F 36 -29.22 12.88 -19.73
N ALA F 37 -28.13 12.52 -20.40
CA ALA F 37 -27.75 13.11 -21.67
C ALA F 37 -28.54 12.47 -22.81
N LYS F 38 -28.06 12.71 -24.03
CA LYS F 38 -28.80 12.38 -25.25
C LYS F 38 -29.07 10.89 -25.41
N ASP F 39 -28.22 10.03 -24.84
CA ASP F 39 -28.14 8.64 -25.27
C ASP F 39 -29.46 7.90 -25.08
N ASP F 40 -29.80 7.09 -26.08
CA ASP F 40 -30.98 6.22 -26.07
C ASP F 40 -32.25 7.05 -25.88
N ALA F 41 -32.53 7.86 -26.90
CA ALA F 41 -33.68 8.76 -26.87
C ALA F 41 -34.99 8.02 -26.63
N ALA F 42 -35.10 6.78 -27.12
CA ALA F 42 -36.29 5.98 -26.85
C ALA F 42 -36.37 5.62 -25.37
N GLY F 43 -35.27 5.08 -24.83
CA GLY F 43 -35.21 4.86 -23.39
C GLY F 43 -35.36 6.14 -22.61
N LEU F 44 -34.90 7.26 -23.17
CA LEU F 44 -35.07 8.55 -22.51
C LEU F 44 -36.54 8.91 -22.40
N GLN F 45 -37.30 8.72 -23.49
CA GLN F 45 -38.74 8.96 -23.45
C GLN F 45 -39.43 8.04 -22.45
N ILE F 46 -39.06 6.75 -22.47
CA ILE F 46 -39.65 5.80 -21.54
C ILE F 46 -39.40 6.24 -20.10
N SER F 47 -38.16 6.63 -19.80
CA SER F 47 -37.79 7.02 -18.45
C SER F 47 -38.53 8.29 -18.02
N ASN F 48 -38.56 9.29 -18.90
CA ASN F 48 -39.26 10.53 -18.56
C ASN F 48 -40.73 10.27 -18.30
N ARG F 49 -41.37 9.46 -19.15
CA ARG F 49 -42.79 9.18 -18.98
C ARG F 49 -43.05 8.41 -17.70
N LEU F 50 -42.22 7.42 -17.39
CA LEU F 50 -42.45 6.66 -16.16
C LEU F 50 -42.15 7.49 -14.93
N SER F 51 -41.24 8.46 -15.04
CA SER F 51 -40.97 9.35 -13.91
C SER F 51 -42.16 10.27 -13.66
N ASN F 52 -42.72 10.85 -14.73
CA ASN F 52 -43.96 11.60 -14.60
C ASN F 52 -45.05 10.74 -13.96
N GLN F 53 -45.16 9.49 -14.43
CA GLN F 53 -46.13 8.56 -13.88
C GLN F 53 -45.94 8.39 -12.38
N ILE F 54 -44.75 8.02 -11.94
CA ILE F 54 -44.52 7.68 -10.54
C ILE F 54 -44.67 8.93 -9.66
N SER F 55 -44.29 10.10 -10.18
CA SER F 55 -44.50 11.32 -9.42
C SER F 55 -45.99 11.59 -9.24
N GLY F 56 -46.77 11.37 -10.29
CA GLY F 56 -48.22 11.45 -10.14
C GLY F 56 -48.74 10.46 -9.13
N LEU F 57 -48.16 9.26 -9.11
CA LEU F 57 -48.59 8.25 -8.13
C LEU F 57 -48.29 8.68 -6.70
N ASN F 58 -47.13 9.29 -6.45
CA ASN F 58 -46.83 9.74 -5.09
C ASN F 58 -47.74 10.89 -4.67
N VAL F 59 -47.93 11.88 -5.55
CA VAL F 59 -48.80 12.98 -5.17
C VAL F 59 -50.24 12.50 -5.02
N ALA F 60 -50.62 11.45 -5.75
CA ALA F 60 -51.96 10.89 -5.62
C ALA F 60 -52.10 10.11 -4.32
N THR F 61 -51.04 9.43 -3.88
CA THR F 61 -51.07 8.80 -2.57
C THR F 61 -51.27 9.84 -1.48
N ARG F 62 -50.59 10.98 -1.60
CA ARG F 62 -50.76 12.04 -0.61
C ARG F 62 -52.18 12.61 -0.65
N ASN F 63 -52.72 12.79 -1.87
CA ASN F 63 -54.10 13.24 -2.00
C ASN F 63 -55.08 12.28 -1.35
N ALA F 64 -54.88 10.97 -1.58
CA ALA F 64 -55.76 9.98 -0.99
C ALA F 64 -55.60 9.94 0.52
N ASN F 65 -54.39 10.21 1.02
CA ASN F 65 -54.17 10.25 2.46
C ASN F 65 -54.94 11.39 3.11
N ASP F 66 -54.82 12.61 2.56
CA ASP F 66 -55.57 13.72 3.13
C ASP F 66 -57.07 13.49 2.98
N GLY F 67 -57.49 12.87 1.88
CA GLY F 67 -58.91 12.57 1.71
C GLY F 67 -59.42 11.57 2.73
N ILE F 68 -58.65 10.53 3.02
CA ILE F 68 -59.10 9.52 3.97
C ILE F 68 -59.09 10.09 5.39
N SER F 69 -58.18 11.03 5.66
CA SER F 69 -58.24 11.72 6.96
C SER F 69 -59.51 12.56 7.07
N LEU F 70 -59.85 13.28 6.00
CA LEU F 70 -61.09 14.04 5.98
C LEU F 70 -62.29 13.13 6.20
N ALA F 71 -62.29 11.97 5.54
CA ALA F 71 -63.36 11.00 5.70
C ALA F 71 -63.42 10.46 7.12
N GLN F 72 -62.27 10.27 7.78
CA GLN F 72 -62.27 9.83 9.17
C GLN F 72 -62.88 10.88 10.08
N THR F 73 -62.54 12.15 9.87
CA THR F 73 -63.16 13.22 10.65
C THR F 73 -64.67 13.26 10.41
N ALA F 74 -65.10 13.09 9.16
CA ALA F 74 -66.52 13.06 8.86
C ALA F 74 -67.21 11.89 9.56
N GLU F 75 -66.54 10.73 9.60
CA GLU F 75 -67.11 9.57 10.26
C GLU F 75 -67.23 9.80 11.76
N GLY F 76 -66.25 10.47 12.35
CA GLY F 76 -66.35 10.82 13.77
C GLY F 76 -67.51 11.75 14.05
N ALA F 77 -67.68 12.78 13.20
CA ALA F 77 -68.82 13.68 13.35
C ALA F 77 -70.14 12.92 13.22
N LEU F 78 -70.23 12.02 12.25
CA LEU F 78 -71.46 11.23 12.10
C LEU F 78 -71.69 10.32 13.29
N GLN F 79 -70.63 9.76 13.88
CA GLN F 79 -70.81 8.94 15.08
C GLN F 79 -71.35 9.76 16.23
N GLN F 80 -70.82 10.97 16.41
CA GLN F 80 -71.38 11.86 17.43
C GLN F 80 -72.84 12.17 17.15
N SER F 81 -73.19 12.31 15.87
CA SER F 81 -74.59 12.52 15.51
C SER F 81 -75.44 11.31 15.90
N THR F 82 -74.91 10.10 15.69
CA THR F 82 -75.63 8.91 16.13
C THR F 82 -75.83 8.90 17.64
N ASN F 83 -74.80 9.29 18.40
CA ASN F 83 -74.95 9.31 19.85
C ASN F 83 -76.01 10.32 20.28
N ILE F 84 -76.00 11.52 19.70
CA ILE F 84 -76.96 12.54 20.13
C ILE F 84 -78.37 12.15 19.69
N LEU F 85 -78.52 11.50 18.53
CA LEU F 85 -79.85 11.07 18.11
C LEU F 85 -80.34 9.90 18.95
N GLN F 86 -79.44 9.03 19.40
CA GLN F 86 -79.84 7.97 20.33
C GLN F 86 -80.30 8.57 21.66
N ARG F 87 -79.59 9.57 22.15
CA ARG F 87 -80.04 10.29 23.34
C ARG F 87 -81.40 10.93 23.12
N ILE F 88 -81.63 11.47 21.92
CA ILE F 88 -82.95 12.01 21.59
C ILE F 88 -84.01 10.92 21.67
N ARG F 89 -83.69 9.73 21.16
CA ARG F 89 -84.62 8.61 21.26
C ARG F 89 -84.93 8.28 22.72
N ASP F 90 -83.89 8.24 23.56
CA ASP F 90 -84.10 7.92 24.98
C ASP F 90 -84.99 8.96 25.65
N LEU F 91 -84.73 10.25 25.42
CA LEU F 91 -85.54 11.27 26.06
C LEU F 91 -86.96 11.28 25.51
N ALA F 92 -87.13 10.93 24.23
CA ALA F 92 -88.47 10.86 23.66
C ALA F 92 -89.26 9.71 24.27
N LEU F 93 -88.63 8.55 24.43
CA LEU F 93 -89.29 7.44 25.10
C LEU F 93 -89.58 7.76 26.56
N GLN F 94 -88.70 8.53 27.20
CA GLN F 94 -88.94 8.95 28.57
C GLN F 94 -90.09 9.95 28.65
N SER F 95 -90.34 10.69 27.58
CA SER F 95 -91.37 11.72 27.57
C SER F 95 -92.78 11.16 27.60
N ALA F 96 -92.96 9.84 27.68
CA ALA F 96 -94.29 9.29 27.83
C ALA F 96 -94.94 9.75 29.13
N ASN F 97 -94.20 9.71 30.24
CA ASN F 97 -94.61 10.26 31.52
C ASN F 97 -95.88 9.63 32.07
N GLY F 98 -96.34 8.53 31.49
CA GLY F 98 -97.64 7.98 31.84
C GLY F 98 -98.77 8.94 31.52
N SER F 99 -98.45 10.01 30.78
CA SER F 99 -99.37 11.04 30.30
C SER F 99 -99.88 11.94 31.42
N ASN F 100 -99.55 11.63 32.67
CA ASN F 100 -100.05 12.44 33.77
C ASN F 100 -99.03 12.69 34.87
N SER F 101 -97.84 12.08 34.81
CA SER F 101 -96.96 12.11 35.97
C SER F 101 -95.95 13.26 35.94
N ASP F 102 -95.42 13.59 34.77
CA ASP F 102 -94.32 14.57 34.66
C ASP F 102 -94.91 15.93 34.32
N ALA F 103 -95.09 16.77 35.35
CA ALA F 103 -95.43 18.17 35.13
C ALA F 103 -94.24 18.98 34.69
N ASP F 104 -93.04 18.37 34.62
CA ASP F 104 -91.82 19.04 34.22
C ASP F 104 -91.59 18.99 32.72
N ARG F 105 -92.66 18.92 31.93
CA ARG F 105 -92.54 18.98 30.48
C ARG F 105 -91.88 20.27 30.01
N ALA F 106 -91.96 21.34 30.80
CA ALA F 106 -91.27 22.58 30.43
C ALA F 106 -89.75 22.39 30.48
N ALA F 107 -89.25 21.81 31.57
CA ALA F 107 -87.81 21.51 31.65
C ALA F 107 -87.43 20.46 30.62
N LEU F 108 -88.34 19.54 30.30
CA LEU F 108 -88.08 18.56 29.27
C LEU F 108 -87.89 19.24 27.91
N GLN F 109 -88.76 20.20 27.58
CA GLN F 109 -88.61 20.94 26.34
C GLN F 109 -87.33 21.77 26.36
N LYS F 110 -86.98 22.32 27.53
CA LYS F 110 -85.74 23.07 27.63
C LYS F 110 -84.53 22.20 27.33
N GLU F 111 -84.49 20.98 27.89
CA GLU F 111 -83.33 20.13 27.68
C GLU F 111 -83.30 19.58 26.25
N VAL F 112 -84.47 19.35 25.65
CA VAL F 112 -84.43 18.89 24.26
C VAL F 112 -84.02 20.04 23.33
N ALA F 113 -84.35 21.28 23.69
CA ALA F 113 -83.88 22.42 22.91
C ALA F 113 -82.36 22.57 23.06
N ALA F 114 -81.85 22.33 24.26
CA ALA F 114 -80.40 22.31 24.46
C ALA F 114 -79.76 21.20 23.63
N GLN F 115 -80.43 20.05 23.52
CA GLN F 115 -79.92 18.95 22.70
C GLN F 115 -79.89 19.34 21.22
N GLN F 116 -80.93 20.03 20.75
CA GLN F 116 -80.93 20.50 19.36
C GLN F 116 -79.84 21.53 19.13
N ALA F 117 -79.60 22.42 20.10
CA ALA F 117 -78.51 23.37 19.98
C ALA F 117 -77.16 22.66 19.91
N GLU F 118 -76.97 21.63 20.73
CA GLU F 118 -75.74 20.86 20.69
C GLU F 118 -75.60 20.13 19.36
N LEU F 119 -76.72 19.65 18.82
CA LEU F 119 -76.69 19.02 17.50
C LEU F 119 -76.24 20.00 16.42
N THR F 120 -76.81 21.21 16.42
CA THR F 120 -76.39 22.22 15.45
C THR F 120 -74.93 22.63 15.68
N ARG F 121 -74.46 22.55 16.92
CA ARG F 121 -73.07 22.86 17.21
C ARG F 121 -72.12 21.80 16.67
N ILE F 122 -72.46 20.52 16.85
CA ILE F 122 -71.64 19.45 16.26
C ILE F 122 -71.71 19.51 14.75
N SER F 123 -72.85 19.92 14.21
CA SER F 123 -72.95 20.16 12.77
C SER F 123 -71.90 21.15 12.32
N ASP F 124 -71.82 22.29 12.98
CA ASP F 124 -70.80 23.29 12.72
C ASP F 124 -69.51 22.88 13.44
N THR F 125 -68.55 23.81 13.54
CA THR F 125 -67.26 23.62 14.20
C THR F 125 -66.51 22.39 13.70
N THR F 126 -66.84 21.92 12.49
CA THR F 126 -66.12 20.84 11.84
C THR F 126 -65.27 21.38 10.70
N THR F 127 -64.73 22.59 10.90
CA THR F 127 -63.98 23.29 9.86
C THR F 127 -62.57 22.69 9.71
N PHE F 128 -62.52 21.56 9.00
CA PHE F 128 -61.25 20.94 8.65
C PHE F 128 -60.60 21.76 7.54
N GLY F 129 -60.00 22.89 7.91
CA GLY F 129 -59.46 23.83 6.95
C GLY F 129 -60.33 25.04 6.68
N GLY F 130 -61.24 25.38 7.58
CA GLY F 130 -62.14 26.51 7.37
C GLY F 130 -63.17 26.24 6.30
N ARG F 131 -63.44 24.96 6.06
CA ARG F 131 -64.34 24.51 5.00
C ARG F 131 -65.32 23.48 5.55
N LYS F 132 -65.99 23.85 6.66
CA LYS F 132 -66.81 22.95 7.47
C LYS F 132 -67.56 21.90 6.65
N LEU F 133 -67.42 20.64 7.05
CA LEU F 133 -67.74 19.53 6.16
C LEU F 133 -69.25 19.37 6.00
N LEU F 134 -69.95 19.08 7.10
CA LEU F 134 -71.35 18.70 7.02
C LEU F 134 -72.28 19.85 6.70
N ASP F 135 -72.19 20.95 7.44
CA ASP F 135 -73.07 22.09 7.20
C ASP F 135 -72.28 23.26 6.64
N GLY F 136 -72.97 24.39 6.48
CA GLY F 136 -72.31 25.56 5.94
C GLY F 136 -72.27 25.50 4.43
N SER F 137 -71.05 25.48 3.87
CA SER F 137 -70.84 25.51 2.43
C SER F 137 -69.94 24.32 2.05
N PHE F 138 -70.56 23.24 1.60
CA PHE F 138 -69.84 22.09 1.07
C PHE F 138 -70.24 21.85 -0.38
N GLY F 139 -69.26 21.95 -1.27
CA GLY F 139 -69.52 21.90 -2.70
C GLY F 139 -69.75 20.51 -3.26
N THR F 140 -69.71 19.47 -2.43
CA THR F 140 -69.86 18.08 -2.86
C THR F 140 -68.84 17.78 -3.97
N THR F 141 -67.57 17.84 -3.59
CA THR F 141 -66.47 17.79 -4.54
C THR F 141 -66.02 16.35 -4.77
N SER F 142 -64.88 16.18 -5.43
CA SER F 142 -64.38 14.85 -5.81
C SER F 142 -62.86 14.87 -5.70
N PHE F 143 -62.31 13.90 -4.99
CA PHE F 143 -60.86 13.83 -4.78
C PHE F 143 -60.20 13.09 -5.93
N GLN F 144 -59.20 13.71 -6.55
CA GLN F 144 -58.47 13.07 -7.64
C GLN F 144 -57.47 12.07 -7.08
N VAL F 145 -57.46 10.87 -7.65
CA VAL F 145 -56.61 9.78 -7.17
C VAL F 145 -55.69 9.22 -8.24
N GLY F 146 -55.89 9.58 -9.51
CA GLY F 146 -55.10 9.03 -10.59
C GLY F 146 -54.22 10.09 -11.23
N SER F 147 -53.24 9.61 -12.00
CA SER F 147 -52.31 10.48 -12.71
C SER F 147 -52.83 10.90 -14.09
N ASN F 148 -54.13 10.80 -14.32
CA ASN F 148 -54.73 11.18 -15.58
C ASN F 148 -55.73 12.31 -15.36
N ALA F 149 -56.08 13.00 -16.44
CA ALA F 149 -56.98 14.13 -16.34
C ALA F 149 -58.38 13.67 -15.97
N TYR F 150 -58.97 14.35 -14.97
CA TYR F 150 -60.35 14.15 -14.56
C TYR F 150 -60.61 12.74 -14.03
N GLU F 151 -59.55 11.98 -13.76
CA GLU F 151 -59.71 10.68 -13.12
C GLU F 151 -59.81 10.88 -11.61
N THR F 152 -61.03 10.99 -11.10
CA THR F 152 -61.25 11.37 -9.71
C THR F 152 -62.22 10.39 -9.04
N ILE F 153 -62.43 10.61 -7.75
CA ILE F 153 -63.35 9.81 -6.95
C ILE F 153 -64.41 10.74 -6.38
N ASP F 154 -65.67 10.47 -6.72
CA ASP F 154 -66.77 11.33 -6.31
C ASP F 154 -67.16 11.06 -4.86
N ILE F 155 -67.58 12.13 -4.17
CA ILE F 155 -68.07 12.04 -2.80
C ILE F 155 -69.35 12.87 -2.72
N SER F 156 -70.34 12.34 -2.01
CA SER F 156 -71.68 12.92 -1.93
C SER F 156 -72.08 13.14 -0.48
N LEU F 157 -71.19 13.78 0.29
CA LEU F 157 -71.48 14.06 1.69
C LEU F 157 -72.76 14.86 1.85
N GLN F 158 -73.37 14.75 3.02
CA GLN F 158 -74.64 15.39 3.29
C GLN F 158 -74.52 16.91 3.17
N ASN F 159 -75.56 17.53 2.60
CA ASN F 159 -75.54 18.97 2.39
C ASN F 159 -75.50 19.73 3.70
N ALA F 160 -76.24 19.25 4.71
CA ALA F 160 -76.29 19.91 6.01
C ALA F 160 -76.80 18.93 7.04
N SER F 161 -76.23 19.00 8.24
CA SER F 161 -76.65 18.18 9.38
C SER F 161 -77.30 19.05 10.45
N ALA F 162 -78.06 20.05 10.04
CA ALA F 162 -78.72 20.95 10.96
C ALA F 162 -80.05 20.37 11.43
N SER F 163 -80.87 21.20 12.08
CA SER F 163 -82.16 20.75 12.60
C SER F 163 -83.20 20.68 11.48
N ALA F 164 -82.75 20.77 10.23
CA ALA F 164 -83.64 20.65 9.09
C ALA F 164 -83.73 19.24 8.52
N ILE F 165 -82.96 18.31 9.05
CA ILE F 165 -82.96 16.92 8.57
C ILE F 165 -83.90 16.12 9.46
N GLY F 166 -84.58 15.14 8.85
CA GLY F 166 -85.53 14.33 9.57
C GLY F 166 -86.36 13.44 8.67
N SER F 167 -87.68 13.46 8.84
CA SER F 167 -88.61 12.62 8.09
C SER F 167 -89.14 13.45 6.92
N TYR F 168 -88.57 13.25 5.73
CA TYR F 168 -89.03 13.93 4.52
C TYR F 168 -90.31 13.24 4.07
N GLN F 169 -91.38 13.46 4.84
CA GLN F 169 -92.61 12.72 4.61
C GLN F 169 -93.82 13.39 5.27
N VAL F 170 -94.89 13.58 4.51
CA VAL F 170 -96.16 14.00 5.07
C VAL F 170 -96.84 12.77 5.64
N GLY F 171 -97.19 11.82 4.77
CA GLY F 171 -97.70 10.54 5.18
C GLY F 171 -99.15 10.31 4.82
N SER F 172 -100.00 11.31 5.06
CA SER F 172 -101.41 11.23 4.69
C SER F 172 -102.12 12.57 4.92
N ASN F 173 -103.06 12.89 4.02
CA ASN F 173 -104.17 13.83 4.24
C ASN F 173 -103.77 15.16 4.87
N GLY F 174 -102.48 15.49 4.86
CA GLY F 174 -102.02 16.68 5.55
C GLY F 174 -101.32 17.69 4.66
N ALA F 175 -101.12 17.36 3.40
CA ALA F 175 -100.48 18.28 2.47
C ALA F 175 -101.50 18.90 1.52
N GLY F 176 -101.76 20.19 1.67
CA GLY F 176 -102.69 20.90 0.82
C GLY F 176 -104.14 20.76 1.26
N THR F 177 -104.74 19.59 1.00
CA THR F 177 -106.12 19.31 1.38
C THR F 177 -106.21 17.90 1.95
N VAL F 178 -107.24 17.68 2.77
CA VAL F 178 -107.46 16.34 3.32
C VAL F 178 -107.91 15.39 2.22
N ALA F 179 -107.74 14.10 2.48
CA ALA F 179 -108.15 13.08 1.52
C ALA F 179 -109.66 12.93 1.52
N SER F 180 -110.17 12.10 0.62
CA SER F 180 -111.60 11.86 0.49
C SER F 180 -112.02 10.53 1.13
N VAL F 181 -111.14 9.54 1.16
CA VAL F 181 -111.42 8.26 1.79
C VAL F 181 -110.52 8.03 3.01
N ALA F 182 -109.22 8.30 2.86
CA ALA F 182 -108.32 8.20 4.00
C ALA F 182 -108.63 9.28 5.02
N GLY F 183 -108.80 8.85 6.28
CA GLY F 183 -109.19 9.76 7.34
C GLY F 183 -110.55 10.39 7.10
N THR F 184 -111.45 9.65 6.47
CA THR F 184 -112.78 10.16 6.15
C THR F 184 -113.76 9.01 5.96
N ALA F 185 -114.93 9.09 6.60
CA ALA F 185 -115.94 8.05 6.43
C ALA F 185 -116.52 8.11 5.03
N THR F 186 -116.63 6.94 4.39
CA THR F 186 -117.09 6.84 3.02
C THR F 186 -118.20 5.81 2.91
N ALA F 187 -119.00 5.96 1.85
CA ALA F 187 -120.08 5.02 1.56
C ALA F 187 -119.58 3.82 0.76
N SER F 188 -118.81 4.07 -0.30
CA SER F 188 -118.27 3.00 -1.12
C SER F 188 -116.92 2.49 -0.61
N GLY F 189 -116.17 3.35 0.07
CA GLY F 189 -114.88 2.96 0.61
C GLY F 189 -113.74 3.26 -0.34
N ILE F 190 -112.62 2.57 -0.08
CA ILE F 190 -111.43 2.68 -0.92
C ILE F 190 -111.77 2.22 -2.33
N ALA F 191 -111.36 3.00 -3.32
CA ALA F 191 -111.60 2.69 -4.72
C ALA F 191 -110.40 1.99 -5.35
N SER F 192 -110.62 1.39 -6.50
CA SER F 192 -109.56 0.68 -7.22
C SER F 192 -108.66 1.68 -7.95
N GLY F 193 -107.57 1.15 -8.52
CA GLY F 193 -106.62 1.94 -9.26
C GLY F 193 -105.23 1.70 -8.74
N THR F 194 -104.32 2.61 -9.11
CA THR F 194 -102.92 2.53 -8.69
C THR F 194 -102.48 3.86 -8.10
N VAL F 195 -101.42 3.80 -7.31
CA VAL F 195 -100.83 4.99 -6.71
C VAL F 195 -99.33 4.98 -6.97
N ASN F 196 -98.84 5.95 -7.72
CA ASN F 196 -97.43 5.97 -8.08
C ASN F 196 -96.56 6.36 -6.89
N LEU F 197 -95.50 5.60 -6.67
CA LEU F 197 -94.52 5.88 -5.61
C LEU F 197 -93.14 5.96 -6.28
N VAL F 198 -92.75 7.17 -6.66
CA VAL F 198 -91.45 7.39 -7.29
C VAL F 198 -90.52 8.04 -6.27
N GLY F 199 -89.28 7.57 -6.25
CA GLY F 199 -88.29 8.12 -5.35
C GLY F 199 -87.22 7.13 -4.94
N GLY F 200 -86.01 7.63 -4.71
CA GLY F 200 -84.89 6.79 -4.32
C GLY F 200 -84.53 5.72 -5.33
N GLY F 201 -84.32 6.14 -6.58
CA GLY F 201 -83.92 5.21 -7.63
C GLY F 201 -85.06 4.34 -8.13
N GLN F 202 -85.60 3.50 -7.25
CA GLN F 202 -86.66 2.58 -7.64
C GLN F 202 -87.95 3.33 -7.93
N VAL F 203 -88.60 2.94 -9.02
CA VAL F 203 -89.90 3.48 -9.41
C VAL F 203 -90.94 2.36 -9.30
N LYS F 204 -92.00 2.63 -8.55
CA LYS F 204 -93.02 1.63 -8.27
C LYS F 204 -94.40 2.15 -8.67
N ASN F 205 -95.29 1.22 -8.97
CA ASN F 205 -96.65 1.58 -9.37
C ASN F 205 -97.70 0.74 -8.64
N ILE F 206 -97.61 0.62 -7.32
CA ILE F 206 -98.48 -0.24 -6.52
C ILE F 206 -99.95 0.06 -6.81
N ALA F 207 -100.69 -0.97 -7.20
CA ALA F 207 -102.10 -0.81 -7.51
C ALA F 207 -102.96 -1.10 -6.29
N ILE F 208 -103.75 -0.12 -5.88
CA ILE F 208 -104.61 -0.26 -4.71
C ILE F 208 -105.97 -0.80 -5.16
N ALA F 209 -106.36 -1.94 -4.60
CA ALA F 209 -107.65 -2.52 -4.93
C ALA F 209 -108.75 -1.83 -4.11
N ALA F 210 -109.98 -1.99 -4.58
CA ALA F 210 -111.12 -1.38 -3.91
C ALA F 210 -111.50 -2.19 -2.66
N GLY F 211 -111.98 -1.47 -1.65
CA GLY F 211 -112.40 -2.11 -0.42
C GLY F 211 -111.27 -2.41 0.55
N ASP F 212 -110.04 -2.30 0.07
CA ASP F 212 -108.86 -2.59 0.88
C ASP F 212 -108.82 -1.76 2.16
N SER F 213 -108.52 -2.40 3.28
CA SER F 213 -108.40 -1.70 4.55
C SER F 213 -107.14 -0.84 4.57
N ALA F 214 -107.05 0.03 5.58
CA ALA F 214 -105.86 0.84 5.77
C ALA F 214 -104.62 -0.04 5.95
N LYS F 215 -104.79 -1.19 6.60
CA LYS F 215 -103.71 -2.15 6.76
C LYS F 215 -103.15 -2.58 5.40
N ALA F 216 -104.05 -2.91 4.47
CA ALA F 216 -103.65 -3.36 3.14
C ALA F 216 -102.85 -2.28 2.41
N ILE F 217 -103.34 -1.04 2.45
CA ILE F 217 -102.68 0.08 1.81
C ILE F 217 -101.28 0.25 2.41
N ALA F 218 -101.23 0.28 3.74
CA ALA F 218 -99.98 0.46 4.46
C ALA F 218 -98.95 -0.60 4.08
N GLU F 219 -99.38 -1.86 4.02
CA GLU F 219 -98.45 -2.94 3.71
C GLU F 219 -98.05 -2.93 2.25
N LYS F 220 -98.93 -2.52 1.34
CA LYS F 220 -98.58 -2.59 -0.07
C LYS F 220 -97.64 -1.45 -0.45
N MET F 221 -97.84 -0.24 0.09
CA MET F 221 -96.90 0.82 -0.26
C MET F 221 -95.57 0.67 0.47
N ASP F 222 -95.53 -0.14 1.53
CA ASP F 222 -94.30 -0.39 2.26
C ASP F 222 -93.42 -1.37 1.48
N GLY F 223 -92.21 -1.62 1.96
CA GLY F 223 -91.36 -2.61 1.34
C GLY F 223 -90.51 -2.10 0.18
N ALA F 224 -90.99 -2.33 -1.04
CA ALA F 224 -90.26 -2.06 -2.28
C ALA F 224 -89.49 -0.74 -2.27
N ILE F 225 -90.13 0.34 -1.84
CA ILE F 225 -89.48 1.64 -1.80
C ILE F 225 -88.29 1.59 -0.85
N PRO F 226 -87.09 1.91 -1.32
CA PRO F 226 -85.90 1.83 -0.45
C PRO F 226 -86.01 2.81 0.71
N ASN F 227 -85.80 2.29 1.92
CA ASN F 227 -85.82 3.08 3.15
C ASN F 227 -87.15 3.83 3.30
N LEU F 228 -88.21 3.05 3.45
CA LEU F 228 -89.54 3.61 3.67
C LEU F 228 -90.31 2.71 4.63
N SER F 229 -90.92 3.33 5.64
CA SER F 229 -91.74 2.62 6.61
C SER F 229 -93.19 3.04 6.41
N ALA F 230 -94.09 2.43 7.18
CA ALA F 230 -95.51 2.72 7.03
C ALA F 230 -96.24 2.37 8.31
N ARG F 231 -97.10 3.28 8.76
CA ARG F 231 -97.95 3.06 9.92
C ARG F 231 -99.42 3.01 9.45
N ALA F 232 -100.33 2.69 10.38
CA ALA F 232 -101.74 2.61 10.05
C ALA F 232 -102.59 2.72 11.31
N ARG F 233 -103.42 3.76 11.40
CA ARG F 233 -104.32 3.93 12.53
C ARG F 233 -105.69 4.34 12.01
N THR F 234 -106.73 3.98 12.77
CA THR F 234 -108.12 4.27 12.42
C THR F 234 -108.82 4.84 13.66
N VAL F 235 -108.19 5.81 14.29
CA VAL F 235 -108.72 6.45 15.49
C VAL F 235 -109.84 7.40 15.08
N PHE F 236 -111.03 7.20 15.66
CA PHE F 236 -112.18 8.03 15.37
C PHE F 236 -113.06 8.13 16.60
N THR F 237 -113.91 9.16 16.63
CA THR F 237 -114.81 9.40 17.74
C THR F 237 -116.25 9.10 17.33
N ALA F 238 -117.16 9.30 18.27
CA ALA F 238 -118.58 9.05 18.05
C ALA F 238 -119.36 9.82 19.10
N ASP F 239 -120.67 9.95 18.87
CA ASP F 239 -121.54 10.67 19.80
CA ASP F 239 -121.54 10.67 19.80
C ASP F 239 -122.96 10.15 19.63
N VAL F 240 -123.48 9.49 20.66
CA VAL F 240 -124.85 8.97 20.64
C VAL F 240 -125.78 10.05 21.15
N SER F 241 -126.61 10.59 20.27
CA SER F 241 -127.56 11.64 20.65
C SER F 241 -128.82 11.52 19.80
N GLY F 242 -129.88 12.16 20.26
CA GLY F 242 -131.14 12.19 19.53
C GLY F 242 -131.96 10.93 19.68
N VAL F 243 -131.51 10.00 20.52
CA VAL F 243 -132.20 8.73 20.73
C VAL F 243 -133.60 9.01 21.27
N THR F 244 -134.62 8.66 20.49
CA THR F 244 -136.01 8.89 20.87
C THR F 244 -136.87 7.73 20.38
N GLY F 245 -137.69 7.22 21.28
CA GLY F 245 -138.63 6.15 20.96
C GLY F 245 -137.98 4.91 20.39
N GLY F 246 -137.16 4.24 21.17
CA GLY F 246 -136.50 3.02 20.76
C GLY F 246 -135.00 3.09 20.92
N SER F 247 -134.36 1.96 20.62
CA SER F 247 -132.92 1.80 20.73
C SER F 247 -132.26 1.86 19.36
N LEU F 248 -130.96 2.13 19.36
CA LEU F 248 -130.19 2.35 18.13
C LEU F 248 -129.42 1.13 17.69
N ASN F 249 -129.99 -0.07 17.82
CA ASN F 249 -129.34 -1.33 17.46
C ASN F 249 -128.73 -1.26 16.05
N PHE F 250 -127.43 -1.49 15.96
CA PHE F 250 -126.73 -1.45 14.68
C PHE F 250 -125.62 -2.50 14.68
N ASP F 251 -125.14 -2.81 13.47
CA ASP F 251 -124.10 -3.81 13.31
C ASP F 251 -122.73 -3.17 13.30
N VAL F 252 -121.75 -3.88 13.87
CA VAL F 252 -120.37 -3.43 13.96
C VAL F 252 -119.51 -4.41 13.18
N THR F 253 -119.04 -3.99 12.01
CA THR F 253 -118.19 -4.80 11.16
C THR F 253 -116.75 -4.30 11.27
N VAL F 254 -115.87 -5.16 11.77
CA VAL F 254 -114.47 -4.79 11.98
C VAL F 254 -113.60 -5.84 11.29
N GLY F 255 -113.16 -5.53 10.07
CA GLY F 255 -112.32 -6.44 9.31
C GLY F 255 -112.97 -7.80 9.07
N SER F 256 -112.48 -8.83 9.75
CA SER F 256 -113.02 -10.18 9.63
C SER F 256 -114.14 -10.42 10.63
N ASN F 257 -113.89 -10.21 11.92
CA ASN F 257 -114.91 -10.36 12.94
C ASN F 257 -116.00 -9.31 12.78
N THR F 258 -117.22 -9.65 13.17
CA THR F 258 -118.35 -8.75 13.02
C THR F 258 -119.38 -9.06 14.11
N VAL F 259 -119.67 -8.07 14.95
CA VAL F 259 -120.67 -8.22 16.00
C VAL F 259 -121.75 -7.17 15.78
N SER F 260 -122.79 -7.21 16.61
CA SER F 260 -123.90 -6.26 16.49
C SER F 260 -124.35 -5.91 17.90
N LEU F 261 -124.01 -4.70 18.34
CA LEU F 261 -124.43 -4.23 19.65
C LEU F 261 -125.95 -3.99 19.66
N ALA F 262 -126.51 -3.90 20.86
CA ALA F 262 -127.95 -3.71 21.01
C ALA F 262 -128.19 -2.84 22.24
N GLY F 263 -129.38 -2.25 22.31
CA GLY F 263 -129.75 -1.42 23.44
C GLY F 263 -129.07 -0.08 23.44
N VAL F 264 -128.51 0.31 22.29
CA VAL F 264 -127.76 1.57 22.16
C VAL F 264 -128.68 2.74 22.50
N THR F 265 -128.36 3.46 23.57
CA THR F 265 -129.16 4.61 23.98
C THR F 265 -128.33 5.83 24.38
N SER F 266 -127.02 5.68 24.59
CA SER F 266 -126.20 6.78 25.06
C SER F 266 -124.73 6.48 24.77
N THR F 267 -123.90 7.51 24.91
CA THR F 267 -122.46 7.35 24.67
C THR F 267 -121.83 6.34 25.61
N GLN F 268 -122.18 6.41 26.90
CA GLN F 268 -121.57 5.54 27.90
C GLN F 268 -121.92 4.08 27.66
N ASP F 269 -123.17 3.81 27.31
CA ASP F 269 -123.65 2.46 27.06
C ASP F 269 -122.90 1.85 25.88
N LEU F 270 -122.81 2.61 24.78
CA LEU F 270 -122.05 2.19 23.61
C LEU F 270 -120.64 1.81 24.01
N ALA F 271 -119.91 2.76 24.63
CA ALA F 271 -118.56 2.52 25.11
C ALA F 271 -118.46 1.23 25.92
N ASP F 272 -119.37 1.04 26.87
CA ASP F 272 -119.33 -0.12 27.75
C ASP F 272 -119.47 -1.41 26.96
N GLN F 273 -120.54 -1.51 26.15
CA GLN F 273 -120.78 -2.75 25.42
C GLN F 273 -119.71 -3.01 24.38
N LEU F 274 -119.14 -1.95 23.81
CA LEU F 274 -118.10 -2.12 22.80
C LEU F 274 -116.81 -2.60 23.45
N ASN F 275 -116.44 -1.98 24.58
CA ASN F 275 -115.25 -2.41 25.30
C ASN F 275 -115.39 -3.85 25.77
N SER F 276 -116.62 -4.25 26.15
CA SER F 276 -116.87 -5.64 26.47
C SER F 276 -116.57 -6.55 25.28
N ASN F 277 -116.81 -6.04 24.06
CA ASN F 277 -116.57 -6.79 22.84
C ASN F 277 -115.28 -6.37 22.14
N SER F 278 -114.59 -5.34 22.66
CA SER F 278 -113.39 -4.84 22.00
C SER F 278 -112.33 -5.92 21.79
N SER F 279 -112.24 -6.87 22.72
CA SER F 279 -111.31 -7.98 22.60
C SER F 279 -111.58 -8.79 21.33
N LYS F 280 -112.84 -9.12 21.09
CA LYS F 280 -113.20 -9.86 19.88
C LYS F 280 -112.97 -9.02 18.63
N LEU F 281 -113.36 -7.75 18.68
CA LEU F 281 -113.21 -6.85 17.54
C LEU F 281 -111.74 -6.48 17.33
N GLY F 282 -110.91 -6.69 18.35
CA GLY F 282 -109.49 -6.38 18.22
C GLY F 282 -109.21 -4.89 18.14
N ILE F 283 -110.10 -4.07 18.71
CA ILE F 283 -109.92 -2.63 18.72
C ILE F 283 -109.95 -2.15 20.17
N THR F 284 -109.81 -0.82 20.37
CA THR F 284 -109.68 -0.25 21.71
C THR F 284 -110.79 0.79 21.92
N ALA F 285 -111.80 0.40 22.70
CA ALA F 285 -112.85 1.33 23.12
C ALA F 285 -112.39 2.08 24.36
N SER F 286 -112.17 3.39 24.24
CA SER F 286 -111.68 4.21 25.34
C SER F 286 -112.61 5.41 25.51
N ILE F 287 -113.26 5.49 26.65
CA ILE F 287 -114.10 6.64 27.00
C ILE F 287 -113.27 7.60 27.83
N ASN F 288 -113.28 8.88 27.45
CA ASN F 288 -112.47 9.87 28.15
C ASN F 288 -113.32 10.58 29.21
N ASP F 289 -112.69 11.54 29.89
CA ASP F 289 -113.38 12.29 30.95
C ASP F 289 -114.50 13.16 30.38
N LYS F 290 -114.36 13.56 29.11
CA LYS F 290 -115.33 14.46 28.50
C LYS F 290 -116.49 13.67 27.89
N GLY F 291 -116.56 12.37 28.16
CA GLY F 291 -117.67 11.57 27.71
C GLY F 291 -117.54 11.03 26.29
N VAL F 292 -117.00 11.85 25.39
CA VAL F 292 -116.87 11.48 23.97
C VAL F 292 -116.04 10.21 23.82
N LEU F 293 -116.53 9.28 23.01
CA LEU F 293 -115.83 8.03 22.77
C LEU F 293 -114.55 8.27 21.97
N THR F 294 -113.48 7.57 22.33
CA THR F 294 -112.17 7.71 21.68
C THR F 294 -111.70 6.38 21.10
N ILE F 295 -112.55 5.71 20.34
CA ILE F 295 -112.26 4.42 19.72
C ILE F 295 -110.89 4.46 19.04
N THR F 296 -110.06 3.46 19.32
CA THR F 296 -108.71 3.39 18.80
C THR F 296 -108.48 2.05 18.10
N SER F 297 -107.78 2.11 16.98
CA SER F 297 -107.41 0.92 16.22
C SER F 297 -105.95 0.56 16.46
N ALA F 298 -105.65 -0.73 16.34
CA ALA F 298 -104.31 -1.23 16.60
C ALA F 298 -103.40 -1.00 15.40
N THR F 299 -103.70 -1.66 14.28
CA THR F 299 -102.86 -1.59 13.08
C THR F 299 -103.65 -1.08 11.88
N GLY F 300 -104.47 -0.05 12.13
CA GLY F 300 -105.22 0.59 11.08
C GLY F 300 -106.25 -0.29 10.40
N GLU F 301 -107.30 -0.66 11.13
CA GLU F 301 -108.37 -1.46 10.57
C GLU F 301 -109.36 -0.58 9.81
N ASN F 302 -110.45 -1.17 9.32
CA ASN F 302 -111.37 -0.47 8.43
C ASN F 302 -112.83 -0.67 8.83
N VAL F 303 -113.15 -0.46 10.10
CA VAL F 303 -114.49 -0.68 10.66
C VAL F 303 -115.57 -0.07 9.79
N LYS F 304 -116.65 -0.81 9.59
CA LYS F 304 -117.84 -0.33 8.89
C LYS F 304 -118.92 0.03 9.91
N PHE F 305 -120.10 0.36 9.42
CA PHE F 305 -121.25 0.65 10.29
C PHE F 305 -122.48 0.01 9.68
N GLY F 306 -123.24 -0.72 10.51
CA GLY F 306 -124.41 -1.42 10.03
C GLY F 306 -125.61 -0.53 9.78
N ALA F 307 -126.80 -1.09 9.87
CA ALA F 307 -128.04 -0.36 9.62
C ALA F 307 -128.83 -0.26 10.93
N GLN F 308 -129.87 0.57 10.90
CA GLN F 308 -130.71 0.81 12.06
C GLN F 308 -131.69 -0.35 12.27
N THR F 309 -131.17 -1.44 12.83
CA THR F 309 -132.01 -2.61 13.09
C THR F 309 -132.92 -2.39 14.29
N GLY F 310 -132.65 -1.38 15.10
CA GLY F 310 -133.45 -1.11 16.27
C GLY F 310 -134.79 -0.47 15.93
N THR F 311 -135.46 0.00 16.97
CA THR F 311 -136.79 0.59 16.84
C THR F 311 -136.78 2.10 17.03
N ALA F 312 -135.62 2.72 17.20
CA ALA F 312 -135.53 4.16 17.39
C ALA F 312 -136.07 4.92 16.20
N THR F 313 -136.98 5.86 16.46
CA THR F 313 -137.55 6.69 15.41
C THR F 313 -136.52 7.66 14.87
N ALA F 314 -135.89 8.42 15.77
CA ALA F 314 -134.86 9.39 15.40
C ALA F 314 -133.58 9.06 16.15
N GLY F 315 -132.56 9.88 15.94
CA GLY F 315 -131.26 9.69 16.56
C GLY F 315 -130.23 9.16 15.58
N GLN F 316 -128.97 9.48 15.88
CA GLN F 316 -127.87 9.09 15.01
C GLN F 316 -126.53 9.21 15.73
N VAL F 317 -125.46 8.87 15.03
CA VAL F 317 -124.10 9.00 15.54
C VAL F 317 -123.23 9.59 14.44
N ALA F 318 -122.33 10.49 14.82
CA ALA F 318 -121.39 11.10 13.89
C ALA F 318 -119.99 10.58 14.16
N VAL F 319 -119.06 10.88 13.25
CA VAL F 319 -117.67 10.45 13.37
C VAL F 319 -116.77 11.63 13.07
N LYS F 320 -115.62 11.66 13.76
CA LYS F 320 -114.64 12.72 13.54
C LYS F 320 -113.23 12.14 13.38
N VAL F 321 -113.06 11.11 12.55
CA VAL F 321 -111.81 10.38 12.42
C VAL F 321 -110.63 11.33 12.20
N GLN F 322 -109.59 11.17 13.01
CA GLN F 322 -108.43 12.04 12.93
C GLN F 322 -107.42 11.51 11.94
N GLY F 323 -106.50 12.39 11.54
CA GLY F 323 -105.44 12.02 10.63
C GLY F 323 -104.06 12.19 11.24
N SER F 324 -103.04 12.29 10.39
CA SER F 324 -101.69 12.51 10.89
C SER F 324 -101.55 13.86 11.56
N ASP F 325 -102.41 14.82 11.20
CA ASP F 325 -102.35 16.15 11.80
C ASP F 325 -102.73 16.14 13.27
N GLY F 326 -103.38 15.08 13.75
CA GLY F 326 -103.70 14.96 15.16
C GLY F 326 -105.06 15.47 15.53
N LYS F 327 -105.47 16.60 14.96
CA LYS F 327 -106.76 17.19 15.28
C LYS F 327 -107.89 16.43 14.62
N PHE F 328 -108.92 16.09 15.40
CA PHE F 328 -110.11 15.43 14.87
C PHE F 328 -110.87 16.39 13.95
N GLU F 329 -111.32 15.89 12.81
CA GLU F 329 -112.04 16.72 11.85
C GLU F 329 -113.26 17.38 12.47
N ALA F 330 -113.53 18.62 12.08
CA ALA F 330 -114.64 19.39 12.65
C ALA F 330 -115.98 18.90 12.14
N ALA F 331 -115.97 18.07 11.09
CA ALA F 331 -117.21 17.60 10.49
C ALA F 331 -117.96 16.64 11.40
N ALA F 332 -119.22 16.35 11.06
CA ALA F 332 -120.04 15.43 11.85
C ALA F 332 -120.74 14.41 10.97
N LYS F 333 -120.00 13.78 10.06
CA LYS F 333 -120.56 12.86 9.07
C LYS F 333 -121.31 11.72 9.71
N ASN F 334 -122.58 11.55 9.33
CA ASN F 334 -123.42 10.50 9.89
C ASN F 334 -123.03 9.14 9.34
N VAL F 335 -122.94 8.14 10.23
CA VAL F 335 -122.65 6.77 9.82
C VAL F 335 -123.87 5.89 10.10
N VAL F 336 -124.39 5.94 11.32
CA VAL F 336 -125.61 5.21 11.65
C VAL F 336 -126.69 6.19 12.06
N ALA F 337 -127.84 6.11 11.41
CA ALA F 337 -128.94 7.02 11.69
C ALA F 337 -130.25 6.26 11.65
N ALA F 338 -131.22 6.73 12.45
CA ALA F 338 -132.55 6.14 12.44
C ALA F 338 -133.36 6.66 11.26
N GLY F 339 -134.52 6.05 11.01
CA GLY F 339 -135.33 6.43 9.87
C GLY F 339 -134.59 6.32 8.55
N THR F 340 -134.31 7.45 7.92
CA THR F 340 -133.53 7.48 6.69
C THR F 340 -132.05 7.34 7.05
N ALA F 341 -131.50 6.16 6.79
CA ALA F 341 -130.10 5.90 7.11
C ALA F 341 -129.19 6.76 6.25
N ALA F 342 -127.96 6.98 6.74
CA ALA F 342 -126.99 7.78 6.02
C ALA F 342 -126.31 6.96 4.92
N THR F 343 -125.27 7.52 4.31
CA THR F 343 -124.57 6.83 3.23
C THR F 343 -123.17 6.40 3.67
N THR F 344 -122.38 7.37 4.15
CA THR F 344 -121.01 7.08 4.56
C THR F 344 -120.97 6.17 5.78
N THR F 345 -120.57 4.91 5.58
CA THR F 345 -120.51 3.95 6.67
C THR F 345 -119.16 3.26 6.80
N ILE F 346 -118.33 3.28 5.76
CA ILE F 346 -117.02 2.63 5.82
C ILE F 346 -115.99 3.60 6.36
N VAL F 347 -115.80 3.59 7.67
CA VAL F 347 -114.83 4.45 8.32
C VAL F 347 -113.42 3.99 7.97
N THR F 348 -112.60 4.91 7.45
CA THR F 348 -111.22 4.60 7.09
C THR F 348 -110.31 5.64 7.72
N GLY F 349 -109.29 5.16 8.44
CA GLY F 349 -108.35 6.03 9.11
C GLY F 349 -107.25 6.53 8.19
N TYR F 350 -106.27 7.19 8.79
CA TYR F 350 -105.14 7.74 8.06
C TYR F 350 -104.03 6.71 7.96
N VAL F 351 -103.29 6.76 6.86
CA VAL F 351 -102.29 5.75 6.53
C VAL F 351 -100.91 6.38 6.51
N GLN F 352 -100.69 7.38 7.37
CA GLN F 352 -99.42 8.09 7.44
C GLN F 352 -98.24 7.12 7.52
N LEU F 353 -97.33 7.26 6.57
CA LEU F 353 -96.11 6.48 6.54
C LEU F 353 -94.91 7.38 6.81
N ASN F 354 -93.71 6.80 6.75
CA ASN F 354 -92.48 7.55 6.98
C ASN F 354 -91.38 7.03 6.07
N SER F 355 -90.45 7.93 5.73
CA SER F 355 -89.30 7.60 4.91
C SER F 355 -88.23 8.68 5.06
N PRO F 356 -86.98 8.31 5.33
CA PRO F 356 -85.93 9.34 5.48
C PRO F 356 -85.65 10.11 4.20
N THR F 357 -85.54 9.41 3.07
CA THR F 357 -85.17 10.06 1.81
C THR F 357 -86.34 10.86 1.26
N ALA F 358 -86.16 11.45 0.08
CA ALA F 358 -87.18 12.25 -0.56
C ALA F 358 -87.99 11.37 -1.50
N TYR F 359 -89.31 11.36 -1.31
CA TYR F 359 -90.22 10.54 -2.09
C TYR F 359 -91.03 11.41 -3.05
N SER F 360 -91.95 10.77 -3.76
CA SER F 360 -92.91 11.47 -4.62
C SER F 360 -94.08 10.56 -4.87
N VAL F 361 -95.26 10.94 -4.39
CA VAL F 361 -96.47 10.13 -4.50
C VAL F 361 -97.38 10.74 -5.55
N SER F 362 -98.00 9.89 -6.36
CA SER F 362 -98.89 10.34 -7.42
C SER F 362 -99.91 9.25 -7.71
N GLY F 363 -100.92 9.61 -8.50
CA GLY F 363 -101.96 8.67 -8.89
C GLY F 363 -102.97 9.29 -9.83
N THR F 364 -103.33 8.56 -10.89
CA THR F 364 -104.28 9.08 -11.86
C THR F 364 -105.68 9.15 -11.28
N GLY F 365 -106.44 10.15 -11.71
CA GLY F 365 -107.80 10.34 -11.24
C GLY F 365 -107.89 10.72 -9.78
N THR F 366 -108.76 10.05 -9.03
CA THR F 366 -108.92 10.30 -7.61
C THR F 366 -108.20 9.29 -6.73
N GLN F 367 -107.49 8.33 -7.34
CA GLN F 367 -106.81 7.27 -6.61
C GLN F 367 -105.80 7.84 -5.61
N ALA F 368 -105.15 8.93 -5.96
CA ALA F 368 -104.18 9.55 -5.06
C ALA F 368 -104.88 10.50 -4.08
N SER F 369 -105.85 11.27 -4.58
CA SER F 369 -106.55 12.24 -3.75
C SER F 369 -107.32 11.56 -2.61
N GLN F 370 -107.86 10.38 -2.88
CA GLN F 370 -108.64 9.67 -1.86
C GLN F 370 -107.78 9.20 -0.71
N VAL F 371 -106.47 9.11 -0.92
CA VAL F 371 -105.56 8.59 0.11
C VAL F 371 -104.64 9.68 0.63
N PHE F 372 -104.09 10.52 -0.26
CA PHE F 372 -103.08 11.51 0.12
C PHE F 372 -103.59 12.93 -0.10
N GLY F 373 -104.68 13.08 -0.84
CA GLY F 373 -105.22 14.40 -1.07
C GLY F 373 -104.35 15.20 -2.03
N ASN F 374 -104.12 16.46 -1.66
CA ASN F 374 -103.39 17.39 -2.51
C ASN F 374 -101.88 17.10 -2.49
N ALA F 375 -101.45 16.24 -1.57
CA ALA F 375 -100.04 15.86 -1.42
C ALA F 375 -99.40 15.53 -2.77
N SER F 376 -98.32 16.22 -3.11
CA SER F 376 -97.74 16.06 -4.44
C SER F 376 -96.36 15.40 -4.41
N ALA F 377 -95.40 16.00 -3.71
CA ALA F 377 -94.06 15.44 -3.74
C ALA F 377 -93.57 14.93 -2.40
N ALA F 378 -93.44 15.83 -1.42
CA ALA F 378 -92.81 15.48 -0.15
C ALA F 378 -92.92 16.67 0.80
N GLN F 379 -92.31 16.50 1.97
CA GLN F 379 -92.06 17.58 2.91
C GLN F 379 -90.68 17.40 3.52
N LYS F 380 -90.38 18.14 4.60
CA LYS F 380 -89.09 18.01 5.27
C LYS F 380 -89.29 17.71 6.75
N SER F 381 -90.38 18.26 7.30
CA SER F 381 -90.79 18.10 8.70
C SER F 381 -89.92 18.91 9.65
N SER F 382 -88.78 19.43 9.15
CA SER F 382 -88.01 20.49 9.78
C SER F 382 -87.94 20.38 11.30
N VAL F 383 -87.36 19.29 11.82
CA VAL F 383 -87.55 18.99 13.23
C VAL F 383 -86.75 19.95 14.11
N ALA F 384 -87.43 21.00 14.57
CA ALA F 384 -86.98 21.85 15.67
C ALA F 384 -88.19 22.10 16.56
N SER F 385 -89.38 21.91 15.98
CA SER F 385 -90.72 22.04 16.54
C SER F 385 -91.18 20.78 17.25
N VAL F 386 -90.24 20.00 17.78
CA VAL F 386 -90.50 18.72 18.43
C VAL F 386 -91.71 18.77 19.37
N ASP F 387 -91.83 19.86 20.14
CA ASP F 387 -92.80 20.00 21.23
C ASP F 387 -92.99 18.68 21.97
N ILE F 388 -91.88 18.16 22.52
CA ILE F 388 -91.90 16.84 23.16
C ILE F 388 -92.85 16.79 24.34
N SER F 389 -93.32 17.95 24.81
CA SER F 389 -94.28 18.01 25.91
C SER F 389 -95.55 17.26 25.55
N THR F 390 -96.03 17.43 24.32
CA THR F 390 -97.26 16.78 23.89
C THR F 390 -96.99 15.32 23.55
N ALA F 391 -97.96 14.45 23.88
CA ALA F 391 -97.83 13.03 23.61
C ALA F 391 -97.82 12.76 22.11
N ASP F 392 -98.81 13.26 21.39
CA ASP F 392 -98.85 13.14 19.93
C ASP F 392 -97.59 13.71 19.30
N GLY F 393 -97.19 14.88 19.78
CA GLY F 393 -95.93 15.49 19.38
C GLY F 393 -94.75 14.59 19.68
N ALA F 394 -94.81 13.88 20.81
CA ALA F 394 -93.74 12.97 21.19
C ALA F 394 -93.63 11.82 20.20
N GLN F 395 -94.77 11.22 19.82
CA GLN F 395 -94.74 10.13 18.86
C GLN F 395 -94.26 10.61 17.49
N ASN F 396 -94.73 11.79 17.08
CA ASN F 396 -94.23 12.37 15.83
C ASN F 396 -92.73 12.58 15.89
N ALA F 397 -92.23 13.00 17.06
CA ALA F 397 -90.80 13.19 17.24
C ALA F 397 -90.04 11.88 17.13
N ILE F 398 -90.59 10.81 17.72
CA ILE F 398 -89.96 9.51 17.64
C ILE F 398 -89.88 9.07 16.18
N ALA F 399 -90.97 9.27 15.43
CA ALA F 399 -90.96 8.89 14.02
C ALA F 399 -89.93 9.69 13.23
N VAL F 400 -89.90 11.01 13.43
CA VAL F 400 -89.00 11.86 12.68
C VAL F 400 -87.55 11.54 13.03
N VAL F 401 -87.28 11.25 14.30
CA VAL F 401 -85.89 10.95 14.69
C VAL F 401 -85.50 9.55 14.22
N ASP F 402 -86.46 8.64 14.08
CA ASP F 402 -86.16 7.35 13.48
C ASP F 402 -85.75 7.52 12.03
N ASN F 403 -86.52 8.32 11.29
CA ASN F 403 -86.12 8.62 9.91
C ASN F 403 -84.77 9.33 9.85
N ALA F 404 -84.51 10.22 10.80
CA ALA F 404 -83.24 10.96 10.80
C ALA F 404 -82.06 10.04 11.07
N LEU F 405 -82.22 9.11 12.02
CA LEU F 405 -81.14 8.18 12.30
C LEU F 405 -80.96 7.21 11.14
N ALA F 406 -82.03 6.84 10.45
CA ALA F 406 -81.89 6.04 9.23
C ALA F 406 -81.08 6.80 8.18
N ALA F 407 -81.37 8.10 8.03
CA ALA F 407 -80.65 8.90 7.05
C ALA F 407 -79.18 9.03 7.40
N ILE F 408 -78.86 9.27 8.68
CA ILE F 408 -77.46 9.41 9.07
C ILE F 408 -76.76 8.06 9.02
N ASP F 409 -77.51 6.97 9.18
CA ASP F 409 -76.93 5.65 8.99
C ASP F 409 -76.58 5.41 7.53
N ALA F 410 -77.45 5.84 6.62
CA ALA F 410 -77.12 5.80 5.20
C ALA F 410 -75.90 6.66 4.89
N GLN F 411 -75.79 7.82 5.54
CA GLN F 411 -74.63 8.68 5.35
C GLN F 411 -73.36 8.01 5.85
N ARG F 412 -73.44 7.35 7.00
CA ARG F 412 -72.28 6.60 7.50
C ARG F 412 -71.94 5.44 6.57
N ALA F 413 -72.95 4.87 5.92
CA ALA F 413 -72.70 3.83 4.93
C ALA F 413 -71.92 4.39 3.73
N ASP F 414 -72.33 5.56 3.25
CA ASP F 414 -71.57 6.24 2.20
C ASP F 414 -70.14 6.50 2.65
N LEU F 415 -69.97 6.94 3.90
CA LEU F 415 -68.64 7.24 4.41
C LEU F 415 -67.78 5.98 4.49
N ALA F 416 -68.34 4.87 4.97
CA ALA F 416 -67.58 3.63 5.04
C ALA F 416 -67.25 3.12 3.65
N ALA F 417 -68.17 3.29 2.70
CA ALA F 417 -67.92 2.86 1.33
C ALA F 417 -66.79 3.67 0.72
N VAL F 418 -66.80 4.99 0.90
CA VAL F 418 -65.75 5.82 0.30
C VAL F 418 -64.42 5.57 0.99
N GLN F 419 -64.45 5.25 2.29
CA GLN F 419 -63.21 4.90 2.98
C GLN F 419 -62.62 3.58 2.47
N ASN F 420 -63.46 2.56 2.30
CA ASN F 420 -62.98 1.30 1.75
C ASN F 420 -62.45 1.50 0.33
N ARG F 421 -63.15 2.32 -0.45
CA ARG F 421 -62.70 2.63 -1.80
C ARG F 421 -61.35 3.35 -1.77
N PHE F 422 -61.17 4.27 -0.82
CA PHE F 422 -59.90 4.98 -0.71
C PHE F 422 -58.76 4.05 -0.33
N LYS F 423 -59.00 3.16 0.63
CA LYS F 423 -57.93 2.24 1.02
C LYS F 423 -57.61 1.27 -0.12
N ASN F 424 -58.64 0.84 -0.87
CA ASN F 424 -58.39 -0.03 -2.01
C ASN F 424 -57.57 0.67 -3.08
N THR F 425 -57.95 1.90 -3.45
CA THR F 425 -57.22 2.58 -4.51
C THR F 425 -55.82 2.97 -4.05
N ILE F 426 -55.64 3.25 -2.76
CA ILE F 426 -54.29 3.60 -2.29
C ILE F 426 -53.40 2.37 -2.26
N ASP F 427 -53.96 1.20 -1.92
CA ASP F 427 -53.17 -0.02 -2.00
C ASP F 427 -52.79 -0.33 -3.45
N ASN F 428 -53.76 -0.27 -4.35
CA ASN F 428 -53.50 -0.47 -5.77
C ASN F 428 -52.44 0.51 -6.26
N LEU F 429 -52.50 1.75 -5.76
CA LEU F 429 -51.64 2.80 -6.27
C LEU F 429 -50.20 2.62 -5.77
N THR F 430 -50.03 2.25 -4.49
CA THR F 430 -48.70 1.89 -4.02
C THR F 430 -48.14 0.69 -4.78
N ASN F 431 -49.01 -0.27 -5.13
CA ASN F 431 -48.54 -1.39 -5.94
C ASN F 431 -48.04 -0.93 -7.31
N ILE F 432 -48.83 -0.07 -7.98
CA ILE F 432 -48.40 0.44 -9.27
C ILE F 432 -47.11 1.23 -9.14
N SER F 433 -46.92 1.93 -8.02
CA SER F 433 -45.70 2.70 -7.84
C SER F 433 -44.51 1.78 -7.60
N GLU F 434 -44.72 0.64 -6.95
CA GLU F 434 -43.60 -0.29 -6.76
C GLU F 434 -43.23 -0.95 -8.08
N ASN F 435 -44.23 -1.26 -8.91
CA ASN F 435 -43.89 -1.74 -10.26
C ASN F 435 -43.19 -0.66 -11.07
N ALA F 436 -43.57 0.60 -10.87
CA ALA F 436 -42.89 1.69 -11.55
C ALA F 436 -41.44 1.82 -11.09
N THR F 437 -41.19 1.63 -9.80
CA THR F 437 -39.82 1.62 -9.31
C THR F 437 -39.03 0.48 -9.93
N ASN F 438 -39.64 -0.70 -10.03
CA ASN F 438 -38.97 -1.83 -10.67
C ASN F 438 -38.61 -1.51 -12.12
N ALA F 439 -39.57 -0.93 -12.86
CA ALA F 439 -39.31 -0.58 -14.25
C ALA F 439 -38.23 0.48 -14.37
N ARG F 440 -38.26 1.47 -13.48
CA ARG F 440 -37.25 2.53 -13.52
C ARG F 440 -35.87 1.98 -13.19
N SER F 441 -35.80 1.02 -12.28
CA SER F 441 -34.51 0.39 -11.97
C SER F 441 -34.00 -0.42 -13.16
N ARG F 442 -34.91 -1.14 -13.82
CA ARG F 442 -34.49 -1.96 -14.96
C ARG F 442 -34.12 -1.13 -16.18
N ILE F 443 -34.70 0.05 -16.36
CA ILE F 443 -34.46 0.83 -17.56
C ILE F 443 -33.43 1.95 -17.36
N LYS F 444 -33.23 2.43 -16.13
CA LYS F 444 -32.34 3.55 -15.86
C LYS F 444 -31.16 3.19 -14.99
N ASP F 445 -31.39 2.60 -13.82
CA ASP F 445 -30.30 2.26 -12.91
C ASP F 445 -29.35 1.26 -13.56
N THR F 446 -28.10 1.66 -13.72
CA THR F 446 -27.12 0.85 -14.43
C THR F 446 -26.81 -0.43 -13.65
N ASP F 447 -26.64 -1.53 -14.39
CA ASP F 447 -26.08 -2.75 -13.82
C ASP F 447 -24.55 -2.67 -13.84
N PHE F 448 -24.04 -1.78 -12.99
CA PHE F 448 -22.62 -1.43 -13.02
C PHE F 448 -21.70 -2.57 -12.64
N ALA F 449 -22.22 -3.75 -12.31
CA ALA F 449 -21.37 -4.91 -12.08
C ALA F 449 -20.51 -5.24 -13.29
N ALA F 450 -20.97 -4.89 -14.49
CA ALA F 450 -20.15 -4.99 -15.69
C ALA F 450 -19.60 -3.66 -16.16
N GLU F 451 -20.22 -2.55 -15.77
CA GLU F 451 -19.69 -1.23 -16.09
C GLU F 451 -18.37 -0.96 -15.40
N THR F 452 -18.17 -1.47 -14.18
CA THR F 452 -16.87 -1.33 -13.54
C THR F 452 -15.79 -2.10 -14.28
N ALA F 453 -16.12 -3.28 -14.79
CA ALA F 453 -15.17 -4.04 -15.59
C ALA F 453 -14.86 -3.32 -16.90
N ALA F 454 -15.88 -2.74 -17.52
CA ALA F 454 -15.66 -1.95 -18.74
C ALA F 454 -14.77 -0.74 -18.45
N LEU F 455 -14.98 -0.11 -17.30
CA LEU F 455 -14.15 1.04 -16.92
C LEU F 455 -12.70 0.62 -16.71
N SER F 456 -12.48 -0.50 -16.01
CA SER F 456 -11.12 -0.99 -15.82
C SER F 456 -10.47 -1.33 -17.16
N LYS F 457 -11.24 -1.96 -18.05
CA LYS F 457 -10.74 -2.26 -19.38
C LYS F 457 -10.34 -0.98 -20.11
N ASN F 458 -11.18 0.05 -20.06
CA ASN F 458 -10.87 1.31 -20.71
C ASN F 458 -9.62 1.93 -20.12
N GLN F 459 -9.42 1.80 -18.80
CA GLN F 459 -8.21 2.32 -18.18
C GLN F 459 -6.97 1.56 -18.66
N VAL F 460 -7.08 0.24 -18.81
CA VAL F 460 -5.98 -0.52 -19.37
C VAL F 460 -5.66 -0.07 -20.79
N LEU F 461 -6.70 0.17 -21.59
CA LEU F 461 -6.46 0.66 -22.95
C LEU F 461 -5.82 2.05 -22.92
N GLN F 462 -6.20 2.90 -21.97
CA GLN F 462 -5.57 4.20 -21.83
C GLN F 462 -4.08 4.07 -21.55
N GLN F 463 -3.72 3.29 -20.53
CA GLN F 463 -2.31 3.17 -20.18
C GLN F 463 -1.52 2.50 -21.29
N ALA F 464 -2.12 1.51 -21.96
CA ALA F 464 -1.45 0.85 -23.08
C ALA F 464 -1.22 1.81 -24.22
N GLY F 465 -2.21 2.66 -24.52
CA GLY F 465 -2.05 3.64 -25.57
C GLY F 465 -0.98 4.65 -25.25
N THR F 466 -0.94 5.12 -24.00
CA THR F 466 0.12 6.04 -23.60
C THR F 466 1.49 5.41 -23.77
N ALA F 467 1.64 4.16 -23.31
CA ALA F 467 2.94 3.50 -23.41
C ALA F 467 3.34 3.28 -24.87
N ILE F 468 2.41 2.80 -25.69
CA ILE F 468 2.76 2.50 -27.08
C ILE F 468 3.07 3.79 -27.84
N LEU F 469 2.35 4.87 -27.54
CA LEU F 469 2.64 6.15 -28.16
C LEU F 469 4.02 6.65 -27.74
N ALA F 470 4.36 6.52 -26.45
CA ALA F 470 5.67 6.95 -25.99
C ALA F 470 6.79 6.15 -26.63
N GLN F 471 6.59 4.85 -26.84
CA GLN F 471 7.64 4.05 -27.45
C GLN F 471 7.66 4.20 -28.98
N ALA F 472 6.56 4.69 -29.56
CA ALA F 472 6.51 4.88 -31.01
C ALA F 472 7.07 6.25 -31.41
N ASN F 473 6.99 7.23 -30.52
CA ASN F 473 7.50 8.56 -30.84
C ASN F 473 9.02 8.59 -30.82
N GLN F 474 9.65 7.47 -30.47
CA GLN F 474 11.11 7.38 -30.42
C GLN F 474 11.72 6.71 -31.65
N LEU F 475 10.90 6.11 -32.52
CA LEU F 475 11.45 5.39 -33.68
C LEU F 475 12.18 6.30 -34.65
N PRO F 476 11.57 7.37 -35.20
CA PRO F 476 12.31 8.18 -36.17
C PRO F 476 13.51 8.88 -35.57
N GLN F 477 13.47 9.21 -34.28
CA GLN F 477 14.62 9.82 -33.63
C GLN F 477 15.84 8.94 -33.76
N ALA F 478 15.74 7.69 -33.27
CA ALA F 478 16.86 6.76 -33.35
C ALA F 478 17.20 6.45 -34.80
N VAL F 479 16.20 6.32 -35.66
CA VAL F 479 16.44 5.99 -37.07
C VAL F 479 17.35 7.04 -37.70
N LEU F 480 16.99 8.31 -37.57
CA LEU F 480 17.79 9.37 -38.17
C LEU F 480 19.12 9.56 -37.44
N SER F 481 19.15 9.36 -36.12
CA SER F 481 20.38 9.58 -35.38
C SER F 481 21.43 8.53 -35.71
N LEU F 482 21.02 7.29 -35.98
CA LEU F 482 21.97 6.24 -36.28
C LEU F 482 22.23 6.10 -37.77
N LEU F 483 21.27 6.47 -38.62
CA LEU F 483 21.47 6.40 -40.07
C LEU F 483 22.31 7.55 -40.59
N ARG F 484 22.44 8.64 -39.84
CA ARG F 484 23.22 9.79 -40.27
C ARG F 484 24.61 9.76 -39.64
N VAL G 1 33.09 25.79 -56.75
CA VAL G 1 32.15 26.44 -55.84
C VAL G 1 32.76 26.59 -54.44
N ASN G 2 33.36 27.76 -54.19
CA ASN G 2 34.02 27.99 -52.91
C ASN G 2 33.59 29.27 -52.20
N THR G 3 33.23 30.34 -52.92
CA THR G 3 32.85 31.57 -52.23
C THR G 3 31.48 31.48 -51.57
N ASN G 4 30.66 30.49 -51.93
CA ASN G 4 29.37 30.27 -51.31
C ASN G 4 28.92 28.86 -51.64
N ILE G 5 28.00 28.35 -50.80
CA ILE G 5 27.49 26.98 -50.94
C ILE G 5 25.98 27.07 -50.97
N ALA G 6 25.36 26.37 -51.93
CA ALA G 6 23.91 26.34 -52.04
C ALA G 6 23.25 25.50 -50.95
N SER G 7 24.03 24.98 -50.00
CA SER G 7 23.49 24.13 -48.94
C SER G 7 22.79 24.91 -47.84
N LEU G 8 22.59 26.22 -48.00
CA LEU G 8 21.88 26.99 -46.99
C LEU G 8 20.38 26.76 -47.03
N ASN G 9 19.88 25.94 -47.96
CA ASN G 9 18.51 25.44 -47.83
C ASN G 9 18.38 24.63 -46.54
N THR G 10 19.45 23.95 -46.14
CA THR G 10 19.49 23.31 -44.84
C THR G 10 19.33 24.32 -43.72
N GLN G 11 19.97 25.48 -43.86
CA GLN G 11 19.83 26.53 -42.84
C GLN G 11 18.41 27.07 -42.81
N ARG G 12 17.79 27.26 -43.98
CA ARG G 12 16.40 27.70 -44.03
C ARG G 12 15.49 26.70 -43.32
N ASN G 13 15.66 25.41 -43.64
CA ASN G 13 14.87 24.37 -42.98
C ASN G 13 15.15 24.33 -41.48
N LEU G 14 16.39 24.59 -41.06
CA LEU G 14 16.70 24.63 -39.64
C LEU G 14 15.97 25.77 -38.95
N ASN G 15 15.94 26.95 -39.56
CA ASN G 15 15.19 28.06 -38.99
C ASN G 15 13.70 27.74 -38.90
N ALA G 16 13.14 27.18 -39.97
CA ALA G 16 11.72 26.81 -39.95
C ALA G 16 11.43 25.81 -38.85
N SER G 17 12.24 24.75 -38.76
CA SER G 17 12.02 23.72 -37.76
C SER G 17 12.22 24.28 -36.35
N SER G 18 13.11 25.26 -36.18
CA SER G 18 13.28 25.86 -34.87
C SER G 18 12.05 26.68 -34.48
N ASN G 19 11.44 27.37 -35.46
CA ASN G 19 10.20 28.08 -35.15
C ASN G 19 9.08 27.10 -34.78
N ASP G 20 8.93 26.01 -35.54
CA ASP G 20 7.94 25.01 -35.18
C ASP G 20 8.24 24.39 -33.81
N LEU G 21 9.52 24.20 -33.51
CA LEU G 21 9.91 23.65 -32.21
C LEU G 21 9.52 24.62 -31.09
N ASN G 22 9.80 25.91 -31.28
CA ASN G 22 9.44 26.89 -30.26
C ASN G 22 7.95 26.92 -30.03
N THR G 23 7.15 26.95 -31.11
CA THR G 23 5.71 27.02 -30.93
C THR G 23 5.16 25.74 -30.31
N SER G 24 5.71 24.59 -30.67
CA SER G 24 5.24 23.32 -30.10
C SER G 24 5.59 23.22 -28.62
N LEU G 25 6.80 23.64 -28.25
CA LEU G 25 7.17 23.66 -26.84
C LEU G 25 6.27 24.61 -26.05
N GLN G 26 5.96 25.78 -26.62
CA GLN G 26 5.05 26.70 -25.95
C GLN G 26 3.68 26.06 -25.76
N ARG G 27 3.15 25.44 -26.82
CA ARG G 27 1.87 24.75 -26.72
C ARG G 27 1.89 23.70 -25.62
N LEU G 28 2.99 22.95 -25.52
CA LEU G 28 3.05 21.87 -24.55
C LEU G 28 3.16 22.41 -23.13
N THR G 29 3.89 23.52 -22.93
CA THR G 29 4.06 24.02 -21.58
C THR G 29 2.85 24.81 -21.10
N THR G 30 2.05 25.37 -22.01
CA THR G 30 0.83 26.05 -21.58
C THR G 30 -0.37 25.13 -21.52
N GLY G 31 -0.27 23.92 -22.08
CA GLY G 31 -1.40 23.02 -22.14
C GLY G 31 -2.47 23.43 -23.11
N TYR G 32 -2.24 24.46 -23.92
CA TYR G 32 -3.24 24.98 -24.85
C TYR G 32 -2.79 24.67 -26.27
N ARG G 33 -3.67 24.05 -27.06
CA ARG G 33 -3.33 23.78 -28.46
C ARG G 33 -3.13 25.08 -29.22
N ILE G 34 -4.02 26.05 -29.02
CA ILE G 34 -3.78 27.39 -29.53
C ILE G 34 -3.18 28.22 -28.40
N ASN G 35 -2.06 28.89 -28.69
CA ASN G 35 -1.42 29.71 -27.68
C ASN G 35 -2.31 30.91 -27.37
N SER G 36 -2.08 31.49 -26.19
CA SER G 36 -2.75 32.75 -25.85
C SER G 36 -2.34 33.87 -26.80
N ALA G 37 -1.35 33.61 -27.67
CA ALA G 37 -0.90 34.58 -28.65
C ALA G 37 -1.83 34.59 -29.86
N LYS G 38 -1.29 35.13 -30.96
CA LYS G 38 -2.07 35.41 -32.17
C LYS G 38 -2.78 34.18 -32.73
N ASP G 39 -2.24 32.98 -32.47
CA ASP G 39 -2.62 31.80 -33.26
C ASP G 39 -4.12 31.57 -33.26
N ASP G 40 -4.69 31.53 -34.46
CA ASP G 40 -6.12 31.25 -34.68
C ASP G 40 -7.00 32.26 -33.94
N ALA G 41 -6.90 33.51 -34.41
CA ALA G 41 -7.62 34.62 -33.77
C ALA G 41 -9.11 34.33 -33.62
N ALA G 42 -9.70 33.59 -34.56
CA ALA G 42 -11.09 33.18 -34.39
C ALA G 42 -11.23 32.27 -33.17
N GLY G 43 -10.37 31.25 -33.06
CA GLY G 43 -10.36 30.44 -31.86
C GLY G 43 -10.01 31.24 -30.63
N LEU G 44 -9.20 32.30 -30.80
CA LEU G 44 -8.86 33.16 -29.68
C LEU G 44 -10.10 33.88 -29.14
N GLN G 45 -10.93 34.43 -30.04
CA GLN G 45 -12.15 35.08 -29.62
C GLN G 45 -13.13 34.06 -29.04
N ILE G 46 -13.18 32.86 -29.61
CA ILE G 46 -14.03 31.81 -29.05
C ILE G 46 -13.62 31.51 -27.61
N SER G 47 -12.31 31.36 -27.37
CA SER G 47 -11.84 31.11 -26.02
C SER G 47 -12.14 32.28 -25.10
N ASN G 48 -11.98 33.51 -25.60
CA ASN G 48 -12.25 34.69 -24.79
C ASN G 48 -13.72 34.71 -24.35
N ARG G 49 -14.64 34.49 -25.29
CA ARG G 49 -16.06 34.56 -24.97
C ARG G 49 -16.49 33.38 -24.09
N LEU G 50 -15.89 32.20 -24.30
CA LEU G 50 -16.22 31.08 -23.44
C LEU G 50 -15.68 31.29 -22.03
N SER G 51 -14.51 31.92 -21.89
CA SER G 51 -14.01 32.25 -20.57
C SER G 51 -14.88 33.29 -19.89
N ASN G 52 -15.32 34.29 -20.63
CA ASN G 52 -16.28 35.26 -20.10
C ASN G 52 -17.53 34.55 -19.61
N GLN G 53 -18.04 33.60 -20.41
CA GLN G 53 -19.25 32.89 -20.04
C GLN G 53 -19.07 32.05 -18.78
N ILE G 54 -17.96 31.31 -18.70
CA ILE G 54 -17.76 30.43 -17.53
C ILE G 54 -17.53 31.26 -16.28
N SER G 55 -16.81 32.38 -16.41
CA SER G 55 -16.60 33.25 -15.25
C SER G 55 -17.91 33.88 -14.79
N GLY G 56 -18.72 34.35 -15.74
CA GLY G 56 -20.02 34.89 -15.37
C GLY G 56 -20.91 33.86 -14.71
N LEU G 57 -20.88 32.63 -15.23
CA LEU G 57 -21.67 31.56 -14.62
C LEU G 57 -21.19 31.23 -13.21
N ASN G 58 -19.87 31.25 -12.99
CA ASN G 58 -19.36 30.99 -11.65
C ASN G 58 -19.81 32.08 -10.67
N VAL G 59 -19.63 33.35 -11.05
CA VAL G 59 -20.06 34.43 -10.16
C VAL G 59 -21.57 34.40 -9.97
N ALA G 60 -22.32 33.96 -10.99
CA ALA G 60 -23.77 33.88 -10.85
C ALA G 60 -24.17 32.76 -9.90
N THR G 61 -23.45 31.63 -9.95
CA THR G 61 -23.71 30.55 -8.98
C THR G 61 -23.39 31.01 -7.57
N ARG G 62 -22.34 31.82 -7.40
CA ARG G 62 -22.01 32.33 -6.07
C ARG G 62 -23.09 33.29 -5.58
N ASN G 63 -23.56 34.17 -6.47
CA ASN G 63 -24.65 35.08 -6.11
C ASN G 63 -25.92 34.29 -5.79
N ALA G 64 -26.16 33.19 -6.50
CA ALA G 64 -27.32 32.36 -6.22
C ALA G 64 -27.18 31.66 -4.88
N ASN G 65 -25.96 31.27 -4.51
CA ASN G 65 -25.74 30.71 -3.18
C ASN G 65 -26.03 31.74 -2.09
N ASP G 66 -25.54 32.97 -2.29
CA ASP G 66 -25.86 34.04 -1.36
C ASP G 66 -27.37 34.22 -1.25
N GLY G 67 -28.06 34.21 -2.39
CA GLY G 67 -29.50 34.43 -2.39
C GLY G 67 -30.27 33.31 -1.71
N ILE G 68 -29.87 32.06 -1.95
CA ILE G 68 -30.59 30.95 -1.33
C ILE G 68 -30.32 30.91 0.17
N SER G 69 -29.12 31.33 0.59
CA SER G 69 -28.85 31.44 2.03
C SER G 69 -29.73 32.52 2.65
N LEU G 70 -29.86 33.67 2.00
CA LEU G 70 -30.74 34.72 2.50
C LEU G 70 -32.19 34.22 2.56
N ALA G 71 -32.62 33.50 1.53
CA ALA G 71 -33.97 32.96 1.50
C ALA G 71 -34.20 31.94 2.61
N GLN G 72 -33.20 31.13 2.94
CA GLN G 72 -33.34 30.19 4.05
C GLN G 72 -33.40 30.92 5.38
N THR G 73 -32.62 31.98 5.53
CA THR G 73 -32.73 32.81 6.73
C THR G 73 -34.15 33.37 6.87
N ALA G 74 -34.69 33.90 5.78
CA ALA G 74 -36.05 34.41 5.80
C ALA G 74 -37.05 33.30 6.11
N GLU G 75 -36.83 32.10 5.58
CA GLU G 75 -37.73 30.98 5.85
C GLU G 75 -37.72 30.63 7.34
N GLY G 76 -36.54 30.61 7.95
CA GLY G 76 -36.48 30.33 9.38
C GLY G 76 -37.15 31.40 10.22
N ALA G 77 -36.94 32.67 9.86
CA ALA G 77 -37.60 33.76 10.58
C ALA G 77 -39.12 33.66 10.44
N LEU G 78 -39.60 33.33 9.24
CA LEU G 78 -41.04 33.16 9.04
C LEU G 78 -41.57 31.95 9.79
N GLN G 79 -40.79 30.88 9.91
CA GLN G 79 -41.20 29.75 10.72
C GLN G 79 -41.38 30.15 12.17
N GLN G 80 -40.43 30.92 12.70
CA GLN G 80 -40.55 31.34 14.09
C GLN G 80 -41.74 32.29 14.27
N SER G 81 -42.01 33.13 13.27
CA SER G 81 -43.17 34.01 13.38
C SER G 81 -44.47 33.22 13.32
N THR G 82 -44.50 32.15 12.53
CA THR G 82 -45.66 31.26 12.54
C THR G 82 -45.86 30.65 13.92
N ASN G 83 -44.76 30.24 14.56
CA ASN G 83 -44.85 29.72 15.91
C ASN G 83 -45.42 30.78 16.86
N ILE G 84 -44.96 32.02 16.73
CA ILE G 84 -45.47 33.09 17.58
C ILE G 84 -46.96 33.32 17.35
N LEU G 85 -47.39 33.33 16.09
CA LEU G 85 -48.80 33.58 15.80
C LEU G 85 -49.67 32.41 16.25
N GLN G 86 -49.18 31.17 16.16
CA GLN G 86 -49.98 30.06 16.66
C GLN G 86 -50.07 30.08 18.18
N ARG G 87 -48.99 30.50 18.85
CA ARG G 87 -49.06 30.72 20.29
C ARG G 87 -50.08 31.80 20.63
N ILE G 88 -50.12 32.88 19.84
CA ILE G 88 -51.14 33.90 20.03
C ILE G 88 -52.54 33.31 19.84
N ARG G 89 -52.68 32.41 18.87
CA ARG G 89 -53.98 31.76 18.66
C ARG G 89 -54.39 30.95 19.89
N ASP G 90 -53.47 30.17 20.45
CA ASP G 90 -53.80 29.40 21.66
C ASP G 90 -54.15 30.32 22.82
N LEU G 91 -53.41 31.42 22.97
CA LEU G 91 -53.70 32.35 24.06
C LEU G 91 -55.07 33.00 23.86
N ALA G 92 -55.43 33.29 22.62
CA ALA G 92 -56.73 33.91 22.33
C ALA G 92 -57.86 32.93 22.59
N LEU G 93 -57.66 31.66 22.22
CA LEU G 93 -58.67 30.64 22.50
C LEU G 93 -58.81 30.41 23.99
N GLN G 94 -57.70 30.50 24.74
CA GLN G 94 -57.79 30.43 26.20
C GLN G 94 -58.49 31.66 26.76
N SER G 95 -58.41 32.79 26.06
CA SER G 95 -59.00 34.04 26.52
C SER G 95 -60.52 33.99 26.59
N ALA G 96 -61.16 32.92 26.09
CA ALA G 96 -62.60 32.81 26.22
C ALA G 96 -63.01 32.73 27.68
N ASN G 97 -62.30 31.93 28.48
CA ASN G 97 -62.41 31.87 29.94
C ASN G 97 -63.84 31.75 30.44
N GLY G 98 -64.74 31.22 29.61
CA GLY G 98 -66.14 31.09 29.99
C GLY G 98 -66.84 32.40 30.24
N SER G 99 -66.14 33.50 29.96
CA SER G 99 -66.65 34.88 30.05
C SER G 99 -66.86 35.32 31.50
N ASN G 100 -66.70 34.42 32.46
CA ASN G 100 -66.86 34.79 33.86
C ASN G 100 -65.87 34.12 34.80
N SER G 101 -64.91 33.33 34.30
CA SER G 101 -64.09 32.53 35.21
C SER G 101 -62.75 33.18 35.51
N ASP G 102 -62.02 33.61 34.49
CA ASP G 102 -60.65 34.11 34.64
C ASP G 102 -60.68 35.63 34.73
N ALA G 103 -60.66 36.14 35.96
CA ALA G 103 -60.53 37.58 36.17
C ALA G 103 -59.10 38.05 35.96
N ASP G 104 -58.21 37.18 35.49
CA ASP G 104 -56.81 37.49 35.26
C ASP G 104 -56.57 38.07 33.87
N ARG G 105 -57.61 38.70 33.29
CA ARG G 105 -57.52 39.29 31.96
C ARG G 105 -56.43 40.34 31.88
N ALA G 106 -56.06 40.99 32.99
CA ALA G 106 -54.99 41.98 32.95
C ALA G 106 -53.67 41.33 32.59
N ALA G 107 -53.30 40.27 33.30
CA ALA G 107 -52.06 39.57 32.97
C ALA G 107 -52.17 38.84 31.65
N LEU G 108 -53.38 38.45 31.25
CA LEU G 108 -53.55 37.84 29.93
C LEU G 108 -53.24 38.85 28.81
N GLN G 109 -53.79 40.06 28.94
CA GLN G 109 -53.49 41.11 27.96
C GLN G 109 -52.02 41.49 28.00
N LYS G 110 -51.42 41.50 29.19
CA LYS G 110 -49.98 41.75 29.30
C LYS G 110 -49.18 40.65 28.61
N GLU G 111 -49.62 39.40 28.75
CA GLU G 111 -48.97 38.29 28.07
C GLU G 111 -49.00 38.47 26.56
N VAL G 112 -50.19 38.73 26.00
CA VAL G 112 -50.28 38.85 24.55
C VAL G 112 -49.56 40.11 24.07
N ALA G 113 -49.48 41.15 24.91
CA ALA G 113 -48.73 42.35 24.54
C ALA G 113 -47.24 42.06 24.49
N ALA G 114 -46.74 41.30 25.47
CA ALA G 114 -45.34 40.87 25.41
C ALA G 114 -45.08 40.02 24.18
N GLN G 115 -46.06 39.19 23.80
CA GLN G 115 -45.90 38.39 22.59
C GLN G 115 -45.86 39.25 21.33
N GLN G 116 -46.69 40.31 21.28
CA GLN G 116 -46.62 41.23 20.15
C GLN G 116 -45.28 41.97 20.12
N ALA G 117 -44.77 42.36 21.28
CA ALA G 117 -43.45 42.99 21.33
C ALA G 117 -42.36 42.02 20.85
N GLU G 118 -42.48 40.74 21.21
CA GLU G 118 -41.53 39.76 20.75
C GLU G 118 -41.62 39.58 19.23
N LEU G 119 -42.84 39.61 18.69
CA LEU G 119 -43.02 39.57 17.24
C LEU G 119 -42.35 40.76 16.57
N THR G 120 -42.54 41.96 17.13
CA THR G 120 -41.89 43.15 16.58
C THR G 120 -40.37 43.02 16.66
N ARG G 121 -39.88 42.34 17.69
CA ARG G 121 -38.44 42.08 17.78
C ARG G 121 -37.97 41.10 16.72
N ILE G 122 -38.74 40.05 16.46
CA ILE G 122 -38.40 39.11 15.39
C ILE G 122 -38.41 39.82 14.04
N SER G 123 -39.29 40.81 13.88
CA SER G 123 -39.25 41.63 12.69
C SER G 123 -37.87 42.24 12.49
N ASP G 124 -37.32 42.83 13.55
CA ASP G 124 -35.95 43.34 13.54
C ASP G 124 -35.00 42.19 13.86
N THR G 125 -33.74 42.52 14.14
CA THR G 125 -32.71 41.58 14.58
C THR G 125 -32.43 40.47 13.54
N THR G 126 -32.96 40.62 12.33
CA THR G 126 -32.65 39.71 11.22
C THR G 126 -31.75 40.40 10.22
N THR G 127 -30.84 41.25 10.71
CA THR G 127 -29.99 42.08 9.87
C THR G 127 -28.87 41.26 9.24
N PHE G 128 -29.23 40.53 8.18
CA PHE G 128 -28.25 39.82 7.38
C PHE G 128 -27.49 40.84 6.54
N GLY G 129 -26.57 41.56 7.16
CA GLY G 129 -25.85 42.63 6.51
C GLY G 129 -26.17 44.03 6.99
N GLY G 130 -26.72 44.17 8.20
CA GLY G 130 -27.14 45.48 8.69
C GLY G 130 -28.28 46.04 7.85
N ARG G 131 -29.01 45.15 7.19
CA ARG G 131 -30.01 45.51 6.20
C ARG G 131 -31.30 44.69 6.45
N LYS G 132 -31.77 44.74 7.70
CA LYS G 132 -32.81 43.86 8.24
C LYS G 132 -33.86 43.49 7.19
N LEU G 133 -34.09 42.19 7.03
CA LEU G 133 -34.77 41.69 5.84
C LEU G 133 -36.28 41.96 5.90
N LEU G 134 -36.96 41.34 6.86
CA LEU G 134 -38.41 41.31 6.84
C LEU G 134 -39.06 42.62 7.24
N ASP G 135 -38.44 43.41 8.10
CA ASP G 135 -39.06 44.63 8.59
C ASP G 135 -38.40 45.86 7.96
N GLY G 136 -38.86 47.02 8.40
CA GLY G 136 -38.33 48.27 7.89
C GLY G 136 -38.74 48.47 6.45
N SER G 137 -37.80 48.92 5.62
CA SER G 137 -38.05 49.20 4.21
C SER G 137 -37.15 48.28 3.39
N PHE G 138 -37.71 47.17 2.92
CA PHE G 138 -37.00 46.26 2.03
C PHE G 138 -37.13 46.77 0.60
N GLY G 139 -35.99 46.97 -0.06
CA GLY G 139 -35.96 47.61 -1.36
C GLY G 139 -36.55 46.80 -2.50
N THR G 140 -37.11 45.62 -2.21
CA THR G 140 -37.64 44.72 -3.23
C THR G 140 -36.56 44.41 -4.27
N THR G 141 -35.51 43.75 -3.79
CA THR G 141 -34.29 43.57 -4.56
C THR G 141 -34.49 42.50 -5.64
N SER G 142 -33.44 42.23 -6.41
CA SER G 142 -33.49 41.24 -7.49
C SER G 142 -32.07 40.72 -7.66
N PHE G 143 -31.90 39.41 -7.50
CA PHE G 143 -30.57 38.81 -7.55
C PHE G 143 -30.21 38.48 -9.00
N GLN G 144 -29.10 39.03 -9.48
CA GLN G 144 -28.66 38.77 -10.83
C GLN G 144 -28.06 37.38 -10.94
N VAL G 145 -28.55 36.59 -11.89
CA VAL G 145 -28.10 35.21 -12.06
C VAL G 145 -27.63 34.92 -13.48
N GLY G 146 -27.71 35.88 -14.39
CA GLY G 146 -27.30 35.67 -15.76
C GLY G 146 -26.00 36.41 -16.05
N SER G 147 -25.30 35.93 -17.08
CA SER G 147 -24.03 36.50 -17.49
C SER G 147 -24.20 37.73 -18.38
N ASN G 148 -25.44 38.18 -18.61
CA ASN G 148 -25.69 39.37 -19.40
C ASN G 148 -26.42 40.40 -18.55
N ALA G 149 -26.54 41.61 -19.10
CA ALA G 149 -27.08 42.73 -18.34
C ALA G 149 -28.55 42.51 -17.99
N TYR G 150 -28.88 42.74 -16.73
CA TYR G 150 -30.25 42.77 -16.21
C TYR G 150 -30.95 41.41 -16.25
N GLU G 151 -30.20 40.34 -16.50
CA GLU G 151 -30.74 39.00 -16.31
C GLU G 151 -30.75 38.68 -14.81
N THR G 152 -31.86 38.98 -14.15
CA THR G 152 -31.95 38.86 -12.70
C THR G 152 -33.22 38.12 -12.31
N ILE G 153 -33.36 37.86 -11.01
CA ILE G 153 -34.50 37.16 -10.45
C ILE G 153 -35.13 38.07 -9.40
N ASP G 154 -36.36 38.49 -9.64
CA ASP G 154 -37.03 39.41 -8.73
C ASP G 154 -37.57 38.68 -7.51
N ILE G 155 -37.70 39.42 -6.41
CA ILE G 155 -38.23 38.91 -5.16
C ILE G 155 -39.23 39.92 -4.61
N SER G 156 -40.29 39.42 -3.98
CA SER G 156 -41.37 40.24 -3.45
C SER G 156 -41.55 39.98 -1.96
N LEU G 157 -40.42 39.99 -1.23
CA LEU G 157 -40.40 39.73 0.20
C LEU G 157 -41.35 40.66 0.96
N GLN G 158 -41.93 40.18 2.05
CA GLN G 158 -42.98 40.91 2.75
C GLN G 158 -42.45 42.23 3.30
N ASN G 159 -43.35 43.21 3.40
CA ASN G 159 -42.96 44.53 3.90
C ASN G 159 -42.56 44.46 5.37
N ALA G 160 -43.34 43.72 6.19
CA ALA G 160 -43.05 43.59 7.60
C ALA G 160 -43.99 42.57 8.22
N SER G 161 -43.56 42.02 9.36
CA SER G 161 -44.44 41.26 10.24
C SER G 161 -45.03 42.13 11.33
N ALA G 162 -45.14 43.43 11.10
CA ALA G 162 -45.55 44.42 12.09
C ALA G 162 -47.06 44.67 12.07
N SER G 163 -47.46 45.79 12.65
CA SER G 163 -48.86 46.20 12.73
C SER G 163 -49.40 46.57 11.36
N ALA G 164 -50.50 47.33 11.35
CA ALA G 164 -51.46 47.56 10.24
C ALA G 164 -50.73 47.68 8.90
N ILE G 165 -49.41 47.84 8.86
CA ILE G 165 -48.61 48.01 7.65
C ILE G 165 -48.71 46.76 6.75
N GLY G 166 -49.68 45.89 7.01
CA GLY G 166 -49.69 44.60 6.34
C GLY G 166 -50.14 43.41 7.16
N SER G 167 -50.97 43.66 8.18
CA SER G 167 -51.76 42.61 8.80
C SER G 167 -53.18 42.68 8.25
N TYR G 168 -54.11 41.89 8.79
CA TYR G 168 -55.39 41.64 8.13
C TYR G 168 -56.17 42.95 8.07
N GLN G 169 -56.59 43.34 6.88
CA GLN G 169 -57.31 44.60 6.72
C GLN G 169 -58.73 44.46 7.25
N VAL G 170 -59.32 45.59 7.62
CA VAL G 170 -60.59 45.61 8.34
C VAL G 170 -61.58 46.51 7.61
N GLY G 171 -62.73 45.96 7.26
CA GLY G 171 -63.84 46.76 6.78
C GLY G 171 -64.99 46.73 7.77
N SER G 172 -65.24 47.84 8.45
CA SER G 172 -66.19 47.88 9.55
C SER G 172 -67.20 49.01 9.34
N ASN G 173 -68.27 48.98 10.13
CA ASN G 173 -69.35 49.95 9.98
C ASN G 173 -68.92 51.35 10.41
N GLY G 174 -68.54 51.51 11.68
CA GLY G 174 -68.13 52.82 12.16
C GLY G 174 -66.68 53.13 11.83
N ALA G 175 -66.14 52.48 10.81
CA ALA G 175 -64.74 52.64 10.41
C ALA G 175 -64.34 54.10 10.23
N GLY G 176 -64.97 54.80 9.30
CA GLY G 176 -64.56 56.17 9.03
C GLY G 176 -64.91 57.16 10.11
N THR G 177 -66.20 57.51 10.23
CA THR G 177 -66.64 58.38 11.30
C THR G 177 -67.72 57.72 12.15
N VAL G 178 -68.79 57.26 11.48
CA VAL G 178 -69.95 56.69 12.15
C VAL G 178 -70.75 55.90 11.11
N ALA G 179 -71.57 54.97 11.56
CA ALA G 179 -72.31 54.08 10.67
C ALA G 179 -73.75 54.53 10.54
N SER G 180 -74.35 54.25 9.39
CA SER G 180 -75.78 54.45 9.20
C SER G 180 -76.55 53.28 9.77
N VAL G 181 -77.80 53.12 9.31
CA VAL G 181 -78.79 52.20 9.83
C VAL G 181 -78.18 50.87 10.27
N ALA G 182 -77.29 50.31 9.46
CA ALA G 182 -76.58 49.10 9.85
C ALA G 182 -75.77 49.33 11.12
N GLY G 183 -76.18 48.68 12.21
CA GLY G 183 -75.47 48.81 13.47
C GLY G 183 -75.89 50.02 14.29
N THR G 184 -77.17 50.38 14.24
CA THR G 184 -77.71 51.46 15.05
C THR G 184 -79.22 51.40 14.99
N ALA G 185 -79.86 52.14 15.90
CA ALA G 185 -81.31 52.25 15.89
C ALA G 185 -81.77 53.18 14.77
N THR G 186 -82.96 52.90 14.23
CA THR G 186 -83.48 53.65 13.10
C THR G 186 -84.97 53.38 12.96
N ALA G 187 -85.66 54.29 12.28
CA ALA G 187 -87.09 54.15 12.06
C ALA G 187 -87.38 53.35 10.80
N SER G 188 -86.90 53.83 9.65
CA SER G 188 -87.17 53.15 8.39
C SER G 188 -86.43 51.82 8.29
N GLY G 189 -85.11 51.86 8.44
CA GLY G 189 -84.33 50.64 8.38
C GLY G 189 -83.53 50.50 7.10
N ILE G 190 -83.07 49.27 6.88
CA ILE G 190 -82.28 48.93 5.70
C ILE G 190 -83.09 49.20 4.44
N ALA G 191 -82.59 50.09 3.59
CA ALA G 191 -83.24 50.44 2.34
C ALA G 191 -82.59 49.69 1.18
N SER G 192 -82.98 50.06 -0.03
CA SER G 192 -82.41 49.46 -1.23
C SER G 192 -80.94 49.86 -1.38
N GLY G 193 -80.27 49.29 -2.38
CA GLY G 193 -78.89 49.58 -2.65
C GLY G 193 -78.22 48.48 -3.46
N THR G 194 -77.12 48.88 -4.10
CA THR G 194 -76.33 48.00 -4.97
C THR G 194 -74.85 48.15 -4.65
N VAL G 195 -74.53 48.10 -3.36
CA VAL G 195 -73.18 48.31 -2.84
C VAL G 195 -72.14 47.50 -3.61
N ASN G 196 -71.01 48.13 -3.91
CA ASN G 196 -69.97 47.48 -4.69
C ASN G 196 -68.97 46.76 -3.79
N LEU G 197 -68.52 45.60 -4.26
CA LEU G 197 -67.46 44.85 -3.62
C LEU G 197 -66.31 44.68 -4.60
N VAL G 198 -65.12 45.08 -4.19
CA VAL G 198 -63.95 45.14 -5.07
C VAL G 198 -62.84 44.28 -4.48
N GLY G 199 -62.14 43.57 -5.35
CA GLY G 199 -61.01 42.75 -4.94
C GLY G 199 -60.73 41.60 -5.88
N GLY G 200 -59.45 41.39 -6.20
CA GLY G 200 -59.04 40.33 -7.10
C GLY G 200 -59.73 40.35 -8.44
N GLY G 201 -60.03 41.54 -8.96
CA GLY G 201 -60.74 41.68 -10.21
C GLY G 201 -62.06 40.93 -10.25
N GLN G 202 -62.84 41.03 -9.17
CA GLN G 202 -64.09 40.29 -9.05
C GLN G 202 -65.22 41.19 -8.56
N VAL G 203 -65.41 42.34 -9.21
CA VAL G 203 -66.48 43.27 -8.84
C VAL G 203 -67.83 42.56 -8.87
N LYS G 204 -68.60 42.73 -7.81
CA LYS G 204 -69.89 42.06 -7.68
C LYS G 204 -70.85 43.01 -6.96
N ASN G 205 -71.85 43.50 -7.69
CA ASN G 205 -72.83 44.43 -7.13
C ASN G 205 -73.78 43.68 -6.21
N ILE G 206 -73.55 43.80 -4.90
CA ILE G 206 -74.41 43.13 -3.94
C ILE G 206 -75.76 43.83 -3.89
N ALA G 207 -76.83 43.05 -4.02
CA ALA G 207 -78.19 43.58 -4.05
C ALA G 207 -78.81 43.45 -2.67
N ILE G 208 -79.09 44.58 -2.04
CA ILE G 208 -79.69 44.63 -0.72
C ILE G 208 -81.03 45.33 -0.85
N ALA G 209 -82.12 44.57 -0.74
CA ALA G 209 -83.44 45.16 -0.84
C ALA G 209 -83.78 45.94 0.43
N ALA G 210 -84.90 46.66 0.37
CA ALA G 210 -85.34 47.50 1.48
C ALA G 210 -86.03 46.62 2.52
N GLY G 211 -85.34 46.35 3.63
CA GLY G 211 -85.93 45.57 4.70
C GLY G 211 -85.07 44.41 5.16
N ASP G 212 -84.06 44.05 4.37
CA ASP G 212 -83.21 42.91 4.67
C ASP G 212 -82.53 43.05 6.03
N SER G 213 -82.55 41.98 6.82
CA SER G 213 -81.88 41.98 8.11
C SER G 213 -80.37 41.92 7.92
N ALA G 214 -79.65 42.15 9.03
CA ALA G 214 -78.19 42.08 9.01
C ALA G 214 -77.72 40.68 8.61
N LYS G 215 -78.43 39.66 9.07
CA LYS G 215 -78.09 38.28 8.72
C LYS G 215 -78.20 38.05 7.22
N ALA G 216 -79.27 38.56 6.61
CA ALA G 216 -79.49 38.42 5.18
C ALA G 216 -78.37 39.08 4.40
N ILE G 217 -78.02 40.30 4.78
CA ILE G 217 -76.94 41.05 4.12
C ILE G 217 -75.64 40.27 4.26
N ALA G 218 -75.40 39.72 5.45
CA ALA G 218 -74.21 38.94 5.73
C ALA G 218 -74.11 37.75 4.78
N GLU G 219 -75.18 36.96 4.70
CA GLU G 219 -75.21 35.82 3.78
C GLU G 219 -75.03 36.28 2.33
N LYS G 220 -75.55 37.47 2.00
CA LYS G 220 -75.47 37.98 0.64
C LYS G 220 -74.03 38.30 0.24
N MET G 221 -73.36 39.17 1.01
CA MET G 221 -72.04 39.61 0.59
C MET G 221 -71.00 38.50 0.72
N ASP G 222 -71.26 37.51 1.57
CA ASP G 222 -70.38 36.35 1.66
C ASP G 222 -70.40 35.55 0.37
N GLY G 223 -69.41 34.67 0.21
CA GLY G 223 -69.37 33.81 -0.96
C GLY G 223 -68.53 34.32 -2.10
N ALA G 224 -69.19 34.97 -3.08
CA ALA G 224 -68.61 35.38 -4.35
C ALA G 224 -67.17 35.89 -4.24
N ILE G 225 -66.93 36.86 -3.36
CA ILE G 225 -65.59 37.41 -3.20
C ILE G 225 -64.69 36.35 -2.57
N PRO G 226 -63.59 35.97 -3.22
CA PRO G 226 -62.69 34.94 -2.66
C PRO G 226 -62.13 35.34 -1.31
N ASN G 227 -61.90 34.34 -0.45
CA ASN G 227 -61.33 34.48 0.90
C ASN G 227 -61.86 35.68 1.66
N LEU G 228 -63.17 35.92 1.59
CA LEU G 228 -63.82 36.96 2.38
C LEU G 228 -64.94 36.32 3.19
N SER G 229 -64.97 36.61 4.49
CA SER G 229 -66.00 36.10 5.38
C SER G 229 -66.69 37.28 6.06
N ALA G 230 -67.90 37.03 6.54
CA ALA G 230 -68.70 38.08 7.16
C ALA G 230 -69.55 37.48 8.27
N ARG G 231 -69.22 37.79 9.51
CA ARG G 231 -70.02 37.36 10.63
C ARG G 231 -71.06 38.43 10.98
N ALA G 232 -72.19 37.98 11.51
CA ALA G 232 -73.27 38.86 11.93
C ALA G 232 -73.50 38.71 13.42
N ARG G 233 -73.76 39.84 14.08
CA ARG G 233 -73.96 39.84 15.53
C ARG G 233 -74.83 41.03 15.91
N THR G 234 -75.89 40.78 16.66
CA THR G 234 -76.81 41.83 17.11
C THR G 234 -76.82 41.83 18.64
N VAL G 235 -76.12 42.78 19.23
CA VAL G 235 -76.07 42.96 20.68
C VAL G 235 -76.65 44.32 21.01
N PHE G 236 -77.72 44.34 21.80
CA PHE G 236 -78.39 45.58 22.18
C PHE G 236 -78.80 45.52 23.64
N THR G 237 -78.69 46.65 24.33
CA THR G 237 -79.07 46.76 25.72
C THR G 237 -80.46 47.40 25.85
N ALA G 238 -80.90 47.56 27.10
CA ALA G 238 -82.19 48.18 27.37
C ALA G 238 -82.18 48.74 28.79
N ASP G 239 -82.91 49.84 28.97
CA ASP G 239 -83.04 50.47 30.27
CA ASP G 239 -83.04 50.47 30.27
C ASP G 239 -84.34 51.25 30.38
N VAL G 240 -85.28 50.74 31.16
CA VAL G 240 -86.60 51.36 31.31
C VAL G 240 -86.51 52.57 32.23
N SER G 241 -87.21 53.65 31.85
CA SER G 241 -87.33 54.82 32.71
C SER G 241 -88.53 54.66 33.64
N GLY G 242 -88.92 55.74 34.31
CA GLY G 242 -90.08 55.69 35.19
C GLY G 242 -91.37 55.35 34.46
N VAL G 243 -92.30 54.70 35.17
CA VAL G 243 -93.58 54.32 34.57
C VAL G 243 -94.72 54.99 35.32
N THR G 244 -95.29 56.03 34.71
CA THR G 244 -96.34 56.80 35.36
C THR G 244 -97.69 56.15 35.15
N GLY G 245 -98.23 55.55 36.21
CA GLY G 245 -99.57 54.99 36.19
C GLY G 245 -99.83 53.97 35.10
N GLY G 246 -99.16 52.82 35.16
CA GLY G 246 -99.35 51.75 34.21
C GLY G 246 -98.04 51.15 33.77
N SER G 247 -98.15 50.25 32.79
CA SER G 247 -97.00 49.55 32.24
C SER G 247 -96.99 49.75 30.72
N LEU G 248 -95.88 49.33 30.10
CA LEU G 248 -95.70 49.44 28.65
C LEU G 248 -96.03 48.09 28.04
N ASN G 249 -97.30 47.92 27.67
CA ASN G 249 -97.78 46.69 27.06
C ASN G 249 -97.55 46.79 25.55
N PHE G 250 -96.32 46.49 25.13
CA PHE G 250 -95.98 46.55 23.71
C PHE G 250 -95.57 45.17 23.21
N ASP G 251 -95.11 45.09 21.96
CA ASP G 251 -94.70 43.85 21.34
C ASP G 251 -93.26 43.96 20.86
N VAL G 252 -92.65 42.80 20.62
CA VAL G 252 -91.28 42.73 20.10
C VAL G 252 -91.27 41.75 18.94
N THR G 253 -90.98 42.26 17.75
CA THR G 253 -90.98 41.45 16.53
C THR G 253 -89.55 41.00 16.25
N VAL G 254 -89.24 39.76 16.59
CA VAL G 254 -87.92 39.21 16.32
C VAL G 254 -87.94 38.60 14.92
N GLY G 255 -87.78 39.45 13.91
CA GLY G 255 -87.82 38.97 12.54
C GLY G 255 -89.16 38.38 12.19
N SER G 256 -89.18 37.06 11.96
CA SER G 256 -90.40 36.36 11.60
C SER G 256 -91.44 36.41 12.72
N ASN G 257 -91.12 35.81 13.86
CA ASN G 257 -92.08 35.77 14.96
C ASN G 257 -92.09 37.09 15.71
N THR G 258 -93.14 37.27 16.52
CA THR G 258 -93.35 38.50 17.27
C THR G 258 -93.68 38.16 18.71
N VAL G 259 -92.95 38.78 19.64
CA VAL G 259 -93.18 38.57 21.07
C VAL G 259 -94.41 39.38 21.48
N SER G 260 -95.14 38.88 22.47
CA SER G 260 -96.34 39.56 22.96
C SER G 260 -96.23 39.84 24.45
N LEU G 261 -95.07 40.37 24.86
CA LEU G 261 -94.81 40.65 26.28
C LEU G 261 -95.74 41.74 26.81
N ALA G 262 -95.77 41.90 28.12
CA ALA G 262 -96.61 42.90 28.75
C ALA G 262 -96.05 43.18 30.14
N GLY G 263 -96.70 44.07 30.88
CA GLY G 263 -96.29 44.43 32.23
C GLY G 263 -94.85 44.88 32.33
N VAL G 264 -94.49 45.93 31.61
CA VAL G 264 -93.14 46.48 31.61
C VAL G 264 -93.10 47.67 32.56
N THR G 265 -92.42 47.49 33.69
CA THR G 265 -92.25 48.57 34.66
C THR G 265 -90.78 48.78 34.97
N SER G 266 -90.01 47.70 35.00
CA SER G 266 -88.58 47.74 35.25
C SER G 266 -87.87 46.77 34.32
N THR G 267 -86.54 46.89 34.26
CA THR G 267 -85.74 46.05 33.37
C THR G 267 -85.85 44.58 33.74
N GLN G 268 -86.04 44.30 35.04
CA GLN G 268 -86.17 42.92 35.50
C GLN G 268 -87.37 42.24 34.86
N ASP G 269 -88.44 43.00 34.61
CA ASP G 269 -89.63 42.48 33.96
C ASP G 269 -89.31 41.89 32.60
N LEU G 270 -88.74 42.71 31.72
CA LEU G 270 -88.36 42.24 30.39
C LEU G 270 -87.32 41.13 30.46
N ALA G 271 -86.40 41.23 31.43
CA ALA G 271 -85.44 40.15 31.63
C ALA G 271 -86.13 38.81 31.83
N ASP G 272 -87.07 38.77 32.78
CA ASP G 272 -87.84 37.57 33.06
C ASP G 272 -88.62 37.11 31.84
N GLN G 273 -89.26 38.04 31.13
CA GLN G 273 -90.10 37.64 30.00
C GLN G 273 -89.27 37.07 28.85
N LEU G 274 -88.11 37.66 28.57
CA LEU G 274 -87.25 37.13 27.51
C LEU G 274 -86.62 35.80 27.92
N ASN G 275 -86.25 35.66 29.20
CA ASN G 275 -85.74 34.37 29.65
C ASN G 275 -86.82 33.30 29.59
N SER G 276 -88.07 33.69 29.79
CA SER G 276 -89.19 32.75 29.73
C SER G 276 -89.51 32.37 28.29
N ASN G 277 -89.76 33.37 27.45
CA ASN G 277 -90.14 33.09 26.06
C ASN G 277 -88.93 32.80 25.20
N SER G 278 -87.76 32.60 25.83
CA SER G 278 -86.51 32.32 25.15
C SER G 278 -86.63 31.18 24.14
N SER G 279 -87.55 30.25 24.39
CA SER G 279 -87.80 29.14 23.47
C SER G 279 -88.22 29.65 22.10
N LYS G 280 -89.27 30.46 22.06
CA LYS G 280 -89.80 30.97 20.80
C LYS G 280 -88.84 31.98 20.17
N LEU G 281 -88.47 33.02 20.93
CA LEU G 281 -87.58 34.06 20.43
C LEU G 281 -86.15 33.53 20.40
N GLY G 282 -85.63 33.39 19.18
CA GLY G 282 -84.29 32.86 18.98
C GLY G 282 -83.19 33.86 19.26
N ILE G 283 -83.27 34.53 20.42
CA ILE G 283 -82.28 35.53 20.80
C ILE G 283 -82.05 35.46 22.31
N THR G 284 -80.83 35.09 22.72
CA THR G 284 -80.54 34.91 24.13
C THR G 284 -80.42 36.26 24.84
N ALA G 285 -80.93 36.32 26.06
CA ALA G 285 -80.88 37.50 26.90
C ALA G 285 -80.36 37.13 28.28
N SER G 286 -79.72 38.11 28.93
CA SER G 286 -79.17 37.90 30.26
C SER G 286 -78.93 39.22 30.96
N ILE G 287 -79.34 39.33 32.23
CA ILE G 287 -79.15 40.54 33.02
C ILE G 287 -77.92 40.32 33.89
N ASN G 288 -77.01 41.28 33.85
CA ASN G 288 -75.80 41.20 34.67
C ASN G 288 -76.13 41.50 36.12
N ASP G 289 -75.23 41.09 37.01
CA ASP G 289 -75.38 41.35 38.44
C ASP G 289 -75.41 42.84 38.73
N LYS G 290 -74.81 43.63 37.85
CA LYS G 290 -74.84 45.09 37.99
C LYS G 290 -76.28 45.61 37.88
N GLY G 291 -76.96 45.28 36.78
CA GLY G 291 -78.31 45.71 36.57
C GLY G 291 -78.60 46.12 35.13
N VAL G 292 -77.55 46.18 34.32
CA VAL G 292 -77.68 46.62 32.93
C VAL G 292 -78.15 45.48 32.06
N LEU G 293 -79.37 45.57 31.54
CA LEU G 293 -79.89 44.58 30.63
C LEU G 293 -79.02 44.48 29.39
N THR G 294 -78.74 43.25 28.97
CA THR G 294 -77.97 42.99 27.76
C THR G 294 -78.59 41.83 27.01
N ILE G 295 -78.84 42.05 25.72
CA ILE G 295 -79.45 41.04 24.87
C ILE G 295 -78.59 40.88 23.63
N THR G 296 -78.32 39.63 23.27
CA THR G 296 -77.39 39.31 22.19
C THR G 296 -78.04 38.33 21.22
N SER G 297 -77.85 38.59 19.93
CA SER G 297 -78.31 37.70 18.86
C SER G 297 -77.07 37.15 18.16
N ALA G 298 -76.71 35.90 18.48
CA ALA G 298 -75.56 35.26 17.86
C ALA G 298 -75.72 35.20 16.34
N THR G 299 -76.94 34.96 15.86
CA THR G 299 -77.19 34.92 14.43
C THR G 299 -77.01 36.28 13.78
N GLY G 300 -77.61 37.31 14.38
CA GLY G 300 -77.53 38.65 13.82
C GLY G 300 -78.86 39.13 13.28
N GLU G 301 -79.95 38.71 13.92
CA GLU G 301 -81.28 39.03 13.43
C GLU G 301 -81.66 40.45 13.82
N ASN G 302 -82.33 41.15 12.89
CA ASN G 302 -82.76 42.54 13.12
C ASN G 302 -84.02 42.53 13.96
N VAL G 303 -83.84 42.83 15.26
CA VAL G 303 -84.97 42.84 16.16
C VAL G 303 -85.86 44.07 15.90
N LYS G 304 -87.12 43.94 16.26
CA LYS G 304 -88.09 45.00 16.08
C LYS G 304 -88.95 45.10 17.34
N PHE G 305 -89.24 46.34 17.75
CA PHE G 305 -90.10 46.62 18.88
C PHE G 305 -91.44 47.12 18.34
N GLY G 306 -92.51 46.39 18.65
CA GLY G 306 -93.83 46.75 18.15
C GLY G 306 -94.34 48.04 18.74
N ALA G 307 -95.55 48.40 18.31
CA ALA G 307 -96.20 49.62 18.80
C ALA G 307 -96.47 49.50 20.29
N GLN G 308 -96.37 50.63 20.98
CA GLN G 308 -96.54 50.66 22.43
C GLN G 308 -98.00 50.94 22.78
N THR G 309 -98.78 49.86 22.77
CA THR G 309 -100.17 49.91 23.20
C THR G 309 -100.34 49.61 24.68
N GLY G 310 -99.62 50.33 25.54
CA GLY G 310 -99.63 50.05 26.96
C GLY G 310 -100.69 50.84 27.69
N THR G 311 -100.59 50.79 29.03
CA THR G 311 -101.52 51.47 29.91
C THR G 311 -100.88 52.62 30.68
N ALA G 312 -99.57 52.84 30.53
CA ALA G 312 -98.90 53.92 31.22
C ALA G 312 -99.16 55.26 30.52
N THR G 313 -98.61 56.33 31.05
CA THR G 313 -98.82 57.66 30.47
C THR G 313 -97.50 58.30 30.07
N ALA G 314 -96.42 57.97 30.79
CA ALA G 314 -95.11 58.54 30.50
C ALA G 314 -94.03 57.50 30.79
N GLY G 315 -92.90 57.67 30.13
CA GLY G 315 -91.77 56.77 30.26
C GLY G 315 -91.27 56.32 28.91
N GLN G 316 -90.12 55.67 28.93
CA GLN G 316 -89.48 55.20 27.71
C GLN G 316 -88.45 54.14 28.08
N VAL G 317 -88.05 53.35 27.08
CA VAL G 317 -87.04 52.31 27.25
C VAL G 317 -85.92 52.54 26.25
N ALA G 318 -84.86 53.21 26.69
CA ALA G 318 -83.73 53.47 25.82
C ALA G 318 -82.96 52.18 25.55
N VAL G 319 -82.31 52.13 24.38
CA VAL G 319 -81.51 50.98 23.98
C VAL G 319 -80.20 51.48 23.39
N LYS G 320 -79.22 50.56 23.34
CA LYS G 320 -77.92 50.83 22.75
C LYS G 320 -77.61 49.75 21.74
N VAL G 321 -76.61 50.00 20.90
CA VAL G 321 -76.23 49.07 19.84
C VAL G 321 -74.73 48.83 19.91
N GLN G 322 -74.33 47.57 19.88
CA GLN G 322 -72.92 47.22 19.89
C GLN G 322 -72.29 47.53 18.53
N GLY G 323 -71.16 48.23 18.56
CA GLY G 323 -70.47 48.55 17.32
C GLY G 323 -69.71 47.35 16.77
N SER G 324 -69.16 47.54 15.57
CA SER G 324 -68.38 46.48 14.93
C SER G 324 -67.17 46.09 15.76
N ASP G 325 -66.24 47.04 15.95
CA ASP G 325 -65.06 46.78 16.77
C ASP G 325 -65.45 46.58 18.23
N GLY G 326 -66.46 47.32 18.69
CA GLY G 326 -66.90 47.26 20.06
C GLY G 326 -67.52 48.58 20.49
N LYS G 327 -67.12 49.10 21.65
CA LYS G 327 -67.51 50.39 22.16
C LYS G 327 -68.99 50.70 21.92
N PHE G 328 -69.87 49.92 22.56
CA PHE G 328 -71.31 50.09 22.41
C PHE G 328 -71.74 51.54 22.54
N GLU G 329 -72.76 51.91 21.78
CA GLU G 329 -73.19 53.31 21.65
C GLU G 329 -73.40 53.95 23.00
N ALA G 330 -72.72 55.08 23.21
CA ALA G 330 -72.87 55.86 24.44
C ALA G 330 -74.25 56.50 24.49
N ALA G 331 -74.58 57.28 23.47
CA ALA G 331 -75.91 57.90 23.40
C ALA G 331 -76.96 56.85 23.06
N ALA G 332 -77.96 56.73 23.92
CA ALA G 332 -79.01 55.75 23.75
C ALA G 332 -80.19 56.38 23.01
N LYS G 333 -81.20 55.57 22.69
CA LYS G 333 -82.38 56.06 22.00
C LYS G 333 -83.53 55.09 22.27
N ASN G 334 -84.66 55.62 22.73
CA ASN G 334 -85.77 54.77 23.12
C ASN G 334 -86.47 54.19 21.90
N VAL G 335 -86.89 52.92 22.00
CA VAL G 335 -87.66 52.28 20.96
C VAL G 335 -89.16 52.28 21.25
N VAL G 336 -89.55 52.30 22.53
CA VAL G 336 -90.95 52.39 22.92
C VAL G 336 -91.07 53.46 23.99
N ALA G 337 -92.19 54.18 23.99
CA ALA G 337 -92.38 55.28 24.94
C ALA G 337 -93.86 55.38 25.28
N ALA G 338 -94.17 55.39 26.56
CA ALA G 338 -95.55 55.56 27.00
C ALA G 338 -96.05 56.95 26.64
N GLY G 339 -97.20 57.01 25.96
CA GLY G 339 -97.74 58.26 25.49
C GLY G 339 -97.52 58.47 24.01
N THR G 340 -96.83 59.56 23.65
CA THR G 340 -96.52 59.84 22.25
C THR G 340 -95.62 58.75 21.68
N ALA G 341 -95.86 58.39 20.42
CA ALA G 341 -95.06 57.35 19.78
C ALA G 341 -93.65 57.87 19.51
N ALA G 342 -92.65 57.10 19.97
CA ALA G 342 -91.26 57.46 19.76
C ALA G 342 -90.80 57.04 18.38
N THR G 343 -89.52 57.27 18.07
CA THR G 343 -88.92 56.91 16.80
C THR G 343 -87.91 55.79 17.01
N THR G 344 -87.23 55.42 15.93
CA THR G 344 -86.23 54.35 15.93
C THR G 344 -86.81 53.06 16.50
N THR G 345 -87.86 52.56 15.83
CA THR G 345 -88.59 51.41 16.33
C THR G 345 -87.84 50.10 16.15
N ILE G 346 -86.81 50.05 15.30
CA ILE G 346 -86.08 48.83 15.05
C ILE G 346 -84.62 49.01 15.46
N VAL G 347 -83.93 47.89 15.62
CA VAL G 347 -82.51 47.86 15.96
C VAL G 347 -81.82 46.88 15.02
N THR G 348 -80.76 47.34 14.37
CA THR G 348 -80.03 46.54 13.39
C THR G 348 -78.65 46.18 13.94
N GLY G 349 -78.27 44.92 13.80
CA GLY G 349 -76.97 44.47 14.24
C GLY G 349 -75.86 44.97 13.34
N TYR G 350 -74.66 44.50 13.65
CA TYR G 350 -73.46 44.90 12.92
C TYR G 350 -72.86 43.71 12.18
N VAL G 351 -72.11 44.02 11.13
CA VAL G 351 -71.39 43.01 10.35
C VAL G 351 -69.92 43.40 10.29
N GLN G 352 -69.08 42.46 9.87
CA GLN G 352 -67.65 42.68 9.81
C GLN G 352 -67.07 41.84 8.68
N LEU G 353 -66.41 42.49 7.73
CA LEU G 353 -65.74 41.80 6.62
C LEU G 353 -64.24 41.79 6.87
N ASN G 354 -63.77 40.69 7.47
CA ASN G 354 -62.35 40.49 7.61
C ASN G 354 -61.73 40.10 6.27
N SER G 355 -60.56 40.67 5.98
CA SER G 355 -59.93 40.50 4.67
C SER G 355 -58.44 40.25 4.83
N PRO G 356 -57.91 39.21 4.16
CA PRO G 356 -56.48 38.92 4.28
C PRO G 356 -55.58 39.95 3.61
N THR G 357 -55.82 40.29 2.34
CA THR G 357 -54.88 41.13 1.61
C THR G 357 -55.46 42.49 1.25
N ALA G 358 -56.58 42.52 0.55
CA ALA G 358 -57.18 43.75 0.07
C ALA G 358 -58.63 43.51 -0.33
N TYR G 359 -59.51 44.39 0.16
CA TYR G 359 -60.94 44.25 -0.10
C TYR G 359 -61.64 45.59 0.02
N SER G 360 -61.98 46.20 -1.11
CA SER G 360 -62.59 47.52 -1.15
C SER G 360 -64.12 47.41 -1.22
N VAL G 361 -64.78 48.42 -0.66
CA VAL G 361 -66.24 48.49 -0.62
C VAL G 361 -66.66 49.87 -1.13
N SER G 362 -67.69 49.89 -1.99
CA SER G 362 -68.21 51.14 -2.53
C SER G 362 -69.73 51.09 -2.50
N GLY G 363 -70.33 52.27 -2.53
CA GLY G 363 -71.78 52.39 -2.49
C GLY G 363 -72.28 53.78 -2.80
N THR G 364 -73.33 53.88 -3.60
CA THR G 364 -73.86 55.18 -4.01
C THR G 364 -74.59 55.86 -2.85
N GLY G 365 -73.94 56.84 -2.23
CA GLY G 365 -74.56 57.62 -1.17
C GLY G 365 -75.02 56.81 0.02
N THR G 366 -76.33 56.68 0.17
CA THR G 366 -76.92 55.97 1.30
C THR G 366 -76.46 54.52 1.37
N GLN G 367 -76.28 53.88 0.20
CA GLN G 367 -75.88 52.49 0.13
C GLN G 367 -74.59 52.22 0.90
N ALA G 368 -73.56 53.04 0.64
CA ALA G 368 -72.30 52.88 1.35
C ALA G 368 -72.48 53.12 2.85
N SER G 369 -73.25 54.15 3.20
CA SER G 369 -73.49 54.44 4.61
C SER G 369 -74.27 53.33 5.28
N GLN G 370 -75.37 52.89 4.65
CA GLN G 370 -76.25 51.90 5.25
C GLN G 370 -75.63 50.52 5.35
N VAL G 371 -74.36 50.37 5.00
CA VAL G 371 -73.64 49.10 5.11
C VAL G 371 -72.39 49.24 5.98
N PHE G 372 -71.47 50.13 5.59
CA PHE G 372 -70.20 50.26 6.29
C PHE G 372 -69.82 51.73 6.43
N GLY G 373 -70.82 52.61 6.46
CA GLY G 373 -70.57 54.03 6.60
C GLY G 373 -69.67 54.60 5.52
N ASN G 374 -68.89 55.63 5.86
CA ASN G 374 -67.97 56.26 4.91
C ASN G 374 -66.57 55.69 5.13
N ALA G 375 -66.44 54.39 4.85
CA ALA G 375 -65.14 53.73 5.00
C ALA G 375 -64.39 53.72 3.67
N SER G 376 -64.97 53.05 2.67
CA SER G 376 -64.45 53.03 1.30
C SER G 376 -63.05 52.42 1.21
N ALA G 377 -62.53 51.89 2.32
CA ALA G 377 -61.20 51.33 2.38
C ALA G 377 -61.10 50.34 3.53
N ALA G 378 -60.40 49.23 3.30
CA ALA G 378 -60.24 48.18 4.31
C ALA G 378 -59.08 48.48 5.25
N GLN G 379 -58.49 49.66 5.14
CA GLN G 379 -57.30 50.04 5.90
C GLN G 379 -57.63 50.11 7.39
N LYS G 380 -56.64 50.45 8.22
CA LYS G 380 -56.68 50.24 9.67
C LYS G 380 -56.80 48.75 10.01
N SER G 381 -55.77 47.99 9.63
CA SER G 381 -55.72 46.57 9.91
C SER G 381 -55.77 46.29 11.41
N SER G 382 -54.99 47.03 12.20
CA SER G 382 -55.06 47.03 13.66
C SER G 382 -54.86 45.66 14.29
N VAL G 383 -53.66 45.09 14.14
CA VAL G 383 -53.31 43.87 14.86
C VAL G 383 -52.69 44.25 16.20
N ALA G 384 -52.10 45.44 16.27
CA ALA G 384 -51.47 45.90 17.49
C ALA G 384 -52.50 46.20 18.57
N SER G 385 -53.60 46.83 18.18
CA SER G 385 -54.62 47.28 19.13
C SER G 385 -55.48 46.13 19.65
N VAL G 386 -55.19 44.90 19.21
CA VAL G 386 -55.95 43.72 19.64
C VAL G 386 -55.98 43.64 21.15
N ASP G 387 -57.18 43.58 21.72
CA ASP G 387 -57.37 43.46 23.16
C ASP G 387 -57.94 42.10 23.50
N ILE G 388 -57.83 41.72 24.77
CA ILE G 388 -58.19 40.39 25.24
C ILE G 388 -59.15 40.47 26.43
N SER G 389 -59.16 41.60 27.13
CA SER G 389 -59.70 41.72 28.48
C SER G 389 -61.05 41.07 28.71
N THR G 390 -62.12 41.57 28.08
CA THR G 390 -63.44 41.10 28.47
C THR G 390 -64.22 40.39 27.37
N ALA G 391 -64.51 41.08 26.26
CA ALA G 391 -65.44 40.55 25.29
C ALA G 391 -64.83 40.39 23.91
N ASP G 392 -64.22 41.46 23.39
CA ASP G 392 -63.74 41.52 22.02
C ASP G 392 -62.79 40.38 21.69
N GLY G 393 -61.81 40.14 22.55
CA GLY G 393 -60.74 39.20 22.32
C GLY G 393 -61.13 37.87 21.70
N ALA G 394 -62.00 37.12 22.39
CA ALA G 394 -62.36 35.76 22.04
C ALA G 394 -62.62 35.55 20.56
N GLN G 395 -63.22 36.54 19.90
CA GLN G 395 -63.52 36.45 18.48
C GLN G 395 -62.61 37.32 17.62
N ASN G 396 -62.31 38.55 18.07
CA ASN G 396 -61.52 39.46 17.27
C ASN G 396 -60.11 38.92 17.05
N ALA G 397 -59.48 38.40 18.10
CA ALA G 397 -58.12 37.90 17.97
C ALA G 397 -58.06 36.68 17.05
N ILE G 398 -59.09 35.84 17.09
CA ILE G 398 -59.17 34.71 16.18
C ILE G 398 -59.27 35.20 14.74
N ALA G 399 -60.13 36.21 14.52
CA ALA G 399 -60.24 36.81 13.20
C ALA G 399 -58.91 37.39 12.74
N VAL G 400 -58.14 37.97 13.66
CA VAL G 400 -56.80 38.45 13.32
C VAL G 400 -55.92 37.29 12.87
N VAL G 401 -55.72 36.30 13.75
CA VAL G 401 -54.73 35.26 13.51
C VAL G 401 -55.10 34.43 12.28
N ASP G 402 -56.37 34.36 11.91
CA ASP G 402 -56.74 33.62 10.71
C ASP G 402 -56.03 34.20 9.48
N ASN G 403 -56.33 35.46 9.14
CA ASN G 403 -55.69 36.07 7.99
C ASN G 403 -54.21 36.34 8.23
N ALA G 404 -53.79 36.43 9.50
CA ALA G 404 -52.36 36.56 9.79
C ALA G 404 -51.60 35.33 9.31
N LEU G 405 -52.02 34.15 9.76
CA LEU G 405 -51.43 32.91 9.26
C LEU G 405 -51.61 32.77 7.77
N ALA G 406 -52.73 33.24 7.21
CA ALA G 406 -52.93 33.18 5.77
C ALA G 406 -51.84 33.95 5.03
N ALA G 407 -51.62 35.21 5.43
CA ALA G 407 -50.63 36.04 4.77
C ALA G 407 -49.22 35.52 5.00
N ILE G 408 -48.94 35.02 6.21
CA ILE G 408 -47.60 34.50 6.49
C ILE G 408 -47.34 33.23 5.68
N ASP G 409 -48.37 32.40 5.50
CA ASP G 409 -48.21 31.21 4.67
C ASP G 409 -48.03 31.59 3.21
N ALA G 410 -48.72 32.64 2.75
CA ALA G 410 -48.51 33.12 1.39
C ALA G 410 -47.07 33.60 1.20
N GLN G 411 -46.54 34.33 2.18
CA GLN G 411 -45.16 34.79 2.09
C GLN G 411 -44.17 33.63 2.13
N ARG G 412 -44.45 32.62 2.97
CA ARG G 412 -43.58 31.45 3.02
C ARG G 412 -43.61 30.68 1.71
N ALA G 413 -44.78 30.63 1.06
CA ALA G 413 -44.87 29.98 -0.24
C ALA G 413 -44.13 30.76 -1.31
N ASP G 414 -44.20 32.10 -1.26
CA ASP G 414 -43.37 32.91 -2.15
C ASP G 414 -41.89 32.62 -1.93
N LEU G 415 -41.47 32.56 -0.68
CA LEU G 415 -40.06 32.27 -0.38
C LEU G 415 -39.66 30.90 -0.89
N ALA G 416 -40.53 29.90 -0.72
CA ALA G 416 -40.23 28.56 -1.21
C ALA G 416 -40.17 28.53 -2.73
N ALA G 417 -41.02 29.33 -3.39
CA ALA G 417 -40.95 29.44 -4.84
C ALA G 417 -39.61 30.00 -5.27
N VAL G 418 -39.17 31.09 -4.64
CA VAL G 418 -37.87 31.66 -4.98
C VAL G 418 -36.76 30.65 -4.70
N GLN G 419 -36.89 29.89 -3.61
CA GLN G 419 -35.87 28.89 -3.28
C GLN G 419 -35.78 27.79 -4.33
N ASN G 420 -36.91 27.18 -4.68
CA ASN G 420 -36.90 26.12 -5.69
C ASN G 420 -36.41 26.65 -7.03
N ARG G 421 -36.84 27.87 -7.39
CA ARG G 421 -36.34 28.50 -8.59
C ARG G 421 -34.82 28.67 -8.53
N PHE G 422 -34.30 29.00 -7.36
CA PHE G 422 -32.85 29.18 -7.21
C PHE G 422 -32.12 27.86 -7.38
N LYS G 423 -32.65 26.78 -6.78
CA LYS G 423 -32.00 25.48 -6.96
C LYS G 423 -32.02 25.08 -8.43
N ASN G 424 -33.16 25.22 -9.08
CA ASN G 424 -33.24 24.86 -10.50
C ASN G 424 -32.28 25.68 -11.34
N THR G 425 -32.23 27.00 -11.10
CA THR G 425 -31.36 27.87 -11.88
C THR G 425 -29.90 27.55 -11.62
N ILE G 426 -29.53 27.22 -10.38
CA ILE G 426 -28.14 26.94 -10.09
C ILE G 426 -27.72 25.60 -10.66
N ASP G 427 -28.63 24.63 -10.73
CA ASP G 427 -28.31 23.39 -11.42
C ASP G 427 -28.15 23.63 -12.92
N ASN G 428 -29.02 24.45 -13.50
CA ASN G 428 -28.87 24.78 -14.92
C ASN G 428 -27.55 25.48 -15.18
N LEU G 429 -27.17 26.40 -14.29
CA LEU G 429 -25.90 27.10 -14.46
C LEU G 429 -24.71 26.15 -14.29
N THR G 430 -24.82 25.21 -13.36
CA THR G 430 -23.75 24.22 -13.21
C THR G 430 -23.59 23.38 -14.47
N ASN G 431 -24.70 22.94 -15.05
CA ASN G 431 -24.64 22.16 -16.28
C ASN G 431 -24.05 22.98 -17.42
N ILE G 432 -24.54 24.21 -17.61
CA ILE G 432 -24.04 25.04 -18.69
C ILE G 432 -22.57 25.37 -18.48
N SER G 433 -22.15 25.50 -17.23
CA SER G 433 -20.75 25.82 -16.94
C SER G 433 -19.86 24.63 -17.25
N GLU G 434 -20.28 23.42 -16.90
CA GLU G 434 -19.48 22.25 -17.23
C GLU G 434 -19.40 22.05 -18.73
N ASN G 435 -20.51 22.30 -19.45
CA ASN G 435 -20.49 22.20 -20.90
C ASN G 435 -19.59 23.27 -21.52
N ALA G 436 -19.58 24.47 -20.93
CA ALA G 436 -18.70 25.52 -21.42
C ALA G 436 -17.24 25.18 -21.17
N THR G 437 -16.93 24.57 -20.03
CA THR G 437 -15.56 24.10 -19.80
C THR G 437 -15.18 23.02 -20.79
N ASN G 438 -16.12 22.12 -21.12
CA ASN G 438 -15.83 21.10 -22.11
C ASN G 438 -15.55 21.72 -23.48
N ALA G 439 -16.32 22.75 -23.85
CA ALA G 439 -16.09 23.44 -25.12
C ALA G 439 -14.74 24.16 -25.11
N ARG G 440 -14.43 24.85 -24.01
CA ARG G 440 -13.18 25.57 -23.89
C ARG G 440 -11.99 24.61 -23.92
N SER G 441 -12.18 23.39 -23.42
CA SER G 441 -11.12 22.39 -23.50
C SER G 441 -10.97 21.87 -24.93
N ARG G 442 -12.08 21.54 -25.58
CA ARG G 442 -12.01 21.05 -26.96
C ARG G 442 -11.44 22.09 -27.91
N ILE G 443 -11.57 23.38 -27.57
CA ILE G 443 -10.97 24.42 -28.41
C ILE G 443 -9.59 24.86 -27.92
N LYS G 444 -9.25 24.59 -26.65
CA LYS G 444 -8.01 25.05 -26.05
C LYS G 444 -7.13 23.92 -25.54
N ASP G 445 -7.67 22.99 -24.75
CA ASP G 445 -6.86 21.93 -24.17
C ASP G 445 -6.22 21.10 -25.28
N THR G 446 -4.89 21.15 -25.34
CA THR G 446 -4.17 20.50 -26.42
C THR G 446 -4.35 18.99 -26.37
N ASP G 447 -4.61 18.39 -27.53
CA ASP G 447 -4.58 16.94 -27.68
C ASP G 447 -3.13 16.46 -27.86
N PHE G 448 -2.33 16.72 -26.82
CA PHE G 448 -0.88 16.60 -26.87
C PHE G 448 -0.40 15.21 -27.23
N ALA G 449 -1.28 14.22 -27.34
CA ALA G 449 -0.89 12.92 -27.88
C ALA G 449 -0.25 13.04 -29.26
N ALA G 450 -0.63 14.07 -30.02
CA ALA G 450 0.02 14.38 -31.29
C ALA G 450 1.04 15.50 -31.19
N GLU G 451 0.88 16.41 -30.24
CA GLU G 451 1.85 17.47 -30.05
C GLU G 451 3.20 16.96 -29.56
N THR G 452 3.22 15.92 -28.73
CA THR G 452 4.51 15.35 -28.33
C THR G 452 5.18 14.65 -29.51
N ALA G 453 4.39 14.04 -30.39
CA ALA G 453 4.97 13.42 -31.59
C ALA G 453 5.53 14.49 -32.52
N ALA G 454 4.81 15.60 -32.68
CA ALA G 454 5.30 16.71 -33.49
C ALA G 454 6.55 17.31 -32.87
N LEU G 455 6.60 17.37 -31.53
CA LEU G 455 7.78 17.88 -30.84
C LEU G 455 8.99 16.98 -31.10
N SER G 456 8.82 15.67 -30.98
CA SER G 456 9.91 14.76 -31.26
C SER G 456 10.34 14.85 -32.72
N LYS G 457 9.38 15.01 -33.63
CA LYS G 457 9.69 15.18 -35.04
C LYS G 457 10.52 16.43 -35.27
N ASN G 458 10.13 17.55 -34.65
CA ASN G 458 10.88 18.78 -34.81
C ASN G 458 12.28 18.64 -34.21
N GLN G 459 12.40 17.92 -33.10
CA GLN G 459 13.70 17.74 -32.48
C GLN G 459 14.63 16.92 -33.36
N VAL G 460 14.13 15.80 -33.89
CA VAL G 460 14.98 14.96 -34.74
C VAL G 460 15.27 15.67 -36.05
N LEU G 461 14.34 16.50 -36.52
CA LEU G 461 14.60 17.27 -37.73
C LEU G 461 15.67 18.32 -37.50
N GLN G 462 15.67 18.96 -36.32
CA GLN G 462 16.72 19.90 -35.97
C GLN G 462 18.07 19.20 -35.91
N GLN G 463 18.11 18.02 -35.26
CA GLN G 463 19.36 17.26 -35.21
C GLN G 463 19.85 16.89 -36.60
N ALA G 464 18.94 16.41 -37.46
CA ALA G 464 19.32 16.03 -38.80
C ALA G 464 19.82 17.23 -39.60
N GLY G 465 19.14 18.37 -39.46
CA GLY G 465 19.57 19.55 -40.19
C GLY G 465 20.93 20.04 -39.73
N THR G 466 21.19 20.00 -38.43
CA THR G 466 22.51 20.37 -37.93
C THR G 466 23.58 19.42 -38.45
N ALA G 467 23.27 18.12 -38.50
CA ALA G 467 24.22 17.15 -39.04
C ALA G 467 24.49 17.42 -40.52
N ILE G 468 23.44 17.71 -41.29
CA ILE G 468 23.61 18.01 -42.71
C ILE G 468 24.43 19.27 -42.90
N LEU G 469 24.20 20.30 -42.08
CA LEU G 469 24.96 21.53 -42.19
C LEU G 469 26.43 21.29 -41.89
N ALA G 470 26.71 20.57 -40.79
CA ALA G 470 28.09 20.28 -40.43
C ALA G 470 28.78 19.42 -41.49
N GLN G 471 28.02 18.56 -42.17
CA GLN G 471 28.61 17.73 -43.22
C GLN G 471 28.86 18.54 -44.49
N ALA G 472 27.97 19.46 -44.82
CA ALA G 472 28.10 20.23 -46.05
C ALA G 472 29.13 21.34 -45.91
N ASN G 473 29.40 21.79 -44.69
CA ASN G 473 30.40 22.84 -44.50
C ASN G 473 31.82 22.34 -44.72
N GLN G 474 31.98 21.04 -44.97
CA GLN G 474 33.30 20.46 -45.16
C GLN G 474 33.63 20.19 -46.62
N LEU G 475 32.68 20.33 -47.54
CA LEU G 475 32.95 20.05 -48.96
C LEU G 475 34.02 20.98 -49.55
N PRO G 476 33.89 22.31 -49.45
CA PRO G 476 34.91 23.17 -50.06
C PRO G 476 36.29 22.98 -49.46
N GLN G 477 36.37 22.64 -48.17
CA GLN G 477 37.65 22.38 -47.54
C GLN G 477 38.42 21.31 -48.29
N ALA G 478 37.85 20.11 -48.39
CA ALA G 478 38.52 19.02 -49.10
C ALA G 478 38.71 19.35 -50.57
N VAL G 479 37.69 19.95 -51.20
CA VAL G 479 37.77 20.25 -52.63
C VAL G 479 38.99 21.11 -52.93
N LEU G 480 39.13 22.22 -52.22
CA LEU G 480 40.23 23.14 -52.50
C LEU G 480 41.56 22.62 -51.97
N SER G 481 41.57 21.89 -50.86
CA SER G 481 42.83 21.39 -50.34
C SER G 481 43.41 20.30 -51.23
N LEU G 482 42.56 19.57 -51.95
CA LEU G 482 43.07 18.54 -52.86
C LEU G 482 43.30 19.07 -54.26
N LEU G 483 42.48 20.02 -54.73
CA LEU G 483 42.63 20.56 -56.07
C LEU G 483 43.79 21.53 -56.20
N ARG G 484 44.28 22.10 -55.10
CA ARG G 484 45.39 23.04 -55.15
C ARG G 484 46.70 22.37 -54.73
N VAL H 1 71.40 37.01 -90.37
CA VAL H 1 70.55 36.36 -89.37
C VAL H 1 71.12 36.58 -87.97
N ASN H 2 71.72 37.76 -87.76
CA ASN H 2 72.39 38.04 -86.49
C ASN H 2 71.98 39.35 -85.83
N THR H 3 71.55 40.38 -86.57
CA THR H 3 71.19 41.63 -85.92
C THR H 3 69.87 41.54 -85.15
N ASN H 4 69.11 40.47 -85.36
CA ASN H 4 67.85 40.26 -84.64
C ASN H 4 67.46 38.80 -84.82
N ILE H 5 66.52 38.36 -83.99
CA ILE H 5 66.04 36.97 -83.99
C ILE H 5 64.53 37.01 -84.17
N ALA H 6 64.04 36.27 -85.16
CA ALA H 6 62.60 36.23 -85.42
C ALA H 6 61.83 35.42 -84.39
N SER H 7 62.49 34.97 -83.32
CA SER H 7 61.83 34.17 -82.28
C SER H 7 60.95 35.00 -81.36
N LEU H 8 60.69 36.27 -81.68
CA LEU H 8 59.86 37.10 -80.81
C LEU H 8 58.39 36.67 -80.82
N ASN H 9 57.99 35.78 -81.73
CA ASN H 9 56.68 35.14 -81.58
C ASN H 9 56.59 34.42 -80.24
N THR H 10 57.69 33.76 -79.85
CA THR H 10 57.74 33.11 -78.55
C THR H 10 57.58 34.12 -77.43
N GLN H 11 58.18 35.30 -77.57
CA GLN H 11 58.05 36.33 -76.54
C GLN H 11 56.63 36.86 -76.47
N ARG H 12 55.98 37.07 -77.62
CA ARG H 12 54.59 37.51 -77.62
C ARG H 12 53.69 36.49 -76.95
N ASN H 13 53.88 35.21 -77.29
CA ASN H 13 53.09 34.15 -76.65
C ASN H 13 53.36 34.08 -75.16
N LEU H 14 54.61 34.26 -74.74
CA LEU H 14 54.92 34.28 -73.31
C LEU H 14 54.21 35.43 -72.61
N ASN H 15 54.21 36.61 -73.21
CA ASN H 15 53.54 37.76 -72.61
C ASN H 15 52.04 37.52 -72.48
N ALA H 16 51.42 37.04 -73.57
CA ALA H 16 49.99 36.77 -73.51
C ALA H 16 49.65 35.71 -72.48
N SER H 17 50.42 34.62 -72.45
CA SER H 17 50.15 33.55 -71.49
C SER H 17 50.37 34.04 -70.06
N SER H 18 51.33 34.94 -69.86
CA SER H 18 51.53 35.49 -68.52
C SER H 18 50.37 36.37 -68.10
N ASN H 19 49.81 37.14 -69.04
CA ASN H 19 48.63 37.93 -68.72
C ASN H 19 47.45 37.04 -68.33
N ASP H 20 47.17 36.02 -69.14
CA ASP H 20 46.10 35.08 -68.78
C ASP H 20 46.42 34.37 -67.47
N LEU H 21 47.71 34.15 -67.18
CA LEU H 21 48.10 33.51 -65.94
C LEU H 21 47.81 34.40 -64.73
N ASN H 22 48.13 35.68 -64.84
CA ASN H 22 47.80 36.61 -63.76
C ASN H 22 46.29 36.67 -63.54
N THR H 23 45.52 36.72 -64.64
CA THR H 23 44.07 36.74 -64.48
C THR H 23 43.56 35.46 -63.81
N SER H 24 44.13 34.32 -64.17
CA SER H 24 43.70 33.05 -63.56
C SER H 24 44.06 32.99 -62.09
N LEU H 25 45.28 33.42 -61.74
CA LEU H 25 45.66 33.45 -60.34
C LEU H 25 44.75 34.36 -59.54
N GLN H 26 44.39 35.53 -60.10
CA GLN H 26 43.47 36.42 -59.42
C GLN H 26 42.10 35.78 -59.25
N ARG H 27 41.62 35.07 -60.28
CA ARG H 27 40.34 34.40 -60.20
C ARG H 27 40.33 33.33 -59.10
N LEU H 28 41.41 32.55 -59.01
CA LEU H 28 41.46 31.51 -57.99
C LEU H 28 41.62 32.08 -56.59
N THR H 29 42.39 33.17 -56.45
CA THR H 29 42.60 33.73 -55.12
C THR H 29 41.41 34.55 -54.65
N THR H 30 40.55 35.00 -55.58
CA THR H 30 39.37 35.77 -55.20
C THR H 30 38.10 34.92 -55.17
N GLY H 31 38.04 33.88 -55.98
CA GLY H 31 36.85 33.04 -56.04
C GLY H 31 35.80 33.50 -57.01
N TYR H 32 36.09 34.50 -57.85
CA TYR H 32 35.14 35.05 -58.80
C TYR H 32 35.69 34.88 -60.22
N ARG H 33 34.98 34.11 -61.05
CA ARG H 33 35.35 34.03 -62.45
C ARG H 33 35.19 35.39 -63.13
N ILE H 34 34.05 36.04 -62.91
CA ILE H 34 33.91 37.45 -63.25
C ILE H 34 34.61 38.26 -62.17
N ASN H 35 35.85 38.63 -62.42
CA ASN H 35 36.65 39.35 -61.44
C ASN H 35 35.99 40.69 -61.10
N SER H 36 36.34 41.21 -59.92
CA SER H 36 35.93 42.55 -59.54
C SER H 36 36.42 43.61 -60.52
N ALA H 37 37.29 43.23 -61.45
CA ALA H 37 37.80 44.15 -62.45
C ALA H 37 36.79 44.33 -63.58
N LYS H 38 37.28 44.90 -64.68
CA LYS H 38 36.43 45.27 -65.81
C LYS H 38 35.67 44.09 -66.41
N ASP H 39 36.17 42.87 -66.20
CA ASP H 39 35.75 41.73 -67.01
C ASP H 39 34.24 41.51 -66.95
N ASP H 40 33.65 41.26 -68.12
CA ASP H 40 32.23 40.91 -68.28
C ASP H 40 31.33 41.99 -67.68
N ALA H 41 31.37 43.16 -68.32
CA ALA H 41 30.60 44.31 -67.87
C ALA H 41 29.13 43.98 -67.69
N ALA H 42 28.56 43.14 -68.55
CA ALA H 42 27.18 42.70 -68.36
C ALA H 42 27.07 41.84 -67.11
N GLY H 43 28.00 40.90 -66.94
CA GLY H 43 28.06 40.15 -65.71
C GLY H 43 28.29 41.04 -64.50
N LEU H 44 29.03 42.13 -64.69
CA LEU H 44 29.26 43.07 -63.60
C LEU H 44 27.95 43.76 -63.19
N GLN H 45 27.18 44.21 -64.18
CA GLN H 45 25.83 44.72 -63.93
C GLN H 45 25.00 43.72 -63.14
N ILE H 46 24.94 42.48 -63.64
CA ILE H 46 24.09 41.47 -63.01
C ILE H 46 24.54 41.23 -61.57
N SER H 47 25.86 41.10 -61.36
CA SER H 47 26.37 40.79 -60.04
C SER H 47 26.14 41.95 -59.06
N ASN H 48 26.37 43.18 -59.53
CA ASN H 48 26.15 44.34 -58.65
C ASN H 48 24.69 44.43 -58.24
N ARG H 49 23.78 44.31 -59.22
CA ARG H 49 22.36 44.41 -58.90
C ARG H 49 21.92 43.27 -57.99
N LEU H 50 22.43 42.06 -58.22
CA LEU H 50 22.06 40.93 -57.37
C LEU H 50 22.59 41.09 -55.96
N SER H 51 23.80 41.64 -55.81
CA SER H 51 24.33 41.88 -54.48
C SER H 51 23.53 42.95 -53.75
N ASN H 52 23.15 44.01 -54.48
CA ASN H 52 22.25 45.02 -53.91
C ASN H 52 20.97 44.37 -53.41
N GLN H 53 20.35 43.54 -54.24
CA GLN H 53 19.10 42.90 -53.85
C GLN H 53 19.30 41.97 -52.65
N ILE H 54 20.41 41.25 -52.62
CA ILE H 54 20.66 40.31 -51.52
C ILE H 54 20.82 41.08 -50.20
N SER H 55 21.64 42.12 -50.20
CA SER H 55 21.82 42.92 -49.00
C SER H 55 20.50 43.55 -48.57
N GLY H 56 19.71 44.01 -49.53
CA GLY H 56 18.41 44.60 -49.20
C GLY H 56 17.48 43.59 -48.55
N LEU H 57 17.41 42.38 -49.12
CA LEU H 57 16.55 41.36 -48.55
C LEU H 57 17.03 40.94 -47.17
N ASN H 58 18.35 40.92 -46.94
CA ASN H 58 18.86 40.56 -45.62
C ASN H 58 18.49 41.61 -44.57
N VAL H 59 18.75 42.89 -44.87
CA VAL H 59 18.42 43.93 -43.91
C VAL H 59 16.92 44.02 -43.71
N ALA H 60 16.14 43.73 -44.77
CA ALA H 60 14.68 43.72 -44.62
C ALA H 60 14.23 42.55 -43.76
N THR H 61 14.91 41.41 -43.86
CA THR H 61 14.64 40.29 -42.96
C THR H 61 14.89 40.68 -41.51
N ARG H 62 15.98 41.42 -41.27
CA ARG H 62 16.28 41.84 -39.90
C ARG H 62 15.23 42.83 -39.40
N ASN H 63 14.81 43.77 -40.26
CA ASN H 63 13.76 44.69 -39.88
C ASN H 63 12.45 43.96 -39.63
N ALA H 64 12.19 42.90 -40.38
CA ALA H 64 10.99 42.10 -40.16
C ALA H 64 11.03 41.36 -38.83
N ASN H 65 12.21 40.87 -38.45
CA ASN H 65 12.35 40.28 -37.12
C ASN H 65 12.10 41.30 -36.03
N ASP H 66 12.64 42.52 -36.21
CA ASP H 66 12.37 43.59 -35.25
C ASP H 66 10.87 43.86 -35.15
N GLY H 67 10.19 43.92 -36.29
CA GLY H 67 8.75 44.16 -36.27
C GLY H 67 7.97 43.03 -35.64
N ILE H 68 8.41 41.79 -35.85
CA ILE H 68 7.76 40.65 -35.22
C ILE H 68 7.90 40.72 -33.71
N SER H 69 9.09 41.10 -33.24
CA SER H 69 9.29 41.26 -31.79
C SER H 69 8.41 42.38 -31.24
N LEU H 70 8.31 43.50 -31.97
CA LEU H 70 7.44 44.59 -31.56
C LEU H 70 5.99 44.14 -31.45
N ALA H 71 5.51 43.41 -32.47
CA ALA H 71 4.16 42.89 -32.43
C ALA H 71 3.96 41.87 -31.33
N GLN H 72 5.01 41.13 -30.97
CA GLN H 72 4.90 40.19 -29.86
C GLN H 72 4.75 40.93 -28.53
N THR H 73 5.51 42.01 -28.35
CA THR H 73 5.31 42.87 -27.19
C THR H 73 3.88 43.38 -27.13
N ALA H 74 3.37 43.88 -28.27
CA ALA H 74 2.01 44.40 -28.30
C ALA H 74 1.00 43.31 -27.99
N GLU H 75 1.25 42.09 -28.46
CA GLU H 75 0.34 40.98 -28.20
C GLU H 75 0.32 40.63 -26.72
N GLY H 76 1.50 40.65 -26.07
CA GLY H 76 1.54 40.44 -24.63
C GLY H 76 0.77 41.50 -23.87
N ALA H 77 0.95 42.77 -24.25
CA ALA H 77 0.22 43.85 -23.60
C ALA H 77 -1.30 43.67 -23.78
N LEU H 78 -1.72 43.30 -24.99
CA LEU H 78 -3.13 43.10 -25.24
C LEU H 78 -3.68 41.91 -24.46
N GLN H 79 -2.90 40.85 -24.31
CA GLN H 79 -3.32 39.71 -23.50
C GLN H 79 -3.51 40.13 -22.05
N GLN H 80 -2.59 40.95 -21.52
CA GLN H 80 -2.74 41.41 -20.15
C GLN H 80 -3.97 42.30 -19.99
N SER H 81 -4.25 43.13 -21.00
CA SER H 81 -5.45 43.97 -20.93
C SER H 81 -6.71 43.11 -20.99
N THR H 82 -6.69 42.03 -21.77
CA THR H 82 -7.83 41.12 -21.79
C THR H 82 -8.03 40.46 -20.44
N ASN H 83 -6.94 40.04 -19.79
CA ASN H 83 -7.06 39.48 -18.45
C ASN H 83 -7.65 40.49 -17.48
N ILE H 84 -7.23 41.75 -17.59
CA ILE H 84 -7.75 42.79 -16.71
C ILE H 84 -9.24 43.00 -16.97
N LEU H 85 -9.66 42.99 -18.24
CA LEU H 85 -11.07 43.17 -18.56
C LEU H 85 -11.90 41.99 -18.08
N GLN H 86 -11.35 40.77 -18.16
CA GLN H 86 -12.03 39.61 -17.59
C GLN H 86 -12.24 39.78 -16.10
N ARG H 87 -11.17 40.14 -15.38
CA ARG H 87 -11.29 40.41 -13.95
C ARG H 87 -12.31 41.51 -13.69
N ILE H 88 -12.40 42.50 -14.57
CA ILE H 88 -13.37 43.57 -14.40
C ILE H 88 -14.78 43.02 -14.51
N ARG H 89 -15.03 42.12 -15.47
CA ARG H 89 -16.35 41.50 -15.55
C ARG H 89 -16.66 40.68 -14.30
N ASP H 90 -15.67 39.94 -13.78
CA ASP H 90 -15.89 39.20 -12.54
C ASP H 90 -16.29 40.15 -11.40
N LEU H 91 -15.54 41.24 -11.25
CA LEU H 91 -15.82 42.19 -10.18
C LEU H 91 -17.19 42.85 -10.36
N ALA H 92 -17.57 43.12 -11.60
CA ALA H 92 -18.85 43.76 -11.86
C ALA H 92 -20.00 42.82 -11.54
N LEU H 93 -19.90 41.56 -11.96
CA LEU H 93 -20.96 40.60 -11.68
C LEU H 93 -21.01 40.23 -10.20
N GLN H 94 -19.86 40.30 -9.52
CA GLN H 94 -19.87 40.12 -8.07
C GLN H 94 -20.50 41.33 -7.38
N SER H 95 -20.37 42.51 -8.00
CA SER H 95 -21.00 43.71 -7.48
C SER H 95 -22.51 43.72 -7.62
N ALA H 96 -23.10 42.69 -8.23
CA ALA H 96 -24.56 42.55 -8.21
C ALA H 96 -25.07 42.52 -6.78
N ASN H 97 -24.33 41.85 -5.89
CA ASN H 97 -24.50 41.90 -4.43
C ASN H 97 -25.96 41.81 -3.99
N GLY H 98 -26.76 41.02 -4.69
CA GLY H 98 -28.17 40.90 -4.38
C GLY H 98 -28.91 42.22 -4.47
N SER H 99 -28.24 43.24 -5.03
CA SER H 99 -28.75 44.59 -5.24
C SER H 99 -28.87 45.36 -3.92
N ASN H 100 -28.75 44.67 -2.79
CA ASN H 100 -28.67 45.37 -1.51
C ASN H 100 -27.77 44.70 -0.49
N SER H 101 -27.14 43.56 -0.80
CA SER H 101 -26.57 42.73 0.26
C SER H 101 -25.20 43.22 0.72
N ASP H 102 -24.38 43.72 -0.18
CA ASP H 102 -23.02 44.13 0.14
C ASP H 102 -22.99 45.66 0.18
N ALA H 103 -23.09 46.21 1.40
CA ALA H 103 -22.95 47.65 1.58
C ALA H 103 -21.52 48.12 1.39
N ASP H 104 -20.58 47.19 1.14
CA ASP H 104 -19.18 47.53 0.94
C ASP H 104 -18.89 47.91 -0.51
N ARG H 105 -19.90 48.41 -1.22
CA ARG H 105 -19.70 48.87 -2.58
C ARG H 105 -18.69 50.00 -2.68
N ALA H 106 -18.38 50.68 -1.57
CA ALA H 106 -17.33 51.69 -1.60
C ALA H 106 -15.97 51.06 -1.84
N ALA H 107 -15.62 50.03 -1.05
CA ALA H 107 -14.39 49.31 -1.29
C ALA H 107 -14.44 48.55 -2.60
N LEU H 108 -15.63 48.13 -3.02
CA LEU H 108 -15.77 47.52 -4.35
C LEU H 108 -15.40 48.52 -5.45
N GLN H 109 -15.86 49.76 -5.31
CA GLN H 109 -15.50 50.80 -6.27
C GLN H 109 -14.02 51.10 -6.23
N LYS H 110 -13.43 51.09 -5.03
CA LYS H 110 -11.99 51.27 -4.91
C LYS H 110 -11.24 50.14 -5.64
N GLU H 111 -11.71 48.91 -5.47
CA GLU H 111 -11.12 47.76 -6.16
C GLU H 111 -11.20 47.93 -7.67
N VAL H 112 -12.38 48.32 -8.18
CA VAL H 112 -12.56 48.49 -9.61
C VAL H 112 -11.70 49.63 -10.14
N ALA H 113 -11.56 50.72 -9.37
CA ALA H 113 -10.75 51.85 -9.80
C ALA H 113 -9.27 51.47 -9.83
N ALA H 114 -8.82 50.67 -8.86
CA ALA H 114 -7.45 50.19 -8.89
C ALA H 114 -7.21 49.27 -10.09
N GLN H 115 -8.19 48.44 -10.42
CA GLN H 115 -8.07 47.60 -11.60
C GLN H 115 -7.99 48.44 -12.87
N GLN H 116 -8.81 49.50 -12.95
CA GLN H 116 -8.75 50.38 -14.11
C GLN H 116 -7.42 51.12 -14.20
N ALA H 117 -6.89 51.56 -13.06
CA ALA H 117 -5.59 52.22 -13.08
C ALA H 117 -4.49 51.26 -13.49
N GLU H 118 -4.58 50.00 -13.07
CA GLU H 118 -3.61 49.01 -13.50
C GLU H 118 -3.74 48.73 -14.98
N LEU H 119 -4.98 48.76 -15.50
CA LEU H 119 -5.18 48.66 -16.95
C LEU H 119 -4.49 49.80 -17.68
N THR H 120 -4.69 51.04 -17.21
CA THR H 120 -4.06 52.19 -17.86
C THR H 120 -2.54 52.13 -17.73
N ARG H 121 -2.04 51.50 -16.68
CA ARG H 121 -0.60 51.31 -16.55
C ARG H 121 -0.09 50.25 -17.51
N ILE H 122 -0.85 49.19 -17.73
CA ILE H 122 -0.52 48.22 -18.78
C ILE H 122 -0.49 48.91 -20.13
N SER H 123 -1.41 49.86 -20.35
CA SER H 123 -1.37 50.67 -21.56
C SER H 123 -0.02 51.38 -21.69
N ASP H 124 0.42 52.01 -20.61
CA ASP H 124 1.74 52.62 -20.56
C ASP H 124 2.79 51.54 -20.31
N THR H 125 4.01 51.96 -20.00
CA THR H 125 5.11 51.07 -19.61
C THR H 125 5.44 50.03 -20.68
N THR H 126 4.97 50.23 -21.91
CA THR H 126 5.33 49.39 -23.04
C THR H 126 6.31 50.11 -23.96
N THR H 127 7.24 50.85 -23.36
CA THR H 127 8.17 51.70 -24.11
C THR H 127 9.23 50.84 -24.80
N PHE H 128 8.81 50.18 -25.87
CA PHE H 128 9.75 49.46 -26.72
C PHE H 128 10.55 50.47 -27.55
N GLY H 129 11.51 51.13 -26.91
CA GLY H 129 12.25 52.20 -27.52
C GLY H 129 11.83 53.59 -27.10
N GLY H 130 11.14 53.74 -25.98
CA GLY H 130 10.65 55.03 -25.56
C GLY H 130 9.51 55.51 -26.42
N ARG H 131 8.81 54.57 -27.05
CA ARG H 131 7.76 54.86 -28.02
C ARG H 131 6.54 53.99 -27.74
N LYS H 132 6.14 53.96 -26.46
CA LYS H 132 5.15 53.02 -25.94
C LYS H 132 4.03 52.72 -26.93
N LEU H 133 3.78 51.43 -27.16
CA LEU H 133 2.96 51.00 -28.29
C LEU H 133 1.51 51.45 -28.14
N LEU H 134 0.85 51.01 -27.06
CA LEU H 134 -0.59 51.18 -26.94
C LEU H 134 -1.02 52.62 -26.74
N ASP H 135 -0.47 53.32 -25.76
CA ASP H 135 -0.83 54.71 -25.53
C ASP H 135 0.40 55.60 -25.65
N GLY H 136 0.23 56.87 -25.30
CA GLY H 136 1.30 57.83 -25.48
C GLY H 136 1.28 58.38 -26.89
N SER H 137 2.38 58.19 -27.62
CA SER H 137 2.52 58.69 -28.99
C SER H 137 2.89 57.52 -29.91
N PHE H 138 1.89 56.94 -30.55
CA PHE H 138 2.10 55.91 -31.55
C PHE H 138 1.64 56.43 -32.91
N GLY H 139 2.58 56.48 -33.86
CA GLY H 139 2.29 57.06 -35.16
C GLY H 139 1.55 56.17 -36.13
N THR H 140 1.25 54.92 -35.73
CA THR H 140 0.57 53.96 -36.60
C THR H 140 1.34 53.82 -37.91
N THR H 141 2.57 53.32 -37.79
CA THR H 141 3.54 53.35 -38.88
C THR H 141 3.42 52.11 -39.75
N SER H 142 4.42 51.90 -40.60
CA SER H 142 4.41 50.79 -41.57
C SER H 142 5.84 50.28 -41.70
N PHE H 143 6.02 48.97 -41.49
CA PHE H 143 7.35 48.38 -41.52
C PHE H 143 7.73 48.04 -42.96
N GLN H 144 8.88 48.54 -43.41
CA GLN H 144 9.36 48.27 -44.76
C GLN H 144 10.07 46.92 -44.81
N VAL H 145 9.64 46.07 -45.73
CA VAL H 145 10.18 44.73 -45.87
C VAL H 145 10.69 44.44 -47.28
N GLY H 146 10.39 45.29 -48.27
CA GLY H 146 10.80 45.06 -49.62
C GLY H 146 12.08 45.82 -49.96
N SER H 147 12.78 45.31 -50.97
CA SER H 147 14.00 45.93 -51.45
C SER H 147 13.75 47.08 -52.42
N ASN H 148 12.50 47.51 -52.56
CA ASN H 148 12.14 48.61 -53.43
C ASN H 148 11.59 49.76 -52.62
N ALA H 149 11.53 50.93 -53.24
CA ALA H 149 11.07 52.13 -52.55
C ALA H 149 9.61 52.01 -52.14
N TYR H 150 9.32 52.34 -50.89
CA TYR H 150 7.97 52.45 -50.36
C TYR H 150 7.24 51.12 -50.33
N GLU H 151 7.95 50.02 -50.55
CA GLU H 151 7.35 48.71 -50.40
C GLU H 151 7.32 48.35 -48.92
N THR H 152 6.21 48.65 -48.26
CA THR H 152 6.11 48.53 -46.81
C THR H 152 4.87 47.73 -46.42
N ILE H 153 4.77 47.44 -45.13
CA ILE H 153 3.65 46.70 -44.56
C ILE H 153 2.99 47.59 -43.51
N ASP H 154 1.72 47.92 -43.74
CA ASP H 154 1.03 48.82 -42.83
C ASP H 154 0.61 48.10 -41.55
N ILE H 155 0.54 48.85 -40.46
CA ILE H 155 0.09 48.36 -39.17
C ILE H 155 -0.92 49.36 -38.61
N SER H 156 -1.98 48.85 -37.99
CA SER H 156 -3.07 49.66 -37.46
C SER H 156 -3.24 49.41 -35.98
N LEU H 157 -2.14 49.45 -35.23
CA LEU H 157 -2.17 49.22 -33.80
C LEU H 157 -3.08 50.23 -33.12
N GLN H 158 -3.71 49.80 -32.03
CA GLN H 158 -4.69 50.62 -31.34
C GLN H 158 -4.10 51.95 -30.90
N ASN H 159 -4.86 53.03 -31.11
CA ASN H 159 -4.37 54.36 -30.78
C ASN H 159 -4.13 54.50 -29.27
N ALA H 160 -5.01 53.92 -28.47
CA ALA H 160 -4.87 53.97 -27.02
C ALA H 160 -5.70 52.86 -26.39
N SER H 161 -5.07 52.13 -25.47
CA SER H 161 -5.76 51.14 -24.66
C SER H 161 -6.01 51.70 -23.27
N ALA H 162 -6.08 53.02 -23.17
CA ALA H 162 -6.36 53.71 -21.92
C ALA H 162 -7.86 53.68 -21.64
N SER H 163 -8.31 54.52 -20.71
CA SER H 163 -9.72 54.53 -20.32
C SER H 163 -10.59 55.19 -21.38
N ALA H 164 -10.05 55.38 -22.58
CA ALA H 164 -10.80 55.93 -23.70
C ALA H 164 -11.44 54.87 -24.58
N ILE H 165 -11.09 53.59 -24.40
CA ILE H 165 -11.69 52.51 -25.17
C ILE H 165 -12.87 51.94 -24.37
N GLY H 166 -13.90 51.52 -25.09
CA GLY H 166 -15.07 50.96 -24.45
C GLY H 166 -16.24 50.79 -25.40
N SER H 167 -17.42 51.24 -24.99
CA SER H 167 -18.64 51.14 -25.79
C SER H 167 -18.85 52.48 -26.48
N TYR H 168 -18.38 52.57 -27.73
CA TYR H 168 -18.58 53.79 -28.52
C TYR H 168 -20.02 53.81 -28.98
N GLN H 169 -20.92 54.00 -28.03
CA GLN H 169 -22.36 53.94 -28.27
C GLN H 169 -23.15 54.52 -27.11
N VAL H 170 -24.05 55.46 -27.39
CA VAL H 170 -25.02 55.92 -26.40
C VAL H 170 -26.16 54.92 -26.36
N GLY H 171 -26.75 54.63 -27.51
CA GLY H 171 -27.71 53.54 -27.67
C GLY H 171 -29.12 53.98 -27.97
N SER H 172 -29.61 54.99 -27.25
CA SER H 172 -30.93 55.56 -27.51
C SER H 172 -31.20 56.76 -26.61
N ASN H 173 -32.02 57.70 -27.10
CA ASN H 173 -32.77 58.67 -26.30
C ASN H 173 -31.93 59.46 -25.31
N GLY H 174 -30.61 59.39 -25.42
CA GLY H 174 -29.75 60.01 -24.44
C GLY H 174 -28.74 60.99 -25.01
N ALA H 175 -28.72 61.13 -26.33
CA ALA H 175 -27.81 62.07 -26.97
C ALA H 175 -28.56 63.29 -27.48
N GLY H 176 -28.33 64.45 -26.86
CA GLY H 176 -28.97 65.68 -27.26
C GLY H 176 -30.36 65.87 -26.67
N THR H 177 -31.34 65.16 -27.22
CA THR H 177 -32.72 65.23 -26.75
C THR H 177 -33.30 63.82 -26.69
N VAL H 178 -34.30 63.62 -25.83
CA VAL H 178 -34.96 62.34 -25.74
C VAL H 178 -35.78 62.08 -27.00
N ALA H 179 -36.05 60.80 -27.26
CA ALA H 179 -36.84 60.43 -28.42
C ALA H 179 -38.31 60.75 -28.18
N SER H 180 -39.12 60.55 -29.22
CA SER H 180 -40.55 60.83 -29.16
C SER H 180 -41.39 59.57 -28.94
N VAL H 181 -40.93 58.43 -29.43
CA VAL H 181 -41.63 57.16 -29.27
C VAL H 181 -40.85 56.20 -28.38
N ALA H 182 -39.54 56.12 -28.59
CA ALA H 182 -38.71 55.26 -27.75
C ALA H 182 -38.67 55.80 -26.32
N GLY H 183 -38.94 54.90 -25.37
CA GLY H 183 -39.00 55.29 -23.98
C GLY H 183 -40.06 56.34 -23.70
N THR H 184 -41.16 56.29 -24.45
CA THR H 184 -42.21 57.29 -24.33
C THR H 184 -43.54 56.74 -24.85
N ALA H 185 -44.59 56.85 -24.05
CA ALA H 185 -45.90 56.37 -24.49
C ALA H 185 -46.44 57.26 -25.60
N THR H 186 -46.93 56.63 -26.66
CA THR H 186 -47.42 57.34 -27.83
C THR H 186 -48.82 56.84 -28.20
N ALA H 187 -49.53 57.68 -28.97
CA ALA H 187 -50.88 57.35 -29.41
C ALA H 187 -50.85 56.49 -30.68
N SER H 188 -50.07 56.89 -31.68
CA SER H 188 -49.96 56.14 -32.92
C SER H 188 -48.89 55.07 -32.86
N GLY H 189 -47.87 55.26 -32.03
CA GLY H 189 -46.79 54.30 -31.90
C GLY H 189 -45.64 54.59 -32.84
N ILE H 190 -44.81 53.56 -33.03
CA ILE H 190 -43.69 53.62 -33.95
C ILE H 190 -44.22 53.88 -35.35
N ALA H 191 -43.61 54.82 -36.06
CA ALA H 191 -44.02 55.16 -37.42
C ALA H 191 -43.16 54.43 -38.44
N SER H 192 -43.61 54.45 -39.69
CA SER H 192 -42.89 53.80 -40.76
C SER H 192 -41.70 54.63 -41.20
N GLY H 193 -40.89 54.07 -42.10
CA GLY H 193 -39.72 54.72 -42.64
C GLY H 193 -38.49 53.84 -42.48
N THR H 194 -37.33 54.45 -42.63
CA THR H 194 -36.06 53.76 -42.50
C THR H 194 -35.16 54.51 -41.53
N VAL H 195 -34.14 53.80 -41.03
CA VAL H 195 -33.16 54.38 -40.12
C VAL H 195 -31.77 54.11 -40.68
N ASN H 196 -31.14 55.14 -41.22
CA ASN H 196 -29.80 54.99 -41.78
C ASN H 196 -28.79 54.74 -40.67
N LEU H 197 -28.02 53.66 -40.82
CA LEU H 197 -26.96 53.32 -39.87
C LEU H 197 -25.73 52.91 -40.67
N VAL H 198 -24.75 53.81 -40.73
CA VAL H 198 -23.53 53.58 -41.47
C VAL H 198 -22.38 53.36 -40.48
N GLY H 199 -21.48 52.45 -40.83
CA GLY H 199 -20.35 52.16 -39.98
C GLY H 199 -19.67 50.84 -40.31
N GLY H 200 -18.35 50.79 -40.11
CA GLY H 200 -17.59 49.60 -40.38
C GLY H 200 -17.61 49.19 -41.84
N GLY H 201 -17.35 50.14 -42.74
CA GLY H 201 -17.32 49.85 -44.16
C GLY H 201 -18.70 49.63 -44.75
N GLN H 202 -19.39 48.60 -44.27
CA GLN H 202 -20.72 48.28 -44.78
C GLN H 202 -21.70 49.41 -44.49
N VAL H 203 -22.53 49.72 -45.49
CA VAL H 203 -23.58 50.72 -45.36
C VAL H 203 -24.93 50.00 -45.43
N LYS H 204 -25.79 50.26 -44.45
CA LYS H 204 -27.08 49.59 -44.36
C LYS H 204 -28.18 50.64 -44.22
N ASN H 205 -29.39 50.25 -44.65
CA ASN H 205 -30.52 51.15 -44.61
C ASN H 205 -31.78 50.49 -44.04
N ILE H 206 -31.67 49.79 -42.90
CA ILE H 206 -32.76 49.03 -42.32
C ILE H 206 -34.01 49.88 -42.20
N ALA H 207 -35.11 49.42 -42.78
CA ALA H 207 -36.36 50.16 -42.74
C ALA H 207 -37.23 49.68 -41.59
N ILE H 208 -37.64 50.61 -40.73
CA ILE H 208 -38.44 50.28 -39.56
C ILE H 208 -39.92 50.46 -39.93
N ALA H 209 -40.69 49.39 -39.84
CA ALA H 209 -42.11 49.46 -40.13
C ALA H 209 -42.87 50.05 -38.94
N ALA H 210 -44.09 50.50 -39.21
CA ALA H 210 -44.91 51.08 -38.15
C ALA H 210 -45.52 49.99 -37.28
N GLY H 211 -45.66 50.30 -36.00
CA GLY H 211 -46.25 49.36 -35.06
C GLY H 211 -45.28 48.37 -34.49
N ASP H 212 -44.11 48.25 -35.11
CA ASP H 212 -43.08 47.29 -34.69
C ASP H 212 -42.68 47.50 -33.24
N SER H 213 -42.55 46.40 -32.49
CA SER H 213 -42.15 46.48 -31.10
C SER H 213 -40.68 46.89 -30.99
N ALA H 214 -40.26 47.22 -29.76
CA ALA H 214 -38.86 47.52 -29.51
C ALA H 214 -37.98 46.32 -29.83
N LYS H 215 -38.49 45.11 -29.58
CA LYS H 215 -37.77 43.89 -29.93
C LYS H 215 -37.53 43.81 -31.42
N ALA H 216 -38.53 44.19 -32.22
CA ALA H 216 -38.41 44.21 -33.67
C ALA H 216 -37.29 45.14 -34.11
N ILE H 217 -37.30 46.37 -33.60
CA ILE H 217 -36.26 47.35 -33.90
C ILE H 217 -34.90 46.79 -33.55
N ALA H 218 -34.78 46.23 -32.34
CA ALA H 218 -33.53 45.66 -31.86
C ALA H 218 -33.01 44.58 -32.80
N GLU H 219 -33.88 43.65 -33.20
CA GLU H 219 -33.44 42.53 -34.01
C GLU H 219 -33.12 42.96 -35.45
N LYS H 220 -33.84 43.94 -35.99
CA LYS H 220 -33.58 44.34 -37.36
C LYS H 220 -32.31 45.18 -37.44
N MET H 221 -32.12 46.09 -36.50
CA MET H 221 -30.90 46.90 -36.51
C MET H 221 -29.66 46.09 -36.17
N ASP H 222 -29.81 44.98 -35.45
CA ASP H 222 -28.69 44.12 -35.11
C ASP H 222 -28.26 43.32 -36.33
N GLY H 223 -27.15 42.59 -36.22
CA GLY H 223 -26.72 41.72 -37.30
C GLY H 223 -25.77 42.36 -38.29
N ALA H 224 -26.33 42.89 -39.38
CA ALA H 224 -25.59 43.39 -40.54
C ALA H 224 -24.36 44.20 -40.16
N ILE H 225 -24.53 45.19 -39.29
CA ILE H 225 -23.41 46.06 -38.90
C ILE H 225 -22.36 45.23 -38.16
N PRO H 226 -21.11 45.25 -38.60
CA PRO H 226 -20.08 44.46 -37.93
C PRO H 226 -19.85 44.92 -36.50
N ASN H 227 -19.82 43.96 -35.58
CA ASN H 227 -19.57 44.20 -34.16
C ASN H 227 -20.57 45.22 -33.60
N LEU H 228 -21.83 44.81 -33.57
CA LEU H 228 -22.89 45.63 -33.01
C LEU H 228 -23.91 44.73 -32.32
N SER H 229 -24.30 45.10 -31.10
CA SER H 229 -25.28 44.37 -30.32
C SER H 229 -26.52 45.22 -30.17
N ALA H 230 -27.52 44.69 -29.46
CA ALA H 230 -28.78 45.41 -29.27
C ALA H 230 -29.52 44.82 -28.09
N ARG H 231 -30.05 45.71 -27.24
CA ARG H 231 -30.89 45.34 -26.12
C ARG H 231 -32.27 45.97 -26.28
N ALA H 232 -33.21 45.61 -25.40
CA ALA H 232 -34.56 46.18 -25.44
C ALA H 232 -35.29 45.97 -24.13
N ARG H 233 -35.72 47.06 -23.49
CA ARG H 233 -36.50 46.99 -22.26
C ARG H 233 -37.53 48.11 -22.28
N THR H 234 -38.68 47.87 -21.67
CA THR H 234 -39.80 48.81 -21.64
C THR H 234 -40.25 49.00 -20.19
N VAL H 235 -39.30 49.23 -19.30
CA VAL H 235 -39.58 49.44 -17.88
C VAL H 235 -40.35 50.75 -17.73
N PHE H 236 -41.53 50.67 -17.12
CA PHE H 236 -42.37 51.83 -16.90
C PHE H 236 -43.06 51.72 -15.55
N THR H 237 -43.44 52.87 -15.00
CA THR H 237 -44.14 52.95 -13.74
C THR H 237 -45.61 53.29 -13.95
N ALA H 238 -46.37 53.21 -12.87
CA ALA H 238 -47.80 53.52 -12.91
C ALA H 238 -48.26 53.84 -11.50
N ASP H 239 -49.43 54.48 -11.41
CA ASP H 239 -49.98 54.86 -10.11
CA ASP H 239 -49.98 54.86 -10.11
C ASP H 239 -51.49 55.03 -10.27
N VAL H 240 -52.26 54.17 -9.61
CA VAL H 240 -53.72 54.25 -9.67
C VAL H 240 -54.18 55.26 -8.62
N SER H 241 -54.70 56.40 -9.06
CA SER H 241 -55.19 57.43 -8.17
C SER H 241 -56.34 58.17 -8.83
N GLY H 242 -57.14 58.84 -8.02
CA GLY H 242 -58.26 59.63 -8.51
C GLY H 242 -59.49 58.82 -8.81
N VAL H 243 -59.40 57.50 -8.67
CA VAL H 243 -60.53 56.61 -8.94
C VAL H 243 -61.68 56.95 -8.03
N THR H 244 -62.80 57.39 -8.61
CA THR H 244 -63.97 57.79 -7.86
C THR H 244 -65.23 57.32 -8.58
N GLY H 245 -66.15 56.74 -7.82
CA GLY H 245 -67.42 56.29 -8.35
C GLY H 245 -67.32 55.25 -9.44
N GLY H 246 -66.81 54.08 -9.11
CA GLY H 246 -66.69 52.99 -10.05
C GLY H 246 -65.27 52.47 -10.14
N SER H 247 -65.10 51.47 -11.01
CA SER H 247 -63.82 50.83 -11.25
C SER H 247 -63.23 51.31 -12.57
N LEU H 248 -61.90 51.19 -12.68
CA LEU H 248 -61.16 51.62 -13.85
C LEU H 248 -60.82 50.45 -14.78
N ASN H 249 -61.74 49.49 -14.91
CA ASN H 249 -61.56 48.30 -15.73
C ASN H 249 -61.04 48.66 -17.12
N PHE H 250 -59.90 48.08 -17.51
CA PHE H 250 -59.24 48.43 -18.75
C PHE H 250 -58.59 47.20 -19.35
N ASP H 251 -58.27 47.30 -20.65
CA ASP H 251 -57.66 46.19 -21.37
C ASP H 251 -56.14 46.31 -21.32
N VAL H 252 -55.49 45.15 -21.28
CA VAL H 252 -54.03 45.06 -21.21
C VAL H 252 -53.56 44.25 -22.41
N THR H 253 -52.86 44.90 -23.33
CA THR H 253 -52.32 44.25 -24.52
C THR H 253 -50.81 44.22 -24.46
N VAL H 254 -50.23 43.02 -24.51
CA VAL H 254 -48.78 42.85 -24.48
C VAL H 254 -48.40 41.89 -25.60
N GLY H 255 -47.89 42.46 -26.70
CA GLY H 255 -47.50 41.66 -27.85
C GLY H 255 -48.64 40.88 -28.44
N SER H 256 -48.62 39.56 -28.25
CA SER H 256 -49.69 38.68 -28.73
C SER H 256 -50.73 38.44 -27.65
N ASN H 257 -50.31 38.06 -26.45
CA ASN H 257 -51.24 37.82 -25.35
C ASN H 257 -51.95 39.11 -24.95
N THR H 258 -53.24 39.00 -24.71
CA THR H 258 -54.06 40.17 -24.37
C THR H 258 -55.08 39.76 -23.32
N VAL H 259 -55.01 40.40 -22.15
CA VAL H 259 -55.97 40.16 -21.09
C VAL H 259 -56.68 41.47 -20.77
N SER H 260 -57.69 41.41 -19.90
CA SER H 260 -58.44 42.61 -19.54
C SER H 260 -58.64 42.59 -18.03
N LEU H 261 -57.85 43.41 -17.33
CA LEU H 261 -57.95 43.48 -15.87
C LEU H 261 -59.23 44.20 -15.46
N ALA H 262 -59.61 44.00 -14.21
CA ALA H 262 -60.84 44.57 -13.68
C ALA H 262 -60.66 44.83 -12.20
N GLY H 263 -61.61 45.56 -11.62
CA GLY H 263 -61.59 45.87 -10.20
C GLY H 263 -60.49 46.86 -9.83
N VAL H 264 -59.98 47.59 -10.80
CA VAL H 264 -58.91 48.55 -10.57
C VAL H 264 -59.42 49.68 -9.70
N THR H 265 -58.92 49.75 -8.45
CA THR H 265 -59.29 50.82 -7.54
C THR H 265 -58.11 51.41 -6.80
N SER H 266 -56.93 50.80 -6.84
CA SER H 266 -55.77 51.30 -6.14
C SER H 266 -54.52 50.71 -6.78
N THR H 267 -53.37 51.36 -6.52
CA THR H 267 -52.11 50.90 -7.09
C THR H 267 -51.75 49.50 -6.62
N GLN H 268 -52.25 49.10 -5.44
CA GLN H 268 -51.96 47.78 -4.92
C GLN H 268 -52.76 46.71 -5.66
N ASP H 269 -54.04 46.99 -5.92
CA ASP H 269 -54.92 46.05 -6.60
C ASP H 269 -54.39 45.73 -8.00
N LEU H 270 -54.07 46.79 -8.75
CA LEU H 270 -53.49 46.66 -10.08
C LEU H 270 -52.24 45.79 -10.07
N ALA H 271 -51.30 46.14 -9.19
CA ALA H 271 -50.08 45.36 -8.99
C ALA H 271 -50.39 43.89 -8.77
N ASP H 272 -51.30 43.60 -7.84
CA ASP H 272 -51.63 42.22 -7.49
C ASP H 272 -52.18 41.46 -8.69
N GLN H 273 -53.22 42.01 -9.34
CA GLN H 273 -53.84 41.28 -10.45
C GLN H 273 -52.89 41.15 -11.63
N LEU H 274 -52.01 42.14 -11.83
CA LEU H 274 -51.06 42.08 -12.92
C LEU H 274 -49.99 41.02 -12.65
N ASN H 275 -49.53 40.94 -11.41
CA ASN H 275 -48.59 39.90 -11.03
C ASN H 275 -49.22 38.52 -11.17
N SER H 276 -50.52 38.42 -10.85
CA SER H 276 -51.25 37.18 -11.10
C SER H 276 -51.31 36.88 -12.59
N ASN H 277 -51.43 37.92 -13.41
CA ASN H 277 -51.46 37.77 -14.86
C ASN H 277 -50.09 37.93 -15.49
N SER H 278 -49.03 38.01 -14.70
CA SER H 278 -47.69 38.23 -15.23
C SER H 278 -47.25 37.12 -16.16
N SER H 279 -47.54 35.87 -15.81
CA SER H 279 -47.16 34.73 -16.62
C SER H 279 -47.75 34.81 -18.02
N LYS H 280 -49.05 35.10 -18.11
CA LYS H 280 -49.71 35.17 -19.40
C LYS H 280 -49.15 36.31 -20.25
N LEU H 281 -48.91 37.46 -19.62
CA LEU H 281 -48.43 38.64 -20.34
C LEU H 281 -46.95 38.55 -20.65
N GLY H 282 -46.25 37.66 -19.96
CA GLY H 282 -44.81 37.53 -20.17
C GLY H 282 -44.02 38.72 -19.66
N ILE H 283 -44.52 39.37 -18.61
CA ILE H 283 -43.81 40.49 -17.99
C ILE H 283 -43.68 40.22 -16.50
N THR H 284 -43.01 41.12 -15.78
CA THR H 284 -42.70 40.94 -14.36
C THR H 284 -43.20 42.16 -13.57
N ALA H 285 -44.33 42.00 -12.91
CA ALA H 285 -44.86 43.03 -12.03
C ALA H 285 -44.11 43.05 -10.71
N SER H 286 -43.38 44.13 -10.45
CA SER H 286 -42.60 44.26 -9.22
C SER H 286 -43.07 45.50 -8.47
N ILE H 287 -43.67 45.29 -7.30
CA ILE H 287 -44.09 46.38 -6.43
C ILE H 287 -42.97 46.66 -5.43
N ASN H 288 -42.59 47.92 -5.30
CA ASN H 288 -41.49 48.29 -4.43
C ASN H 288 -42.02 48.71 -3.06
N ASP H 289 -41.10 49.13 -2.18
CA ASP H 289 -41.49 49.56 -0.84
C ASP H 289 -42.30 50.85 -0.89
N LYS H 290 -42.06 51.68 -1.91
CA LYS H 290 -42.74 52.96 -2.01
C LYS H 290 -44.07 52.85 -2.76
N GLY H 291 -44.48 51.62 -3.05
CA GLY H 291 -45.77 51.40 -3.68
C GLY H 291 -45.77 51.53 -5.19
N VAL H 292 -44.94 52.43 -5.72
CA VAL H 292 -44.89 52.69 -7.16
C VAL H 292 -44.56 51.42 -7.92
N LEU H 293 -45.33 51.14 -8.96
CA LEU H 293 -45.13 49.94 -9.76
C LEU H 293 -43.86 50.03 -10.59
N THR H 294 -43.16 48.91 -10.74
CA THR H 294 -41.90 48.83 -11.49
C THR H 294 -41.98 47.77 -12.59
N ILE H 295 -43.05 47.77 -13.38
CA ILE H 295 -43.28 46.78 -14.42
C ILE H 295 -42.06 46.71 -15.34
N THR H 296 -41.56 45.50 -15.56
CA THR H 296 -40.38 45.27 -16.39
C THR H 296 -40.71 44.24 -17.45
N SER H 297 -40.27 44.52 -18.68
CA SER H 297 -40.46 43.62 -19.81
C SER H 297 -39.26 42.71 -19.97
N ALA H 298 -39.50 41.58 -20.62
CA ALA H 298 -38.46 40.56 -20.78
C ALA H 298 -37.46 40.96 -21.86
N THR H 299 -37.95 41.17 -23.09
CA THR H 299 -37.07 41.43 -24.23
C THR H 299 -37.52 42.68 -25.01
N GLY H 300 -38.12 43.61 -24.28
CA GLY H 300 -38.55 44.86 -24.87
C GLY H 300 -39.76 44.72 -25.79
N GLU H 301 -40.92 44.43 -25.20
CA GLU H 301 -42.15 44.25 -25.96
C GLU H 301 -42.80 45.58 -26.31
N ASN H 302 -44.06 45.54 -26.73
CA ASN H 302 -44.77 46.74 -27.16
C ASN H 302 -46.08 46.88 -26.38
N VAL H 303 -45.99 46.76 -25.06
CA VAL H 303 -47.15 46.75 -24.17
C VAL H 303 -48.10 47.90 -24.50
N LYS H 304 -49.40 47.60 -24.56
CA LYS H 304 -50.41 48.56 -24.91
C LYS H 304 -51.43 48.66 -23.77
N PHE H 305 -52.27 49.69 -23.81
CA PHE H 305 -53.27 49.90 -22.76
C PHE H 305 -54.60 50.19 -23.43
N GLY H 306 -55.66 49.52 -22.98
CA GLY H 306 -56.96 49.67 -23.59
C GLY H 306 -57.68 50.93 -23.15
N ALA H 307 -59.01 50.86 -23.05
CA ALA H 307 -59.83 51.99 -22.67
C ALA H 307 -60.48 51.72 -21.32
N GLN H 308 -61.06 52.78 -20.74
CA GLN H 308 -61.71 52.70 -19.43
C GLN H 308 -63.09 52.04 -19.57
N THR H 309 -63.07 50.71 -19.59
CA THR H 309 -64.32 49.97 -19.73
C THR H 309 -65.13 49.95 -18.43
N GLY H 310 -64.51 50.34 -17.32
CA GLY H 310 -65.18 50.32 -16.04
C GLY H 310 -66.22 51.43 -15.92
N THR H 311 -66.70 51.59 -14.70
CA THR H 311 -67.73 52.57 -14.39
C THR H 311 -67.20 53.81 -13.68
N ALA H 312 -65.89 53.91 -13.47
CA ALA H 312 -65.29 55.05 -12.78
C ALA H 312 -65.57 56.35 -13.51
N THR H 313 -66.08 57.33 -12.78
CA THR H 313 -66.36 58.65 -13.34
C THR H 313 -65.07 59.38 -13.65
N ALA H 314 -64.20 59.51 -12.66
CA ALA H 314 -62.92 60.19 -12.79
C ALA H 314 -61.80 59.23 -12.42
N GLY H 315 -60.57 59.72 -12.52
CA GLY H 315 -59.39 58.94 -12.21
C GLY H 315 -58.64 58.52 -13.47
N GLN H 316 -57.34 58.27 -13.27
CA GLN H 316 -56.47 57.90 -14.37
C GLN H 316 -55.16 57.32 -13.87
N VAL H 317 -54.32 56.84 -14.80
CA VAL H 317 -53.00 56.32 -14.48
C VAL H 317 -52.01 56.90 -15.49
N ALA H 318 -50.80 57.20 -15.02
CA ALA H 318 -49.75 57.77 -15.84
C ALA H 318 -48.59 56.79 -15.95
N VAL H 319 -47.62 57.13 -16.80
CA VAL H 319 -46.44 56.29 -17.01
C VAL H 319 -45.21 57.20 -17.03
N LYS H 320 -44.07 56.62 -16.63
CA LYS H 320 -42.81 57.34 -16.62
C LYS H 320 -41.69 56.51 -17.27
N VAL H 321 -41.94 55.98 -18.48
CA VAL H 321 -41.07 55.00 -19.13
C VAL H 321 -39.62 55.46 -19.10
N GLN H 322 -38.74 54.62 -18.54
CA GLN H 322 -37.33 54.98 -18.46
C GLN H 322 -36.60 54.55 -19.72
N GLY H 323 -35.40 55.08 -19.89
CA GLY H 323 -34.58 54.76 -21.05
C GLY H 323 -33.20 54.24 -20.65
N SER H 324 -32.24 54.36 -21.57
CA SER H 324 -30.87 53.95 -21.27
C SER H 324 -30.26 54.82 -20.18
N ASP H 325 -30.76 56.05 -20.04
CA ASP H 325 -30.26 56.94 -19.00
C ASP H 325 -30.62 56.47 -17.61
N GLY H 326 -31.63 55.61 -17.47
CA GLY H 326 -31.99 55.06 -16.18
C GLY H 326 -33.04 55.86 -15.44
N LYS H 327 -32.94 57.18 -15.48
CA LYS H 327 -33.89 58.03 -14.76
C LYS H 327 -35.25 58.05 -15.45
N PHE H 328 -36.31 57.79 -14.68
CA PHE H 328 -37.66 57.82 -15.19
C PHE H 328 -38.05 59.25 -15.57
N GLU H 329 -38.81 59.40 -16.67
CA GLU H 329 -39.25 60.72 -17.11
C GLU H 329 -40.10 61.40 -16.04
N ALA H 330 -39.82 62.68 -15.79
CA ALA H 330 -40.54 63.45 -14.79
C ALA H 330 -41.98 63.71 -15.22
N ALA H 331 -42.28 63.47 -16.50
CA ALA H 331 -43.61 63.72 -17.04
C ALA H 331 -44.63 62.73 -16.48
N ALA H 332 -45.92 62.99 -16.73
CA ALA H 332 -46.98 62.12 -16.23
C ALA H 332 -47.99 61.80 -17.32
N LYS H 333 -47.53 61.40 -18.50
CA LYS H 333 -48.38 61.14 -19.65
C LYS H 333 -49.47 60.12 -19.34
N ASN H 334 -50.73 60.53 -19.56
CA ASN H 334 -51.87 59.67 -19.26
C ASN H 334 -51.99 58.57 -20.32
N VAL H 335 -52.23 57.34 -19.84
CA VAL H 335 -52.45 56.21 -20.74
C VAL H 335 -53.91 55.74 -20.61
N VAL H 336 -54.34 55.48 -19.38
CA VAL H 336 -55.73 55.10 -19.15
C VAL H 336 -56.40 56.16 -18.27
N ALA H 337 -57.54 56.68 -18.72
CA ALA H 337 -58.23 57.72 -18.01
C ALA H 337 -59.73 57.48 -18.09
N ALA H 338 -60.44 57.86 -17.02
CA ALA H 338 -61.89 57.75 -17.00
C ALA H 338 -62.51 58.92 -17.75
N GLY H 339 -63.82 58.85 -18.01
CA GLY H 339 -64.50 59.88 -18.79
C GLY H 339 -63.88 60.08 -20.15
N THR H 340 -63.24 61.22 -20.36
CA THR H 340 -62.53 61.50 -21.60
C THR H 340 -61.20 60.76 -21.57
N ALA H 341 -61.10 59.70 -22.36
CA ALA H 341 -59.89 58.89 -22.39
C ALA H 341 -58.74 59.69 -23.02
N ALA H 342 -57.52 59.28 -22.70
CA ALA H 342 -56.33 59.95 -23.22
C ALA H 342 -56.03 59.48 -24.64
N THR H 343 -54.88 59.88 -25.17
CA THR H 343 -54.50 59.50 -26.53
C THR H 343 -53.32 58.52 -26.51
N THR H 344 -52.24 58.90 -25.84
CA THR H 344 -51.05 58.06 -25.76
C THR H 344 -51.34 56.79 -24.98
N THR H 345 -51.39 55.65 -25.68
CA THR H 345 -51.66 54.38 -25.04
C THR H 345 -50.65 53.29 -25.40
N ILE H 346 -49.84 53.49 -26.43
CA ILE H 346 -48.86 52.48 -26.83
C ILE H 346 -47.54 52.75 -26.12
N VAL H 347 -47.37 52.16 -24.94
CA VAL H 347 -46.14 52.31 -24.17
C VAL H 347 -45.04 51.52 -24.85
N THR H 348 -43.93 52.19 -25.18
CA THR H 348 -42.80 51.55 -25.82
C THR H 348 -41.52 52.01 -25.13
N GLY H 349 -40.65 51.07 -24.80
CA GLY H 349 -39.43 51.36 -24.09
C GLY H 349 -38.30 51.79 -25.01
N TYR H 350 -37.10 51.80 -24.46
CA TYR H 350 -35.90 52.21 -25.16
C TYR H 350 -35.31 51.04 -25.95
N VAL H 351 -34.66 51.36 -27.05
CA VAL H 351 -34.08 50.35 -27.94
C VAL H 351 -32.58 50.53 -27.93
N GLN H 352 -32.04 50.94 -26.78
CA GLN H 352 -30.60 51.17 -26.66
C GLN H 352 -29.81 49.94 -27.08
N LEU H 353 -28.97 50.12 -28.10
CA LEU H 353 -28.08 49.09 -28.58
C LEU H 353 -26.65 49.42 -28.20
N ASN H 354 -25.71 48.57 -28.61
CA ASN H 354 -24.31 48.74 -28.27
C ASN H 354 -23.44 48.36 -29.45
N SER H 355 -22.27 49.00 -29.52
CA SER H 355 -21.29 48.74 -30.57
C SER H 355 -19.92 49.24 -30.16
N PRO H 356 -18.88 48.40 -30.22
CA PRO H 356 -17.54 48.88 -29.85
C PRO H 356 -16.96 49.86 -30.85
N THR H 357 -17.11 49.60 -32.14
CA THR H 357 -16.50 50.45 -33.17
C THR H 357 -17.30 51.73 -33.32
N ALA H 358 -16.91 52.55 -34.30
CA ALA H 358 -17.56 53.83 -34.55
C ALA H 358 -18.72 53.64 -35.51
N TYR H 359 -19.92 54.05 -35.07
CA TYR H 359 -21.13 53.93 -35.86
C TYR H 359 -21.63 55.32 -36.26
N SER H 360 -22.77 55.33 -36.95
CA SER H 360 -23.43 56.59 -37.30
C SER H 360 -24.88 56.28 -37.63
N VAL H 361 -25.81 56.80 -36.83
CA VAL H 361 -27.23 56.55 -37.00
C VAL H 361 -27.90 57.83 -37.50
N SER H 362 -28.67 57.70 -38.57
CA SER H 362 -29.40 58.83 -39.15
C SER H 362 -30.74 58.34 -39.66
N GLY H 363 -31.56 59.27 -40.13
CA GLY H 363 -32.87 58.95 -40.67
C GLY H 363 -33.61 60.15 -41.20
N THR H 364 -34.35 59.96 -42.29
CA THR H 364 -35.12 61.06 -42.88
C THR H 364 -36.30 61.42 -42.00
N GLY H 365 -36.48 62.72 -41.78
CA GLY H 365 -37.59 63.21 -40.98
C GLY H 365 -37.53 62.79 -39.53
N THR H 366 -38.63 62.26 -39.01
CA THR H 366 -38.71 61.85 -37.61
C THR H 366 -38.45 60.37 -37.40
N GLN H 367 -38.15 59.63 -38.47
CA GLN H 367 -37.89 58.20 -38.38
C GLN H 367 -36.74 57.90 -37.43
N ALA H 368 -35.75 58.79 -37.39
CA ALA H 368 -34.62 58.61 -36.48
C ALA H 368 -34.90 59.22 -35.12
N SER H 369 -35.52 60.40 -35.09
CA SER H 369 -35.77 61.11 -33.84
C SER H 369 -36.73 60.34 -32.93
N GLN H 370 -37.66 59.58 -33.53
CA GLN H 370 -38.62 58.83 -32.73
C GLN H 370 -37.96 57.75 -31.90
N VAL H 371 -36.77 57.30 -32.29
CA VAL H 371 -36.07 56.24 -31.60
C VAL H 371 -34.79 56.72 -30.94
N PHE H 372 -34.03 57.58 -31.61
CA PHE H 372 -32.72 58.00 -31.13
C PHE H 372 -32.70 59.48 -30.75
N GLY H 373 -33.71 60.22 -31.18
CA GLY H 373 -33.74 61.63 -30.87
C GLY H 373 -32.65 62.40 -31.60
N ASN H 374 -31.97 63.27 -30.84
CA ASN H 374 -30.95 64.13 -31.42
C ASN H 374 -29.66 63.38 -31.72
N ALA H 375 -29.56 62.14 -31.24
CA ALA H 375 -28.39 61.28 -31.45
C ALA H 375 -27.97 61.29 -32.92
N SER H 376 -26.72 61.68 -33.18
CA SER H 376 -26.29 61.88 -34.55
C SER H 376 -25.23 60.87 -34.99
N ALA H 377 -24.09 60.83 -34.31
CA ALA H 377 -23.03 59.95 -34.79
C ALA H 377 -22.69 58.82 -33.83
N ALA H 378 -22.25 59.17 -32.62
CA ALA H 378 -21.70 58.19 -31.69
C ALA H 378 -21.36 58.87 -30.38
N GLN H 379 -20.88 58.07 -29.43
CA GLN H 379 -20.24 58.54 -28.21
C GLN H 379 -19.02 57.68 -27.94
N LYS H 380 -18.43 57.79 -26.77
CA LYS H 380 -17.27 56.96 -26.42
C LYS H 380 -17.51 56.23 -25.12
N SER H 381 -18.33 56.82 -24.24
CA SER H 381 -18.73 56.29 -22.94
C SER H 381 -17.59 56.35 -21.93
N SER H 382 -16.37 56.62 -22.40
CA SER H 382 -15.25 57.05 -21.57
C SER H 382 -15.18 56.33 -20.23
N VAL H 383 -14.97 55.01 -20.24
CA VAL H 383 -15.30 54.22 -19.07
C VAL H 383 -14.31 54.50 -17.94
N ALA H 384 -14.69 55.43 -17.07
CA ALA H 384 -14.06 55.67 -15.79
C ALA H 384 -15.17 55.85 -14.76
N SER H 385 -16.36 56.18 -15.26
CA SER H 385 -17.62 56.43 -14.57
C SER H 385 -18.37 55.15 -14.26
N VAL H 386 -17.63 54.04 -14.14
CA VAL H 386 -18.16 52.71 -13.92
C VAL H 386 -19.30 52.73 -12.91
N ASP H 387 -19.07 53.39 -11.77
CA ASP H 387 -20.05 53.47 -10.69
C ASP H 387 -20.53 52.06 -10.36
N ILE H 388 -19.60 51.20 -9.96
CA ILE H 388 -19.92 49.80 -9.73
C ILE H 388 -20.76 49.62 -8.48
N SER H 389 -20.91 50.68 -7.68
CA SER H 389 -21.71 50.63 -6.47
C SER H 389 -23.17 50.36 -6.78
N THR H 390 -23.76 51.14 -7.68
CA THR H 390 -25.18 51.03 -7.98
C THR H 390 -25.40 49.93 -9.02
N ALA H 391 -26.60 49.32 -8.97
CA ALA H 391 -26.93 48.19 -9.83
C ALA H 391 -26.90 48.58 -11.32
N ASP H 392 -27.73 49.54 -11.71
CA ASP H 392 -27.80 49.98 -13.10
C ASP H 392 -26.41 50.39 -13.61
N GLY H 393 -25.65 51.07 -12.76
CA GLY H 393 -24.28 51.40 -13.06
C GLY H 393 -23.45 50.16 -13.33
N ALA H 394 -23.67 49.11 -12.55
CA ALA H 394 -22.94 47.85 -12.72
C ALA H 394 -23.30 47.19 -14.06
N GLN H 395 -24.57 47.19 -14.43
CA GLN H 395 -24.97 46.60 -15.70
C GLN H 395 -24.41 47.39 -16.88
N ASN H 396 -24.47 48.72 -16.80
CA ASN H 396 -23.85 49.55 -17.82
C ASN H 396 -22.35 49.27 -17.89
N ALA H 397 -21.73 49.01 -16.74
CA ALA H 397 -20.31 48.68 -16.70
C ALA H 397 -20.04 47.37 -17.43
N ILE H 398 -20.86 46.36 -17.18
CA ILE H 398 -20.72 45.07 -17.87
C ILE H 398 -20.83 45.30 -19.36
N ALA H 399 -21.80 46.12 -19.78
CA ALA H 399 -21.97 46.40 -21.21
C ALA H 399 -20.74 47.06 -21.81
N VAL H 400 -20.22 48.09 -21.14
CA VAL H 400 -19.12 48.84 -21.73
C VAL H 400 -17.85 48.01 -21.73
N VAL H 401 -17.68 47.15 -20.72
CA VAL H 401 -16.46 46.33 -20.72
C VAL H 401 -16.58 45.22 -21.75
N ASP H 402 -17.79 44.72 -22.00
CA ASP H 402 -17.99 43.77 -23.08
C ASP H 402 -17.60 44.39 -24.42
N ASN H 403 -18.09 45.60 -24.68
CA ASN H 403 -17.70 46.28 -25.92
C ASN H 403 -16.21 46.58 -25.96
N ALA H 404 -15.62 46.92 -24.82
CA ALA H 404 -14.19 47.21 -24.76
C ALA H 404 -13.37 45.98 -25.13
N LEU H 405 -13.71 44.83 -24.55
CA LEU H 405 -12.98 43.61 -24.89
C LEU H 405 -13.27 43.17 -26.32
N ALA H 406 -14.45 43.51 -26.85
CA ALA H 406 -14.70 43.29 -28.27
C ALA H 406 -13.70 44.06 -29.12
N ALA H 407 -13.53 45.35 -28.83
CA ALA H 407 -12.54 46.14 -29.55
C ALA H 407 -11.13 45.60 -29.33
N ILE H 408 -10.85 45.11 -28.13
CA ILE H 408 -9.50 44.64 -27.80
C ILE H 408 -9.17 43.38 -28.60
N ASP H 409 -10.10 42.42 -28.67
CA ASP H 409 -9.79 41.22 -29.42
C ASP H 409 -9.86 41.48 -30.92
N ALA H 410 -10.61 42.50 -31.34
CA ALA H 410 -10.51 42.94 -32.73
C ALA H 410 -9.10 43.42 -33.04
N GLN H 411 -8.54 44.23 -32.14
CA GLN H 411 -7.15 44.66 -32.32
C GLN H 411 -6.18 43.49 -32.26
N ARG H 412 -6.49 42.50 -31.41
CA ARG H 412 -5.63 41.31 -31.33
C ARG H 412 -5.66 40.52 -32.62
N ALA H 413 -6.84 40.42 -33.25
CA ALA H 413 -6.93 39.74 -34.54
C ALA H 413 -6.21 40.52 -35.62
N ASP H 414 -6.27 41.85 -35.55
CA ASP H 414 -5.49 42.68 -36.47
C ASP H 414 -4.00 42.38 -36.33
N LEU H 415 -3.49 42.37 -35.08
CA LEU H 415 -2.10 42.07 -34.84
C LEU H 415 -1.74 40.66 -35.28
N ALA H 416 -2.67 39.72 -35.12
CA ALA H 416 -2.47 38.36 -35.62
C ALA H 416 -2.28 38.36 -37.13
N ALA H 417 -3.10 39.14 -37.83
CA ALA H 417 -2.94 39.28 -39.27
C ALA H 417 -1.56 39.85 -39.60
N VAL H 418 -1.14 40.87 -38.84
CA VAL H 418 0.17 41.48 -39.09
C VAL H 418 1.29 40.45 -38.94
N GLN H 419 1.23 39.66 -37.85
CA GLN H 419 2.30 38.69 -37.62
C GLN H 419 2.28 37.53 -38.61
N ASN H 420 1.09 37.06 -39.00
CA ASN H 420 1.01 36.04 -40.03
C ASN H 420 1.58 36.54 -41.35
N ARG H 421 1.21 37.77 -41.72
CA ARG H 421 1.77 38.38 -42.92
C ARG H 421 3.29 38.52 -42.80
N PHE H 422 3.78 38.82 -41.60
CA PHE H 422 5.23 38.94 -41.40
C PHE H 422 5.93 37.61 -41.63
N LYS H 423 5.39 36.52 -41.07
CA LYS H 423 6.07 35.23 -41.26
C LYS H 423 5.98 34.77 -42.70
N ASN H 424 4.84 35.00 -43.36
CA ASN H 424 4.73 34.64 -44.77
C ASN H 424 5.73 35.44 -45.61
N THR H 425 5.82 36.74 -45.34
CA THR H 425 6.72 37.60 -46.09
C THR H 425 8.18 37.26 -45.82
N ILE H 426 8.50 36.86 -44.58
CA ILE H 426 9.90 36.55 -44.27
C ILE H 426 10.30 35.21 -44.89
N ASP H 427 9.36 34.26 -44.97
CA ASP H 427 9.66 33.02 -45.68
C ASP H 427 9.87 33.29 -47.17
N ASN H 428 8.95 34.04 -47.79
CA ASN H 428 9.14 34.42 -49.19
C ASN H 428 10.46 35.17 -49.37
N LEU H 429 10.82 36.00 -48.39
CA LEU H 429 12.00 36.85 -48.51
C LEU H 429 13.27 36.04 -48.43
N THR H 430 13.36 35.11 -47.48
CA THR H 430 14.56 34.28 -47.39
C THR H 430 14.66 33.34 -48.59
N ASN H 431 13.51 32.89 -49.11
CA ASN H 431 13.55 32.06 -50.32
C ASN H 431 14.11 32.84 -51.50
N ILE H 432 13.56 34.04 -51.74
CA ILE H 432 14.05 34.86 -52.84
C ILE H 432 15.51 35.25 -52.63
N SER H 433 15.90 35.48 -51.38
CA SER H 433 17.28 35.87 -51.10
C SER H 433 18.25 34.74 -51.42
N GLU H 434 17.92 33.51 -51.01
CA GLU H 434 18.81 32.39 -51.31
C GLU H 434 18.79 32.05 -52.79
N ASN H 435 17.66 32.27 -53.48
CA ASN H 435 17.64 32.04 -54.91
C ASN H 435 18.50 33.07 -55.65
N ALA H 436 18.43 34.33 -55.22
CA ALA H 436 19.31 35.34 -55.79
C ALA H 436 20.76 35.06 -55.44
N THR H 437 21.02 34.46 -54.27
CA THR H 437 22.38 34.09 -53.93
C THR H 437 22.89 32.98 -54.83
N ASN H 438 22.04 32.00 -55.14
CA ASN H 438 22.43 30.96 -56.08
C ASN H 438 22.66 31.53 -57.47
N ALA H 439 21.86 32.52 -57.86
CA ALA H 439 22.10 33.21 -59.13
C ALA H 439 23.44 33.93 -59.12
N ARG H 440 23.74 34.63 -58.04
CA ARG H 440 25.02 35.30 -57.90
C ARG H 440 26.17 34.31 -57.94
N SER H 441 25.96 33.10 -57.41
CA SER H 441 26.99 32.07 -57.50
C SER H 441 27.17 31.61 -58.94
N ARG H 442 26.07 31.26 -59.61
CA ARG H 442 26.16 30.80 -60.99
C ARG H 442 26.73 31.85 -61.93
N ILE H 443 26.62 33.13 -61.57
CA ILE H 443 27.14 34.18 -62.43
C ILE H 443 28.52 34.69 -62.01
N LYS H 444 28.93 34.45 -60.75
CA LYS H 444 30.17 34.99 -60.21
C LYS H 444 31.13 33.93 -59.68
N ASP H 445 30.62 32.93 -58.97
CA ASP H 445 31.48 31.87 -58.43
C ASP H 445 32.21 31.17 -59.56
N THR H 446 33.54 31.20 -59.51
CA THR H 446 34.34 30.54 -60.52
C THR H 446 34.18 29.03 -60.40
N ASP H 447 33.83 28.39 -61.51
CA ASP H 447 33.84 26.93 -61.59
C ASP H 447 35.28 26.46 -61.82
N PHE H 448 36.09 26.65 -60.78
CA PHE H 448 37.55 26.49 -60.87
C PHE H 448 37.97 25.07 -61.20
N ALA H 449 37.04 24.14 -61.38
CA ALA H 449 37.38 22.86 -61.99
C ALA H 449 37.98 23.04 -63.38
N ALA H 450 37.70 24.18 -64.03
CA ALA H 450 38.33 24.52 -65.30
C ALA H 450 39.47 25.52 -65.15
N GLU H 451 39.34 26.50 -64.25
CA GLU H 451 40.42 27.46 -64.04
C GLU H 451 41.66 26.85 -63.41
N THR H 452 41.52 25.75 -62.67
CA THR H 452 42.72 25.08 -62.17
C THR H 452 43.49 24.42 -63.31
N ALA H 453 42.79 23.74 -64.21
CA ALA H 453 43.43 23.18 -65.40
C ALA H 453 44.00 24.29 -66.28
N ALA H 454 43.32 25.44 -66.33
CA ALA H 454 43.82 26.57 -67.11
C ALA H 454 45.10 27.12 -66.50
N LEU H 455 45.14 27.21 -65.16
CA LEU H 455 46.36 27.63 -64.48
C LEU H 455 47.51 26.67 -64.76
N SER H 456 47.24 25.37 -64.67
CA SER H 456 48.27 24.37 -64.97
C SER H 456 48.77 24.52 -66.41
N LYS H 457 47.84 24.62 -67.37
CA LYS H 457 48.21 24.79 -68.76
C LYS H 457 49.03 26.06 -68.97
N ASN H 458 48.64 27.16 -68.34
CA ASN H 458 49.37 28.41 -68.50
C ASN H 458 50.78 28.32 -67.92
N GLN H 459 50.92 27.62 -66.79
CA GLN H 459 52.24 27.40 -66.24
C GLN H 459 53.08 26.54 -67.19
N VAL H 460 52.45 25.56 -67.83
CA VAL H 460 53.14 24.75 -68.83
C VAL H 460 53.64 25.63 -69.97
N LEU H 461 52.78 26.52 -70.48
CA LEU H 461 53.20 27.40 -71.57
C LEU H 461 54.29 28.35 -71.12
N GLN H 462 54.24 28.82 -69.88
CA GLN H 462 55.28 29.72 -69.37
C GLN H 462 56.63 29.00 -69.34
N GLN H 463 56.67 27.80 -68.74
CA GLN H 463 57.91 27.05 -68.69
C GLN H 463 58.41 26.70 -70.09
N ALA H 464 57.49 26.31 -70.97
CA ALA H 464 57.86 25.98 -72.34
C ALA H 464 58.46 27.18 -73.05
N GLY H 465 57.85 28.36 -72.86
CA GLY H 465 58.39 29.56 -73.47
C GLY H 465 59.76 29.94 -72.95
N THR H 466 59.96 29.79 -71.63
CA THR H 466 61.29 30.04 -71.07
C THR H 466 62.32 29.10 -71.68
N ALA H 467 61.98 27.81 -71.80
CA ALA H 467 62.90 26.86 -72.40
C ALA H 467 63.14 27.17 -73.87
N ILE H 468 62.11 27.61 -74.59
CA ILE H 468 62.25 27.92 -76.00
C ILE H 468 63.15 29.13 -76.20
N LEU H 469 63.00 30.16 -75.36
CA LEU H 469 63.93 31.28 -75.41
C LEU H 469 65.35 30.84 -75.11
N ALA H 470 65.54 30.02 -74.06
CA ALA H 470 66.87 29.55 -73.72
C ALA H 470 67.49 28.75 -74.85
N GLN H 471 66.67 28.04 -75.63
CA GLN H 471 67.19 27.24 -76.73
C GLN H 471 67.45 28.10 -77.97
N ALA H 472 66.60 29.09 -78.22
CA ALA H 472 66.70 29.86 -79.46
C ALA H 472 67.75 30.95 -79.38
N ASN H 473 67.99 31.50 -78.20
CA ASN H 473 68.96 32.58 -78.07
C ASN H 473 70.38 32.07 -78.32
N GLN H 474 70.56 30.75 -78.35
CA GLN H 474 71.86 30.17 -78.62
C GLN H 474 72.11 29.92 -80.11
N LEU H 475 71.10 30.10 -80.96
CA LEU H 475 71.28 29.88 -82.39
C LEU H 475 72.28 30.85 -83.00
N PRO H 476 72.15 32.18 -82.83
CA PRO H 476 73.16 33.08 -83.43
C PRO H 476 74.55 32.84 -82.88
N GLN H 477 74.68 32.57 -81.58
CA GLN H 477 75.99 32.26 -81.01
C GLN H 477 76.63 31.09 -81.74
N ALA H 478 75.90 29.99 -81.86
CA ALA H 478 76.45 28.80 -82.49
C ALA H 478 76.82 29.07 -83.95
N VAL H 479 75.92 29.70 -84.71
CA VAL H 479 76.17 29.85 -86.14
C VAL H 479 77.34 30.80 -86.39
N LEU H 480 77.44 31.88 -85.60
CA LEU H 480 78.57 32.78 -85.78
C LEU H 480 79.88 32.18 -85.29
N SER H 481 79.87 31.45 -84.17
CA SER H 481 81.11 30.89 -83.66
C SER H 481 81.61 29.76 -84.54
N LEU H 482 80.71 29.06 -85.22
CA LEU H 482 81.13 27.94 -86.06
C LEU H 482 81.44 28.37 -87.49
N LEU H 483 80.73 29.37 -88.02
CA LEU H 483 80.92 29.79 -89.40
C LEU H 483 82.16 30.67 -89.58
N ARG H 484 82.57 31.40 -88.55
CA ARG H 484 83.72 32.27 -88.65
C ARG H 484 85.00 31.54 -88.29
N VAL I 1 111.86 45.59 -123.41
CA VAL I 1 110.70 46.15 -122.74
C VAL I 1 111.05 46.45 -121.28
N ASN I 2 111.45 47.70 -121.02
CA ASN I 2 111.87 48.09 -119.67
C ASN I 2 111.26 49.38 -119.16
N THR I 3 110.77 50.27 -120.01
CA THR I 3 110.26 51.56 -119.53
C THR I 3 108.95 51.43 -118.77
N ASN I 4 108.14 50.41 -119.05
CA ASN I 4 106.88 50.18 -118.36
C ASN I 4 106.60 48.69 -118.34
N ILE I 5 105.67 48.29 -117.48
CA ILE I 5 105.23 46.92 -117.35
C ILE I 5 103.71 46.89 -117.50
N ALA I 6 103.21 45.97 -118.31
CA ALA I 6 101.76 45.86 -118.50
C ALA I 6 101.05 45.24 -117.31
N SER I 7 101.74 45.04 -116.19
CA SER I 7 101.16 44.38 -115.02
C SER I 7 100.15 45.25 -114.28
N LEU I 8 99.90 46.48 -114.73
CA LEU I 8 98.96 47.36 -114.03
C LEU I 8 97.54 46.81 -113.98
N ASN I 9 97.21 45.84 -114.83
CA ASN I 9 95.93 45.15 -114.68
C ASN I 9 95.86 44.45 -113.34
N THR I 10 96.98 43.89 -112.88
CA THR I 10 97.01 43.28 -111.55
C THR I 10 96.83 44.33 -110.46
N GLN I 11 97.41 45.52 -110.66
CA GLN I 11 97.21 46.60 -109.70
C GLN I 11 95.74 46.99 -109.62
N ARG I 12 95.09 47.17 -110.77
CA ARG I 12 93.67 47.51 -110.77
C ARG I 12 92.84 46.42 -110.10
N ASN I 13 93.15 45.16 -110.39
CA ASN I 13 92.43 44.05 -109.77
C ASN I 13 92.63 44.03 -108.27
N LEU I 14 93.85 44.26 -107.78
CA LEU I 14 94.07 44.22 -106.34
C LEU I 14 93.41 45.41 -105.64
N ASN I 15 93.40 46.57 -106.27
CA ASN I 15 92.66 47.70 -105.70
C ASN I 15 91.18 47.38 -105.60
N ALA I 16 90.60 46.83 -106.67
CA ALA I 16 89.18 46.48 -106.64
C ALA I 16 88.90 45.45 -105.55
N SER I 17 89.73 44.41 -105.46
CA SER I 17 89.48 43.36 -104.47
C SER I 17 89.65 43.89 -103.05
N SER I 18 90.55 44.85 -102.84
CA SER I 18 90.67 45.47 -101.53
C SER I 18 89.43 46.29 -101.20
N ASN I 19 88.86 46.96 -102.21
CA ASN I 19 87.60 47.66 -101.99
C ASN I 19 86.49 46.69 -101.57
N ASP I 20 86.37 45.57 -102.29
CA ASP I 20 85.35 44.58 -101.91
C ASP I 20 85.62 44.01 -100.52
N LEU I 21 86.90 43.84 -100.17
CA LEU I 21 87.23 43.37 -98.82
C LEU I 21 86.78 44.37 -97.76
N ASN I 22 87.05 45.65 -97.99
CA ASN I 22 86.62 46.67 -97.03
C ASN I 22 85.11 46.68 -96.89
N THR I 23 84.39 46.59 -98.01
CA THR I 23 82.93 46.57 -97.95
C THR I 23 82.42 45.35 -97.19
N SER I 24 83.00 44.17 -97.46
CA SER I 24 82.53 42.96 -96.80
C SER I 24 82.86 42.97 -95.32
N LEU I 25 84.03 43.51 -94.96
CA LEU I 25 84.38 43.63 -93.55
C LEU I 25 83.43 44.58 -92.82
N GLN I 26 83.09 45.71 -93.46
CA GLN I 26 82.12 46.63 -92.88
C GLN I 26 80.78 45.95 -92.70
N ARG I 27 80.34 45.19 -93.71
CA ARG I 27 79.06 44.49 -93.64
C ARG I 27 79.05 43.49 -92.48
N LEU I 28 80.12 42.71 -92.36
CA LEU I 28 80.16 41.69 -91.31
C LEU I 28 80.28 42.30 -89.92
N THR I 29 80.96 43.44 -89.81
CA THR I 29 81.08 44.09 -88.51
C THR I 29 79.78 44.79 -88.10
N THR I 30 79.00 45.25 -89.08
CA THR I 30 77.71 45.86 -88.77
C THR I 30 76.55 44.89 -88.87
N GLY I 31 76.77 43.71 -89.45
CA GLY I 31 75.68 42.76 -89.65
C GLY I 31 74.65 43.18 -90.66
N TYR I 32 74.90 44.23 -91.43
CA TYR I 32 73.95 44.77 -92.38
C TYR I 32 74.49 44.53 -93.79
N ARG I 33 73.67 43.94 -94.66
CA ARG I 33 74.08 43.72 -96.05
C ARG I 33 74.30 45.04 -96.75
N ILE I 34 73.41 46.02 -96.52
CA ILE I 34 73.62 47.36 -97.04
C ILE I 34 74.11 48.26 -95.91
N ASN I 35 75.17 49.01 -96.19
CA ASN I 35 75.72 49.90 -95.18
C ASN I 35 74.85 51.15 -95.02
N SER I 36 75.09 51.89 -93.94
CA SER I 36 74.42 53.17 -93.75
C SER I 36 74.83 54.19 -94.81
N ALA I 37 75.76 53.84 -95.69
CA ALA I 37 76.20 54.74 -96.74
C ALA I 37 75.14 54.85 -97.83
N LYS I 38 75.49 55.55 -98.92
CA LYS I 38 74.53 55.80 -99.99
C LYS I 38 74.22 54.54 -100.79
N ASP I 39 74.95 53.45 -100.55
CA ASP I 39 74.73 52.22 -101.28
C ASP I 39 73.32 51.70 -101.05
N ASP I 40 72.62 51.38 -102.15
CA ASP I 40 71.24 50.91 -102.13
C ASP I 40 70.34 51.94 -101.42
N ALA I 41 70.26 53.11 -102.05
CA ALA I 41 69.50 54.22 -101.48
C ALA I 41 68.04 53.85 -101.24
N ALA I 42 67.46 53.05 -102.13
CA ALA I 42 66.07 52.61 -101.92
C ALA I 42 65.97 51.70 -100.69
N GLY I 43 66.89 50.73 -100.58
CA GLY I 43 66.92 49.89 -99.40
C GLY I 43 67.19 50.68 -98.13
N LEU I 44 68.05 51.69 -98.22
CA LEU I 44 68.34 52.53 -97.07
C LEU I 44 67.10 53.32 -96.65
N GLN I 45 66.34 53.84 -97.63
CA GLN I 45 65.12 54.56 -97.33
C GLN I 45 64.09 53.63 -96.67
N ILE I 46 63.96 52.41 -97.20
CA ILE I 46 63.04 51.45 -96.62
C ILE I 46 63.45 51.12 -95.19
N SER I 47 64.76 50.94 -94.96
CA SER I 47 65.24 50.63 -93.62
C SER I 47 64.97 51.78 -92.64
N ASN I 48 65.19 53.01 -93.10
CA ASN I 48 64.94 54.17 -92.25
C ASN I 48 63.46 54.28 -91.90
N ARG I 49 62.60 54.08 -92.90
CA ARG I 49 61.15 54.11 -92.65
C ARG I 49 60.75 53.02 -91.67
N LEU I 50 61.30 51.80 -91.84
CA LEU I 50 60.93 50.71 -90.94
C LEU I 50 61.44 50.95 -89.53
N SER I 51 62.62 51.58 -89.40
CA SER I 51 63.12 51.91 -88.07
C SER I 51 62.25 52.95 -87.39
N ASN I 52 61.83 53.97 -88.14
CA ASN I 52 60.89 54.95 -87.59
C ASN I 52 59.60 54.26 -87.18
N GLN I 53 59.11 53.33 -88.00
CA GLN I 53 57.88 52.62 -87.68
C GLN I 53 58.02 51.81 -86.38
N ILE I 54 59.11 51.07 -86.24
CA ILE I 54 59.26 50.21 -85.06
C ILE I 54 59.48 51.08 -83.81
N SER I 55 60.16 52.21 -83.97
CA SER I 55 60.28 53.14 -82.85
C SER I 55 58.92 53.65 -82.40
N GLY I 56 58.09 54.09 -83.35
CA GLY I 56 56.74 54.51 -83.02
C GLY I 56 55.93 53.40 -82.40
N LEU I 57 56.11 52.18 -82.90
CA LEU I 57 55.36 51.04 -82.37
C LEU I 57 55.73 50.75 -80.93
N ASN I 58 57.02 50.77 -80.58
CA ASN I 58 57.40 50.46 -79.21
C ASN I 58 57.00 51.59 -78.26
N VAL I 59 57.17 52.86 -78.69
CA VAL I 59 56.73 53.94 -77.81
C VAL I 59 55.20 53.91 -77.66
N ALA I 60 54.48 53.43 -78.68
CA ALA I 60 53.04 53.31 -78.56
C ALA I 60 52.64 52.17 -77.63
N THR I 61 53.39 51.07 -77.66
CA THR I 61 53.15 50.01 -76.68
C THR I 61 53.39 50.52 -75.26
N ARG I 62 54.42 51.34 -75.07
CA ARG I 62 54.67 51.91 -73.75
C ARG I 62 53.52 52.83 -73.33
N ASN I 63 53.06 53.69 -74.23
CA ASN I 63 51.94 54.57 -73.92
C ASN I 63 50.68 53.76 -73.63
N ALA I 64 50.49 52.65 -74.34
CA ALA I 64 49.32 51.82 -74.12
C ALA I 64 49.39 51.13 -72.76
N ASN I 65 50.57 50.68 -72.35
CA ASN I 65 50.72 50.11 -71.02
C ASN I 65 50.46 51.15 -69.94
N ASP I 66 50.93 52.37 -70.16
CA ASP I 66 50.65 53.45 -69.22
C ASP I 66 49.15 53.70 -69.12
N GLY I 67 48.46 53.74 -70.26
CA GLY I 67 47.02 53.93 -70.23
C GLY I 67 46.28 52.78 -69.58
N ILE I 68 46.77 51.55 -69.78
CA ILE I 68 46.17 50.39 -69.13
C ILE I 68 46.31 50.51 -67.62
N SER I 69 47.48 50.92 -67.14
CA SER I 69 47.67 51.09 -65.70
C SER I 69 46.78 52.20 -65.16
N LEU I 70 46.66 53.31 -65.89
CA LEU I 70 45.80 54.41 -65.47
C LEU I 70 44.35 53.95 -65.36
N ALA I 71 43.85 53.28 -66.39
CA ALA I 71 42.50 52.74 -66.35
C ALA I 71 42.34 51.69 -65.27
N GLN I 72 43.41 50.98 -64.90
CA GLN I 72 43.32 50.01 -63.82
C GLN I 72 43.13 50.72 -62.48
N THR I 73 43.89 51.79 -62.23
CA THR I 73 43.66 52.60 -61.03
C THR I 73 42.23 53.15 -61.01
N ALA I 74 41.76 53.64 -62.16
CA ALA I 74 40.39 54.15 -62.24
C ALA I 74 39.38 53.06 -61.92
N GLU I 75 39.59 51.85 -62.45
CA GLU I 75 38.67 50.76 -62.20
C GLU I 75 38.67 50.35 -60.73
N GLY I 76 39.84 50.40 -60.09
CA GLY I 76 39.90 50.12 -58.66
C GLY I 76 39.13 51.16 -57.85
N ALA I 77 39.29 52.43 -58.20
CA ALA I 77 38.53 53.48 -57.53
C ALA I 77 37.03 53.27 -57.72
N LEU I 78 36.61 52.95 -58.94
CA LEU I 78 35.18 52.71 -59.19
C LEU I 78 34.67 51.48 -58.45
N GLN I 79 35.51 50.44 -58.32
CA GLN I 79 35.13 49.27 -57.53
C GLN I 79 34.90 49.65 -56.07
N GLN I 80 35.81 50.44 -55.51
CA GLN I 80 35.63 50.90 -54.13
C GLN I 80 34.37 51.73 -53.99
N SER I 81 34.07 52.56 -54.99
CA SER I 81 32.84 53.35 -54.92
C SER I 81 31.60 52.47 -55.03
N THR I 82 31.68 51.39 -55.81
CA THR I 82 30.57 50.45 -55.86
C THR I 82 30.33 49.79 -54.51
N ASN I 83 31.40 49.38 -53.84
CA ASN I 83 31.26 48.83 -52.50
C ASN I 83 30.66 49.85 -51.54
N ILE I 84 31.09 51.11 -51.65
CA ILE I 84 30.57 52.14 -50.76
C ILE I 84 29.09 52.37 -51.02
N LEU I 85 28.67 52.36 -52.29
CA LEU I 85 27.26 52.55 -52.61
C LEU I 85 26.42 51.36 -52.17
N GLN I 86 27.00 50.15 -52.22
CA GLN I 86 26.35 48.99 -51.64
C GLN I 86 26.11 49.19 -50.15
N ARG I 87 27.15 49.65 -49.44
CA ARG I 87 26.98 49.99 -48.03
C ARG I 87 25.92 51.07 -47.82
N ILE I 88 25.84 52.02 -48.75
CA ILE I 88 24.84 53.09 -48.64
C ILE I 88 23.44 52.51 -48.75
N ARG I 89 23.20 51.63 -49.72
CA ARG I 89 21.89 51.00 -49.84
C ARG I 89 21.57 50.16 -48.61
N ASP I 90 22.58 49.47 -48.08
CA ASP I 90 22.38 48.67 -46.87
C ASP I 90 21.92 49.54 -45.71
N LEU I 91 22.66 50.62 -45.44
CA LEU I 91 22.30 51.50 -44.32
C LEU I 91 21.00 52.23 -44.60
N ALA I 92 20.66 52.43 -45.87
CA ALA I 92 19.41 53.11 -46.20
C ALA I 92 18.21 52.23 -45.91
N LEU I 93 18.28 50.96 -46.29
CA LEU I 93 17.19 50.05 -45.94
C LEU I 93 17.20 49.71 -44.46
N GLN I 94 18.36 49.87 -43.79
CA GLN I 94 18.37 49.79 -42.34
C GLN I 94 17.68 51.00 -41.72
N SER I 95 17.75 52.15 -42.39
CA SER I 95 17.18 53.38 -41.90
C SER I 95 15.65 53.37 -41.86
N ALA I 96 15.01 52.43 -42.55
CA ALA I 96 13.56 52.29 -42.40
C ALA I 96 13.20 51.91 -40.96
N ASN I 97 13.78 50.81 -40.46
CA ASN I 97 13.75 50.39 -39.07
C ASN I 97 12.36 50.47 -38.43
N GLY I 98 11.31 50.32 -39.23
CA GLY I 98 9.95 50.42 -38.72
C GLY I 98 9.44 51.84 -38.60
N SER I 99 10.25 52.80 -39.05
CA SER I 99 9.82 54.19 -39.25
C SER I 99 9.55 54.95 -37.96
N ASN I 100 9.56 54.26 -36.82
CA ASN I 100 9.37 54.95 -35.54
C ASN I 100 10.22 54.39 -34.42
N SER I 101 11.06 53.38 -34.66
CA SER I 101 11.69 52.66 -33.55
C SER I 101 13.00 53.29 -33.12
N ASP I 102 13.67 54.04 -34.00
CA ASP I 102 15.02 54.53 -33.74
C ASP I 102 14.96 56.02 -33.40
N ALA I 103 15.04 56.32 -32.10
CA ALA I 103 15.13 57.71 -31.67
C ALA I 103 16.44 58.36 -32.09
N ASP I 104 17.48 57.57 -32.38
CA ASP I 104 18.80 58.07 -32.74
C ASP I 104 19.04 58.05 -34.25
N ARG I 105 18.00 58.24 -35.06
CA ARG I 105 18.21 58.50 -36.47
C ARG I 105 19.11 59.71 -36.70
N ALA I 106 19.29 60.57 -35.70
CA ALA I 106 20.28 61.63 -35.81
C ALA I 106 21.69 61.05 -35.90
N ALA I 107 22.02 60.08 -35.04
CA ALA I 107 23.30 59.39 -35.18
C ALA I 107 23.35 58.60 -36.47
N LEU I 108 22.21 58.09 -36.92
CA LEU I 108 22.16 57.41 -38.22
C LEU I 108 22.54 58.38 -39.34
N GLN I 109 22.03 59.61 -39.29
CA GLN I 109 22.37 60.62 -40.28
C GLN I 109 23.83 61.03 -40.16
N LYS I 110 24.36 61.03 -38.94
CA LYS I 110 25.80 61.22 -38.77
C LYS I 110 26.59 60.15 -39.51
N GLU I 111 26.13 58.89 -39.39
CA GLU I 111 26.75 57.80 -40.15
C GLU I 111 26.70 58.06 -41.65
N VAL I 112 25.52 58.41 -42.16
CA VAL I 112 25.38 58.60 -43.60
C VAL I 112 26.19 59.80 -44.08
N ALA I 113 26.35 60.82 -43.22
CA ALA I 113 27.15 61.99 -43.58
C ALA I 113 28.63 61.64 -43.62
N ALA I 114 29.08 60.83 -42.66
CA ALA I 114 30.45 60.32 -42.73
C ALA I 114 30.66 59.50 -44.00
N GLN I 115 29.65 58.75 -44.41
CA GLN I 115 29.76 57.97 -45.64
C GLN I 115 29.84 58.88 -46.87
N GLN I 116 29.06 59.96 -46.88
CA GLN I 116 29.15 60.92 -47.99
C GLN I 116 30.50 61.62 -48.02
N ALA I 117 31.06 61.93 -46.84
CA ALA I 117 32.40 62.48 -46.79
C ALA I 117 33.43 61.48 -47.31
N GLU I 118 33.21 60.19 -47.02
CA GLU I 118 34.08 59.16 -47.57
C GLU I 118 33.98 59.10 -49.09
N LEU I 119 32.77 59.29 -49.62
CA LEU I 119 32.60 59.42 -51.06
C LEU I 119 33.43 60.58 -51.62
N THR I 120 33.29 61.77 -51.03
CA THR I 120 34.06 62.91 -51.51
C THR I 120 35.55 62.67 -51.38
N ARG I 121 35.96 61.87 -50.39
CA ARG I 121 37.37 61.56 -50.22
C ARG I 121 37.89 60.58 -51.27
N ILE I 122 37.15 59.50 -51.53
CA ILE I 122 37.61 58.52 -52.53
C ILE I 122 37.54 59.13 -53.92
N SER I 123 36.71 60.15 -54.08
CA SER I 123 36.78 60.96 -55.30
C SER I 123 38.18 61.51 -55.49
N ASP I 124 38.78 62.03 -54.43
CA ASP I 124 40.15 62.53 -54.46
C ASP I 124 41.10 61.38 -54.14
N THR I 125 42.37 61.72 -53.91
CA THR I 125 43.42 60.79 -53.50
C THR I 125 43.75 59.78 -54.60
N THR I 126 43.22 59.98 -55.81
CA THR I 126 43.58 59.19 -56.98
C THR I 126 44.52 59.96 -57.89
N THR I 127 45.43 60.72 -57.27
CA THR I 127 46.33 61.61 -58.00
C THR I 127 47.42 60.83 -58.74
N PHE I 128 46.98 60.15 -59.81
CA PHE I 128 47.92 59.42 -60.66
C PHE I 128 48.64 60.40 -61.58
N GLY I 129 49.59 61.15 -61.03
CA GLY I 129 50.33 62.14 -61.79
C GLY I 129 49.97 63.57 -61.52
N GLY I 130 49.34 63.88 -60.39
CA GLY I 130 48.90 65.23 -60.11
C GLY I 130 47.77 65.67 -61.00
N ARG I 131 47.11 64.69 -61.62
CA ARG I 131 46.02 64.93 -62.57
C ARG I 131 44.85 64.01 -62.21
N LYS I 132 44.45 64.06 -60.94
CA LYS I 132 43.46 63.17 -60.32
C LYS I 132 42.35 62.77 -61.29
N LEU I 133 42.09 61.47 -61.39
CA LEU I 133 41.41 60.92 -62.56
C LEU I 133 39.90 61.20 -62.51
N LEU I 134 39.20 60.60 -61.55
CA LEU I 134 37.76 60.50 -61.64
C LEU I 134 37.02 61.72 -61.11
N ASP I 135 37.68 62.59 -60.35
CA ASP I 135 36.99 63.74 -59.78
C ASP I 135 37.38 65.03 -60.51
N GLY I 136 36.79 66.13 -60.06
CA GLY I 136 37.15 67.44 -60.56
C GLY I 136 36.85 67.57 -62.03
N SER I 137 37.79 68.17 -62.77
CA SER I 137 37.65 68.41 -64.20
C SER I 137 38.69 67.55 -64.91
N PHE I 138 38.26 66.39 -65.39
CA PHE I 138 39.11 65.49 -66.15
C PHE I 138 39.16 65.96 -67.61
N GLY I 139 40.37 66.07 -68.14
CA GLY I 139 40.57 66.63 -69.46
C GLY I 139 40.04 65.78 -70.60
N THR I 140 39.51 64.59 -70.30
CA THR I 140 39.02 63.65 -71.32
C THR I 140 40.12 63.37 -72.34
N THR I 141 41.24 62.84 -71.83
CA THR I 141 42.43 62.65 -72.65
C THR I 141 42.22 61.50 -73.62
N SER I 142 43.20 61.29 -74.50
CA SER I 142 43.14 60.21 -75.48
C SER I 142 44.59 59.82 -75.80
N PHE I 143 44.99 58.65 -75.33
CA PHE I 143 46.38 58.22 -75.43
C PHE I 143 46.70 57.75 -76.84
N GLN I 144 47.77 58.26 -77.41
CA GLN I 144 48.17 57.89 -78.76
C GLN I 144 48.77 56.49 -78.77
N VAL I 145 48.23 55.62 -79.62
CA VAL I 145 48.68 54.24 -79.73
C VAL I 145 49.17 53.89 -81.13
N GLY I 146 49.12 54.83 -82.08
CA GLY I 146 49.55 54.57 -83.44
C GLY I 146 50.86 55.27 -83.74
N SER I 147 51.48 54.85 -84.83
CA SER I 147 52.75 55.41 -85.28
C SER I 147 52.60 56.67 -86.12
N ASN I 148 51.37 57.17 -86.27
CA ASN I 148 51.11 58.38 -87.03
C ASN I 148 50.32 59.37 -86.19
N ALA I 149 50.28 60.61 -86.65
CA ALA I 149 49.59 61.66 -85.91
C ALA I 149 48.09 61.41 -85.86
N TYR I 150 47.48 61.80 -84.75
CA TYR I 150 46.04 61.73 -84.52
C TYR I 150 45.51 60.30 -84.49
N GLU I 151 46.40 59.32 -84.60
CA GLU I 151 46.00 57.92 -84.45
C GLU I 151 45.98 57.56 -82.97
N THR I 152 44.84 57.75 -82.32
CA THR I 152 44.73 57.65 -80.87
C THR I 152 43.41 56.99 -80.50
N ILE I 153 43.27 56.66 -79.22
CA ILE I 153 42.09 56.03 -78.65
C ILE I 153 41.56 56.92 -77.55
N ASP I 154 40.28 57.28 -77.63
CA ASP I 154 39.69 58.20 -76.68
C ASP I 154 39.34 57.50 -75.36
N ILE I 155 39.16 58.30 -74.32
CA ILE I 155 38.75 57.83 -73.00
C ILE I 155 37.69 58.78 -72.47
N SER I 156 36.67 58.24 -71.83
CA SER I 156 35.50 59.00 -71.39
C SER I 156 35.29 58.82 -69.90
N LEU I 157 36.35 59.02 -69.13
CA LEU I 157 36.31 58.88 -67.67
C LEU I 157 35.24 59.76 -67.04
N GLN I 158 34.70 59.32 -65.91
CA GLN I 158 33.63 60.05 -65.24
C GLN I 158 34.12 61.40 -64.75
N ASN I 159 33.24 62.40 -64.79
CA ASN I 159 33.60 63.72 -64.31
C ASN I 159 33.82 63.73 -62.80
N ALA I 160 32.97 63.03 -62.05
CA ALA I 160 33.09 62.96 -60.60
C ALA I 160 32.15 61.90 -60.05
N SER I 161 32.56 61.31 -58.92
CA SER I 161 31.66 60.52 -58.09
C SER I 161 31.02 61.38 -57.01
N ALA I 162 30.89 62.68 -57.26
CA ALA I 162 30.46 63.69 -56.29
C ALA I 162 28.96 63.94 -56.32
N SER I 163 28.56 65.10 -55.82
CA SER I 163 27.18 65.54 -55.74
C SER I 163 26.58 65.76 -57.13
N ALA I 164 25.51 66.54 -57.18
CA ALA I 164 24.56 66.71 -58.31
C ALA I 164 25.33 66.84 -59.64
N ILE I 165 26.66 66.94 -59.62
CA ILE I 165 27.51 67.04 -60.81
C ILE I 165 27.37 65.81 -61.71
N GLY I 166 26.38 64.96 -61.44
CA GLY I 166 26.31 63.67 -62.11
C GLY I 166 25.82 62.49 -61.29
N SER I 167 25.03 62.78 -60.25
CA SER I 167 24.20 61.75 -59.65
C SER I 167 22.86 61.72 -60.37
N TYR I 168 21.88 60.95 -59.88
CA TYR I 168 20.68 60.68 -60.65
C TYR I 168 19.88 61.98 -60.73
N GLN I 169 19.44 62.33 -61.94
CA GLN I 169 18.72 63.57 -62.12
C GLN I 169 17.29 63.44 -61.57
N VAL I 170 16.73 64.57 -61.14
CA VAL I 170 15.49 64.58 -60.37
C VAL I 170 14.47 65.47 -61.06
N GLY I 171 13.34 64.90 -61.45
CA GLY I 171 12.20 65.66 -61.91
C GLY I 171 11.02 65.49 -61.00
N SER I 172 10.64 66.54 -60.28
CA SER I 172 9.62 66.45 -59.25
C SER I 172 8.67 67.64 -59.31
N ASN I 173 7.71 67.66 -58.39
CA ASN I 173 6.66 68.67 -58.39
C ASN I 173 7.18 70.07 -58.08
N GLY I 174 7.68 70.25 -56.85
CA GLY I 174 8.12 71.59 -56.44
C GLY I 174 9.53 71.91 -56.89
N ALA I 175 9.99 71.26 -57.96
CA ALA I 175 11.36 71.42 -58.45
C ALA I 175 11.73 72.88 -58.66
N GLY I 176 11.04 73.57 -59.56
CA GLY I 176 11.41 74.95 -59.84
C GLY I 176 11.00 75.96 -58.79
N THR I 177 9.70 76.25 -58.71
CA THR I 177 9.18 77.14 -57.67
C THR I 177 8.11 76.45 -56.84
N VAL I 178 7.07 75.96 -57.51
CA VAL I 178 5.90 75.38 -56.87
C VAL I 178 5.14 74.57 -57.91
N ALA I 179 4.31 73.62 -57.46
CA ALA I 179 3.61 72.72 -58.35
C ALA I 179 2.14 73.13 -58.46
N SER I 180 1.56 72.85 -59.63
CA SER I 180 0.13 73.03 -59.84
C SER I 180 -0.64 71.84 -59.27
N VAL I 181 -1.87 71.69 -59.75
CA VAL I 181 -2.88 70.76 -59.24
C VAL I 181 -2.27 69.44 -58.79
N ALA I 182 -1.36 68.88 -59.59
CA ALA I 182 -0.65 67.67 -59.19
C ALA I 182 0.13 67.90 -57.90
N GLY I 183 -0.30 67.26 -56.82
CA GLY I 183 0.37 67.41 -55.54
C GLY I 183 -0.09 68.59 -54.72
N THR I 184 -1.38 68.96 -54.85
CA THR I 184 -1.98 70.00 -54.03
C THR I 184 -3.49 69.92 -54.19
N ALA I 185 -4.21 70.54 -53.26
CA ALA I 185 -5.66 70.56 -53.33
C ALA I 185 -6.13 71.54 -54.39
N THR I 186 -7.27 71.24 -54.99
CA THR I 186 -7.77 72.02 -56.12
C THR I 186 -9.26 71.77 -56.29
N ALA I 187 -9.92 72.66 -57.01
CA ALA I 187 -11.35 72.54 -57.27
C ALA I 187 -11.61 71.69 -58.53
N SER I 188 -11.08 72.14 -59.67
CA SER I 188 -11.33 71.44 -60.93
C SER I 188 -10.61 70.10 -60.97
N GLY I 189 -9.30 70.11 -60.77
CA GLY I 189 -8.51 68.90 -60.80
C GLY I 189 -7.61 68.80 -62.02
N ILE I 190 -7.11 67.58 -62.23
CA ILE I 190 -6.24 67.28 -63.37
C ILE I 190 -7.00 67.57 -64.66
N ALA I 191 -6.45 68.46 -65.48
CA ALA I 191 -7.06 68.84 -66.74
C ALA I 191 -6.40 68.09 -67.89
N SER I 192 -6.77 68.45 -69.12
CA SER I 192 -6.20 67.83 -70.30
C SER I 192 -4.76 68.29 -70.49
N GLY I 193 -4.12 67.75 -71.52
CA GLY I 193 -2.74 68.09 -71.83
C GLY I 193 -2.04 66.99 -72.58
N THR I 194 -0.97 67.40 -73.29
CA THR I 194 -0.16 66.51 -74.11
C THR I 194 1.32 66.67 -73.71
N VAL I 195 1.56 66.58 -72.40
CA VAL I 195 2.89 66.78 -71.80
C VAL I 195 3.95 65.98 -72.57
N ASN I 196 5.07 66.63 -72.85
CA ASN I 196 6.11 66.00 -73.64
C ASN I 196 7.19 65.40 -72.75
N LEU I 197 7.71 64.24 -73.17
CA LEU I 197 8.81 63.58 -72.51
C LEU I 197 9.99 63.50 -73.45
N VAL I 198 11.17 63.87 -72.96
CA VAL I 198 12.37 63.99 -73.78
C VAL I 198 13.48 63.16 -73.13
N GLY I 199 14.27 62.50 -73.97
CA GLY I 199 15.40 61.71 -73.50
C GLY I 199 15.79 60.60 -74.45
N GLY I 200 17.09 60.45 -74.68
CA GLY I 200 17.63 59.44 -75.58
C GLY I 200 17.04 59.43 -76.97
N GLY I 201 16.39 60.53 -77.38
CA GLY I 201 15.74 60.60 -78.67
C GLY I 201 14.56 59.65 -78.81
N GLN I 202 13.71 59.59 -77.79
CA GLN I 202 12.46 58.82 -77.86
C GLN I 202 11.28 59.63 -77.37
N VAL I 203 11.11 60.85 -77.91
CA VAL I 203 10.02 61.74 -77.51
C VAL I 203 8.67 61.03 -77.63
N LYS I 204 7.84 61.17 -76.61
CA LYS I 204 6.54 60.50 -76.57
C LYS I 204 5.56 61.46 -75.90
N ASN I 205 4.56 61.91 -76.65
CA ASN I 205 3.56 62.85 -76.13
C ASN I 205 2.61 62.09 -75.20
N ILE I 206 2.82 62.26 -73.89
CA ILE I 206 1.96 61.59 -72.92
C ILE I 206 0.59 62.26 -72.90
N ALA I 207 -0.46 61.45 -73.02
CA ALA I 207 -1.83 61.93 -73.05
C ALA I 207 -2.42 61.85 -71.65
N ILE I 208 -2.75 63.00 -71.07
CA ILE I 208 -3.34 63.09 -69.75
C ILE I 208 -4.69 63.78 -69.90
N ALA I 209 -5.76 63.00 -69.85
CA ALA I 209 -7.09 63.58 -70.00
C ALA I 209 -7.50 64.34 -68.73
N ALA I 210 -8.61 65.05 -68.83
CA ALA I 210 -9.11 65.85 -67.71
C ALA I 210 -9.84 64.95 -66.74
N GLY I 211 -9.22 64.67 -65.60
CA GLY I 211 -9.85 63.86 -64.58
C GLY I 211 -9.00 62.70 -64.11
N ASP I 212 -7.96 62.36 -64.88
CA ASP I 212 -7.09 61.24 -64.54
C ASP I 212 -6.42 61.42 -63.18
N SER I 213 -6.47 60.39 -62.36
CA SER I 213 -5.82 60.44 -61.05
C SER I 213 -4.31 60.36 -61.19
N ALA I 214 -3.61 60.63 -60.10
CA ALA I 214 -2.15 60.57 -60.08
C ALA I 214 -1.67 59.17 -60.42
N LYS I 215 -2.40 58.15 -59.94
CA LYS I 215 -2.05 56.76 -60.25
C LYS I 215 -2.12 56.50 -61.74
N ALA I 216 -3.17 56.99 -62.39
CA ALA I 216 -3.34 56.82 -63.84
C ALA I 216 -2.22 57.52 -64.60
N ILE I 217 -1.87 58.73 -64.17
CA ILE I 217 -0.80 59.51 -64.79
C ILE I 217 0.50 58.73 -64.68
N ALA I 218 0.78 58.21 -63.48
CA ALA I 218 1.98 57.42 -63.23
C ALA I 218 2.03 56.21 -64.15
N GLU I 219 0.93 55.46 -64.22
CA GLU I 219 0.85 54.29 -65.09
C GLU I 219 1.12 54.67 -66.55
N LYS I 220 0.56 55.80 -66.98
CA LYS I 220 0.70 56.23 -68.37
C LYS I 220 2.15 56.62 -68.70
N MET I 221 2.72 57.55 -67.93
CA MET I 221 4.04 58.06 -68.28
C MET I 221 5.14 57.02 -68.09
N ASP I 222 4.86 55.96 -67.33
CA ASP I 222 5.80 54.85 -67.19
C ASP I 222 5.94 54.10 -68.50
N GLY I 223 6.97 53.26 -68.59
CA GLY I 223 7.12 52.39 -69.75
C GLY I 223 8.03 52.92 -70.85
N ALA I 224 7.41 53.53 -71.87
CA ALA I 224 8.05 53.91 -73.12
C ALA I 224 9.47 54.46 -72.97
N ILE I 225 9.65 55.45 -72.11
CA ILE I 225 10.96 56.07 -71.93
C ILE I 225 11.90 55.06 -71.28
N PRO I 226 13.05 54.77 -71.89
CA PRO I 226 13.95 53.74 -71.33
C PRO I 226 14.48 54.09 -69.96
N ASN I 227 14.40 53.13 -69.03
CA ASN I 227 14.96 53.25 -67.69
C ASN I 227 14.36 54.43 -66.93
N LEU I 228 13.04 54.60 -67.00
CA LEU I 228 12.36 55.64 -66.24
C LEU I 228 11.26 55.00 -65.42
N SER I 229 11.15 55.38 -64.16
CA SER I 229 10.12 54.89 -63.26
C SER I 229 9.32 56.06 -62.71
N ALA I 230 8.10 55.77 -62.28
CA ALA I 230 7.21 56.82 -61.79
C ALA I 230 6.25 56.22 -60.78
N ARG I 231 6.37 56.64 -59.52
CA ARG I 231 5.45 56.21 -58.49
C ARG I 231 4.38 57.28 -58.26
N ALA I 232 3.31 56.87 -57.59
CA ALA I 232 2.24 57.77 -57.20
C ALA I 232 2.01 57.67 -55.70
N ARG I 233 1.73 58.81 -55.06
CA ARG I 233 1.61 58.87 -53.61
C ARG I 233 0.78 60.08 -53.23
N THR I 234 -0.27 59.86 -52.45
CA THR I 234 -1.14 60.94 -51.97
C THR I 234 -1.08 60.95 -50.45
N VAL I 235 -0.34 61.91 -49.90
CA VAL I 235 -0.23 62.10 -48.47
C VAL I 235 -0.90 63.42 -48.11
N PHE I 236 -2.00 63.35 -47.38
CA PHE I 236 -2.75 64.53 -46.98
C PHE I 236 -3.18 64.39 -45.53
N THR I 237 -3.07 65.48 -44.78
CA THR I 237 -3.50 65.51 -43.39
C THR I 237 -4.89 66.12 -43.27
N ALA I 238 -5.38 66.20 -42.04
CA ALA I 238 -6.70 66.75 -41.78
C ALA I 238 -6.73 67.32 -40.37
N ASP I 239 -7.53 68.37 -40.20
CA ASP I 239 -7.69 69.01 -38.90
CA ASP I 239 -7.69 69.01 -38.90
C ASP I 239 -9.05 69.68 -38.80
N VAL I 240 -9.98 69.05 -38.08
CA VAL I 240 -11.34 69.59 -37.92
C VAL I 240 -11.30 70.78 -36.98
N SER I 241 -11.87 71.90 -37.42
CA SER I 241 -11.93 73.09 -36.58
C SER I 241 -13.15 73.02 -35.67
N GLY I 242 -13.47 74.12 -34.98
CA GLY I 242 -14.63 74.17 -34.12
C GLY I 242 -15.93 73.99 -34.88
N VAL I 243 -16.89 73.30 -34.27
CA VAL I 243 -18.18 73.05 -34.92
C VAL I 243 -19.29 73.76 -34.16
N THR I 244 -20.04 74.60 -34.88
CA THR I 244 -21.12 75.35 -34.25
C THR I 244 -22.46 74.68 -34.51
N GLY I 245 -23.07 74.14 -33.46
CA GLY I 245 -24.41 73.58 -33.53
C GLY I 245 -24.62 72.53 -34.60
N GLY I 246 -23.98 71.38 -34.46
CA GLY I 246 -24.14 70.28 -35.39
C GLY I 246 -22.82 69.64 -35.71
N SER I 247 -22.85 68.78 -36.73
CA SER I 247 -21.68 68.03 -37.17
C SER I 247 -21.52 68.19 -38.68
N LEU I 248 -20.44 67.61 -39.20
CA LEU I 248 -20.13 67.68 -40.63
C LEU I 248 -20.47 66.34 -41.27
N ASN I 249 -21.68 66.26 -41.79
CA ASN I 249 -22.16 65.07 -42.51
C ASN I 249 -21.77 65.21 -43.97
N PHE I 250 -20.57 64.73 -44.31
CA PHE I 250 -20.10 64.80 -45.69
C PHE I 250 -19.71 63.41 -46.20
N ASP I 251 -19.20 63.36 -47.42
CA ASP I 251 -18.80 62.10 -48.04
C ASP I 251 -17.34 62.20 -48.49
N VAL I 252 -16.79 61.04 -48.82
CA VAL I 252 -15.41 60.94 -49.30
C VAL I 252 -15.39 60.00 -50.50
N THR I 253 -14.96 60.52 -51.65
CA THR I 253 -14.93 59.74 -52.88
C THR I 253 -13.49 59.31 -53.17
N VAL I 254 -13.12 58.13 -52.69
CA VAL I 254 -11.80 57.58 -52.97
C VAL I 254 -11.83 56.76 -54.25
N GLY I 255 -11.67 57.43 -55.38
CA GLY I 255 -11.69 56.71 -56.65
C GLY I 255 -13.09 56.30 -57.03
N SER I 256 -13.25 55.02 -57.36
CA SER I 256 -14.54 54.49 -57.79
C SER I 256 -15.59 54.59 -56.69
N ASN I 257 -15.36 53.90 -55.57
CA ASN I 257 -16.33 53.89 -54.49
C ASN I 257 -16.33 55.23 -53.76
N THR I 258 -17.39 55.46 -52.99
CA THR I 258 -17.56 56.69 -52.24
C THR I 258 -17.91 56.35 -50.80
N VAL I 259 -17.18 56.94 -49.86
CA VAL I 259 -17.38 56.67 -48.44
C VAL I 259 -18.55 57.51 -47.96
N SER I 260 -19.17 57.11 -46.85
CA SER I 260 -20.38 57.77 -46.37
C SER I 260 -20.27 58.15 -44.90
N LEU I 261 -19.15 58.79 -44.54
CA LEU I 261 -18.92 59.21 -43.16
C LEU I 261 -20.02 60.16 -42.68
N ALA I 262 -20.11 60.37 -41.37
CA ALA I 262 -21.10 61.28 -40.81
C ALA I 262 -20.65 61.66 -39.40
N GLY I 263 -21.24 62.72 -38.86
CA GLY I 263 -20.97 63.16 -37.50
C GLY I 263 -19.51 63.38 -37.17
N VAL I 264 -18.90 64.37 -37.81
CA VAL I 264 -17.51 64.75 -37.54
C VAL I 264 -17.52 66.04 -36.74
N THR I 265 -16.94 66.00 -35.54
CA THR I 265 -16.88 67.17 -34.68
C THR I 265 -15.43 67.54 -34.40
N SER I 266 -14.57 66.54 -34.31
CA SER I 266 -13.15 66.75 -34.07
C SER I 266 -12.33 65.85 -34.98
N THR I 267 -11.01 66.04 -34.95
CA THR I 267 -10.11 65.21 -35.74
C THR I 267 -10.19 63.74 -35.33
N GLN I 268 -10.41 63.50 -34.04
CA GLN I 268 -10.46 62.14 -33.52
C GLN I 268 -11.59 61.33 -34.14
N ASP I 269 -12.78 61.93 -34.23
CA ASP I 269 -13.93 61.25 -34.80
C ASP I 269 -13.69 60.87 -36.25
N LEU I 270 -13.15 61.82 -37.03
CA LEU I 270 -12.79 61.55 -38.41
C LEU I 270 -11.76 60.42 -38.50
N ALA I 271 -10.81 60.42 -37.57
CA ALA I 271 -9.80 59.36 -37.52
C ALA I 271 -10.44 57.99 -37.30
N ASP I 272 -11.35 57.90 -36.33
CA ASP I 272 -12.04 56.64 -36.08
C ASP I 272 -12.84 56.21 -37.30
N GLN I 273 -13.54 57.15 -37.94
CA GLN I 273 -14.34 56.80 -39.11
C GLN I 273 -13.48 56.28 -40.25
N LEU I 274 -12.32 56.89 -40.46
CA LEU I 274 -11.42 56.46 -41.53
C LEU I 274 -10.81 55.10 -41.21
N ASN I 275 -10.37 54.90 -39.96
CA ASN I 275 -9.77 53.62 -39.59
C ASN I 275 -10.79 52.49 -39.60
N SER I 276 -12.06 52.81 -39.36
CA SER I 276 -13.12 51.81 -39.36
C SER I 276 -13.46 51.37 -40.77
N ASN I 277 -13.71 52.33 -41.66
CA ASN I 277 -14.11 52.02 -43.03
C ASN I 277 -12.91 51.63 -43.88
N SER I 278 -11.73 51.46 -43.24
CA SER I 278 -10.49 51.12 -43.91
C SER I 278 -10.64 49.90 -44.83
N SER I 279 -11.58 49.01 -44.52
CA SER I 279 -11.85 47.85 -45.36
C SER I 279 -12.24 48.28 -46.77
N LYS I 280 -13.32 49.06 -46.88
CA LYS I 280 -13.82 49.51 -48.17
C LYS I 280 -12.84 50.48 -48.82
N LEU I 281 -12.54 51.58 -48.14
CA LEU I 281 -11.62 52.59 -48.67
C LEU I 281 -10.19 52.05 -48.59
N GLY I 282 -9.62 51.80 -49.76
CA GLY I 282 -8.28 51.24 -49.85
C GLY I 282 -7.19 52.26 -49.62
N ILE I 283 -7.29 53.00 -48.53
CA ILE I 283 -6.33 54.04 -48.20
C ILE I 283 -6.14 54.10 -46.68
N THR I 284 -4.95 53.76 -46.22
CA THR I 284 -4.71 53.64 -44.79
C THR I 284 -4.63 55.01 -44.14
N ALA I 285 -5.14 55.11 -42.92
CA ALA I 285 -5.13 56.33 -42.13
C ALA I 285 -4.23 56.16 -40.92
N SER I 286 -3.67 57.28 -40.46
CA SER I 286 -2.79 57.25 -39.30
C SER I 286 -2.82 58.58 -38.56
N ILE I 287 -3.49 58.62 -37.42
CA ILE I 287 -3.60 59.83 -36.61
C ILE I 287 -2.48 59.78 -35.58
N ASN I 288 -1.45 60.60 -35.77
CA ASN I 288 -0.40 60.72 -34.77
C ASN I 288 -0.96 61.37 -33.51
N ASP I 289 -0.46 60.92 -32.36
CA ASP I 289 -1.01 61.35 -31.08
C ASP I 289 -0.73 62.81 -30.79
N LYS I 290 0.12 63.44 -31.61
CA LYS I 290 0.36 64.88 -31.48
C LYS I 290 -0.92 65.66 -31.77
N GLY I 291 -1.67 65.22 -32.76
CA GLY I 291 -2.96 65.85 -33.05
C GLY I 291 -3.32 65.97 -34.52
N VAL I 292 -2.33 65.85 -35.40
CA VAL I 292 -2.57 66.05 -36.84
C VAL I 292 -2.81 64.71 -37.54
N LEU I 293 -4.08 64.38 -37.72
CA LEU I 293 -4.45 63.15 -38.43
C LEU I 293 -3.87 63.15 -39.84
N THR I 294 -3.24 62.04 -40.21
CA THR I 294 -2.58 61.90 -41.50
C THR I 294 -3.12 60.68 -42.21
N ILE I 295 -3.30 60.81 -43.53
CA ILE I 295 -3.86 59.74 -44.36
C ILE I 295 -2.93 59.52 -45.54
N THR I 296 -2.70 58.26 -45.88
CA THR I 296 -1.73 57.90 -46.90
C THR I 296 -2.30 56.83 -47.82
N SER I 297 -2.17 57.04 -49.13
CA SER I 297 -2.56 56.07 -50.14
C SER I 297 -1.30 55.63 -50.87
N ALA I 298 -0.90 54.36 -50.66
CA ALA I 298 0.27 53.82 -51.35
C ALA I 298 0.09 53.87 -52.86
N THR I 299 -1.13 53.64 -53.34
CA THR I 299 -1.38 53.64 -54.78
C THR I 299 -1.27 55.03 -55.39
N GLY I 300 -1.75 56.06 -54.68
CA GLY I 300 -1.70 57.41 -55.20
C GLY I 300 -3.03 57.89 -55.72
N GLU I 301 -4.11 57.42 -55.10
CA GLU I 301 -5.45 57.74 -55.57
C GLU I 301 -5.81 59.19 -55.25
N ASN I 302 -6.41 59.89 -56.21
CA ASN I 302 -6.79 61.29 -56.05
C ASN I 302 -8.02 61.38 -55.15
N VAL I 303 -7.76 61.54 -53.85
CA VAL I 303 -8.83 61.54 -52.86
C VAL I 303 -9.77 62.72 -53.11
N LYS I 304 -11.07 62.46 -52.92
CA LYS I 304 -12.09 63.47 -53.09
C LYS I 304 -12.95 63.52 -51.84
N PHE I 305 -13.27 64.74 -51.43
CA PHE I 305 -14.16 64.99 -50.29
C PHE I 305 -15.51 65.45 -50.83
N GLY I 306 -16.55 64.70 -50.49
CA GLY I 306 -17.88 64.99 -51.01
C GLY I 306 -18.44 66.30 -50.48
N ALA I 307 -19.66 66.59 -50.93
CA ALA I 307 -20.34 67.82 -50.52
C ALA I 307 -20.61 67.79 -49.02
N GLN I 308 -20.57 68.98 -48.41
CA GLN I 308 -20.75 69.11 -46.97
C GLN I 308 -22.21 69.40 -46.66
N THR I 309 -23.01 68.32 -46.67
CA THR I 309 -24.41 68.40 -46.27
C THR I 309 -24.61 68.08 -44.79
N GLY I 310 -23.87 68.76 -43.92
CA GLY I 310 -23.91 68.47 -42.50
C GLY I 310 -25.02 69.21 -41.78
N THR I 311 -24.94 69.15 -40.46
CA THR I 311 -25.91 69.80 -39.58
C THR I 311 -25.34 70.99 -38.83
N ALA I 312 -24.05 71.27 -38.98
CA ALA I 312 -23.44 72.42 -38.30
C ALA I 312 -23.72 73.70 -39.06
N THR I 313 -23.15 74.82 -38.59
CA THR I 313 -23.36 76.11 -39.23
C THR I 313 -22.03 76.78 -39.56
N ALA I 314 -21.00 76.47 -38.79
CA ALA I 314 -19.68 77.05 -39.01
C ALA I 314 -18.61 76.01 -38.67
N GLY I 315 -17.45 76.16 -39.30
CA GLY I 315 -16.35 75.25 -39.15
C GLY I 315 -15.89 74.72 -40.49
N GLN I 316 -14.70 74.12 -40.47
CA GLN I 316 -14.09 73.60 -41.68
C GLN I 316 -13.00 72.62 -41.30
N VAL I 317 -12.59 71.82 -42.29
CA VAL I 317 -11.51 70.84 -42.10
C VAL I 317 -10.42 71.11 -43.12
N ALA I 318 -9.37 71.80 -42.70
CA ALA I 318 -8.27 72.12 -43.61
C ALA I 318 -7.49 70.86 -43.95
N VAL I 319 -6.84 70.88 -45.13
CA VAL I 319 -6.03 69.76 -45.59
C VAL I 319 -4.72 70.34 -46.15
N LYS I 320 -3.64 69.57 -45.96
CA LYS I 320 -2.34 69.90 -46.51
C LYS I 320 -1.88 68.73 -47.37
N VAL I 321 -0.94 69.00 -48.26
CA VAL I 321 -0.47 68.01 -49.23
C VAL I 321 1.03 67.91 -49.15
N GLN I 322 1.55 66.67 -49.13
CA GLN I 322 2.99 66.45 -49.11
C GLN I 322 3.60 66.73 -50.47
N GLY I 323 4.69 67.48 -50.48
CA GLY I 323 5.40 67.73 -51.72
C GLY I 323 6.16 66.51 -52.19
N SER I 324 6.53 66.53 -53.48
CA SER I 324 7.26 65.41 -54.07
C SER I 324 8.62 65.22 -53.38
N ASP I 325 9.44 66.27 -53.37
CA ASP I 325 10.74 66.20 -52.72
C ASP I 325 10.59 66.05 -51.21
N GLY I 326 9.66 66.80 -50.63
CA GLY I 326 9.43 66.77 -49.20
C GLY I 326 8.75 68.03 -48.71
N LYS I 327 9.30 68.63 -47.64
CA LYS I 327 8.85 69.91 -47.08
C LYS I 327 7.34 70.04 -47.08
N PHE I 328 6.67 69.22 -46.26
CA PHE I 328 5.22 69.22 -46.13
C PHE I 328 4.66 70.63 -46.10
N GLU I 329 3.58 70.85 -46.87
CA GLU I 329 3.02 72.18 -47.08
C GLU I 329 2.64 72.83 -45.75
N ALA I 330 2.97 74.12 -45.62
CA ALA I 330 2.62 74.89 -44.45
C ALA I 330 1.21 75.46 -44.58
N ALA I 331 0.94 76.13 -45.69
CA ALA I 331 -0.37 76.72 -45.91
C ALA I 331 -1.41 75.64 -46.15
N ALA I 332 -2.53 75.73 -45.44
CA ALA I 332 -3.60 74.76 -45.54
C ALA I 332 -4.78 75.36 -46.30
N LYS I 333 -5.78 74.52 -46.62
CA LYS I 333 -6.97 74.96 -47.31
C LYS I 333 -8.06 73.92 -47.08
N ASN I 334 -9.24 74.38 -46.68
CA ASN I 334 -10.31 73.46 -46.31
C ASN I 334 -10.95 72.84 -47.56
N VAL I 335 -11.39 71.59 -47.43
CA VAL I 335 -12.17 70.93 -48.47
C VAL I 335 -13.67 70.96 -48.19
N VAL I 336 -14.07 70.96 -46.92
CA VAL I 336 -15.48 71.05 -46.54
C VAL I 336 -15.62 72.14 -45.48
N ALA I 337 -16.75 72.83 -45.50
CA ALA I 337 -16.97 73.94 -44.59
C ALA I 337 -18.46 74.02 -44.26
N ALA I 338 -18.78 74.04 -42.97
CA ALA I 338 -20.17 74.18 -42.55
C ALA I 338 -20.69 75.56 -42.96
N GLY I 339 -21.78 75.56 -43.72
CA GLY I 339 -22.31 76.81 -44.25
C GLY I 339 -22.00 76.99 -45.72
N THR I 340 -21.27 78.05 -46.04
CA THR I 340 -20.86 78.31 -47.42
C THR I 340 -19.99 77.18 -47.97
N ALA I 341 -20.15 76.86 -49.24
CA ALA I 341 -19.36 75.81 -49.86
C ALA I 341 -17.90 76.25 -49.99
N ALA I 342 -16.99 75.38 -49.58
CA ALA I 342 -15.56 75.69 -49.64
C ALA I 342 -15.01 75.47 -51.03
N THR I 343 -13.74 75.80 -51.23
CA THR I 343 -13.04 75.61 -52.50
C THR I 343 -11.99 74.51 -52.32
N THR I 344 -11.30 74.18 -53.41
CA THR I 344 -10.30 73.10 -53.44
C THR I 344 -10.90 71.81 -52.88
N THR I 345 -11.96 71.34 -53.54
CA THR I 345 -12.75 70.24 -53.01
C THR I 345 -12.06 68.89 -53.11
N ILE I 346 -11.04 68.74 -53.95
CA ILE I 346 -10.39 67.45 -54.13
C ILE I 346 -8.92 67.56 -53.72
N VAL I 347 -8.29 66.40 -53.57
CA VAL I 347 -6.88 66.31 -53.20
C VAL I 347 -6.19 65.41 -54.22
N THR I 348 -5.11 65.92 -54.81
CA THR I 348 -4.35 65.21 -55.83
C THR I 348 -2.97 64.88 -55.28
N GLY I 349 -2.53 63.64 -55.48
CA GLY I 349 -1.22 63.23 -55.01
C GLY I 349 -0.11 63.74 -55.90
N TYR I 350 1.11 63.36 -55.53
CA TYR I 350 2.31 63.76 -56.24
C TYR I 350 2.97 62.55 -56.89
N VAL I 351 3.83 62.82 -57.86
CA VAL I 351 4.61 61.80 -58.54
C VAL I 351 6.08 62.20 -58.49
N GLN I 352 6.95 61.26 -58.87
CA GLN I 352 8.40 61.51 -58.85
C GLN I 352 9.02 60.73 -60.01
N LEU I 353 9.79 61.43 -60.84
CA LEU I 353 10.43 60.82 -62.00
C LEU I 353 11.93 60.77 -61.77
N ASN I 354 12.40 59.67 -61.18
CA ASN I 354 13.82 59.44 -61.05
C ASN I 354 14.43 59.03 -62.39
N SER I 355 15.60 59.58 -62.68
CA SER I 355 16.24 59.39 -63.97
C SER I 355 17.71 59.07 -63.81
N PRO I 356 18.21 58.03 -64.49
CA PRO I 356 19.63 57.68 -64.36
C PRO I 356 20.58 58.68 -65.00
N THR I 357 20.38 59.04 -66.26
CA THR I 357 21.35 59.90 -66.94
C THR I 357 20.75 61.21 -67.43
N ALA I 358 19.61 61.17 -68.11
CA ALA I 358 19.02 62.35 -68.72
C ALA I 358 17.56 62.11 -69.07
N TYR I 359 16.68 62.98 -68.58
CA TYR I 359 15.25 62.85 -68.83
C TYR I 359 14.57 64.20 -68.71
N SER I 360 14.25 64.83 -69.84
CA SER I 360 13.66 66.16 -69.85
C SER I 360 12.15 66.09 -70.05
N VAL I 361 11.45 67.06 -69.48
CA VAL I 361 9.99 67.13 -69.53
C VAL I 361 9.59 68.54 -69.94
N SER I 362 8.63 68.64 -70.85
CA SER I 362 8.10 69.92 -71.27
C SER I 362 6.59 69.80 -71.46
N GLY I 363 5.91 70.95 -71.45
CA GLY I 363 4.47 70.98 -71.58
C GLY I 363 3.94 72.37 -71.91
N THR I 364 2.92 72.43 -72.76
CA THR I 364 2.36 73.71 -73.18
C THR I 364 1.58 74.37 -72.05
N GLY I 365 2.17 75.38 -71.42
CA GLY I 365 1.50 76.15 -70.39
C GLY I 365 1.03 75.35 -69.19
N THR I 366 -0.29 75.18 -69.08
CA THR I 366 -0.89 74.48 -67.95
C THR I 366 -0.40 73.03 -67.84
N GLN I 367 -0.20 72.38 -69.00
CA GLN I 367 0.23 70.99 -69.03
C GLN I 367 1.49 70.76 -68.22
N ALA I 368 2.52 71.58 -68.45
CA ALA I 368 3.76 71.44 -67.69
C ALA I 368 3.53 71.71 -66.21
N SER I 369 2.76 72.75 -65.90
CA SER I 369 2.50 73.09 -64.50
C SER I 369 1.70 71.99 -63.82
N GLN I 370 0.61 71.54 -64.46
CA GLN I 370 -0.29 70.57 -63.85
C GLN I 370 0.35 69.20 -63.66
N VAL I 371 1.63 69.03 -63.98
CA VAL I 371 2.34 67.78 -63.78
C VAL I 371 3.57 67.96 -62.90
N PHE I 372 4.45 68.90 -63.26
CA PHE I 372 5.71 69.06 -62.55
C PHE I 372 6.04 70.53 -62.37
N GLY I 373 5.01 71.38 -62.33
CA GLY I 373 5.22 72.81 -62.22
C GLY I 373 6.09 73.36 -63.34
N ASN I 374 6.90 74.38 -63.02
CA ASN I 374 7.84 74.93 -63.98
C ASN I 374 9.23 74.35 -63.72
N ALA I 375 9.39 73.08 -64.07
CA ALA I 375 10.68 72.43 -63.90
C ALA I 375 11.49 72.46 -65.19
N SER I 376 10.96 71.83 -66.24
CA SER I 376 11.54 71.85 -67.58
C SER I 376 12.95 71.24 -67.63
N ALA I 377 13.43 70.72 -66.51
CA ALA I 377 14.76 70.15 -66.41
C ALA I 377 14.84 69.21 -65.22
N ALA I 378 15.54 68.09 -65.40
CA ALA I 378 15.68 67.09 -64.35
C ALA I 378 16.86 67.38 -63.43
N GLN I 379 17.42 68.58 -63.53
CA GLN I 379 18.66 68.95 -62.82
C GLN I 379 18.40 68.94 -61.31
N LYS I 380 19.44 69.26 -60.52
CA LYS I 380 19.43 69.14 -59.07
C LYS I 380 19.34 67.68 -58.63
N SER I 381 20.32 66.89 -59.06
CA SER I 381 20.43 65.50 -58.63
C SER I 381 20.40 65.37 -57.11
N SER I 382 21.20 66.19 -56.44
CA SER I 382 21.17 66.35 -54.98
C SER I 382 21.39 65.05 -54.21
N VAL I 383 22.56 64.44 -54.37
CA VAL I 383 22.92 63.28 -53.55
C VAL I 383 23.49 63.77 -52.23
N ALA I 384 23.98 65.02 -52.23
CA ALA I 384 24.52 65.61 -51.01
C ALA I 384 23.41 65.92 -50.01
N SER I 385 22.34 66.54 -50.49
CA SER I 385 21.23 66.95 -49.63
C SER I 385 20.38 65.76 -49.17
N VAL I 386 20.68 64.56 -49.67
CA VAL I 386 19.96 63.34 -49.30
C VAL I 386 19.90 63.20 -47.79
N ASP I 387 18.69 63.00 -47.27
CA ASP I 387 18.48 62.94 -45.83
C ASP I 387 17.97 61.57 -45.41
N ILE I 388 17.89 61.37 -44.09
CA ILE I 388 17.45 60.13 -43.50
C ILE I 388 16.41 60.38 -42.40
N SER I 389 16.28 61.64 -41.99
CA SER I 389 15.72 62.08 -40.71
C SER I 389 14.44 61.37 -40.26
N THR I 390 13.33 61.52 -40.99
CA THR I 390 12.10 60.90 -40.50
C THR I 390 11.52 59.84 -41.44
N ALA I 391 11.18 60.26 -42.66
CA ALA I 391 10.36 59.43 -43.54
C ALA I 391 10.93 59.38 -44.94
N ASP I 392 11.30 60.53 -45.48
CA ASP I 392 11.81 60.65 -46.84
C ASP I 392 12.97 59.69 -47.06
N GLY I 393 13.95 59.73 -46.15
CA GLY I 393 15.19 58.99 -46.27
C GLY I 393 15.07 57.55 -46.71
N ALA I 394 14.31 56.75 -45.97
CA ALA I 394 14.23 55.30 -46.15
C ALA I 394 14.09 54.89 -47.61
N GLN I 395 13.37 55.69 -48.40
CA GLN I 395 13.11 55.38 -49.80
C GLN I 395 13.83 56.32 -50.75
N ASN I 396 14.03 57.59 -50.36
CA ASN I 396 14.71 58.52 -51.23
C ASN I 396 16.18 58.12 -51.42
N ALA I 397 16.82 57.66 -50.34
CA ALA I 397 18.20 57.19 -50.45
C ALA I 397 18.30 56.00 -51.38
N ILE I 398 17.28 55.13 -51.37
CA ILE I 398 17.24 54.00 -52.29
C ILE I 398 17.13 54.51 -53.73
N ALA I 399 16.19 55.41 -53.96
CA ALA I 399 16.01 55.97 -55.30
C ALA I 399 17.27 56.65 -55.80
N VAL I 400 18.05 57.24 -54.89
CA VAL I 400 19.34 57.81 -55.28
C VAL I 400 20.32 56.71 -55.65
N VAL I 401 20.62 55.84 -54.68
CA VAL I 401 21.73 54.89 -54.82
C VAL I 401 21.50 53.96 -56.02
N ASP I 402 20.23 53.67 -56.36
CA ASP I 402 19.97 52.82 -57.50
C ASP I 402 20.60 53.38 -58.76
N ASN I 403 20.15 54.55 -59.20
CA ASN I 403 20.68 55.13 -60.43
C ASN I 403 22.10 55.64 -60.26
N ALA I 404 22.51 55.95 -59.02
CA ALA I 404 23.90 56.33 -58.79
C ALA I 404 24.83 55.17 -59.12
N LEU I 405 24.56 54.00 -58.53
CA LEU I 405 25.33 52.80 -58.86
C LEU I 405 25.14 52.41 -60.32
N ALA I 406 23.98 52.73 -60.91
CA ALA I 406 23.78 52.48 -62.34
C ALA I 406 24.79 53.27 -63.17
N ALA I 407 24.91 54.57 -62.90
CA ALA I 407 25.89 55.38 -63.61
C ALA I 407 27.31 54.93 -63.31
N ILE I 408 27.56 54.47 -62.08
CA ILE I 408 28.89 54.01 -61.71
C ILE I 408 29.27 52.79 -62.53
N ASP I 409 28.35 51.81 -62.64
CA ASP I 409 28.68 50.62 -63.45
C ASP I 409 28.69 50.96 -64.92
N ALA I 410 27.96 51.99 -65.34
CA ALA I 410 28.07 52.45 -66.72
C ALA I 410 29.48 52.96 -67.00
N GLN I 411 30.03 53.74 -66.08
CA GLN I 411 31.42 54.19 -66.22
C GLN I 411 32.38 53.02 -66.17
N ARG I 412 32.09 52.02 -65.31
CA ARG I 412 32.94 50.84 -65.25
C ARG I 412 32.92 50.06 -66.55
N ALA I 413 31.75 49.95 -67.18
CA ALA I 413 31.66 49.28 -68.48
C ALA I 413 32.37 50.07 -69.56
N ASP I 414 32.29 51.41 -69.51
CA ASP I 414 33.05 52.21 -70.45
C ASP I 414 34.54 51.95 -70.29
N LEU I 415 35.03 51.93 -69.05
CA LEU I 415 36.43 51.62 -68.79
C LEU I 415 36.79 50.22 -69.26
N ALA I 416 35.86 49.28 -69.11
CA ALA I 416 36.07 47.92 -69.60
C ALA I 416 36.26 47.92 -71.12
N ALA I 417 35.42 48.67 -71.83
CA ALA I 417 35.58 48.80 -73.27
C ALA I 417 36.93 49.41 -73.62
N VAL I 418 37.33 50.45 -72.88
CA VAL I 418 38.62 51.09 -73.15
C VAL I 418 39.76 50.10 -72.97
N GLN I 419 39.74 49.34 -71.88
CA GLN I 419 40.84 48.41 -71.63
C GLN I 419 40.84 47.23 -72.59
N ASN I 420 39.66 46.75 -72.99
CA ASN I 420 39.61 45.69 -73.99
C ASN I 420 40.16 46.18 -75.32
N ARG I 421 39.76 47.38 -75.73
CA ARG I 421 40.33 47.96 -76.95
C ARG I 421 41.84 48.14 -76.80
N PHE I 422 42.30 48.53 -75.61
CA PHE I 422 43.73 48.70 -75.39
C PHE I 422 44.48 47.39 -75.55
N LYS I 423 43.95 46.30 -74.97
CA LYS I 423 44.65 45.02 -75.07
C LYS I 423 44.63 44.49 -76.48
N ASN I 424 43.50 44.64 -77.18
CA ASN I 424 43.46 44.21 -78.58
C ASN I 424 44.43 45.00 -79.44
N THR I 425 44.48 46.32 -79.25
CA THR I 425 45.38 47.15 -80.04
C THR I 425 46.83 46.87 -79.70
N ILE I 426 47.14 46.58 -78.43
CA ILE I 426 48.54 46.32 -78.09
C ILE I 426 48.98 44.96 -78.61
N ASP I 427 48.06 43.98 -78.64
CA ASP I 427 48.38 42.70 -79.27
C ASP I 427 48.64 42.88 -80.75
N ASN I 428 47.71 43.53 -81.46
CA ASN I 428 47.90 43.76 -82.89
C ASN I 428 49.16 44.58 -83.15
N LEU I 429 49.47 45.51 -82.24
CA LEU I 429 50.61 46.39 -82.41
C LEU I 429 51.91 45.63 -82.23
N THR I 430 51.97 44.74 -81.24
CA THR I 430 53.14 43.88 -81.08
C THR I 430 53.31 42.98 -82.31
N ASN I 431 52.19 42.48 -82.86
CA ASN I 431 52.29 41.65 -84.05
C ASN I 431 52.87 42.44 -85.24
N ILE I 432 52.34 43.64 -85.49
CA ILE I 432 52.84 44.45 -86.59
C ILE I 432 54.28 44.88 -86.35
N SER I 433 54.64 45.08 -85.08
CA SER I 433 56.02 45.45 -84.75
C SER I 433 56.97 44.30 -85.05
N GLU I 434 56.59 43.08 -84.68
CA GLU I 434 57.42 41.93 -85.02
C GLU I 434 57.52 41.73 -86.53
N ASN I 435 56.41 41.95 -87.24
CA ASN I 435 56.44 41.83 -88.70
C ASN I 435 57.35 42.89 -89.32
N ALA I 436 57.33 44.11 -88.79
CA ALA I 436 58.20 45.16 -89.30
C ALA I 436 59.65 44.86 -89.01
N THR I 437 59.95 44.33 -87.83
CA THR I 437 61.32 43.93 -87.52
C THR I 437 61.78 42.79 -88.43
N ASN I 438 60.87 41.86 -88.75
CA ASN I 438 61.24 40.77 -89.65
C ASN I 438 61.53 41.30 -91.05
N ALA I 439 60.71 42.22 -91.54
CA ALA I 439 60.98 42.83 -92.84
C ALA I 439 62.30 43.59 -92.81
N ARG I 440 62.57 44.29 -91.71
CA ARG I 440 63.82 45.01 -91.57
C ARG I 440 65.01 44.06 -91.57
N SER I 441 64.84 42.86 -91.03
CA SER I 441 65.91 41.88 -91.06
C SER I 441 66.13 41.39 -92.50
N ARG I 442 65.06 41.02 -93.18
CA ARG I 442 65.20 40.55 -94.56
C ARG I 442 65.76 41.62 -95.49
N ILE I 443 65.57 42.91 -95.19
CA ILE I 443 66.11 43.95 -96.06
C ILE I 443 67.50 44.42 -95.60
N LYS I 444 67.83 44.25 -94.31
CA LYS I 444 69.06 44.78 -93.73
C LYS I 444 70.01 43.71 -93.21
N ASP I 445 69.50 42.76 -92.43
CA ASP I 445 70.36 41.76 -91.82
C ASP I 445 71.02 40.92 -92.90
N THR I 446 72.35 40.96 -92.95
CA THR I 446 73.09 40.27 -94.00
C THR I 446 73.01 38.76 -93.83
N ASP I 447 72.80 38.05 -94.94
CA ASP I 447 72.90 36.59 -94.95
C ASP I 447 74.35 36.17 -95.12
N PHE I 448 75.13 36.40 -94.05
CA PHE I 448 76.57 36.21 -94.08
C PHE I 448 76.99 34.77 -94.36
N ALA I 449 76.05 33.83 -94.39
CA ALA I 449 76.37 32.45 -94.77
C ALA I 449 77.08 32.38 -96.12
N ALA I 450 76.80 33.34 -97.01
CA ALA I 450 77.55 33.48 -98.25
C ALA I 450 78.53 34.64 -98.25
N GLU I 451 78.33 35.63 -97.38
CA GLU I 451 79.24 36.77 -97.34
C GLU I 451 80.59 36.44 -96.73
N THR I 452 80.66 35.50 -95.78
CA THR I 452 81.97 35.05 -95.32
C THR I 452 82.74 34.38 -96.46
N ALA I 453 82.06 33.53 -97.24
CA ALA I 453 82.70 32.93 -98.40
C ALA I 453 83.13 34.00 -99.41
N ALA I 454 82.29 35.02 -99.59
CA ALA I 454 82.62 36.08 -100.53
C ALA I 454 83.86 36.86 -100.09
N LEU I 455 83.94 37.19 -98.80
CA LEU I 455 85.10 37.94 -98.31
C LEU I 455 86.36 37.10 -98.33
N SER I 456 86.23 35.80 -98.05
CA SER I 456 87.39 34.92 -98.16
C SER I 456 87.86 34.82 -99.61
N LYS I 457 86.92 34.74 -100.54
CA LYS I 457 87.27 34.80 -101.96
C LYS I 457 87.99 36.10 -102.29
N ASN I 458 87.48 37.22 -101.77
CA ASN I 458 88.10 38.51 -102.04
C ASN I 458 89.54 38.55 -101.54
N GLN I 459 89.77 38.07 -100.32
CA GLN I 459 91.12 38.13 -99.77
C GLN I 459 92.06 37.17 -100.47
N VAL I 460 91.56 36.03 -100.96
CA VAL I 460 92.46 35.12 -101.67
C VAL I 460 92.78 35.66 -103.06
N LEU I 461 91.83 36.34 -103.70
CA LEU I 461 92.18 37.05 -104.93
C LEU I 461 93.17 38.17 -104.64
N GLN I 462 93.06 38.80 -103.47
CA GLN I 462 94.05 39.79 -103.07
C GLN I 462 95.45 39.18 -102.99
N GLN I 463 95.58 38.08 -102.24
CA GLN I 463 96.87 37.42 -102.12
C GLN I 463 97.38 36.97 -103.47
N ALA I 464 96.50 36.45 -104.34
CA ALA I 464 96.91 36.02 -105.66
C ALA I 464 97.42 37.18 -106.48
N GLY I 465 96.73 38.32 -106.43
CA GLY I 465 97.17 39.48 -107.18
C GLY I 465 98.52 39.99 -106.71
N THR I 466 98.72 40.06 -105.39
CA THR I 466 100.01 40.46 -104.86
C THR I 466 101.10 39.48 -105.25
N ALA I 467 100.77 38.18 -105.29
CA ALA I 467 101.76 37.19 -105.70
C ALA I 467 102.16 37.36 -107.15
N ILE I 468 101.18 37.53 -108.04
CA ILE I 468 101.50 37.74 -109.44
C ILE I 468 102.27 39.04 -109.63
N LEU I 469 101.94 40.07 -108.85
CA LEU I 469 102.69 41.32 -108.92
C LEU I 469 104.14 41.11 -108.51
N ALA I 470 104.35 40.38 -107.41
CA ALA I 470 105.72 40.13 -106.94
C ALA I 470 106.52 39.31 -107.93
N GLN I 471 105.89 38.34 -108.59
CA GLN I 471 106.65 37.52 -109.53
C GLN I 471 106.84 38.24 -110.86
N ALA I 472 105.96 39.20 -111.19
CA ALA I 472 106.11 39.94 -112.43
C ALA I 472 107.11 41.08 -112.29
N ASN I 473 107.26 41.63 -111.08
CA ASN I 473 108.21 42.71 -110.86
C ASN I 473 109.66 42.21 -110.88
N GLN I 474 109.85 40.95 -111.25
CA GLN I 474 111.18 40.38 -111.41
C GLN I 474 111.56 40.15 -112.87
N LEU I 475 110.59 40.23 -113.79
CA LEU I 475 110.87 39.97 -115.20
C LEU I 475 111.79 41.01 -115.83
N PRO I 476 111.52 42.32 -115.74
CA PRO I 476 112.34 43.27 -116.50
C PRO I 476 113.80 43.29 -116.08
N GLN I 477 114.10 43.29 -114.78
CA GLN I 477 115.49 43.28 -114.35
C GLN I 477 116.19 42.02 -114.85
N ALA I 478 115.49 40.89 -114.84
CA ALA I 478 116.06 39.64 -115.32
C ALA I 478 116.39 39.71 -116.81
N VAL I 479 115.44 40.20 -117.62
CA VAL I 479 115.67 40.23 -119.06
C VAL I 479 116.75 41.25 -119.42
N LEU I 480 116.84 42.34 -118.65
CA LEU I 480 117.91 43.30 -118.88
C LEU I 480 119.28 42.76 -118.46
N SER I 481 119.34 42.01 -117.36
CA SER I 481 120.61 41.37 -117.00
C SER I 481 120.99 40.29 -118.00
N LEU I 482 119.99 39.69 -118.66
CA LEU I 482 120.26 38.71 -119.70
C LEU I 482 120.76 39.34 -120.99
N LEU I 483 120.18 40.47 -121.41
CA LEU I 483 120.61 41.14 -122.62
C LEU I 483 121.83 42.03 -122.42
N ARG I 484 122.36 42.10 -121.21
CA ARG I 484 123.56 42.89 -120.95
C ARG I 484 124.71 42.01 -120.49
N VAL J 1 21.38 29.85 -32.52
CA VAL J 1 20.80 30.45 -31.32
C VAL J 1 21.47 29.87 -30.07
N ASN J 2 22.41 30.61 -29.49
CA ASN J 2 23.15 30.09 -28.34
C ASN J 2 23.30 31.06 -27.18
N THR J 3 23.23 32.38 -27.38
CA THR J 3 23.43 33.30 -26.26
C THR J 3 22.22 33.37 -25.35
N ASN J 4 21.08 32.83 -25.76
CA ASN J 4 19.90 32.72 -24.90
C ASN J 4 18.93 31.74 -25.55
N ILE J 5 17.97 31.27 -24.76
CA ILE J 5 16.96 30.33 -25.21
C ILE J 5 15.60 30.94 -24.95
N ALA J 6 14.74 30.96 -25.98
CA ALA J 6 13.41 31.52 -25.84
C ALA J 6 12.49 30.65 -25.00
N SER J 7 13.01 29.59 -24.37
CA SER J 7 12.20 28.67 -23.57
C SER J 7 11.77 29.27 -22.24
N LEU J 8 12.00 30.56 -21.99
CA LEU J 8 11.58 31.17 -20.74
C LEU J 8 10.07 31.28 -20.61
N ASN J 9 9.32 31.07 -21.70
CA ASN J 9 7.87 30.96 -21.58
C ASN J 9 7.50 29.77 -20.70
N THR J 10 8.26 28.67 -20.81
CA THR J 10 8.04 27.53 -19.92
C THR J 10 8.32 27.92 -18.47
N GLN J 11 9.36 28.73 -18.24
CA GLN J 11 9.65 29.19 -16.88
C GLN J 11 8.52 30.06 -16.34
N ARG J 12 7.99 30.96 -17.17
CA ARG J 12 6.87 31.79 -16.76
C ARG J 12 5.65 30.94 -16.41
N ASN J 13 5.34 29.96 -17.26
CA ASN J 13 4.22 29.08 -16.98
C ASN J 13 4.44 28.27 -15.70
N LEU J 14 5.68 27.84 -15.46
CA LEU J 14 5.98 27.12 -14.23
C LEU J 14 5.81 28.01 -13.00
N ASN J 15 6.21 29.28 -13.12
CA ASN J 15 6.05 30.21 -12.01
C ASN J 15 4.58 30.45 -11.72
N ALA J 16 3.78 30.66 -12.77
CA ALA J 16 2.34 30.87 -12.58
C ALA J 16 1.68 29.63 -11.98
N SER J 17 2.07 28.45 -12.46
CA SER J 17 1.50 27.21 -11.93
C SER J 17 1.88 26.99 -10.47
N SER J 18 3.12 27.35 -10.10
CA SER J 18 3.53 27.23 -8.72
C SER J 18 2.79 28.21 -7.83
N ASN J 19 2.54 29.42 -8.32
CA ASN J 19 1.72 30.37 -7.57
C ASN J 19 0.32 29.83 -7.36
N ASP J 20 -0.27 29.26 -8.41
CA ASP J 20 -1.58 28.64 -8.30
C ASP J 20 -1.55 27.50 -7.28
N LEU J 21 -0.46 26.72 -7.27
CA LEU J 21 -0.32 25.64 -6.30
C LEU J 21 -0.30 26.17 -4.88
N ASN J 22 0.50 27.21 -4.63
CA ASN J 22 0.55 27.76 -3.27
C ASN J 22 -0.82 28.28 -2.85
N THR J 23 -1.51 28.99 -3.74
CA THR J 23 -2.83 29.51 -3.40
C THR J 23 -3.81 28.37 -3.08
N SER J 24 -3.90 27.38 -3.96
CA SER J 24 -4.85 26.29 -3.76
C SER J 24 -4.51 25.46 -2.53
N LEU J 25 -3.21 25.22 -2.30
CA LEU J 25 -2.80 24.45 -1.15
C LEU J 25 -3.12 25.18 0.15
N GLN J 26 -2.91 26.50 0.17
CA GLN J 26 -3.33 27.30 1.31
C GLN J 26 -4.84 27.22 1.51
N ARG J 27 -5.59 27.27 0.40
CA ARG J 27 -7.04 27.15 0.48
C ARG J 27 -7.45 25.85 1.15
N LEU J 28 -6.83 24.74 0.76
CA LEU J 28 -7.26 23.46 1.31
C LEU J 28 -6.77 23.25 2.74
N THR J 29 -5.54 23.68 3.06
CA THR J 29 -5.08 23.50 4.44
C THR J 29 -5.82 24.43 5.39
N THR J 30 -6.36 25.54 4.89
CA THR J 30 -7.21 26.40 5.69
C THR J 30 -8.68 26.01 5.58
N GLY J 31 -9.05 25.29 4.51
CA GLY J 31 -10.43 24.91 4.28
C GLY J 31 -11.30 25.99 3.70
N TYR J 32 -10.74 27.16 3.39
CA TYR J 32 -11.51 28.30 2.89
C TYR J 32 -11.10 28.57 1.46
N ARG J 33 -12.08 28.56 0.54
CA ARG J 33 -11.78 28.84 -0.86
C ARG J 33 -11.25 30.26 -1.01
N ILE J 34 -11.88 31.22 -0.34
CA ILE J 34 -11.30 32.56 -0.25
C ILE J 34 -10.41 32.60 0.98
N ASN J 35 -9.11 32.75 0.77
CA ASN J 35 -8.16 32.76 1.86
C ASN J 35 -8.45 33.94 2.79
N SER J 36 -8.00 33.82 4.04
CA SER J 36 -8.04 34.94 4.97
C SER J 36 -7.21 36.11 4.46
N ALA J 37 -6.47 35.93 3.37
CA ALA J 37 -5.68 36.98 2.75
C ALA J 37 -6.58 37.86 1.89
N LYS J 38 -5.93 38.64 1.02
CA LYS J 38 -6.60 39.66 0.21
C LYS J 38 -7.76 39.11 -0.62
N ASP J 39 -7.71 37.83 -0.97
CA ASP J 39 -8.52 37.32 -2.08
C ASP J 39 -10.01 37.60 -1.88
N ASP J 40 -10.64 38.12 -2.94
CA ASP J 40 -12.08 38.39 -2.97
C ASP J 40 -12.47 39.37 -1.84
N ALA J 41 -11.96 40.59 -1.98
CA ALA J 41 -12.19 41.64 -0.98
C ALA J 41 -13.66 41.79 -0.64
N ALA J 42 -14.55 41.70 -1.64
CA ALA J 42 -15.98 41.73 -1.37
C ALA J 42 -16.39 40.50 -0.58
N GLY J 43 -15.99 39.31 -1.04
CA GLY J 43 -16.25 38.11 -0.28
C GLY J 43 -15.58 38.12 1.08
N LEU J 44 -14.42 38.77 1.17
CA LEU J 44 -13.74 38.89 2.46
C LEU J 44 -14.56 39.73 3.42
N GLN J 45 -15.09 40.87 2.96
CA GLN J 45 -15.97 41.69 3.79
C GLN J 45 -17.20 40.92 4.20
N ILE J 46 -17.81 40.19 3.26
CA ILE J 46 -19.00 39.40 3.57
C ILE J 46 -18.68 38.37 4.65
N SER J 47 -17.52 37.71 4.54
CA SER J 47 -17.15 36.69 5.50
C SER J 47 -16.89 37.28 6.89
N ASN J 48 -16.16 38.39 6.95
CA ASN J 48 -15.93 39.04 8.23
C ASN J 48 -17.24 39.49 8.87
N ARG J 49 -18.16 40.02 8.07
CA ARG J 49 -19.44 40.46 8.61
C ARG J 49 -20.25 39.27 9.11
N LEU J 50 -20.25 38.16 8.37
CA LEU J 50 -20.95 36.96 8.83
C LEU J 50 -20.34 36.43 10.11
N SER J 51 -19.01 36.52 10.26
CA SER J 51 -18.38 36.05 11.48
C SER J 51 -18.77 36.92 12.67
N ASN J 52 -18.72 38.24 12.50
CA ASN J 52 -19.21 39.15 13.52
C ASN J 52 -20.63 38.77 13.93
N GLN J 53 -21.50 38.55 12.94
CA GLN J 53 -22.89 38.25 13.24
C GLN J 53 -23.03 36.94 14.00
N ILE J 54 -22.39 35.87 13.53
CA ILE J 54 -22.57 34.57 14.17
C ILE J 54 -22.01 34.59 15.59
N SER J 55 -20.89 35.28 15.79
CA SER J 55 -20.33 35.37 17.15
C SER J 55 -21.26 36.17 18.07
N GLY J 56 -21.83 37.27 17.56
CA GLY J 56 -22.79 38.01 18.34
C GLY J 56 -24.00 37.18 18.71
N LEU J 57 -24.48 36.36 17.77
CA LEU J 57 -25.62 35.50 18.05
C LEU J 57 -25.28 34.40 19.06
N ASN J 58 -24.06 33.87 19.02
CA ASN J 58 -23.67 32.88 20.03
C ASN J 58 -23.64 33.51 21.42
N VAL J 59 -22.95 34.64 21.56
CA VAL J 59 -22.86 35.27 22.87
C VAL J 59 -24.25 35.76 23.32
N ALA J 60 -25.12 36.12 22.38
CA ALA J 60 -26.47 36.52 22.74
C ALA J 60 -27.29 35.32 23.21
N THR J 61 -27.10 34.17 22.57
CA THR J 61 -27.73 32.94 23.05
C THR J 61 -27.30 32.64 24.47
N ARG J 62 -26.01 32.82 24.77
CA ARG J 62 -25.54 32.53 26.12
C ARG J 62 -26.12 33.52 27.13
N ASN J 63 -26.15 34.81 26.78
CA ASN J 63 -26.75 35.80 27.66
C ASN J 63 -28.24 35.53 27.88
N ALA J 64 -28.93 35.09 26.83
CA ALA J 64 -30.35 34.77 26.94
C ALA J 64 -30.57 33.56 27.83
N ASN J 65 -29.70 32.56 27.74
CA ASN J 65 -29.81 31.41 28.63
C ASN J 65 -29.59 31.82 30.07
N ASP J 66 -28.60 32.68 30.32
CA ASP J 66 -28.41 33.22 31.67
C ASP J 66 -29.66 33.96 32.14
N GLY J 67 -30.30 34.71 31.24
CA GLY J 67 -31.53 35.40 31.60
C GLY J 67 -32.67 34.45 31.93
N ILE J 68 -32.79 33.35 31.17
CA ILE J 68 -33.81 32.35 31.47
C ILE J 68 -33.56 31.74 32.84
N SER J 69 -32.29 31.47 33.17
CA SER J 69 -31.98 30.91 34.49
C SER J 69 -32.34 31.90 35.59
N LEU J 70 -32.03 33.18 35.39
CA LEU J 70 -32.37 34.20 36.38
C LEU J 70 -33.88 34.28 36.57
N ALA J 71 -34.63 34.30 35.46
CA ALA J 71 -36.08 34.33 35.54
C ALA J 71 -36.64 33.08 36.20
N GLN J 72 -35.99 31.93 36.01
CA GLN J 72 -36.46 30.69 36.63
C GLN J 72 -36.26 30.74 38.14
N THR J 73 -35.11 31.26 38.58
CA THR J 73 -34.88 31.45 40.00
C THR J 73 -35.90 32.43 40.59
N ALA J 74 -36.19 33.51 39.88
CA ALA J 74 -37.18 34.47 40.35
C ALA J 74 -38.56 33.81 40.46
N GLU J 75 -38.92 32.99 39.47
CA GLU J 75 -40.22 32.32 39.49
C GLU J 75 -40.29 31.33 40.64
N GLY J 76 -39.19 30.65 40.95
CA GLY J 76 -39.18 29.75 42.08
C GLY J 76 -39.37 30.48 43.41
N ALA J 77 -38.65 31.59 43.57
CA ALA J 77 -38.84 32.41 44.78
C ALA J 77 -40.28 32.89 44.87
N LEU J 78 -40.86 33.30 43.74
CA LEU J 78 -42.25 33.75 43.74
C LEU J 78 -43.19 32.62 44.11
N GLN J 79 -42.95 31.41 43.63
CA GLN J 79 -43.78 30.27 43.98
C GLN J 79 -43.72 30.00 45.49
N GLN J 80 -42.51 30.07 46.05
CA GLN J 80 -42.37 29.93 47.50
C GLN J 80 -43.17 31.01 48.23
N SER J 81 -43.14 32.23 47.71
CA SER J 81 -43.95 33.30 48.31
C SER J 81 -45.43 32.98 48.21
N THR J 82 -45.87 32.37 47.10
CA THR J 82 -47.26 31.96 46.99
C THR J 82 -47.62 30.92 48.05
N ASN J 83 -46.73 29.95 48.29
CA ASN J 83 -47.02 28.97 49.33
C ASN J 83 -47.12 29.63 50.70
N ILE J 84 -46.20 30.55 51.00
CA ILE J 84 -46.24 31.24 52.29
C ILE J 84 -47.52 32.06 52.43
N LEU J 85 -47.92 32.73 51.35
CA LEU J 85 -49.11 33.57 51.42
C LEU J 85 -50.38 32.72 51.51
N GLN J 86 -50.36 31.53 50.91
CA GLN J 86 -51.50 30.62 51.05
C GLN J 86 -51.59 30.09 52.48
N ARG J 87 -50.45 29.78 53.09
CA ARG J 87 -50.46 29.41 54.49
C ARG J 87 -50.97 30.56 55.36
N ILE J 88 -50.62 31.79 54.99
CA ILE J 88 -51.12 32.95 55.71
C ILE J 88 -52.64 33.04 55.59
N ARG J 89 -53.17 32.83 54.38
CA ARG J 89 -54.62 32.81 54.21
C ARG J 89 -55.27 31.69 55.03
N ASP J 90 -54.60 30.54 55.11
CA ASP J 90 -55.14 29.43 55.90
C ASP J 90 -55.23 29.81 57.37
N LEU J 91 -54.16 30.40 57.91
CA LEU J 91 -54.19 30.85 59.30
C LEU J 91 -55.20 31.97 59.51
N ALA J 92 -55.44 32.77 58.46
CA ALA J 92 -56.44 33.82 58.55
C ALA J 92 -57.85 33.24 58.66
N LEU J 93 -58.14 32.24 57.83
CA LEU J 93 -59.42 31.54 57.93
C LEU J 93 -59.56 30.84 59.27
N GLN J 94 -58.47 30.29 59.80
CA GLN J 94 -58.52 29.65 61.11
C GLN J 94 -58.72 30.70 62.21
N SER J 95 -58.30 31.94 61.96
CA SER J 95 -58.36 33.01 62.93
C SER J 95 -59.77 33.43 63.30
N ALA J 96 -60.80 32.87 62.65
CA ALA J 96 -62.17 33.19 63.04
C ALA J 96 -62.44 32.81 64.49
N ASN J 97 -62.04 31.61 64.89
CA ASN J 97 -62.08 31.16 66.28
C ASN J 97 -63.48 31.17 66.89
N GLY J 98 -64.51 31.37 66.06
CA GLY J 98 -65.84 31.57 66.58
C GLY J 98 -65.96 32.85 67.39
N SER J 99 -64.89 33.65 67.39
CA SER J 99 -64.79 34.96 68.02
C SER J 99 -64.74 34.86 69.55
N ASN J 100 -64.93 33.67 70.11
CA ASN J 100 -64.87 33.53 71.56
C ASN J 100 -64.25 32.23 72.05
N SER J 101 -63.73 31.36 71.17
CA SER J 101 -63.33 30.03 71.60
C SER J 101 -61.83 29.90 71.79
N ASP J 102 -61.03 30.50 70.92
CA ASP J 102 -59.59 30.29 70.89
C ASP J 102 -58.92 31.39 71.72
N ALA J 103 -58.51 31.04 72.94
CA ALA J 103 -57.78 31.98 73.78
C ALA J 103 -56.32 32.11 73.35
N ASP J 104 -55.87 31.30 72.39
CA ASP J 104 -54.50 31.34 71.89
C ASP J 104 -54.35 32.30 70.71
N ARG J 105 -55.16 33.35 70.66
CA ARG J 105 -54.99 34.37 69.63
C ARG J 105 -53.62 35.03 69.68
N ALA J 106 -53.04 35.16 70.87
CA ALA J 106 -51.69 35.71 70.98
C ALA J 106 -50.67 34.78 70.32
N ALA J 107 -50.79 33.47 70.57
CA ALA J 107 -49.90 32.52 69.93
C ALA J 107 -50.10 32.49 68.42
N LEU J 108 -51.34 32.63 67.97
CA LEU J 108 -51.60 32.71 66.54
C LEU J 108 -50.98 33.96 65.92
N GLN J 109 -51.03 35.08 66.65
CA GLN J 109 -50.40 36.30 66.17
C GLN J 109 -48.89 36.14 66.09
N LYS J 110 -48.28 35.49 67.08
CA LYS J 110 -46.86 35.21 67.02
C LYS J 110 -46.53 34.30 65.85
N GLU J 111 -47.40 33.32 65.56
CA GLU J 111 -47.17 32.42 64.44
C GLU J 111 -47.21 33.18 63.11
N VAL J 112 -48.21 34.03 62.93
CA VAL J 112 -48.31 34.76 61.67
C VAL J 112 -47.20 35.82 61.58
N ALA J 113 -46.72 36.33 62.71
CA ALA J 113 -45.59 37.24 62.69
C ALA J 113 -44.31 36.53 62.26
N ALA J 114 -44.11 35.31 62.77
CA ALA J 114 -42.97 34.51 62.32
C ALA J 114 -43.10 34.19 60.83
N GLN J 115 -44.32 33.93 60.37
CA GLN J 115 -44.54 33.69 58.94
C GLN J 115 -44.22 34.94 58.12
N GLN J 116 -44.58 36.12 58.61
CA GLN J 116 -44.23 37.35 57.91
C GLN J 116 -42.73 37.58 57.90
N ALA J 117 -42.05 37.26 59.00
CA ALA J 117 -40.58 37.36 59.02
C ALA J 117 -39.96 36.41 58.02
N GLU J 118 -40.48 35.19 57.91
CA GLU J 118 -39.99 34.25 56.92
C GLU J 118 -40.27 34.75 55.50
N LEU J 119 -41.41 35.40 55.30
CA LEU J 119 -41.70 35.97 53.99
C LEU J 119 -40.71 37.06 53.64
N THR J 120 -40.40 37.95 54.59
CA THR J 120 -39.40 38.97 54.34
C THR J 120 -38.02 38.36 54.10
N ARG J 121 -37.77 37.19 54.71
CA ARG J 121 -36.52 36.48 54.44
C ARG J 121 -36.50 35.89 53.04
N ILE J 122 -37.64 35.40 52.55
CA ILE J 122 -37.75 34.95 51.17
C ILE J 122 -37.54 36.12 50.22
N SER J 123 -38.01 37.31 50.60
CA SER J 123 -37.68 38.51 49.84
C SER J 123 -36.18 38.65 49.68
N ASP J 124 -35.44 38.56 50.79
CA ASP J 124 -33.99 38.53 50.75
C ASP J 124 -33.52 37.12 50.41
N THR J 125 -32.23 36.85 50.62
CA THR J 125 -31.62 35.53 50.42
C THR J 125 -31.74 35.02 48.99
N THR J 126 -32.13 35.88 48.06
CA THR J 126 -32.19 35.55 46.64
C THR J 126 -31.05 36.21 45.88
N THR J 127 -29.88 36.29 46.53
CA THR J 127 -28.72 36.96 45.96
C THR J 127 -28.09 36.10 44.85
N PHE J 128 -28.68 36.23 43.66
CA PHE J 128 -28.14 35.56 42.48
C PHE J 128 -26.89 36.30 42.04
N GLY J 129 -25.83 36.22 42.83
CA GLY J 129 -24.63 37.00 42.62
C GLY J 129 -24.47 38.19 43.55
N GLY J 130 -25.08 38.17 44.73
CA GLY J 130 -25.01 39.29 45.65
C GLY J 130 -25.85 40.46 45.18
N ARG J 131 -26.88 40.16 44.39
CA ARG J 131 -27.72 41.16 43.73
C ARG J 131 -29.19 40.79 43.88
N LYS J 132 -29.59 40.52 45.13
CA LYS J 132 -30.89 39.93 45.48
C LYS J 132 -32.02 40.37 44.55
N LEU J 133 -32.76 39.41 44.01
CA LEU J 133 -33.56 39.65 42.82
C LEU J 133 -34.81 40.45 43.12
N LEU J 134 -35.72 39.88 43.91
CA LEU J 134 -37.07 40.43 44.01
C LEU J 134 -37.23 41.51 45.07
N ASP J 135 -36.33 41.57 46.05
CA ASP J 135 -36.45 42.59 47.09
C ASP J 135 -35.40 43.68 46.90
N GLY J 136 -35.36 44.60 47.85
CA GLY J 136 -34.37 45.65 47.82
C GLY J 136 -34.67 46.65 46.71
N SER J 137 -33.64 47.04 45.99
CA SER J 137 -33.75 48.01 44.89
C SER J 137 -33.31 47.32 43.60
N PHE J 138 -34.27 46.81 42.85
CA PHE J 138 -34.02 46.20 41.55
C PHE J 138 -34.04 47.29 40.49
N GLY J 139 -32.92 47.41 39.75
CA GLY J 139 -32.75 48.49 38.80
C GLY J 139 -33.58 48.37 37.54
N THR J 140 -34.55 47.46 37.51
CA THR J 140 -35.37 47.22 36.32
C THR J 140 -34.49 46.91 35.11
N THR J 141 -33.76 45.80 35.23
CA THR J 141 -32.73 45.43 34.28
C THR J 141 -33.37 45.03 32.95
N SER J 142 -32.55 44.82 31.93
CA SER J 142 -33.02 44.47 30.59
C SER J 142 -31.92 43.70 29.89
N PHE J 143 -32.24 42.49 29.44
CA PHE J 143 -31.21 41.60 28.90
C PHE J 143 -31.08 41.80 27.39
N GLN J 144 -29.87 42.10 26.93
CA GLN J 144 -29.63 42.24 25.50
C GLN J 144 -29.56 40.87 24.84
N VAL J 145 -30.23 40.73 23.70
CA VAL J 145 -30.30 39.45 23.00
C VAL J 145 -29.96 39.56 21.52
N GLY J 146 -29.72 40.76 21.00
CA GLY J 146 -29.44 40.95 19.61
C GLY J 146 -27.98 41.28 19.37
N SER J 147 -27.55 41.11 18.12
CA SER J 147 -26.16 41.36 17.72
C SER J 147 -25.87 42.82 17.48
N ASN J 148 -26.82 43.72 17.76
CA ASN J 148 -26.63 45.15 17.60
C ASN J 148 -26.96 45.85 18.91
N ALA J 149 -26.57 47.12 18.99
CA ALA J 149 -26.74 47.88 20.22
C ALA J 149 -28.21 48.23 20.46
N TYR J 150 -28.59 48.29 21.75
CA TYR J 150 -29.87 48.79 22.21
C TYR J 150 -31.06 47.91 21.84
N GLU J 151 -30.84 46.82 21.12
CA GLU J 151 -31.92 45.86 20.90
C GLU J 151 -31.97 44.87 22.07
N THR J 152 -32.81 45.17 23.05
CA THR J 152 -32.81 44.46 24.32
C THR J 152 -34.22 44.01 24.67
N ILE J 153 -34.31 43.21 25.73
CA ILE J 153 -35.57 42.71 26.25
C ILE J 153 -35.71 43.19 27.69
N ASP J 154 -36.69 44.06 27.93
CA ASP J 154 -36.86 44.65 29.25
C ASP J 154 -37.64 43.73 30.18
N ILE J 155 -37.42 43.90 31.47
CA ILE J 155 -38.10 43.13 32.51
C ILE J 155 -38.53 44.10 33.61
N SER J 156 -39.69 43.83 34.21
CA SER J 156 -40.30 44.69 35.21
C SER J 156 -40.49 43.92 36.51
N LEU J 157 -39.45 43.23 36.94
CA LEU J 157 -39.45 42.44 38.17
C LEU J 157 -39.97 43.25 39.36
N GLN J 158 -40.69 42.59 40.26
CA GLN J 158 -41.29 43.25 41.41
C GLN J 158 -40.22 43.93 42.25
N ASN J 159 -40.54 45.12 42.76
CA ASN J 159 -39.61 45.84 43.63
C ASN J 159 -39.38 45.08 44.93
N ALA J 160 -40.44 44.52 45.50
CA ALA J 160 -40.33 43.74 46.72
C ALA J 160 -41.65 43.02 46.99
N SER J 161 -41.54 41.81 47.53
CA SER J 161 -42.68 41.12 48.11
C SER J 161 -42.90 41.52 49.57
N ALA J 162 -42.35 42.67 49.97
CA ALA J 162 -42.34 43.17 51.35
C ALA J 162 -43.55 44.04 51.65
N SER J 163 -43.42 44.90 52.65
CA SER J 163 -44.50 45.72 53.18
C SER J 163 -44.95 46.77 52.16
N ALA J 164 -45.66 47.79 52.66
CA ALA J 164 -46.45 48.79 51.92
C ALA J 164 -45.73 49.22 50.64
N ILE J 165 -44.42 48.94 50.48
CA ILE J 165 -43.63 49.31 49.32
C ILE J 165 -44.13 48.64 48.04
N GLY J 166 -45.37 48.14 48.05
CA GLY J 166 -45.84 47.23 47.01
C GLY J 166 -46.76 46.10 47.46
N SER J 167 -47.48 46.33 48.57
CA SER J 167 -48.59 45.47 48.94
C SER J 167 -49.90 46.18 48.62
N TYR J 168 -51.04 45.60 48.99
CA TYR J 168 -52.33 46.04 48.44
C TYR J 168 -52.62 47.42 49.02
N GLN J 169 -52.98 48.38 48.17
CA GLN J 169 -53.24 49.72 48.65
C GLN J 169 -54.59 49.79 49.37
N VAL J 170 -54.74 50.79 50.23
CA VAL J 170 -55.85 50.83 51.18
C VAL J 170 -56.54 52.18 51.07
N GLY J 171 -57.86 52.15 50.91
CA GLY J 171 -58.67 53.35 51.04
C GLY J 171 -59.56 53.25 52.26
N SER J 172 -59.29 54.06 53.28
CA SER J 172 -59.98 53.96 54.55
C SER J 172 -60.51 55.32 54.97
N ASN J 173 -61.41 55.31 55.97
CA ASN J 173 -62.05 56.54 56.41
C ASN J 173 -61.08 57.45 57.15
N GLY J 174 -60.55 56.99 58.28
CA GLY J 174 -59.63 57.82 59.06
C GLY J 174 -58.22 57.77 58.54
N ALA J 175 -58.05 57.47 57.24
CA ALA J 175 -56.73 57.32 56.63
C ALA J 175 -55.80 58.50 56.91
N GLY J 176 -56.17 59.68 56.46
CA GLY J 176 -55.29 60.83 56.61
C GLY J 176 -55.22 61.40 58.01
N THR J 177 -56.28 62.06 58.45
CA THR J 177 -56.34 62.59 59.81
C THR J 177 -57.54 62.04 60.58
N VAL J 178 -58.73 62.22 60.01
CA VAL J 178 -59.98 61.85 60.66
C VAL J 178 -61.07 61.79 59.60
N ALA J 179 -62.15 61.08 59.87
CA ALA J 179 -63.23 60.88 58.92
C ALA J 179 -64.39 61.82 59.23
N SER J 180 -65.04 62.31 58.19
CA SER J 180 -66.26 63.08 58.35
C SER J 180 -67.46 62.15 58.54
N VAL J 181 -68.65 62.70 58.30
CA VAL J 181 -69.94 62.08 58.59
C VAL J 181 -69.95 60.58 58.36
N ALA J 182 -69.38 60.13 57.24
CA ALA J 182 -69.24 58.69 57.01
C ALA J 182 -68.32 58.07 58.06
N GLY J 183 -68.88 57.27 58.95
CA GLY J 183 -68.10 56.62 59.99
C GLY J 183 -67.95 57.43 61.25
N THR J 184 -68.96 58.22 61.60
CA THR J 184 -68.97 58.98 62.84
C THR J 184 -70.38 59.50 63.08
N ALA J 185 -70.59 60.05 64.28
CA ALA J 185 -71.87 60.64 64.62
C ALA J 185 -72.00 62.03 63.99
N THR J 186 -73.24 62.39 63.65
CA THR J 186 -73.50 63.65 62.98
C THR J 186 -74.98 63.97 63.07
N ALA J 187 -75.30 65.26 62.93
CA ALA J 187 -76.68 65.72 62.99
C ALA J 187 -77.32 65.67 61.61
N SER J 188 -76.76 66.40 60.65
CA SER J 188 -77.33 66.45 59.30
C SER J 188 -77.19 65.12 58.58
N GLY J 189 -75.96 64.62 58.46
CA GLY J 189 -75.72 63.35 57.82
C GLY J 189 -75.09 63.48 56.45
N ILE J 190 -75.16 62.38 55.71
CA ILE J 190 -74.60 62.30 54.37
C ILE J 190 -75.25 63.34 53.48
N ALA J 191 -74.46 64.30 52.99
CA ALA J 191 -74.95 65.36 52.13
C ALA J 191 -74.71 64.99 50.67
N SER J 192 -74.97 65.96 49.79
CA SER J 192 -74.75 65.75 48.37
C SER J 192 -73.27 65.68 48.06
N GLY J 193 -72.94 65.42 46.80
CA GLY J 193 -71.56 65.32 46.37
C GLY J 193 -71.43 64.47 45.11
N THR J 194 -70.31 64.71 44.42
CA THR J 194 -69.99 64.04 43.16
C THR J 194 -68.54 63.57 43.23
N VAL J 195 -68.22 62.85 44.31
CA VAL J 195 -66.87 62.37 44.60
C VAL J 195 -66.24 61.74 43.36
N ASN J 196 -65.00 62.12 43.08
CA ASN J 196 -64.32 61.63 41.90
C ASN J 196 -63.59 60.32 42.20
N LEU J 197 -63.64 59.41 41.23
CA LEU J 197 -62.96 58.13 41.32
C LEU J 197 -61.91 58.03 40.23
N VAL J 198 -60.72 57.56 40.60
CA VAL J 198 -59.57 57.51 39.70
C VAL J 198 -58.96 56.12 39.76
N GLY J 199 -58.52 55.61 38.61
CA GLY J 199 -57.83 54.34 38.55
C GLY J 199 -57.96 53.67 37.19
N GLY J 200 -56.83 53.14 36.70
CA GLY J 200 -56.79 52.49 35.40
C GLY J 200 -57.31 53.33 34.26
N GLY J 201 -57.20 54.65 34.39
CA GLY J 201 -57.74 55.56 33.38
C GLY J 201 -59.22 55.39 33.17
N GLN J 202 -59.96 55.21 34.27
CA GLN J 202 -61.41 54.99 34.19
C GLN J 202 -62.16 55.93 35.12
N VAL J 203 -61.84 57.23 35.07
CA VAL J 203 -62.46 58.22 35.95
C VAL J 203 -63.98 58.24 35.72
N LYS J 204 -64.72 58.06 36.81
CA LYS J 204 -66.19 58.01 36.74
C LYS J 204 -66.72 58.72 37.98
N ASN J 205 -67.37 59.86 37.77
CA ASN J 205 -67.88 60.69 38.86
C ASN J 205 -69.10 60.01 39.49
N ILE J 206 -68.90 59.41 40.67
CA ILE J 206 -70.02 58.81 41.39
C ILE J 206 -70.79 59.90 42.12
N ALA J 207 -72.12 59.88 41.97
CA ALA J 207 -73.00 60.86 42.59
C ALA J 207 -73.53 60.28 43.90
N ILE J 208 -73.36 61.03 44.98
CA ILE J 208 -73.83 60.63 46.30
C ILE J 208 -74.84 61.67 46.75
N ALA J 209 -76.11 61.29 46.75
CA ALA J 209 -77.17 62.23 47.13
C ALA J 209 -77.18 62.45 48.64
N ALA J 210 -77.90 63.48 49.06
CA ALA J 210 -78.01 63.85 50.47
C ALA J 210 -79.00 62.92 51.15
N GLY J 211 -78.49 61.97 51.94
CA GLY J 211 -79.35 61.04 52.64
C GLY J 211 -78.99 59.59 52.39
N ASP J 212 -78.17 59.34 51.36
CA ASP J 212 -77.78 57.99 51.00
C ASP J 212 -77.06 57.28 52.15
N SER J 213 -77.52 56.09 52.49
CA SER J 213 -76.89 55.32 53.54
C SER J 213 -75.53 54.78 53.09
N ALA J 214 -74.77 54.24 54.05
CA ALA J 214 -73.47 53.67 53.76
C ALA J 214 -73.58 52.52 52.77
N LYS J 215 -74.65 51.73 52.88
CA LYS J 215 -74.90 50.64 51.95
C LYS J 215 -75.09 51.17 50.53
N ALA J 216 -75.86 52.24 50.39
CA ALA J 216 -76.10 52.85 49.09
C ALA J 216 -74.81 53.38 48.48
N ILE J 217 -74.02 54.08 49.29
CA ILE J 217 -72.73 54.63 48.85
C ILE J 217 -71.83 53.50 48.37
N ALA J 218 -71.76 52.43 49.17
CA ALA J 218 -70.96 51.26 48.83
C ALA J 218 -71.38 50.68 47.49
N GLU J 219 -72.68 50.39 47.34
CA GLU J 219 -73.22 49.83 46.11
C GLU J 219 -72.91 50.73 44.91
N LYS J 220 -73.00 52.05 45.10
CA LYS J 220 -72.73 52.98 44.02
C LYS J 220 -71.26 52.96 43.60
N MET J 221 -70.35 53.13 44.55
CA MET J 221 -68.94 53.21 44.19
C MET J 221 -68.36 51.85 43.81
N ASP J 222 -69.01 50.76 44.24
CA ASP J 222 -68.62 49.43 43.80
C ASP J 222 -68.89 49.25 42.32
N GLY J 223 -68.24 48.26 41.72
CA GLY J 223 -68.51 47.95 40.33
C GLY J 223 -67.60 48.61 39.33
N ALA J 224 -68.05 49.75 38.79
CA ALA J 224 -67.45 50.45 37.66
C ALA J 224 -65.92 50.42 37.64
N ILE J 225 -65.28 50.79 38.75
CA ILE J 225 -63.83 50.77 38.83
C ILE J 225 -63.35 49.33 38.75
N PRO J 226 -62.49 48.99 37.79
CA PRO J 226 -62.03 47.60 37.65
C PRO J 226 -61.36 47.06 38.90
N ASN J 227 -61.60 45.78 39.20
CA ASN J 227 -61.06 45.05 40.35
C ASN J 227 -61.00 45.89 41.62
N LEU J 228 -62.09 46.60 41.93
CA LEU J 228 -62.19 47.33 43.20
C LEU J 228 -63.48 46.89 43.89
N SER J 229 -63.38 46.59 45.18
CA SER J 229 -64.53 46.21 45.99
C SER J 229 -64.63 47.14 47.18
N ALA J 230 -65.79 47.11 47.84
CA ALA J 230 -66.04 48.01 48.96
C ALA J 230 -67.05 47.34 49.90
N ARG J 231 -66.61 47.00 51.11
CA ARG J 231 -67.51 46.46 52.10
C ARG J 231 -68.06 47.57 52.99
N ALA J 232 -69.31 47.41 53.40
CA ALA J 232 -69.98 48.35 54.29
C ALA J 232 -70.25 47.68 55.63
N ARG J 233 -70.02 48.42 56.71
CA ARG J 233 -70.18 47.88 58.05
C ARG J 233 -70.43 49.03 59.02
N THR J 234 -71.47 48.91 59.84
CA THR J 234 -71.80 49.91 60.85
C THR J 234 -71.82 49.22 62.21
N VAL J 235 -70.78 49.46 63.01
CA VAL J 235 -70.66 48.92 64.36
C VAL J 235 -70.69 50.09 65.33
N PHE J 236 -71.70 50.14 66.19
CA PHE J 236 -71.86 51.23 67.15
C PHE J 236 -72.28 50.66 68.49
N THR J 237 -71.71 51.20 69.56
CA THR J 237 -72.06 50.80 70.92
C THR J 237 -73.09 51.75 71.50
N ALA J 238 -73.43 51.51 72.77
CA ALA J 238 -74.39 52.35 73.48
C ALA J 238 -74.17 52.21 74.97
N ASP J 239 -74.48 53.28 75.70
CA ASP J 239 -74.35 53.28 77.16
CA ASP J 239 -74.35 53.28 77.16
C ASP J 239 -75.35 54.25 77.77
N VAL J 240 -76.43 53.71 78.37
CA VAL J 240 -77.46 54.54 78.99
C VAL J 240 -76.92 55.16 80.27
N SER J 241 -77.08 56.48 80.41
CA SER J 241 -76.67 57.17 81.62
C SER J 241 -77.81 57.17 82.63
N GLY J 242 -77.67 57.96 83.69
CA GLY J 242 -78.70 58.04 84.71
C GLY J 242 -80.04 58.52 84.19
N VAL J 243 -81.12 58.04 84.80
CA VAL J 243 -82.47 58.40 84.37
C VAL J 243 -83.21 59.08 85.50
N THR J 244 -83.28 60.42 85.44
CA THR J 244 -83.92 61.19 86.49
C THR J 244 -85.43 61.23 86.29
N GLY J 245 -86.16 60.54 87.17
CA GLY J 245 -87.61 60.57 87.16
C GLY J 245 -88.24 60.16 85.84
N GLY J 246 -88.06 58.91 85.44
CA GLY J 246 -88.64 58.39 84.22
C GLY J 246 -87.63 57.63 83.40
N SER J 247 -88.05 57.28 82.19
CA SER J 247 -87.21 56.56 81.25
C SER J 247 -87.15 57.32 79.94
N LEU J 248 -86.26 56.86 79.04
CA LEU J 248 -86.10 57.47 77.72
C LEU J 248 -86.96 56.70 76.73
N ASN J 249 -88.20 57.18 76.57
CA ASN J 249 -89.15 56.58 75.64
C ASN J 249 -88.95 57.21 74.27
N PHE J 250 -87.98 56.70 73.52
CA PHE J 250 -87.67 57.25 72.21
C PHE J 250 -87.82 56.19 71.13
N ASP J 251 -87.48 56.54 69.89
CA ASP J 251 -87.59 55.63 68.77
C ASP J 251 -86.24 55.49 68.09
N VAL J 252 -86.12 54.45 67.27
CA VAL J 252 -84.90 54.17 66.51
C VAL J 252 -85.29 53.87 65.07
N THR J 253 -84.80 54.68 64.14
CA THR J 253 -85.11 54.52 62.73
C THR J 253 -83.99 53.74 62.05
N VAL J 254 -84.16 52.43 61.92
CA VAL J 254 -83.18 51.61 61.23
C VAL J 254 -83.50 51.59 59.74
N GLY J 255 -83.08 52.63 59.03
CA GLY J 255 -83.37 52.72 57.61
C GLY J 255 -84.85 52.96 57.37
N SER J 256 -85.46 52.09 56.56
CA SER J 256 -86.86 52.22 56.20
C SER J 256 -87.77 52.11 57.41
N ASN J 257 -87.77 50.93 58.06
CA ASN J 257 -88.61 50.74 59.22
C ASN J 257 -88.03 51.45 60.44
N THR J 258 -88.89 51.71 61.42
CA THR J 258 -88.52 52.46 62.61
C THR J 258 -88.90 51.66 63.85
N VAL J 259 -87.96 51.57 64.80
CA VAL J 259 -88.19 50.88 66.06
C VAL J 259 -89.02 51.79 66.96
N SER J 260 -89.88 51.19 67.80
CA SER J 260 -90.71 51.95 68.71
C SER J 260 -90.48 51.49 70.14
N LEU J 261 -89.22 51.34 70.53
CA LEU J 261 -88.86 50.87 71.86
C LEU J 261 -89.29 51.84 72.96
N ALA J 262 -89.24 51.40 74.21
CA ALA J 262 -89.61 52.23 75.34
C ALA J 262 -88.97 51.63 76.59
N GLY J 263 -89.18 52.27 77.74
CA GLY J 263 -88.65 51.80 79.00
C GLY J 263 -87.13 51.67 79.01
N VAL J 264 -86.44 52.77 78.72
CA VAL J 264 -84.98 52.79 78.69
C VAL J 264 -84.47 53.46 79.96
N THR J 265 -83.88 52.66 80.85
CA THR J 265 -83.33 53.19 82.09
C THR J 265 -81.87 52.80 82.22
N SER J 266 -81.51 51.62 81.73
CA SER J 266 -80.14 51.12 81.79
C SER J 266 -79.77 50.50 80.44
N THR J 267 -78.47 50.19 80.30
CA THR J 267 -77.99 49.57 79.07
C THR J 267 -78.63 48.21 78.83
N GLN J 268 -78.87 47.46 79.90
CA GLN J 268 -79.48 46.15 79.80
C GLN J 268 -80.90 46.23 79.24
N ASP J 269 -81.64 47.26 79.65
CA ASP J 269 -83.01 47.45 79.16
C ASP J 269 -83.03 47.67 77.65
N LEU J 270 -82.20 48.59 77.17
CA LEU J 270 -82.11 48.85 75.74
C LEU J 270 -81.63 47.61 74.99
N ALA J 271 -80.67 46.89 75.57
CA ALA J 271 -80.18 45.66 74.98
C ALA J 271 -81.31 44.65 74.79
N ASP J 272 -82.13 44.48 75.81
CA ASP J 272 -83.28 43.58 75.74
C ASP J 272 -84.27 44.04 74.69
N GLN J 273 -84.51 45.35 74.62
CA GLN J 273 -85.45 45.89 73.64
C GLN J 273 -84.97 45.60 72.22
N LEU J 274 -83.68 45.77 71.95
CA LEU J 274 -83.17 45.49 70.61
C LEU J 274 -83.13 43.99 70.33
N ASN J 275 -82.82 43.18 71.33
CA ASN J 275 -82.82 41.73 71.14
C ASN J 275 -84.22 41.21 70.85
N SER J 276 -85.23 41.88 71.39
CA SER J 276 -86.62 41.46 71.16
C SER J 276 -87.06 41.76 69.73
N ASN J 277 -86.89 43.01 69.29
CA ASN J 277 -87.42 43.42 68.00
C ASN J 277 -86.46 43.07 66.86
N SER J 278 -85.46 42.24 67.15
CA SER J 278 -84.47 41.83 66.15
C SER J 278 -85.12 41.20 64.92
N SER J 279 -86.31 40.64 65.08
CA SER J 279 -87.05 40.11 63.94
C SER J 279 -87.30 41.20 62.90
N LYS J 280 -87.87 42.33 63.33
CA LYS J 280 -88.15 43.43 62.42
C LYS J 280 -86.88 44.16 62.03
N LEU J 281 -86.07 44.57 63.02
CA LEU J 281 -84.86 45.33 62.77
C LEU J 281 -83.73 44.37 62.41
N GLY J 282 -83.25 44.49 61.18
CA GLY J 282 -82.15 43.64 60.72
C GLY J 282 -80.80 44.14 61.19
N ILE J 283 -80.70 44.49 62.47
CA ILE J 283 -79.47 45.04 63.03
C ILE J 283 -79.11 44.24 64.27
N THR J 284 -78.20 43.27 64.11
CA THR J 284 -77.87 42.37 65.21
C THR J 284 -77.18 43.14 66.34
N ALA J 285 -77.59 42.83 67.57
CA ALA J 285 -77.05 43.47 68.75
C ALA J 285 -76.60 42.42 69.76
N SER J 286 -75.65 42.79 70.60
CA SER J 286 -75.12 41.88 71.61
C SER J 286 -74.43 42.64 72.73
N ILE J 287 -74.83 42.36 73.97
CA ILE J 287 -74.21 42.98 75.14
C ILE J 287 -73.30 41.93 75.77
N ASN J 288 -72.00 42.26 75.84
CA ASN J 288 -71.02 41.34 76.37
C ASN J 288 -71.17 41.22 77.89
N ASP J 289 -70.52 40.20 78.45
CA ASP J 289 -70.57 39.95 79.89
C ASP J 289 -70.01 41.12 80.67
N LYS J 290 -69.12 41.91 80.04
CA LYS J 290 -68.56 43.08 80.70
C LYS J 290 -69.65 44.09 81.03
N GLY J 291 -70.45 44.47 80.03
CA GLY J 291 -71.55 45.39 80.24
C GLY J 291 -71.77 46.38 79.13
N VAL J 292 -70.77 46.54 78.26
CA VAL J 292 -70.87 47.50 77.16
C VAL J 292 -71.71 46.93 76.04
N LEU J 293 -72.88 47.53 75.82
CA LEU J 293 -73.77 47.10 74.75
C LEU J 293 -73.15 47.44 73.39
N THR J 294 -73.21 46.47 72.48
CA THR J 294 -72.66 46.63 71.15
C THR J 294 -73.68 46.21 70.12
N ILE J 295 -73.85 47.04 69.09
CA ILE J 295 -74.82 46.80 68.03
C ILE J 295 -74.09 46.89 66.70
N THR J 296 -74.42 45.97 65.79
CA THR J 296 -73.71 45.86 64.52
C THR J 296 -74.71 45.59 63.40
N SER J 297 -74.48 46.22 62.25
CA SER J 297 -75.23 45.94 61.03
C SER J 297 -74.25 45.36 60.02
N ALA J 298 -74.36 44.05 59.77
CA ALA J 298 -73.48 43.38 58.82
C ALA J 298 -73.57 44.01 57.44
N THR J 299 -74.77 44.45 57.05
CA THR J 299 -74.94 45.12 55.78
C THR J 299 -74.22 46.47 55.75
N GLY J 300 -74.44 47.29 56.78
CA GLY J 300 -73.87 48.62 56.82
C GLY J 300 -74.94 49.69 56.81
N GLU J 301 -76.11 49.36 57.37
CA GLU J 301 -77.24 50.27 57.33
C GLU J 301 -77.03 51.44 58.28
N ASN J 302 -77.42 52.64 57.82
CA ASN J 302 -77.27 53.86 58.61
C ASN J 302 -78.39 53.91 59.64
N VAL J 303 -78.04 53.56 60.88
CA VAL J 303 -79.02 53.57 61.96
C VAL J 303 -79.34 55.01 62.36
N LYS J 304 -80.58 55.23 62.79
CA LYS J 304 -81.03 56.55 63.21
C LYS J 304 -81.79 56.39 64.52
N PHE J 305 -81.60 57.37 65.41
CA PHE J 305 -82.29 57.42 66.69
C PHE J 305 -83.32 58.54 66.62
N GLY J 306 -84.59 58.19 66.82
CA GLY J 306 -85.66 59.15 66.74
C GLY J 306 -85.62 60.18 67.85
N ALA J 307 -86.61 61.08 67.79
CA ALA J 307 -86.72 62.12 68.81
C ALA J 307 -86.99 61.51 70.17
N GLN J 308 -86.45 62.13 71.21
CA GLN J 308 -86.55 61.61 72.57
C GLN J 308 -87.81 62.18 73.23
N THR J 309 -88.93 61.51 72.97
CA THR J 309 -90.20 61.82 73.63
C THR J 309 -90.42 60.98 74.88
N GLY J 310 -89.46 60.98 75.79
CA GLY J 310 -89.53 60.13 76.96
C GLY J 310 -90.25 60.79 78.12
N THR J 311 -90.11 60.16 79.28
CA THR J 311 -90.73 60.64 80.51
C THR J 311 -89.70 61.08 81.55
N ALA J 312 -88.41 60.93 81.28
CA ALA J 312 -87.38 61.35 82.22
C ALA J 312 -87.15 62.85 82.13
N THR J 313 -86.15 63.35 82.85
CA THR J 313 -85.86 64.78 82.86
C THR J 313 -84.39 65.05 82.53
N ALA J 314 -83.51 64.10 82.87
CA ALA J 314 -82.09 64.26 82.61
C ALA J 314 -81.50 62.90 82.28
N GLY J 315 -80.39 62.92 81.55
CA GLY J 315 -79.71 61.72 81.10
C GLY J 315 -79.45 61.76 79.62
N GLN J 316 -78.70 60.77 79.15
CA GLN J 316 -78.34 60.66 77.74
C GLN J 316 -77.88 59.24 77.47
N VAL J 317 -77.84 58.90 76.18
CA VAL J 317 -77.33 57.61 75.73
C VAL J 317 -76.22 57.83 74.72
N ALA J 318 -74.97 57.82 75.20
CA ALA J 318 -73.85 58.07 74.31
C ALA J 318 -73.59 56.86 73.41
N VAL J 319 -73.09 57.12 72.21
CA VAL J 319 -72.74 56.08 71.25
C VAL J 319 -71.42 56.44 70.59
N LYS J 320 -70.77 55.43 70.04
CA LYS J 320 -69.55 55.61 69.27
C LYS J 320 -69.67 54.86 67.95
N VAL J 321 -68.74 55.12 67.04
CA VAL J 321 -68.76 54.52 65.71
C VAL J 321 -67.42 53.84 65.46
N GLN J 322 -67.46 52.61 64.95
CA GLN J 322 -66.24 51.87 64.66
C GLN J 322 -65.53 52.46 63.44
N GLY J 323 -64.21 52.58 63.55
CA GLY J 323 -63.43 53.08 62.44
C GLY J 323 -63.25 52.03 61.35
N SER J 324 -62.75 52.49 60.20
CA SER J 324 -62.53 51.61 59.07
C SER J 324 -61.48 50.54 59.39
N ASP J 325 -60.24 50.97 59.63
CA ASP J 325 -59.18 50.03 59.99
C ASP J 325 -59.44 49.44 61.38
N GLY J 326 -59.96 50.25 62.29
CA GLY J 326 -60.25 49.82 63.63
C GLY J 326 -60.25 50.97 64.61
N LYS J 327 -59.60 50.77 65.76
CA LYS J 327 -59.48 51.81 66.79
C LYS J 327 -60.84 52.42 67.10
N PHE J 328 -61.71 51.64 67.74
CA PHE J 328 -63.06 52.09 68.10
C PHE J 328 -63.00 53.43 68.81
N GLU J 329 -63.91 54.33 68.42
CA GLU J 329 -63.90 55.70 68.90
C GLU J 329 -63.95 55.77 70.42
N ALA J 330 -63.09 56.62 70.98
CA ALA J 330 -63.07 56.85 72.42
C ALA J 330 -64.05 57.95 72.79
N ALA J 331 -64.04 59.05 72.05
CA ALA J 331 -64.95 60.15 72.32
C ALA J 331 -66.40 59.70 72.07
N ALA J 332 -67.26 59.99 73.04
CA ALA J 332 -68.64 59.54 72.99
C ALA J 332 -69.54 60.68 72.52
N LYS J 333 -70.64 60.35 71.84
CA LYS J 333 -71.59 61.35 71.37
C LYS J 333 -73.00 60.81 71.64
N ASN J 334 -73.77 61.55 72.42
CA ASN J 334 -75.12 61.11 72.76
C ASN J 334 -76.08 61.39 71.61
N VAL J 335 -76.96 60.43 71.34
CA VAL J 335 -77.98 60.58 70.30
C VAL J 335 -79.32 61.02 70.87
N VAL J 336 -79.65 60.63 72.10
CA VAL J 336 -80.88 61.04 72.75
C VAL J 336 -80.53 61.55 74.14
N ALA J 337 -81.30 62.54 74.60
CA ALA J 337 -81.04 63.14 75.91
C ALA J 337 -82.37 63.59 76.51
N ALA J 338 -82.64 63.14 77.74
CA ALA J 338 -83.85 63.55 78.44
C ALA J 338 -83.81 65.04 78.71
N GLY J 339 -84.85 65.74 78.26
CA GLY J 339 -84.89 67.19 78.37
C GLY J 339 -84.57 67.88 77.07
N THR J 340 -83.50 68.67 77.05
CA THR J 340 -83.07 69.36 75.84
C THR J 340 -82.71 68.37 74.75
N ALA J 341 -83.03 68.70 73.50
CA ALA J 341 -82.70 67.83 72.38
C ALA J 341 -81.19 67.79 72.16
N ALA J 342 -80.66 66.58 72.04
CA ALA J 342 -79.22 66.41 71.82
C ALA J 342 -78.87 66.60 70.35
N THR J 343 -77.58 66.54 70.04
CA THR J 343 -77.07 66.67 68.68
C THR J 343 -76.51 65.32 68.24
N THR J 344 -76.10 65.23 66.97
CA THR J 344 -75.59 64.01 66.37
C THR J 344 -76.56 62.85 66.57
N THR J 345 -77.79 63.04 66.08
CA THR J 345 -78.86 62.08 66.32
C THR J 345 -78.75 60.82 65.47
N ILE J 346 -77.94 60.83 64.42
CA ILE J 346 -77.84 59.67 63.53
C ILE J 346 -76.43 59.09 63.63
N VAL J 347 -76.28 57.88 63.10
CA VAL J 347 -74.99 57.19 63.07
C VAL J 347 -74.80 56.60 61.67
N THR J 348 -73.70 56.96 61.03
CA THR J 348 -73.36 56.46 59.71
C THR J 348 -72.13 55.58 59.81
N GLY J 349 -72.18 54.41 59.18
CA GLY J 349 -71.08 53.48 59.24
C GLY J 349 -69.90 53.90 58.38
N TYR J 350 -68.92 53.01 58.32
CA TYR J 350 -67.68 53.23 57.59
C TYR J 350 -67.66 52.40 56.33
N VAL J 351 -66.82 52.81 55.38
CA VAL J 351 -66.57 52.05 54.17
C VAL J 351 -65.06 51.89 54.00
N GLN J 352 -64.67 50.97 53.13
CA GLN J 352 -63.25 50.68 52.91
C GLN J 352 -63.09 50.19 51.48
N LEU J 353 -62.22 50.85 50.72
CA LEU J 353 -61.96 50.49 49.32
C LEU J 353 -60.60 49.81 49.23
N ASN J 354 -60.62 48.49 49.35
CA ASN J 354 -59.39 47.71 49.17
C ASN J 354 -59.00 47.68 47.70
N SER J 355 -57.73 47.96 47.44
CA SER J 355 -57.23 48.12 46.08
C SER J 355 -55.99 47.27 45.84
N PRO J 356 -55.98 46.49 44.76
CA PRO J 356 -54.78 45.68 44.45
C PRO J 356 -53.58 46.51 44.00
N THR J 357 -53.74 47.40 43.03
CA THR J 357 -52.59 48.08 42.45
C THR J 357 -52.57 49.57 42.72
N ALA J 358 -53.64 50.28 42.35
CA ALA J 358 -53.70 51.73 42.45
C ALA J 358 -55.14 52.21 42.34
N TYR J 359 -55.53 53.10 43.26
CA TYR J 359 -56.89 53.61 43.27
C TYR J 359 -56.96 54.96 43.97
N SER J 360 -57.06 56.04 43.21
CA SER J 360 -57.13 57.37 43.76
C SER J 360 -58.58 57.82 43.89
N VAL J 361 -58.84 58.63 44.92
CA VAL J 361 -60.17 59.18 45.20
C VAL J 361 -60.02 60.65 45.53
N SER J 362 -60.90 61.48 44.96
CA SER J 362 -60.89 62.91 45.22
C SER J 362 -62.32 63.42 45.26
N GLY J 363 -62.49 64.61 45.83
CA GLY J 363 -63.80 65.21 45.96
C GLY J 363 -63.75 66.67 46.35
N THR J 364 -64.72 67.46 45.87
CA THR J 364 -64.75 68.89 46.13
C THR J 364 -65.08 69.18 47.59
N GLY J 365 -64.08 69.55 48.38
CA GLY J 365 -64.29 69.94 49.77
C GLY J 365 -64.95 68.88 50.63
N THR J 366 -66.20 69.14 51.02
CA THR J 366 -66.94 68.26 51.92
C THR J 366 -67.09 66.86 51.33
N GLN J 367 -67.29 66.78 50.01
CA GLN J 367 -67.47 65.50 49.32
C GLN J 367 -66.36 64.52 49.63
N ALA J 368 -65.11 64.95 49.46
CA ALA J 368 -63.97 64.09 49.76
C ALA J 368 -63.92 63.74 51.24
N SER J 369 -64.21 64.73 52.09
CA SER J 369 -64.18 64.48 53.53
C SER J 369 -65.30 63.54 53.96
N GLN J 370 -66.51 63.78 53.44
CA GLN J 370 -67.68 63.03 53.90
C GLN J 370 -67.69 61.58 53.44
N VAL J 371 -66.62 61.10 52.82
CA VAL J 371 -66.50 59.71 52.39
C VAL J 371 -65.24 59.05 52.95
N PHE J 372 -64.09 59.71 52.82
CA PHE J 372 -62.81 59.12 53.22
C PHE J 372 -61.91 60.18 53.86
N GLY J 373 -62.50 61.25 54.37
CA GLY J 373 -61.72 62.33 54.95
C GLY J 373 -60.72 62.92 53.99
N ASN J 374 -59.58 63.35 54.51
CA ASN J 374 -58.51 63.94 53.69
C ASN J 374 -57.46 62.88 53.38
N ALA J 375 -57.88 61.84 52.65
CA ALA J 375 -56.97 60.77 52.29
C ALA J 375 -56.35 61.02 50.91
N SER J 376 -57.19 61.09 49.88
CA SER J 376 -56.79 61.48 48.53
C SER J 376 -55.79 60.51 47.90
N ALA J 377 -55.47 59.42 48.59
CA ALA J 377 -54.49 58.46 48.11
C ALA J 377 -54.72 57.10 48.79
N ALA J 378 -54.50 56.02 48.04
CA ALA J 378 -54.71 54.68 48.55
C ALA J 378 -53.47 54.13 49.24
N GLN J 379 -52.45 54.96 49.40
CA GLN J 379 -51.16 54.54 49.97
C GLN J 379 -51.35 54.13 51.43
N LYS J 380 -50.26 53.74 52.09
CA LYS J 380 -50.31 53.02 53.38
C LYS J 380 -50.94 51.63 53.21
N SER J 381 -50.36 50.86 52.29
CA SER J 381 -50.79 49.48 52.06
C SER J 381 -50.81 48.68 53.34
N SER J 382 -49.69 48.66 54.07
CA SER J 382 -49.60 48.13 55.42
C SER J 382 -49.99 46.65 55.50
N VAL J 383 -49.19 45.77 54.89
CA VAL J 383 -49.39 44.34 55.00
C VAL J 383 -48.78 43.87 56.32
N ALA J 384 -47.85 44.64 56.85
CA ALA J 384 -47.23 44.32 58.13
C ALA J 384 -48.22 44.38 59.28
N SER J 385 -49.07 45.41 59.29
CA SER J 385 -49.94 45.71 60.41
C SER J 385 -51.03 44.67 60.65
N VAL J 386 -51.08 43.63 59.81
CA VAL J 386 -52.09 42.59 59.91
C VAL J 386 -52.13 42.02 61.32
N ASP J 387 -53.30 42.10 61.96
CA ASP J 387 -53.50 41.58 63.30
C ASP J 387 -54.53 40.46 63.29
N ILE J 388 -54.48 39.63 64.32
CA ILE J 388 -55.29 38.41 64.39
C ILE J 388 -56.12 38.36 65.66
N SER J 389 -55.72 39.14 66.67
CA SER J 389 -56.15 38.95 68.05
C SER J 389 -57.65 38.79 68.25
N THR J 390 -58.44 39.84 68.00
CA THR J 390 -59.84 39.75 68.41
C THR J 390 -60.85 39.80 67.26
N ALA J 391 -60.85 40.89 66.49
CA ALA J 391 -61.96 41.13 65.56
C ALA J 391 -61.48 41.38 64.14
N ASP J 392 -60.57 42.34 63.98
CA ASP J 392 -60.15 42.83 62.66
C ASP J 392 -59.72 41.72 61.73
N GLY J 393 -58.89 40.80 62.25
CA GLY J 393 -58.30 39.73 61.47
C GLY J 393 -59.22 39.04 60.47
N ALA J 394 -60.31 38.46 60.97
CA ALA J 394 -61.23 37.64 60.19
C ALA J 394 -61.54 38.20 58.81
N GLN J 395 -61.61 39.54 58.68
CA GLN J 395 -61.91 40.18 57.42
C GLN J 395 -60.73 40.93 56.82
N ASN J 396 -59.96 41.64 57.66
CA ASN J 396 -58.86 42.43 57.16
C ASN J 396 -57.79 41.53 56.52
N ALA J 397 -57.46 40.42 57.18
CA ALA J 397 -56.45 39.52 56.66
C ALA J 397 -56.87 38.93 55.32
N ILE J 398 -58.17 38.68 55.15
CA ILE J 398 -58.69 38.20 53.88
C ILE J 398 -58.52 39.28 52.81
N ALA J 399 -58.89 40.52 53.16
CA ALA J 399 -58.69 41.65 52.26
C ALA J 399 -57.23 41.77 51.86
N VAL J 400 -56.32 41.43 52.77
CA VAL J 400 -54.90 41.42 52.42
C VAL J 400 -54.62 40.31 51.42
N VAL J 401 -54.89 39.07 51.81
CA VAL J 401 -54.38 37.92 51.09
C VAL J 401 -54.95 37.86 49.69
N ASP J 402 -56.18 38.34 49.49
CA ASP J 402 -56.77 38.30 48.15
C ASP J 402 -55.95 39.11 47.16
N ASN J 403 -55.80 40.41 47.41
CA ASN J 403 -55.03 41.26 46.51
C ASN J 403 -53.55 40.91 46.54
N ALA J 404 -53.05 40.34 47.64
CA ALA J 404 -51.66 39.93 47.69
C ALA J 404 -51.40 38.80 46.72
N LEU J 405 -52.25 37.76 46.75
CA LEU J 405 -52.16 36.70 45.76
C LEU J 405 -52.38 37.23 44.35
N ALA J 406 -53.26 38.22 44.18
CA ALA J 406 -53.47 38.80 42.85
C ALA J 406 -52.18 39.42 42.33
N ALA J 407 -51.51 40.23 43.15
CA ALA J 407 -50.28 40.88 42.72
C ALA J 407 -49.16 39.87 42.48
N ILE J 408 -49.06 38.85 43.35
CA ILE J 408 -48.02 37.85 43.16
C ILE J 408 -48.29 37.03 41.90
N ASP J 409 -49.55 36.78 41.59
CA ASP J 409 -49.90 36.06 40.37
C ASP J 409 -49.57 36.91 39.16
N ALA J 410 -49.81 38.23 39.24
CA ALA J 410 -49.43 39.11 38.14
C ALA J 410 -47.91 39.10 37.92
N GLN J 411 -47.14 39.11 39.01
CA GLN J 411 -45.69 39.07 38.86
C GLN J 411 -45.22 37.74 38.29
N ARG J 412 -45.83 36.63 38.73
CA ARG J 412 -45.50 35.33 38.17
C ARG J 412 -45.85 35.26 36.69
N ALA J 413 -46.98 35.86 36.30
CA ALA J 413 -47.34 35.91 34.89
C ALA J 413 -46.35 36.73 34.09
N ASP J 414 -45.84 37.82 34.67
CA ASP J 414 -44.81 38.60 34.00
C ASP J 414 -43.55 37.76 33.81
N LEU J 415 -43.14 37.02 34.84
CA LEU J 415 -41.96 36.17 34.73
C LEU J 415 -42.16 35.09 33.68
N ALA J 416 -43.35 34.47 33.65
CA ALA J 416 -43.62 33.43 32.66
C ALA J 416 -43.65 34.02 31.25
N ALA J 417 -44.16 35.25 31.11
CA ALA J 417 -44.14 35.93 29.82
C ALA J 417 -42.72 36.15 29.35
N VAL J 418 -41.85 36.63 30.25
CA VAL J 418 -40.45 36.86 29.88
C VAL J 418 -39.79 35.53 29.52
N GLN J 419 -40.14 34.46 30.22
CA GLN J 419 -39.57 33.15 29.92
C GLN J 419 -39.99 32.63 28.55
N ASN J 420 -41.28 32.72 28.23
CA ASN J 420 -41.75 32.26 26.91
C ASN J 420 -41.16 33.13 25.81
N ARG J 421 -41.07 34.44 26.05
CA ARG J 421 -40.47 35.34 25.09
C ARG J 421 -39.00 34.99 24.86
N PHE J 422 -38.27 34.67 25.94
CA PHE J 422 -36.88 34.25 25.81
C PHE J 422 -36.77 32.94 25.05
N LYS J 423 -37.70 32.01 25.29
CA LYS J 423 -37.67 30.75 24.56
C LYS J 423 -37.85 30.97 23.07
N ASN J 424 -38.86 31.75 22.69
CA ASN J 424 -39.08 32.03 21.27
C ASN J 424 -37.92 32.81 20.67
N THR J 425 -37.36 33.75 21.43
CA THR J 425 -36.23 34.54 20.95
C THR J 425 -35.01 33.67 20.72
N ILE J 426 -34.73 32.75 21.65
CA ILE J 426 -33.54 31.91 21.50
C ILE J 426 -33.77 30.89 20.39
N ASP J 427 -35.02 30.49 20.15
CA ASP J 427 -35.29 29.63 19.00
C ASP J 427 -35.00 30.35 17.70
N ASN J 428 -35.59 31.55 17.51
CA ASN J 428 -35.29 32.34 16.32
C ASN J 428 -33.80 32.63 16.20
N LEU J 429 -33.14 32.79 17.35
CA LEU J 429 -31.73 33.18 17.33
C LEU J 429 -30.86 32.00 16.93
N THR J 430 -31.16 30.81 17.44
CA THR J 430 -30.48 29.61 16.99
C THR J 430 -30.71 29.39 15.49
N ASN J 431 -31.92 29.65 15.02
CA ASN J 431 -32.21 29.48 13.60
C ASN J 431 -31.37 30.43 12.75
N ILE J 432 -31.38 31.73 13.09
CA ILE J 432 -30.62 32.68 12.29
C ILE J 432 -29.13 32.41 12.40
N SER J 433 -28.67 31.91 13.55
CA SER J 433 -27.25 31.64 13.71
C SER J 433 -26.81 30.46 12.85
N GLU J 434 -27.58 29.36 12.87
CA GLU J 434 -27.22 28.23 12.02
C GLU J 434 -27.35 28.60 10.55
N ASN J 435 -28.31 29.46 10.21
CA ASN J 435 -28.46 29.85 8.81
C ASN J 435 -27.30 30.72 8.35
N ALA J 436 -26.88 31.66 9.19
CA ALA J 436 -25.69 32.45 8.89
C ALA J 436 -24.44 31.57 8.83
N THR J 437 -24.41 30.51 9.62
CA THR J 437 -23.29 29.57 9.55
C THR J 437 -23.26 28.85 8.21
N ASN J 438 -24.42 28.39 7.74
CA ASN J 438 -24.47 27.77 6.41
C ASN J 438 -24.09 28.76 5.33
N ALA J 439 -24.52 30.03 5.48
CA ALA J 439 -24.12 31.06 4.51
C ALA J 439 -22.61 31.26 4.52
N ARG J 440 -22.02 31.31 5.73
CA ARG J 440 -20.58 31.49 5.85
C ARG J 440 -19.83 30.31 5.26
N SER J 441 -20.41 29.11 5.35
CA SER J 441 -19.76 27.95 4.74
C SER J 441 -19.85 28.02 3.22
N ARG J 442 -21.03 28.39 2.70
CA ARG J 442 -21.19 28.53 1.25
C ARG J 442 -20.30 29.62 0.67
N ILE J 443 -19.99 30.66 1.46
CA ILE J 443 -19.15 31.74 0.96
C ILE J 443 -17.67 31.54 1.28
N LYS J 444 -17.33 30.72 2.26
CA LYS J 444 -15.95 30.54 2.71
C LYS J 444 -15.42 29.13 2.52
N ASP J 445 -16.14 28.12 3.02
CA ASP J 445 -15.63 26.75 2.98
C ASP J 445 -15.47 26.30 1.53
N THR J 446 -14.27 25.82 1.20
CA THR J 446 -13.96 25.46 -0.17
C THR J 446 -14.69 24.18 -0.57
N ASP J 447 -15.18 24.17 -1.81
CA ASP J 447 -15.74 22.95 -2.41
C ASP J 447 -14.63 22.15 -3.07
N PHE J 448 -13.79 21.56 -2.22
CA PHE J 448 -12.57 20.88 -2.67
C PHE J 448 -12.83 19.68 -3.57
N ALA J 449 -14.09 19.32 -3.80
CA ALA J 449 -14.40 18.26 -4.76
C ALA J 449 -13.86 18.59 -6.15
N ALA J 450 -13.70 19.88 -6.47
CA ALA J 450 -13.04 20.32 -7.69
C ALA J 450 -11.61 20.81 -7.45
N GLU J 451 -11.31 21.30 -6.24
CA GLU J 451 -9.96 21.72 -5.94
C GLU J 451 -8.97 20.58 -5.90
N THR J 452 -9.43 19.35 -5.63
CA THR J 452 -8.54 18.20 -5.74
C THR J 452 -8.10 17.98 -7.18
N ALA J 453 -9.05 18.01 -8.12
CA ALA J 453 -8.70 17.94 -9.53
C ALA J 453 -7.82 19.12 -9.94
N ALA J 454 -8.08 20.30 -9.37
CA ALA J 454 -7.28 21.47 -9.68
C ALA J 454 -5.83 21.27 -9.24
N LEU J 455 -5.63 20.74 -8.03
CA LEU J 455 -4.27 20.55 -7.53
C LEU J 455 -3.55 19.46 -8.32
N SER J 456 -4.28 18.41 -8.71
CA SER J 456 -3.64 17.37 -9.51
C SER J 456 -3.23 17.92 -10.87
N LYS J 457 -4.10 18.73 -11.48
CA LYS J 457 -3.77 19.36 -12.76
C LYS J 457 -2.55 20.26 -12.62
N ASN J 458 -2.50 21.07 -11.56
CA ASN J 458 -1.37 21.97 -11.35
C ASN J 458 -0.08 21.18 -11.14
N GLN J 459 -0.17 20.06 -10.41
CA GLN J 459 1.01 19.26 -10.13
C GLN J 459 1.53 18.60 -11.41
N VAL J 460 0.64 18.02 -12.22
CA VAL J 460 1.10 17.39 -13.45
C VAL J 460 1.59 18.45 -14.43
N LEU J 461 1.03 19.65 -14.37
CA LEU J 461 1.52 20.73 -15.21
C LEU J 461 2.92 21.15 -14.81
N GLN J 462 3.18 21.23 -13.50
CA GLN J 462 4.52 21.55 -13.02
C GLN J 462 5.52 20.47 -13.44
N GLN J 463 5.13 19.20 -13.30
CA GLN J 463 6.01 18.11 -13.72
C GLN J 463 6.31 18.18 -15.20
N ALA J 464 5.28 18.40 -16.03
CA ALA J 464 5.48 18.52 -17.47
C ALA J 464 6.39 19.70 -17.80
N GLY J 465 6.18 20.83 -17.14
CA GLY J 465 7.00 22.00 -17.44
C GLY J 465 8.45 21.81 -17.03
N THR J 466 8.68 21.12 -15.91
CA THR J 466 10.04 20.82 -15.49
C THR J 466 10.71 19.88 -16.50
N ALA J 467 9.96 18.90 -17.00
CA ALA J 467 10.50 18.02 -18.04
C ALA J 467 10.83 18.82 -19.29
N ILE J 468 9.94 19.74 -19.68
CA ILE J 468 10.18 20.60 -20.84
C ILE J 468 11.47 21.38 -20.65
N LEU J 469 11.65 22.03 -19.49
CA LEU J 469 12.87 22.80 -19.26
C LEU J 469 14.10 21.91 -19.32
N ALA J 470 14.03 20.74 -18.69
CA ALA J 470 15.19 19.85 -18.65
C ALA J 470 15.59 19.37 -20.03
N GLN J 471 14.61 19.09 -20.90
CA GLN J 471 14.97 18.59 -22.23
C GLN J 471 15.26 19.73 -23.19
N ALA J 472 14.80 20.95 -22.89
CA ALA J 472 15.02 22.08 -23.78
C ALA J 472 16.35 22.76 -23.53
N ASN J 473 16.84 22.71 -22.29
CA ASN J 473 18.14 23.31 -22.00
C ASN J 473 19.27 22.51 -22.62
N GLN J 474 18.95 21.35 -23.20
CA GLN J 474 19.95 20.51 -23.86
C GLN J 474 20.11 20.83 -25.34
N LEU J 475 19.27 21.70 -25.90
CA LEU J 475 19.39 22.06 -27.31
C LEU J 475 20.69 22.77 -27.64
N PRO J 476 21.08 23.84 -26.93
CA PRO J 476 22.30 24.57 -27.36
C PRO J 476 23.55 23.73 -27.32
N GLN J 477 23.73 22.92 -26.27
CA GLN J 477 24.92 22.08 -26.19
C GLN J 477 25.00 21.13 -27.38
N ALA J 478 23.89 20.49 -27.72
CA ALA J 478 23.88 19.57 -28.85
C ALA J 478 24.20 20.29 -30.16
N VAL J 479 23.51 21.40 -30.43
CA VAL J 479 23.67 22.05 -31.73
C VAL J 479 25.08 22.61 -31.89
N LEU J 480 25.63 23.19 -30.81
CA LEU J 480 26.98 23.72 -30.93
C LEU J 480 28.04 22.63 -30.97
N SER J 481 27.87 21.54 -30.22
CA SER J 481 28.86 20.48 -30.25
C SER J 481 28.85 19.73 -31.56
N LEU J 482 27.69 19.65 -32.23
CA LEU J 482 27.63 19.01 -33.52
C LEU J 482 28.00 19.95 -34.66
N LEU J 483 27.85 21.27 -34.46
CA LEU J 483 28.21 22.24 -35.48
C LEU J 483 29.66 22.71 -35.39
N ARG J 484 30.44 22.17 -34.46
CA ARG J 484 31.83 22.56 -34.31
C ARG J 484 32.76 21.35 -34.35
N VAL K 1 59.90 39.79 -66.09
CA VAL K 1 59.35 40.46 -64.92
C VAL K 1 59.94 39.86 -63.66
N ASN K 2 60.89 40.56 -63.05
CA ASN K 2 61.55 40.08 -61.84
C ASN K 2 61.64 41.10 -60.72
N THR K 3 61.54 42.40 -61.00
CA THR K 3 61.64 43.41 -59.95
C THR K 3 60.43 43.40 -59.01
N ASN K 4 59.31 42.84 -59.45
CA ASN K 4 58.10 42.75 -58.64
C ASN K 4 57.14 41.79 -59.32
N ILE K 5 56.17 41.31 -58.55
CA ILE K 5 55.17 40.37 -59.04
C ILE K 5 53.80 40.98 -58.84
N ALA K 6 52.99 41.00 -59.90
CA ALA K 6 51.64 41.53 -59.80
C ALA K 6 50.70 40.64 -59.00
N SER K 7 51.20 39.51 -58.47
CA SER K 7 50.37 38.60 -57.70
C SER K 7 50.02 39.13 -56.32
N LEU K 8 50.36 40.38 -56.00
CA LEU K 8 49.99 40.93 -54.70
C LEU K 8 48.49 41.19 -54.58
N ASN K 9 47.72 41.02 -55.66
CA ASN K 9 46.27 40.95 -55.51
C ASN K 9 45.91 39.79 -54.60
N THR K 10 46.66 38.69 -54.68
CA THR K 10 46.46 37.58 -53.77
C THR K 10 46.75 38.01 -52.33
N GLN K 11 47.76 38.85 -52.13
CA GLN K 11 48.05 39.35 -50.79
C GLN K 11 46.93 40.24 -50.27
N ARG K 12 46.39 41.10 -51.14
CA ARG K 12 45.25 41.93 -50.74
C ARG K 12 44.06 41.07 -50.34
N ASN K 13 43.75 40.06 -51.16
CA ASN K 13 42.64 39.18 -50.85
C ASN K 13 42.89 38.38 -49.58
N LEU K 14 44.13 37.98 -49.33
CA LEU K 14 44.46 37.28 -48.08
C LEU K 14 44.25 38.19 -46.88
N ASN K 15 44.68 39.44 -46.98
CA ASN K 15 44.48 40.38 -45.89
C ASN K 15 43.00 40.60 -45.62
N ALA K 16 42.22 40.78 -46.68
CA ALA K 16 40.78 40.99 -46.51
C ALA K 16 40.10 39.76 -45.92
N SER K 17 40.47 38.58 -46.40
CA SER K 17 39.87 37.35 -45.89
C SER K 17 40.25 37.11 -44.44
N SER K 18 41.48 37.44 -44.05
CA SER K 18 41.89 37.29 -42.66
C SER K 18 41.16 38.28 -41.77
N ASN K 19 40.95 39.50 -42.26
CA ASN K 19 40.16 40.48 -41.52
C ASN K 19 38.74 39.96 -41.28
N ASP K 20 38.06 39.58 -42.35
CA ASP K 20 36.70 39.06 -42.21
C ASP K 20 36.68 37.81 -41.33
N LEU K 21 37.76 37.02 -41.39
CA LEU K 21 37.82 35.80 -40.61
C LEU K 21 37.91 36.10 -39.13
N ASN K 22 38.78 37.03 -38.74
CA ASN K 22 38.87 37.37 -37.32
C ASN K 22 37.58 38.00 -36.82
N THR K 23 36.93 38.83 -37.65
CA THR K 23 35.63 39.37 -37.26
C THR K 23 34.61 38.25 -37.04
N SER K 24 34.54 37.30 -37.96
CA SER K 24 33.57 36.21 -37.83
C SER K 24 33.89 35.33 -36.63
N LEU K 25 35.18 35.09 -36.36
CA LEU K 25 35.56 34.27 -35.23
C LEU K 25 35.22 34.97 -33.91
N GLN K 26 35.41 36.29 -33.85
CA GLN K 26 34.99 37.04 -32.67
C GLN K 26 33.48 36.97 -32.50
N ARG K 27 32.74 37.16 -33.60
CA ARG K 27 31.28 37.04 -33.55
C ARG K 27 30.86 35.68 -33.00
N LEU K 28 31.57 34.63 -33.41
CA LEU K 28 31.22 33.28 -32.95
C LEU K 28 31.53 33.12 -31.47
N THR K 29 32.71 33.55 -31.03
CA THR K 29 33.08 33.31 -29.63
C THR K 29 32.29 34.20 -28.66
N THR K 30 31.73 35.32 -29.14
CA THR K 30 30.88 36.12 -28.27
C THR K 30 29.42 35.69 -28.33
N GLY K 31 29.01 34.97 -29.38
CA GLY K 31 27.63 34.61 -29.56
C GLY K 31 26.75 35.70 -30.16
N TYR K 32 27.35 36.80 -30.61
CA TYR K 32 26.60 37.94 -31.12
C TYR K 32 26.94 38.13 -32.59
N ARG K 33 25.91 38.25 -33.44
CA ARG K 33 26.15 38.53 -34.85
C ARG K 33 26.79 39.91 -35.02
N ILE K 34 26.25 40.91 -34.35
CA ILE K 34 26.92 42.21 -34.29
C ILE K 34 27.79 42.25 -33.05
N ASN K 35 29.08 42.53 -33.26
CA ASN K 35 30.00 42.58 -32.14
C ASN K 35 29.70 43.78 -31.26
N SER K 36 30.13 43.69 -30.00
CA SER K 36 30.08 44.84 -29.10
C SER K 36 30.90 46.00 -29.63
N ALA K 37 31.69 45.77 -30.68
CA ALA K 37 32.50 46.80 -31.30
C ALA K 37 31.65 47.66 -32.24
N LYS K 38 32.35 48.40 -33.09
CA LYS K 38 31.73 49.39 -33.96
C LYS K 38 30.60 48.83 -34.82
N ASP K 39 30.63 47.53 -35.12
CA ASP K 39 29.83 46.97 -36.19
C ASP K 39 28.34 47.21 -35.99
N ASP K 40 27.70 47.76 -37.01
CA ASP K 40 26.25 48.01 -37.05
C ASP K 40 25.82 48.88 -35.86
N ALA K 41 26.30 50.13 -35.92
CA ALA K 41 26.05 51.09 -34.85
C ALA K 41 24.57 51.22 -34.53
N ALA K 42 23.70 51.09 -35.53
CA ALA K 42 22.27 51.14 -35.26
C ALA K 42 21.82 49.91 -34.47
N GLY K 43 22.28 48.73 -34.88
CA GLY K 43 21.99 47.53 -34.12
C GLY K 43 22.58 47.58 -32.72
N LEU K 44 23.82 48.07 -32.61
CA LEU K 44 24.42 48.25 -31.30
C LEU K 44 23.58 49.17 -30.42
N GLN K 45 23.08 50.26 -31.02
CA GLN K 45 22.24 51.22 -30.30
C GLN K 45 20.97 50.56 -29.78
N ILE K 46 20.23 49.91 -30.69
CA ILE K 46 18.95 49.33 -30.29
C ILE K 46 19.17 48.20 -29.28
N SER K 47 20.29 47.48 -29.39
CA SER K 47 20.57 46.41 -28.44
C SER K 47 20.92 46.98 -27.08
N ASN K 48 21.67 48.08 -27.04
CA ASN K 48 21.97 48.72 -25.77
C ASN K 48 20.69 49.19 -25.09
N ARG K 49 19.80 49.81 -25.86
CA ARG K 49 18.54 50.28 -25.28
C ARG K 49 17.69 49.11 -24.81
N LEU K 50 17.66 48.02 -25.56
CA LEU K 50 16.88 46.85 -25.16
C LEU K 50 17.46 46.21 -23.91
N SER K 51 18.79 46.20 -23.77
CA SER K 51 19.40 45.65 -22.57
C SER K 51 19.08 46.52 -21.36
N ASN K 52 19.17 47.84 -21.52
CA ASN K 52 18.74 48.74 -20.46
C ASN K 52 17.30 48.44 -20.06
N GLN K 53 16.43 48.25 -21.06
CA GLN K 53 15.02 48.02 -20.77
C GLN K 53 14.81 46.71 -20.02
N ILE K 54 15.46 45.63 -20.46
CA ILE K 54 15.22 44.33 -19.82
C ILE K 54 15.79 44.32 -18.40
N SER K 55 16.93 44.99 -18.20
CA SER K 55 17.46 45.11 -16.84
C SER K 55 16.51 45.89 -15.95
N GLY K 56 15.97 47.00 -16.47
CA GLY K 56 15.01 47.77 -15.69
C GLY K 56 13.77 46.97 -15.34
N LEU K 57 13.26 46.21 -16.32
CA LEU K 57 12.10 45.37 -16.08
C LEU K 57 12.39 44.27 -15.06
N ASN K 58 13.60 43.69 -15.08
CA ASN K 58 13.93 42.66 -14.11
C ASN K 58 14.00 43.24 -12.70
N VAL K 59 14.71 44.35 -12.54
CA VAL K 59 14.81 44.95 -11.21
C VAL K 59 13.46 45.49 -10.75
N ALA K 60 12.60 45.89 -11.69
CA ALA K 60 11.25 46.32 -11.32
C ALA K 60 10.40 45.14 -10.87
N THR K 61 10.57 43.98 -11.51
CA THR K 61 9.92 42.77 -11.05
C THR K 61 10.37 42.41 -9.64
N ARG K 62 11.67 42.57 -9.37
CA ARG K 62 12.16 42.29 -8.03
C ARG K 62 11.56 43.25 -7.01
N ASN K 63 11.53 44.55 -7.34
CA ASN K 63 10.93 45.53 -6.44
C ASN K 63 9.45 45.24 -6.24
N ALA K 64 8.77 44.74 -7.27
CA ALA K 64 7.36 44.39 -7.13
C ALA K 64 7.19 43.19 -6.21
N ASN K 65 8.11 42.23 -6.28
CA ASN K 65 8.07 41.12 -5.34
C ASN K 65 8.25 41.59 -3.90
N ASP K 66 9.21 42.49 -3.67
CA ASP K 66 9.38 43.04 -2.33
C ASP K 66 8.14 43.80 -1.87
N GLY K 67 7.50 44.54 -2.78
CA GLY K 67 6.27 45.24 -2.43
C GLY K 67 5.14 44.28 -2.10
N ILE K 68 5.06 43.17 -2.84
CA ILE K 68 4.05 42.15 -2.56
C ILE K 68 4.28 41.57 -1.17
N SER K 69 5.55 41.32 -0.81
CA SER K 69 5.83 40.79 0.52
C SER K 69 5.47 41.80 1.60
N LEU K 70 5.76 43.08 1.37
CA LEU K 70 5.40 44.11 2.34
C LEU K 70 3.88 44.18 2.53
N ALA K 71 3.14 44.16 1.42
CA ALA K 71 1.68 44.16 1.51
C ALA K 71 1.16 42.89 2.15
N GLN K 72 1.88 41.78 2.02
CA GLN K 72 1.47 40.54 2.70
C GLN K 72 1.65 40.66 4.21
N THR K 73 2.78 41.25 4.64
CA THR K 73 2.94 41.56 6.06
C THR K 73 1.81 42.46 6.54
N ALA K 74 1.46 43.47 5.75
CA ALA K 74 0.36 44.37 6.12
C ALA K 74 -0.96 43.61 6.23
N GLU K 75 -1.22 42.69 5.30
CA GLU K 75 -2.46 41.93 5.31
C GLU K 75 -2.52 41.01 6.54
N GLY K 76 -1.38 40.42 6.91
CA GLY K 76 -1.34 39.62 8.12
C GLY K 76 -1.62 40.44 9.36
N ALA K 77 -1.00 41.62 9.46
CA ALA K 77 -1.27 42.50 10.60
C ALA K 77 -2.73 42.91 10.64
N LEU K 78 -3.32 43.18 9.47
CA LEU K 78 -4.72 43.57 9.43
C LEU K 78 -5.64 42.41 9.80
N GLN K 79 -5.28 41.19 9.41
CA GLN K 79 -6.03 40.02 9.86
C GLN K 79 -5.99 39.90 11.38
N GLN K 80 -4.81 40.09 11.96
CA GLN K 80 -4.70 40.03 13.42
C GLN K 80 -5.55 41.11 14.09
N SER K 81 -5.55 42.33 13.53
CA SER K 81 -6.35 43.39 14.13
C SER K 81 -7.84 43.10 13.98
N THR K 82 -8.24 42.49 12.86
CA THR K 82 -9.65 42.12 12.70
C THR K 82 -10.05 41.04 13.70
N ASN K 83 -9.15 40.10 13.97
CA ASN K 83 -9.44 39.10 15.00
C ASN K 83 -9.56 39.74 16.38
N ILE K 84 -8.71 40.73 16.66
CA ILE K 84 -8.81 41.46 17.92
C ILE K 84 -10.15 42.18 18.02
N LEU K 85 -10.59 42.82 16.94
CA LEU K 85 -11.87 43.51 16.98
C LEU K 85 -13.03 42.53 17.10
N GLN K 86 -12.91 41.35 16.48
CA GLN K 86 -13.88 40.29 16.69
C GLN K 86 -13.99 39.94 18.16
N ARG K 87 -12.86 39.63 18.79
CA ARG K 87 -12.86 39.31 20.22
C ARG K 87 -13.39 40.47 21.05
N ILE K 88 -13.15 41.70 20.60
CA ILE K 88 -13.69 42.86 21.30
C ILE K 88 -15.21 42.86 21.27
N ARG K 89 -15.79 42.57 20.10
CA ARG K 89 -17.25 42.46 20.03
C ARG K 89 -17.77 41.32 20.89
N ASP K 90 -17.07 40.18 20.90
CA ASP K 90 -17.49 39.09 21.77
C ASP K 90 -17.54 39.52 23.23
N LEU K 91 -16.43 40.08 23.73
CA LEU K 91 -16.37 40.45 25.13
C LEU K 91 -17.33 41.61 25.44
N ALA K 92 -17.60 42.46 24.45
CA ALA K 92 -18.50 43.58 24.68
C ALA K 92 -19.95 43.10 24.80
N LEU K 93 -20.39 42.26 23.87
CA LEU K 93 -21.75 41.72 23.96
C LEU K 93 -21.89 40.77 25.14
N GLN K 94 -20.79 40.15 25.58
CA GLN K 94 -20.83 39.38 26.82
C GLN K 94 -20.92 40.30 28.03
N SER K 95 -20.36 41.50 27.92
CA SER K 95 -20.42 42.49 28.99
C SER K 95 -21.81 43.06 29.18
N ALA K 96 -22.76 42.74 28.30
CA ALA K 96 -24.16 43.09 28.56
C ALA K 96 -24.63 42.48 29.87
N ASN K 97 -24.33 41.18 30.08
CA ASN K 97 -24.50 40.48 31.36
C ASN K 97 -25.84 40.76 32.02
N GLY K 98 -26.87 41.10 31.25
CA GLY K 98 -28.14 41.49 31.82
C GLY K 98 -28.08 42.83 32.52
N SER K 99 -26.95 43.52 32.36
CA SER K 99 -26.72 44.89 32.83
C SER K 99 -26.57 44.97 34.35
N ASN K 100 -26.82 43.87 35.06
CA ASN K 100 -26.58 43.88 36.50
C ASN K 100 -26.04 42.57 37.06
N SER K 101 -25.82 41.54 36.24
CA SER K 101 -25.48 40.23 36.80
C SER K 101 -23.99 40.08 37.08
N ASP K 102 -23.15 40.81 36.34
CA ASP K 102 -21.70 40.69 36.47
C ASP K 102 -21.17 41.93 37.18
N ALA K 103 -21.05 41.83 38.51
CA ALA K 103 -20.39 42.89 39.27
C ALA K 103 -18.92 42.97 38.97
N ASP K 104 -18.37 42.00 38.23
CA ASP K 104 -16.97 41.99 37.81
C ASP K 104 -16.75 42.71 36.49
N ARG K 105 -17.60 43.69 36.19
CA ARG K 105 -17.33 44.58 35.06
C ARG K 105 -15.98 45.28 35.21
N ALA K 106 -15.44 45.35 36.43
CA ALA K 106 -14.09 45.86 36.60
C ALA K 106 -13.06 44.95 35.95
N ALA K 107 -13.16 43.64 36.20
CA ALA K 107 -12.26 42.69 35.54
C ALA K 107 -12.53 42.65 34.04
N LEU K 108 -13.79 42.83 33.65
CA LEU K 108 -14.12 42.92 32.23
C LEU K 108 -13.43 44.13 31.58
N GLN K 109 -13.42 45.27 32.26
CA GLN K 109 -12.71 46.43 31.76
C GLN K 109 -11.21 46.20 31.73
N LYS K 110 -10.69 45.48 32.73
CA LYS K 110 -9.28 45.12 32.72
C LYS K 110 -8.93 44.29 31.48
N GLU K 111 -9.76 43.31 31.15
CA GLU K 111 -9.45 42.44 30.03
C GLU K 111 -9.64 43.17 28.70
N VAL K 112 -10.62 44.07 28.62
CA VAL K 112 -10.76 44.83 27.37
C VAL K 112 -9.62 45.83 27.21
N ALA K 113 -9.09 46.36 28.32
CA ALA K 113 -7.92 47.23 28.23
C ALA K 113 -6.70 46.43 27.81
N ALA K 114 -6.58 45.19 28.29
CA ALA K 114 -5.52 44.31 27.83
C ALA K 114 -5.63 44.05 26.34
N GLN K 115 -6.85 43.83 25.85
CA GLN K 115 -7.05 43.61 24.41
C GLN K 115 -6.73 44.88 23.62
N GLN K 116 -7.06 46.06 24.17
CA GLN K 116 -6.70 47.31 23.50
C GLN K 116 -5.20 47.49 23.42
N ALA K 117 -4.48 47.19 24.51
CA ALA K 117 -3.03 47.25 24.48
C ALA K 117 -2.46 46.24 23.49
N GLU K 118 -3.11 45.08 23.36
CA GLU K 118 -2.71 44.10 22.37
C GLU K 118 -2.88 44.64 20.96
N LEU K 119 -3.99 45.33 20.70
CA LEU K 119 -4.17 45.97 19.41
C LEU K 119 -3.08 47.00 19.14
N THR K 120 -2.80 47.85 20.14
CA THR K 120 -1.75 48.86 19.99
C THR K 120 -0.39 48.23 19.75
N ARG K 121 -0.16 47.04 20.31
CA ARG K 121 1.10 46.34 20.11
C ARG K 121 1.17 45.68 18.74
N ILE K 122 0.04 45.13 18.26
CA ILE K 122 -0.01 44.62 16.89
C ILE K 122 0.26 45.73 15.90
N SER K 123 -0.17 46.95 16.23
CA SER K 123 0.22 48.11 15.44
C SER K 123 1.73 48.19 15.32
N ASP K 124 2.44 48.01 16.42
CA ASP K 124 3.90 47.99 16.40
C ASP K 124 4.38 46.58 16.07
N THR K 125 5.70 46.35 16.24
CA THR K 125 6.33 45.04 16.08
C THR K 125 6.25 44.55 14.63
N THR K 126 5.75 45.37 13.72
CA THR K 126 5.67 45.04 12.30
C THR K 126 6.78 45.73 11.52
N THR K 127 7.96 45.83 12.13
CA THR K 127 9.09 46.55 11.55
C THR K 127 9.71 45.76 10.40
N PHE K 128 9.10 45.90 9.22
CA PHE K 128 9.63 45.29 8.02
C PHE K 128 10.85 46.07 7.57
N GLY K 129 11.93 45.97 8.33
CA GLY K 129 13.12 46.77 8.11
C GLY K 129 13.35 47.89 9.12
N GLY K 130 12.83 47.76 10.34
CA GLY K 130 12.96 48.81 11.33
C GLY K 130 12.14 50.03 10.96
N ARG K 131 11.08 49.80 10.20
CA ARG K 131 10.27 50.86 9.59
C ARG K 131 8.79 50.55 9.78
N LYS K 132 8.40 50.30 11.03
CA LYS K 132 7.11 49.71 11.41
C LYS K 132 5.97 50.16 10.50
N LEU K 133 5.23 49.17 9.99
CA LEU K 133 4.41 49.39 8.79
C LEU K 133 3.17 50.23 9.09
N LEU K 134 2.28 49.72 9.93
CA LEU K 134 0.98 50.36 10.10
C LEU K 134 0.98 51.46 11.15
N ASP K 135 1.66 51.31 12.27
CA ASP K 135 1.86 52.43 13.17
C ASP K 135 3.27 53.00 13.02
N GLY K 136 3.63 53.89 13.91
CA GLY K 136 4.98 54.41 13.92
C GLY K 136 5.09 55.61 13.01
N SER K 137 5.78 55.44 11.89
CA SER K 137 5.94 56.50 10.89
C SER K 137 5.91 55.86 9.49
N PHE K 138 4.72 55.84 8.90
CA PHE K 138 4.57 55.39 7.52
C PHE K 138 4.15 56.56 6.64
N GLY K 139 5.03 56.91 5.69
CA GLY K 139 4.82 58.08 4.86
C GLY K 139 3.87 57.88 3.70
N THR K 140 3.11 56.79 3.67
CA THR K 140 2.18 56.48 2.59
C THR K 140 2.94 56.51 1.25
N THR K 141 3.81 55.53 1.09
CA THR K 141 4.82 55.56 0.04
C THR K 141 4.22 55.10 -1.29
N SER K 142 5.10 54.91 -2.28
CA SER K 142 4.67 54.51 -3.63
C SER K 142 5.78 53.65 -4.22
N PHE K 143 5.43 52.44 -4.63
CA PHE K 143 6.43 51.50 -5.12
C PHE K 143 6.60 51.65 -6.63
N GLN K 144 7.84 51.87 -7.07
CA GLN K 144 8.12 52.02 -8.49
C GLN K 144 8.24 50.65 -9.15
N VAL K 145 7.54 50.48 -10.27
CA VAL K 145 7.48 49.19 -10.95
C VAL K 145 7.77 49.29 -12.43
N GLY K 146 8.10 50.48 -12.95
CA GLY K 146 8.38 50.64 -14.35
C GLY K 146 9.83 51.01 -14.59
N SER K 147 10.29 50.78 -15.81
CA SER K 147 11.64 51.11 -16.21
C SER K 147 11.79 52.55 -16.68
N ASN K 148 10.80 53.40 -16.41
CA ASN K 148 10.83 54.80 -16.81
C ASN K 148 10.78 55.69 -15.58
N ALA K 149 11.06 56.97 -15.79
CA ALA K 149 11.10 57.92 -14.68
C ALA K 149 9.71 58.17 -14.14
N TYR K 150 9.60 58.15 -12.81
CA TYR K 150 8.38 58.52 -12.08
C TYR K 150 7.21 57.60 -12.42
N GLU K 151 7.49 56.44 -13.02
CA GLU K 151 6.45 55.45 -13.25
C GLU K 151 6.32 54.56 -12.02
N THR K 152 5.44 54.93 -11.10
CA THR K 152 5.33 54.27 -9.80
C THR K 152 3.90 53.85 -9.53
N ILE K 153 3.73 53.08 -8.47
CA ILE K 153 2.43 52.59 -8.02
C ILE K 153 2.23 53.03 -6.59
N ASP K 154 1.14 53.77 -6.34
CA ASP K 154 0.90 54.34 -5.03
C ASP K 154 0.23 53.33 -4.10
N ILE K 155 0.47 53.50 -2.80
CA ILE K 155 -0.15 52.69 -1.76
C ILE K 155 -0.66 53.64 -0.69
N SER K 156 -1.81 53.30 -0.10
CA SER K 156 -2.50 54.17 0.85
C SER K 156 -2.72 53.45 2.17
N LEU K 157 -1.65 52.84 2.69
CA LEU K 157 -1.71 52.14 3.97
C LEU K 157 -2.19 53.07 5.07
N GLN K 158 -2.83 52.47 6.08
CA GLN K 158 -3.34 53.24 7.20
C GLN K 158 -2.21 53.92 7.95
N ASN K 159 -2.44 55.18 8.33
CA ASN K 159 -1.42 55.94 9.04
C ASN K 159 -1.10 55.32 10.39
N ALA K 160 -2.13 54.82 11.08
CA ALA K 160 -1.96 54.17 12.38
C ALA K 160 -3.24 53.42 12.71
N SER K 161 -3.08 52.21 13.21
CA SER K 161 -4.20 51.38 13.64
C SER K 161 -4.16 51.19 15.15
N ALA K 162 -3.79 52.25 15.87
CA ALA K 162 -3.72 52.21 17.32
C ALA K 162 -5.10 52.36 17.93
N SER K 163 -5.17 52.65 19.23
CA SER K 163 -6.44 52.77 19.92
C SER K 163 -7.14 54.09 19.58
N ALA K 164 -6.62 54.78 18.56
CA ALA K 164 -7.25 56.00 18.05
C ALA K 164 -8.16 55.76 16.87
N ILE K 165 -8.27 54.53 16.37
CA ILE K 165 -9.14 54.20 15.25
C ILE K 165 -10.50 53.79 15.79
N GLY K 166 -11.55 54.25 15.13
CA GLY K 166 -12.90 53.96 15.56
C GLY K 166 -13.96 54.62 14.70
N SER K 167 -14.94 55.24 15.35
CA SER K 167 -16.06 55.89 14.66
C SER K 167 -15.79 57.39 14.61
N TYR K 168 -15.46 57.88 13.41
CA TYR K 168 -15.27 59.31 13.20
C TYR K 168 -16.64 59.96 13.11
N GLN K 169 -17.37 59.94 14.23
CA GLN K 169 -18.71 60.49 14.30
C GLN K 169 -19.16 60.65 15.75
N VAL K 170 -19.60 61.86 16.11
CA VAL K 170 -20.26 62.07 17.39
C VAL K 170 -21.73 61.67 17.24
N GLY K 171 -22.39 62.20 16.21
CA GLY K 171 -23.69 61.73 15.80
C GLY K 171 -24.82 62.71 16.05
N SER K 172 -24.87 63.29 17.25
CA SER K 172 -25.87 64.29 17.61
C SER K 172 -25.68 64.79 19.03
N ASN K 173 -26.22 65.98 19.32
CA ASN K 173 -26.53 66.41 20.68
C ASN K 173 -25.32 66.55 21.59
N GLY K 174 -24.12 66.29 21.09
CA GLY K 174 -22.97 66.26 21.97
C GLY K 174 -21.73 66.98 21.46
N ALA K 175 -21.80 67.52 20.25
CA ALA K 175 -20.65 68.24 19.70
C ALA K 175 -20.81 69.75 19.90
N GLY K 176 -20.08 70.30 20.86
CA GLY K 176 -20.13 71.72 21.13
C GLY K 176 -21.34 72.12 21.97
N THR K 177 -22.51 72.12 21.34
CA THR K 177 -23.76 72.46 22.02
C THR K 177 -24.83 71.46 21.62
N VAL K 178 -25.81 71.26 22.51
CA VAL K 178 -26.91 70.36 22.19
C VAL K 178 -27.79 70.98 21.11
N ALA K 179 -28.53 70.12 20.41
CA ALA K 179 -29.44 70.58 19.37
C ALA K 179 -30.64 71.29 19.98
N SER K 180 -31.45 71.89 19.13
CA SER K 180 -32.65 72.61 19.56
C SER K 180 -33.92 71.79 19.41
N VAL K 181 -33.99 70.92 18.40
CA VAL K 181 -35.14 70.06 18.16
C VAL K 181 -34.80 68.61 18.45
N ALA K 182 -33.68 68.13 17.92
CA ALA K 182 -33.24 66.77 18.22
C ALA K 182 -32.86 66.65 19.68
N GLY K 183 -33.36 65.61 20.33
CA GLY K 183 -33.13 65.41 21.75
C GLY K 183 -33.69 66.52 22.61
N THR K 184 -34.80 67.13 22.16
CA THR K 184 -35.41 68.25 22.88
C THR K 184 -36.87 68.40 22.49
N ALA K 185 -37.75 68.54 23.48
CA ALA K 185 -39.17 68.75 23.19
C ALA K 185 -39.39 70.15 22.61
N THR K 186 -40.07 70.20 21.47
CA THR K 186 -40.33 71.45 20.77
C THR K 186 -41.81 71.60 20.46
N ALA K 187 -42.21 72.84 20.17
CA ALA K 187 -43.60 73.14 19.86
C ALA K 187 -43.92 72.90 18.38
N SER K 188 -43.07 73.39 17.49
CA SER K 188 -43.28 73.21 16.06
C SER K 188 -42.67 71.92 15.54
N GLY K 189 -41.61 71.44 16.18
CA GLY K 189 -40.96 70.22 15.76
C GLY K 189 -39.84 70.46 14.77
N ILE K 190 -39.48 69.39 14.07
CA ILE K 190 -38.46 69.43 13.03
C ILE K 190 -38.90 70.39 11.93
N ALA K 191 -38.00 71.27 11.51
CA ALA K 191 -38.29 72.24 10.47
C ALA K 191 -37.76 71.75 9.13
N SER K 192 -38.20 72.41 8.06
CA SER K 192 -37.77 72.07 6.72
C SER K 192 -36.36 72.59 6.46
N GLY K 193 -35.85 72.29 5.27
CA GLY K 193 -34.54 72.71 4.85
C GLY K 193 -33.72 71.54 4.36
N THR K 194 -32.42 71.75 4.23
CA THR K 194 -31.49 70.73 3.75
C THR K 194 -30.38 70.51 4.77
N VAL K 195 -29.71 69.37 4.63
CA VAL K 195 -28.59 69.02 5.50
C VAL K 195 -27.41 68.57 4.64
N ASN K 196 -26.38 69.41 4.56
CA ASN K 196 -25.21 69.05 3.78
C ASN K 196 -24.40 67.98 4.49
N LEU K 197 -23.99 66.95 3.74
CA LEU K 197 -23.21 65.84 4.28
C LEU K 197 -22.11 65.51 3.27
N VAL K 198 -20.95 66.13 3.44
CA VAL K 198 -19.83 65.93 2.55
C VAL K 198 -18.84 64.97 3.19
N GLY K 199 -18.25 64.10 2.36
CA GLY K 199 -17.26 63.16 2.84
C GLY K 199 -17.11 61.94 1.97
N GLY K 200 -15.92 61.38 1.92
CA GLY K 200 -15.64 60.20 1.11
C GLY K 200 -15.89 60.42 -0.36
N GLY K 201 -15.36 61.52 -0.91
CA GLY K 201 -15.51 61.81 -2.32
C GLY K 201 -16.88 62.33 -2.68
N GLN K 202 -17.91 61.51 -2.45
CA GLN K 202 -19.27 61.89 -2.81
C GLN K 202 -19.76 63.05 -1.94
N VAL K 203 -20.44 64.00 -2.58
CA VAL K 203 -21.04 65.14 -1.90
C VAL K 203 -22.56 65.01 -2.01
N LYS K 204 -23.25 65.13 -0.88
CA LYS K 204 -24.69 64.96 -0.82
C LYS K 204 -25.33 66.18 -0.16
N ASN K 205 -26.60 66.40 -0.51
CA ASN K 205 -27.33 67.54 0.04
C ASN K 205 -28.72 67.15 0.54
N ILE K 206 -28.83 66.09 1.34
CA ILE K 206 -30.11 65.55 1.79
C ILE K 206 -30.98 66.64 2.40
N ALA K 207 -32.18 66.81 1.85
CA ALA K 207 -33.11 67.82 2.36
C ALA K 207 -34.11 67.18 3.30
N ILE K 208 -34.27 67.78 4.48
CA ILE K 208 -35.19 67.27 5.49
C ILE K 208 -36.44 68.14 5.50
N ALA K 209 -37.60 67.51 5.37
CA ALA K 209 -38.86 68.24 5.42
C ALA K 209 -39.25 68.50 6.88
N ALA K 210 -40.20 69.42 7.06
CA ALA K 210 -40.67 69.76 8.38
C ALA K 210 -41.63 68.69 8.90
N GLY K 211 -41.60 68.47 10.22
CA GLY K 211 -42.49 67.52 10.85
C GLY K 211 -42.01 66.09 10.77
N ASP K 212 -40.99 65.83 9.95
CA ASP K 212 -40.46 64.49 9.76
C ASP K 212 -39.98 63.88 11.07
N SER K 213 -40.35 62.62 11.31
CA SER K 213 -39.91 61.92 12.51
C SER K 213 -38.41 61.64 12.43
N ALA K 214 -37.84 61.23 13.57
CA ALA K 214 -36.41 60.96 13.63
C ALA K 214 -36.02 59.80 12.72
N LYS K 215 -36.87 58.77 12.64
CA LYS K 215 -36.58 57.64 11.78
C LYS K 215 -36.51 58.06 10.32
N ALA K 216 -37.36 59.00 9.92
CA ALA K 216 -37.38 59.50 8.55
C ALA K 216 -36.06 60.18 8.22
N ILE K 217 -35.68 61.17 9.02
CA ILE K 217 -34.43 61.91 8.84
C ILE K 217 -33.27 60.93 8.80
N ALA K 218 -33.29 59.95 9.71
CA ALA K 218 -32.25 58.94 9.79
C ALA K 218 -32.11 58.15 8.50
N GLU K 219 -33.22 57.62 7.99
CA GLU K 219 -33.17 56.81 6.79
C GLU K 219 -32.83 57.65 5.56
N LYS K 220 -33.18 58.93 5.57
CA LYS K 220 -32.82 59.80 4.46
C LYS K 220 -31.31 60.09 4.44
N MET K 221 -30.74 60.50 5.57
CA MET K 221 -29.31 60.79 5.55
C MET K 221 -28.48 59.51 5.43
N ASP K 222 -29.07 58.35 5.68
CA ASP K 222 -28.37 57.07 5.56
C ASP K 222 -28.20 56.71 4.10
N GLY K 223 -27.46 55.64 3.81
CA GLY K 223 -27.35 55.16 2.44
C GLY K 223 -26.25 55.81 1.63
N ALA K 224 -26.63 56.83 0.85
CA ALA K 224 -25.79 57.46 -0.16
C ALA K 224 -24.33 57.64 0.24
N ILE K 225 -24.09 58.18 1.43
CA ILE K 225 -22.72 58.42 1.88
C ILE K 225 -22.03 57.08 2.09
N PRO K 226 -20.88 56.84 1.44
CA PRO K 226 -20.20 55.56 1.60
C PRO K 226 -19.74 55.33 3.03
N ASN K 227 -19.96 54.11 3.51
CA ASN K 227 -19.56 53.69 4.85
C ASN K 227 -20.16 54.59 5.92
N LEU K 228 -21.49 54.56 6.00
CA LEU K 228 -22.20 55.34 7.00
C LEU K 228 -23.49 54.62 7.37
N SER K 229 -23.76 54.52 8.67
CA SER K 229 -24.99 53.96 9.19
C SER K 229 -25.74 55.06 9.95
N ALA K 230 -26.90 54.71 10.49
CA ALA K 230 -27.72 55.69 11.21
C ALA K 230 -28.65 54.98 12.17
N ARG K 231 -28.67 55.44 13.41
CA ARG K 231 -29.56 54.91 14.43
C ARG K 231 -30.59 55.98 14.80
N ALA K 232 -31.57 55.61 15.62
CA ALA K 232 -32.61 56.55 16.04
C ALA K 232 -33.29 56.08 17.32
N ARG K 233 -33.19 56.87 18.39
CA ARG K 233 -33.86 56.56 19.64
C ARG K 233 -34.50 57.83 20.19
N THR K 234 -35.59 57.66 20.94
CA THR K 234 -36.34 58.77 21.52
C THR K 234 -36.59 58.45 23.00
N VAL K 235 -35.54 58.04 23.70
CA VAL K 235 -35.61 57.73 25.12
C VAL K 235 -35.81 59.03 25.90
N PHE K 236 -36.93 59.15 26.60
CA PHE K 236 -37.25 60.35 27.34
C PHE K 236 -37.90 59.97 28.66
N THR K 237 -37.88 60.90 29.60
CA THR K 237 -38.48 60.71 30.91
C THR K 237 -39.71 61.60 31.08
N ALA K 238 -40.44 61.35 32.16
CA ALA K 238 -41.62 62.14 32.51
C ALA K 238 -41.91 61.94 33.99
N ASP K 239 -42.72 62.83 34.54
CA ASP K 239 -43.03 62.79 35.97
CA ASP K 239 -43.03 62.79 35.97
C ASP K 239 -44.37 63.50 36.20
N VAL K 240 -45.35 62.77 36.71
CA VAL K 240 -46.66 63.33 37.00
C VAL K 240 -46.62 63.92 38.41
N SER K 241 -46.84 65.24 38.50
CA SER K 241 -46.84 65.92 39.78
C SER K 241 -47.73 67.15 39.70
N GLY K 242 -48.16 67.64 40.86
CA GLY K 242 -48.95 68.84 40.94
C GLY K 242 -50.43 68.66 40.63
N VAL K 243 -50.81 67.43 40.27
CA VAL K 243 -52.20 67.14 39.90
C VAL K 243 -53.12 67.44 41.07
N THR K 244 -54.01 68.41 40.90
CA THR K 244 -54.94 68.83 41.93
C THR K 244 -56.31 69.11 41.33
N GLY K 245 -57.35 68.61 41.99
CA GLY K 245 -58.72 68.85 41.57
C GLY K 245 -59.03 68.41 40.14
N GLY K 246 -58.95 67.11 39.90
CA GLY K 246 -59.24 66.56 38.59
C GLY K 246 -58.10 65.71 38.06
N SER K 247 -58.32 65.18 36.85
CA SER K 247 -57.35 64.35 36.18
C SER K 247 -56.67 65.11 35.06
N LEU K 248 -55.51 64.62 34.64
CA LEU K 248 -54.70 65.25 33.59
C LEU K 248 -54.89 64.57 32.24
N ASN K 249 -56.10 64.10 31.95
CA ASN K 249 -56.44 63.39 30.72
C ASN K 249 -55.90 64.12 29.49
N PHE K 250 -55.07 63.45 28.70
CA PHE K 250 -54.41 64.07 27.57
C PHE K 250 -54.17 63.03 26.48
N ASP K 251 -53.88 63.52 25.28
CA ASP K 251 -53.68 62.66 24.13
C ASP K 251 -52.20 62.37 23.91
N VAL K 252 -51.90 61.15 23.46
CA VAL K 252 -50.55 60.71 23.17
C VAL K 252 -50.49 60.36 21.69
N THR K 253 -49.75 61.14 20.92
CA THR K 253 -49.61 60.93 19.48
C THR K 253 -48.23 60.37 19.19
N VAL K 254 -48.19 59.19 18.57
CA VAL K 254 -46.93 58.53 18.21
C VAL K 254 -47.03 58.08 16.76
N GLY K 255 -46.36 58.81 15.87
CA GLY K 255 -46.36 58.46 14.46
C GLY K 255 -47.74 58.43 13.83
N SER K 256 -48.23 57.24 13.52
CA SER K 256 -49.54 57.06 12.90
C SER K 256 -50.62 56.70 13.91
N ASN K 257 -50.43 55.61 14.66
CA ASN K 257 -51.38 55.21 15.68
C ASN K 257 -51.39 56.21 16.83
N THR K 258 -52.57 56.45 17.39
CA THR K 258 -52.73 57.48 18.42
C THR K 258 -53.92 57.14 19.29
N VAL K 259 -53.69 57.09 20.61
CA VAL K 259 -54.77 56.92 21.58
C VAL K 259 -54.78 58.12 22.51
N SER K 260 -55.80 58.21 23.36
CA SER K 260 -55.92 59.34 24.29
C SER K 260 -56.02 58.76 25.71
N LEU K 261 -54.94 58.89 26.47
CA LEU K 261 -54.93 58.38 27.83
C LEU K 261 -55.77 59.28 28.74
N ALA K 262 -56.09 58.76 29.91
CA ALA K 262 -56.92 59.48 30.86
C ALA K 262 -56.62 58.96 32.27
N GLY K 263 -57.23 59.59 33.26
CA GLY K 263 -57.08 59.18 34.64
C GLY K 263 -55.71 59.44 35.24
N VAL K 264 -54.91 60.26 34.55
CA VAL K 264 -53.55 60.56 35.00
C VAL K 264 -53.60 61.36 36.29
N THR K 265 -53.17 60.76 37.39
CA THR K 265 -53.04 61.47 38.66
C THR K 265 -51.72 61.20 39.36
N SER K 266 -50.90 60.28 38.87
CA SER K 266 -49.63 59.95 39.49
C SER K 266 -48.73 59.28 38.46
N THR K 267 -47.43 59.28 38.74
CA THR K 267 -46.47 58.68 37.82
C THR K 267 -46.74 57.20 37.60
N GLN K 268 -47.13 56.50 38.67
CA GLN K 268 -47.33 55.05 38.59
C GLN K 268 -48.52 54.71 37.69
N ASP K 269 -49.62 55.44 37.84
CA ASP K 269 -50.82 55.19 37.04
C ASP K 269 -50.54 55.39 35.56
N LEU K 270 -49.85 56.49 35.23
CA LEU K 270 -49.47 56.78 33.86
C LEU K 270 -48.59 55.67 33.31
N ALA K 271 -47.63 55.22 34.10
CA ALA K 271 -46.76 54.11 33.73
C ALA K 271 -47.59 52.88 33.39
N ASP K 272 -48.56 52.56 34.24
CA ASP K 272 -49.42 51.40 34.04
C ASP K 272 -50.19 51.50 32.73
N GLN K 273 -50.87 52.63 32.50
CA GLN K 273 -51.70 52.73 31.31
C GLN K 273 -50.86 52.80 30.05
N LEU K 274 -49.65 53.35 30.13
CA LEU K 274 -48.75 53.34 28.98
C LEU K 274 -48.27 51.92 28.69
N ASN K 275 -47.93 51.18 29.74
CA ASN K 275 -47.54 49.78 29.57
C ASN K 275 -48.67 48.97 28.93
N SER K 276 -49.92 49.31 29.28
CA SER K 276 -51.06 48.65 28.68
C SER K 276 -51.14 48.91 27.18
N ASN K 277 -50.85 50.13 26.76
CA ASN K 277 -50.99 50.52 25.36
C ASN K 277 -49.66 50.60 24.62
N SER K 278 -48.54 50.24 25.26
CA SER K 278 -47.24 50.33 24.60
C SER K 278 -47.17 49.49 23.33
N SER K 279 -47.81 48.32 23.34
CA SER K 279 -47.80 47.43 22.19
C SER K 279 -48.40 48.12 20.96
N LYS K 280 -49.58 48.72 21.12
CA LYS K 280 -50.24 49.35 19.98
C LYS K 280 -49.46 50.58 19.52
N LEU K 281 -49.02 51.41 20.45
CA LEU K 281 -48.32 52.64 20.11
C LEU K 281 -46.91 52.36 19.62
N GLY K 282 -46.42 51.14 19.85
CA GLY K 282 -45.06 50.81 19.45
C GLY K 282 -44.01 51.50 20.29
N ILE K 283 -44.29 51.67 21.58
CA ILE K 283 -43.34 52.29 22.51
C ILE K 283 -43.00 51.29 23.60
N THR K 284 -42.12 51.67 24.51
CA THR K 284 -41.66 50.80 25.59
C THR K 284 -41.79 51.55 26.92
N ALA K 285 -42.93 51.39 27.58
CA ALA K 285 -43.16 51.99 28.88
C ALA K 285 -42.54 51.15 29.99
N SER K 286 -41.46 51.64 30.59
CA SER K 286 -40.74 50.94 31.65
C SER K 286 -40.57 51.87 32.82
N ILE K 287 -41.13 51.50 33.98
CA ILE K 287 -40.97 52.26 35.20
C ILE K 287 -39.80 51.68 35.99
N ASN K 288 -38.91 52.55 36.47
CA ASN K 288 -37.73 52.12 37.19
C ASN K 288 -38.02 52.02 38.68
N ASP K 289 -36.99 51.66 39.45
CA ASP K 289 -37.14 51.55 40.90
C ASP K 289 -37.41 52.90 41.54
N LYS K 290 -36.93 53.97 40.92
CA LYS K 290 -37.09 55.30 41.49
C LYS K 290 -38.38 55.95 41.02
N GLY K 291 -39.22 55.19 40.32
CA GLY K 291 -40.51 55.69 39.88
C GLY K 291 -40.46 56.50 38.60
N VAL K 292 -39.37 57.23 38.39
CA VAL K 292 -39.20 58.10 37.23
C VAL K 292 -39.43 57.32 35.94
N LEU K 293 -40.32 57.84 35.10
CA LEU K 293 -40.66 57.19 33.84
C LEU K 293 -39.46 57.09 32.91
N THR K 294 -39.32 55.93 32.26
CA THR K 294 -38.21 55.66 31.33
C THR K 294 -38.72 55.19 29.97
N ILE K 295 -39.71 55.88 29.40
CA ILE K 295 -40.30 55.51 28.12
C ILE K 295 -39.21 55.42 27.07
N THR K 296 -39.17 54.31 26.34
CA THR K 296 -38.15 54.05 25.34
C THR K 296 -38.80 53.87 23.98
N SER K 297 -38.13 54.35 22.94
CA SER K 297 -38.60 54.21 21.58
C SER K 297 -37.89 53.05 20.89
N ALA K 298 -38.56 52.49 19.89
CA ALA K 298 -38.00 51.35 19.16
C ALA K 298 -37.02 51.80 18.10
N THR K 299 -37.49 52.58 17.13
CA THR K 299 -36.64 53.05 16.03
C THR K 299 -36.69 54.58 15.93
N GLY K 300 -36.68 55.22 17.10
CA GLY K 300 -36.66 56.67 17.17
C GLY K 300 -37.89 57.34 16.59
N GLU K 301 -39.03 57.19 17.25
CA GLU K 301 -40.26 57.83 16.77
C GLU K 301 -40.30 59.30 17.17
N ASN K 302 -41.45 59.93 16.95
CA ASN K 302 -41.60 61.37 17.18
C ASN K 302 -42.77 61.64 18.11
N VAL K 303 -42.82 60.93 19.23
CA VAL K 303 -43.93 60.98 20.20
C VAL K 303 -44.33 62.42 20.50
N LYS K 304 -45.62 62.70 20.39
CA LYS K 304 -46.18 64.02 20.61
C LYS K 304 -47.07 63.99 21.87
N PHE K 305 -47.53 65.16 22.30
CA PHE K 305 -48.36 65.25 23.50
C PHE K 305 -49.54 66.16 23.19
N GLY K 306 -50.74 65.70 23.51
CA GLY K 306 -51.95 66.45 23.22
C GLY K 306 -52.20 67.60 24.17
N ALA K 307 -53.48 67.91 24.41
CA ALA K 307 -53.87 69.01 25.29
C ALA K 307 -54.56 68.45 26.52
N GLN K 308 -54.77 69.33 27.50
CA GLN K 308 -55.40 68.94 28.77
C GLN K 308 -56.91 68.80 28.60
N THR K 309 -57.32 67.57 28.28
CA THR K 309 -58.75 67.27 28.19
C THR K 309 -59.34 66.99 29.56
N GLY K 310 -58.51 66.75 30.56
CA GLY K 310 -58.99 66.45 31.89
C GLY K 310 -59.53 67.67 32.60
N THR K 311 -59.86 67.48 33.88
CA THR K 311 -60.45 68.52 34.71
C THR K 311 -59.49 69.08 35.75
N ALA K 312 -58.23 68.61 35.77
CA ALA K 312 -57.26 69.08 36.74
C ALA K 312 -57.02 70.57 36.61
N THR K 313 -57.10 71.29 37.73
CA THR K 313 -56.87 72.73 37.75
C THR K 313 -55.40 73.03 37.52
N ALA K 314 -54.53 72.41 38.30
CA ALA K 314 -53.09 72.60 38.19
C ALA K 314 -52.42 71.25 37.95
N GLY K 315 -51.10 71.27 37.82
CA GLY K 315 -50.33 70.08 37.58
C GLY K 315 -49.81 70.00 36.16
N GLN K 316 -48.70 69.27 36.02
CA GLN K 316 -48.05 69.14 34.71
C GLN K 316 -47.06 67.98 34.70
N VAL K 317 -46.37 67.80 33.58
CA VAL K 317 -45.34 66.78 33.43
C VAL K 317 -44.15 67.40 32.72
N ALA K 318 -42.95 67.04 33.16
CA ALA K 318 -41.71 67.53 32.57
C ALA K 318 -41.05 66.40 31.79
N VAL K 319 -40.19 66.77 30.83
CA VAL K 319 -39.50 65.82 29.99
C VAL K 319 -38.01 66.17 29.98
N LYS K 320 -37.18 65.12 29.92
CA LYS K 320 -35.72 65.30 29.95
C LYS K 320 -35.03 64.51 28.85
N VAL K 321 -35.47 64.65 27.60
CA VAL K 321 -35.01 63.83 26.48
C VAL K 321 -33.50 63.74 26.41
N GLN K 322 -32.97 62.52 26.43
CA GLN K 322 -31.53 62.32 26.37
C GLN K 322 -31.05 62.28 24.93
N GLY K 323 -29.73 62.33 24.76
CA GLY K 323 -29.13 62.24 23.44
C GLY K 323 -28.11 61.13 23.35
N SER K 324 -27.17 61.26 22.40
CA SER K 324 -26.08 60.30 22.31
C SER K 324 -25.17 60.36 23.53
N ASP K 325 -25.16 61.50 24.23
CA ASP K 325 -24.35 61.64 25.43
C ASP K 325 -24.81 60.74 26.56
N GLY K 326 -26.06 60.27 26.52
CA GLY K 326 -26.55 59.36 27.52
C GLY K 326 -27.20 60.06 28.71
N LYS K 327 -26.60 61.16 29.16
CA LYS K 327 -27.13 61.88 30.32
C LYS K 327 -28.39 62.65 29.95
N PHE K 328 -29.46 62.45 30.71
CA PHE K 328 -30.71 63.15 30.47
C PHE K 328 -30.56 64.65 30.76
N GLU K 329 -31.15 65.48 29.91
CA GLU K 329 -31.08 66.93 30.08
C GLU K 329 -31.67 67.35 31.42
N ALA K 330 -30.94 68.19 32.15
CA ALA K 330 -31.36 68.62 33.48
C ALA K 330 -32.60 69.51 33.44
N ALA K 331 -32.97 69.98 32.25
CA ALA K 331 -34.11 70.88 32.11
C ALA K 331 -35.42 70.15 32.38
N ALA K 332 -36.53 70.91 32.44
CA ALA K 332 -37.83 70.33 32.73
C ALA K 332 -38.90 70.80 31.75
N LYS K 333 -38.61 70.74 30.44
CA LYS K 333 -39.51 71.22 29.40
C LYS K 333 -40.91 70.63 29.55
N ASN K 334 -41.90 71.49 29.75
CA ASN K 334 -43.27 71.05 29.93
C ASN K 334 -43.91 70.70 28.60
N VAL K 335 -44.65 69.59 28.58
CA VAL K 335 -45.42 69.19 27.41
C VAL K 335 -46.91 69.26 27.71
N VAL K 336 -47.33 68.66 28.82
CA VAL K 336 -48.73 68.71 29.21
C VAL K 336 -48.87 69.50 30.50
N ALA K 337 -49.69 70.55 30.47
CA ALA K 337 -49.89 71.39 31.64
C ALA K 337 -51.37 71.73 31.76
N ALA K 338 -51.86 71.76 33.00
CA ALA K 338 -53.25 72.12 33.25
C ALA K 338 -53.44 73.62 33.12
N GLY K 339 -54.69 74.07 33.09
CA GLY K 339 -54.98 75.47 32.86
C GLY K 339 -54.37 75.97 31.56
N THR K 340 -53.36 76.83 31.67
CA THR K 340 -52.61 77.29 30.51
C THR K 340 -51.65 76.19 30.10
N ALA K 341 -51.96 75.50 29.01
CA ALA K 341 -51.12 74.40 28.54
C ALA K 341 -49.77 74.91 28.06
N ALA K 342 -48.81 74.00 27.98
CA ALA K 342 -47.46 74.35 27.55
C ALA K 342 -47.40 74.52 26.03
N THR K 343 -46.21 74.77 25.50
CA THR K 343 -46.05 74.96 24.06
C THR K 343 -45.30 73.79 23.44
N THR K 344 -44.12 73.48 23.97
CA THR K 344 -43.33 72.38 23.45
C THR K 344 -44.03 71.05 23.70
N THR K 345 -44.49 70.40 22.63
CA THR K 345 -45.21 69.15 22.76
C THR K 345 -44.71 68.05 21.82
N ILE K 346 -43.95 68.39 20.78
CA ILE K 346 -43.45 67.39 19.84
C ILE K 346 -42.08 66.92 20.30
N VAL K 347 -42.06 65.87 21.12
CA VAL K 347 -40.82 65.30 21.64
C VAL K 347 -40.07 64.61 20.51
N THR K 348 -38.80 64.94 20.33
CA THR K 348 -37.97 64.33 19.32
C THR K 348 -36.65 63.88 19.95
N GLY K 349 -36.25 62.65 19.65
CA GLY K 349 -35.06 62.07 20.21
C GLY K 349 -33.80 62.46 19.43
N TYR K 350 -32.72 61.76 19.74
CA TYR K 350 -31.44 61.99 19.08
C TYR K 350 -31.27 61.03 17.92
N VAL K 351 -30.59 61.50 16.86
CA VAL K 351 -30.48 60.76 15.62
C VAL K 351 -29.01 60.44 15.38
N GLN K 352 -28.27 60.21 16.46
CA GLN K 352 -26.86 59.86 16.37
C GLN K 352 -26.63 58.72 15.40
N LEU K 353 -25.66 58.90 14.51
CA LEU K 353 -25.32 57.91 13.51
C LEU K 353 -23.89 57.42 13.70
N ASN K 354 -23.44 56.57 12.78
CA ASN K 354 -22.09 56.03 12.82
C ASN K 354 -21.49 56.05 11.43
N SER K 355 -20.18 56.30 11.38
CA SER K 355 -19.44 56.30 10.12
C SER K 355 -17.95 56.13 10.37
N PRO K 356 -17.31 55.13 9.77
CA PRO K 356 -15.86 55.00 9.95
C PRO K 356 -15.05 56.10 9.28
N THR K 357 -15.38 56.42 8.04
CA THR K 357 -14.66 57.45 7.29
C THR K 357 -15.03 58.82 7.87
N ALA K 358 -14.08 59.75 7.85
CA ALA K 358 -14.28 61.10 8.37
C ALA K 358 -15.28 61.82 7.48
N TYR K 359 -16.35 62.33 8.09
CA TYR K 359 -17.43 63.01 7.39
C TYR K 359 -17.34 64.51 7.63
N SER K 360 -18.34 65.23 7.12
CA SER K 360 -18.47 66.67 7.37
C SER K 360 -19.91 67.06 7.13
N VAL K 361 -20.63 67.42 8.20
CA VAL K 361 -22.03 67.76 8.13
C VAL K 361 -22.21 69.26 8.34
N SER K 362 -23.16 69.85 7.63
CA SER K 362 -23.47 71.26 7.77
C SER K 362 -24.88 71.51 7.25
N GLY K 363 -25.34 72.75 7.39
CA GLY K 363 -26.67 73.12 6.97
C GLY K 363 -26.94 74.61 7.04
N THR K 364 -27.74 75.11 6.10
CA THR K 364 -28.04 76.54 6.07
C THR K 364 -28.89 76.93 7.28
N GLY K 365 -28.43 77.96 7.99
CA GLY K 365 -29.15 78.47 9.14
C GLY K 365 -29.28 77.48 10.27
N THR K 366 -30.52 77.19 10.67
CA THR K 366 -30.80 76.31 11.80
C THR K 366 -31.10 74.88 11.39
N GLN K 367 -31.07 74.57 10.09
CA GLN K 367 -31.38 73.24 9.60
C GLN K 367 -30.43 72.20 10.17
N ALA K 368 -29.16 72.57 10.36
CA ALA K 368 -28.18 71.64 10.92
C ALA K 368 -28.18 71.69 12.45
N SER K 369 -28.34 72.89 13.01
CA SER K 369 -28.28 73.06 14.46
C SER K 369 -29.40 72.30 15.16
N GLN K 370 -30.56 72.21 14.52
CA GLN K 370 -31.70 71.54 15.14
C GLN K 370 -31.45 70.05 15.32
N VAL K 371 -30.50 69.49 14.57
CA VAL K 371 -30.21 68.06 14.62
C VAL K 371 -28.80 67.78 15.16
N PHE K 372 -27.82 68.58 14.73
CA PHE K 372 -26.42 68.33 15.06
C PHE K 372 -25.85 69.40 15.97
N GLY K 373 -26.49 70.56 16.03
CA GLY K 373 -26.00 71.62 16.88
C GLY K 373 -24.71 72.21 16.37
N ASN K 374 -23.75 72.36 17.29
CA ASN K 374 -22.48 73.00 16.98
C ASN K 374 -21.58 72.10 16.14
N ALA K 375 -21.95 70.83 16.01
CA ALA K 375 -21.21 69.84 15.23
C ALA K 375 -20.82 70.39 13.86
N SER K 376 -19.51 70.38 13.57
CA SER K 376 -19.05 71.02 12.34
C SER K 376 -18.48 70.01 11.34
N ALA K 377 -17.46 69.23 11.74
CA ALA K 377 -16.92 68.28 10.79
C ALA K 377 -17.07 66.83 11.22
N ALA K 378 -16.47 66.48 12.36
CA ALA K 378 -16.38 65.08 12.77
C ALA K 378 -15.74 65.02 14.15
N GLN K 379 -15.49 63.79 14.61
CA GLN K 379 -14.66 63.52 15.78
C GLN K 379 -13.83 62.28 15.50
N LYS K 380 -13.21 61.72 16.54
CA LYS K 380 -12.43 60.49 16.38
C LYS K 380 -12.99 59.40 17.29
N SER K 381 -13.48 59.82 18.46
CA SER K 381 -14.06 58.96 19.50
C SER K 381 -12.98 58.16 20.22
N SER K 382 -11.76 58.17 19.68
CA SER K 382 -10.53 57.79 20.38
C SER K 382 -10.72 56.62 21.33
N VAL K 383 -11.08 55.45 20.81
CA VAL K 383 -11.56 54.39 21.70
C VAL K 383 -10.40 53.80 22.50
N ALA K 384 -10.23 54.32 23.71
CA ALA K 384 -9.40 53.73 24.75
C ALA K 384 -10.19 53.79 26.04
N SER K 385 -11.18 54.68 26.07
CA SER K 385 -12.19 54.91 27.09
C SER K 385 -13.40 54.02 26.91
N VAL K 386 -13.15 52.82 26.39
CA VAL K 386 -14.16 51.83 26.06
C VAL K 386 -15.19 51.67 27.17
N ASP K 387 -14.74 51.85 28.43
CA ASP K 387 -15.54 51.76 29.65
C ASP K 387 -16.64 50.69 29.54
N ILE K 388 -16.23 49.46 29.23
CA ILE K 388 -17.17 48.39 28.95
C ILE K 388 -18.01 48.04 30.17
N SER K 389 -17.65 48.58 31.33
CA SER K 389 -18.38 48.33 32.57
C SER K 389 -19.85 48.76 32.45
N THR K 390 -20.08 49.95 31.92
CA THR K 390 -21.43 50.50 31.83
C THR K 390 -22.14 49.97 30.58
N ALA K 391 -23.45 49.76 30.71
CA ALA K 391 -24.25 49.24 29.61
C ALA K 391 -24.26 50.18 28.41
N ASP K 392 -24.62 51.43 28.63
CA ASP K 392 -24.58 52.44 27.58
C ASP K 392 -23.17 52.54 27.00
N GLY K 393 -22.17 52.50 27.88
CA GLY K 393 -20.78 52.43 27.46
C GLY K 393 -20.52 51.23 26.59
N ALA K 394 -21.14 50.09 26.93
CA ALA K 394 -20.97 48.87 26.14
C ALA K 394 -21.55 49.03 24.74
N GLN K 395 -22.74 49.61 24.64
CA GLN K 395 -23.35 49.82 23.33
C GLN K 395 -22.52 50.80 22.50
N ASN K 396 -22.05 51.88 23.13
CA ASN K 396 -21.18 52.82 22.44
C ASN K 396 -19.91 52.12 21.95
N ALA K 397 -19.35 51.24 22.78
CA ALA K 397 -18.16 50.50 22.39
C ALA K 397 -18.45 49.60 21.20
N ILE K 398 -19.61 48.95 21.20
CA ILE K 398 -20.03 48.10 20.09
C ILE K 398 -20.06 48.94 18.82
N ALA K 399 -20.65 50.13 18.90
CA ALA K 399 -20.71 51.01 17.74
C ALA K 399 -19.31 51.38 17.23
N VAL K 400 -18.44 51.81 18.14
CA VAL K 400 -17.11 52.27 17.73
C VAL K 400 -16.29 51.13 17.15
N VAL K 401 -16.43 49.93 17.73
CA VAL K 401 -15.65 48.81 17.21
C VAL K 401 -16.21 48.34 15.88
N ASP K 402 -17.53 48.46 15.68
CA ASP K 402 -18.10 48.15 14.37
C ASP K 402 -17.52 49.08 13.30
N ASN K 403 -17.51 50.38 13.59
CA ASN K 403 -16.92 51.33 12.64
C ASN K 403 -15.43 51.07 12.44
N ALA K 404 -14.71 50.72 13.51
CA ALA K 404 -13.27 50.48 13.41
C ALA K 404 -12.98 49.27 12.52
N LEU K 405 -13.75 48.18 12.71
CA LEU K 405 -13.53 47.01 11.88
C LEU K 405 -13.98 47.26 10.45
N ALA K 406 -15.00 48.09 10.25
CA ALA K 406 -15.35 48.49 8.88
C ALA K 406 -14.19 49.21 8.21
N ALA K 407 -13.55 50.13 8.94
CA ALA K 407 -12.41 50.85 8.38
C ALA K 407 -11.23 49.91 8.12
N ILE K 408 -10.96 48.99 9.05
CA ILE K 408 -9.85 48.05 8.86
C ILE K 408 -10.13 47.13 7.68
N ASP K 409 -11.39 46.75 7.48
CA ASP K 409 -11.72 45.86 6.36
C ASP K 409 -11.64 46.61 5.04
N ALA K 410 -11.99 47.90 5.05
CA ALA K 410 -11.76 48.73 3.86
C ALA K 410 -10.27 48.83 3.56
N GLN K 411 -9.44 48.95 4.61
CA GLN K 411 -8.00 48.94 4.42
C GLN K 411 -7.53 47.61 3.83
N ARG K 412 -8.13 46.51 4.28
CA ARG K 412 -7.79 45.20 3.73
C ARG K 412 -8.19 45.11 2.27
N ALA K 413 -9.32 45.70 1.89
CA ALA K 413 -9.72 45.72 0.49
C ALA K 413 -8.78 46.56 -0.34
N ASP K 414 -8.29 47.68 0.21
CA ASP K 414 -7.27 48.47 -0.46
C ASP K 414 -6.00 47.64 -0.68
N LEU K 415 -5.60 46.88 0.34
CA LEU K 415 -4.46 45.98 0.21
C LEU K 415 -4.70 44.95 -0.88
N ALA K 416 -5.92 44.41 -0.94
CA ALA K 416 -6.27 43.46 -1.99
C ALA K 416 -6.11 44.08 -3.36
N ALA K 417 -6.60 45.32 -3.52
CA ALA K 417 -6.42 46.03 -4.77
C ALA K 417 -4.95 46.18 -5.11
N VAL K 418 -4.14 46.57 -4.13
CA VAL K 418 -2.71 46.80 -4.37
C VAL K 418 -2.03 45.52 -4.82
N GLN K 419 -2.33 44.40 -4.15
CA GLN K 419 -1.65 43.15 -4.49
C GLN K 419 -2.15 42.56 -5.81
N ASN K 420 -3.45 42.67 -6.11
CA ASN K 420 -3.93 42.24 -7.41
C ASN K 420 -3.28 43.06 -8.51
N ARG K 421 -3.17 44.38 -8.30
CA ARG K 421 -2.48 45.24 -9.24
C ARG K 421 -1.03 44.83 -9.40
N PHE K 422 -0.36 44.48 -8.30
CA PHE K 422 1.03 44.04 -8.38
C PHE K 422 1.17 42.73 -9.15
N LYS K 423 0.23 41.79 -8.98
CA LYS K 423 0.35 40.53 -9.68
C LYS K 423 0.09 40.69 -11.17
N ASN K 424 -0.91 41.52 -11.52
CA ASN K 424 -1.12 41.82 -12.94
C ASN K 424 0.08 42.56 -13.52
N THR K 425 0.67 43.46 -12.74
CA THR K 425 1.84 44.20 -13.20
C THR K 425 3.03 43.28 -13.41
N ILE K 426 3.28 42.35 -12.49
CA ILE K 426 4.43 41.47 -12.63
C ILE K 426 4.22 40.52 -13.79
N ASP K 427 2.97 40.12 -14.05
CA ASP K 427 2.71 39.29 -15.22
C ASP K 427 2.99 40.06 -16.51
N ASN K 428 2.45 41.27 -16.64
CA ASN K 428 2.70 42.08 -17.82
C ASN K 428 4.19 42.36 -17.99
N LEU K 429 4.88 42.58 -16.88
CA LEU K 429 6.29 42.94 -16.93
C LEU K 429 7.14 41.76 -17.35
N THR K 430 6.89 40.56 -16.83
CA THR K 430 7.66 39.40 -17.27
C THR K 430 7.34 39.08 -18.73
N ASN K 431 6.08 39.28 -19.16
CA ASN K 431 5.76 39.08 -20.56
C ASN K 431 6.57 40.01 -21.47
N ILE K 432 6.50 41.31 -21.22
CA ILE K 432 7.20 42.27 -22.07
C ILE K 432 8.71 42.08 -21.95
N SER K 433 9.18 41.61 -20.80
CA SER K 433 10.61 41.34 -20.64
C SER K 433 11.05 40.19 -21.53
N GLU K 434 10.27 39.11 -21.56
CA GLU K 434 10.61 38.01 -22.45
C GLU K 434 10.55 38.45 -23.91
N ASN K 435 9.55 39.26 -24.26
CA ASN K 435 9.45 39.70 -25.65
C ASN K 435 10.63 40.58 -26.04
N ALA K 436 11.04 41.49 -25.15
CA ALA K 436 12.21 42.31 -25.41
C ALA K 436 13.49 41.47 -25.44
N THR K 437 13.53 40.39 -24.67
CA THR K 437 14.68 39.49 -24.74
C THR K 437 14.74 38.79 -26.08
N ASN K 438 13.59 38.35 -26.60
CA ASN K 438 13.57 37.77 -27.95
C ASN K 438 13.97 38.82 -28.98
N ALA K 439 13.59 40.08 -28.78
CA ALA K 439 14.02 41.14 -29.67
C ALA K 439 15.55 41.29 -29.63
N ARG K 440 16.11 41.34 -28.43
CA ARG K 440 17.57 41.45 -28.29
C ARG K 440 18.27 40.25 -28.89
N SER K 441 17.63 39.08 -28.85
CA SER K 441 18.22 37.90 -29.47
C SER K 441 18.21 38.01 -30.99
N ARG K 442 17.05 38.36 -31.56
CA ARG K 442 16.95 38.50 -33.01
C ARG K 442 17.83 39.62 -33.54
N ILE K 443 18.17 40.61 -32.72
CA ILE K 443 19.04 41.69 -33.16
C ILE K 443 20.51 41.47 -32.80
N LYS K 444 20.80 40.55 -31.87
CA LYS K 444 22.13 40.32 -31.36
C LYS K 444 22.64 38.91 -31.56
N ASP K 445 21.86 37.90 -31.19
CA ASP K 445 22.33 36.52 -31.21
C ASP K 445 22.72 36.12 -32.62
N THR K 446 23.94 35.60 -32.76
CA THR K 446 24.45 35.23 -34.08
C THR K 446 23.69 34.04 -34.63
N ASP K 447 23.22 34.16 -35.88
CA ASP K 447 22.64 33.04 -36.60
C ASP K 447 23.74 32.21 -37.25
N PHE K 448 24.51 31.53 -36.41
CA PHE K 448 25.67 30.79 -36.88
C PHE K 448 25.31 29.61 -37.77
N ALA K 449 24.03 29.33 -38.00
CA ALA K 449 23.64 28.35 -39.01
C ALA K 449 24.16 28.73 -40.39
N ALA K 450 24.44 30.01 -40.61
CA ALA K 450 25.15 30.47 -41.81
C ALA K 450 26.56 30.95 -41.53
N GLU K 451 26.82 31.41 -40.30
CA GLU K 451 28.16 31.88 -39.97
C GLU K 451 29.17 30.74 -39.87
N THR K 452 28.73 29.52 -39.58
CA THR K 452 29.64 28.38 -39.64
C THR K 452 30.10 28.12 -41.07
N ALA K 453 29.17 28.18 -42.03
CA ALA K 453 29.56 28.06 -43.43
C ALA K 453 30.43 29.23 -43.86
N ALA K 454 30.14 30.43 -43.34
CA ALA K 454 30.99 31.59 -43.63
C ALA K 454 32.40 31.37 -43.10
N LEU K 455 32.52 30.79 -41.91
CA LEU K 455 33.83 30.49 -41.34
C LEU K 455 34.57 29.45 -42.17
N SER K 456 33.87 28.42 -42.61
CA SER K 456 34.47 27.41 -43.48
C SER K 456 34.97 28.05 -44.77
N LYS K 457 34.15 28.92 -45.37
CA LYS K 457 34.55 29.62 -46.59
C LYS K 457 35.77 30.49 -46.34
N ASN K 458 35.81 31.19 -45.21
CA ASN K 458 36.95 32.06 -44.92
C ASN K 458 38.23 31.24 -44.75
N GLN K 459 38.15 30.12 -44.03
CA GLN K 459 39.32 29.28 -43.85
C GLN K 459 39.79 28.71 -45.18
N VAL K 460 38.85 28.27 -46.03
CA VAL K 460 39.21 27.75 -47.34
C VAL K 460 39.87 28.82 -48.19
N LEU K 461 39.32 30.04 -48.16
CA LEU K 461 39.89 31.13 -48.95
C LEU K 461 41.28 31.50 -48.45
N GLN K 462 41.49 31.48 -47.13
CA GLN K 462 42.81 31.78 -46.59
C GLN K 462 43.82 30.72 -47.02
N GLN K 463 43.45 29.44 -46.89
CA GLN K 463 44.34 28.37 -47.33
C GLN K 463 44.65 28.48 -48.83
N ALA K 464 43.63 28.80 -49.63
CA ALA K 464 43.83 28.94 -51.07
C ALA K 464 44.77 30.10 -51.37
N GLY K 465 44.60 31.22 -50.67
CA GLY K 465 45.49 32.36 -50.88
C GLY K 465 46.91 32.05 -50.49
N THR K 466 47.10 31.30 -49.40
CA THR K 466 48.45 30.90 -49.01
C THR K 466 49.09 30.01 -50.07
N ALA K 467 48.33 29.03 -50.57
CA ALA K 467 48.86 28.15 -51.61
C ALA K 467 49.18 28.93 -52.87
N ILE K 468 48.33 29.91 -53.22
CA ILE K 468 48.55 30.70 -54.42
C ILE K 468 49.79 31.56 -54.27
N LEU K 469 50.00 32.15 -53.09
CA LEU K 469 51.22 32.91 -52.85
C LEU K 469 52.45 32.01 -52.96
N ALA K 470 52.40 30.84 -52.33
CA ALA K 470 53.54 29.92 -52.38
C ALA K 470 53.83 29.46 -53.81
N GLN K 471 52.80 29.37 -54.64
CA GLN K 471 53.00 28.96 -56.02
C GLN K 471 53.53 30.12 -56.87
N ALA K 472 53.04 31.33 -56.62
CA ALA K 472 53.40 32.47 -57.45
C ALA K 472 54.79 33.01 -57.13
N ASN K 473 55.24 32.86 -55.87
CA ASN K 473 56.53 33.39 -55.49
C ASN K 473 57.69 32.59 -56.11
N GLN K 474 57.37 31.52 -56.83
CA GLN K 474 58.39 30.69 -57.46
C GLN K 474 58.56 30.98 -58.96
N LEU K 475 57.69 31.81 -59.54
CA LEU K 475 57.78 32.10 -60.98
C LEU K 475 59.06 32.84 -61.35
N PRO K 476 59.41 33.98 -60.73
CA PRO K 476 60.63 34.68 -61.16
C PRO K 476 61.89 33.85 -60.98
N GLN K 477 61.96 33.04 -59.92
CA GLN K 477 63.10 32.15 -59.73
C GLN K 477 63.28 31.23 -60.93
N ALA K 478 62.20 30.57 -61.33
CA ALA K 478 62.27 29.62 -62.44
C ALA K 478 62.61 30.32 -63.75
N VAL K 479 61.94 31.45 -64.04
CA VAL K 479 62.17 32.12 -65.31
C VAL K 479 63.60 32.63 -65.41
N LEU K 480 64.13 33.20 -64.32
CA LEU K 480 65.52 33.67 -64.36
C LEU K 480 66.51 32.52 -64.41
N SER K 481 66.24 31.41 -63.71
CA SER K 481 67.17 30.30 -63.74
C SER K 481 67.18 29.60 -65.09
N LEU K 482 66.06 29.65 -65.82
CA LEU K 482 65.99 29.00 -67.12
C LEU K 482 66.43 29.90 -68.26
N LEU K 483 66.20 31.20 -68.17
CA LEU K 483 66.52 32.12 -69.25
C LEU K 483 67.99 32.55 -69.24
N ARG K 484 68.63 32.54 -68.08
CA ARG K 484 70.04 32.93 -68.00
C ARG K 484 70.94 31.84 -68.57
N VAL L 1 99.50 49.51 -99.39
CA VAL L 1 98.76 50.21 -98.35
C VAL L 1 99.18 49.71 -96.97
N ASN L 2 100.08 50.45 -96.33
CA ASN L 2 100.59 50.06 -95.00
C ASN L 2 100.62 51.18 -93.99
N THR L 3 100.55 52.45 -94.38
CA THR L 3 100.57 53.54 -93.42
C THR L 3 99.37 53.52 -92.48
N ASN L 4 98.21 53.06 -92.94
CA ASN L 4 97.02 52.98 -92.12
C ASN L 4 96.10 51.93 -92.73
N ILE L 5 95.18 51.43 -91.91
CA ILE L 5 94.23 50.41 -92.33
C ILE L 5 92.82 50.97 -92.10
N ALA L 6 91.94 50.77 -93.08
CA ALA L 6 90.58 51.28 -92.98
C ALA L 6 89.71 50.48 -92.03
N SER L 7 90.29 49.57 -91.24
CA SER L 7 89.54 48.77 -90.29
C SER L 7 89.09 49.57 -89.07
N LEU L 8 89.25 50.90 -89.08
CA LEU L 8 88.77 51.72 -87.97
C LEU L 8 87.26 51.69 -87.85
N ASN L 9 86.53 51.41 -88.93
CA ASN L 9 85.09 51.20 -88.82
C ASN L 9 84.79 49.99 -87.95
N THR L 10 85.62 48.95 -88.06
CA THR L 10 85.46 47.79 -87.19
C THR L 10 85.67 48.18 -85.72
N GLN L 11 86.67 49.01 -85.45
CA GLN L 11 86.91 49.47 -84.08
C GLN L 11 85.74 50.30 -83.57
N ARG L 12 85.18 51.16 -84.42
CA ARG L 12 84.01 51.94 -84.03
C ARG L 12 82.82 51.04 -83.72
N ASN L 13 82.61 50.01 -84.55
CA ASN L 13 81.54 49.05 -84.29
C ASN L 13 81.77 48.29 -82.98
N LEU L 14 83.02 47.91 -82.71
CA LEU L 14 83.34 47.26 -81.43
C LEU L 14 83.04 48.18 -80.25
N ASN L 15 83.38 49.46 -80.38
CA ASN L 15 83.09 50.41 -79.31
C ASN L 15 81.59 50.52 -79.08
N ALA L 16 80.82 50.66 -80.16
CA ALA L 16 79.36 50.78 -80.02
C ALA L 16 78.76 49.52 -79.40
N SER L 17 79.21 48.34 -79.86
CA SER L 17 78.69 47.10 -79.31
C SER L 17 79.09 46.94 -77.85
N SER L 18 80.27 47.42 -77.47
CA SER L 18 80.69 47.32 -76.08
C SER L 18 79.86 48.21 -75.18
N ASN L 19 79.57 49.44 -75.61
CA ASN L 19 78.70 50.30 -74.82
C ASN L 19 77.30 49.72 -74.72
N ASP L 20 76.79 49.16 -75.82
CA ASP L 20 75.48 48.51 -75.78
C ASP L 20 75.50 47.34 -74.80
N LEU L 21 76.59 46.57 -74.81
CA LEU L 21 76.72 45.47 -73.87
C LEU L 21 76.73 45.97 -72.43
N ASN L 22 77.45 47.06 -72.16
CA ASN L 22 77.50 47.59 -70.81
C ASN L 22 76.12 48.03 -70.34
N THR L 23 75.39 48.78 -71.17
CA THR L 23 74.08 49.26 -70.73
C THR L 23 73.09 48.11 -70.58
N SER L 24 73.17 47.11 -71.47
CA SER L 24 72.26 45.97 -71.36
C SER L 24 72.58 45.13 -70.12
N LEU L 25 73.86 44.97 -69.80
CA LEU L 25 74.21 44.23 -68.59
C LEU L 25 73.77 44.99 -67.34
N GLN L 26 73.90 46.31 -67.35
CA GLN L 26 73.37 47.11 -66.25
C GLN L 26 71.86 46.91 -66.12
N ARG L 27 71.15 46.93 -67.25
CA ARG L 27 69.70 46.72 -67.22
C ARG L 27 69.35 45.36 -66.65
N LEU L 28 70.10 44.32 -67.04
CA LEU L 28 69.77 42.97 -66.61
C LEU L 28 70.10 42.77 -65.14
N THR L 29 71.21 43.33 -64.66
CA THR L 29 71.58 43.17 -63.26
C THR L 29 70.72 44.03 -62.35
N THR L 30 70.19 45.14 -62.86
CA THR L 30 69.34 46.02 -62.07
C THR L 30 67.86 45.66 -62.15
N GLY L 31 67.43 45.07 -63.26
CA GLY L 31 66.03 44.78 -63.46
C GLY L 31 65.21 45.95 -63.99
N TYR L 32 65.85 47.09 -64.24
CA TYR L 32 65.16 48.27 -64.77
C TYR L 32 65.56 48.43 -66.24
N ARG L 33 64.55 48.55 -67.11
CA ARG L 33 64.83 48.80 -68.52
C ARG L 33 65.53 50.14 -68.69
N ILE L 34 65.09 51.15 -67.96
CA ILE L 34 65.79 52.43 -67.95
C ILE L 34 66.62 52.51 -66.67
N ASN L 35 67.90 52.84 -66.81
CA ASN L 35 68.77 52.97 -65.66
C ASN L 35 68.46 54.24 -64.89
N SER L 36 68.99 54.33 -63.68
CA SER L 36 68.85 55.54 -62.88
C SER L 36 69.54 56.74 -63.54
N ALA L 37 70.26 56.52 -64.63
CA ALA L 37 70.94 57.60 -65.33
C ALA L 37 69.94 58.47 -66.08
N LYS L 38 70.47 59.42 -66.86
CA LYS L 38 69.62 60.39 -67.54
C LYS L 38 68.86 59.77 -68.70
N ASP L 39 69.12 58.50 -69.02
CA ASP L 39 68.43 57.84 -70.11
C ASP L 39 66.93 57.80 -69.86
N ASP L 40 66.16 58.28 -70.84
CA ASP L 40 64.70 58.35 -70.77
C ASP L 40 64.27 59.17 -69.55
N ALA L 41 64.63 60.45 -69.60
CA ALA L 41 64.36 61.35 -68.47
C ALA L 41 62.88 61.44 -68.15
N ALA L 42 62.01 61.34 -69.15
CA ALA L 42 60.58 61.35 -68.89
C ALA L 42 60.15 60.13 -68.08
N GLY L 43 60.60 58.94 -68.51
CA GLY L 43 60.32 57.74 -67.74
C GLY L 43 60.92 57.79 -66.36
N LEU L 44 62.11 58.41 -66.24
CA LEU L 44 62.72 58.56 -64.92
C LEU L 44 61.86 59.43 -64.02
N GLN L 45 61.31 60.53 -64.56
CA GLN L 45 60.42 61.38 -63.79
C GLN L 45 59.16 60.63 -63.37
N ILE L 46 58.59 59.86 -64.29
CA ILE L 46 57.40 59.08 -63.97
C ILE L 46 57.71 58.07 -62.87
N SER L 47 58.87 57.41 -62.95
CA SER L 47 59.25 56.45 -61.93
C SER L 47 59.44 57.12 -60.58
N ASN L 48 60.10 58.29 -60.56
CA ASN L 48 60.31 59.01 -59.31
C ASN L 48 58.97 59.39 -58.67
N ARG L 49 58.05 59.93 -59.49
CA ARG L 49 56.76 60.34 -58.96
C ARG L 49 55.97 59.14 -58.45
N LEU L 50 55.99 58.03 -59.19
CA LEU L 50 55.25 56.84 -58.78
C LEU L 50 55.85 56.25 -57.50
N SER L 51 57.17 56.27 -57.36
CA SER L 51 57.79 55.75 -56.15
C SER L 51 57.47 56.64 -54.96
N ASN L 52 57.49 57.95 -55.14
CA ASN L 52 57.09 58.86 -54.08
C ASN L 52 55.64 58.60 -53.66
N GLN L 53 54.75 58.42 -54.65
CA GLN L 53 53.35 58.15 -54.33
C GLN L 53 53.20 56.82 -53.59
N ILE L 54 53.98 55.82 -53.99
CA ILE L 54 53.87 54.50 -53.35
C ILE L 54 54.35 54.57 -51.91
N SER L 55 55.47 55.27 -51.68
CA SER L 55 55.97 55.42 -50.31
C SER L 55 54.98 56.19 -49.45
N GLY L 56 54.41 57.27 -50.00
CA GLY L 56 53.41 58.02 -49.25
C GLY L 56 52.19 57.18 -48.94
N LEU L 57 51.76 56.36 -49.91
CA LEU L 57 50.61 55.50 -49.69
C LEU L 57 50.90 54.45 -48.62
N ASN L 58 52.12 53.92 -48.59
CA ASN L 58 52.47 52.92 -47.57
C ASN L 58 52.51 53.55 -46.19
N VAL L 59 53.14 54.71 -46.06
CA VAL L 59 53.19 55.35 -44.75
C VAL L 59 51.80 55.80 -44.31
N ALA L 60 50.94 56.15 -45.27
CA ALA L 60 49.57 56.50 -44.92
C ALA L 60 48.78 55.27 -44.48
N THR L 61 49.04 54.12 -45.11
CA THR L 61 48.42 52.89 -44.66
C THR L 61 48.84 52.54 -43.24
N ARG L 62 50.12 52.75 -42.92
CA ARG L 62 50.57 52.49 -41.56
C ARG L 62 49.93 53.46 -40.57
N ASN L 63 49.83 54.74 -40.95
CA ASN L 63 49.14 55.70 -40.09
C ASN L 63 47.68 55.33 -39.92
N ALA L 64 47.06 54.78 -40.96
CA ALA L 64 45.66 54.35 -40.86
C ALA L 64 45.51 53.16 -39.93
N ASN L 65 46.46 52.22 -39.97
CA ASN L 65 46.47 51.12 -39.01
C ASN L 65 46.58 51.65 -37.59
N ASP L 66 47.49 52.61 -37.37
CA ASP L 66 47.63 53.21 -36.04
C ASP L 66 46.34 53.87 -35.60
N GLY L 67 45.67 54.59 -36.51
CA GLY L 67 44.43 55.24 -36.16
C GLY L 67 43.31 54.26 -35.87
N ILE L 68 43.28 53.14 -36.61
CA ILE L 68 42.27 52.11 -36.37
C ILE L 68 42.49 51.49 -35.00
N SER L 69 43.76 51.25 -34.62
CA SER L 69 44.04 50.73 -33.29
C SER L 69 43.64 51.73 -32.21
N LEU L 70 43.90 53.02 -32.45
CA LEU L 70 43.50 54.05 -31.49
C LEU L 70 41.99 54.07 -31.32
N ALA L 71 41.25 54.06 -32.42
CA ALA L 71 39.79 54.04 -32.35
C ALA L 71 39.28 52.74 -31.73
N GLN L 72 40.02 51.65 -31.85
CA GLN L 72 39.62 50.40 -31.20
C GLN L 72 39.78 50.52 -29.69
N THR L 73 40.88 51.12 -29.23
CA THR L 73 41.02 51.42 -27.81
C THR L 73 39.87 52.30 -27.33
N ALA L 74 39.52 53.31 -28.13
CA ALA L 74 38.41 54.18 -27.78
C ALA L 74 37.11 53.40 -27.68
N GLU L 75 36.87 52.49 -28.63
CA GLU L 75 35.64 51.70 -28.62
C GLU L 75 35.59 50.79 -27.40
N GLY L 76 36.73 50.21 -27.01
CA GLY L 76 36.75 49.40 -25.81
C GLY L 76 36.45 50.21 -24.55
N ALA L 77 37.07 51.39 -24.45
CA ALA L 77 36.80 52.26 -23.30
C ALA L 77 35.34 52.68 -23.26
N LEU L 78 34.76 52.99 -24.42
CA LEU L 78 33.36 53.39 -24.46
C LEU L 78 32.43 52.22 -24.17
N GLN L 79 32.84 51.00 -24.53
CA GLN L 79 32.08 49.81 -24.14
C GLN L 79 32.06 49.66 -22.63
N GLN L 80 33.24 49.83 -22.00
CA GLN L 80 33.29 49.79 -20.54
C GLN L 80 32.43 50.88 -19.93
N SER L 81 32.42 52.06 -20.55
CA SER L 81 31.58 53.16 -20.05
C SER L 81 30.09 52.81 -20.17
N THR L 82 29.71 52.16 -21.28
CA THR L 82 28.32 51.75 -21.43
C THR L 82 27.94 50.71 -20.38
N ASN L 83 28.83 49.76 -20.11
CA ASN L 83 28.56 48.79 -19.05
C ASN L 83 28.42 49.48 -17.70
N ILE L 84 29.25 50.48 -17.43
CA ILE L 84 29.15 51.22 -16.18
C ILE L 84 27.82 51.95 -16.10
N LEU L 85 27.37 52.53 -17.21
CA LEU L 85 26.11 53.26 -17.20
C LEU L 85 24.92 52.31 -17.02
N GLN L 86 24.98 51.14 -17.64
CA GLN L 86 23.94 50.14 -17.42
C GLN L 86 23.90 49.70 -15.96
N ARG L 87 25.07 49.51 -15.35
CA ARG L 87 25.12 49.17 -13.94
C ARG L 87 24.59 50.30 -13.07
N ILE L 88 24.82 51.54 -13.48
CA ILE L 88 24.31 52.69 -12.73
C ILE L 88 22.79 52.73 -12.80
N ARG L 89 22.22 52.51 -13.98
CA ARG L 89 20.77 52.45 -14.11
C ARG L 89 20.21 51.29 -13.30
N ASP L 90 20.92 50.15 -13.28
CA ASP L 90 20.51 49.02 -12.46
C ASP L 90 20.42 49.41 -10.99
N LEU L 91 21.50 49.99 -10.45
CA LEU L 91 21.50 50.37 -9.05
C LEU L 91 20.52 51.50 -8.77
N ALA L 92 20.19 52.29 -9.79
CA ALA L 92 19.25 53.39 -9.60
C ALA L 92 17.81 52.87 -9.49
N LEU L 93 17.43 51.98 -10.40
CA LEU L 93 16.09 51.39 -10.32
C LEU L 93 15.96 50.43 -9.15
N GLN L 94 17.07 49.82 -8.72
CA GLN L 94 17.04 49.04 -7.49
C GLN L 94 16.95 49.97 -6.28
N SER L 95 17.49 51.18 -6.40
CA SER L 95 17.47 52.19 -5.34
C SER L 95 16.09 52.76 -5.09
N ALA L 96 15.08 52.35 -5.87
CA ALA L 96 13.72 52.76 -5.57
C ALA L 96 13.32 52.39 -4.15
N ASN L 97 13.69 51.17 -3.73
CA ASN L 97 13.51 50.71 -2.35
C ASN L 97 12.08 50.85 -1.85
N GLY L 98 11.11 50.96 -2.75
CA GLY L 98 9.77 51.30 -2.34
C GLY L 98 9.69 52.69 -1.75
N SER L 99 10.80 53.44 -1.87
CA SER L 99 10.98 54.81 -1.39
C SER L 99 11.11 54.87 0.13
N ASN L 100 10.89 53.75 0.82
CA ASN L 100 11.07 53.76 2.27
C ASN L 100 11.65 52.48 2.86
N SER L 101 12.01 51.48 2.06
CA SER L 101 12.38 50.19 2.66
C SER L 101 13.85 50.11 3.01
N ASP L 102 14.71 50.80 2.28
CA ASP L 102 16.16 50.72 2.49
C ASP L 102 16.64 51.98 3.19
N ALA L 103 16.64 51.93 4.53
CA ALA L 103 17.23 53.02 5.30
C ALA L 103 18.73 53.14 5.07
N ASP L 104 19.34 52.14 4.45
CA ASP L 104 20.74 52.16 4.06
C ASP L 104 20.93 52.72 2.65
N ARG L 105 20.03 53.61 2.24
CA ARG L 105 20.27 54.47 1.10
C ARG L 105 21.64 55.14 1.17
N ALA L 106 22.19 55.33 2.38
CA ALA L 106 23.54 55.86 2.49
C ALA L 106 24.57 54.90 1.91
N ALA L 107 24.47 53.61 2.23
CA ALA L 107 25.37 52.63 1.65
C ALA L 107 25.12 52.49 0.15
N LEU L 108 23.87 52.60 -0.27
CA LEU L 108 23.58 52.59 -1.70
C LEU L 108 24.24 53.77 -2.42
N GLN L 109 24.19 54.95 -1.80
CA GLN L 109 24.85 56.12 -2.37
C GLN L 109 26.36 55.95 -2.38
N LYS L 110 26.91 55.29 -1.35
CA LYS L 110 28.33 54.96 -1.36
C LYS L 110 28.69 54.08 -2.54
N GLU L 111 27.86 53.06 -2.80
CA GLU L 111 28.08 52.19 -3.95
C GLU L 111 28.06 52.97 -5.26
N VAL L 112 27.03 53.81 -5.45
CA VAL L 112 26.92 54.51 -6.72
C VAL L 112 28.01 55.55 -6.87
N ALA L 113 28.47 56.14 -5.76
CA ALA L 113 29.57 57.11 -5.83
C ALA L 113 30.88 56.41 -6.18
N ALA L 114 31.11 55.22 -5.62
CA ALA L 114 32.27 54.44 -6.02
C ALA L 114 32.20 54.08 -7.50
N GLN L 115 31.00 53.80 -8.00
CA GLN L 115 30.85 53.52 -9.42
C GLN L 115 31.14 54.76 -10.27
N GLN L 116 30.73 55.94 -9.80
CA GLN L 116 31.07 57.17 -10.52
C GLN L 116 32.58 57.41 -10.51
N ALA L 117 33.25 57.12 -9.39
CA ALA L 117 34.70 57.25 -9.35
C ALA L 117 35.35 56.28 -10.34
N GLU L 118 34.82 55.07 -10.45
CA GLU L 118 35.34 54.13 -11.43
C GLU L 118 35.09 54.63 -12.86
N LEU L 119 33.94 55.25 -13.10
CA LEU L 119 33.69 55.84 -14.41
C LEU L 119 34.71 56.93 -14.72
N THR L 120 34.99 57.80 -13.75
CA THR L 120 36.00 58.83 -13.93
C THR L 120 37.37 58.22 -14.17
N ARG L 121 37.64 57.06 -13.58
CA ARG L 121 38.90 56.37 -13.81
C ARG L 121 38.98 55.78 -15.21
N ILE L 122 37.88 55.18 -15.70
CA ILE L 122 37.86 54.65 -17.07
C ILE L 122 37.98 55.79 -18.06
N SER L 123 37.49 56.98 -17.69
CA SER L 123 37.79 58.16 -18.49
C SER L 123 39.29 58.31 -18.70
N ASP L 124 40.06 58.25 -17.61
CA ASP L 124 41.51 58.23 -17.68
C ASP L 124 41.96 56.79 -17.99
N THR L 125 43.25 56.51 -17.77
CA THR L 125 43.87 55.20 -17.98
C THR L 125 43.72 54.70 -19.41
N THR L 126 43.43 55.59 -20.34
CA THR L 126 43.42 55.26 -21.76
C THR L 126 44.59 55.94 -22.47
N THR L 127 45.73 56.01 -21.80
CA THR L 127 46.89 56.73 -22.28
C THR L 127 47.58 55.96 -23.43
N PHE L 128 46.96 56.05 -24.60
CA PHE L 128 47.54 55.46 -25.79
C PHE L 128 48.68 56.33 -26.29
N GLY L 129 49.82 56.26 -25.59
CA GLY L 129 50.97 57.07 -25.92
C GLY L 129 51.19 58.29 -25.04
N GLY L 130 50.70 58.27 -23.80
CA GLY L 130 50.86 59.41 -22.91
C GLY L 130 50.03 60.60 -23.35
N ARG L 131 49.03 60.33 -24.17
CA ARG L 131 48.16 61.36 -24.76
C ARG L 131 46.70 60.96 -24.58
N LYS L 132 46.34 60.65 -23.33
CA LYS L 132 45.10 59.98 -22.95
C LYS L 132 43.92 60.36 -23.84
N LEU L 133 43.23 59.35 -24.36
CA LEU L 133 42.41 59.52 -25.55
C LEU L 133 41.14 60.31 -25.25
N LEU L 134 40.25 59.75 -24.43
CA LEU L 134 38.93 60.32 -24.29
C LEU L 134 38.79 61.31 -23.15
N ASP L 135 39.77 61.36 -22.25
CA ASP L 135 39.68 62.27 -21.11
C ASP L 135 40.55 63.50 -21.35
N GLY L 136 40.37 64.49 -20.47
CA GLY L 136 41.17 65.70 -20.57
C GLY L 136 40.76 66.53 -21.77
N SER L 137 41.75 67.09 -22.46
CA SER L 137 41.53 67.93 -23.63
C SER L 137 42.14 67.21 -24.84
N PHE L 138 41.29 66.55 -25.62
CA PHE L 138 41.70 65.89 -26.83
C PHE L 138 41.91 66.92 -27.93
N GLY L 139 43.06 66.85 -28.60
CA GLY L 139 43.45 67.87 -29.56
C GLY L 139 42.62 67.88 -30.84
N THR L 140 41.69 66.95 -30.99
CA THR L 140 40.89 66.82 -32.21
C THR L 140 41.80 66.71 -33.43
N THR L 141 42.61 65.65 -33.43
CA THR L 141 43.64 65.47 -34.44
C THR L 141 43.01 65.03 -35.76
N SER L 142 43.86 64.86 -36.77
CA SER L 142 43.41 64.43 -38.09
C SER L 142 44.55 63.62 -38.71
N PHE L 143 44.37 62.30 -38.78
CA PHE L 143 45.41 61.42 -39.30
C PHE L 143 45.51 61.60 -40.82
N GLN L 144 46.72 61.89 -41.30
CA GLN L 144 46.92 62.05 -42.73
C GLN L 144 46.85 60.69 -43.41
N VAL L 145 45.92 60.56 -44.35
CA VAL L 145 45.67 59.29 -45.03
C VAL L 145 45.97 59.35 -46.51
N GLY L 146 46.10 60.54 -47.10
CA GLY L 146 46.40 60.68 -48.51
C GLY L 146 47.86 61.04 -48.71
N SER L 147 48.32 60.83 -49.94
CA SER L 147 49.72 61.06 -50.30
C SER L 147 50.03 62.52 -50.62
N ASN L 148 49.10 63.44 -50.33
CA ASN L 148 49.32 64.86 -50.54
C ASN L 148 49.02 65.63 -49.27
N ALA L 149 49.31 66.91 -49.28
CA ALA L 149 49.12 67.74 -48.10
C ALA L 149 47.65 68.04 -47.87
N TYR L 150 47.27 68.09 -46.59
CA TYR L 150 45.97 68.56 -46.13
C TYR L 150 44.81 67.62 -46.49
N GLU L 151 45.09 66.52 -47.17
CA GLU L 151 44.06 65.51 -47.38
C GLU L 151 44.08 64.50 -46.23
N THR L 152 43.28 64.77 -45.20
CA THR L 152 43.28 63.97 -43.98
C THR L 152 41.85 63.62 -43.59
N ILE L 153 41.72 62.87 -42.51
CA ILE L 153 40.44 62.43 -41.99
C ILE L 153 40.27 63.02 -40.60
N ASP L 154 39.20 63.79 -40.41
CA ASP L 154 38.94 64.41 -39.12
C ASP L 154 38.32 63.41 -38.15
N ILE L 155 38.48 63.70 -36.86
CA ILE L 155 37.95 62.87 -35.78
C ILE L 155 37.25 63.79 -34.80
N SER L 156 36.11 63.33 -34.26
CA SER L 156 35.27 64.12 -33.37
C SER L 156 35.05 63.39 -32.05
N LEU L 157 36.16 62.92 -31.47
CA LEU L 157 36.13 62.15 -30.22
C LEU L 157 35.52 62.99 -29.10
N GLN L 158 34.75 62.34 -28.22
CA GLN L 158 34.07 63.03 -27.14
C GLN L 158 35.07 63.71 -26.21
N ASN L 159 34.60 64.75 -25.52
CA ASN L 159 35.46 65.49 -24.61
C ASN L 159 35.87 64.63 -23.41
N ALA L 160 34.90 63.92 -22.82
CA ALA L 160 35.15 63.02 -21.70
C ALA L 160 33.87 62.29 -21.36
N SER L 161 34.02 61.18 -20.63
CA SER L 161 32.90 60.54 -19.96
C SER L 161 32.70 61.07 -18.55
N ALA L 162 33.08 62.32 -18.31
CA ALA L 162 33.12 62.94 -16.99
C ALA L 162 31.82 63.68 -16.66
N SER L 163 31.93 64.61 -15.70
CA SER L 163 30.80 65.36 -15.18
C SER L 163 30.27 66.35 -16.22
N ALA L 164 29.54 67.35 -15.73
CA ALA L 164 28.61 68.25 -16.48
C ALA L 164 29.24 68.70 -17.80
N ILE L 165 30.54 68.49 -18.02
CA ILE L 165 31.23 68.87 -19.26
C ILE L 165 30.65 68.15 -20.49
N GLY L 166 29.48 67.51 -20.35
CA GLY L 166 29.00 66.58 -21.35
C GLY L 166 28.13 65.43 -20.86
N SER L 167 27.57 65.55 -19.65
CA SER L 167 26.43 64.74 -19.28
C SER L 167 25.14 65.43 -19.75
N TYR L 168 23.97 64.94 -19.34
CA TYR L 168 22.72 65.41 -19.95
C TYR L 168 22.45 66.81 -19.43
N GLN L 169 22.18 67.75 -20.34
CA GLN L 169 21.96 69.13 -19.93
C GLN L 169 20.60 69.28 -19.27
N VAL L 170 20.49 70.26 -18.39
CA VAL L 170 19.33 70.38 -17.50
C VAL L 170 18.72 71.78 -17.65
N GLY L 171 17.44 71.81 -17.96
CA GLY L 171 16.66 73.04 -17.87
C GLY L 171 15.67 72.96 -16.73
N SER L 172 15.92 73.70 -15.65
CA SER L 172 15.17 73.53 -14.41
C SER L 172 14.59 74.87 -13.95
N ASN L 173 13.71 74.80 -12.96
CA ASN L 173 13.04 76.00 -12.46
C ASN L 173 14.00 76.91 -11.70
N GLY L 174 14.56 76.42 -10.60
CA GLY L 174 15.46 77.25 -9.82
C GLY L 174 16.87 77.24 -10.34
N ALA L 175 17.04 76.97 -11.64
CA ALA L 175 18.35 76.87 -12.27
C ALA L 175 19.24 78.07 -11.98
N GLY L 176 18.83 79.27 -12.41
CA GLY L 176 19.69 80.42 -12.21
C GLY L 176 19.70 80.97 -10.80
N THR L 177 18.62 81.59 -10.37
CA THR L 177 18.51 82.07 -9.00
C THR L 177 17.29 81.49 -8.28
N VAL L 178 16.12 81.68 -8.88
CA VAL L 178 14.85 81.27 -8.28
C VAL L 178 13.80 81.24 -9.38
N ALA L 179 12.71 80.52 -9.15
CA ALA L 179 11.67 80.33 -10.16
C ALA L 179 10.48 81.23 -9.86
N SER L 180 9.85 81.71 -10.91
CA SER L 180 8.60 82.45 -10.80
C SER L 180 7.42 81.48 -10.65
N VAL L 181 6.23 82.00 -10.94
CA VAL L 181 4.94 81.36 -10.68
C VAL L 181 4.98 79.85 -10.87
N ALA L 182 5.60 79.40 -11.96
CA ALA L 182 5.77 77.97 -12.19
C ALA L 182 6.57 77.34 -11.06
N GLY L 183 5.93 76.48 -10.27
CA GLY L 183 6.60 75.81 -9.18
C GLY L 183 6.73 76.62 -7.91
N THR L 184 5.73 77.44 -7.61
CA THR L 184 5.70 78.22 -6.37
C THR L 184 4.29 78.75 -6.18
N ALA L 185 4.04 79.29 -4.98
CA ALA L 185 2.75 79.88 -4.68
C ALA L 185 2.60 81.21 -5.41
N THR L 186 1.35 81.53 -5.78
CA THR L 186 1.07 82.74 -6.53
C THR L 186 -0.42 83.02 -6.48
N ALA L 187 -0.79 84.29 -6.70
CA ALA L 187 -2.19 84.69 -6.69
C ALA L 187 -2.78 84.66 -8.09
N SER L 188 -2.20 85.45 -9.00
CA SER L 188 -2.70 85.50 -10.37
C SER L 188 -2.46 84.18 -11.10
N GLY L 189 -1.23 83.71 -11.09
CA GLY L 189 -0.91 82.42 -11.70
C GLY L 189 -0.24 82.55 -13.05
N ILE L 190 -0.26 81.43 -13.77
CA ILE L 190 0.32 81.35 -15.11
C ILE L 190 -0.37 82.34 -16.03
N ALA L 191 0.39 83.30 -16.56
CA ALA L 191 -0.13 84.31 -17.44
C ALA L 191 0.17 83.94 -18.90
N SER L 192 -0.12 84.87 -19.80
CA SER L 192 0.15 84.67 -21.21
C SER L 192 1.66 84.67 -21.45
N GLY L 193 2.05 84.40 -22.69
CA GLY L 193 3.46 84.36 -23.07
C GLY L 193 3.70 83.52 -24.30
N THR L 194 4.86 83.75 -24.90
CA THR L 194 5.28 83.09 -26.13
C THR L 194 6.72 82.60 -26.00
N VAL L 195 6.98 81.88 -24.90
CA VAL L 195 8.31 81.38 -24.55
C VAL L 195 8.99 80.75 -25.76
N ASN L 196 10.22 81.15 -26.04
CA ASN L 196 10.91 80.70 -27.22
C ASN L 196 11.64 79.38 -26.96
N LEU L 197 11.70 78.55 -27.99
CA LEU L 197 12.42 77.28 -27.94
C LEU L 197 13.51 77.27 -29.00
N VAL L 198 14.71 76.87 -28.60
CA VAL L 198 15.87 76.86 -29.47
C VAL L 198 16.54 75.50 -29.38
N GLY L 199 16.98 74.98 -30.52
CA GLY L 199 17.69 73.71 -30.55
C GLY L 199 17.57 73.00 -31.89
N GLY L 200 18.69 72.49 -32.39
CA GLY L 200 18.73 71.81 -33.67
C GLY L 200 18.13 72.60 -34.82
N GLY L 201 18.20 73.92 -34.74
CA GLY L 201 17.60 74.79 -35.74
C GLY L 201 16.11 74.55 -35.90
N GLN L 202 15.39 74.42 -34.78
CA GLN L 202 13.96 74.14 -34.81
C GLN L 202 13.19 75.12 -33.93
N VAL L 203 13.46 76.41 -34.08
CA VAL L 203 12.81 77.44 -33.27
C VAL L 203 11.29 77.38 -33.45
N LYS L 204 10.57 77.26 -32.33
CA LYS L 204 9.11 77.19 -32.35
C LYS L 204 8.60 77.91 -31.11
N ASN L 205 7.82 78.97 -31.34
CA ASN L 205 7.28 79.77 -30.25
C ASN L 205 6.10 79.05 -29.62
N ILE L 206 6.33 78.45 -28.44
CA ILE L 206 5.25 77.78 -27.73
C ILE L 206 4.33 78.81 -27.10
N ALA L 207 3.02 78.63 -27.30
CA ALA L 207 2.01 79.55 -26.80
C ALA L 207 1.48 79.02 -25.47
N ILE L 208 1.60 79.83 -24.42
CA ILE L 208 1.11 79.48 -23.09
C ILE L 208 0.06 80.52 -22.72
N ALA L 209 -1.20 80.10 -22.67
CA ALA L 209 -2.28 81.01 -22.33
C ALA L 209 -2.29 81.30 -20.82
N ALA L 210 -3.04 82.32 -20.45
CA ALA L 210 -3.15 82.75 -19.06
C ALA L 210 -4.13 81.84 -18.34
N GLY L 211 -3.61 80.93 -17.51
CA GLY L 211 -4.46 80.03 -16.76
C GLY L 211 -4.08 78.57 -16.93
N ASP L 212 -3.27 78.28 -17.95
CA ASP L 212 -2.85 76.92 -18.25
C ASP L 212 -2.11 76.29 -17.09
N SER L 213 -2.51 75.08 -16.70
CA SER L 213 -1.84 74.38 -15.62
C SER L 213 -0.48 73.88 -16.07
N ALA L 214 0.31 73.39 -15.12
CA ALA L 214 1.65 72.88 -15.40
C ALA L 214 1.58 71.70 -16.36
N LYS L 215 0.56 70.86 -16.23
CA LYS L 215 0.39 69.71 -17.10
C LYS L 215 0.23 70.12 -18.56
N ALA L 216 -0.62 71.12 -18.80
CA ALA L 216 -0.88 71.60 -20.16
C ALA L 216 0.38 72.20 -20.76
N ILE L 217 1.10 73.01 -19.98
CA ILE L 217 2.34 73.63 -20.42
C ILE L 217 3.34 72.54 -20.79
N ALA L 218 3.43 71.51 -19.96
CA ALA L 218 4.33 70.39 -20.19
C ALA L 218 4.00 69.71 -21.50
N GLU L 219 2.74 69.31 -21.69
CA GLU L 219 2.32 68.66 -22.93
C GLU L 219 2.58 69.54 -24.14
N LYS L 220 2.44 70.86 -23.97
CA LYS L 220 2.68 71.78 -25.08
C LYS L 220 4.16 71.81 -25.48
N MET L 221 5.04 72.10 -24.52
CA MET L 221 6.46 72.24 -24.88
C MET L 221 7.09 70.91 -25.22
N ASP L 222 6.51 69.81 -24.75
CA ASP L 222 7.00 68.48 -25.13
C ASP L 222 6.70 68.21 -26.60
N GLY L 223 7.37 67.19 -27.15
CA GLY L 223 7.13 66.84 -28.53
C GLY L 223 8.10 67.43 -29.54
N ALA L 224 7.69 68.56 -30.15
CA ALA L 224 8.35 69.16 -31.30
C ALA L 224 9.87 69.09 -31.29
N ILE L 225 10.50 69.51 -30.19
CA ILE L 225 11.96 69.49 -30.10
C ILE L 225 12.46 68.05 -30.17
N PRO L 226 13.42 67.75 -31.04
CA PRO L 226 13.86 66.36 -31.21
C PRO L 226 14.39 65.72 -29.94
N ASN L 227 13.86 64.54 -29.61
CA ASN L 227 14.26 63.79 -28.42
C ASN L 227 14.15 64.65 -27.17
N LEU L 228 12.92 65.07 -26.84
CA LEU L 228 12.72 65.93 -25.67
C LEU L 228 11.54 65.40 -24.87
N SER L 229 11.68 65.40 -23.55
CA SER L 229 10.60 65.04 -22.65
C SER L 229 10.31 66.20 -21.72
N ALA L 230 9.05 66.30 -21.29
CA ALA L 230 8.62 67.40 -20.44
C ALA L 230 7.55 66.88 -19.50
N ARG L 231 7.93 66.62 -18.25
CA ARG L 231 6.99 66.12 -17.26
C ARG L 231 6.47 67.26 -16.39
N ALA L 232 5.38 66.99 -15.69
CA ALA L 232 4.80 67.92 -14.74
C ALA L 232 4.62 67.23 -13.39
N ARG L 233 4.84 67.98 -12.31
CA ARG L 233 4.77 67.41 -10.97
C ARG L 233 4.40 68.51 -9.99
N THR L 234 3.35 68.27 -9.20
CA THR L 234 2.90 69.22 -8.19
C THR L 234 2.99 68.53 -6.83
N VAL L 235 4.06 68.84 -6.10
CA VAL L 235 4.29 68.29 -4.77
C VAL L 235 4.29 69.44 -3.78
N PHE L 236 3.35 69.43 -2.85
CA PHE L 236 3.23 70.49 -1.85
C PHE L 236 2.80 69.91 -0.52
N THR L 237 3.37 70.42 0.55
CA THR L 237 3.00 70.02 1.90
C THR L 237 1.99 71.02 2.49
N ALA L 238 1.62 70.78 3.74
CA ALA L 238 0.64 71.63 4.40
C ALA L 238 0.84 71.53 5.91
N ASP L 239 0.44 72.60 6.60
CA ASP L 239 0.53 72.65 8.05
CA ASP L 239 0.52 72.65 8.06
C ASP L 239 -0.53 73.59 8.62
N VAL L 240 -1.59 73.02 9.21
CA VAL L 240 -2.68 73.81 9.76
C VAL L 240 -2.22 74.49 11.05
N SER L 241 -2.45 75.80 11.15
CA SER L 241 -2.10 76.54 12.35
C SER L 241 -3.25 76.49 13.36
N GLY L 242 -3.16 77.31 14.41
CA GLY L 242 -4.19 77.34 15.43
C GLY L 242 -5.54 77.78 14.90
N VAL L 243 -6.61 77.32 15.54
CA VAL L 243 -7.97 77.64 15.12
C VAL L 243 -8.71 78.36 16.25
N THR L 244 -8.80 79.68 16.15
CA THR L 244 -9.45 80.47 17.19
C THR L 244 -10.96 80.49 17.00
N GLY L 245 -11.66 79.73 17.84
CA GLY L 245 -13.11 79.71 17.83
C GLY L 245 -13.75 79.38 16.49
N GLY L 246 -13.55 78.15 16.03
CA GLY L 246 -14.14 77.68 14.80
C GLY L 246 -13.15 76.88 13.97
N SER L 247 -13.56 76.58 12.75
CA SER L 247 -12.77 75.79 11.82
C SER L 247 -12.62 76.55 10.51
N LEU L 248 -11.90 75.94 9.57
CA LEU L 248 -11.67 76.53 8.25
C LEU L 248 -12.51 75.78 7.22
N ASN L 249 -13.70 76.31 6.97
CA ASN L 249 -14.62 75.73 5.99
C ASN L 249 -14.31 76.35 4.63
N PHE L 250 -13.27 75.83 3.98
CA PHE L 250 -12.87 76.35 2.67
C PHE L 250 -13.03 75.30 1.59
N ASP L 251 -12.65 75.64 0.36
CA ASP L 251 -12.76 74.73 -0.76
C ASP L 251 -11.40 74.59 -1.43
N VAL L 252 -11.26 73.53 -2.24
CA VAL L 252 -10.04 73.24 -2.97
C VAL L 252 -10.41 72.86 -4.39
N THR L 253 -9.98 73.67 -5.36
CA THR L 253 -10.31 73.45 -6.76
C THR L 253 -9.20 72.62 -7.40
N VAL L 254 -9.41 71.31 -7.48
CA VAL L 254 -8.44 70.41 -8.08
C VAL L 254 -8.69 70.27 -9.58
N GLY L 255 -8.14 71.21 -10.35
CA GLY L 255 -8.34 71.17 -11.78
C GLY L 255 -9.77 71.55 -12.15
N SER L 256 -10.40 70.69 -12.95
CA SER L 256 -11.78 70.91 -13.37
C SER L 256 -12.73 70.91 -12.18
N ASN L 257 -12.83 69.77 -11.49
CA ASN L 257 -13.70 69.68 -10.33
C ASN L 257 -13.04 70.33 -9.11
N THR L 258 -13.84 70.56 -8.08
CA THR L 258 -13.38 71.24 -6.88
C THR L 258 -13.80 70.46 -5.65
N VAL L 259 -13.00 70.54 -4.61
CA VAL L 259 -13.28 69.88 -3.33
C VAL L 259 -14.17 70.79 -2.50
N SER L 260 -15.06 70.19 -1.70
CA SER L 260 -15.91 70.95 -0.80
C SER L 260 -15.72 70.47 0.63
N LEU L 261 -14.47 70.29 1.05
CA LEU L 261 -14.16 69.86 2.40
C LEU L 261 -14.52 70.95 3.40
N ALA L 262 -14.54 70.60 4.68
CA ALA L 262 -14.90 71.55 5.72
C ALA L 262 -14.33 71.06 7.05
N GLY L 263 -14.42 71.90 8.08
CA GLY L 263 -13.96 71.55 9.41
C GLY L 263 -12.50 71.18 9.49
N VAL L 264 -11.63 72.12 9.11
CA VAL L 264 -10.18 71.93 9.19
C VAL L 264 -9.69 72.61 10.46
N THR L 265 -9.19 71.81 11.40
CA THR L 265 -8.69 72.34 12.66
C THR L 265 -7.22 71.95 12.85
N SER L 266 -6.84 70.78 12.36
CA SER L 266 -5.48 70.29 12.44
C SER L 266 -5.07 69.67 11.12
N THR L 267 -3.76 69.39 11.00
CA THR L 267 -3.24 68.77 9.79
C THR L 267 -3.86 67.39 9.55
N GLN L 268 -4.09 66.65 10.64
CA GLN L 268 -4.67 65.31 10.54
C GLN L 268 -6.06 65.35 9.92
N ASP L 269 -6.86 66.36 10.29
CA ASP L 269 -8.21 66.49 9.75
C ASP L 269 -8.19 66.65 8.25
N LEU L 270 -7.41 67.62 7.75
CA LEU L 270 -7.31 67.86 6.32
C LEU L 270 -6.72 66.65 5.60
N ALA L 271 -5.77 65.97 6.26
CA ALA L 271 -5.20 64.75 5.71
C ALA L 271 -6.27 63.69 5.48
N ASP L 272 -7.11 63.46 6.48
CA ASP L 272 -8.19 62.48 6.36
C ASP L 272 -9.19 62.90 5.30
N GLN L 273 -9.53 64.19 5.25
CA GLN L 273 -10.47 64.67 4.24
C GLN L 273 -9.94 64.44 2.83
N LEU L 274 -8.65 64.68 2.61
CA LEU L 274 -8.06 64.44 1.31
C LEU L 274 -7.97 62.94 1.00
N ASN L 275 -7.59 62.13 1.98
CA ASN L 275 -7.50 60.69 1.74
C ASN L 275 -8.86 60.08 1.45
N SER L 276 -9.92 60.65 2.01
CA SER L 276 -11.27 60.17 1.75
C SER L 276 -11.72 60.62 0.36
N ASN L 277 -11.51 61.90 0.04
CA ASN L 277 -11.94 62.43 -1.24
C ASN L 277 -10.95 62.07 -2.34
N SER L 278 -9.91 61.31 -1.98
CA SER L 278 -8.89 60.86 -2.92
C SER L 278 -9.46 60.14 -4.12
N SER L 279 -10.64 59.52 -3.96
CA SER L 279 -11.33 58.86 -5.06
C SER L 279 -11.62 59.85 -6.18
N LYS L 280 -12.33 60.93 -5.86
CA LYS L 280 -12.72 61.92 -6.86
C LYS L 280 -11.52 62.68 -7.40
N LEU L 281 -10.71 63.24 -6.51
CA LEU L 281 -9.56 64.06 -6.91
C LEU L 281 -8.36 63.14 -7.14
N GLY L 282 -7.83 63.20 -8.36
CA GLY L 282 -6.70 62.37 -8.73
C GLY L 282 -5.38 62.92 -8.22
N ILE L 283 -5.32 63.26 -6.94
CA ILE L 283 -4.13 63.85 -6.33
C ILE L 283 -3.87 63.14 -5.01
N THR L 284 -2.86 62.26 -4.99
CA THR L 284 -2.59 61.47 -3.80
C THR L 284 -2.10 62.36 -2.66
N ALA L 285 -2.52 62.03 -1.45
CA ALA L 285 -2.11 62.73 -0.24
C ALA L 285 -1.37 61.77 0.68
N SER L 286 -0.50 62.33 1.52
CA SER L 286 0.32 61.51 2.40
C SER L 286 0.79 62.30 3.61
N ILE L 287 0.25 61.99 4.79
CA ILE L 287 0.65 62.62 6.04
C ILE L 287 1.69 61.70 6.70
N ASN L 288 2.90 62.22 6.87
CA ASN L 288 3.88 61.51 7.67
C ASN L 288 3.56 61.67 9.15
N ASP L 289 3.93 60.66 9.93
CA ASP L 289 3.68 60.72 11.37
C ASP L 289 4.57 61.75 12.04
N LYS L 290 5.58 62.25 11.31
CA LYS L 290 6.38 63.35 11.81
C LYS L 290 5.54 64.61 12.01
N GLY L 291 4.64 64.88 11.06
CA GLY L 291 3.74 66.00 11.18
C GLY L 291 3.55 66.79 9.91
N VAL L 292 4.46 66.59 8.95
CA VAL L 292 4.43 67.35 7.70
C VAL L 292 3.56 66.62 6.69
N LEU L 293 2.26 66.91 6.69
CA LEU L 293 1.35 66.33 5.72
C LEU L 293 1.75 66.75 4.31
N THR L 294 1.84 65.76 3.41
CA THR L 294 2.27 66.00 2.05
C THR L 294 1.18 65.57 1.09
N ILE L 295 1.01 66.38 0.03
CA ILE L 295 0.07 66.07 -1.05
C ILE L 295 0.84 66.14 -2.37
N THR L 296 0.60 65.15 -3.22
CA THR L 296 1.36 65.00 -4.45
C THR L 296 0.42 64.81 -5.63
N SER L 297 0.65 65.59 -6.69
CA SER L 297 -0.08 65.46 -7.94
C SER L 297 0.90 64.96 -8.99
N ALA L 298 0.87 63.66 -9.25
CA ALA L 298 1.78 63.04 -10.21
C ALA L 298 1.62 63.66 -11.61
N THR L 299 0.37 63.88 -12.02
CA THR L 299 0.12 64.47 -13.34
C THR L 299 0.63 65.90 -13.42
N GLY L 300 0.64 66.61 -12.30
CA GLY L 300 1.13 67.98 -12.29
C GLY L 300 0.03 69.01 -12.37
N GLU L 301 -1.13 68.69 -11.82
CA GLU L 301 -2.26 69.62 -11.87
C GLU L 301 -2.05 70.77 -10.90
N ASN L 302 -2.35 71.99 -11.37
CA ASN L 302 -2.19 73.20 -10.58
C ASN L 302 -3.30 73.25 -9.52
N VAL L 303 -2.96 72.77 -8.32
CA VAL L 303 -3.93 72.73 -7.23
C VAL L 303 -4.34 74.16 -6.85
N LYS L 304 -5.65 74.33 -6.61
CA LYS L 304 -6.20 75.63 -6.26
C LYS L 304 -6.92 75.50 -4.92
N PHE L 305 -6.72 76.50 -4.07
CA PHE L 305 -7.37 76.58 -2.77
C PHE L 305 -8.40 77.69 -2.81
N GLY L 306 -9.66 77.32 -2.62
CA GLY L 306 -10.76 78.27 -2.71
C GLY L 306 -10.78 79.26 -1.57
N ALA L 307 -11.82 80.08 -1.57
CA ALA L 307 -11.98 81.10 -0.54
C ALA L 307 -12.21 80.46 0.82
N GLN L 308 -11.77 81.16 1.86
CA GLN L 308 -11.88 80.66 3.24
C GLN L 308 -13.19 81.16 3.86
N THR L 309 -14.26 80.43 3.56
CA THR L 309 -15.57 80.70 4.13
C THR L 309 -15.83 79.92 5.41
N GLY L 310 -14.94 80.00 6.38
CA GLY L 310 -15.05 79.23 7.60
C GLY L 310 -15.82 79.96 8.68
N THR L 311 -15.76 79.38 9.89
CA THR L 311 -16.41 79.93 11.06
C THR L 311 -15.44 80.38 12.13
N ALA L 312 -14.13 80.24 11.91
CA ALA L 312 -13.14 80.66 12.88
C ALA L 312 -12.91 82.16 12.81
N THR L 313 -11.90 82.65 13.54
CA THR L 313 -11.60 84.07 13.55
C THR L 313 -10.14 84.33 13.17
N ALA L 314 -9.25 83.41 13.55
CA ALA L 314 -7.85 83.55 13.23
C ALA L 314 -7.26 82.18 12.93
N GLY L 315 -6.19 82.17 12.16
CA GLY L 315 -5.54 80.96 11.71
C GLY L 315 -5.15 81.04 10.26
N GLN L 316 -4.32 80.08 9.85
CA GLN L 316 -3.81 80.05 8.48
C GLN L 316 -3.32 78.64 8.18
N VAL L 317 -3.23 78.33 6.89
CA VAL L 317 -2.71 77.05 6.43
C VAL L 317 -1.61 77.30 5.42
N ALA L 318 -0.36 77.27 5.86
CA ALA L 318 0.77 77.52 4.97
C ALA L 318 1.07 76.28 4.14
N VAL L 319 1.61 76.51 2.94
CA VAL L 319 2.04 75.44 2.05
C VAL L 319 3.38 75.83 1.43
N LYS L 320 4.12 74.81 1.00
CA LYS L 320 5.39 74.99 0.31
C LYS L 320 5.39 74.12 -0.94
N VAL L 321 6.17 74.51 -1.94
CA VAL L 321 6.17 73.86 -3.23
C VAL L 321 7.53 73.23 -3.47
N GLN L 322 7.54 72.00 -3.98
CA GLN L 322 8.78 71.31 -4.28
C GLN L 322 9.43 71.90 -5.52
N GLY L 323 10.75 72.12 -5.45
CA GLY L 323 11.46 72.65 -6.58
C GLY L 323 11.67 71.62 -7.68
N SER L 324 12.10 72.10 -8.84
CA SER L 324 12.35 71.22 -9.98
C SER L 324 13.43 70.19 -9.67
N ASP L 325 14.65 70.67 -9.41
CA ASP L 325 15.76 69.76 -9.10
C ASP L 325 15.56 69.08 -7.75
N GLY L 326 15.07 69.83 -6.76
CA GLY L 326 14.85 69.29 -5.44
C GLY L 326 14.90 70.37 -4.37
N LYS L 327 15.41 70.03 -3.20
CA LYS L 327 15.53 70.97 -2.08
C LYS L 327 14.19 71.65 -1.80
N PHE L 328 13.23 70.88 -1.29
CA PHE L 328 11.90 71.38 -0.97
C PHE L 328 11.95 72.74 -0.27
N GLU L 329 11.08 73.65 -0.72
CA GLU L 329 11.10 75.04 -0.26
C GLU L 329 11.03 75.12 1.26
N ALA L 330 11.88 75.98 1.82
CA ALA L 330 11.88 76.23 3.26
C ALA L 330 10.82 77.26 3.63
N ALA L 331 10.85 78.41 2.98
CA ALA L 331 9.89 79.47 3.28
C ALA L 331 8.49 79.05 2.84
N ALA L 332 7.53 79.20 3.75
CA ALA L 332 6.16 78.79 3.50
C ALA L 332 5.33 80.00 3.03
N LYS L 333 4.07 79.75 2.68
CA LYS L 333 3.17 80.81 2.23
C LYS L 333 1.74 80.32 2.39
N ASN L 334 0.89 81.16 2.96
CA ASN L 334 -0.49 80.77 3.24
C ASN L 334 -1.34 80.81 1.98
N VAL L 335 -2.26 79.85 1.85
CA VAL L 335 -3.25 79.87 0.79
C VAL L 335 -4.66 80.16 1.32
N VAL L 336 -4.95 79.76 2.56
CA VAL L 336 -6.23 80.08 3.20
C VAL L 336 -5.92 80.53 4.63
N ALA L 337 -6.72 81.47 5.12
CA ALA L 337 -6.49 82.02 6.45
C ALA L 337 -7.82 82.48 7.03
N ALA L 338 -8.10 82.06 8.28
CA ALA L 338 -9.30 82.51 8.96
C ALA L 338 -9.22 84.00 9.25
N GLY L 339 -10.26 84.73 8.84
CA GLY L 339 -10.28 86.17 8.99
C GLY L 339 -10.04 86.90 7.68
N THR L 340 -9.03 87.76 7.65
CA THR L 340 -8.68 88.49 6.43
C THR L 340 -8.25 87.53 5.33
N ALA L 341 -8.67 87.79 4.10
CA ALA L 341 -8.30 86.94 2.98
C ALA L 341 -6.82 87.08 2.67
N ALA L 342 -6.12 85.95 2.62
CA ALA L 342 -4.69 85.95 2.32
C ALA L 342 -4.47 86.02 0.81
N THR L 343 -3.21 85.97 0.38
CA THR L 343 -2.85 86.00 -1.03
C THR L 343 -2.31 84.63 -1.43
N THR L 344 -1.87 84.54 -2.68
CA THR L 344 -1.34 83.30 -3.26
C THR L 344 -2.34 82.16 -3.09
N THR L 345 -3.50 82.30 -3.74
CA THR L 345 -4.58 81.36 -3.55
C THR L 345 -4.39 80.06 -4.32
N ILE L 346 -3.45 80.01 -5.27
CA ILE L 346 -3.26 78.81 -6.08
C ILE L 346 -1.84 78.29 -5.88
N VAL L 347 -1.64 77.04 -6.28
CA VAL L 347 -0.34 76.39 -6.24
C VAL L 347 -0.08 75.75 -7.58
N THR L 348 1.05 76.10 -8.20
CA THR L 348 1.42 75.60 -9.51
C THR L 348 2.60 74.65 -9.39
N GLY L 349 2.51 73.51 -10.06
CA GLY L 349 3.59 72.54 -10.04
C GLY L 349 4.77 73.00 -10.86
N TYR L 350 5.77 72.13 -10.91
CA TYR L 350 7.02 72.41 -11.60
C TYR L 350 7.18 71.50 -12.81
N VAL L 351 8.05 71.91 -13.72
CA VAL L 351 8.42 71.10 -14.88
C VAL L 351 9.94 70.94 -14.89
N GLN L 352 10.40 69.91 -15.60
CA GLN L 352 11.83 69.62 -15.67
C GLN L 352 12.14 69.13 -17.08
N LEU L 353 12.96 69.89 -17.80
CA LEU L 353 13.23 69.61 -19.21
C LEU L 353 14.64 69.03 -19.35
N ASN L 354 14.70 67.70 -19.44
CA ASN L 354 15.94 67.03 -19.74
C ASN L 354 16.32 67.23 -21.20
N SER L 355 17.63 67.27 -21.46
CA SER L 355 18.13 67.57 -22.80
C SER L 355 19.32 66.68 -23.14
N PRO L 356 19.29 66.04 -24.31
CA PRO L 356 20.42 65.17 -24.69
C PRO L 356 21.71 65.91 -24.99
N THR L 357 21.69 66.90 -25.89
CA THR L 357 22.93 67.55 -26.30
C THR L 357 22.94 69.05 -25.98
N ALA L 358 21.91 69.76 -26.42
CA ALA L 358 21.85 71.21 -26.26
C ALA L 358 20.40 71.69 -26.38
N TYR L 359 20.02 72.61 -25.50
CA TYR L 359 18.65 73.09 -25.48
C TYR L 359 18.58 74.49 -24.88
N SER L 360 18.44 75.51 -25.73
CA SER L 360 18.29 76.89 -25.27
C SER L 360 16.82 77.26 -25.19
N VAL L 361 16.47 78.00 -24.15
CA VAL L 361 15.10 78.45 -23.90
C VAL L 361 15.15 79.91 -23.50
N SER L 362 14.29 80.72 -24.10
CA SER L 362 14.22 82.14 -23.81
C SER L 362 12.77 82.59 -23.81
N GLY L 363 12.53 83.77 -23.22
CA GLY L 363 11.19 84.32 -23.13
C GLY L 363 11.19 85.78 -22.76
N THR L 364 10.28 86.56 -23.35
CA THR L 364 10.22 87.99 -23.10
C THR L 364 9.79 88.29 -21.67
N GLY L 365 10.73 88.72 -20.83
CA GLY L 365 10.44 89.12 -19.47
C GLY L 365 9.77 88.06 -18.61
N THR L 366 8.50 88.29 -18.28
CA THR L 366 7.75 87.41 -17.40
C THR L 366 7.66 85.98 -17.94
N GLN L 367 7.54 85.85 -19.26
CA GLN L 367 7.39 84.55 -19.90
C GLN L 367 8.49 83.58 -19.50
N ALA L 368 9.74 84.00 -19.66
CA ALA L 368 10.87 83.14 -19.30
C ALA L 368 10.87 82.84 -17.81
N SER L 369 10.58 83.86 -16.99
CA SER L 369 10.56 83.68 -15.54
C SER L 369 9.45 82.73 -15.13
N GLN L 370 8.23 82.96 -15.64
CA GLN L 370 7.07 82.17 -15.23
C GLN L 370 7.11 80.74 -15.76
N VAL L 371 8.21 80.32 -16.39
CA VAL L 371 8.37 78.95 -16.87
C VAL L 371 9.62 78.30 -16.29
N PHE L 372 10.78 78.94 -16.45
CA PHE L 372 12.03 78.36 -16.00
C PHE L 372 12.91 79.43 -15.35
N GLY L 373 12.29 80.44 -14.76
CA GLY L 373 13.02 81.52 -14.13
C GLY L 373 14.00 82.20 -15.08
N ASN L 374 15.09 82.72 -14.53
CA ASN L 374 16.15 83.34 -15.33
C ASN L 374 17.27 82.32 -15.55
N ALA L 375 16.94 81.25 -16.28
CA ALA L 375 17.92 80.22 -16.55
C ALA L 375 18.62 80.44 -17.87
N SER L 376 17.86 80.40 -18.98
CA SER L 376 18.36 80.72 -20.30
C SER L 376 19.46 79.77 -20.77
N ALA L 377 19.78 78.75 -19.98
CA ALA L 377 20.89 77.87 -20.25
C ALA L 377 20.60 76.47 -19.71
N ALA L 378 20.87 75.46 -20.53
CA ALA L 378 20.66 74.06 -20.14
C ALA L 378 21.88 73.49 -19.43
N GLN L 379 22.93 74.30 -19.29
CA GLN L 379 24.21 73.88 -18.74
C GLN L 379 24.04 73.44 -17.28
N LYS L 380 25.13 72.99 -16.66
CA LYS L 380 25.14 72.38 -15.32
C LYS L 380 24.40 71.04 -15.33
N SER L 381 24.89 70.15 -16.19
CA SER L 381 24.37 68.78 -16.27
C SER L 381 24.37 68.10 -14.90
N SER L 382 25.47 68.21 -14.17
CA SER L 382 25.58 67.76 -12.78
C SER L 382 25.29 66.28 -12.59
N VAL L 383 26.11 65.42 -13.19
CA VAL L 383 25.99 63.97 -12.95
C VAL L 383 26.70 63.63 -11.65
N ALA L 384 27.64 64.48 -11.25
CA ALA L 384 28.40 64.25 -10.01
C ALA L 384 27.52 64.44 -8.79
N SER L 385 26.74 65.53 -8.76
CA SER L 385 25.91 65.86 -7.62
C SER L 385 24.73 64.91 -7.47
N VAL L 386 24.53 64.02 -8.45
CA VAL L 386 23.42 63.07 -8.43
C VAL L 386 23.41 62.28 -7.13
N ASP L 387 22.31 62.36 -6.40
CA ASP L 387 22.13 61.61 -5.17
C ASP L 387 21.16 60.46 -5.39
N ILE L 388 20.96 59.66 -4.36
CA ILE L 388 20.12 58.47 -4.42
C ILE L 388 19.14 58.39 -3.25
N SER L 389 19.48 59.03 -2.13
CA SER L 389 18.98 58.68 -0.82
C SER L 389 17.47 58.42 -0.72
N THR L 390 16.65 59.45 -0.90
CA THR L 390 15.25 59.27 -0.50
C THR L 390 14.25 59.34 -1.64
N ALA L 391 14.18 60.47 -2.33
CA ALA L 391 13.13 60.68 -3.32
C ALA L 391 13.69 61.00 -4.70
N ASP L 392 14.56 62.01 -4.77
CA ASP L 392 15.07 62.52 -6.03
C ASP L 392 15.79 61.43 -6.81
N GLY L 393 16.73 60.75 -6.15
CA GLY L 393 17.61 59.78 -6.77
C GLY L 393 16.98 58.80 -7.74
N ALA L 394 16.03 58.00 -7.26
CA ALA L 394 15.46 56.90 -8.03
C ALA L 394 15.00 57.32 -9.42
N GLN L 395 14.65 58.59 -9.59
CA GLN L 395 14.18 59.12 -10.86
C GLN L 395 15.21 60.00 -11.56
N ASN L 396 15.93 60.82 -10.80
CA ASN L 396 16.90 61.74 -11.38
C ASN L 396 18.07 60.97 -12.00
N ALA L 397 18.51 59.90 -11.33
CA ALA L 397 19.58 59.07 -11.88
C ALA L 397 19.16 58.44 -13.20
N ILE L 398 17.89 58.00 -13.28
CA ILE L 398 17.36 57.46 -14.53
C ILE L 398 17.41 58.53 -15.62
N ALA L 399 16.90 59.72 -15.29
CA ALA L 399 16.90 60.83 -16.25
C ALA L 399 18.30 61.16 -16.71
N VAL L 400 19.30 61.05 -15.82
CA VAL L 400 20.68 61.26 -16.23
C VAL L 400 21.13 60.18 -17.18
N VAL L 401 21.15 58.93 -16.71
CA VAL L 401 21.76 57.83 -17.46
C VAL L 401 21.09 57.63 -18.80
N ASP L 402 19.82 58.00 -18.94
CA ASP L 402 19.17 57.87 -20.24
C ASP L 402 19.94 58.65 -21.31
N ASN L 403 19.98 59.97 -21.18
CA ASN L 403 20.68 60.77 -22.18
C ASN L 403 22.19 60.59 -22.11
N ALA L 404 22.72 60.20 -20.95
CA ALA L 404 24.15 59.92 -20.85
C ALA L 404 24.55 58.77 -21.76
N LEU L 405 23.85 57.64 -21.63
CA LEU L 405 24.13 56.49 -22.49
C LEU L 405 23.74 56.79 -23.93
N ALA L 406 22.72 57.63 -24.15
CA ALA L 406 22.40 58.05 -25.52
C ALA L 406 23.59 58.74 -26.17
N ALA L 407 24.18 59.72 -25.48
CA ALA L 407 25.32 60.44 -26.03
C ALA L 407 26.54 59.54 -26.14
N ILE L 408 26.73 58.64 -25.17
CA ILE L 408 27.86 57.71 -25.23
C ILE L 408 27.76 56.82 -26.46
N ASP L 409 26.57 56.29 -26.73
CA ASP L 409 26.41 55.41 -27.88
C ASP L 409 26.44 56.22 -29.17
N ALA L 410 26.05 57.50 -29.12
CA ALA L 410 26.21 58.36 -30.28
C ALA L 410 27.69 58.55 -30.61
N GLN L 411 28.53 58.76 -29.59
CA GLN L 411 29.96 58.84 -29.81
C GLN L 411 30.51 57.51 -30.32
N ARG L 412 29.96 56.40 -29.82
CA ARG L 412 30.37 55.09 -30.33
C ARG L 412 30.03 54.94 -31.80
N ALA L 413 28.86 55.43 -32.22
CA ALA L 413 28.49 55.40 -33.63
C ALA L 413 29.39 56.32 -34.45
N ASP L 414 29.78 57.46 -33.88
CA ASP L 414 30.74 58.34 -34.55
C ASP L 414 32.05 57.61 -34.83
N LEU L 415 32.64 57.01 -33.79
CA LEU L 415 33.90 56.31 -33.98
C LEU L 415 33.72 55.07 -34.88
N ALA L 416 32.52 54.49 -34.86
CA ALA L 416 32.22 53.41 -35.79
C ALA L 416 32.28 53.89 -37.23
N ALA L 417 31.69 55.06 -37.49
CA ALA L 417 31.80 55.66 -38.82
C ALA L 417 33.25 55.94 -39.18
N VAL L 418 34.03 56.43 -38.22
CA VAL L 418 35.45 56.71 -38.46
C VAL L 418 36.18 55.43 -38.89
N GLN L 419 35.98 54.34 -38.15
CA GLN L 419 36.69 53.10 -38.48
C GLN L 419 36.18 52.46 -39.75
N ASN L 420 34.88 52.55 -40.04
CA ASN L 420 34.38 52.03 -41.31
C ASN L 420 34.96 52.81 -42.48
N ARG L 421 34.98 54.13 -42.37
CA ARG L 421 35.64 54.97 -43.36
C ARG L 421 37.11 54.58 -43.49
N PHE L 422 37.77 54.28 -42.38
CA PHE L 422 39.18 53.92 -42.42
C PHE L 422 39.40 52.61 -43.14
N LYS L 423 38.54 51.62 -42.90
CA LYS L 423 38.73 50.33 -43.57
C LYS L 423 38.43 50.44 -45.06
N ASN L 424 37.39 51.18 -45.43
CA ASN L 424 37.13 51.39 -46.85
C ASN L 424 38.28 52.14 -47.50
N THR L 425 38.81 53.15 -46.81
CA THR L 425 39.92 53.92 -47.37
C THR L 425 41.18 53.08 -47.49
N ILE L 426 41.43 52.20 -46.52
CA ILE L 426 42.65 51.39 -46.59
C ILE L 426 42.54 50.36 -47.71
N ASP L 427 41.33 49.84 -47.96
CA ASP L 427 41.15 49.01 -49.14
C ASP L 427 41.40 49.80 -50.41
N ASN L 428 40.89 51.03 -50.46
CA ASN L 428 41.08 51.88 -51.64
C ASN L 428 42.55 52.16 -51.88
N LEU L 429 43.29 52.50 -50.82
CA LEU L 429 44.72 52.79 -50.97
C LEU L 429 45.50 51.52 -51.28
N THR L 430 45.08 50.36 -50.77
CA THR L 430 45.74 49.13 -51.15
C THR L 430 45.58 48.86 -52.64
N ASN L 431 44.38 49.06 -53.17
CA ASN L 431 44.16 48.88 -54.60
C ASN L 431 44.99 49.88 -55.41
N ILE L 432 44.98 51.15 -55.00
CA ILE L 432 45.72 52.17 -55.74
C ILE L 432 47.22 51.88 -55.68
N SER L 433 47.72 51.43 -54.52
CA SER L 433 49.14 51.13 -54.40
C SER L 433 49.54 49.94 -55.25
N GLU L 434 48.68 48.92 -55.32
CA GLU L 434 48.99 47.78 -56.16
C GLU L 434 48.98 48.16 -57.64
N ASN L 435 48.01 48.96 -58.05
CA ASN L 435 47.98 49.42 -59.43
C ASN L 435 49.18 50.31 -59.74
N ALA L 436 49.61 51.11 -58.77
CA ALA L 436 50.78 51.95 -58.98
C ALA L 436 52.05 51.13 -59.06
N THR L 437 52.16 50.06 -58.27
CA THR L 437 53.30 49.17 -58.40
C THR L 437 53.29 48.47 -59.75
N ASN L 438 52.11 48.10 -60.25
CA ASN L 438 52.02 47.51 -61.57
C ASN L 438 52.43 48.51 -62.65
N ALA L 439 52.07 49.78 -62.47
CA ALA L 439 52.49 50.82 -63.41
C ALA L 439 54.00 51.01 -63.37
N ARG L 440 54.56 51.05 -62.16
CA ARG L 440 56.02 51.17 -62.02
C ARG L 440 56.72 49.98 -62.65
N SER L 441 56.11 48.79 -62.59
CA SER L 441 56.68 47.64 -63.26
C SER L 441 56.62 47.79 -64.77
N ARG L 442 55.45 48.15 -65.30
CA ARG L 442 55.30 48.33 -66.75
C ARG L 442 56.23 49.41 -67.29
N ILE L 443 56.58 50.41 -66.46
CA ILE L 443 57.44 51.49 -66.92
C ILE L 443 58.91 51.26 -66.60
N LYS L 444 59.23 50.37 -65.67
CA LYS L 444 60.60 50.16 -65.22
C LYS L 444 61.08 48.72 -65.35
N ASP L 445 60.27 47.74 -64.97
CA ASP L 445 60.73 46.35 -64.98
C ASP L 445 61.02 45.92 -66.41
N THR L 446 62.28 45.58 -66.66
CA THR L 446 62.70 45.23 -68.01
C THR L 446 62.11 43.89 -68.43
N ASP L 447 61.63 43.83 -69.67
CA ASP L 447 61.17 42.59 -70.27
C ASP L 447 62.38 41.82 -70.83
N PHE L 448 63.16 41.25 -69.92
CA PHE L 448 64.43 40.64 -70.27
C PHE L 448 64.29 39.41 -71.16
N ALA L 449 63.07 38.98 -71.50
CA ALA L 449 62.92 37.91 -72.48
C ALA L 449 63.50 38.29 -73.83
N ALA L 450 63.52 39.58 -74.16
CA ALA L 450 64.22 40.10 -75.32
C ALA L 450 65.58 40.70 -75.01
N GLU L 451 65.75 41.20 -73.79
CA GLU L 451 67.04 41.74 -73.37
C GLU L 451 68.12 40.67 -73.30
N THR L 452 67.76 39.43 -72.98
CA THR L 452 68.74 38.35 -73.02
C THR L 452 69.17 38.05 -74.45
N ALA L 453 68.22 38.08 -75.40
CA ALA L 453 68.58 37.90 -76.80
C ALA L 453 69.46 39.03 -77.28
N ALA L 454 69.16 40.26 -76.86
CA ALA L 454 70.00 41.40 -77.22
C ALA L 454 71.40 41.26 -76.60
N LEU L 455 71.46 40.71 -75.39
CA LEU L 455 72.74 40.45 -74.74
C LEU L 455 73.57 39.45 -75.53
N SER L 456 72.94 38.34 -75.93
CA SER L 456 73.64 37.35 -76.74
C SER L 456 74.08 37.94 -78.07
N LYS L 457 73.23 38.78 -78.67
CA LYS L 457 73.60 39.44 -79.92
C LYS L 457 74.81 40.35 -79.73
N ASN L 458 74.83 41.10 -78.64
CA ASN L 458 75.97 41.96 -78.36
C ASN L 458 77.25 41.14 -78.16
N GLN L 459 77.14 40.02 -77.44
CA GLN L 459 78.32 39.20 -77.20
C GLN L 459 78.86 38.61 -78.49
N VAL L 460 77.95 38.12 -79.37
CA VAL L 460 78.43 37.50 -80.60
C VAL L 460 78.97 38.57 -81.55
N LEU L 461 78.36 39.75 -81.54
CA LEU L 461 78.91 40.85 -82.32
C LEU L 461 80.32 41.20 -81.84
N GLN L 462 80.52 41.22 -80.52
CA GLN L 462 81.83 41.52 -79.97
C GLN L 462 82.86 40.49 -80.41
N GLN L 463 82.54 39.20 -80.24
CA GLN L 463 83.53 38.16 -80.56
C GLN L 463 83.79 38.11 -82.06
N ALA L 464 82.75 38.30 -82.88
CA ALA L 464 82.94 38.34 -84.33
C ALA L 464 83.80 39.51 -84.74
N GLY L 465 83.57 40.68 -84.14
CA GLY L 465 84.40 41.84 -84.44
C GLY L 465 85.84 41.64 -84.04
N THR L 466 86.06 41.04 -82.87
CA THR L 466 87.43 40.75 -82.45
C THR L 466 88.11 39.81 -83.43
N ALA L 467 87.41 38.75 -83.85
CA ALA L 467 88.00 37.81 -84.80
C ALA L 467 88.32 38.48 -86.13
N ILE L 468 87.40 39.30 -86.64
CA ILE L 468 87.60 39.89 -87.96
C ILE L 468 88.68 40.96 -87.91
N LEU L 469 88.79 41.68 -86.80
CA LEU L 469 89.86 42.67 -86.68
C LEU L 469 91.21 42.00 -86.51
N ALA L 470 91.26 40.90 -85.75
CA ALA L 470 92.51 40.14 -85.65
C ALA L 470 92.91 39.56 -87.00
N GLN L 471 91.94 39.20 -87.83
CA GLN L 471 92.25 38.73 -89.18
C GLN L 471 92.75 39.87 -90.06
N ALA L 472 92.15 41.06 -89.92
CA ALA L 472 92.55 42.19 -90.75
C ALA L 472 93.91 42.74 -90.33
N ASN L 473 94.30 42.54 -89.08
CA ASN L 473 95.59 43.06 -88.60
C ASN L 473 96.75 42.27 -89.17
N GLN L 474 96.47 41.24 -89.97
CA GLN L 474 97.51 40.42 -90.58
C GLN L 474 97.70 40.70 -92.08
N LEU L 475 96.79 41.46 -92.70
CA LEU L 475 96.87 41.67 -94.14
C LEU L 475 98.06 42.54 -94.56
N PRO L 476 98.22 43.77 -94.04
CA PRO L 476 99.32 44.60 -94.55
C PRO L 476 100.69 44.04 -94.24
N GLN L 477 100.89 43.48 -93.05
CA GLN L 477 102.16 42.83 -92.72
C GLN L 477 102.49 41.75 -93.74
N ALA L 478 101.50 40.92 -94.08
CA ALA L 478 101.73 39.83 -95.01
C ALA L 478 102.04 40.35 -96.42
N VAL L 479 101.28 41.34 -96.89
CA VAL L 479 101.48 41.82 -98.26
C VAL L 479 102.83 42.52 -98.39
N LEU L 480 103.24 43.26 -97.36
CA LEU L 480 104.56 43.88 -97.39
C LEU L 480 105.67 42.86 -97.23
N SER L 481 105.43 41.77 -96.49
CA SER L 481 106.46 40.75 -96.34
C SER L 481 106.65 39.96 -97.63
N LEU L 482 105.57 39.73 -98.39
CA LEU L 482 105.69 38.99 -99.64
C LEU L 482 106.09 39.87 -100.80
N LEU L 483 105.76 41.17 -100.77
CA LEU L 483 106.10 42.09 -101.85
C LEU L 483 107.55 42.53 -101.81
N ARG L 484 108.16 42.58 -100.64
CA ARG L 484 109.57 42.96 -100.52
C ARG L 484 110.48 41.79 -100.86
N VAL M 1 13.00 27.20 -6.77
CA VAL M 1 12.66 27.34 -5.37
C VAL M 1 13.07 26.08 -4.61
N ASN M 2 14.25 26.11 -3.98
CA ASN M 2 14.73 24.96 -3.22
C ASN M 2 15.28 25.29 -1.84
N THR M 3 15.71 26.53 -1.58
CA THR M 3 16.30 26.83 -0.28
C THR M 3 15.27 26.95 0.83
N ASN M 4 13.99 27.05 0.48
CA ASN M 4 12.93 27.14 1.48
C ASN M 4 11.60 26.84 0.78
N ILE M 5 10.60 26.50 1.57
CA ILE M 5 9.27 26.15 1.08
C ILE M 5 8.26 27.07 1.73
N ALA M 6 7.53 27.83 0.93
CA ALA M 6 6.51 28.74 1.45
C ALA M 6 5.27 28.00 1.94
N SER M 7 5.24 26.67 1.86
CA SER M 7 4.08 25.90 2.27
C SER M 7 3.93 25.80 3.78
N LEU M 8 4.71 26.55 4.56
CA LEU M 8 4.60 26.47 6.02
C LEU M 8 3.31 27.08 6.53
N ASN M 9 2.49 27.70 5.67
CA ASN M 9 1.12 28.02 6.07
C ASN M 9 0.37 26.76 6.48
N THR M 10 0.67 25.64 5.82
CA THR M 10 0.10 24.37 6.21
C THR M 10 0.55 23.98 7.61
N GLN M 11 1.83 24.19 7.92
CA GLN M 11 2.32 23.94 9.27
C GLN M 11 1.62 24.81 10.30
N ARG M 12 1.44 26.09 9.98
CA ARG M 12 0.74 27.00 10.89
C ARG M 12 -0.67 26.53 11.15
N ASN M 13 -1.40 26.19 10.08
CA ASN M 13 -2.76 25.69 10.25
C ASN M 13 -2.78 24.38 11.03
N LEU M 14 -1.75 23.55 10.87
CA LEU M 14 -1.68 22.30 11.63
C LEU M 14 -1.49 22.57 13.11
N ASN M 15 -0.60 23.49 13.47
CA ASN M 15 -0.41 23.83 14.88
C ASN M 15 -1.69 24.43 15.46
N ALA M 16 -2.35 25.32 14.70
CA ALA M 16 -3.60 25.90 15.18
C ALA M 16 -4.65 24.81 15.40
N SER M 17 -4.81 23.91 14.44
CA SER M 17 -5.80 22.85 14.55
C SER M 17 -5.47 21.90 15.70
N SER M 18 -4.18 21.69 15.98
CA SER M 18 -3.82 20.86 17.12
C SER M 18 -4.17 21.56 18.43
N ASN M 19 -4.01 22.89 18.48
CA ASN M 19 -4.46 23.62 19.68
C ASN M 19 -5.97 23.47 19.87
N ASP M 20 -6.74 23.67 18.78
CA ASP M 20 -8.19 23.49 18.91
C ASP M 20 -8.56 22.07 19.29
N LEU M 21 -7.81 21.08 18.77
CA LEU M 21 -8.10 19.69 19.08
C LEU M 21 -7.82 19.40 20.56
N ASN M 22 -6.70 19.91 21.07
CA ASN M 22 -6.37 19.72 22.47
C ASN M 22 -7.43 20.38 23.37
N THR M 23 -7.86 21.59 23.00
CA THR M 23 -8.88 22.27 23.79
C THR M 23 -10.19 21.50 23.77
N SER M 24 -10.58 20.97 22.60
CA SER M 24 -11.83 20.24 22.51
C SER M 24 -11.77 18.93 23.30
N LEU M 25 -10.63 18.23 23.24
CA LEU M 25 -10.49 17.01 24.03
C LEU M 25 -10.52 17.32 25.53
N GLN M 26 -9.88 18.42 25.94
CA GLN M 26 -9.95 18.81 27.35
C GLN M 26 -11.38 19.11 27.77
N ARG M 27 -12.12 19.84 26.91
CA ARG M 27 -13.52 20.14 27.20
C ARG M 27 -14.34 18.89 27.34
N LEU M 28 -14.15 17.93 26.44
CA LEU M 28 -14.94 16.69 26.48
C LEU M 28 -14.54 15.82 27.65
N THR M 29 -13.28 15.90 28.09
CA THR M 29 -12.84 15.12 29.23
C THR M 29 -13.33 15.70 30.55
N THR M 30 -13.35 17.03 30.68
CA THR M 30 -13.83 17.64 31.91
C THR M 30 -15.31 17.97 31.88
N GLY M 31 -15.97 17.84 30.72
CA GLY M 31 -17.38 18.13 30.61
C GLY M 31 -17.75 19.59 30.65
N TYR M 32 -16.78 20.49 30.57
CA TYR M 32 -17.03 21.93 30.67
C TYR M 32 -16.71 22.57 29.32
N ARG M 33 -17.68 23.31 28.77
CA ARG M 33 -17.42 24.05 27.54
C ARG M 33 -16.36 25.11 27.76
N ILE M 34 -16.57 25.99 28.75
CA ILE M 34 -15.50 26.87 29.21
C ILE M 34 -14.66 26.09 30.21
N ASN M 35 -13.38 25.92 29.90
CA ASN M 35 -12.52 25.08 30.72
C ASN M 35 -12.34 25.69 32.10
N SER M 36 -12.00 24.82 33.05
CA SER M 36 -11.57 25.29 34.37
C SER M 36 -10.34 26.17 34.28
N ALA M 37 -9.70 26.24 33.11
CA ALA M 37 -8.58 27.11 32.88
C ALA M 37 -9.05 28.55 32.63
N LYS M 38 -8.14 29.36 32.10
CA LYS M 38 -8.38 30.79 31.93
C LYS M 38 -9.62 31.10 31.10
N ASP M 39 -10.02 30.18 30.21
CA ASP M 39 -10.91 30.54 29.11
C ASP M 39 -12.22 31.15 29.61
N ASP M 40 -12.58 32.28 29.02
CA ASP M 40 -13.81 33.01 29.34
C ASP M 40 -13.84 33.40 30.82
N ALA M 41 -12.90 34.27 31.17
CA ALA M 41 -12.74 34.71 32.56
C ALA M 41 -14.03 35.28 33.12
N ALA M 42 -14.84 35.94 32.28
CA ALA M 42 -16.14 36.41 32.75
C ALA M 42 -17.03 35.25 33.13
N GLY M 43 -17.25 34.31 32.20
CA GLY M 43 -18.00 33.12 32.52
C GLY M 43 -17.36 32.30 33.61
N LEU M 44 -16.02 32.34 33.70
CA LEU M 44 -15.32 31.66 34.79
C LEU M 44 -15.72 32.24 36.13
N GLN M 45 -15.79 33.58 36.23
CA GLN M 45 -16.20 34.22 37.46
C GLN M 45 -17.66 33.91 37.78
N ILE M 46 -18.52 33.95 36.76
CA ILE M 46 -19.91 33.57 36.96
C ILE M 46 -20.02 32.17 37.53
N SER M 47 -19.30 31.22 36.96
CA SER M 47 -19.35 29.83 37.42
C SER M 47 -18.80 29.71 38.83
N ASN M 48 -17.71 30.43 39.13
CA ASN M 48 -17.12 30.37 40.46
C ASN M 48 -18.12 30.87 41.51
N ARG M 49 -18.73 32.03 41.26
CA ARG M 49 -19.67 32.58 42.24
C ARG M 49 -20.91 31.71 42.34
N LEU M 50 -21.33 31.10 41.24
CA LEU M 50 -22.47 30.19 41.29
C LEU M 50 -22.15 28.95 42.12
N SER M 51 -20.92 28.44 42.00
CA SER M 51 -20.51 27.29 42.79
C SER M 51 -20.47 27.65 44.27
N ASN M 52 -19.90 28.82 44.59
CA ASN M 52 -19.97 29.31 45.97
C ASN M 52 -21.40 29.33 46.47
N GLN M 53 -22.30 29.89 45.65
CA GLN M 53 -23.70 29.99 46.06
C GLN M 53 -24.30 28.62 46.35
N ILE M 54 -24.14 27.68 45.42
CA ILE M 54 -24.82 26.39 45.57
C ILE M 54 -24.25 25.62 46.75
N SER M 55 -22.93 25.67 46.93
CA SER M 55 -22.33 24.98 48.07
C SER M 55 -22.80 25.60 49.38
N GLY M 56 -22.93 26.93 49.42
CA GLY M 56 -23.47 27.58 50.60
C GLY M 56 -24.88 27.13 50.89
N LEU M 57 -25.71 27.04 49.86
CA LEU M 57 -27.09 26.61 50.08
C LEU M 57 -27.16 25.14 50.50
N ASN M 58 -26.24 24.30 50.02
CA ASN M 58 -26.24 22.90 50.45
C ASN M 58 -25.85 22.77 51.91
N VAL M 59 -24.78 23.46 52.33
CA VAL M 59 -24.39 23.39 53.73
C VAL M 59 -25.46 24.05 54.61
N ALA M 60 -26.17 25.05 54.08
CA ALA M 60 -27.27 25.64 54.83
C ALA M 60 -28.43 24.66 54.94
N THR M 61 -28.66 23.86 53.90
CA THR M 61 -29.66 22.80 53.97
C THR M 61 -29.31 21.80 55.06
N ARG M 62 -28.04 21.41 55.14
CA ARG M 62 -27.61 20.50 56.20
C ARG M 62 -27.83 21.11 57.58
N ASN M 63 -27.43 22.38 57.74
CA ASN M 63 -27.62 23.06 59.01
C ASN M 63 -29.11 23.14 59.37
N ALA M 64 -29.96 23.41 58.39
CA ALA M 64 -31.39 23.46 58.64
C ALA M 64 -31.95 22.10 59.00
N ASN M 65 -31.36 21.03 58.45
CA ASN M 65 -31.76 19.68 58.85
C ASN M 65 -31.42 19.42 60.31
N ASP M 66 -30.20 19.77 60.73
CA ASP M 66 -29.88 19.66 62.16
C ASP M 66 -30.83 20.51 63.00
N GLY M 67 -31.19 21.69 62.50
CA GLY M 67 -32.08 22.55 63.25
C GLY M 67 -33.48 21.97 63.40
N ILE M 68 -34.03 21.39 62.33
CA ILE M 68 -35.36 20.81 62.42
C ILE M 68 -35.34 19.56 63.30
N SER M 69 -34.25 18.80 63.28
CA SER M 69 -34.15 17.66 64.18
C SER M 69 -34.12 18.12 65.64
N LEU M 70 -33.35 19.18 65.92
CA LEU M 70 -33.31 19.73 67.27
C LEU M 70 -34.68 20.24 67.69
N ALA M 71 -35.38 20.91 66.77
CA ALA M 71 -36.72 21.39 67.07
C ALA M 71 -37.70 20.26 67.32
N GLN M 72 -37.57 19.14 66.61
CA GLN M 72 -38.44 18.01 66.86
C GLN M 72 -38.16 17.38 68.22
N THR M 73 -36.88 17.27 68.59
CA THR M 73 -36.54 16.80 69.93
C THR M 73 -37.12 17.72 70.99
N ALA M 74 -37.03 19.03 70.77
CA ALA M 74 -37.58 19.99 71.71
C ALA M 74 -39.10 19.85 71.81
N GLU M 75 -39.77 19.63 70.68
CA GLU M 75 -41.22 19.46 70.69
C GLU M 75 -41.60 18.18 71.45
N GLY M 76 -40.79 17.13 71.30
CA GLY M 76 -41.03 15.91 72.07
C GLY M 76 -40.88 16.15 73.57
N ALA M 77 -39.83 16.86 73.96
CA ALA M 77 -39.67 17.20 75.37
C ALA M 77 -40.84 18.03 75.89
N LEU M 78 -41.31 18.99 75.08
CA LEU M 78 -42.42 19.82 75.50
C LEU M 78 -43.73 19.05 75.59
N GLN M 79 -43.97 18.09 74.71
CA GLN M 79 -45.20 17.31 74.84
C GLN M 79 -45.11 16.37 76.03
N GLN M 80 -43.92 15.85 76.33
CA GLN M 80 -43.72 15.12 77.57
C GLN M 80 -44.05 15.98 78.79
N SER M 81 -43.60 17.24 78.78
CA SER M 81 -43.91 18.12 79.89
C SER M 81 -45.40 18.45 79.95
N THR M 82 -46.07 18.53 78.80
CA THR M 82 -47.51 18.74 78.82
C THR M 82 -48.23 17.56 79.45
N ASN M 83 -47.79 16.33 79.13
CA ASN M 83 -48.36 15.15 79.78
C ASN M 83 -48.12 15.20 81.29
N ILE M 84 -46.91 15.60 81.70
CA ILE M 84 -46.63 15.70 83.12
C ILE M 84 -47.53 16.73 83.79
N LEU M 85 -47.75 17.87 83.12
CA LEU M 85 -48.58 18.92 83.70
C LEU M 85 -50.04 18.51 83.78
N GLN M 86 -50.53 17.77 82.78
CA GLN M 86 -51.91 17.30 82.84
C GLN M 86 -52.07 16.24 83.92
N ARG M 87 -51.01 15.44 84.15
CA ARG M 87 -51.04 14.52 85.28
C ARG M 87 -51.08 15.26 86.61
N ILE M 88 -50.31 16.34 86.74
CA ILE M 88 -50.37 17.15 87.97
C ILE M 88 -51.75 17.76 88.13
N ARG M 89 -52.37 18.20 87.04
CA ARG M 89 -53.76 18.69 87.10
C ARG M 89 -54.71 17.59 87.56
N ASP M 90 -54.49 16.36 87.10
CA ASP M 90 -55.30 15.24 87.56
C ASP M 90 -55.16 15.05 89.06
N LEU M 91 -53.92 15.03 89.56
CA LEU M 91 -53.72 14.88 91.00
C LEU M 91 -54.30 16.06 91.76
N ALA M 92 -54.33 17.25 91.15
CA ALA M 92 -54.90 18.41 91.80
C ALA M 92 -56.42 18.31 91.91
N LEU M 93 -57.07 17.89 90.83
CA LEU M 93 -58.52 17.70 90.88
C LEU M 93 -58.89 16.57 91.83
N GLN M 94 -58.05 15.54 91.94
CA GLN M 94 -58.29 14.51 92.94
C GLN M 94 -57.97 15.01 94.35
N SER M 95 -57.15 16.06 94.45
CA SER M 95 -56.72 16.60 95.74
C SER M 95 -57.82 17.33 96.49
N ALA M 96 -59.00 17.50 95.90
CA ALA M 96 -60.11 18.11 96.63
C ALA M 96 -60.47 17.27 97.85
N ASN M 97 -60.51 15.94 97.69
CA ASN M 97 -60.69 15.00 98.79
C ASN M 97 -62.01 15.18 99.53
N GLY M 98 -62.92 15.99 98.98
CA GLY M 98 -64.13 16.35 99.70
C GLY M 98 -63.83 17.15 100.95
N SER M 99 -62.55 17.52 101.13
CA SER M 99 -62.02 18.32 102.22
C SER M 99 -61.99 17.55 103.54
N ASN M 100 -62.61 16.37 103.59
CA ASN M 100 -62.59 15.59 104.82
C ASN M 100 -62.44 14.09 104.58
N SER M 101 -62.40 13.61 103.33
CA SER M 101 -62.52 12.18 103.11
C SER M 101 -61.18 11.47 103.02
N ASP M 102 -60.19 12.07 102.37
CA ASP M 102 -58.91 11.41 102.12
C ASP M 102 -57.89 11.92 103.15
N ALA M 103 -57.62 11.08 104.16
CA ALA M 103 -56.58 11.38 105.12
C ALA M 103 -55.18 11.12 104.56
N ASP M 104 -55.09 10.68 103.30
CA ASP M 104 -53.82 10.38 102.66
C ASP M 104 -53.24 11.59 101.93
N ARG M 105 -53.53 12.80 102.43
CA ARG M 105 -52.94 14.00 101.87
C ARG M 105 -51.42 13.98 101.91
N ALA M 106 -50.84 13.27 102.88
CA ALA M 106 -49.38 13.15 102.93
C ALA M 106 -48.86 12.37 101.72
N ALA M 107 -49.50 11.24 101.41
CA ALA M 107 -49.12 10.48 100.23
C ALA M 107 -49.40 11.27 98.95
N LEU M 108 -50.48 12.07 98.96
CA LEU M 108 -50.77 12.92 97.81
C LEU M 108 -49.65 13.93 97.58
N GLN M 109 -49.20 14.59 98.65
CA GLN M 109 -48.09 15.53 98.52
C GLN M 109 -46.82 14.81 98.10
N LYS M 110 -46.62 13.59 98.59
CA LYS M 110 -45.44 12.82 98.19
C LYS M 110 -45.45 12.52 96.69
N GLU M 111 -46.59 12.10 96.16
CA GLU M 111 -46.64 11.75 94.73
C GLU M 111 -46.58 12.99 93.86
N VAL M 112 -47.16 14.11 94.32
CA VAL M 112 -47.02 15.32 93.50
C VAL M 112 -45.59 15.85 93.55
N ALA M 113 -44.89 15.65 94.66
CA ALA M 113 -43.47 16.00 94.71
C ALA M 113 -42.67 15.09 93.80
N ALA M 114 -43.05 13.81 93.71
CA ALA M 114 -42.41 12.90 92.78
C ALA M 114 -42.64 13.34 91.34
N GLN M 115 -43.84 13.80 91.02
CA GLN M 115 -44.11 14.30 89.67
C GLN M 115 -43.33 15.58 89.39
N GLN M 116 -43.17 16.43 90.40
CA GLN M 116 -42.32 17.62 90.22
C GLN M 116 -40.87 17.23 89.97
N ALA M 117 -40.38 16.20 90.67
CA ALA M 117 -39.03 15.71 90.44
C ALA M 117 -38.89 15.16 89.03
N GLU M 118 -39.90 14.43 88.56
CA GLU M 118 -39.88 13.93 87.19
C GLU M 118 -39.89 15.08 86.19
N LEU M 119 -40.60 16.16 86.51
CA LEU M 119 -40.60 17.34 85.66
C LEU M 119 -39.22 17.98 85.58
N THR M 120 -38.56 18.14 86.73
CA THR M 120 -37.21 18.69 86.72
C THR M 120 -36.23 17.75 86.03
N ARG M 121 -36.50 16.45 86.06
CA ARG M 121 -35.62 15.49 85.40
C ARG M 121 -35.78 15.51 83.89
N ILE M 122 -37.03 15.54 83.39
CA ILE M 122 -37.26 15.64 81.96
C ILE M 122 -36.82 17.01 81.45
N SER M 123 -36.82 18.01 82.33
CA SER M 123 -36.20 19.28 82.00
C SER M 123 -34.74 19.08 81.64
N ASP M 124 -34.01 18.34 82.46
CA ASP M 124 -32.65 17.94 82.15
C ASP M 124 -32.70 16.73 81.22
N THR M 125 -31.56 16.07 81.02
CA THR M 125 -31.41 14.89 80.16
C THR M 125 -31.90 15.13 78.74
N THR M 126 -31.99 16.39 78.32
CA THR M 126 -32.28 16.75 76.94
C THR M 126 -31.01 17.21 76.25
N THR M 127 -29.88 16.65 76.66
CA THR M 127 -28.55 17.09 76.21
C THR M 127 -28.27 16.58 74.80
N PHE M 128 -28.79 17.31 73.82
CA PHE M 128 -28.47 17.04 72.42
C PHE M 128 -27.07 17.54 72.14
N GLY M 129 -26.07 16.82 72.65
CA GLY M 129 -24.69 17.26 72.59
C GLY M 129 -24.13 17.81 73.90
N GLY M 130 -24.70 17.44 75.04
CA GLY M 130 -24.26 17.95 76.32
C GLY M 130 -24.62 19.40 76.51
N ARG M 131 -25.67 19.84 75.83
CA ARG M 131 -26.06 21.25 75.76
C ARG M 131 -27.57 21.39 75.97
N LYS M 132 -28.07 20.79 77.04
CA LYS M 132 -29.50 20.65 77.33
C LYS M 132 -30.32 21.86 76.89
N LEU M 133 -31.38 21.59 76.13
CA LEU M 133 -32.02 22.66 75.35
C LEU M 133 -32.94 23.52 76.21
N LEU M 134 -34.01 22.93 76.74
CA LEU M 134 -35.07 23.72 77.34
C LEU M 134 -34.73 24.26 78.71
N ASP M 135 -33.98 23.52 79.52
CA ASP M 135 -33.70 23.92 80.88
C ASP M 135 -32.31 24.55 80.99
N GLY M 136 -31.96 24.92 82.21
CA GLY M 136 -30.65 25.51 82.45
C GLY M 136 -30.57 26.89 81.84
N SER M 137 -29.47 27.16 81.15
CA SER M 137 -29.22 28.45 80.51
C SER M 137 -29.06 28.22 79.01
N PHE M 138 -30.13 28.46 78.27
CA PHE M 138 -30.09 28.38 76.81
C PHE M 138 -29.67 29.73 76.25
N GLY M 139 -28.58 29.73 75.48
CA GLY M 139 -27.97 30.96 75.01
C GLY M 139 -28.78 31.74 73.99
N THR M 140 -30.04 31.37 73.77
CA THR M 140 -30.89 32.02 72.78
C THR M 140 -30.22 31.99 71.41
N THR M 141 -30.03 30.77 70.91
CA THR M 141 -29.23 30.54 69.72
C THR M 141 -29.99 30.99 68.48
N SER M 142 -29.33 30.90 67.32
CA SER M 142 -29.94 31.34 66.06
C SER M 142 -29.30 30.51 64.94
N PHE M 143 -30.12 29.80 64.19
CA PHE M 143 -29.60 28.88 63.17
C PHE M 143 -29.37 29.64 61.86
N GLN M 144 -28.15 29.54 61.34
CA GLN M 144 -27.81 30.21 60.09
C GLN M 144 -28.40 29.46 58.90
N VAL M 145 -29.08 30.20 58.03
CA VAL M 145 -29.81 29.60 56.92
C VAL M 145 -29.43 30.18 55.57
N GLY M 146 -28.93 31.42 55.51
CA GLY M 146 -28.64 32.05 54.25
C GLY M 146 -27.15 32.00 53.93
N SER M 147 -26.85 32.21 52.66
CA SER M 147 -25.47 32.16 52.16
C SER M 147 -24.71 33.47 52.40
N ASN M 148 -25.24 34.36 53.23
CA ASN M 148 -24.62 35.64 53.51
C ASN M 148 -24.35 35.79 54.99
N ALA M 149 -23.48 36.73 55.34
CA ALA M 149 -23.09 36.93 56.72
C ALA M 149 -24.25 37.48 57.54
N TYR M 150 -24.35 36.99 58.78
CA TYR M 150 -25.37 37.43 59.75
C TYR M 150 -26.79 37.15 59.26
N GLU M 151 -26.93 36.39 58.18
CA GLU M 151 -28.25 35.97 57.73
C GLU M 151 -28.66 34.71 58.46
N THR M 152 -29.44 34.86 59.54
CA THR M 152 -29.77 33.77 60.42
C THR M 152 -31.23 33.87 60.84
N ILE M 153 -31.70 32.85 61.55
CA ILE M 153 -33.08 32.76 62.03
C ILE M 153 -33.04 32.67 63.55
N ASP M 154 -33.60 33.68 64.21
CA ASP M 154 -33.56 33.76 65.66
C ASP M 154 -34.53 32.77 66.29
N ILE M 155 -34.17 32.28 67.48
CA ILE M 155 -34.98 31.33 68.23
C ILE M 155 -35.06 31.79 69.67
N SER M 156 -36.23 31.63 70.29
CA SER M 156 -36.50 32.10 71.64
C SER M 156 -36.96 30.95 72.52
N LEU M 157 -36.21 29.85 72.48
CA LEU M 157 -36.50 28.67 73.29
C LEU M 157 -36.68 29.02 74.76
N GLN M 158 -37.55 28.29 75.45
CA GLN M 158 -37.88 28.58 76.85
C GLN M 158 -36.63 28.50 77.72
N ASN M 159 -36.60 29.33 78.75
CA ASN M 159 -35.48 29.32 79.69
C ASN M 159 -35.41 28.01 80.46
N ALA M 160 -36.56 27.52 80.91
CA ALA M 160 -36.64 26.26 81.65
C ALA M 160 -38.10 25.87 81.85
N SER M 161 -38.32 24.56 82.00
CA SER M 161 -39.58 24.05 82.50
C SER M 161 -39.57 23.92 84.01
N ALA M 162 -38.75 24.72 84.69
CA ALA M 162 -38.48 24.65 86.12
C ALA M 162 -39.42 25.53 86.93
N SER M 163 -38.97 25.89 88.13
CA SER M 163 -39.73 26.67 89.09
C SER M 163 -39.91 28.10 88.61
N ALA M 164 -40.12 29.01 89.57
CA ALA M 164 -40.55 30.42 89.40
C ALA M 164 -39.80 31.06 88.23
N ILE M 165 -38.78 30.42 87.64
CA ILE M 165 -37.99 30.92 86.52
C ILE M 165 -38.88 31.16 85.30
N GLY M 166 -40.20 31.12 85.47
CA GLY M 166 -41.10 31.10 84.33
C GLY M 166 -42.34 30.24 84.47
N SER M 167 -42.77 30.01 85.71
CA SER M 167 -44.14 29.59 85.97
C SER M 167 -44.99 30.83 86.19
N TYR M 168 -46.25 30.68 86.60
CA TYR M 168 -47.18 31.81 86.56
C TYR M 168 -46.78 32.79 87.65
N GLN M 169 -46.56 34.05 87.28
CA GLN M 169 -46.17 35.06 88.25
C GLN M 169 -47.33 35.34 89.20
N VAL M 170 -47.00 35.74 90.43
CA VAL M 170 -47.98 35.82 91.50
C VAL M 170 -47.99 37.23 92.06
N GLY M 171 -49.17 37.86 92.05
CA GLY M 171 -49.39 39.10 92.76
C GLY M 171 -50.35 38.90 93.90
N SER M 172 -49.84 38.94 95.14
CA SER M 172 -50.63 38.58 96.31
C SER M 172 -50.58 39.70 97.34
N ASN M 173 -51.48 39.60 98.33
CA ASN M 173 -51.61 40.65 99.33
C ASN M 173 -50.37 40.74 100.23
N GLY M 174 -50.07 39.67 100.95
CA GLY M 174 -48.92 39.69 101.84
C GLY M 174 -47.63 39.36 101.13
N ALA M 175 -47.57 39.61 99.81
CA ALA M 175 -46.42 39.26 98.98
C ALA M 175 -45.10 39.78 99.56
N GLY M 176 -44.96 41.09 99.70
CA GLY M 176 -43.70 41.63 100.15
C GLY M 176 -43.43 41.47 101.63
N THR M 177 -44.15 42.22 102.47
CA THR M 177 -44.01 42.08 103.92
C THR M 177 -45.35 41.74 104.56
N VAL M 178 -46.36 42.57 104.32
CA VAL M 178 -47.66 42.44 104.95
C VAL M 178 -48.66 43.24 104.14
N ALA M 179 -49.95 42.94 104.28
CA ALA M 179 -50.99 43.56 103.49
C ALA M 179 -51.72 44.62 104.32
N SER M 180 -52.15 45.68 103.64
CA SER M 180 -53.01 46.69 104.26
C SER M 180 -54.45 46.22 104.29
N VAL M 181 -55.36 47.18 104.46
CA VAL M 181 -56.79 46.96 104.70
C VAL M 181 -57.33 45.78 103.90
N ALA M 182 -56.97 45.68 102.63
CA ALA M 182 -57.36 44.51 101.84
C ALA M 182 -56.75 43.25 102.41
N GLY M 183 -57.59 42.36 102.95
CA GLY M 183 -57.12 41.13 103.54
C GLY M 183 -56.75 41.23 105.01
N THR M 184 -57.41 42.14 105.73
CA THR M 184 -57.22 42.28 107.17
C THR M 184 -58.35 43.15 107.72
N ALA M 185 -58.51 43.10 109.03
CA ALA M 185 -59.50 43.94 109.69
C ALA M 185 -58.98 45.37 109.83
N THR M 186 -59.91 46.32 109.89
CA THR M 186 -59.55 47.73 109.94
C THR M 186 -60.76 48.54 110.38
N ALA M 187 -60.50 49.77 110.82
CA ALA M 187 -61.56 50.66 111.27
C ALA M 187 -62.24 51.36 110.11
N SER M 188 -61.46 52.14 109.34
CA SER M 188 -62.03 52.91 108.25
C SER M 188 -62.43 52.02 107.07
N GLY M 189 -61.48 51.25 106.54
CA GLY M 189 -61.76 50.40 105.42
C GLY M 189 -61.06 50.85 104.14
N ILE M 190 -61.48 50.24 103.04
CA ILE M 190 -60.93 50.56 101.72
C ILE M 190 -61.23 52.02 101.40
N ALA M 191 -60.18 52.80 101.19
CA ALA M 191 -60.31 54.22 100.87
C ALA M 191 -60.28 54.42 99.36
N SER M 192 -60.21 55.68 98.95
CA SER M 192 -60.14 56.02 97.54
C SER M 192 -58.77 55.63 96.98
N GLY M 193 -58.58 55.85 95.68
CA GLY M 193 -57.34 55.54 95.01
C GLY M 193 -57.54 55.27 93.53
N THR M 194 -56.43 55.34 92.81
CA THR M 194 -56.39 55.13 91.37
C THR M 194 -55.26 54.15 91.03
N VAL M 195 -55.28 53.01 91.72
CA VAL M 195 -54.23 51.98 91.63
C VAL M 195 -53.92 51.66 90.18
N ASN M 196 -52.65 51.76 89.82
CA ASN M 196 -52.23 51.56 88.44
C ASN M 196 -52.02 50.09 88.14
N LEU M 197 -52.40 49.70 86.92
CA LEU M 197 -52.18 48.36 86.41
C LEU M 197 -51.29 48.42 85.18
N VAL M 198 -50.38 47.46 85.07
CA VAL M 198 -49.38 47.45 84.01
C VAL M 198 -49.29 46.04 83.44
N GLY M 199 -49.21 45.94 82.12
CA GLY M 199 -49.04 44.66 81.45
C GLY M 199 -49.52 44.65 80.02
N GLY M 200 -48.72 44.04 79.14
CA GLY M 200 -49.04 43.95 77.72
C GLY M 200 -49.36 45.28 77.07
N GLY M 201 -48.68 46.34 77.51
CA GLY M 201 -48.94 47.69 77.01
C GLY M 201 -50.39 48.09 77.10
N GLN M 202 -51.04 47.79 78.23
CA GLN M 202 -52.45 48.06 78.42
C GLN M 202 -52.71 48.71 79.78
N VAL M 203 -51.93 49.73 80.12
CA VAL M 203 -52.05 50.40 81.42
C VAL M 203 -53.41 51.05 81.54
N LYS M 204 -54.15 50.70 82.60
CA LYS M 204 -55.47 51.27 82.85
C LYS M 204 -55.56 51.61 84.33
N ASN M 205 -55.83 52.88 84.62
CA ASN M 205 -55.91 53.35 86.01
C ASN M 205 -57.25 52.91 86.59
N ILE M 206 -57.23 51.83 87.37
CA ILE M 206 -58.45 51.34 87.99
C ILE M 206 -58.82 52.23 89.18
N ALA M 207 -60.07 52.67 89.20
CA ALA M 207 -60.58 53.56 90.25
C ALA M 207 -61.25 52.72 91.32
N ILE M 208 -60.77 52.85 92.55
CA ILE M 208 -61.30 52.13 93.70
C ILE M 208 -61.84 53.17 94.66
N ALA M 209 -63.17 53.27 94.77
CA ALA M 209 -63.78 54.25 95.64
C ALA M 209 -63.63 53.84 97.11
N ALA M 210 -63.92 54.80 97.99
CA ALA M 210 -63.82 54.56 99.43
C ALA M 210 -65.08 53.85 99.91
N GLY M 211 -64.97 52.55 100.15
CA GLY M 211 -66.11 51.78 100.62
C GLY M 211 -66.33 50.51 99.81
N ASP M 212 -65.72 50.43 98.63
CA ASP M 212 -65.86 49.27 97.75
C ASP M 212 -65.39 47.99 98.43
N SER M 213 -66.24 46.97 98.41
CA SER M 213 -65.85 45.68 98.97
C SER M 213 -64.82 45.00 98.08
N ALA M 214 -64.17 43.97 98.63
CA ALA M 214 -63.13 43.24 97.91
C ALA M 214 -63.69 42.62 96.63
N LYS M 215 -64.94 42.15 96.69
CA LYS M 215 -65.60 41.61 95.51
C LYS M 215 -65.73 42.65 94.40
N ALA M 216 -66.16 43.86 94.78
CA ALA M 216 -66.29 44.96 93.84
C ALA M 216 -64.95 45.32 93.23
N ILE M 217 -63.90 45.36 94.06
CA ILE M 217 -62.55 45.69 93.61
C ILE M 217 -62.10 44.64 92.60
N ALA M 218 -62.35 43.37 92.92
CA ALA M 218 -61.99 42.26 92.03
C ALA M 218 -62.70 42.41 90.69
N GLU M 219 -64.01 42.67 90.72
CA GLU M 219 -64.78 42.90 89.50
C GLU M 219 -64.20 44.05 88.70
N LYS M 220 -63.76 45.10 89.38
CA LYS M 220 -63.20 46.27 88.72
C LYS M 220 -61.88 45.95 88.01
N MET M 221 -60.90 45.43 88.74
CA MET M 221 -59.57 45.25 88.14
C MET M 221 -59.57 44.13 87.11
N ASP M 222 -60.53 43.22 87.17
CA ASP M 222 -60.66 42.19 86.15
C ASP M 222 -61.03 42.80 84.80
N GLY M 223 -60.91 41.99 83.74
CA GLY M 223 -61.31 42.45 82.43
C GLY M 223 -60.20 43.02 81.57
N ALA M 224 -60.07 44.35 81.58
CA ALA M 224 -59.22 45.12 80.67
C ALA M 224 -57.88 44.47 80.36
N ILE M 225 -57.12 44.12 81.40
CA ILE M 225 -55.79 43.53 81.21
C ILE M 225 -55.93 42.18 80.52
N PRO M 226 -55.25 41.96 79.39
CA PRO M 226 -55.36 40.68 78.69
C PRO M 226 -54.91 39.50 79.54
N ASN M 227 -55.73 38.44 79.56
CA ASN M 227 -55.44 37.24 80.34
C ASN M 227 -55.22 37.57 81.81
N LEU M 228 -56.25 38.08 82.48
CA LEU M 228 -56.13 38.43 83.89
C LEU M 228 -57.38 37.95 84.62
N SER M 229 -57.18 37.29 85.76
CA SER M 229 -58.27 36.84 86.61
C SER M 229 -58.03 37.32 88.03
N ALA M 230 -59.10 37.38 88.81
CA ALA M 230 -59.02 37.85 90.19
C ALA M 230 -60.15 37.21 90.98
N ARG M 231 -59.82 36.21 91.78
CA ARG M 231 -60.81 35.61 92.66
C ARG M 231 -60.78 36.28 94.04
N ALA M 232 -61.97 36.45 94.60
CA ALA M 232 -62.11 37.07 95.91
C ALA M 232 -62.60 36.04 96.92
N ARG M 233 -62.06 36.10 98.13
CA ARG M 233 -62.38 35.13 99.17
C ARG M 233 -62.17 35.78 100.52
N THR M 234 -63.19 35.73 101.37
CA THR M 234 -63.13 36.31 102.71
C THR M 234 -63.37 35.18 103.72
N VAL M 235 -62.29 34.63 104.26
CA VAL M 235 -62.35 33.58 105.27
C VAL M 235 -61.88 34.18 106.58
N PHE M 236 -62.79 34.26 107.56
CA PHE M 236 -62.47 34.82 108.86
C PHE M 236 -63.07 33.94 109.95
N THR M 237 -62.28 33.68 110.98
CA THR M 237 -62.73 32.89 112.12
C THR M 237 -63.28 33.81 113.21
N ALA M 238 -63.75 33.20 114.30
CA ALA M 238 -64.29 33.95 115.42
C ALA M 238 -64.12 33.13 116.68
N ASP M 239 -63.93 33.84 117.80
CA ASP M 239 -63.78 33.21 119.10
CA ASP M 239 -63.78 33.21 119.10
C ASP M 239 -64.25 34.13 120.21
N VAL M 240 -65.45 33.89 120.73
CA VAL M 240 -66.02 34.73 121.77
C VAL M 240 -65.27 34.50 123.09
N SER M 241 -64.93 35.59 123.77
CA SER M 241 -64.30 35.50 125.07
C SER M 241 -65.35 35.46 126.17
N GLY M 242 -64.95 35.61 127.42
CA GLY M 242 -65.86 35.61 128.54
C GLY M 242 -66.93 36.67 128.45
N VAL M 243 -68.09 36.42 129.05
CA VAL M 243 -69.21 37.35 129.02
C VAL M 243 -69.64 37.68 130.44
N THR M 244 -69.12 38.77 130.99
CA THR M 244 -69.41 39.14 132.37
C THR M 244 -70.75 39.85 132.47
N GLY M 245 -71.71 39.20 133.13
CA GLY M 245 -73.01 39.77 133.37
C GLY M 245 -73.76 40.22 132.13
N GLY M 246 -74.11 39.26 131.27
CA GLY M 246 -74.85 39.53 130.06
C GLY M 246 -74.20 38.90 128.85
N SER M 247 -74.72 39.27 127.68
CA SER M 247 -74.22 38.77 126.40
C SER M 247 -73.93 39.96 125.49
N LEU M 248 -73.33 39.65 124.34
CA LEU M 248 -72.98 40.66 123.34
C LEU M 248 -74.11 40.75 122.32
N ASN M 249 -75.01 41.70 122.55
CA ASN M 249 -76.15 41.93 121.66
C ASN M 249 -75.71 42.93 120.60
N PHE M 250 -75.02 42.44 119.57
CA PHE M 250 -74.52 43.31 118.52
C PHE M 250 -75.10 42.91 117.17
N ASP M 251 -74.66 43.56 116.10
CA ASP M 251 -75.15 43.30 114.75
C ASP M 251 -74.00 42.97 113.82
N VAL M 252 -74.35 42.46 112.64
CA VAL M 252 -73.37 42.08 111.63
C VAL M 252 -73.90 42.55 110.29
N THR M 253 -73.13 43.42 109.62
CA THR M 253 -73.53 43.97 108.33
C THR M 253 -72.82 43.21 107.21
N VAL M 254 -73.51 42.22 106.65
CA VAL M 254 -72.97 41.46 105.52
C VAL M 254 -73.37 42.12 104.20
N GLY M 255 -72.61 43.13 103.80
CA GLY M 255 -72.93 43.84 102.57
C GLY M 255 -74.14 44.73 102.74
N SER M 256 -75.12 44.57 101.84
CA SER M 256 -76.33 45.39 101.87
C SER M 256 -77.14 45.15 103.14
N ASN M 257 -77.61 43.92 103.33
CA ASN M 257 -78.41 43.61 104.51
C ASN M 257 -77.55 43.52 105.76
N THR M 258 -78.20 43.59 106.91
CA THR M 258 -77.51 43.59 108.20
C THR M 258 -78.16 42.59 109.13
N VAL M 259 -77.34 41.76 109.78
CA VAL M 259 -77.83 40.76 110.72
C VAL M 259 -78.22 41.45 112.02
N SER M 260 -79.20 40.90 112.73
CA SER M 260 -79.65 41.46 113.99
C SER M 260 -79.58 40.42 115.10
N LEU M 261 -78.46 39.71 115.19
CA LEU M 261 -78.28 38.65 116.18
C LEU M 261 -78.23 39.21 117.59
N ALA M 262 -78.29 38.32 118.59
CA ALA M 262 -78.23 38.72 119.99
C ALA M 262 -77.85 37.50 120.81
N GLY M 263 -77.75 37.66 122.13
CA GLY M 263 -77.41 36.57 123.03
C GLY M 263 -76.14 35.83 122.67
N VAL M 264 -75.01 36.55 122.63
CA VAL M 264 -73.72 35.96 122.32
C VAL M 264 -72.95 35.76 123.61
N THR M 265 -72.74 34.49 123.99
CA THR M 265 -72.00 34.18 125.20
C THR M 265 -70.77 33.34 124.88
N SER M 266 -70.91 32.39 123.95
CA SER M 266 -69.83 31.52 123.54
C SER M 266 -69.78 31.43 122.02
N THR M 267 -68.73 30.78 121.51
CA THR M 267 -68.57 30.62 120.08
C THR M 267 -69.70 29.78 119.49
N GLN M 268 -70.20 28.81 120.28
CA GLN M 268 -71.26 27.93 119.80
C GLN M 268 -72.54 28.69 119.51
N ASP M 269 -72.89 29.65 120.38
CA ASP M 269 -74.09 30.44 120.19
C ASP M 269 -74.03 31.25 118.89
N LEU M 270 -72.92 31.96 118.69
CA LEU M 270 -72.74 32.74 117.47
C LEU M 270 -72.74 31.84 116.24
N ALA M 271 -72.11 30.67 116.35
CA ALA M 271 -72.08 29.71 115.26
C ALA M 271 -73.49 29.27 114.87
N ASP M 272 -74.29 28.89 115.86
CA ASP M 272 -75.67 28.49 115.63
C ASP M 272 -76.48 29.63 115.01
N GLN M 273 -76.26 30.85 115.50
CA GLN M 273 -77.00 31.99 114.99
C GLN M 273 -76.66 32.27 113.53
N LEU M 274 -75.39 32.14 113.16
CA LEU M 274 -74.99 32.33 111.77
C LEU M 274 -75.52 31.20 110.90
N ASN M 275 -75.52 29.98 111.44
CA ASN M 275 -76.06 28.85 110.68
C ASN M 275 -77.56 28.99 110.44
N SER M 276 -78.26 29.62 111.38
CA SER M 276 -79.71 29.81 111.24
C SER M 276 -80.03 30.89 110.21
N ASN M 277 -79.37 32.05 110.32
CA ASN M 277 -79.70 33.17 109.45
C ASN M 277 -79.02 33.06 108.10
N SER M 278 -78.42 31.90 107.81
CA SER M 278 -77.74 31.65 106.55
C SER M 278 -78.64 31.90 105.35
N SER M 279 -79.96 31.76 105.53
CA SER M 279 -80.92 32.07 104.49
C SER M 279 -80.76 33.50 104.00
N LYS M 280 -80.76 34.45 104.94
CA LYS M 280 -80.63 35.86 104.61
C LYS M 280 -79.19 36.22 104.25
N LEU M 281 -78.25 35.90 105.13
CA LEU M 281 -76.84 36.26 104.94
C LEU M 281 -76.19 35.22 104.04
N GLY M 282 -75.70 35.69 102.90
CA GLY M 282 -75.05 34.81 101.93
C GLY M 282 -73.60 34.55 102.26
N ILE M 283 -73.30 34.27 103.53
CA ILE M 283 -71.94 34.04 103.98
C ILE M 283 -71.90 32.73 104.76
N THR M 284 -71.38 31.67 104.13
CA THR M 284 -71.39 30.36 104.78
C THR M 284 -70.46 30.34 105.98
N ALA M 285 -70.90 29.67 107.04
CA ALA M 285 -70.14 29.55 108.28
C ALA M 285 -70.13 28.10 108.73
N SER M 286 -69.10 27.74 109.50
CA SER M 286 -68.96 26.38 110.00
C SER M 286 -67.98 26.31 111.17
N ILE M 287 -68.40 25.69 112.27
CA ILE M 287 -67.55 25.49 113.43
C ILE M 287 -67.07 24.04 113.40
N ASN M 288 -65.75 23.86 113.40
CA ASN M 288 -65.17 22.53 113.33
C ASN M 288 -65.30 21.81 114.67
N ASP M 289 -65.09 20.49 114.65
CA ASP M 289 -65.19 19.68 115.86
C ASP M 289 -64.15 20.09 116.89
N LYS M 290 -63.03 20.66 116.43
CA LYS M 290 -62.00 21.13 117.35
C LYS M 290 -62.54 22.23 118.26
N GLY M 291 -63.21 23.22 117.68
CA GLY M 291 -63.84 24.26 118.47
C GLY M 291 -63.78 25.65 117.88
N VAL M 292 -62.89 25.86 116.90
CA VAL M 292 -62.72 27.18 116.31
C VAL M 292 -63.75 27.40 115.20
N LEU M 293 -64.68 28.32 115.45
CA LEU M 293 -65.66 28.67 114.43
C LEU M 293 -64.99 29.35 113.25
N THR M 294 -65.42 28.96 112.04
CA THR M 294 -64.86 29.52 110.81
C THR M 294 -65.99 29.98 109.91
N ILE M 295 -65.86 31.20 109.38
CA ILE M 295 -66.84 31.77 108.48
C ILE M 295 -66.13 32.11 107.18
N THR M 296 -66.81 31.85 106.06
CA THR M 296 -66.19 32.01 104.75
C THR M 296 -67.16 32.74 103.82
N SER M 297 -66.63 33.72 103.09
CA SER M 297 -67.37 34.44 102.06
C SER M 297 -66.77 34.06 100.70
N ALA M 298 -67.44 33.15 100.00
CA ALA M 298 -66.95 32.68 98.71
C ALA M 298 -66.90 33.82 97.69
N THR M 299 -67.90 34.70 97.72
CA THR M 299 -67.94 35.82 96.79
C THR M 299 -66.83 36.82 97.06
N GLY M 300 -66.60 37.14 98.34
CA GLY M 300 -65.60 38.12 98.70
C GLY M 300 -66.20 39.34 99.37
N GLU M 301 -67.32 39.16 100.03
CA GLU M 301 -68.02 40.28 100.66
C GLU M 301 -67.25 40.75 101.89
N ASN M 302 -67.10 42.08 102.00
CA ASN M 302 -66.40 42.69 103.13
C ASN M 302 -67.35 42.72 104.33
N VAL M 303 -67.26 41.66 105.14
CA VAL M 303 -68.16 41.52 106.28
C VAL M 303 -67.92 42.65 107.29
N LYS M 304 -68.99 43.03 107.98
CA LYS M 304 -68.94 44.11 108.95
C LYS M 304 -69.66 43.67 110.21
N PHE M 305 -69.11 44.05 111.36
CA PHE M 305 -69.69 43.78 112.67
C PHE M 305 -70.23 45.09 113.22
N GLY M 306 -71.54 45.13 113.47
CA GLY M 306 -72.18 46.34 113.94
C GLY M 306 -71.74 46.74 115.33
N ALA M 307 -72.28 47.86 115.78
CA ALA M 307 -71.95 48.38 117.11
C ALA M 307 -72.41 47.41 118.19
N GLN M 308 -71.63 47.32 119.26
CA GLN M 308 -71.90 46.38 120.35
C GLN M 308 -72.84 47.05 121.36
N THR M 309 -74.13 46.94 121.06
CA THR M 309 -75.17 47.39 122.00
C THR M 309 -75.66 46.26 122.90
N GLY M 310 -74.75 45.59 123.58
CA GLY M 310 -75.10 44.42 124.37
C GLY M 310 -75.49 44.79 125.79
N THR M 311 -75.65 43.74 126.60
CA THR M 311 -76.01 43.88 128.01
C THR M 311 -74.89 43.46 128.95
N ALA M 312 -73.75 42.99 128.42
CA ALA M 312 -72.63 42.58 129.25
C ALA M 312 -71.82 43.79 129.70
N THR M 313 -70.67 43.54 130.33
CA THR M 313 -69.84 44.63 130.82
C THR M 313 -68.43 44.51 130.26
N ALA M 314 -67.93 43.27 130.14
CA ALA M 314 -66.59 43.04 129.62
C ALA M 314 -66.62 41.81 128.72
N GLY M 315 -65.62 41.71 127.86
CA GLY M 315 -65.51 40.63 126.89
C GLY M 315 -65.21 41.17 125.51
N GLN M 316 -64.88 40.25 124.61
CA GLN M 316 -64.52 40.61 123.25
C GLN M 316 -64.66 39.37 122.37
N VAL M 317 -64.72 39.61 121.06
CA VAL M 317 -64.77 38.53 120.07
C VAL M 317 -63.66 38.74 119.05
N ALA M 318 -62.53 38.05 119.25
CA ALA M 318 -61.40 38.20 118.34
C ALA M 318 -61.67 37.49 117.02
N VAL M 319 -61.11 38.04 115.95
CA VAL M 319 -61.23 37.47 114.61
C VAL M 319 -59.89 37.60 113.91
N LYS M 320 -59.70 36.77 112.89
CA LYS M 320 -58.53 36.82 112.03
C LYS M 320 -58.98 36.77 110.58
N VAL M 321 -58.06 37.07 109.67
CA VAL M 321 -58.35 37.12 108.24
C VAL M 321 -57.38 36.20 107.52
N GLN M 322 -57.89 35.40 106.58
CA GLN M 322 -57.04 34.50 105.82
C GLN M 322 -56.18 35.29 104.84
N GLY M 323 -54.89 34.92 104.75
CA GLY M 323 -54.00 35.58 103.83
C GLY M 323 -54.26 35.18 102.39
N SER M 324 -53.62 35.90 101.47
CA SER M 324 -53.77 35.63 100.04
C SER M 324 -53.26 34.23 99.68
N ASP M 325 -51.96 34.01 99.86
CA ASP M 325 -51.38 32.69 99.60
C ASP M 325 -51.87 31.67 100.61
N GLY M 326 -52.01 32.09 101.87
CA GLY M 326 -52.43 31.21 102.94
C GLY M 326 -51.95 31.71 104.28
N LYS M 327 -51.49 30.79 105.14
CA LYS M 327 -50.92 31.15 106.44
C LYS M 327 -51.89 32.01 107.24
N PHE M 328 -53.01 31.41 107.66
CA PHE M 328 -54.04 32.12 108.40
C PHE M 328 -53.44 32.92 109.55
N GLU M 329 -53.93 34.16 109.69
CA GLU M 329 -53.35 35.12 110.63
C GLU M 329 -53.34 34.57 112.05
N ALA M 330 -52.20 34.75 112.72
CA ALA M 330 -52.05 34.37 114.11
C ALA M 330 -52.52 35.49 115.03
N ALA M 331 -52.06 36.71 114.77
CA ALA M 331 -52.46 37.86 115.58
C ALA M 331 -53.95 38.12 115.44
N ALA M 332 -54.62 38.28 116.58
CA ALA M 332 -56.06 38.46 116.59
C ALA M 332 -56.38 39.94 116.80
N LYS M 333 -57.54 40.39 116.31
CA LYS M 333 -58.00 41.76 116.50
C LYS M 333 -59.50 41.74 116.72
N ASN M 334 -59.95 42.35 117.81
CA ASN M 334 -61.36 42.28 118.17
C ASN M 334 -62.20 43.19 117.28
N VAL M 335 -63.40 42.74 116.95
CA VAL M 335 -64.37 43.57 116.23
C VAL M 335 -65.46 44.12 117.13
N VAL M 336 -65.84 43.40 118.18
CA VAL M 336 -66.83 43.85 119.15
C VAL M 336 -66.30 43.58 120.54
N ALA M 337 -66.65 44.46 121.49
CA ALA M 337 -66.16 44.33 122.85
C ALA M 337 -67.21 44.90 123.80
N ALA M 338 -67.62 44.11 124.79
CA ALA M 338 -68.56 44.57 125.79
C ALA M 338 -67.96 45.72 126.59
N GLY M 339 -68.65 46.85 126.61
CA GLY M 339 -68.14 48.03 127.28
C GLY M 339 -67.56 49.04 126.31
N THR M 340 -66.27 49.34 126.45
CA THR M 340 -65.58 50.24 125.55
C THR M 340 -65.55 49.67 124.13
N ALA M 341 -66.04 50.44 123.17
CA ALA M 341 -66.04 49.99 121.77
C ALA M 341 -64.62 49.87 121.25
N ALA M 342 -64.32 48.71 120.66
CA ALA M 342 -62.99 48.45 120.12
C ALA M 342 -62.83 49.05 118.73
N THR M 343 -61.70 48.79 118.09
CA THR M 343 -61.40 49.24 116.74
C THR M 343 -61.44 48.06 115.78
N THR M 344 -61.11 48.32 114.53
CA THR M 344 -61.10 47.31 113.47
C THR M 344 -62.44 46.59 113.40
N THR M 345 -63.51 47.37 113.22
CA THR M 345 -64.86 46.83 113.27
C THR M 345 -65.24 46.06 112.01
N ILE M 346 -64.55 46.26 110.89
CA ILE M 346 -64.89 45.58 109.65
C ILE M 346 -63.78 44.60 109.31
N VAL M 347 -64.08 43.70 108.38
CA VAL M 347 -63.13 42.71 107.91
C VAL M 347 -63.20 42.64 106.38
N THR M 348 -62.06 42.80 105.73
CA THR M 348 -61.96 42.77 104.28
C THR M 348 -61.21 41.51 103.86
N GLY M 349 -61.74 40.82 102.86
CA GLY M 349 -61.11 39.61 102.36
C GLY M 349 -59.90 39.92 101.49
N TYR M 350 -59.33 38.85 100.96
CA TYR M 350 -58.13 38.92 100.13
C TYR M 350 -58.48 38.66 98.67
N VAL M 351 -57.66 39.22 97.78
CA VAL M 351 -57.78 38.99 96.35
C VAL M 351 -56.45 38.42 95.85
N GLN M 352 -56.49 37.86 94.65
CA GLN M 352 -55.31 37.25 94.06
C GLN M 352 -55.33 37.49 92.55
N LEU M 353 -54.34 38.24 92.07
CA LEU M 353 -54.22 38.54 90.64
C LEU M 353 -53.11 37.68 90.05
N ASN M 354 -53.51 36.52 89.53
CA ASN M 354 -52.56 35.66 88.85
C ASN M 354 -52.08 36.29 87.55
N SER M 355 -50.90 35.87 87.11
CA SER M 355 -50.28 36.43 85.92
C SER M 355 -49.72 35.31 85.04
N PRO M 356 -50.17 35.21 83.80
CA PRO M 356 -49.61 34.19 82.90
C PRO M 356 -48.16 34.46 82.51
N THR M 357 -47.83 35.65 82.04
CA THR M 357 -46.47 35.96 81.63
C THR M 357 -45.88 37.08 82.49
N ALA M 358 -46.57 38.21 82.58
CA ALA M 358 -46.11 39.36 83.34
C ALA M 358 -47.28 40.31 83.59
N TYR M 359 -47.38 40.79 84.83
CA TYR M 359 -48.45 41.70 85.21
C TYR M 359 -48.02 42.55 86.40
N SER M 360 -47.67 43.81 86.15
CA SER M 360 -47.20 44.70 87.19
C SER M 360 -48.35 45.57 87.71
N VAL M 361 -48.21 45.99 88.97
CA VAL M 361 -49.22 46.80 89.64
C VAL M 361 -48.51 47.83 90.52
N SER M 362 -49.07 49.02 90.60
CA SER M 362 -48.51 50.09 91.41
C SER M 362 -49.63 50.99 91.91
N GLY M 363 -49.33 51.78 92.94
CA GLY M 363 -50.30 52.67 93.54
C GLY M 363 -49.68 53.76 94.37
N THR M 364 -50.26 54.95 94.35
CA THR M 364 -49.72 56.09 95.08
C THR M 364 -49.92 55.91 96.58
N GLY M 365 -48.84 55.56 97.29
CA GLY M 365 -48.87 55.44 98.74
C GLY M 365 -49.87 54.41 99.24
N THR M 366 -50.95 54.89 99.85
CA THR M 366 -51.98 54.03 100.44
C THR M 366 -52.60 53.12 99.39
N GLN M 367 -52.76 53.62 98.16
CA GLN M 367 -53.36 52.86 97.07
C GLN M 367 -52.67 51.53 96.85
N ALA M 368 -51.35 51.54 96.74
CA ALA M 368 -50.59 50.31 96.56
C ALA M 368 -50.74 49.39 97.77
N SER M 369 -50.65 49.96 98.97
CA SER M 369 -50.76 49.15 100.17
C SER M 369 -52.15 48.54 100.31
N GLN M 370 -53.18 49.36 100.12
CA GLN M 370 -54.55 48.92 100.37
C GLN M 370 -55.05 47.90 99.35
N VAL M 371 -54.19 47.42 98.45
CA VAL M 371 -54.53 46.38 97.49
C VAL M 371 -53.63 45.16 97.63
N PHE M 372 -52.33 45.34 97.44
CA PHE M 372 -51.40 44.22 97.48
C PHE M 372 -50.16 44.59 98.28
N GLY M 373 -50.31 45.47 99.26
CA GLY M 373 -49.20 45.91 100.07
C GLY M 373 -48.07 46.53 99.27
N ASN M 374 -46.83 46.34 99.73
CA ASN M 374 -45.66 46.87 99.04
C ASN M 374 -45.06 45.76 98.16
N ALA M 375 -45.83 45.35 97.16
CA ALA M 375 -45.38 44.28 96.27
C ALA M 375 -44.73 44.86 95.02
N SER M 376 -45.50 45.58 94.21
CA SER M 376 -45.02 46.28 93.02
C SER M 376 -44.41 45.33 91.99
N ALA M 377 -44.52 44.03 92.22
CA ALA M 377 -43.90 43.03 91.36
C ALA M 377 -44.67 41.73 91.44
N ALA M 378 -44.82 41.06 90.29
CA ALA M 378 -45.57 39.81 90.20
C ALA M 378 -44.67 38.60 90.39
N GLN M 379 -43.38 38.84 90.63
CA GLN M 379 -42.36 37.78 90.69
C GLN M 379 -42.64 36.86 91.88
N LYS M 380 -41.77 35.87 92.08
CA LYS M 380 -41.99 34.77 93.03
C LYS M 380 -43.20 33.93 92.63
N SER M 381 -43.11 33.37 91.42
CA SER M 381 -44.16 32.51 90.88
C SER M 381 -44.48 31.33 91.82
N SER M 382 -43.44 30.68 92.34
CA SER M 382 -43.56 29.64 93.36
C SER M 382 -44.46 28.49 92.93
N VAL M 383 -44.06 27.75 91.89
CA VAL M 383 -44.76 26.53 91.51
C VAL M 383 -44.28 25.39 92.40
N ALA M 384 -43.05 25.50 92.89
CA ALA M 384 -42.50 24.51 93.83
C ALA M 384 -43.26 24.53 95.14
N SER M 385 -43.62 25.73 95.61
CA SER M 385 -44.25 25.91 96.91
C SER M 385 -45.66 25.31 96.98
N VAL M 386 -46.20 24.89 95.83
CA VAL M 386 -47.55 24.33 95.75
C VAL M 386 -47.70 23.18 96.71
N ASP M 387 -48.73 23.24 97.55
CA ASP M 387 -49.02 22.18 98.51
C ASP M 387 -50.40 21.58 98.23
N ILE M 388 -50.64 20.42 98.83
CA ILE M 388 -51.82 19.63 98.56
C ILE M 388 -52.60 19.34 99.84
N SER M 389 -51.93 19.42 100.99
CA SER M 389 -52.40 18.82 102.24
C SER M 389 -53.84 19.14 102.62
N THR M 390 -54.15 20.40 102.94
CA THR M 390 -55.48 20.65 103.51
C THR M 390 -56.35 21.59 102.69
N ALA M 391 -55.91 22.82 102.48
CA ALA M 391 -56.82 23.84 101.97
C ALA M 391 -56.38 24.42 100.62
N ASP M 392 -55.15 24.90 100.55
CA ASP M 392 -54.66 25.66 99.40
C ASP M 392 -54.80 24.89 98.10
N GLY M 393 -54.49 23.60 98.12
CA GLY M 393 -54.39 22.76 96.94
C GLY M 393 -55.46 22.98 95.88
N ALA M 394 -56.71 22.68 96.23
CA ALA M 394 -57.84 22.65 95.29
C ALA M 394 -57.90 23.87 94.39
N GLN M 395 -57.45 25.01 94.87
CA GLN M 395 -57.49 26.25 94.10
C GLN M 395 -56.13 26.68 93.58
N ASN M 396 -55.10 26.65 94.43
CA ASN M 396 -53.80 27.17 94.02
C ASN M 396 -53.16 26.29 92.95
N ALA M 397 -53.35 24.96 93.05
CA ALA M 397 -52.79 24.06 92.05
C ALA M 397 -53.42 24.31 90.68
N ILE M 398 -54.73 24.53 90.66
CA ILE M 398 -55.42 24.83 89.40
C ILE M 398 -54.93 26.17 88.85
N ALA M 399 -54.81 27.18 89.73
CA ALA M 399 -54.30 28.47 89.30
C ALA M 399 -52.89 28.36 88.72
N VAL M 400 -52.07 27.44 89.26
CA VAL M 400 -50.76 27.19 88.69
C VAL M 400 -50.88 26.55 87.32
N VAL M 401 -51.51 25.38 87.26
CA VAL M 401 -51.50 24.57 86.04
C VAL M 401 -52.18 25.29 84.88
N ASP M 402 -53.13 26.19 85.15
CA ASP M 402 -53.75 26.94 84.06
C ASP M 402 -52.72 27.72 83.28
N ASN M 403 -52.04 28.67 83.94
CA ASN M 403 -51.02 29.45 83.24
C ASN M 403 -49.80 28.60 82.90
N ALA M 404 -49.62 27.46 83.57
CA ALA M 404 -48.55 26.54 83.19
C ALA M 404 -48.81 25.99 81.79
N LEU M 405 -50.01 25.47 81.54
CA LEU M 405 -50.37 25.06 80.20
C LEU M 405 -50.35 26.24 79.24
N ALA M 406 -50.71 27.43 79.70
CA ALA M 406 -50.65 28.60 78.83
C ALA M 406 -49.23 28.84 78.33
N ALA M 407 -48.26 28.86 79.25
CA ALA M 407 -46.88 29.13 78.88
C ALA M 407 -46.30 27.99 78.04
N ILE M 408 -46.60 26.74 78.40
CA ILE M 408 -46.06 25.62 77.65
C ILE M 408 -46.67 25.57 76.25
N ASP M 409 -47.94 25.94 76.11
CA ASP M 409 -48.57 26.00 74.80
C ASP M 409 -47.99 27.15 73.98
N ALA M 410 -47.67 28.27 74.63
CA ALA M 410 -46.97 29.34 73.93
C ALA M 410 -45.62 28.87 73.41
N GLN M 411 -44.87 28.15 74.23
CA GLN M 411 -43.56 27.64 73.79
C GLN M 411 -43.71 26.64 72.65
N ARG M 412 -44.72 25.75 72.74
CA ARG M 412 -44.98 24.83 71.64
C ARG M 412 -45.41 25.57 70.40
N ALA M 413 -46.07 26.72 70.56
CA ALA M 413 -46.43 27.54 69.42
C ALA M 413 -45.20 28.15 68.76
N ASP M 414 -44.25 28.65 69.54
CA ASP M 414 -42.98 29.08 68.97
C ASP M 414 -42.28 27.94 68.25
N LEU M 415 -42.31 26.73 68.84
CA LEU M 415 -41.67 25.59 68.20
C LEU M 415 -42.33 25.26 66.87
N ALA M 416 -43.66 25.24 66.84
CA ALA M 416 -44.39 24.95 65.60
C ALA M 416 -44.12 26.03 64.57
N ALA M 417 -44.09 27.29 64.99
CA ALA M 417 -43.81 28.38 64.07
C ALA M 417 -42.42 28.24 63.46
N VAL M 418 -41.42 27.93 64.29
CA VAL M 418 -40.05 27.90 63.79
C VAL M 418 -39.85 26.68 62.89
N GLN M 419 -40.53 25.56 63.19
CA GLN M 419 -40.38 24.40 62.32
C GLN M 419 -41.13 24.58 61.01
N ASN M 420 -42.29 25.24 61.02
CA ASN M 420 -42.97 25.56 59.77
C ASN M 420 -42.12 26.51 58.93
N ARG M 421 -41.57 27.54 59.58
CA ARG M 421 -40.63 28.43 58.90
C ARG M 421 -39.46 27.67 58.33
N PHE M 422 -38.99 26.64 59.06
CA PHE M 422 -37.84 25.87 58.62
C PHE M 422 -38.16 25.06 57.36
N LYS M 423 -39.31 24.38 57.34
CA LYS M 423 -39.65 23.62 56.14
C LYS M 423 -39.88 24.55 54.96
N ASN M 424 -40.50 25.70 55.20
CA ASN M 424 -40.69 26.67 54.11
C ASN M 424 -39.35 27.14 53.55
N THR M 425 -38.44 27.58 54.43
CA THR M 425 -37.17 28.11 53.94
C THR M 425 -36.31 27.00 53.35
N ILE M 426 -36.48 25.76 53.81
CA ILE M 426 -35.66 24.69 53.25
C ILE M 426 -36.15 24.32 51.86
N ASP M 427 -37.47 24.36 51.64
CA ASP M 427 -37.99 24.20 50.28
C ASP M 427 -37.49 25.34 49.39
N ASN M 428 -37.53 26.57 49.90
CA ASN M 428 -37.07 27.72 49.13
C ASN M 428 -35.60 27.57 48.76
N LEU M 429 -34.77 27.19 49.73
CA LEU M 429 -33.34 27.07 49.49
C LEU M 429 -33.02 25.92 48.57
N THR M 430 -33.75 24.80 48.67
CA THR M 430 -33.53 23.70 47.75
C THR M 430 -33.90 24.10 46.33
N ASN M 431 -34.99 24.86 46.16
CA ASN M 431 -35.35 25.34 44.84
C ASN M 431 -34.29 26.29 44.28
N ILE M 432 -33.82 27.23 45.10
CA ILE M 432 -32.80 28.17 44.65
C ILE M 432 -31.52 27.42 44.29
N SER M 433 -31.16 26.40 45.08
CA SER M 433 -29.94 25.65 44.82
C SER M 433 -30.04 24.86 43.53
N GLU M 434 -31.17 24.17 43.31
CA GLU M 434 -31.32 23.42 42.07
C GLU M 434 -31.34 24.35 40.87
N ASN M 435 -31.96 25.53 41.02
CA ASN M 435 -32.02 26.47 39.90
C ASN M 435 -30.65 27.04 39.59
N ALA M 436 -29.87 27.35 40.63
CA ALA M 436 -28.52 27.85 40.42
C ALA M 436 -27.61 26.77 39.85
N THR M 437 -27.86 25.50 40.18
CA THR M 437 -27.10 24.43 39.54
C THR M 437 -27.47 24.30 38.07
N ASN M 438 -28.75 24.49 37.73
CA ASN M 438 -29.12 24.54 36.32
C ASN M 438 -28.40 25.69 35.61
N ALA M 439 -28.29 26.84 36.27
CA ALA M 439 -27.57 27.96 35.68
C ALA M 439 -26.09 27.64 35.51
N ARG M 440 -25.49 27.02 36.52
CA ARG M 440 -24.08 26.64 36.45
C ARG M 440 -23.84 25.64 35.33
N SER M 441 -24.79 24.73 35.09
CA SER M 441 -24.65 23.79 33.99
C SER M 441 -24.79 24.51 32.65
N ARG M 442 -25.81 25.35 32.51
CA ARG M 442 -26.00 26.09 31.27
C ARG M 442 -24.82 26.97 30.93
N ILE M 443 -24.07 27.44 31.93
CA ILE M 443 -22.87 28.24 31.68
C ILE M 443 -21.60 27.39 31.61
N LYS M 444 -21.63 26.16 32.12
CA LYS M 444 -20.46 25.30 32.19
C LYS M 444 -20.59 23.98 31.44
N ASP M 445 -21.70 23.26 31.62
CA ASP M 445 -21.85 21.96 31.01
C ASP M 445 -21.83 22.08 29.49
N THR M 446 -20.86 21.42 28.86
CA THR M 446 -20.69 21.53 27.42
C THR M 446 -21.82 20.82 26.68
N ASP M 447 -22.37 21.47 25.66
CA ASP M 447 -23.33 20.85 24.77
C ASP M 447 -22.59 20.07 23.67
N PHE M 448 -21.92 19.01 24.11
CA PHE M 448 -20.95 18.29 23.28
C PHE M 448 -21.56 17.68 22.02
N ALA M 449 -22.87 17.78 21.81
CA ALA M 449 -23.45 17.40 20.53
C ALA M 449 -22.86 18.21 19.39
N ALA M 450 -22.30 19.39 19.67
CA ALA M 450 -21.60 20.20 18.68
C ALA M 450 -20.09 20.12 18.80
N GLU M 451 -19.55 19.98 20.01
CA GLU M 451 -18.12 19.80 20.17
C GLU M 451 -17.64 18.48 19.60
N THR M 452 -18.50 17.46 19.51
CA THR M 452 -18.13 16.24 18.81
C THR M 452 -17.87 16.51 17.34
N ALA M 453 -18.79 17.23 16.68
CA ALA M 453 -18.57 17.62 15.29
C ALA M 453 -17.34 18.51 15.15
N ALA M 454 -17.12 19.39 16.12
CA ALA M 454 -15.96 20.28 16.08
C ALA M 454 -14.66 19.48 16.16
N LEU M 455 -14.60 18.50 17.05
CA LEU M 455 -13.38 17.72 17.19
C LEU M 455 -13.17 16.79 16.00
N SER M 456 -14.25 16.28 15.41
CA SER M 456 -14.11 15.49 14.20
C SER M 456 -13.58 16.35 13.05
N LYS M 457 -14.09 17.59 12.94
CA LYS M 457 -13.55 18.52 11.96
C LYS M 457 -12.07 18.81 12.21
N ASN M 458 -11.70 18.98 13.49
CA ASN M 458 -10.30 19.24 13.81
C ASN M 458 -9.42 18.06 13.42
N GLN M 459 -9.88 16.84 13.69
CA GLN M 459 -9.09 15.66 13.31
C GLN M 459 -8.97 15.53 11.80
N VAL M 460 -10.06 15.79 11.08
CA VAL M 460 -10.02 15.73 9.62
C VAL M 460 -9.03 16.75 9.08
N LEU M 461 -9.06 17.98 9.61
CA LEU M 461 -8.15 19.01 9.14
C LEU M 461 -6.71 18.67 9.50
N GLN M 462 -6.49 18.04 10.66
CA GLN M 462 -5.13 17.64 11.05
C GLN M 462 -4.59 16.59 10.09
N GLN M 463 -5.40 15.56 9.80
CA GLN M 463 -4.96 14.55 8.85
C GLN M 463 -4.70 15.15 7.48
N ALA M 464 -5.57 16.07 7.05
CA ALA M 464 -5.40 16.72 5.76
C ALA M 464 -4.08 17.49 5.73
N GLY M 465 -3.78 18.24 6.78
CA GLY M 465 -2.54 19.00 6.81
C GLY M 465 -1.31 18.12 6.84
N THR M 466 -1.38 17.00 7.56
CA THR M 466 -0.25 16.07 7.57
C THR M 466 -0.02 15.49 6.18
N ALA M 467 -1.10 15.10 5.50
CA ALA M 467 -0.97 14.62 4.12
C ALA M 467 -0.42 15.72 3.21
N ILE M 468 -0.81 16.97 3.46
CA ILE M 468 -0.35 18.06 2.62
C ILE M 468 1.15 18.28 2.80
N LEU M 469 1.64 18.19 4.04
CA LEU M 469 3.08 18.27 4.25
C LEU M 469 3.79 17.10 3.57
N ALA M 470 3.25 15.89 3.73
CA ALA M 470 3.88 14.71 3.14
C ALA M 470 3.94 14.82 1.62
N GLN M 471 2.97 15.51 1.02
CA GLN M 471 2.97 15.69 -0.43
C GLN M 471 3.88 16.84 -0.85
N ALA M 472 3.90 17.93 -0.08
CA ALA M 472 4.59 19.14 -0.50
C ALA M 472 6.09 19.07 -0.22
N ASN M 473 6.52 18.21 0.71
CA ASN M 473 7.94 18.09 0.98
C ASN M 473 8.65 17.30 -0.11
N GLN M 474 7.89 16.78 -1.07
CA GLN M 474 8.43 16.03 -2.18
C GLN M 474 8.62 16.86 -3.44
N LEU M 475 8.10 18.10 -3.47
CA LEU M 475 8.22 18.91 -4.67
C LEU M 475 9.66 19.27 -5.01
N PRO M 476 10.47 19.83 -4.10
CA PRO M 476 11.85 20.16 -4.48
C PRO M 476 12.67 18.95 -4.86
N GLN M 477 12.43 17.80 -4.24
CA GLN M 477 13.15 16.58 -4.59
C GLN M 477 13.01 16.27 -6.08
N ALA M 478 11.78 16.10 -6.54
CA ALA M 478 11.55 15.80 -7.95
C ALA M 478 12.00 16.95 -8.84
N VAL M 479 11.76 18.19 -8.42
CA VAL M 479 12.14 19.35 -9.22
C VAL M 479 13.63 19.33 -9.52
N LEU M 480 14.45 19.17 -8.48
CA LEU M 480 15.89 19.19 -8.69
C LEU M 480 16.40 17.91 -9.35
N SER M 481 15.79 16.75 -9.03
CA SER M 481 16.25 15.51 -9.63
C SER M 481 15.96 15.47 -11.13
N LEU M 482 14.91 16.16 -11.57
CA LEU M 482 14.58 16.21 -12.99
C LEU M 482 15.27 17.36 -13.71
N LEU M 483 15.50 18.48 -13.03
CA LEU M 483 16.16 19.63 -13.63
C LEU M 483 17.67 19.45 -13.72
N ARG M 484 18.24 18.48 -13.03
CA ARG M 484 19.68 18.25 -13.06
C ARG M 484 20.00 16.95 -13.80
N VAL N 1 51.71 37.53 -40.40
CA VAL N 1 51.23 37.66 -39.04
C VAL N 1 51.46 36.36 -38.28
N ASN N 2 52.61 36.24 -37.64
CA ASN N 2 52.95 35.01 -36.93
C ASN N 2 53.49 35.22 -35.52
N THR N 3 54.02 36.39 -35.17
CA THR N 3 54.52 36.59 -33.80
C THR N 3 53.40 36.76 -32.79
N ASN N 4 52.17 37.03 -33.24
CA ASN N 4 51.03 37.17 -32.35
C ASN N 4 49.77 36.99 -33.19
N ILE N 5 48.69 36.57 -32.51
CA ILE N 5 47.43 36.28 -33.16
C ILE N 5 46.33 37.05 -32.44
N ALA N 6 45.41 37.63 -33.21
CA ALA N 6 44.30 38.39 -32.62
C ALA N 6 43.24 37.50 -31.99
N SER N 7 43.46 36.19 -31.93
CA SER N 7 42.47 35.27 -31.36
C SER N 7 42.35 35.40 -29.85
N LEU N 8 43.10 36.29 -29.21
CA LEU N 8 42.99 36.46 -27.76
C LEU N 8 41.67 37.08 -27.34
N ASN N 9 40.88 37.59 -28.27
CA ASN N 9 39.51 37.96 -27.95
C ASN N 9 38.72 36.74 -27.49
N THR N 10 38.97 35.60 -28.12
CA THR N 10 38.36 34.35 -27.67
C THR N 10 38.84 33.99 -26.28
N GLN N 11 40.10 34.29 -25.95
CA GLN N 11 40.61 34.00 -24.62
C GLN N 11 39.93 34.90 -23.58
N ARG N 12 39.78 36.18 -23.89
CA ARG N 12 39.04 37.09 -22.99
C ARG N 12 37.61 36.61 -22.79
N ASN N 13 36.95 36.21 -23.88
CA ASN N 13 35.57 35.73 -23.78
C ASN N 13 35.48 34.46 -22.96
N LEU N 14 36.44 33.54 -23.11
CA LEU N 14 36.44 32.34 -22.28
C LEU N 14 36.68 32.68 -20.82
N ASN N 15 37.55 33.66 -20.54
CA ASN N 15 37.76 34.07 -19.16
C ASN N 15 36.47 34.61 -18.55
N ALA N 16 35.80 35.52 -19.26
CA ALA N 16 34.55 36.09 -18.75
C ALA N 16 33.48 35.02 -18.61
N SER N 17 33.39 34.10 -19.57
CA SER N 17 32.40 33.04 -19.50
C SER N 17 32.69 32.10 -18.34
N SER N 18 33.96 31.83 -18.05
CA SER N 18 34.30 31.00 -16.91
C SER N 18 33.95 31.70 -15.60
N ASN N 19 34.20 33.02 -15.52
CA ASN N 19 33.79 33.75 -14.32
C ASN N 19 32.28 33.66 -14.12
N ASP N 20 31.51 33.92 -15.18
CA ASP N 20 30.06 33.84 -15.07
C ASP N 20 29.60 32.43 -14.74
N LEU N 21 30.28 31.43 -15.27
CA LEU N 21 29.90 30.04 -15.03
C LEU N 21 30.15 29.66 -13.58
N ASN N 22 31.31 30.05 -13.03
CA ASN N 22 31.56 29.77 -11.62
C ASN N 22 30.60 30.55 -10.73
N THR N 23 30.23 31.76 -11.13
CA THR N 23 29.26 32.53 -10.36
C THR N 23 27.91 31.81 -10.31
N SER N 24 27.38 31.43 -11.47
CA SER N 24 26.10 30.73 -11.52
C SER N 24 26.20 29.38 -10.83
N LEU N 25 27.37 28.76 -10.86
CA LEU N 25 27.55 27.46 -10.24
C LEU N 25 27.49 27.58 -8.72
N GLN N 26 28.16 28.60 -8.18
CA GLN N 26 28.05 28.89 -6.75
C GLN N 26 26.61 29.22 -6.38
N ARG N 27 25.93 30.00 -7.24
CA ARG N 27 24.53 30.33 -7.00
C ARG N 27 23.70 29.06 -6.87
N LEU N 28 23.91 28.09 -7.77
CA LEU N 28 23.14 26.85 -7.72
C LEU N 28 23.52 26.02 -6.50
N THR N 29 24.80 26.02 -6.12
CA THR N 29 25.23 25.20 -4.99
C THR N 29 24.73 25.75 -3.66
N THR N 30 24.56 27.07 -3.54
CA THR N 30 24.08 27.65 -2.30
C THR N 30 22.58 27.89 -2.30
N GLY N 31 21.92 27.76 -3.46
CA GLY N 31 20.50 28.02 -3.56
C GLY N 31 20.12 29.48 -3.49
N TYR N 32 21.09 30.39 -3.51
CA TYR N 32 20.84 31.83 -3.42
C TYR N 32 21.20 32.46 -4.75
N ARG N 33 20.27 33.25 -5.32
CA ARG N 33 20.58 33.97 -6.55
C ARG N 33 21.72 34.95 -6.32
N ILE N 34 21.66 35.71 -5.24
CA ILE N 34 22.81 36.51 -4.83
C ILE N 34 23.53 35.78 -3.70
N ASN N 35 24.82 35.54 -3.89
CA ASN N 35 25.61 34.84 -2.89
C ASN N 35 25.79 35.73 -1.66
N SER N 36 26.27 35.12 -0.57
CA SER N 36 26.78 35.89 0.56
C SER N 36 27.96 36.75 0.15
N ALA N 37 28.41 36.64 -1.11
CA ALA N 37 29.52 37.40 -1.62
C ALA N 37 29.10 38.84 -1.94
N LYS N 38 29.98 39.54 -2.65
CA LYS N 38 29.80 40.96 -2.93
C LYS N 38 28.53 41.27 -3.69
N ASP N 39 28.02 40.32 -4.46
CA ASP N 39 26.98 40.62 -5.44
C ASP N 39 25.71 41.17 -4.78
N ASP N 40 25.21 42.27 -5.33
CA ASP N 40 23.97 42.92 -4.88
C ASP N 40 24.06 43.29 -3.40
N ALA N 41 24.98 44.22 -3.13
CA ALA N 41 25.20 44.68 -1.75
C ALA N 41 23.91 45.15 -1.09
N ALA N 42 23.03 45.81 -1.85
CA ALA N 42 21.73 46.20 -1.29
C ALA N 42 20.89 44.97 -0.98
N GLY N 43 20.84 44.02 -1.91
CA GLY N 43 20.14 42.78 -1.65
C GLY N 43 20.73 42.00 -0.49
N LEU N 44 22.06 42.01 -0.37
CA LEU N 44 22.71 41.36 0.77
C LEU N 44 22.32 42.04 2.08
N GLN N 45 22.24 43.37 2.07
CA GLN N 45 21.80 44.12 3.24
C GLN N 45 20.38 43.73 3.64
N ILE N 46 19.47 43.71 2.66
CA ILE N 46 18.09 43.36 2.94
C ILE N 46 17.99 41.93 3.45
N SER N 47 18.80 41.03 2.87
CA SER N 47 18.82 39.64 3.33
C SER N 47 19.27 39.53 4.77
N ASN N 48 20.36 40.24 5.12
CA ASN N 48 20.85 40.20 6.49
C ASN N 48 19.81 40.72 7.46
N ARG N 49 19.19 41.85 7.13
CA ARG N 49 18.18 42.42 8.01
C ARG N 49 16.98 41.50 8.15
N LEU N 50 16.52 40.92 7.04
CA LEU N 50 15.36 40.03 7.09
C LEU N 50 15.66 38.76 7.88
N SER N 51 16.87 38.21 7.72
CA SER N 51 17.23 37.00 8.47
C SER N 51 17.34 37.29 9.95
N ASN N 52 17.94 38.43 10.31
CA ASN N 52 17.97 38.84 11.71
C ASN N 52 16.57 38.96 12.28
N GLN N 53 15.67 39.62 11.53
CA GLN N 53 14.30 39.78 12.00
C GLN N 53 13.61 38.44 12.15
N ILE N 54 13.79 37.53 11.19
CA ILE N 54 13.13 36.23 11.23
C ILE N 54 13.60 35.43 12.44
N SER N 55 14.91 35.35 12.63
CA SER N 55 15.45 34.62 13.78
C SER N 55 14.97 35.25 15.09
N GLY N 56 14.89 36.57 15.13
CA GLY N 56 14.35 37.24 16.30
C GLY N 56 12.91 36.83 16.57
N LEU N 57 12.11 36.75 15.51
CA LEU N 57 10.71 36.33 15.68
C LEU N 57 10.62 34.88 16.14
N ASN N 58 11.50 34.01 15.66
CA ASN N 58 11.45 32.61 16.11
C ASN N 58 11.81 32.50 17.58
N VAL N 59 12.91 33.15 18.00
CA VAL N 59 13.30 33.07 19.41
C VAL N 59 12.28 33.77 20.29
N ALA N 60 11.62 34.82 19.79
CA ALA N 60 10.57 35.47 20.55
C ALA N 60 9.34 34.57 20.66
N THR N 61 9.06 33.79 19.62
CA THR N 61 7.98 32.82 19.68
C THR N 61 8.27 31.76 20.74
N ARG N 62 9.51 31.28 20.79
CA ARG N 62 9.88 30.33 21.84
C ARG N 62 9.74 30.94 23.23
N ASN N 63 10.21 32.18 23.40
CA ASN N 63 10.07 32.86 24.68
C ASN N 63 8.61 33.02 25.06
N ALA N 64 7.76 33.34 24.09
CA ALA N 64 6.33 33.46 24.35
C ALA N 64 5.73 32.11 24.73
N ASN N 65 6.26 31.02 24.16
CA ASN N 65 5.79 29.70 24.56
C ASN N 65 6.14 29.40 26.01
N ASP N 66 7.38 29.71 26.41
CA ASP N 66 7.73 29.54 27.83
C ASP N 66 6.85 30.41 28.71
N GLY N 67 6.56 31.64 28.28
CA GLY N 67 5.70 32.51 29.06
C GLY N 67 4.28 31.97 29.18
N ILE N 68 3.78 31.37 28.09
CA ILE N 68 2.44 30.78 28.11
C ILE N 68 2.40 29.60 29.08
N SER N 69 3.43 28.76 29.04
CA SER N 69 3.48 27.64 29.97
C SER N 69 3.54 28.13 31.41
N LEU N 70 4.33 29.16 31.68
CA LEU N 70 4.42 29.70 33.03
C LEU N 70 3.08 30.26 33.49
N ALA N 71 2.41 31.03 32.62
CA ALA N 71 1.09 31.56 32.94
C ALA N 71 0.09 30.45 33.18
N GLN N 72 0.19 29.34 32.45
CA GLN N 72 -0.75 28.24 32.65
C GLN N 72 -0.50 27.54 33.98
N THR N 73 0.77 27.39 34.35
CA THR N 73 1.09 26.87 35.68
C THR N 73 0.52 27.77 36.77
N ALA N 74 0.69 29.08 36.62
CA ALA N 74 0.14 30.02 37.59
C ALA N 74 -1.37 29.91 37.66
N GLU N 75 -2.02 29.76 36.50
CA GLU N 75 -3.47 29.65 36.47
C GLU N 75 -3.95 28.38 37.15
N GLY N 76 -3.22 27.28 36.96
CA GLY N 76 -3.57 26.04 37.65
C GLY N 76 -3.43 26.15 39.15
N ALA N 77 -2.33 26.75 39.60
CA ALA N 77 -2.16 26.97 41.04
C ALA N 77 -3.29 27.85 41.59
N LEU N 78 -3.64 28.91 40.85
CA LEU N 78 -4.73 29.77 41.28
C LEU N 78 -6.06 29.04 41.33
N GLN N 79 -6.30 28.14 40.37
CA GLN N 79 -7.54 27.35 40.39
C GLN N 79 -7.59 26.44 41.60
N GLN N 80 -6.47 25.80 41.93
CA GLN N 80 -6.39 25.00 43.14
C GLN N 80 -6.68 25.85 44.38
N SER N 81 -6.16 27.07 44.40
CA SER N 81 -6.41 27.95 45.54
C SER N 81 -7.87 28.36 45.62
N THR N 82 -8.54 28.56 44.48
CA THR N 82 -9.96 28.88 44.51
C THR N 82 -10.77 27.68 44.98
N ASN N 83 -10.37 26.47 44.62
CA ASN N 83 -11.02 25.29 45.17
C ASN N 83 -10.84 25.23 46.68
N ILE N 84 -9.65 25.58 47.15
CA ILE N 84 -9.40 25.61 48.59
C ILE N 84 -10.27 26.64 49.27
N LEU N 85 -10.42 27.82 48.67
CA LEU N 85 -11.26 28.85 49.27
C LEU N 85 -12.74 28.45 49.25
N GLN N 86 -13.15 27.72 48.21
CA GLN N 86 -14.48 27.11 48.21
C GLN N 86 -14.65 26.20 49.42
N ARG N 87 -13.67 25.32 49.65
CA ARG N 87 -13.73 24.44 50.82
C ARG N 87 -13.75 25.23 52.12
N ILE N 88 -13.05 26.37 52.16
CA ILE N 88 -13.06 27.19 53.37
C ILE N 88 -14.45 27.77 53.61
N ARG N 89 -15.10 28.26 52.55
CA ARG N 89 -16.49 28.70 52.70
C ARG N 89 -17.38 27.57 53.20
N ASP N 90 -17.22 26.37 52.63
CA ASP N 90 -18.02 25.23 53.06
C ASP N 90 -17.83 24.97 54.54
N LEU N 91 -16.58 24.89 54.99
CA LEU N 91 -16.31 24.58 56.39
C LEU N 91 -16.78 25.70 57.31
N ALA N 92 -16.70 26.95 56.84
CA ALA N 92 -17.12 28.07 57.66
C ALA N 92 -18.62 28.09 57.84
N LEU N 93 -19.37 27.94 56.75
CA LEU N 93 -20.82 27.93 56.85
C LEU N 93 -21.34 26.68 57.53
N GLN N 94 -20.58 25.57 57.47
CA GLN N 94 -20.93 24.40 58.27
C GLN N 94 -20.65 24.65 59.74
N SER N 95 -19.62 25.46 60.04
CA SER N 95 -19.30 25.85 61.40
C SER N 95 -20.35 26.77 62.02
N ALA N 96 -21.37 27.16 61.26
CA ALA N 96 -22.51 27.85 61.86
C ALA N 96 -23.10 27.02 62.99
N ASN N 97 -23.25 25.71 62.77
CA ASN N 97 -23.57 24.72 63.80
C ASN N 97 -24.75 25.12 64.68
N GLY N 98 -25.66 25.92 64.16
CA GLY N 98 -26.75 26.45 64.96
C GLY N 98 -26.26 27.36 66.07
N SER N 99 -24.98 27.73 65.99
CA SER N 99 -24.28 28.66 66.89
C SER N 99 -24.04 28.04 68.26
N ASN N 100 -24.64 26.90 68.55
CA ASN N 100 -24.30 26.22 69.80
C ASN N 100 -24.32 24.69 69.72
N SER N 101 -24.60 24.08 68.57
CA SER N 101 -24.93 22.65 68.58
C SER N 101 -23.68 21.77 68.50
N ASP N 102 -22.66 22.19 67.76
CA ASP N 102 -21.48 21.36 67.54
C ASP N 102 -20.39 21.83 68.50
N ALA N 103 -20.22 21.10 69.60
CA ALA N 103 -19.16 21.41 70.55
C ALA N 103 -17.78 21.06 70.02
N ASP N 104 -17.70 20.48 68.82
CA ASP N 104 -16.44 20.16 68.17
C ASP N 104 -15.89 21.34 67.37
N ARG N 105 -16.24 22.56 67.76
CA ARG N 105 -15.70 23.75 67.11
C ARG N 105 -14.19 23.81 67.20
N ALA N 106 -13.59 23.16 68.20
CA ALA N 106 -12.12 23.09 68.26
C ALA N 106 -11.58 22.27 67.11
N ALA N 107 -12.17 21.09 66.86
CA ALA N 107 -11.75 20.28 65.72
C ALA N 107 -12.06 20.99 64.41
N LEU N 108 -13.14 21.77 64.38
CA LEU N 108 -13.47 22.54 63.19
C LEU N 108 -12.40 23.60 62.92
N GLN N 109 -11.95 24.29 63.98
CA GLN N 109 -10.88 25.27 63.83
C GLN N 109 -9.58 24.60 63.41
N LYS N 110 -9.33 23.39 63.92
CA LYS N 110 -8.16 22.63 63.46
C LYS N 110 -8.26 22.31 61.98
N GLU N 111 -9.45 21.92 61.53
CA GLU N 111 -9.69 21.67 60.11
C GLU N 111 -9.41 22.93 59.28
N VAL N 112 -9.91 24.07 59.75
CA VAL N 112 -9.72 25.33 59.02
C VAL N 112 -8.25 25.72 58.99
N ALA N 113 -7.53 25.49 60.10
CA ALA N 113 -6.10 25.82 60.13
C ALA N 113 -5.31 24.91 59.21
N ALA N 114 -5.71 23.63 59.13
CA ALA N 114 -5.08 22.72 58.18
C ALA N 114 -5.32 23.18 56.75
N GLN N 115 -6.55 23.60 56.45
CA GLN N 115 -6.84 24.13 55.12
C GLN N 115 -6.01 25.39 54.84
N GLN N 116 -5.84 26.25 55.84
CA GLN N 116 -5.03 27.45 55.66
C GLN N 116 -3.58 27.12 55.38
N ALA N 117 -3.00 26.17 56.14
CA ALA N 117 -1.61 25.78 55.90
C ALA N 117 -1.47 25.10 54.53
N GLU N 118 -2.50 24.35 54.11
CA GLU N 118 -2.46 23.74 52.79
C GLU N 118 -2.50 24.80 51.70
N LEU N 119 -3.30 25.85 51.89
CA LEU N 119 -3.31 26.96 50.95
C LEU N 119 -1.95 27.65 50.89
N THR N 120 -1.34 27.88 52.06
CA THR N 120 0.00 28.47 52.09
C THR N 120 1.01 27.59 51.37
N ARG N 121 0.81 26.27 51.44
CA ARG N 121 1.68 25.35 50.71
C ARG N 121 1.43 25.41 49.20
N ILE N 122 0.18 25.53 48.78
CA ILE N 122 -0.12 25.72 47.37
C ILE N 122 0.51 27.00 46.84
N SER N 123 0.57 28.03 47.69
CA SER N 123 1.34 29.22 47.34
C SER N 123 2.77 28.84 46.99
N ASP N 124 3.39 28.01 47.82
CA ASP N 124 4.72 27.48 47.54
C ASP N 124 4.60 26.30 46.57
N THR N 125 5.69 25.56 46.39
CA THR N 125 5.78 24.38 45.54
C THR N 125 5.39 24.67 44.10
N THR N 126 5.26 25.94 43.73
CA THR N 126 5.03 26.36 42.35
C THR N 126 6.31 26.88 41.73
N THR N 127 7.44 26.32 42.15
CA THR N 127 8.76 26.78 41.72
C THR N 127 9.08 26.29 40.31
N PHE N 128 8.48 26.97 39.33
CA PHE N 128 8.79 26.70 37.94
C PHE N 128 10.16 27.27 37.63
N GLY N 129 11.21 26.56 38.06
CA GLY N 129 12.57 27.06 37.98
C GLY N 129 13.14 27.56 39.29
N GLY N 130 12.63 27.11 40.43
CA GLY N 130 13.11 27.56 41.72
C GLY N 130 12.74 29.01 41.99
N ARG N 131 11.68 29.47 41.35
CA ARG N 131 11.29 30.88 41.35
C ARG N 131 9.78 30.99 41.57
N LYS N 132 9.29 30.31 42.62
CA LYS N 132 7.88 30.14 42.92
C LYS N 132 7.01 31.33 42.53
N LEU N 133 5.94 31.07 41.79
CA LEU N 133 5.22 32.13 41.10
C LEU N 133 4.41 32.99 42.08
N LEU N 134 3.48 32.37 42.80
CA LEU N 134 2.57 33.14 43.64
C LEU N 134 3.23 33.68 44.90
N ASP N 135 3.79 32.83 45.74
CA ASP N 135 4.54 33.30 46.91
C ASP N 135 6.02 33.42 46.57
N GLY N 136 6.82 33.60 47.61
CA GLY N 136 8.26 33.70 47.39
C GLY N 136 8.66 35.13 47.12
N SER N 137 9.23 35.37 45.94
CA SER N 137 9.62 36.71 45.51
C SER N 137 9.38 36.81 44.00
N PHE N 138 8.24 37.39 43.62
CA PHE N 138 7.93 37.66 42.23
C PHE N 138 8.04 39.17 41.98
N GLY N 139 8.92 39.54 41.04
CA GLY N 139 9.22 40.93 40.80
C GLY N 139 8.26 41.66 39.89
N THR N 140 7.11 41.04 39.56
CA THR N 140 6.14 41.61 38.63
C THR N 140 6.83 41.92 37.29
N THR N 141 7.21 40.85 36.61
CA THR N 141 8.13 40.92 35.49
C THR N 141 7.36 41.16 34.18
N SER N 142 8.06 41.04 33.06
CA SER N 142 7.49 41.34 31.75
C SER N 142 8.18 40.44 30.72
N PHE N 143 7.39 39.77 29.89
CA PHE N 143 7.95 38.86 28.88
C PHE N 143 8.16 39.60 27.56
N GLN N 144 9.32 39.37 26.95
CA GLN N 144 9.62 39.96 25.66
C GLN N 144 9.01 39.12 24.54
N VAL N 145 8.46 39.79 23.52
CA VAL N 145 7.72 39.11 22.47
C VAL N 145 8.11 39.56 21.07
N GLY N 146 8.83 40.67 20.92
CA GLY N 146 9.11 41.23 19.61
C GLY N 146 10.61 41.28 19.32
N SER N 147 10.92 41.60 18.07
CA SER N 147 12.29 41.70 17.60
C SER N 147 12.91 43.07 17.85
N ASN N 148 12.27 43.92 18.64
CA ASN N 148 12.79 45.24 18.95
C ASN N 148 13.04 45.35 20.45
N ALA N 149 13.98 46.24 20.80
CA ALA N 149 14.35 46.41 22.20
C ALA N 149 13.21 47.04 22.99
N TYR N 150 13.05 46.57 24.23
CA TYR N 150 12.09 47.11 25.19
C TYR N 150 10.66 46.92 24.72
N GLU N 151 10.45 46.10 23.71
CA GLU N 151 9.11 45.70 23.30
C GLU N 151 8.71 44.45 24.07
N THR N 152 8.00 44.63 25.18
CA THR N 152 7.72 43.54 26.11
C THR N 152 6.25 43.56 26.51
N ILE N 153 5.83 42.49 27.17
CA ILE N 153 4.47 42.34 27.67
C ILE N 153 4.54 42.08 29.17
N ASP N 154 3.91 42.95 29.94
CA ASP N 154 3.97 42.87 31.40
C ASP N 154 2.91 41.94 31.95
N ILE N 155 3.14 41.50 33.19
CA ILE N 155 2.19 40.69 33.94
C ILE N 155 2.10 41.24 35.35
N SER N 156 0.91 41.16 35.94
CA SER N 156 0.65 41.69 37.28
C SER N 156 0.28 40.57 38.22
N LEU N 157 1.07 39.50 38.19
CA LEU N 157 0.85 38.35 39.06
C LEU N 157 0.78 38.79 40.52
N GLN N 158 -0.07 38.13 41.29
CA GLN N 158 -0.28 38.49 42.69
C GLN N 158 1.02 38.34 43.47
N ASN N 159 1.22 39.25 44.43
CA ASN N 159 2.44 39.24 45.23
C ASN N 159 2.55 37.95 46.05
N ALA N 160 1.42 37.46 46.56
CA ALA N 160 1.41 36.25 47.36
C ALA N 160 -0.03 35.78 47.53
N SER N 161 -0.21 34.47 47.51
CA SER N 161 -1.49 33.84 47.80
C SER N 161 -1.45 33.18 49.17
N ALA N 162 -0.60 33.71 50.05
CA ALA N 162 -0.46 33.23 51.41
C ALA N 162 -1.57 33.80 52.29
N SER N 163 -1.42 33.70 53.61
CA SER N 163 -2.43 34.18 54.54
C SER N 163 -2.41 35.71 54.64
N ALA N 164 -1.74 36.37 53.69
CA ALA N 164 -1.75 37.82 53.62
C ALA N 164 -2.81 38.37 52.68
N ILE N 165 -3.45 37.53 51.86
CA ILE N 165 -4.55 37.95 51.00
C ILE N 165 -5.84 37.80 51.78
N GLY N 166 -6.84 38.61 51.45
CA GLY N 166 -8.11 38.59 52.14
C GLY N 166 -8.99 39.77 51.80
N SER N 167 -9.55 40.42 52.82
CA SER N 167 -10.40 41.58 52.66
C SER N 167 -9.61 42.81 53.10
N TYR N 168 -9.12 43.58 52.12
CA TYR N 168 -8.42 44.82 52.41
C TYR N 168 -9.47 45.85 52.82
N GLN N 169 -9.95 45.71 54.05
CA GLN N 169 -11.13 46.46 54.48
C GLN N 169 -11.28 46.53 55.99
N VAL N 170 -11.38 47.74 56.52
CA VAL N 170 -11.76 47.93 57.92
C VAL N 170 -13.28 47.84 58.01
N GLY N 171 -13.95 48.78 57.37
CA GLY N 171 -15.40 48.76 57.22
C GLY N 171 -16.12 49.81 58.03
N SER N 172 -15.75 49.96 59.30
CA SER N 172 -16.28 51.01 60.16
C SER N 172 -15.65 50.99 61.55
N ASN N 173 -15.57 52.17 62.18
CA ASN N 173 -15.49 52.34 63.63
C ASN N 173 -14.41 51.51 64.32
N GLY N 174 -13.49 50.92 63.56
CA GLY N 174 -12.52 50.02 64.15
C GLY N 174 -11.08 50.38 63.88
N ALA N 175 -10.86 51.41 63.05
CA ALA N 175 -9.51 51.86 62.77
C ALA N 175 -9.18 53.12 63.54
N GLY N 176 -8.30 53.02 64.54
CA GLY N 176 -7.89 54.16 65.32
C GLY N 176 -8.85 54.50 66.45
N THR N 177 -9.99 55.10 66.11
CA THR N 177 -11.01 55.47 67.08
C THR N 177 -12.39 55.11 66.53
N VAL N 178 -13.34 54.92 67.44
CA VAL N 178 -14.70 54.64 67.02
C VAL N 178 -15.32 55.91 66.41
N ALA N 179 -16.38 55.70 65.63
CA ALA N 179 -17.07 56.80 64.99
C ALA N 179 -17.89 57.59 66.01
N SER N 180 -18.50 58.68 65.57
CA SER N 180 -19.32 59.52 66.41
C SER N 180 -20.81 59.26 66.24
N VAL N 181 -21.24 58.91 65.03
CA VAL N 181 -22.64 58.61 64.74
C VAL N 181 -22.83 57.14 64.39
N ALA N 182 -21.96 56.58 63.56
CA ALA N 182 -22.05 55.17 63.20
C ALA N 182 -21.85 54.29 64.42
N GLY N 183 -22.80 53.39 64.65
CA GLY N 183 -22.77 52.52 65.80
C GLY N 183 -22.80 53.28 67.11
N THR N 184 -23.51 54.42 67.13
CA THR N 184 -23.57 55.26 68.31
C THR N 184 -24.88 56.05 68.35
N ALA N 185 -25.48 56.15 69.54
CA ALA N 185 -26.69 56.95 69.68
C ALA N 185 -26.37 58.43 69.64
N THR N 186 -27.05 59.15 68.75
CA THR N 186 -26.83 60.57 68.56
C THR N 186 -28.15 61.33 68.63
N ALA N 187 -28.07 62.62 68.93
CA ALA N 187 -29.25 63.47 69.03
C ALA N 187 -29.68 63.98 67.66
N SER N 188 -28.75 64.49 66.86
CA SER N 188 -29.07 64.99 65.53
C SER N 188 -28.98 63.90 64.47
N GLY N 189 -28.13 62.90 64.68
CA GLY N 189 -27.99 61.82 63.73
C GLY N 189 -26.90 62.09 62.72
N ILE N 190 -26.97 61.33 61.61
CA ILE N 190 -26.05 61.49 60.50
C ILE N 190 -26.19 62.90 59.94
N ALA N 191 -25.06 63.57 59.72
CA ALA N 191 -25.05 64.93 59.19
C ALA N 191 -24.82 64.91 57.69
N SER N 192 -25.00 66.09 57.07
CA SER N 192 -24.80 66.23 55.64
C SER N 192 -23.31 66.27 55.31
N GLY N 193 -23.02 66.28 54.01
CA GLY N 193 -21.66 66.33 53.52
C GLY N 193 -21.42 65.21 52.53
N THR N 194 -20.14 64.95 52.26
CA THR N 194 -19.72 63.91 51.34
C THR N 194 -18.61 63.07 51.97
N VAL N 195 -18.39 61.89 51.39
CA VAL N 195 -17.33 61.00 51.85
C VAL N 195 -16.50 60.55 50.65
N ASN N 196 -15.25 60.98 50.61
CA ASN N 196 -14.37 60.60 49.51
C ASN N 196 -14.02 59.12 49.60
N LEU N 197 -14.11 58.43 48.46
CA LEU N 197 -13.84 56.99 48.38
C LEU N 197 -12.93 56.77 47.17
N VAL N 198 -11.63 56.80 47.41
CA VAL N 198 -10.65 56.65 46.34
C VAL N 198 -10.07 55.24 46.38
N GLY N 199 -9.91 54.65 45.20
CA GLY N 199 -9.33 53.33 45.11
C GLY N 199 -9.70 52.60 43.83
N GLY N 200 -8.78 51.78 43.33
CA GLY N 200 -9.01 51.02 42.11
C GLY N 200 -9.26 51.88 40.89
N GLY N 201 -8.35 52.82 40.63
CA GLY N 201 -8.49 53.67 39.46
C GLY N 201 -9.52 54.77 39.62
N GLN N 202 -10.77 54.37 39.83
CA GLN N 202 -11.86 55.34 39.91
C GLN N 202 -11.77 56.17 41.20
N VAL N 203 -12.08 57.45 41.08
CA VAL N 203 -12.19 58.35 42.21
C VAL N 203 -13.65 58.78 42.34
N LYS N 204 -14.21 58.61 43.52
CA LYS N 204 -15.62 58.88 43.76
C LYS N 204 -15.79 59.83 44.94
N ASN N 205 -16.90 60.56 44.93
CA ASN N 205 -17.17 61.54 45.98
C ASN N 205 -18.61 61.42 46.50
N ILE N 206 -19.06 60.21 46.83
CA ILE N 206 -20.44 59.96 47.27
C ILE N 206 -20.85 60.92 48.37
N ALA N 207 -21.95 61.64 48.16
CA ALA N 207 -22.43 62.60 49.14
C ALA N 207 -23.31 61.91 50.17
N ILE N 208 -23.00 62.12 51.44
CA ILE N 208 -23.78 61.57 52.54
C ILE N 208 -24.67 62.67 53.11
N ALA N 209 -25.96 62.61 52.78
CA ALA N 209 -26.91 63.61 53.25
C ALA N 209 -27.29 63.34 54.71
N ALA N 210 -27.82 64.37 55.35
CA ALA N 210 -28.24 64.23 56.74
C ALA N 210 -29.54 63.45 56.84
N GLY N 211 -29.71 62.75 57.95
CA GLY N 211 -30.91 61.98 58.18
C GLY N 211 -30.88 60.61 57.54
N ASP N 212 -29.97 60.42 56.58
CA ASP N 212 -29.85 59.16 55.85
C ASP N 212 -29.55 57.99 56.79
N SER N 213 -30.32 56.91 56.65
CA SER N 213 -30.09 55.72 57.45
C SER N 213 -28.81 55.02 57.00
N ALA N 214 -28.37 54.05 57.80
CA ALA N 214 -27.20 53.25 57.43
C ALA N 214 -27.43 52.50 56.12
N LYS N 215 -28.67 52.04 55.90
CA LYS N 215 -29.04 51.41 54.65
C LYS N 215 -28.78 52.34 53.47
N ALA N 216 -29.18 53.60 53.60
CA ALA N 216 -29.02 54.60 52.55
C ALA N 216 -27.54 54.83 52.25
N ILE N 217 -26.74 55.02 53.29
CA ILE N 217 -25.30 55.22 53.15
C ILE N 217 -24.70 54.03 52.40
N ALA N 218 -25.06 52.82 52.85
CA ALA N 218 -24.55 51.59 52.25
C ALA N 218 -24.88 51.52 50.77
N GLU N 219 -26.16 51.69 50.42
CA GLU N 219 -26.57 51.54 49.03
C GLU N 219 -26.00 52.65 48.15
N LYS N 220 -25.80 53.84 48.73
CA LYS N 220 -25.23 54.95 47.98
C LYS N 220 -23.76 54.73 47.67
N MET N 221 -22.94 54.52 48.71
CA MET N 221 -21.50 54.41 48.50
C MET N 221 -21.10 53.08 47.87
N ASP N 222 -22.05 52.15 47.71
CA ASP N 222 -21.79 50.89 47.03
C ASP N 222 -21.81 51.10 45.52
N GLY N 223 -21.49 50.07 44.74
CA GLY N 223 -21.65 50.12 43.31
C GLY N 223 -20.43 50.64 42.56
N ALA N 224 -20.43 51.96 42.31
CA ALA N 224 -19.46 52.65 41.46
C ALA N 224 -18.02 52.16 41.64
N ILE N 225 -17.56 52.07 42.88
CA ILE N 225 -16.19 51.64 43.17
C ILE N 225 -16.00 50.21 42.70
N PRO N 226 -14.99 49.93 41.89
CA PRO N 226 -14.79 48.56 41.39
C PRO N 226 -14.54 47.57 42.53
N ASN N 227 -15.30 46.48 42.52
CA ASN N 227 -15.14 45.38 43.47
C ASN N 227 -15.28 45.88 44.91
N LEU N 228 -16.47 46.33 45.25
CA LEU N 228 -16.76 46.78 46.60
C LEU N 228 -18.20 46.44 46.95
N SER N 229 -18.39 45.86 48.14
CA SER N 229 -19.70 45.48 48.64
C SER N 229 -20.06 46.40 49.81
N ALA N 230 -21.22 46.15 50.42
CA ALA N 230 -21.68 46.99 51.52
C ALA N 230 -22.71 46.23 52.34
N ARG N 231 -22.55 46.29 53.66
CA ARG N 231 -23.49 45.72 54.60
C ARG N 231 -24.10 46.83 55.46
N ALA N 232 -25.08 46.49 56.29
CA ALA N 232 -25.71 47.46 57.17
C ALA N 232 -26.45 46.77 58.32
N ARG N 233 -26.04 47.05 59.55
CA ARG N 233 -26.72 46.49 60.73
C ARG N 233 -26.75 47.54 61.83
N THR N 234 -27.83 47.53 62.62
CA THR N 234 -28.06 48.51 63.67
C THR N 234 -28.38 47.74 64.96
N VAL N 235 -27.55 46.76 65.28
CA VAL N 235 -27.75 45.93 66.46
C VAL N 235 -27.40 46.73 67.70
N PHE N 236 -28.29 46.72 68.69
CA PHE N 236 -28.06 47.42 69.94
C PHE N 236 -28.80 46.72 71.06
N THR N 237 -28.35 46.97 72.28
CA THR N 237 -28.98 46.42 73.48
C THR N 237 -29.81 47.49 74.18
N ALA N 238 -30.54 47.06 75.21
CA ALA N 238 -31.39 47.95 75.97
C ALA N 238 -31.63 47.33 77.34
N ASP N 239 -32.00 48.16 78.31
CA ASP N 239 -32.26 47.70 79.67
CA ASP N 239 -32.26 47.70 79.66
C ASP N 239 -33.16 48.71 80.35
N VAL N 240 -34.38 48.28 80.70
CA VAL N 240 -35.34 49.15 81.37
C VAL N 240 -35.17 48.99 82.87
N SER N 241 -34.77 50.06 83.55
CA SER N 241 -34.57 50.04 84.99
C SER N 241 -34.87 51.41 85.57
N GLY N 242 -35.05 51.45 86.89
CA GLY N 242 -35.30 52.69 87.58
C GLY N 242 -36.74 53.16 87.51
N VAL N 243 -37.60 52.36 86.89
CA VAL N 243 -39.01 52.73 86.72
C VAL N 243 -39.67 52.92 88.07
N THR N 244 -40.13 54.15 88.33
CA THR N 244 -40.77 54.48 89.59
C THR N 244 -41.94 55.42 89.33
N GLY N 245 -43.10 55.05 89.87
CA GLY N 245 -44.30 55.87 89.77
C GLY N 245 -44.72 56.20 88.36
N GLY N 246 -45.15 55.19 87.60
CA GLY N 246 -45.62 55.38 86.25
C GLY N 246 -44.94 54.44 85.27
N SER N 247 -45.40 54.54 84.03
CA SER N 247 -44.90 53.71 82.94
C SER N 247 -43.97 54.53 82.05
N LEU N 248 -43.11 53.81 81.31
CA LEU N 248 -42.12 54.43 80.43
C LEU N 248 -42.61 54.57 79.00
N ASN N 249 -43.91 54.80 78.81
CA ASN N 249 -44.52 54.91 77.48
C ASN N 249 -43.76 55.87 76.58
N PHE N 250 -43.24 55.37 75.46
CA PHE N 250 -42.41 56.18 74.58
C PHE N 250 -42.62 55.73 73.13
N ASP N 251 -42.21 56.60 72.22
CA ASP N 251 -42.40 56.38 70.79
C ASP N 251 -41.18 55.70 70.18
N VAL N 252 -41.43 54.82 69.20
CA VAL N 252 -40.38 54.12 68.48
C VAL N 252 -40.60 54.39 66.99
N THR N 253 -39.65 55.09 66.37
CA THR N 253 -39.72 55.41 64.95
C THR N 253 -38.62 54.66 64.22
N VAL N 254 -39.00 53.87 63.21
CA VAL N 254 -38.05 53.08 62.43
C VAL N 254 -38.37 53.26 60.96
N GLY N 255 -37.57 54.09 60.28
CA GLY N 255 -37.74 54.31 58.85
C GLY N 255 -39.09 54.90 58.49
N SER N 256 -39.92 54.11 57.83
CA SER N 256 -41.26 54.53 57.42
C SER N 256 -42.31 54.22 58.47
N ASN N 257 -42.43 52.97 58.88
CA ASN N 257 -43.38 52.58 59.92
C ASN N 257 -43.01 53.20 61.25
N THR N 258 -44.02 53.67 61.98
CA THR N 258 -43.80 54.32 63.26
C THR N 258 -44.92 53.91 64.20
N VAL N 259 -44.54 53.37 65.37
CA VAL N 259 -45.50 52.93 66.37
C VAL N 259 -45.20 53.64 67.69
N SER N 260 -46.10 53.51 68.66
CA SER N 260 -45.95 54.16 69.96
C SER N 260 -46.29 53.13 71.04
N LEU N 261 -45.25 52.57 71.65
CA LEU N 261 -45.45 51.55 72.67
C LEU N 261 -45.98 52.18 73.96
N ALA N 262 -46.38 51.30 74.89
CA ALA N 262 -46.88 51.73 76.19
C ALA N 262 -46.66 50.58 77.18
N GLY N 263 -46.91 50.86 78.45
CA GLY N 263 -46.85 49.84 79.48
C GLY N 263 -45.45 49.38 79.82
N VAL N 264 -44.44 49.98 79.20
CA VAL N 264 -43.06 49.61 79.43
C VAL N 264 -42.66 49.95 80.87
N THR N 265 -42.39 48.92 81.68
CA THR N 265 -41.95 49.14 83.05
C THR N 265 -40.78 48.27 83.47
N SER N 266 -40.31 47.36 82.61
CA SER N 266 -39.21 46.48 82.97
C SER N 266 -38.60 45.91 81.70
N THR N 267 -37.49 45.19 81.87
CA THR N 267 -36.79 44.59 80.74
C THR N 267 -37.67 43.64 79.94
N GLN N 268 -38.39 42.76 80.65
CA GLN N 268 -39.20 41.75 79.98
C GLN N 268 -40.39 42.36 79.25
N ASP N 269 -41.00 43.38 79.86
CA ASP N 269 -42.18 44.02 79.27
C ASP N 269 -41.84 44.66 77.93
N LEU N 270 -40.79 45.47 77.89
CA LEU N 270 -40.36 46.10 76.65
C LEU N 270 -40.04 45.04 75.60
N ALA N 271 -39.33 43.99 76.00
CA ALA N 271 -38.97 42.90 75.10
C ALA N 271 -40.21 42.29 74.47
N ASP N 272 -41.23 42.02 75.29
CA ASP N 272 -42.48 41.45 74.81
C ASP N 272 -43.18 42.40 73.85
N GLN N 273 -43.22 43.68 74.19
CA GLN N 273 -43.89 44.66 73.31
C GLN N 273 -43.18 44.77 71.97
N LEU N 274 -41.85 44.73 71.96
CA LEU N 274 -41.13 44.73 70.68
C LEU N 274 -41.42 43.45 69.89
N ASN N 275 -41.28 42.30 70.55
CA ASN N 275 -41.43 41.02 69.84
C ASN N 275 -42.82 40.90 69.23
N SER N 276 -43.86 41.28 69.98
CA SER N 276 -45.22 41.24 69.46
C SER N 276 -45.39 42.22 68.30
N ASN N 277 -44.70 43.36 68.38
CA ASN N 277 -44.81 44.40 67.36
C ASN N 277 -43.70 44.34 66.33
N SER N 278 -42.80 43.35 66.43
CA SER N 278 -41.60 43.30 65.60
C SER N 278 -41.91 43.28 64.10
N SER N 279 -42.86 42.44 63.70
CA SER N 279 -43.21 42.28 62.29
C SER N 279 -43.62 43.60 61.65
N LYS N 280 -44.32 44.44 62.41
CA LYS N 280 -44.78 45.73 61.88
C LYS N 280 -43.60 46.64 61.55
N LEU N 281 -42.62 46.72 62.46
CA LEU N 281 -41.45 47.57 62.23
C LEU N 281 -40.37 46.83 61.46
N GLY N 282 -40.55 45.53 61.26
CA GLY N 282 -39.55 44.76 60.53
C GLY N 282 -38.26 44.58 61.28
N ILE N 283 -38.35 44.37 62.60
CA ILE N 283 -37.19 44.19 63.44
C ILE N 283 -37.27 42.78 64.02
N THR N 284 -36.15 42.25 64.52
CA THR N 284 -36.10 40.92 65.13
C THR N 284 -35.71 41.08 66.60
N ALA N 285 -36.73 41.29 67.44
CA ALA N 285 -36.52 41.46 68.88
C ALA N 285 -36.34 40.11 69.57
N SER N 286 -35.14 39.84 70.06
CA SER N 286 -34.81 38.58 70.72
C SER N 286 -34.30 38.89 72.13
N ILE N 287 -34.98 38.34 73.13
CA ILE N 287 -34.53 38.46 74.51
C ILE N 287 -33.63 37.27 74.83
N ASN N 288 -32.46 37.55 75.39
CA ASN N 288 -31.49 36.51 75.68
C ASN N 288 -31.77 35.89 77.04
N ASP N 289 -30.95 34.90 77.41
CA ASP N 289 -31.11 34.23 78.69
C ASP N 289 -30.84 35.18 79.85
N LYS N 290 -29.97 36.16 79.64
CA LYS N 290 -29.62 37.11 80.69
C LYS N 290 -30.61 38.27 80.71
N GLY N 291 -31.68 38.16 79.94
CA GLY N 291 -32.73 39.16 79.96
C GLY N 291 -32.48 40.37 79.08
N VAL N 292 -31.22 40.84 79.04
CA VAL N 292 -30.86 42.06 78.31
C VAL N 292 -31.31 41.99 76.87
N LEU N 293 -31.95 43.06 76.41
CA LEU N 293 -32.45 43.16 75.04
C LEU N 293 -31.34 43.00 74.02
N THR N 294 -31.62 42.28 72.93
CA THR N 294 -30.68 42.08 71.82
C THR N 294 -31.27 42.51 70.50
N ILE N 295 -31.87 43.72 70.45
CA ILE N 295 -32.56 44.22 69.27
C ILE N 295 -31.65 44.12 68.05
N THR N 296 -32.13 43.45 67.00
CA THR N 296 -31.37 43.21 65.79
C THR N 296 -32.16 43.67 64.59
N SER N 297 -31.49 44.42 63.71
CA SER N 297 -32.11 44.93 62.50
C SER N 297 -31.72 44.07 61.30
N ALA N 298 -32.54 44.13 60.26
CA ALA N 298 -32.31 43.32 59.08
C ALA N 298 -31.28 43.94 58.15
N THR N 299 -31.56 45.14 57.66
CA THR N 299 -30.71 45.80 56.66
C THR N 299 -30.22 47.16 57.17
N GLY N 300 -29.90 47.20 58.46
CA GLY N 300 -29.36 48.40 59.06
C GLY N 300 -30.28 49.60 59.00
N GLU N 301 -31.38 49.55 59.75
CA GLU N 301 -32.37 50.63 59.74
C GLU N 301 -31.88 51.81 60.58
N ASN N 302 -32.78 52.76 60.84
CA ASN N 302 -32.43 53.98 61.54
C ASN N 302 -33.32 54.18 62.75
N VAL N 303 -33.46 53.13 63.57
CA VAL N 303 -34.35 53.11 64.73
C VAL N 303 -34.14 54.37 65.59
N LYS N 304 -35.24 54.99 65.98
CA LYS N 304 -35.21 56.21 66.77
C LYS N 304 -36.00 55.99 68.06
N PHE N 305 -35.88 56.93 69.00
CA PHE N 305 -36.56 56.81 70.28
C PHE N 305 -37.33 58.09 70.55
N GLY N 306 -38.59 57.95 70.94
CA GLY N 306 -39.45 59.11 71.19
C GLY N 306 -39.19 59.78 72.53
N ALA N 307 -40.25 60.33 73.12
CA ALA N 307 -40.17 61.02 74.40
C ALA N 307 -40.99 60.27 75.44
N GLN N 308 -40.82 60.66 76.70
CA GLN N 308 -41.50 60.02 77.82
C GLN N 308 -42.95 60.50 77.89
N THR N 309 -43.80 59.86 77.08
CA THR N 309 -45.22 60.20 77.07
C THR N 309 -45.94 59.65 78.30
N GLY N 310 -45.35 58.67 78.97
CA GLY N 310 -45.97 58.08 80.13
C GLY N 310 -45.93 58.98 81.34
N THR N 311 -46.24 58.38 82.49
CA THR N 311 -46.31 59.10 83.75
C THR N 311 -45.16 58.79 84.69
N ALA N 312 -44.15 58.04 84.24
CA ALA N 312 -43.02 57.67 85.08
C ALA N 312 -42.28 58.90 85.59
N THR N 313 -42.09 58.96 86.91
CA THR N 313 -41.36 60.06 87.52
C THR N 313 -39.87 59.97 87.20
N ALA N 314 -39.26 58.83 87.55
CA ALA N 314 -37.84 58.60 87.30
C ALA N 314 -37.68 57.32 86.49
N GLY N 315 -36.44 56.97 86.18
CA GLY N 315 -36.13 55.80 85.39
C GLY N 315 -35.76 56.15 83.96
N GLN N 316 -35.06 55.21 83.33
CA GLN N 316 -34.59 55.40 81.97
C GLN N 316 -34.16 54.10 81.32
N VAL N 317 -33.70 54.18 80.08
CA VAL N 317 -33.17 53.03 79.34
C VAL N 317 -32.00 53.50 78.49
N ALA N 318 -30.92 52.73 78.49
CA ALA N 318 -29.71 53.09 77.75
C ALA N 318 -29.53 52.12 76.58
N VAL N 319 -28.53 52.40 75.75
CA VAL N 319 -28.22 51.58 74.59
C VAL N 319 -26.71 51.40 74.52
N LYS N 320 -26.29 50.28 73.92
CA LYS N 320 -24.88 49.95 73.78
C LYS N 320 -24.54 49.50 72.37
N VAL N 321 -24.94 50.26 71.35
CA VAL N 321 -24.90 49.87 69.95
C VAL N 321 -23.54 49.26 69.58
N GLN N 322 -23.56 48.06 69.03
CA GLN N 322 -22.32 47.41 68.63
C GLN N 322 -21.97 47.77 67.19
N GLY N 323 -20.73 47.50 66.81
CA GLY N 323 -20.27 47.77 65.47
C GLY N 323 -19.64 46.57 64.79
N SER N 324 -18.78 46.81 63.81
CA SER N 324 -18.08 45.71 63.16
C SER N 324 -17.16 44.99 64.12
N ASP N 325 -16.71 45.66 65.18
CA ASP N 325 -15.84 45.05 66.16
C ASP N 325 -16.53 43.96 66.96
N GLY N 326 -17.86 43.94 66.98
CA GLY N 326 -18.59 42.89 67.66
C GLY N 326 -18.93 43.21 69.10
N LYS N 327 -17.97 43.79 69.83
CA LYS N 327 -18.19 44.10 71.24
C LYS N 327 -19.09 45.32 71.39
N PHE N 328 -20.12 45.20 72.24
CA PHE N 328 -21.00 46.31 72.55
C PHE N 328 -20.26 47.38 73.32
N GLU N 329 -20.54 48.65 73.02
CA GLU N 329 -19.89 49.75 73.72
C GLU N 329 -20.19 49.70 75.22
N ALA N 330 -19.14 49.89 76.03
CA ALA N 330 -19.29 49.86 77.49
C ALA N 330 -20.06 51.08 77.99
N ALA N 331 -20.27 52.07 77.11
CA ALA N 331 -20.97 53.28 77.49
C ALA N 331 -22.45 53.00 77.76
N ALA N 332 -23.16 54.01 78.30
CA ALA N 332 -24.57 53.85 78.62
C ALA N 332 -25.40 55.04 78.13
N LYS N 333 -25.22 55.44 76.87
CA LYS N 333 -25.91 56.58 76.29
C LYS N 333 -27.42 56.46 76.45
N ASN N 334 -28.01 57.39 77.19
CA ASN N 334 -29.45 57.36 77.44
C ASN N 334 -30.23 57.76 76.20
N VAL N 335 -31.29 57.01 75.92
CA VAL N 335 -32.17 57.33 74.80
C VAL N 335 -33.51 57.84 75.33
N VAL N 336 -34.14 57.07 76.21
CA VAL N 336 -35.39 57.51 76.81
C VAL N 336 -35.21 57.61 78.32
N ALA N 337 -35.61 58.75 78.87
CA ALA N 337 -35.50 58.98 80.31
C ALA N 337 -36.73 59.73 80.80
N ALA N 338 -37.15 59.43 82.02
CA ALA N 338 -38.29 60.11 82.62
C ALA N 338 -37.90 61.51 83.07
N GLY N 339 -38.87 62.34 83.39
CA GLY N 339 -38.61 63.71 83.77
C GLY N 339 -37.91 64.49 82.68
N THR N 340 -36.64 64.80 82.89
CA THR N 340 -35.82 65.48 81.89
C THR N 340 -35.42 64.45 80.83
N ALA N 341 -35.95 64.61 79.62
CA ALA N 341 -35.66 63.67 78.55
C ALA N 341 -34.21 63.79 78.11
N ALA N 342 -33.70 62.73 77.50
CA ALA N 342 -32.31 62.70 77.03
C ALA N 342 -32.18 63.41 75.69
N THR N 343 -31.00 63.32 75.08
CA THR N 343 -30.77 63.97 73.79
C THR N 343 -30.55 62.94 72.69
N THR N 344 -29.60 62.04 72.89
CA THR N 344 -29.28 61.02 71.90
C THR N 344 -30.41 60.02 71.76
N THR N 345 -31.18 60.11 70.67
CA THR N 345 -32.31 59.22 70.45
C THR N 345 -32.29 58.54 69.09
N ILE N 346 -31.56 59.06 68.12
CA ILE N 346 -31.51 58.47 66.78
C ILE N 346 -30.38 57.46 66.72
N VAL N 347 -30.69 56.20 67.04
CA VAL N 347 -29.69 55.14 67.01
C VAL N 347 -29.33 54.81 65.56
N THR N 348 -28.06 54.94 65.22
CA THR N 348 -27.57 54.62 63.89
C THR N 348 -26.51 53.54 64.00
N GLY N 349 -26.61 52.52 63.16
CA GLY N 349 -25.72 51.38 63.21
C GLY N 349 -24.42 51.63 62.47
N TYR N 350 -23.65 50.56 62.32
CA TYR N 350 -22.38 50.60 61.63
C TYR N 350 -22.56 50.24 60.16
N VAL N 351 -21.70 50.81 59.31
CA VAL N 351 -21.88 50.72 57.86
C VAL N 351 -20.69 49.93 57.32
N GLN N 352 -20.22 48.96 58.12
CA GLN N 352 -19.10 48.12 57.69
C GLN N 352 -19.39 47.49 56.34
N LEU N 353 -18.46 47.68 55.41
CA LEU N 353 -18.56 47.11 54.08
C LEU N 353 -17.36 46.20 53.82
N ASN N 354 -17.25 45.73 52.58
CA ASN N 354 -16.19 44.81 52.20
C ASN N 354 -15.65 45.17 50.82
N SER N 355 -14.37 44.91 50.62
CA SER N 355 -13.70 45.20 49.34
C SER N 355 -12.42 44.39 49.22
N PRO N 356 -12.24 43.64 48.13
CA PRO N 356 -10.99 42.88 47.97
C PRO N 356 -9.77 43.76 47.76
N THR N 357 -9.86 44.75 46.88
CA THR N 357 -8.73 45.60 46.57
C THR N 357 -8.51 46.60 47.72
N ALA N 358 -7.50 47.46 47.56
CA ALA N 358 -7.15 48.45 48.57
C ALA N 358 -7.92 49.73 48.30
N TYR N 359 -8.69 50.17 49.29
CA TYR N 359 -9.50 51.37 49.19
C TYR N 359 -8.88 52.49 50.01
N SER N 360 -9.56 53.64 50.05
CA SER N 360 -9.13 54.77 50.86
C SER N 360 -10.32 55.70 51.05
N VAL N 361 -10.73 55.90 52.31
CA VAL N 361 -11.87 56.74 52.64
C VAL N 361 -11.38 58.00 53.34
N SER N 362 -11.98 59.14 53.00
CA SER N 362 -11.67 60.40 53.64
C SER N 362 -12.89 61.30 53.53
N GLY N 363 -12.86 62.41 54.28
CA GLY N 363 -13.98 63.34 54.28
C GLY N 363 -13.68 64.64 54.99
N THR N 364 -14.22 65.74 54.46
CA THR N 364 -14.00 67.06 55.05
C THR N 364 -14.69 67.15 56.41
N GLY N 365 -13.94 67.64 57.40
CA GLY N 365 -14.48 67.82 58.74
C GLY N 365 -14.88 66.53 59.41
N THR N 366 -16.12 66.46 59.89
CA THR N 366 -16.61 65.30 60.61
C THR N 366 -17.42 64.34 59.74
N GLN N 367 -17.55 64.62 58.44
CA GLN N 367 -18.32 63.79 57.54
C GLN N 367 -17.75 62.36 57.49
N ALA N 368 -16.43 62.24 57.62
CA ALA N 368 -15.80 60.92 57.59
C ALA N 368 -15.77 60.31 58.99
N SER N 369 -15.46 61.12 60.01
CA SER N 369 -15.32 60.63 61.37
C SER N 369 -16.63 60.05 61.90
N GLN N 370 -17.76 60.63 61.47
CA GLN N 370 -19.05 60.18 61.97
C GLN N 370 -19.37 58.76 61.51
N VAL N 371 -18.73 58.29 60.45
CA VAL N 371 -19.01 56.98 59.89
C VAL N 371 -17.84 56.02 60.05
N PHE N 372 -16.62 56.49 59.82
CA PHE N 372 -15.44 55.62 59.81
C PHE N 372 -14.47 55.99 60.93
N GLY N 373 -14.63 57.18 61.51
CA GLY N 373 -13.73 57.58 62.57
C GLY N 373 -12.34 57.89 62.07
N ASN N 374 -11.34 57.37 62.80
CA ASN N 374 -9.94 57.66 62.49
C ASN N 374 -9.47 56.91 61.25
N ALA N 375 -10.30 55.98 60.76
CA ALA N 375 -9.99 55.18 59.58
C ALA N 375 -9.49 56.04 58.42
N SER N 376 -8.33 55.69 57.87
CA SER N 376 -7.72 56.54 56.85
C SER N 376 -7.69 55.87 55.49
N ALA N 377 -7.04 54.71 55.37
CA ALA N 377 -6.98 54.08 54.06
C ALA N 377 -7.66 52.71 54.00
N ALA N 378 -7.17 51.76 54.78
CA ALA N 378 -7.63 50.37 54.68
C ALA N 378 -6.97 49.55 55.77
N GLN N 379 -7.22 48.23 55.73
CA GLN N 379 -6.49 47.25 56.51
C GLN N 379 -6.17 46.05 55.63
N LYS N 380 -5.72 44.95 56.24
CA LYS N 380 -5.40 43.74 55.49
C LYS N 380 -6.29 42.60 55.95
N SER N 381 -6.73 42.66 57.21
CA SER N 381 -7.62 41.71 57.86
C SER N 381 -6.92 40.39 58.16
N SER N 382 -5.72 40.19 57.59
CA SER N 382 -4.79 39.12 57.96
C SER N 382 -5.49 37.81 58.27
N VAL N 383 -6.20 37.24 57.30
CA VAL N 383 -7.10 36.13 57.62
C VAL N 383 -6.31 34.84 57.84
N ALA N 384 -5.97 34.59 59.10
CA ALA N 384 -5.54 33.28 59.56
C ALA N 384 -6.24 32.99 60.88
N SER N 385 -6.68 34.05 61.54
CA SER N 385 -7.35 34.15 62.83
C SER N 385 -8.86 34.08 62.73
N VAL N 386 -9.41 33.36 61.74
CA VAL N 386 -10.84 33.29 61.50
C VAL N 386 -11.63 33.05 62.78
N ASP N 387 -11.05 32.28 63.71
CA ASP N 387 -11.73 31.88 64.94
C ASP N 387 -13.07 31.29 64.54
N ILE N 388 -13.04 30.17 63.82
CA ILE N 388 -14.27 29.62 63.24
C ILE N 388 -15.17 29.04 64.31
N SER N 389 -14.65 28.88 65.53
CA SER N 389 -15.43 28.40 66.66
C SER N 389 -16.54 29.37 67.01
N THR N 390 -16.22 30.67 67.03
CA THR N 390 -17.18 31.68 67.44
C THR N 390 -18.04 32.11 66.26
N ALA N 391 -19.29 32.49 66.55
CA ALA N 391 -20.26 32.86 65.52
C ALA N 391 -19.83 34.09 64.74
N ASP N 392 -19.66 35.21 65.43
CA ASP N 392 -19.26 36.46 64.77
C ASP N 392 -17.93 36.29 64.05
N GLY N 393 -17.03 35.51 64.64
CA GLY N 393 -15.79 35.15 63.99
C GLY N 393 -16.05 34.40 62.70
N ALA N 394 -17.05 33.52 62.71
CA ALA N 394 -17.41 32.76 61.52
C ALA N 394 -17.94 33.67 60.42
N GLN N 395 -18.79 34.62 60.78
CA GLN N 395 -19.32 35.55 59.78
C GLN N 395 -18.22 36.43 59.21
N ASN N 396 -17.31 36.89 60.07
CA ASN N 396 -16.17 37.67 59.60
C ASN N 396 -15.30 36.84 58.65
N ALA N 397 -15.10 35.56 58.99
CA ALA N 397 -14.35 34.67 58.11
C ALA N 397 -15.04 34.52 56.77
N ILE N 398 -16.36 34.40 56.78
CA ILE N 398 -17.16 34.31 55.56
C ILE N 398 -16.89 35.54 54.70
N ALA N 399 -17.02 36.73 55.29
CA ALA N 399 -16.82 37.96 54.54
C ALA N 399 -15.42 38.04 53.95
N VAL N 400 -14.40 37.71 54.75
CA VAL N 400 -13.03 37.89 54.29
C VAL N 400 -12.68 36.86 53.22
N VAL N 401 -13.28 35.66 53.30
CA VAL N 401 -12.97 34.69 52.25
C VAL N 401 -13.71 35.03 50.98
N ASP N 402 -14.92 35.61 51.08
CA ASP N 402 -15.58 36.13 49.88
C ASP N 402 -14.70 37.17 49.19
N ASN N 403 -14.19 38.14 49.97
CA ASN N 403 -13.33 39.15 49.36
C ASN N 403 -12.05 38.54 48.79
N ALA N 404 -11.46 37.57 49.50
CA ALA N 404 -10.22 36.96 49.02
C ALA N 404 -10.44 36.22 47.70
N LEU N 405 -11.53 35.47 47.61
CA LEU N 405 -11.81 34.75 46.36
C LEU N 405 -12.18 35.72 45.25
N ALA N 406 -12.85 36.82 45.57
CA ALA N 406 -13.10 37.84 44.54
C ALA N 406 -11.79 38.39 43.99
N ALA N 407 -10.85 38.70 44.89
CA ALA N 407 -9.55 39.21 44.45
C ALA N 407 -8.80 38.17 43.61
N ILE N 408 -8.85 36.91 44.04
CA ILE N 408 -8.06 35.89 43.34
C ILE N 408 -8.70 35.55 42.00
N ASP N 409 -10.02 35.70 41.89
CA ASP N 409 -10.67 35.53 40.59
C ASP N 409 -10.38 36.72 39.68
N ALA N 410 -10.24 37.92 40.25
CA ALA N 410 -9.74 39.03 39.45
C ALA N 410 -8.33 38.75 38.95
N GLN N 411 -7.50 38.13 39.78
CA GLN N 411 -6.17 37.72 39.34
C GLN N 411 -6.25 36.68 38.23
N ARG N 412 -7.15 35.72 38.36
CA ARG N 412 -7.35 34.72 37.30
C ARG N 412 -7.81 35.37 36.01
N ALA N 413 -8.65 36.41 36.11
CA ALA N 413 -9.09 37.12 34.91
C ALA N 413 -7.93 37.88 34.28
N ASP N 414 -7.07 38.47 35.11
CA ASP N 414 -5.86 39.12 34.58
C ASP N 414 -4.99 38.11 33.84
N LEU N 415 -4.83 36.92 34.42
CA LEU N 415 -4.05 35.87 33.77
C LEU N 415 -4.70 35.45 32.45
N ALA N 416 -6.02 35.31 32.44
CA ALA N 416 -6.73 34.97 31.21
C ALA N 416 -6.50 36.01 30.14
N ALA N 417 -6.58 37.29 30.51
CA ALA N 417 -6.38 38.36 29.55
C ALA N 417 -4.95 38.33 28.99
N VAL N 418 -3.95 38.23 29.87
CA VAL N 418 -2.57 38.30 29.40
C VAL N 418 -2.22 37.07 28.58
N GLN N 419 -2.87 35.94 28.87
CA GLN N 419 -2.58 34.74 28.09
C GLN N 419 -3.30 34.71 26.75
N ASN N 420 -4.52 35.24 26.67
CA ASN N 420 -5.13 35.47 25.36
C ASN N 420 -4.26 36.41 24.54
N ARG N 421 -3.73 37.45 25.19
CA ARG N 421 -2.78 38.34 24.54
C ARG N 421 -1.55 37.59 24.07
N PHE N 422 -1.06 36.65 24.87
CA PHE N 422 0.12 35.87 24.51
C PHE N 422 -0.14 35.01 23.27
N LYS N 423 -1.28 34.33 23.23
CA LYS N 423 -1.58 33.49 22.08
C LYS N 423 -1.79 34.33 20.82
N ASN N 424 -2.44 35.49 20.97
CA ASN N 424 -2.61 36.36 19.82
C ASN N 424 -1.27 36.87 19.32
N THR N 425 -0.37 37.21 20.24
CA THR N 425 0.98 37.64 19.84
C THR N 425 1.71 36.52 19.12
N ILE N 426 1.58 35.27 19.59
CA ILE N 426 2.31 34.20 18.94
C ILE N 426 1.78 33.97 17.54
N ASP N 427 0.45 34.10 17.35
CA ASP N 427 -0.09 33.99 15.99
C ASP N 427 0.39 35.13 15.10
N ASN N 428 0.36 36.36 15.61
CA ASN N 428 0.79 37.51 14.81
C ASN N 428 2.26 37.39 14.43
N LEU N 429 3.10 36.99 15.39
CA LEU N 429 4.53 36.86 15.11
C LEU N 429 4.80 35.71 14.16
N THR N 430 4.03 34.62 14.25
CA THR N 430 4.18 33.55 13.27
C THR N 430 3.83 34.03 11.87
N ASN N 431 2.76 34.82 11.74
CA ASN N 431 2.38 35.36 10.44
C ASN N 431 3.46 36.28 9.89
N ILE N 432 3.97 37.18 10.73
CA ILE N 432 5.03 38.10 10.29
C ILE N 432 6.28 37.32 9.91
N SER N 433 6.57 36.24 10.64
CA SER N 433 7.75 35.43 10.32
C SER N 433 7.59 34.73 8.98
N GLU N 434 6.41 34.17 8.71
CA GLU N 434 6.18 33.55 7.41
C GLU N 434 6.29 34.57 6.28
N ASN N 435 5.73 35.76 6.48
CA ASN N 435 5.79 36.77 5.43
C ASN N 435 7.22 37.24 5.19
N ALA N 436 7.99 37.42 6.27
CA ALA N 436 9.38 37.80 6.12
C ALA N 436 10.20 36.69 5.48
N THR N 437 9.85 35.43 5.74
CA THR N 437 10.53 34.32 5.08
C THR N 437 10.21 34.30 3.59
N ASN N 438 8.96 34.60 3.24
CA ASN N 438 8.60 34.71 1.83
C ASN N 438 9.38 35.85 1.16
N ALA N 439 9.54 36.97 1.86
CA ALA N 439 10.34 38.07 1.33
C ALA N 439 11.80 37.65 1.15
N ARG N 440 12.35 36.96 2.15
CA ARG N 440 13.73 36.50 2.07
C ARG N 440 13.93 35.53 0.91
N SER N 441 12.93 34.70 0.64
CA SER N 441 13.02 33.79 -0.51
C SER N 441 12.95 34.57 -1.81
N ARG N 442 11.96 35.45 -1.96
CA ARG N 442 11.81 36.22 -3.18
C ARG N 442 13.01 37.11 -3.47
N ILE N 443 13.77 37.49 -2.43
CA ILE N 443 14.98 38.28 -2.63
C ILE N 443 16.24 37.44 -2.71
N LYS N 444 16.21 36.19 -2.25
CA LYS N 444 17.39 35.34 -2.17
C LYS N 444 17.26 34.01 -2.89
N ASP N 445 16.11 33.34 -2.78
CA ASP N 445 15.96 32.01 -3.35
C ASP N 445 16.08 32.10 -4.87
N THR N 446 17.09 31.44 -5.43
CA THR N 446 17.31 31.49 -6.86
C THR N 446 16.19 30.76 -7.60
N ASP N 447 15.65 31.42 -8.62
CA ASP N 447 14.71 30.79 -9.54
C ASP N 447 15.47 29.99 -10.60
N PHE N 448 16.19 28.97 -10.13
CA PHE N 448 17.13 28.21 -10.94
C PHE N 448 16.49 27.56 -12.16
N ALA N 449 15.18 27.70 -12.35
CA ALA N 449 14.56 27.34 -13.62
C ALA N 449 15.14 28.16 -14.77
N ALA N 450 15.76 29.31 -14.47
CA ALA N 450 16.45 30.10 -15.48
C ALA N 450 17.97 30.05 -15.34
N GLU N 451 18.51 29.96 -14.13
CA GLU N 451 19.94 29.79 -13.97
C GLU N 451 20.45 28.43 -14.45
N THR N 452 19.60 27.40 -14.50
CA THR N 452 19.99 26.15 -15.15
C THR N 452 20.26 26.38 -16.64
N ALA N 453 19.33 27.05 -17.32
CA ALA N 453 19.56 27.41 -18.71
C ALA N 453 20.78 28.31 -18.85
N ALA N 454 20.98 29.22 -17.89
CA ALA N 454 22.12 30.13 -17.95
C ALA N 454 23.43 29.37 -17.84
N LEU N 455 23.53 28.43 -16.90
CA LEU N 455 24.77 27.69 -16.72
C LEU N 455 25.00 26.74 -17.89
N SER N 456 23.93 26.17 -18.46
CA SER N 456 24.10 25.36 -19.65
C SER N 456 24.61 26.21 -20.81
N LYS N 457 24.09 27.42 -20.96
CA LYS N 457 24.57 28.34 -21.99
C LYS N 457 26.04 28.68 -21.76
N ASN N 458 26.43 28.91 -20.51
CA ASN N 458 27.82 29.25 -20.22
C ASN N 458 28.73 28.07 -20.54
N GLN N 459 28.30 26.86 -20.22
CA GLN N 459 29.09 25.67 -20.58
C GLN N 459 29.19 25.51 -22.09
N VAL N 460 28.09 25.80 -22.80
CA VAL N 460 28.11 25.75 -24.26
C VAL N 460 29.11 26.73 -24.82
N LEU N 461 29.10 27.96 -24.31
CA LEU N 461 30.03 28.98 -24.78
C LEU N 461 31.46 28.61 -24.43
N GLN N 462 31.67 27.98 -23.28
CA GLN N 462 33.00 27.52 -22.90
C GLN N 462 33.52 26.48 -23.89
N GLN N 463 32.71 25.45 -24.17
CA GLN N 463 33.13 24.44 -25.14
C GLN N 463 33.36 25.05 -26.52
N ALA N 464 32.48 25.97 -26.93
CA ALA N 464 32.63 26.62 -28.22
C ALA N 464 33.95 27.37 -28.29
N GLY N 465 34.26 28.16 -27.25
CA GLY N 465 35.49 28.93 -27.26
C GLY N 465 36.72 28.05 -27.22
N THR N 466 36.65 26.92 -26.52
CA THR N 466 37.76 25.97 -26.55
C THR N 466 37.97 25.44 -27.95
N ALA N 467 36.88 25.11 -28.65
CA ALA N 467 37.00 24.65 -30.03
C ALA N 467 37.59 25.74 -30.92
N ILE N 468 37.16 26.99 -30.72
CA ILE N 468 37.69 28.11 -31.49
C ILE N 468 39.19 28.29 -31.23
N LEU N 469 39.62 28.16 -29.99
CA LEU N 469 41.05 28.28 -29.70
C LEU N 469 41.83 27.16 -30.36
N ALA N 470 41.32 25.93 -30.27
CA ALA N 470 41.99 24.80 -30.90
C ALA N 470 42.06 24.95 -32.41
N GLN N 471 41.07 25.61 -33.01
CA GLN N 471 41.08 25.82 -34.44
C GLN N 471 41.99 26.99 -34.84
N ALA N 472 42.04 28.04 -34.03
CA ALA N 472 42.79 29.23 -34.38
C ALA N 472 44.29 29.07 -34.10
N ASN N 473 44.65 28.18 -33.18
CA ASN N 473 46.06 27.96 -32.90
C ASN N 473 46.74 27.24 -34.07
N GLN N 474 45.94 26.69 -34.99
CA GLN N 474 46.47 25.94 -36.13
C GLN N 474 46.70 26.81 -37.36
N LEU N 475 46.21 28.05 -37.38
CA LEU N 475 46.39 28.90 -38.55
C LEU N 475 47.86 29.25 -38.80
N PRO N 476 48.60 29.80 -37.82
CA PRO N 476 50.01 30.14 -38.11
C PRO N 476 50.84 28.94 -38.50
N GLN N 477 50.62 27.79 -37.85
CA GLN N 477 51.33 26.57 -38.22
C GLN N 477 51.14 26.26 -39.70
N ALA N 478 49.88 26.23 -40.14
CA ALA N 478 49.59 25.90 -41.54
C ALA N 478 50.19 26.92 -42.50
N VAL N 479 50.00 28.21 -42.23
CA VAL N 479 50.43 29.21 -43.20
C VAL N 479 51.96 29.25 -43.30
N LEU N 480 52.65 29.12 -42.17
CA LEU N 480 54.13 29.13 -42.23
C LEU N 480 54.69 27.83 -42.77
N SER N 481 54.01 26.69 -42.55
CA SER N 481 54.51 25.44 -43.09
C SER N 481 54.30 25.35 -44.59
N LEU N 482 53.22 25.95 -45.09
CA LEU N 482 52.93 25.89 -46.52
C LEU N 482 53.58 27.01 -47.32
N LEU N 483 53.84 28.16 -46.69
CA LEU N 483 54.40 29.31 -47.37
C LEU N 483 55.92 29.22 -47.55
N ARG N 484 56.62 28.55 -46.64
CA ARG N 484 58.06 28.44 -46.73
C ARG N 484 58.45 27.38 -47.76
N VAL O 1 90.31 47.32 -73.96
CA VAL O 1 90.00 47.66 -72.58
C VAL O 1 90.25 46.46 -71.68
N ASN O 2 91.38 46.46 -70.98
CA ASN O 2 91.73 45.36 -70.08
C ASN O 2 92.27 45.78 -68.73
N THR O 3 92.65 47.04 -68.52
CA THR O 3 93.12 47.47 -67.21
C THR O 3 92.01 47.54 -66.18
N ASN O 4 90.75 47.59 -66.61
CA ASN O 4 89.62 47.63 -65.69
C ASN O 4 88.39 47.12 -66.46
N ILE O 5 87.38 46.70 -65.69
CA ILE O 5 86.14 46.17 -66.26
C ILE O 5 84.99 47.00 -65.72
N ALA O 6 84.11 47.44 -66.62
CA ALA O 6 82.97 48.27 -66.22
C ALA O 6 81.91 47.48 -65.47
N SER O 7 82.12 46.20 -65.20
CA SER O 7 81.14 45.38 -64.51
C SER O 7 81.06 45.68 -63.02
N LEU O 8 81.74 46.71 -62.52
CA LEU O 8 81.68 47.07 -61.11
C LEU O 8 80.29 47.52 -60.69
N ASN O 9 79.47 48.00 -61.63
CA ASN O 9 78.08 48.33 -61.31
C ASN O 9 77.31 47.09 -60.89
N THR O 10 77.57 45.96 -61.55
CA THR O 10 76.95 44.71 -61.16
C THR O 10 77.36 44.30 -59.76
N GLN O 11 78.63 44.54 -59.40
CA GLN O 11 79.10 44.23 -58.06
C GLN O 11 78.44 45.13 -57.03
N ARG O 12 78.29 46.43 -57.34
CA ARG O 12 77.59 47.34 -56.45
C ARG O 12 76.16 46.87 -56.23
N ASN O 13 75.47 46.50 -57.31
CA ASN O 13 74.11 45.98 -57.20
C ASN O 13 74.08 44.70 -56.37
N LEU O 14 75.10 43.84 -56.51
CA LEU O 14 75.14 42.62 -55.73
C LEU O 14 75.30 42.90 -54.24
N ASN O 15 76.16 43.86 -53.89
CA ASN O 15 76.31 44.23 -52.48
C ASN O 15 75.00 44.81 -51.93
N ALA O 16 74.36 45.69 -52.70
CA ALA O 16 73.08 46.25 -52.26
C ALA O 16 72.06 45.14 -52.04
N SER O 17 71.92 44.23 -53.01
CA SER O 17 70.94 43.17 -52.90
C SER O 17 71.28 42.20 -51.77
N SER O 18 72.57 42.05 -51.46
CA SER O 18 72.93 41.20 -50.33
C SER O 18 72.54 41.85 -49.01
N ASN O 19 72.66 43.18 -48.92
CA ASN O 19 72.16 43.87 -47.73
C ASN O 19 70.64 43.72 -47.60
N ASP O 20 69.92 43.91 -48.71
CA ASP O 20 68.46 43.70 -48.65
C ASP O 20 68.13 42.27 -48.30
N LEU O 21 68.90 41.31 -48.81
CA LEU O 21 68.66 39.90 -48.48
C LEU O 21 68.88 39.65 -47.00
N ASN O 22 69.96 40.21 -46.44
CA ASN O 22 70.24 40.03 -45.02
C ASN O 22 69.11 40.59 -44.16
N THR O 23 68.68 41.83 -44.46
CA THR O 23 67.65 42.43 -43.63
C THR O 23 66.31 41.71 -43.80
N SER O 24 66.00 41.23 -45.00
CA SER O 24 64.75 40.51 -45.21
C SER O 24 64.77 39.16 -44.50
N LEU O 25 65.89 38.45 -44.56
CA LEU O 25 66.02 37.19 -43.84
C LEU O 25 65.90 37.39 -42.34
N GLN O 26 66.50 38.46 -41.82
CA GLN O 26 66.36 38.77 -40.41
C GLN O 26 64.90 39.07 -40.05
N ARG O 27 64.23 39.86 -40.88
CA ARG O 27 62.81 40.17 -40.65
C ARG O 27 61.99 38.89 -40.62
N LEU O 28 62.26 37.97 -41.54
CA LEU O 28 61.45 36.76 -41.63
C LEU O 28 61.73 35.82 -40.48
N THR O 29 62.99 35.68 -40.07
CA THR O 29 63.32 34.76 -38.99
C THR O 29 62.99 35.34 -37.62
N THR O 30 62.79 36.66 -37.53
CA THR O 30 62.42 37.27 -36.26
C THR O 30 60.92 37.52 -36.13
N GLY O 31 60.24 37.84 -37.23
CA GLY O 31 58.84 38.16 -37.19
C GLY O 31 58.51 39.62 -37.02
N TYR O 32 59.52 40.50 -37.05
CA TYR O 32 59.32 41.94 -36.92
C TYR O 32 59.74 42.62 -38.22
N ARG O 33 58.83 43.40 -38.81
CA ARG O 33 59.16 44.11 -40.03
C ARG O 33 60.27 45.12 -39.78
N ILE O 34 60.17 45.89 -38.70
CA ILE O 34 61.27 46.75 -38.30
C ILE O 34 62.15 46.00 -37.31
N ASN O 35 63.46 46.03 -37.54
CA ASN O 35 64.39 45.36 -36.65
C ASN O 35 64.58 46.17 -35.38
N SER O 36 65.17 45.52 -34.36
CA SER O 36 65.49 46.22 -33.13
C SER O 36 66.51 47.33 -33.34
N ALA O 37 67.11 47.41 -34.52
CA ALA O 37 68.11 48.43 -34.81
C ALA O 37 67.43 49.80 -34.99
N LYS O 38 68.24 50.77 -35.41
CA LYS O 38 67.75 52.14 -35.55
C LYS O 38 66.80 52.30 -36.72
N ASP O 39 66.63 51.26 -37.53
CA ASP O 39 65.74 51.35 -38.68
C ASP O 39 64.32 51.67 -38.25
N ASP O 40 63.74 52.70 -38.86
CA ASP O 40 62.40 53.19 -38.53
C ASP O 40 62.34 53.59 -37.06
N ALA O 41 63.15 54.59 -36.72
CA ALA O 41 63.29 55.03 -35.34
C ALA O 41 61.96 55.47 -34.73
N ALA O 42 61.09 56.10 -35.53
CA ALA O 42 59.79 56.49 -35.03
C ALA O 42 58.95 55.27 -34.68
N GLY O 43 58.88 54.30 -35.59
CA GLY O 43 58.20 53.06 -35.30
C GLY O 43 58.83 52.31 -34.14
N LEU O 44 60.16 52.38 -34.03
CA LEU O 44 60.85 51.74 -32.91
C LEU O 44 60.43 52.36 -31.59
N GLN O 45 60.37 53.69 -31.52
CA GLN O 45 59.95 54.38 -30.30
C GLN O 45 58.50 54.04 -29.97
N ILE O 46 57.63 54.05 -30.98
CA ILE O 46 56.23 53.74 -30.76
C ILE O 46 56.08 52.32 -30.22
N SER O 47 56.80 51.36 -30.81
CA SER O 47 56.72 49.98 -30.36
C SER O 47 57.27 49.82 -28.95
N ASN O 48 58.34 50.55 -28.62
CA ASN O 48 58.91 50.48 -27.29
C ASN O 48 57.92 50.99 -26.25
N ARG O 49 57.30 52.14 -26.52
CA ARG O 49 56.32 52.68 -25.59
C ARG O 49 55.11 51.76 -25.48
N LEU O 50 54.70 51.15 -26.59
CA LEU O 50 53.58 50.22 -26.55
C LEU O 50 53.91 49.00 -25.73
N SER O 51 55.15 48.49 -25.83
CA SER O 51 55.55 47.34 -25.03
C SER O 51 55.59 47.68 -23.55
N ASN O 52 56.12 48.87 -23.21
CA ASN O 52 56.10 49.31 -21.83
C ASN O 52 54.66 49.39 -21.30
N GLN O 53 53.77 49.94 -22.12
CA GLN O 53 52.37 50.05 -21.70
C GLN O 53 51.74 48.67 -21.52
N ILE O 54 52.05 47.74 -22.42
CA ILE O 54 51.49 46.39 -22.32
C ILE O 54 51.95 45.71 -21.05
N SER O 55 53.25 45.79 -20.76
CA SER O 55 53.77 45.19 -19.53
C SER O 55 53.16 45.86 -18.30
N GLY O 56 52.98 47.18 -18.34
CA GLY O 56 52.36 47.87 -17.22
C GLY O 56 50.94 47.41 -16.99
N LEU O 57 50.15 47.30 -18.05
CA LEU O 57 48.78 46.84 -17.90
C LEU O 57 48.74 45.38 -17.45
N ASN O 58 49.70 44.56 -17.86
CA ASN O 58 49.73 43.18 -17.41
C ASN O 58 49.99 43.10 -15.90
N VAL O 59 51.03 43.80 -15.44
CA VAL O 59 51.33 43.76 -14.01
C VAL O 59 50.20 44.42 -13.21
N ALA O 60 49.51 45.40 -13.80
CA ALA O 60 48.37 46.01 -13.12
C ALA O 60 47.21 45.04 -13.01
N THR O 61 46.96 44.26 -14.07
CA THR O 61 45.94 43.22 -14.02
C THR O 61 46.26 42.20 -12.94
N ARG O 62 47.53 41.79 -12.84
CA ARG O 62 47.91 40.84 -11.80
C ARG O 62 47.71 41.42 -10.41
N ASN O 63 48.14 42.68 -10.20
CA ASN O 63 47.95 43.33 -8.91
C ASN O 63 46.48 43.45 -8.58
N ALA O 64 45.64 43.73 -9.57
CA ALA O 64 44.20 43.80 -9.34
C ALA O 64 43.64 42.44 -8.97
N ASN O 65 44.20 41.37 -9.54
CA ASN O 65 43.78 40.03 -9.15
C ASN O 65 44.12 39.75 -7.69
N ASP O 66 45.35 40.09 -7.27
CA ASP O 66 45.69 39.93 -5.85
C ASP O 66 44.79 40.78 -4.96
N GLY O 67 44.45 41.99 -5.41
CA GLY O 67 43.54 42.82 -4.63
C GLY O 67 42.14 42.23 -4.53
N ILE O 68 41.66 41.63 -5.62
CA ILE O 68 40.35 40.98 -5.60
C ILE O 68 40.36 39.81 -4.63
N SER O 69 41.45 39.03 -4.61
CA SER O 69 41.53 37.92 -3.67
C SER O 69 41.58 38.41 -2.23
N LEU O 70 42.33 39.49 -1.98
CA LEU O 70 42.40 40.05 -0.63
C LEU O 70 41.03 40.54 -0.18
N ALA O 71 40.32 41.26 -1.05
CA ALA O 71 38.98 41.73 -0.72
C ALA O 71 38.00 40.58 -0.57
N GLN O 72 38.24 39.46 -1.25
CA GLN O 72 37.37 38.29 -1.07
C GLN O 72 37.58 37.67 0.31
N THR O 73 38.84 37.56 0.74
CA THR O 73 39.10 37.14 2.12
C THR O 73 38.44 38.10 3.10
N ALA O 74 38.50 39.39 2.80
CA ALA O 74 37.85 40.38 3.66
C ALA O 74 36.35 40.15 3.75
N GLU O 75 35.70 39.95 2.61
CA GLU O 75 34.25 39.77 2.62
C GLU O 75 33.86 38.46 3.29
N GLY O 76 34.72 37.44 3.20
CA GLY O 76 34.46 36.21 3.93
C GLY O 76 34.51 36.41 5.44
N ALA O 77 35.56 37.09 5.92
CA ALA O 77 35.62 37.40 7.35
C ALA O 77 34.44 38.26 7.77
N LEU O 78 34.02 39.18 6.90
CA LEU O 78 32.88 40.02 7.23
C LEU O 78 31.59 39.21 7.31
N GLN O 79 31.38 38.26 6.42
CA GLN O 79 30.22 37.39 6.49
C GLN O 79 30.24 36.57 7.78
N GLN O 80 31.43 36.10 8.18
CA GLN O 80 31.55 35.41 9.46
C GLN O 80 31.14 36.31 10.61
N SER O 81 31.55 37.58 10.57
CA SER O 81 31.16 38.50 11.62
C SER O 81 29.66 38.74 11.63
N THR O 82 29.03 38.78 10.44
CA THR O 82 27.58 38.88 10.39
C THR O 82 26.91 37.67 11.03
N ASN O 83 27.43 36.47 10.76
CA ASN O 83 26.90 35.28 11.41
C ASN O 83 27.01 35.39 12.93
N ILE O 84 28.16 35.85 13.42
CA ILE O 84 28.33 36.03 14.86
C ILE O 84 27.34 37.05 15.41
N LEU O 85 27.10 38.13 14.68
CA LEU O 85 26.17 39.15 15.17
C LEU O 85 24.74 38.62 15.21
N GLN O 86 24.36 37.84 14.21
CA GLN O 86 23.04 37.19 14.23
C GLN O 86 22.93 36.27 15.44
N ARG O 87 23.96 35.45 15.68
CA ARG O 87 23.94 34.54 16.82
C ARG O 87 23.86 35.30 18.13
N ILE O 88 24.54 36.44 18.22
CA ILE O 88 24.47 37.25 19.42
C ILE O 88 23.06 37.79 19.62
N ARG O 89 22.41 38.22 18.53
CA ARG O 89 21.03 38.68 18.66
C ARG O 89 20.11 37.55 19.10
N ASP O 90 20.34 36.33 18.60
CA ASP O 90 19.52 35.20 19.06
C ASP O 90 19.72 34.97 20.55
N LEU O 91 20.97 34.91 21.00
CA LEU O 91 21.23 34.67 22.42
C LEU O 91 20.73 35.82 23.28
N ALA O 92 20.68 37.03 22.71
CA ALA O 92 20.22 38.18 23.48
C ALA O 92 18.70 38.16 23.64
N LEU O 93 17.98 37.89 22.55
CA LEU O 93 16.52 37.85 22.64
C LEU O 93 16.06 36.62 23.41
N GLN O 94 16.81 35.52 23.36
CA GLN O 94 16.54 34.40 24.25
C GLN O 94 16.90 34.74 25.68
N SER O 95 17.89 35.60 25.87
CA SER O 95 18.32 36.07 27.18
C SER O 95 17.29 36.95 27.86
N ALA O 96 16.21 37.31 27.17
CA ALA O 96 15.10 37.95 27.86
C ALA O 96 14.62 37.12 29.04
N ASN O 97 14.60 35.79 28.87
CA ASN O 97 14.36 34.84 29.96
C ASN O 97 13.09 35.14 30.73
N GLY O 98 12.10 35.75 30.08
CA GLY O 98 10.92 36.22 30.79
C GLY O 98 11.25 37.26 31.84
N SER O 99 12.51 37.69 31.86
CA SER O 99 13.09 38.67 32.78
C SER O 99 13.23 38.11 34.19
N ASN O 100 12.67 36.93 34.45
CA ASN O 100 12.92 36.27 35.73
C ASN O 100 12.99 34.75 35.64
N SER O 101 12.85 34.14 34.46
CA SER O 101 12.66 32.69 34.40
C SER O 101 13.97 31.92 34.49
N ASP O 102 15.09 32.50 34.06
CA ASP O 102 16.34 31.79 33.94
C ASP O 102 17.34 32.31 34.97
N ALA O 103 17.52 31.54 36.05
CA ALA O 103 18.54 31.86 37.04
C ALA O 103 19.96 31.60 36.54
N ASP O 104 20.09 31.06 35.33
CA ASP O 104 21.38 30.73 34.73
C ASP O 104 21.96 31.89 33.92
N ARG O 105 21.67 33.11 34.35
CA ARG O 105 22.29 34.31 33.78
C ARG O 105 23.81 34.20 33.74
N ALA O 106 24.42 33.50 34.69
CA ALA O 106 25.87 33.31 34.65
C ALA O 106 26.29 32.49 33.44
N ALA O 107 25.59 31.38 33.18
CA ALA O 107 25.91 30.57 32.01
C ALA O 107 25.62 31.32 30.72
N LEU O 108 24.56 32.11 30.71
CA LEU O 108 24.24 32.89 29.52
C LEU O 108 25.33 33.93 29.23
N GLN O 109 25.80 34.62 30.28
CA GLN O 109 26.86 35.60 30.11
C GLN O 109 28.15 34.92 29.68
N LYS O 110 28.42 33.73 30.21
CA LYS O 110 29.59 32.96 29.78
C LYS O 110 29.51 32.61 28.31
N GLU O 111 28.33 32.18 27.85
CA GLU O 111 28.13 31.87 26.44
C GLU O 111 28.39 33.09 25.56
N VAL O 112 27.78 34.23 25.91
CA VAL O 112 27.92 35.39 25.05
C VAL O 112 29.34 35.95 25.12
N ALA O 113 30.03 35.75 26.25
CA ALA O 113 31.42 36.20 26.34
C ALA O 113 32.33 35.31 25.49
N ALA O 114 32.07 34.00 25.48
CA ALA O 114 32.82 33.12 24.60
C ALA O 114 32.58 33.49 23.13
N GLN O 115 31.35 33.86 22.80
CA GLN O 115 31.06 34.29 21.44
C GLN O 115 31.78 35.60 21.10
N GLN O 116 31.84 36.53 22.05
CA GLN O 116 32.61 37.76 21.84
C GLN O 116 34.09 37.46 21.65
N ALA O 117 34.64 36.52 22.41
CA ALA O 117 36.04 36.14 22.23
C ALA O 117 36.26 35.49 20.86
N GLU O 118 35.28 34.71 20.39
CA GLU O 118 35.41 34.12 19.07
C GLU O 118 35.36 35.19 17.98
N LEU O 119 34.52 36.22 18.17
CA LEU O 119 34.51 37.34 17.24
C LEU O 119 35.85 38.05 17.24
N THR O 120 36.42 38.30 18.42
CA THR O 120 37.74 38.92 18.49
C THR O 120 38.80 38.06 17.82
N ARG O 121 38.64 36.73 17.89
CA ARG O 121 39.55 35.84 17.17
C ARG O 121 39.35 35.93 15.66
N ILE O 122 38.10 36.08 15.21
CA ILE O 122 37.84 36.29 13.79
C ILE O 122 38.55 37.56 13.33
N SER O 123 38.57 38.59 14.17
CA SER O 123 39.36 39.77 13.88
C SER O 123 40.80 39.39 13.59
N ASP O 124 41.40 38.55 14.43
CA ASP O 124 42.74 38.05 14.20
C ASP O 124 42.69 36.86 13.25
N THR O 125 43.81 36.14 13.12
CA THR O 125 43.90 34.89 12.36
C THR O 125 43.58 35.07 10.88
N THR O 126 43.43 36.30 10.42
CA THR O 126 43.20 36.60 9.01
C THR O 126 44.45 37.21 8.37
N THR O 127 45.62 36.73 8.77
CA THR O 127 46.89 37.31 8.34
C THR O 127 47.18 36.94 6.89
N PHE O 128 46.52 37.67 5.98
CA PHE O 128 46.80 37.51 4.56
C PHE O 128 48.12 38.20 4.24
N GLY O 129 49.22 37.57 4.61
CA GLY O 129 50.54 38.14 4.44
C GLY O 129 51.20 38.62 5.71
N GLY O 130 50.77 38.15 6.88
CA GLY O 130 51.30 38.63 8.14
C GLY O 130 50.92 40.07 8.41
N ARG O 131 49.90 40.54 7.69
CA ARG O 131 49.45 41.94 7.74
C ARG O 131 47.93 41.96 7.86
N LYS O 132 47.42 41.23 8.86
CA LYS O 132 45.99 41.00 9.09
C LYS O 132 45.15 42.23 8.77
N LEU O 133 44.16 42.05 7.90
CA LEU O 133 43.57 43.19 7.19
C LEU O 133 42.55 43.94 8.05
N LEU O 134 41.54 43.23 8.56
CA LEU O 134 40.39 43.92 9.15
C LEU O 134 40.63 44.38 10.58
N ASP O 135 41.48 43.72 11.34
CA ASP O 135 41.74 44.12 12.70
C ASP O 135 43.07 44.85 12.83
N GLY O 136 43.41 45.21 14.06
CA GLY O 136 44.69 45.84 14.33
C GLY O 136 44.77 47.21 13.68
N SER O 137 45.88 47.47 13.00
CA SER O 137 46.13 48.75 12.34
C SER O 137 46.33 48.48 10.85
N PHE O 138 45.26 48.67 10.08
CA PHE O 138 45.31 48.53 8.63
C PHE O 138 45.83 49.83 8.03
N GLY O 139 46.92 49.72 7.26
CA GLY O 139 47.58 50.89 6.71
C GLY O 139 46.81 51.62 5.63
N THR O 140 45.57 51.23 5.36
CA THR O 140 44.77 51.80 4.28
C THR O 140 45.51 51.70 2.95
N THR O 141 45.77 50.45 2.56
CA THR O 141 46.56 50.17 1.37
C THR O 141 45.72 50.52 0.13
N SER O 142 46.37 50.78 -0.99
CA SER O 142 45.69 51.18 -2.22
C SER O 142 46.39 50.48 -3.38
N PHE O 143 45.64 49.62 -4.06
CA PHE O 143 46.21 48.78 -5.11
C PHE O 143 46.28 49.54 -6.43
N GLN O 144 47.48 49.61 -7.01
CA GLN O 144 47.66 50.31 -8.27
C GLN O 144 47.17 49.44 -9.43
N VAL O 145 46.34 50.03 -10.29
CA VAL O 145 45.75 49.31 -11.41
C VAL O 145 46.06 49.95 -12.75
N GLY O 146 46.89 50.99 -12.80
CA GLY O 146 47.20 51.66 -14.05
C GLY O 146 48.69 51.66 -14.32
N SER O 147 49.03 52.02 -15.55
CA SER O 147 50.42 52.10 -15.99
C SER O 147 51.03 53.48 -15.76
N ASN O 148 50.38 54.33 -14.96
CA ASN O 148 50.85 55.69 -14.73
C ASN O 148 51.10 55.89 -13.23
N ALA O 149 51.93 56.89 -12.93
CA ALA O 149 52.25 57.19 -11.53
C ALA O 149 51.03 57.79 -10.82
N TYR O 150 50.86 57.41 -9.55
CA TYR O 150 49.80 57.91 -8.70
C TYR O 150 48.41 57.50 -9.21
N GLU O 151 48.37 56.68 -10.26
CA GLU O 151 47.11 56.15 -10.75
C GLU O 151 46.76 54.89 -9.99
N THR O 152 46.00 55.02 -8.90
CA THR O 152 45.81 53.94 -7.96
C THR O 152 44.37 53.98 -7.43
N ILE O 153 43.87 52.81 -7.04
CA ILE O 153 42.53 52.66 -6.49
C ILE O 153 42.64 52.56 -4.98
N ASP O 154 41.97 53.46 -4.27
CA ASP O 154 42.00 53.48 -2.83
C ASP O 154 40.99 52.50 -2.25
N ILE O 155 41.22 52.11 -0.99
CA ILE O 155 40.32 51.22 -0.27
C ILE O 155 40.07 51.83 1.11
N SER O 156 38.82 51.73 1.57
CA SER O 156 38.41 52.27 2.86
C SER O 156 38.05 51.12 3.81
N LEU O 157 38.91 50.10 3.80
CA LEU O 157 38.71 48.89 4.60
C LEU O 157 38.54 49.22 6.07
N GLN O 158 37.78 48.40 6.78
CA GLN O 158 37.41 48.69 8.16
C GLN O 158 38.64 48.73 9.06
N ASN O 159 38.61 49.64 10.05
CA ASN O 159 39.68 49.70 11.02
C ASN O 159 39.70 48.45 11.90
N ALA O 160 38.53 48.02 12.37
CA ALA O 160 38.41 46.83 13.20
C ALA O 160 36.96 46.42 13.31
N SER O 161 36.73 45.11 13.32
CA SER O 161 35.45 44.54 13.70
C SER O 161 35.39 44.25 15.19
N ALA O 162 36.22 44.91 15.99
CA ALA O 162 36.38 44.66 17.41
C ALA O 162 35.44 45.53 18.25
N SER O 163 35.78 45.71 19.52
CA SER O 163 35.00 46.48 20.46
C SER O 163 35.03 47.96 20.10
N ALA O 164 34.73 48.81 21.09
CA ALA O 164 34.32 50.24 20.99
C ALA O 164 35.16 50.97 19.93
N ILE O 165 36.23 50.37 19.40
CA ILE O 165 37.06 50.94 18.34
C ILE O 165 36.25 51.22 17.07
N GLY O 166 34.92 51.15 17.15
CA GLY O 166 34.11 51.15 15.95
C GLY O 166 32.86 50.27 15.97
N SER O 167 32.32 50.04 17.17
CA SER O 167 30.95 49.55 17.29
C SER O 167 30.04 50.75 17.58
N TYR O 168 28.76 50.51 17.87
CA TYR O 168 27.76 51.59 17.80
C TYR O 168 28.06 52.58 18.91
N GLN O 169 28.13 53.87 18.56
CA GLN O 169 28.43 54.89 19.55
C GLN O 169 27.22 55.14 20.44
N VAL O 170 27.49 55.64 21.64
CA VAL O 170 26.47 55.74 22.68
C VAL O 170 26.37 57.17 23.17
N GLY O 171 25.17 57.74 23.12
CA GLY O 171 24.90 59.02 23.75
C GLY O 171 24.03 58.85 24.97
N SER O 172 24.62 58.98 26.16
CA SER O 172 23.92 58.73 27.42
C SER O 172 24.08 59.93 28.35
N ASN O 173 23.18 59.99 29.34
CA ASN O 173 23.16 61.14 30.24
C ASN O 173 24.32 61.11 31.23
N GLY O 174 24.46 60.01 31.98
CA GLY O 174 25.53 59.93 32.96
C GLY O 174 26.87 59.55 32.33
N ALA O 175 26.99 59.76 31.02
CA ALA O 175 28.20 59.39 30.29
C ALA O 175 29.47 59.96 30.91
N GLY O 176 29.59 61.28 31.00
CA GLY O 176 30.82 61.87 31.49
C GLY O 176 31.04 61.71 32.99
N THR O 177 30.29 62.45 33.80
CA THR O 177 30.37 62.30 35.24
C THR O 177 29.03 61.96 35.87
N VAL O 178 28.02 62.79 35.60
CA VAL O 178 26.72 62.69 36.24
C VAL O 178 25.72 63.49 35.42
N ALA O 179 24.44 63.20 35.57
CA ALA O 179 23.39 63.81 34.77
C ALA O 179 22.61 64.82 35.60
N SER O 180 22.15 65.88 34.94
CA SER O 180 21.22 66.82 35.55
C SER O 180 19.80 66.28 35.49
N VAL O 181 18.83 67.17 35.64
CA VAL O 181 17.41 66.88 35.84
C VAL O 181 16.95 65.68 35.03
N ALA O 182 17.37 65.59 33.77
CA ALA O 182 17.05 64.43 32.96
C ALA O 182 17.62 63.15 33.58
N GLY O 183 16.75 62.27 34.05
CA GLY O 183 17.18 61.03 34.64
C GLY O 183 17.57 61.12 36.10
N THR O 184 16.93 62.01 36.85
CA THR O 184 17.16 62.14 38.29
C THR O 184 16.03 62.96 38.88
N ALA O 185 15.94 62.92 40.21
CA ALA O 185 14.94 63.72 40.92
C ALA O 185 15.35 65.18 40.95
N THR O 186 14.37 66.06 41.01
CA THR O 186 14.61 67.50 40.98
C THR O 186 13.35 68.23 41.44
N ALA O 187 13.54 69.48 41.86
CA ALA O 187 12.43 70.30 42.30
C ALA O 187 11.80 71.06 41.13
N SER O 188 12.61 71.88 40.45
CA SER O 188 12.10 72.69 39.35
C SER O 188 11.75 71.84 38.13
N GLY O 189 12.71 71.08 37.64
CA GLY O 189 12.47 70.20 36.51
C GLY O 189 13.14 70.68 35.23
N ILE O 190 12.70 70.08 34.12
CA ILE O 190 13.21 70.41 32.80
C ILE O 190 12.94 71.88 32.50
N ALA O 191 13.99 72.64 32.24
CA ALA O 191 13.88 74.05 31.92
C ALA O 191 13.93 74.25 30.40
N SER O 192 14.02 75.50 29.99
CA SER O 192 14.13 75.83 28.58
C SER O 192 15.49 75.41 28.05
N GLY O 193 15.68 75.55 26.74
CA GLY O 193 16.93 75.19 26.10
C GLY O 193 16.77 74.95 24.61
N THR O 194 17.90 75.03 23.92
CA THR O 194 17.97 74.87 22.47
C THR O 194 19.13 73.94 22.11
N VAL O 195 19.16 72.79 22.80
CA VAL O 195 20.23 71.79 22.67
C VAL O 195 20.57 71.53 21.21
N ASN O 196 21.86 71.53 20.90
CA ASN O 196 22.31 71.40 19.53
C ASN O 196 22.55 69.94 19.18
N LEU O 197 22.17 69.57 17.96
CA LEU O 197 22.41 68.25 17.42
C LEU O 197 23.29 68.36 16.18
N VAL O 198 24.33 67.52 16.13
CA VAL O 198 25.30 67.54 15.05
C VAL O 198 25.45 66.13 14.50
N GLY O 199 25.57 66.03 13.18
CA GLY O 199 25.76 64.74 12.53
C GLY O 199 25.31 64.72 11.09
N GLY O 200 26.13 64.13 10.22
CA GLY O 200 25.84 64.07 8.80
C GLY O 200 25.55 65.42 8.17
N GLY O 201 26.22 66.46 8.64
CA GLY O 201 26.00 67.81 8.16
C GLY O 201 24.54 68.23 8.24
N GLN O 202 23.89 67.92 9.36
CA GLN O 202 22.47 68.21 9.52
C GLN O 202 22.19 68.87 10.86
N VAL O 203 22.93 69.91 11.21
CA VAL O 203 22.75 70.61 12.48
C VAL O 203 21.34 71.14 12.60
N LYS O 204 20.63 70.73 13.65
CA LYS O 204 19.24 71.14 13.87
C LYS O 204 19.07 71.38 15.36
N ASN O 205 18.78 72.63 15.73
CA ASN O 205 18.65 73.02 17.13
C ASN O 205 17.33 72.52 17.67
N ILE O 206 17.38 71.48 18.50
CA ILE O 206 16.17 70.96 19.11
C ILE O 206 15.73 71.88 20.24
N ALA O 207 14.46 72.26 20.22
CA ALA O 207 13.89 73.17 21.21
C ALA O 207 13.22 72.34 22.30
N ILE O 208 13.66 72.53 23.55
CA ILE O 208 13.11 71.82 24.69
C ILE O 208 12.53 72.89 25.62
N ALA O 209 11.21 72.96 25.70
CA ALA O 209 10.56 73.93 26.55
C ALA O 209 10.66 73.53 28.02
N ALA O 210 10.35 74.48 28.89
CA ALA O 210 10.42 74.25 30.34
C ALA O 210 9.17 73.49 30.78
N GLY O 211 9.33 72.20 31.08
CA GLY O 211 8.21 71.39 31.52
C GLY O 211 8.03 70.13 30.71
N ASP O 212 8.66 70.06 29.54
CA ASP O 212 8.55 68.92 28.65
C ASP O 212 9.00 67.63 29.33
N SER O 213 8.17 66.59 29.26
CA SER O 213 8.53 65.31 29.84
C SER O 213 9.59 64.60 29.00
N ALA O 214 10.07 63.47 29.51
CA ALA O 214 11.07 62.67 28.81
C ALA O 214 10.53 62.14 27.49
N LYS O 215 9.26 61.75 27.48
CA LYS O 215 8.62 61.26 26.26
C LYS O 215 8.60 62.33 25.18
N ALA O 216 8.29 63.56 25.57
CA ALA O 216 8.24 64.68 24.63
C ALA O 216 9.62 64.94 24.05
N ILE O 217 10.65 64.96 24.89
CA ILE O 217 12.02 65.17 24.47
C ILE O 217 12.41 64.08 23.49
N ALA O 218 12.07 62.83 23.81
CA ALA O 218 12.36 61.69 22.95
C ALA O 218 11.73 61.86 21.59
N GLU O 219 10.44 62.16 21.56
CA GLU O 219 9.72 62.39 20.30
C GLU O 219 10.35 63.52 19.50
N LYS O 220 10.80 64.57 20.19
CA LYS O 220 11.40 65.71 19.52
C LYS O 220 12.72 65.34 18.86
N MET O 221 13.67 64.82 19.63
CA MET O 221 15.00 64.53 19.06
C MET O 221 14.95 63.38 18.07
N ASP O 222 13.91 62.56 18.11
CA ASP O 222 13.70 61.54 17.09
C ASP O 222 13.40 62.18 15.74
N GLY O 223 13.57 61.41 14.68
CA GLY O 223 13.20 61.90 13.36
C GLY O 223 14.32 62.54 12.57
N ALA O 224 14.39 63.87 12.64
CA ALA O 224 15.23 64.72 11.81
C ALA O 224 16.61 64.14 11.52
N ILE O 225 17.38 63.82 12.55
CA ILE O 225 18.72 63.29 12.37
C ILE O 225 18.61 61.91 11.74
N PRO O 226 19.27 61.67 10.60
CA PRO O 226 19.16 60.37 9.92
C PRO O 226 19.64 59.21 10.76
N ASN O 227 19.11 58.02 10.50
CA ASN O 227 19.44 56.75 11.17
C ASN O 227 19.70 56.94 12.66
N LEU O 228 18.75 57.55 13.36
CA LEU O 228 18.92 57.84 14.78
C LEU O 228 17.62 57.52 15.51
N SER O 229 17.73 56.91 16.68
CA SER O 229 16.57 56.57 17.49
C SER O 229 16.77 57.12 18.91
N ALA O 230 15.65 57.29 19.61
CA ALA O 230 15.69 57.86 20.95
C ALA O 230 14.50 57.30 21.74
N ARG O 231 14.79 56.47 22.73
CA ARG O 231 13.75 55.93 23.58
C ARG O 231 13.62 56.73 24.87
N ALA O 232 12.48 56.58 25.53
CA ALA O 232 12.23 57.21 26.82
C ALA O 232 11.84 56.13 27.83
N ARG O 233 12.36 56.25 29.05
CA ARG O 233 12.12 55.25 30.08
C ARG O 233 12.27 55.91 31.45
N THR O 234 11.22 55.82 32.26
CA THR O 234 11.22 56.39 33.60
C THR O 234 11.06 55.25 34.61
N VAL O 235 12.17 54.86 35.23
CA VAL O 235 12.20 53.80 36.23
C VAL O 235 12.62 54.41 37.55
N PHE O 236 11.77 54.29 38.56
CA PHE O 236 12.05 54.83 39.89
C PHE O 236 11.46 53.90 40.94
N THR O 237 12.21 53.71 42.03
CA THR O 237 11.75 52.90 43.15
C THR O 237 11.10 53.79 44.22
N ALA O 238 10.68 53.15 45.30
CA ALA O 238 10.01 53.86 46.38
C ALA O 238 10.21 53.08 47.68
N ASP O 239 10.30 53.83 48.78
CA ASP O 239 10.48 53.23 50.10
CA ASP O 239 10.48 53.24 50.09
C ASP O 239 9.92 54.15 51.18
N VAL O 240 8.75 53.81 51.71
CA VAL O 240 8.10 54.60 52.75
C VAL O 240 8.84 54.41 54.07
N SER O 241 9.20 55.51 54.73
CA SER O 241 9.87 55.45 56.02
C SER O 241 8.83 55.37 57.13
N GLY O 242 9.28 55.52 58.38
CA GLY O 242 8.38 55.48 59.52
C GLY O 242 7.33 56.57 59.48
N VAL O 243 6.15 56.29 60.02
CA VAL O 243 5.05 57.25 60.02
C VAL O 243 4.64 57.56 61.46
N THR O 244 5.10 58.71 61.96
CA THR O 244 4.81 59.09 63.33
C THR O 244 3.41 59.65 63.46
N GLY O 245 2.50 58.87 64.04
CA GLY O 245 1.15 59.31 64.31
C GLY O 245 0.39 59.81 63.10
N GLY O 246 0.09 58.94 62.15
CA GLY O 246 -0.66 59.28 60.97
C GLY O 246 -0.10 58.63 59.74
N SER O 247 -0.56 59.13 58.59
CA SER O 247 -0.17 58.60 57.28
C SER O 247 0.19 59.76 56.37
N LEU O 248 0.61 59.43 55.15
CA LEU O 248 0.99 60.41 54.14
C LEU O 248 -0.12 60.49 53.09
N ASN O 249 -1.04 61.42 53.30
CA ASN O 249 -2.14 61.65 52.37
C ASN O 249 -1.65 62.63 51.31
N PHE O 250 -0.95 62.10 50.31
CA PHE O 250 -0.42 62.96 49.25
C PHE O 250 -0.99 62.55 47.90
N ASP O 251 -0.59 63.27 46.84
CA ASP O 251 -1.08 63.01 45.50
C ASP O 251 0.08 62.75 44.56
N VAL O 252 -0.24 62.18 43.40
CA VAL O 252 0.76 61.84 42.39
C VAL O 252 0.23 62.29 41.04
N THR O 253 0.96 63.19 40.38
CA THR O 253 0.56 63.75 39.09
C THR O 253 1.26 62.99 37.99
N VAL O 254 0.58 61.99 37.41
CA VAL O 254 1.14 61.20 36.33
C VAL O 254 0.76 61.81 34.98
N GLY O 255 1.56 62.76 34.51
CA GLY O 255 1.27 63.40 33.24
C GLY O 255 0.03 64.28 33.34
N SER O 256 -0.92 64.03 32.44
CA SER O 256 -2.16 64.81 32.41
C SER O 256 -2.98 64.61 33.68
N ASN O 257 -3.43 63.37 33.91
CA ASN O 257 -4.26 63.09 35.07
C ASN O 257 -3.40 63.03 36.33
N THR O 258 -4.07 63.12 37.48
CA THR O 258 -3.40 63.16 38.78
C THR O 258 -4.02 62.13 39.70
N VAL O 259 -3.17 61.36 40.39
CA VAL O 259 -3.64 60.35 41.33
C VAL O 259 -4.04 61.03 42.63
N SER O 260 -5.06 60.48 43.30
CA SER O 260 -5.53 61.05 44.56
C SER O 260 -5.46 60.00 45.67
N LEU O 261 -4.34 59.27 45.73
CA LEU O 261 -4.15 58.26 46.75
C LEU O 261 -4.07 58.87 48.14
N ALA O 262 -4.09 58.04 49.17
CA ALA O 262 -4.02 58.51 50.55
C ALA O 262 -3.66 57.32 51.44
N GLY O 263 -3.45 57.59 52.73
CA GLY O 263 -3.16 56.56 53.70
C GLY O 263 -1.96 55.70 53.38
N VAL O 264 -0.78 56.31 53.29
CA VAL O 264 0.46 55.61 53.03
C VAL O 264 1.24 55.50 54.33
N THR O 265 1.47 54.27 54.78
CA THR O 265 2.21 54.04 56.02
C THR O 265 3.44 53.18 55.74
N SER O 266 3.31 52.21 54.84
CA SER O 266 4.40 51.33 54.47
C SER O 266 4.49 51.22 52.96
N THR O 267 5.58 50.60 52.48
CA THR O 267 5.78 50.41 51.06
C THR O 267 4.68 49.55 50.45
N GLN O 268 4.20 48.57 51.22
CA GLN O 268 3.14 47.68 50.73
C GLN O 268 1.87 48.45 50.43
N ASP O 269 1.52 49.43 51.28
CA ASP O 269 0.33 50.24 51.07
C ASP O 269 0.42 51.01 49.76
N LEU O 270 1.54 51.70 49.54
CA LEU O 270 1.73 52.46 48.31
C LEU O 270 1.70 51.53 47.09
N ALA O 271 2.31 50.35 47.22
CA ALA O 271 2.31 49.37 46.15
C ALA O 271 0.89 48.95 45.79
N ASP O 272 0.07 48.69 46.81
CA ASP O 272 -1.32 48.29 46.61
C ASP O 272 -2.10 49.41 45.93
N GLN O 273 -1.89 50.65 46.38
CA GLN O 273 -2.59 51.78 45.77
C GLN O 273 -2.19 51.94 44.31
N LEU O 274 -0.90 51.75 44.00
CA LEU O 274 -0.43 51.86 42.63
C LEU O 274 -1.03 50.77 41.76
N ASN O 275 -1.02 49.53 42.25
CA ASN O 275 -1.59 48.43 41.49
C ASN O 275 -3.10 48.61 41.30
N SER O 276 -3.76 49.25 42.26
CA SER O 276 -5.19 49.52 42.15
C SER O 276 -5.46 50.57 41.07
N ASN O 277 -4.73 51.69 41.13
CA ASN O 277 -4.93 52.77 40.18
C ASN O 277 -4.20 52.51 38.87
N SER O 278 -3.63 51.31 38.73
CA SER O 278 -2.88 50.93 37.53
C SER O 278 -3.70 51.12 36.26
N SER O 279 -5.02 50.95 36.35
CA SER O 279 -5.90 51.18 35.21
C SER O 279 -5.81 52.62 34.72
N LYS O 280 -6.03 53.57 35.62
CA LYS O 280 -6.03 54.99 35.27
C LYS O 280 -4.64 55.46 34.84
N LEU O 281 -3.65 55.27 35.72
CA LEU O 281 -2.28 55.73 35.45
C LEU O 281 -1.57 54.66 34.61
N GLY O 282 -1.10 55.08 33.44
CA GLY O 282 -0.40 54.16 32.55
C GLY O 282 1.05 53.94 32.92
N ILE O 283 1.30 53.68 34.21
CA ILE O 283 2.65 53.47 34.72
C ILE O 283 2.66 52.23 35.59
N THR O 284 3.10 51.11 35.03
CA THR O 284 3.07 49.85 35.75
C THR O 284 4.00 49.86 36.95
N ALA O 285 3.52 49.31 38.07
CA ALA O 285 4.30 49.20 39.29
C ALA O 285 4.69 47.74 39.50
N SER O 286 5.71 47.54 40.32
CA SER O 286 6.24 46.20 40.57
C SER O 286 6.74 46.08 42.00
N ILE O 287 6.02 45.33 42.83
CA ILE O 287 6.38 45.14 44.23
C ILE O 287 6.99 43.75 44.37
N ASN O 288 8.32 43.71 44.45
CA ASN O 288 9.02 42.47 44.78
C ASN O 288 8.87 42.19 46.27
N ASP O 289 8.65 40.92 46.61
CA ASP O 289 8.40 40.54 47.99
C ASP O 289 9.61 40.82 48.87
N LYS O 290 10.77 41.09 48.27
CA LYS O 290 11.94 41.48 49.04
C LYS O 290 11.70 42.78 49.79
N GLY O 291 11.11 43.77 49.12
CA GLY O 291 10.77 45.02 49.77
C GLY O 291 11.03 46.26 48.95
N VAL O 292 11.69 46.11 47.79
CA VAL O 292 12.07 47.26 46.98
C VAL O 292 10.96 47.58 45.99
N LEU O 293 9.97 48.36 46.42
CA LEU O 293 8.89 48.76 45.53
C LEU O 293 9.43 49.53 44.34
N THR O 294 9.09 49.07 43.14
CA THR O 294 9.61 49.64 41.90
C THR O 294 8.45 49.99 40.99
N ILE O 295 8.53 51.19 40.40
CA ILE O 295 7.52 51.69 39.47
C ILE O 295 8.22 52.12 38.20
N THR O 296 7.67 51.70 37.05
CA THR O 296 8.31 51.96 35.77
C THR O 296 7.26 52.41 34.76
N SER O 297 7.62 53.39 33.94
CA SER O 297 6.78 53.89 32.86
C SER O 297 7.50 53.62 31.55
N ALA O 298 6.97 52.67 30.77
CA ALA O 298 7.59 52.32 29.49
C ALA O 298 7.61 53.51 28.54
N THR O 299 6.56 54.33 28.56
CA THR O 299 6.49 55.48 27.66
C THR O 299 7.52 56.55 28.01
N GLY O 300 7.80 56.73 29.31
CA GLY O 300 8.76 57.72 29.73
C GLY O 300 8.13 58.94 30.38
N GLU O 301 7.01 58.73 31.06
CA GLU O 301 6.29 59.85 31.66
C GLU O 301 7.03 60.37 32.89
N ASN O 302 7.20 61.69 32.94
CA ASN O 302 7.86 62.35 34.06
C ASN O 302 6.89 62.38 35.24
N VAL O 303 7.01 61.38 36.11
CA VAL O 303 6.11 61.26 37.24
C VAL O 303 6.28 62.45 38.18
N LYS O 304 5.19 62.79 38.88
CA LYS O 304 5.17 63.93 39.79
C LYS O 304 4.50 63.50 41.09
N PHE O 305 5.02 64.00 42.20
CA PHE O 305 4.47 63.75 43.52
C PHE O 305 3.87 65.06 44.04
N GLY O 306 2.57 65.06 44.25
CA GLY O 306 1.88 66.25 44.73
C GLY O 306 2.27 66.63 46.14
N ALA O 307 1.66 67.72 46.60
CA ALA O 307 1.91 68.20 47.96
C ALA O 307 1.45 67.18 48.98
N GLN O 308 2.19 67.07 50.07
CA GLN O 308 1.91 66.09 51.11
C GLN O 308 1.03 66.72 52.19
N THR O 309 -0.27 66.66 51.95
CA THR O 309 -1.27 67.12 52.92
C THR O 309 -1.77 65.99 53.83
N GLY O 310 -0.85 65.23 54.40
CA GLY O 310 -1.21 64.08 55.20
C GLY O 310 -1.54 64.45 56.64
N THR O 311 -1.70 63.40 57.45
CA THR O 311 -2.04 63.55 58.85
C THR O 311 -0.93 63.11 59.79
N ALA O 312 0.21 62.66 59.25
CA ALA O 312 1.34 62.27 60.09
C ALA O 312 2.12 63.48 60.56
N THR O 313 3.27 63.26 61.19
CA THR O 313 4.08 64.36 61.70
C THR O 313 5.52 64.25 61.21
N ALA O 314 6.00 63.02 61.00
CA ALA O 314 7.37 62.80 60.55
C ALA O 314 7.39 61.59 59.64
N GLY O 315 8.43 61.54 58.80
CA GLY O 315 8.61 60.49 57.82
C GLY O 315 8.86 61.06 56.45
N GLN O 316 9.15 60.16 55.52
CA GLN O 316 9.44 60.55 54.14
C GLN O 316 9.36 59.32 53.26
N VAL O 317 9.26 59.56 51.95
CA VAL O 317 9.26 58.48 50.96
C VAL O 317 10.35 58.78 49.94
N ALA O 318 11.51 58.13 50.10
CA ALA O 318 12.63 58.39 49.21
C ALA O 318 12.40 57.78 47.84
N VAL O 319 13.08 58.33 46.83
CA VAL O 319 12.99 57.84 45.47
C VAL O 319 14.39 57.82 44.88
N LYS O 320 14.63 56.85 44.00
CA LYS O 320 15.87 56.73 43.25
C LYS O 320 15.53 56.54 41.78
N VAL O 321 16.43 56.96 40.90
CA VAL O 321 16.17 56.99 39.47
C VAL O 321 17.17 56.10 38.76
N GLN O 322 16.68 55.29 37.82
CA GLN O 322 17.53 54.41 37.05
C GLN O 322 18.32 55.22 36.02
N GLY O 323 19.60 54.88 35.86
CA GLY O 323 20.43 55.55 34.89
C GLY O 323 20.18 55.05 33.48
N SER O 324 20.76 55.76 32.51
CA SER O 324 20.64 55.38 31.11
C SER O 324 21.23 54.00 30.85
N ASP O 325 22.53 53.85 31.09
CA ASP O 325 23.19 52.57 30.89
C ASP O 325 22.75 51.56 31.95
N GLY O 326 22.72 51.99 33.20
CA GLY O 326 22.37 51.12 34.30
C GLY O 326 22.74 51.73 35.64
N LYS O 327 23.42 50.95 36.49
CA LYS O 327 23.92 51.39 37.80
C LYS O 327 22.91 52.23 38.55
N PHE O 328 21.79 51.60 38.95
CA PHE O 328 20.72 52.26 39.69
C PHE O 328 21.27 53.11 40.82
N GLU O 329 20.74 54.33 40.93
CA GLU O 329 21.25 55.33 41.88
C GLU O 329 21.28 54.79 43.30
N ALA O 330 22.38 55.07 43.99
CA ALA O 330 22.53 54.67 45.40
C ALA O 330 21.89 55.69 46.32
N ALA O 331 22.30 56.95 46.20
CA ALA O 331 21.76 58.00 47.05
C ALA O 331 20.29 58.24 46.73
N ALA O 332 19.47 58.32 47.77
CA ALA O 332 18.03 58.47 47.62
C ALA O 332 17.61 59.90 47.94
N LYS O 333 16.46 60.31 47.42
CA LYS O 333 15.92 61.64 47.70
C LYS O 333 14.43 61.50 47.97
N ASN O 334 13.96 62.15 49.02
CA ASN O 334 12.54 62.08 49.37
C ASN O 334 11.73 63.04 48.51
N VAL O 335 10.55 62.59 48.07
CA VAL O 335 9.63 63.45 47.33
C VAL O 335 8.51 63.98 48.21
N VAL O 336 8.05 63.22 49.19
CA VAL O 336 7.04 63.69 50.14
C VAL O 336 7.54 63.38 51.54
N ALA O 337 7.24 64.28 52.48
CA ALA O 337 7.71 64.14 53.84
C ALA O 337 6.70 64.75 54.79
N ALA O 338 6.29 63.98 55.81
CA ALA O 338 5.36 64.48 56.80
C ALA O 338 5.99 65.63 57.59
N GLY O 339 5.29 66.76 57.64
CA GLY O 339 5.82 67.94 58.29
C GLY O 339 6.27 68.99 57.31
N THR O 340 7.54 69.39 57.40
CA THR O 340 8.10 70.38 56.48
C THR O 340 8.08 69.88 55.05
N ALA O 341 7.85 70.77 54.10
CA ALA O 341 7.86 70.40 52.69
C ALA O 341 9.27 70.05 52.23
N ALA O 342 9.40 68.89 51.59
CA ALA O 342 10.70 68.43 51.12
C ALA O 342 11.02 69.03 49.75
N THR O 343 12.16 68.66 49.20
CA THR O 343 12.61 69.11 47.89
C THR O 343 12.61 67.93 46.91
N THR O 344 13.10 68.18 45.70
CA THR O 344 13.12 67.20 44.61
C THR O 344 11.73 66.57 44.44
N THR O 345 10.75 67.43 44.20
CA THR O 345 9.36 66.99 44.19
C THR O 345 8.99 66.15 42.97
N ILE O 346 9.72 66.26 41.87
CA ILE O 346 9.36 65.55 40.65
C ILE O 346 10.52 64.63 40.27
N VAL O 347 10.22 63.68 39.38
CA VAL O 347 11.19 62.71 38.89
C VAL O 347 11.09 62.66 37.37
N THR O 348 12.22 62.84 36.69
CA THR O 348 12.30 62.82 35.25
C THR O 348 13.04 61.56 34.79
N GLY O 349 12.50 60.89 33.79
CA GLY O 349 13.11 59.69 33.27
C GLY O 349 14.39 59.99 32.49
N TYR O 350 15.00 58.92 32.01
CA TYR O 350 16.25 59.00 31.27
C TYR O 350 16.00 58.73 29.80
N VAL O 351 16.96 59.14 28.97
CA VAL O 351 16.92 58.88 27.54
C VAL O 351 18.27 58.32 27.11
N GLN O 352 18.28 57.65 25.96
CA GLN O 352 19.50 57.03 25.44
C GLN O 352 19.49 57.19 23.92
N LEU O 353 20.51 57.87 23.40
CA LEU O 353 20.60 58.15 21.96
C LEU O 353 21.63 57.21 21.34
N ASN O 354 21.14 56.07 20.86
CA ASN O 354 22.01 55.16 20.13
C ASN O 354 22.35 55.72 18.75
N SER O 355 23.55 55.42 18.29
CA SER O 355 24.05 55.98 17.05
C SER O 355 24.86 54.95 16.28
N PRO O 356 24.57 54.75 14.99
CA PRO O 356 25.34 53.78 14.20
C PRO O 356 26.78 54.20 13.93
N THR O 357 27.01 55.41 13.44
CA THR O 357 28.35 55.82 13.05
C THR O 357 28.88 56.95 13.93
N ALA O 358 28.16 58.06 14.00
CA ALA O 358 28.60 59.23 14.74
C ALA O 358 27.44 60.19 14.96
N TYR O 359 27.28 60.64 16.20
CA TYR O 359 26.21 61.57 16.54
C TYR O 359 26.58 62.35 17.80
N SER O 360 27.00 63.60 17.64
CA SER O 360 27.44 64.44 18.75
C SER O 360 26.32 65.36 19.19
N VAL O 361 26.36 65.71 20.48
CA VAL O 361 25.35 66.57 21.10
C VAL O 361 26.08 67.68 21.86
N SER O 362 25.56 68.90 21.75
CA SER O 362 26.11 70.04 22.48
C SER O 362 24.96 70.91 22.96
N GLY O 363 25.25 71.72 23.98
CA GLY O 363 24.24 72.59 24.56
C GLY O 363 24.83 73.67 25.46
N THR O 364 24.22 74.85 25.44
CA THR O 364 24.71 75.97 26.23
C THR O 364 24.45 75.76 27.72
N GLY O 365 25.51 75.47 28.48
CA GLY O 365 25.41 75.35 29.92
C GLY O 365 24.41 74.32 30.41
N THR O 366 23.32 74.80 31.02
CA THR O 366 22.30 73.94 31.61
C THR O 366 21.69 73.00 30.59
N GLN O 367 21.47 73.49 29.36
CA GLN O 367 20.84 72.72 28.30
C GLN O 367 21.53 71.39 28.08
N ALA O 368 22.86 71.42 27.91
CA ALA O 368 23.62 70.18 27.74
C ALA O 368 23.52 69.30 28.97
N SER O 369 23.63 69.90 30.15
CA SER O 369 23.56 69.14 31.39
C SER O 369 22.18 68.53 31.58
N GLN O 370 21.13 69.34 31.37
CA GLN O 370 19.77 68.88 31.63
C GLN O 370 19.27 67.88 30.59
N VAL O 371 20.14 67.39 29.70
CA VAL O 371 19.78 66.38 28.72
C VAL O 371 20.72 65.18 28.80
N PHE O 372 22.02 65.41 28.69
CA PHE O 372 22.99 64.31 28.64
C PHE O 372 24.20 64.61 29.49
N GLY O 373 24.06 65.53 30.45
CA GLY O 373 25.16 65.92 31.30
C GLY O 373 26.34 66.44 30.51
N ASN O 374 27.56 66.13 30.98
CA ASN O 374 28.79 66.57 30.31
C ASN O 374 29.31 65.41 29.45
N ALA O 375 28.54 65.05 28.44
CA ALA O 375 28.96 63.99 27.52
C ALA O 375 29.65 64.57 26.30
N SER O 376 28.93 65.38 25.52
CA SER O 376 29.47 66.14 24.41
C SER O 376 30.04 65.26 23.30
N ALA O 377 29.92 63.94 23.44
CA ALA O 377 30.49 63.00 22.49
C ALA O 377 29.81 61.64 22.63
N ALA O 378 29.62 60.95 21.50
CA ALA O 378 28.94 59.67 21.48
C ALA O 378 29.89 58.51 21.72
N GLN O 379 31.15 58.80 21.99
CA GLN O 379 32.19 57.77 22.14
C GLN O 379 31.89 56.91 23.37
N LYS O 380 32.77 55.93 23.64
CA LYS O 380 32.48 54.79 24.52
C LYS O 380 31.33 53.95 23.96
N SER O 381 31.57 53.42 22.76
CA SER O 381 30.62 52.52 22.11
C SER O 381 30.22 51.36 23.02
N SER O 382 31.20 50.75 23.68
CA SER O 382 31.00 49.76 24.74
C SER O 382 30.17 48.56 24.31
N VAL O 383 30.69 47.78 23.35
CA VAL O 383 30.06 46.51 22.99
C VAL O 383 30.70 45.40 23.80
N ALA O 384 31.94 45.61 24.25
CA ALA O 384 32.61 44.63 25.09
C ALA O 384 31.93 44.52 26.44
N SER O 385 31.57 45.66 27.03
CA SER O 385 30.96 45.70 28.36
C SER O 385 29.52 45.23 28.37
N VAL O 386 28.99 44.83 27.21
CA VAL O 386 27.62 44.35 27.11
C VAL O 386 27.37 43.23 28.10
N ASP O 387 26.40 43.43 28.98
CA ASP O 387 25.97 42.43 29.95
C ASP O 387 24.65 41.82 29.46
N ILE O 388 24.20 40.77 30.15
CA ILE O 388 23.04 40.00 29.70
C ILE O 388 22.03 39.76 30.81
N SER O 389 22.48 39.68 32.06
CA SER O 389 21.73 38.98 33.11
C SER O 389 20.28 39.43 33.33
N THR O 390 20.04 40.64 33.84
CA THR O 390 18.73 40.86 34.43
C THR O 390 17.84 41.89 33.74
N ALA O 391 18.31 43.13 33.61
CA ALA O 391 17.46 44.17 33.03
C ALA O 391 18.11 44.76 31.79
N ASP O 392 19.35 45.20 31.94
CA ASP O 392 20.09 45.87 30.88
C ASP O 392 20.18 44.98 29.65
N GLY O 393 20.81 43.82 29.82
CA GLY O 393 21.15 42.93 28.72
C GLY O 393 20.09 42.67 27.68
N ALA O 394 18.95 42.11 28.11
CA ALA O 394 17.90 41.63 27.23
C ALA O 394 17.56 42.59 26.10
N GLN O 395 17.70 43.90 26.35
CA GLN O 395 17.37 44.93 25.38
C GLN O 395 18.61 45.68 24.89
N ASN O 396 19.56 45.94 25.78
CA ASN O 396 20.76 46.68 25.39
C ASN O 396 21.56 45.91 24.35
N ALA O 397 21.59 44.58 24.46
CA ALA O 397 22.34 43.79 23.49
C ALA O 397 21.75 43.93 22.09
N ILE O 398 20.42 43.97 22.00
CA ILE O 398 19.78 44.21 20.70
C ILE O 398 20.12 45.62 20.22
N ALA O 399 20.04 46.60 21.12
CA ALA O 399 20.38 47.97 20.77
C ALA O 399 21.79 48.06 20.21
N VAL O 400 22.72 47.25 20.73
CA VAL O 400 24.06 47.21 20.15
C VAL O 400 24.04 46.55 18.79
N VAL O 401 23.58 45.28 18.73
CA VAL O 401 23.79 44.47 17.55
C VAL O 401 23.07 45.06 16.34
N ASP O 402 22.03 45.86 16.55
CA ASP O 402 21.36 46.51 15.42
C ASP O 402 22.36 47.35 14.62
N ASN O 403 22.91 48.40 15.24
CA ASN O 403 23.86 49.24 14.54
C ASN O 403 25.17 48.49 14.28
N ALA O 404 25.46 47.45 15.06
CA ALA O 404 26.65 46.65 14.79
C ALA O 404 26.55 45.98 13.42
N LEU O 405 25.47 45.23 13.19
CA LEU O 405 25.26 44.61 11.88
C LEU O 405 25.08 45.67 10.80
N ALA O 406 24.50 46.83 11.15
CA ALA O 406 24.40 47.91 10.18
C ALA O 406 25.78 48.32 9.66
N ALA O 407 26.71 48.58 10.59
CA ALA O 407 28.05 49.01 10.19
C ALA O 407 28.81 47.88 9.50
N ILE O 408 28.64 46.65 9.97
CA ILE O 408 29.32 45.52 9.35
C ILE O 408 28.87 45.34 7.91
N ASP O 409 27.56 45.43 7.66
CA ASP O 409 27.05 45.24 6.31
C ASP O 409 27.36 46.46 5.44
N ALA O 410 27.49 47.63 6.05
CA ALA O 410 27.94 48.80 5.31
C ALA O 410 29.38 48.60 4.84
N GLN O 411 30.24 48.06 5.70
CA GLN O 411 31.60 47.71 5.29
C GLN O 411 31.58 46.65 4.19
N ARG O 412 30.67 45.68 4.31
CA ARG O 412 30.53 44.67 3.27
C ARG O 412 30.14 45.30 1.93
N ALA O 413 29.25 46.28 1.97
CA ALA O 413 28.84 46.97 0.75
C ALA O 413 29.98 47.81 0.18
N ASP O 414 30.78 48.44 1.04
CA ASP O 414 31.97 49.14 0.58
C ASP O 414 32.92 48.18 -0.13
N LEU O 415 33.17 47.02 0.47
CA LEU O 415 34.02 46.03 -0.18
C LEU O 415 33.41 45.54 -1.50
N ALA O 416 32.09 45.39 -1.53
CA ALA O 416 31.42 44.95 -2.75
C ALA O 416 31.59 45.97 -3.86
N ALA O 417 31.41 47.25 -3.54
CA ALA O 417 31.66 48.30 -4.52
C ALA O 417 33.10 48.28 -4.99
N VAL O 418 34.04 48.06 -4.06
CA VAL O 418 35.45 48.02 -4.40
C VAL O 418 35.72 46.90 -5.40
N GLN O 419 35.16 45.72 -5.15
CA GLN O 419 35.44 44.59 -6.03
C GLN O 419 34.69 44.67 -7.35
N ASN O 420 33.50 45.27 -7.38
CA ASN O 420 32.84 45.52 -8.66
C ASN O 420 33.65 46.51 -9.49
N ARG O 421 34.14 47.56 -8.83
CA ARG O 421 35.08 48.48 -9.47
C ARG O 421 36.30 47.72 -10.01
N PHE O 422 36.82 46.78 -9.22
CA PHE O 422 38.00 46.01 -9.63
C PHE O 422 37.70 45.15 -10.85
N LYS O 423 36.52 44.53 -10.89
CA LYS O 423 36.20 43.67 -12.03
C LYS O 423 35.99 44.50 -13.29
N ASN O 424 35.31 45.64 -13.16
CA ASN O 424 35.17 46.52 -14.33
C ASN O 424 36.53 47.02 -14.79
N THR O 425 37.42 47.32 -13.83
CA THR O 425 38.75 47.80 -14.17
C THR O 425 39.57 46.71 -14.87
N ILE O 426 39.44 45.46 -14.42
CA ILE O 426 40.25 44.41 -15.04
C ILE O 426 39.73 44.10 -16.43
N ASP O 427 38.41 44.16 -16.64
CA ASP O 427 37.91 44.03 -18.00
C ASP O 427 38.40 45.16 -18.90
N ASN O 428 38.33 46.40 -18.41
CA ASN O 428 38.81 47.53 -19.20
C ASN O 428 40.31 47.39 -19.50
N LEU O 429 41.09 46.96 -18.51
CA LEU O 429 42.53 46.84 -18.70
C LEU O 429 42.87 45.72 -19.67
N THR O 430 42.14 44.60 -19.61
CA THR O 430 42.37 43.53 -20.57
C THR O 430 42.03 43.99 -21.98
N ASN O 431 40.93 44.73 -22.13
CA ASN O 431 40.56 45.22 -23.46
C ASN O 431 41.61 46.18 -24.00
N ILE O 432 42.07 47.13 -23.16
CA ILE O 432 43.07 48.09 -23.61
C ILE O 432 44.38 47.39 -23.92
N SER O 433 44.74 46.37 -23.13
CA SER O 433 45.98 45.63 -23.39
C SER O 433 45.89 44.86 -24.69
N GLU O 434 44.73 44.24 -24.96
CA GLU O 434 44.58 43.53 -26.23
C GLU O 434 44.64 44.47 -27.41
N ASN O 435 44.02 45.64 -27.30
CA ASN O 435 44.08 46.62 -28.39
C ASN O 435 45.51 47.13 -28.58
N ALA O 436 46.24 47.30 -27.47
CA ALA O 436 47.65 47.68 -27.59
C ALA O 436 48.48 46.59 -28.24
N THR O 437 48.16 45.32 -27.97
CA THR O 437 48.86 44.24 -28.66
C THR O 437 48.53 44.23 -30.14
N ASN O 438 47.28 44.52 -30.50
CA ASN O 438 46.93 44.63 -31.92
C ASN O 438 47.71 45.77 -32.58
N ALA O 439 47.84 46.90 -31.88
CA ALA O 439 48.63 48.00 -32.42
C ALA O 439 50.10 47.61 -32.58
N ARG O 440 50.65 46.92 -31.58
CA ARG O 440 52.03 46.47 -31.64
C ARG O 440 52.23 45.48 -32.78
N SER O 441 51.21 44.67 -33.07
CA SER O 441 51.30 43.74 -34.19
C SER O 441 51.26 44.48 -35.52
N ARG O 442 50.33 45.42 -35.66
CA ARG O 442 50.21 46.19 -36.90
C ARG O 442 51.44 47.05 -37.16
N ILE O 443 52.16 47.44 -36.11
CA ILE O 443 53.35 48.27 -36.29
C ILE O 443 54.65 47.47 -36.29
N LYS O 444 54.63 46.23 -35.79
CA LYS O 444 55.82 45.41 -35.64
C LYS O 444 55.75 44.09 -36.40
N ASP O 445 54.67 43.34 -36.26
CA ASP O 445 54.59 42.01 -36.87
C ASP O 445 54.62 42.16 -38.38
N THR O 446 55.61 41.54 -39.01
CA THR O 446 55.75 41.62 -40.46
C THR O 446 54.64 40.85 -41.16
N ASP O 447 53.92 41.53 -42.05
CA ASP O 447 52.93 40.87 -42.91
C ASP O 447 53.64 40.22 -44.09
N PHE O 448 54.33 39.11 -43.81
CA PHE O 448 55.25 38.50 -44.75
C PHE O 448 54.59 37.96 -46.01
N ALA O 449 53.26 38.12 -46.16
CA ALA O 449 52.62 37.79 -47.43
C ALA O 449 53.28 38.52 -48.60
N ALA O 450 53.99 39.62 -48.33
CA ALA O 450 54.84 40.28 -49.32
C ALA O 450 56.32 40.10 -49.05
N GLU O 451 56.72 39.88 -47.80
CA GLU O 451 58.13 39.69 -47.49
C GLU O 451 58.70 38.39 -48.02
N THR O 452 57.90 37.32 -48.12
CA THR O 452 58.40 36.12 -48.78
C THR O 452 58.64 36.35 -50.26
N ALA O 453 57.74 37.11 -50.92
CA ALA O 453 57.98 37.47 -52.31
C ALA O 453 59.22 38.34 -52.45
N ALA O 454 59.42 39.26 -51.50
CA ALA O 454 60.62 40.09 -51.52
C ALA O 454 61.87 39.24 -51.32
N LEU O 455 61.79 38.23 -50.46
CA LEU O 455 62.91 37.32 -50.25
C LEU O 455 63.24 36.55 -51.53
N SER O 456 62.20 36.01 -52.18
CA SER O 456 62.42 35.33 -53.45
C SER O 456 63.03 36.26 -54.49
N LYS O 457 62.55 37.50 -54.53
CA LYS O 457 63.10 38.49 -55.45
C LYS O 457 64.58 38.74 -55.18
N ASN O 458 64.94 38.98 -53.93
CA ASN O 458 66.33 39.27 -53.59
C ASN O 458 67.21 38.07 -53.90
N GLN O 459 66.74 36.86 -53.59
CA GLN O 459 67.55 35.67 -53.86
C GLN O 459 67.75 35.47 -55.36
N VAL O 460 66.69 35.61 -56.15
CA VAL O 460 66.82 35.37 -57.58
C VAL O 460 67.66 36.47 -58.23
N LEU O 461 67.58 37.70 -57.71
CA LEU O 461 68.37 38.77 -58.31
C LEU O 461 69.83 38.65 -57.91
N GLN O 462 70.10 38.12 -56.70
CA GLN O 462 71.47 37.81 -56.33
C GLN O 462 72.04 36.72 -57.23
N GLN O 463 71.25 35.68 -57.51
CA GLN O 463 71.69 34.64 -58.44
C GLN O 463 71.95 35.23 -59.83
N ALA O 464 71.06 36.11 -60.29
CA ALA O 464 71.22 36.73 -61.60
C ALA O 464 72.50 37.55 -61.65
N GLY O 465 72.76 38.35 -60.61
CA GLY O 465 73.97 39.14 -60.57
C GLY O 465 75.23 38.28 -60.52
N THR O 466 75.16 37.16 -59.80
CA THR O 466 76.30 36.25 -59.76
C THR O 466 76.57 35.66 -61.13
N ALA O 467 75.52 35.25 -61.83
CA ALA O 467 75.68 34.75 -63.19
C ALA O 467 76.22 35.84 -64.12
N ILE O 468 75.77 37.07 -63.91
CA ILE O 468 76.24 38.19 -64.72
C ILE O 468 77.73 38.42 -64.51
N LEU O 469 78.18 38.38 -63.26
CA LEU O 469 79.61 38.52 -62.98
C LEU O 469 80.41 37.38 -63.60
N ALA O 470 79.91 36.15 -63.46
CA ALA O 470 80.62 35.00 -64.02
C ALA O 470 80.70 35.07 -65.54
N GLN O 471 79.70 35.68 -66.18
CA GLN O 471 79.72 35.83 -67.63
C GLN O 471 80.60 36.99 -68.07
N ALA O 472 80.65 38.06 -67.27
CA ALA O 472 81.38 39.26 -67.66
C ALA O 472 82.88 39.14 -67.36
N ASN O 473 83.25 38.30 -66.41
CA ASN O 473 84.67 38.17 -66.08
C ASN O 473 85.44 37.40 -67.16
N GLN O 474 84.73 36.90 -68.17
CA GLN O 474 85.37 36.18 -69.27
C GLN O 474 85.60 37.05 -70.50
N LEU O 475 85.09 38.29 -70.52
CA LEU O 475 85.18 39.11 -71.72
C LEU O 475 86.61 39.55 -72.04
N PRO O 476 87.34 40.22 -71.15
CA PRO O 476 88.70 40.67 -71.51
C PRO O 476 89.64 39.51 -71.83
N GLN O 477 89.48 38.38 -71.14
CA GLN O 477 90.29 37.20 -71.44
C GLN O 477 90.18 36.83 -72.92
N ALA O 478 88.95 36.58 -73.39
CA ALA O 478 88.75 36.17 -74.77
C ALA O 478 89.15 37.30 -75.73
N VAL O 479 88.86 38.55 -75.37
CA VAL O 479 89.18 39.67 -76.25
C VAL O 479 90.69 39.71 -76.51
N LEU O 480 91.49 39.72 -75.45
CA LEU O 480 92.94 39.80 -75.63
C LEU O 480 93.53 38.51 -76.17
N SER O 481 92.91 37.36 -75.89
CA SER O 481 93.43 36.11 -76.44
C SER O 481 93.17 36.02 -77.94
N LEU O 482 92.08 36.62 -78.43
CA LEU O 482 91.81 36.65 -79.85
C LEU O 482 92.58 37.75 -80.56
N LEU O 483 92.83 38.86 -79.89
CA LEU O 483 93.59 39.96 -80.48
C LEU O 483 95.09 39.66 -80.53
N ARG O 484 95.55 38.67 -79.78
CA ARG O 484 96.97 38.32 -79.75
C ARG O 484 97.22 36.96 -80.38
N VAL P 1 42.81 27.20 -16.74
CA VAL P 1 42.91 26.85 -15.33
C VAL P 1 42.76 25.35 -15.15
N ASN P 2 43.87 24.69 -14.77
CA ASN P 2 43.86 23.24 -14.57
C ASN P 2 44.51 22.77 -13.29
N THR P 3 45.39 23.55 -12.67
CA THR P 3 46.06 23.10 -11.45
C THR P 3 45.12 23.01 -10.26
N ASN P 4 43.98 23.70 -10.30
CA ASN P 4 42.97 23.56 -9.27
C ASN P 4 41.65 24.06 -9.84
N ILE P 5 40.56 23.73 -9.15
CA ILE P 5 39.22 24.10 -9.58
C ILE P 5 38.62 25.01 -8.52
N ALA P 6 38.12 26.18 -8.95
CA ALA P 6 37.56 27.14 -8.01
C ALA P 6 36.21 26.70 -7.44
N SER P 7 35.69 25.55 -7.88
CA SER P 7 34.39 25.08 -7.41
C SER P 7 34.44 24.48 -6.01
N LEU P 8 35.52 24.69 -5.25
CA LEU P 8 35.57 24.18 -3.88
C LEU P 8 34.47 24.76 -3.00
N ASN P 9 33.82 25.84 -3.43
CA ASN P 9 32.61 26.30 -2.76
C ASN P 9 31.55 25.21 -2.77
N THR P 10 31.51 24.41 -3.84
CA THR P 10 30.57 23.29 -3.89
C THR P 10 30.88 22.27 -2.78
N GLN P 11 32.17 21.95 -2.61
CA GLN P 11 32.54 21.01 -1.54
C GLN P 11 32.24 21.59 -0.16
N ARG P 12 32.46 22.90 0.00
CA ARG P 12 32.13 23.55 1.26
C ARG P 12 30.64 23.46 1.56
N ASN P 13 29.81 23.74 0.56
CA ASN P 13 28.37 23.64 0.73
C ASN P 13 27.95 22.20 1.00
N LEU P 14 28.61 21.23 0.35
CA LEU P 14 28.33 19.83 0.65
C LEU P 14 28.61 19.50 2.10
N ASN P 15 29.76 19.94 2.61
CA ASN P 15 30.11 19.67 4.01
C ASN P 15 29.10 20.33 4.96
N ALA P 16 28.77 21.60 4.68
CA ALA P 16 27.82 22.31 5.54
C ALA P 16 26.46 21.64 5.53
N SER P 17 25.94 21.30 4.35
CA SER P 17 24.66 20.63 4.24
C SER P 17 24.69 19.25 4.88
N SER P 18 25.85 18.58 4.85
CA SER P 18 25.97 17.30 5.51
C SER P 18 25.88 17.44 7.02
N ASN P 19 26.53 18.47 7.58
CA ASN P 19 26.42 18.71 9.02
C ASN P 19 24.98 19.04 9.40
N ASP P 20 24.33 19.93 8.65
CA ASP P 20 22.93 20.25 8.94
C ASP P 20 22.04 19.02 8.79
N LEU P 21 22.35 18.16 7.82
CA LEU P 21 21.57 16.95 7.62
C LEU P 21 21.73 16.00 8.81
N ASN P 22 22.97 15.86 9.30
CA ASN P 22 23.19 15.04 10.49
C ASN P 22 22.42 15.60 11.69
N THR P 23 22.46 16.91 11.88
CA THR P 23 21.71 17.52 12.99
C THR P 23 20.22 17.28 12.85
N SER P 24 19.68 17.46 11.64
CA SER P 24 18.23 17.28 11.44
C SER P 24 17.84 15.82 11.62
N LEU P 25 18.67 14.90 11.14
CA LEU P 25 18.41 13.48 11.32
C LEU P 25 18.41 13.10 12.80
N GLN P 26 19.37 13.61 13.56
CA GLN P 26 19.39 13.37 14.99
C GLN P 26 18.13 13.93 15.66
N ARG P 27 17.77 15.17 15.33
CA ARG P 27 16.60 15.80 15.93
C ARG P 27 15.33 15.01 15.61
N LEU P 28 15.26 14.45 14.39
CA LEU P 28 14.06 13.72 14.00
C LEU P 28 14.01 12.34 14.64
N THR P 29 15.16 11.68 14.78
CA THR P 29 15.16 10.35 15.36
C THR P 29 15.06 10.37 16.89
N THR P 30 15.42 11.48 17.52
CA THR P 30 15.24 11.60 18.96
C THR P 30 13.98 12.37 19.34
N GLY P 31 13.31 12.97 18.36
CA GLY P 31 12.10 13.73 18.62
C GLY P 31 12.31 15.06 19.30
N TYR P 32 13.55 15.52 19.44
CA TYR P 32 13.86 16.75 20.15
C TYR P 32 14.43 17.77 19.17
N ARG P 33 13.79 18.93 19.06
CA ARG P 33 14.35 20.01 18.27
C ARG P 33 15.69 20.45 18.84
N ILE P 34 15.74 20.66 20.15
CA ILE P 34 17.02 20.82 20.83
C ILE P 34 17.50 19.45 21.28
N ASN P 35 18.59 18.98 20.67
CA ASN P 35 19.14 17.69 21.05
C ASN P 35 19.57 17.71 22.52
N SER P 36 19.58 16.52 23.13
CA SER P 36 20.06 16.39 24.49
C SER P 36 21.53 16.78 24.62
N ALA P 37 22.19 17.07 23.50
CA ALA P 37 23.58 17.47 23.50
C ALA P 37 23.72 18.95 23.87
N LYS P 38 24.93 19.47 23.64
CA LYS P 38 25.28 20.82 24.06
C LYS P 38 24.47 21.89 23.35
N ASP P 39 23.96 21.61 22.15
CA ASP P 39 23.34 22.63 21.32
C ASP P 39 22.23 23.36 22.08
N ASP P 40 22.21 24.69 21.96
CA ASP P 40 21.25 25.55 22.65
C ASP P 40 21.36 25.34 24.17
N ALA P 41 22.53 25.71 24.68
CA ALA P 41 22.84 25.47 26.09
C ALA P 41 21.80 26.08 27.03
N ALA P 42 21.22 27.22 26.65
CA ALA P 42 20.16 27.82 27.48
C ALA P 42 18.96 26.89 27.57
N GLY P 43 18.42 26.49 26.43
CA GLY P 43 17.30 25.56 26.42
C GLY P 43 17.66 24.23 27.07
N LEU P 44 18.90 23.78 26.90
CA LEU P 44 19.34 22.55 27.55
C LEU P 44 19.28 22.68 29.06
N GLN P 45 19.74 23.82 29.60
CA GLN P 45 19.70 24.06 31.02
C GLN P 45 18.27 24.10 31.53
N ILE P 46 17.40 24.84 30.84
CA ILE P 46 16.00 24.93 31.25
C ILE P 46 15.36 23.55 31.23
N SER P 47 15.66 22.75 30.19
CA SER P 47 15.07 21.43 30.08
C SER P 47 15.55 20.52 31.21
N ASN P 48 16.85 20.59 31.53
CA ASN P 48 17.37 19.78 32.63
C ASN P 48 16.69 20.16 33.94
N ARG P 49 16.54 21.47 34.20
CA ARG P 49 15.92 21.89 35.45
C ARG P 49 14.46 21.46 35.53
N LEU P 50 13.70 21.64 34.45
CA LEU P 50 12.30 21.27 34.48
C LEU P 50 12.13 19.74 34.54
N SER P 51 13.08 18.99 33.98
CA SER P 51 13.00 17.54 34.07
C SER P 51 13.26 17.08 35.49
N ASN P 52 14.26 17.65 36.15
CA ASN P 52 14.45 17.42 37.58
C ASN P 52 13.17 17.72 38.34
N GLN P 53 12.54 18.85 38.00
CA GLN P 53 11.33 19.27 38.70
C GLN P 53 10.20 18.26 38.53
N ILE P 54 9.96 17.81 37.29
CA ILE P 54 8.82 16.92 37.05
C ILE P 54 9.10 15.54 37.65
N SER P 55 10.35 15.09 37.60
CA SER P 55 10.68 13.82 38.23
C SER P 55 10.48 13.88 39.74
N GLY P 56 10.94 14.97 40.36
CA GLY P 56 10.67 15.16 41.78
C GLY P 56 9.19 15.22 42.09
N LEU P 57 8.42 15.86 41.20
CA LEU P 57 6.98 15.93 41.39
C LEU P 57 6.34 14.56 41.33
N ASN P 58 6.75 13.71 40.39
CA ASN P 58 6.18 12.38 40.28
C ASN P 58 6.53 11.53 41.52
N VAL P 59 7.79 11.58 41.95
CA VAL P 59 8.16 10.76 43.09
C VAL P 59 7.50 11.28 44.36
N ALA P 60 7.32 12.60 44.48
CA ALA P 60 6.60 13.13 45.63
C ALA P 60 5.13 12.76 45.57
N THR P 61 4.56 12.67 44.36
CA THR P 61 3.19 12.20 44.22
C THR P 61 3.06 10.76 44.71
N ARG P 62 4.02 9.91 44.37
CA ARG P 62 3.98 8.54 44.85
C ARG P 62 4.10 8.49 46.37
N ASN P 63 5.02 9.28 46.93
CA ASN P 63 5.18 9.32 48.39
C ASN P 63 3.89 9.80 49.05
N ALA P 64 3.22 10.79 48.46
CA ALA P 64 1.97 11.28 49.01
C ALA P 64 0.88 10.21 48.90
N ASN P 65 0.94 9.38 47.85
CA ASN P 65 -0.01 8.28 47.75
C ASN P 65 0.19 7.27 48.89
N ASP P 66 1.45 6.90 49.16
CA ASP P 66 1.71 6.03 50.31
C ASP P 66 1.27 6.70 51.61
N GLY P 67 1.46 8.01 51.72
CA GLY P 67 1.01 8.72 52.90
C GLY P 67 -0.50 8.70 53.06
N ILE P 68 -1.24 8.84 51.95
CA ILE P 68 -2.69 8.76 51.99
C ILE P 68 -3.13 7.37 52.40
N SER P 69 -2.44 6.34 51.92
CA SER P 69 -2.77 4.98 52.33
C SER P 69 -2.53 4.78 53.82
N LEU P 70 -1.42 5.32 54.34
CA LEU P 70 -1.14 5.24 55.77
C LEU P 70 -2.22 5.95 56.57
N ALA P 71 -2.61 7.15 56.12
CA ALA P 71 -3.67 7.89 56.79
C ALA P 71 -5.00 7.14 56.76
N GLN P 72 -5.29 6.43 55.67
CA GLN P 72 -6.53 5.66 55.59
C GLN P 72 -6.49 4.48 56.56
N THR P 73 -5.33 3.82 56.66
CA THR P 73 -5.19 2.75 57.64
C THR P 73 -5.38 3.27 59.06
N ALA P 74 -4.79 4.44 59.36
CA ALA P 74 -4.98 5.03 60.68
C ALA P 74 -6.43 5.40 60.92
N GLU P 75 -7.12 5.91 59.89
CA GLU P 75 -8.52 6.27 60.03
C GLU P 75 -9.37 5.03 60.32
N GLY P 76 -9.08 3.93 59.66
CA GLY P 76 -9.80 2.69 59.94
C GLY P 76 -9.55 2.19 61.35
N ALA P 77 -8.30 2.24 61.80
CA ALA P 77 -7.99 1.82 63.16
C ALA P 77 -8.71 2.70 64.18
N LEU P 78 -8.74 4.01 63.95
CA LEU P 78 -9.43 4.91 64.86
C LEU P 78 -10.94 4.71 64.83
N GLN P 79 -11.50 4.38 63.67
CA GLN P 79 -12.93 4.03 63.61
C GLN P 79 -13.22 2.80 64.43
N GLN P 80 -12.35 1.79 64.33
CA GLN P 80 -12.55 0.58 65.13
C GLN P 80 -12.44 0.88 66.61
N SER P 81 -11.51 1.76 67.00
CA SER P 81 -11.40 2.11 68.42
C SER P 81 -12.61 2.91 68.89
N THR P 82 -13.17 3.75 68.02
CA THR P 82 -14.40 4.45 68.38
C THR P 82 -15.53 3.47 68.60
N ASN P 83 -15.65 2.46 67.75
CA ASN P 83 -16.67 1.43 67.95
C ASN P 83 -16.45 0.69 69.27
N ILE P 84 -15.19 0.37 69.57
CA ILE P 84 -14.87 -0.32 70.82
C ILE P 84 -15.28 0.53 72.03
N LEU P 85 -14.94 1.82 72.01
CA LEU P 85 -15.26 2.67 73.14
C LEU P 85 -16.76 2.93 73.23
N GLN P 86 -17.45 2.93 72.09
CA GLN P 86 -18.92 3.02 72.12
C GLN P 86 -19.52 1.81 72.81
N ARG P 87 -19.03 0.61 72.45
CA ARG P 87 -19.47 -0.60 73.15
C ARG P 87 -19.15 -0.54 74.64
N ILE P 88 -17.99 0.02 74.98
CA ILE P 88 -17.64 0.22 76.38
C ILE P 88 -18.66 1.11 77.07
N ARG P 89 -19.08 2.18 76.39
CA ARG P 89 -20.10 3.07 76.96
C ARG P 89 -21.42 2.35 77.14
N ASP P 90 -21.80 1.50 76.19
CA ASP P 90 -23.04 0.74 76.34
C ASP P 90 -22.96 -0.19 77.55
N LEU P 91 -21.84 -0.89 77.71
CA LEU P 91 -21.68 -1.74 78.88
C LEU P 91 -21.68 -0.94 80.17
N ALA P 92 -21.08 0.25 80.15
CA ALA P 92 -21.05 1.08 81.35
C ALA P 92 -22.45 1.55 81.73
N LEU P 93 -23.26 1.95 80.74
CA LEU P 93 -24.63 2.35 81.02
C LEU P 93 -25.47 1.16 81.45
N GLN P 94 -25.17 -0.04 80.94
CA GLN P 94 -25.91 -1.24 81.34
C GLN P 94 -25.53 -1.64 82.76
N SER P 95 -24.32 -1.29 83.20
CA SER P 95 -23.86 -1.69 84.52
C SER P 95 -24.55 -0.95 85.67
N ALA P 96 -25.55 -0.12 85.39
CA ALA P 96 -26.30 0.52 86.46
C ALA P 96 -26.99 -0.51 87.33
N ASN P 97 -27.58 -1.54 86.72
CA ASN P 97 -28.16 -2.69 87.41
C ASN P 97 -29.22 -2.30 88.43
N GLY P 98 -29.73 -1.07 88.36
CA GLY P 98 -30.62 -0.57 89.39
C GLY P 98 -29.97 -0.56 90.75
N SER P 99 -28.64 -0.75 90.77
CA SER P 99 -27.80 -0.74 91.95
C SER P 99 -27.99 -1.98 92.82
N ASN P 100 -29.00 -2.80 92.51
CA ASN P 100 -29.22 -4.00 93.33
C ASN P 100 -29.69 -5.22 92.55
N SER P 101 -29.77 -5.19 91.21
CA SER P 101 -30.44 -6.28 90.51
C SER P 101 -29.47 -7.34 90.00
N ASP P 102 -28.35 -6.93 89.40
CA ASP P 102 -27.44 -7.86 88.74
C ASP P 102 -26.20 -8.06 89.61
N ALA P 103 -26.14 -9.23 90.26
CA ALA P 103 -24.95 -9.60 91.01
C ALA P 103 -23.82 -10.05 90.09
N ASP P 104 -24.02 -10.03 88.78
CA ASP P 104 -23.01 -10.40 87.80
C ASP P 104 -22.11 -9.23 87.42
N ARG P 105 -21.96 -8.28 88.34
CA ARG P 105 -21.02 -7.18 88.12
C ARG P 105 -19.58 -7.69 87.97
N ALA P 106 -19.25 -8.83 88.55
CA ALA P 106 -17.93 -9.42 88.34
C ALA P 106 -17.75 -9.85 86.89
N ALA P 107 -18.77 -10.50 86.32
CA ALA P 107 -18.71 -10.86 84.91
C ALA P 107 -18.69 -9.62 84.03
N LEU P 108 -19.40 -8.57 84.43
CA LEU P 108 -19.35 -7.32 83.70
C LEU P 108 -17.95 -6.72 83.72
N GLN P 109 -17.30 -6.76 84.88
CA GLN P 109 -15.94 -6.25 85.01
C GLN P 109 -14.96 -7.04 84.16
N LYS P 110 -15.08 -8.37 84.16
CA LYS P 110 -14.19 -9.18 83.34
C LYS P 110 -14.45 -8.96 81.85
N GLU P 111 -15.72 -8.71 81.49
CA GLU P 111 -16.04 -8.41 80.10
C GLU P 111 -15.42 -7.09 79.67
N VAL P 112 -15.54 -6.05 80.50
CA VAL P 112 -14.95 -4.77 80.12
C VAL P 112 -13.42 -4.84 80.17
N ALA P 113 -12.86 -5.71 81.00
CA ALA P 113 -11.41 -5.90 81.00
C ALA P 113 -10.96 -6.58 79.72
N ALA P 114 -11.72 -7.57 79.25
CA ALA P 114 -11.41 -8.17 77.95
C ALA P 114 -11.54 -7.15 76.84
N GLN P 115 -12.54 -6.27 76.93
CA GLN P 115 -12.70 -5.21 75.94
C GLN P 115 -11.51 -4.25 75.96
N GLN P 116 -11.00 -3.92 77.15
CA GLN P 116 -9.83 -3.07 77.25
C GLN P 116 -8.58 -3.75 76.69
N ALA P 117 -8.43 -5.05 76.95
CA ALA P 117 -7.32 -5.79 76.35
C ALA P 117 -7.43 -5.80 74.83
N GLU P 118 -8.65 -5.95 74.31
CA GLU P 118 -8.85 -5.90 72.86
C GLU P 118 -8.55 -4.53 72.31
N LEU P 119 -8.86 -3.48 73.08
CA LEU P 119 -8.51 -2.12 72.68
C LEU P 119 -7.00 -1.95 72.59
N THR P 120 -6.27 -2.43 73.61
CA THR P 120 -4.81 -2.35 73.57
C THR P 120 -4.25 -3.19 72.41
N ARG P 121 -4.94 -4.26 72.04
CA ARG P 121 -4.53 -5.03 70.86
C ARG P 121 -4.79 -4.27 69.57
N ILE P 122 -5.93 -3.57 69.50
CA ILE P 122 -6.21 -2.71 68.34
C ILE P 122 -5.16 -1.63 68.21
N SER P 123 -4.64 -1.16 69.35
CA SER P 123 -3.47 -0.29 69.32
C SER P 123 -2.33 -0.95 68.55
N ASP P 124 -2.09 -2.23 68.80
CA ASP P 124 -1.09 -2.98 68.06
C ASP P 124 -1.71 -3.47 66.75
N THR P 125 -1.03 -4.38 66.06
CA THR P 125 -1.49 -5.03 64.84
C THR P 125 -1.62 -4.05 63.67
N THR P 126 -1.26 -2.79 63.88
CA THR P 126 -1.25 -1.78 62.83
C THR P 126 0.16 -1.59 62.28
N THR P 127 0.89 -2.70 62.15
CA THR P 127 2.29 -2.68 61.74
C THR P 127 2.41 -2.46 60.23
N PHE P 128 2.13 -1.22 59.82
CA PHE P 128 2.31 -0.82 58.43
C PHE P 128 3.78 -0.56 58.16
N GLY P 129 4.59 -1.61 58.15
CA GLY P 129 6.02 -1.49 57.97
C GLY P 129 6.87 -1.79 59.18
N GLY P 130 6.39 -2.61 60.11
CA GLY P 130 7.13 -2.86 61.34
C GLY P 130 7.23 -1.61 62.19
N ARG P 131 6.30 -0.68 61.96
CA ARG P 131 6.32 0.65 62.56
C ARG P 131 4.93 1.01 63.05
N LYS P 132 4.33 0.11 63.82
CA LYS P 132 2.94 0.19 64.27
C LYS P 132 2.54 1.62 64.60
N LEU P 133 1.43 2.07 64.01
CA LEU P 133 1.18 3.51 63.86
C LEU P 133 0.89 4.17 65.20
N LEU P 134 -0.18 3.76 65.86
CA LEU P 134 -0.64 4.45 67.06
C LEU P 134 0.13 4.06 68.32
N ASP P 135 0.24 2.78 68.65
CA ASP P 135 1.07 2.41 69.79
C ASP P 135 2.50 2.09 69.33
N GLY P 136 3.27 1.51 70.24
CA GLY P 136 4.60 1.07 69.89
C GLY P 136 5.59 2.22 69.94
N SER P 137 6.05 2.67 68.79
CA SER P 137 7.01 3.76 68.67
C SER P 137 6.64 4.60 67.45
N PHE P 138 6.01 5.75 67.69
CA PHE P 138 5.69 6.71 66.64
C PHE P 138 6.38 8.04 66.92
N GLY P 139 7.21 8.48 65.98
CA GLY P 139 8.00 9.69 66.18
C GLY P 139 7.33 10.97 65.76
N THR P 140 6.06 10.92 65.35
CA THR P 140 5.31 12.09 64.89
C THR P 140 6.07 12.79 63.75
N THR P 141 6.21 12.05 62.65
CA THR P 141 7.04 12.47 61.53
C THR P 141 6.25 13.42 60.62
N SER P 142 6.80 13.68 59.43
CA SER P 142 6.19 14.62 58.49
C SER P 142 6.46 14.08 57.08
N PHE P 143 5.41 13.97 56.27
CA PHE P 143 5.56 13.41 54.93
C PHE P 143 6.04 14.49 53.97
N GLN P 144 7.14 14.20 53.28
CA GLN P 144 7.67 15.13 52.28
C GLN P 144 6.85 15.03 51.00
N VAL P 145 6.30 16.17 50.57
CA VAL P 145 5.42 16.20 49.40
C VAL P 145 5.88 17.20 48.35
N GLY P 146 6.81 18.10 48.67
CA GLY P 146 7.22 19.13 47.74
C GLY P 146 8.51 18.76 47.04
N SER P 147 8.72 19.41 45.90
CA SER P 147 9.92 19.20 45.08
C SER P 147 11.11 19.99 45.59
N ASN P 148 11.03 20.57 46.78
CA ASN P 148 12.11 21.36 47.36
C ASN P 148 12.53 20.75 48.68
N ALA P 149 13.74 21.12 49.12
CA ALA P 149 14.27 20.58 50.37
C ALA P 149 13.46 21.06 51.56
N TYR P 150 13.19 20.14 52.49
CA TYR P 150 12.54 20.43 53.75
C TYR P 150 11.11 20.95 53.56
N GLU P 151 10.59 20.85 52.35
CA GLU P 151 9.18 21.17 52.11
C GLU P 151 8.34 19.93 52.43
N THR P 152 7.81 19.86 53.64
CA THR P 152 7.11 18.68 54.12
C THR P 152 5.76 19.06 54.70
N ILE P 153 4.95 18.04 54.98
CA ILE P 153 3.65 18.19 55.60
C ILE P 153 3.66 17.41 56.91
N ASP P 154 3.45 18.12 58.01
CA ASP P 154 3.52 17.50 59.33
C ASP P 154 2.21 16.77 59.65
N ILE P 155 2.34 15.72 60.46
CA ILE P 155 1.20 14.96 60.97
C ILE P 155 1.40 14.78 62.46
N SER P 156 0.31 14.88 63.21
CA SER P 156 0.32 14.88 64.67
C SER P 156 -0.48 13.71 65.21
N LEU P 157 -0.23 12.52 64.65
CA LEU P 157 -0.88 11.31 65.11
C LEU P 157 -0.72 11.14 66.61
N GLN P 158 -1.71 10.53 67.24
CA GLN P 158 -1.74 10.40 68.69
C GLN P 158 -0.53 9.59 69.16
N ASN P 159 -0.02 9.97 70.34
CA ASN P 159 1.12 9.26 70.93
C ASN P 159 0.87 7.77 71.02
N ALA P 160 -0.28 7.40 71.58
CA ALA P 160 -0.71 6.01 71.70
C ALA P 160 -2.17 6.01 72.12
N SER P 161 -2.86 4.91 71.84
CA SER P 161 -4.26 4.74 72.23
C SER P 161 -4.42 3.48 73.07
N ALA P 162 -3.52 3.28 74.03
CA ALA P 162 -3.62 2.15 74.95
C ALA P 162 -4.63 2.46 76.05
N SER P 163 -4.64 1.65 77.11
CA SER P 163 -5.58 1.86 78.20
C SER P 163 -5.12 2.99 79.11
N ALA P 164 -4.16 3.79 78.65
CA ALA P 164 -3.71 4.97 79.37
C ALA P 164 -4.33 6.26 78.87
N ILE P 165 -5.17 6.21 77.84
CA ILE P 165 -5.81 7.40 77.29
C ILE P 165 -7.21 7.53 77.88
N GLY P 166 -7.61 8.76 78.15
CA GLY P 166 -8.89 9.01 78.77
C GLY P 166 -9.09 10.44 79.20
N SER P 167 -9.52 10.65 80.44
CA SER P 167 -9.83 11.98 80.97
C SER P 167 -8.59 12.48 81.70
N TYR P 168 -7.85 13.38 81.05
CA TYR P 168 -6.69 14.03 81.66
C TYR P 168 -7.22 15.06 82.66
N GLN P 169 -7.70 14.56 83.80
CA GLN P 169 -8.48 15.41 84.70
C GLN P 169 -8.57 14.86 86.11
N VAL P 170 -8.13 15.63 87.09
CA VAL P 170 -8.45 15.35 88.50
C VAL P 170 -9.85 15.90 88.76
N GLY P 171 -9.99 17.22 88.59
CA GLY P 171 -11.28 17.88 88.65
C GLY P 171 -11.46 18.75 89.87
N SER P 172 -11.11 18.24 91.05
CA SER P 172 -11.12 18.99 92.30
C SER P 172 -10.67 18.14 93.47
N ASN P 173 -10.14 18.78 94.51
CA ASN P 173 -10.06 18.26 95.88
C ASN P 173 -9.38 16.89 96.00
N GLY P 174 -8.74 16.42 94.92
CA GLY P 174 -8.17 15.09 94.95
C GLY P 174 -6.73 15.01 94.51
N ALA P 175 -6.16 16.13 94.08
CA ALA P 175 -4.76 16.16 93.67
C ALA P 175 -3.90 16.81 94.75
N GLY P 176 -3.10 16.00 95.45
CA GLY P 176 -2.23 16.51 96.49
C GLY P 176 -2.94 16.68 97.83
N THR P 177 -3.74 17.73 97.95
CA THR P 177 -4.49 18.01 99.16
C THR P 177 -5.92 18.40 98.79
N VAL P 178 -6.85 18.15 99.71
CA VAL P 178 -8.24 18.53 99.47
C VAL P 178 -8.37 20.06 99.51
N ALA P 179 -9.44 20.55 98.89
CA ALA P 179 -9.70 21.98 98.87
C ALA P 179 -10.18 22.44 100.25
N SER P 180 -10.35 23.76 100.40
CA SER P 180 -10.80 24.35 101.65
C SER P 180 -12.28 24.70 101.64
N VAL P 181 -12.81 25.13 100.50
CA VAL P 181 -14.22 25.48 100.36
C VAL P 181 -14.96 24.44 99.52
N ALA P 182 -14.36 24.02 98.41
CA ALA P 182 -14.98 23.02 97.55
C ALA P 182 -15.09 21.69 98.29
N GLY P 183 -16.29 21.11 98.25
CA GLY P 183 -16.55 19.86 98.94
C GLY P 183 -16.33 19.93 100.43
N THR P 184 -16.52 21.12 101.02
CA THR P 184 -16.31 21.31 102.45
C THR P 184 -17.20 22.44 102.97
N ALA P 185 -17.74 22.26 104.17
CA ALA P 185 -18.53 23.31 104.79
C ALA P 185 -17.64 24.45 105.25
N THR P 186 -18.06 25.68 104.96
CA THR P 186 -17.29 26.87 105.30
C THR P 186 -18.20 27.91 105.93
N ALA P 187 -17.57 28.87 106.62
CA ALA P 187 -18.30 29.97 107.25
C ALA P 187 -18.44 31.16 106.31
N SER P 188 -17.35 31.57 105.67
CA SER P 188 -17.40 32.67 104.72
C SER P 188 -17.79 32.21 103.32
N GLY P 189 -17.52 30.94 103.00
CA GLY P 189 -17.88 30.40 101.71
C GLY P 189 -16.82 30.64 100.65
N ILE P 190 -17.25 30.52 99.40
CA ILE P 190 -16.40 30.80 98.25
C ILE P 190 -15.95 32.26 98.31
N ALA P 191 -14.66 32.50 98.16
CA ALA P 191 -14.10 33.84 98.20
C ALA P 191 -13.92 34.39 96.79
N SER P 192 -13.67 35.69 96.71
CA SER P 192 -13.45 36.33 95.43
C SER P 192 -12.05 36.02 94.90
N GLY P 193 -11.80 36.45 93.66
CA GLY P 193 -10.54 36.23 93.00
C GLY P 193 -10.75 35.59 91.65
N THR P 194 -9.65 35.15 91.05
CA THR P 194 -9.66 34.53 89.73
C THR P 194 -8.96 33.18 89.78
N VAL P 195 -9.25 32.35 88.77
CA VAL P 195 -8.63 31.04 88.64
C VAL P 195 -8.11 30.87 87.23
N ASN P 196 -6.79 30.86 87.08
CA ASN P 196 -6.18 30.69 85.76
C ASN P 196 -6.41 29.27 85.26
N LEU P 197 -6.78 29.15 83.98
CA LEU P 197 -7.02 27.85 83.35
C LEU P 197 -6.34 27.89 81.98
N VAL P 198 -5.10 27.43 81.93
CA VAL P 198 -4.33 27.41 80.70
C VAL P 198 -4.39 26.01 80.09
N GLY P 199 -4.53 25.95 78.77
CA GLY P 199 -4.58 24.69 78.07
C GLY P 199 -5.17 24.79 76.69
N GLY P 200 -4.64 24.00 75.75
CA GLY P 200 -5.11 24.01 74.38
C GLY P 200 -4.95 25.35 73.69
N GLY P 201 -3.77 25.93 73.78
CA GLY P 201 -3.48 27.19 73.11
C GLY P 201 -4.10 28.40 73.79
N GLN P 202 -5.42 28.43 73.87
CA GLN P 202 -6.11 29.57 74.47
C GLN P 202 -5.88 29.61 75.97
N VAL P 203 -5.70 30.82 76.49
CA VAL P 203 -5.48 31.05 77.91
C VAL P 203 -6.64 31.89 78.44
N LYS P 204 -7.21 31.46 79.57
CA LYS P 204 -8.37 32.12 80.16
C LYS P 204 -8.05 32.55 81.58
N ASN P 205 -8.80 33.55 82.05
CA ASN P 205 -8.62 34.06 83.40
C ASN P 205 -9.95 34.29 84.12
N ILE P 206 -10.88 33.34 84.04
CA ILE P 206 -12.21 33.47 84.63
C ILE P 206 -12.12 33.79 86.11
N ALA P 207 -12.76 34.87 86.54
CA ALA P 207 -12.73 35.27 87.93
C ALA P 207 -13.99 34.80 88.65
N ILE P 208 -13.81 34.19 89.81
CA ILE P 208 -14.92 33.68 90.61
C ILE P 208 -15.15 34.64 91.77
N ALA P 209 -16.30 35.29 91.79
CA ALA P 209 -16.64 36.21 92.85
C ALA P 209 -16.94 35.44 94.14
N ALA P 210 -17.04 36.16 95.25
CA ALA P 210 -17.33 35.55 96.52
C ALA P 210 -18.81 35.22 96.64
N GLY P 211 -19.12 34.17 97.40
CA GLY P 211 -20.49 33.77 97.63
C GLY P 211 -21.06 32.90 96.53
N ASP P 212 -20.39 32.87 95.38
CA ASP P 212 -20.84 32.10 94.23
C ASP P 212 -21.01 30.62 94.55
N SER P 213 -22.17 30.06 94.17
CA SER P 213 -22.42 28.65 94.38
C SER P 213 -21.50 27.80 93.51
N ALA P 214 -21.45 26.50 93.81
CA ALA P 214 -20.64 25.59 93.02
C ALA P 214 -21.06 25.59 91.55
N LYS P 215 -22.36 25.70 91.30
CA LYS P 215 -22.87 25.77 89.94
C LYS P 215 -22.33 26.98 89.20
N ALA P 216 -22.11 28.08 89.90
CA ALA P 216 -21.56 29.28 89.28
C ALA P 216 -20.22 28.95 88.63
N ILE P 217 -19.26 28.47 89.43
CA ILE P 217 -17.96 28.01 88.96
C ILE P 217 -18.16 26.99 87.84
N ALA P 218 -19.15 26.11 88.00
CA ALA P 218 -19.42 25.07 87.00
C ALA P 218 -19.66 25.67 85.62
N GLU P 219 -20.57 26.65 85.49
CA GLU P 219 -20.76 27.24 84.17
C GLU P 219 -19.59 28.13 83.76
N LYS P 220 -19.08 28.97 84.67
CA LYS P 220 -18.05 29.92 84.30
C LYS P 220 -16.77 29.26 83.79
N MET P 221 -16.27 28.26 84.51
CA MET P 221 -15.06 27.57 84.05
C MET P 221 -15.32 26.72 82.82
N ASP P 222 -16.58 26.45 82.49
CA ASP P 222 -16.93 25.69 81.29
C ASP P 222 -16.92 26.60 80.08
N GLY P 223 -17.17 26.04 78.89
CA GLY P 223 -17.32 26.84 77.69
C GLY P 223 -16.04 27.17 76.96
N ALA P 224 -15.56 28.39 77.16
CA ALA P 224 -14.45 29.00 76.40
C ALA P 224 -13.29 28.05 76.15
N ILE P 225 -12.81 27.36 77.19
CA ILE P 225 -11.66 26.47 77.06
C ILE P 225 -12.02 25.33 76.11
N PRO P 226 -11.25 25.14 75.04
CA PRO P 226 -11.59 24.10 74.06
C PRO P 226 -11.52 22.71 74.67
N ASN P 227 -12.52 21.89 74.36
CA ASN P 227 -12.61 20.50 74.81
C ASN P 227 -12.58 20.43 76.34
N LEU P 228 -13.60 21.00 76.94
CA LEU P 228 -13.72 21.01 78.40
C LEU P 228 -15.18 20.95 78.78
N SER P 229 -15.52 20.05 79.70
CA SER P 229 -16.86 19.94 80.27
C SER P 229 -16.77 20.29 81.75
N ALA P 230 -17.93 20.27 82.42
CA ALA P 230 -17.97 20.66 83.83
C ALA P 230 -19.21 20.06 84.48
N ARG P 231 -19.02 19.49 85.67
CA ARG P 231 -20.10 18.94 86.46
C ARG P 231 -20.19 19.70 87.79
N ALA P 232 -21.22 19.40 88.59
CA ALA P 232 -21.41 20.07 89.87
C ALA P 232 -22.35 19.26 90.76
N ARG P 233 -21.87 18.90 91.96
CA ARG P 233 -22.68 18.16 92.91
C ARG P 233 -22.34 18.61 94.32
N THR P 234 -23.31 18.50 95.23
CA THR P 234 -23.17 18.92 96.62
C THR P 234 -23.71 17.82 97.52
N VAL P 235 -23.27 16.59 97.26
CA VAL P 235 -23.67 15.44 98.05
C VAL P 235 -23.03 15.53 99.43
N PHE P 236 -23.85 15.50 100.47
CA PHE P 236 -23.37 15.60 101.84
C PHE P 236 -24.26 14.77 102.76
N THR P 237 -23.70 14.36 103.89
CA THR P 237 -24.43 13.59 104.89
C THR P 237 -24.76 14.47 106.10
N ALA P 238 -25.57 13.91 106.99
CA ALA P 238 -26.01 14.62 108.19
C ALA P 238 -26.47 13.59 109.21
N ASP P 239 -26.43 13.98 110.48
CA ASP P 239 -26.86 13.09 111.56
CA ASP P 239 -26.86 13.09 111.56
C ASP P 239 -27.25 13.95 112.75
N VAL P 240 -28.53 13.91 113.13
CA VAL P 240 -29.03 14.68 114.26
C VAL P 240 -28.86 13.84 115.52
N SER P 241 -28.06 14.32 116.47
CA SER P 241 -27.84 13.62 117.72
C SER P 241 -27.58 14.64 118.83
N GLY P 242 -27.69 14.18 120.07
CA GLY P 242 -27.40 15.01 121.22
C GLY P 242 -28.53 15.94 121.61
N VAL P 243 -29.65 15.87 120.88
CA VAL P 243 -30.79 16.74 121.14
C VAL P 243 -31.32 16.50 122.54
N THR P 244 -31.27 17.53 123.38
CA THR P 244 -31.74 17.46 124.76
C THR P 244 -32.46 18.74 125.13
N GLY P 245 -33.63 18.58 125.74
CA GLY P 245 -34.41 19.71 126.22
C GLY P 245 -34.78 20.73 125.16
N GLY P 246 -35.60 20.33 124.21
CA GLY P 246 -36.07 21.20 123.15
C GLY P 246 -35.77 20.64 121.77
N SER P 247 -36.19 21.41 120.77
CA SER P 247 -36.02 21.05 119.37
C SER P 247 -34.93 21.88 118.73
N LEU P 248 -34.37 21.35 117.64
CA LEU P 248 -33.29 22.00 116.90
C LEU P 248 -33.80 22.76 115.68
N ASN P 249 -34.98 23.36 115.77
CA ASN P 249 -35.59 24.10 114.67
C ASN P 249 -34.62 25.11 114.07
N PHE P 250 -34.32 24.97 112.77
CA PHE P 250 -33.35 25.82 112.10
C PHE P 250 -33.79 26.06 110.67
N ASP P 251 -33.21 27.09 110.06
CA ASP P 251 -33.56 27.46 108.70
C ASP P 251 -32.63 26.77 107.69
N VAL P 252 -33.20 26.42 106.54
CA VAL P 252 -32.46 25.79 105.46
C VAL P 252 -32.56 26.69 104.22
N THR P 253 -31.41 27.12 103.72
CA THR P 253 -31.33 28.00 102.56
C THR P 253 -30.61 27.28 101.43
N VAL P 254 -31.25 27.23 100.26
CA VAL P 254 -30.65 26.63 99.07
C VAL P 254 -30.85 27.59 97.90
N GLY P 255 -29.77 28.27 97.50
CA GLY P 255 -29.84 29.19 96.39
C GLY P 255 -30.80 30.34 96.60
N SER P 256 -31.90 30.34 95.85
CA SER P 256 -32.89 31.40 95.91
C SER P 256 -34.01 31.08 96.88
N ASN P 257 -34.72 29.97 96.68
CA ASN P 257 -35.81 29.59 97.56
C ASN P 257 -35.29 29.16 98.92
N THR P 258 -36.08 29.42 99.97
CA THR P 258 -35.66 29.16 101.33
C THR P 258 -36.87 28.89 102.20
N VAL P 259 -36.87 27.75 102.89
CA VAL P 259 -37.91 27.42 103.86
C VAL P 259 -37.25 27.24 105.22
N SER P 260 -38.07 27.10 106.27
CA SER P 260 -37.53 26.99 107.63
C SER P 260 -38.14 25.74 108.26
N LEU P 261 -37.31 24.71 108.45
CA LEU P 261 -37.77 23.47 109.06
C LEU P 261 -38.01 23.68 110.56
N ALA P 262 -38.70 22.73 111.16
CA ALA P 262 -39.01 22.77 112.58
C ALA P 262 -39.27 21.35 113.06
N GLY P 263 -39.19 21.16 114.38
CA GLY P 263 -39.41 19.85 114.98
C GLY P 263 -38.22 18.93 114.87
N VAL P 264 -37.03 19.48 114.64
CA VAL P 264 -35.82 18.69 114.51
C VAL P 264 -35.51 18.02 115.85
N THR P 265 -35.63 16.69 115.90
CA THR P 265 -35.36 15.96 117.12
C THR P 265 -34.51 14.71 116.90
N SER P 266 -34.35 14.23 115.68
CA SER P 266 -33.57 13.03 115.42
C SER P 266 -33.22 12.96 113.93
N THR P 267 -32.32 12.04 113.59
CA THR P 267 -31.90 11.88 112.21
C THR P 267 -33.06 11.54 111.28
N GLN P 268 -33.98 10.69 111.75
CA GLN P 268 -35.10 10.26 110.92
C GLN P 268 -36.05 11.41 110.61
N ASP P 269 -36.39 12.19 111.64
CA ASP P 269 -37.33 13.30 111.49
C ASP P 269 -36.82 14.32 110.47
N LEU P 270 -35.52 14.60 110.51
CA LEU P 270 -34.90 15.51 109.55
C LEU P 270 -35.11 14.98 108.14
N ALA P 271 -34.87 13.68 107.95
CA ALA P 271 -35.08 13.04 106.67
C ALA P 271 -36.52 13.21 106.19
N ASP P 272 -37.48 12.98 107.08
CA ASP P 272 -38.88 13.12 106.70
C ASP P 272 -39.22 14.54 106.28
N GLN P 273 -38.84 15.52 107.11
CA GLN P 273 -39.20 16.90 106.79
C GLN P 273 -38.49 17.38 105.54
N LEU P 274 -37.28 16.86 105.28
CA LEU P 274 -36.60 17.19 104.04
C LEU P 274 -37.31 16.58 102.84
N ASN P 275 -37.71 15.31 102.96
CA ASN P 275 -38.42 14.64 101.87
C ASN P 275 -39.72 15.36 101.54
N SER P 276 -40.44 15.81 102.57
CA SER P 276 -41.69 16.55 102.34
C SER P 276 -41.42 17.87 101.63
N ASN P 277 -40.30 18.51 101.96
CA ASN P 277 -39.98 19.83 101.41
C ASN P 277 -39.00 19.79 100.25
N SER P 278 -38.46 18.61 99.92
CA SER P 278 -37.43 18.49 98.90
C SER P 278 -37.84 19.12 97.57
N SER P 279 -39.14 19.10 97.27
CA SER P 279 -39.66 19.67 96.04
C SER P 279 -39.27 21.14 95.89
N LYS P 280 -39.48 21.93 96.94
CA LYS P 280 -39.20 23.36 96.86
C LYS P 280 -37.72 23.65 96.73
N LEU P 281 -36.90 23.09 97.63
CA LEU P 281 -35.46 23.35 97.59
C LEU P 281 -34.82 22.64 96.40
N GLY P 282 -35.54 21.71 95.78
CA GLY P 282 -34.99 21.01 94.64
C GLY P 282 -33.81 20.12 94.97
N ILE P 283 -33.84 19.49 96.14
CA ILE P 283 -32.77 18.60 96.56
C ILE P 283 -33.29 17.17 96.58
N THR P 284 -32.40 16.22 96.85
CA THR P 284 -32.76 14.80 96.86
C THR P 284 -32.35 14.20 98.22
N ALA P 285 -33.25 14.32 99.19
CA ALA P 285 -33.02 13.73 100.51
C ALA P 285 -33.37 12.26 100.50
N SER P 286 -32.37 11.39 100.67
CA SER P 286 -32.57 9.95 100.64
C SER P 286 -31.97 9.36 101.92
N ILE P 287 -32.84 8.80 102.77
CA ILE P 287 -32.40 8.13 103.98
C ILE P 287 -32.06 6.68 103.62
N ASN P 288 -30.83 6.27 103.95
CA ASN P 288 -30.37 4.94 103.60
C ASN P 288 -30.78 3.93 104.67
N ASP P 289 -30.37 2.68 104.48
CA ASP P 289 -30.70 1.63 105.44
C ASP P 289 -30.04 1.88 106.79
N LYS P 290 -28.91 2.60 106.79
CA LYS P 290 -28.19 2.87 108.02
C LYS P 290 -28.70 4.14 108.69
N GLY P 291 -29.79 4.71 108.17
CA GLY P 291 -30.39 5.87 108.79
C GLY P 291 -29.78 7.20 108.41
N VAL P 292 -28.46 7.21 108.18
CA VAL P 292 -27.73 8.45 107.90
C VAL P 292 -28.30 9.13 106.66
N LEU P 293 -28.36 10.46 106.69
CA LEU P 293 -28.88 11.25 105.58
C LEU P 293 -27.91 11.26 104.41
N THR P 294 -28.45 11.22 103.19
CA THR P 294 -27.66 11.28 101.96
C THR P 294 -28.19 12.32 101.00
N ILE P 295 -28.41 13.55 101.48
CA ILE P 295 -28.97 14.63 100.67
C ILE P 295 -28.15 14.81 99.40
N THR P 296 -28.82 14.91 98.26
CA THR P 296 -28.16 15.05 96.97
C THR P 296 -28.64 16.31 96.29
N SER P 297 -27.71 17.00 95.64
CA SER P 297 -28.00 18.22 94.89
C SER P 297 -28.13 17.90 93.40
N ALA P 298 -28.89 18.75 92.71
CA ALA P 298 -29.14 18.53 91.29
C ALA P 298 -27.98 19.01 90.44
N THR P 299 -27.68 20.31 90.50
CA THR P 299 -26.61 20.89 89.69
C THR P 299 -25.57 21.58 90.59
N GLY P 300 -25.26 20.92 91.71
CA GLY P 300 -24.29 21.44 92.63
C GLY P 300 -24.70 22.76 93.28
N GLU P 301 -25.72 22.70 94.15
CA GLU P 301 -26.23 23.90 94.80
C GLU P 301 -25.34 24.35 95.94
N ASN P 302 -25.81 25.31 96.72
CA ASN P 302 -25.03 25.91 97.80
C ASN P 302 -25.80 25.90 99.11
N VAL P 303 -26.38 24.74 99.45
CA VAL P 303 -27.22 24.57 100.63
C VAL P 303 -26.60 25.22 101.86
N LYS P 304 -27.39 25.99 102.58
CA LYS P 304 -26.96 26.75 103.74
C LYS P 304 -27.61 26.17 105.00
N PHE P 305 -27.07 26.53 106.16
CA PHE P 305 -27.62 26.07 107.44
C PHE P 305 -27.82 27.28 108.33
N GLY P 306 -29.04 27.45 108.83
CA GLY P 306 -29.38 28.62 109.62
C GLY P 306 -28.89 28.58 111.05
N ALA P 307 -29.66 29.16 111.96
CA ALA P 307 -29.29 29.24 113.37
C ALA P 307 -30.27 28.41 114.19
N GLN P 308 -29.89 28.17 115.45
CA GLN P 308 -30.69 27.34 116.35
C GLN P 308 -31.88 28.15 116.88
N THR P 309 -32.92 28.21 116.05
CA THR P 309 -34.13 28.95 116.42
C THR P 309 -34.96 28.18 117.44
N GLY P 310 -34.72 26.89 117.58
CA GLY P 310 -35.49 26.07 118.49
C GLY P 310 -35.15 26.35 119.95
N THR P 311 -35.62 25.45 120.81
CA THR P 311 -35.40 25.57 122.25
C THR P 311 -34.43 24.55 122.80
N ALA P 312 -33.79 23.76 121.95
CA ALA P 312 -32.85 22.74 122.39
C ALA P 312 -31.67 23.34 123.13
N THR P 313 -31.39 22.82 124.32
CA THR P 313 -30.25 23.25 125.12
C THR P 313 -28.95 22.80 124.46
N ALA P 314 -28.85 21.50 124.18
CA ALA P 314 -27.68 20.92 123.54
C ALA P 314 -28.12 20.18 122.28
N GLY P 315 -27.14 19.62 121.57
CA GLY P 315 -27.40 18.88 120.35
C GLY P 315 -26.92 19.64 119.12
N GLN P 316 -26.61 18.87 118.08
CA GLN P 316 -26.07 19.43 116.85
C GLN P 316 -26.15 18.44 115.70
N VAL P 317 -25.59 18.82 114.55
CA VAL P 317 -25.54 17.96 113.37
C VAL P 317 -24.20 18.18 112.68
N ALA P 318 -23.62 17.09 112.16
CA ALA P 318 -22.34 17.13 111.49
C ALA P 318 -22.53 16.89 109.99
N VAL P 319 -21.53 17.29 109.20
CA VAL P 319 -21.57 17.15 107.75
C VAL P 319 -20.27 16.51 107.29
N LYS P 320 -20.37 15.65 106.27
CA LYS P 320 -19.23 14.94 105.74
C LYS P 320 -19.15 15.01 104.21
N VAL P 321 -19.24 16.21 103.64
CA VAL P 321 -19.34 16.42 102.19
C VAL P 321 -18.29 15.61 101.45
N GLN P 322 -18.75 14.82 100.47
CA GLN P 322 -17.83 14.05 99.65
C GLN P 322 -17.36 14.87 98.45
N GLY P 323 -16.40 14.32 97.71
CA GLY P 323 -15.91 14.95 96.51
C GLY P 323 -15.86 14.02 95.33
N SER P 324 -15.05 14.35 94.32
CA SER P 324 -14.88 13.46 93.18
C SER P 324 -14.22 12.15 93.59
N ASP P 325 -13.47 12.16 94.69
CA ASP P 325 -12.85 10.93 95.19
C ASP P 325 -13.87 9.91 95.65
N GLY P 326 -15.10 10.31 95.91
CA GLY P 326 -16.15 9.38 96.28
C GLY P 326 -16.30 9.18 97.77
N LYS P 327 -15.19 9.07 98.48
CA LYS P 327 -15.23 8.83 99.92
C LYS P 327 -15.64 10.09 100.67
N PHE P 328 -16.63 9.98 101.55
CA PHE P 328 -17.07 11.09 102.38
C PHE P 328 -15.96 11.48 103.36
N GLU P 329 -15.82 12.77 103.61
CA GLU P 329 -14.81 13.27 104.55
C GLU P 329 -15.00 12.65 105.94
N ALA P 330 -13.91 12.17 106.52
CA ALA P 330 -13.96 11.51 107.81
C ALA P 330 -14.27 12.51 108.93
N ALA P 331 -14.15 13.80 108.63
CA ALA P 331 -14.38 14.84 109.63
C ALA P 331 -15.87 14.95 109.96
N ALA P 332 -16.19 15.71 111.02
CA ALA P 332 -17.57 15.91 111.43
C ALA P 332 -17.89 17.37 111.68
N LYS P 333 -17.51 18.25 110.75
CA LYS P 333 -17.63 19.69 110.93
C LYS P 333 -19.07 20.12 111.21
N ASN P 334 -19.27 20.86 112.29
CA ASN P 334 -20.59 21.28 112.71
C ASN P 334 -21.11 22.43 111.86
N VAL P 335 -22.42 22.42 111.59
CA VAL P 335 -23.07 23.53 110.90
C VAL P 335 -24.11 24.16 111.83
N VAL P 336 -25.00 23.33 112.37
CA VAL P 336 -26.02 23.83 113.29
C VAL P 336 -25.84 23.18 114.65
N ALA P 337 -25.72 24.01 115.69
CA ALA P 337 -25.53 23.52 117.04
C ALA P 337 -26.37 24.36 118.00
N ALA P 338 -26.78 23.73 119.10
CA ALA P 338 -27.54 24.43 120.12
C ALA P 338 -26.60 25.23 121.02
N GLY P 339 -27.17 26.07 121.88
CA GLY P 339 -26.36 26.94 122.71
C GLY P 339 -25.48 27.86 121.88
N THR P 340 -24.18 27.62 121.92
CA THR P 340 -23.23 28.35 121.08
C THR P 340 -23.25 27.76 119.68
N ALA P 341 -23.84 28.51 118.74
CA ALA P 341 -23.94 28.03 117.36
C ALA P 341 -22.55 27.95 116.72
N ALA P 342 -22.45 27.12 115.68
CA ALA P 342 -21.19 26.94 114.97
C ALA P 342 -20.93 28.12 114.04
N THR P 343 -19.84 28.04 113.27
CA THR P 343 -19.50 29.12 112.34
C THR P 343 -19.66 28.66 110.89
N THR P 344 -19.04 27.54 110.54
CA THR P 344 -19.14 27.00 109.19
C THR P 344 -20.58 26.59 108.88
N THR P 345 -21.23 27.30 107.96
CA THR P 345 -22.60 27.00 107.60
C THR P 345 -22.84 26.95 106.09
N ILE P 346 -21.90 27.40 105.28
CA ILE P 346 -22.06 27.40 103.83
C ILE P 346 -21.52 26.09 103.26
N VAL P 347 -22.37 25.08 103.17
CA VAL P 347 -21.97 23.80 102.60
C VAL P 347 -21.88 23.94 101.08
N THR P 348 -20.69 23.69 100.53
CA THR P 348 -20.46 23.78 99.10
C THR P 348 -19.76 22.51 98.63
N GLY P 349 -20.31 21.90 97.58
CA GLY P 349 -19.80 20.64 97.08
C GLY P 349 -18.60 20.83 96.17
N TYR P 350 -18.26 19.74 95.48
CA TYR P 350 -17.12 19.71 94.57
C TYR P 350 -17.54 20.18 93.18
N VAL P 351 -16.60 20.78 92.47
CA VAL P 351 -16.85 21.32 91.14
C VAL P 351 -16.01 20.55 90.12
N GLN P 352 -15.79 19.27 90.39
CA GLN P 352 -14.98 18.45 89.50
C GLN P 352 -15.51 18.50 88.07
N LEU P 353 -14.70 19.06 87.18
CA LEU P 353 -15.02 19.13 85.77
C LEU P 353 -14.27 18.02 85.02
N ASN P 354 -14.36 18.06 83.69
CA ASN P 354 -13.71 17.05 82.87
C ASN P 354 -13.12 17.70 81.63
N SER P 355 -12.01 17.12 81.14
CA SER P 355 -11.34 17.60 79.95
C SER P 355 -10.58 16.45 79.29
N PRO P 356 -10.85 16.18 78.01
CA PRO P 356 -10.07 15.14 77.32
C PRO P 356 -8.61 15.51 77.14
N THR P 357 -8.34 16.74 76.70
CA THR P 357 -6.97 17.19 76.47
C THR P 357 -6.32 17.54 77.81
N ALA P 358 -5.12 18.11 77.75
CA ALA P 358 -4.35 18.46 78.93
C ALA P 358 -4.62 19.91 79.30
N TYR P 359 -5.03 20.14 80.54
CA TYR P 359 -5.29 21.48 81.06
C TYR P 359 -4.24 21.84 82.10
N SER P 360 -4.41 23.00 82.72
CA SER P 360 -3.52 23.47 83.78
C SER P 360 -4.22 24.58 84.55
N VAL P 361 -4.34 24.41 85.87
CA VAL P 361 -5.05 25.35 86.73
C VAL P 361 -4.08 25.96 87.72
N SER P 362 -4.07 27.29 87.77
CA SER P 362 -3.29 28.03 88.76
C SER P 362 -4.15 29.18 89.28
N GLY P 363 -3.71 29.75 90.40
CA GLY P 363 -4.47 30.83 91.01
C GLY P 363 -3.69 31.59 92.07
N THR P 364 -3.91 32.91 92.13
CA THR P 364 -3.21 33.74 93.10
C THR P 364 -3.67 33.44 94.52
N GLY P 365 -2.71 33.15 95.39
CA GLY P 365 -3.00 32.90 96.79
C GLY P 365 -3.88 31.70 97.04
N THR P 366 -5.02 31.93 97.71
CA THR P 366 -5.92 30.84 98.08
C THR P 366 -7.08 30.66 97.12
N GLN P 367 -7.17 31.47 96.07
CA GLN P 367 -8.27 31.40 95.11
C GLN P 367 -8.36 30.02 94.45
N ALA P 368 -7.20 29.42 94.17
CA ALA P 368 -7.19 28.12 93.51
C ALA P 368 -7.35 26.99 94.53
N SER P 369 -6.62 27.08 95.66
CA SER P 369 -6.63 26.01 96.65
C SER P 369 -8.02 25.80 97.24
N GLN P 370 -8.79 26.87 97.39
CA GLN P 370 -10.14 26.74 97.95
C GLN P 370 -11.07 25.98 97.01
N VAL P 371 -10.65 25.79 95.76
CA VAL P 371 -11.49 25.15 94.75
C VAL P 371 -10.93 23.80 94.31
N PHE P 372 -9.62 23.73 94.06
CA PHE P 372 -9.00 22.50 93.57
C PHE P 372 -7.85 22.04 94.46
N GLY P 373 -7.52 22.82 95.48
CA GLY P 373 -6.46 22.40 96.38
C GLY P 373 -5.10 22.45 95.72
N ASN P 374 -4.30 21.41 95.99
CA ASN P 374 -2.91 21.37 95.54
C ASN P 374 -2.82 21.09 94.04
N ALA P 375 -3.94 20.75 93.41
CA ALA P 375 -4.00 20.45 91.98
C ALA P 375 -3.28 21.50 91.15
N SER P 376 -2.35 21.07 90.31
CA SER P 376 -1.52 22.02 89.57
C SER P 376 -1.79 22.01 88.07
N ALA P 377 -1.64 20.85 87.42
CA ALA P 377 -1.83 20.84 85.98
C ALA P 377 -2.99 19.96 85.52
N ALA P 378 -2.91 18.65 85.78
CA ALA P 378 -3.83 17.70 85.17
C ALA P 378 -3.55 16.32 85.75
N GLN P 379 -4.21 15.33 85.17
CA GLN P 379 -3.97 13.92 85.48
C GLN P 379 -4.01 13.15 84.17
N LYS P 380 -4.09 11.82 84.22
CA LYS P 380 -4.30 11.00 83.02
C LYS P 380 -5.49 10.09 83.22
N SER P 381 -5.71 9.69 84.47
CA SER P 381 -6.80 8.82 84.93
C SER P 381 -6.58 7.36 84.50
N SER P 382 -5.58 7.13 83.62
CA SER P 382 -5.05 5.80 83.32
C SER P 382 -6.12 4.72 83.29
N VAL P 383 -7.12 4.85 82.43
CA VAL P 383 -8.33 4.06 82.61
C VAL P 383 -8.10 2.60 82.22
N ALA P 384 -7.80 1.79 83.23
CA ALA P 384 -7.79 0.34 83.12
C ALA P 384 -8.48 -0.23 84.36
N SER P 385 -8.52 0.56 85.42
CA SER P 385 -9.10 0.32 86.73
C SER P 385 -10.54 0.77 86.83
N VAL P 386 -11.30 0.68 85.74
CA VAL P 386 -12.66 1.22 85.65
C VAL P 386 -13.48 0.87 86.88
N ASP P 387 -13.28 -0.34 87.43
CA ASP P 387 -14.08 -0.86 88.53
C ASP P 387 -15.54 -0.60 88.21
N ILE P 388 -16.00 -1.17 87.10
CA ILE P 388 -17.33 -0.83 86.58
C ILE P 388 -18.41 -1.38 87.50
N SER P 389 -18.08 -2.38 88.32
CA SER P 389 -19.01 -2.97 89.26
C SER P 389 -19.58 -1.94 90.23
N THR P 390 -18.73 -1.02 90.69
CA THR P 390 -19.15 -0.03 91.66
C THR P 390 -19.89 1.11 90.96
N ALA P 391 -20.89 1.67 91.66
CA ALA P 391 -21.71 2.73 91.11
C ALA P 391 -20.90 3.98 90.78
N ASP P 392 -20.26 4.56 91.80
CA ASP P 392 -19.40 5.71 91.59
C ASP P 392 -18.30 5.40 90.58
N GLY P 393 -17.74 4.20 90.67
CA GLY P 393 -16.80 3.73 89.67
C GLY P 393 -17.41 3.72 88.29
N ALA P 394 -18.68 3.33 88.18
CA ALA P 394 -19.37 3.30 86.90
C ALA P 394 -19.51 4.72 86.34
N GLN P 395 -19.89 5.68 87.18
CA GLN P 395 -20.03 7.06 86.71
C GLN P 395 -18.69 7.63 86.28
N ASN P 396 -17.64 7.35 87.05
CA ASN P 396 -16.30 7.77 86.65
C ASN P 396 -15.91 7.14 85.32
N ALA P 397 -16.30 5.89 85.11
CA ALA P 397 -16.02 5.22 83.85
C ALA P 397 -16.75 5.91 82.69
N ILE P 398 -18.01 6.25 82.90
CA ILE P 398 -18.78 6.97 81.87
C ILE P 398 -18.06 8.26 81.53
N ALA P 399 -17.66 9.01 82.56
CA ALA P 399 -16.99 10.29 82.33
C ALA P 399 -15.70 10.11 81.54
N VAL P 400 -14.87 9.14 81.93
CA VAL P 400 -13.56 8.98 81.31
C VAL P 400 -13.71 8.48 79.88
N VAL P 401 -14.73 7.66 79.62
CA VAL P 401 -14.91 7.20 78.25
C VAL P 401 -15.52 8.29 77.38
N ASP P 402 -16.33 9.19 77.95
CA ASP P 402 -16.76 10.35 77.16
C ASP P 402 -15.57 11.22 76.79
N ASN P 403 -14.68 11.47 77.76
CA ASN P 403 -13.48 12.23 77.44
C ASN P 403 -12.61 11.52 76.39
N ALA P 404 -12.48 10.20 76.50
CA ALA P 404 -11.70 9.44 75.54
C ALA P 404 -12.32 9.51 74.16
N LEU P 405 -13.65 9.44 74.08
CA LEU P 405 -14.33 9.59 72.79
C LEU P 405 -14.12 10.97 72.21
N ALA P 406 -14.13 12.01 73.05
CA ALA P 406 -13.85 13.36 72.56
C ALA P 406 -12.44 13.44 71.99
N ALA P 407 -11.46 12.87 72.70
CA ALA P 407 -10.08 12.91 72.22
C ALA P 407 -9.92 12.13 70.92
N ILE P 408 -10.56 10.96 70.82
CA ILE P 408 -10.43 10.15 69.61
C ILE P 408 -11.17 10.82 68.45
N ASP P 409 -12.25 11.53 68.74
CA ASP P 409 -12.93 12.28 67.69
C ASP P 409 -12.07 13.43 67.19
N ALA P 410 -11.36 14.11 68.10
CA ALA P 410 -10.40 15.13 67.67
C ALA P 410 -9.30 14.52 66.82
N GLN P 411 -8.82 13.34 67.20
CA GLN P 411 -7.80 12.65 66.41
C GLN P 411 -8.32 12.30 65.02
N ARG P 412 -9.55 11.79 64.94
CA ARG P 412 -10.12 11.46 63.64
C ARG P 412 -10.33 12.70 62.78
N ALA P 413 -10.72 13.82 63.41
CA ALA P 413 -10.85 15.06 62.66
C ALA P 413 -9.51 15.54 62.13
N ASP P 414 -8.45 15.43 62.95
CA ASP P 414 -7.12 15.78 62.45
C ASP P 414 -6.69 14.87 61.31
N LEU P 415 -7.02 13.58 61.40
CA LEU P 415 -6.66 12.65 60.33
C LEU P 415 -7.41 12.97 59.05
N ALA P 416 -8.70 13.30 59.15
CA ALA P 416 -9.47 13.67 57.97
C ALA P 416 -8.95 14.99 57.38
N ALA P 417 -8.51 15.90 58.24
CA ALA P 417 -7.89 17.13 57.76
C ALA P 417 -6.63 16.82 56.97
N VAL P 418 -5.79 15.93 57.49
CA VAL P 418 -4.57 15.53 56.79
C VAL P 418 -4.92 14.89 55.45
N GLN P 419 -5.99 14.09 55.43
CA GLN P 419 -6.40 13.43 54.20
C GLN P 419 -6.88 14.43 53.14
N ASN P 420 -7.75 15.36 53.52
CA ASN P 420 -8.20 16.37 52.55
C ASN P 420 -7.05 17.26 52.10
N ARG P 421 -6.12 17.56 53.01
CA ARG P 421 -4.94 18.33 52.65
C ARG P 421 -4.09 17.59 51.63
N PHE P 422 -3.88 16.29 51.85
CA PHE P 422 -3.11 15.49 50.90
C PHE P 422 -3.83 15.40 49.56
N LYS P 423 -5.16 15.35 49.58
CA LYS P 423 -5.93 15.31 48.34
C LYS P 423 -5.72 16.60 47.54
N ASN P 424 -5.94 17.75 48.18
CA ASN P 424 -5.72 19.01 47.50
C ASN P 424 -4.27 19.13 47.02
N THR P 425 -3.33 18.64 47.82
CA THR P 425 -1.93 18.69 47.45
C THR P 425 -1.66 17.84 46.21
N ILE P 426 -2.22 16.64 46.12
CA ILE P 426 -1.93 15.79 44.97
C ILE P 426 -2.60 16.32 43.73
N ASP P 427 -3.79 16.94 43.86
CA ASP P 427 -4.39 17.57 42.68
C ASP P 427 -3.54 18.74 42.20
N ASN P 428 -3.15 19.64 43.10
CA ASN P 428 -2.31 20.76 42.70
C ASN P 428 -1.00 20.25 42.07
N LEU P 429 -0.44 19.19 42.64
CA LEU P 429 0.86 18.71 42.21
C LEU P 429 0.76 18.04 40.84
N THR P 430 -0.29 17.26 40.60
CA THR P 430 -0.45 16.64 39.29
C THR P 430 -0.74 17.70 38.23
N ASN P 431 -1.46 18.76 38.60
CA ASN P 431 -1.67 19.85 37.65
C ASN P 431 -0.36 20.54 37.31
N ILE P 432 0.45 20.84 38.33
CA ILE P 432 1.74 21.48 38.09
C ILE P 432 2.63 20.58 37.25
N SER P 433 2.59 19.28 37.50
CA SER P 433 3.46 18.36 36.77
C SER P 433 3.03 18.24 35.31
N GLU P 434 1.73 18.15 35.04
CA GLU P 434 1.29 18.08 33.65
C GLU P 434 1.56 19.38 32.92
N ASN P 435 1.45 20.51 33.62
CA ASN P 435 1.76 21.80 33.00
C ASN P 435 3.25 21.90 32.68
N ALA P 436 4.11 21.48 33.60
CA ALA P 436 5.54 21.49 33.33
C ALA P 436 5.92 20.49 32.26
N THR P 437 5.15 19.40 32.14
CA THR P 437 5.40 18.45 31.05
C THR P 437 5.01 19.04 29.71
N ASN P 438 3.92 19.82 29.67
CA ASN P 438 3.58 20.56 28.46
C ASN P 438 4.69 21.55 28.11
N ALA P 439 5.23 22.23 29.12
CA ALA P 439 6.38 23.12 28.89
C ALA P 439 7.58 22.34 28.35
N ARG P 440 7.79 21.14 28.88
CA ARG P 440 8.88 20.29 28.40
C ARG P 440 8.69 19.93 26.94
N SER P 441 7.46 19.58 26.56
CA SER P 441 7.19 19.25 25.17
C SER P 441 7.40 20.46 24.27
N ARG P 442 6.97 21.64 24.73
CA ARG P 442 7.13 22.84 23.92
C ARG P 442 8.59 23.28 23.79
N ILE P 443 9.42 23.02 24.79
CA ILE P 443 10.80 23.46 24.77
C ILE P 443 11.76 22.39 24.22
N LYS P 444 11.36 21.13 24.20
CA LYS P 444 12.21 20.03 23.77
C LYS P 444 11.70 19.30 22.54
N ASP P 445 10.45 18.83 22.57
CA ASP P 445 9.92 18.03 21.47
C ASP P 445 9.94 18.84 20.18
N THR P 446 10.47 18.23 19.12
CA THR P 446 10.60 18.92 17.85
C THR P 446 9.24 19.16 17.22
N ASP P 447 9.06 20.35 16.64
CA ASP P 447 7.92 20.63 15.78
C ASP P 447 8.23 20.13 14.37
N PHE P 448 8.38 18.81 14.26
CA PHE P 448 8.86 18.18 13.04
C PHE P 448 7.94 18.39 11.83
N ALA P 449 6.79 19.04 12.01
CA ALA P 449 5.99 19.44 10.86
C ALA P 449 6.74 20.39 9.95
N ALA P 450 7.71 21.13 10.48
CA ALA P 450 8.64 21.91 9.68
C ALA P 450 10.00 21.25 9.50
N GLU P 451 10.41 20.41 10.46
CA GLU P 451 11.69 19.73 10.32
C GLU P 451 11.67 18.68 9.22
N THR P 452 10.51 18.13 8.88
CA THR P 452 10.43 17.25 7.71
C THR P 452 10.73 18.02 6.43
N ALA P 453 10.17 19.22 6.28
CA ALA P 453 10.49 20.06 5.14
C ALA P 453 11.95 20.47 5.16
N ALA P 454 12.50 20.74 6.35
CA ALA P 454 13.91 21.07 6.45
C ALA P 454 14.79 19.91 5.99
N LEU P 455 14.44 18.69 6.40
CA LEU P 455 15.16 17.50 5.97
C LEU P 455 15.05 17.31 4.45
N SER P 456 13.86 17.55 3.90
CA SER P 456 13.69 17.46 2.46
C SER P 456 14.58 18.45 1.73
N LYS P 457 14.58 19.71 2.19
CA LYS P 457 15.47 20.71 1.60
C LYS P 457 16.93 20.29 1.72
N ASN P 458 17.30 19.68 2.85
CA ASN P 458 18.68 19.29 3.06
C ASN P 458 19.11 18.18 2.10
N GLN P 459 18.26 17.16 1.93
CA GLN P 459 18.62 16.09 1.01
C GLN P 459 18.59 16.58 -0.44
N VAL P 460 17.67 17.50 -0.75
CA VAL P 460 17.68 18.14 -2.07
C VAL P 460 19.00 18.84 -2.32
N LEU P 461 19.45 19.62 -1.35
CA LEU P 461 20.72 20.34 -1.49
C LEU P 461 21.88 19.38 -1.64
N GLN P 462 21.87 18.29 -0.86
CA GLN P 462 22.94 17.30 -0.94
C GLN P 462 23.02 16.67 -2.34
N GLN P 463 21.88 16.17 -2.83
CA GLN P 463 21.86 15.54 -4.14
C GLN P 463 22.24 16.53 -5.24
N ALA P 464 21.70 17.76 -5.16
CA ALA P 464 22.04 18.78 -6.14
C ALA P 464 23.52 19.06 -6.14
N GLY P 465 24.11 19.25 -4.97
CA GLY P 465 25.53 19.56 -4.90
C GLY P 465 26.40 18.42 -5.38
N THR P 466 25.97 17.18 -5.14
CA THR P 466 26.72 16.05 -5.67
C THR P 466 26.68 16.04 -7.19
N ALA P 467 25.51 16.34 -7.77
CA ALA P 467 25.42 16.43 -9.23
C ALA P 467 26.30 17.55 -9.76
N ILE P 468 26.31 18.69 -9.08
CA ILE P 468 27.14 19.82 -9.50
C ILE P 468 28.62 19.47 -9.41
N LEU P 469 29.02 18.73 -8.37
CA LEU P 469 30.41 18.29 -8.29
C LEU P 469 30.76 17.37 -9.45
N ALA P 470 29.89 16.38 -9.72
CA ALA P 470 30.16 15.45 -10.82
C ALA P 470 30.19 16.16 -12.16
N GLN P 471 29.45 17.26 -12.30
CA GLN P 471 29.45 18.01 -13.56
C GLN P 471 30.66 18.92 -13.67
N ALA P 472 31.08 19.52 -12.55
CA ALA P 472 32.17 20.50 -12.59
C ALA P 472 33.53 19.83 -12.66
N ASN P 473 33.67 18.63 -12.09
CA ASN P 473 34.96 17.94 -12.14
C ASN P 473 35.33 17.52 -13.55
N GLN P 474 34.39 17.62 -14.48
CA GLN P 474 34.64 17.25 -15.88
C GLN P 474 35.09 18.43 -16.74
N LEU P 475 35.08 19.66 -16.20
CA LEU P 475 35.44 20.82 -17.01
C LEU P 475 36.89 20.80 -17.46
N PRO P 476 37.90 20.67 -16.57
CA PRO P 476 39.28 20.68 -17.06
C PRO P 476 39.60 19.53 -17.99
N GLN P 477 38.94 18.39 -17.83
CA GLN P 477 39.15 17.27 -18.73
C GLN P 477 38.86 17.67 -20.18
N ALA P 478 37.64 18.15 -20.42
CA ALA P 478 37.27 18.58 -21.77
C ALA P 478 38.12 19.76 -22.23
N VAL P 479 38.40 20.70 -21.33
CA VAL P 479 39.18 21.88 -21.70
C VAL P 479 40.54 21.48 -22.24
N LEU P 480 41.25 20.62 -21.52
CA LEU P 480 42.60 20.24 -21.94
C LEU P 480 42.58 19.25 -23.09
N SER P 481 41.58 18.36 -23.16
CA SER P 481 41.52 17.44 -24.29
C SER P 481 41.20 18.18 -25.59
N LEU P 482 40.52 19.32 -25.50
CA LEU P 482 40.29 20.13 -26.68
C LEU P 482 41.45 21.08 -26.99
N LEU P 483 42.14 21.57 -25.96
CA LEU P 483 43.26 22.49 -26.16
C LEU P 483 44.57 21.79 -26.46
N ARG P 484 44.56 20.47 -26.62
CA ARG P 484 45.77 19.73 -26.94
C ARG P 484 45.59 18.84 -28.17
N VAL Q 1 81.61 36.91 -50.09
CA VAL Q 1 81.46 36.63 -48.67
C VAL Q 1 81.28 35.13 -48.44
N ASN Q 2 82.37 34.45 -48.10
CA ASN Q 2 82.31 32.99 -47.91
C ASN Q 2 82.91 32.48 -46.62
N THR Q 3 83.90 33.17 -46.02
CA THR Q 3 84.53 32.64 -44.82
C THR Q 3 83.66 32.81 -43.58
N ASN Q 4 82.56 33.55 -43.67
CA ASN Q 4 81.63 33.72 -42.57
C ASN Q 4 80.30 34.19 -43.15
N ILE Q 5 79.22 33.91 -42.43
CA ILE Q 5 77.87 34.22 -42.87
C ILE Q 5 77.20 35.06 -41.80
N ALA Q 6 76.71 36.24 -42.18
CA ALA Q 6 76.04 37.12 -41.23
C ALA Q 6 74.66 36.61 -40.82
N SER Q 7 74.24 35.45 -41.33
CA SER Q 7 72.93 34.90 -40.99
C SER Q 7 72.87 34.28 -39.60
N LEU Q 8 73.90 34.46 -38.76
CA LEU Q 8 73.87 33.93 -37.42
C LEU Q 8 72.82 34.63 -36.54
N ASN Q 9 72.24 35.74 -37.00
CA ASN Q 9 71.06 36.27 -36.33
C ASN Q 9 69.93 35.24 -36.33
N THR Q 10 69.85 34.44 -37.40
CA THR Q 10 68.87 33.35 -37.42
C THR Q 10 69.18 32.32 -36.34
N GLN Q 11 70.46 32.01 -36.13
CA GLN Q 11 70.83 31.07 -35.08
C GLN Q 11 70.50 31.63 -33.70
N ARG Q 12 70.75 32.94 -33.50
CA ARG Q 12 70.41 33.57 -32.23
C ARG Q 12 68.91 33.53 -31.98
N ASN Q 13 68.12 33.86 -32.99
CA ASN Q 13 66.68 33.82 -32.84
C ASN Q 13 66.17 32.40 -32.61
N LEU Q 14 66.80 31.41 -33.26
CA LEU Q 14 66.44 30.01 -33.01
C LEU Q 14 66.74 29.61 -31.58
N ASN Q 15 67.89 30.04 -31.06
CA ASN Q 15 68.22 29.74 -29.66
C ASN Q 15 67.22 30.38 -28.71
N ALA Q 16 66.89 31.65 -28.94
CA ALA Q 16 65.92 32.34 -28.10
C ALA Q 16 64.56 31.66 -28.16
N SER Q 17 64.11 31.30 -29.37
CA SER Q 17 62.82 30.64 -29.53
C SER Q 17 62.82 29.26 -28.88
N SER Q 18 63.96 28.58 -28.89
CA SER Q 18 64.04 27.28 -28.23
C SER Q 18 63.94 27.43 -26.72
N ASN Q 19 64.59 28.44 -26.15
CA ASN Q 19 64.43 28.68 -24.71
C ASN Q 19 63.00 29.05 -24.37
N ASP Q 20 62.35 29.86 -25.21
CA ASP Q 20 60.95 30.19 -24.97
C ASP Q 20 60.06 28.96 -25.07
N LEU Q 21 60.32 28.09 -26.05
CA LEU Q 21 59.55 26.86 -26.17
C LEU Q 21 59.77 25.96 -24.96
N ASN Q 22 61.00 25.93 -24.45
CA ASN Q 22 61.29 25.10 -23.28
C ASN Q 22 60.55 25.60 -22.04
N THR Q 23 60.60 26.90 -21.78
CA THR Q 23 59.93 27.42 -20.60
C THR Q 23 58.42 27.32 -20.74
N SER Q 24 57.89 27.50 -21.96
CA SER Q 24 56.46 27.34 -22.18
C SER Q 24 56.02 25.89 -22.00
N LEU Q 25 56.85 24.96 -22.47
CA LEU Q 25 56.57 23.53 -22.27
C LEU Q 25 56.55 23.20 -20.78
N GLN Q 26 57.53 23.73 -20.03
CA GLN Q 26 57.55 23.50 -18.59
C GLN Q 26 56.29 24.06 -17.93
N ARG Q 27 55.95 25.31 -18.26
CA ARG Q 27 54.77 25.94 -17.67
C ARG Q 27 53.50 25.14 -17.99
N LEU Q 28 53.42 24.60 -19.21
CA LEU Q 28 52.24 23.85 -19.61
C LEU Q 28 52.17 22.50 -18.91
N THR Q 29 53.32 21.85 -18.71
CA THR Q 29 53.30 20.52 -18.13
C THR Q 29 53.20 20.55 -16.61
N THR Q 30 53.56 21.67 -15.96
CA THR Q 30 53.38 21.75 -14.51
C THR Q 30 52.14 22.54 -14.12
N GLY Q 31 51.53 23.27 -15.05
CA GLY Q 31 50.39 24.10 -14.74
C GLY Q 31 50.73 25.41 -14.04
N TYR Q 32 52.01 25.77 -13.95
CA TYR Q 32 52.44 26.97 -13.27
C TYR Q 32 53.03 27.94 -14.29
N ARG Q 33 52.39 29.09 -14.48
CA ARG Q 33 53.00 30.15 -15.27
C ARG Q 33 54.28 30.64 -14.60
N ILE Q 34 54.19 30.99 -13.31
CA ILE Q 34 55.38 31.16 -12.50
C ILE Q 34 55.83 29.79 -12.03
N ASN Q 35 56.84 29.23 -12.70
CA ASN Q 35 57.32 27.89 -12.38
C ASN Q 35 57.77 27.82 -10.92
N SER Q 36 57.78 26.59 -10.39
CA SER Q 36 58.31 26.36 -9.06
C SER Q 36 59.77 26.75 -8.94
N ALA Q 37 60.41 27.12 -10.05
CA ALA Q 37 61.78 27.57 -10.04
C ALA Q 37 61.87 29.00 -9.51
N LYS Q 38 63.06 29.59 -9.65
CA LYS Q 38 63.34 30.88 -9.03
C LYS Q 38 62.62 32.02 -9.73
N ASP Q 39 62.14 31.80 -10.96
CA ASP Q 39 61.58 32.89 -11.76
C ASP Q 39 60.46 33.60 -11.03
N ASP Q 40 60.38 34.92 -11.23
CA ASP Q 40 59.40 35.80 -10.59
C ASP Q 40 59.52 35.70 -9.05
N ALA Q 41 60.67 36.17 -8.57
CA ALA Q 41 60.99 36.06 -7.15
C ALA Q 41 59.90 36.63 -6.25
N ALA Q 42 59.28 37.74 -6.66
CA ALA Q 42 58.19 38.30 -5.87
C ALA Q 42 56.99 37.36 -5.86
N GLY Q 43 56.55 36.93 -7.04
CA GLY Q 43 55.49 35.94 -7.11
C GLY Q 43 55.87 34.65 -6.42
N LEU Q 44 57.17 34.31 -6.43
CA LEU Q 44 57.62 33.13 -5.71
C LEU Q 44 57.42 33.28 -4.21
N GLN Q 45 57.76 34.45 -3.66
CA GLN Q 45 57.50 34.72 -2.26
C GLN Q 45 56.02 34.63 -1.93
N ILE Q 46 55.19 35.26 -2.77
CA ILE Q 46 53.75 35.23 -2.53
C ILE Q 46 53.24 33.79 -2.56
N SER Q 47 53.71 32.99 -3.52
CA SER Q 47 53.27 31.60 -3.63
C SER Q 47 53.72 30.79 -2.42
N ASN Q 48 54.96 30.97 -1.98
CA ASN Q 48 55.45 30.24 -0.82
C ASN Q 48 54.63 30.58 0.42
N ARG Q 49 54.39 31.87 0.65
CA ARG Q 49 53.62 32.27 1.83
C ARG Q 49 52.18 31.78 1.74
N LEU Q 50 51.58 31.84 0.55
CA LEU Q 50 50.21 31.37 0.39
C LEU Q 50 50.11 29.87 0.62
N SER Q 51 51.08 29.11 0.12
CA SER Q 51 51.08 27.66 0.35
C SER Q 51 51.27 27.33 1.82
N ASN Q 52 52.17 28.07 2.49
CA ASN Q 52 52.33 27.91 3.93
C ASN Q 52 51.00 28.14 4.65
N GLN Q 53 50.31 29.22 4.31
CA GLN Q 53 49.04 29.54 4.96
C GLN Q 53 48.00 28.47 4.66
N ILE Q 54 47.93 27.99 3.42
CA ILE Q 54 46.96 26.97 3.05
C ILE Q 54 47.18 25.70 3.86
N SER Q 55 48.43 25.23 3.90
CA SER Q 55 48.72 24.01 4.63
C SER Q 55 48.47 24.18 6.12
N GLY Q 56 48.82 25.35 6.66
CA GLY Q 56 48.55 25.61 8.06
C GLY Q 56 47.06 25.59 8.37
N LEU Q 57 46.26 26.21 7.50
CA LEU Q 57 44.82 26.20 7.71
C LEU Q 57 44.25 24.80 7.57
N ASN Q 58 44.81 23.98 6.69
CA ASN Q 58 44.30 22.61 6.52
C ASN Q 58 44.60 21.76 7.75
N VAL Q 59 45.84 21.79 8.23
CA VAL Q 59 46.15 21.04 9.45
C VAL Q 59 45.40 21.61 10.64
N ALA Q 60 45.07 22.92 10.60
CA ALA Q 60 44.26 23.50 11.65
C ALA Q 60 42.82 23.00 11.59
N THR Q 61 42.28 22.84 10.37
CA THR Q 61 40.97 22.22 10.23
C THR Q 61 40.97 20.82 10.82
N ARG Q 62 42.02 20.05 10.54
CA ARG Q 62 42.10 18.70 11.10
C ARG Q 62 42.15 18.72 12.63
N ASN Q 63 43.03 19.55 13.19
CA ASN Q 63 43.14 19.63 14.65
C ASN Q 63 41.85 20.12 15.28
N ALA Q 64 41.16 21.04 14.62
CA ALA Q 64 39.87 21.52 15.14
C ALA Q 64 38.82 20.42 15.07
N ASN Q 65 38.89 19.56 14.05
CA ASN Q 65 37.99 18.41 14.00
C ASN Q 65 38.23 17.48 15.18
N ASP Q 66 39.51 17.19 15.48
CA ASP Q 66 39.81 16.40 16.67
C ASP Q 66 39.28 17.08 17.92
N GLY Q 67 39.40 18.41 17.99
CA GLY Q 67 38.90 19.13 19.15
C GLY Q 67 37.39 19.03 19.30
N ILE Q 68 36.65 19.15 18.20
CA ILE Q 68 35.20 19.01 18.25
C ILE Q 68 34.82 17.59 18.67
N SER Q 69 35.56 16.59 18.18
CA SER Q 69 35.26 15.22 18.60
C SER Q 69 35.49 15.04 20.09
N LEU Q 70 36.60 15.58 20.61
CA LEU Q 70 36.87 15.48 22.04
C LEU Q 70 35.78 16.18 22.85
N ALA Q 71 35.37 17.37 22.42
CA ALA Q 71 34.28 18.07 23.09
C ALA Q 71 32.98 17.30 23.03
N GLN Q 72 32.73 16.58 21.92
CA GLN Q 72 31.52 15.77 21.82
C GLN Q 72 31.55 14.61 22.80
N THR Q 73 32.70 13.94 22.93
CA THR Q 73 32.84 12.90 23.93
C THR Q 73 32.62 13.45 25.34
N ALA Q 74 33.20 14.62 25.62
CA ALA Q 74 33.04 15.23 26.94
C ALA Q 74 31.59 15.58 27.22
N GLU Q 75 30.88 16.11 26.22
CA GLU Q 75 29.48 16.47 26.43
C GLU Q 75 28.61 15.23 26.59
N GLY Q 76 28.94 14.16 25.88
CA GLY Q 76 28.23 12.91 26.09
C GLY Q 76 28.41 12.38 27.50
N ALA Q 77 29.65 12.40 27.99
CA ALA Q 77 29.89 11.98 29.37
C ALA Q 77 29.15 12.88 30.35
N LEU Q 78 29.11 14.18 30.07
CA LEU Q 78 28.40 15.10 30.97
C LEU Q 78 26.90 14.85 30.96
N GLN Q 79 26.33 14.53 29.79
CA GLN Q 79 24.91 14.19 29.73
C GLN Q 79 24.62 12.91 30.51
N GLN Q 80 25.51 11.92 30.38
CA GLN Q 80 25.39 10.72 31.19
C GLN Q 80 25.40 11.05 32.68
N SER Q 81 26.32 11.93 33.10
CA SER Q 81 26.38 12.29 34.52
C SER Q 81 25.13 13.04 34.96
N THR Q 82 24.54 13.83 34.06
CA THR Q 82 23.28 14.48 34.39
C THR Q 82 22.17 13.47 34.61
N ASN Q 83 22.12 12.44 33.76
CA ASN Q 83 21.14 11.37 33.98
C ASN Q 83 21.37 10.68 35.32
N ILE Q 84 22.63 10.35 35.63
CA ILE Q 84 22.91 9.69 36.90
C ILE Q 84 22.50 10.58 38.07
N LEU Q 85 22.75 11.89 37.95
CA LEU Q 85 22.46 12.79 39.05
C LEU Q 85 20.96 12.94 39.26
N GLN Q 86 20.20 13.05 38.16
CA GLN Q 86 18.74 13.12 38.30
C GLN Q 86 18.20 11.82 38.88
N ARG Q 87 18.84 10.69 38.56
CA ARG Q 87 18.45 9.43 39.18
C ARG Q 87 18.71 9.44 40.68
N ILE Q 88 19.86 9.97 41.11
CA ILE Q 88 20.12 10.12 42.54
C ILE Q 88 19.07 11.03 43.16
N ARG Q 89 18.62 12.05 42.44
CA ARG Q 89 17.57 12.92 42.96
C ARG Q 89 16.26 12.17 43.15
N ASP Q 90 15.92 11.31 42.19
CA ASP Q 90 14.72 10.49 42.35
C ASP Q 90 14.83 9.58 43.56
N LEU Q 91 15.98 8.91 43.71
CA LEU Q 91 16.16 8.02 44.85
C LEU Q 91 16.14 8.81 46.16
N ALA Q 92 16.60 10.05 46.13
CA ALA Q 92 16.64 10.87 47.34
C ALA Q 92 15.23 11.29 47.76
N LEU Q 93 14.44 11.78 46.80
CA LEU Q 93 13.08 12.19 47.13
C LEU Q 93 12.19 10.99 47.44
N GLN Q 94 12.51 9.82 46.87
CA GLN Q 94 11.82 8.60 47.29
C GLN Q 94 12.21 8.21 48.70
N SER Q 95 13.48 8.38 49.05
CA SER Q 95 14.01 8.05 50.38
C SER Q 95 13.36 8.88 51.49
N ALA Q 96 12.50 9.84 51.16
CA ALA Q 96 11.73 10.52 52.20
C ALA Q 96 10.96 9.52 53.05
N ASN Q 97 10.32 8.54 52.41
CA ASN Q 97 9.64 7.44 53.09
C ASN Q 97 8.68 7.92 54.17
N GLY Q 98 8.07 9.09 53.99
CA GLY Q 98 7.24 9.66 55.03
C GLY Q 98 8.00 9.87 56.33
N SER Q 99 9.33 9.83 56.23
CA SER Q 99 10.27 9.99 57.33
C SER Q 99 10.30 8.79 58.28
N ASN Q 100 9.36 7.85 58.11
CA ASN Q 100 9.43 6.65 58.93
C ASN Q 100 9.00 5.36 58.23
N SER Q 101 8.60 5.38 56.95
CA SER Q 101 7.86 4.24 56.41
C SER Q 101 8.76 3.11 55.96
N ASP Q 102 9.90 3.41 55.34
CA ASP Q 102 10.76 2.37 54.75
C ASP Q 102 11.88 2.09 55.74
N ALA Q 103 11.76 0.97 56.46
CA ALA Q 103 12.76 0.59 57.43
C ALA Q 103 14.05 0.10 56.79
N ASP Q 104 14.06 -0.10 55.47
CA ASP Q 104 15.24 -0.59 54.77
C ASP Q 104 16.05 0.54 54.12
N ARG Q 105 16.10 1.69 54.78
CA ARG Q 105 16.99 2.75 54.31
C ARG Q 105 18.44 2.30 54.26
N ALA Q 106 18.78 1.17 54.89
CA ALA Q 106 20.10 0.58 54.70
C ALA Q 106 20.30 0.14 53.26
N ALA Q 107 19.36 -0.65 52.72
CA ALA Q 107 19.44 -1.03 51.31
C ALA Q 107 19.27 0.17 50.41
N LEU Q 108 18.47 1.16 50.84
CA LEU Q 108 18.36 2.39 50.07
C LEU Q 108 19.70 3.10 49.96
N GLN Q 109 20.44 3.18 51.07
CA GLN Q 109 21.76 3.78 51.05
C GLN Q 109 22.73 2.95 50.22
N LYS Q 110 22.57 1.63 50.24
CA LYS Q 110 23.36 0.78 49.37
C LYS Q 110 23.11 1.12 47.90
N GLU Q 111 21.84 1.32 47.54
CA GLU Q 111 21.50 1.72 46.18
C GLU Q 111 22.14 3.05 45.82
N VAL Q 112 21.99 4.06 46.68
CA VAL Q 112 22.54 5.37 46.36
C VAL Q 112 24.07 5.35 46.35
N ALA Q 113 24.67 4.46 47.14
CA ALA Q 113 26.13 4.34 47.13
C ALA Q 113 26.62 3.68 45.85
N ALA Q 114 25.88 2.66 45.38
CA ALA Q 114 26.20 2.08 44.08
C ALA Q 114 26.06 3.12 42.97
N GLN Q 115 25.03 3.98 43.07
CA GLN Q 115 24.87 5.04 42.09
C GLN Q 115 26.02 6.04 42.15
N GLN Q 116 26.45 6.40 43.36
CA GLN Q 116 27.60 7.30 43.50
C GLN Q 116 28.87 6.66 42.94
N ALA Q 117 29.08 5.36 43.17
CA ALA Q 117 30.24 4.70 42.62
C ALA Q 117 30.19 4.65 41.10
N GLU Q 118 29.00 4.46 40.54
CA GLU Q 118 28.86 4.49 39.09
C GLU Q 118 29.12 5.88 38.55
N LEU Q 119 28.75 6.90 39.32
CA LEU Q 119 29.10 8.28 38.96
C LEU Q 119 30.61 8.49 38.97
N THR Q 120 31.30 8.00 39.99
CA THR Q 120 32.75 8.11 40.01
C THR Q 120 33.38 7.31 38.88
N ARG Q 121 32.71 6.24 38.44
CA ARG Q 121 33.22 5.44 37.34
C ARG Q 121 33.05 6.14 36.00
N ILE Q 122 31.90 6.77 35.76
CA ILE Q 122 31.71 7.54 34.53
C ILE Q 122 32.61 8.77 34.55
N SER Q 123 32.97 9.25 35.75
CA SER Q 123 34.02 10.26 35.83
C SER Q 123 35.30 9.75 35.17
N ASP Q 124 35.73 8.56 35.54
CA ASP Q 124 36.82 7.87 34.85
C ASP Q 124 36.28 7.23 33.58
N THR Q 125 37.06 6.35 32.97
CA THR Q 125 36.65 5.51 31.84
C THR Q 125 36.24 6.32 30.62
N THR Q 126 36.62 7.59 30.57
CA THR Q 126 36.44 8.43 29.38
C THR Q 126 37.77 8.66 28.69
N THR Q 127 38.61 7.63 28.67
CA THR Q 127 39.98 7.74 28.19
C THR Q 127 40.03 7.84 26.66
N PHE Q 128 39.85 9.08 26.18
CA PHE Q 128 40.03 9.35 24.76
C PHE Q 128 41.51 9.34 24.44
N GLY Q 129 42.09 8.14 24.36
CA GLY Q 129 43.51 7.99 24.20
C GLY Q 129 44.28 7.70 25.47
N GLY Q 130 43.62 7.20 26.51
CA GLY Q 130 44.28 6.92 27.77
C GLY Q 130 44.60 8.18 28.56
N ARG Q 131 43.78 9.22 28.37
CA ARG Q 131 44.03 10.53 28.96
C ARG Q 131 42.72 11.09 29.55
N LYS Q 132 42.09 10.28 30.42
CA LYS Q 132 40.73 10.50 30.90
C LYS Q 132 40.38 11.97 31.08
N LEU Q 133 39.26 12.38 30.48
CA LEU Q 133 39.04 13.80 30.20
C LEU Q 133 38.56 14.56 31.43
N LEU Q 134 37.35 14.26 31.89
CA LEU Q 134 36.70 15.10 32.88
C LEU Q 134 37.17 14.85 34.30
N ASP Q 135 37.65 13.64 34.62
CA ASP Q 135 38.15 13.37 35.96
C ASP Q 135 39.66 13.41 36.00
N GLY Q 136 40.21 13.06 37.15
CA GLY Q 136 41.65 13.04 37.32
C GLY Q 136 42.21 14.45 37.33
N SER Q 137 43.29 14.66 36.59
CA SER Q 137 43.95 15.95 36.49
C SER Q 137 43.97 16.37 35.02
N PHE Q 138 42.96 17.15 34.63
CA PHE Q 138 42.90 17.71 33.29
C PHE Q 138 43.75 18.97 33.23
N GLY Q 139 44.73 18.97 32.33
CA GLY Q 139 45.70 20.05 32.27
C GLY Q 139 45.14 21.40 31.90
N THR Q 140 43.84 21.49 31.58
CA THR Q 140 43.21 22.72 31.14
C THR Q 140 43.98 23.31 29.96
N THR Q 141 44.10 22.50 28.92
CA THR Q 141 44.95 22.83 27.78
C THR Q 141 44.17 23.68 26.77
N SER Q 142 44.75 23.89 25.60
CA SER Q 142 44.17 24.82 24.63
C SER Q 142 44.43 24.27 23.22
N PHE Q 143 43.40 24.27 22.39
CA PHE Q 143 43.51 23.75 21.03
C PHE Q 143 43.95 24.86 20.08
N GLN Q 144 44.91 24.55 19.21
CA GLN Q 144 45.38 25.51 18.23
C GLN Q 144 44.46 25.53 17.01
N VAL Q 145 44.11 26.72 16.55
CA VAL Q 145 43.20 26.88 15.42
C VAL Q 145 43.77 27.78 14.34
N GLY Q 146 44.67 28.70 14.66
CA GLY Q 146 45.22 29.62 13.69
C GLY Q 146 46.56 29.12 13.15
N SER Q 147 46.95 29.71 12.03
CA SER Q 147 48.19 29.34 11.35
C SER Q 147 49.42 30.07 11.90
N ASN Q 148 49.28 30.74 13.04
CA ASN Q 148 50.40 31.45 13.66
C ASN Q 148 50.59 30.93 15.09
N ALA Q 149 51.78 31.19 15.64
CA ALA Q 149 52.12 30.69 16.95
C ALA Q 149 51.23 31.32 18.03
N TYR Q 150 50.90 30.52 19.03
CA TYR Q 150 50.16 30.96 20.22
C TYR Q 150 48.73 31.40 19.90
N GLU Q 151 48.31 31.27 18.64
CA GLU Q 151 46.92 31.55 18.30
C GLU Q 151 46.10 30.29 18.55
N THR Q 152 45.54 30.19 19.75
CA THR Q 152 44.90 28.97 20.23
C THR Q 152 43.56 29.28 20.86
N ILE Q 153 42.80 28.23 21.16
CA ILE Q 153 41.47 28.33 21.74
C ILE Q 153 41.46 27.53 23.03
N ASP Q 154 41.12 28.19 24.14
CA ASP Q 154 41.19 27.56 25.45
C ASP Q 154 39.94 26.73 25.75
N ILE Q 155 40.08 25.82 26.71
CA ILE Q 155 38.98 25.05 27.27
C ILE Q 155 39.22 24.93 28.77
N SER Q 156 38.15 24.99 29.55
CA SER Q 156 38.22 25.02 31.01
C SER Q 156 37.39 23.89 31.60
N LEU Q 157 37.63 22.68 31.11
CA LEU Q 157 36.92 21.48 31.57
C LEU Q 157 36.93 21.34 33.08
N GLN Q 158 35.87 20.76 33.64
CA GLN Q 158 35.77 20.56 35.07
C GLN Q 158 36.88 19.63 35.55
N ASN Q 159 37.37 19.90 36.76
CA ASN Q 159 38.44 19.07 37.34
C ASN Q 159 37.97 17.62 37.47
N ALA Q 160 36.74 17.41 37.94
CA ALA Q 160 36.16 16.07 38.05
C ALA Q 160 34.68 16.19 38.33
N SER Q 161 33.94 15.17 37.89
CA SER Q 161 32.54 15.02 38.26
C SER Q 161 32.39 14.33 39.60
N ALA Q 162 33.44 14.34 40.42
CA ALA Q 162 33.53 13.63 41.69
C ALA Q 162 33.05 14.48 42.86
N SER Q 163 33.51 14.11 44.06
CA SER Q 163 33.14 14.76 45.31
C SER Q 163 33.72 16.17 45.39
N ALA Q 164 33.94 16.63 46.62
CA ALA Q 164 34.23 18.03 47.03
C ALA Q 164 35.15 18.72 46.01
N ILE Q 165 35.81 17.98 45.11
CA ILE Q 165 36.70 18.52 44.09
C ILE Q 165 35.94 19.48 43.16
N GLY Q 166 34.71 19.85 43.52
CA GLY Q 166 33.81 20.52 42.60
C GLY Q 166 32.32 20.27 42.78
N SER Q 167 31.92 19.76 43.96
CA SER Q 167 30.52 19.71 44.35
C SER Q 167 30.18 20.97 45.13
N TYR Q 168 28.95 21.09 45.65
CA TYR Q 168 28.46 22.39 46.11
C TYR Q 168 29.15 22.70 47.42
N GLN Q 169 29.67 23.92 47.55
CA GLN Q 169 30.33 24.31 48.79
C GLN Q 169 29.29 24.54 49.89
N VAL Q 170 29.73 24.38 51.14
CA VAL Q 170 28.80 24.27 52.27
C VAL Q 170 29.13 25.34 53.30
N GLY Q 171 28.10 26.02 53.80
CA GLY Q 171 28.24 26.84 54.99
C GLY Q 171 27.47 26.24 56.14
N SER Q 172 28.18 25.63 57.10
CA SER Q 172 27.54 24.87 58.15
C SER Q 172 28.05 25.30 59.52
N ASN Q 173 27.29 24.96 60.56
CA ASN Q 173 27.62 25.35 61.92
C ASN Q 173 28.85 24.62 62.45
N GLY Q 174 28.81 23.29 62.46
CA GLY Q 174 29.92 22.53 63.00
C GLY Q 174 31.03 22.32 62.00
N ALA Q 175 31.13 23.21 61.01
CA ALA Q 175 32.09 23.08 59.92
C ALA Q 175 33.53 22.88 60.41
N GLY Q 176 34.09 23.86 61.11
CA GLY Q 176 35.47 23.73 61.54
C GLY Q 176 35.67 22.83 62.74
N THR Q 177 35.24 23.30 63.92
CA THR Q 177 35.27 22.47 65.13
C THR Q 177 33.89 22.37 65.76
N VAL Q 178 33.30 23.52 66.06
CA VAL Q 178 32.02 23.61 66.76
C VAL Q 178 31.48 25.02 66.57
N ALA Q 179 30.17 25.20 66.75
CA ALA Q 179 29.52 26.48 66.52
C ALA Q 179 29.22 27.17 67.83
N SER Q 180 29.17 28.50 67.79
CA SER Q 180 28.74 29.30 68.92
C SER Q 180 27.21 29.33 69.00
N VAL Q 181 26.70 30.35 69.69
CA VAL Q 181 25.30 30.50 70.07
C VAL Q 181 24.34 30.01 69.00
N ALA Q 182 24.62 30.35 67.74
CA ALA Q 182 23.80 29.84 66.64
C ALA Q 182 23.84 28.32 66.58
N GLY Q 183 22.71 27.68 66.85
CA GLY Q 183 22.64 26.23 66.81
C GLY Q 183 23.00 25.56 68.12
N THR Q 184 22.73 26.23 69.23
CA THR Q 184 22.97 25.67 70.56
C THR Q 184 22.30 26.58 71.58
N ALA Q 185 22.17 26.07 72.80
CA ALA Q 185 21.58 26.86 73.87
C ALA Q 185 22.61 27.81 74.47
N THR Q 186 22.12 28.92 75.02
CA THR Q 186 23.00 29.95 75.57
C THR Q 186 22.19 30.86 76.48
N ALA Q 187 22.90 31.61 77.32
CA ALA Q 187 22.26 32.51 78.27
C ALA Q 187 21.87 33.83 77.61
N SER Q 188 22.86 34.55 77.07
CA SER Q 188 22.60 35.85 76.49
C SER Q 188 21.81 35.76 75.20
N GLY Q 189 22.33 35.00 74.23
CA GLY Q 189 21.68 34.90 72.94
C GLY Q 189 22.49 35.53 71.83
N ILE Q 190 21.84 35.68 70.68
CA ILE Q 190 22.46 36.29 69.51
C ILE Q 190 22.80 37.74 69.83
N ALA Q 191 24.08 38.09 69.73
CA ALA Q 191 24.56 39.44 70.00
C ALA Q 191 24.64 40.22 68.68
N SER Q 192 25.22 41.42 68.77
CA SER Q 192 25.39 42.27 67.61
C SER Q 192 26.47 41.69 66.69
N GLY Q 193 26.67 42.34 65.55
CA GLY Q 193 27.67 41.93 64.59
C GLY Q 193 27.33 42.37 63.18
N THR Q 194 28.39 42.46 62.38
CA THR Q 194 28.30 42.90 60.98
C THR Q 194 28.99 41.86 60.10
N VAL Q 195 28.62 40.59 60.29
CA VAL Q 195 29.23 39.45 59.62
C VAL Q 195 29.41 39.71 58.13
N ASN Q 196 30.60 39.42 57.62
CA ASN Q 196 30.90 39.71 56.22
C ASN Q 196 30.51 38.53 55.33
N LEU Q 197 29.98 38.86 54.16
CA LEU Q 197 29.65 37.89 53.14
C LEU Q 197 30.45 38.17 51.88
N VAL Q 198 31.00 37.12 51.28
CA VAL Q 198 31.88 37.25 50.13
C VAL Q 198 31.44 36.26 49.06
N GLY Q 199 31.43 36.72 47.81
CA GLY Q 199 31.11 35.86 46.68
C GLY Q 199 30.66 36.64 45.46
N GLY Q 200 31.14 36.22 44.29
CA GLY Q 200 30.84 36.89 43.05
C GLY Q 200 31.15 38.38 43.04
N GLY Q 201 32.10 38.80 43.86
CA GLY Q 201 32.43 40.21 44.00
C GLY Q 201 31.25 41.05 44.43
N GLN Q 202 30.47 40.55 45.40
CA GLN Q 202 29.28 41.25 45.88
C GLN Q 202 29.27 41.36 47.39
N VAL Q 203 30.40 41.77 47.99
CA VAL Q 203 30.51 41.86 49.44
C VAL Q 203 29.50 42.85 50.00
N LYS Q 204 28.63 42.38 50.89
CA LYS Q 204 27.60 43.22 51.49
C LYS Q 204 27.48 42.82 52.96
N ASN Q 205 27.77 43.77 53.85
CA ASN Q 205 27.78 43.52 55.29
C ASN Q 205 26.35 43.38 55.80
N ILE Q 206 25.95 42.16 56.13
CA ILE Q 206 24.64 41.94 56.72
C ILE Q 206 24.68 42.32 58.19
N ALA Q 207 23.67 43.07 58.63
CA ALA Q 207 23.58 43.55 60.00
C ALA Q 207 22.71 42.59 60.80
N ILE Q 208 23.26 42.07 61.89
CA ILE Q 208 22.56 41.14 62.78
C ILE Q 208 22.46 41.83 64.13
N ALA Q 209 21.27 42.30 64.48
CA ALA Q 209 21.07 42.97 65.75
C ALA Q 209 21.04 41.95 66.89
N ALA Q 210 21.26 42.45 68.10
CA ALA Q 210 21.31 41.61 69.29
C ALA Q 210 19.87 41.22 69.68
N GLY Q 211 19.52 39.96 69.45
CA GLY Q 211 18.19 39.48 69.78
C GLY Q 211 17.49 38.82 68.62
N ASP Q 212 18.02 39.03 67.41
CA ASP Q 212 17.43 38.47 66.18
C ASP Q 212 17.38 36.95 66.23
N SER Q 213 16.22 36.38 65.89
CA SER Q 213 16.08 34.94 65.83
C SER Q 213 16.83 34.36 64.64
N ALA Q 214 16.92 33.04 64.59
CA ALA Q 214 17.60 32.35 63.50
C ALA Q 214 16.92 32.63 62.17
N LYS Q 215 15.58 32.63 62.17
CA LYS Q 215 14.83 32.89 60.94
C LYS Q 215 15.08 34.32 60.45
N ALA Q 216 15.30 35.25 61.38
CA ALA Q 216 15.59 36.63 61.01
C ALA Q 216 16.93 36.70 60.30
N ILE Q 217 17.94 36.06 60.86
CA ILE Q 217 19.27 35.99 60.26
C ILE Q 217 19.16 35.37 58.87
N ALA Q 218 18.33 34.32 58.77
CA ALA Q 218 18.10 33.63 57.51
C ALA Q 218 17.58 34.60 56.45
N GLU Q 219 16.43 35.23 56.72
CA GLU Q 219 15.83 36.18 55.80
C GLU Q 219 16.79 37.31 55.46
N LYS Q 220 17.64 37.71 56.41
CA LYS Q 220 18.58 38.79 56.17
C LYS Q 220 19.67 38.38 55.19
N MET Q 221 20.37 37.27 55.45
CA MET Q 221 21.50 36.91 54.61
C MET Q 221 21.05 36.37 53.26
N ASP Q 222 19.79 35.97 53.12
CA ASP Q 222 19.25 35.61 51.82
C ASP Q 222 19.23 36.81 50.89
N GLY Q 223 19.11 36.55 49.59
CA GLY Q 223 18.99 37.62 48.63
C GLY Q 223 20.30 38.06 47.99
N ALA Q 224 20.90 39.11 48.55
CA ALA Q 224 21.99 39.88 47.95
C ALA Q 224 23.02 39.04 47.19
N ILE Q 225 23.57 38.01 47.84
CA ILE Q 225 24.58 37.17 47.20
C ILE Q 225 23.94 36.39 46.06
N PRO Q 226 24.49 36.45 44.85
CA PRO Q 226 23.87 35.76 43.71
C PRO Q 226 23.77 34.25 43.92
N ASN Q 227 22.58 33.70 43.67
CA ASN Q 227 22.33 32.27 43.81
C ASN Q 227 22.72 31.75 45.18
N LEU Q 228 22.05 32.23 46.23
CA LEU Q 228 22.35 31.81 47.59
C LEU Q 228 21.05 31.61 48.33
N SER Q 229 20.95 30.51 49.09
CA SER Q 229 19.81 30.23 49.92
C SER Q 229 20.28 30.02 51.36
N ALA Q 230 19.36 30.23 52.30
CA ALA Q 230 19.68 30.07 53.72
C ALA Q 230 18.41 29.70 54.46
N ARG Q 231 18.31 28.45 54.88
CA ARG Q 231 17.15 28.00 55.64
C ARG Q 231 17.39 28.14 57.13
N ALA Q 232 16.31 28.08 57.90
CA ALA Q 232 16.37 28.12 59.35
C ALA Q 232 15.64 26.91 59.92
N ARG Q 233 16.22 26.32 60.97
CA ARG Q 233 15.65 25.12 61.56
C ARG Q 233 16.08 25.05 63.02
N THR Q 234 15.11 24.97 63.93
CA THR Q 234 15.38 24.89 65.36
C THR Q 234 14.82 23.56 65.87
N VAL Q 235 15.69 22.56 66.01
CA VAL Q 235 15.31 21.24 66.47
C VAL Q 235 16.00 21.00 67.80
N PHE Q 236 15.20 20.83 68.87
CA PHE Q 236 15.73 20.62 70.20
C PHE Q 236 14.86 19.60 70.93
N THR Q 237 15.50 18.73 71.71
CA THR Q 237 14.80 17.72 72.48
C THR Q 237 14.51 18.23 73.88
N ALA Q 238 13.91 17.36 74.69
CA ALA Q 238 13.59 17.69 76.08
C ALA Q 238 13.49 16.40 76.87
N ASP Q 239 13.91 16.47 78.13
CA ASP Q 239 13.86 15.33 79.03
CA ASP Q 239 13.85 15.32 79.03
C ASP Q 239 13.73 15.77 80.47
N VAL Q 240 12.54 15.64 81.05
CA VAL Q 240 12.28 16.07 82.42
C VAL Q 240 12.89 15.08 83.39
N SER Q 241 13.64 15.59 84.37
CA SER Q 241 14.24 14.75 85.40
C SER Q 241 13.28 14.57 86.57
N GLY Q 242 13.77 14.03 87.68
CA GLY Q 242 12.96 13.85 88.87
C GLY Q 242 12.44 15.15 89.44
N VAL Q 243 11.27 15.10 90.08
CA VAL Q 243 10.66 16.29 90.66
C VAL Q 243 10.46 16.09 92.15
N THR Q 244 11.29 16.75 92.95
CA THR Q 244 11.21 16.61 94.40
C THR Q 244 10.12 17.51 94.97
N GLY Q 245 9.00 16.91 95.35
CA GLY Q 245 7.91 17.63 95.98
C GLY Q 245 7.39 18.83 95.22
N GLY Q 246 6.77 18.59 94.08
CA GLY Q 246 6.20 19.66 93.28
C GLY Q 246 6.44 19.44 91.80
N SER Q 247 6.25 20.52 91.04
CA SER Q 247 6.40 20.51 89.60
C SER Q 247 7.16 21.75 89.15
N LEU Q 248 7.39 21.83 87.84
CA LEU Q 248 8.10 22.96 87.24
C LEU Q 248 7.07 23.86 86.54
N ASN Q 249 6.59 24.86 87.26
CA ASN Q 249 5.64 25.82 86.72
C ASN Q 249 6.42 26.94 86.03
N PHE Q 250 6.83 26.68 84.78
CA PHE Q 250 7.58 27.67 84.03
C PHE Q 250 6.85 28.05 82.76
N ASP Q 251 7.41 28.96 81.98
CA ASP Q 251 6.80 29.43 80.75
C ASP Q 251 7.75 29.18 79.58
N VAL Q 252 7.20 29.29 78.37
CA VAL Q 252 7.96 29.10 77.15
C VAL Q 252 7.61 30.22 76.18
N THR Q 253 8.60 31.03 75.81
CA THR Q 253 8.40 32.15 74.92
C THR Q 253 8.74 31.72 73.49
N VAL Q 254 7.71 31.38 72.72
CA VAL Q 254 7.89 31.00 71.32
C VAL Q 254 7.79 32.23 70.41
N GLY Q 255 8.89 32.96 70.28
CA GLY Q 255 8.87 34.15 69.45
C GLY Q 255 8.09 35.26 70.10
N SER Q 256 7.12 35.81 69.36
CA SER Q 256 6.31 36.91 69.85
C SER Q 256 5.47 36.51 71.06
N ASN Q 257 4.57 35.55 70.88
CA ASN Q 257 3.70 35.14 71.97
C ASN Q 257 4.46 34.26 72.96
N THR Q 258 3.86 34.09 74.14
CA THR Q 258 4.49 33.35 75.23
C THR Q 258 3.52 32.32 75.77
N VAL Q 259 3.99 31.08 75.92
CA VAL Q 259 3.17 30.00 76.47
C VAL Q 259 3.21 30.09 77.99
N SER Q 260 2.14 29.66 78.65
CA SER Q 260 2.05 29.75 80.09
C SER Q 260 1.75 28.37 80.70
N LEU Q 261 2.49 27.36 80.27
CA LEU Q 261 2.30 25.99 80.76
C LEU Q 261 2.62 25.90 82.25
N ALA Q 262 2.31 24.75 82.85
CA ALA Q 262 2.59 24.53 84.26
C ALA Q 262 2.50 23.03 84.54
N GLY Q 263 2.84 22.62 85.76
CA GLY Q 263 2.75 21.24 86.17
C GLY Q 263 3.54 20.26 85.34
N VAL Q 264 4.86 20.43 85.32
CA VAL Q 264 5.75 19.54 84.59
C VAL Q 264 6.45 18.63 85.59
N THR Q 265 6.20 17.33 85.49
CA THR Q 265 6.81 16.35 86.38
C THR Q 265 7.58 15.32 85.58
N SER Q 266 7.06 14.95 84.42
CA SER Q 266 7.70 13.98 83.54
C SER Q 266 7.71 14.51 82.11
N THR Q 267 8.45 13.80 81.25
CA THR Q 267 8.54 14.18 79.84
C THR Q 267 7.16 14.16 79.18
N GLN Q 268 6.32 13.20 79.56
CA GLN Q 268 4.99 13.09 79.00
C GLN Q 268 4.15 14.33 79.26
N ASP Q 269 4.31 14.92 80.44
CA ASP Q 269 3.56 16.13 80.80
C ASP Q 269 3.88 17.27 79.85
N LEU Q 270 5.17 17.58 79.69
CA LEU Q 270 5.60 18.63 78.78
C LEU Q 270 5.17 18.31 77.35
N ALA Q 271 5.26 17.02 76.98
CA ALA Q 271 4.88 16.59 75.65
C ALA Q 271 3.42 16.91 75.35
N ASP Q 272 2.52 16.51 76.25
CA ASP Q 272 1.09 16.76 76.03
C ASP Q 272 0.79 18.25 76.11
N GLN Q 273 1.50 18.98 76.98
CA GLN Q 273 1.27 20.42 77.06
C GLN Q 273 1.64 21.12 75.75
N LEU Q 274 2.74 20.70 75.12
CA LEU Q 274 3.10 21.24 73.81
C LEU Q 274 2.10 20.81 72.74
N ASN Q 275 1.71 19.53 72.76
CA ASN Q 275 0.77 19.04 71.75
C ASN Q 275 -0.57 19.76 71.83
N SER Q 276 -0.99 20.14 73.03
CA SER Q 276 -2.26 20.83 73.21
C SER Q 276 -2.18 22.26 72.68
N ASN Q 277 -1.14 22.98 73.07
CA ASN Q 277 -1.05 24.41 72.73
C ASN Q 277 -0.51 24.63 71.32
N SER Q 278 -0.36 23.55 70.55
CA SER Q 278 0.19 23.59 69.20
C SER Q 278 -0.48 24.65 68.32
N SER Q 279 -1.75 24.93 68.57
CA SER Q 279 -2.47 25.96 67.84
C SER Q 279 -1.78 27.32 67.99
N LYS Q 280 -1.61 27.78 69.22
CA LYS Q 280 -1.02 29.08 69.49
C LYS Q 280 0.45 29.12 69.12
N LEU Q 281 1.24 28.23 69.73
CA LEU Q 281 2.69 28.19 69.51
C LEU Q 281 2.98 27.61 68.13
N GLY Q 282 3.68 28.40 67.32
CA GLY Q 282 4.02 27.99 65.97
C GLY Q 282 5.25 27.11 65.89
N ILE Q 283 5.29 26.08 66.73
CA ILE Q 283 6.41 25.14 66.77
C ILE Q 283 5.88 23.74 67.05
N THR Q 284 6.01 22.85 66.07
CA THR Q 284 5.45 21.51 66.22
C THR Q 284 6.24 20.71 67.26
N ALA Q 285 5.53 19.81 67.94
CA ALA Q 285 6.13 18.93 68.92
C ALA Q 285 6.08 17.50 68.39
N SER Q 286 7.10 16.72 68.74
CA SER Q 286 7.18 15.34 68.27
C SER Q 286 7.92 14.46 69.27
N ILE Q 287 7.18 13.79 70.13
CA ILE Q 287 7.75 12.88 71.12
C ILE Q 287 7.56 11.45 70.61
N ASN Q 288 8.66 10.85 70.14
CA ASN Q 288 8.65 9.43 69.84
C ASN Q 288 8.35 8.63 71.09
N ASP Q 289 7.55 7.58 70.93
CA ASP Q 289 7.07 6.79 72.07
C ASP Q 289 8.22 6.13 72.84
N LYS Q 290 9.44 6.19 72.28
CA LYS Q 290 10.61 5.70 73.00
C LYS Q 290 10.78 6.43 74.33
N GLY Q 291 10.61 7.75 74.33
CA GLY Q 291 10.67 8.51 75.56
C GLY Q 291 11.35 9.86 75.45
N VAL Q 292 12.16 10.05 74.41
CA VAL Q 292 12.91 11.30 74.26
C VAL Q 292 12.07 12.34 73.53
N LEU Q 293 11.42 13.22 74.29
CA LEU Q 293 10.61 14.27 73.71
C LEU Q 293 11.47 15.16 72.80
N THR Q 294 10.98 15.38 71.58
CA THR Q 294 11.69 16.17 70.59
C THR Q 294 10.76 17.28 70.09
N ILE Q 295 11.33 18.47 69.94
CA ILE Q 295 10.58 19.64 69.48
C ILE Q 295 11.30 20.23 68.28
N THR Q 296 10.52 20.68 67.30
CA THR Q 296 11.06 21.17 66.05
C THR Q 296 10.32 22.42 65.61
N SER Q 297 11.08 23.46 65.27
CA SER Q 297 10.53 24.71 64.74
C SER Q 297 10.78 24.72 63.23
N ALA Q 298 9.71 24.51 62.47
CA ALA Q 298 9.82 24.48 61.01
C ALA Q 298 10.40 25.78 60.46
N THR Q 299 9.87 26.92 60.93
CA THR Q 299 10.36 28.22 60.46
C THR Q 299 11.76 28.51 61.00
N GLY Q 300 12.08 27.99 62.18
CA GLY Q 300 13.38 28.23 62.78
C GLY Q 300 13.33 29.28 63.87
N GLU Q 301 12.24 29.29 64.64
CA GLU Q 301 12.06 30.30 65.67
C GLU Q 301 12.95 29.98 66.89
N ASN Q 302 13.60 31.02 67.40
CA ASN Q 302 14.49 30.89 68.57
C ASN Q 302 13.61 30.79 69.82
N VAL Q 303 13.31 29.54 70.20
CA VAL Q 303 12.45 29.31 71.35
C VAL Q 303 13.14 29.78 72.64
N LYS Q 304 12.32 30.18 73.61
CA LYS Q 304 12.81 30.67 74.88
C LYS Q 304 12.06 29.97 76.01
N PHE Q 305 12.76 29.72 77.11
CA PHE Q 305 12.19 29.11 78.30
C PHE Q 305 12.09 30.18 79.38
N GLY Q 306 10.88 30.43 79.86
CA GLY Q 306 10.66 31.42 80.87
C GLY Q 306 11.22 31.02 82.23
N ALA Q 307 10.96 31.87 83.22
CA ALA Q 307 11.44 31.63 84.57
C ALA Q 307 10.79 30.39 85.15
N GLN Q 308 11.58 29.62 85.91
CA GLN Q 308 11.11 28.37 86.50
C GLN Q 308 10.52 28.64 87.88
N THR Q 309 9.40 29.36 87.88
CA THR Q 309 8.66 29.68 89.10
C THR Q 309 7.75 28.53 89.54
N GLY Q 310 8.30 27.34 89.72
CA GLY Q 310 7.51 26.18 90.05
C GLY Q 310 7.27 26.06 91.56
N THR Q 311 6.68 24.92 91.92
CA THR Q 311 6.42 24.58 93.31
C THR Q 311 7.31 23.48 93.84
N ALA Q 312 8.20 22.92 93.00
CA ALA Q 312 9.10 21.87 93.44
C ALA Q 312 10.30 22.45 94.16
N THR Q 313 11.29 21.61 94.45
CA THR Q 313 12.50 22.07 95.14
C THR Q 313 13.73 21.71 94.33
N ALA Q 314 13.67 20.62 93.56
CA ALA Q 314 14.79 20.19 92.75
C ALA Q 314 14.25 19.58 91.46
N GLY Q 315 15.14 19.44 90.49
CA GLY Q 315 14.82 18.94 89.17
C GLY Q 315 15.39 19.81 88.09
N GLN Q 316 15.35 19.28 86.87
CA GLN Q 316 15.88 20.00 85.71
C GLN Q 316 15.33 19.36 84.44
N VAL Q 317 15.33 20.14 83.37
CA VAL Q 317 14.90 19.66 82.06
C VAL Q 317 15.99 19.95 81.04
N ALA Q 318 16.79 18.93 80.73
CA ALA Q 318 17.90 19.11 79.81
C ALA Q 318 17.40 19.31 78.38
N VAL Q 319 18.27 19.85 77.53
CA VAL Q 319 17.97 20.10 76.14
C VAL Q 319 19.24 19.89 75.31
N LYS Q 320 19.05 19.39 74.10
CA LYS Q 320 20.12 19.27 73.12
C LYS Q 320 19.64 19.85 71.80
N VAL Q 321 20.57 20.38 71.02
CA VAL Q 321 20.25 21.12 69.80
C VAL Q 321 20.81 20.37 68.60
N GLN Q 322 20.03 20.28 67.53
CA GLN Q 322 20.47 19.60 66.33
C GLN Q 322 21.52 20.42 65.60
N GLY Q 323 22.58 19.75 65.15
CA GLY Q 323 23.62 20.44 64.40
C GLY Q 323 23.19 20.75 62.98
N SER Q 324 24.05 21.47 62.27
CA SER Q 324 23.78 21.82 60.88
C SER Q 324 23.71 20.58 59.99
N ASP Q 325 24.83 19.87 59.88
CA ASP Q 325 24.87 18.68 59.04
C ASP Q 325 24.09 17.53 59.69
N GLY Q 326 24.30 17.33 60.99
CA GLY Q 326 23.67 16.24 61.70
C GLY Q 326 24.27 16.06 63.08
N LYS Q 327 24.63 14.82 63.41
CA LYS Q 327 25.29 14.45 64.67
C LYS Q 327 24.69 15.19 65.87
N PHE Q 328 23.42 14.90 66.16
CA PHE Q 328 22.68 15.54 67.25
C PHE Q 328 23.51 15.57 68.53
N GLU Q 329 23.45 16.72 69.22
CA GLU Q 329 24.29 16.97 70.38
C GLU Q 329 24.15 15.88 71.44
N ALA Q 330 25.29 15.34 71.85
CA ALA Q 330 25.32 14.34 72.92
C ALA Q 330 25.29 15.02 74.28
N ALA Q 331 26.15 16.03 74.46
CA ALA Q 331 26.19 16.76 75.72
C ALA Q 331 24.96 17.66 75.84
N ALA Q 332 24.28 17.56 76.98
CA ALA Q 332 23.07 18.32 77.22
C ALA Q 332 23.35 19.48 78.18
N LYS Q 333 22.35 20.33 78.38
CA LYS Q 333 22.45 21.45 79.31
C LYS Q 333 21.04 21.90 79.67
N ASN Q 334 20.84 22.23 80.95
CA ASN Q 334 19.50 22.50 81.44
C ASN Q 334 19.04 23.90 81.06
N VAL Q 335 17.73 24.05 80.84
CA VAL Q 335 17.13 25.36 80.62
C VAL Q 335 16.27 25.82 81.79
N VAL Q 336 15.66 24.89 82.52
CA VAL Q 336 14.85 25.20 83.70
C VAL Q 336 15.22 24.23 84.80
N ALA Q 337 15.19 24.72 86.04
CA ALA Q 337 15.59 23.88 87.18
C ALA Q 337 14.89 24.40 88.43
N ALA Q 338 14.16 23.52 89.09
CA ALA Q 338 13.51 23.88 90.35
C ALA Q 338 14.57 24.21 91.40
N GLY Q 339 14.43 25.38 92.02
CA GLY Q 339 15.42 25.84 92.98
C GLY Q 339 16.29 26.95 92.41
N THR Q 340 17.60 26.71 92.38
CA THR Q 340 18.54 27.69 91.84
C THR Q 340 18.28 27.93 90.35
N ALA Q 341 18.41 29.17 89.91
CA ALA Q 341 18.23 29.49 88.51
C ALA Q 341 19.37 28.92 87.67
N ALA Q 342 19.02 28.23 86.59
CA ALA Q 342 20.01 27.62 85.72
C ALA Q 342 20.50 28.61 84.67
N THR Q 343 21.40 28.17 83.81
CA THR Q 343 21.94 28.99 82.73
C THR Q 343 21.47 28.44 81.39
N THR Q 344 21.84 29.13 80.32
CA THR Q 344 21.47 28.76 78.96
C THR Q 344 19.96 28.53 78.84
N THR Q 345 19.20 29.58 79.15
CA THR Q 345 17.75 29.46 79.22
C THR Q 345 17.08 29.46 77.86
N ILE Q 346 17.74 29.92 76.80
CA ILE Q 346 17.12 30.02 75.49
C ILE Q 346 17.80 29.04 74.54
N VAL Q 347 17.14 28.76 73.43
CA VAL Q 347 17.63 27.82 72.43
C VAL Q 347 17.52 28.47 71.06
N THR Q 348 18.64 28.52 70.35
CA THR Q 348 18.71 29.11 69.01
C THR Q 348 19.00 28.01 68.00
N GLY Q 349 18.24 28.00 66.91
CA GLY Q 349 18.41 27.01 65.87
C GLY Q 349 19.65 27.27 65.03
N TYR Q 350 19.84 26.39 64.04
CA TYR Q 350 20.98 26.46 63.14
C TYR Q 350 20.54 26.92 61.76
N VAL Q 351 21.51 27.39 60.98
CA VAL Q 351 21.27 27.77 59.60
C VAL Q 351 22.14 26.91 58.69
N GLN Q 352 21.86 26.99 57.39
CA GLN Q 352 22.57 26.17 56.40
C GLN Q 352 22.78 27.02 55.15
N LEU Q 353 24.02 27.39 54.87
CA LEU Q 353 24.34 28.22 53.72
C LEU Q 353 24.96 27.35 52.63
N ASN Q 354 24.09 26.71 51.86
CA ASN Q 354 24.55 25.96 50.71
C ASN Q 354 24.99 26.90 49.60
N SER Q 355 26.06 26.53 48.91
CA SER Q 355 26.69 27.40 47.93
C SER Q 355 26.98 26.66 46.64
N PRO Q 356 26.59 27.22 45.49
CA PRO Q 356 26.84 26.54 44.22
C PRO Q 356 28.31 26.47 43.83
N THR Q 357 29.02 27.59 43.81
CA THR Q 357 30.41 27.58 43.33
C THR Q 357 31.38 28.01 44.42
N ALA Q 358 31.17 29.18 45.01
CA ALA Q 358 32.07 29.74 46.01
C ALA Q 358 31.37 30.85 46.78
N TYR Q 359 31.42 30.77 48.10
CA TYR Q 359 30.79 31.77 48.95
C TYR Q 359 31.46 31.83 50.32
N SER Q 360 32.29 32.85 50.55
CA SER Q 360 33.07 32.98 51.77
C SER Q 360 32.34 33.83 52.81
N VAL Q 361 32.60 33.52 54.07
CA VAL Q 361 32.01 34.24 55.20
C VAL Q 361 33.12 34.57 56.19
N SER Q 362 33.08 35.79 56.71
CA SER Q 362 34.02 36.23 57.73
C SER Q 362 33.30 37.12 58.74
N GLY Q 363 33.92 37.30 59.89
CA GLY Q 363 33.34 38.09 60.96
C GLY Q 363 34.29 38.37 62.10
N THR Q 364 34.22 39.58 62.66
CA THR Q 364 35.12 39.97 63.73
C THR Q 364 34.84 39.19 65.01
N GLY Q 365 35.72 38.24 65.34
CA GLY Q 365 35.61 37.49 66.58
C GLY Q 365 34.31 36.75 66.77
N THR Q 366 33.50 37.22 67.72
CA THR Q 366 32.25 36.58 68.08
C THR Q 366 31.29 36.51 66.90
N GLN Q 367 31.25 37.56 66.08
CA GLN Q 367 30.34 37.64 64.95
C GLN Q 367 30.42 36.40 64.05
N ALA Q 368 31.63 36.07 63.59
CA ALA Q 368 31.81 34.86 62.78
C ALA Q 368 31.47 33.62 63.58
N SER Q 369 31.87 33.60 64.85
CA SER Q 369 31.58 32.45 65.70
C SER Q 369 30.09 32.29 65.93
N GLN Q 370 29.41 33.38 66.28
CA GLN Q 370 27.99 33.32 66.63
C GLN Q 370 27.10 33.04 65.43
N VAL Q 371 27.66 32.74 64.27
CA VAL Q 371 26.88 32.37 63.08
C VAL Q 371 27.30 31.02 62.53
N PHE Q 372 28.61 30.84 62.27
CA PHE Q 372 29.08 29.62 61.63
C PHE Q 372 30.35 29.12 62.33
N GLY Q 373 30.54 29.52 63.58
CA GLY Q 373 31.72 29.12 64.32
C GLY Q 373 33.02 29.50 63.62
N ASN Q 374 34.02 28.61 63.68
CA ASN Q 374 35.30 28.84 63.02
C ASN Q 374 35.31 28.11 61.69
N ALA Q 375 34.45 28.57 60.78
CA ALA Q 375 34.39 27.97 59.45
C ALA Q 375 35.26 28.73 58.47
N SER Q 376 34.94 30.00 58.24
CA SER Q 376 35.75 30.92 57.44
C SER Q 376 35.92 30.47 55.99
N ALA Q 377 35.28 29.36 55.61
CA ALA Q 377 35.46 28.77 54.30
C ALA Q 377 34.27 27.88 53.96
N ALA Q 378 33.86 27.90 52.69
CA ALA Q 378 32.72 27.12 52.25
C ALA Q 378 33.13 25.72 51.83
N GLN Q 379 34.40 25.40 51.98
CA GLN Q 379 35.01 24.15 51.49
C GLN Q 379 34.39 22.94 52.20
N LYS Q 380 34.84 21.75 51.81
CA LYS Q 380 34.27 20.46 52.25
C LYS Q 380 32.87 20.24 51.68
N SER Q 381 32.77 20.35 50.36
CA SER Q 381 31.52 20.09 49.66
C SER Q 381 30.96 18.71 50.00
N SER Q 382 31.76 17.66 49.76
CA SER Q 382 31.50 16.30 50.22
C SER Q 382 30.15 15.77 49.73
N VAL Q 383 30.00 15.59 48.42
CA VAL Q 383 28.78 15.00 47.87
C VAL Q 383 28.81 13.50 48.12
N ALA Q 384 29.98 12.96 48.43
CA ALA Q 384 30.10 11.55 48.80
C ALA Q 384 29.43 11.29 50.14
N SER Q 385 29.46 12.28 51.03
CA SER Q 385 28.98 12.12 52.40
C SER Q 385 27.48 11.89 52.49
N VAL Q 386 26.76 12.15 51.40
CA VAL Q 386 25.31 12.02 51.36
C VAL Q 386 24.87 10.68 51.94
N ASP Q 387 23.83 10.71 52.77
CA ASP Q 387 23.33 9.50 53.40
C ASP Q 387 21.81 9.40 53.21
N ILE Q 388 21.25 8.34 53.78
CA ILE Q 388 19.81 8.08 53.72
C ILE Q 388 19.26 7.74 55.11
N SER Q 389 20.16 7.52 56.08
CA SER Q 389 19.89 6.79 57.31
C SER Q 389 18.57 7.10 58.01
N THR Q 390 18.41 8.29 58.58
CA THR Q 390 17.17 8.53 59.30
C THR Q 390 16.32 9.67 58.76
N ALA Q 391 16.83 10.91 58.83
CA ALA Q 391 16.03 12.05 58.41
C ALA Q 391 16.79 13.02 57.50
N ASP Q 392 18.08 13.23 57.81
CA ASP Q 392 18.88 14.25 57.15
C ASP Q 392 18.95 14.03 55.65
N GLY Q 393 19.25 12.79 55.25
CA GLY Q 393 19.46 12.43 53.87
C GLY Q 393 18.39 12.91 52.90
N ALA Q 394 17.12 12.67 53.23
CA ALA Q 394 16.00 12.97 52.33
C ALA Q 394 16.04 14.39 51.79
N GLN Q 395 16.63 15.31 52.55
CA GLN Q 395 16.73 16.71 52.14
C GLN Q 395 18.15 17.12 51.78
N ASN Q 396 19.15 16.54 52.47
CA ASN Q 396 20.53 16.86 52.17
C ASN Q 396 20.91 16.43 50.77
N ALA Q 397 20.40 15.29 50.33
CA ALA Q 397 20.67 14.82 48.97
C ALA Q 397 20.05 15.75 47.94
N ILE Q 398 18.84 16.25 48.23
CA ILE Q 398 18.25 17.28 47.38
C ILE Q 398 19.20 18.47 47.28
N ALA Q 399 19.67 18.93 48.43
CA ALA Q 399 20.58 20.08 48.47
C ALA Q 399 21.86 19.82 47.68
N VAL Q 400 22.40 18.60 47.72
CA VAL Q 400 23.63 18.33 46.98
C VAL Q 400 23.36 18.29 45.49
N VAL Q 401 22.32 17.54 45.07
CA VAL Q 401 22.09 17.34 43.64
C VAL Q 401 21.70 18.64 42.97
N ASP Q 402 21.02 19.55 43.68
CA ASP Q 402 20.63 20.81 43.06
C ASP Q 402 21.85 21.53 42.50
N ASN Q 403 22.75 21.96 43.38
CA ASN Q 403 23.90 22.71 42.90
C ASN Q 403 24.89 21.84 42.13
N ALA Q 404 24.93 20.53 42.41
CA ALA Q 404 25.82 19.67 41.64
C ALA Q 404 25.42 19.64 40.17
N LEU Q 405 24.13 19.46 39.90
CA LEU Q 405 23.66 19.51 38.52
C LEU Q 405 23.76 20.93 37.96
N ALA Q 406 23.62 21.95 38.80
CA ALA Q 406 23.86 23.30 38.34
C ALA Q 406 25.27 23.44 37.77
N ALA Q 407 26.27 22.95 38.52
CA ALA Q 407 27.66 23.06 38.08
C ALA Q 407 27.93 22.19 36.85
N ILE Q 408 27.39 20.98 36.84
CA ILE Q 408 27.59 20.09 35.70
C ILE Q 408 26.98 20.68 34.44
N ASP Q 409 25.80 21.29 34.58
CA ASP Q 409 25.13 21.85 33.40
C ASP Q 409 25.80 23.15 32.97
N ALA Q 410 26.39 23.88 33.92
CA ALA Q 410 27.23 25.02 33.55
C ALA Q 410 28.45 24.57 32.76
N GLN Q 411 29.03 23.43 33.15
CA GLN Q 411 30.13 22.85 32.36
C GLN Q 411 29.65 22.45 30.97
N ARG Q 412 28.44 21.87 30.90
CA ARG Q 412 27.86 21.54 29.60
C ARG Q 412 27.68 22.80 28.75
N ALA Q 413 27.27 23.90 29.37
CA ALA Q 413 27.12 25.16 28.65
C ALA Q 413 28.46 25.70 28.17
N ASP Q 414 29.51 25.55 28.98
CA ASP Q 414 30.85 25.93 28.53
C ASP Q 414 31.26 25.09 27.32
N LEU Q 415 30.98 23.79 27.35
CA LEU Q 415 31.28 22.94 26.20
C LEU Q 415 30.48 23.38 24.98
N ALA Q 416 29.21 23.73 25.18
CA ALA Q 416 28.40 24.23 24.07
C ALA Q 416 29.00 25.50 23.48
N ALA Q 417 29.45 26.41 24.33
CA ALA Q 417 30.03 27.65 23.86
C ALA Q 417 31.30 27.39 23.05
N VAL Q 418 32.18 26.54 23.58
CA VAL Q 418 33.46 26.31 22.90
C VAL Q 418 33.23 25.56 21.58
N GLN Q 419 32.18 24.73 21.52
CA GLN Q 419 31.93 24.02 20.27
C GLN Q 419 31.22 24.89 19.24
N ASN Q 420 30.35 25.80 19.67
CA ASN Q 420 29.82 26.79 18.75
C ASN Q 420 30.94 27.66 18.19
N ARG Q 421 31.87 28.06 19.07
CA ARG Q 421 33.07 28.73 18.63
C ARG Q 421 33.85 27.89 17.63
N PHE Q 422 33.92 26.57 17.86
CA PHE Q 422 34.66 25.69 16.99
C PHE Q 422 34.03 25.61 15.60
N LYS Q 423 32.70 25.48 15.53
CA LYS Q 423 32.06 25.38 14.22
C LYS Q 423 32.18 26.72 13.48
N ASN Q 424 32.03 27.83 14.20
CA ASN Q 424 32.22 29.13 13.57
C ASN Q 424 33.63 29.27 13.02
N THR Q 425 34.64 28.89 13.82
CA THR Q 425 36.02 29.10 13.39
C THR Q 425 36.40 28.12 12.29
N ILE Q 426 35.79 26.93 12.24
CA ILE Q 426 36.12 26.01 11.15
C ILE Q 426 35.48 26.50 9.86
N ASP Q 427 34.29 27.10 9.94
CA ASP Q 427 33.70 27.72 8.76
C ASP Q 427 34.57 28.87 8.26
N ASN Q 428 34.95 29.78 9.16
CA ASN Q 428 35.82 30.89 8.76
C ASN Q 428 37.14 30.38 8.21
N LEU Q 429 37.65 29.27 8.77
CA LEU Q 429 38.94 28.74 8.38
C LEU Q 429 38.89 28.13 6.99
N THR Q 430 37.87 27.33 6.70
CA THR Q 430 37.76 26.78 5.35
C THR Q 430 37.49 27.89 4.34
N ASN Q 431 36.75 28.93 4.74
CA ASN Q 431 36.57 30.08 3.85
C ASN Q 431 37.89 30.73 3.49
N ILE Q 432 38.70 31.06 4.51
CA ILE Q 432 39.97 31.73 4.26
C ILE Q 432 40.91 30.82 3.48
N SER Q 433 40.85 29.51 3.74
CA SER Q 433 41.75 28.59 3.04
C SER Q 433 41.39 28.50 1.56
N GLU Q 434 40.10 28.37 1.24
CA GLU Q 434 39.71 28.31 -0.17
C GLU Q 434 39.97 29.64 -0.86
N ASN Q 435 39.85 30.75 -0.13
CA ASN Q 435 40.14 32.04 -0.74
C ASN Q 435 41.64 32.19 -1.03
N ALA Q 436 42.48 31.75 -0.11
CA ALA Q 436 43.92 31.73 -0.37
C ALA Q 436 44.27 30.77 -1.51
N THR Q 437 43.52 29.68 -1.64
CA THR Q 437 43.72 28.78 -2.77
C THR Q 437 43.38 29.47 -4.08
N ASN Q 438 42.30 30.24 -4.10
CA ASN Q 438 41.96 31.01 -5.30
C ASN Q 438 43.04 32.03 -5.61
N ALA Q 439 43.58 32.68 -4.58
CA ALA Q 439 44.68 33.63 -4.80
C ALA Q 439 45.90 32.93 -5.38
N ARG Q 440 46.26 31.78 -4.81
CA ARG Q 440 47.39 31.00 -5.31
C ARG Q 440 47.15 30.57 -6.75
N SER Q 441 45.90 30.27 -7.11
CA SER Q 441 45.59 29.93 -8.49
C SER Q 441 45.79 31.12 -9.41
N ARG Q 442 45.21 32.26 -9.05
CA ARG Q 442 45.36 33.46 -9.87
C ARG Q 442 46.81 33.91 -10.01
N ILE Q 443 47.66 33.59 -9.03
CA ILE Q 443 49.05 34.02 -9.08
C ILE Q 443 49.99 32.96 -9.66
N LYS Q 444 49.57 31.69 -9.70
CA LYS Q 444 50.43 30.60 -10.12
C LYS Q 444 49.89 29.79 -11.28
N ASP Q 445 48.59 29.51 -11.31
CA ASP Q 445 48.03 28.69 -12.37
C ASP Q 445 48.17 29.38 -13.72
N THR Q 446 48.83 28.71 -14.65
CA THR Q 446 49.02 29.29 -15.99
C THR Q 446 47.68 29.35 -16.71
N ASP Q 447 47.39 30.52 -17.28
CA ASP Q 447 46.20 30.69 -18.12
C ASP Q 447 46.56 30.20 -19.52
N PHE Q 448 46.51 28.87 -19.68
CA PHE Q 448 46.98 28.25 -20.91
C PHE Q 448 46.07 28.51 -22.11
N ALA Q 449 44.94 29.18 -21.92
CA ALA Q 449 44.17 29.65 -23.06
C ALA Q 449 44.97 30.59 -23.94
N ALA Q 450 45.97 31.27 -23.37
CA ALA Q 450 46.93 32.05 -24.13
C ALA Q 450 48.30 31.38 -24.23
N GLU Q 451 48.67 30.56 -23.25
CA GLU Q 451 49.93 29.85 -23.29
C GLU Q 451 49.98 28.82 -24.42
N THR Q 452 48.85 28.21 -24.77
CA THR Q 452 48.82 27.31 -25.92
C THR Q 452 49.10 28.07 -27.21
N ALA Q 453 48.51 29.26 -27.37
CA ALA Q 453 48.81 30.09 -28.53
C ALA Q 453 50.27 30.51 -28.53
N ALA Q 454 50.82 30.83 -27.35
CA ALA Q 454 52.23 31.19 -27.26
C ALA Q 454 53.13 30.02 -27.67
N LEU Q 455 52.76 28.81 -27.26
CA LEU Q 455 53.57 27.64 -27.60
C LEU Q 455 53.47 27.32 -29.09
N SER Q 456 52.29 27.50 -29.67
CA SER Q 456 52.16 27.32 -31.12
C SER Q 456 52.99 28.35 -31.87
N LYS Q 457 52.97 29.61 -31.41
CA LYS Q 457 53.84 30.62 -32.00
C LYS Q 457 55.31 30.25 -31.86
N ASN Q 458 55.67 29.65 -30.72
CA ASN Q 458 57.06 29.26 -30.50
C ASN Q 458 57.49 28.16 -31.47
N GLN Q 459 56.65 27.13 -31.63
CA GLN Q 459 57.03 26.05 -32.55
C GLN Q 459 57.03 26.54 -33.99
N VAL Q 460 56.10 27.45 -34.33
CA VAL Q 460 56.10 28.04 -35.67
C VAL Q 460 57.38 28.82 -35.92
N LEU Q 461 57.80 29.62 -34.94
CA LEU Q 461 59.03 30.39 -35.09
C LEU Q 461 60.24 29.47 -35.19
N GLN Q 462 60.23 28.36 -34.44
CA GLN Q 462 61.33 27.41 -34.50
C GLN Q 462 61.43 26.78 -35.89
N GLN Q 463 60.30 26.29 -36.42
CA GLN Q 463 60.29 25.72 -37.75
C GLN Q 463 60.71 26.75 -38.80
N ALA Q 464 60.21 27.99 -38.66
CA ALA Q 464 60.57 29.03 -39.62
C ALA Q 464 62.05 29.32 -39.59
N GLY Q 465 62.63 29.44 -38.38
CA GLY Q 465 64.05 29.70 -38.28
C GLY Q 465 64.89 28.55 -38.80
N THR Q 466 64.43 27.32 -38.60
CA THR Q 466 65.14 26.18 -39.15
C THR Q 466 65.13 26.21 -40.68
N ALA Q 467 63.98 26.53 -41.26
CA ALA Q 467 63.90 26.66 -42.72
C ALA Q 467 64.79 27.78 -43.23
N ILE Q 468 64.78 28.92 -42.53
CA ILE Q 468 65.64 30.05 -42.91
C ILE Q 468 67.10 29.65 -42.86
N LEU Q 469 67.52 28.94 -41.81
CA LEU Q 469 68.90 28.51 -41.70
C LEU Q 469 69.28 27.55 -42.82
N ALA Q 470 68.42 26.56 -43.08
CA ALA Q 470 68.71 25.59 -44.14
C ALA Q 470 68.74 26.25 -45.51
N GLN Q 471 67.98 27.32 -45.69
CA GLN Q 471 67.98 28.01 -46.99
C GLN Q 471 69.17 28.95 -47.13
N ALA Q 472 69.57 29.61 -46.04
CA ALA Q 472 70.64 30.57 -46.10
C ALA Q 472 72.02 29.91 -46.11
N ASN Q 473 72.11 28.68 -45.59
CA ASN Q 473 73.39 27.98 -45.61
C ASN Q 473 73.72 27.46 -47.01
N GLN Q 474 72.88 27.77 -48.00
CA GLN Q 474 73.11 27.34 -49.37
C GLN Q 474 73.55 28.46 -50.30
N LEU Q 475 73.71 29.69 -49.79
CA LEU Q 475 74.10 30.80 -50.66
C LEU Q 475 75.56 30.72 -51.08
N PRO Q 476 76.54 30.69 -50.17
CA PRO Q 476 77.94 30.81 -50.63
C PRO Q 476 78.41 29.64 -51.46
N GLN Q 477 77.88 28.44 -51.23
CA GLN Q 477 78.26 27.28 -52.03
C GLN Q 477 77.96 27.52 -53.50
N ALA Q 478 76.70 27.86 -53.81
CA ALA Q 478 76.34 28.16 -55.19
C ALA Q 478 77.10 29.38 -55.71
N VAL Q 479 77.28 30.39 -54.85
CA VAL Q 479 77.99 31.61 -55.26
C VAL Q 479 79.38 31.25 -55.77
N LEU Q 480 80.15 30.50 -54.98
CA LEU Q 480 81.52 30.17 -55.37
C LEU Q 480 81.56 29.15 -56.50
N SER Q 481 80.64 28.19 -56.50
CA SER Q 481 80.66 27.18 -57.56
C SER Q 481 80.32 27.76 -58.92
N LEU Q 482 79.50 28.81 -58.95
CA LEU Q 482 79.16 29.45 -60.22
C LEU Q 482 80.14 30.56 -60.57
N LEU Q 483 80.77 31.19 -59.59
CA LEU Q 483 81.73 32.26 -59.84
C LEU Q 483 83.12 31.74 -60.18
N ARG Q 484 83.40 30.46 -59.95
CA ARG Q 484 84.70 29.89 -60.25
C ARG Q 484 84.63 28.95 -61.45
N VAL R 1 120.80 47.18 -83.52
CA VAL R 1 120.47 46.93 -82.12
C VAL R 1 120.43 45.44 -81.85
N ASN R 2 121.55 44.90 -81.37
CA ASN R 2 121.64 43.46 -81.09
C ASN R 2 122.28 43.11 -79.76
N THR R 3 123.07 44.00 -79.14
CA THR R 3 123.73 43.66 -77.89
C THR R 3 122.76 43.54 -76.73
N ASN R 4 121.56 44.09 -76.84
CA ASN R 4 120.56 44.03 -75.77
C ASN R 4 119.19 44.29 -76.39
N ILE R 5 118.16 44.02 -75.59
CA ILE R 5 116.77 44.19 -76.02
C ILE R 5 116.09 45.15 -75.07
N ALA R 6 115.35 46.11 -75.62
CA ALA R 6 114.67 47.11 -74.80
C ALA R 6 113.35 46.62 -74.22
N SER R 7 112.95 45.39 -74.54
CA SER R 7 111.67 44.86 -74.07
C SER R 7 111.71 44.37 -72.63
N LEU R 8 112.76 44.69 -71.87
CA LEU R 8 112.82 44.31 -70.46
C LEU R 8 111.73 44.96 -69.62
N ASN R 9 111.15 46.07 -70.10
CA ASN R 9 110.00 46.64 -69.41
C ASN R 9 108.83 45.67 -69.42
N THR R 10 108.67 44.92 -70.50
CA THR R 10 107.63 43.90 -70.54
C THR R 10 107.90 42.80 -69.53
N GLN R 11 109.17 42.43 -69.34
CA GLN R 11 109.51 41.43 -68.34
C GLN R 11 109.24 41.95 -66.93
N ARG R 12 109.55 43.23 -66.69
CA ARG R 12 109.26 43.83 -65.39
C ARG R 12 107.75 43.84 -65.13
N ASN R 13 106.97 44.21 -66.13
CA ASN R 13 105.52 44.17 -66.00
C ASN R 13 105.04 42.73 -65.77
N LEU R 14 105.69 41.74 -66.38
CA LEU R 14 105.33 40.36 -66.14
C LEU R 14 105.60 39.96 -64.70
N ASN R 15 106.74 40.40 -64.14
CA ASN R 15 107.02 40.10 -62.74
C ASN R 15 105.99 40.75 -61.83
N ALA R 16 105.64 42.01 -62.10
CA ALA R 16 104.64 42.69 -61.28
C ALA R 16 103.29 42.00 -61.37
N SER R 17 102.87 41.63 -62.58
CA SER R 17 101.58 40.96 -62.75
C SER R 17 101.59 39.57 -62.11
N SER R 18 102.75 38.90 -62.10
CA SER R 18 102.82 37.59 -61.46
C SER R 18 102.72 37.71 -59.95
N ASN R 19 103.37 38.72 -59.36
CA ASN R 19 103.21 38.95 -57.93
C ASN R 19 101.76 39.30 -57.59
N ASP R 20 101.12 40.12 -58.43
CA ASP R 20 99.72 40.48 -58.20
C ASP R 20 98.83 39.25 -58.31
N LEU R 21 99.10 38.40 -59.30
CA LEU R 21 98.34 37.16 -59.45
C LEU R 21 98.55 36.25 -58.24
N ASN R 22 99.78 36.20 -57.73
CA ASN R 22 100.06 35.36 -56.57
C ASN R 22 99.28 35.82 -55.35
N THR R 23 99.32 37.12 -55.05
CA THR R 23 98.57 37.60 -53.90
C THR R 23 97.07 37.47 -54.11
N SER R 24 96.61 37.57 -55.37
CA SER R 24 95.20 37.40 -55.66
C SER R 24 94.75 35.96 -55.43
N LEU R 25 95.55 34.99 -55.90
CA LEU R 25 95.24 33.59 -55.62
C LEU R 25 95.27 33.30 -54.14
N GLN R 26 96.22 33.90 -53.40
CA GLN R 26 96.23 33.75 -51.95
C GLN R 26 94.94 34.26 -51.33
N ARG R 27 94.54 35.48 -51.70
CA ARG R 27 93.32 36.07 -51.16
C ARG R 27 92.10 35.20 -51.49
N LEU R 28 92.07 34.63 -52.69
CA LEU R 28 90.91 33.85 -53.10
C LEU R 28 90.87 32.50 -52.39
N THR R 29 92.04 31.90 -52.13
CA THR R 29 92.05 30.59 -51.50
C THR R 29 91.91 30.67 -49.98
N THR R 30 92.28 31.81 -49.37
CA THR R 30 92.13 31.93 -47.93
C THR R 30 90.86 32.64 -47.52
N GLY R 31 90.14 33.24 -48.45
CA GLY R 31 88.93 33.97 -48.15
C GLY R 31 89.14 35.30 -47.45
N TYR R 32 90.38 35.74 -47.28
CA TYR R 32 90.69 36.97 -46.58
C TYR R 32 91.32 37.96 -47.55
N ARG R 33 90.82 39.20 -47.56
CA ARG R 33 91.38 40.21 -48.44
C ARG R 33 92.80 40.57 -48.02
N ILE R 34 93.04 40.66 -46.72
CA ILE R 34 94.40 40.88 -46.23
C ILE R 34 94.97 39.55 -45.75
N ASN R 35 96.19 39.25 -46.18
CA ASN R 35 96.83 37.99 -45.79
C ASN R 35 97.36 38.10 -44.36
N SER R 36 97.70 36.94 -43.79
CA SER R 36 98.30 36.90 -42.47
C SER R 36 99.67 37.56 -42.43
N ALA R 37 100.21 37.95 -43.59
CA ALA R 37 101.51 38.60 -43.66
C ALA R 37 101.42 40.02 -43.11
N LYS R 38 102.54 40.74 -43.21
CA LYS R 38 102.61 42.10 -42.68
C LYS R 38 101.79 43.08 -43.50
N ASP R 39 101.19 42.63 -44.60
CA ASP R 39 100.38 43.51 -45.43
C ASP R 39 99.21 44.07 -44.64
N ASP R 40 99.05 45.39 -44.69
CA ASP R 40 98.02 46.12 -43.95
C ASP R 40 98.17 45.84 -42.45
N ALA R 41 99.31 46.27 -41.92
CA ALA R 41 99.65 46.01 -40.52
C ALA R 41 98.60 46.57 -39.56
N ALA R 42 98.03 47.73 -39.89
CA ALA R 42 96.97 48.27 -39.05
C ALA R 42 95.74 47.37 -39.07
N GLY R 43 95.31 46.96 -40.27
CA GLY R 43 94.21 46.02 -40.36
C GLY R 43 94.53 44.69 -39.70
N LEU R 44 95.79 44.25 -39.79
CA LEU R 44 96.18 43.02 -39.12
C LEU R 44 96.06 43.15 -37.61
N GLN R 45 96.48 44.29 -37.06
CA GLN R 45 96.37 44.53 -35.62
C GLN R 45 94.90 44.56 -35.19
N ILE R 46 94.07 45.26 -35.95
CA ILE R 46 92.65 45.32 -35.62
C ILE R 46 92.02 43.94 -35.67
N SER R 47 92.37 43.15 -36.68
CA SER R 47 91.80 41.81 -36.81
C SER R 47 92.25 40.92 -35.67
N ASN R 48 93.53 40.99 -35.28
CA ASN R 48 94.03 40.20 -34.16
C ASN R 48 93.30 40.58 -32.87
N ARG R 49 93.13 41.89 -32.66
CA ARG R 49 92.46 42.34 -31.44
C ARG R 49 91.01 41.86 -31.40
N LEU R 50 90.28 42.02 -32.51
CA LEU R 50 88.88 41.61 -32.51
C LEU R 50 88.74 40.09 -32.43
N SER R 51 89.71 39.35 -32.97
CA SER R 51 89.65 37.90 -32.87
C SER R 51 89.89 37.44 -31.43
N ASN R 52 90.88 38.02 -30.76
CA ASN R 52 91.06 37.75 -29.34
C ASN R 52 89.80 38.11 -28.56
N GLN R 53 89.17 39.24 -28.93
CA GLN R 53 87.96 39.68 -28.24
C GLN R 53 86.82 38.69 -28.42
N ILE R 54 86.60 38.20 -29.64
CA ILE R 54 85.47 37.32 -29.89
C ILE R 54 85.73 35.94 -29.27
N SER R 55 86.99 35.51 -29.25
CA SER R 55 87.32 34.26 -28.57
C SER R 55 87.04 34.39 -27.07
N GLY R 56 87.45 35.51 -26.47
CA GLY R 56 87.13 35.74 -25.07
C GLY R 56 85.64 35.78 -24.82
N LEU R 57 84.89 36.41 -25.74
CA LEU R 57 83.44 36.45 -25.60
C LEU R 57 82.83 35.07 -25.70
N ASN R 58 83.36 34.21 -26.57
CA ASN R 58 82.82 32.86 -26.70
C ASN R 58 83.09 32.03 -25.46
N VAL R 59 84.32 32.09 -24.95
CA VAL R 59 84.59 31.35 -23.71
C VAL R 59 83.81 31.94 -22.55
N ALA R 60 83.47 33.24 -22.62
CA ALA R 60 82.64 33.84 -21.58
C ALA R 60 81.20 33.33 -21.69
N THR R 61 80.69 33.18 -22.91
CA THR R 61 79.37 32.59 -23.09
C THR R 61 79.33 31.17 -22.55
N ARG R 62 80.40 30.40 -22.78
CA ARG R 62 80.46 29.04 -22.24
C ARG R 62 80.48 29.04 -20.72
N ASN R 63 81.33 29.89 -20.13
CA ASN R 63 81.38 30.01 -18.68
C ASN R 63 80.03 30.45 -18.11
N ALA R 64 79.33 31.33 -18.81
CA ALA R 64 78.02 31.77 -18.36
C ALA R 64 77.01 30.63 -18.45
N ASN R 65 77.15 29.76 -19.45
CA ASN R 65 76.29 28.58 -19.51
C ASN R 65 76.55 27.66 -18.32
N ASP R 66 77.82 27.42 -17.98
CA ASP R 66 78.10 26.65 -16.77
C ASP R 66 77.52 27.34 -15.53
N GLY R 67 77.60 28.66 -15.49
CA GLY R 67 77.07 29.38 -14.34
C GLY R 67 75.56 29.27 -14.20
N ILE R 68 74.84 29.38 -15.33
CA ILE R 68 73.39 29.28 -15.25
C ILE R 68 72.97 27.86 -14.93
N SER R 69 73.73 26.86 -15.39
CA SER R 69 73.43 25.48 -14.99
C SER R 69 73.65 25.28 -13.50
N LEU R 70 74.74 25.84 -12.97
CA LEU R 70 75.01 25.75 -11.54
C LEU R 70 73.91 26.43 -10.73
N ALA R 71 73.49 27.61 -11.17
CA ALA R 71 72.39 28.31 -10.51
C ALA R 71 71.08 27.52 -10.62
N GLN R 72 70.88 26.80 -11.72
CA GLN R 72 69.69 25.96 -11.85
C GLN R 72 69.72 24.83 -10.83
N THR R 73 70.87 24.16 -10.70
CA THR R 73 71.02 23.15 -9.65
C THR R 73 70.76 23.74 -8.27
N ALA R 74 71.27 24.94 -8.03
CA ALA R 74 71.10 25.58 -6.73
C ALA R 74 69.62 25.87 -6.44
N GLU R 75 68.90 26.42 -7.43
CA GLU R 75 67.50 26.75 -7.19
C GLU R 75 66.66 25.49 -7.06
N GLY R 76 67.07 24.42 -7.74
CA GLY R 76 66.38 23.15 -7.54
C GLY R 76 66.56 22.62 -6.14
N ALA R 77 67.79 22.67 -5.62
CA ALA R 77 68.02 22.28 -4.23
C ALA R 77 67.24 23.16 -3.28
N LEU R 78 67.11 24.45 -3.60
CA LEU R 78 66.36 25.35 -2.73
C LEU R 78 64.86 25.07 -2.78
N GLN R 79 64.33 24.70 -3.95
CA GLN R 79 62.94 24.26 -4.03
C GLN R 79 62.72 23.01 -3.20
N GLN R 80 63.67 22.07 -3.25
CA GLN R 80 63.55 20.88 -2.43
C GLN R 80 63.55 21.25 -0.94
N SER R 81 64.44 22.14 -0.52
CA SER R 81 64.45 22.56 0.88
C SER R 81 63.18 23.31 1.24
N THR R 82 62.60 24.03 0.28
CA THR R 82 61.32 24.69 0.51
C THR R 82 60.23 23.66 0.79
N ASN R 83 60.19 22.58 0.01
CA ASN R 83 59.24 21.51 0.28
C ASN R 83 59.50 20.87 1.64
N ILE R 84 60.77 20.73 2.01
CA ILE R 84 61.09 20.15 3.32
C ILE R 84 60.60 21.04 4.44
N LEU R 85 60.83 22.35 4.34
CA LEU R 85 60.34 23.27 5.37
C LEU R 85 58.82 23.30 5.41
N GLN R 86 58.19 23.19 4.25
CA GLN R 86 56.73 23.06 4.21
C GLN R 86 56.29 21.87 5.05
N ARG R 87 56.88 20.70 4.80
CA ARG R 87 56.50 19.49 5.53
C ARG R 87 56.80 19.61 7.01
N ILE R 88 57.92 20.23 7.38
CA ILE R 88 58.22 20.43 8.79
C ILE R 88 57.16 21.31 9.43
N ARG R 89 56.69 22.34 8.71
CA ARG R 89 55.63 23.18 9.27
C ARG R 89 54.33 22.40 9.43
N ASP R 90 54.02 21.53 8.46
CA ASP R 90 52.83 20.68 8.61
C ASP R 90 52.93 19.81 9.85
N LEU R 91 54.06 19.13 10.02
CA LEU R 91 54.23 18.25 11.17
C LEU R 91 54.23 19.05 12.48
N ALA R 92 54.77 20.26 12.46
CA ALA R 92 54.82 21.07 13.68
C ALA R 92 53.44 21.55 14.09
N LEU R 93 52.65 22.03 13.12
CA LEU R 93 51.31 22.49 13.44
C LEU R 93 50.38 21.33 13.77
N GLN R 94 50.61 20.15 13.16
CA GLN R 94 49.86 18.97 13.55
C GLN R 94 50.26 18.51 14.95
N SER R 95 51.51 18.78 15.34
CA SER R 95 51.97 18.46 16.68
C SER R 95 51.27 19.27 17.76
N ALA R 96 50.43 20.25 17.38
CA ALA R 96 49.56 20.88 18.36
C ALA R 96 48.68 19.83 19.04
N ASN R 97 48.18 18.86 18.27
CA ASN R 97 47.49 17.66 18.77
C ASN R 97 46.47 17.96 19.86
N GLY R 98 45.90 19.17 19.86
CA GLY R 98 45.04 19.58 20.96
C GLY R 98 45.80 19.80 22.24
N SER R 99 47.14 19.75 22.16
CA SER R 99 48.07 20.07 23.24
C SER R 99 48.06 19.03 24.35
N ASN R 100 47.14 18.07 24.29
CA ASN R 100 47.15 17.00 25.28
C ASN R 100 46.77 15.63 24.74
N SER R 101 46.50 15.47 23.45
CA SER R 101 45.83 14.25 23.00
C SER R 101 46.81 13.19 22.50
N ASP R 102 47.80 13.57 21.70
CA ASP R 102 48.68 12.60 21.03
C ASP R 102 49.85 12.34 21.96
N ALA R 103 49.78 11.25 22.72
CA ALA R 103 50.86 10.89 23.63
C ALA R 103 52.12 10.47 22.88
N ASP R 104 52.06 10.30 21.57
CA ASP R 104 53.21 9.93 20.76
C ASP R 104 53.92 11.14 20.17
N ARG R 105 53.94 12.25 20.90
CA ARG R 105 54.84 13.35 20.56
C ARG R 105 56.29 12.87 20.48
N ALA R 106 56.62 11.76 21.12
CA ALA R 106 57.95 11.17 20.95
C ALA R 106 58.15 10.68 19.52
N ALA R 107 57.16 9.96 18.98
CA ALA R 107 57.23 9.54 17.59
C ALA R 107 57.23 10.74 16.66
N LEU R 108 56.46 11.77 17.01
CA LEU R 108 56.52 13.03 16.27
C LEU R 108 57.93 13.61 16.25
N GLN R 109 58.62 13.52 17.40
CA GLN R 109 59.98 14.04 17.47
C GLN R 109 60.92 13.20 16.61
N LYS R 110 60.79 11.87 16.65
CA LYS R 110 61.59 11.03 15.78
C LYS R 110 61.37 11.36 14.31
N GLU R 111 60.11 11.59 13.93
CA GLU R 111 59.81 11.85 12.52
C GLU R 111 60.32 13.21 12.09
N VAL R 112 60.21 14.23 12.94
CA VAL R 112 60.75 15.53 12.56
C VAL R 112 62.27 15.52 12.59
N ALA R 113 62.87 14.68 13.42
CA ALA R 113 64.33 14.53 13.38
C ALA R 113 64.76 13.86 12.08
N ALA R 114 64.02 12.86 11.64
CA ALA R 114 64.27 12.28 10.32
C ALA R 114 64.11 13.32 9.23
N GLN R 115 63.12 14.21 9.38
CA GLN R 115 62.91 15.27 8.39
C GLN R 115 64.10 16.24 8.35
N GLN R 116 64.61 16.65 9.52
CA GLN R 116 65.75 17.57 9.51
C GLN R 116 67.02 16.86 9.03
N ALA R 117 67.16 15.57 9.29
CA ALA R 117 68.29 14.83 8.74
C ALA R 117 68.18 14.74 7.22
N GLU R 118 66.96 14.60 6.70
CA GLU R 118 66.74 14.66 5.26
C GLU R 118 67.10 16.04 4.73
N LEU R 119 66.81 17.08 5.50
CA LEU R 119 67.23 18.43 5.12
C LEU R 119 68.74 18.53 5.02
N THR R 120 69.46 18.04 6.03
CA THR R 120 70.92 18.09 6.00
C THR R 120 71.48 17.24 4.87
N ARG R 121 70.77 16.17 4.50
CA ARG R 121 71.20 15.35 3.38
C ARG R 121 70.97 16.05 2.05
N ILE R 122 69.87 16.78 1.92
CA ILE R 122 69.66 17.63 0.74
C ILE R 122 70.75 18.68 0.66
N SER R 123 71.18 19.20 1.82
CA SER R 123 72.33 20.10 1.84
C SER R 123 73.54 19.44 1.20
N ASP R 124 73.81 18.18 1.55
CA ASP R 124 74.87 17.42 0.92
C ASP R 124 74.37 16.84 -0.41
N THR R 125 75.14 15.91 -0.99
CA THR R 125 74.80 15.22 -2.22
C THR R 125 74.57 16.17 -3.40
N THR R 126 75.03 17.42 -3.29
CA THR R 126 74.99 18.37 -4.39
C THR R 126 76.39 18.55 -4.97
N THR R 127 77.12 17.44 -5.09
CA THR R 127 78.53 17.45 -5.48
C THR R 127 78.67 17.74 -6.97
N PHE R 128 78.35 18.98 -7.33
CA PHE R 128 78.53 19.43 -8.70
C PHE R 128 79.97 19.91 -8.89
N GLY R 129 80.90 18.95 -8.94
CA GLY R 129 82.30 19.27 -9.14
C GLY R 129 83.19 19.14 -7.92
N GLY R 130 82.74 18.46 -6.85
CA GLY R 130 83.54 18.34 -5.65
C GLY R 130 83.71 19.66 -4.93
N ARG R 131 82.82 20.61 -5.23
CA ARG R 131 82.87 21.97 -4.71
C ARG R 131 81.50 22.33 -4.15
N LYS R 132 80.99 21.48 -3.25
CA LYS R 132 79.62 21.47 -2.76
C LYS R 132 79.00 22.86 -2.66
N LEU R 133 77.81 23.02 -3.25
CA LEU R 133 77.29 24.35 -3.55
C LEU R 133 76.76 25.03 -2.30
N LEU R 134 75.74 24.47 -1.68
CA LEU R 134 75.00 25.16 -0.62
C LEU R 134 75.36 24.71 0.78
N ASP R 135 75.97 23.53 0.93
CA ASP R 135 76.43 23.11 2.24
C ASP R 135 77.95 23.17 2.32
N GLY R 136 78.48 22.81 3.49
CA GLY R 136 79.92 22.82 3.68
C GLY R 136 80.46 24.24 3.65
N SER R 137 81.55 24.44 2.91
CA SER R 137 82.20 25.73 2.80
C SER R 137 82.28 26.10 1.31
N PHE R 138 81.38 26.98 0.89
CA PHE R 138 81.37 27.48 -0.47
C PHE R 138 82.22 28.75 -0.54
N GLY R 139 83.15 28.78 -1.49
CA GLY R 139 84.10 29.87 -1.59
C GLY R 139 83.52 31.19 -2.02
N THR R 140 82.23 31.25 -2.33
CA THR R 140 81.56 32.46 -2.81
C THR R 140 82.30 33.03 -4.03
N THR R 141 82.30 32.22 -5.09
CA THR R 141 83.08 32.54 -6.29
C THR R 141 82.38 33.62 -7.10
N SER R 142 82.92 33.91 -8.28
CA SER R 142 82.36 34.94 -9.16
C SER R 142 82.70 34.55 -10.59
N PHE R 143 81.68 34.26 -11.38
CA PHE R 143 81.88 33.77 -12.75
C PHE R 143 82.20 34.93 -13.69
N GLN R 144 83.31 34.82 -14.41
CA GLN R 144 83.70 35.86 -15.37
C GLN R 144 82.84 35.77 -16.62
N VAL R 145 82.37 36.92 -17.09
CA VAL R 145 81.50 37.00 -18.25
C VAL R 145 82.02 37.94 -19.32
N GLY R 146 83.10 38.69 -19.04
CA GLY R 146 83.61 39.65 -19.99
C GLY R 146 85.00 39.26 -20.47
N SER R 147 85.39 39.87 -21.59
CA SER R 147 86.69 39.62 -22.21
C SER R 147 87.81 40.46 -21.61
N ASN R 148 87.58 41.09 -20.47
CA ASN R 148 88.57 41.90 -19.79
C ASN R 148 88.78 41.36 -18.38
N ALA R 149 89.96 41.63 -17.83
CA ALA R 149 90.33 41.09 -16.53
C ALA R 149 89.41 41.64 -15.43
N TYR R 150 89.10 40.79 -14.46
CA TYR R 150 88.33 41.14 -13.27
C TYR R 150 86.89 41.54 -13.59
N GLU R 151 86.50 41.46 -14.86
CA GLU R 151 85.12 41.71 -15.25
C GLU R 151 84.28 40.46 -15.01
N THR R 152 83.65 40.37 -13.83
CA THR R 152 82.99 39.17 -13.38
C THR R 152 81.68 39.52 -12.69
N ILE R 153 80.85 38.50 -12.48
CA ILE R 153 79.56 38.63 -11.81
C ILE R 153 79.58 37.74 -10.58
N ASP R 154 79.33 38.35 -9.42
CA ASP R 154 79.42 37.62 -8.16
C ASP R 154 78.15 36.85 -7.86
N ILE R 155 78.28 35.80 -7.06
CA ILE R 155 77.16 35.01 -6.59
C ILE R 155 77.29 34.88 -5.08
N SER R 156 76.16 34.91 -4.38
CA SER R 156 76.12 34.98 -2.92
C SER R 156 75.32 33.81 -2.36
N LEU R 157 75.66 32.60 -2.82
CA LEU R 157 75.04 31.39 -2.31
C LEU R 157 75.11 31.33 -0.79
N GLN R 158 74.13 30.66 -0.19
CA GLN R 158 74.08 30.52 1.25
C GLN R 158 75.32 29.82 1.77
N ASN R 159 75.82 30.29 2.91
CA ASN R 159 77.03 29.71 3.49
C ASN R 159 76.80 28.24 3.84
N ALA R 160 75.64 27.92 4.41
CA ALA R 160 75.30 26.55 4.76
C ALA R 160 73.80 26.44 4.91
N SER R 161 73.22 25.42 4.28
CA SER R 161 71.79 25.13 4.37
C SER R 161 71.55 24.01 5.37
N ALA R 162 72.39 23.94 6.41
CA ALA R 162 72.29 22.90 7.41
C ALA R 162 71.22 23.24 8.44
N SER R 163 71.21 22.54 9.57
CA SER R 163 70.21 22.76 10.60
C SER R 163 70.54 24.00 11.43
N ALA R 164 71.46 24.83 10.92
CA ALA R 164 71.83 26.07 11.58
C ALA R 164 71.10 27.29 11.06
N ILE R 165 70.29 27.16 10.01
CA ILE R 165 69.51 28.26 9.47
C ILE R 165 68.15 28.29 10.13
N GLY R 166 67.65 29.49 10.40
CA GLY R 166 66.37 29.64 11.08
C GLY R 166 66.07 31.06 11.49
N SER R 167 65.66 31.25 12.74
CA SER R 167 65.29 32.56 13.28
C SER R 167 66.47 33.08 14.09
N TYR R 168 67.31 33.91 13.47
CA TYR R 168 68.47 34.48 14.13
C TYR R 168 67.98 35.60 15.05
N GLN R 169 67.32 35.19 16.14
CA GLN R 169 66.74 36.14 17.08
C GLN R 169 66.36 35.46 18.39
N VAL R 170 66.86 35.99 19.51
CA VAL R 170 66.40 35.53 20.82
C VAL R 170 65.06 36.18 21.12
N GLY R 171 64.99 37.50 20.98
CA GLY R 171 63.73 38.22 20.98
C GLY R 171 63.50 39.09 22.20
N SER R 172 63.79 38.56 23.39
CA SER R 172 63.61 39.31 24.63
C SER R 172 64.14 38.53 25.83
N ASN R 173 64.71 39.24 26.80
CA ASN R 173 64.90 38.80 28.18
C ASN R 173 65.56 37.44 28.33
N GLY R 174 66.12 36.90 27.25
CA GLY R 174 66.66 35.56 27.29
C GLY R 174 68.12 35.47 26.89
N ALA R 175 68.72 36.60 26.52
CA ALA R 175 70.13 36.62 26.15
C ALA R 175 70.97 37.24 27.26
N GLY R 176 71.73 36.41 27.98
CA GLY R 176 72.59 36.89 29.04
C GLY R 176 71.87 37.11 30.35
N THR R 177 71.12 38.20 30.45
CA THR R 177 70.34 38.53 31.64
C THR R 177 68.94 38.94 31.22
N VAL R 178 67.97 38.71 32.11
CA VAL R 178 66.60 39.09 31.81
C VAL R 178 66.46 40.60 31.79
N ALA R 179 65.39 41.07 31.17
CA ALA R 179 65.13 42.50 31.09
C ALA R 179 64.67 43.01 32.46
N SER R 180 64.42 44.32 32.53
CA SER R 180 63.97 44.96 33.76
C SER R 180 62.46 45.20 33.79
N VAL R 181 61.86 45.52 32.64
CA VAL R 181 60.44 45.79 32.54
C VAL R 181 59.72 44.75 31.68
N ALA R 182 60.34 44.36 30.57
CA ALA R 182 59.74 43.34 29.71
C ALA R 182 59.66 42.00 30.43
N GLY R 183 58.45 41.44 30.47
CA GLY R 183 58.21 40.20 31.19
C GLY R 183 58.49 40.33 32.67
N THR R 184 58.25 41.53 33.23
CA THR R 184 58.53 41.80 34.63
C THR R 184 57.64 42.92 35.14
N ALA R 185 57.00 42.72 36.29
CA ALA R 185 56.15 43.75 36.86
C ALA R 185 56.99 44.89 37.42
N THR R 186 56.67 46.11 37.02
CA THR R 186 57.40 47.29 37.45
C THR R 186 56.43 48.35 37.96
N ALA R 187 56.98 49.34 38.66
CA ALA R 187 56.19 50.42 39.23
C ALA R 187 55.97 51.55 38.25
N SER R 188 57.03 51.99 37.57
CA SER R 188 56.92 53.08 36.60
C SER R 188 56.59 52.57 35.20
N GLY R 189 57.00 51.35 34.86
CA GLY R 189 56.72 50.81 33.56
C GLY R 189 57.83 51.11 32.56
N ILE R 190 57.44 51.06 31.28
CA ILE R 190 58.34 51.37 30.18
C ILE R 190 58.83 52.81 30.32
N ALA R 191 60.13 53.00 30.19
CA ALA R 191 60.73 54.34 30.23
C ALA R 191 60.94 54.86 28.82
N SER R 192 61.12 56.18 28.73
CA SER R 192 61.36 56.83 27.45
C SER R 192 62.80 56.58 26.99
N GLY R 193 63.10 57.05 25.78
CA GLY R 193 64.41 56.91 25.21
C GLY R 193 64.34 56.35 23.81
N THR R 194 65.49 55.88 23.32
CA THR R 194 65.64 55.38 21.96
C THR R 194 66.15 53.95 21.99
N VAL R 195 65.73 53.17 20.99
CA VAL R 195 66.19 51.79 20.85
C VAL R 195 66.74 51.60 19.45
N ASN R 196 68.07 51.54 19.33
CA ASN R 196 68.71 51.37 18.03
C ASN R 196 68.51 49.94 17.53
N LEU R 197 68.23 49.81 16.24
CA LEU R 197 68.04 48.51 15.59
C LEU R 197 68.76 48.55 14.25
N VAL R 198 69.98 48.04 14.22
CA VAL R 198 70.79 48.03 13.01
C VAL R 198 70.85 46.60 12.47
N GLY R 199 70.85 46.48 11.15
CA GLY R 199 70.94 45.18 10.53
C GLY R 199 70.68 45.18 9.03
N GLY R 200 71.47 44.41 8.29
CA GLY R 200 71.33 44.32 6.85
C GLY R 200 71.45 45.65 6.14
N GLY R 201 72.50 46.41 6.46
CA GLY R 201 72.71 47.70 5.84
C GLY R 201 71.82 48.79 6.40
N GLN R 202 70.51 48.54 6.43
CA GLN R 202 69.57 49.52 6.94
C GLN R 202 69.80 49.78 8.41
N VAL R 203 69.72 51.06 8.80
CA VAL R 203 69.89 51.49 10.17
C VAL R 203 68.62 52.22 10.60
N LYS R 204 68.14 51.90 11.79
CA LYS R 204 66.93 52.51 12.33
C LYS R 204 67.13 52.86 13.79
N ASN R 205 66.36 53.85 14.26
CA ASN R 205 66.46 54.31 15.64
C ASN R 205 65.10 54.46 16.30
N ILE R 206 64.22 53.47 16.19
CA ILE R 206 62.87 53.54 16.75
C ILE R 206 62.92 53.87 18.23
N ALA R 207 62.29 54.98 18.62
CA ALA R 207 62.29 55.41 20.01
C ALA R 207 61.04 54.93 20.72
N ILE R 208 61.21 54.34 21.90
CA ILE R 208 60.11 53.80 22.68
C ILE R 208 59.78 54.81 23.78
N ALA R 209 58.63 55.46 23.65
CA ALA R 209 58.20 56.43 24.66
C ALA R 209 57.80 55.72 25.94
N ALA R 210 57.65 56.50 27.01
CA ALA R 210 57.26 55.95 28.30
C ALA R 210 55.77 55.62 28.32
N GLY R 211 55.43 54.60 29.09
CA GLY R 211 54.04 54.17 29.21
C GLY R 211 53.58 53.27 28.08
N ASP R 212 54.33 53.25 26.98
CA ASP R 212 53.99 52.46 25.81
C ASP R 212 53.88 50.98 26.15
N SER R 213 52.78 50.35 25.75
CA SER R 213 52.61 48.92 25.99
C SER R 213 53.56 48.11 25.12
N ALA R 214 53.70 46.83 25.45
CA ALA R 214 54.52 45.92 24.66
C ALA R 214 53.98 45.81 23.23
N LYS R 215 52.66 45.94 23.07
CA LYS R 215 52.05 45.98 21.75
C LYS R 215 52.62 47.12 20.92
N ALA R 216 52.66 48.32 21.49
CA ALA R 216 53.17 49.50 20.81
C ALA R 216 54.61 49.29 20.37
N ILE R 217 55.44 48.79 21.28
CA ILE R 217 56.83 48.47 21.00
C ILE R 217 56.89 47.49 19.84
N ALA R 218 56.00 46.51 19.85
CA ALA R 218 55.94 45.51 18.79
C ALA R 218 55.69 46.14 17.43
N GLU R 219 54.63 46.95 17.30
CA GLU R 219 54.37 47.53 15.99
C GLU R 219 55.47 48.52 15.58
N LYS R 220 55.99 49.29 16.54
CA LYS R 220 57.00 50.29 16.23
C LYS R 220 58.29 49.64 15.74
N MET R 221 58.76 48.61 16.44
CA MET R 221 59.99 47.94 16.02
C MET R 221 59.79 47.11 14.76
N ASP R 222 58.56 46.77 14.42
CA ASP R 222 58.27 46.05 13.19
C ASP R 222 58.38 46.99 12.00
N GLY R 223 58.24 46.45 10.78
CA GLY R 223 58.22 47.31 9.61
C GLY R 223 59.57 47.62 9.02
N ALA R 224 60.10 48.80 9.38
CA ALA R 224 61.29 49.41 8.77
C ALA R 224 62.40 48.42 8.46
N ILE R 225 62.82 47.63 9.44
CA ILE R 225 63.90 46.66 9.23
C ILE R 225 63.43 45.59 8.26
N PRO R 226 64.14 45.37 7.15
CA PRO R 226 63.70 44.36 6.18
C PRO R 226 63.74 42.96 6.78
N ASN R 227 62.71 42.17 6.46
CA ASN R 227 62.58 40.79 6.92
C ASN R 227 62.62 40.72 8.44
N LEU R 228 61.61 41.33 9.05
CA LEU R 228 61.51 41.36 10.51
C LEU R 228 60.04 41.28 10.91
N SER R 229 59.75 40.42 11.89
CA SER R 229 58.43 40.30 12.47
C SER R 229 58.54 40.58 13.97
N ALA R 230 57.39 40.60 14.64
CA ALA R 230 57.36 40.88 16.07
C ALA R 230 56.05 40.39 16.66
N ARG R 231 56.14 39.71 17.79
CA ARG R 231 54.97 39.25 18.53
C ARG R 231 54.90 39.98 19.87
N ALA R 232 53.84 39.72 20.64
CA ALA R 232 53.67 40.36 21.94
C ALA R 232 52.69 39.58 22.81
N ARG R 233 53.15 39.11 23.98
CA ARG R 233 52.29 38.40 24.91
C ARG R 233 52.62 38.86 26.33
N THR R 234 51.59 38.86 27.18
CA THR R 234 51.71 39.31 28.57
C THR R 234 51.15 38.21 29.47
N VAL R 235 51.56 36.97 29.23
CA VAL R 235 51.14 35.84 30.02
C VAL R 235 51.79 35.93 31.40
N PHE R 236 50.97 35.94 32.45
CA PHE R 236 51.46 36.00 33.81
C PHE R 236 50.54 35.22 34.72
N THR R 237 51.09 34.76 35.84
CA THR R 237 50.36 33.98 36.83
C THR R 237 49.96 34.86 38.00
N ALA R 238 49.16 34.29 38.89
CA ALA R 238 48.68 35.00 40.08
C ALA R 238 48.23 33.97 41.11
N ASP R 239 48.24 34.40 42.37
CA ASP R 239 47.83 33.53 43.47
CA ASP R 239 47.83 33.53 43.47
C ASP R 239 47.42 34.40 44.64
N VAL R 240 46.13 34.37 44.99
CA VAL R 240 45.61 35.17 46.10
C VAL R 240 45.66 34.33 47.37
N SER R 241 46.42 34.79 48.36
CA SER R 241 46.53 34.10 49.64
C SER R 241 46.77 35.14 50.74
N GLY R 242 46.55 34.71 51.98
CA GLY R 242 46.80 35.57 53.12
C GLY R 242 45.65 36.52 53.45
N VAL R 243 44.55 36.41 52.72
CA VAL R 243 43.38 37.26 52.92
C VAL R 243 42.86 37.09 54.34
N THR R 244 42.90 38.16 55.13
CA THR R 244 42.45 38.12 56.52
C THR R 244 41.71 39.41 56.85
N GLY R 245 40.53 39.26 57.43
CA GLY R 245 39.73 40.39 57.87
C GLY R 245 39.39 41.39 56.79
N GLY R 246 38.59 40.99 55.82
CA GLY R 246 38.15 41.86 54.75
C GLY R 246 38.45 41.27 53.38
N SER R 247 38.09 42.05 52.36
CA SER R 247 38.27 41.65 50.98
C SER R 247 39.42 42.41 50.34
N LEU R 248 39.98 41.83 49.28
CA LEU R 248 41.12 42.39 48.56
C LEU R 248 40.70 43.20 47.34
N ASN R 249 39.56 43.89 47.40
CA ASN R 249 39.01 44.64 46.28
C ASN R 249 40.04 45.57 45.66
N PHE R 250 40.34 45.35 44.37
CA PHE R 250 41.34 46.15 43.67
C PHE R 250 40.90 46.34 42.22
N ASP R 251 41.51 47.32 41.57
CA ASP R 251 41.15 47.67 40.20
C ASP R 251 42.07 46.97 39.20
N VAL R 252 41.53 46.68 38.02
CA VAL R 252 42.26 46.05 36.93
C VAL R 252 42.06 46.90 35.68
N THR R 253 43.16 47.45 35.17
CA THR R 253 43.13 48.28 33.97
C THR R 253 43.93 47.61 32.86
N VAL R 254 43.31 47.47 31.70
CA VAL R 254 43.96 46.86 30.54
C VAL R 254 43.77 47.78 29.35
N GLY R 255 44.85 48.47 28.95
CA GLY R 255 44.80 49.38 27.84
C GLY R 255 43.86 50.55 28.05
N SER R 256 42.74 50.56 27.32
CA SER R 256 41.76 51.64 27.42
C SER R 256 40.62 51.29 28.36
N ASN R 257 39.94 50.17 28.13
CA ASN R 257 38.85 49.75 29.00
C ASN R 257 39.38 49.21 30.32
N THR R 258 38.60 49.39 31.39
CA THR R 258 39.01 48.96 32.72
C THR R 258 37.77 48.62 33.53
N VAL R 259 37.89 47.61 34.39
CA VAL R 259 36.82 47.23 35.29
C VAL R 259 37.33 47.30 36.73
N SER R 260 36.45 47.03 37.69
CA SER R 260 36.82 47.12 39.11
C SER R 260 36.40 45.82 39.79
N LEU R 261 37.36 44.93 40.01
CA LEU R 261 37.08 43.67 40.69
C LEU R 261 36.84 43.90 42.17
N ALA R 262 36.22 42.92 42.81
CA ALA R 262 35.93 42.98 44.24
C ALA R 262 35.71 41.56 44.74
N GLY R 263 35.59 41.44 46.07
CA GLY R 263 35.34 40.15 46.67
C GLY R 263 36.52 39.19 46.59
N VAL R 264 37.69 39.72 46.31
CA VAL R 264 38.89 38.90 46.17
C VAL R 264 39.27 38.33 47.53
N THR R 265 39.06 37.03 47.71
CA THR R 265 39.44 36.35 48.94
C THR R 265 40.10 35.01 48.72
N SER R 266 40.24 34.55 47.48
CA SER R 266 40.80 33.23 47.21
C SER R 266 41.25 33.16 45.77
N THR R 267 42.10 32.18 45.47
CA THR R 267 42.62 31.98 44.12
C THR R 267 41.49 31.72 43.12
N GLN R 268 40.53 30.88 43.49
CA GLN R 268 39.46 30.49 42.58
C GLN R 268 38.55 31.68 42.27
N ASP R 269 38.24 32.49 43.29
CA ASP R 269 37.34 33.63 43.14
C ASP R 269 37.88 34.61 42.11
N LEU R 270 39.17 34.92 42.21
CA LEU R 270 39.83 35.82 41.26
C LEU R 270 39.69 35.31 39.84
N ALA R 271 40.00 34.03 39.64
CA ALA R 271 39.88 33.40 38.33
C ALA R 271 38.46 33.52 37.80
N ASP R 272 37.48 33.24 38.66
CA ASP R 272 36.08 33.28 38.26
C ASP R 272 35.69 34.67 37.78
N GLN R 273 35.95 35.70 38.60
CA GLN R 273 35.53 37.05 38.23
C GLN R 273 36.32 37.56 37.04
N LEU R 274 37.58 37.15 36.90
CA LEU R 274 38.37 37.53 35.74
C LEU R 274 37.79 36.93 34.47
N ASN R 275 37.40 35.66 34.53
CA ASN R 275 36.73 35.02 33.39
C ASN R 275 35.43 35.74 33.07
N SER R 276 34.71 36.17 34.11
CA SER R 276 33.49 36.95 33.89
C SER R 276 33.81 38.28 33.22
N ASN R 277 34.88 38.93 33.65
CA ASN R 277 35.31 40.20 33.07
C ASN R 277 36.26 40.04 31.90
N SER R 278 36.51 38.80 31.45
CA SER R 278 37.49 38.57 30.40
C SER R 278 37.12 39.26 29.09
N SER R 279 35.85 39.18 28.71
CA SER R 279 35.38 39.78 27.46
C SER R 279 35.62 41.28 27.45
N LYS R 280 35.24 41.96 28.52
CA LYS R 280 35.38 43.42 28.57
C LYS R 280 36.85 43.82 28.67
N LEU R 281 37.62 43.11 29.49
CA LEU R 281 39.04 43.41 29.65
C LEU R 281 39.85 42.99 28.45
N GLY R 282 39.25 42.17 27.59
CA GLY R 282 39.98 41.68 26.43
C GLY R 282 41.17 40.81 26.80
N ILE R 283 41.02 40.00 27.85
CA ILE R 283 42.09 39.15 28.32
C ILE R 283 41.65 37.70 28.29
N THR R 284 42.53 36.78 28.70
CA THR R 284 42.25 35.35 28.68
C THR R 284 42.50 34.78 30.08
N ALA R 285 41.45 34.80 30.91
CA ALA R 285 41.52 34.24 32.25
C ALA R 285 41.31 32.73 32.22
N SER R 286 42.36 31.97 32.53
CA SER R 286 42.30 30.52 32.50
C SER R 286 42.88 29.98 33.80
N ILE R 287 42.06 29.26 34.56
CA ILE R 287 42.49 28.60 35.79
C ILE R 287 42.90 27.18 35.43
N ASN R 288 44.07 26.77 35.91
CA ASN R 288 44.58 25.43 35.60
C ASN R 288 44.12 24.43 36.64
N ASP R 289 44.53 23.17 36.46
CA ASP R 289 44.17 22.12 37.40
C ASP R 289 44.77 22.37 38.78
N LYS R 290 45.92 23.04 38.82
CA LYS R 290 46.59 23.30 40.09
C LYS R 290 46.11 24.63 40.69
N GLY R 291 45.07 25.21 40.11
CA GLY R 291 44.50 26.44 40.63
C GLY R 291 45.21 27.70 40.18
N VAL R 292 46.51 27.58 39.89
CA VAL R 292 47.35 28.72 39.51
C VAL R 292 46.74 29.48 38.34
N LEU R 293 46.56 30.80 38.52
CA LEU R 293 46.08 31.67 37.45
C LEU R 293 47.02 31.64 36.25
N THR R 294 46.45 31.65 35.05
CA THR R 294 47.22 31.68 33.80
C THR R 294 46.71 32.78 32.87
N ILE R 295 46.56 34.01 33.38
CA ILE R 295 46.06 35.12 32.57
C ILE R 295 46.93 35.28 31.33
N THR R 296 46.30 35.39 30.17
CA THR R 296 46.99 35.52 28.91
C THR R 296 46.45 36.73 28.14
N SER R 297 47.36 37.47 27.53
CA SER R 297 46.99 38.61 26.70
C SER R 297 46.96 38.20 25.23
N ALA R 298 46.18 38.95 24.45
CA ALA R 298 46.03 38.64 23.03
C ALA R 298 47.24 39.13 22.25
N THR R 299 47.52 40.43 22.32
CA THR R 299 48.63 41.02 21.57
C THR R 299 49.58 41.78 22.50
N GLY R 300 49.80 41.19 23.68
CA GLY R 300 50.73 41.76 24.64
C GLY R 300 50.28 43.10 25.20
N GLU R 301 49.23 43.09 26.01
CA GLU R 301 48.67 44.33 26.55
C GLU R 301 49.52 44.88 27.69
N ASN R 302 48.97 45.86 28.40
CA ASN R 302 49.69 46.54 29.48
C ASN R 302 48.88 46.50 30.77
N VAL R 303 48.38 45.32 31.12
CA VAL R 303 47.51 45.12 32.27
C VAL R 303 48.06 45.82 33.52
N LYS R 304 47.20 46.56 34.21
CA LYS R 304 47.57 47.36 35.36
C LYS R 304 46.88 46.80 36.61
N PHE R 305 47.37 47.20 37.78
CA PHE R 305 46.79 46.76 39.04
C PHE R 305 46.53 48.00 39.90
N GLY R 306 45.30 48.13 40.39
CA GLY R 306 44.93 49.30 41.16
C GLY R 306 45.43 49.30 42.59
N ALA R 307 44.64 49.86 43.50
CA ALA R 307 45.00 49.96 44.90
C ALA R 307 44.06 49.10 45.74
N GLN R 308 44.44 48.90 47.01
CA GLN R 308 43.66 48.08 47.93
C GLN R 308 42.44 48.85 48.42
N THR R 309 41.38 48.83 47.60
CA THR R 309 40.15 49.51 47.95
C THR R 309 39.33 48.73 48.97
N GLY R 310 39.63 47.44 49.13
CA GLY R 310 38.87 46.61 50.05
C GLY R 310 39.22 46.92 51.50
N THR R 311 38.75 46.01 52.37
CA THR R 311 38.92 46.16 53.81
C THR R 311 39.88 45.14 54.41
N ALA R 312 40.52 44.31 53.58
CA ALA R 312 41.44 43.29 54.06
C ALA R 312 42.61 43.90 54.80
N THR R 313 42.88 43.40 56.01
CA THR R 313 44.01 43.86 56.80
C THR R 313 45.32 43.40 56.18
N ALA R 314 45.47 42.10 55.98
CA ALA R 314 46.66 41.51 55.40
C ALA R 314 46.28 40.72 54.15
N GLY R 315 47.28 40.16 53.48
CA GLY R 315 47.09 39.41 52.27
C GLY R 315 47.55 40.17 51.03
N GLN R 316 47.89 39.39 50.00
CA GLN R 316 48.41 39.97 48.77
C GLN R 316 48.37 38.97 47.62
N VAL R 317 48.82 39.40 46.44
CA VAL R 317 48.91 38.56 45.26
C VAL R 317 50.16 38.95 44.48
N ALA R 318 50.84 37.95 43.93
CA ALA R 318 52.08 38.17 43.19
C ALA R 318 51.91 37.72 41.74
N VAL R 319 52.95 37.97 40.94
CA VAL R 319 52.94 37.61 39.53
C VAL R 319 54.29 36.97 39.19
N LYS R 320 54.28 36.13 38.15
CA LYS R 320 55.49 35.47 37.68
C LYS R 320 55.65 35.57 36.18
N VAL R 321 55.50 36.77 35.60
CA VAL R 321 55.41 37.00 34.17
C VAL R 321 56.49 36.25 33.40
N GLN R 322 56.08 35.45 32.42
CA GLN R 322 57.03 34.70 31.62
C GLN R 322 57.46 35.49 30.40
N GLY R 323 58.46 34.97 29.70
CA GLY R 323 58.93 35.60 28.48
C GLY R 323 59.09 34.60 27.35
N SER R 324 59.95 34.92 26.36
CA SER R 324 60.21 33.99 25.28
C SER R 324 60.87 32.72 25.78
N ASP R 325 61.54 32.78 26.93
CA ASP R 325 62.18 31.60 27.50
C ASP R 325 61.18 30.55 27.95
N GLY R 326 59.92 30.93 28.16
CA GLY R 326 58.89 29.96 28.52
C GLY R 326 58.72 29.78 30.01
N LYS R 327 59.83 29.73 30.74
CA LYS R 327 59.78 29.51 32.18
C LYS R 327 59.34 30.76 32.92
N PHE R 328 58.36 30.62 33.82
CA PHE R 328 57.90 31.73 34.65
C PHE R 328 58.98 32.09 35.67
N GLU R 329 59.13 33.39 35.95
CA GLU R 329 60.09 33.85 36.95
C GLU R 329 59.79 33.25 38.31
N ALA R 330 60.82 32.72 38.96
CA ALA R 330 60.67 32.09 40.27
C ALA R 330 60.38 33.12 41.35
N ALA R 331 60.54 34.40 41.03
CA ALA R 331 60.31 35.47 41.99
C ALA R 331 58.83 35.60 42.35
N ALA R 332 58.53 36.42 43.35
CA ALA R 332 57.15 36.62 43.79
C ALA R 332 56.81 38.09 43.96
N LYS R 333 57.14 38.92 42.97
CA LYS R 333 56.93 40.36 43.04
C LYS R 333 55.48 40.71 43.33
N ASN R 334 55.24 41.45 44.41
CA ASN R 334 53.89 41.81 44.81
C ASN R 334 53.33 42.89 43.90
N VAL R 335 52.08 42.72 43.48
CA VAL R 335 51.40 43.73 42.67
C VAL R 335 50.29 44.38 43.50
N VAL R 336 49.45 43.57 44.14
CA VAL R 336 48.41 44.11 45.00
C VAL R 336 48.57 43.55 46.40
N ALA R 337 48.62 44.42 47.40
CA ALA R 337 48.81 44.01 48.77
C ALA R 337 47.89 44.82 49.68
N ALA R 338 47.47 44.20 50.78
CA ALA R 338 46.67 44.89 51.78
C ALA R 338 47.57 45.73 52.67
N GLY R 339 46.97 46.61 53.48
CA GLY R 339 47.73 47.50 54.32
C GLY R 339 48.68 48.37 53.52
N THR R 340 49.98 48.12 53.64
CA THR R 340 50.99 48.83 52.86
C THR R 340 51.00 48.22 51.46
N ALA R 341 50.49 48.97 50.49
CA ALA R 341 50.43 48.48 49.11
C ALA R 341 51.84 48.36 48.54
N ALA R 342 51.95 47.53 47.50
CA ALA R 342 53.25 47.30 46.85
C ALA R 342 53.59 48.44 45.91
N THR R 343 54.69 48.30 45.16
CA THR R 343 55.11 49.33 44.23
C THR R 343 54.94 48.87 42.79
N THR R 344 55.51 47.72 42.45
CA THR R 344 55.42 47.18 41.10
C THR R 344 53.98 46.79 40.78
N THR R 345 53.34 47.54 39.88
CA THR R 345 51.96 47.26 39.51
C THR R 345 51.73 47.18 38.00
N ILE R 346 52.66 47.65 37.18
CA ILE R 346 52.50 47.61 35.74
C ILE R 346 53.12 46.33 35.18
N VAL R 347 52.32 45.26 35.12
CA VAL R 347 52.77 44.02 34.51
C VAL R 347 52.92 44.25 33.01
N THR R 348 54.14 44.07 32.50
CA THR R 348 54.43 44.31 31.10
C THR R 348 54.99 43.03 30.48
N GLY R 349 54.42 42.64 29.34
CA GLY R 349 54.81 41.43 28.66
C GLY R 349 56.15 41.57 27.96
N TYR R 350 56.54 40.48 27.30
CA TYR R 350 57.79 40.42 26.55
C TYR R 350 57.54 40.77 25.09
N VAL R 351 58.56 41.30 24.44
CA VAL R 351 58.42 41.86 23.10
C VAL R 351 59.28 41.04 22.13
N GLN R 352 59.38 39.73 22.41
CA GLN R 352 60.16 38.85 21.55
C GLN R 352 59.72 38.95 20.10
N LEU R 353 60.71 39.09 19.23
CA LEU R 353 60.48 39.22 17.79
C LEU R 353 61.19 38.08 17.05
N ASN R 354 61.19 38.18 15.72
CA ASN R 354 61.81 37.18 14.86
C ASN R 354 62.42 37.86 13.65
N SER R 355 63.51 37.27 13.15
CA SER R 355 64.19 37.81 11.97
C SER R 355 65.07 36.75 11.34
N PRO R 356 64.91 36.47 10.04
CA PRO R 356 65.80 35.51 9.38
C PRO R 356 67.22 36.03 9.22
N THR R 357 67.37 37.29 8.79
CA THR R 357 68.68 37.88 8.59
C THR R 357 69.26 38.24 9.96
N ALA R 358 70.55 38.52 10.02
CA ALA R 358 71.23 38.84 11.27
C ALA R 358 71.02 40.32 11.58
N TYR R 359 70.57 40.60 12.80
CA TYR R 359 70.25 41.93 13.26
C TYR R 359 71.28 42.41 14.28
N SER R 360 71.03 43.59 14.84
CA SER R 360 71.85 44.12 15.94
C SER R 360 71.04 45.20 16.63
N VAL R 361 70.70 44.97 17.90
CA VAL R 361 69.88 45.90 18.68
C VAL R 361 70.73 46.49 19.80
N SER R 362 70.58 47.79 20.04
CA SER R 362 71.31 48.47 21.08
C SER R 362 70.48 49.66 21.57
N GLY R 363 70.98 50.32 22.62
CA GLY R 363 70.29 51.45 23.18
C GLY R 363 71.06 52.14 24.29
N THR R 364 70.93 53.45 24.39
CA THR R 364 71.63 54.21 25.41
C THR R 364 71.09 53.90 26.80
N GLY R 365 71.98 53.60 27.73
CA GLY R 365 71.61 53.36 29.10
C GLY R 365 70.73 52.14 29.30
N THR R 366 69.56 52.35 29.91
CA THR R 366 68.65 51.25 30.22
C THR R 366 67.54 51.10 29.19
N GLN R 367 67.50 51.95 28.17
CA GLN R 367 66.46 51.91 27.15
C GLN R 367 66.42 50.58 26.43
N ALA R 368 67.57 49.95 26.24
CA ALA R 368 67.63 48.65 25.56
C ALA R 368 67.44 47.50 26.53
N SER R 369 68.11 47.58 27.69
CA SER R 369 68.08 46.49 28.66
C SER R 369 66.68 46.28 29.24
N GLN R 370 65.88 47.36 29.30
CA GLN R 370 64.54 47.26 29.88
C GLN R 370 63.64 46.33 29.08
N VAL R 371 63.97 46.10 27.81
CA VAL R 371 63.16 45.27 26.94
C VAL R 371 63.91 44.00 26.51
N PHE R 372 65.21 44.13 26.22
CA PHE R 372 65.98 43.03 25.65
C PHE R 372 67.05 42.52 26.61
N GLY R 373 67.30 43.26 27.68
CA GLY R 373 68.30 42.83 28.64
C GLY R 373 69.70 42.90 28.08
N ASN R 374 70.48 41.86 28.38
CA ASN R 374 71.89 41.82 28.01
C ASN R 374 72.07 41.58 26.50
N ALA R 375 70.98 41.22 25.82
CA ALA R 375 71.00 40.97 24.38
C ALA R 375 71.75 42.06 23.63
N SER R 376 72.80 41.68 22.90
CA SER R 376 73.68 42.66 22.30
C SER R 376 73.60 42.67 20.78
N ALA R 377 73.87 41.53 20.13
CA ALA R 377 73.91 41.53 18.68
C ALA R 377 72.81 40.68 18.06
N ALA R 378 72.78 39.39 18.38
CA ALA R 378 71.85 38.47 17.73
C ALA R 378 71.94 37.11 18.41
N GLN R 379 71.22 36.14 17.85
CA GLN R 379 71.29 34.76 18.28
C GLN R 379 71.19 33.89 17.02
N LYS R 380 71.23 32.56 17.17
CA LYS R 380 71.22 31.69 16.00
C LYS R 380 69.98 30.80 15.99
N SER R 381 69.66 30.24 17.16
CA SER R 381 68.51 29.37 17.42
C SER R 381 68.68 27.99 16.82
N SER R 382 69.69 27.82 15.95
CA SER R 382 70.28 26.53 15.60
C SER R 382 69.27 25.40 15.56
N VAL R 383 68.25 25.49 14.70
CA VAL R 383 67.09 24.62 14.88
C VAL R 383 67.42 23.19 14.50
N ALA R 384 67.81 22.40 15.50
CA ALA R 384 67.91 20.95 15.42
C ALA R 384 67.28 20.38 16.68
N SER R 385 67.22 21.21 17.72
CA SER R 385 66.64 20.98 19.04
C SER R 385 65.16 21.33 19.09
N VAL R 386 64.47 21.19 17.95
CA VAL R 386 63.08 21.60 17.78
C VAL R 386 62.22 21.18 18.97
N ASP R 387 62.42 19.96 19.47
CA ASP R 387 61.68 19.43 20.61
C ASP R 387 60.18 19.63 20.36
N ILE R 388 59.67 18.98 19.32
CA ILE R 388 58.29 19.21 18.89
C ILE R 388 57.29 18.64 19.89
N SER R 389 57.77 17.89 20.88
CA SER R 389 56.90 17.33 21.91
C SER R 389 56.17 18.40 22.70
N THR R 390 56.90 19.44 23.11
CA THR R 390 56.32 20.49 23.94
C THR R 390 55.53 21.48 23.10
N ALA R 391 54.41 21.95 23.65
CA ALA R 391 53.56 22.92 22.97
C ALA R 391 54.30 24.24 22.74
N ASP R 392 54.88 24.81 23.80
CA ASP R 392 55.70 26.00 23.68
C ASP R 392 56.81 25.78 22.66
N GLY R 393 57.45 24.62 22.74
CA GLY R 393 58.42 24.21 21.75
C GLY R 393 57.82 24.17 20.35
N ALA R 394 56.57 23.75 20.23
CA ALA R 394 55.90 23.71 18.94
C ALA R 394 55.72 25.11 18.36
N GLN R 395 55.30 26.06 19.19
CA GLN R 395 55.13 27.43 18.70
C GLN R 395 56.47 28.04 18.32
N ASN R 396 57.50 27.79 19.14
CA ASN R 396 58.84 28.24 18.80
C ASN R 396 59.28 27.62 17.48
N ALA R 397 58.88 26.38 17.23
CA ALA R 397 59.19 25.72 15.97
C ALA R 397 58.49 26.42 14.81
N ILE R 398 57.21 26.76 14.98
CA ILE R 398 56.48 27.50 13.96
C ILE R 398 57.26 28.75 13.59
N ALA R 399 57.65 29.51 14.62
CA ALA R 399 58.36 30.76 14.39
C ALA R 399 59.69 30.54 13.66
N VAL R 400 60.48 29.58 14.12
CA VAL R 400 61.83 29.40 13.58
C VAL R 400 61.76 28.87 12.15
N VAL R 401 60.79 28.00 11.86
CA VAL R 401 60.69 27.50 10.50
C VAL R 401 60.10 28.55 9.58
N ASP R 402 59.25 29.45 10.10
CA ASP R 402 58.78 30.57 9.29
C ASP R 402 59.95 31.45 8.89
N ASN R 403 60.81 31.81 9.86
CA ASN R 403 61.99 32.60 9.53
C ASN R 403 62.95 31.86 8.60
N ALA R 404 63.09 30.54 8.80
CA ALA R 404 63.97 29.77 7.94
C ALA R 404 63.47 29.75 6.50
N LEU R 405 62.16 29.58 6.32
CA LEU R 405 61.61 29.61 4.98
C LEU R 405 61.71 31.00 4.37
N ALA R 406 61.58 32.04 5.19
CA ALA R 406 61.80 33.40 4.70
C ALA R 406 63.22 33.56 4.16
N ALA R 407 64.21 33.06 4.91
CA ALA R 407 65.59 33.15 4.46
C ALA R 407 65.82 32.33 3.20
N ILE R 408 65.21 31.14 3.13
CA ILE R 408 65.35 30.30 1.95
C ILE R 408 64.76 31.00 0.73
N ASP R 409 63.61 31.64 0.89
CA ASP R 409 63.00 32.34 -0.23
C ASP R 409 63.82 33.56 -0.63
N ALA R 410 64.46 34.21 0.35
CA ALA R 410 65.37 35.31 0.01
C ALA R 410 66.55 34.81 -0.81
N GLN R 411 67.10 33.65 -0.43
CA GLN R 411 68.17 33.05 -1.22
C GLN R 411 67.70 32.72 -2.63
N ARG R 412 66.48 32.19 -2.75
CA ARG R 412 65.92 31.89 -4.07
C ARG R 412 65.74 33.16 -4.89
N ALA R 413 65.33 34.26 -4.23
CA ALA R 413 65.19 35.52 -4.94
C ALA R 413 66.53 36.04 -5.44
N ASP R 414 67.57 35.91 -4.61
CA ASP R 414 68.90 36.28 -5.06
C ASP R 414 69.36 35.43 -6.23
N LEU R 415 69.05 34.14 -6.20
CA LEU R 415 69.36 33.26 -7.33
C LEU R 415 68.63 33.71 -8.60
N ALA R 416 67.34 34.03 -8.46
CA ALA R 416 66.58 34.53 -9.61
C ALA R 416 67.20 35.79 -10.16
N ALA R 417 67.62 36.70 -9.28
CA ALA R 417 68.21 37.96 -9.72
C ALA R 417 69.51 37.71 -10.48
N VAL R 418 70.40 36.87 -9.94
CA VAL R 418 71.69 36.65 -10.59
C VAL R 418 71.50 35.91 -11.90
N GLN R 419 70.48 35.04 -11.97
CA GLN R 419 70.23 34.34 -13.23
C GLN R 419 69.61 35.25 -14.29
N ASN R 420 68.75 36.17 -13.89
CA ASN R 420 68.21 37.14 -14.85
C ASN R 420 69.33 38.06 -15.35
N ARG R 421 70.24 38.44 -14.46
CA ARG R 421 71.42 39.19 -14.89
C ARG R 421 72.26 38.36 -15.85
N PHE R 422 72.39 37.06 -15.59
CA PHE R 422 73.12 36.19 -16.50
C PHE R 422 72.46 36.15 -17.87
N LYS R 423 71.12 36.09 -17.90
CA LYS R 423 70.40 36.08 -19.17
C LYS R 423 70.60 37.37 -19.94
N ASN R 424 70.46 38.51 -19.26
CA ASN R 424 70.71 39.79 -19.90
C ASN R 424 72.13 39.87 -20.45
N THR R 425 73.10 39.40 -19.66
CA THR R 425 74.50 39.49 -20.09
C THR R 425 74.79 38.57 -21.26
N ILE R 426 74.21 37.37 -21.27
CA ILE R 426 74.48 36.47 -22.39
C ILE R 426 73.83 37.00 -23.66
N ASP R 427 72.64 37.60 -23.54
CA ASP R 427 72.03 38.21 -24.72
C ASP R 427 72.88 39.36 -25.25
N ASN R 428 73.28 40.27 -24.37
CA ASN R 428 74.09 41.41 -24.80
C ASN R 428 75.43 40.94 -25.37
N LEU R 429 76.00 39.89 -24.79
CA LEU R 429 77.31 39.41 -25.21
C LEU R 429 77.22 38.73 -26.58
N THR R 430 76.15 37.97 -26.83
CA THR R 430 75.95 37.41 -28.15
C THR R 430 75.73 38.51 -29.18
N ASN R 431 75.00 39.57 -28.82
CA ASN R 431 74.83 40.69 -29.74
C ASN R 431 76.17 41.35 -30.07
N ILE R 432 77.00 41.59 -29.05
CA ILE R 432 78.30 42.19 -29.27
C ILE R 432 79.17 41.28 -30.12
N SER R 433 79.10 39.97 -29.89
CA SER R 433 79.90 39.04 -30.67
C SER R 433 79.47 39.02 -32.12
N GLU R 434 78.16 39.11 -32.38
CA GLU R 434 77.68 39.17 -33.75
C GLU R 434 78.12 40.46 -34.43
N ASN R 435 78.06 41.58 -33.73
CA ASN R 435 78.52 42.83 -34.32
C ASN R 435 80.01 42.78 -34.63
N ALA R 436 80.81 42.23 -33.71
CA ALA R 436 82.24 42.11 -33.94
C ALA R 436 82.55 41.13 -35.07
N THR R 437 81.75 40.06 -35.21
CA THR R 437 81.96 39.13 -36.30
C THR R 437 81.61 39.74 -37.65
N ASN R 438 80.56 40.57 -37.68
CA ASN R 438 80.23 41.28 -38.90
C ASN R 438 81.33 42.28 -39.26
N ALA R 439 81.89 42.95 -38.26
CA ALA R 439 83.02 43.84 -38.50
C ALA R 439 84.23 43.06 -39.01
N ARG R 440 84.44 41.86 -38.47
CA ARG R 440 85.52 41.00 -38.94
C ARG R 440 85.31 40.59 -40.38
N SER R 441 84.06 40.33 -40.77
CA SER R 441 83.76 40.02 -42.16
C SER R 441 84.01 41.22 -43.06
N ARG R 442 83.65 42.42 -42.58
CA ARG R 442 83.87 43.62 -43.38
C ARG R 442 85.35 43.96 -43.53
N ILE R 443 86.17 43.66 -42.53
CA ILE R 443 87.57 44.07 -42.56
C ILE R 443 88.52 42.97 -43.02
N LYS R 444 88.10 41.70 -42.98
CA LYS R 444 88.95 40.57 -43.31
C LYS R 444 88.44 39.76 -44.50
N ASP R 445 87.16 39.40 -44.50
CA ASP R 445 86.63 38.55 -45.56
C ASP R 445 86.71 39.29 -46.90
N THR R 446 87.34 38.65 -47.88
CA THR R 446 87.52 39.28 -49.17
C THR R 446 86.20 39.38 -49.92
N ASP R 447 85.92 40.56 -50.47
CA ASP R 447 84.79 40.75 -51.38
C ASP R 447 85.20 40.34 -52.79
N PHE R 448 85.33 39.03 -52.98
CA PHE R 448 85.88 38.49 -54.22
C PHE R 448 84.99 38.75 -55.43
N ALA R 449 83.85 39.41 -55.26
CA ALA R 449 83.10 39.88 -56.43
C ALA R 449 83.94 40.79 -57.30
N ALA R 450 84.94 41.44 -56.73
CA ALA R 450 85.94 42.21 -57.47
C ALA R 450 87.26 41.47 -57.63
N GLU R 451 87.64 40.64 -56.65
CA GLU R 451 88.90 39.93 -56.74
C GLU R 451 88.90 38.85 -57.82
N THR R 452 87.72 38.33 -58.19
CA THR R 452 87.67 37.41 -59.32
C THR R 452 87.97 38.12 -60.64
N ALA R 453 87.39 39.32 -60.83
CA ALA R 453 87.73 40.12 -61.99
C ALA R 453 89.20 40.53 -61.96
N ALA R 454 89.73 40.79 -60.77
CA ALA R 454 91.15 41.12 -60.65
C ALA R 454 92.01 39.94 -61.05
N LEU R 455 91.61 38.73 -60.65
CA LEU R 455 92.32 37.52 -61.05
C LEU R 455 92.28 37.33 -62.55
N SER R 456 91.11 37.53 -63.16
CA SER R 456 90.99 37.42 -64.61
C SER R 456 91.89 38.43 -65.31
N LYS R 457 91.91 39.66 -64.82
CA LYS R 457 92.75 40.70 -65.42
C LYS R 457 94.22 40.36 -65.27
N ASN R 458 94.63 39.86 -64.11
CA ASN R 458 96.03 39.49 -63.90
C ASN R 458 96.42 38.35 -64.83
N GLN R 459 95.54 37.35 -64.98
CA GLN R 459 95.85 36.23 -65.85
C GLN R 459 95.98 36.68 -67.30
N VAL R 460 95.04 37.50 -67.77
CA VAL R 460 95.09 37.94 -69.17
C VAL R 460 96.29 38.86 -69.39
N LEU R 461 96.67 39.62 -68.37
CA LEU R 461 97.85 40.48 -68.51
C LEU R 461 99.13 39.67 -68.55
N GLN R 462 99.20 38.61 -67.74
CA GLN R 462 100.35 37.71 -67.81
C GLN R 462 100.45 37.06 -69.18
N GLN R 463 99.31 36.59 -69.72
CA GLN R 463 99.32 35.99 -71.05
C GLN R 463 99.74 37.00 -72.11
N ALA R 464 99.23 38.23 -72.01
CA ALA R 464 99.61 39.27 -72.97
C ALA R 464 101.10 39.58 -72.89
N GLY R 465 101.63 39.66 -71.68
CA GLY R 465 103.05 39.93 -71.52
C GLY R 465 103.92 38.82 -72.10
N THR R 466 103.52 37.56 -71.86
CA THR R 466 104.24 36.44 -72.44
C THR R 466 104.18 36.48 -73.96
N ALA R 467 103.02 36.83 -74.52
CA ALA R 467 102.89 36.91 -75.97
C ALA R 467 103.77 38.01 -76.55
N ILE R 468 103.78 39.18 -75.91
CA ILE R 468 104.62 40.28 -76.39
C ILE R 468 106.10 39.92 -76.28
N LEU R 469 106.48 39.23 -75.21
CA LEU R 469 107.88 38.78 -75.09
C LEU R 469 108.24 37.81 -76.19
N ALA R 470 107.36 36.83 -76.47
CA ALA R 470 107.64 35.87 -77.52
C ALA R 470 107.69 36.52 -78.89
N GLN R 471 106.93 37.60 -79.08
CA GLN R 471 106.94 38.29 -80.38
C GLN R 471 108.14 39.23 -80.50
N ALA R 472 108.63 39.74 -79.38
CA ALA R 472 109.73 40.71 -79.42
C ALA R 472 111.09 40.03 -79.42
N ASN R 473 111.19 38.83 -78.84
CA ASN R 473 112.48 38.15 -78.79
C ASN R 473 112.91 37.68 -80.17
N GLN R 474 111.98 37.64 -81.12
CA GLN R 474 112.29 37.28 -82.49
C GLN R 474 112.71 38.47 -83.35
N LEU R 475 112.65 39.69 -82.80
CA LEU R 475 113.00 40.87 -83.58
C LEU R 475 114.49 40.94 -83.88
N PRO R 476 115.40 40.82 -82.90
CA PRO R 476 116.83 40.90 -83.24
C PRO R 476 117.29 39.76 -84.13
N GLN R 477 116.73 38.56 -83.96
CA GLN R 477 117.06 37.44 -84.84
C GLN R 477 116.76 37.79 -86.30
N ALA R 478 115.56 38.30 -86.54
CA ALA R 478 115.19 38.71 -87.90
C ALA R 478 116.09 39.83 -88.40
N VAL R 479 116.41 40.79 -87.52
CA VAL R 479 117.25 41.92 -87.92
C VAL R 479 118.61 41.43 -88.40
N LEU R 480 119.24 40.54 -87.64
CA LEU R 480 120.55 40.02 -88.04
C LEU R 480 120.45 39.11 -89.26
N SER R 481 119.37 38.34 -89.40
CA SER R 481 119.27 37.46 -90.56
C SER R 481 119.05 38.26 -91.84
N LEU R 482 118.42 39.44 -91.74
CA LEU R 482 118.21 40.25 -92.93
C LEU R 482 119.38 41.18 -93.23
N LEU R 483 120.08 41.65 -92.21
CA LEU R 483 121.22 42.55 -92.40
C LEU R 483 122.52 41.82 -92.69
N ARG R 484 122.49 40.49 -92.80
CA ARG R 484 123.71 39.75 -93.09
C ARG R 484 123.53 38.89 -94.35
N VAL S 1 32.39 10.59 2.22
CA VAL S 1 32.14 9.79 3.41
C VAL S 1 31.51 8.46 3.03
N ASN S 2 32.32 7.40 2.97
CA ASN S 2 31.81 6.10 2.54
C ASN S 2 32.18 4.94 3.45
N THR S 3 33.29 4.99 4.19
CA THR S 3 33.68 3.84 5.00
C THR S 3 32.82 3.67 6.24
N ASN S 4 32.09 4.72 6.65
CA ASN S 4 31.21 4.64 7.81
C ASN S 4 30.23 5.80 7.73
N ILE S 5 29.10 5.65 8.42
CA ILE S 5 28.03 6.62 8.39
C ILE S 5 27.75 7.05 9.82
N ALA S 6 27.66 8.38 10.04
CA ALA S 6 27.36 8.90 11.37
C ALA S 6 25.92 8.67 11.80
N SER S 7 25.13 7.96 10.99
CA SER S 7 23.73 7.70 11.33
C SER S 7 23.57 6.69 12.47
N LEU S 8 24.65 6.21 13.07
CA LEU S 8 24.56 5.23 14.14
C LEU S 8 23.95 5.80 15.41
N ASN S 9 23.84 7.12 15.53
CA ASN S 9 23.08 7.70 16.64
C ASN S 9 21.62 7.27 16.55
N THR S 10 21.09 7.16 15.33
CA THR S 10 19.74 6.64 15.15
C THR S 10 19.66 5.18 15.60
N GLN S 11 20.73 4.41 15.38
CA GLN S 11 20.75 3.04 15.87
C GLN S 11 20.75 2.99 17.39
N ARG S 12 21.54 3.86 18.02
CA ARG S 12 21.53 3.97 19.48
C ARG S 12 20.13 4.27 19.99
N ASN S 13 19.48 5.27 19.37
CA ASN S 13 18.14 5.65 19.80
C ASN S 13 17.13 4.53 19.58
N LEU S 14 17.28 3.78 18.49
CA LEU S 14 16.39 2.65 18.24
C LEU S 14 16.58 1.56 19.28
N ASN S 15 17.84 1.28 19.65
CA ASN S 15 18.10 0.28 20.70
C ASN S 15 17.48 0.72 22.02
N ALA S 16 17.66 1.99 22.38
CA ALA S 16 17.08 2.49 23.62
C ALA S 16 15.56 2.42 23.61
N SER S 17 14.95 2.83 22.49
CA SER S 17 13.49 2.80 22.40
C SER S 17 12.97 1.37 22.43
N SER S 18 13.70 0.43 21.83
CA SER S 18 13.29 -0.97 21.91
C SER S 18 13.40 -1.48 23.34
N ASN S 19 14.42 -1.04 24.07
CA ASN S 19 14.54 -1.41 25.48
C ASN S 19 13.32 -0.92 26.26
N ASP S 20 13.02 0.38 26.17
CA ASP S 20 11.85 0.90 26.89
C ASP S 20 10.55 0.28 26.37
N LEU S 21 10.52 -0.13 25.11
CA LEU S 21 9.34 -0.80 24.58
C LEU S 21 9.16 -2.16 25.24
N ASN S 22 10.25 -2.91 25.39
CA ASN S 22 10.17 -4.19 26.09
C ASN S 22 9.72 -3.99 27.53
N THR S 23 10.26 -2.98 28.21
CA THR S 23 9.83 -2.70 29.58
C THR S 23 8.35 -2.36 29.64
N SER S 24 7.87 -1.53 28.71
CA SER S 24 6.47 -1.13 28.73
C SER S 24 5.56 -2.31 28.41
N LEU S 25 5.97 -3.18 27.48
CA LEU S 25 5.17 -4.36 27.17
C LEU S 25 5.12 -5.30 28.37
N GLN S 26 6.24 -5.47 29.08
CA GLN S 26 6.23 -6.31 30.27
C GLN S 26 5.31 -5.71 31.34
N ARG S 27 5.37 -4.39 31.53
CA ARG S 27 4.53 -3.74 32.51
C ARG S 27 3.05 -3.88 32.15
N LEU S 28 2.74 -3.82 30.85
CA LEU S 28 1.35 -3.92 30.42
C LEU S 28 0.83 -5.34 30.55
N THR S 29 1.65 -6.33 30.22
CA THR S 29 1.22 -7.72 30.33
C THR S 29 1.10 -8.16 31.78
N THR S 30 2.01 -7.70 32.65
CA THR S 30 1.94 -8.05 34.06
C THR S 30 0.99 -7.17 34.85
N GLY S 31 0.79 -5.93 34.43
CA GLY S 31 -0.06 -5.00 35.15
C GLY S 31 0.61 -4.25 36.27
N TYR S 32 1.93 -4.39 36.43
CA TYR S 32 2.67 -3.73 37.50
C TYR S 32 3.61 -2.71 36.86
N ARG S 33 3.52 -1.45 37.31
CA ARG S 33 4.46 -0.44 36.84
C ARG S 33 5.89 -0.81 37.20
N ILE S 34 6.12 -1.21 38.44
CA ILE S 34 7.41 -1.76 38.82
C ILE S 34 7.35 -3.28 38.71
N ASN S 35 8.21 -3.84 37.86
CA ASN S 35 8.21 -5.27 37.62
C ASN S 35 8.77 -6.01 38.84
N SER S 36 8.53 -7.32 38.88
CA SER S 36 9.21 -8.18 39.84
C SER S 36 10.72 -8.16 39.65
N ALA S 37 11.19 -7.53 38.58
CA ALA S 37 12.62 -7.41 38.31
C ALA S 37 13.22 -6.28 39.13
N LYS S 38 14.42 -5.86 38.73
CA LYS S 38 15.21 -4.89 39.48
C LYS S 38 14.46 -3.59 39.76
N ASP S 39 13.52 -3.22 38.91
CA ASP S 39 13.04 -1.84 38.85
C ASP S 39 12.47 -1.38 40.19
N ASP S 40 12.95 -0.22 40.65
CA ASP S 40 12.47 0.44 41.86
C ASP S 40 12.62 -0.47 43.08
N ALA S 41 13.88 -0.77 43.39
CA ALA S 41 14.19 -1.61 44.55
C ALA S 41 13.49 -1.14 45.81
N ALA S 42 13.34 0.18 45.98
CA ALA S 42 12.54 0.70 47.10
C ALA S 42 11.11 0.21 47.00
N GLY S 43 10.48 0.44 45.85
CA GLY S 43 9.12 -0.04 45.65
C GLY S 43 9.04 -1.56 45.72
N LEU S 44 10.08 -2.25 45.27
CA LEU S 44 10.10 -3.71 45.37
C LEU S 44 10.07 -4.17 46.83
N GLN S 45 10.89 -3.56 47.68
CA GLN S 45 10.89 -3.88 49.09
C GLN S 45 9.55 -3.56 49.73
N ILE S 46 9.00 -2.40 49.39
CA ILE S 46 7.70 -1.99 49.95
C ILE S 46 6.63 -3.00 49.56
N SER S 47 6.61 -3.41 48.29
CA SER S 47 5.62 -4.37 47.82
C SER S 47 5.81 -5.72 48.48
N ASN S 48 7.06 -6.17 48.63
CA ASN S 48 7.30 -7.45 49.28
C ASN S 48 6.78 -7.45 50.71
N ARG S 49 7.14 -6.42 51.48
CA ARG S 49 6.69 -6.34 52.86
C ARG S 49 5.17 -6.22 52.95
N LEU S 50 4.58 -5.41 52.07
CA LEU S 50 3.13 -5.23 52.11
C LEU S 50 2.39 -6.50 51.73
N SER S 51 2.91 -7.25 50.74
CA SER S 51 2.29 -8.51 50.37
C SER S 51 2.41 -9.53 51.50
N ASN S 52 3.57 -9.58 52.15
CA ASN S 52 3.72 -10.43 53.33
C ASN S 52 2.68 -10.08 54.38
N GLN S 53 2.53 -8.78 54.67
CA GLN S 53 1.56 -8.35 55.67
C GLN S 53 0.13 -8.72 55.25
N ILE S 54 -0.20 -8.53 53.97
CA ILE S 54 -1.56 -8.80 53.50
C ILE S 54 -1.87 -10.29 53.60
N SER S 55 -0.96 -11.13 53.14
CA SER S 55 -1.17 -12.58 53.23
C SER S 55 -1.24 -13.03 54.68
N GLY S 56 -0.41 -12.43 55.55
CA GLY S 56 -0.48 -12.77 56.96
C GLY S 56 -1.81 -12.40 57.58
N LEU S 57 -2.32 -11.21 57.24
CA LEU S 57 -3.63 -10.82 57.75
C LEU S 57 -4.74 -11.70 57.20
N ASN S 58 -4.59 -12.18 55.97
CA ASN S 58 -5.60 -13.07 55.39
C ASN S 58 -5.63 -14.41 56.13
N VAL S 59 -4.46 -15.02 56.32
CA VAL S 59 -4.45 -16.29 57.05
C VAL S 59 -4.84 -16.08 58.50
N ALA S 60 -4.60 -14.88 59.05
CA ALA S 60 -5.06 -14.58 60.40
C ALA S 60 -6.58 -14.47 60.45
N THR S 61 -7.19 -13.89 59.41
CA THR S 61 -8.65 -13.86 59.32
C THR S 61 -9.21 -15.28 59.26
N ARG S 62 -8.54 -16.15 58.50
CA ARG S 62 -8.96 -17.55 58.46
C ARG S 62 -8.88 -18.21 59.84
N ASN S 63 -7.75 -18.01 60.52
CA ASN S 63 -7.59 -18.56 61.87
C ASN S 63 -8.64 -18.02 62.83
N ALA S 64 -8.98 -16.73 62.67
CA ALA S 64 -10.01 -16.14 63.51
C ALA S 64 -11.37 -16.73 63.20
N ASN S 65 -11.62 -17.09 61.95
CA ASN S 65 -12.85 -17.79 61.61
C ASN S 65 -12.92 -19.16 62.28
N ASP S 66 -11.81 -19.91 62.24
CA ASP S 66 -11.78 -21.17 62.99
C ASP S 66 -12.02 -20.93 64.48
N GLY S 67 -11.45 -19.86 65.01
CA GLY S 67 -11.62 -19.56 66.43
C GLY S 67 -13.06 -19.24 66.80
N ILE S 68 -13.75 -18.46 65.95
CA ILE S 68 -15.13 -18.10 66.26
C ILE S 68 -16.04 -19.30 66.08
N SER S 69 -15.70 -20.20 65.15
CA SER S 69 -16.48 -21.44 65.05
C SER S 69 -16.30 -22.31 66.29
N LEU S 70 -15.06 -22.42 66.78
CA LEU S 70 -14.81 -23.15 68.02
C LEU S 70 -15.57 -22.50 69.17
N ALA S 71 -15.59 -21.18 69.23
CA ALA S 71 -16.32 -20.47 70.27
C ALA S 71 -17.82 -20.72 70.17
N GLN S 72 -18.37 -20.80 68.96
CA GLN S 72 -19.80 -21.08 68.81
C GLN S 72 -20.13 -22.50 69.27
N THR S 73 -19.27 -23.46 68.93
CA THR S 73 -19.48 -24.83 69.42
C THR S 73 -19.42 -24.88 70.94
N ALA S 74 -18.44 -24.18 71.53
CA ALA S 74 -18.34 -24.14 72.98
C ALA S 74 -19.55 -23.47 73.60
N GLU S 75 -20.10 -22.45 72.94
CA GLU S 75 -21.28 -21.77 73.46
C GLU S 75 -22.49 -22.69 73.42
N GLY S 76 -22.62 -23.49 72.36
CA GLY S 76 -23.66 -24.49 72.33
C GLY S 76 -23.54 -25.51 73.44
N ALA S 77 -22.32 -26.00 73.67
CA ALA S 77 -22.10 -26.97 74.76
C ALA S 77 -22.44 -26.35 76.11
N LEU S 78 -22.00 -25.11 76.35
CA LEU S 78 -22.31 -24.45 77.61
C LEU S 78 -23.81 -24.21 77.77
N GLN S 79 -24.51 -23.86 76.68
CA GLN S 79 -25.96 -23.70 76.77
C GLN S 79 -26.63 -25.02 77.15
N GLN S 80 -26.17 -26.12 76.56
CA GLN S 80 -26.69 -27.44 76.95
C GLN S 80 -26.44 -27.71 78.43
N SER S 81 -25.27 -27.34 78.93
CA SER S 81 -24.97 -27.57 80.34
C SER S 81 -25.85 -26.71 81.24
N THR S 82 -26.13 -25.46 80.83
CA THR S 82 -27.05 -24.62 81.59
C THR S 82 -28.44 -25.23 81.63
N ASN S 83 -28.92 -25.75 80.50
CA ASN S 83 -30.23 -26.40 80.52
C ASN S 83 -30.23 -27.60 81.44
N ILE S 84 -29.17 -28.40 81.42
CA ILE S 84 -29.12 -29.58 82.27
C ILE S 84 -29.10 -29.20 83.74
N LEU S 85 -28.32 -28.18 84.10
CA LEU S 85 -28.25 -27.79 85.50
C LEU S 85 -29.55 -27.11 85.94
N GLN S 86 -30.24 -26.42 85.03
CA GLN S 86 -31.54 -25.87 85.37
C GLN S 86 -32.54 -26.98 85.64
N ARG S 87 -32.54 -28.02 84.80
CA ARG S 87 -33.37 -29.19 85.07
C ARG S 87 -33.02 -29.82 86.41
N ILE S 88 -31.73 -29.87 86.74
CA ILE S 88 -31.30 -30.38 88.04
C ILE S 88 -31.85 -29.52 89.17
N ARG S 89 -31.86 -28.20 88.99
CA ARG S 89 -32.40 -27.31 90.02
C ARG S 89 -33.89 -27.55 90.22
N ASP S 90 -34.64 -27.66 89.12
CA ASP S 90 -36.07 -27.96 89.25
C ASP S 90 -36.29 -29.31 89.92
N LEU S 91 -35.46 -30.31 89.60
CA LEU S 91 -35.58 -31.60 90.26
C LEU S 91 -35.32 -31.49 91.75
N ALA S 92 -34.30 -30.70 92.13
CA ALA S 92 -33.97 -30.54 93.54
C ALA S 92 -35.09 -29.84 94.29
N LEU S 93 -35.68 -28.80 93.68
CA LEU S 93 -36.79 -28.11 94.32
C LEU S 93 -38.03 -28.99 94.39
N GLN S 94 -38.21 -29.88 93.42
CA GLN S 94 -39.34 -30.81 93.47
C GLN S 94 -39.10 -31.91 94.50
N SER S 95 -37.84 -32.16 94.85
CA SER S 95 -37.52 -33.23 95.80
C SER S 95 -37.91 -32.88 97.23
N ALA S 96 -38.52 -31.72 97.48
CA ALA S 96 -38.98 -31.41 98.83
C ALA S 96 -40.01 -32.43 99.29
N ASN S 97 -40.96 -32.78 98.43
CA ASN S 97 -41.90 -33.89 98.65
C ASN S 97 -42.73 -33.72 99.91
N GLY S 98 -42.74 -32.53 100.50
CA GLY S 98 -43.38 -32.34 101.79
C GLY S 98 -42.71 -33.13 102.89
N SER S 99 -41.56 -33.73 102.56
CA SER S 99 -40.71 -34.48 103.48
C SER S 99 -41.33 -35.82 103.88
N ASN S 100 -42.58 -36.07 103.50
CA ASN S 100 -43.22 -37.32 103.87
C ASN S 100 -44.12 -37.92 102.78
N SER S 101 -44.19 -37.35 101.59
CA SER S 101 -45.18 -37.81 100.62
C SER S 101 -44.59 -38.73 99.56
N ASP S 102 -43.39 -38.44 99.08
CA ASP S 102 -42.80 -39.16 97.95
C ASP S 102 -41.86 -40.25 98.48
N ALA S 103 -42.37 -41.48 98.52
CA ALA S 103 -41.52 -42.62 98.85
C ALA S 103 -40.63 -43.03 97.68
N ASP S 104 -40.77 -42.35 96.53
CA ASP S 104 -39.99 -42.65 95.34
C ASP S 104 -38.70 -41.83 95.27
N ARG S 105 -38.15 -41.46 96.43
CA ARG S 105 -36.86 -40.78 96.47
C ARG S 105 -35.76 -41.62 95.84
N ALA S 106 -35.90 -42.95 95.85
CA ALA S 106 -34.91 -43.80 95.18
C ALA S 106 -34.95 -43.58 93.67
N ALA S 107 -36.16 -43.56 93.08
CA ALA S 107 -36.27 -43.27 91.66
C ALA S 107 -35.82 -41.85 91.35
N LEU S 108 -36.07 -40.92 92.29
CA LEU S 108 -35.59 -39.56 92.10
C LEU S 108 -34.07 -39.51 92.06
N GLN S 109 -33.42 -40.25 92.95
CA GLN S 109 -31.96 -40.33 92.94
C GLN S 109 -31.46 -40.98 91.65
N LYS S 110 -32.16 -42.01 91.19
CA LYS S 110 -31.81 -42.63 89.91
C LYS S 110 -31.88 -41.62 88.78
N GLU S 111 -32.94 -40.81 88.76
CA GLU S 111 -33.11 -39.84 87.67
C GLU S 111 -32.06 -38.74 87.74
N VAL S 112 -31.74 -38.26 88.94
CA VAL S 112 -30.72 -37.21 89.04
C VAL S 112 -29.34 -37.78 88.71
N ALA S 113 -29.10 -39.06 89.00
CA ALA S 113 -27.85 -39.69 88.61
C ALA S 113 -27.77 -39.84 87.09
N ALA S 114 -28.90 -40.17 86.45
CA ALA S 114 -28.94 -40.20 85.00
C ALA S 114 -28.67 -38.82 84.42
N GLN S 115 -29.22 -37.77 85.03
CA GLN S 115 -28.95 -36.41 84.58
C GLN S 115 -27.49 -36.06 84.74
N GLN S 116 -26.87 -36.47 85.85
CA GLN S 116 -25.44 -36.24 86.04
C GLN S 116 -24.62 -36.97 84.99
N ALA S 117 -24.99 -38.21 84.66
CA ALA S 117 -24.29 -38.94 83.61
C ALA S 117 -24.45 -38.24 82.27
N GLU S 118 -25.65 -37.72 81.99
CA GLU S 118 -25.86 -36.98 80.74
C GLU S 118 -25.00 -35.73 80.70
N LEU S 119 -24.89 -35.02 81.83
CA LEU S 119 -24.02 -33.85 81.89
C LEU S 119 -22.56 -34.24 81.65
N THR S 120 -22.12 -35.33 82.26
CA THR S 120 -20.75 -35.81 82.02
C THR S 120 -20.55 -36.17 80.56
N ARG S 121 -21.60 -36.69 79.91
CA ARG S 121 -21.51 -37.00 78.48
C ARG S 121 -21.44 -35.74 77.63
N ILE S 122 -22.18 -34.70 78.00
CA ILE S 122 -22.07 -33.42 77.29
C ILE S 122 -20.68 -32.82 77.48
N SER S 123 -20.08 -33.05 78.65
CA SER S 123 -18.69 -32.67 78.84
C SER S 123 -17.80 -33.30 77.77
N ASP S 124 -17.94 -34.61 77.57
CA ASP S 124 -17.26 -35.32 76.51
C ASP S 124 -18.04 -35.14 75.21
N THR S 125 -17.71 -35.93 74.19
CA THR S 125 -18.37 -35.96 72.88
C THR S 125 -18.41 -34.59 72.21
N THR S 126 -17.55 -33.67 72.63
CA THR S 126 -17.38 -32.37 71.98
C THR S 126 -16.08 -32.33 71.18
N THR S 127 -15.71 -33.48 70.61
CA THR S 127 -14.42 -33.64 69.95
C THR S 127 -14.41 -32.95 68.58
N PHE S 128 -14.12 -31.65 68.62
CA PHE S 128 -13.91 -30.89 67.39
C PHE S 128 -12.54 -31.25 66.82
N GLY S 129 -12.39 -32.49 66.36
CA GLY S 129 -11.11 -33.02 65.93
C GLY S 129 -10.42 -33.91 66.94
N GLY S 130 -11.15 -34.48 67.89
CA GLY S 130 -10.55 -35.32 68.91
C GLY S 130 -9.81 -34.53 69.96
N ARG S 131 -10.28 -33.32 70.24
CA ARG S 131 -9.60 -32.37 71.12
C ARG S 131 -10.61 -31.76 72.10
N LYS S 132 -11.33 -32.64 72.80
CA LYS S 132 -12.49 -32.27 73.63
C LYS S 132 -12.31 -30.92 74.32
N LEU S 133 -13.29 -30.03 74.14
CA LEU S 133 -13.07 -28.61 74.35
C LEU S 133 -13.16 -28.24 75.82
N LEU S 134 -14.33 -28.42 76.42
CA LEU S 134 -14.60 -27.90 77.75
C LEU S 134 -14.17 -28.83 78.88
N ASP S 135 -14.13 -30.13 78.62
CA ASP S 135 -13.61 -31.07 79.60
C ASP S 135 -12.24 -31.58 79.18
N GLY S 136 -11.64 -32.40 80.04
CA GLY S 136 -10.39 -33.05 79.68
C GLY S 136 -9.23 -32.07 79.67
N SER S 137 -8.70 -31.81 78.48
CA SER S 137 -7.46 -31.05 78.31
C SER S 137 -7.72 -29.83 77.42
N PHE S 138 -7.99 -28.69 78.05
CA PHE S 138 -7.91 -27.41 77.39
C PHE S 138 -6.71 -26.65 77.92
N GLY S 139 -5.68 -26.51 77.07
CA GLY S 139 -4.41 -25.95 77.50
C GLY S 139 -4.43 -24.45 77.77
N THR S 140 -5.61 -23.83 77.78
CA THR S 140 -5.75 -22.38 77.95
C THR S 140 -4.81 -21.66 76.98
N THR S 141 -4.95 -22.03 75.72
CA THR S 141 -4.01 -21.63 74.68
C THR S 141 -4.36 -20.24 74.16
N SER S 142 -3.73 -19.85 73.05
CA SER S 142 -3.84 -18.48 72.56
C SER S 142 -3.80 -18.52 71.02
N PHE S 143 -4.84 -17.97 70.39
CA PHE S 143 -4.92 -17.97 68.93
C PHE S 143 -4.10 -16.81 68.36
N GLN S 144 -3.16 -17.12 67.47
CA GLN S 144 -2.41 -16.09 66.80
C GLN S 144 -3.29 -15.39 65.77
N VAL S 145 -3.40 -14.07 65.89
CA VAL S 145 -4.30 -13.28 65.04
C VAL S 145 -3.59 -12.15 64.33
N GLY S 146 -2.30 -11.92 64.60
CA GLY S 146 -1.57 -10.86 63.95
C GLY S 146 -0.43 -11.41 63.10
N SER S 147 0.07 -10.56 62.21
CA SER S 147 1.12 -10.93 61.28
C SER S 147 2.52 -10.84 61.89
N ASN S 148 2.63 -10.51 63.17
CA ASN S 148 3.92 -10.46 63.85
C ASN S 148 3.99 -11.54 64.91
N ALA S 149 5.20 -11.79 65.40
CA ALA S 149 5.44 -12.89 66.32
C ALA S 149 4.82 -12.61 67.69
N TYR S 150 4.16 -13.63 68.25
CA TYR S 150 3.70 -13.66 69.63
C TYR S 150 2.60 -12.63 69.93
N GLU S 151 2.10 -11.94 68.92
CA GLU S 151 0.89 -11.15 69.13
C GLU S 151 -0.31 -12.06 68.92
N THR S 152 -1.04 -12.33 70.01
CA THR S 152 -2.05 -13.38 70.02
C THR S 152 -3.15 -13.03 71.01
N ILE S 153 -4.21 -13.83 70.97
CA ILE S 153 -5.39 -13.66 71.83
C ILE S 153 -5.59 -14.95 72.61
N ASP S 154 -5.47 -14.87 73.93
CA ASP S 154 -5.59 -16.04 74.78
C ASP S 154 -7.05 -16.34 75.10
N ILE S 155 -7.33 -17.61 75.36
CA ILE S 155 -8.66 -18.07 75.77
C ILE S 155 -8.49 -18.92 77.02
N SER S 156 -9.42 -18.77 77.96
CA SER S 156 -9.35 -19.40 79.27
C SER S 156 -10.59 -20.24 79.52
N LEU S 157 -10.95 -21.08 78.55
CA LEU S 157 -12.10 -21.96 78.68
C LEU S 157 -11.93 -22.86 79.90
N GLN S 158 -13.05 -23.21 80.51
CA GLN S 158 -13.05 -24.02 81.72
C GLN S 158 -12.27 -25.30 81.53
N ASN S 159 -11.54 -25.70 82.57
CA ASN S 159 -10.67 -26.88 82.48
C ASN S 159 -11.50 -28.15 82.30
N ALA S 160 -12.60 -28.29 83.05
CA ALA S 160 -13.41 -29.48 82.98
C ALA S 160 -14.81 -29.16 83.45
N SER S 161 -15.80 -29.79 82.83
CA SER S 161 -17.21 -29.62 83.17
C SER S 161 -17.78 -30.92 83.71
N ALA S 162 -16.91 -31.74 84.32
CA ALA S 162 -17.33 -33.00 84.90
C ALA S 162 -17.96 -32.78 86.27
N SER S 163 -18.10 -33.84 87.05
CA SER S 163 -18.69 -33.74 88.38
C SER S 163 -17.70 -33.14 89.37
N ALA S 164 -16.63 -32.52 88.87
CA ALA S 164 -15.65 -31.85 89.71
C ALA S 164 -15.94 -30.37 89.91
N ILE S 165 -16.90 -29.80 89.20
CA ILE S 165 -17.32 -28.42 89.41
C ILE S 165 -18.36 -28.41 90.53
N GLY S 166 -18.62 -27.22 91.05
CA GLY S 166 -19.64 -27.08 92.08
C GLY S 166 -19.45 -25.87 92.97
N SER S 167 -19.60 -26.07 94.28
CA SER S 167 -19.47 -25.01 95.28
C SER S 167 -18.13 -25.19 95.97
N TYR S 168 -17.13 -24.42 95.51
CA TYR S 168 -15.79 -24.48 96.08
C TYR S 168 -15.82 -23.76 97.42
N GLN S 169 -16.45 -24.40 98.40
CA GLN S 169 -16.74 -23.74 99.66
C GLN S 169 -17.06 -24.73 100.77
N VAL S 170 -16.32 -24.66 101.88
CA VAL S 170 -16.64 -25.42 103.08
C VAL S 170 -17.74 -24.69 103.83
N GLY S 171 -17.43 -23.48 104.30
CA GLY S 171 -18.40 -22.59 104.89
C GLY S 171 -18.24 -22.41 106.38
N SER S 172 -18.10 -23.50 107.13
CA SER S 172 -17.86 -23.45 108.57
C SER S 172 -17.66 -24.84 109.16
N ASN S 173 -16.87 -24.91 110.23
CA ASN S 173 -16.90 -25.98 111.23
C ASN S 173 -16.78 -27.40 110.66
N GLY S 174 -16.42 -27.53 109.38
CA GLY S 174 -16.41 -28.84 108.76
C GLY S 174 -15.11 -29.21 108.07
N ALA S 175 -14.16 -28.28 108.03
CA ALA S 175 -12.87 -28.57 107.42
C ALA S 175 -11.79 -28.77 108.48
N GLY S 176 -11.33 -30.01 108.64
CA GLY S 176 -10.30 -30.31 109.62
C GLY S 176 -10.84 -30.49 111.02
N THR S 177 -11.18 -29.39 111.68
CA THR S 177 -11.75 -29.40 113.01
C THR S 177 -12.94 -28.46 113.07
N VAL S 178 -13.87 -28.76 113.99
CA VAL S 178 -15.02 -27.88 114.17
C VAL S 178 -14.58 -26.56 114.80
N ALA S 179 -15.41 -25.54 114.62
CA ALA S 179 -15.12 -24.23 115.20
C ALA S 179 -15.31 -24.26 116.71
N SER S 180 -14.92 -23.17 117.36
CA SER S 180 -15.02 -23.06 118.81
C SER S 180 -16.22 -22.23 119.26
N VAL S 181 -16.63 -21.24 118.47
CA VAL S 181 -17.75 -20.37 118.80
C VAL S 181 -18.91 -20.56 117.82
N ALA S 182 -18.62 -20.54 116.53
CA ALA S 182 -19.66 -20.74 115.53
C ALA S 182 -20.20 -22.16 115.62
N GLY S 183 -21.52 -22.27 115.64
CA GLY S 183 -22.18 -23.56 115.80
C GLY S 183 -21.87 -24.22 117.13
N THR S 184 -21.69 -23.40 118.17
CA THR S 184 -21.33 -23.90 119.49
C THR S 184 -21.69 -22.88 120.57
N ALA S 185 -22.31 -23.34 121.65
CA ALA S 185 -22.64 -22.45 122.76
C ALA S 185 -21.37 -22.00 123.47
N THR S 186 -21.24 -20.70 123.68
CA THR S 186 -20.08 -20.12 124.32
C THR S 186 -20.49 -19.14 125.40
N ALA S 187 -19.53 -18.82 126.28
CA ALA S 187 -19.77 -17.87 127.37
C ALA S 187 -19.50 -16.44 126.95
N SER S 188 -18.37 -16.20 126.28
CA SER S 188 -18.02 -14.86 125.82
C SER S 188 -18.60 -14.55 124.44
N GLY S 189 -18.84 -15.58 123.63
CA GLY S 189 -19.40 -15.38 122.32
C GLY S 189 -18.36 -15.11 121.25
N ILE S 190 -18.82 -14.48 120.17
CA ILE S 190 -17.95 -14.08 119.08
C ILE S 190 -16.90 -13.10 119.62
N ALA S 191 -15.64 -13.32 119.26
CA ALA S 191 -14.55 -12.47 119.70
C ALA S 191 -14.21 -11.44 118.62
N SER S 192 -13.46 -10.42 119.04
CA SER S 192 -13.04 -9.38 118.12
C SER S 192 -11.91 -9.87 117.23
N GLY S 193 -11.59 -9.07 116.21
CA GLY S 193 -10.54 -9.39 115.27
C GLY S 193 -11.04 -9.30 113.85
N THR S 194 -10.23 -9.80 112.93
CA THR S 194 -10.53 -9.77 111.50
C THR S 194 -10.36 -11.15 110.90
N VAL S 195 -10.90 -11.31 109.69
CA VAL S 195 -10.77 -12.56 108.94
C VAL S 195 -10.31 -12.24 107.53
N ASN S 196 -9.13 -12.74 107.15
CA ASN S 196 -8.61 -12.49 105.81
C ASN S 196 -9.36 -13.36 104.80
N LEU S 197 -9.88 -12.72 103.75
CA LEU S 197 -10.63 -13.40 102.70
C LEU S 197 -9.94 -13.09 101.36
N VAL S 198 -9.03 -13.96 100.97
CA VAL S 198 -8.30 -13.80 99.72
C VAL S 198 -8.92 -14.73 98.67
N GLY S 199 -9.12 -14.18 97.48
CA GLY S 199 -9.67 -14.95 96.38
C GLY S 199 -10.30 -14.09 95.31
N GLY S 200 -10.21 -14.55 94.05
CA GLY S 200 -10.76 -13.81 92.93
C GLY S 200 -10.15 -12.43 92.76
N GLY S 201 -8.82 -12.35 92.78
CA GLY S 201 -8.14 -11.08 92.60
C GLY S 201 -8.18 -10.18 93.82
N GLN S 202 -9.39 -9.80 94.24
CA GLN S 202 -9.54 -8.88 95.36
C GLN S 202 -9.12 -9.54 96.66
N VAL S 203 -8.48 -8.75 97.52
CA VAL S 203 -8.08 -9.18 98.86
C VAL S 203 -8.88 -8.37 99.87
N LYS S 204 -9.51 -9.05 100.81
CA LYS S 204 -10.36 -8.42 101.80
C LYS S 204 -9.95 -8.86 103.20
N ASN S 205 -10.14 -7.95 104.16
CA ASN S 205 -9.80 -8.25 105.56
C ASN S 205 -10.88 -7.77 106.52
N ILE S 206 -12.15 -8.09 106.27
CA ILE S 206 -13.27 -7.63 107.08
C ILE S 206 -13.05 -7.97 108.55
N ALA S 207 -13.23 -6.99 109.43
CA ALA S 207 -13.01 -7.19 110.85
C ALA S 207 -14.31 -7.63 111.53
N ILE S 208 -14.25 -8.75 112.24
CA ILE S 208 -15.41 -9.28 112.96
C ILE S 208 -15.33 -8.82 114.41
N ALA S 209 -16.20 -7.90 114.79
CA ALA S 209 -16.20 -7.39 116.16
C ALA S 209 -16.79 -8.44 117.11
N ALA S 210 -16.56 -8.21 118.40
CA ALA S 210 -17.07 -9.13 119.41
C ALA S 210 -18.55 -8.90 119.66
N GLY S 211 -19.26 -9.98 119.99
CA GLY S 211 -20.67 -9.89 120.29
C GLY S 211 -21.55 -9.96 119.05
N ASP S 212 -20.95 -9.77 117.88
CA ASP S 212 -21.68 -9.78 116.62
C ASP S 212 -22.42 -11.09 116.40
N SER S 213 -23.70 -11.00 116.04
CA SER S 213 -24.48 -12.20 115.76
C SER S 213 -23.99 -12.86 114.49
N ALA S 214 -24.52 -14.07 114.24
CA ALA S 214 -24.17 -14.80 113.02
C ALA S 214 -24.61 -14.04 111.77
N LYS S 215 -25.76 -13.37 111.85
CA LYS S 215 -26.25 -12.58 110.73
C LYS S 215 -25.29 -11.45 110.40
N ALA S 216 -24.64 -10.89 111.41
CA ALA S 216 -23.66 -9.84 111.22
C ALA S 216 -22.49 -10.35 110.39
N ILE S 217 -21.86 -11.43 110.86
CA ILE S 217 -20.75 -12.07 110.16
C ILE S 217 -21.16 -12.39 108.73
N ALA S 218 -22.38 -12.90 108.57
CA ALA S 218 -22.90 -13.25 107.26
C ALA S 218 -22.94 -12.05 106.33
N GLU S 219 -23.58 -10.96 106.77
CA GLU S 219 -23.76 -9.80 105.93
C GLU S 219 -22.45 -9.09 105.63
N LYS S 220 -21.50 -9.10 106.59
CA LYS S 220 -20.21 -8.48 106.35
C LYS S 220 -19.37 -9.29 105.39
N MET S 221 -19.27 -10.61 105.63
CA MET S 221 -18.47 -11.45 104.75
C MET S 221 -19.07 -11.58 103.35
N ASP S 222 -20.34 -11.22 103.19
CA ASP S 222 -20.98 -11.19 101.88
C ASP S 222 -20.52 -9.95 101.12
N GLY S 223 -20.92 -9.82 99.86
CA GLY S 223 -20.65 -8.61 99.11
C GLY S 223 -19.29 -8.54 98.44
N ALA S 224 -18.36 -7.83 99.09
CA ALA S 224 -17.06 -7.47 98.54
C ALA S 224 -16.39 -8.58 97.71
N ILE S 225 -16.31 -9.78 98.27
CA ILE S 225 -15.66 -10.89 97.58
C ILE S 225 -16.47 -11.23 96.33
N PRO S 226 -15.88 -11.17 95.14
CA PRO S 226 -16.64 -11.45 93.92
C PRO S 226 -17.11 -12.90 93.88
N ASN S 227 -18.37 -13.08 93.48
CA ASN S 227 -18.99 -14.39 93.36
C ASN S 227 -18.94 -15.17 94.67
N LEU S 228 -19.63 -14.61 95.67
CA LEU S 228 -19.71 -15.25 96.98
C LEU S 228 -21.01 -14.83 97.65
N SER S 229 -21.66 -15.78 98.31
CA SER S 229 -22.88 -15.53 99.06
C SER S 229 -22.70 -16.04 100.49
N ALA S 230 -23.73 -15.87 101.31
CA ALA S 230 -23.63 -16.21 102.72
C ALA S 230 -25.02 -16.53 103.26
N ARG S 231 -25.11 -17.62 104.02
CA ARG S 231 -26.31 -18.01 104.72
C ARG S 231 -26.10 -17.84 106.23
N ALA S 232 -27.13 -18.12 107.02
CA ALA S 232 -27.03 -18.01 108.47
C ALA S 232 -28.13 -18.80 109.16
N ARG S 233 -27.77 -19.84 109.91
CA ARG S 233 -28.73 -20.62 110.66
C ARG S 233 -28.18 -20.89 112.06
N THR S 234 -29.08 -21.00 113.03
CA THR S 234 -28.74 -21.23 114.43
C THR S 234 -29.63 -22.35 114.96
N VAL S 235 -29.72 -23.44 114.20
CA VAL S 235 -30.53 -24.59 114.58
C VAL S 235 -29.85 -25.30 115.75
N PHE S 236 -30.59 -25.45 116.85
CA PHE S 236 -30.07 -26.09 118.05
C PHE S 236 -31.17 -26.88 118.72
N THR S 237 -30.77 -27.87 119.50
CA THR S 237 -31.69 -28.72 120.25
C THR S 237 -31.62 -28.40 121.74
N ALA S 238 -32.55 -28.98 122.49
CA ALA S 238 -32.62 -28.78 123.93
C ALA S 238 -33.41 -29.93 124.53
N ASP S 239 -33.24 -30.11 125.84
CA ASP S 239 -33.94 -31.18 126.56
CA ASP S 239 -33.94 -31.18 126.56
C ASP S 239 -34.02 -30.80 128.03
N VAL S 240 -35.24 -30.60 128.52
CA VAL S 240 -35.44 -30.24 129.93
C VAL S 240 -35.50 -31.51 130.75
N SER S 241 -34.51 -31.70 131.63
CA SER S 241 -34.45 -32.88 132.48
C SER S 241 -33.80 -32.50 133.81
N GLY S 242 -34.00 -33.35 134.81
CA GLY S 242 -33.41 -33.16 136.12
C GLY S 242 -34.16 -32.18 137.00
N VAL S 243 -35.29 -31.68 136.52
CA VAL S 243 -36.09 -30.70 137.25
C VAL S 243 -36.52 -31.30 138.59
N THR S 244 -36.06 -30.72 139.69
CA THR S 244 -36.37 -31.19 141.03
C THR S 244 -36.59 -30.01 141.96
N GLY S 245 -37.73 -30.02 142.64
CA GLY S 245 -38.06 -28.99 143.60
C GLY S 245 -38.03 -27.58 143.08
N GLY S 246 -38.95 -27.25 142.18
CA GLY S 246 -39.05 -25.92 141.62
C GLY S 246 -39.07 -25.93 140.09
N SER S 247 -39.20 -24.73 139.54
CA SER S 247 -39.26 -24.53 138.11
C SER S 247 -37.92 -24.00 137.59
N LEU S 248 -37.69 -24.19 136.28
CA LEU S 248 -36.45 -23.81 135.64
C LEU S 248 -36.54 -22.44 134.96
N ASN S 249 -37.28 -21.51 135.55
CA ASN S 249 -37.50 -20.17 135.00
C ASN S 249 -36.18 -19.51 134.59
N PHE S 250 -36.09 -19.12 133.32
CA PHE S 250 -34.87 -18.52 132.79
C PHE S 250 -35.22 -17.50 131.72
N ASP S 251 -34.26 -16.64 131.42
CA ASP S 251 -34.45 -15.58 130.43
C ASP S 251 -33.97 -16.01 129.06
N VAL S 252 -34.70 -15.58 128.04
CA VAL S 252 -34.37 -15.89 126.65
C VAL S 252 -34.17 -14.57 125.92
N THR S 253 -32.97 -14.36 125.39
CA THR S 253 -32.63 -13.16 124.64
C THR S 253 -32.26 -13.53 123.21
N VAL S 254 -32.95 -12.94 122.24
CA VAL S 254 -32.69 -13.19 120.83
C VAL S 254 -32.57 -11.85 120.11
N GLY S 255 -31.35 -11.48 119.73
CA GLY S 255 -31.12 -10.21 119.07
C GLY S 255 -31.54 -9.02 119.90
N SER S 256 -32.64 -8.36 119.50
CA SER S 256 -33.17 -7.22 120.23
C SER S 256 -34.29 -7.64 121.19
N ASN S 257 -35.24 -8.44 120.73
CA ASN S 257 -36.33 -8.92 121.57
C ASN S 257 -35.79 -9.72 122.75
N THR S 258 -36.46 -9.60 123.89
CA THR S 258 -36.04 -10.30 125.11
C THR S 258 -37.27 -10.59 125.95
N VAL S 259 -37.52 -11.88 126.20
CA VAL S 259 -38.62 -12.28 127.06
C VAL S 259 -38.08 -13.15 128.20
N SER S 260 -38.91 -13.39 129.21
CA SER S 260 -38.50 -14.19 130.37
C SER S 260 -39.62 -15.19 130.66
N LEU S 261 -39.39 -16.45 130.32
CA LEU S 261 -40.41 -17.48 130.51
C LEU S 261 -40.50 -17.86 131.99
N ALA S 262 -41.52 -18.67 132.30
CA ALA S 262 -41.72 -19.16 133.66
C ALA S 262 -42.46 -20.49 133.58
N GLY S 263 -42.32 -21.29 134.62
CA GLY S 263 -42.99 -22.58 134.71
C GLY S 263 -42.32 -23.69 133.94
N VAL S 264 -41.04 -23.49 133.59
CA VAL S 264 -40.26 -24.51 132.88
C VAL S 264 -40.09 -25.72 133.79
N THR S 265 -40.71 -26.84 133.43
CA THR S 265 -40.62 -28.04 134.24
C THR S 265 -40.35 -29.31 133.43
N SER S 266 -40.51 -29.29 132.12
CA SER S 266 -40.32 -30.49 131.32
C SER S 266 -40.08 -30.10 129.86
N THR S 267 -39.66 -31.09 129.07
CA THR S 267 -39.36 -30.85 127.65
C THR S 267 -40.56 -30.32 126.89
N GLN S 268 -41.75 -30.85 127.18
CA GLN S 268 -42.94 -30.47 126.42
C GLN S 268 -43.37 -29.05 126.73
N ASP S 269 -43.44 -28.70 128.02
CA ASP S 269 -43.92 -27.38 128.44
C ASP S 269 -43.06 -26.26 127.88
N LEU S 270 -41.74 -26.44 127.92
CA LEU S 270 -40.81 -25.46 127.37
C LEU S 270 -41.08 -25.29 125.88
N ALA S 271 -41.25 -26.40 125.17
CA ALA S 271 -41.56 -26.36 123.75
C ALA S 271 -42.82 -25.52 123.50
N ASP S 272 -43.87 -25.78 124.28
CA ASP S 272 -45.12 -25.05 124.12
C ASP S 272 -44.94 -23.56 124.35
N GLN S 273 -44.21 -23.18 125.41
CA GLN S 273 -44.11 -21.76 125.72
C GLN S 273 -43.21 -21.03 124.72
N LEU S 274 -42.23 -21.72 124.14
CA LEU S 274 -41.49 -21.11 123.03
C LEU S 274 -42.37 -20.96 121.80
N ASN S 275 -43.18 -21.99 121.50
CA ASN S 275 -44.13 -21.88 120.41
C ASN S 275 -45.07 -20.70 120.60
N SER S 276 -45.40 -20.40 121.86
CA SER S 276 -46.24 -19.24 122.15
C SER S 276 -45.53 -17.93 121.81
N ASN S 277 -44.24 -17.83 122.17
CA ASN S 277 -43.51 -16.59 122.01
C ASN S 277 -42.62 -16.56 120.78
N SER S 278 -42.69 -17.58 119.92
CA SER S 278 -41.84 -17.63 118.73
C SER S 278 -42.06 -16.41 117.83
N SER S 279 -43.30 -15.92 117.76
CA SER S 279 -43.62 -14.73 116.99
C SER S 279 -42.80 -13.54 117.47
N LYS S 280 -42.83 -13.29 118.78
CA LYS S 280 -42.03 -12.21 119.34
C LYS S 280 -40.54 -12.51 119.25
N LEU S 281 -40.16 -13.76 119.52
CA LEU S 281 -38.76 -14.15 119.50
C LEU S 281 -38.21 -14.24 118.09
N GLY S 282 -39.10 -14.31 117.09
CA GLY S 282 -38.65 -14.44 115.72
C GLY S 282 -37.93 -15.74 115.45
N ILE S 283 -38.34 -16.81 116.13
CA ILE S 283 -37.71 -18.12 115.98
C ILE S 283 -38.76 -19.13 115.54
N THR S 284 -38.34 -20.38 115.36
CA THR S 284 -39.23 -21.46 114.93
C THR S 284 -39.12 -22.62 115.93
N ALA S 285 -39.93 -22.57 116.98
CA ALA S 285 -39.96 -23.63 117.97
C ALA S 285 -40.72 -24.84 117.42
N SER S 286 -39.98 -25.90 117.08
CA SER S 286 -40.56 -27.10 116.49
C SER S 286 -40.24 -28.29 117.37
N ILE S 287 -41.27 -28.91 117.93
CA ILE S 287 -41.11 -30.14 118.71
C ILE S 287 -41.35 -31.33 117.78
N ASN S 288 -40.40 -32.26 117.76
CA ASN S 288 -40.48 -33.40 116.87
C ASN S 288 -41.24 -34.54 117.54
N ASP S 289 -41.34 -35.66 116.84
CA ASP S 289 -42.03 -36.83 117.37
C ASP S 289 -41.28 -37.43 118.56
N LYS S 290 -39.96 -37.25 118.60
CA LYS S 290 -39.15 -37.80 119.67
C LYS S 290 -39.05 -36.83 120.84
N GLY S 291 -39.80 -35.74 120.79
CA GLY S 291 -39.84 -34.81 121.90
C GLY S 291 -38.75 -33.75 121.91
N VAL S 292 -37.55 -34.13 121.47
CA VAL S 292 -36.38 -33.24 121.50
C VAL S 292 -36.67 -31.96 120.73
N LEU S 293 -36.33 -30.81 121.33
CA LEU S 293 -36.54 -29.50 120.72
C LEU S 293 -35.75 -29.35 119.42
N THR S 294 -36.34 -28.67 118.44
CA THR S 294 -35.69 -28.37 117.17
C THR S 294 -35.84 -26.89 116.80
N ILE S 295 -35.53 -25.99 117.74
CA ILE S 295 -35.66 -24.56 117.51
C ILE S 295 -34.85 -24.16 116.29
N THR S 296 -35.48 -23.42 115.37
CA THR S 296 -34.85 -22.98 114.14
C THR S 296 -34.80 -21.46 114.10
N SER S 297 -33.69 -20.94 113.58
CA SER S 297 -33.49 -19.51 113.42
C SER S 297 -33.81 -19.09 111.98
N ALA S 298 -34.23 -17.85 111.82
CA ALA S 298 -34.60 -17.34 110.51
C ALA S 298 -33.37 -16.95 109.71
N THR S 299 -32.61 -15.98 110.21
CA THR S 299 -31.42 -15.50 109.52
C THR S 299 -30.18 -15.63 110.42
N GLY S 300 -30.09 -16.77 111.11
CA GLY S 300 -28.96 -17.04 111.97
C GLY S 300 -28.84 -16.08 113.13
N GLU S 301 -29.77 -16.14 114.07
CA GLU S 301 -29.78 -15.23 115.21
C GLU S 301 -28.73 -15.61 116.25
N ASN S 302 -28.74 -14.93 117.39
CA ASN S 302 -27.74 -15.12 118.43
C ASN S 302 -28.41 -15.41 119.76
N VAL S 303 -29.35 -16.35 119.76
CA VAL S 303 -30.16 -16.69 120.93
C VAL S 303 -29.31 -16.83 122.18
N LYS S 304 -29.76 -16.22 123.27
CA LYS S 304 -29.05 -16.20 124.54
C LYS S 304 -29.84 -17.01 125.57
N PHE S 305 -29.16 -17.39 126.66
CA PHE S 305 -29.80 -18.15 127.73
C PHE S 305 -29.55 -17.43 129.04
N GLY S 306 -30.61 -17.12 129.77
CA GLY S 306 -30.50 -16.37 131.01
C GLY S 306 -30.01 -17.19 132.19
N ALA S 307 -30.43 -16.81 133.39
CA ALA S 307 -30.01 -17.46 134.62
C ALA S 307 -31.19 -18.16 135.26
N GLN S 308 -30.91 -18.95 136.30
CA GLN S 308 -31.93 -19.71 137.00
C GLN S 308 -32.69 -18.83 138.00
N THR S 309 -33.63 -18.06 137.45
CA THR S 309 -34.45 -17.19 138.30
C THR S 309 -35.46 -17.98 139.11
N GLY S 310 -35.76 -19.22 138.70
CA GLY S 310 -36.73 -20.02 139.39
C GLY S 310 -36.20 -20.56 140.71
N THR S 311 -36.94 -21.52 141.25
CA THR S 311 -36.63 -22.11 142.55
C THR S 311 -36.09 -23.55 142.45
N ALA S 312 -35.87 -24.06 141.25
CA ALA S 312 -35.39 -25.43 141.05
C ALA S 312 -34.04 -25.63 141.71
N THR S 313 -33.94 -26.69 142.53
CA THR S 313 -32.69 -27.02 143.19
C THR S 313 -31.67 -27.52 142.19
N ALA S 314 -32.00 -28.59 141.48
CA ALA S 314 -31.13 -29.19 140.48
C ALA S 314 -31.83 -29.20 139.14
N GLY S 315 -31.15 -29.73 138.13
CA GLY S 315 -31.68 -29.79 136.78
C GLY S 315 -31.03 -28.78 135.86
N GLN S 316 -31.07 -29.09 134.56
CA GLN S 316 -30.45 -28.25 133.55
C GLN S 316 -30.94 -28.60 132.15
N VAL S 317 -30.38 -27.93 131.15
CA VAL S 317 -30.69 -28.20 129.75
C VAL S 317 -29.39 -28.22 128.96
N ALA S 318 -29.31 -29.09 127.97
CA ALA S 318 -28.15 -29.21 127.10
C ALA S 318 -28.47 -28.63 125.73
N VAL S 319 -27.44 -28.51 124.89
CA VAL S 319 -27.59 -27.96 123.55
C VAL S 319 -26.66 -28.73 122.61
N LYS S 320 -27.14 -28.96 121.38
CA LYS S 320 -26.38 -29.71 120.39
C LYS S 320 -26.37 -29.03 119.04
N VAL S 321 -25.98 -27.75 118.97
CA VAL S 321 -26.03 -26.94 117.76
C VAL S 321 -25.42 -27.67 116.57
N GLN S 322 -26.17 -27.77 115.48
CA GLN S 322 -25.64 -28.38 114.26
C GLN S 322 -24.98 -27.33 113.38
N GLY S 323 -24.29 -27.81 112.35
CA GLY S 323 -23.64 -26.92 111.41
C GLY S 323 -23.95 -27.26 109.96
N SER S 324 -23.09 -26.83 109.05
CA SER S 324 -23.27 -27.19 107.64
C SER S 324 -23.10 -28.69 107.43
N ASP S 325 -22.39 -29.36 108.34
CA ASP S 325 -22.24 -30.81 108.26
C ASP S 325 -23.56 -31.56 108.44
N GLY S 326 -24.56 -30.90 109.02
CA GLY S 326 -25.87 -31.52 109.17
C GLY S 326 -26.06 -32.26 110.48
N LYS S 327 -25.04 -32.99 110.92
CA LYS S 327 -25.16 -33.76 112.15
C LYS S 327 -25.05 -32.87 113.38
N PHE S 328 -25.99 -33.01 114.31
CA PHE S 328 -25.95 -32.27 115.56
C PHE S 328 -24.77 -32.71 116.40
N GLU S 329 -24.11 -31.76 117.06
CA GLU S 329 -22.95 -32.06 117.90
C GLU S 329 -23.31 -33.06 119.00
N ALA S 330 -22.50 -34.10 119.12
CA ALA S 330 -22.76 -35.17 120.08
C ALA S 330 -22.61 -34.69 121.52
N ALA S 331 -22.03 -33.51 121.70
CA ALA S 331 -21.80 -32.97 123.04
C ALA S 331 -23.11 -32.55 123.69
N ALA S 332 -23.07 -32.27 124.99
CA ALA S 332 -24.27 -31.85 125.73
C ALA S 332 -23.99 -30.64 126.61
N LYS S 333 -23.32 -29.62 126.05
CA LYS S 333 -22.88 -28.46 126.82
C LYS S 333 -24.04 -27.74 127.50
N ASN S 334 -23.87 -27.42 128.77
CA ASN S 334 -24.92 -26.79 129.56
C ASN S 334 -25.03 -25.31 129.24
N VAL S 335 -26.27 -24.83 129.13
CA VAL S 335 -26.53 -23.40 128.94
C VAL S 335 -27.27 -22.86 130.15
N VAL S 336 -28.38 -23.50 130.54
CA VAL S 336 -29.10 -23.09 131.74
C VAL S 336 -29.09 -24.23 132.75
N ALA S 337 -28.65 -23.94 133.97
CA ALA S 337 -28.56 -24.95 135.01
C ALA S 337 -29.04 -24.37 136.33
N ALA S 338 -29.64 -25.23 137.15
CA ALA S 338 -30.08 -24.83 138.47
C ALA S 338 -28.91 -24.83 139.44
N GLY S 339 -29.11 -24.29 140.64
CA GLY S 339 -28.04 -24.19 141.62
C GLY S 339 -26.84 -23.42 141.09
N THR S 340 -25.75 -24.11 140.85
CA THR S 340 -24.55 -23.51 140.26
C THR S 340 -24.79 -23.34 138.77
N ALA S 341 -25.05 -22.10 138.34
CA ALA S 341 -25.32 -21.83 136.94
C ALA S 341 -24.09 -22.10 136.09
N ALA S 342 -24.32 -22.39 134.81
CA ALA S 342 -23.23 -22.67 133.88
C ALA S 342 -22.56 -21.39 133.41
N THR S 343 -21.65 -21.51 132.44
CA THR S 343 -20.94 -20.34 131.92
C THR S 343 -21.35 -20.07 130.48
N THR S 344 -21.26 -21.08 129.63
CA THR S 344 -21.62 -20.92 128.22
C THR S 344 -23.12 -20.66 128.06
N THR S 345 -23.47 -19.46 127.62
CA THR S 345 -24.86 -19.09 127.42
C THR S 345 -25.14 -18.46 126.07
N ILE S 346 -24.13 -18.03 125.33
CA ILE S 346 -24.34 -17.41 124.03
C ILE S 346 -24.33 -18.49 122.95
N VAL S 347 -25.51 -19.04 122.64
CA VAL S 347 -25.63 -20.04 121.59
C VAL S 347 -25.51 -19.35 120.23
N THR S 348 -24.50 -19.73 119.46
CA THR S 348 -24.26 -19.15 118.15
C THR S 348 -24.33 -20.24 117.10
N GLY S 349 -24.90 -19.91 115.93
CA GLY S 349 -25.02 -20.84 114.84
C GLY S 349 -23.81 -20.83 113.94
N TYR S 350 -23.96 -21.52 112.80
CA TYR S 350 -22.91 -21.59 111.80
C TYR S 350 -23.17 -20.61 110.68
N VAL S 351 -22.09 -20.09 110.09
CA VAL S 351 -22.16 -19.01 109.12
C VAL S 351 -21.66 -19.54 107.78
N GLN S 352 -21.94 -20.80 107.49
CA GLN S 352 -21.48 -21.45 106.27
C GLN S 352 -21.75 -20.58 105.05
N LEU S 353 -20.70 -20.39 104.23
CA LEU S 353 -20.76 -19.54 103.06
C LEU S 353 -21.12 -20.35 101.83
N ASN S 354 -21.21 -19.66 100.69
CA ASN S 354 -21.40 -20.26 99.38
C ASN S 354 -20.62 -19.44 98.36
N SER S 355 -19.88 -20.14 97.50
CA SER S 355 -19.08 -19.46 96.50
C SER S 355 -18.76 -20.37 95.33
N PRO S 356 -19.05 -19.95 94.09
CA PRO S 356 -18.71 -20.80 92.94
C PRO S 356 -17.21 -20.94 92.73
N THR S 357 -16.47 -19.83 92.79
CA THR S 357 -15.03 -19.87 92.54
C THR S 357 -14.31 -20.35 93.81
N ALA S 358 -12.99 -20.41 93.74
CA ALA S 358 -12.16 -20.89 94.85
C ALA S 358 -11.71 -19.70 95.69
N TYR S 359 -11.95 -19.76 96.99
CA TYR S 359 -11.60 -18.71 97.93
C TYR S 359 -10.51 -19.20 98.88
N SER S 360 -10.17 -18.35 99.84
CA SER S 360 -9.21 -18.70 100.88
C SER S 360 -9.45 -17.81 102.09
N VAL S 361 -9.76 -18.43 103.23
CA VAL S 361 -10.09 -17.72 104.45
C VAL S 361 -8.97 -17.92 105.46
N SER S 362 -8.56 -16.82 106.11
CA SER S 362 -7.52 -16.87 107.11
C SER S 362 -7.84 -15.86 108.20
N GLY S 363 -7.06 -15.91 109.29
CA GLY S 363 -7.26 -15.02 110.41
C GLY S 363 -6.20 -15.16 111.47
N THR S 364 -5.82 -14.03 112.08
CA THR S 364 -4.79 -14.05 113.12
C THR S 364 -5.31 -14.70 114.39
N GLY S 365 -4.55 -15.64 114.92
CA GLY S 365 -4.89 -16.31 116.15
C GLY S 365 -6.16 -17.14 116.08
N THR S 366 -7.11 -16.85 116.98
CA THR S 366 -8.34 -17.61 117.07
C THR S 366 -9.50 -16.97 116.33
N GLN S 367 -9.29 -15.81 115.71
CA GLN S 367 -10.36 -15.09 115.01
C GLN S 367 -10.98 -15.94 113.91
N ALA S 368 -10.16 -16.72 113.20
CA ALA S 368 -10.67 -17.54 112.11
C ALA S 368 -11.18 -18.89 112.60
N SER S 369 -10.44 -19.51 113.52
CA SER S 369 -10.79 -20.84 114.00
C SER S 369 -12.12 -20.85 114.74
N GLN S 370 -12.45 -19.75 115.41
CA GLN S 370 -13.69 -19.69 116.16
C GLN S 370 -14.92 -19.75 115.25
N VAL S 371 -14.72 -19.52 113.95
CA VAL S 371 -15.83 -19.52 113.01
C VAL S 371 -15.73 -20.66 112.00
N PHE S 372 -14.52 -20.96 111.53
CA PHE S 372 -14.33 -21.95 110.47
C PHE S 372 -13.41 -23.08 110.91
N GLY S 373 -12.78 -22.96 112.06
CA GLY S 373 -11.91 -24.01 112.54
C GLY S 373 -10.65 -24.13 111.72
N ASN S 374 -10.30 -25.38 111.41
CA ASN S 374 -9.04 -25.69 110.73
C ASN S 374 -9.08 -25.29 109.26
N ALA S 375 -10.27 -24.95 108.75
CA ALA S 375 -10.48 -24.56 107.36
C ALA S 375 -9.41 -23.57 106.89
N SER S 376 -8.77 -23.86 105.76
CA SER S 376 -7.68 -23.03 105.29
C SER S 376 -8.02 -22.29 103.99
N ALA S 377 -8.38 -23.02 102.94
CA ALA S 377 -8.70 -22.33 101.69
C ALA S 377 -10.13 -22.55 101.23
N ALA S 378 -10.50 -23.80 100.95
CA ALA S 378 -11.78 -24.12 100.32
C ALA S 378 -11.91 -25.64 100.25
N GLN S 379 -12.98 -26.08 99.58
CA GLN S 379 -13.18 -27.47 99.20
C GLN S 379 -13.65 -27.55 97.76
N LYS S 380 -14.10 -28.72 97.32
CA LYS S 380 -14.48 -28.88 95.91
C LYS S 380 -15.95 -29.24 95.78
N SER S 381 -16.47 -29.98 96.76
CA SER S 381 -17.87 -30.36 96.90
C SER S 381 -18.30 -31.44 95.92
N SER S 382 -17.48 -31.70 94.90
CA SER S 382 -17.54 -32.90 94.06
C SER S 382 -18.96 -33.36 93.76
N VAL S 383 -19.77 -32.55 93.09
CA VAL S 383 -21.21 -32.82 93.06
C VAL S 383 -21.55 -33.96 92.11
N ALA S 384 -21.62 -35.16 92.67
CA ALA S 384 -22.30 -36.31 92.06
C ALA S 384 -23.12 -37.00 93.13
N SER S 385 -22.73 -36.77 94.39
CA SER S 385 -23.25 -37.31 95.64
C SER S 385 -24.39 -36.49 96.22
N VAL S 386 -25.19 -35.85 95.38
CA VAL S 386 -26.27 -34.96 95.82
C VAL S 386 -27.10 -35.61 96.92
N ASP S 387 -27.31 -36.93 96.84
CA ASP S 387 -28.18 -37.65 97.77
C ASP S 387 -29.50 -36.90 97.86
N ILE S 388 -30.21 -36.80 96.73
CA ILE S 388 -31.36 -35.90 96.64
C ILE S 388 -32.52 -36.42 97.47
N SER S 389 -32.45 -37.68 97.90
CA SER S 389 -33.50 -38.29 98.71
C SER S 389 -33.67 -37.57 100.05
N THR S 390 -32.57 -37.39 100.78
CA THR S 390 -32.64 -36.84 102.12
C THR S 390 -32.69 -35.31 102.06
N ALA S 391 -33.36 -34.72 103.05
CA ALA S 391 -33.69 -33.29 103.03
C ALA S 391 -32.45 -32.39 103.01
N ASP S 392 -31.61 -32.49 104.04
CA ASP S 392 -30.42 -31.65 104.12
C ASP S 392 -29.53 -31.85 102.89
N GLY S 393 -29.46 -33.09 102.41
CA GLY S 393 -28.78 -33.38 101.17
C GLY S 393 -29.37 -32.59 100.02
N ALA S 394 -30.70 -32.49 99.99
CA ALA S 394 -31.39 -31.75 98.93
C ALA S 394 -31.06 -30.26 99.00
N GLN S 395 -31.04 -29.69 100.22
CA GLN S 395 -30.72 -28.28 100.35
C GLN S 395 -29.27 -28.01 99.93
N ASN S 396 -28.36 -28.88 100.35
CA ASN S 396 -26.97 -28.75 99.91
C ASN S 396 -26.85 -28.89 98.41
N ALA S 397 -27.70 -29.74 97.81
CA ALA S 397 -27.70 -29.88 96.36
C ALA S 397 -28.16 -28.59 95.69
N ILE S 398 -29.21 -27.97 96.22
CA ILE S 398 -29.69 -26.70 95.66
C ILE S 398 -28.56 -25.68 95.74
N ALA S 399 -27.88 -25.63 96.89
CA ALA S 399 -26.78 -24.69 97.06
C ALA S 399 -25.66 -24.93 96.04
N VAL S 400 -25.24 -26.19 95.88
CA VAL S 400 -24.09 -26.48 95.03
C VAL S 400 -24.45 -26.28 93.56
N VAL S 401 -25.71 -26.53 93.19
CA VAL S 401 -26.09 -26.30 91.81
C VAL S 401 -26.30 -24.82 91.55
N ASP S 402 -26.66 -24.04 92.57
CA ASP S 402 -26.68 -22.59 92.42
C ASP S 402 -25.28 -22.08 92.14
N ASN S 403 -24.30 -22.55 92.93
CA ASN S 403 -22.90 -22.19 92.66
C ASN S 403 -22.45 -22.67 91.29
N ALA S 404 -22.90 -23.85 90.85
CA ALA S 404 -22.54 -24.35 89.53
C ALA S 404 -23.13 -23.48 88.44
N LEU S 405 -24.37 -23.02 88.62
CA LEU S 405 -24.96 -22.08 87.68
C LEU S 405 -24.17 -20.78 87.62
N ALA S 406 -23.73 -20.29 88.78
CA ALA S 406 -22.91 -19.08 88.80
C ALA S 406 -21.61 -19.29 88.04
N ALA S 407 -20.97 -20.44 88.24
CA ALA S 407 -19.71 -20.72 87.55
C ALA S 407 -19.91 -20.84 86.05
N ILE S 408 -20.96 -21.54 85.62
CA ILE S 408 -21.21 -21.71 84.20
C ILE S 408 -21.59 -20.38 83.56
N ASP S 409 -22.30 -19.52 84.31
CA ASP S 409 -22.63 -18.21 83.79
C ASP S 409 -21.38 -17.35 83.64
N ALA S 410 -20.45 -17.46 84.59
CA ALA S 410 -19.18 -16.75 84.46
C ALA S 410 -18.40 -17.25 83.25
N GLN S 411 -18.40 -18.56 83.02
CA GLN S 411 -17.70 -19.13 81.86
C GLN S 411 -18.35 -18.65 80.56
N ARG S 412 -19.67 -18.62 80.51
CA ARG S 412 -20.35 -18.09 79.34
C ARG S 412 -20.05 -16.61 79.16
N ALA S 413 -19.84 -15.88 80.26
CA ALA S 413 -19.43 -14.49 80.17
C ALA S 413 -18.06 -14.35 79.53
N ASP S 414 -17.10 -15.16 79.96
CA ASP S 414 -15.79 -15.17 79.29
C ASP S 414 -15.94 -15.51 77.82
N LEU S 415 -16.80 -16.47 77.49
CA LEU S 415 -16.97 -16.88 76.11
C LEU S 415 -17.57 -15.76 75.26
N ALA S 416 -18.58 -15.07 75.79
CA ALA S 416 -19.17 -13.95 75.08
C ALA S 416 -18.15 -12.83 74.92
N ALA S 417 -17.34 -12.59 75.95
CA ALA S 417 -16.30 -11.56 75.86
C ALA S 417 -15.31 -11.90 74.75
N VAL S 418 -14.84 -13.15 74.70
CA VAL S 418 -13.80 -13.49 73.72
C VAL S 418 -14.38 -13.53 72.32
N GLN S 419 -15.66 -13.89 72.18
CA GLN S 419 -16.24 -13.89 70.84
C GLN S 419 -16.52 -12.47 70.34
N ASN S 420 -16.96 -11.57 71.20
CA ASN S 420 -17.08 -10.17 70.81
C ASN S 420 -15.71 -9.59 70.48
N ARG S 421 -14.69 -9.99 71.25
CA ARG S 421 -13.33 -9.58 70.97
C ARG S 421 -12.88 -10.07 69.59
N PHE S 422 -13.21 -11.32 69.26
CA PHE S 422 -12.85 -11.86 67.95
C PHE S 422 -13.60 -11.12 66.83
N LYS S 423 -14.85 -10.75 67.08
CA LYS S 423 -15.61 -10.00 66.07
C LYS S 423 -14.97 -8.64 65.81
N ASN S 424 -14.65 -7.90 66.89
CA ASN S 424 -13.97 -6.62 66.72
C ASN S 424 -12.64 -6.81 66.01
N THR S 425 -11.91 -7.87 66.34
CA THR S 425 -10.61 -8.10 65.75
C THR S 425 -10.72 -8.43 64.26
N ILE S 426 -11.71 -9.23 63.87
CA ILE S 426 -11.85 -9.59 62.47
C ILE S 426 -12.29 -8.38 61.66
N ASP S 427 -13.14 -7.53 62.24
CA ASP S 427 -13.52 -6.31 61.53
C ASP S 427 -12.30 -5.41 61.33
N ASN S 428 -11.54 -5.15 62.40
CA ASN S 428 -10.35 -4.32 62.29
C ASN S 428 -9.36 -4.92 61.30
N LEU S 429 -9.24 -6.25 61.30
CA LEU S 429 -8.23 -6.90 60.48
C LEU S 429 -8.60 -6.87 59.00
N THR S 430 -9.87 -7.08 58.68
CA THR S 430 -10.29 -6.96 57.29
C THR S 430 -10.17 -5.52 56.81
N ASN S 431 -10.44 -4.55 57.70
CA ASN S 431 -10.23 -3.15 57.33
C ASN S 431 -8.76 -2.88 57.00
N ILE S 432 -7.86 -3.34 57.89
CA ILE S 432 -6.43 -3.10 57.67
C ILE S 432 -5.95 -3.81 56.41
N SER S 433 -6.48 -5.01 56.14
CA SER S 433 -6.07 -5.73 54.94
C SER S 433 -6.55 -5.03 53.68
N GLU S 434 -7.77 -4.50 53.70
CA GLU S 434 -8.26 -3.75 52.54
C GLU S 434 -7.43 -2.51 52.31
N ASN S 435 -7.06 -1.80 53.38
CA ASN S 435 -6.26 -0.59 53.23
C ASN S 435 -4.85 -0.93 52.73
N ALA S 436 -4.29 -2.03 53.21
CA ALA S 436 -2.97 -2.45 52.74
C ALA S 436 -3.01 -2.89 51.29
N THR S 437 -4.10 -3.54 50.86
CA THR S 437 -4.24 -3.89 49.45
C THR S 437 -4.38 -2.64 48.59
N ASN S 438 -5.07 -1.62 49.11
CA ASN S 438 -5.16 -0.36 48.39
C ASN S 438 -3.78 0.27 48.23
N ALA S 439 -2.97 0.23 49.29
CA ALA S 439 -1.61 0.74 49.22
C ALA S 439 -0.78 -0.05 48.20
N ARG S 440 -0.89 -1.37 48.23
CA ARG S 440 -0.15 -2.20 47.28
C ARG S 440 -0.58 -1.93 45.86
N SER S 441 -1.86 -1.64 45.64
CA SER S 441 -2.34 -1.32 44.30
C SER S 441 -1.80 0.03 43.85
N ARG S 442 -1.80 1.02 44.75
CA ARG S 442 -1.24 2.32 44.41
C ARG S 442 0.25 2.25 44.11
N ILE S 443 0.98 1.36 44.77
CA ILE S 443 2.42 1.29 44.57
C ILE S 443 2.83 0.31 43.47
N LYS S 444 1.97 -0.62 43.10
CA LYS S 444 2.29 -1.65 42.11
C LYS S 444 1.46 -1.59 40.85
N ASP S 445 0.13 -1.56 40.97
CA ASP S 445 -0.72 -1.57 39.79
C ASP S 445 -0.47 -0.34 38.95
N THR S 446 -0.03 -0.54 37.72
CA THR S 446 0.33 0.56 36.85
C THR S 446 -0.89 1.39 36.49
N ASP S 447 -0.74 2.71 36.52
CA ASP S 447 -1.76 3.63 36.02
C ASP S 447 -1.61 3.76 34.50
N PHE S 448 -1.87 2.64 33.81
CA PHE S 448 -1.54 2.52 32.40
C PHE S 448 -2.35 3.43 31.50
N ALA S 449 -3.24 4.25 32.05
CA ALA S 449 -3.91 5.27 31.24
C ALA S 449 -2.92 6.17 30.52
N ALA S 450 -1.72 6.35 31.08
CA ALA S 450 -0.62 7.02 30.40
C ALA S 450 0.40 6.07 29.82
N GLU S 451 0.46 4.83 30.31
CA GLU S 451 1.39 3.85 29.78
C GLU S 451 1.02 3.41 28.36
N THR S 452 -0.27 3.34 28.03
CA THR S 452 -0.63 3.07 26.65
C THR S 452 -0.16 4.18 25.72
N ALA S 453 -0.29 5.44 26.17
CA ALA S 453 0.21 6.55 25.37
C ALA S 453 1.73 6.49 25.23
N ALA S 454 2.42 6.14 26.31
CA ALA S 454 3.87 6.00 26.26
C ALA S 454 4.28 4.88 25.31
N LEU S 455 3.50 3.79 25.29
CA LEU S 455 3.79 2.67 24.40
C LEU S 455 3.57 3.06 22.95
N SER S 456 2.50 3.81 22.67
CA SER S 456 2.27 4.28 21.31
C SER S 456 3.37 5.23 20.87
N LYS S 457 3.83 6.10 21.78
CA LYS S 457 4.96 6.97 21.49
C LYS S 457 6.21 6.17 21.18
N ASN S 458 6.49 5.13 21.97
CA ASN S 458 7.65 4.29 21.72
C ASN S 458 7.52 3.59 20.37
N GLN S 459 6.32 3.16 20.02
CA GLN S 459 6.12 2.44 18.75
C GLN S 459 6.32 3.37 17.57
N VAL S 460 5.78 4.59 17.63
CA VAL S 460 5.94 5.51 16.52
C VAL S 460 7.40 5.96 16.42
N LEU S 461 8.07 6.09 17.56
CA LEU S 461 9.49 6.41 17.53
C LEU S 461 10.29 5.29 16.91
N GLN S 462 9.94 4.04 17.21
CA GLN S 462 10.63 2.89 16.62
C GLN S 462 10.44 2.85 15.11
N GLN S 463 9.20 3.02 14.65
CA GLN S 463 8.96 2.99 13.21
C GLN S 463 9.63 4.18 12.52
N ALA S 464 9.68 5.34 13.19
CA ALA S 464 10.38 6.48 12.63
C ALA S 464 11.87 6.21 12.52
N GLY S 465 12.44 5.56 13.53
CA GLY S 465 13.86 5.21 13.46
C GLY S 465 14.15 4.21 12.36
N THR S 466 13.25 3.24 12.16
CA THR S 466 13.42 2.29 11.06
C THR S 466 13.38 3.01 9.72
N ALA S 467 12.42 3.90 9.53
CA ALA S 467 12.36 4.66 8.29
C ALA S 467 13.59 5.54 8.12
N ILE S 468 14.09 6.10 9.22
CA ILE S 468 15.28 6.95 9.15
C ILE S 468 16.50 6.14 8.71
N LEU S 469 16.67 4.93 9.26
CA LEU S 469 17.75 4.06 8.80
C LEU S 469 17.57 3.72 7.33
N ALA S 470 16.36 3.34 6.92
CA ALA S 470 16.13 2.97 5.53
C ALA S 470 16.41 4.13 4.59
N GLN S 471 16.22 5.37 5.06
CA GLN S 471 16.47 6.53 4.21
C GLN S 471 17.93 6.94 4.23
N ALA S 472 18.61 6.76 5.36
CA ALA S 472 19.98 7.26 5.51
C ALA S 472 21.01 6.27 4.96
N ASN S 473 20.70 4.98 4.98
CA ASN S 473 21.65 3.99 4.47
C ASN S 473 21.76 4.03 2.96
N GLN S 474 20.92 4.84 2.31
CA GLN S 474 20.97 5.02 0.86
C GLN S 474 21.78 6.22 0.42
N LEU S 475 22.34 6.98 1.37
CA LEU S 475 23.13 8.16 1.01
C LEU S 475 24.45 7.81 0.35
N PRO S 476 25.33 7.00 0.95
CA PRO S 476 26.65 6.80 0.33
C PRO S 476 26.60 6.07 -0.99
N GLN S 477 25.67 5.14 -1.18
CA GLN S 477 25.58 4.43 -2.45
C GLN S 477 25.29 5.40 -3.59
N ALA S 478 24.33 6.31 -3.38
CA ALA S 478 24.02 7.30 -4.40
C ALA S 478 25.18 8.28 -4.57
N VAL S 479 25.82 8.66 -3.47
CA VAL S 479 26.96 9.59 -3.53
C VAL S 479 28.05 9.03 -4.43
N LEU S 480 28.42 7.77 -4.19
CA LEU S 480 29.50 7.16 -4.98
C LEU S 480 29.05 6.86 -6.41
N SER S 481 27.80 6.45 -6.63
CA SER S 481 27.35 6.15 -7.98
C SER S 481 27.29 7.40 -8.83
N LEU S 482 27.02 8.56 -8.22
CA LEU S 482 26.98 9.80 -8.97
C LEU S 482 28.34 10.48 -9.09
N LEU S 483 29.22 10.30 -8.10
CA LEU S 483 30.53 10.94 -8.11
C LEU S 483 31.58 10.12 -8.86
N ARG S 484 31.19 9.05 -9.54
CA ARG S 484 32.14 8.23 -10.29
C ARG S 484 31.81 8.26 -11.78
N VAL T 1 70.54 20.58 -31.29
CA VAL T 1 70.50 19.81 -30.06
C VAL T 1 69.81 18.48 -30.31
N ASN T 2 70.59 17.40 -30.40
CA ASN T 2 70.03 16.08 -30.68
C ASN T 2 70.53 14.97 -29.78
N THR T 3 71.70 15.08 -29.14
CA THR T 3 72.18 13.99 -28.29
C THR T 3 71.36 13.83 -27.02
N ASN T 4 70.58 14.83 -26.65
CA ASN T 4 69.68 14.75 -25.50
C ASN T 4 68.68 15.89 -25.62
N ILE T 5 67.47 15.64 -25.12
CA ILE T 5 66.37 16.60 -25.21
C ILE T 5 65.98 16.99 -23.80
N ALA T 6 65.91 18.30 -23.54
CA ALA T 6 65.63 18.79 -22.21
C ALA T 6 64.17 18.63 -21.80
N SER T 7 63.35 17.96 -22.61
CA SER T 7 61.93 17.82 -22.28
C SER T 7 61.67 16.80 -21.18
N LEU T 8 62.70 16.23 -20.56
CA LEU T 8 62.48 15.25 -19.51
C LEU T 8 61.94 15.87 -18.22
N ASN T 9 61.84 17.20 -18.14
CA ASN T 9 61.06 17.80 -17.08
C ASN T 9 59.61 17.36 -17.15
N THR T 10 59.09 17.21 -18.37
CA THR T 10 57.75 16.66 -18.54
C THR T 10 57.68 15.22 -18.09
N GLN T 11 58.75 14.45 -18.32
CA GLN T 11 58.80 13.08 -17.83
C GLN T 11 58.78 13.04 -16.30
N ARG T 12 59.52 13.94 -15.67
CA ARG T 12 59.52 14.01 -14.20
C ARG T 12 58.14 14.37 -13.67
N ASN T 13 57.51 15.37 -14.29
CA ASN T 13 56.16 15.75 -13.85
C ASN T 13 55.16 14.63 -14.10
N LEU T 14 55.34 13.86 -15.17
CA LEU T 14 54.49 12.69 -15.40
C LEU T 14 54.69 11.65 -14.32
N ASN T 15 55.94 11.41 -13.91
CA ASN T 15 56.22 10.47 -12.83
C ASN T 15 55.55 10.92 -11.54
N ALA T 16 55.71 12.20 -11.20
CA ALA T 16 55.11 12.72 -9.97
C ALA T 16 53.58 12.63 -10.02
N SER T 17 52.98 13.02 -11.15
CA SER T 17 51.54 12.96 -11.27
C SER T 17 51.04 11.52 -11.24
N SER T 18 51.84 10.58 -11.75
CA SER T 18 51.42 9.18 -11.71
C SER T 18 51.48 8.63 -10.29
N ASN T 19 52.51 9.01 -9.52
CA ASN T 19 52.55 8.61 -8.12
C ASN T 19 51.38 9.20 -7.35
N ASP T 20 51.06 10.48 -7.61
CA ASP T 20 49.91 11.11 -6.98
C ASP T 20 48.63 10.39 -7.40
N LEU T 21 48.54 9.98 -8.66
CA LEU T 21 47.39 9.23 -9.14
C LEU T 21 47.26 7.89 -8.39
N ASN T 22 48.38 7.20 -8.21
CA ASN T 22 48.35 5.93 -7.49
C ASN T 22 47.84 6.12 -6.06
N THR T 23 48.42 7.08 -5.33
CA THR T 23 48.02 7.24 -3.94
C THR T 23 46.57 7.73 -3.83
N SER T 24 46.13 8.59 -4.76
CA SER T 24 44.76 9.08 -4.71
C SER T 24 43.76 7.98 -5.06
N LEU T 25 44.07 7.17 -6.07
CA LEU T 25 43.20 6.06 -6.43
C LEU T 25 43.14 5.05 -5.30
N GLN T 26 44.26 4.83 -4.60
CA GLN T 26 44.25 3.94 -3.44
C GLN T 26 43.37 4.50 -2.34
N ARG T 27 43.49 5.80 -2.05
CA ARG T 27 42.63 6.44 -1.07
C ARG T 27 41.15 6.28 -1.44
N LEU T 28 40.84 6.39 -2.73
CA LEU T 28 39.45 6.32 -3.16
C LEU T 28 38.91 4.90 -3.08
N THR T 29 39.70 3.90 -3.49
CA THR T 29 39.21 2.53 -3.45
C THR T 29 39.21 1.96 -2.04
N THR T 30 39.98 2.57 -1.12
CA THR T 30 39.96 2.16 0.27
C THR T 30 39.03 3.01 1.11
N GLY T 31 38.76 4.25 0.70
CA GLY T 31 37.92 5.14 1.45
C GLY T 31 38.60 5.85 2.60
N TYR T 32 39.91 5.71 2.74
CA TYR T 32 40.67 6.32 3.83
C TYR T 32 41.57 7.40 3.25
N ARG T 33 41.40 8.64 3.72
CA ARG T 33 42.33 9.69 3.33
C ARG T 33 43.74 9.35 3.80
N ILE T 34 43.88 8.99 5.07
CA ILE T 34 45.12 8.38 5.54
C ILE T 34 45.04 6.88 5.33
N ASN T 35 45.78 6.38 4.34
CA ASN T 35 45.82 4.96 4.06
C ASN T 35 46.47 4.22 5.23
N SER T 36 46.28 2.89 5.23
CA SER T 36 47.04 2.04 6.15
C SER T 36 48.54 2.13 5.91
N ALA T 37 48.95 2.86 4.88
CA ALA T 37 50.36 3.02 4.55
C ALA T 37 51.01 4.06 5.47
N LYS T 38 52.19 4.52 5.03
CA LYS T 38 53.05 5.34 5.89
C LYS T 38 52.42 6.66 6.29
N ASP T 39 51.51 7.20 5.48
CA ASP T 39 51.20 8.62 5.54
C ASP T 39 50.64 9.03 6.89
N ASP T 40 51.09 10.20 7.37
CA ASP T 40 50.59 10.83 8.60
C ASP T 40 50.75 9.90 9.80
N ALA T 41 52.01 9.64 10.13
CA ALA T 41 52.34 8.79 11.27
C ALA T 41 51.58 9.21 12.53
N ALA T 42 51.41 10.51 12.75
CA ALA T 42 50.60 10.97 13.87
C ALA T 42 49.14 10.53 13.71
N GLY T 43 48.56 10.81 12.54
CA GLY T 43 47.21 10.35 12.28
C GLY T 43 47.09 8.84 12.31
N LEU T 44 48.13 8.14 11.84
CA LEU T 44 48.12 6.68 11.90
C LEU T 44 48.06 6.18 13.34
N GLN T 45 48.90 6.76 14.22
CA GLN T 45 48.89 6.37 15.62
C GLN T 45 47.54 6.69 16.27
N ILE T 46 47.00 7.88 15.99
CA ILE T 46 45.72 8.26 16.58
C ILE T 46 44.62 7.31 16.12
N SER T 47 44.60 6.97 14.83
CA SER T 47 43.58 6.08 14.31
C SER T 47 43.72 4.68 14.90
N ASN T 48 44.96 4.21 15.06
CA ASN T 48 45.17 2.89 15.65
C ASN T 48 44.68 2.85 17.09
N ARG T 49 45.02 3.86 17.89
CA ARG T 49 44.59 3.88 19.28
C ARG T 49 43.07 4.02 19.38
N LEU T 50 42.46 4.82 18.51
CA LEU T 50 41.01 4.98 18.55
C LEU T 50 40.30 3.72 18.12
N SER T 51 40.86 3.00 17.14
CA SER T 51 40.26 1.73 16.72
C SER T 51 40.36 0.70 17.84
N ASN T 52 41.52 0.62 18.49
CA ASN T 52 41.66 -0.24 19.66
C ASN T 52 40.62 0.11 20.71
N GLN T 53 40.43 1.41 20.94
CA GLN T 53 39.48 1.86 21.94
C GLN T 53 38.05 1.42 21.60
N ILE T 54 37.61 1.66 20.37
CA ILE T 54 36.23 1.36 20.03
C ILE T 54 35.99 -0.15 20.01
N SER T 55 37.00 -0.92 19.58
CA SER T 55 36.85 -2.37 19.61
C SER T 55 36.75 -2.88 21.03
N GLY T 56 37.59 -2.36 21.93
CA GLY T 56 37.48 -2.72 23.33
C GLY T 56 36.14 -2.33 23.92
N LEU T 57 35.63 -1.17 23.54
CA LEU T 57 34.32 -0.74 24.05
C LEU T 57 33.20 -1.62 23.54
N ASN T 58 33.29 -2.10 22.30
CA ASN T 58 32.26 -2.99 21.76
C ASN T 58 32.29 -4.34 22.48
N VAL T 59 33.48 -4.93 22.62
CA VAL T 59 33.54 -6.21 23.32
C VAL T 59 33.16 -6.05 24.79
N ALA T 60 33.39 -4.87 25.37
CA ALA T 60 32.97 -4.63 26.74
C ALA T 60 31.46 -4.46 26.82
N THR T 61 30.85 -3.86 25.79
CA THR T 61 29.40 -3.81 25.71
C THR T 61 28.80 -5.22 25.68
N ARG T 62 29.43 -6.11 24.90
CA ARG T 62 28.93 -7.49 24.84
C ARG T 62 29.12 -8.20 26.18
N ASN T 63 30.26 -7.98 26.83
CA ASN T 63 30.48 -8.56 28.16
C ASN T 63 29.45 -8.02 29.16
N ALA T 64 29.09 -6.75 29.02
CA ALA T 64 28.09 -6.16 29.91
C ALA T 64 26.71 -6.74 29.65
N ASN T 65 26.39 -7.03 28.39
CA ASN T 65 25.14 -7.73 28.10
C ASN T 65 25.13 -9.10 28.73
N ASP T 66 26.24 -9.83 28.63
CA ASP T 66 26.35 -11.12 29.31
C ASP T 66 26.11 -10.95 30.81
N GLY T 67 26.70 -9.91 31.40
CA GLY T 67 26.56 -9.69 32.82
C GLY T 67 25.14 -9.36 33.24
N ILE T 68 24.45 -8.52 32.47
CA ILE T 68 23.08 -8.17 32.81
C ILE T 68 22.17 -9.38 32.65
N SER T 69 22.46 -10.24 31.68
CA SER T 69 21.69 -11.48 31.56
C SER T 69 21.90 -12.37 32.78
N LEU T 70 23.16 -12.54 33.19
CA LEU T 70 23.47 -13.29 34.40
C LEU T 70 22.72 -12.74 35.60
N ALA T 71 22.75 -11.42 35.77
CA ALA T 71 22.09 -10.79 36.91
C ALA T 71 20.58 -10.89 36.82
N GLN T 72 20.01 -10.94 35.62
CA GLN T 72 18.56 -11.08 35.52
C GLN T 72 18.13 -12.51 35.84
N THR T 73 18.96 -13.50 35.45
CA THR T 73 18.73 -14.85 35.94
C THR T 73 18.77 -14.91 37.46
N ALA T 74 19.77 -14.25 38.06
CA ALA T 74 19.89 -14.23 39.50
C ALA T 74 18.67 -13.56 40.14
N GLU T 75 18.18 -12.48 39.53
CA GLU T 75 17.02 -11.77 40.07
C GLU T 75 15.76 -12.62 39.97
N GLY T 76 15.61 -13.36 38.87
CA GLY T 76 14.48 -14.28 38.78
C GLY T 76 14.53 -15.35 39.84
N ALA T 77 15.69 -15.96 40.03
CA ALA T 77 15.83 -16.95 41.10
C ALA T 77 15.53 -16.34 42.46
N LEU T 78 15.98 -15.10 42.68
CA LEU T 78 15.73 -14.46 43.96
C LEU T 78 14.25 -14.16 44.19
N GLN T 79 13.53 -13.72 43.16
CA GLN T 79 12.11 -13.44 43.35
C GLN T 79 11.33 -14.74 43.56
N GLN T 80 11.77 -15.82 42.90
CA GLN T 80 11.13 -17.10 43.18
C GLN T 80 11.39 -17.54 44.62
N SER T 81 12.60 -17.30 45.13
CA SER T 81 12.86 -17.61 46.53
C SER T 81 12.02 -16.73 47.46
N THR T 82 11.76 -15.50 47.05
CA THR T 82 10.86 -14.65 47.85
C THR T 82 9.45 -15.23 47.87
N ASN T 83 8.99 -15.76 46.75
CA ASN T 83 7.70 -16.45 46.74
C ASN T 83 7.71 -17.65 47.69
N ILE T 84 8.79 -18.43 47.67
CA ILE T 84 8.91 -19.54 48.61
C ILE T 84 8.84 -19.04 50.04
N LEU T 85 9.52 -17.94 50.35
CA LEU T 85 9.56 -17.44 51.72
C LEU T 85 8.20 -16.94 52.18
N GLN T 86 7.48 -16.21 51.32
CA GLN T 86 6.16 -15.75 51.70
C GLN T 86 5.21 -16.93 51.87
N ARG T 87 5.38 -17.98 51.05
CA ARG T 87 4.58 -19.19 51.24
C ARG T 87 4.91 -19.86 52.56
N ILE T 88 6.18 -19.86 52.96
CA ILE T 88 6.54 -20.37 54.29
C ILE T 88 5.86 -19.54 55.38
N ARG T 89 5.79 -18.23 55.18
CA ARG T 89 5.10 -17.39 56.15
C ARG T 89 3.61 -17.75 56.25
N ASP T 90 2.97 -17.98 55.10
CA ASP T 90 1.56 -18.38 55.13
C ASP T 90 1.38 -19.70 55.86
N LEU T 91 2.21 -20.70 55.55
CA LEU T 91 2.09 -22.00 56.20
C LEU T 91 2.44 -21.91 57.68
N ALA T 92 3.28 -20.94 58.06
CA ALA T 92 3.65 -20.79 59.46
C ALA T 92 2.52 -20.16 60.26
N LEU T 93 1.88 -19.13 59.70
CA LEU T 93 0.73 -18.55 60.37
C LEU T 93 -0.46 -19.49 60.37
N GLN T 94 -0.58 -20.35 59.36
CA GLN T 94 -1.57 -21.42 59.41
C GLN T 94 -1.19 -22.46 60.43
N SER T 95 0.12 -22.63 60.67
CA SER T 95 0.63 -23.53 61.69
C SER T 95 0.31 -23.07 63.10
N ALA T 96 -0.25 -21.87 63.26
CA ALA T 96 -0.84 -21.51 64.55
C ALA T 96 -1.87 -22.54 64.97
N ASN T 97 -2.64 -23.06 64.01
CA ASN T 97 -3.52 -24.21 64.20
C ASN T 97 -4.55 -23.99 65.30
N GLY T 98 -4.80 -22.74 65.67
CA GLY T 98 -5.57 -22.46 66.87
C GLY T 98 -4.85 -22.96 68.11
N SER T 99 -3.60 -23.41 67.92
CA SER T 99 -2.69 -23.89 68.95
C SER T 99 -3.14 -25.23 69.53
N ASN T 100 -4.35 -25.67 69.19
CA ASN T 100 -4.75 -27.03 69.53
C ASN T 100 -5.65 -27.69 68.49
N SER T 101 -5.98 -27.01 67.38
CA SER T 101 -7.11 -27.46 66.58
C SER T 101 -6.71 -28.38 65.43
N ASP T 102 -5.51 -28.22 64.88
CA ASP T 102 -5.11 -28.95 63.68
C ASP T 102 -4.25 -30.14 64.10
N ALA T 103 -4.88 -31.32 64.15
CA ALA T 103 -4.14 -32.56 64.40
C ALA T 103 -3.25 -32.94 63.23
N ASP T 104 -3.37 -32.22 62.11
CA ASP T 104 -2.51 -32.43 60.94
C ASP T 104 -1.25 -31.60 61.00
N ARG T 105 -0.76 -31.30 62.20
CA ARG T 105 0.52 -30.61 62.35
C ARG T 105 1.66 -31.38 61.72
N ALA T 106 1.61 -32.71 61.72
CA ALA T 106 2.64 -33.49 61.03
C ALA T 106 2.59 -33.25 59.53
N ALA T 107 1.38 -33.19 58.95
CA ALA T 107 1.24 -32.91 57.54
C ALA T 107 1.73 -31.50 57.22
N LEU T 108 1.45 -30.54 58.11
CA LEU T 108 1.95 -29.18 57.92
C LEU T 108 3.48 -29.17 57.98
N GLN T 109 4.06 -29.95 58.88
CA GLN T 109 5.52 -30.01 59.00
C GLN T 109 6.15 -30.61 57.75
N LYS T 110 5.57 -31.68 57.22
CA LYS T 110 6.13 -32.27 56.00
C LYS T 110 5.93 -31.35 54.81
N GLU T 111 4.82 -30.59 54.79
CA GLU T 111 4.65 -29.57 53.76
C GLU T 111 5.75 -28.52 53.83
N VAL T 112 6.03 -28.02 55.04
CA VAL T 112 7.08 -27.02 55.21
C VAL T 112 8.43 -27.60 54.84
N ALA T 113 8.68 -28.88 55.15
CA ALA T 113 9.95 -29.50 54.81
C ALA T 113 10.09 -29.65 53.30
N ALA T 114 9.02 -30.02 52.62
CA ALA T 114 9.06 -30.10 51.16
C ALA T 114 9.30 -28.72 50.56
N GLN T 115 8.72 -27.67 51.16
CA GLN T 115 8.94 -26.33 50.65
C GLN T 115 10.39 -25.88 50.88
N GLN T 116 10.98 -26.23 52.02
CA GLN T 116 12.39 -25.94 52.25
C GLN T 116 13.29 -26.69 51.27
N ALA T 117 12.94 -27.94 50.96
CA ALA T 117 13.71 -28.69 49.96
C ALA T 117 13.58 -28.04 48.60
N GLU T 118 12.39 -27.54 48.26
CA GLU T 118 12.21 -26.82 47.00
C GLU T 118 13.02 -25.54 46.99
N LEU T 119 13.12 -24.86 48.13
CA LEU T 119 13.96 -23.68 48.22
C LEU T 119 15.43 -24.02 47.99
N THR T 120 15.91 -25.10 48.62
CA THR T 120 17.30 -25.50 48.42
C THR T 120 17.54 -25.95 46.98
N ARG T 121 16.51 -26.48 46.32
CA ARG T 121 16.63 -26.80 44.91
C ARG T 121 16.66 -25.55 44.04
N ILE T 122 15.90 -24.53 44.40
CA ILE T 122 15.98 -23.24 43.70
C ILE T 122 17.37 -22.64 43.88
N SER T 123 17.98 -22.87 45.05
CA SER T 123 19.37 -22.47 45.25
C SER T 123 20.26 -23.09 44.18
N ASP T 124 20.14 -24.38 43.95
CA ASP T 124 20.84 -25.06 42.87
C ASP T 124 20.03 -24.89 41.58
N THR T 125 20.39 -25.63 40.54
CA THR T 125 19.69 -25.66 39.25
C THR T 125 19.64 -24.29 38.59
N THR T 126 20.38 -23.31 39.12
CA THR T 126 20.54 -22.00 38.50
C THR T 126 21.90 -21.88 37.85
N THR T 127 22.40 -23.00 37.31
CA THR T 127 23.74 -23.07 36.73
C THR T 127 23.77 -22.38 35.37
N PHE T 128 24.01 -21.07 35.42
CA PHE T 128 24.18 -20.29 34.21
C PHE T 128 25.54 -20.59 33.62
N GLY T 129 25.70 -21.79 33.05
CA GLY T 129 26.97 -22.26 32.57
C GLY T 129 27.63 -23.32 33.43
N GLY T 130 26.86 -24.09 34.19
CA GLY T 130 27.43 -25.09 35.08
C GLY T 130 28.18 -24.47 36.24
N ARG T 131 27.79 -23.25 36.61
CA ARG T 131 28.49 -22.45 37.60
C ARG T 131 27.47 -21.82 38.56
N LYS T 132 26.62 -22.68 39.14
CA LYS T 132 25.42 -22.28 39.88
C LYS T 132 25.62 -21.00 40.68
N LEU T 133 24.71 -20.05 40.49
CA LEU T 133 25.01 -18.65 40.78
C LEU T 133 24.94 -18.35 42.28
N LEU T 134 23.75 -18.45 42.87
CA LEU T 134 23.55 -17.92 44.21
C LEU T 134 23.88 -18.90 45.31
N ASP T 135 23.95 -20.20 45.03
CA ASP T 135 24.26 -21.18 46.05
C ASP T 135 25.71 -21.65 45.93
N GLY T 136 26.08 -22.55 46.81
CA GLY T 136 27.44 -23.08 46.80
C GLY T 136 28.43 -22.01 47.22
N SER T 137 29.52 -21.90 46.46
CA SER T 137 30.58 -20.93 46.72
C SER T 137 30.74 -20.05 45.50
N PHE T 138 30.09 -18.89 45.52
CA PHE T 138 30.23 -17.90 44.47
C PHE T 138 31.43 -17.02 44.78
N GLY T 139 32.41 -17.02 43.87
CA GLY T 139 33.70 -16.38 44.11
C GLY T 139 33.65 -14.86 44.19
N THR T 140 32.47 -14.26 44.23
CA THR T 140 32.32 -12.80 44.23
C THR T 140 33.05 -12.20 43.03
N THR T 141 32.56 -12.57 41.85
CA THR T 141 33.24 -12.26 40.60
C THR T 141 33.06 -10.79 40.26
N SER T 142 33.66 -10.35 39.16
CA SER T 142 33.69 -8.92 38.82
C SER T 142 33.87 -8.82 37.31
N PHE T 143 32.99 -8.07 36.66
CA PHE T 143 32.99 -7.99 35.21
C PHE T 143 33.78 -6.77 34.75
N GLN T 144 34.66 -6.95 33.77
CA GLN T 144 35.39 -5.83 33.20
C GLN T 144 34.51 -5.11 32.19
N VAL T 145 34.40 -3.80 32.33
CA VAL T 145 33.47 -3.00 31.53
C VAL T 145 34.16 -1.96 30.67
N GLY T 146 35.44 -1.68 30.89
CA GLY T 146 36.18 -0.75 30.07
C GLY T 146 37.40 -1.41 29.45
N SER T 147 38.02 -0.70 28.51
CA SER T 147 39.19 -1.18 27.81
C SER T 147 40.48 -0.94 28.58
N ASN T 148 40.41 -0.67 29.88
CA ASN T 148 41.58 -0.48 30.71
C ASN T 148 41.73 -1.65 31.66
N ALA T 149 42.97 -1.89 32.08
CA ALA T 149 43.26 -3.01 32.97
C ALA T 149 42.63 -2.80 34.35
N TYR T 150 42.05 -3.86 34.88
CA TYR T 150 41.50 -3.89 36.24
C TYR T 150 40.34 -2.93 36.44
N GLU T 151 39.87 -2.30 35.36
CA GLU T 151 38.66 -1.49 35.45
C GLU T 151 37.44 -2.39 35.43
N THR T 152 36.94 -2.77 36.60
CA THR T 152 35.91 -3.79 36.72
C THR T 152 34.79 -3.31 37.62
N ILE T 153 33.68 -4.05 37.57
CA ILE T 153 32.49 -3.77 38.36
C ILE T 153 32.15 -5.02 39.16
N ASP T 154 32.23 -4.92 40.49
CA ASP T 154 32.07 -6.08 41.35
C ASP T 154 30.60 -6.37 41.65
N ILE T 155 30.33 -7.61 42.04
CA ILE T 155 29.00 -8.06 42.41
C ILE T 155 29.13 -8.88 43.68
N SER T 156 28.13 -8.81 44.55
CA SER T 156 28.15 -9.39 45.89
C SER T 156 26.99 -10.35 46.08
N LEU T 157 26.82 -11.27 45.12
CA LEU T 157 25.77 -12.28 45.17
C LEU T 157 25.72 -12.99 46.53
N GLN T 158 24.50 -13.37 46.95
CA GLN T 158 24.33 -14.01 48.24
C GLN T 158 25.05 -15.34 48.30
N ASN T 159 25.43 -15.74 49.51
CA ASN T 159 26.10 -17.03 49.69
C ASN T 159 25.19 -18.18 49.28
N ALA T 160 23.92 -18.14 49.70
CA ALA T 160 22.93 -19.15 49.33
C ALA T 160 21.57 -18.74 49.88
N SER T 161 20.53 -19.36 49.32
CA SER T 161 19.21 -19.37 49.94
C SER T 161 19.05 -20.56 50.88
N ALA T 162 20.16 -21.08 51.40
CA ALA T 162 20.22 -22.28 52.23
C ALA T 162 20.14 -21.96 53.70
N SER T 163 20.65 -22.88 54.52
CA SER T 163 20.61 -22.80 55.98
C SER T 163 21.51 -21.70 56.50
N ALA T 164 21.96 -21.87 57.75
CA ALA T 164 22.66 -20.87 58.59
C ALA T 164 23.73 -20.12 57.77
N ILE T 165 24.02 -20.54 56.53
CA ILE T 165 25.00 -19.93 55.63
C ILE T 165 24.62 -18.47 55.35
N GLY T 166 23.65 -17.92 56.09
CA GLY T 166 23.04 -16.66 55.71
C GLY T 166 21.54 -16.52 55.94
N SER T 167 21.01 -17.28 56.89
CA SER T 167 19.67 -17.03 57.44
C SER T 167 19.82 -16.15 58.67
N TYR T 168 18.74 -15.87 59.39
CA TYR T 168 18.78 -14.81 60.40
C TYR T 168 19.60 -15.34 61.57
N GLN T 169 20.60 -14.59 62.01
CA GLN T 169 21.41 -15.04 63.13
C GLN T 169 20.60 -14.99 64.42
N VAL T 170 20.98 -15.84 65.39
CA VAL T 170 20.14 -16.12 66.55
C VAL T 170 20.93 -15.82 67.82
N GLY T 171 20.37 -14.96 68.68
CA GLY T 171 20.90 -14.79 70.02
C GLY T 171 19.94 -15.35 71.05
N SER T 172 20.29 -16.49 71.65
CA SER T 172 19.40 -17.20 72.55
C SER T 172 20.12 -17.51 73.86
N ASN T 173 19.33 -17.89 74.87
CA ASN T 173 19.87 -18.13 76.20
C ASN T 173 20.71 -19.40 76.26
N GLY T 174 20.08 -20.54 76.00
CA GLY T 174 20.82 -21.80 76.08
C GLY T 174 21.60 -22.12 74.83
N ALA T 175 21.93 -21.09 74.03
CA ALA T 175 22.61 -21.25 72.76
C ALA T 175 23.88 -22.09 72.87
N GLY T 176 24.84 -21.65 73.67
CA GLY T 176 26.11 -22.37 73.72
C GLY T 176 26.09 -23.65 74.53
N THR T 177 25.99 -23.54 75.86
CA THR T 177 25.92 -24.72 76.71
C THR T 177 24.66 -24.72 77.57
N VAL T 178 24.47 -23.64 78.33
CA VAL T 178 23.38 -23.54 79.30
C VAL T 178 23.20 -22.08 79.67
N ALA T 179 22.03 -21.73 80.18
CA ALA T 179 21.70 -20.34 80.51
C ALA T 179 21.82 -20.12 82.00
N SER T 180 22.23 -18.91 82.39
CA SER T 180 22.25 -18.50 83.78
C SER T 180 20.86 -18.08 84.23
N VAL T 181 20.83 -17.34 85.34
CA VAL T 181 19.61 -16.89 86.03
C VAL T 181 18.50 -16.51 85.05
N ALA T 182 18.85 -15.78 84.00
CA ALA T 182 17.89 -15.46 82.95
C ALA T 182 17.34 -16.72 82.30
N GLY T 183 16.04 -16.96 82.45
CA GLY T 183 15.42 -18.13 81.86
C GLY T 183 15.50 -19.37 82.74
N THR T 184 15.52 -19.18 84.06
CA THR T 184 15.52 -20.29 85.00
C THR T 184 15.25 -19.74 86.39
N ALA T 185 14.94 -20.65 87.32
CA ALA T 185 14.71 -20.25 88.70
C ALA T 185 16.04 -20.02 89.42
N THR T 186 16.00 -19.16 90.43
CA THR T 186 17.20 -18.79 91.17
C THR T 186 16.80 -18.12 92.48
N ALA T 187 17.78 -18.00 93.38
CA ALA T 187 17.53 -17.39 94.68
C ALA T 187 17.72 -15.88 94.63
N SER T 188 18.91 -15.43 94.26
CA SER T 188 19.20 -14.00 94.25
C SER T 188 18.50 -13.28 93.11
N GLY T 189 18.72 -13.73 91.89
CA GLY T 189 18.08 -13.14 90.74
C GLY T 189 19.03 -12.31 89.89
N ILE T 190 18.43 -11.50 89.01
CA ILE T 190 19.17 -10.64 88.10
C ILE T 190 20.02 -9.67 88.89
N ALA T 191 21.33 -9.68 88.63
CA ALA T 191 22.27 -8.79 89.31
C ALA T 191 22.62 -7.61 88.41
N SER T 192 23.60 -6.83 88.83
CA SER T 192 24.07 -5.69 88.06
C SER T 192 24.80 -6.18 86.81
N GLY T 193 25.19 -5.23 85.96
CA GLY T 193 25.90 -5.52 84.74
C GLY T 193 25.76 -4.43 83.71
N THR T 194 26.69 -4.43 82.77
CA THR T 194 26.77 -3.44 81.69
C THR T 194 27.02 -4.15 80.36
N VAL T 195 26.24 -5.20 80.12
CA VAL T 195 26.37 -6.10 78.97
C VAL T 195 26.56 -5.31 77.68
N ASN T 196 27.51 -5.75 76.86
CA ASN T 196 27.85 -5.03 75.64
C ASN T 196 26.99 -5.50 74.48
N LEU T 197 26.71 -4.56 73.57
CA LEU T 197 25.99 -4.84 72.34
C LEU T 197 26.84 -4.44 71.15
N VAL T 198 26.81 -5.26 70.10
CA VAL T 198 27.60 -5.04 68.91
C VAL T 198 26.69 -5.08 67.69
N GLY T 199 26.95 -4.21 66.72
CA GLY T 199 26.20 -4.22 65.47
C GLY T 199 26.15 -2.88 64.78
N GLY T 200 26.36 -2.88 63.47
CA GLY T 200 26.32 -1.68 62.66
C GLY T 200 27.19 -0.55 63.16
N GLY T 201 28.34 -0.90 63.76
CA GLY T 201 29.22 0.10 64.34
C GLY T 201 28.53 1.00 65.34
N GLN T 202 27.65 0.42 66.17
CA GLN T 202 26.87 1.20 67.12
C GLN T 202 26.87 0.55 68.50
N VAL T 203 28.05 0.26 69.04
CA VAL T 203 28.18 -0.36 70.35
C VAL T 203 27.44 0.48 71.40
N LYS T 204 26.67 -0.19 72.26
CA LYS T 204 25.89 0.49 73.28
C LYS T 204 25.86 -0.40 74.52
N ASN T 205 26.49 0.07 75.60
CA ASN T 205 26.57 -0.69 76.84
C ASN T 205 25.26 -0.55 77.60
N ILE T 206 24.36 -1.52 77.41
CA ILE T 206 23.10 -1.50 78.14
C ILE T 206 23.33 -1.87 79.59
N ALA T 207 22.79 -1.06 80.50
CA ALA T 207 22.94 -1.27 81.93
C ALA T 207 21.75 -2.06 82.45
N ILE T 208 22.02 -3.19 83.09
CA ILE T 208 20.99 -4.05 83.66
C ILE T 208 21.21 -4.04 85.17
N ALA T 209 20.36 -3.31 85.89
CA ALA T 209 20.50 -3.18 87.33
C ALA T 209 20.09 -4.49 88.01
N ALA T 210 20.45 -4.58 89.29
CA ALA T 210 20.15 -5.77 90.10
C ALA T 210 18.70 -5.71 90.53
N GLY T 211 17.86 -6.55 89.91
CA GLY T 211 16.45 -6.58 90.24
C GLY T 211 15.55 -6.44 89.03
N ASP T 212 16.11 -5.95 87.93
CA ASP T 212 15.36 -5.74 86.69
C ASP T 212 14.75 -7.05 86.19
N SER T 213 13.46 -7.03 85.91
CA SER T 213 12.78 -8.22 85.38
C SER T 213 13.15 -8.43 83.92
N ALA T 214 12.75 -9.58 83.39
CA ALA T 214 13.01 -9.93 82.00
C ALA T 214 12.38 -8.91 81.05
N LYS T 215 11.21 -8.40 81.42
CA LYS T 215 10.55 -7.37 80.63
C LYS T 215 11.40 -6.11 80.53
N ALA T 216 12.00 -5.70 81.65
CA ALA T 216 12.86 -4.53 81.69
C ALA T 216 14.08 -4.75 80.81
N ILE T 217 14.66 -5.94 80.87
CA ILE T 217 15.82 -6.30 80.06
C ILE T 217 15.44 -6.20 78.59
N ALA T 218 14.27 -6.70 78.24
CA ALA T 218 13.77 -6.65 76.87
C ALA T 218 13.63 -5.22 76.38
N GLU T 219 12.97 -4.38 77.17
CA GLU T 219 12.79 -2.98 76.79
C GLU T 219 14.13 -2.26 76.66
N LYS T 220 15.07 -2.53 77.57
CA LYS T 220 16.35 -1.87 77.54
C LYS T 220 17.18 -2.27 76.33
N MET T 221 17.31 -3.57 76.08
CA MET T 221 18.15 -4.03 74.98
C MET T 221 17.57 -3.65 73.63
N ASP T 222 16.27 -3.39 73.56
CA ASP T 222 15.65 -2.90 72.33
C ASP T 222 16.14 -1.51 72.01
N GLY T 223 15.84 -1.05 70.79
CA GLY T 223 16.16 0.31 70.42
C GLY T 223 17.47 0.50 69.68
N ALA T 224 18.52 0.85 70.43
CA ALA T 224 19.79 1.34 69.90
C ALA T 224 20.28 0.61 68.65
N ILE T 225 20.44 -0.70 68.73
CA ILE T 225 20.93 -1.48 67.60
C ILE T 225 19.92 -1.42 66.46
N PRO T 226 20.31 -0.99 65.26
CA PRO T 226 19.37 -0.92 64.14
C PRO T 226 18.80 -2.27 63.76
N ASN T 227 17.50 -2.31 63.47
CA ASN T 227 16.79 -3.53 63.09
C ASN T 227 17.01 -4.63 64.13
N LEU T 228 16.55 -4.40 65.35
CA LEU T 228 16.73 -5.37 66.43
C LEU T 228 15.46 -5.39 67.28
N SER T 229 15.01 -6.59 67.63
CA SER T 229 13.85 -6.75 68.50
C SER T 229 14.23 -7.64 69.68
N ALA T 230 13.49 -7.47 70.78
CA ALA T 230 13.77 -8.22 72.00
C ALA T 230 12.45 -8.44 72.73
N ARG T 231 11.97 -9.67 72.73
CA ARG T 231 10.75 -10.02 73.45
C ARG T 231 11.08 -10.59 74.82
N ALA T 232 10.08 -10.59 75.70
CA ALA T 232 10.18 -11.20 77.02
C ALA T 232 9.08 -12.23 77.17
N ARG T 233 9.43 -13.38 77.75
CA ARG T 233 8.48 -14.47 77.89
C ARG T 233 8.89 -15.32 79.09
N THR T 234 8.02 -15.38 80.10
CA THR T 234 8.25 -16.17 81.30
C THR T 234 7.21 -17.27 81.37
N VAL T 235 7.57 -18.46 80.89
CA VAL T 235 6.69 -19.62 80.89
C VAL T 235 7.27 -20.65 81.85
N PHE T 236 6.57 -20.90 82.95
CA PHE T 236 7.02 -21.83 83.96
C PHE T 236 5.90 -22.81 84.31
N THR T 237 6.27 -24.07 84.50
CA THR T 237 5.33 -25.10 84.92
C THR T 237 5.32 -25.21 86.44
N ALA T 238 4.42 -26.06 86.95
CA ALA T 238 4.28 -26.23 88.39
C ALA T 238 3.74 -27.64 88.65
N ASP T 239 4.18 -28.21 89.77
CA ASP T 239 3.73 -29.53 90.19
CA ASP T 239 3.72 -29.54 90.19
C ASP T 239 3.81 -29.69 91.70
N VAL T 240 2.66 -29.66 92.37
CA VAL T 240 2.61 -29.78 93.82
C VAL T 240 2.83 -31.23 94.22
N SER T 241 3.73 -31.46 95.17
CA SER T 241 3.98 -32.81 95.67
C SER T 241 3.08 -33.12 96.86
N GLY T 242 3.37 -34.21 97.57
CA GLY T 242 2.59 -34.59 98.73
C GLY T 242 2.59 -33.55 99.83
N VAL T 243 1.51 -33.52 100.63
CA VAL T 243 1.38 -32.55 101.70
C VAL T 243 1.16 -33.25 103.03
N THR T 244 2.19 -33.26 103.87
CA THR T 244 2.10 -33.95 105.16
C THR T 244 1.45 -33.05 106.20
N GLY T 245 0.21 -33.37 106.56
CA GLY T 245 -0.51 -32.67 107.61
C GLY T 245 -0.60 -31.17 107.44
N GLY T 246 -1.33 -30.73 106.42
CA GLY T 246 -1.53 -29.33 106.15
C GLY T 246 -1.34 -29.00 104.68
N SER T 247 -1.33 -27.70 104.40
CA SER T 247 -1.18 -27.19 103.04
C SER T 247 -0.07 -26.14 103.03
N LEU T 248 0.22 -25.65 101.83
CA LEU T 248 1.29 -24.66 101.63
C LEU T 248 0.65 -23.28 101.53
N ASN T 249 0.63 -22.57 102.65
CA ASN T 249 0.07 -21.22 102.73
C ASN T 249 1.19 -20.23 102.42
N PHE T 250 1.45 -20.03 101.13
CA PHE T 250 2.53 -19.13 100.72
C PHE T 250 2.00 -18.01 99.84
N ASP T 251 2.90 -17.15 99.37
CA ASP T 251 2.52 -16.01 98.55
C ASP T 251 3.26 -16.06 97.21
N VAL T 252 2.74 -15.32 96.25
CA VAL T 252 3.34 -15.21 94.91
C VAL T 252 3.43 -13.73 94.57
N THR T 253 4.65 -13.22 94.43
CA THR T 253 4.88 -11.83 94.07
C THR T 253 4.97 -11.72 92.56
N VAL T 254 3.84 -11.39 91.92
CA VAL T 254 3.81 -11.23 90.47
C VAL T 254 4.12 -9.80 90.09
N GLY T 255 5.41 -9.48 90.01
CA GLY T 255 5.81 -8.12 89.70
C GLY T 255 5.52 -7.19 90.86
N SER T 256 4.81 -6.10 90.57
CA SER T 256 4.49 -5.10 91.59
C SER T 256 3.60 -5.69 92.68
N ASN T 257 2.40 -6.12 92.31
CA ASN T 257 1.48 -6.70 93.28
C ASN T 257 1.91 -8.12 93.65
N THR T 258 1.39 -8.59 94.78
CA THR T 258 1.75 -9.90 95.32
C THR T 258 0.49 -10.69 95.63
N VAL T 259 0.44 -11.93 95.14
CA VAL T 259 -0.68 -12.82 95.39
C VAL T 259 -0.59 -13.35 96.81
N SER T 260 -1.73 -13.56 97.45
CA SER T 260 -1.74 -14.05 98.82
C SER T 260 -2.60 -15.31 98.95
N LEU T 261 -2.41 -16.25 98.02
CA LEU T 261 -3.18 -17.49 98.03
C LEU T 261 -2.84 -18.36 99.23
N ALA T 262 -3.56 -19.46 99.41
CA ALA T 262 -3.31 -20.36 100.53
C ALA T 262 -3.96 -21.70 100.20
N GLY T 263 -3.79 -22.68 101.10
CA GLY T 263 -4.40 -23.99 100.94
C GLY T 263 -4.02 -24.71 99.67
N VAL T 264 -2.73 -25.00 99.51
CA VAL T 264 -2.24 -25.73 98.35
C VAL T 264 -1.88 -27.14 98.79
N THR T 265 -2.58 -28.12 98.22
CA THR T 265 -2.33 -29.53 98.55
C THR T 265 -1.98 -30.31 97.28
N SER T 266 -2.59 -29.93 96.16
CA SER T 266 -2.36 -30.58 94.88
C SER T 266 -2.20 -29.53 93.79
N THR T 267 -1.80 -29.98 92.61
CA THR T 267 -1.64 -29.09 91.47
C THR T 267 -2.97 -28.42 91.10
N GLN T 268 -4.06 -29.18 91.24
CA GLN T 268 -5.38 -28.65 90.90
C GLN T 268 -5.75 -27.46 91.78
N ASP T 269 -5.44 -27.55 93.08
CA ASP T 269 -5.76 -26.48 94.00
C ASP T 269 -5.04 -25.18 93.62
N LEU T 270 -3.73 -25.27 93.39
CA LEU T 270 -2.97 -24.10 92.95
C LEU T 270 -3.50 -23.57 91.62
N ALA T 271 -3.92 -24.49 90.74
CA ALA T 271 -4.50 -24.10 89.47
C ALA T 271 -5.74 -23.24 89.68
N ASP T 272 -6.63 -23.68 90.58
CA ASP T 272 -7.82 -22.91 90.88
C ASP T 272 -7.46 -21.56 91.48
N GLN T 273 -6.52 -21.54 92.43
CA GLN T 273 -6.12 -20.28 93.06
C GLN T 273 -5.58 -19.29 92.03
N LEU T 274 -4.80 -19.76 91.07
CA LEU T 274 -4.24 -18.87 90.05
C LEU T 274 -5.31 -18.42 89.07
N ASN T 275 -6.13 -19.35 88.57
CA ASN T 275 -7.16 -19.00 87.60
C ASN T 275 -8.18 -18.05 88.19
N SER T 276 -8.44 -18.15 89.49
CA SER T 276 -9.39 -17.27 90.15
C SER T 276 -8.86 -15.83 90.18
N ASN T 277 -7.60 -15.67 90.58
CA ASN T 277 -7.05 -14.33 90.75
C ASN T 277 -6.49 -13.77 89.44
N SER T 278 -6.87 -14.38 88.32
CA SER T 278 -6.41 -13.95 86.99
C SER T 278 -6.61 -12.46 86.76
N SER T 279 -7.64 -11.88 87.37
CA SER T 279 -7.87 -10.45 87.29
C SER T 279 -6.66 -9.68 87.79
N LYS T 280 -6.19 -10.01 89.00
CA LYS T 280 -5.05 -9.32 89.58
C LYS T 280 -3.74 -9.76 88.95
N LEU T 281 -3.47 -11.07 88.99
CA LEU T 281 -2.22 -11.62 88.44
C LEU T 281 -2.35 -11.75 86.93
N GLY T 282 -1.47 -11.04 86.22
CA GLY T 282 -1.50 -11.05 84.77
C GLY T 282 -0.73 -12.22 84.16
N ILE T 283 -0.99 -13.43 84.66
CA ILE T 283 -0.34 -14.63 84.14
C ILE T 283 -1.37 -15.75 84.04
N THR T 284 -1.67 -16.18 82.82
CA THR T 284 -2.65 -17.23 82.61
C THR T 284 -2.13 -18.56 83.09
N ALA T 285 -3.03 -19.38 83.65
CA ALA T 285 -2.69 -20.70 84.16
C ALA T 285 -3.34 -21.76 83.26
N SER T 286 -2.82 -22.97 83.33
CA SER T 286 -3.32 -24.06 82.51
C SER T 286 -2.94 -25.41 83.09
N ILE T 287 -3.93 -26.24 83.38
CA ILE T 287 -3.73 -27.58 83.93
C ILE T 287 -4.40 -28.57 82.99
N ASN T 288 -3.60 -29.31 82.23
CA ASN T 288 -4.12 -30.35 81.34
C ASN T 288 -4.56 -31.56 82.16
N ASP T 289 -5.25 -32.49 81.49
CA ASP T 289 -5.68 -33.73 82.13
C ASP T 289 -4.47 -34.56 82.54
N LYS T 290 -3.34 -34.34 81.87
CA LYS T 290 -2.12 -35.07 82.20
C LYS T 290 -1.71 -34.84 83.65
N GLY T 291 -1.72 -33.58 84.07
CA GLY T 291 -1.43 -33.25 85.46
C GLY T 291 -0.44 -32.12 85.62
N VAL T 292 0.28 -31.79 84.55
CA VAL T 292 1.31 -30.75 84.60
C VAL T 292 0.67 -29.38 84.47
N LEU T 293 0.66 -28.63 85.58
CA LEU T 293 0.19 -27.25 85.55
C LEU T 293 1.21 -26.35 84.86
N THR T 294 0.71 -25.41 84.06
CA THR T 294 1.58 -24.53 83.30
C THR T 294 1.06 -23.10 83.38
N ILE T 295 1.97 -22.16 83.63
CA ILE T 295 1.64 -20.75 83.72
C ILE T 295 2.60 -19.97 82.82
N THR T 296 2.04 -19.05 82.03
CA THR T 296 2.83 -18.29 81.09
C THR T 296 2.68 -16.80 81.38
N SER T 297 3.78 -16.06 81.23
CA SER T 297 3.79 -14.61 81.37
C SER T 297 4.14 -14.03 80.01
N ALA T 298 3.10 -13.59 79.27
CA ALA T 298 3.32 -13.01 77.94
C ALA T 298 4.19 -11.77 78.01
N THR T 299 3.95 -10.91 79.01
CA THR T 299 4.73 -9.70 79.14
C THR T 299 6.18 -9.98 79.52
N GLY T 300 6.41 -11.05 80.28
CA GLY T 300 7.76 -11.43 80.66
C GLY T 300 8.13 -11.03 82.07
N GLU T 301 7.15 -11.03 82.97
CA GLU T 301 7.41 -10.61 84.34
C GLU T 301 8.15 -11.71 85.10
N ASN T 302 9.15 -11.31 85.88
CA ASN T 302 9.93 -12.25 86.69
C ASN T 302 9.09 -12.69 87.88
N VAL T 303 8.47 -13.86 87.72
CA VAL T 303 7.59 -14.38 88.76
C VAL T 303 8.38 -14.64 90.05
N LYS T 304 7.78 -14.27 91.17
CA LYS T 304 8.39 -14.45 92.48
C LYS T 304 7.43 -15.20 93.38
N PHE T 305 7.96 -16.18 94.10
CA PHE T 305 7.19 -16.96 95.07
C PHE T 305 7.60 -16.50 96.46
N GLY T 306 6.61 -16.04 97.24
CA GLY T 306 6.87 -15.54 98.57
C GLY T 306 7.30 -16.63 99.53
N ALA T 307 7.50 -16.23 100.78
CA ALA T 307 7.91 -17.16 101.82
C ALA T 307 6.83 -18.20 102.06
N GLN T 308 7.27 -19.41 102.41
CA GLN T 308 6.35 -20.53 102.64
C GLN T 308 5.94 -20.56 104.11
N THR T 309 4.95 -19.74 104.43
CA THR T 309 4.36 -19.70 105.77
C THR T 309 3.14 -20.62 105.90
N GLY T 310 3.29 -21.89 105.55
CA GLY T 310 2.18 -22.80 105.55
C GLY T 310 1.96 -23.47 106.89
N THR T 311 1.05 -24.43 106.90
CA THR T 311 0.71 -25.20 108.08
C THR T 311 1.11 -26.66 107.97
N ALA T 312 1.68 -27.08 106.85
CA ALA T 312 2.11 -28.47 106.68
C ALA T 312 3.45 -28.71 107.35
N THR T 313 4.05 -29.87 107.12
CA THR T 313 5.34 -30.20 107.72
C THR T 313 6.35 -30.58 106.65
N ALA T 314 5.88 -31.20 105.56
CA ALA T 314 6.76 -31.60 104.47
C ALA T 314 6.01 -31.45 103.15
N GLY T 315 6.77 -31.32 102.08
CA GLY T 315 6.24 -31.12 100.75
C GLY T 315 6.99 -30.03 100.01
N GLN T 316 6.77 -29.99 98.70
CA GLN T 316 7.46 -29.04 97.84
C GLN T 316 6.66 -28.91 96.54
N VAL T 317 6.87 -27.79 95.86
CA VAL T 317 6.25 -27.52 94.57
C VAL T 317 7.34 -27.18 93.55
N ALA T 318 7.73 -28.17 92.74
CA ALA T 318 8.78 -27.95 91.77
C ALA T 318 8.29 -27.07 90.63
N VAL T 319 9.24 -26.36 90.00
CA VAL T 319 8.95 -25.46 88.89
C VAL T 319 10.03 -25.64 87.83
N LYS T 320 9.59 -25.69 86.58
CA LYS T 320 10.50 -25.76 85.44
C LYS T 320 10.29 -24.51 84.60
N VAL T 321 11.32 -24.13 83.85
CA VAL T 321 11.32 -22.90 83.06
C VAL T 321 11.58 -23.25 81.61
N GLN T 322 10.79 -22.67 80.71
CA GLN T 322 10.98 -22.89 79.29
C GLN T 322 12.23 -22.18 78.80
N GLY T 323 13.04 -22.88 78.01
CA GLY T 323 14.23 -22.28 77.46
C GLY T 323 13.91 -21.25 76.39
N SER T 324 14.96 -20.59 75.90
CA SER T 324 14.81 -19.59 74.84
C SER T 324 14.16 -20.19 73.59
N ASP T 325 14.79 -21.22 73.03
CA ASP T 325 14.24 -21.89 71.86
C ASP T 325 13.01 -22.72 72.23
N GLY T 326 13.06 -23.36 73.39
CA GLY T 326 11.98 -24.24 73.82
C GLY T 326 12.46 -25.26 74.82
N LYS T 327 12.17 -26.54 74.56
CA LYS T 327 12.66 -27.68 75.33
C LYS T 327 12.58 -27.45 76.84
N PHE T 328 11.36 -27.38 77.36
CA PHE T 328 11.11 -27.22 78.79
C PHE T 328 12.09 -28.02 79.63
N GLU T 329 12.66 -27.35 80.64
CA GLU T 329 13.72 -27.94 81.47
C GLU T 329 13.31 -29.29 82.02
N ALA T 330 14.22 -30.26 81.93
CA ALA T 330 14.00 -31.59 82.49
C ALA T 330 14.18 -31.56 84.00
N ALA T 331 15.31 -31.02 84.46
CA ALA T 331 15.59 -30.95 85.88
C ALA T 331 14.64 -29.97 86.57
N ALA T 332 14.04 -30.42 87.67
CA ALA T 332 13.08 -29.61 88.40
C ALA T 332 13.79 -28.88 89.55
N LYS T 333 13.22 -27.76 89.97
CA LYS T 333 13.75 -27.01 91.11
C LYS T 333 12.58 -26.45 91.89
N ASN T 334 12.57 -26.69 93.20
CA ASN T 334 11.46 -26.27 94.04
C ASN T 334 11.53 -24.77 94.31
N VAL T 335 10.37 -24.12 94.33
CA VAL T 335 10.28 -22.71 94.71
C VAL T 335 9.75 -22.53 96.13
N VAL T 336 8.88 -23.43 96.60
CA VAL T 336 8.38 -23.39 97.96
C VAL T 336 8.43 -24.80 98.52
N ALA T 337 8.65 -24.90 99.83
CA ALA T 337 8.80 -26.19 100.49
C ALA T 337 8.27 -26.09 101.91
N ALA T 338 7.39 -27.00 102.28
CA ALA T 338 6.88 -27.06 103.64
C ALA T 338 8.00 -27.49 104.59
N GLY T 339 8.26 -26.69 105.61
CA GLY T 339 9.35 -26.95 106.53
C GLY T 339 10.54 -26.05 106.30
N THR T 340 11.69 -26.66 106.03
CA THR T 340 12.91 -25.90 105.77
C THR T 340 12.75 -25.06 104.50
N ALA T 341 13.31 -23.84 104.52
CA ALA T 341 13.23 -22.97 103.35
C ALA T 341 14.16 -23.48 102.25
N ALA T 342 13.59 -23.64 101.05
CA ALA T 342 14.36 -24.12 99.91
C ALA T 342 15.03 -22.95 99.19
N THR T 343 15.68 -23.24 98.07
CA THR T 343 16.34 -22.24 97.25
C THR T 343 15.53 -22.04 95.96
N THR T 344 16.09 -21.23 95.05
CA THR T 344 15.45 -20.90 93.78
C THR T 344 14.03 -20.38 94.00
N THR T 345 13.93 -19.29 94.75
CA THR T 345 12.63 -18.77 95.16
C THR T 345 11.92 -18.00 94.06
N ILE T 346 12.64 -17.47 93.08
CA ILE T 346 12.03 -16.66 92.03
C ILE T 346 12.10 -17.41 90.71
N VAL T 347 11.36 -16.91 89.72
CA VAL T 347 11.37 -17.45 88.37
C VAL T 347 11.59 -16.30 87.40
N THR T 348 12.66 -16.42 86.61
CA THR T 348 13.01 -15.40 85.62
C THR T 348 12.81 -15.96 84.23
N GLY T 349 12.14 -15.20 83.37
CA GLY T 349 11.89 -15.62 82.01
C GLY T 349 13.12 -15.47 81.13
N TYR T 350 12.90 -15.74 79.84
CA TYR T 350 13.93 -15.68 78.84
C TYR T 350 13.64 -14.56 77.84
N VAL T 351 14.70 -14.04 77.23
CA VAL T 351 14.59 -13.06 76.16
C VAL T 351 15.17 -13.66 74.89
N GLN T 352 14.86 -13.02 73.76
CA GLN T 352 15.30 -13.52 72.47
C GLN T 352 15.69 -12.32 71.60
N LEU T 353 16.97 -12.21 71.27
CA LEU T 353 17.47 -11.14 70.41
C LEU T 353 17.73 -11.70 69.01
N ASN T 354 16.67 -11.67 68.20
CA ASN T 354 16.80 -12.04 66.80
C ASN T 354 17.58 -10.96 66.04
N SER T 355 18.36 -11.40 65.06
CA SER T 355 19.23 -10.51 64.32
C SER T 355 19.14 -10.80 62.82
N PRO T 356 18.96 -9.77 62.00
CA PRO T 356 18.88 -9.99 60.55
C PRO T 356 20.19 -10.45 59.94
N THR T 357 21.30 -9.74 60.17
CA THR T 357 22.56 -10.09 59.52
C THR T 357 23.67 -10.39 60.53
N ALA T 358 23.84 -9.57 61.55
CA ALA T 358 24.92 -9.73 62.51
C ALA T 358 24.65 -8.88 63.75
N TYR T 359 24.70 -9.54 64.92
CA TYR T 359 24.52 -8.85 66.19
C TYR T 359 25.16 -9.65 67.32
N SER T 360 26.32 -9.22 67.78
CA SER T 360 27.08 -9.93 68.80
C SER T 360 26.81 -9.36 70.19
N VAL T 361 26.97 -10.20 71.20
CA VAL T 361 26.75 -9.83 72.59
C VAL T 361 27.95 -10.30 73.41
N SER T 362 28.41 -9.42 74.30
CA SER T 362 29.51 -9.76 75.21
C SER T 362 29.23 -9.15 76.57
N GLY T 363 29.89 -9.69 77.59
CA GLY T 363 29.70 -9.25 78.95
C GLY T 363 30.75 -9.76 79.91
N THR T 364 31.15 -8.93 80.86
CA THR T 364 32.18 -9.31 81.82
C THR T 364 31.66 -10.37 82.79
N GLY T 365 32.12 -11.61 82.61
CA GLY T 365 31.79 -12.70 83.52
C GLY T 365 30.30 -12.96 83.68
N THR T 366 29.78 -12.65 84.87
CA THR T 366 28.38 -12.91 85.20
C THR T 366 27.42 -12.21 84.25
N GLN T 367 27.77 -10.99 83.84
CA GLN T 367 26.91 -10.18 82.97
C GLN T 367 26.55 -10.94 81.70
N ALA T 368 27.53 -11.51 81.02
CA ALA T 368 27.27 -12.27 79.80
C ALA T 368 26.42 -13.50 80.11
N SER T 369 26.75 -14.21 81.19
CA SER T 369 25.99 -15.40 81.56
C SER T 369 24.56 -15.06 81.92
N GLN T 370 24.38 -14.04 82.77
CA GLN T 370 23.06 -13.71 83.29
C GLN T 370 22.11 -13.16 82.24
N VAL T 371 22.51 -13.14 80.97
CA VAL T 371 21.66 -12.68 79.88
C VAL T 371 21.45 -13.78 78.84
N PHE T 372 22.55 -14.30 78.27
CA PHE T 372 22.45 -15.29 77.21
C PHE T 372 23.48 -16.40 77.42
N GLY T 373 23.84 -16.64 78.67
CA GLY T 373 24.86 -17.63 78.98
C GLY T 373 26.18 -17.35 78.30
N ASN T 374 26.92 -18.40 77.95
CA ASN T 374 28.20 -18.26 77.25
C ASN T 374 27.95 -18.45 75.75
N ALA T 375 27.21 -17.52 75.16
CA ALA T 375 26.91 -17.60 73.74
C ALA T 375 27.92 -16.80 72.93
N SER T 376 27.99 -15.50 73.16
CA SER T 376 28.98 -14.59 72.57
C SER T 376 28.93 -14.58 71.04
N ALA T 377 27.96 -15.27 70.45
CA ALA T 377 27.88 -15.41 69.00
C ALA T 377 26.43 -15.54 68.57
N ALA T 378 26.02 -14.78 67.55
CA ALA T 378 24.67 -14.82 67.03
C ALA T 378 24.50 -15.94 66.01
N GLN T 379 25.58 -16.66 65.73
CA GLN T 379 25.66 -17.66 64.67
C GLN T 379 24.71 -18.82 64.95
N LYS T 380 24.69 -19.81 64.06
CA LYS T 380 23.69 -20.89 64.06
C LYS T 380 22.30 -20.33 63.76
N SER T 381 22.19 -19.68 62.61
CA SER T 381 20.91 -19.14 62.14
C SER T 381 19.83 -20.21 62.07
N SER T 382 20.14 -21.34 61.43
CA SER T 382 19.32 -22.56 61.44
C SER T 382 17.90 -22.32 60.95
N VAL T 383 17.74 -22.03 59.65
CA VAL T 383 16.42 -21.97 59.04
C VAL T 383 15.89 -23.39 58.90
N ALA T 384 16.80 -24.37 58.97
CA ALA T 384 16.44 -25.78 58.85
C ALA T 384 15.64 -26.27 60.06
N SER T 385 16.05 -25.84 61.26
CA SER T 385 15.48 -26.35 62.50
C SER T 385 14.02 -25.98 62.70
N VAL T 386 13.46 -25.17 61.79
CA VAL T 386 12.10 -24.70 61.90
C VAL T 386 11.13 -25.87 62.06
N ASP T 387 10.39 -25.86 63.17
CA ASP T 387 9.39 -26.87 63.46
C ASP T 387 8.01 -26.25 63.35
N ILE T 388 6.99 -27.10 63.32
CA ILE T 388 5.61 -26.67 63.14
C ILE T 388 4.68 -27.26 64.19
N SER T 389 5.07 -28.39 64.77
CA SER T 389 4.14 -29.30 65.45
C SER T 389 3.22 -28.65 66.47
N THR T 390 3.74 -28.15 67.58
CA THR T 390 2.81 -27.75 68.65
C THR T 390 2.83 -26.27 69.04
N ALA T 391 3.97 -25.77 69.52
CA ALA T 391 3.98 -24.44 70.13
C ALA T 391 4.97 -23.50 69.46
N ASP T 392 6.24 -23.90 69.42
CA ASP T 392 7.33 -23.03 68.99
C ASP T 392 7.10 -22.50 67.58
N GLY T 393 6.76 -23.40 66.66
CA GLY T 393 6.62 -23.10 65.26
C GLY T 393 5.90 -21.82 64.91
N ALA T 394 4.65 -21.70 65.36
CA ALA T 394 3.74 -20.61 65.01
C ALA T 394 4.40 -19.24 65.10
N GLN T 395 5.39 -19.09 65.98
CA GLN T 395 6.06 -17.82 66.18
C GLN T 395 7.52 -17.84 65.74
N ASN T 396 8.21 -18.95 65.98
CA ASN T 396 9.61 -19.04 65.59
C ASN T 396 9.76 -18.95 64.09
N ALA T 397 8.87 -19.61 63.34
CA ALA T 397 8.92 -19.55 61.89
C ALA T 397 8.64 -18.13 61.39
N ILE T 398 7.77 -17.41 62.09
CA ILE T 398 7.55 -16.00 61.77
C ILE T 398 8.85 -15.22 61.92
N ALA T 399 9.49 -15.38 63.07
CA ALA T 399 10.77 -14.73 63.33
C ALA T 399 11.80 -15.11 62.28
N VAL T 400 11.73 -16.33 61.76
CA VAL T 400 12.63 -16.73 60.69
C VAL T 400 12.32 -15.94 59.42
N VAL T 401 11.10 -16.11 58.92
CA VAL T 401 10.75 -15.63 57.59
C VAL T 401 10.89 -14.11 57.51
N ASP T 402 10.68 -13.39 58.62
CA ASP T 402 10.81 -11.94 58.59
C ASP T 402 12.20 -11.53 58.12
N ASN T 403 13.22 -11.87 58.91
CA ASN T 403 14.58 -11.47 58.55
C ASN T 403 15.09 -12.22 57.33
N ALA T 404 14.59 -13.45 57.09
CA ALA T 404 15.02 -14.18 55.91
C ALA T 404 14.61 -13.45 54.64
N LEU T 405 13.33 -13.10 54.54
CA LEU T 405 12.87 -12.34 53.38
C LEU T 405 13.47 -10.95 53.36
N ALA T 406 13.75 -10.36 54.52
CA ALA T 406 14.46 -9.08 54.54
C ALA T 406 15.82 -9.20 53.85
N ALA T 407 16.58 -10.23 54.20
CA ALA T 407 17.90 -10.41 53.62
C ALA T 407 17.81 -10.75 52.13
N ILE T 408 16.85 -11.58 51.75
CA ILE T 408 16.70 -11.92 50.34
C ILE T 408 16.34 -10.68 49.53
N ASP T 409 15.47 -9.83 50.08
CA ASP T 409 15.07 -8.62 49.37
C ASP T 409 16.21 -7.61 49.33
N ALA T 410 17.06 -7.61 50.36
CA ALA T 410 18.26 -6.78 50.30
C ALA T 410 19.20 -7.25 49.20
N GLN T 411 19.33 -8.57 49.03
CA GLN T 411 20.12 -9.09 47.92
C GLN T 411 19.50 -8.71 46.58
N ARG T 412 18.16 -8.74 46.51
CA ARG T 412 17.48 -8.29 45.30
C ARG T 412 17.76 -6.81 45.03
N ALA T 413 17.81 -5.99 46.08
CA ALA T 413 18.11 -4.57 45.91
C ALA T 413 19.55 -4.37 45.46
N ASP T 414 20.48 -5.18 45.96
CA ASP T 414 21.86 -5.13 45.47
C ASP T 414 21.92 -5.47 43.99
N LEU T 415 21.19 -6.51 43.58
CA LEU T 415 21.10 -6.86 42.16
C LEU T 415 20.51 -5.72 41.34
N ALA T 416 19.48 -5.06 41.88
CA ALA T 416 18.88 -3.92 41.20
C ALA T 416 19.90 -2.80 41.02
N ALA T 417 20.67 -2.53 42.08
CA ALA T 417 21.68 -1.48 42.01
C ALA T 417 22.73 -1.79 40.95
N VAL T 418 23.23 -3.02 40.94
CA VAL T 418 24.31 -3.36 40.00
C VAL T 418 23.78 -3.38 38.57
N GLN T 419 22.53 -3.79 38.39
CA GLN T 419 21.96 -3.77 37.04
C GLN T 419 21.67 -2.36 36.55
N ASN T 420 21.21 -1.46 37.43
CA ASN T 420 21.04 -0.07 37.03
C ASN T 420 22.39 0.55 36.67
N ARG T 421 23.41 0.26 37.48
CA ARG T 421 24.76 0.66 37.16
C ARG T 421 25.19 0.11 35.80
N PHE T 422 24.77 -1.11 35.47
CA PHE T 422 25.11 -1.71 34.19
C PHE T 422 24.45 -0.97 33.04
N LYS T 423 23.17 -0.62 33.18
CA LYS T 423 22.51 0.17 32.14
C LYS T 423 23.20 1.52 31.98
N ASN T 424 23.57 2.15 33.10
CA ASN T 424 24.27 3.44 33.01
C ASN T 424 25.59 3.31 32.27
N THR T 425 26.41 2.31 32.64
CA THR T 425 27.72 2.18 32.03
C THR T 425 27.61 1.74 30.58
N ILE T 426 26.58 0.96 30.23
CA ILE T 426 26.46 0.53 28.83
C ILE T 426 25.97 1.68 27.97
N ASP T 427 25.12 2.57 28.53
CA ASP T 427 24.72 3.76 27.78
C ASP T 427 25.91 4.68 27.56
N ASN T 428 26.66 4.96 28.63
CA ASN T 428 27.86 5.79 28.50
C ASN T 428 28.85 5.15 27.53
N LEU T 429 28.93 3.82 27.53
CA LEU T 429 29.86 3.12 26.66
C LEU T 429 29.46 3.27 25.20
N THR T 430 28.18 3.06 24.89
CA THR T 430 27.72 3.27 23.53
C THR T 430 27.97 4.70 23.08
N ASN T 431 27.72 5.66 23.97
CA ASN T 431 27.94 7.07 23.61
C ASN T 431 29.39 7.33 23.28
N ILE T 432 30.32 6.98 24.17
CA ILE T 432 31.72 7.28 23.95
C ILE T 432 32.26 6.48 22.77
N SER T 433 31.74 5.27 22.56
CA SER T 433 32.21 4.45 21.45
C SER T 433 31.79 5.04 20.12
N GLU T 434 30.53 5.49 20.00
CA GLU T 434 30.10 6.10 18.76
C GLU T 434 30.81 7.43 18.52
N ASN T 435 31.10 8.17 19.60
CA ASN T 435 31.81 9.43 19.44
C ASN T 435 33.24 9.19 18.97
N ALA T 436 33.91 8.19 19.54
CA ALA T 436 35.25 7.84 19.09
C ALA T 436 35.25 7.29 17.67
N THR T 437 34.17 6.60 17.29
CA THR T 437 34.04 6.15 15.91
C THR T 437 33.89 7.32 14.96
N ASN T 438 33.12 8.34 15.36
CA ASN T 438 33.03 9.56 14.56
C ASN T 438 34.39 10.24 14.45
N ALA T 439 35.15 10.26 15.54
CA ALA T 439 36.51 10.83 15.48
C ALA T 439 37.39 10.04 14.51
N ARG T 440 37.31 8.71 14.58
CA ARG T 440 38.06 7.87 13.64
C ARG T 440 37.65 8.15 12.20
N SER T 441 36.37 8.45 11.99
CA SER T 441 35.90 8.78 10.65
C SER T 441 36.49 10.09 10.18
N ARG T 442 36.42 11.13 11.02
CA ARG T 442 36.98 12.42 10.62
C ARG T 442 38.49 12.39 10.45
N ILE T 443 39.18 11.46 11.12
CA ILE T 443 40.62 11.38 10.98
C ILE T 443 41.07 10.38 9.92
N LYS T 444 40.19 9.48 9.47
CA LYS T 444 40.53 8.43 8.53
C LYS T 444 39.75 8.49 7.24
N ASP T 445 38.42 8.57 7.31
CA ASP T 445 37.58 8.48 6.12
C ASP T 445 37.85 9.69 5.23
N THR T 446 38.10 9.43 3.95
CA THR T 446 38.44 10.50 3.03
C THR T 446 37.22 11.37 2.73
N ASP T 447 37.41 12.68 2.78
CA ASP T 447 36.41 13.63 2.30
C ASP T 447 36.57 13.80 0.79
N PHE T 448 36.27 12.73 0.06
CA PHE T 448 36.61 12.65 -1.35
C PHE T 448 35.75 13.56 -2.22
N ALA T 449 34.90 14.41 -1.64
CA ALA T 449 34.23 15.44 -2.42
C ALA T 449 35.24 16.33 -3.13
N ALA T 450 36.45 16.48 -2.58
CA ALA T 450 37.55 17.14 -3.25
C ALA T 450 38.57 16.17 -3.83
N GLU T 451 38.64 14.94 -3.31
CA GLU T 451 39.55 13.96 -3.88
C GLU T 451 39.12 13.51 -5.27
N THR T 452 37.83 13.57 -5.59
CA THR T 452 37.40 13.30 -6.96
C THR T 452 37.95 14.37 -7.91
N ALA T 453 37.88 15.63 -7.50
CA ALA T 453 38.47 16.70 -8.31
C ALA T 453 39.98 16.54 -8.40
N ALA T 454 40.61 16.08 -7.32
CA ALA T 454 42.06 15.84 -7.35
C ALA T 454 42.41 14.71 -8.31
N LEU T 455 41.56 13.67 -8.36
CA LEU T 455 41.78 12.58 -9.30
C LEU T 455 41.60 13.05 -10.73
N SER T 456 40.59 13.89 -10.97
CA SER T 456 40.42 14.48 -12.30
C SER T 456 41.64 15.32 -12.67
N LYS T 457 42.16 16.08 -11.70
CA LYS T 457 43.39 16.83 -11.91
C LYS T 457 44.54 15.93 -12.32
N ASN T 458 44.73 14.82 -11.59
CA ASN T 458 45.85 13.93 -11.88
C ASN T 458 45.70 13.29 -13.25
N GLN T 459 44.48 12.90 -13.61
CA GLN T 459 44.25 12.31 -14.93
C GLN T 459 44.51 13.32 -16.04
N VAL T 460 44.03 14.56 -15.86
CA VAL T 460 44.26 15.60 -16.85
C VAL T 460 45.75 15.89 -16.99
N LEU T 461 46.47 15.92 -15.87
CA LEU T 461 47.90 16.19 -15.91
C LEU T 461 48.65 15.06 -16.60
N GLN T 462 48.24 13.81 -16.35
CA GLN T 462 48.86 12.69 -17.04
C GLN T 462 48.64 12.77 -18.55
N GLN T 463 47.39 13.05 -18.95
CA GLN T 463 47.11 13.18 -20.38
C GLN T 463 47.91 14.31 -21.01
N ALA T 464 47.97 15.46 -20.34
CA ALA T 464 48.71 16.60 -20.86
C ALA T 464 50.19 16.29 -20.98
N GLY T 465 50.75 15.62 -19.97
CA GLY T 465 52.16 15.27 -20.01
C GLY T 465 52.47 14.28 -21.12
N THR T 466 51.59 13.30 -21.33
CA THR T 466 51.79 12.36 -22.41
C THR T 466 51.75 13.05 -23.76
N ALA T 467 50.77 13.95 -23.95
CA ALA T 467 50.70 14.70 -25.20
C ALA T 467 51.92 15.57 -25.40
N ILE T 468 52.40 16.22 -24.33
CA ILE T 468 53.57 17.08 -24.43
C ILE T 468 54.81 16.27 -24.78
N LEU T 469 54.95 15.08 -24.19
CA LEU T 469 56.07 14.22 -24.54
C LEU T 469 56.00 13.78 -26.00
N ALA T 470 54.81 13.37 -26.45
CA ALA T 470 54.66 12.96 -27.85
C ALA T 470 54.94 14.11 -28.80
N GLN T 471 54.68 15.35 -28.38
CA GLN T 471 54.95 16.49 -29.23
C GLN T 471 56.42 16.89 -29.20
N ALA T 472 57.08 16.73 -28.05
CA ALA T 472 58.46 17.20 -27.91
C ALA T 472 59.46 16.18 -28.44
N ASN T 473 59.13 14.90 -28.42
CA ASN T 473 60.06 13.88 -28.88
C ASN T 473 60.24 13.92 -30.39
N GLN T 474 59.41 14.71 -31.08
CA GLN T 474 59.51 14.84 -32.52
C GLN T 474 60.28 16.07 -32.98
N LEU T 475 60.69 16.94 -32.04
CA LEU T 475 61.41 18.17 -32.41
C LEU T 475 62.78 17.88 -33.00
N PRO T 476 63.67 17.10 -32.36
CA PRO T 476 64.97 16.86 -32.98
C PRO T 476 64.87 16.18 -34.34
N GLN T 477 63.89 15.30 -34.52
CA GLN T 477 63.65 14.69 -35.83
C GLN T 477 63.45 15.76 -36.89
N ALA T 478 62.55 16.72 -36.60
CA ALA T 478 62.25 17.75 -37.58
C ALA T 478 63.46 18.65 -37.84
N VAL T 479 64.15 19.07 -36.77
CA VAL T 479 65.26 20.00 -36.95
C VAL T 479 66.40 19.33 -37.73
N LEU T 480 66.66 18.04 -37.47
CA LEU T 480 67.70 17.37 -38.23
C LEU T 480 67.27 17.06 -39.66
N SER T 481 65.99 16.73 -39.88
CA SER T 481 65.53 16.46 -41.24
C SER T 481 65.53 17.73 -42.09
N LEU T 482 65.34 18.89 -41.46
CA LEU T 482 65.36 20.14 -42.21
C LEU T 482 66.76 20.72 -42.35
N LEU T 483 67.64 20.49 -41.37
CA LEU T 483 69.00 21.01 -41.42
C LEU T 483 69.94 20.12 -42.22
N ARG T 484 69.43 19.09 -42.88
CA ARG T 484 70.27 18.20 -43.68
C ARG T 484 69.66 17.97 -45.05
N VAL U 1 109.54 31.00 -64.54
CA VAL U 1 109.45 30.28 -63.27
C VAL U 1 108.80 28.92 -63.49
N ASN U 2 109.64 27.88 -63.55
CA ASN U 2 109.13 26.53 -63.78
C ASN U 2 109.68 25.47 -62.84
N THR U 3 110.80 25.73 -62.15
CA THR U 3 111.34 24.74 -61.22
C THR U 3 110.45 24.54 -59.99
N ASN U 4 109.57 25.49 -59.70
CA ASN U 4 108.65 25.39 -58.56
C ASN U 4 107.55 26.41 -58.76
N ILE U 5 106.47 26.25 -58.00
CA ILE U 5 105.32 27.14 -58.05
C ILE U 5 104.99 27.55 -56.63
N ALA U 6 104.74 28.85 -56.43
CA ALA U 6 104.45 29.36 -55.09
C ALA U 6 103.05 29.02 -54.61
N SER U 7 102.32 28.17 -55.33
CA SER U 7 100.95 27.84 -54.95
C SER U 7 100.86 26.96 -53.71
N LEU U 8 101.98 26.55 -53.13
CA LEU U 8 101.96 25.65 -51.96
C LEU U 8 101.21 26.24 -50.78
N ASN U 9 101.04 27.56 -50.72
CA ASN U 9 100.18 28.15 -49.69
C ASN U 9 98.75 27.66 -49.86
N THR U 10 98.28 27.54 -51.10
CA THR U 10 96.95 26.99 -51.34
C THR U 10 96.87 25.53 -50.90
N GLN U 11 97.96 24.77 -51.09
CA GLN U 11 97.99 23.40 -50.59
C GLN U 11 97.86 23.37 -49.07
N ARG U 12 98.62 24.22 -48.38
CA ARG U 12 98.55 24.28 -46.92
C ARG U 12 97.14 24.63 -46.47
N ASN U 13 96.51 25.62 -47.13
CA ASN U 13 95.16 26.01 -46.76
C ASN U 13 94.16 24.89 -47.03
N LEU U 14 94.33 24.12 -48.11
CA LEU U 14 93.38 23.05 -48.36
C LEU U 14 93.56 21.90 -47.38
N ASN U 15 94.80 21.62 -46.97
CA ASN U 15 94.99 20.64 -45.89
C ASN U 15 94.33 21.12 -44.61
N ALA U 16 94.49 22.40 -44.28
CA ALA U 16 93.85 22.95 -43.10
C ALA U 16 92.33 22.79 -43.18
N SER U 17 91.74 23.15 -44.33
CA SER U 17 90.30 23.05 -44.49
C SER U 17 89.85 21.60 -44.45
N SER U 18 90.71 20.66 -44.88
CA SER U 18 90.35 19.25 -44.75
C SER U 18 90.30 18.85 -43.29
N ASN U 19 91.25 19.34 -42.48
CA ASN U 19 91.17 19.07 -41.05
C ASN U 19 89.89 19.67 -40.45
N ASP U 20 89.54 20.89 -40.85
CA ASP U 20 88.33 21.51 -40.30
C ASP U 20 87.08 20.75 -40.71
N LEU U 21 87.00 20.31 -41.98
CA LEU U 21 85.84 19.55 -42.41
C LEU U 21 85.79 18.21 -41.68
N ASN U 22 86.94 17.57 -41.47
CA ASN U 22 86.97 16.31 -40.74
C ASN U 22 86.40 16.49 -39.34
N THR U 23 86.89 17.50 -38.59
CA THR U 23 86.44 17.66 -37.22
C THR U 23 84.99 18.09 -37.17
N SER U 24 84.55 18.94 -38.10
CA SER U 24 83.15 19.38 -38.09
C SER U 24 82.21 18.23 -38.44
N LEU U 25 82.60 17.39 -39.41
CA LEU U 25 81.78 16.25 -39.77
C LEU U 25 81.72 15.25 -38.62
N GLN U 26 82.83 15.05 -37.91
CA GLN U 26 82.82 14.21 -36.73
C GLN U 26 81.88 14.77 -35.67
N ARG U 27 81.96 16.07 -35.42
CA ARG U 27 81.07 16.72 -34.46
C ARG U 27 79.62 16.53 -34.84
N LEU U 28 79.32 16.59 -36.14
CA LEU U 28 77.93 16.48 -36.58
C LEU U 28 77.42 15.05 -36.48
N THR U 29 78.25 14.06 -36.86
CA THR U 29 77.79 12.68 -36.82
C THR U 29 77.76 12.13 -35.40
N THR U 30 78.56 12.69 -34.49
CA THR U 30 78.57 12.23 -33.11
C THR U 30 77.59 13.01 -32.24
N GLY U 31 77.34 14.28 -32.56
CA GLY U 31 76.48 15.12 -31.75
C GLY U 31 77.18 15.84 -30.62
N TYR U 32 78.50 15.79 -30.55
CA TYR U 32 79.26 16.44 -29.49
C TYR U 32 80.16 17.49 -30.13
N ARG U 33 80.03 18.74 -29.69
CA ARG U 33 80.95 19.78 -30.14
C ARG U 33 82.37 19.47 -29.70
N ILE U 34 82.54 19.04 -28.46
CA ILE U 34 83.82 18.54 -27.99
C ILE U 34 83.87 17.03 -28.21
N ASN U 35 84.72 16.60 -29.14
CA ASN U 35 84.86 15.18 -29.43
C ASN U 35 85.53 14.47 -28.25
N SER U 36 85.43 13.14 -28.24
CA SER U 36 86.06 12.34 -27.21
C SER U 36 87.59 12.44 -27.25
N ALA U 37 88.14 13.13 -28.25
CA ALA U 37 89.58 13.29 -28.36
C ALA U 37 90.10 14.22 -27.26
N LYS U 38 91.40 14.49 -27.29
CA LYS U 38 92.03 15.30 -26.26
C LYS U 38 91.68 16.78 -26.40
N ASP U 39 90.94 17.15 -27.44
CA ASP U 39 90.59 18.55 -27.66
C ASP U 39 89.78 19.09 -26.49
N ASP U 40 90.19 20.25 -25.98
CA ASP U 40 89.55 20.90 -24.84
C ASP U 40 89.55 19.97 -23.62
N ALA U 41 90.77 19.65 -23.18
CA ALA U 41 90.97 18.69 -22.09
C ALA U 41 90.20 19.08 -20.85
N ALA U 42 90.10 20.37 -20.54
CA ALA U 42 89.32 20.80 -19.39
C ALA U 42 87.84 20.47 -19.57
N GLY U 43 87.29 20.79 -20.75
CA GLY U 43 85.92 20.41 -21.03
C GLY U 43 85.71 18.91 -21.05
N LEU U 44 86.72 18.17 -21.53
CA LEU U 44 86.63 16.71 -21.52
C LEU U 44 86.56 16.17 -20.10
N GLN U 45 87.40 16.71 -19.20
CA GLN U 45 87.37 16.31 -17.80
C GLN U 45 86.03 16.66 -17.17
N ILE U 46 85.51 17.85 -17.47
CA ILE U 46 84.22 18.26 -16.94
C ILE U 46 83.13 17.31 -17.41
N SER U 47 83.15 16.93 -18.69
CA SER U 47 82.13 16.04 -19.23
C SER U 47 82.24 14.65 -18.61
N ASN U 48 83.47 14.17 -18.41
CA ASN U 48 83.67 12.87 -17.77
C ASN U 48 83.12 12.88 -16.35
N ARG U 49 83.38 13.97 -15.62
CA ARG U 49 82.87 14.07 -14.25
C ARG U 49 81.35 14.15 -14.25
N LEU U 50 80.76 14.90 -15.19
CA LEU U 50 79.31 14.98 -15.28
C LEU U 50 78.69 13.62 -15.61
N SER U 51 79.34 12.85 -16.48
CA SER U 51 78.83 11.52 -16.79
C SER U 51 78.90 10.60 -15.57
N ASN U 52 80.03 10.65 -14.85
CA ASN U 52 80.13 9.88 -13.61
C ASN U 52 79.02 10.28 -12.64
N GLN U 53 78.77 11.58 -12.51
CA GLN U 53 77.75 12.05 -11.59
C GLN U 53 76.36 11.58 -11.99
N ILE U 54 76.01 11.69 -13.28
CA ILE U 54 74.67 11.32 -13.70
C ILE U 54 74.46 9.82 -13.57
N SER U 55 75.49 9.03 -13.88
CA SER U 55 75.39 7.59 -13.69
C SER U 55 75.21 7.24 -12.22
N GLY U 56 75.98 7.88 -11.34
CA GLY U 56 75.82 7.64 -9.92
C GLY U 56 74.44 8.01 -9.42
N LEU U 57 73.92 9.15 -9.90
CA LEU U 57 72.58 9.56 -9.47
C LEU U 57 71.51 8.60 -9.98
N ASN U 58 71.67 8.07 -11.19
CA ASN U 58 70.71 7.11 -11.71
C ASN U 58 70.71 5.83 -10.87
N VAL U 59 71.90 5.26 -10.63
CA VAL U 59 71.95 4.02 -9.85
C VAL U 59 71.49 4.28 -8.42
N ALA U 60 71.71 5.49 -7.91
CA ALA U 60 71.25 5.82 -6.56
C ALA U 60 69.73 5.91 -6.50
N THR U 61 69.11 6.52 -7.52
CA THR U 61 67.66 6.55 -7.59
C THR U 61 67.09 5.14 -7.68
N ARG U 62 67.75 4.26 -8.44
CA ARG U 62 67.28 2.88 -8.52
C ARG U 62 67.37 2.17 -7.18
N ASN U 63 68.52 2.33 -6.49
CA ASN U 63 68.67 1.73 -5.17
C ASN U 63 67.65 2.29 -4.19
N ALA U 64 67.34 3.58 -4.31
CA ALA U 64 66.32 4.17 -3.46
C ALA U 64 64.95 3.59 -3.75
N ASN U 65 64.68 3.26 -5.03
CA ASN U 65 63.43 2.60 -5.36
C ASN U 65 63.35 1.21 -4.74
N ASP U 66 64.45 0.44 -4.81
CA ASP U 66 64.45 -0.86 -4.14
C ASP U 66 64.25 -0.71 -2.64
N GLY U 67 64.88 0.32 -2.04
CA GLY U 67 64.69 0.55 -0.62
C GLY U 67 63.26 0.92 -0.27
N ILE U 68 62.61 1.72 -1.12
CA ILE U 68 61.21 2.07 -0.92
C ILE U 68 60.34 0.83 -0.98
N SER U 69 60.62 -0.06 -1.93
CA SER U 69 59.84 -1.29 -2.04
C SER U 69 60.04 -2.18 -0.81
N LEU U 70 61.28 -2.28 -0.34
CA LEU U 70 61.56 -3.08 0.86
C LEU U 70 60.83 -2.49 2.06
N ALA U 71 60.90 -1.18 2.25
CA ALA U 71 60.18 -0.54 3.33
C ALA U 71 58.67 -0.69 3.19
N GLN U 72 58.16 -0.80 1.96
CA GLN U 72 56.73 -1.01 1.77
C GLN U 72 56.33 -2.43 2.17
N THR U 73 57.14 -3.42 1.81
CA THR U 73 56.95 -4.76 2.34
C THR U 73 56.93 -4.75 3.86
N ALA U 74 57.88 -4.04 4.47
CA ALA U 74 57.93 -3.97 5.92
C ALA U 74 56.67 -3.29 6.50
N GLU U 75 56.21 -2.23 5.85
CA GLU U 75 55.01 -1.54 6.32
C GLU U 75 53.79 -2.46 6.24
N GLY U 76 53.70 -3.25 5.16
CA GLY U 76 52.60 -4.19 5.07
C GLY U 76 52.65 -5.25 6.14
N ALA U 77 53.83 -5.81 6.40
CA ALA U 77 53.97 -6.81 7.45
C ALA U 77 53.64 -6.23 8.82
N LEU U 78 54.07 -5.00 9.09
CA LEU U 78 53.78 -4.37 10.37
C LEU U 78 52.29 -4.03 10.50
N GLN U 79 51.63 -3.65 9.40
CA GLN U 79 50.19 -3.43 9.44
C GLN U 79 49.47 -4.74 9.76
N GLN U 80 49.91 -5.83 9.15
CA GLN U 80 49.35 -7.14 9.49
C GLN U 80 49.54 -7.45 10.97
N SER U 81 50.73 -7.18 11.51
CA SER U 81 50.96 -7.47 12.92
C SER U 81 50.10 -6.59 13.82
N THR U 82 49.83 -5.36 13.37
CA THR U 82 48.90 -4.51 14.13
C THR U 82 47.50 -5.11 14.13
N ASN U 83 47.06 -5.64 12.99
CA ASN U 83 45.78 -6.32 12.94
C ASN U 83 45.75 -7.50 13.91
N ILE U 84 46.80 -8.31 13.92
CA ILE U 84 46.86 -9.45 14.81
C ILE U 84 46.84 -9.01 16.27
N LEU U 85 47.58 -7.94 16.59
CA LEU U 85 47.65 -7.47 17.97
C LEU U 85 46.30 -6.94 18.44
N GLN U 86 45.61 -6.17 17.58
CA GLN U 86 44.28 -5.69 17.97
C GLN U 86 43.31 -6.85 18.12
N ARG U 87 43.48 -7.89 17.29
CA ARG U 87 42.65 -9.09 17.45
C ARG U 87 42.92 -9.77 18.79
N ILE U 88 44.19 -9.87 19.19
CA ILE U 88 44.51 -10.43 20.50
C ILE U 88 43.92 -9.58 21.60
N ARG U 89 43.89 -8.26 21.41
CA ARG U 89 43.25 -7.40 22.40
C ARG U 89 41.75 -7.67 22.50
N ASP U 90 41.09 -7.84 21.36
CA ASP U 90 39.67 -8.18 21.39
C ASP U 90 39.45 -9.50 22.12
N LEU U 91 40.25 -10.51 21.81
CA LEU U 91 40.08 -11.81 22.46
C LEU U 91 40.41 -11.73 23.95
N ALA U 92 41.33 -10.84 24.34
CA ALA U 92 41.68 -10.71 25.74
C ALA U 92 40.57 -10.03 26.53
N LEU U 93 40.01 -8.95 25.97
CA LEU U 93 38.92 -8.27 26.66
C LEU U 93 37.64 -9.08 26.62
N GLN U 94 37.48 -9.95 25.61
CA GLN U 94 36.37 -10.90 25.60
C GLN U 94 36.60 -12.01 26.62
N SER U 95 37.87 -12.36 26.85
CA SER U 95 38.23 -13.35 27.85
C SER U 95 37.90 -12.92 29.26
N ALA U 96 37.47 -11.66 29.46
CA ALA U 96 36.90 -11.28 30.75
C ALA U 96 35.74 -12.19 31.11
N ASN U 97 34.80 -12.41 30.18
CA ASN U 97 33.72 -13.38 30.28
C ASN U 97 33.05 -13.38 31.65
N GLY U 98 33.02 -12.24 32.33
CA GLY U 98 32.50 -12.19 33.67
C GLY U 98 33.41 -12.85 34.70
N SER U 99 34.59 -13.27 34.25
CA SER U 99 35.67 -13.84 35.06
C SER U 99 35.32 -15.23 35.59
N ASN U 100 34.09 -15.68 35.40
CA ASN U 100 33.75 -17.05 35.79
C ASN U 100 32.80 -17.75 34.83
N SER U 101 32.35 -17.11 33.74
CA SER U 101 31.29 -17.72 32.95
C SER U 101 31.83 -18.66 31.88
N ASP U 102 33.04 -18.42 31.38
CA ASP U 102 33.60 -19.23 30.31
C ASP U 102 34.64 -20.17 30.93
N ALA U 103 34.16 -21.34 31.38
CA ALA U 103 35.06 -22.36 31.89
C ALA U 103 35.97 -22.89 30.79
N ASP U 104 35.65 -22.62 29.53
CA ASP U 104 36.49 -22.97 28.39
C ASP U 104 37.42 -21.84 27.99
N ARG U 105 37.81 -21.02 28.97
CA ARG U 105 38.95 -20.12 28.76
C ARG U 105 40.20 -20.88 28.36
N ALA U 106 40.25 -22.19 28.59
CA ALA U 106 41.35 -23.00 28.08
C ALA U 106 41.31 -23.07 26.55
N ALA U 107 40.14 -23.33 25.98
CA ALA U 107 40.01 -23.30 24.53
C ALA U 107 40.21 -21.90 23.98
N LEU U 108 39.77 -20.88 24.73
CA LEU U 108 40.01 -19.51 24.29
C LEU U 108 41.50 -19.19 24.29
N GLN U 109 42.23 -19.70 25.29
CA GLN U 109 43.68 -19.55 25.32
C GLN U 109 44.34 -20.31 24.18
N LYS U 110 43.77 -21.46 23.80
CA LYS U 110 44.24 -22.17 22.62
C LYS U 110 44.10 -21.29 21.37
N GLU U 111 42.94 -20.63 21.24
CA GLU U 111 42.75 -19.68 20.14
C GLU U 111 43.80 -18.57 20.18
N VAL U 112 44.03 -18.01 21.36
CA VAL U 112 45.00 -16.92 21.49
C VAL U 112 46.41 -17.40 21.17
N ALA U 113 46.74 -18.65 21.53
CA ALA U 113 48.07 -19.19 21.24
C ALA U 113 48.23 -19.44 19.75
N ALA U 114 47.16 -19.89 19.08
CA ALA U 114 47.20 -19.98 17.63
C ALA U 114 47.41 -18.60 17.02
N GLN U 115 46.81 -17.58 17.61
CA GLN U 115 47.01 -16.21 17.13
C GLN U 115 48.47 -15.78 17.31
N GLN U 116 49.07 -16.13 18.45
CA GLN U 116 50.50 -15.82 18.65
C GLN U 116 51.38 -16.56 17.66
N ALA U 117 51.05 -17.82 17.37
CA ALA U 117 51.83 -18.57 16.39
C ALA U 117 51.69 -17.96 15.01
N GLU U 118 50.50 -17.48 14.65
CA GLU U 118 50.33 -16.81 13.37
C GLU U 118 51.08 -15.49 13.34
N LEU U 119 51.14 -14.78 14.47
CA LEU U 119 51.97 -13.58 14.54
C LEU U 119 53.43 -13.91 14.32
N THR U 120 53.89 -15.02 14.91
CA THR U 120 55.27 -15.46 14.69
C THR U 120 55.50 -15.84 13.22
N ARG U 121 54.46 -16.37 12.57
CA ARG U 121 54.58 -16.70 11.16
C ARG U 121 54.64 -15.45 10.28
N ILE U 122 53.84 -14.43 10.60
CA ILE U 122 53.94 -13.15 9.90
C ILE U 122 55.30 -12.52 10.16
N SER U 123 55.87 -12.77 11.34
CA SER U 123 57.24 -12.34 11.59
C SER U 123 58.19 -12.95 10.56
N ASP U 124 58.00 -14.23 10.25
CA ASP U 124 58.72 -14.89 9.17
C ASP U 124 57.96 -14.66 7.86
N THR U 125 58.33 -15.40 6.82
CA THR U 125 57.70 -15.37 5.50
C THR U 125 57.67 -13.98 4.88
N THR U 126 58.53 -13.08 5.35
CA THR U 126 58.74 -11.77 4.74
C THR U 126 60.00 -11.80 3.89
N THR U 127 60.24 -12.93 3.23
CA THR U 127 61.51 -13.23 2.58
C THR U 127 61.70 -12.38 1.32
N PHE U 128 61.90 -11.09 1.52
CA PHE U 128 62.23 -10.19 0.43
C PHE U 128 63.73 -10.22 0.17
N GLY U 129 64.21 -11.25 -0.51
CA GLY U 129 65.61 -11.37 -0.85
C GLY U 129 66.39 -12.43 -0.11
N GLY U 130 65.71 -13.43 0.47
CA GLY U 130 66.41 -14.45 1.26
C GLY U 130 66.99 -13.86 2.52
N ARG U 131 66.52 -12.67 2.88
CA ARG U 131 67.06 -11.89 3.99
C ARG U 131 65.90 -11.37 4.84
N LYS U 132 65.03 -12.28 5.27
CA LYS U 132 63.77 -11.98 5.97
C LYS U 132 63.91 -10.77 6.89
N LEU U 133 62.99 -9.81 6.73
CA LEU U 133 63.29 -8.44 7.13
C LEU U 133 63.21 -8.25 8.64
N LEU U 134 62.04 -8.44 9.22
CA LEU U 134 61.80 -7.99 10.58
C LEU U 134 62.11 -9.04 11.65
N ASP U 135 62.12 -10.31 11.29
CA ASP U 135 62.44 -11.34 12.27
C ASP U 135 63.92 -11.71 12.23
N GLY U 136 64.31 -12.60 13.12
CA GLY U 136 65.68 -13.10 13.12
C GLY U 136 66.67 -12.00 13.44
N SER U 137 67.72 -11.92 12.61
CA SER U 137 68.78 -10.94 12.77
C SER U 137 68.83 -10.09 11.50
N PHE U 138 68.26 -8.89 11.58
CA PHE U 138 68.32 -7.92 10.50
C PHE U 138 69.63 -7.16 10.56
N GLY U 139 70.29 -7.02 9.41
CA GLY U 139 71.62 -6.44 9.37
C GLY U 139 71.69 -4.97 9.71
N THR U 140 70.55 -4.30 9.85
CA THR U 140 70.49 -2.86 10.08
C THR U 140 71.32 -2.12 9.02
N THR U 141 70.96 -2.37 7.77
CA THR U 141 71.74 -1.90 6.63
C THR U 141 71.52 -0.40 6.42
N SER U 142 72.20 0.15 5.42
CA SER U 142 72.08 1.57 5.10
C SER U 142 72.23 1.69 3.58
N PHE U 143 71.12 1.98 2.90
CA PHE U 143 71.12 2.07 1.45
C PHE U 143 71.77 3.37 1.00
N GLN U 144 72.82 3.26 0.20
CA GLN U 144 73.52 4.44 -0.30
C GLN U 144 72.70 5.10 -1.39
N VAL U 145 72.46 6.41 -1.24
CA VAL U 145 71.64 7.17 -2.18
C VAL U 145 72.40 8.31 -2.83
N GLY U 146 73.70 8.47 -2.55
CA GLY U 146 74.49 9.48 -3.19
C GLY U 146 75.69 8.87 -3.91
N SER U 147 76.29 9.67 -4.78
CA SER U 147 77.46 9.25 -5.53
C SER U 147 78.77 9.49 -4.77
N ASN U 148 78.72 9.63 -3.45
CA ASN U 148 79.89 9.84 -2.62
C ASN U 148 80.04 8.67 -1.65
N ALA U 149 81.27 8.46 -1.19
CA ALA U 149 81.55 7.36 -0.28
C ALA U 149 80.88 7.60 1.07
N TYR U 150 80.36 6.52 1.65
CA TYR U 150 79.76 6.53 3.00
C TYR U 150 78.52 7.42 3.08
N GLU U 151 78.08 7.96 1.95
CA GLU U 151 76.87 8.78 1.96
C GLU U 151 75.65 7.89 1.81
N THR U 152 75.19 7.32 2.92
CA THR U 152 74.11 6.35 2.92
C THR U 152 72.96 6.84 3.79
N ILE U 153 71.88 6.07 3.78
CA ILE U 153 70.68 6.35 4.58
C ILE U 153 70.46 5.17 5.51
N ASP U 154 70.64 5.39 6.80
CA ASP U 154 70.49 4.33 7.78
C ASP U 154 69.03 3.96 7.96
N ILE U 155 68.80 2.73 8.41
CA ILE U 155 67.47 2.22 8.72
C ILE U 155 67.52 1.54 10.08
N SER U 156 66.53 1.82 10.91
CA SER U 156 66.47 1.32 12.28
C SER U 156 65.31 0.33 12.43
N LEU U 157 65.19 -0.56 11.45
CA LEU U 157 64.10 -1.53 11.44
C LEU U 157 64.15 -2.42 12.68
N GLN U 158 62.98 -2.85 13.13
CA GLN U 158 62.86 -3.61 14.37
C GLN U 158 63.67 -4.89 14.30
N ASN U 159 64.32 -5.23 15.42
CA ASN U 159 65.11 -6.44 15.49
C ASN U 159 64.23 -7.68 15.33
N ALA U 160 63.08 -7.69 16.01
CA ALA U 160 62.18 -8.83 15.93
C ALA U 160 60.79 -8.40 16.36
N SER U 161 59.80 -8.80 15.58
CA SER U 161 58.39 -8.65 15.93
C SER U 161 57.80 -10.00 16.30
N ALA U 162 58.66 -10.88 16.82
CA ALA U 162 58.25 -12.20 17.28
C ALA U 162 57.70 -12.10 18.69
N SER U 163 57.58 -13.23 19.38
CA SER U 163 57.00 -13.24 20.72
C SER U 163 57.96 -12.70 21.76
N ALA U 164 59.03 -12.02 21.30
CA ALA U 164 59.95 -11.33 22.19
C ALA U 164 59.66 -9.84 22.32
N ILE U 165 58.79 -9.28 21.49
CA ILE U 165 58.37 -7.90 21.60
C ILE U 165 57.20 -7.83 22.57
N GLY U 166 57.06 -6.70 23.26
CA GLY U 166 55.98 -6.55 24.21
C GLY U 166 56.17 -5.39 25.17
N SER U 167 55.97 -5.64 26.45
CA SER U 167 56.07 -4.63 27.50
C SER U 167 57.39 -4.82 28.24
N TYR U 168 58.41 -4.07 27.83
CA TYR U 168 59.73 -4.12 28.47
C TYR U 168 59.63 -3.40 29.80
N GLN U 169 59.03 -4.06 30.79
CA GLN U 169 58.68 -3.37 32.03
C GLN U 169 58.49 -4.31 33.21
N VAL U 170 59.19 -4.03 34.31
CA VAL U 170 58.92 -4.72 35.57
C VAL U 170 57.73 -4.03 36.24
N GLY U 171 57.93 -2.78 36.64
CA GLY U 171 56.85 -1.94 37.12
C GLY U 171 56.89 -1.71 38.61
N SER U 172 57.08 -2.78 39.38
CA SER U 172 57.26 -2.69 40.83
C SER U 172 57.54 -4.07 41.43
N ASN U 173 58.29 -4.10 42.53
CA ASN U 173 58.27 -5.16 43.54
C ASN U 173 58.43 -6.58 43.00
N GLY U 174 58.82 -6.73 41.74
CA GLY U 174 58.81 -8.04 41.14
C GLY U 174 60.13 -8.50 40.55
N ALA U 175 61.14 -7.63 40.58
CA ALA U 175 62.46 -8.01 40.05
C ALA U 175 63.44 -8.27 41.18
N GLY U 176 63.83 -9.53 41.35
CA GLY U 176 64.79 -9.90 42.38
C GLY U 176 64.17 -10.08 43.75
N THR U 177 63.83 -8.98 44.41
CA THR U 177 63.20 -9.00 45.72
C THR U 177 62.02 -8.04 45.74
N VAL U 178 61.10 -8.26 46.68
CA VAL U 178 59.96 -7.37 46.81
C VAL U 178 60.42 -6.02 47.35
N ALA U 179 59.59 -5.00 47.12
CA ALA U 179 59.90 -3.66 47.61
C ALA U 179 59.74 -3.61 49.13
N SER U 180 60.06 -2.46 49.71
CA SER U 180 59.98 -2.28 51.15
C SER U 180 58.73 -1.54 51.59
N VAL U 181 58.23 -0.60 50.78
CA VAL U 181 57.04 0.18 51.11
C VAL U 181 55.93 -0.05 50.08
N ALA U 182 56.26 0.02 48.80
CA ALA U 182 55.26 -0.20 47.76
C ALA U 182 54.76 -1.63 47.81
N GLY U 183 53.44 -1.79 47.90
CA GLY U 183 52.85 -3.10 48.11
C GLY U 183 53.31 -3.70 49.41
N THR U 184 53.51 -2.86 50.43
CA THR U 184 53.97 -3.31 51.73
C THR U 184 53.44 -2.39 52.83
N ALA U 185 52.88 -2.96 53.89
CA ALA U 185 52.42 -2.16 55.00
C ALA U 185 53.60 -1.68 55.82
N THR U 186 53.72 -0.35 55.96
CA THR U 186 54.83 0.26 56.67
C THR U 186 54.31 1.26 57.69
N ALA U 187 55.19 1.62 58.63
CA ALA U 187 54.85 2.56 59.68
C ALA U 187 55.02 4.01 59.25
N SER U 188 56.12 4.32 58.58
CA SER U 188 56.40 5.69 58.15
C SER U 188 55.83 5.97 56.76
N GLY U 189 55.70 4.95 55.92
CA GLY U 189 55.18 5.14 54.57
C GLY U 189 56.27 5.46 53.57
N ILE U 190 55.85 6.10 52.49
CA ILE U 190 56.76 6.54 51.44
C ILE U 190 57.76 7.53 52.02
N ALA U 191 59.03 7.32 51.74
CA ALA U 191 60.09 8.22 52.20
C ALA U 191 60.44 9.23 51.13
N SER U 192 61.15 10.28 51.54
CA SER U 192 61.57 11.32 50.63
C SER U 192 62.77 10.85 49.81
N GLY U 193 63.11 11.65 48.79
CA GLY U 193 64.23 11.36 47.91
C GLY U 193 63.83 11.50 46.46
N THR U 194 64.61 10.86 45.59
CA THR U 194 64.36 10.89 44.16
C THR U 194 64.46 9.47 43.59
N VAL U 195 63.87 9.29 42.41
CA VAL U 195 63.91 8.02 41.71
C VAL U 195 64.35 8.24 40.27
N ASN U 196 65.56 7.82 39.94
CA ASN U 196 66.06 7.97 38.58
C ASN U 196 65.32 7.05 37.62
N LEU U 197 64.96 7.58 36.46
CA LEU U 197 64.25 6.81 35.43
C LEU U 197 64.90 7.17 34.09
N VAL U 198 65.86 6.37 33.66
CA VAL U 198 66.57 6.60 32.42
C VAL U 198 66.05 5.61 31.37
N GLY U 199 65.86 6.12 30.15
CA GLY U 199 65.39 5.28 29.06
C GLY U 199 65.04 6.06 27.81
N GLY U 200 65.40 5.52 26.66
CA GLY U 200 65.15 6.16 25.38
C GLY U 200 65.77 7.53 25.25
N GLY U 201 67.07 7.61 25.50
CA GLY U 201 67.78 8.87 25.35
C GLY U 201 67.52 9.87 26.46
N GLN U 202 66.24 10.19 26.69
CA GLN U 202 65.87 11.16 27.69
C GLN U 202 66.22 10.66 29.09
N VAL U 203 66.74 11.57 29.92
CA VAL U 203 67.10 11.28 31.30
C VAL U 203 66.23 12.14 32.20
N LYS U 204 65.69 11.53 33.26
CA LYS U 204 64.83 12.23 34.20
C LYS U 204 65.25 11.90 35.62
N ASN U 205 64.94 12.83 36.54
CA ASN U 205 65.32 12.66 37.93
C ASN U 205 64.18 13.02 38.88
N ILE U 206 62.96 12.54 38.64
CA ILE U 206 61.79 12.87 39.45
C ILE U 206 62.05 12.62 40.92
N ALA U 207 61.77 13.62 41.75
CA ALA U 207 61.98 13.50 43.18
C ALA U 207 60.69 13.05 43.87
N ILE U 208 60.78 11.99 44.67
CA ILE U 208 59.62 11.44 45.37
C ILE U 208 59.59 12.02 46.78
N ALA U 209 58.50 12.72 47.10
CA ALA U 209 58.34 13.28 48.43
C ALA U 209 57.75 12.25 49.37
N ALA U 210 57.97 12.46 50.66
CA ALA U 210 57.44 11.57 51.67
C ALA U 210 55.95 11.80 51.87
N GLY U 211 55.23 10.72 52.20
CA GLY U 211 53.80 10.81 52.43
C GLY U 211 52.98 10.68 51.16
N ASP U 212 53.63 10.86 50.01
CA ASP U 212 52.95 10.78 48.72
C ASP U 212 52.26 9.43 48.52
N SER U 213 51.00 9.46 48.09
CA SER U 213 50.27 8.23 47.83
C SER U 213 50.85 7.52 46.61
N ALA U 214 50.45 6.25 46.44
CA ALA U 214 50.84 5.50 45.24
C ALA U 214 50.33 6.19 43.99
N LYS U 215 49.14 6.79 44.09
CA LYS U 215 48.61 7.59 42.99
C LYS U 215 49.57 8.72 42.62
N ALA U 216 50.13 9.37 43.64
CA ALA U 216 51.07 10.46 43.43
C ALA U 216 52.33 9.96 42.73
N ILE U 217 52.86 8.83 43.17
CA ILE U 217 54.04 8.23 42.55
C ILE U 217 53.74 7.95 41.09
N ALA U 218 52.57 7.38 40.83
CA ALA U 218 52.15 7.03 39.48
C ALA U 218 52.10 8.27 38.58
N GLU U 219 51.40 9.32 39.04
CA GLU U 219 51.23 10.50 38.20
C GLU U 219 52.55 11.25 38.00
N LYS U 220 53.42 11.24 39.02
CA LYS U 220 54.71 11.90 38.90
C LYS U 220 55.61 11.17 37.92
N MET U 221 55.76 9.85 38.08
CA MET U 221 56.65 9.09 37.23
C MET U 221 56.13 8.99 35.80
N ASP U 222 54.84 9.25 35.58
CA ASP U 222 54.26 9.24 34.25
C ASP U 222 54.64 10.52 33.49
N GLY U 223 54.31 10.59 32.21
CA GLY U 223 54.51 11.80 31.45
C GLY U 223 55.85 11.92 30.76
N ALA U 224 56.80 12.57 31.42
CA ALA U 224 58.09 12.96 30.85
C ALA U 224 58.74 11.88 29.99
N ILE U 225 58.84 10.66 30.51
CA ILE U 225 59.50 9.57 29.79
C ILE U 225 58.72 9.23 28.53
N PRO U 226 59.36 9.23 27.37
CA PRO U 226 58.65 8.91 26.13
C PRO U 226 58.12 7.48 26.14
N ASN U 227 56.85 7.34 25.78
CA ASN U 227 56.18 6.05 25.69
C ASN U 227 56.25 5.29 27.01
N LEU U 228 55.60 5.86 28.02
CA LEU U 228 55.54 5.25 29.34
C LEU U 228 54.20 5.57 29.99
N SER U 229 53.54 4.55 30.51
CA SER U 229 52.28 4.68 31.22
C SER U 229 52.49 4.30 32.67
N ALA U 230 51.43 4.42 33.48
CA ALA U 230 51.55 4.15 34.90
C ALA U 230 50.18 3.79 35.47
N ARG U 231 50.13 2.72 36.24
CA ARG U 231 48.93 2.29 36.94
C ARG U 231 49.17 2.34 38.46
N ALA U 232 48.12 2.15 39.24
CA ALA U 232 48.23 2.19 40.69
C ALA U 232 47.05 1.49 41.36
N ARG U 233 47.32 0.43 42.11
CA ARG U 233 46.28 -0.28 42.84
C ARG U 233 46.77 -0.59 44.25
N THR U 234 45.83 -0.72 45.18
CA THR U 234 46.12 -0.98 46.59
C THR U 234 45.20 -2.09 47.08
N VAL U 235 45.13 -3.18 46.31
CA VAL U 235 44.29 -4.32 46.66
C VAL U 235 44.94 -5.09 47.79
N PHE U 236 44.19 -5.30 48.88
CA PHE U 236 44.70 -6.01 50.04
C PHE U 236 43.56 -6.73 50.75
N THR U 237 43.92 -7.66 51.63
CA THR U 237 42.96 -8.44 52.39
C THR U 237 42.95 -8.01 53.85
N ALA U 238 42.03 -8.59 54.61
CA ALA U 238 41.88 -8.29 56.03
C ALA U 238 41.17 -9.48 56.69
N ASP U 239 41.30 -9.56 58.01
CA ASP U 239 40.69 -10.65 58.77
CA ASP U 239 40.69 -10.65 58.77
C ASP U 239 40.57 -10.20 60.23
N VAL U 240 39.34 -10.18 60.74
CA VAL U 240 39.09 -9.83 62.13
C VAL U 240 39.03 -11.12 62.94
N SER U 241 40.01 -11.32 63.82
CA SER U 241 40.07 -12.52 64.64
C SER U 241 40.81 -12.22 65.94
N GLY U 242 40.59 -13.08 66.93
CA GLY U 242 41.28 -12.96 68.20
C GLY U 242 40.67 -11.94 69.13
N VAL U 243 39.66 -11.20 68.65
CA VAL U 243 39.03 -10.16 69.44
C VAL U 243 38.36 -10.77 70.68
N THR U 244 38.70 -10.21 71.85
CA THR U 244 38.17 -10.71 73.11
C THR U 244 37.97 -9.54 74.07
N GLY U 245 36.85 -9.57 74.79
CA GLY U 245 36.55 -8.57 75.80
C GLY U 245 36.55 -7.14 75.30
N GLY U 246 35.61 -6.81 74.44
CA GLY U 246 35.47 -5.46 73.91
C GLY U 246 35.42 -5.45 72.39
N SER U 247 35.35 -4.23 71.86
CA SER U 247 35.26 -4.01 70.43
C SER U 247 36.57 -3.46 69.88
N LEU U 248 36.79 -3.69 68.59
CA LEU U 248 38.02 -3.29 67.92
C LEU U 248 37.90 -1.96 67.19
N ASN U 249 37.13 -1.01 67.75
CA ASN U 249 36.88 0.28 67.13
C ASN U 249 38.17 0.95 66.67
N PHE U 250 38.24 1.31 65.39
CA PHE U 250 39.45 1.88 64.81
C PHE U 250 39.07 2.85 63.70
N ASP U 251 40.02 3.71 63.35
CA ASP U 251 39.79 4.71 62.32
C ASP U 251 40.29 4.24 60.96
N VAL U 252 39.64 4.72 59.91
CA VAL U 252 40.00 4.39 58.53
C VAL U 252 40.25 5.71 57.81
N THR U 253 41.51 5.94 57.43
CA THR U 253 41.91 7.15 56.73
C THR U 253 42.32 6.81 55.30
N VAL U 254 41.68 7.45 54.33
CA VAL U 254 41.97 7.23 52.92
C VAL U 254 42.14 8.58 52.24
N GLY U 255 43.39 8.94 51.94
CA GLY U 255 43.67 10.20 51.29
C GLY U 255 43.26 11.40 52.10
N SER U 256 42.21 12.10 51.66
CA SER U 256 41.72 13.29 52.34
C SER U 256 40.53 12.99 53.25
N ASN U 257 39.46 12.41 52.71
CA ASN U 257 38.30 12.08 53.51
C ASN U 257 38.61 10.93 54.46
N THR U 258 37.96 10.94 55.63
CA THR U 258 38.26 9.98 56.67
C THR U 258 37.01 9.72 57.49
N VAL U 259 36.72 8.45 57.76
CA VAL U 259 35.60 8.06 58.61
C VAL U 259 36.15 7.33 59.84
N SER U 260 35.27 6.98 60.76
CA SER U 260 35.68 6.29 61.99
C SER U 260 34.76 5.09 62.19
N LEU U 261 35.26 3.91 61.88
CA LEU U 261 34.47 2.69 62.05
C LEU U 261 34.47 2.26 63.51
N ALA U 262 33.55 1.36 63.84
CA ALA U 262 33.40 0.86 65.20
C ALA U 262 32.67 -0.47 65.15
N GLY U 263 32.49 -1.09 66.31
CA GLY U 263 31.76 -2.33 66.41
C GLY U 263 32.46 -3.51 65.76
N VAL U 264 33.75 -3.38 65.52
CA VAL U 264 34.52 -4.43 64.86
C VAL U 264 34.66 -5.63 65.79
N THR U 265 33.96 -6.71 65.47
CA THR U 265 34.09 -7.96 66.22
C THR U 265 34.17 -9.19 65.34
N SER U 266 34.07 -9.05 64.02
CA SER U 266 34.10 -10.20 63.13
C SER U 266 34.48 -9.71 61.74
N THR U 267 35.05 -10.62 60.94
CA THR U 267 35.47 -10.30 59.58
C THR U 267 34.29 -9.81 58.74
N GLN U 268 33.11 -10.40 58.94
CA GLN U 268 31.94 -10.05 58.16
C GLN U 268 31.48 -8.62 58.45
N ASP U 269 31.42 -8.25 59.73
CA ASP U 269 30.94 -6.94 60.14
C ASP U 269 31.81 -5.82 59.58
N LEU U 270 33.13 -6.02 59.60
CA LEU U 270 34.06 -5.06 59.04
C LEU U 270 33.76 -4.83 57.56
N ALA U 271 33.61 -5.92 56.81
CA ALA U 271 33.26 -5.84 55.39
C ALA U 271 31.97 -5.07 55.20
N ASP U 272 30.96 -5.36 56.01
CA ASP U 272 29.66 -4.70 55.90
C ASP U 272 29.79 -3.20 56.10
N GLN U 273 30.41 -2.78 57.21
CA GLN U 273 30.49 -1.34 57.49
C GLN U 273 31.38 -0.64 56.47
N LEU U 274 32.44 -1.32 55.99
CA LEU U 274 33.29 -0.73 54.97
C LEU U 274 32.52 -0.53 53.66
N ASN U 275 31.69 -1.51 53.30
CA ASN U 275 30.84 -1.37 52.13
C ASN U 275 29.88 -0.20 52.32
N SER U 276 29.32 -0.05 53.52
CA SER U 276 28.45 1.07 53.82
C SER U 276 29.19 2.40 53.66
N ASN U 277 30.46 2.42 54.08
CA ASN U 277 31.28 3.63 53.94
C ASN U 277 32.13 3.64 52.68
N SER U 278 31.92 2.69 51.77
CA SER U 278 32.74 2.59 50.57
C SER U 278 32.66 3.84 49.71
N SER U 279 31.46 4.42 49.59
CA SER U 279 31.26 5.62 48.79
C SER U 279 32.13 6.77 49.29
N LYS U 280 32.06 7.05 50.59
CA LYS U 280 32.84 8.16 51.15
C LYS U 280 34.33 7.87 51.11
N LEU U 281 34.73 6.65 51.48
CA LEU U 281 36.14 6.29 51.51
C LEU U 281 36.72 6.12 50.12
N GLY U 282 35.85 6.05 49.11
CA GLY U 282 36.31 5.89 47.74
C GLY U 282 36.99 4.56 47.49
N ILE U 283 36.55 3.51 48.20
CA ILE U 283 37.10 2.18 48.02
C ILE U 283 35.98 1.23 47.65
N THR U 284 36.31 -0.04 47.40
CA THR U 284 35.34 -1.07 47.04
C THR U 284 35.53 -2.28 47.96
N ALA U 285 34.85 -2.23 49.11
CA ALA U 285 34.93 -3.31 50.08
C ALA U 285 34.09 -4.50 49.64
N SER U 286 34.73 -5.60 49.29
CA SER U 286 34.04 -6.79 48.79
C SER U 286 34.46 -8.00 49.63
N ILE U 287 33.49 -8.64 50.27
CA ILE U 287 33.73 -9.90 50.98
C ILE U 287 33.57 -11.04 49.98
N ASN U 288 34.54 -11.96 49.99
CA ASN U 288 34.50 -13.09 49.08
C ASN U 288 33.74 -14.26 49.71
N ASP U 289 33.67 -15.37 48.98
CA ASP U 289 33.01 -16.56 49.50
C ASP U 289 33.74 -17.12 50.71
N LYS U 290 35.06 -16.93 50.76
CA LYS U 290 35.87 -17.46 51.85
C LYS U 290 35.95 -16.47 53.01
N GLY U 291 35.15 -15.41 52.96
CA GLY U 291 35.11 -14.45 54.05
C GLY U 291 36.19 -13.39 53.99
N VAL U 292 37.38 -13.77 53.52
CA VAL U 292 38.53 -12.89 53.47
C VAL U 292 38.20 -11.62 52.71
N LEU U 293 38.48 -10.47 53.32
CA LEU U 293 38.24 -9.17 52.69
C LEU U 293 39.05 -9.02 51.40
N THR U 294 38.47 -8.36 50.41
CA THR U 294 39.15 -8.05 49.15
C THR U 294 39.14 -6.56 48.87
N ILE U 295 39.47 -5.74 49.86
CA ILE U 295 39.44 -4.29 49.75
C ILE U 295 40.30 -3.84 48.57
N THR U 296 39.72 -3.03 47.70
CA THR U 296 40.37 -2.60 46.47
C THR U 296 40.29 -1.08 46.34
N SER U 297 41.39 -0.48 45.94
CA SER U 297 41.49 0.96 45.72
C SER U 297 41.16 1.30 44.28
N ALA U 298 40.83 2.57 44.05
CA ALA U 298 40.45 3.01 42.71
C ALA U 298 41.69 3.27 41.85
N THR U 299 42.54 4.20 42.26
CA THR U 299 43.73 4.56 41.51
C THR U 299 44.96 4.55 42.41
N GLY U 300 45.04 3.52 43.25
CA GLY U 300 46.16 3.36 44.15
C GLY U 300 46.22 4.45 45.22
N GLU U 301 45.25 4.46 46.12
CA GLU U 301 45.21 5.45 47.19
C GLU U 301 46.14 5.05 48.33
N ASN U 302 46.01 5.74 49.47
CA ASN U 302 46.92 5.55 50.59
C ASN U 302 46.16 5.23 51.86
N VAL U 303 45.22 4.28 51.79
CA VAL U 303 44.39 3.88 52.92
C VAL U 303 45.24 3.64 54.15
N LYS U 304 44.85 4.24 55.27
CA LYS U 304 45.57 4.18 56.52
C LYS U 304 44.76 3.42 57.56
N PHE U 305 45.26 3.37 58.80
CA PHE U 305 44.57 2.69 59.88
C PHE U 305 44.87 3.42 61.18
N GLY U 306 43.83 3.71 61.96
CA GLY U 306 44.00 4.44 63.20
C GLY U 306 44.53 3.61 64.34
N ALA U 307 44.06 3.89 65.56
CA ALA U 307 44.49 3.19 66.75
C ALA U 307 43.29 2.48 67.39
N GLN U 308 43.58 1.65 68.39
CA GLN U 308 42.54 0.88 69.08
C GLN U 308 41.79 1.76 70.08
N THR U 309 40.79 2.47 69.55
CA THR U 309 39.97 3.32 70.41
C THR U 309 38.95 2.51 71.20
N GLY U 310 38.66 1.29 70.76
CA GLY U 310 37.68 0.47 71.43
C GLY U 310 38.17 -0.04 72.77
N THR U 311 37.39 -0.99 73.33
CA THR U 311 37.67 -1.56 74.63
C THR U 311 38.21 -2.98 74.57
N ALA U 312 38.48 -3.49 73.38
CA ALA U 312 38.99 -4.86 73.22
C ALA U 312 40.32 -5.05 73.93
N THR U 313 40.39 -6.08 74.78
CA THR U 313 41.63 -6.41 75.45
C THR U 313 42.66 -6.95 74.47
N ALA U 314 42.29 -7.99 73.73
CA ALA U 314 43.14 -8.61 72.73
C ALA U 314 42.43 -8.61 71.39
N GLY U 315 43.11 -9.11 70.37
CA GLY U 315 42.57 -9.17 69.03
C GLY U 315 43.24 -8.16 68.10
N GLN U 316 43.20 -8.48 66.81
CA GLN U 316 43.85 -7.64 65.81
C GLN U 316 43.37 -7.98 64.40
N VAL U 317 43.87 -7.24 63.41
CA VAL U 317 43.58 -7.50 62.01
C VAL U 317 44.90 -7.50 61.25
N ALA U 318 44.96 -8.27 60.18
CA ALA U 318 46.17 -8.39 59.37
C ALA U 318 45.91 -7.83 57.97
N VAL U 319 46.99 -7.64 57.21
CA VAL U 319 46.92 -7.15 55.85
C VAL U 319 47.86 -7.97 54.99
N LYS U 320 47.48 -8.16 53.73
CA LYS U 320 48.31 -8.90 52.79
C LYS U 320 48.43 -8.18 51.44
N VAL U 321 48.79 -6.89 51.46
CA VAL U 321 48.87 -6.06 50.27
C VAL U 321 49.59 -6.78 49.12
N GLN U 322 48.93 -6.85 47.97
CA GLN U 322 49.50 -7.54 46.83
C GLN U 322 50.17 -6.55 45.88
N GLY U 323 50.92 -7.09 44.92
CA GLY U 323 51.57 -6.27 43.92
C GLY U 323 51.18 -6.67 42.51
N SER U 324 52.01 -6.29 41.54
CA SER U 324 51.76 -6.70 40.15
C SER U 324 51.90 -8.21 39.98
N ASP U 325 52.64 -8.86 40.88
CA ASP U 325 52.81 -10.31 40.81
C ASP U 325 51.50 -11.06 41.04
N GLY U 326 50.51 -10.41 41.67
CA GLY U 326 49.22 -11.04 41.86
C GLY U 326 49.08 -11.79 43.17
N LYS U 327 50.12 -12.53 43.56
CA LYS U 327 50.06 -13.34 44.76
C LYS U 327 50.16 -12.47 46.02
N PHE U 328 49.21 -12.62 46.94
CA PHE U 328 49.24 -11.92 48.21
C PHE U 328 50.39 -12.44 49.06
N GLU U 329 51.09 -11.56 49.76
CA GLU U 329 52.21 -11.97 50.62
C GLU U 329 51.75 -12.95 51.68
N ALA U 330 52.59 -13.96 51.94
CA ALA U 330 52.30 -14.95 52.97
C ALA U 330 52.37 -14.33 54.37
N ALA U 331 52.92 -13.13 54.47
CA ALA U 331 53.07 -12.46 55.76
C ALA U 331 51.72 -12.03 56.32
N ALA U 332 51.70 -11.64 57.59
CA ALA U 332 50.46 -11.21 58.24
C ALA U 332 50.65 -9.93 59.05
N LYS U 333 51.30 -8.92 58.46
CA LYS U 333 51.65 -7.69 59.16
C LYS U 333 50.46 -7.04 59.84
N ASN U 334 50.60 -6.76 61.14
CA ASN U 334 49.52 -6.16 61.92
C ASN U 334 49.42 -4.66 61.68
N VAL U 335 48.20 -4.19 61.46
CA VAL U 335 47.96 -2.76 61.32
C VAL U 335 47.16 -2.24 62.51
N VAL U 336 46.07 -2.91 62.86
CA VAL U 336 45.29 -2.52 64.02
C VAL U 336 45.27 -3.65 65.02
N ALA U 337 45.70 -3.37 66.24
CA ALA U 337 45.78 -4.39 67.28
C ALA U 337 45.30 -3.82 68.60
N ALA U 338 44.71 -4.67 69.42
CA ALA U 338 44.28 -4.28 70.76
C ALA U 338 45.47 -4.33 71.71
N GLY U 339 45.26 -3.89 72.94
CA GLY U 339 46.36 -3.81 73.90
C GLY U 339 47.46 -2.91 73.41
N THR U 340 48.61 -3.50 73.06
CA THR U 340 49.72 -2.74 72.47
C THR U 340 49.45 -2.58 70.99
N ALA U 341 49.52 -1.33 70.51
CA ALA U 341 49.27 -1.07 69.09
C ALA U 341 50.44 -1.55 68.25
N ALA U 342 50.16 -1.80 66.97
CA ALA U 342 51.21 -2.21 66.04
C ALA U 342 51.96 -1.00 65.51
N THR U 343 52.82 -1.20 64.52
CA THR U 343 53.62 -0.12 63.96
C THR U 343 53.19 0.20 62.54
N THR U 344 53.22 -0.81 61.66
CA THR U 344 52.88 -0.60 60.26
C THR U 344 51.40 -0.29 60.10
N THR U 345 51.08 0.95 59.73
CA THR U 345 49.69 1.36 59.58
C THR U 345 49.40 2.07 58.27
N ILE U 346 50.41 2.54 57.53
CA ILE U 346 50.18 3.25 56.28
C ILE U 346 50.20 2.25 55.13
N VAL U 347 49.03 1.72 54.80
CA VAL U 347 48.90 0.75 53.71
C VAL U 347 49.05 1.47 52.37
N THR U 348 50.03 1.03 51.58
CA THR U 348 50.26 1.59 50.25
C THR U 348 50.51 0.45 49.28
N GLY U 349 49.81 0.51 48.13
CA GLY U 349 49.87 -0.55 47.15
C GLY U 349 51.07 -0.44 46.23
N TYR U 350 51.03 -1.21 45.16
CA TYR U 350 52.09 -1.26 44.16
C TYR U 350 51.88 -0.16 43.13
N VAL U 351 52.98 0.33 42.57
CA VAL U 351 52.96 1.45 41.64
C VAL U 351 53.44 0.96 40.28
N GLN U 352 53.12 -0.29 39.96
CA GLN U 352 53.52 -0.87 38.68
C GLN U 352 53.10 0.02 37.52
N LEU U 353 54.10 0.53 36.81
CA LEU U 353 53.89 1.33 35.60
C LEU U 353 54.19 0.47 34.38
N ASN U 354 54.04 1.07 33.20
CA ASN U 354 54.21 0.34 31.95
C ASN U 354 54.90 1.21 30.92
N SER U 355 55.67 0.56 30.04
CA SER U 355 56.37 1.22 28.95
C SER U 355 56.82 0.20 27.91
N PRO U 356 56.55 0.44 26.63
CA PRO U 356 56.98 -0.53 25.60
C PRO U 356 58.48 -0.62 25.43
N THR U 357 59.17 0.53 25.38
CA THR U 357 60.60 0.54 25.11
C THR U 357 61.37 0.07 26.35
N ALA U 358 62.70 0.09 26.25
CA ALA U 358 63.57 -0.37 27.33
C ALA U 358 63.89 0.80 28.25
N TYR U 359 63.54 0.66 29.53
CA TYR U 359 63.78 1.69 30.53
C TYR U 359 64.87 1.25 31.49
N SER U 360 65.10 2.07 32.51
CA SER U 360 66.07 1.74 33.57
C SER U 360 65.77 2.61 34.78
N VAL U 361 65.55 1.98 35.93
CA VAL U 361 65.23 2.67 37.16
C VAL U 361 66.36 2.50 38.15
N SER U 362 66.70 3.58 38.86
CA SER U 362 67.71 3.55 39.90
C SER U 362 67.39 4.64 40.92
N GLY U 363 68.09 4.62 42.04
CA GLY U 363 67.86 5.59 43.09
C GLY U 363 68.85 5.52 44.23
N THR U 364 69.19 6.67 44.80
CA THR U 364 70.13 6.72 45.92
C THR U 364 69.51 6.09 47.16
N GLY U 365 70.25 5.16 47.77
CA GLY U 365 69.80 4.52 48.99
C GLY U 365 68.55 3.68 48.82
N THR U 366 67.55 3.91 49.67
CA THR U 366 66.32 3.12 49.66
C THR U 366 65.19 3.78 48.90
N GLN U 367 65.42 4.95 48.29
CA GLN U 367 64.39 5.66 47.55
C GLN U 367 63.84 4.82 46.40
N ALA U 368 64.69 3.99 45.80
CA ALA U 368 64.24 3.14 44.69
C ALA U 368 63.72 1.80 45.20
N SER U 369 64.38 1.23 46.22
CA SER U 369 64.00 -0.07 46.74
C SER U 369 62.61 -0.05 47.36
N GLN U 370 62.22 1.09 47.94
CA GLN U 370 60.91 1.18 48.57
C GLN U 370 59.78 1.04 47.56
N VAL U 371 60.04 1.34 46.30
CA VAL U 371 59.02 1.30 45.25
C VAL U 371 59.27 0.18 44.25
N PHE U 372 60.53 -0.07 43.90
CA PHE U 372 60.85 -1.02 42.84
C PHE U 372 61.67 -2.19 43.37
N GLY U 373 62.20 -2.07 44.58
CA GLY U 373 63.00 -3.16 45.12
C GLY U 373 64.31 -3.31 44.40
N ASN U 374 64.69 -4.57 44.15
CA ASN U 374 65.97 -4.87 43.53
C ASN U 374 65.95 -4.66 42.02
N ALA U 375 64.81 -4.21 41.49
CA ALA U 375 64.67 -3.93 40.07
C ALA U 375 65.78 -3.03 39.56
N SER U 376 66.45 -3.45 38.47
CA SER U 376 67.60 -2.69 38.02
C SER U 376 67.36 -2.01 36.68
N ALA U 377 67.07 -2.77 35.63
CA ALA U 377 66.87 -2.13 34.33
C ALA U 377 65.48 -2.31 33.76
N ALA U 378 65.08 -3.55 33.48
CA ALA U 378 63.83 -3.83 32.79
C ALA U 378 63.64 -5.34 32.70
N GLN U 379 62.57 -5.73 32.00
CA GLN U 379 62.37 -7.09 31.53
C GLN U 379 61.89 -7.04 30.08
N LYS U 380 61.35 -8.16 29.58
CA LYS U 380 60.84 -8.20 28.21
C LYS U 380 59.37 -8.60 28.21
N SER U 381 58.97 -9.36 29.23
CA SER U 381 57.62 -9.85 29.46
C SER U 381 57.23 -10.96 28.49
N SER U 382 58.06 -11.17 27.45
CA SER U 382 58.05 -12.38 26.63
C SER U 382 56.66 -12.89 26.31
N VAL U 383 55.85 -12.12 25.60
CA VAL U 383 54.42 -12.42 25.54
C VAL U 383 54.16 -13.62 24.63
N ALA U 384 54.13 -14.80 25.24
CA ALA U 384 53.56 -16.01 24.66
C ALA U 384 52.71 -16.68 25.74
N SER U 385 53.07 -16.42 26.99
CA SER U 385 52.50 -16.95 28.23
C SER U 385 51.40 -16.08 28.81
N VAL U 386 50.58 -15.43 27.97
CA VAL U 386 49.53 -14.53 28.43
C VAL U 386 48.70 -15.15 29.54
N ASP U 387 48.49 -16.47 29.47
CA ASP U 387 47.63 -17.19 30.39
C ASP U 387 46.30 -16.42 30.46
N ILE U 388 45.57 -16.38 29.34
CA ILE U 388 44.37 -15.56 29.26
C ILE U 388 43.24 -16.17 30.07
N SER U 389 43.42 -17.41 30.52
CA SER U 389 42.43 -18.09 31.36
C SER U 389 42.21 -17.32 32.66
N THR U 390 43.30 -16.96 33.34
CA THR U 390 43.19 -16.23 34.59
C THR U 390 42.84 -14.77 34.33
N ALA U 391 41.97 -14.22 35.18
CA ALA U 391 41.57 -12.83 35.06
C ALA U 391 42.76 -11.89 35.23
N ASP U 392 43.54 -12.10 36.29
CA ASP U 392 44.75 -11.33 36.51
C ASP U 392 45.70 -11.45 35.32
N GLY U 393 45.93 -12.68 34.88
CA GLY U 393 46.69 -12.93 33.68
C GLY U 393 46.10 -12.24 32.47
N ALA U 394 44.77 -12.16 32.41
CA ALA U 394 44.10 -11.48 31.32
C ALA U 394 44.43 -9.99 31.30
N GLN U 395 44.35 -9.34 32.46
CA GLN U 395 44.67 -7.91 32.53
C GLN U 395 46.13 -7.67 32.21
N ASN U 396 47.01 -8.53 32.73
CA ASN U 396 48.42 -8.45 32.39
C ASN U 396 48.63 -8.55 30.88
N ALA U 397 47.89 -9.47 30.24
CA ALA U 397 48.00 -9.65 28.80
C ALA U 397 47.51 -8.42 28.05
N ILE U 398 46.42 -7.82 28.52
CA ILE U 398 45.89 -6.60 27.89
C ILE U 398 46.94 -5.50 27.96
N ALA U 399 47.54 -5.32 29.14
CA ALA U 399 48.58 -4.30 29.28
C ALA U 399 49.76 -4.57 28.35
N VAL U 400 50.20 -5.83 28.29
CA VAL U 400 51.36 -6.18 27.49
C VAL U 400 51.06 -5.96 26.00
N VAL U 401 49.87 -6.34 25.55
CA VAL U 401 49.56 -6.18 24.14
C VAL U 401 49.35 -4.71 23.80
N ASP U 402 48.87 -3.91 24.75
CA ASP U 402 48.79 -2.47 24.51
C ASP U 402 50.19 -1.88 24.31
N ASN U 403 51.11 -2.22 25.21
CA ASN U 403 52.50 -1.76 25.03
C ASN U 403 53.10 -2.27 23.72
N ALA U 404 52.83 -3.53 23.36
CA ALA U 404 53.39 -4.10 22.15
C ALA U 404 52.85 -3.39 20.92
N LEU U 405 51.55 -3.10 20.89
CA LEU U 405 50.98 -2.38 19.76
C LEU U 405 51.50 -0.96 19.70
N ALA U 406 51.73 -0.32 20.85
CA ALA U 406 52.35 1.00 20.84
C ALA U 406 53.73 0.95 20.21
N ALA U 407 54.53 -0.05 20.58
CA ALA U 407 55.87 -0.18 20.01
C ALA U 407 55.81 -0.50 18.52
N ILE U 408 54.85 -1.33 18.11
CA ILE U 408 54.73 -1.68 16.69
C ILE U 408 54.30 -0.47 15.88
N ASP U 409 53.42 0.36 16.43
CA ASP U 409 52.98 1.55 15.71
C ASP U 409 54.11 2.58 15.66
N ALA U 410 54.94 2.63 16.71
CA ALA U 410 56.14 3.47 16.66
C ALA U 410 57.08 2.99 15.57
N GLN U 411 57.24 1.66 15.42
CA GLN U 411 58.05 1.13 14.33
C GLN U 411 57.47 1.49 12.97
N ARG U 412 56.14 1.45 12.85
CA ARG U 412 55.48 1.86 11.61
C ARG U 412 55.74 3.33 11.32
N ALA U 413 55.72 4.17 12.36
CA ALA U 413 56.01 5.59 12.16
C ALA U 413 57.46 5.81 11.75
N ASP U 414 58.38 5.01 12.31
CA ASP U 414 59.77 5.08 11.89
C ASP U 414 59.90 4.71 10.41
N LEU U 415 59.24 3.62 10.00
CA LEU U 415 59.25 3.25 8.59
C LEU U 415 58.65 4.35 7.72
N ALA U 416 57.60 5.02 8.22
CA ALA U 416 56.99 6.13 7.50
C ALA U 416 58.01 7.25 7.30
N ALA U 417 58.73 7.60 8.37
CA ALA U 417 59.76 8.63 8.26
C ALA U 417 60.83 8.24 7.25
N VAL U 418 61.23 6.96 7.27
CA VAL U 418 62.26 6.48 6.34
C VAL U 418 61.77 6.61 4.90
N GLN U 419 60.52 6.23 4.66
CA GLN U 419 59.99 6.32 3.29
C GLN U 419 59.80 7.76 2.85
N ASN U 420 59.40 8.65 3.76
CA ASN U 420 59.30 10.07 3.41
C ASN U 420 60.68 10.63 3.06
N ARG U 421 61.68 10.27 3.83
CA ARG U 421 63.06 10.66 3.52
C ARG U 421 63.47 10.13 2.16
N PHE U 422 63.13 8.87 1.87
CA PHE U 422 63.45 8.29 0.56
C PHE U 422 62.80 9.06 -0.57
N LYS U 423 61.52 9.41 -0.41
CA LYS U 423 60.83 10.09 -1.51
C LYS U 423 61.36 11.50 -1.71
N ASN U 424 61.61 12.22 -0.62
CA ASN U 424 62.19 13.56 -0.75
C ASN U 424 63.56 13.49 -1.40
N THR U 425 64.39 12.54 -0.97
CA THR U 425 65.71 12.36 -1.55
C THR U 425 65.62 12.01 -3.03
N ILE U 426 64.65 11.18 -3.42
CA ILE U 426 64.59 10.75 -4.81
C ILE U 426 64.10 11.87 -5.70
N ASP U 427 63.18 12.71 -5.20
CA ASP U 427 62.81 13.89 -5.99
C ASP U 427 63.99 14.85 -6.13
N ASN U 428 64.68 15.15 -5.03
CA ASN U 428 65.85 16.02 -5.10
C ASN U 428 66.89 15.46 -6.05
N LEU U 429 67.08 14.14 -6.02
CA LEU U 429 68.14 13.53 -6.81
C LEU U 429 67.76 13.47 -8.29
N THR U 430 66.48 13.26 -8.59
CA THR U 430 66.04 13.35 -9.98
C THR U 430 66.21 14.76 -10.51
N ASN U 431 65.89 15.77 -9.69
CA ASN U 431 66.10 17.15 -10.11
C ASN U 431 67.57 17.43 -10.38
N ILE U 432 68.45 17.02 -9.47
CA ILE U 432 69.88 17.25 -9.65
C ILE U 432 70.39 16.50 -10.88
N SER U 433 69.84 15.30 -11.14
CA SER U 433 70.30 14.54 -12.30
C SER U 433 69.90 15.23 -13.59
N GLU U 434 68.65 15.67 -13.70
CA GLU U 434 68.24 16.42 -14.89
C GLU U 434 69.05 17.70 -15.06
N ASN U 435 69.37 18.36 -13.94
CA ASN U 435 70.08 19.63 -14.05
C ASN U 435 71.52 19.41 -14.49
N ALA U 436 72.18 18.40 -13.93
CA ALA U 436 73.50 18.01 -14.41
C ALA U 436 73.45 17.54 -15.86
N THR U 437 72.32 16.95 -16.28
CA THR U 437 72.18 16.54 -17.67
C THR U 437 72.11 17.74 -18.60
N ASN U 438 71.36 18.77 -18.21
CA ASN U 438 71.34 20.00 -19.02
C ASN U 438 72.70 20.67 -19.04
N ALA U 439 73.43 20.61 -17.92
CA ALA U 439 74.80 21.12 -17.91
C ALA U 439 75.68 20.34 -18.88
N ARG U 440 75.56 19.02 -18.85
CA ARG U 440 76.35 18.16 -19.74
C ARG U 440 76.01 18.42 -21.20
N SER U 441 74.75 18.74 -21.49
CA SER U 441 74.37 19.05 -22.86
C SER U 441 74.96 20.40 -23.28
N ARG U 442 74.83 21.42 -22.42
CA ARG U 442 75.40 22.72 -22.73
C ARG U 442 76.91 22.66 -22.90
N ILE U 443 77.59 21.73 -22.24
CA ILE U 443 79.03 21.60 -22.39
C ILE U 443 79.44 20.60 -23.48
N LYS U 444 78.53 19.72 -23.90
CA LYS U 444 78.83 18.64 -24.84
C LYS U 444 78.01 18.70 -26.12
N ASP U 445 76.69 18.84 -26.00
CA ASP U 445 75.83 18.83 -27.18
C ASP U 445 76.18 19.99 -28.10
N THR U 446 76.54 19.67 -29.34
CA THR U 446 76.86 20.71 -30.31
C THR U 446 75.59 21.46 -30.72
N ASP U 447 75.64 22.78 -30.59
CA ASP U 447 74.56 23.63 -31.11
C ASP U 447 74.78 23.88 -32.59
N PHE U 448 74.63 22.80 -33.36
CA PHE U 448 75.07 22.75 -34.75
C PHE U 448 74.34 23.72 -35.67
N ALA U 449 73.45 24.56 -35.14
CA ALA U 449 72.90 25.65 -35.94
C ALA U 449 73.99 26.56 -36.50
N ALA U 450 75.18 26.57 -35.89
CA ALA U 450 76.34 27.27 -36.43
C ALA U 450 77.39 26.34 -37.01
N GLU U 451 77.55 25.14 -36.45
CA GLU U 451 78.50 24.17 -36.98
C GLU U 451 78.12 23.68 -38.37
N THR U 452 76.83 23.65 -38.70
CA THR U 452 76.44 23.30 -40.07
C THR U 452 76.94 24.36 -41.04
N ALA U 453 76.74 25.63 -40.73
CA ALA U 453 77.28 26.71 -41.56
C ALA U 453 78.80 26.62 -41.63
N ALA U 454 79.45 26.29 -40.51
CA ALA U 454 80.90 26.20 -40.49
C ALA U 454 81.40 25.08 -41.41
N LEU U 455 80.77 23.92 -41.36
CA LEU U 455 81.23 22.79 -42.16
C LEU U 455 80.88 23.00 -43.63
N SER U 456 79.75 23.65 -43.93
CA SER U 456 79.44 23.98 -45.31
C SER U 456 80.42 25.01 -45.86
N LYS U 457 80.83 25.96 -45.01
CA LYS U 457 81.88 26.89 -45.40
C LYS U 457 83.19 26.16 -45.66
N ASN U 458 83.52 25.18 -44.82
CA ASN U 458 84.71 24.37 -45.06
C ASN U 458 84.63 23.64 -46.39
N GLN U 459 83.43 23.12 -46.71
CA GLN U 459 83.25 22.41 -47.98
C GLN U 459 83.41 23.34 -49.17
N VAL U 460 82.82 24.54 -49.10
CA VAL U 460 82.93 25.48 -50.22
C VAL U 460 84.35 25.99 -50.34
N LEU U 461 85.06 26.10 -49.22
CA LEU U 461 86.46 26.50 -49.27
C LEU U 461 87.32 25.41 -49.89
N GLN U 462 87.00 24.14 -49.60
CA GLN U 462 87.70 23.03 -50.24
C GLN U 462 87.46 23.02 -51.74
N GLN U 463 86.21 23.23 -52.15
CA GLN U 463 85.90 23.29 -53.58
C GLN U 463 86.64 24.45 -54.25
N ALA U 464 86.65 25.61 -53.60
CA ALA U 464 87.35 26.77 -54.14
C ALA U 464 88.85 26.48 -54.26
N GLY U 465 89.42 25.81 -53.26
CA GLY U 465 90.84 25.49 -53.33
C GLY U 465 91.16 24.50 -54.44
N THR U 466 90.30 23.50 -54.63
CA THR U 466 90.49 22.58 -55.73
C THR U 466 90.41 23.30 -57.08
N ALA U 467 89.45 24.22 -57.22
CA ALA U 467 89.39 25.02 -58.45
C ALA U 467 90.64 25.88 -58.60
N ILE U 468 91.17 26.40 -57.49
CA ILE U 468 92.38 27.20 -57.55
C ILE U 468 93.56 26.37 -58.04
N LEU U 469 93.68 25.14 -57.55
CA LEU U 469 94.72 24.25 -58.09
C LEU U 469 94.51 23.99 -59.57
N ALA U 470 93.29 23.66 -59.97
CA ALA U 470 93.02 23.35 -61.36
C ALA U 470 93.31 24.54 -62.27
N GLN U 471 93.19 25.76 -61.74
CA GLN U 471 93.47 26.96 -62.54
C GLN U 471 94.95 27.31 -62.54
N ALA U 472 95.64 27.08 -61.42
CA ALA U 472 97.01 27.57 -61.28
C ALA U 472 98.04 26.57 -61.81
N ASN U 473 97.74 25.27 -61.74
CA ASN U 473 98.71 24.27 -62.17
C ASN U 473 98.92 24.30 -63.67
N GLN U 474 98.02 24.97 -64.39
CA GLN U 474 98.13 25.11 -65.83
C GLN U 474 98.94 26.33 -66.27
N LEU U 475 99.33 27.18 -65.32
CA LEU U 475 100.09 28.39 -65.68
C LEU U 475 101.46 28.07 -66.27
N PRO U 476 102.34 27.31 -65.62
CA PRO U 476 103.65 27.05 -66.23
C PRO U 476 103.56 26.30 -67.54
N GLN U 477 102.55 25.44 -67.71
CA GLN U 477 102.36 24.74 -68.98
C GLN U 477 102.27 25.73 -70.13
N ALA U 478 101.29 26.62 -70.09
CA ALA U 478 101.11 27.59 -71.17
C ALA U 478 102.30 28.55 -71.24
N VAL U 479 102.85 28.95 -70.09
CA VAL U 479 103.98 29.87 -70.08
C VAL U 479 105.14 29.31 -70.88
N LEU U 480 105.56 28.09 -70.57
CA LEU U 480 106.69 27.49 -71.27
C LEU U 480 106.33 27.05 -72.68
N SER U 481 105.07 26.71 -72.94
CA SER U 481 104.68 26.29 -74.29
C SER U 481 104.68 27.47 -75.24
N LEU U 482 104.34 28.66 -74.76
CA LEU U 482 104.30 29.84 -75.63
C LEU U 482 105.63 30.58 -75.65
N LEU U 483 106.40 30.54 -74.57
CA LEU U 483 107.67 31.24 -74.50
C LEU U 483 108.73 30.61 -75.40
N ARG U 484 108.69 29.30 -75.59
CA ARG U 484 109.68 28.62 -76.42
C ARG U 484 109.39 28.81 -77.90
N VAL V 1 54.78 2.44 -18.11
CA VAL V 1 54.38 1.30 -17.28
C VAL V 1 53.32 0.47 -18.00
N ASN V 2 53.73 -0.67 -18.55
CA ASN V 2 52.79 -1.50 -19.31
C ASN V 2 52.81 -2.98 -18.95
N THR V 3 53.88 -3.53 -18.37
CA THR V 3 53.88 -4.96 -18.06
C THR V 3 52.97 -5.30 -16.89
N ASN V 4 52.61 -4.33 -16.07
CA ASN V 4 51.75 -4.54 -14.91
C ASN V 4 51.21 -3.19 -14.46
N ILE V 5 50.16 -3.24 -13.64
CA ILE V 5 49.51 -2.05 -13.13
C ILE V 5 49.52 -2.13 -11.60
N ALA V 6 50.04 -1.10 -10.95
CA ALA V 6 50.09 -1.07 -9.49
C ALA V 6 48.71 -0.94 -8.87
N SER V 7 47.65 -0.86 -9.67
CA SER V 7 46.30 -0.72 -9.15
C SER V 7 45.73 -2.00 -8.56
N LEU V 8 46.55 -3.05 -8.38
CA LEU V 8 46.04 -4.28 -7.77
C LEU V 8 45.66 -4.10 -6.30
N ASN V 9 46.00 -2.95 -5.70
CA ASN V 9 45.41 -2.60 -4.41
C ASN V 9 43.90 -2.53 -4.52
N THR V 10 43.39 -2.11 -5.68
CA THR V 10 41.95 -2.13 -5.90
C THR V 10 41.42 -3.56 -5.89
N GLN V 11 42.15 -4.49 -6.51
CA GLN V 11 41.76 -5.89 -6.44
C GLN V 11 41.78 -6.41 -5.01
N ARG V 12 42.78 -5.99 -4.23
CA ARG V 12 42.84 -6.39 -2.83
C ARG V 12 41.63 -5.91 -2.06
N ASN V 13 41.31 -4.62 -2.18
CA ASN V 13 40.11 -4.09 -1.54
C ASN V 13 38.86 -4.77 -2.07
N LEU V 14 38.84 -5.15 -3.35
CA LEU V 14 37.67 -5.82 -3.91
C LEU V 14 37.45 -7.18 -3.28
N ASN V 15 38.52 -7.98 -3.15
CA ASN V 15 38.36 -9.29 -2.53
C ASN V 15 38.00 -9.16 -1.06
N ALA V 16 38.62 -8.19 -0.36
CA ALA V 16 38.26 -7.96 1.04
C ALA V 16 36.79 -7.59 1.17
N SER V 17 36.31 -6.70 0.29
CA SER V 17 34.90 -6.30 0.32
C SER V 17 33.99 -7.47 -0.01
N SER V 18 34.42 -8.36 -0.91
CA SER V 18 33.59 -9.51 -1.23
C SER V 18 33.47 -10.44 -0.03
N ASN V 19 34.58 -10.67 0.68
CA ASN V 19 34.51 -11.54 1.86
C ASN V 19 33.64 -10.91 2.95
N ASP V 20 33.87 -9.64 3.28
CA ASP V 20 33.08 -9.02 4.34
C ASP V 20 31.61 -8.89 3.94
N LEU V 21 31.34 -8.65 2.64
CA LEU V 21 29.97 -8.60 2.15
C LEU V 21 29.31 -9.96 2.29
N ASN V 22 30.01 -11.04 1.93
CA ASN V 22 29.46 -12.37 2.08
C ASN V 22 29.14 -12.67 3.53
N THR V 23 30.05 -12.29 4.44
CA THR V 23 29.80 -12.52 5.86
C THR V 23 28.57 -11.75 6.34
N SER V 24 28.44 -10.48 5.93
CA SER V 24 27.30 -9.69 6.36
C SER V 24 25.99 -10.22 5.78
N LEU V 25 26.01 -10.64 4.51
CA LEU V 25 24.82 -11.20 3.89
C LEU V 25 24.42 -12.50 4.56
N GLN V 26 25.40 -13.33 4.93
CA GLN V 26 25.10 -14.55 5.67
C GLN V 26 24.51 -14.24 7.03
N ARG V 27 25.08 -13.24 7.73
CA ARG V 27 24.56 -12.86 9.03
C ARG V 27 23.12 -12.37 8.92
N LEU V 28 22.80 -11.66 7.84
CA LEU V 28 21.44 -11.16 7.69
C LEU V 28 20.47 -12.28 7.32
N THR V 29 20.86 -13.15 6.38
CA THR V 29 19.94 -14.22 5.97
C THR V 29 19.79 -15.29 7.04
N THR V 30 20.72 -15.36 7.99
CA THR V 30 20.60 -16.25 9.13
C THR V 30 20.02 -15.57 10.35
N GLY V 31 20.27 -14.26 10.51
CA GLY V 31 19.82 -13.52 11.66
C GLY V 31 20.74 -13.57 12.85
N TYR V 32 21.89 -14.22 12.72
CA TYR V 32 22.85 -14.37 13.82
C TYR V 32 24.13 -13.65 13.46
N ARG V 33 24.53 -12.68 14.28
CA ARG V 33 25.83 -12.04 14.09
C ARG V 33 26.95 -13.04 14.30
N ILE V 34 26.88 -13.81 15.38
CA ILE V 34 27.77 -14.94 15.56
C ILE V 34 27.24 -16.09 14.72
N ASN V 35 27.75 -16.24 13.50
CA ASN V 35 27.29 -17.29 12.61
C ASN V 35 27.57 -18.66 13.21
N SER V 36 26.80 -19.65 12.74
CA SER V 36 27.09 -21.04 13.09
C SER V 36 28.47 -21.47 12.62
N ALA V 37 29.15 -20.64 11.84
CA ALA V 37 30.49 -20.91 11.37
C ALA V 37 31.51 -20.58 12.47
N LYS V 38 32.77 -20.49 12.05
CA LYS V 38 33.89 -20.35 12.99
C LYS V 38 33.80 -19.10 13.84
N ASP V 39 33.17 -18.03 13.32
CA ASP V 39 33.37 -16.70 13.86
C ASP V 39 33.07 -16.62 15.35
N ASP V 40 34.03 -16.08 16.10
CA ASP V 40 33.92 -15.85 17.54
C ASP V 40 33.63 -17.16 18.28
N ALA V 41 34.62 -18.05 18.23
CA ALA V 41 34.52 -19.36 18.85
C ALA V 41 34.15 -19.27 20.33
N ALA V 42 34.54 -18.19 21.01
CA ALA V 42 34.11 -18.00 22.39
C ALA V 42 32.61 -17.77 22.46
N GLY V 43 32.10 -16.85 21.64
CA GLY V 43 30.66 -16.67 21.55
C GLY V 43 29.96 -17.89 21.03
N LEU V 44 30.62 -18.65 20.15
CA LEU V 44 30.05 -19.90 19.67
C LEU V 44 29.88 -20.90 20.80
N GLN V 45 30.88 -21.02 21.67
CA GLN V 45 30.78 -21.89 22.84
C GLN V 45 29.68 -21.42 23.78
N ILE V 46 29.62 -20.11 24.03
CA ILE V 46 28.57 -19.56 24.87
C ILE V 46 27.20 -19.93 24.33
N SER V 47 27.00 -19.74 23.02
CA SER V 47 25.71 -20.02 22.40
C SER V 47 25.39 -21.51 22.45
N ASN V 48 26.40 -22.36 22.22
CA ASN V 48 26.18 -23.80 22.26
C ASN V 48 25.74 -24.25 23.65
N ARG V 49 26.43 -23.76 24.68
CA ARG V 49 26.09 -24.16 26.04
C ARG V 49 24.73 -23.59 26.44
N LEU V 50 24.41 -22.38 25.98
CA LEU V 50 23.10 -21.80 26.28
C LEU V 50 21.99 -22.57 25.58
N SER V 51 22.23 -23.04 24.36
CA SER V 51 21.24 -23.86 23.67
C SER V 51 21.05 -25.19 24.38
N ASN V 52 22.16 -25.81 24.81
CA ASN V 52 22.07 -27.00 25.64
C ASN V 52 21.18 -26.76 26.84
N GLN V 53 21.45 -25.66 27.56
CA GLN V 53 20.69 -25.37 28.77
C GLN V 53 19.22 -25.14 28.48
N ILE V 54 18.91 -24.38 27.42
CA ILE V 54 17.51 -24.02 27.17
C ILE V 54 16.73 -25.25 26.69
N SER V 55 17.35 -26.11 25.89
CA SER V 55 16.68 -27.34 25.48
C SER V 55 16.44 -28.24 26.67
N GLY V 56 17.43 -28.37 27.57
CA GLY V 56 17.23 -29.13 28.78
C GLY V 56 16.11 -28.57 29.63
N LEU V 57 16.04 -27.24 29.74
CA LEU V 57 14.98 -26.62 30.54
C LEU V 57 13.60 -26.87 29.93
N ASN V 58 13.49 -26.80 28.60
CA ASN V 58 12.19 -27.05 27.97
C ASN V 58 11.74 -28.49 28.16
N VAL V 59 12.65 -29.44 27.91
CA VAL V 59 12.26 -30.84 28.08
C VAL V 59 11.98 -31.16 29.54
N ALA V 60 12.67 -30.49 30.47
CA ALA V 60 12.38 -30.69 31.88
C ALA V 60 11.04 -30.09 32.26
N THR V 61 10.67 -28.97 31.63
CA THR V 61 9.34 -28.41 31.82
C THR V 61 8.27 -29.38 31.35
N ARG V 62 8.52 -30.05 30.22
CA ARG V 62 7.54 -31.03 29.73
C ARG V 62 7.45 -32.24 30.67
N ASN V 63 8.60 -32.70 31.17
CA ASN V 63 8.60 -33.77 32.16
C ASN V 63 7.84 -33.37 33.41
N ALA V 64 8.00 -32.11 33.85
CA ALA V 64 7.29 -31.63 35.03
C ALA V 64 5.80 -31.52 34.77
N ASN V 65 5.40 -31.19 33.54
CA ASN V 65 3.98 -31.18 33.20
C ASN V 65 3.39 -32.59 33.28
N ASP V 66 4.11 -33.56 32.71
CA ASP V 66 3.69 -34.96 32.88
C ASP V 66 3.59 -35.33 34.35
N GLY V 67 4.53 -34.83 35.16
CA GLY V 67 4.51 -35.13 36.58
C GLY V 67 3.33 -34.53 37.31
N ILE V 68 2.98 -33.27 36.98
CA ILE V 68 1.84 -32.64 37.65
C ILE V 68 0.54 -33.30 37.22
N SER V 69 0.49 -33.80 35.98
CA SER V 69 -0.69 -34.55 35.56
C SER V 69 -0.82 -35.86 36.34
N LEU V 70 0.30 -36.59 36.49
CA LEU V 70 0.30 -37.79 37.31
C LEU V 70 -0.14 -37.49 38.73
N ALA V 71 0.39 -36.40 39.30
CA ALA V 71 0.03 -36.01 40.67
C ALA V 71 -1.43 -35.62 40.77
N GLN V 72 -2.01 -35.03 39.71
CA GLN V 72 -3.43 -34.70 39.73
C GLN V 72 -4.28 -35.97 39.75
N THR V 73 -3.91 -36.95 38.92
CA THR V 73 -4.61 -38.23 38.96
C THR V 73 -4.50 -38.87 40.34
N ALA V 74 -3.31 -38.81 40.94
CA ALA V 74 -3.12 -39.38 42.27
C ALA V 74 -3.97 -38.67 43.31
N GLU V 75 -4.02 -37.34 43.24
CA GLU V 75 -4.84 -36.57 44.18
C GLU V 75 -6.31 -36.92 44.03
N GLY V 76 -6.77 -37.08 42.79
CA GLY V 76 -8.14 -37.50 42.58
C GLY V 76 -8.44 -38.86 43.19
N ALA V 77 -7.56 -39.83 42.93
CA ALA V 77 -7.76 -41.17 43.50
C ALA V 77 -7.76 -41.13 45.03
N LEU V 78 -6.88 -40.30 45.61
CA LEU V 78 -6.84 -40.19 47.07
C LEU V 78 -8.11 -39.55 47.62
N GLN V 79 -8.61 -38.50 46.97
CA GLN V 79 -9.88 -37.90 47.38
C GLN V 79 -11.00 -38.92 47.31
N GLN V 80 -10.98 -39.76 46.28
CA GLN V 80 -12.02 -40.78 46.16
C GLN V 80 -11.90 -41.82 47.27
N SER V 81 -10.68 -42.16 47.66
CA SER V 81 -10.51 -43.05 48.80
C SER V 81 -11.02 -42.42 50.08
N THR V 82 -10.82 -41.10 50.24
CA THR V 82 -11.41 -40.40 51.38
C THR V 82 -12.93 -40.50 51.36
N ASN V 83 -13.54 -40.34 50.19
CA ASN V 83 -14.99 -40.47 50.10
C ASN V 83 -15.45 -41.87 50.49
N ILE V 84 -14.73 -42.89 50.02
CA ILE V 84 -15.05 -44.26 50.41
C ILE V 84 -14.94 -44.43 51.92
N LEU V 85 -13.90 -43.86 52.53
CA LEU V 85 -13.70 -44.03 53.96
C LEU V 85 -14.74 -43.27 54.76
N GLN V 86 -15.19 -42.12 54.27
CA GLN V 86 -16.27 -41.40 54.93
C GLN V 86 -17.58 -42.19 54.87
N ARG V 87 -17.88 -42.77 53.70
CA ARG V 87 -19.05 -43.64 53.62
C ARG V 87 -18.93 -44.81 54.59
N ILE V 88 -17.74 -45.40 54.71
CA ILE V 88 -17.53 -46.47 55.66
C ILE V 88 -17.78 -46.00 57.09
N ARG V 89 -17.32 -44.78 57.42
CA ARG V 89 -17.56 -44.24 58.75
C ARG V 89 -19.05 -44.06 59.01
N ASP V 90 -19.79 -43.57 58.02
CA ASP V 90 -21.24 -43.41 58.20
C ASP V 90 -21.91 -44.76 58.43
N LEU V 91 -21.55 -45.77 57.64
CA LEU V 91 -22.12 -47.10 57.87
C LEU V 91 -21.72 -47.67 59.21
N ALA V 92 -20.52 -47.32 59.69
CA ALA V 92 -20.06 -47.80 60.99
C ALA V 92 -20.87 -47.19 62.12
N LEU V 93 -21.09 -45.87 62.06
CA LEU V 93 -21.93 -45.22 63.06
C LEU V 93 -23.37 -45.69 62.97
N GLN V 94 -23.84 -46.05 61.77
CA GLN V 94 -25.16 -46.63 61.63
C GLN V 94 -25.21 -48.03 62.23
N SER V 95 -24.07 -48.72 62.26
CA SER V 95 -23.99 -50.08 62.77
C SER V 95 -24.25 -50.18 64.26
N ALA V 96 -24.34 -49.07 64.99
CA ALA V 96 -24.67 -49.14 66.41
C ALA V 96 -26.06 -49.70 66.64
N ASN V 97 -27.05 -49.21 65.89
CA ASN V 97 -28.41 -49.76 65.81
C ASN V 97 -29.04 -50.00 67.18
N GLY V 98 -28.55 -49.34 68.23
CA GLY V 98 -29.05 -49.58 69.57
C GLY V 98 -28.73 -50.97 70.08
N SER V 99 -27.92 -51.71 69.32
CA SER V 99 -27.37 -53.02 69.68
C SER V 99 -28.42 -54.12 69.66
N ASN V 100 -29.70 -53.77 69.45
CA ASN V 100 -30.73 -54.80 69.40
C ASN V 100 -31.81 -54.53 68.37
N SER V 101 -31.72 -53.49 67.55
CA SER V 101 -32.83 -53.13 66.68
C SER V 101 -32.68 -53.68 65.27
N ASP V 102 -31.46 -53.77 64.75
CA ASP V 102 -31.22 -54.12 63.35
C ASP V 102 -30.81 -55.60 63.27
N ALA V 103 -31.78 -56.44 62.91
CA ALA V 103 -31.48 -57.84 62.62
C ALA V 103 -30.78 -57.99 61.27
N ASP V 104 -30.64 -56.91 60.51
CA ASP V 104 -29.99 -56.93 59.20
C ASP V 104 -28.50 -56.65 59.30
N ARG V 105 -27.88 -57.00 60.43
CA ARG V 105 -26.43 -56.90 60.56
C ARG V 105 -25.70 -57.70 59.49
N ALA V 106 -26.29 -58.80 59.03
CA ALA V 106 -25.68 -59.56 57.94
C ALA V 106 -25.65 -58.74 56.66
N ALA V 107 -26.76 -58.08 56.33
CA ALA V 107 -26.79 -57.22 55.15
C ALA V 107 -25.83 -56.04 55.30
N LEU V 108 -25.71 -55.51 56.52
CA LEU V 108 -24.74 -54.45 56.76
C LEU V 108 -23.31 -54.94 56.50
N GLN V 109 -22.99 -56.15 56.96
CA GLN V 109 -21.68 -56.72 56.70
C GLN V 109 -21.46 -56.92 55.21
N LYS V 110 -22.50 -57.37 54.50
CA LYS V 110 -22.39 -57.55 53.05
C LYS V 110 -22.12 -56.23 52.33
N GLU V 111 -22.82 -55.16 52.73
CA GLU V 111 -22.64 -53.89 52.03
C GLU V 111 -21.29 -53.27 52.37
N VAL V 112 -20.82 -53.42 53.62
CA VAL V 112 -19.50 -52.89 53.93
C VAL V 112 -18.41 -53.73 53.26
N ALA V 113 -18.67 -55.02 53.04
CA ALA V 113 -17.72 -55.83 52.28
C ALA V 113 -17.70 -55.41 50.82
N ALA V 114 -18.85 -55.06 50.26
CA ALA V 114 -18.89 -54.51 48.91
C ALA V 114 -18.13 -53.20 48.83
N GLN V 115 -18.26 -52.36 49.86
CA GLN V 115 -17.51 -51.11 49.89
C GLN V 115 -16.01 -51.36 49.99
N GLN V 116 -15.60 -52.37 50.76
CA GLN V 116 -14.19 -52.74 50.81
C GLN V 116 -13.70 -53.26 49.46
N ALA V 117 -14.56 -54.00 48.75
CA ALA V 117 -14.21 -54.46 47.42
C ALA V 117 -14.02 -53.28 46.46
N GLU V 118 -14.91 -52.29 46.56
CA GLU V 118 -14.75 -51.09 45.73
C GLU V 118 -13.49 -50.31 46.12
N LEU V 119 -13.13 -50.35 47.40
CA LEU V 119 -11.87 -49.76 47.82
C LEU V 119 -10.68 -50.48 47.19
N THR V 120 -10.70 -51.81 47.18
CA THR V 120 -9.62 -52.55 46.54
C THR V 120 -9.60 -52.31 45.03
N ARG V 121 -10.77 -52.02 44.45
CA ARG V 121 -10.84 -51.72 43.03
C ARG V 121 -10.28 -50.34 42.70
N ILE V 122 -10.68 -49.32 43.46
CA ILE V 122 -10.14 -47.97 43.23
C ILE V 122 -8.65 -47.94 43.56
N SER V 123 -8.21 -48.86 44.42
CA SER V 123 -6.76 -49.08 44.56
C SER V 123 -6.14 -49.42 43.21
N ASP V 124 -6.75 -50.35 42.49
CA ASP V 124 -6.36 -50.65 41.12
C ASP V 124 -6.99 -49.59 40.19
N THR V 125 -6.98 -49.85 38.89
CA THR V 125 -7.53 -48.97 37.86
C THR V 125 -6.92 -47.58 37.88
N THR V 126 -5.75 -47.43 38.50
CA THR V 126 -4.99 -46.18 38.46
C THR V 126 -3.83 -46.30 37.48
N THR V 127 -4.03 -47.08 36.41
CA THR V 127 -2.97 -47.39 35.46
C THR V 127 -2.70 -46.20 34.54
N PHE V 128 -1.85 -45.30 35.02
CA PHE V 128 -1.38 -44.20 34.20
C PHE V 128 -0.31 -44.72 33.25
N GLY V 129 -0.72 -45.56 32.30
CA GLY V 129 0.20 -46.26 31.43
C GLY V 129 0.43 -47.72 31.76
N GLY V 130 -0.50 -48.37 32.46
CA GLY V 130 -0.33 -49.76 32.85
C GLY V 130 0.67 -49.91 33.98
N ARG V 131 0.80 -48.86 34.79
CA ARG V 131 1.80 -48.79 35.85
C ARG V 131 1.16 -48.27 37.14
N LYS V 132 0.05 -48.92 37.53
CA LYS V 132 -0.84 -48.45 38.60
C LYS V 132 -0.12 -47.76 39.73
N LEU V 133 -0.55 -46.55 40.07
CA LEU V 133 0.28 -45.65 40.87
C LEU V 133 0.22 -46.01 42.35
N LEU V 134 -0.97 -45.89 42.95
CA LEU V 134 -1.08 -46.02 44.40
C LEU V 134 -1.01 -47.47 44.87
N ASP V 135 -1.52 -48.40 44.09
CA ASP V 135 -1.50 -49.81 44.47
C ASP V 135 -0.48 -50.57 43.63
N GLY V 136 -0.33 -51.85 43.92
CA GLY V 136 0.62 -52.66 43.18
C GLY V 136 2.03 -52.41 43.66
N SER V 137 2.96 -52.31 42.72
CA SER V 137 4.39 -52.13 43.02
C SER V 137 4.84 -50.80 42.43
N PHE V 138 4.88 -49.77 43.27
CA PHE V 138 5.38 -48.47 42.88
C PHE V 138 6.84 -48.34 43.28
N GLY V 139 7.70 -48.03 42.31
CA GLY V 139 9.13 -48.01 42.53
C GLY V 139 9.66 -46.78 43.23
N THR V 140 8.79 -45.90 43.71
CA THR V 140 9.20 -44.65 44.35
C THR V 140 10.10 -43.84 43.43
N THR V 141 9.52 -43.43 42.30
CA THR V 141 10.28 -42.80 41.23
C THR V 141 10.66 -41.37 41.62
N SER V 142 11.30 -40.66 40.69
CA SER V 142 11.76 -39.29 40.93
C SER V 142 11.83 -38.58 39.58
N PHE V 143 11.03 -37.54 39.42
CA PHE V 143 10.97 -36.81 38.15
C PHE V 143 12.15 -35.86 38.04
N GLN V 144 12.92 -35.99 36.96
CA GLN V 144 14.05 -35.11 36.75
C GLN V 144 13.57 -33.73 36.31
N VAL V 145 14.00 -32.70 37.05
CA VAL V 145 13.55 -31.34 36.81
C VAL V 145 14.67 -30.41 36.37
N GLY V 146 15.92 -30.69 36.73
CA GLY V 146 17.03 -29.85 36.35
C GLY V 146 17.70 -30.36 35.08
N SER V 147 18.48 -29.47 34.47
CA SER V 147 19.16 -29.76 33.21
C SER V 147 20.46 -30.52 33.40
N ASN V 148 20.75 -30.99 34.62
CA ASN V 148 21.96 -31.75 34.89
C ASN V 148 21.59 -33.11 35.48
N ALA V 149 22.61 -33.96 35.64
CA ALA V 149 22.38 -35.34 36.06
C ALA V 149 21.96 -35.40 37.53
N TYR V 150 20.97 -36.26 37.80
CA TYR V 150 20.60 -36.68 39.15
C TYR V 150 19.95 -35.57 39.98
N GLU V 151 19.81 -34.37 39.43
CA GLU V 151 19.05 -33.35 40.14
C GLU V 151 17.56 -33.54 39.87
N THR V 152 16.89 -34.25 40.77
CA THR V 152 15.51 -34.66 40.56
C THR V 152 14.68 -34.32 41.79
N ILE V 153 13.38 -34.61 41.69
CA ILE V 153 12.41 -34.38 42.76
C ILE V 153 11.76 -35.71 43.10
N ASP V 154 11.76 -36.05 44.38
CA ASP V 154 11.25 -37.34 44.83
C ASP V 154 9.73 -37.31 44.98
N ILE V 155 9.15 -38.51 44.98
CA ILE V 155 7.73 -38.71 45.30
C ILE V 155 7.64 -39.96 46.16
N SER V 156 6.79 -39.92 47.18
CA SER V 156 6.67 -40.98 48.18
C SER V 156 5.22 -41.47 48.24
N LEU V 157 4.65 -41.77 47.07
CA LEU V 157 3.30 -42.33 46.97
C LEU V 157 3.09 -43.48 47.93
N GLN V 158 1.89 -43.57 48.50
CA GLN V 158 1.59 -44.63 49.44
C GLN V 158 1.73 -46.00 48.76
N ASN V 159 2.18 -46.99 49.53
CA ASN V 159 2.33 -48.34 48.99
C ASN V 159 0.99 -48.85 48.46
N ALA V 160 -0.08 -48.56 49.19
CA ALA V 160 -1.44 -48.86 48.75
C ALA V 160 -2.43 -48.29 49.75
N SER V 161 -3.64 -48.02 49.28
CA SER V 161 -4.77 -47.77 50.15
C SER V 161 -5.42 -49.06 50.62
N ALA V 162 -4.67 -50.16 50.63
CA ALA V 162 -5.16 -51.52 50.87
C ALA V 162 -5.10 -51.91 52.34
N SER V 163 -5.12 -53.22 52.57
CA SER V 163 -5.21 -53.81 53.90
C SER V 163 -3.94 -53.58 54.70
N ALA V 164 -3.79 -54.36 55.77
CA ALA V 164 -2.79 -54.24 56.86
C ALA V 164 -1.43 -53.83 56.30
N ILE V 165 -1.20 -53.96 55.00
CA ILE V 165 0.05 -53.59 54.32
C ILE V 165 0.34 -52.09 54.44
N GLY V 166 -0.32 -51.41 55.39
CA GLY V 166 -0.40 -49.95 55.39
C GLY V 166 -1.74 -49.38 55.86
N SER V 167 -2.44 -50.14 56.69
CA SER V 167 -3.59 -49.64 57.44
C SER V 167 -3.17 -49.43 58.89
N TYR V 168 -4.12 -49.11 59.77
CA TYR V 168 -3.76 -48.59 61.10
C TYR V 168 -3.22 -49.75 61.92
N GLN V 169 -2.00 -49.61 62.44
CA GLN V 169 -1.42 -50.71 63.21
C GLN V 169 -2.14 -50.88 64.54
N VAL V 170 -2.05 -52.10 65.09
CA VAL V 170 -2.87 -52.49 66.23
C VAL V 170 -1.97 -53.11 67.30
N GLY V 171 -2.08 -52.60 68.53
CA GLY V 171 -1.49 -53.24 69.68
C GLY V 171 -2.56 -53.82 70.58
N SER V 172 -2.69 -55.14 70.60
CA SER V 172 -3.78 -55.80 71.31
C SER V 172 -3.21 -56.83 72.28
N ASN V 173 -4.08 -57.28 73.20
CA ASN V 173 -3.65 -58.18 74.26
C ASN V 173 -3.30 -59.57 73.74
N GLY V 174 -4.29 -60.26 73.17
CA GLY V 174 -4.04 -61.60 72.66
C GLY V 174 -3.43 -61.61 71.27
N ALA V 175 -2.76 -60.51 70.90
CA ALA V 175 -2.20 -60.34 69.57
C ALA V 175 -1.33 -61.53 69.13
N GLY V 176 -0.25 -61.79 69.86
CA GLY V 176 0.66 -62.84 69.44
C GLY V 176 0.13 -64.25 69.62
N THR V 177 0.07 -64.71 70.87
CA THR V 177 -0.50 -66.03 71.17
C THR V 177 -1.66 -65.92 72.14
N VAL V 178 -1.42 -65.30 73.29
CA VAL V 178 -2.39 -65.21 74.38
C VAL V 178 -1.95 -64.09 75.31
N ALA V 179 -2.89 -63.56 76.09
CA ALA V 179 -2.64 -62.41 76.96
C ALA V 179 -2.40 -62.88 78.38
N SER V 180 -1.51 -62.17 79.08
CA SER V 180 -1.29 -62.40 80.50
C SER V 180 -2.37 -61.70 81.32
N VAL V 181 -2.07 -61.50 82.61
CA VAL V 181 -2.99 -61.01 83.63
C VAL V 181 -3.91 -59.92 83.09
N ALA V 182 -3.37 -58.97 82.34
CA ALA V 182 -4.19 -57.96 81.69
C ALA V 182 -5.13 -58.60 80.68
N GLY V 183 -6.43 -58.55 80.95
CA GLY V 183 -7.41 -59.13 80.06
C GLY V 183 -7.72 -60.59 80.36
N THR V 184 -7.58 -60.98 81.63
CA THR V 184 -7.93 -62.33 82.06
C THR V 184 -7.98 -62.34 83.59
N ALA V 185 -8.54 -63.42 84.13
CA ALA V 185 -8.61 -63.58 85.58
C ALA V 185 -7.28 -64.10 86.12
N THR V 186 -6.99 -63.75 87.37
CA THR V 186 -5.73 -64.12 87.99
C THR V 186 -5.84 -63.95 89.50
N ALA V 187 -4.91 -64.57 90.22
CA ALA V 187 -4.89 -64.48 91.67
C ALA V 187 -4.19 -63.22 92.15
N SER V 188 -2.92 -63.06 91.78
CA SER V 188 -2.13 -61.93 92.26
C SER V 188 -2.58 -60.62 91.62
N GLY V 189 -2.58 -60.56 90.29
CA GLY V 189 -2.99 -59.36 89.59
C GLY V 189 -1.83 -58.67 88.89
N ILE V 190 -2.09 -57.42 88.50
CA ILE V 190 -1.10 -56.59 87.83
C ILE V 190 0.10 -56.40 88.74
N ALA V 191 1.28 -56.78 88.26
CA ALA V 191 2.51 -56.66 89.02
C ALA V 191 3.26 -55.39 88.60
N SER V 192 4.48 -55.25 89.10
CA SER V 192 5.31 -54.10 88.75
C SER V 192 5.78 -54.21 87.31
N GLY V 193 6.49 -53.18 86.84
CA GLY V 193 7.00 -53.15 85.49
C GLY V 193 7.21 -51.73 85.00
N THR V 194 8.06 -51.63 83.98
CA THR V 194 8.43 -50.35 83.37
C THR V 194 8.35 -50.48 81.84
N VAL V 195 7.24 -51.04 81.37
CA VAL V 195 7.01 -51.37 79.97
C VAL V 195 7.41 -50.22 79.05
N ASN V 196 8.14 -50.54 77.99
CA ASN V 196 8.66 -49.53 77.09
C ASN V 196 7.67 -49.26 75.97
N LEU V 197 7.61 -47.99 75.56
CA LEU V 197 6.79 -47.56 74.44
C LEU V 197 7.67 -46.92 73.38
N VAL V 198 7.40 -47.25 72.13
CA VAL V 198 8.25 -46.85 71.01
C VAL V 198 7.39 -46.20 69.93
N GLY V 199 7.89 -45.12 69.35
CA GLY V 199 7.20 -44.44 68.27
C GLY V 199 7.58 -42.99 68.14
N GLY V 200 7.82 -42.54 66.90
CA GLY V 200 8.24 -41.19 66.63
C GLY V 200 9.46 -40.73 67.40
N GLY V 201 10.33 -41.67 67.75
CA GLY V 201 11.51 -41.37 68.53
C GLY V 201 11.21 -40.69 69.85
N GLN V 202 10.21 -41.20 70.56
CA GLN V 202 9.79 -40.61 71.84
C GLN V 202 9.62 -41.68 72.91
N VAL V 203 10.60 -42.57 73.06
CA VAL V 203 10.53 -43.65 74.04
C VAL V 203 10.34 -43.09 75.44
N LYS V 204 9.31 -43.58 76.14
CA LYS V 204 8.99 -43.12 77.49
C LYS V 204 8.76 -44.36 78.35
N ASN V 205 9.60 -44.54 79.37
CA ASN V 205 9.50 -45.67 80.28
C ASN V 205 8.39 -45.41 81.28
N ILE V 206 7.16 -45.84 80.96
CA ILE V 206 6.05 -45.64 81.88
C ILE V 206 6.12 -46.66 83.01
N ALA V 207 5.79 -46.21 84.22
CA ALA V 207 5.86 -47.05 85.41
C ALA V 207 4.49 -47.64 85.68
N ILE V 208 4.43 -48.96 85.81
CA ILE V 208 3.20 -49.68 86.12
C ILE V 208 3.40 -50.34 87.48
N ALA V 209 2.76 -49.80 88.51
CA ALA V 209 2.89 -50.35 89.85
C ALA V 209 2.08 -51.64 89.98
N ALA V 210 2.37 -52.37 91.05
CA ALA V 210 1.69 -53.63 91.32
C ALA V 210 0.34 -53.35 91.99
N GLY V 211 -0.73 -53.49 91.23
CA GLY V 211 -2.06 -53.24 91.77
C GLY V 211 -2.90 -52.31 90.93
N ASP V 212 -2.23 -51.56 90.04
CA ASP V 212 -2.91 -50.59 89.18
C ASP V 212 -3.97 -51.26 88.30
N SER V 213 -5.17 -50.69 88.29
CA SER V 213 -6.23 -51.22 87.45
C SER V 213 -5.96 -50.92 85.98
N ALA V 214 -6.79 -51.51 85.11
CA ALA V 214 -6.67 -51.30 83.67
C ALA V 214 -6.89 -49.84 83.33
N LYS V 215 -7.81 -49.18 84.03
CA LYS V 215 -8.04 -47.76 83.83
C LYS V 215 -6.79 -46.95 84.16
N ALA V 216 -6.11 -47.33 85.24
CA ALA V 216 -4.91 -46.64 85.68
C ALA V 216 -3.80 -46.74 84.65
N ILE V 217 -3.50 -47.96 84.20
CA ILE V 217 -2.43 -48.18 83.24
C ILE V 217 -2.79 -47.52 81.91
N ALA V 218 -4.09 -47.51 81.58
CA ALA V 218 -4.56 -46.85 80.37
C ALA V 218 -4.26 -45.36 80.43
N GLU V 219 -4.66 -44.71 81.52
CA GLU V 219 -4.38 -43.29 81.72
C GLU V 219 -2.89 -43.01 81.70
N LYS V 220 -2.10 -43.91 82.29
CA LYS V 220 -0.65 -43.74 82.34
C LYS V 220 -0.03 -43.78 80.95
N MET V 221 -0.23 -44.87 80.21
CA MET V 221 0.44 -45.02 78.93
C MET V 221 -0.09 -44.04 77.89
N ASP V 222 -1.27 -43.48 78.11
CA ASP V 222 -1.79 -42.44 77.24
C ASP V 222 -0.94 -41.18 77.33
N GLY V 223 -1.10 -40.28 76.36
CA GLY V 223 -0.42 -39.01 76.40
C GLY V 223 0.89 -38.95 75.65
N ALA V 224 2.00 -39.14 76.37
CA ALA V 224 3.36 -38.89 75.90
C ALA V 224 3.61 -39.28 74.45
N ILE V 225 3.24 -40.50 74.06
CA ILE V 225 3.47 -40.96 72.69
C ILE V 225 2.54 -40.21 71.76
N PRO V 226 3.07 -39.53 70.73
CA PRO V 226 2.21 -38.71 69.85
C PRO V 226 1.14 -39.52 69.13
N ASN V 227 -0.10 -39.02 69.19
CA ASN V 227 -1.24 -39.61 68.51
C ASN V 227 -1.48 -41.06 68.94
N LEU V 228 -1.47 -41.30 70.24
CA LEU V 228 -1.75 -42.63 70.78
C LEU V 228 -2.89 -42.53 71.79
N SER V 229 -3.89 -43.39 71.65
CA SER V 229 -5.01 -43.45 72.58
C SER V 229 -5.13 -44.86 73.12
N ALA V 230 -5.75 -44.98 74.29
CA ALA V 230 -5.86 -46.26 74.97
C ALA V 230 -7.24 -46.36 75.58
N ARG V 231 -8.11 -47.17 74.98
CA ARG V 231 -9.43 -47.40 75.54
C ARG V 231 -9.43 -48.64 76.43
N ALA V 232 -10.01 -48.48 77.62
CA ALA V 232 -10.09 -49.55 78.60
C ALA V 232 -11.52 -50.09 78.65
N ARG V 233 -11.64 -51.41 78.78
CA ARG V 233 -12.95 -52.05 78.80
C ARG V 233 -12.82 -53.39 79.51
N THR V 234 -13.68 -53.62 80.51
CA THR V 234 -13.67 -54.86 81.28
C THR V 234 -15.05 -55.50 81.13
N VAL V 235 -15.14 -56.51 80.27
CA VAL V 235 -16.38 -57.25 80.02
C VAL V 235 -16.17 -58.67 80.51
N PHE V 236 -17.00 -59.09 81.46
CA PHE V 236 -16.90 -60.43 82.04
C PHE V 236 -18.29 -60.98 82.32
N THR V 237 -18.49 -62.24 81.98
CA THR V 237 -19.75 -62.92 82.26
C THR V 237 -19.68 -63.67 83.58
N ALA V 238 -20.79 -64.31 83.94
CA ALA V 238 -20.86 -65.06 85.19
C ALA V 238 -21.92 -66.15 85.04
N ASP V 239 -21.68 -67.26 85.72
CA ASP V 239 -22.61 -68.39 85.71
CA ASP V 239 -22.62 -68.38 85.70
C ASP V 239 -22.52 -69.18 87.00
N VAL V 240 -23.50 -69.00 87.88
CA VAL V 240 -23.51 -69.69 89.17
C VAL V 240 -23.81 -71.17 88.96
N SER V 241 -22.98 -72.03 89.53
CA SER V 241 -23.21 -73.47 89.44
C SER V 241 -24.17 -73.93 90.52
N GLY V 242 -24.31 -75.24 90.69
CA GLY V 242 -25.17 -75.78 91.73
C GLY V 242 -24.77 -75.36 93.13
N VAL V 243 -25.74 -75.25 94.02
CA VAL V 243 -25.47 -74.81 95.39
C VAL V 243 -25.94 -75.88 96.38
N THR V 244 -24.98 -76.63 96.93
CA THR V 244 -25.31 -77.69 97.87
C THR V 244 -25.50 -77.13 99.27
N GLY V 245 -26.75 -77.14 99.74
CA GLY V 245 -27.06 -76.73 101.10
C GLY V 245 -26.62 -75.33 101.46
N GLY V 246 -27.21 -74.32 100.83
CA GLY V 246 -26.92 -72.94 101.13
C GLY V 246 -26.68 -72.13 99.87
N SER V 247 -26.23 -70.90 100.08
CA SER V 247 -25.93 -69.96 99.01
C SER V 247 -24.50 -69.46 99.15
N LEU V 248 -24.02 -68.79 98.10
CA LEU V 248 -22.67 -68.24 98.09
C LEU V 248 -22.75 -66.79 98.57
N ASN V 249 -22.56 -66.61 99.87
CA ASN V 249 -22.59 -65.29 100.50
C ASN V 249 -21.18 -64.72 100.45
N PHE V 250 -20.83 -64.11 99.33
CA PHE V 250 -19.50 -63.55 99.16
C PHE V 250 -19.57 -62.04 98.91
N ASP V 251 -18.42 -61.43 98.63
CA ASP V 251 -18.33 -60.00 98.39
C ASP V 251 -17.70 -59.74 97.03
N VAL V 252 -17.95 -58.55 96.51
CA VAL V 252 -17.39 -58.11 95.23
C VAL V 252 -16.76 -56.74 95.44
N THR V 253 -15.44 -56.67 95.27
CA THR V 253 -14.69 -55.43 95.45
C THR V 253 -14.54 -54.75 94.10
N VAL V 254 -15.41 -53.80 93.79
CA VAL V 254 -15.33 -53.06 92.55
C VAL V 254 -14.43 -51.84 92.74
N GLY V 255 -13.12 -52.05 92.63
CA GLY V 255 -12.19 -50.95 92.83
C GLY V 255 -12.16 -50.52 94.28
N SER V 256 -12.42 -49.23 94.50
CA SER V 256 -12.38 -48.65 95.84
C SER V 256 -13.46 -49.26 96.74
N ASN V 257 -14.73 -49.07 96.39
CA ASN V 257 -15.82 -49.58 97.20
C ASN V 257 -15.98 -51.08 96.98
N THR V 258 -16.64 -51.73 97.93
CA THR V 258 -16.82 -53.18 97.92
C THR V 258 -18.29 -53.52 98.12
N VAL V 259 -18.80 -54.42 97.29
CA VAL V 259 -20.19 -54.85 97.37
C VAL V 259 -20.30 -55.94 98.43
N SER V 260 -21.42 -55.97 99.14
CA SER V 260 -21.64 -56.95 100.20
C SER V 260 -22.91 -57.74 99.95
N LEU V 261 -23.09 -58.22 98.72
CA LEU V 261 -24.28 -58.97 98.36
C LEU V 261 -24.33 -60.33 99.05
N ALA V 262 -25.47 -61.01 98.94
CA ALA V 262 -25.64 -62.33 99.55
C ALA V 262 -26.80 -63.03 98.83
N GLY V 263 -27.12 -64.24 99.28
CA GLY V 263 -28.20 -65.01 98.70
C GLY V 263 -28.02 -65.31 97.23
N VAL V 264 -26.91 -65.97 96.88
CA VAL V 264 -26.60 -66.31 95.50
C VAL V 264 -26.74 -67.83 95.34
N THR V 265 -27.74 -68.25 94.56
CA THR V 265 -27.95 -69.66 94.29
C THR V 265 -27.92 -69.93 92.79
N SER V 266 -28.39 -68.98 92.00
CA SER V 266 -28.42 -69.08 90.56
C SER V 266 -27.88 -67.82 89.92
N THR V 267 -27.71 -67.86 88.60
CA THR V 267 -27.23 -66.69 87.87
C THR V 267 -28.19 -65.51 88.01
N GLN V 268 -29.50 -65.80 88.03
CA GLN V 268 -30.49 -64.75 88.17
C GLN V 268 -30.35 -64.02 89.50
N ASP V 269 -30.01 -64.75 90.56
CA ASP V 269 -29.84 -64.15 91.87
C ASP V 269 -28.69 -63.14 91.88
N LEU V 270 -27.54 -63.56 91.36
CA LEU V 270 -26.38 -62.67 91.28
C LEU V 270 -26.67 -61.48 90.38
N ALA V 271 -27.40 -61.73 89.29
CA ALA V 271 -27.82 -60.65 88.39
C ALA V 271 -28.65 -59.62 89.13
N ASP V 272 -29.60 -60.08 89.93
CA ASP V 272 -30.45 -59.21 90.73
C ASP V 272 -29.63 -58.41 91.75
N GLN V 273 -28.70 -59.09 92.42
CA GLN V 273 -27.87 -58.40 93.41
C GLN V 273 -27.03 -57.31 92.76
N LEU V 274 -26.51 -57.57 91.57
CA LEU V 274 -25.73 -56.55 90.87
C LEU V 274 -26.61 -55.41 90.38
N ASN V 275 -27.76 -55.72 89.80
CA ASN V 275 -28.65 -54.68 89.30
C ASN V 275 -29.20 -53.81 90.42
N SER V 276 -29.32 -54.37 91.63
CA SER V 276 -29.83 -53.62 92.76
C SER V 276 -28.81 -52.57 93.22
N ASN V 277 -27.57 -53.01 93.48
CA ASN V 277 -26.56 -52.11 94.00
C ASN V 277 -25.88 -51.31 92.88
N SER V 278 -26.47 -51.34 91.69
CA SER V 278 -25.94 -50.61 90.53
C SER V 278 -25.74 -49.13 90.84
N SER V 279 -26.54 -48.59 91.77
CA SER V 279 -26.35 -47.22 92.23
C SER V 279 -24.93 -47.01 92.76
N LYS V 280 -24.53 -47.85 93.71
CA LYS V 280 -23.21 -47.74 94.32
C LYS V 280 -22.12 -48.17 93.35
N LEU V 281 -22.23 -49.39 92.83
CA LEU V 281 -21.21 -49.96 91.95
C LEU V 281 -21.39 -49.39 90.54
N GLY V 282 -20.36 -48.71 90.06
CA GLY V 282 -20.40 -48.11 88.74
C GLY V 282 -20.07 -49.09 87.63
N ILE V 283 -20.61 -50.30 87.71
CA ILE V 283 -20.32 -51.34 86.72
C ILE V 283 -21.64 -51.88 86.19
N THR V 284 -22.01 -51.47 84.98
CA THR V 284 -23.29 -51.87 84.41
C THR V 284 -23.33 -53.37 84.16
N ALA V 285 -24.48 -53.98 84.46
CA ALA V 285 -24.68 -55.41 84.29
C ALA V 285 -25.98 -55.65 83.53
N SER V 286 -26.06 -56.80 82.86
CA SER V 286 -27.25 -57.16 82.09
C SER V 286 -27.24 -58.65 81.75
N ILE V 287 -28.37 -59.31 81.97
CA ILE V 287 -28.54 -60.72 81.63
C ILE V 287 -29.48 -60.78 80.42
N ASN V 288 -29.04 -61.46 79.36
CA ASN V 288 -29.84 -61.58 78.16
C ASN V 288 -30.96 -62.59 78.36
N ASP V 289 -31.92 -62.58 77.44
CA ASP V 289 -33.07 -63.48 77.50
C ASP V 289 -32.62 -64.93 77.44
N LYS V 290 -31.48 -65.20 76.81
CA LYS V 290 -30.95 -66.56 76.74
C LYS V 290 -30.64 -67.10 78.15
N GLY V 291 -29.87 -66.34 78.93
CA GLY V 291 -29.59 -66.74 80.29
C GLY V 291 -28.18 -66.44 80.75
N VAL V 292 -27.27 -66.19 79.81
CA VAL V 292 -25.88 -65.91 80.14
C VAL V 292 -25.75 -64.47 80.66
N LEU V 293 -25.59 -64.33 81.97
CA LEU V 293 -25.42 -63.01 82.57
C LEU V 293 -24.09 -62.40 82.14
N THR V 294 -24.11 -61.09 81.89
CA THR V 294 -22.92 -60.37 81.46
C THR V 294 -22.80 -59.08 82.25
N ILE V 295 -21.59 -58.83 82.77
CA ILE V 295 -21.30 -57.61 83.51
C ILE V 295 -20.12 -56.93 82.85
N THR V 296 -20.32 -55.67 82.47
CA THR V 296 -19.31 -54.94 81.71
C THR V 296 -18.92 -53.68 82.46
N SER V 297 -17.63 -53.36 82.42
CA SER V 297 -17.09 -52.13 82.99
C SER V 297 -16.65 -51.25 81.83
N ALA V 298 -17.46 -50.23 81.53
CA ALA V 298 -17.15 -49.31 80.44
C ALA V 298 -15.84 -48.59 80.66
N THR V 299 -15.62 -48.10 81.89
CA THR V 299 -14.37 -47.41 82.21
C THR V 299 -13.17 -48.34 82.17
N GLY V 300 -13.39 -49.63 82.44
CA GLY V 300 -12.30 -50.59 82.44
C GLY V 300 -11.80 -50.87 83.84
N GLU V 301 -12.70 -50.82 84.82
CA GLU V 301 -12.31 -50.99 86.21
C GLU V 301 -12.05 -52.47 86.52
N ASN V 302 -10.96 -52.73 87.23
CA ASN V 302 -10.57 -54.09 87.60
C ASN V 302 -11.46 -54.57 88.75
N VAL V 303 -12.46 -55.39 88.39
CA VAL V 303 -13.36 -55.92 89.41
C VAL V 303 -12.65 -56.98 90.24
N LYS V 304 -13.08 -57.10 91.49
CA LYS V 304 -12.51 -58.08 92.41
C LYS V 304 -13.65 -58.75 93.16
N PHE V 305 -13.53 -60.07 93.34
CA PHE V 305 -14.50 -60.86 94.08
C PHE V 305 -13.90 -61.21 95.44
N GLY V 306 -14.57 -60.78 96.50
CA GLY V 306 -14.09 -61.02 97.84
C GLY V 306 -14.13 -62.48 98.23
N ALA V 307 -13.83 -62.72 99.52
CA ALA V 307 -13.81 -64.08 100.04
C ALA V 307 -15.20 -64.70 99.96
N GLN V 308 -15.23 -66.01 99.71
CA GLN V 308 -16.49 -66.74 99.57
C GLN V 308 -16.90 -67.33 100.92
N THR V 309 -17.25 -66.43 101.83
CA THR V 309 -17.72 -66.80 103.17
C THR V 309 -19.21 -67.10 103.20
N GLY V 310 -19.67 -68.01 102.35
CA GLY V 310 -21.07 -68.32 102.27
C GLY V 310 -21.51 -69.39 103.24
N THR V 311 -22.72 -69.90 103.02
CA THR V 311 -23.29 -70.95 103.84
C THR V 311 -23.44 -72.28 103.10
N ALA V 312 -23.10 -72.33 101.82
CA ALA V 312 -23.18 -73.57 101.05
C ALA V 312 -21.99 -74.46 101.34
N THR V 313 -21.88 -75.58 100.61
CA THR V 313 -20.78 -76.51 100.82
C THR V 313 -20.05 -76.78 99.51
N ALA V 314 -20.74 -76.61 98.39
CA ALA V 314 -20.14 -76.82 97.08
C ALA V 314 -20.75 -75.85 96.09
N GLY V 315 -20.05 -75.66 94.98
CA GLY V 315 -20.45 -74.75 93.94
C GLY V 315 -19.35 -73.78 93.60
N GLN V 316 -19.55 -73.07 92.48
CA GLN V 316 -18.58 -72.10 92.00
C GLN V 316 -19.27 -71.18 91.01
N VAL V 317 -18.63 -70.03 90.76
CA VAL V 317 -19.14 -69.05 89.80
C VAL V 317 -18.06 -68.77 88.77
N ALA V 318 -18.15 -69.44 87.62
CA ALA V 318 -17.15 -69.26 86.57
C ALA V 318 -17.27 -67.87 85.95
N VAL V 319 -16.12 -67.31 85.59
CA VAL V 319 -16.05 -65.99 84.97
C VAL V 319 -15.06 -66.04 83.81
N LYS V 320 -15.45 -65.41 82.71
CA LYS V 320 -14.60 -65.29 81.54
C LYS V 320 -14.35 -63.81 81.27
N VAL V 321 -13.35 -63.53 80.44
CA VAL V 321 -12.94 -62.17 80.14
C VAL V 321 -12.95 -61.97 78.63
N GLN V 322 -13.51 -60.84 78.18
CA GLN V 322 -13.54 -60.54 76.76
C GLN V 322 -12.16 -60.17 76.27
N GLY V 323 -11.79 -60.71 75.10
CA GLY V 323 -10.49 -60.40 74.53
C GLY V 323 -10.44 -58.98 73.97
N SER V 324 -9.22 -58.54 73.67
CA SER V 324 -9.01 -57.21 73.10
C SER V 324 -9.73 -57.06 71.76
N ASP V 325 -9.32 -57.86 70.77
CA ASP V 325 -9.99 -57.82 69.47
C ASP V 325 -11.40 -58.39 69.56
N GLY V 326 -11.58 -59.41 70.40
CA GLY V 326 -12.87 -60.06 70.55
C GLY V 326 -12.70 -61.49 70.97
N LYS V 327 -13.50 -62.40 70.38
CA LYS V 327 -13.38 -63.83 70.64
C LYS V 327 -13.48 -64.11 72.14
N PHE V 328 -14.65 -63.87 72.72
CA PHE V 328 -14.87 -64.06 74.16
C PHE V 328 -14.35 -65.41 74.61
N GLU V 329 -13.67 -65.41 75.76
CA GLU V 329 -12.97 -66.59 76.26
C GLU V 329 -13.92 -67.77 76.44
N ALA V 330 -13.50 -68.92 75.93
CA ALA V 330 -14.26 -70.16 76.07
C ALA V 330 -13.95 -70.84 77.40
N ALA V 331 -12.66 -70.96 77.72
CA ALA V 331 -12.25 -71.59 78.96
C ALA V 331 -12.76 -70.81 80.16
N ALA V 332 -13.40 -71.51 81.09
CA ALA V 332 -14.01 -70.87 82.24
C ALA V 332 -13.08 -70.98 83.45
N LYS V 333 -13.12 -69.99 84.34
CA LYS V 333 -12.34 -70.01 85.56
C LYS V 333 -13.17 -69.36 86.66
N ASN V 334 -13.45 -70.12 87.72
CA ASN V 334 -14.29 -69.62 88.80
C ASN V 334 -13.52 -68.64 89.67
N VAL V 335 -14.20 -67.59 90.11
CA VAL V 335 -13.61 -66.60 91.02
C VAL V 335 -13.96 -66.87 92.47
N VAL V 336 -15.12 -67.47 92.75
CA VAL V 336 -15.54 -67.81 94.10
C VAL V 336 -16.09 -69.23 94.08
N ALA V 337 -15.89 -69.94 95.18
CA ALA V 337 -16.34 -71.34 95.26
C ALA V 337 -16.63 -71.68 96.72
N ALA V 338 -17.86 -72.08 97.00
CA ALA V 338 -18.24 -72.48 98.35
C ALA V 338 -17.42 -73.67 98.80
N GLY V 339 -16.77 -73.54 99.96
CA GLY V 339 -15.88 -74.57 100.45
C GLY V 339 -14.42 -74.19 100.31
N THR V 340 -13.67 -74.98 99.56
CA THR V 340 -12.26 -74.70 99.32
C THR V 340 -12.09 -73.38 98.56
N ALA V 341 -11.05 -72.63 98.91
CA ALA V 341 -10.79 -71.35 98.24
C ALA V 341 -10.33 -71.59 96.81
N ALA V 342 -10.99 -70.93 95.86
CA ALA V 342 -10.65 -71.06 94.45
C ALA V 342 -9.50 -70.14 94.09
N THR V 343 -9.10 -70.16 92.82
CA THR V 343 -8.02 -69.32 92.31
C THR V 343 -8.61 -68.29 91.34
N THR V 344 -7.73 -67.44 90.81
CA THR V 344 -8.12 -66.36 89.90
C THR V 344 -9.24 -65.52 90.50
N THR V 345 -8.97 -64.96 91.67
CA THR V 345 -10.00 -64.25 92.43
C THR V 345 -10.38 -62.90 91.83
N ILE V 346 -9.51 -62.29 91.02
CA ILE V 346 -9.79 -60.98 90.45
C ILE V 346 -9.94 -61.12 88.94
N VAL V 347 -10.49 -60.08 88.33
CA VAL V 347 -10.67 -60.03 86.88
C VAL V 347 -10.16 -58.68 86.38
N THR V 348 -9.23 -58.71 85.45
CA THR V 348 -8.65 -57.51 84.85
C THR V 348 -9.11 -57.42 83.40
N GLY V 349 -9.56 -56.24 83.00
CA GLY V 349 -10.03 -56.02 81.65
C GLY V 349 -8.88 -55.92 80.66
N TYR V 350 -9.27 -55.67 79.41
CA TYR V 350 -8.34 -55.56 78.30
C TYR V 350 -8.17 -54.09 77.90
N VAL V 351 -7.04 -53.81 77.26
CA VAL V 351 -6.77 -52.50 76.70
C VAL V 351 -6.45 -52.65 75.22
N GLN V 352 -6.55 -51.55 74.49
CA GLN V 352 -6.33 -51.56 73.04
C GLN V 352 -5.61 -50.28 72.66
N LEU V 353 -4.42 -50.42 72.09
CA LEU V 353 -3.60 -49.26 71.70
C LEU V 353 -3.61 -49.14 70.18
N ASN V 354 -4.56 -48.35 69.67
CA ASN V 354 -4.60 -48.07 68.25
C ASN V 354 -3.42 -47.18 67.85
N SER V 355 -2.91 -47.42 66.64
CA SER V 355 -1.72 -46.73 66.16
C SER V 355 -1.95 -46.22 64.74
N PRO V 356 -1.72 -44.92 64.49
CA PRO V 356 -1.87 -44.40 63.13
C PRO V 356 -0.83 -44.91 62.15
N THR V 357 0.46 -44.82 62.48
CA THR V 357 1.49 -45.25 61.54
C THR V 357 2.32 -46.40 62.10
N ALA V 358 2.89 -46.21 63.30
CA ALA V 358 3.78 -47.20 63.90
C ALA V 358 3.90 -46.94 65.40
N TYR V 359 3.74 -48.02 66.17
CA TYR V 359 3.82 -47.91 67.63
C TYR V 359 4.20 -49.25 68.25
N SER V 360 5.45 -49.37 68.68
CA SER V 360 5.97 -50.61 69.24
C SER V 360 6.02 -50.54 70.76
N VAL V 361 5.88 -51.71 71.39
CA VAL V 361 5.88 -51.85 72.84
C VAL V 361 6.81 -52.98 73.22
N SER V 362 7.57 -52.78 74.30
CA SER V 362 8.46 -53.82 74.82
C SER V 362 8.41 -53.81 76.34
N GLY V 363 8.82 -54.93 76.93
CA GLY V 363 8.81 -55.08 78.37
C GLY V 363 9.65 -56.25 78.84
N THR V 364 10.35 -56.08 79.96
CA THR V 364 11.22 -57.12 80.47
C THR V 364 10.43 -58.30 81.02
N GLY V 365 10.38 -59.40 80.26
CA GLY V 365 9.73 -60.61 80.71
C GLY V 365 8.24 -60.46 80.99
N THR V 366 7.89 -60.51 82.27
CA THR V 366 6.49 -60.42 82.70
C THR V 366 5.85 -59.12 82.25
N GLN V 367 6.62 -58.03 82.27
CA GLN V 367 6.12 -56.70 81.92
C GLN V 367 5.44 -56.70 80.55
N ALA V 368 6.14 -57.20 79.53
CA ALA V 368 5.57 -57.24 78.19
C ALA V 368 4.33 -58.12 78.14
N SER V 369 4.38 -59.27 78.81
CA SER V 369 3.25 -60.18 78.82
C SER V 369 2.05 -59.56 79.54
N GLN V 370 2.29 -59.00 80.73
CA GLN V 370 1.21 -58.50 81.57
C GLN V 370 0.55 -57.24 81.02
N VAL V 371 0.89 -56.82 79.80
CA VAL V 371 0.27 -55.68 79.15
C VAL V 371 -0.33 -56.05 77.81
N PHE V 372 0.49 -56.61 76.91
CA PHE V 372 0.04 -56.94 75.56
C PHE V 372 0.58 -58.29 75.13
N GLY V 373 0.81 -59.18 76.10
CA GLY V 373 1.32 -60.50 75.80
C GLY V 373 2.64 -60.49 75.04
N ASN V 374 2.85 -61.50 74.19
CA ASN V 374 4.06 -61.58 73.38
C ASN V 374 3.79 -61.01 71.99
N ALA V 375 3.43 -59.73 71.97
CA ALA V 375 3.20 -59.04 70.70
C ALA V 375 4.45 -58.30 70.27
N SER V 376 4.89 -57.34 71.09
CA SER V 376 6.15 -56.63 70.91
C SER V 376 6.18 -55.76 69.65
N ALA V 377 5.10 -55.79 68.88
CA ALA V 377 5.04 -55.11 67.59
C ALA V 377 3.60 -55.04 67.10
N ALA V 378 3.28 -53.98 66.34
CA ALA V 378 1.89 -53.62 66.07
C ALA V 378 1.36 -54.04 64.69
N GLN V 379 1.98 -55.01 64.03
CA GLN V 379 1.52 -55.43 62.71
C GLN V 379 0.13 -56.07 62.83
N LYS V 380 -0.41 -56.54 61.71
CA LYS V 380 -1.81 -56.96 61.59
C LYS V 380 -2.73 -55.77 61.84
N SER V 381 -2.60 -54.78 60.96
CA SER V 381 -3.45 -53.59 61.01
C SER V 381 -4.93 -53.94 60.86
N SER V 382 -5.24 -54.86 59.94
CA SER V 382 -6.56 -55.46 59.84
C SER V 382 -7.70 -54.47 59.58
N VAL V 383 -7.70 -53.82 58.42
CA VAL V 383 -8.85 -53.03 58.01
C VAL V 383 -9.90 -53.97 57.42
N ALA V 384 -9.46 -55.05 56.79
CA ALA V 384 -10.35 -56.06 56.23
C ALA V 384 -11.11 -56.81 57.31
N SER V 385 -10.47 -57.01 58.46
CA SER V 385 -11.08 -57.76 59.56
C SER V 385 -12.27 -57.04 60.17
N VAL V 386 -12.64 -55.87 59.62
CA VAL V 386 -13.79 -55.11 60.10
C VAL V 386 -15.04 -56.00 60.11
N ASP V 387 -15.73 -56.01 61.23
CA ASP V 387 -17.01 -56.70 61.36
C ASP V 387 -18.07 -55.72 61.86
N ILE V 388 -19.33 -56.08 61.63
CA ILE V 388 -20.45 -55.19 61.91
C ILE V 388 -21.49 -55.86 62.80
N SER V 389 -21.52 -57.19 62.79
CA SER V 389 -22.68 -57.95 63.25
C SER V 389 -23.22 -57.56 64.62
N THR V 390 -22.47 -57.79 65.70
CA THR V 390 -23.09 -57.64 67.01
C THR V 390 -22.44 -56.62 67.94
N ALA V 391 -21.16 -56.80 68.25
CA ALA V 391 -20.54 -56.03 69.33
C ALA V 391 -19.37 -55.19 68.86
N ASP V 392 -18.39 -55.84 68.24
CA ASP V 392 -17.11 -55.21 67.93
C ASP V 392 -17.27 -53.97 67.05
N GLY V 393 -18.10 -54.08 66.01
CA GLY V 393 -18.25 -53.05 65.00
C GLY V 393 -18.30 -51.62 65.49
N ALA V 394 -19.30 -51.30 66.32
CA ALA V 394 -19.59 -49.93 66.75
C ALA V 394 -18.35 -49.15 67.17
N GLN V 395 -17.37 -49.82 67.75
CA GLN V 395 -16.15 -49.17 68.20
C GLN V 395 -14.94 -49.49 67.34
N ASN V 396 -14.81 -50.75 66.91
CA ASN V 396 -13.63 -51.14 66.14
C ASN V 396 -13.60 -50.43 64.79
N ALA V 397 -14.74 -50.35 64.10
CA ALA V 397 -14.78 -49.70 62.81
C ALA V 397 -14.44 -48.22 62.93
N ILE V 398 -14.89 -47.58 64.01
CA ILE V 398 -14.53 -46.19 64.26
C ILE V 398 -13.02 -46.08 64.45
N ALA V 399 -12.46 -47.00 65.23
CA ALA V 399 -11.01 -47.02 65.43
C ALA V 399 -10.27 -47.20 64.11
N VAL V 400 -10.86 -47.97 63.19
CA VAL V 400 -10.27 -48.11 61.87
C VAL V 400 -10.29 -46.78 61.14
N VAL V 401 -11.50 -46.22 60.95
CA VAL V 401 -11.68 -45.09 60.05
C VAL V 401 -10.95 -43.85 60.58
N ASP V 402 -10.75 -43.75 61.89
CA ASP V 402 -10.02 -42.59 62.42
C ASP V 402 -8.61 -42.53 61.83
N ASN V 403 -7.80 -43.55 62.10
CA ASN V 403 -6.43 -43.54 61.59
C ASN V 403 -6.40 -43.75 60.09
N ALA V 404 -7.46 -44.33 59.51
CA ALA V 404 -7.54 -44.45 58.06
C ALA V 404 -7.58 -43.08 57.41
N LEU V 405 -8.54 -42.25 57.83
CA LEU V 405 -8.58 -40.86 57.37
C LEU V 405 -7.31 -40.11 57.71
N ALA V 406 -6.71 -40.40 58.88
CA ALA V 406 -5.46 -39.72 59.23
C ALA V 406 -4.36 -40.02 58.21
N ALA V 407 -4.14 -41.29 57.89
CA ALA V 407 -3.09 -41.67 56.97
C ALA V 407 -3.38 -41.19 55.55
N ILE V 408 -4.65 -41.28 55.13
CA ILE V 408 -4.99 -40.85 53.77
C ILE V 408 -4.85 -39.34 53.65
N ASP V 409 -5.18 -38.60 54.71
CA ASP V 409 -4.98 -37.15 54.69
C ASP V 409 -3.50 -36.80 54.69
N ALA V 410 -2.68 -37.60 55.38
CA ALA V 410 -1.23 -37.39 55.31
C ALA V 410 -0.72 -37.59 53.89
N GLN V 411 -1.19 -38.65 53.23
CA GLN V 411 -0.79 -38.89 51.84
C GLN V 411 -1.27 -37.76 50.93
N ARG V 412 -2.49 -37.27 51.16
CA ARG V 412 -3.00 -36.16 50.36
C ARG V 412 -2.18 -34.90 50.58
N ALA V 413 -1.76 -34.65 51.81
CA ALA V 413 -0.92 -33.48 52.09
C ALA V 413 0.44 -33.61 51.44
N ASP V 414 1.01 -34.82 51.46
CA ASP V 414 2.26 -35.04 50.73
C ASP V 414 2.08 -34.78 49.24
N LEU V 415 0.97 -35.25 48.67
CA LEU V 415 0.71 -35.00 47.25
C LEU V 415 0.53 -33.52 46.96
N ALA V 416 -0.15 -32.79 47.85
CA ALA V 416 -0.36 -31.36 47.65
C ALA V 416 0.96 -30.60 47.76
N ALA V 417 1.81 -31.01 48.69
CA ALA V 417 3.13 -30.42 48.79
C ALA V 417 3.94 -30.67 47.51
N VAL V 418 3.85 -31.90 46.98
CA VAL V 418 4.56 -32.22 45.75
C VAL V 418 4.05 -31.37 44.60
N GLN V 419 2.73 -31.17 44.54
CA GLN V 419 2.14 -30.35 43.47
C GLN V 419 2.55 -28.89 43.59
N ASN V 420 2.52 -28.32 44.79
CA ASN V 420 2.94 -26.93 44.97
C ASN V 420 4.42 -26.76 44.64
N ARG V 421 5.24 -27.73 45.06
CA ARG V 421 6.65 -27.72 44.72
C ARG V 421 6.85 -27.79 43.21
N PHE V 422 6.06 -28.63 42.53
CA PHE V 422 6.17 -28.73 41.08
C PHE V 422 5.79 -27.42 40.41
N LYS V 423 4.73 -26.77 40.89
CA LYS V 423 4.34 -25.48 40.35
C LYS V 423 5.45 -24.47 40.53
N ASN V 424 6.01 -24.39 41.73
CA ASN V 424 7.08 -23.43 42.01
C ASN V 424 8.29 -23.68 41.12
N THR V 425 8.70 -24.94 41.01
CA THR V 425 9.90 -25.24 40.22
C THR V 425 9.64 -25.04 38.73
N ILE V 426 8.41 -25.27 38.26
CA ILE V 426 8.13 -25.08 36.85
C ILE V 426 8.11 -23.60 36.51
N ASP V 427 7.61 -22.76 37.44
CA ASP V 427 7.71 -21.32 37.24
C ASP V 427 9.16 -20.86 37.23
N ASN V 428 9.97 -21.42 38.15
CA ASN V 428 11.39 -21.07 38.17
C ASN V 428 12.07 -21.46 36.88
N LEU V 429 11.75 -22.64 36.35
CA LEU V 429 12.31 -23.09 35.09
C LEU V 429 11.88 -22.20 33.93
N THR V 430 10.59 -21.82 33.88
CA THR V 430 10.16 -20.91 32.82
C THR V 430 10.88 -19.57 32.90
N ASN V 431 11.08 -19.05 34.11
CA ASN V 431 11.75 -17.76 34.25
C ASN V 431 13.21 -17.84 33.81
N ILE V 432 13.93 -18.85 34.32
CA ILE V 432 15.35 -18.97 33.96
C ILE V 432 15.49 -19.31 32.47
N SER V 433 14.49 -19.98 31.89
CA SER V 433 14.55 -20.29 30.48
C SER V 433 14.33 -19.04 29.63
N GLU V 434 13.39 -18.18 30.03
CA GLU V 434 13.21 -16.92 29.33
C GLU V 434 14.47 -16.07 29.44
N ASN V 435 15.10 -16.04 30.61
CA ASN V 435 16.33 -15.29 30.76
C ASN V 435 17.46 -15.86 29.91
N ALA V 436 17.53 -17.19 29.80
CA ALA V 436 18.54 -17.82 28.97
C ALA V 436 18.31 -17.54 27.50
N THR V 437 17.05 -17.52 27.06
CA THR V 437 16.77 -17.15 25.67
C THR V 437 17.12 -15.70 25.42
N ASN V 438 16.90 -14.83 26.41
CA ASN V 438 17.30 -13.43 26.26
C ASN V 438 18.81 -13.30 26.12
N ALA V 439 19.56 -14.06 26.94
CA ALA V 439 21.02 -14.05 26.82
C ALA V 439 21.47 -14.59 25.47
N ARG V 440 20.81 -15.65 24.99
CA ARG V 440 21.15 -16.22 23.70
C ARG V 440 20.85 -15.22 22.58
N SER V 441 19.80 -14.43 22.74
CA SER V 441 19.49 -13.39 21.75
C SER V 441 20.53 -12.28 21.78
N ARG V 442 20.96 -11.89 22.98
CA ARG V 442 22.01 -10.89 23.10
C ARG V 442 23.33 -11.37 22.50
N ILE V 443 23.63 -12.67 22.58
CA ILE V 443 24.91 -13.17 22.12
C ILE V 443 24.90 -13.64 20.67
N LYS V 444 23.73 -14.01 20.13
CA LYS V 444 23.64 -14.57 18.78
C LYS V 444 22.85 -13.71 17.82
N ASP V 445 21.61 -13.37 18.13
CA ASP V 445 20.76 -12.62 17.21
C ASP V 445 21.37 -11.26 16.91
N THR V 446 21.66 -11.03 15.63
CA THR V 446 22.38 -9.83 15.22
C THR V 446 21.53 -8.59 15.45
N ASP V 447 22.18 -7.52 15.93
CA ASP V 447 21.57 -6.19 15.94
C ASP V 447 21.72 -5.57 14.54
N PHE V 448 20.99 -6.17 13.59
CA PHE V 448 21.18 -5.85 12.18
C PHE V 448 20.78 -4.44 11.82
N ALA V 449 20.32 -3.63 12.78
CA ALA V 449 20.17 -2.21 12.53
C ALA V 449 21.49 -1.57 12.12
N ALA V 450 22.61 -2.13 12.54
CA ALA V 450 23.93 -1.72 12.07
C ALA V 450 24.49 -2.61 10.97
N GLU V 451 24.09 -3.88 10.93
CA GLU V 451 24.52 -4.75 9.85
C GLU V 451 23.95 -4.33 8.50
N THR V 452 22.79 -3.68 8.49
CA THR V 452 22.28 -3.12 7.24
C THR V 452 23.18 -2.02 6.71
N ALA V 453 23.59 -1.10 7.58
CA ALA V 453 24.55 -0.07 7.17
C ALA V 453 25.87 -0.70 6.76
N ALA V 454 26.29 -1.75 7.45
CA ALA V 454 27.53 -2.43 7.11
C ALA V 454 27.46 -3.03 5.71
N LEU V 455 26.35 -3.72 5.39
CA LEU V 455 26.23 -4.32 4.07
C LEU V 455 26.10 -3.25 2.99
N SER V 456 25.44 -2.14 3.32
CA SER V 456 25.32 -1.06 2.34
C SER V 456 26.69 -0.46 2.03
N LYS V 457 27.48 -0.17 3.06
CA LYS V 457 28.81 0.36 2.82
C LYS V 457 29.68 -0.66 2.10
N ASN V 458 29.48 -1.95 2.39
CA ASN V 458 30.24 -2.99 1.71
C ASN V 458 29.92 -3.02 0.21
N GLN V 459 28.63 -2.96 -0.14
CA GLN V 459 28.26 -3.06 -1.54
C GLN V 459 28.65 -1.80 -2.30
N VAL V 460 28.54 -0.62 -1.67
CA VAL V 460 28.97 0.59 -2.35
C VAL V 460 30.49 0.61 -2.50
N LEU V 461 31.21 0.02 -1.54
CA LEU V 461 32.65 -0.10 -1.67
C LEU V 461 33.01 -1.04 -2.80
N GLN V 462 32.27 -2.15 -2.94
CA GLN V 462 32.48 -3.03 -4.08
C GLN V 462 32.25 -2.31 -5.40
N GLN V 463 31.16 -1.53 -5.47
CA GLN V 463 30.86 -0.79 -6.69
C GLN V 463 31.96 0.23 -7.01
N ALA V 464 32.40 0.97 -5.99
CA ALA V 464 33.46 1.95 -6.19
C ALA V 464 34.76 1.25 -6.62
N GLY V 465 35.05 0.09 -6.03
CA GLY V 465 36.27 -0.61 -6.37
C GLY V 465 36.28 -1.10 -7.80
N THR V 466 35.17 -1.70 -8.24
CA THR V 466 35.12 -2.19 -9.62
C THR V 466 35.11 -1.03 -10.61
N ALA V 467 34.46 0.08 -10.26
CA ALA V 467 34.52 1.26 -11.13
C ALA V 467 35.93 1.81 -11.23
N ILE V 468 36.63 1.90 -10.11
CA ILE V 468 38.02 2.35 -10.11
C ILE V 468 38.90 1.41 -10.92
N LEU V 469 38.66 0.11 -10.81
CA LEU V 469 39.43 -0.85 -11.61
C LEU V 469 39.20 -0.64 -13.10
N ALA V 470 37.93 -0.46 -13.50
CA ALA V 470 37.64 -0.22 -14.91
C ALA V 470 38.22 1.10 -15.39
N GLN V 471 38.33 2.09 -14.49
CA GLN V 471 38.94 3.36 -14.86
C GLN V 471 40.45 3.25 -14.98
N ALA V 472 41.08 2.44 -14.12
CA ALA V 472 42.52 2.35 -14.09
C ALA V 472 43.06 1.45 -15.20
N ASN V 473 42.29 0.44 -15.61
CA ASN V 473 42.75 -0.47 -16.64
C ASN V 473 42.86 0.22 -18.01
N GLN V 474 42.36 1.45 -18.12
CA GLN V 474 42.40 2.18 -19.37
C GLN V 474 43.51 3.21 -19.44
N LEU V 475 44.26 3.42 -18.36
CA LEU V 475 45.37 4.36 -18.39
C LEU V 475 46.52 3.91 -19.28
N PRO V 476 47.10 2.71 -19.08
CA PRO V 476 48.26 2.35 -19.90
C PRO V 476 47.96 2.26 -21.38
N GLN V 477 46.74 1.89 -21.77
CA GLN V 477 46.39 1.85 -23.18
C GLN V 477 46.50 3.24 -23.80
N ALA V 478 45.98 4.26 -23.12
CA ALA V 478 46.10 5.62 -23.61
C ALA V 478 47.55 6.08 -23.62
N VAL V 479 48.30 5.75 -22.55
CA VAL V 479 49.70 6.14 -22.48
C VAL V 479 50.48 5.61 -23.68
N LEU V 480 50.33 4.32 -23.96
CA LEU V 480 51.08 3.72 -25.06
C LEU V 480 50.56 4.15 -26.42
N SER V 481 49.25 4.32 -26.57
CA SER V 481 48.71 4.75 -27.86
C SER V 481 49.11 6.19 -28.18
N LEU V 482 49.35 7.00 -27.16
CA LEU V 482 49.80 8.37 -27.41
C LEU V 482 51.31 8.48 -27.56
N LEU V 483 52.08 7.67 -26.83
CA LEU V 483 53.53 7.73 -26.91
C LEU V 483 54.11 6.92 -28.06
N ARG V 484 53.27 6.34 -28.91
CA ARG V 484 53.77 5.56 -30.04
C ARG V 484 53.20 6.09 -31.36
N VAL W 1 93.43 12.73 -51.06
CA VAL W 1 92.98 11.63 -50.22
C VAL W 1 91.90 10.82 -50.95
N ASN W 2 92.31 9.74 -51.61
CA ASN W 2 91.37 8.92 -52.36
C ASN W 2 91.46 7.42 -52.05
N THR W 3 92.61 6.88 -51.64
CA THR W 3 92.71 5.46 -51.37
C THR W 3 91.97 5.05 -50.11
N ASN W 4 91.57 6.00 -49.26
CA ASN W 4 90.81 5.71 -48.05
C ASN W 4 90.18 7.02 -47.58
N ILE W 5 89.11 6.89 -46.81
CA ILE W 5 88.36 8.03 -46.31
C ILE W 5 88.32 7.95 -44.79
N ALA W 6 88.77 9.02 -44.13
CA ALA W 6 88.80 9.04 -42.67
C ALA W 6 87.42 9.17 -42.05
N SER W 7 86.36 9.21 -42.86
CA SER W 7 85.01 9.37 -42.34
C SER W 7 84.44 8.09 -41.73
N LEU W 8 85.26 7.05 -41.52
CA LEU W 8 84.75 5.83 -40.91
C LEU W 8 84.34 6.02 -39.46
N ASN W 9 84.64 7.17 -38.85
CA ASN W 9 84.05 7.50 -37.56
C ASN W 9 82.54 7.54 -37.67
N THR W 10 82.03 8.04 -38.80
CA THR W 10 80.59 8.02 -39.03
C THR W 10 80.06 6.60 -39.08
N GLN W 11 80.79 5.69 -39.73
CA GLN W 11 80.38 4.29 -39.76
C GLN W 11 80.34 3.70 -38.36
N ARG W 12 81.37 3.95 -37.56
CA ARG W 12 81.38 3.50 -36.17
C ARG W 12 80.18 4.04 -35.41
N ASN W 13 79.85 5.31 -35.64
CA ASN W 13 78.69 5.90 -34.99
C ASN W 13 77.40 5.22 -35.43
N LEU W 14 77.29 4.85 -36.71
CA LEU W 14 76.11 4.12 -37.14
C LEU W 14 76.03 2.75 -36.47
N ASN W 15 77.16 2.06 -36.33
CA ASN W 15 77.13 0.77 -35.65
C ASN W 15 76.68 0.93 -34.20
N ALA W 16 77.26 1.90 -33.49
CA ALA W 16 76.90 2.10 -32.09
C ALA W 16 75.44 2.51 -31.94
N SER W 17 74.97 3.42 -32.79
CA SER W 17 73.58 3.85 -32.72
C SER W 17 72.63 2.73 -33.09
N SER W 18 73.05 1.84 -33.99
CA SER W 18 72.20 0.70 -34.35
C SER W 18 72.11 -0.29 -33.21
N ASN W 19 73.23 -0.53 -32.51
CA ASN W 19 73.17 -1.37 -31.32
C ASN W 19 72.23 -0.77 -30.29
N ASP W 20 72.41 0.51 -29.97
CA ASP W 20 71.55 1.16 -28.99
C ASP W 20 70.09 1.14 -29.44
N LEU W 21 69.86 1.28 -30.75
CA LEU W 21 68.51 1.32 -31.28
C LEU W 21 67.82 -0.02 -31.16
N ASN W 22 68.53 -1.11 -31.51
CA ASN W 22 67.91 -2.42 -31.38
C ASN W 22 67.66 -2.78 -29.93
N THR W 23 68.59 -2.42 -29.04
CA THR W 23 68.35 -2.64 -27.61
C THR W 23 67.12 -1.87 -27.13
N SER W 24 66.99 -0.60 -27.54
CA SER W 24 65.87 0.21 -27.08
C SER W 24 64.55 -0.31 -27.64
N LEU W 25 64.53 -0.72 -28.91
CA LEU W 25 63.29 -1.25 -29.47
C LEU W 25 62.92 -2.58 -28.81
N GLN W 26 63.91 -3.41 -28.48
CA GLN W 26 63.64 -4.65 -27.76
C GLN W 26 63.06 -4.35 -26.38
N ARG W 27 63.65 -3.39 -25.68
CA ARG W 27 63.15 -3.00 -24.36
C ARG W 27 61.71 -2.48 -24.47
N LEU W 28 61.42 -1.73 -25.53
CA LEU W 28 60.09 -1.15 -25.68
C LEU W 28 59.06 -2.22 -26.04
N THR W 29 59.42 -3.18 -26.89
CA THR W 29 58.47 -4.21 -27.28
C THR W 29 58.29 -5.28 -26.22
N THR W 30 59.25 -5.43 -25.31
CA THR W 30 59.05 -6.33 -24.18
C THR W 30 58.64 -5.60 -22.91
N GLY W 31 58.71 -4.28 -22.89
CA GLY W 31 58.35 -3.50 -21.73
C GLY W 31 59.35 -3.54 -20.59
N TYR W 32 60.51 -4.13 -20.79
CA TYR W 32 61.50 -4.31 -19.74
C TYR W 32 62.76 -3.54 -20.12
N ARG W 33 63.15 -2.57 -19.29
CA ARG W 33 64.45 -1.92 -19.45
C ARG W 33 65.56 -2.94 -19.21
N ILE W 34 65.43 -3.74 -18.16
CA ILE W 34 66.32 -4.88 -17.96
C ILE W 34 65.81 -6.02 -18.83
N ASN W 35 66.36 -6.15 -20.03
CA ASN W 35 65.94 -7.18 -20.96
C ASN W 35 66.17 -8.56 -20.36
N SER W 36 65.46 -9.55 -20.92
CA SER W 36 65.71 -10.95 -20.58
C SER W 36 67.14 -11.36 -20.89
N ALA W 37 67.89 -10.51 -21.58
CA ALA W 37 69.29 -10.79 -21.90
C ALA W 37 70.17 -10.48 -20.69
N LYS W 38 71.48 -10.41 -20.96
CA LYS W 38 72.48 -10.26 -19.92
C LYS W 38 72.33 -8.97 -19.12
N ASP W 39 71.69 -7.96 -19.71
CA ASP W 39 71.88 -6.58 -19.27
C ASP W 39 71.60 -6.41 -17.78
N ASP W 40 72.59 -5.84 -17.08
CA ASP W 40 72.50 -5.51 -15.65
C ASP W 40 72.18 -6.78 -14.85
N ALA W 41 73.16 -7.68 -14.86
CA ALA W 41 72.98 -9.02 -14.28
C ALA W 41 72.56 -8.97 -12.81
N ALA W 42 72.93 -7.92 -12.09
CA ALA W 42 72.48 -7.77 -10.71
C ALA W 42 70.96 -7.60 -10.66
N GLY W 43 70.43 -6.68 -11.48
CA GLY W 43 69.00 -6.56 -11.60
C GLY W 43 68.35 -7.83 -12.14
N LEU W 44 69.10 -8.60 -12.94
CA LEU W 44 68.59 -9.89 -13.39
C LEU W 44 68.42 -10.85 -12.21
N GLN W 45 69.40 -10.88 -11.31
CA GLN W 45 69.28 -11.68 -10.09
C GLN W 45 68.06 -11.24 -9.28
N ILE W 46 67.94 -9.93 -9.05
CA ILE W 46 66.80 -9.41 -8.29
C ILE W 46 65.49 -9.80 -8.95
N SER W 47 65.42 -9.71 -10.28
CA SER W 47 64.18 -9.99 -10.99
C SER W 47 63.81 -11.47 -10.92
N ASN W 48 64.80 -12.34 -11.13
CA ASN W 48 64.51 -13.77 -11.05
C ASN W 48 64.08 -14.18 -9.65
N ARG W 49 64.76 -13.66 -8.63
CA ARG W 49 64.37 -14.00 -7.26
C ARG W 49 63.00 -13.44 -6.92
N LEU W 50 62.70 -12.22 -7.37
CA LEU W 50 61.39 -11.64 -7.08
C LEU W 50 60.28 -12.37 -7.83
N SER W 51 60.57 -12.86 -9.03
CA SER W 51 59.58 -13.64 -9.76
C SER W 51 59.31 -14.96 -9.07
N ASN W 52 60.37 -15.64 -8.64
CA ASN W 52 60.21 -16.82 -7.80
C ASN W 52 59.32 -16.51 -6.60
N GLN W 53 59.60 -15.38 -5.92
CA GLN W 53 58.85 -15.03 -4.73
C GLN W 53 57.38 -14.80 -5.04
N ILE W 54 57.07 -14.01 -6.08
CA ILE W 54 55.67 -13.68 -6.36
C ILE W 54 54.92 -14.92 -6.81
N SER W 55 55.54 -15.76 -7.63
CA SER W 55 54.88 -16.99 -8.06
C SER W 55 54.60 -17.91 -6.87
N GLY W 56 55.59 -18.07 -5.98
CA GLY W 56 55.36 -18.87 -4.79
C GLY W 56 54.27 -18.29 -3.90
N LEU W 57 54.22 -16.98 -3.79
CA LEU W 57 53.19 -16.34 -2.99
C LEU W 57 51.80 -16.56 -3.59
N ASN W 58 51.67 -16.48 -4.90
CA ASN W 58 50.36 -16.72 -5.53
C ASN W 58 49.92 -18.17 -5.33
N VAL W 59 50.83 -19.13 -5.57
CA VAL W 59 50.44 -20.52 -5.43
C VAL W 59 50.18 -20.87 -3.96
N ALA W 60 50.88 -20.22 -3.02
CA ALA W 60 50.60 -20.44 -1.61
C ALA W 60 49.27 -19.82 -1.21
N THR W 61 48.94 -18.67 -1.80
CA THR W 61 47.60 -18.10 -1.61
C THR W 61 46.52 -19.06 -2.05
N ARG W 62 46.71 -19.68 -3.23
CA ARG W 62 45.71 -20.64 -3.71
C ARG W 62 45.63 -21.86 -2.80
N ASN W 63 46.78 -22.37 -2.36
CA ASN W 63 46.79 -23.50 -1.45
C ASN W 63 46.07 -23.17 -0.14
N ALA W 64 46.30 -21.96 0.38
CA ALA W 64 45.62 -21.55 1.60
C ALA W 64 44.12 -21.38 1.37
N ASN W 65 43.73 -21.02 0.15
CA ASN W 65 42.30 -20.95 -0.16
C ASN W 65 41.68 -22.34 -0.14
N ASP W 66 42.34 -23.32 -0.76
CA ASP W 66 41.84 -24.70 -0.65
C ASP W 66 41.79 -25.16 0.80
N GLY W 67 42.77 -24.75 1.60
CA GLY W 67 42.76 -25.10 3.01
C GLY W 67 41.59 -24.49 3.76
N ILE W 68 41.27 -23.23 3.44
CA ILE W 68 40.11 -22.58 4.05
C ILE W 68 38.84 -23.30 3.67
N SER W 69 38.72 -23.71 2.41
CA SER W 69 37.53 -24.46 2.00
C SER W 69 37.44 -25.80 2.73
N LEU W 70 38.58 -26.49 2.89
CA LEU W 70 38.62 -27.74 3.62
C LEU W 70 38.15 -27.54 5.06
N ALA W 71 38.70 -26.53 5.73
CA ALA W 71 38.28 -26.25 7.10
C ALA W 71 36.83 -25.81 7.18
N GLN W 72 36.28 -25.24 6.11
CA GLN W 72 34.85 -24.91 6.11
C GLN W 72 34.00 -26.17 5.99
N THR W 73 34.43 -27.14 5.17
CA THR W 73 33.78 -28.44 5.18
C THR W 73 33.81 -29.05 6.58
N ALA W 74 34.96 -28.97 7.24
CA ALA W 74 35.07 -29.48 8.61
C ALA W 74 34.12 -28.73 9.55
N GLU W 75 33.99 -27.41 9.37
CA GLU W 75 33.06 -26.64 10.19
C GLU W 75 31.64 -27.13 10.00
N GLY W 76 31.24 -27.37 8.75
CA GLY W 76 29.90 -27.88 8.51
C GLY W 76 29.66 -29.23 9.17
N ALA W 77 30.60 -30.15 9.01
CA ALA W 77 30.46 -31.47 9.62
C ALA W 77 30.38 -31.36 11.15
N LEU W 78 31.21 -30.49 11.74
CA LEU W 78 31.20 -30.36 13.19
C LEU W 78 29.94 -29.69 13.69
N GLN W 79 29.38 -28.75 12.92
CA GLN W 79 28.09 -28.17 13.28
C GLN W 79 26.99 -29.23 13.24
N GLN W 80 27.05 -30.12 12.24
CA GLN W 80 26.09 -31.21 12.20
C GLN W 80 26.21 -32.11 13.42
N SER W 81 27.45 -32.43 13.82
CA SER W 81 27.63 -33.26 15.01
C SER W 81 27.14 -32.56 16.27
N THR W 82 27.32 -31.23 16.34
CA THR W 82 26.81 -30.49 17.48
C THR W 82 25.29 -30.54 17.54
N ASN W 83 24.63 -30.40 16.38
CA ASN W 83 23.17 -30.52 16.35
C ASN W 83 22.73 -31.91 16.78
N ILE W 84 23.45 -32.94 16.35
CA ILE W 84 23.13 -34.30 16.78
C ILE W 84 23.26 -34.45 18.28
N LEU W 85 24.33 -33.92 18.87
CA LEU W 85 24.49 -34.05 20.32
C LEU W 85 23.46 -33.22 21.08
N GLN W 86 23.05 -32.09 20.48
CA GLN W 86 21.94 -31.32 21.04
C GLN W 86 20.68 -32.17 21.12
N ARG W 87 20.28 -32.77 19.98
CA ARG W 87 19.12 -33.64 19.97
C ARG W 87 19.30 -34.85 20.88
N ILE W 88 20.54 -35.29 21.06
CA ILE W 88 20.81 -36.45 21.92
C ILE W 88 20.54 -36.09 23.37
N ARG W 89 21.04 -34.94 23.84
CA ARG W 89 20.69 -34.48 25.17
C ARG W 89 19.19 -34.31 25.32
N ASP W 90 18.54 -33.74 24.30
CA ASP W 90 17.10 -33.54 24.37
C ASP W 90 16.37 -34.87 24.58
N LEU W 91 16.69 -35.87 23.75
CA LEU W 91 16.02 -37.16 23.85
C LEU W 91 16.38 -37.89 25.14
N ALA W 92 17.62 -37.69 25.63
CA ALA W 92 18.05 -38.35 26.85
C ALA W 92 17.32 -37.81 28.06
N LEU W 93 17.15 -36.48 28.12
CA LEU W 93 16.38 -35.90 29.20
C LEU W 93 14.89 -36.17 29.04
N GLN W 94 14.43 -36.37 27.80
CA GLN W 94 13.07 -36.83 27.60
C GLN W 94 12.89 -38.25 28.11
N SER W 95 13.94 -39.06 28.05
CA SER W 95 13.92 -40.42 28.53
C SER W 95 13.82 -40.52 30.04
N ALA W 96 13.86 -39.39 30.77
CA ALA W 96 13.57 -39.43 32.19
C ALA W 96 12.20 -40.03 32.45
N ASN W 97 11.19 -39.59 31.68
CA ASN W 97 9.86 -40.19 31.59
C ASN W 97 9.29 -40.58 32.96
N GLY W 98 9.59 -39.81 34.00
CA GLY W 98 9.14 -40.16 35.33
C GLY W 98 9.74 -41.46 35.84
N SER W 99 10.71 -41.98 35.09
CA SER W 99 11.48 -43.18 35.41
C SER W 99 10.65 -44.45 35.29
N ASN W 100 9.33 -44.32 35.13
CA ASN W 100 8.51 -45.50 34.87
C ASN W 100 7.36 -45.24 33.90
N SER W 101 7.17 -44.03 33.38
CA SER W 101 5.95 -43.73 32.64
C SER W 101 6.01 -44.21 31.21
N ASP W 102 7.19 -44.26 30.61
CA ASP W 102 7.35 -44.68 29.22
C ASP W 102 7.89 -46.10 29.20
N ALA W 103 6.97 -47.07 29.15
CA ALA W 103 7.38 -48.47 28.99
C ALA W 103 8.04 -48.71 27.64
N ASP W 104 7.96 -47.75 26.72
CA ASP W 104 8.63 -47.82 25.42
C ASP W 104 10.01 -47.17 25.45
N ARG W 105 10.68 -47.21 26.60
CA ARG W 105 12.10 -46.87 26.64
C ARG W 105 12.90 -47.70 25.66
N ALA W 106 12.41 -48.88 25.28
CA ALA W 106 13.05 -49.66 24.23
C ALA W 106 13.00 -48.92 22.90
N ALA W 107 11.83 -48.41 22.51
CA ALA W 107 11.73 -47.62 21.29
C ALA W 107 12.54 -46.34 21.40
N LEU W 108 12.59 -45.75 22.59
CA LEU W 108 13.47 -44.61 22.81
C LEU W 108 14.92 -44.97 22.55
N GLN W 109 15.34 -46.15 23.00
CA GLN W 109 16.70 -46.62 22.75
C GLN W 109 16.94 -46.87 21.26
N LYS W 110 15.91 -47.34 20.56
CA LYS W 110 16.03 -47.49 19.10
C LYS W 110 16.23 -46.13 18.44
N GLU W 111 15.49 -45.12 18.90
CA GLU W 111 15.69 -43.76 18.39
C GLU W 111 17.12 -43.28 18.64
N VAL W 112 17.61 -43.49 19.87
CA VAL W 112 18.96 -43.07 20.20
C VAL W 112 20.00 -43.81 19.38
N ALA W 113 19.76 -45.10 19.12
CA ALA W 113 20.71 -45.88 18.32
C ALA W 113 20.71 -45.43 16.87
N ALA W 114 19.52 -45.07 16.35
CA ALA W 114 19.46 -44.50 15.00
C ALA W 114 20.23 -43.20 14.94
N GLN W 115 20.08 -42.35 15.97
CA GLN W 115 20.85 -41.11 16.01
C GLN W 115 22.35 -41.38 16.08
N GLN W 116 22.75 -42.40 16.84
CA GLN W 116 24.17 -42.74 16.94
C GLN W 116 24.73 -43.24 15.62
N ALA W 117 23.99 -44.10 14.93
CA ALA W 117 24.43 -44.57 13.62
C ALA W 117 24.48 -43.43 12.62
N GLU W 118 23.55 -42.48 12.71
CA GLU W 118 23.57 -41.33 11.82
C GLU W 118 24.77 -40.44 12.11
N LEU W 119 25.14 -40.32 13.39
CA LEU W 119 26.38 -39.61 13.73
C LEU W 119 27.60 -40.30 13.16
N THR W 120 27.66 -41.63 13.30
CA THR W 120 28.74 -42.41 12.70
C THR W 120 28.78 -42.21 11.19
N ARG W 121 27.63 -41.99 10.57
CA ARG W 121 27.60 -41.68 9.15
C ARG W 121 28.10 -40.28 8.85
N ILE W 122 27.78 -39.30 9.70
CA ILE W 122 28.34 -37.97 9.55
C ILE W 122 29.86 -38.02 9.64
N SER W 123 30.38 -38.94 10.46
CA SER W 123 31.82 -39.18 10.45
C SER W 123 32.32 -39.46 9.04
N ASP W 124 31.65 -40.38 8.34
CA ASP W 124 31.96 -40.65 6.95
C ASP W 124 31.29 -39.61 6.06
N THR W 125 31.29 -39.84 4.75
CA THR W 125 30.58 -39.02 3.77
C THR W 125 31.17 -37.62 3.64
N THR W 126 32.18 -37.29 4.45
CA THR W 126 32.86 -36.01 4.39
C THR W 126 34.14 -36.14 3.57
N THR W 127 34.13 -37.03 2.59
CA THR W 127 35.31 -37.33 1.78
C THR W 127 35.61 -36.19 0.80
N PHE W 128 36.15 -35.11 1.34
CA PHE W 128 36.61 -34.01 0.52
C PHE W 128 37.91 -34.41 -0.16
N GLY W 129 37.79 -35.25 -1.19
CA GLY W 129 38.94 -35.84 -1.83
C GLY W 129 39.12 -37.33 -1.60
N GLY W 130 38.06 -38.04 -1.21
CA GLY W 130 38.16 -39.45 -0.89
C GLY W 130 39.00 -39.68 0.35
N ARG W 131 39.08 -38.65 1.19
CA ARG W 131 39.98 -38.61 2.34
C ARG W 131 39.24 -38.09 3.57
N LYS W 132 38.11 -38.73 3.89
CA LYS W 132 37.17 -38.29 4.92
C LYS W 132 37.90 -37.70 6.12
N LEU W 133 37.57 -36.45 6.46
CA LEU W 133 38.48 -35.63 7.26
C LEU W 133 38.33 -35.91 8.76
N LEU W 134 37.16 -35.62 9.31
CA LEU W 134 37.00 -35.60 10.77
C LEU W 134 37.02 -36.98 11.41
N ASP W 135 36.93 -38.05 10.62
CA ASP W 135 37.07 -39.39 11.18
C ASP W 135 38.30 -40.10 10.63
N GLY W 136 38.69 -41.16 11.30
CA GLY W 136 39.64 -42.11 10.73
C GLY W 136 41.02 -41.51 10.52
N SER W 137 41.37 -41.32 9.26
CA SER W 137 42.75 -41.03 8.86
C SER W 137 42.88 -39.55 8.49
N PHE W 138 43.15 -38.73 9.48
CA PHE W 138 43.69 -37.39 9.25
C PHE W 138 45.10 -37.32 9.80
N GLY W 139 46.07 -37.29 8.90
CA GLY W 139 47.47 -37.38 9.30
C GLY W 139 48.04 -36.11 9.91
N THR W 140 47.20 -35.25 10.49
CA THR W 140 47.63 -33.97 11.05
C THR W 140 48.45 -33.21 10.02
N THR W 141 47.81 -32.92 8.90
CA THR W 141 48.48 -32.39 7.72
C THR W 141 49.00 -30.99 8.00
N SER W 142 49.75 -30.44 7.05
CA SER W 142 50.37 -29.13 7.21
C SER W 142 50.30 -28.41 5.87
N PHE W 143 49.41 -27.43 5.77
CA PHE W 143 49.24 -26.69 4.53
C PHE W 143 50.37 -25.68 4.37
N GLN W 144 51.27 -25.94 3.42
CA GLN W 144 52.38 -25.03 3.19
C GLN W 144 51.90 -23.73 2.57
N VAL W 145 52.19 -22.62 3.23
CA VAL W 145 51.73 -21.30 2.80
C VAL W 145 52.86 -20.32 2.56
N GLY W 146 54.12 -20.75 2.59
CA GLY W 146 55.24 -19.86 2.40
C GLY W 146 55.93 -20.11 1.08
N SER W 147 56.79 -19.16 0.70
CA SER W 147 57.56 -19.27 -0.52
C SER W 147 58.84 -20.09 -0.35
N ASN W 148 59.11 -20.58 0.85
CA ASN W 148 60.28 -21.39 1.12
C ASN W 148 59.88 -22.70 1.80
N ALA W 149 60.83 -23.60 1.93
CA ALA W 149 60.54 -24.95 2.38
C ALA W 149 60.30 -25.00 3.89
N TYR W 150 59.29 -25.77 4.29
CA TYR W 150 58.99 -26.14 5.68
C TYR W 150 58.43 -25.00 6.51
N GLU W 151 58.15 -23.85 5.90
CA GLU W 151 57.28 -22.87 6.56
C GLU W 151 55.84 -23.21 6.25
N THR W 152 55.21 -24.00 7.10
CA THR W 152 53.89 -24.54 6.85
C THR W 152 52.96 -24.25 8.03
N ILE W 153 51.69 -24.60 7.84
CA ILE W 153 50.65 -24.38 8.85
C ILE W 153 50.00 -25.73 9.15
N ASP W 154 50.17 -26.22 10.37
CA ASP W 154 49.63 -27.52 10.76
C ASP W 154 48.17 -27.38 11.18
N ILE W 155 47.42 -28.46 10.99
CA ILE W 155 46.02 -28.55 11.39
C ILE W 155 45.84 -29.83 12.19
N SER W 156 45.01 -29.77 13.22
CA SER W 156 44.89 -30.83 14.22
C SER W 156 43.44 -31.31 14.32
N LEU W 157 42.86 -31.65 13.16
CA LEU W 157 41.51 -32.18 13.12
C LEU W 157 41.33 -33.34 14.10
N GLN W 158 40.09 -33.52 14.56
CA GLN W 158 39.78 -34.58 15.49
C GLN W 158 40.19 -35.94 14.92
N ASN W 159 40.69 -36.81 15.80
CA ASN W 159 41.20 -38.10 15.37
C ASN W 159 40.10 -38.92 14.68
N ALA W 160 38.92 -38.97 15.30
CA ALA W 160 37.77 -39.67 14.73
C ALA W 160 36.51 -39.17 15.42
N SER W 161 35.44 -39.06 14.65
CA SER W 161 34.15 -38.62 15.16
C SER W 161 33.20 -39.80 15.28
N ALA W 162 33.75 -40.98 15.54
CA ALA W 162 32.93 -42.18 15.68
C ALA W 162 32.30 -42.24 17.06
N SER W 163 31.77 -43.39 17.44
CA SER W 163 31.14 -43.53 18.74
C SER W 163 32.19 -43.76 19.83
N ALA W 164 33.45 -43.48 19.52
CA ALA W 164 34.55 -43.61 20.47
C ALA W 164 34.85 -42.32 21.23
N ILE W 165 34.31 -41.19 20.81
CA ILE W 165 34.46 -39.92 21.53
C ILE W 165 33.49 -39.92 22.70
N GLY W 166 33.68 -38.97 23.60
CA GLY W 166 32.78 -38.83 24.72
C GLY W 166 33.45 -38.36 26.00
N SER W 167 33.24 -39.09 27.08
CA SER W 167 33.81 -38.76 28.39
C SER W 167 34.99 -39.69 28.63
N TYR W 168 36.19 -39.21 28.32
CA TYR W 168 37.42 -39.97 28.58
C TYR W 168 37.67 -39.90 30.08
N GLN W 169 36.89 -40.68 30.82
CA GLN W 169 36.77 -40.48 32.26
C GLN W 169 36.21 -41.69 33.00
N VAL W 170 36.95 -42.19 34.00
CA VAL W 170 36.40 -43.19 34.91
C VAL W 170 35.66 -42.46 36.02
N GLY W 171 36.41 -41.67 36.80
CA GLY W 171 35.83 -40.78 37.78
C GLY W 171 36.06 -41.23 39.22
N SER W 172 35.79 -42.50 39.50
CA SER W 172 36.07 -43.10 40.80
C SER W 172 35.74 -44.58 40.81
N ASN W 173 36.45 -45.35 41.64
CA ASN W 173 36.04 -46.65 42.16
C ASN W 173 35.57 -47.66 41.11
N GLY W 174 35.82 -47.38 39.83
CA GLY W 174 35.29 -48.23 38.78
C GLY W 174 36.33 -48.80 37.84
N ALA W 175 37.59 -48.40 38.02
CA ALA W 175 38.67 -48.91 37.19
C ALA W 175 39.56 -49.85 37.99
N GLY W 176 39.55 -51.13 37.65
CA GLY W 176 40.39 -52.12 38.31
C GLY W 176 39.82 -52.63 39.61
N THR W 177 39.89 -51.83 40.67
CA THR W 177 39.38 -52.19 41.98
C THR W 177 38.64 -51.01 42.58
N VAL W 178 37.69 -51.30 43.48
CA VAL W 178 36.97 -50.24 44.16
C VAL W 178 37.90 -49.50 45.11
N ALA W 179 37.51 -48.28 45.47
CA ALA W 179 38.30 -47.48 46.38
C ALA W 179 38.19 -48.03 47.80
N SER W 180 38.99 -47.47 48.70
CA SER W 180 39.01 -47.90 50.10
C SER W 180 38.17 -47.02 51.00
N VAL W 181 38.05 -45.73 50.68
CA VAL W 181 37.24 -44.80 51.45
C VAL W 181 36.07 -44.26 50.63
N ALA W 182 36.30 -43.97 49.35
CA ALA W 182 35.23 -43.49 48.49
C ALA W 182 34.21 -44.59 48.23
N GLY W 183 32.94 -44.23 48.35
CA GLY W 183 31.86 -45.17 48.16
C GLY W 183 31.87 -46.34 49.13
N THR W 184 32.59 -46.19 50.23
CA THR W 184 32.71 -47.25 51.23
C THR W 184 32.68 -46.66 52.63
N ALA W 185 32.04 -47.36 53.57
CA ALA W 185 32.03 -46.90 54.96
C ALA W 185 33.38 -47.16 55.60
N THR W 186 33.91 -46.14 56.27
CA THR W 186 35.23 -46.22 56.89
C THR W 186 35.17 -45.71 58.33
N ALA W 187 36.15 -46.11 59.12
CA ALA W 187 36.26 -45.69 60.52
C ALA W 187 37.00 -44.36 60.65
N SER W 188 38.13 -44.22 59.96
CA SER W 188 38.92 -43.00 60.02
C SER W 188 38.49 -41.99 58.96
N GLY W 189 37.97 -42.46 57.82
CA GLY W 189 37.50 -41.58 56.78
C GLY W 189 38.60 -41.20 55.81
N ILE W 190 38.35 -40.08 55.11
CA ILE W 190 39.31 -39.51 54.18
C ILE W 190 40.62 -39.22 54.91
N ALA W 191 41.74 -39.61 54.31
CA ALA W 191 43.05 -39.38 54.88
C ALA W 191 43.73 -38.20 54.20
N SER W 192 44.80 -37.72 54.83
CA SER W 192 45.55 -36.60 54.27
C SER W 192 46.42 -37.06 53.12
N GLY W 193 47.06 -36.08 52.45
CA GLY W 193 47.93 -36.34 51.34
C GLY W 193 47.49 -35.56 50.12
N THR W 194 48.13 -35.85 49.00
CA THR W 194 47.85 -35.17 47.74
C THR W 194 47.45 -36.19 46.68
N VAL W 195 46.73 -35.71 45.67
CA VAL W 195 46.27 -36.55 44.57
C VAL W 195 46.67 -35.91 43.26
N ASN W 196 47.64 -36.51 42.57
CA ASN W 196 48.10 -35.98 41.30
C ASN W 196 47.08 -36.29 40.20
N LEU W 197 46.78 -35.26 39.40
CA LEU W 197 45.88 -35.41 38.25
C LEU W 197 46.42 -34.55 37.11
N VAL W 198 46.94 -35.20 36.09
CA VAL W 198 47.57 -34.52 34.97
C VAL W 198 46.65 -34.62 33.75
N GLY W 199 46.66 -33.56 32.94
CA GLY W 199 45.86 -33.53 31.73
C GLY W 199 45.72 -32.16 31.13
N GLY W 200 45.66 -32.09 29.80
CA GLY W 200 45.53 -30.82 29.10
C GLY W 200 46.67 -29.86 29.35
N GLY W 201 47.90 -30.35 29.22
CA GLY W 201 49.08 -29.52 29.41
C GLY W 201 49.41 -29.24 30.85
N GLN W 202 48.45 -28.65 31.58
CA GLN W 202 48.68 -28.27 32.97
C GLN W 202 48.86 -29.50 33.85
N VAL W 203 49.74 -29.36 34.84
CA VAL W 203 49.96 -30.39 35.85
C VAL W 203 49.62 -29.80 37.21
N LYS W 204 48.82 -30.52 37.98
CA LYS W 204 48.35 -30.05 39.28
C LYS W 204 48.67 -31.06 40.36
N ASN W 205 48.71 -30.56 41.61
CA ASN W 205 48.99 -31.42 42.75
C ASN W 205 47.99 -31.20 43.89
N ILE W 206 46.69 -31.16 43.61
CA ILE W 206 45.67 -30.86 44.60
C ILE W 206 45.77 -31.82 45.78
N ALA W 207 45.91 -31.25 46.98
CA ALA W 207 46.05 -32.07 48.18
C ALA W 207 44.70 -32.25 48.86
N ILE W 208 44.35 -33.50 49.15
CA ILE W 208 43.11 -33.84 49.83
C ILE W 208 43.44 -34.07 51.30
N ALA W 209 43.07 -33.12 52.15
CA ALA W 209 43.33 -33.24 53.58
C ALA W 209 42.42 -34.31 54.19
N ALA W 210 42.77 -34.74 55.40
CA ALA W 210 41.99 -35.75 56.09
C ALA W 210 40.68 -35.16 56.61
N GLY W 211 39.64 -35.99 56.60
CA GLY W 211 38.35 -35.55 57.10
C GLY W 211 37.50 -34.82 56.07
N ASP W 212 38.14 -34.35 55.01
CA ASP W 212 37.47 -33.61 53.95
C ASP W 212 36.28 -34.39 53.38
N SER W 213 35.13 -33.73 53.29
CA SER W 213 33.93 -34.40 52.75
C SER W 213 34.09 -34.64 51.26
N ALA W 214 33.15 -35.42 50.71
CA ALA W 214 33.17 -35.72 49.28
C ALA W 214 32.98 -34.46 48.45
N LYS W 215 32.13 -33.54 48.92
CA LYS W 215 31.92 -32.28 48.23
C LYS W 215 33.22 -31.47 48.17
N ALA W 216 34.03 -31.55 49.21
CA ALA W 216 35.30 -30.84 49.25
C ALA W 216 36.25 -31.37 48.17
N ILE W 217 36.37 -32.70 48.09
CA ILE W 217 37.19 -33.34 47.07
C ILE W 217 36.69 -32.91 45.70
N ALA W 218 35.37 -32.88 45.54
CA ALA W 218 34.75 -32.50 44.28
C ALA W 218 35.15 -31.09 43.88
N GLU W 219 35.00 -30.13 44.79
CA GLU W 219 35.24 -28.73 44.45
C GLU W 219 36.73 -28.45 44.24
N LYS W 220 37.60 -29.09 45.02
CA LYS W 220 39.03 -28.93 44.79
C LYS W 220 39.46 -29.53 43.45
N MET W 221 39.01 -30.75 43.15
CA MET W 221 39.39 -31.39 41.91
C MET W 221 38.85 -30.66 40.68
N ASP W 222 37.77 -29.89 40.84
CA ASP W 222 37.24 -29.10 39.74
C ASP W 222 38.11 -27.88 39.47
N GLY W 223 37.86 -27.18 38.37
CA GLY W 223 38.56 -25.94 38.11
C GLY W 223 39.85 -26.06 37.34
N ALA W 224 40.96 -26.13 38.06
CA ALA W 224 42.32 -26.05 37.53
C ALA W 224 42.53 -26.81 36.23
N ILE W 225 42.16 -28.09 36.21
CA ILE W 225 42.36 -28.92 35.03
C ILE W 225 41.52 -28.41 33.87
N PRO W 226 42.10 -28.14 32.71
CA PRO W 226 41.32 -27.66 31.57
C PRO W 226 40.30 -28.70 31.13
N ASN W 227 39.06 -28.26 30.95
CA ASN W 227 37.96 -29.11 30.50
C ASN W 227 37.78 -30.31 31.44
N LEU W 228 37.41 -30.01 32.68
CA LEU W 228 37.17 -31.05 33.68
C LEU W 228 36.09 -30.57 34.63
N SER W 229 35.13 -31.45 34.92
CA SER W 229 34.06 -31.16 35.86
C SER W 229 34.13 -32.18 37.00
N ALA W 230 33.20 -32.06 37.95
CA ALA W 230 33.19 -32.94 39.11
C ALA W 230 31.80 -32.96 39.72
N ARG W 231 31.31 -34.16 40.01
CA ARG W 231 30.04 -34.35 40.70
C ARG W 231 30.30 -34.99 42.06
N ALA W 232 29.25 -35.13 42.87
CA ALA W 232 29.40 -35.73 44.19
C ALA W 232 28.06 -36.23 44.73
N ARG W 233 27.98 -37.54 45.01
CA ARG W 233 26.79 -38.12 45.59
C ARG W 233 27.20 -39.02 46.75
N THR W 234 26.26 -39.24 47.68
CA THR W 234 26.49 -40.07 48.86
C THR W 234 25.28 -41.01 49.01
N VAL W 235 24.93 -41.68 47.92
CA VAL W 235 23.79 -42.60 47.90
C VAL W 235 24.19 -43.88 48.64
N PHE W 236 23.39 -44.25 49.64
CA PHE W 236 23.61 -45.48 50.38
C PHE W 236 22.29 -45.98 50.95
N THR W 237 22.26 -47.27 51.26
CA THR W 237 21.06 -47.92 51.80
C THR W 237 21.22 -48.18 53.29
N ALA W 238 20.17 -48.73 53.89
CA ALA W 238 20.16 -49.06 55.30
C ALA W 238 19.09 -50.13 55.53
N ASP W 239 19.23 -50.84 56.64
CA ASP W 239 18.29 -51.91 56.99
CA ASP W 239 18.28 -51.90 56.98
C ASP W 239 18.34 -52.13 58.49
N VAL W 240 17.21 -51.92 59.17
CA VAL W 240 17.14 -52.13 60.61
C VAL W 240 16.72 -53.57 60.87
N SER W 241 17.60 -54.34 61.51
CA SER W 241 17.31 -55.72 61.85
C SER W 241 18.00 -56.08 63.16
N GLY W 242 17.54 -57.16 63.78
CA GLY W 242 18.15 -57.67 64.99
C GLY W 242 17.76 -56.95 66.25
N VAL W 243 16.79 -56.04 66.16
CA VAL W 243 16.34 -55.26 67.30
C VAL W 243 15.82 -56.19 68.39
N THR W 244 16.50 -56.18 69.54
CA THR W 244 16.14 -57.05 70.65
C THR W 244 16.37 -56.32 71.96
N GLY W 245 15.34 -56.31 72.81
CA GLY W 245 15.41 -55.73 74.14
C GLY W 245 15.90 -54.31 74.19
N GLY W 246 15.15 -53.38 73.61
CA GLY W 246 15.49 -51.98 73.61
C GLY W 246 15.51 -51.39 72.21
N SER W 247 15.80 -50.09 72.17
CA SER W 247 15.82 -49.33 70.92
C SER W 247 17.25 -49.07 70.47
N LEU W 248 17.39 -48.76 69.18
CA LEU W 248 18.68 -48.50 68.56
C LEU W 248 19.04 -47.02 68.54
N ASN W 249 18.62 -46.27 69.56
CA ASN W 249 18.86 -44.83 69.64
C ASN W 249 20.32 -44.48 69.35
N PHE W 250 20.55 -43.67 68.33
CA PHE W 250 21.90 -43.31 67.91
C PHE W 250 21.90 -41.92 67.31
N ASP W 251 23.07 -41.30 67.30
CA ASP W 251 23.22 -39.94 66.79
C ASP W 251 23.52 -39.96 65.30
N VAL W 252 23.00 -38.96 64.60
CA VAL W 252 23.19 -38.79 63.16
C VAL W 252 23.87 -37.45 62.93
N THR W 253 25.15 -37.48 62.60
CA THR W 253 25.92 -36.28 62.32
C THR W 253 26.07 -36.11 60.82
N VAL W 254 25.68 -34.94 60.31
CA VAL W 254 25.72 -34.67 58.88
C VAL W 254 26.38 -33.32 58.65
N GLY W 255 27.68 -33.35 58.35
CA GLY W 255 28.42 -32.12 58.10
C GLY W 255 28.46 -31.18 59.27
N SER W 256 27.76 -30.05 59.16
CA SER W 256 27.74 -29.03 60.21
C SER W 256 26.58 -29.25 61.18
N ASN W 257 25.35 -29.23 60.70
CA ASN W 257 24.19 -29.49 61.54
C ASN W 257 24.12 -30.96 61.94
N THR W 258 23.53 -31.23 63.11
CA THR W 258 23.49 -32.58 63.63
C THR W 258 22.24 -32.76 64.47
N VAL W 259 21.48 -33.82 64.19
CA VAL W 259 20.31 -34.16 64.99
C VAL W 259 20.60 -35.45 65.74
N SER W 260 19.70 -35.84 66.64
CA SER W 260 19.90 -37.04 67.45
C SER W 260 18.65 -37.90 67.32
N LEU W 261 18.72 -38.94 66.51
CA LEU W 261 17.59 -39.83 66.33
C LEU W 261 17.46 -40.77 67.53
N ALA W 262 16.27 -41.34 67.69
CA ALA W 262 15.98 -42.24 68.79
C ALA W 262 14.78 -43.09 68.43
N GLY W 263 14.49 -44.07 69.27
CA GLY W 263 13.33 -44.92 69.07
C GLY W 263 13.46 -45.88 67.91
N VAL W 264 14.68 -46.03 67.39
CA VAL W 264 14.91 -46.87 66.22
C VAL W 264 14.63 -48.33 66.57
N THR W 265 13.57 -48.90 65.99
CA THR W 265 13.24 -50.30 66.20
C THR W 265 12.84 -51.03 64.94
N SER W 266 12.76 -50.35 63.79
CA SER W 266 12.32 -51.00 62.56
C SER W 266 12.82 -50.18 61.38
N THR W 267 12.87 -50.83 60.21
CA THR W 267 13.32 -50.17 58.99
C THR W 267 12.41 -49.00 58.62
N GLN W 268 11.09 -49.20 58.75
CA GLN W 268 10.14 -48.17 58.37
C GLN W 268 10.23 -46.97 59.31
N ASP W 269 10.40 -47.22 60.61
CA ASP W 269 10.47 -46.16 61.61
C ASP W 269 11.65 -45.23 61.34
N LEU W 270 12.83 -45.82 61.09
CA LEU W 270 14.03 -45.03 60.82
C LEU W 270 13.84 -44.18 59.58
N ALA W 271 13.26 -44.77 58.53
CA ALA W 271 12.96 -44.04 57.31
C ALA W 271 12.05 -42.85 57.59
N ASP W 272 11.00 -43.09 58.38
CA ASP W 272 10.03 -42.06 58.72
C ASP W 272 10.70 -40.91 59.46
N GLN W 273 11.49 -41.22 60.49
CA GLN W 273 12.10 -40.15 61.27
C GLN W 273 13.17 -39.41 60.48
N LEU W 274 13.88 -40.12 59.61
CA LEU W 274 14.83 -39.43 58.73
C LEU W 274 14.10 -38.49 57.77
N ASN W 275 12.94 -38.92 57.28
CA ASN W 275 12.11 -38.04 56.47
C ASN W 275 11.68 -36.82 57.26
N SER W 276 11.39 -37.01 58.56
CA SER W 276 11.08 -35.88 59.43
C SER W 276 12.28 -34.96 59.60
N ASN W 277 13.47 -35.56 59.73
CA ASN W 277 14.70 -34.80 59.89
C ASN W 277 15.38 -34.49 58.56
N SER W 278 14.73 -34.77 57.43
CA SER W 278 15.35 -34.58 56.12
C SER W 278 15.75 -33.13 55.89
N SER W 279 14.85 -32.20 56.20
CA SER W 279 15.11 -30.78 55.99
C SER W 279 16.32 -30.31 56.78
N LYS W 280 16.38 -30.67 58.07
CA LYS W 280 17.49 -30.23 58.91
C LYS W 280 18.80 -30.86 58.46
N LEU W 281 18.79 -32.18 58.24
CA LEU W 281 20.01 -32.88 57.84
C LEU W 281 20.38 -32.56 56.40
N GLY W 282 19.45 -31.99 55.65
CA GLY W 282 19.72 -31.70 54.25
C GLY W 282 19.89 -32.93 53.41
N ILE W 283 19.23 -34.03 53.78
CA ILE W 283 19.34 -35.29 53.07
C ILE W 283 17.98 -35.63 52.48
N THR W 284 17.91 -36.66 51.64
CA THR W 284 16.69 -37.05 50.95
C THR W 284 16.31 -38.47 51.41
N ALA W 285 15.47 -38.55 52.44
CA ALA W 285 15.01 -39.83 52.96
C ALA W 285 13.82 -40.33 52.15
N SER W 286 14.03 -41.39 51.36
CA SER W 286 12.99 -41.97 50.53
C SER W 286 13.03 -43.49 50.71
N ILE W 287 11.93 -44.06 51.19
CA ILE W 287 11.81 -45.50 51.37
C ILE W 287 11.18 -46.08 50.10
N ASN W 288 11.73 -47.19 49.63
CA ASN W 288 11.22 -47.83 48.42
C ASN W 288 10.14 -48.85 48.79
N ASP W 289 9.65 -49.57 47.77
CA ASP W 289 8.63 -50.58 47.99
C ASP W 289 9.19 -51.77 48.75
N LYS W 290 10.47 -52.09 48.52
CA LYS W 290 11.08 -53.24 49.16
C LYS W 290 11.61 -52.91 50.54
N GLY W 291 11.23 -51.74 51.07
CA GLY W 291 11.60 -51.38 52.43
C GLY W 291 12.99 -50.77 52.57
N VAL W 292 13.94 -51.26 51.79
CA VAL W 292 15.34 -50.84 51.88
C VAL W 292 15.45 -49.32 51.73
N LEU W 293 16.28 -48.70 52.56
CA LEU W 293 16.48 -47.25 52.51
C LEU W 293 17.15 -46.82 51.22
N THR W 294 16.78 -45.65 50.72
CA THR W 294 17.43 -45.03 49.56
C THR W 294 17.97 -43.65 49.94
N ILE W 295 18.67 -43.58 51.07
CA ILE W 295 19.22 -42.33 51.58
C ILE W 295 20.25 -41.79 50.60
N THR W 296 20.00 -40.60 50.06
CA THR W 296 20.88 -39.96 49.10
C THR W 296 21.10 -38.52 49.48
N SER W 297 22.31 -38.02 49.20
CA SER W 297 22.68 -36.65 49.50
C SER W 297 22.56 -35.77 48.26
N ALA W 298 22.59 -34.47 48.48
CA ALA W 298 22.43 -33.51 47.40
C ALA W 298 23.74 -33.29 46.66
N THR W 299 24.78 -32.88 47.37
CA THR W 299 26.05 -32.49 46.75
C THR W 299 27.22 -33.34 47.28
N GLY W 300 26.89 -34.58 47.65
CA GLY W 300 27.90 -35.51 48.13
C GLY W 300 28.50 -35.11 49.45
N GLU W 301 27.71 -35.19 50.53
CA GLU W 301 28.20 -34.82 51.85
C GLU W 301 28.85 -36.03 52.51
N ASN W 302 29.17 -35.93 53.80
CA ASN W 302 29.95 -36.94 54.49
C ASN W 302 29.25 -37.42 55.75
N VAL W 303 27.96 -37.78 55.62
CA VAL W 303 27.11 -38.18 56.73
C VAL W 303 27.81 -39.16 57.66
N LYS W 304 27.65 -38.95 58.97
CA LYS W 304 28.29 -39.72 60.01
C LYS W 304 27.23 -40.50 60.80
N PHE W 305 27.68 -41.51 61.55
CA PHE W 305 26.78 -42.31 62.37
C PHE W 305 27.35 -42.37 63.77
N GLY W 306 26.51 -42.06 64.77
CA GLY W 306 26.96 -41.98 66.14
C GLY W 306 27.14 -43.32 66.82
N ALA W 307 26.90 -43.37 68.13
CA ALA W 307 27.06 -44.57 68.93
C ALA W 307 25.71 -45.03 69.44
N GLN W 308 25.68 -46.26 69.96
CA GLN W 308 24.44 -46.87 70.44
C GLN W 308 24.07 -46.34 71.83
N THR W 309 23.41 -45.18 71.82
CA THR W 309 23.01 -44.55 73.08
C THR W 309 21.81 -45.26 73.70
N GLY W 310 21.09 -46.06 72.92
CA GLY W 310 19.89 -46.71 73.40
C GLY W 310 20.18 -47.83 74.39
N THR W 311 19.14 -48.61 74.65
CA THR W 311 19.20 -49.70 75.62
C THR W 311 19.17 -51.08 74.99
N ALA W 312 19.13 -51.17 73.66
CA ALA W 312 19.06 -52.45 72.98
C ALA W 312 20.31 -53.29 73.23
N THR W 313 20.11 -54.56 73.56
CA THR W 313 21.21 -55.49 73.78
C THR W 313 21.92 -55.78 72.46
N ALA W 314 21.17 -56.24 71.47
CA ALA W 314 21.71 -56.56 70.15
C ALA W 314 20.99 -55.73 69.09
N GLY W 315 21.32 -55.98 67.83
CA GLY W 315 20.75 -55.25 66.72
C GLY W 315 21.74 -54.27 66.11
N GLN W 316 21.59 -54.07 64.80
CA GLN W 316 22.50 -53.20 64.07
C GLN W 316 21.92 -52.78 62.73
N VAL W 317 22.63 -51.90 62.02
CA VAL W 317 22.25 -51.45 60.69
C VAL W 317 23.49 -51.47 59.81
N ALA W 318 23.31 -51.83 58.55
CA ALA W 318 24.40 -51.91 57.58
C ALA W 318 24.22 -50.85 56.50
N VAL W 319 25.24 -50.70 55.66
CA VAL W 319 25.23 -49.73 54.57
C VAL W 319 25.76 -50.40 53.31
N LYS W 320 25.26 -49.95 52.16
CA LYS W 320 25.69 -50.48 50.87
C LYS W 320 26.01 -49.36 49.87
N VAL W 321 26.82 -48.39 50.27
CA VAL W 321 27.11 -47.18 49.49
C VAL W 321 27.43 -47.51 48.04
N GLN W 322 26.71 -46.91 47.11
CA GLN W 322 26.94 -47.15 45.69
C GLN W 322 27.96 -46.16 45.15
N GLY W 323 28.48 -46.48 43.97
CA GLY W 323 29.43 -45.61 43.30
C GLY W 323 28.98 -45.21 41.91
N SER W 324 29.93 -44.79 41.06
CA SER W 324 29.59 -44.47 39.67
C SER W 324 29.13 -45.71 38.91
N ASP W 325 29.54 -46.89 39.36
CA ASP W 325 29.11 -48.13 38.72
C ASP W 325 27.61 -48.38 38.89
N GLY W 326 26.98 -47.73 39.86
CA GLY W 326 25.54 -47.85 40.03
C GLY W 326 25.12 -48.98 40.95
N LYS W 327 25.78 -50.13 40.83
CA LYS W 327 25.42 -51.30 41.62
C LYS W 327 25.85 -51.13 43.08
N PHE W 328 24.91 -51.34 43.99
CA PHE W 328 25.20 -51.26 45.43
C PHE W 328 26.11 -52.41 45.85
N GLU W 329 27.05 -52.14 46.75
CA GLU W 329 27.96 -53.17 47.25
C GLU W 329 27.19 -54.32 47.88
N ALA W 330 27.62 -55.55 47.59
CA ALA W 330 26.99 -56.73 48.16
C ALA W 330 27.33 -56.86 49.64
N ALA W 331 28.33 -56.11 50.10
CA ALA W 331 28.77 -56.18 51.49
C ALA W 331 27.75 -55.55 52.42
N ALA W 332 27.89 -55.79 53.73
CA ALA W 332 26.98 -55.25 54.72
C ALA W 332 27.71 -54.64 55.91
N LYS W 333 28.74 -53.82 55.65
CA LYS W 333 29.57 -53.24 56.70
C LYS W 333 28.74 -52.51 57.75
N ASN W 334 28.95 -52.86 59.01
CA ASN W 334 28.18 -52.29 60.11
C ASN W 334 28.63 -50.87 60.40
N VAL W 335 27.65 -49.99 60.67
CA VAL W 335 27.94 -48.62 61.07
C VAL W 335 27.46 -48.39 62.50
N VAL W 336 26.21 -48.78 62.80
CA VAL W 336 25.69 -48.66 64.15
C VAL W 336 25.31 -50.04 64.66
N ALA W 337 25.84 -50.42 65.81
CA ALA W 337 25.57 -51.73 66.38
C ALA W 337 25.40 -51.61 67.89
N ALA W 338 24.55 -52.45 68.45
CA ALA W 338 24.34 -52.48 69.89
C ALA W 338 25.47 -53.26 70.57
N GLY W 339 25.53 -53.19 71.90
CA GLY W 339 26.61 -53.83 72.64
C GLY W 339 27.97 -53.35 72.21
N THR W 340 28.74 -54.23 71.56
CA THR W 340 30.06 -53.86 71.04
C THR W 340 29.87 -53.07 69.75
N ALA W 341 30.13 -51.77 69.81
CA ALA W 341 29.96 -50.91 68.65
C ALA W 341 30.98 -51.28 67.57
N ALA W 342 30.62 -51.00 66.32
CA ALA W 342 31.49 -51.29 65.19
C ALA W 342 32.56 -50.22 65.03
N THR W 343 33.29 -50.26 63.92
CA THR W 343 34.36 -49.30 63.69
C THR W 343 34.00 -48.35 62.54
N THR W 344 33.69 -48.91 61.37
CA THR W 344 33.37 -48.11 60.20
C THR W 344 32.09 -47.32 60.41
N THR W 345 32.21 -45.99 60.53
CA THR W 345 31.05 -45.14 60.75
C THR W 345 30.98 -43.95 59.82
N ILE W 346 32.06 -43.60 59.13
CA ILE W 346 32.07 -42.44 58.24
C ILE W 346 31.63 -42.87 56.84
N VAL W 347 30.33 -42.83 56.57
CA VAL W 347 29.81 -43.14 55.26
C VAL W 347 30.20 -42.04 54.29
N THR W 348 30.92 -42.41 53.22
CA THR W 348 31.37 -41.47 52.22
C THR W 348 31.03 -42.00 50.84
N GLY W 349 30.34 -41.17 50.04
CA GLY W 349 29.92 -41.55 48.71
C GLY W 349 31.05 -41.49 47.70
N TYR W 350 30.68 -41.57 46.44
CA TYR W 350 31.62 -41.53 45.33
C TYR W 350 31.75 -40.09 44.82
N VAL W 351 32.95 -39.75 44.35
CA VAL W 351 33.25 -38.40 43.89
C VAL W 351 33.58 -38.50 42.41
N GLN W 352 32.80 -39.30 41.69
CA GLN W 352 32.99 -39.43 40.25
C GLN W 352 32.97 -38.06 39.58
N LEU W 353 34.12 -37.68 39.04
CA LEU W 353 34.25 -36.44 38.28
C LEU W 353 34.22 -36.74 36.79
N ASN W 354 34.27 -35.69 35.98
CA ASN W 354 34.12 -35.84 34.54
C ASN W 354 35.07 -34.91 33.81
N SER W 355 35.44 -35.32 32.58
CA SER W 355 36.32 -34.55 31.72
C SER W 355 36.22 -35.05 30.29
N PRO W 356 36.00 -34.16 29.32
CA PRO W 356 35.96 -34.62 27.91
C PRO W 356 37.29 -35.15 27.42
N THR W 357 38.37 -34.43 27.66
CA THR W 357 39.69 -34.82 27.18
C THR W 357 40.21 -35.98 28.02
N ALA W 358 41.43 -36.42 27.74
CA ALA W 358 42.07 -37.53 28.43
C ALA W 358 42.88 -37.00 29.60
N TYR W 359 42.64 -37.56 30.78
CA TYR W 359 43.33 -37.16 31.99
C TYR W 359 44.18 -38.32 32.51
N SER W 360 44.81 -38.10 33.66
CA SER W 360 45.60 -39.15 34.33
C SER W 360 45.70 -38.80 35.80
N VAL W 361 45.12 -39.61 36.66
CA VAL W 361 45.05 -39.35 38.09
C VAL W 361 45.95 -40.34 38.83
N SER W 362 46.65 -39.84 39.85
CA SER W 362 47.54 -40.68 40.64
C SER W 362 47.71 -40.05 42.02
N GLY W 363 48.48 -40.73 42.86
CA GLY W 363 48.72 -40.25 44.21
C GLY W 363 49.65 -41.15 45.00
N THR W 364 50.40 -40.56 45.93
CA THR W 364 51.35 -41.32 46.73
C THR W 364 50.63 -42.30 47.64
N GLY W 365 50.97 -43.58 47.50
CA GLY W 365 50.44 -44.62 48.36
C GLY W 365 48.93 -44.80 48.28
N THR W 366 48.26 -44.56 49.40
CA THR W 366 46.82 -44.80 49.51
C THR W 366 46.00 -43.56 49.21
N GLN W 367 46.64 -42.40 49.06
CA GLN W 367 45.95 -41.13 48.85
C GLN W 367 45.07 -41.15 47.61
N ALA W 368 45.52 -41.82 46.55
CA ALA W 368 44.72 -41.92 45.33
C ALA W 368 43.77 -43.12 45.38
N SER W 369 44.25 -44.23 45.93
CA SER W 369 43.47 -45.46 45.97
C SER W 369 42.19 -45.28 46.79
N GLN W 370 42.26 -44.46 47.84
CA GLN W 370 41.11 -44.25 48.70
C GLN W 370 39.97 -43.53 47.98
N VAL W 371 40.28 -42.83 46.90
CA VAL W 371 39.29 -42.06 46.16
C VAL W 371 39.06 -42.62 44.76
N PHE W 372 40.13 -43.01 44.07
CA PHE W 372 40.05 -43.41 42.67
C PHE W 372 40.38 -44.89 42.49
N GLY W 373 40.95 -45.52 43.51
CA GLY W 373 41.25 -46.93 43.44
C GLY W 373 42.36 -47.24 42.46
N ASN W 374 42.18 -48.34 41.72
CA ASN W 374 43.21 -48.83 40.83
C ASN W 374 43.33 -47.98 39.56
N ALA W 375 42.36 -47.08 39.35
CA ALA W 375 42.33 -46.19 38.20
C ALA W 375 43.68 -45.51 37.98
N SER W 376 44.20 -45.57 36.76
CA SER W 376 45.54 -45.07 36.50
C SER W 376 45.52 -43.80 35.65
N ALA W 377 44.94 -43.86 34.45
CA ALA W 377 44.88 -42.65 33.64
C ALA W 377 43.46 -42.20 33.35
N ALA W 378 42.69 -43.03 32.66
CA ALA W 378 41.37 -42.65 32.16
C ALA W 378 40.71 -43.86 31.52
N GLN W 379 39.54 -43.61 30.92
CA GLN W 379 38.87 -44.56 30.05
C GLN W 379 38.40 -43.83 28.80
N LYS W 380 37.52 -44.44 28.02
CA LYS W 380 36.98 -43.78 26.83
C LYS W 380 35.47 -43.62 26.96
N SER W 381 34.83 -44.59 27.63
CA SER W 381 33.39 -44.64 27.90
C SER W 381 32.59 -44.97 26.66
N SER W 382 33.24 -44.93 25.48
CA SER W 382 32.74 -45.56 24.26
C SER W 382 31.24 -45.38 24.05
N VAL W 383 30.77 -44.15 23.89
CA VAL W 383 29.34 -43.92 24.04
C VAL W 383 28.58 -44.47 22.84
N ALA W 384 28.15 -45.72 22.96
CA ALA W 384 27.14 -46.33 22.11
C ALA W 384 26.18 -47.10 23.03
N SER W 385 26.67 -47.44 24.21
CA SER W 385 26.04 -48.19 25.28
C SER W 385 25.28 -47.30 26.24
N VAL W 386 24.75 -46.17 25.77
CA VAL W 386 23.99 -45.23 26.58
C VAL W 386 22.99 -45.97 27.47
N ASP W 387 22.30 -46.97 26.90
CA ASP W 387 21.23 -47.67 27.58
C ASP W 387 20.24 -46.65 28.12
N ILE W 388 19.63 -45.88 27.22
CA ILE W 388 18.79 -44.76 27.63
C ILE W 388 17.52 -45.26 28.32
N SER W 389 17.25 -46.56 28.25
CA SER W 389 16.09 -47.15 28.90
C SER W 389 16.16 -46.98 30.42
N THR W 390 17.27 -47.38 31.02
CA THR W 390 17.42 -47.31 32.47
C THR W 390 17.78 -45.90 32.91
N ALA W 391 17.30 -45.52 34.10
CA ALA W 391 17.47 -44.17 34.61
C ALA W 391 18.94 -43.80 34.80
N ASP W 392 19.67 -44.59 35.60
CA ASP W 392 21.09 -44.34 35.83
C ASP W 392 21.86 -44.34 34.52
N GLY W 393 21.50 -45.24 33.61
CA GLY W 393 22.04 -45.25 32.27
C GLY W 393 21.77 -43.95 31.56
N ALA W 394 20.57 -43.41 31.75
CA ALA W 394 20.19 -42.14 31.13
C ALA W 394 21.06 -41.00 31.64
N GLN W 395 21.27 -40.94 32.95
CA GLN W 395 22.11 -39.88 33.52
C GLN W 395 23.55 -40.01 33.07
N ASN W 396 24.06 -41.25 33.02
CA ASN W 396 25.41 -41.46 32.51
C ASN W 396 25.51 -41.02 31.05
N ALA W 397 24.46 -41.27 30.28
CA ALA W 397 24.42 -40.81 28.89
C ALA W 397 24.45 -39.29 28.83
N ILE W 398 23.67 -38.63 29.69
CA ILE W 398 23.68 -37.18 29.80
C ILE W 398 25.13 -36.71 29.98
N ALA W 399 25.80 -37.25 30.99
CA ALA W 399 27.16 -36.81 31.29
C ALA W 399 28.12 -37.04 30.13
N VAL W 400 28.07 -38.23 29.54
CA VAL W 400 29.05 -38.57 28.50
C VAL W 400 28.81 -37.74 27.25
N VAL W 401 27.55 -37.41 26.96
CA VAL W 401 27.30 -36.57 25.79
C VAL W 401 27.63 -35.12 26.07
N ASP W 402 27.50 -34.67 27.33
CA ASP W 402 28.02 -33.36 27.68
C ASP W 402 29.52 -33.27 27.38
N ASN W 403 30.27 -34.28 27.83
CA ASN W 403 31.70 -34.30 27.54
C ASN W 403 31.97 -34.39 26.04
N ALA W 404 31.17 -35.18 25.32
CA ALA W 404 31.36 -35.33 23.88
C ALA W 404 31.17 -34.01 23.16
N LEU W 405 30.09 -33.28 23.48
CA LEU W 405 29.86 -32.01 22.82
C LEU W 405 30.86 -30.95 23.28
N ALA W 406 31.38 -31.07 24.50
CA ALA W 406 32.46 -30.19 24.91
C ALA W 406 33.69 -30.39 24.02
N ALA W 407 34.06 -31.65 23.78
CA ALA W 407 35.19 -31.94 22.91
C ALA W 407 34.91 -31.49 21.47
N ILE W 408 33.67 -31.68 21.01
CA ILE W 408 33.31 -31.28 19.65
C ILE W 408 33.39 -29.77 19.49
N ASP W 409 32.94 -29.03 20.50
CA ASP W 409 32.99 -27.57 20.42
C ASP W 409 34.44 -27.08 20.54
N ALA W 410 35.26 -27.80 21.30
CA ALA W 410 36.69 -27.49 21.32
C ALA W 410 37.30 -27.70 19.93
N GLN W 411 36.87 -28.76 19.24
CA GLN W 411 37.31 -28.96 17.86
C GLN W 411 36.86 -27.82 16.96
N ARG W 412 35.63 -27.34 17.14
CA ARG W 412 35.15 -26.21 16.36
C ARG W 412 35.96 -24.94 16.66
N ALA W 413 36.37 -24.77 17.92
CA ALA W 413 37.19 -23.63 18.28
C ALA W 413 38.58 -23.73 17.65
N ASP W 414 39.13 -24.94 17.59
CA ASP W 414 40.37 -25.16 16.85
C ASP W 414 40.19 -24.80 15.38
N LEU W 415 39.04 -25.16 14.80
CA LEU W 415 38.74 -24.79 13.42
C LEU W 415 38.71 -23.27 13.27
N ALA W 416 38.05 -22.58 14.20
CA ALA W 416 38.00 -21.12 14.14
C ALA W 416 39.41 -20.53 14.21
N ALA W 417 40.24 -21.08 15.11
CA ALA W 417 41.61 -20.58 15.23
C ALA W 417 42.39 -20.78 13.93
N VAL W 418 42.30 -21.96 13.34
CA VAL W 418 43.12 -22.24 12.17
C VAL W 418 42.65 -21.43 10.97
N GLN W 419 41.34 -21.19 10.86
CA GLN W 419 40.88 -20.38 9.73
C GLN W 419 41.11 -18.88 9.94
N ASN W 420 41.06 -18.38 11.19
CA ASN W 420 41.48 -17.01 11.43
C ASN W 420 42.96 -16.85 11.09
N ARG W 421 43.77 -17.82 11.50
CA ARG W 421 45.16 -17.88 11.09
C ARG W 421 45.31 -17.88 9.58
N PHE W 422 44.44 -18.63 8.88
CA PHE W 422 44.51 -18.70 7.44
C PHE W 422 44.19 -17.36 6.78
N LYS W 423 43.18 -16.65 7.31
CA LYS W 423 42.81 -15.37 6.71
C LYS W 423 43.88 -14.32 6.98
N ASN W 424 44.47 -14.34 8.17
CA ASN W 424 45.59 -13.44 8.44
C ASN W 424 46.75 -13.74 7.52
N THR W 425 47.05 -15.03 7.31
CA THR W 425 48.13 -15.42 6.42
C THR W 425 47.85 -14.98 4.99
N ILE W 426 46.62 -15.16 4.51
CA ILE W 426 46.33 -14.82 3.12
C ILE W 426 46.40 -13.32 2.92
N ASP W 427 45.96 -12.54 3.93
CA ASP W 427 46.08 -11.09 3.82
C ASP W 427 47.53 -10.63 3.79
N ASN W 428 48.34 -11.15 4.72
CA ASN W 428 49.76 -10.80 4.75
C ASN W 428 50.45 -11.19 3.45
N LEU W 429 50.15 -12.38 2.94
CA LEU W 429 50.81 -12.86 1.75
C LEU W 429 50.36 -12.08 0.52
N THR W 430 49.11 -11.64 0.49
CA THR W 430 48.66 -10.77 -0.61
C THR W 430 49.38 -9.42 -0.55
N ASN W 431 49.56 -8.87 0.65
CA ASN W 431 50.30 -7.62 0.77
C ASN W 431 51.73 -7.78 0.29
N ILE W 432 52.41 -8.84 0.74
CA ILE W 432 53.79 -9.08 0.32
C ILE W 432 53.85 -9.31 -1.18
N SER W 433 52.82 -9.95 -1.74
CA SER W 433 52.82 -10.22 -3.17
C SER W 433 52.70 -8.95 -3.98
N GLU W 434 51.78 -8.05 -3.59
CA GLU W 434 51.67 -6.79 -4.29
C GLU W 434 52.94 -5.96 -4.15
N ASN W 435 53.56 -5.98 -2.98
CA ASN W 435 54.81 -5.24 -2.81
C ASN W 435 55.92 -5.84 -3.67
N ALA W 436 55.93 -7.17 -3.83
CA ALA W 436 56.91 -7.81 -4.69
C ALA W 436 56.69 -7.46 -6.15
N THR W 437 55.43 -7.41 -6.60
CA THR W 437 55.17 -6.98 -7.97
C THR W 437 55.57 -5.53 -8.17
N ASN W 438 55.37 -4.68 -7.15
CA ASN W 438 55.79 -3.29 -7.26
C ASN W 438 57.30 -3.18 -7.40
N ALA W 439 58.04 -3.96 -6.60
CA ALA W 439 59.49 -3.97 -6.70
C ALA W 439 59.94 -4.50 -8.06
N ARG W 440 59.28 -5.54 -8.54
CA ARG W 440 59.63 -6.13 -9.83
C ARG W 440 59.39 -5.14 -10.96
N SER W 441 58.33 -4.34 -10.85
CA SER W 441 58.08 -3.31 -11.85
C SER W 441 59.13 -2.21 -11.77
N ARG W 442 59.45 -1.76 -10.55
CA ARG W 442 60.47 -0.72 -10.40
C ARG W 442 61.83 -1.17 -10.89
N ILE W 443 62.12 -2.47 -10.84
CA ILE W 443 63.43 -2.96 -11.23
C ILE W 443 63.48 -3.47 -12.68
N LYS W 444 62.34 -3.81 -13.27
CA LYS W 444 62.29 -4.38 -14.61
C LYS W 444 61.51 -3.54 -15.61
N ASP W 445 60.30 -3.10 -15.25
CA ASP W 445 59.48 -2.33 -16.17
C ASP W 445 60.16 -1.02 -16.54
N THR W 446 60.32 -0.79 -17.84
CA THR W 446 60.98 0.42 -18.32
C THR W 446 60.06 1.62 -18.15
N ASP W 447 60.61 2.71 -17.62
CA ASP W 447 59.94 4.00 -17.61
C ASP W 447 60.16 4.69 -18.96
N PHE W 448 59.52 4.12 -19.99
CA PHE W 448 59.78 4.51 -21.37
C PHE W 448 59.33 5.91 -21.70
N ALA W 449 58.85 6.70 -20.74
CA ALA W 449 58.66 8.12 -20.97
C ALA W 449 59.94 8.80 -21.41
N ALA W 450 61.10 8.24 -21.06
CA ALA W 450 62.39 8.67 -21.58
C ALA W 450 62.97 7.73 -22.62
N GLU W 451 62.61 6.45 -22.58
CA GLU W 451 63.09 5.53 -23.60
C GLU W 451 62.51 5.82 -24.98
N THR W 452 61.32 6.40 -25.05
CA THR W 452 60.79 6.83 -26.34
C THR W 452 61.61 7.98 -26.91
N ALA W 453 61.99 8.94 -26.06
CA ALA W 453 62.90 9.99 -26.49
C ALA W 453 64.25 9.42 -26.90
N ALA W 454 64.71 8.39 -26.20
CA ALA W 454 65.97 7.74 -26.57
C ALA W 454 65.86 7.08 -27.94
N LEU W 455 64.74 6.40 -28.19
CA LEU W 455 64.53 5.77 -29.49
C LEU W 455 64.46 6.81 -30.61
N SER W 456 63.77 7.93 -30.36
CA SER W 456 63.70 8.98 -31.37
C SER W 456 65.07 9.58 -31.64
N LYS W 457 65.85 9.84 -30.59
CA LYS W 457 67.19 10.39 -30.78
C LYS W 457 68.10 9.38 -31.48
N ASN W 458 67.87 8.09 -31.25
CA ASN W 458 68.67 7.07 -31.91
C ASN W 458 68.37 7.03 -33.41
N GLN W 459 67.09 7.04 -33.78
CA GLN W 459 66.76 7.08 -35.19
C GLN W 459 67.22 8.38 -35.84
N VAL W 460 67.19 9.48 -35.08
CA VAL W 460 67.70 10.75 -35.59
C VAL W 460 69.20 10.67 -35.85
N LEU W 461 69.93 10.06 -34.93
CA LEU W 461 71.37 9.90 -35.13
C LEU W 461 71.66 9.00 -36.32
N GLN W 462 70.88 7.94 -36.49
CA GLN W 462 71.06 7.06 -37.64
C GLN W 462 70.82 7.81 -38.96
N GLN W 463 69.71 8.54 -39.03
CA GLN W 463 69.41 9.31 -40.24
C GLN W 463 70.49 10.35 -40.52
N ALA W 464 70.92 11.07 -39.48
CA ALA W 464 71.93 12.10 -39.66
C ALA W 464 73.26 11.50 -40.12
N GLY W 465 73.65 10.37 -39.53
CA GLY W 465 74.89 9.74 -39.92
C GLY W 465 74.84 9.19 -41.34
N THR W 466 73.69 8.64 -41.74
CA THR W 466 73.57 8.14 -43.11
C THR W 466 73.64 9.29 -44.10
N ALA W 467 73.02 10.43 -43.78
CA ALA W 467 73.12 11.59 -44.64
C ALA W 467 74.55 12.11 -44.68
N ILE W 468 75.24 12.09 -43.53
CA ILE W 468 76.63 12.53 -43.49
C ILE W 468 77.50 11.64 -44.37
N LEU W 469 77.27 10.32 -44.34
CA LEU W 469 78.01 9.43 -45.21
C LEU W 469 77.71 9.70 -46.67
N ALA W 470 76.43 9.89 -47.00
CA ALA W 470 76.06 10.17 -48.39
C ALA W 470 76.67 11.47 -48.88
N GLN W 471 76.90 12.42 -47.97
CA GLN W 471 77.51 13.69 -48.36
C GLN W 471 79.03 13.59 -48.44
N ALA W 472 79.64 12.79 -47.56
CA ALA W 472 81.09 12.72 -47.49
C ALA W 472 81.67 11.82 -48.58
N ASN W 473 80.94 10.77 -48.98
CA ASN W 473 81.44 9.85 -49.99
C ASN W 473 81.54 10.50 -51.37
N GLN W 474 80.99 11.71 -51.51
CA GLN W 474 81.09 12.44 -52.77
C GLN W 474 82.32 13.35 -52.83
N LEU W 475 83.11 13.42 -51.75
CA LEU W 475 84.31 14.25 -51.76
C LEU W 475 85.40 13.70 -52.69
N PRO W 476 85.78 12.42 -52.61
CA PRO W 476 86.88 11.96 -53.47
C PRO W 476 86.58 12.06 -54.95
N GLN W 477 85.38 11.69 -55.39
CA GLN W 477 85.04 11.81 -56.80
C GLN W 477 85.10 13.27 -57.25
N ALA W 478 84.65 14.19 -56.40
CA ALA W 478 84.70 15.60 -56.76
C ALA W 478 86.14 16.09 -56.90
N VAL W 479 87.00 15.79 -55.91
CA VAL W 479 88.35 16.33 -55.93
C VAL W 479 89.14 15.72 -57.08
N LEU W 480 88.90 14.44 -57.39
CA LEU W 480 89.61 13.84 -58.52
C LEU W 480 89.08 14.32 -59.86
N SER W 481 87.76 14.51 -59.99
CA SER W 481 87.22 14.99 -61.25
C SER W 481 87.62 16.44 -61.51
N LEU W 482 87.89 17.21 -60.46
CA LEU W 482 88.31 18.60 -60.65
C LEU W 482 89.82 18.74 -60.78
N LEU W 483 90.60 17.85 -60.16
CA LEU W 483 92.05 17.91 -60.23
C LEU W 483 92.61 17.17 -61.44
N ARG W 484 91.77 16.66 -62.33
CA ARG W 484 92.24 15.94 -63.50
C ARG W 484 91.63 16.51 -64.77
N VAL X 1 132.90 23.13 -84.35
CA VAL X 1 132.52 22.10 -83.39
C VAL X 1 131.40 21.25 -83.97
N ASN X 2 131.77 20.10 -84.53
CA ASN X 2 130.80 19.20 -85.14
C ASN X 2 130.95 17.74 -84.74
N THR X 3 132.10 17.31 -84.20
CA THR X 3 132.26 15.92 -83.80
C THR X 3 131.39 15.54 -82.61
N ASN X 4 130.94 16.51 -81.83
CA ASN X 4 130.10 16.24 -80.67
C ASN X 4 129.37 17.53 -80.30
N ILE X 5 128.34 17.40 -79.48
CA ILE X 5 127.52 18.52 -79.03
C ILE X 5 127.38 18.43 -77.52
N ALA X 6 127.48 19.57 -76.84
CA ALA X 6 127.42 19.60 -75.38
C ALA X 6 126.00 19.47 -74.84
N SER X 7 125.01 19.25 -75.71
CA SER X 7 123.62 19.17 -75.25
C SER X 7 123.29 17.87 -74.54
N LEU X 8 124.27 17.01 -74.27
CA LEU X 8 123.99 15.76 -73.58
C LEU X 8 123.53 15.98 -72.14
N ASN X 9 123.86 17.13 -71.54
CA ASN X 9 123.31 17.46 -70.24
C ASN X 9 121.80 17.59 -70.32
N THR X 10 121.29 18.15 -71.42
CA THR X 10 119.84 18.23 -71.61
C THR X 10 119.24 16.83 -71.72
N GLN X 11 119.92 15.92 -72.41
CA GLN X 11 119.42 14.55 -72.50
C GLN X 11 119.40 13.87 -71.14
N ARG X 12 120.43 14.09 -70.33
CA ARG X 12 120.45 13.55 -68.97
C ARG X 12 119.29 14.12 -68.14
N ASN X 13 119.05 15.42 -68.26
CA ASN X 13 117.92 16.02 -67.57
C ASN X 13 116.59 15.45 -68.04
N LEU X 14 116.47 15.17 -69.34
CA LEU X 14 115.25 14.56 -69.85
C LEU X 14 115.06 13.15 -69.28
N ASN X 15 116.14 12.37 -69.22
CA ASN X 15 116.04 11.04 -68.61
C ASN X 15 115.58 11.13 -67.16
N ALA X 16 116.21 12.01 -66.39
CA ALA X 16 115.85 12.16 -64.98
C ALA X 16 114.40 12.61 -64.83
N SER X 17 113.98 13.61 -65.62
CA SER X 17 112.62 14.12 -65.53
C SER X 17 111.61 13.05 -65.94
N SER X 18 111.96 12.21 -66.91
CA SER X 18 111.07 11.11 -67.27
C SER X 18 110.97 10.08 -66.16
N ASN X 19 112.08 9.81 -65.47
CA ASN X 19 112.02 8.92 -64.31
C ASN X 19 111.08 9.47 -63.25
N ASP X 20 111.25 10.75 -62.88
CA ASP X 20 110.37 11.34 -61.88
C ASP X 20 108.93 11.40 -62.37
N LEU X 21 108.74 11.55 -63.69
CA LEU X 21 107.39 11.54 -64.25
C LEU X 21 106.73 10.18 -64.07
N ASN X 22 107.48 9.12 -64.34
CA ASN X 22 106.95 7.78 -64.12
C ASN X 22 106.62 7.56 -62.65
N THR X 23 107.49 8.00 -61.74
CA THR X 23 107.22 7.84 -60.32
C THR X 23 105.96 8.60 -59.90
N SER X 24 105.81 9.84 -60.39
CA SER X 24 104.65 10.63 -60.01
C SER X 24 103.37 10.03 -60.58
N LEU X 25 103.42 9.54 -61.82
CA LEU X 25 102.24 8.92 -62.42
C LEU X 25 101.86 7.64 -61.68
N GLN X 26 102.86 6.85 -61.28
CA GLN X 26 102.57 5.66 -60.49
C GLN X 26 101.93 6.04 -59.15
N ARG X 27 102.48 7.06 -58.49
CA ARG X 27 101.92 7.53 -57.22
C ARG X 27 100.47 7.97 -57.40
N LEU X 28 100.19 8.67 -58.50
CA LEU X 28 98.83 9.16 -58.73
C LEU X 28 97.87 8.03 -59.03
N THR X 29 98.33 7.02 -59.79
CA THR X 29 97.42 5.94 -60.17
C THR X 29 97.23 4.93 -59.04
N THR X 30 98.16 4.87 -58.08
CA THR X 30 98.00 3.94 -56.96
C THR X 30 97.50 4.64 -55.70
N GLY X 31 97.46 5.97 -55.67
CA GLY X 31 97.04 6.69 -54.49
C GLY X 31 97.99 6.63 -53.33
N TYR X 32 99.21 6.12 -53.53
CA TYR X 32 100.19 5.98 -52.47
C TYR X 32 101.40 6.85 -52.80
N ARG X 33 101.76 7.75 -51.88
CA ARG X 33 102.98 8.54 -52.05
C ARG X 33 104.20 7.63 -52.03
N ILE X 34 104.20 6.64 -51.13
CA ILE X 34 105.24 5.62 -51.12
C ILE X 34 104.79 4.44 -51.98
N ASN X 35 105.53 4.18 -53.05
CA ASN X 35 105.20 3.06 -53.93
C ASN X 35 105.52 1.73 -53.25
N SER X 36 104.96 0.66 -53.80
CA SER X 36 105.23 -0.68 -53.28
C SER X 36 106.68 -1.09 -53.48
N ALA X 37 107.47 -0.29 -54.18
CA ALA X 37 108.87 -0.61 -54.42
C ALA X 37 109.68 -0.43 -53.14
N LYS X 38 111.00 -0.61 -53.28
CA LYS X 38 111.88 -0.55 -52.11
C LYS X 38 112.13 0.89 -51.67
N ASP X 39 111.54 1.86 -52.37
CA ASP X 39 111.73 3.27 -52.01
C ASP X 39 111.21 3.53 -50.59
N ASP X 40 112.07 4.13 -49.76
CA ASP X 40 111.76 4.43 -48.36
C ASP X 40 111.38 3.15 -47.61
N ALA X 41 112.38 2.26 -47.52
CA ALA X 41 112.16 0.94 -46.95
C ALA X 41 111.56 1.00 -45.55
N ALA X 42 111.89 2.03 -44.77
CA ALA X 42 111.28 2.19 -43.45
C ALA X 42 109.79 2.46 -43.58
N GLY X 43 109.41 3.32 -44.53
CA GLY X 43 107.99 3.54 -44.78
C GLY X 43 107.28 2.29 -45.23
N LEU X 44 107.92 1.51 -46.10
CA LEU X 44 107.33 0.25 -46.54
C LEU X 44 107.15 -0.70 -45.36
N GLN X 45 108.14 -0.76 -44.46
CA GLN X 45 108.07 -1.63 -43.31
C GLN X 45 106.92 -1.23 -42.37
N ILE X 46 106.80 0.07 -42.09
CA ILE X 46 105.74 0.50 -41.18
C ILE X 46 104.37 0.31 -41.82
N SER X 47 104.26 0.57 -43.13
CA SER X 47 103.00 0.29 -43.82
C SER X 47 102.66 -1.19 -43.74
N ASN X 48 103.66 -2.05 -43.90
CA ASN X 48 103.42 -3.50 -43.81
C ASN X 48 102.92 -3.89 -42.43
N ARG X 49 103.55 -3.36 -41.38
CA ARG X 49 103.15 -3.76 -40.04
C ARG X 49 101.76 -3.24 -39.69
N LEU X 50 101.43 -2.00 -40.10
CA LEU X 50 100.09 -1.51 -39.85
C LEU X 50 99.05 -2.26 -40.67
N SER X 51 99.39 -2.68 -41.88
CA SER X 51 98.44 -3.47 -42.67
C SER X 51 98.19 -4.83 -42.02
N ASN X 52 99.26 -5.49 -41.57
CA ASN X 52 99.11 -6.75 -40.86
C ASN X 52 98.26 -6.56 -39.61
N GLN X 53 98.51 -5.47 -38.88
CA GLN X 53 97.77 -5.21 -37.65
C GLN X 53 96.29 -4.97 -37.93
N ILE X 54 95.98 -4.19 -38.97
CA ILE X 54 94.58 -3.88 -39.25
C ILE X 54 93.84 -5.11 -39.76
N SER X 55 94.51 -5.93 -40.57
CA SER X 55 93.88 -7.17 -41.04
C SER X 55 93.62 -8.12 -39.87
N GLY X 56 94.61 -8.28 -39.00
CA GLY X 56 94.42 -9.12 -37.83
C GLY X 56 93.32 -8.59 -36.92
N LEU X 57 93.25 -7.28 -36.77
CA LEU X 57 92.22 -6.70 -35.92
C LEU X 57 90.83 -6.87 -36.53
N ASN X 58 90.74 -6.82 -37.86
CA ASN X 58 89.45 -7.05 -38.51
C ASN X 58 88.99 -8.49 -38.33
N VAL X 59 89.88 -9.46 -38.58
CA VAL X 59 89.47 -10.84 -38.40
C VAL X 59 89.20 -11.13 -36.92
N ALA X 60 89.88 -10.44 -36.02
CA ALA X 60 89.63 -10.61 -34.60
C ALA X 60 88.27 -10.04 -34.20
N THR X 61 87.89 -8.90 -34.78
CA THR X 61 86.55 -8.36 -34.54
C THR X 61 85.49 -9.30 -35.08
N ARG X 62 85.76 -9.94 -36.21
CA ARG X 62 84.80 -10.92 -36.74
C ARG X 62 84.66 -12.12 -35.80
N ASN X 63 85.79 -12.62 -35.30
CA ASN X 63 85.73 -13.72 -34.32
C ASN X 63 85.02 -13.29 -33.05
N ALA X 64 85.21 -12.04 -32.64
CA ALA X 64 84.54 -11.53 -31.44
C ALA X 64 83.04 -11.43 -31.64
N ASN X 65 82.61 -11.02 -32.84
CA ASN X 65 81.18 -10.98 -33.13
C ASN X 65 80.59 -12.38 -33.16
N ASP X 66 81.34 -13.34 -33.71
CA ASP X 66 80.90 -14.73 -33.67
C ASP X 66 80.73 -15.21 -32.23
N GLY X 67 81.69 -14.87 -31.38
CA GLY X 67 81.58 -15.24 -29.97
C GLY X 67 80.42 -14.55 -29.27
N ILE X 68 80.15 -13.30 -29.65
CA ILE X 68 78.99 -12.59 -29.12
C ILE X 68 77.70 -13.30 -29.50
N SER X 69 77.61 -13.76 -30.75
CA SER X 69 76.41 -14.49 -31.17
C SER X 69 76.27 -15.80 -30.41
N LEU X 70 77.38 -16.52 -30.22
CA LEU X 70 77.34 -17.77 -29.46
C LEU X 70 76.89 -17.53 -28.03
N ALA X 71 77.47 -16.51 -27.38
CA ALA X 71 77.08 -16.18 -26.02
C ALA X 71 75.64 -15.68 -25.95
N GLN X 72 75.11 -15.09 -27.01
CA GLN X 72 73.71 -14.67 -27.00
C GLN X 72 72.79 -15.88 -27.09
N THR X 73 73.16 -16.86 -27.93
CA THR X 73 72.46 -18.14 -27.90
C THR X 73 72.49 -18.74 -26.50
N ALA X 74 73.64 -18.63 -25.82
CA ALA X 74 73.74 -19.09 -24.44
C ALA X 74 72.78 -18.35 -23.53
N GLU X 75 72.69 -17.02 -23.69
CA GLU X 75 71.76 -16.23 -22.90
C GLU X 75 70.33 -16.72 -23.08
N GLY X 76 69.94 -16.95 -24.33
CA GLY X 76 68.59 -17.43 -24.59
C GLY X 76 68.31 -18.79 -23.98
N ALA X 77 69.26 -19.72 -24.15
CA ALA X 77 69.08 -21.06 -23.58
C ALA X 77 69.00 -21.01 -22.06
N LEU X 78 69.85 -20.20 -21.43
CA LEU X 78 69.81 -20.09 -19.98
C LEU X 78 68.53 -19.42 -19.49
N GLN X 79 68.00 -18.46 -20.25
CA GLN X 79 66.72 -17.87 -19.89
C GLN X 79 65.60 -18.91 -19.99
N GLN X 80 65.65 -19.75 -21.01
CA GLN X 80 64.68 -20.83 -21.11
C GLN X 80 64.78 -21.77 -19.91
N SER X 81 66.01 -22.10 -19.50
CA SER X 81 66.16 -22.99 -18.34
C SER X 81 65.67 -22.32 -17.05
N THR X 82 65.85 -21.00 -16.94
CA THR X 82 65.31 -20.29 -15.79
C THR X 82 63.79 -20.35 -15.78
N ASN X 83 63.17 -20.24 -16.97
CA ASN X 83 61.71 -20.38 -17.03
C ASN X 83 61.27 -21.78 -16.61
N ILE X 84 62.01 -22.81 -17.04
CA ILE X 84 61.69 -24.17 -16.63
C ILE X 84 61.81 -24.33 -15.12
N LEU X 85 62.88 -23.76 -14.53
CA LEU X 85 63.04 -23.87 -13.09
C LEU X 85 61.96 -23.10 -12.34
N GLN X 86 61.53 -21.97 -12.90
CA GLN X 86 60.41 -21.23 -12.33
C GLN X 86 59.15 -22.10 -12.31
N ARG X 87 58.80 -22.69 -13.45
CA ARG X 87 57.64 -23.56 -13.52
C ARG X 87 57.78 -24.75 -12.57
N ILE X 88 59.00 -25.26 -12.41
CA ILE X 88 59.23 -26.36 -11.48
C ILE X 88 58.95 -25.90 -10.04
N ARG X 89 59.35 -24.67 -9.71
CA ARG X 89 59.04 -24.14 -8.39
C ARG X 89 57.53 -24.00 -8.19
N ASP X 90 56.82 -23.53 -9.23
CA ASP X 90 55.37 -23.43 -9.12
C ASP X 90 54.74 -24.80 -8.85
N LEU X 91 55.11 -25.80 -9.65
CA LEU X 91 54.50 -27.12 -9.49
C LEU X 91 54.91 -27.76 -8.16
N ALA X 92 56.11 -27.44 -7.67
CA ALA X 92 56.56 -27.98 -6.40
C ALA X 92 55.80 -27.36 -5.23
N LEU X 93 55.55 -26.05 -5.30
CA LEU X 93 54.84 -25.39 -4.22
C LEU X 93 53.35 -25.74 -4.24
N GLN X 94 52.75 -25.91 -5.42
CA GLN X 94 51.38 -26.39 -5.45
C GLN X 94 51.32 -27.88 -5.14
N SER X 95 52.46 -28.56 -5.23
CA SER X 95 52.55 -29.97 -4.86
C SER X 95 52.42 -30.20 -3.36
N ALA X 96 52.34 -29.14 -2.56
CA ALA X 96 52.01 -29.30 -1.14
C ALA X 96 50.71 -30.07 -0.98
N ASN X 97 49.73 -29.78 -1.84
CA ASN X 97 48.50 -30.57 -2.00
C ASN X 97 47.80 -30.83 -0.68
N GLY X 98 47.95 -29.93 0.30
CA GLY X 98 47.40 -30.15 1.62
C GLY X 98 47.97 -31.37 2.30
N SER X 99 49.00 -31.96 1.69
CA SER X 99 49.73 -33.13 2.17
C SER X 99 48.90 -34.40 2.06
N ASN X 100 47.61 -34.27 1.77
CA ASN X 100 46.80 -35.46 1.49
C ASN X 100 45.72 -35.24 0.45
N SER X 101 45.60 -34.04 -0.13
CA SER X 101 44.39 -33.74 -0.90
C SER X 101 44.44 -34.27 -2.32
N ASP X 102 45.62 -34.35 -2.92
CA ASP X 102 45.77 -34.79 -4.30
C ASP X 102 46.27 -36.24 -4.29
N ALA X 103 45.33 -37.18 -4.34
CA ALA X 103 45.69 -38.59 -4.40
C ALA X 103 46.38 -38.97 -5.70
N ASP X 104 46.31 -38.11 -6.72
CA ASP X 104 47.03 -38.31 -7.98
C ASP X 104 48.41 -37.69 -7.95
N ARG X 105 49.06 -37.70 -6.79
CA ARG X 105 50.47 -37.36 -6.71
C ARG X 105 51.31 -38.15 -7.69
N ALA X 106 50.83 -39.32 -8.13
CA ALA X 106 51.54 -40.07 -9.16
C ALA X 106 51.54 -39.32 -10.49
N ALA X 107 50.37 -38.84 -10.92
CA ALA X 107 50.31 -38.03 -12.14
C ALA X 107 51.07 -36.71 -11.96
N LEU X 108 51.06 -36.18 -10.73
CA LEU X 108 51.86 -34.99 -10.45
C LEU X 108 53.35 -35.26 -10.68
N GLN X 109 53.88 -36.33 -10.09
CA GLN X 109 55.27 -36.69 -10.29
C GLN X 109 55.54 -36.99 -11.76
N LYS X 110 54.55 -37.53 -12.47
CA LYS X 110 54.71 -37.81 -13.89
C LYS X 110 54.89 -36.53 -14.70
N GLU X 111 54.07 -35.50 -14.42
CA GLU X 111 54.23 -34.24 -15.15
C GLU X 111 55.53 -33.56 -14.75
N VAL X 112 55.97 -33.73 -13.50
CA VAL X 112 57.28 -33.20 -13.13
C VAL X 112 58.40 -33.92 -13.88
N ALA X 113 58.26 -35.23 -14.10
CA ALA X 113 59.25 -35.96 -14.87
C ALA X 113 59.25 -35.52 -16.32
N ALA X 114 58.07 -35.20 -16.86
CA ALA X 114 58.00 -34.64 -18.22
C ALA X 114 58.71 -33.30 -18.29
N GLN X 115 58.52 -32.46 -17.28
CA GLN X 115 59.22 -31.17 -17.25
C GLN X 115 60.72 -31.37 -17.14
N GLN X 116 61.16 -32.34 -16.35
CA GLN X 116 62.59 -32.64 -16.25
C GLN X 116 63.15 -33.14 -17.58
N ALA X 117 62.38 -33.97 -18.29
CA ALA X 117 62.83 -34.42 -19.60
C ALA X 117 62.92 -33.27 -20.59
N GLU X 118 61.98 -32.32 -20.51
CA GLU X 118 62.07 -31.14 -21.37
C GLU X 118 63.28 -30.30 -21.03
N LEU X 119 63.58 -30.18 -19.73
CA LEU X 119 64.79 -29.47 -19.32
C LEU X 119 66.04 -30.16 -19.88
N THR X 120 66.10 -31.49 -19.80
CA THR X 120 67.23 -32.22 -20.37
C THR X 120 67.29 -32.03 -21.89
N ARG X 121 66.14 -31.84 -22.53
CA ARG X 121 66.14 -31.55 -23.96
C ARG X 121 66.68 -30.17 -24.26
N ILE X 122 66.31 -29.16 -23.46
CA ILE X 122 66.88 -27.82 -23.64
C ILE X 122 68.37 -27.84 -23.37
N SER X 123 68.83 -28.77 -22.52
CA SER X 123 70.27 -28.97 -22.38
C SER X 123 70.90 -29.25 -23.73
N ASP X 124 70.37 -30.24 -24.45
CA ASP X 124 70.78 -30.50 -25.82
C ASP X 124 70.05 -29.52 -26.75
N THR X 125 70.07 -29.81 -28.06
CA THR X 125 69.36 -29.04 -29.07
C THR X 125 69.84 -27.59 -29.16
N THR X 126 71.02 -27.30 -28.62
CA THR X 126 71.66 -26.00 -28.76
C THR X 126 72.89 -26.14 -29.66
N THR X 127 72.75 -26.94 -30.71
CA THR X 127 73.87 -27.31 -31.58
C THR X 127 74.28 -26.13 -32.46
N PHE X 128 75.09 -25.25 -31.87
CA PHE X 128 75.68 -24.15 -32.62
C PHE X 128 77.06 -24.54 -33.12
N GLY X 129 77.12 -25.25 -34.25
CA GLY X 129 78.37 -25.69 -34.83
C GLY X 129 78.75 -27.12 -34.57
N GLY X 130 77.81 -27.99 -34.18
CA GLY X 130 78.12 -29.37 -33.87
C GLY X 130 78.91 -29.48 -32.58
N ARG X 131 78.92 -28.40 -31.80
CA ARG X 131 79.71 -28.29 -30.58
C ARG X 131 78.83 -27.72 -29.47
N LYS X 132 77.66 -28.32 -29.28
CA LYS X 132 76.62 -27.86 -28.37
C LYS X 132 77.20 -27.27 -27.09
N LEU X 133 76.80 -26.03 -26.78
CA LEU X 133 77.58 -25.19 -25.87
C LEU X 133 77.40 -25.61 -24.41
N LEU X 134 76.16 -25.67 -23.93
CA LEU X 134 75.92 -25.74 -22.50
C LEU X 134 75.92 -27.16 -21.94
N ASP X 135 75.51 -28.15 -22.72
CA ASP X 135 75.42 -29.51 -22.21
C ASP X 135 76.61 -30.35 -22.68
N GLY X 136 76.63 -31.60 -22.25
CA GLY X 136 77.71 -32.49 -22.62
C GLY X 136 79.00 -32.06 -21.95
N SER X 137 80.09 -32.09 -22.70
CA SER X 137 81.41 -31.68 -22.22
C SER X 137 81.90 -30.54 -23.12
N PHE X 138 81.80 -29.31 -22.62
CA PHE X 138 82.27 -28.14 -23.34
C PHE X 138 83.76 -27.96 -23.08
N GLY X 139 84.53 -27.77 -24.15
CA GLY X 139 85.97 -27.71 -24.05
C GLY X 139 86.51 -26.47 -23.38
N THR X 140 85.65 -25.54 -22.98
CA THR X 140 86.06 -24.29 -22.34
C THR X 140 87.05 -23.55 -23.23
N THR X 141 86.58 -23.17 -24.41
CA THR X 141 87.41 -22.53 -25.41
C THR X 141 87.67 -21.07 -25.03
N SER X 142 88.37 -20.35 -25.90
CA SER X 142 88.71 -18.96 -25.64
C SER X 142 88.88 -18.27 -26.99
N PHE X 143 87.98 -17.34 -27.30
CA PHE X 143 87.99 -16.65 -28.59
C PHE X 143 89.06 -15.58 -28.60
N GLN X 144 89.95 -15.64 -29.60
CA GLN X 144 91.04 -14.67 -29.69
C GLN X 144 90.51 -13.32 -30.15
N VAL X 145 90.96 -12.26 -29.48
CA VAL X 145 90.51 -10.91 -29.78
C VAL X 145 91.65 -9.98 -30.17
N GLY X 146 92.90 -10.28 -29.79
CA GLY X 146 94.02 -9.43 -30.11
C GLY X 146 94.73 -9.92 -31.36
N SER X 147 95.51 -9.01 -31.95
CA SER X 147 96.27 -9.30 -33.17
C SER X 147 97.51 -10.14 -32.92
N ASN X 148 97.76 -10.54 -31.68
CA ASN X 148 98.91 -11.36 -31.33
C ASN X 148 98.46 -12.63 -30.63
N ALA X 149 99.35 -13.60 -30.56
CA ALA X 149 98.99 -14.90 -29.99
C ALA X 149 98.84 -14.80 -28.47
N TYR X 150 97.89 -15.58 -27.94
CA TYR X 150 97.61 -15.74 -26.52
C TYR X 150 96.91 -14.54 -25.90
N GLU X 151 96.66 -13.48 -26.67
CA GLU X 151 95.73 -12.46 -26.21
C GLU X 151 94.30 -12.86 -26.55
N THR X 152 93.62 -13.47 -25.58
CA THR X 152 92.31 -14.04 -25.79
C THR X 152 91.41 -13.77 -24.58
N ILE X 153 90.12 -14.03 -24.75
CA ILE X 153 89.13 -13.86 -23.70
C ILE X 153 88.50 -15.21 -23.41
N ASP X 154 88.69 -15.71 -22.20
CA ASP X 154 88.23 -17.03 -21.83
C ASP X 154 86.72 -17.01 -21.57
N ILE X 155 86.08 -18.15 -21.84
CA ILE X 155 84.66 -18.35 -21.57
C ILE X 155 84.52 -19.60 -20.73
N SER X 156 83.64 -19.54 -19.73
CA SER X 156 83.52 -20.58 -18.70
C SER X 156 82.10 -21.11 -18.65
N LEU X 157 81.57 -21.49 -19.82
CA LEU X 157 80.22 -22.04 -19.95
C LEU X 157 79.95 -23.14 -18.93
N GLN X 158 78.71 -23.23 -18.47
CA GLN X 158 78.33 -24.24 -17.49
C GLN X 158 78.52 -25.63 -18.08
N ASN X 159 78.84 -26.59 -17.21
CA ASN X 159 79.03 -27.96 -17.65
C ASN X 159 77.74 -28.54 -18.23
N ALA X 160 76.61 -28.30 -17.56
CA ALA X 160 75.31 -28.75 -18.03
C ALA X 160 74.22 -28.17 -17.15
N SER X 161 73.01 -28.09 -17.71
CA SER X 161 71.81 -27.86 -16.92
C SER X 161 71.18 -29.17 -16.46
N ALA X 162 71.98 -30.22 -16.35
CA ALA X 162 71.53 -31.59 -16.12
C ALA X 162 71.49 -31.96 -14.65
N SER X 163 71.52 -33.27 -14.39
CA SER X 163 71.46 -33.85 -13.05
C SER X 163 72.69 -33.49 -12.23
N ALA X 164 72.94 -34.29 -11.19
CA ALA X 164 73.92 -34.06 -10.09
C ALA X 164 75.24 -33.53 -10.64
N ILE X 165 75.44 -33.49 -11.95
CA ILE X 165 76.66 -33.01 -12.62
C ILE X 165 76.93 -31.54 -12.25
N GLY X 166 76.19 -30.99 -11.29
CA GLY X 166 76.21 -29.56 -11.07
C GLY X 166 74.88 -28.92 -10.70
N SER X 167 73.97 -29.72 -10.14
CA SER X 167 72.83 -29.17 -9.42
C SER X 167 73.23 -28.98 -7.96
N TYR X 168 72.27 -28.66 -7.08
CA TYR X 168 72.62 -28.22 -5.73
C TYR X 168 73.14 -29.43 -4.97
N GLN X 169 74.34 -29.30 -4.39
CA GLN X 169 74.92 -30.41 -3.65
C GLN X 169 74.21 -30.58 -2.31
N VAL X 170 74.26 -31.80 -1.78
CA VAL X 170 73.46 -32.18 -0.62
C VAL X 170 74.36 -32.71 0.47
N GLY X 171 74.25 -32.14 1.67
CA GLY X 171 74.84 -32.72 2.86
C GLY X 171 73.78 -33.26 3.78
N SER X 172 73.66 -34.59 3.86
CA SER X 172 72.54 -35.22 4.53
C SER X 172 73.04 -36.26 5.53
N ASN X 173 72.11 -36.72 6.38
CA ASN X 173 72.46 -37.68 7.42
C ASN X 173 72.85 -39.04 6.85
N GLY X 174 71.92 -39.71 6.19
CA GLY X 174 72.20 -41.02 5.64
C GLY X 174 72.91 -40.96 4.31
N ALA X 175 73.60 -39.86 4.03
CA ALA X 175 74.26 -39.63 2.74
C ALA X 175 75.16 -40.79 2.34
N GLY X 176 76.20 -41.08 3.12
CA GLY X 176 77.12 -42.11 2.73
C GLY X 176 76.63 -43.53 2.93
N THR X 177 76.53 -43.98 4.18
CA THR X 177 76.00 -45.30 4.48
C THR X 177 74.81 -45.21 5.42
N VAL X 178 75.01 -44.58 6.58
CA VAL X 178 74.01 -44.51 7.63
C VAL X 178 74.41 -43.39 8.59
N ALA X 179 73.46 -42.87 9.35
CA ALA X 179 73.68 -41.74 10.23
C ALA X 179 73.88 -42.21 11.66
N SER X 180 74.72 -41.51 12.39
CA SER X 180 74.89 -41.73 13.82
C SER X 180 73.77 -41.03 14.60
N VAL X 181 74.02 -40.81 15.89
CA VAL X 181 73.06 -40.30 16.86
C VAL X 181 72.15 -39.23 16.27
N ALA X 182 72.73 -38.29 15.51
CA ALA X 182 71.92 -37.29 14.82
C ALA X 182 70.99 -37.95 13.82
N GLY X 183 69.69 -37.84 14.04
CA GLY X 183 68.71 -38.44 13.16
C GLY X 183 68.38 -39.88 13.49
N THR X 184 68.47 -40.24 14.76
CA THR X 184 68.10 -41.57 15.24
C THR X 184 68.04 -41.55 16.76
N ALA X 185 67.48 -42.60 17.33
CA ALA X 185 67.43 -42.72 18.78
C ALA X 185 68.75 -43.26 19.32
N THR X 186 69.04 -42.93 20.58
CA THR X 186 70.28 -43.34 21.20
C THR X 186 70.17 -43.21 22.70
N ALA X 187 71.11 -43.82 23.42
CA ALA X 187 71.11 -43.78 24.87
C ALA X 187 71.82 -42.54 25.39
N SER X 188 73.08 -42.36 25.02
CA SER X 188 73.87 -41.25 25.53
C SER X 188 73.39 -39.91 24.98
N GLY X 189 73.33 -39.80 23.65
CA GLY X 189 72.93 -38.57 23.02
C GLY X 189 74.06 -37.89 22.28
N ILE X 190 73.80 -36.66 21.86
CA ILE X 190 74.79 -35.85 21.16
C ILE X 190 75.97 -35.61 22.09
N ALA X 191 77.16 -36.05 21.67
CA ALA X 191 78.37 -35.89 22.45
C ALA X 191 79.09 -34.61 22.02
N SER X 192 80.31 -34.44 22.55
CA SER X 192 81.13 -33.28 22.20
C SER X 192 81.62 -33.41 20.76
N GLY X 193 82.33 -32.39 20.30
CA GLY X 193 82.89 -32.38 18.96
C GLY X 193 83.15 -30.97 18.47
N THR X 194 84.04 -30.90 17.47
CA THR X 194 84.46 -29.64 16.86
C THR X 194 84.45 -29.79 15.34
N VAL X 195 83.33 -30.32 14.82
CA VAL X 195 83.14 -30.64 13.42
C VAL X 195 83.62 -29.51 12.52
N ASN X 196 84.36 -29.85 11.48
CA ASN X 196 84.98 -28.85 10.62
C ASN X 196 84.06 -28.49 9.46
N LEU X 197 84.14 -27.23 9.05
CA LEU X 197 83.39 -26.72 7.91
C LEU X 197 84.35 -26.26 6.82
N VAL X 198 84.01 -26.57 5.58
CA VAL X 198 84.84 -26.25 4.43
C VAL X 198 83.99 -25.56 3.37
N GLY X 199 84.52 -24.49 2.78
CA GLY X 199 83.83 -23.79 1.71
C GLY X 199 84.22 -22.34 1.59
N GLY X 200 84.47 -21.89 0.37
CA GLY X 200 84.86 -20.52 0.09
C GLY X 200 86.02 -20.02 0.93
N GLY X 201 86.91 -20.91 1.34
CA GLY X 201 88.01 -20.56 2.21
C GLY X 201 87.54 -19.95 3.52
N GLN X 202 86.51 -20.54 4.12
CA GLN X 202 85.92 -20.03 5.35
C GLN X 202 85.82 -21.11 6.42
N VAL X 203 86.90 -21.85 6.65
CA VAL X 203 86.93 -22.94 7.62
C VAL X 203 86.58 -22.40 9.00
N LYS X 204 85.50 -22.93 9.60
CA LYS X 204 85.05 -22.48 10.91
C LYS X 204 84.73 -23.72 11.73
N ASN X 205 85.49 -23.93 12.81
CA ASN X 205 85.30 -25.08 13.69
C ASN X 205 84.08 -24.86 14.56
N ILE X 206 82.95 -25.45 14.18
CA ILE X 206 81.74 -25.33 14.98
C ILE X 206 81.83 -26.24 16.20
N ALA X 207 81.54 -25.67 17.37
CA ALA X 207 81.61 -26.39 18.62
C ALA X 207 80.23 -26.93 18.97
N ILE X 208 80.13 -28.25 19.10
CA ILE X 208 78.88 -28.92 19.46
C ILE X 208 79.13 -29.62 20.78
N ALA X 209 78.58 -29.07 21.86
CA ALA X 209 78.80 -29.64 23.19
C ALA X 209 77.99 -30.92 23.36
N ALA X 210 78.30 -31.65 24.44
CA ALA X 210 77.63 -32.92 24.73
C ALA X 210 76.27 -32.62 25.36
N GLY X 211 75.21 -32.82 24.58
CA GLY X 211 73.87 -32.59 25.07
C GLY X 211 73.05 -31.68 24.18
N ASP X 212 73.73 -30.93 23.31
CA ASP X 212 73.07 -29.98 22.41
C ASP X 212 72.06 -30.68 21.51
N SER X 213 70.84 -30.17 21.47
CA SER X 213 69.81 -30.75 20.62
C SER X 213 70.08 -30.45 19.15
N ALA X 214 69.35 -31.13 18.28
CA ALA X 214 69.50 -30.95 16.83
C ALA X 214 69.19 -29.51 16.44
N LYS X 215 68.21 -28.90 17.11
CA LYS X 215 67.86 -27.50 16.84
C LYS X 215 69.03 -26.58 17.18
N ALA X 216 69.67 -26.82 18.32
CA ALA X 216 70.83 -26.04 18.72
C ALA X 216 71.96 -26.19 17.70
N ILE X 217 72.18 -27.42 17.24
CA ILE X 217 73.20 -27.71 16.23
C ILE X 217 72.89 -26.91 14.97
N ALA X 218 71.62 -26.91 14.56
CA ALA X 218 71.17 -26.17 13.39
C ALA X 218 71.48 -24.68 13.53
N GLU X 219 71.12 -24.11 14.68
CA GLU X 219 71.41 -22.70 14.93
C GLU X 219 72.91 -22.43 14.86
N LYS X 220 73.72 -23.31 15.44
CA LYS X 220 75.16 -23.11 15.50
C LYS X 220 75.81 -23.16 14.14
N MET X 221 75.60 -24.25 13.39
CA MET X 221 76.34 -24.43 12.15
C MET X 221 75.90 -23.46 11.06
N ASP X 222 74.72 -22.87 11.20
CA ASP X 222 74.27 -21.83 10.29
C ASP X 222 75.16 -20.59 10.42
N GLY X 223 75.01 -19.67 9.46
CA GLY X 223 75.75 -18.43 9.52
C GLY X 223 77.04 -18.39 8.72
N ALA X 224 78.16 -18.66 9.41
CA ALA X 224 79.52 -18.43 8.90
C ALA X 224 79.71 -18.77 7.44
N ILE X 225 79.35 -19.98 7.03
CA ILE X 225 79.53 -20.39 5.63
C ILE X 225 78.60 -19.56 4.75
N PRO X 226 79.12 -18.83 3.78
CA PRO X 226 78.28 -17.98 2.93
C PRO X 226 77.23 -18.77 2.15
N ASN X 227 76.02 -18.23 2.06
CA ASN X 227 74.93 -18.84 1.31
C ASN X 227 74.67 -20.26 1.80
N LEU X 228 74.29 -20.41 3.07
CA LEU X 228 74.10 -21.74 3.64
C LEU X 228 72.90 -21.70 4.57
N SER X 229 72.10 -22.76 4.56
CA SER X 229 70.97 -22.91 5.47
C SER X 229 71.02 -24.29 6.10
N ALA X 230 70.44 -24.38 7.30
CA ALA X 230 70.46 -25.64 8.05
C ALA X 230 69.20 -25.70 8.90
N ARG X 231 68.27 -26.58 8.53
CA ARG X 231 67.05 -26.76 9.28
C ARG X 231 67.17 -27.94 10.22
N ALA X 232 66.29 -27.98 11.22
CA ALA X 232 66.19 -29.11 12.14
C ALA X 232 64.77 -29.65 12.11
N ARG X 233 64.64 -30.98 12.14
CA ARG X 233 63.35 -31.63 12.02
C ARG X 233 63.40 -32.98 12.70
N THR X 234 62.50 -33.21 13.65
CA THR X 234 62.44 -34.47 14.39
C THR X 234 61.09 -35.13 14.10
N VAL X 235 61.10 -36.10 13.19
CA VAL X 235 59.91 -36.86 12.84
C VAL X 235 60.12 -38.29 13.29
N PHE X 236 59.35 -38.72 14.29
CA PHE X 236 59.46 -40.06 14.83
C PHE X 236 58.07 -40.62 15.11
N THR X 237 57.88 -41.91 14.83
CA THR X 237 56.65 -42.60 15.13
C THR X 237 56.78 -43.41 16.42
N ALA X 238 55.69 -44.06 16.80
CA ALA X 238 55.67 -44.89 17.99
C ALA X 238 54.60 -45.96 17.84
N ASP X 239 54.79 -47.06 18.55
CA ASP X 239 53.85 -48.18 18.51
CA ASP X 239 53.84 -48.17 18.50
C ASP X 239 53.88 -48.96 19.81
N VAL X 240 52.83 -48.81 20.62
CA VAL X 240 52.74 -49.51 21.90
C VAL X 240 52.42 -50.98 21.68
N SER X 241 53.17 -51.86 22.34
CA SER X 241 52.93 -53.29 22.26
C SER X 241 51.95 -53.73 23.34
N GLY X 242 51.82 -55.03 23.55
CA GLY X 242 50.93 -55.55 24.57
C GLY X 242 51.31 -55.11 25.96
N VAL X 243 50.32 -55.04 26.87
CA VAL X 243 50.55 -54.59 28.23
C VAL X 243 50.09 -55.65 29.21
N THR X 244 51.05 -56.39 29.79
CA THR X 244 50.71 -57.44 30.72
C THR X 244 50.46 -56.89 32.11
N GLY X 245 49.18 -56.86 32.52
CA GLY X 245 48.80 -56.44 33.85
C GLY X 245 49.25 -55.05 34.25
N GLY X 246 48.72 -54.04 33.58
CA GLY X 246 49.02 -52.66 33.89
C GLY X 246 49.29 -51.85 32.66
N SER X 247 49.79 -50.64 32.88
CA SER X 247 50.13 -49.71 31.81
C SER X 247 51.55 -49.22 32.00
N LEU X 248 52.03 -48.47 31.01
CA LEU X 248 53.39 -47.91 31.03
C LEU X 248 53.30 -46.47 31.53
N ASN X 249 53.46 -46.30 32.85
CA ASN X 249 53.43 -44.99 33.47
C ASN X 249 54.83 -44.40 33.39
N PHE X 250 55.15 -43.80 32.25
CA PHE X 250 56.47 -43.20 32.06
C PHE X 250 56.36 -41.70 31.81
N ASP X 251 57.49 -41.03 31.65
CA ASP X 251 57.52 -39.61 31.39
C ASP X 251 58.22 -39.33 30.07
N VAL X 252 58.04 -38.11 29.58
CA VAL X 252 58.64 -37.66 28.33
C VAL X 252 59.20 -36.26 28.53
N THR X 253 60.51 -36.11 28.39
CA THR X 253 61.17 -34.82 28.59
C THR X 253 61.27 -34.10 27.24
N VAL X 254 60.31 -33.21 26.99
CA VAL X 254 60.28 -32.48 25.72
C VAL X 254 61.13 -31.22 25.82
N GLY X 255 62.43 -31.35 25.62
CA GLY X 255 63.31 -30.20 25.69
C GLY X 255 63.44 -29.71 27.13
N SER X 256 63.15 -28.43 27.33
CA SER X 256 63.24 -27.82 28.65
C SER X 256 62.24 -28.46 29.61
N ASN X 257 60.95 -28.32 29.32
CA ASN X 257 59.92 -28.92 30.16
C ASN X 257 59.78 -30.41 29.86
N THR X 258 59.16 -31.13 30.79
CA THR X 258 59.01 -32.57 30.69
C THR X 258 57.55 -32.96 30.93
N VAL X 259 57.04 -33.86 30.09
CA VAL X 259 55.66 -34.32 30.16
C VAL X 259 55.54 -35.37 31.26
N SER X 260 54.39 -35.42 31.91
CA SER X 260 54.15 -36.39 32.98
C SER X 260 52.92 -37.23 32.69
N LEU X 261 52.79 -37.71 31.46
CA LEU X 261 51.66 -38.55 31.08
C LEU X 261 51.75 -39.91 31.74
N ALA X 262 50.71 -40.73 31.60
CA ALA X 262 50.68 -42.06 32.20
C ALA X 262 49.58 -42.86 31.53
N GLY X 263 49.40 -44.11 31.97
CA GLY X 263 48.37 -44.98 31.45
C GLY X 263 48.46 -45.24 29.96
N VAL X 264 49.55 -45.88 29.53
CA VAL X 264 49.75 -46.20 28.13
C VAL X 264 49.57 -47.70 27.94
N THR X 265 48.53 -48.08 27.22
CA THR X 265 48.27 -49.48 26.94
C THR X 265 48.27 -49.75 25.44
N SER X 266 47.80 -48.77 24.67
CA SER X 266 47.74 -48.87 23.22
C SER X 266 48.26 -47.59 22.59
N THR X 267 48.46 -47.62 21.27
CA THR X 267 48.92 -46.45 20.55
C THR X 267 47.93 -45.30 20.67
N GLN X 268 46.63 -45.63 20.70
CA GLN X 268 45.61 -44.61 20.85
C GLN X 268 45.75 -43.87 22.17
N ASP X 269 46.12 -44.60 23.23
CA ASP X 269 46.31 -43.99 24.54
C ASP X 269 47.39 -42.93 24.52
N LEU X 270 48.57 -43.31 24.04
CA LEU X 270 49.68 -42.35 23.94
C LEU X 270 49.31 -41.20 23.00
N ALA X 271 48.57 -41.51 21.93
CA ALA X 271 48.14 -40.49 20.98
C ALA X 271 47.29 -39.42 21.64
N ASP X 272 46.25 -39.84 22.37
CA ASP X 272 45.38 -38.88 23.04
C ASP X 272 46.13 -38.15 24.15
N GLN X 273 47.00 -38.86 24.88
CA GLN X 273 47.80 -38.20 25.91
C GLN X 273 48.65 -37.08 25.32
N LEU X 274 49.26 -37.32 24.16
CA LEU X 274 50.07 -36.29 23.52
C LEU X 274 49.21 -35.16 22.98
N ASN X 275 48.10 -35.50 22.32
CA ASN X 275 47.24 -34.48 21.74
C ASN X 275 46.62 -33.59 22.81
N SER X 276 46.43 -34.13 24.02
CA SER X 276 45.88 -33.34 25.12
C SER X 276 46.89 -32.30 25.58
N ASN X 277 48.15 -32.73 25.76
CA ASN X 277 49.17 -31.84 26.30
C ASN X 277 49.81 -30.99 25.21
N SER X 278 49.16 -30.91 24.04
CA SER X 278 49.67 -30.13 22.90
C SER X 278 50.03 -28.71 23.28
N SER X 279 49.31 -28.13 24.25
CA SER X 279 49.60 -26.79 24.73
C SER X 279 51.03 -26.69 25.25
N LYS X 280 51.38 -27.58 26.19
CA LYS X 280 52.70 -27.53 26.81
C LYS X 280 53.78 -28.03 25.86
N LEU X 281 53.63 -29.26 25.36
CA LEU X 281 54.60 -29.85 24.44
C LEU X 281 54.33 -29.31 23.04
N GLY X 282 55.32 -28.59 22.50
CA GLY X 282 55.19 -28.02 21.17
C GLY X 282 55.56 -28.99 20.07
N ILE X 283 55.02 -30.21 20.15
CA ILE X 283 55.30 -31.26 19.18
C ILE X 283 54.00 -31.89 18.73
N THR X 284 53.72 -31.84 17.43
CA THR X 284 52.46 -32.33 16.90
C THR X 284 52.36 -33.84 16.98
N ALA X 285 51.15 -34.34 17.24
CA ALA X 285 50.87 -35.77 17.28
C ALA X 285 49.92 -36.14 16.15
N SER X 286 49.94 -37.41 15.77
CA SER X 286 49.13 -37.87 14.66
C SER X 286 48.90 -39.38 14.68
N ILE X 287 47.64 -39.80 14.76
CA ILE X 287 47.28 -41.21 14.75
C ILE X 287 46.27 -41.43 13.63
N ASN X 288 46.71 -42.12 12.57
CA ASN X 288 45.81 -42.52 11.50
C ASN X 288 45.09 -43.81 11.87
N ASP X 289 44.05 -44.15 11.10
CA ASP X 289 43.27 -45.35 11.35
C ASP X 289 44.10 -46.60 11.08
N LYS X 290 45.19 -46.45 10.31
CA LYS X 290 46.07 -47.59 10.04
C LYS X 290 46.64 -48.16 11.33
N GLY X 291 47.12 -47.29 12.22
CA GLY X 291 47.59 -47.73 13.52
C GLY X 291 48.92 -47.11 13.92
N VAL X 292 49.59 -46.46 12.97
CA VAL X 292 50.89 -45.87 13.23
C VAL X 292 50.73 -44.45 13.77
N LEU X 293 51.04 -44.26 15.05
CA LEU X 293 51.07 -42.93 15.63
C LEU X 293 52.26 -42.15 15.07
N THR X 294 52.02 -40.90 14.70
CA THR X 294 53.05 -40.06 14.11
C THR X 294 53.24 -38.83 14.97
N ILE X 295 54.50 -38.50 15.25
CA ILE X 295 54.87 -37.34 16.05
C ILE X 295 55.89 -36.53 15.27
N THR X 296 55.68 -35.22 15.23
CA THR X 296 56.51 -34.34 14.41
C THR X 296 56.78 -33.04 15.15
N SER X 297 58.04 -32.63 15.17
CA SER X 297 58.47 -31.36 15.75
C SER X 297 59.10 -30.53 14.65
N ALA X 298 58.40 -29.48 14.22
CA ALA X 298 58.91 -28.63 13.15
C ALA X 298 60.22 -27.95 13.54
N THR X 299 60.35 -27.58 14.82
CA THR X 299 61.56 -26.92 15.28
C THR X 299 62.79 -27.81 15.18
N GLY X 300 62.67 -29.05 15.65
CA GLY X 300 63.78 -29.98 15.63
C GLY X 300 64.31 -30.28 17.02
N GLU X 301 63.42 -30.27 18.00
CA GLU X 301 63.83 -30.53 19.39
C GLU X 301 64.13 -32.01 19.58
N ASN X 302 65.15 -32.30 20.38
CA ASN X 302 65.53 -33.68 20.70
C ASN X 302 64.57 -34.23 21.75
N VAL X 303 63.64 -35.06 21.28
CA VAL X 303 62.65 -35.64 22.17
C VAL X 303 63.32 -36.67 23.11
N LYS X 304 62.95 -36.58 24.38
CA LYS X 304 63.49 -37.49 25.39
C LYS X 304 62.33 -38.18 26.09
N PHE X 305 62.49 -39.48 26.31
CA PHE X 305 61.51 -40.30 27.01
C PHE X 305 62.08 -40.66 28.38
N GLY X 306 61.37 -40.26 29.44
CA GLY X 306 61.83 -40.50 30.79
C GLY X 306 61.81 -41.98 31.16
N ALA X 307 62.22 -42.24 32.40
CA ALA X 307 62.26 -43.61 32.90
C ALA X 307 60.85 -44.19 32.96
N GLN X 308 60.78 -45.51 32.85
CA GLN X 308 59.49 -46.21 32.85
C GLN X 308 59.17 -46.70 34.26
N THR X 309 58.51 -45.82 35.01
CA THR X 309 58.00 -46.16 36.34
C THR X 309 56.54 -46.62 36.29
N GLY X 310 56.24 -47.62 35.47
CA GLY X 310 54.87 -48.05 35.28
C GLY X 310 54.43 -49.09 36.30
N THR X 311 53.25 -49.63 36.06
CA THR X 311 52.67 -50.66 36.90
C THR X 311 52.51 -51.99 36.18
N ALA X 312 52.85 -52.07 34.89
CA ALA X 312 52.74 -53.31 34.14
C ALA X 312 53.93 -54.22 34.44
N THR X 313 54.04 -55.31 33.70
CA THR X 313 55.13 -56.26 33.90
C THR X 313 55.91 -56.48 32.61
N ALA X 314 55.23 -56.37 31.47
CA ALA X 314 55.87 -56.56 30.18
C ALA X 314 55.23 -55.64 29.17
N GLY X 315 55.98 -55.35 28.10
CA GLY X 315 55.55 -54.45 27.06
C GLY X 315 56.64 -53.48 26.69
N GLN X 316 56.47 -52.85 25.53
CA GLN X 316 57.46 -51.91 25.01
C GLN X 316 56.78 -51.03 23.97
N VAL X 317 57.39 -49.86 23.74
CA VAL X 317 56.92 -48.93 22.71
C VAL X 317 58.07 -48.59 21.79
N ALA X 318 58.16 -49.30 20.66
CA ALA X 318 59.23 -49.05 19.71
C ALA X 318 59.00 -47.74 18.97
N VAL X 319 60.09 -47.16 18.47
CA VAL X 319 60.05 -45.91 17.71
C VAL X 319 61.00 -46.02 16.53
N LYS X 320 60.72 -45.21 15.51
CA LYS X 320 61.60 -45.06 14.37
C LYS X 320 61.81 -43.56 14.14
N VAL X 321 62.84 -43.24 13.35
CA VAL X 321 63.21 -41.85 13.09
C VAL X 321 63.27 -41.63 11.59
N GLN X 322 62.70 -40.53 11.13
CA GLN X 322 62.74 -40.20 9.71
C GLN X 322 64.14 -39.77 9.30
N GLY X 323 64.58 -40.27 8.15
CA GLY X 323 65.89 -39.89 7.65
C GLY X 323 65.90 -38.51 7.03
N SER X 324 67.10 -38.04 6.68
CA SER X 324 67.25 -36.74 6.05
C SER X 324 66.53 -36.68 4.70
N ASP X 325 66.96 -37.51 3.75
CA ASP X 325 66.32 -37.54 2.44
C ASP X 325 64.92 -38.13 2.54
N GLY X 326 64.78 -39.25 3.25
CA GLY X 326 63.51 -39.92 3.38
C GLY X 326 63.69 -41.33 3.89
N LYS X 327 63.05 -42.30 3.23
CA LYS X 327 63.16 -43.72 3.54
C LYS X 327 63.05 -43.97 5.05
N PHE X 328 61.87 -43.69 5.61
CA PHE X 328 61.61 -43.83 7.03
C PHE X 328 62.12 -45.18 7.56
N GLU X 329 62.73 -45.13 8.74
CA GLU X 329 63.40 -46.29 9.32
C GLU X 329 62.46 -47.49 9.41
N ALA X 330 62.95 -48.64 8.97
CA ALA X 330 62.22 -49.90 9.08
C ALA X 330 62.53 -50.56 10.42
N ALA X 331 63.81 -50.66 10.76
CA ALA X 331 64.22 -51.25 12.02
C ALA X 331 63.71 -50.41 13.19
N ALA X 332 63.11 -51.08 14.17
CA ALA X 332 62.50 -50.41 15.31
C ALA X 332 63.45 -50.49 16.50
N LYS X 333 63.20 -49.66 17.53
CA LYS X 333 63.98 -49.70 18.77
C LYS X 333 63.16 -49.03 19.85
N ASN X 334 63.17 -49.62 21.05
CA ASN X 334 62.28 -49.18 22.11
C ASN X 334 62.87 -47.98 22.85
N VAL X 335 61.99 -47.10 23.34
CA VAL X 335 62.39 -46.04 24.26
C VAL X 335 61.88 -46.28 25.68
N VAL X 336 60.75 -46.97 25.84
CA VAL X 336 60.22 -47.33 27.14
C VAL X 336 59.79 -48.79 27.09
N ALA X 337 59.96 -49.50 28.20
CA ALA X 337 59.64 -50.92 28.24
C ALA X 337 59.25 -51.30 29.66
N ALA X 338 58.08 -51.91 29.81
CA ALA X 338 57.64 -52.37 31.12
C ALA X 338 58.54 -53.49 31.62
N GLY X 339 59.06 -53.33 32.83
CA GLY X 339 59.99 -54.30 33.37
C GLY X 339 61.43 -53.81 33.32
N THR X 340 62.30 -54.56 32.67
CA THR X 340 63.70 -54.17 32.52
C THR X 340 63.83 -52.87 31.76
N ALA X 341 64.75 -52.00 32.19
CA ALA X 341 64.98 -50.74 31.51
C ALA X 341 65.67 -50.97 30.17
N ALA X 342 65.10 -50.39 29.11
CA ALA X 342 65.66 -50.54 27.77
C ALA X 342 66.73 -49.49 27.51
N THR X 343 67.28 -49.48 26.30
CA THR X 343 68.27 -48.51 25.87
C THR X 343 67.65 -47.59 24.84
N THR X 344 68.48 -46.71 24.29
CA THR X 344 68.05 -45.70 23.32
C THR X 344 66.87 -44.90 23.86
N THR X 345 67.07 -44.29 25.03
CA THR X 345 65.98 -43.63 25.73
C THR X 345 65.59 -42.28 25.12
N ILE X 346 66.46 -41.67 24.31
CA ILE X 346 66.16 -40.38 23.73
C ILE X 346 66.02 -40.54 22.22
N VAL X 347 65.51 -39.49 21.58
CA VAL X 347 65.36 -39.45 20.13
C VAL X 347 65.85 -38.10 19.63
N THR X 348 66.79 -38.13 18.68
CA THR X 348 67.38 -36.93 18.11
C THR X 348 66.97 -36.83 16.65
N GLY X 349 66.48 -35.66 16.25
CA GLY X 349 66.08 -35.42 14.89
C GLY X 349 67.28 -35.29 13.97
N TYR X 350 66.98 -35.07 12.69
CA TYR X 350 67.99 -34.96 11.65
C TYR X 350 68.12 -33.51 11.19
N VAL X 351 69.21 -33.23 10.51
CA VAL X 351 69.46 -31.92 9.91
C VAL X 351 69.71 -32.11 8.43
N GLN X 352 69.69 -30.99 7.69
CA GLN X 352 69.88 -31.02 6.24
C GLN X 352 70.65 -29.78 5.84
N LEU X 353 71.83 -29.98 5.24
CA LEU X 353 72.69 -28.87 4.83
C LEU X 353 72.69 -28.80 3.30
N ASN X 354 71.75 -28.04 2.76
CA ASN X 354 71.76 -27.74 1.34
C ASN X 354 72.88 -26.77 1.01
N SER X 355 73.40 -26.87 -0.22
CA SER X 355 74.54 -26.07 -0.62
C SER X 355 74.39 -25.60 -2.06
N PRO X 356 74.65 -24.33 -2.34
CA PRO X 356 74.57 -23.84 -3.73
C PRO X 356 75.65 -24.40 -4.63
N THR X 357 76.94 -24.33 -4.25
CA THR X 357 78.02 -24.75 -5.12
C THR X 357 78.82 -25.91 -4.53
N ALA X 358 79.33 -25.75 -3.31
CA ALA X 358 80.21 -26.73 -2.71
C ALA X 358 80.23 -26.56 -1.19
N TYR X 359 80.18 -27.69 -0.48
CA TYR X 359 80.14 -27.67 0.98
C TYR X 359 80.70 -28.97 1.54
N SER X 360 81.96 -28.96 1.96
CA SER X 360 82.58 -30.14 2.56
C SER X 360 82.51 -30.06 4.08
N VAL X 361 82.26 -31.22 4.69
CA VAL X 361 82.11 -31.33 6.14
C VAL X 361 82.97 -32.47 6.63
N SER X 362 83.73 -32.23 7.70
CA SER X 362 84.60 -33.24 8.28
C SER X 362 84.59 -33.12 9.79
N GLY X 363 85.02 -34.19 10.45
CA GLY X 363 85.05 -34.24 11.90
C GLY X 363 85.87 -35.41 12.42
N THR X 364 86.56 -35.20 13.55
CA THR X 364 87.42 -36.23 14.10
C THR X 364 86.60 -37.41 14.62
N GLY X 365 86.63 -38.52 13.89
CA GLY X 365 85.96 -39.74 14.30
C GLY X 365 84.47 -39.60 14.53
N THR X 366 84.05 -39.69 15.80
CA THR X 366 82.64 -39.66 16.16
C THR X 366 81.97 -38.34 15.74
N GLN X 367 82.72 -37.24 15.84
CA GLN X 367 82.19 -35.92 15.51
C GLN X 367 81.56 -35.89 14.12
N ALA X 368 82.29 -36.39 13.12
CA ALA X 368 81.76 -36.42 11.76
C ALA X 368 80.54 -37.35 11.68
N SER X 369 80.62 -38.51 12.33
CA SER X 369 79.51 -39.45 12.30
C SER X 369 78.30 -38.88 13.02
N GLN X 370 78.50 -38.29 14.20
CA GLN X 370 77.38 -37.86 15.03
C GLN X 370 76.64 -36.65 14.45
N VAL X 371 76.98 -36.22 13.23
CA VAL X 371 76.27 -35.14 12.54
C VAL X 371 75.77 -35.59 11.18
N PHE X 372 76.67 -36.09 10.33
CA PHE X 372 76.32 -36.42 8.95
C PHE X 372 76.89 -37.77 8.56
N GLY X 373 77.14 -38.63 9.55
CA GLY X 373 77.70 -39.94 9.28
C GLY X 373 79.02 -39.89 8.54
N ASN X 374 79.26 -40.88 7.67
CA ASN X 374 80.49 -40.94 6.87
C ASN X 374 80.19 -40.39 5.48
N ALA X 375 79.86 -39.09 5.44
CA ALA X 375 79.58 -38.44 4.17
C ALA X 375 80.83 -37.75 3.62
N SER X 376 81.36 -36.79 4.37
CA SER X 376 82.61 -36.08 4.07
C SER X 376 82.58 -35.36 2.72
N ALA X 377 81.43 -35.35 2.05
CA ALA X 377 81.30 -34.74 0.73
C ALA X 377 79.84 -34.42 0.45
N ALA X 378 79.61 -33.27 -0.21
CA ALA X 378 78.27 -32.81 -0.51
C ALA X 378 77.73 -33.39 -1.82
N GLN X 379 78.51 -34.23 -2.47
CA GLN X 379 78.17 -34.78 -3.79
C GLN X 379 76.90 -35.64 -3.66
N LYS X 380 76.41 -36.17 -4.79
CA LYS X 380 75.05 -36.70 -4.93
C LYS X 380 74.02 -35.59 -4.77
N SER X 381 74.10 -34.60 -5.67
CA SER X 381 73.14 -33.50 -5.71
C SER X 381 71.70 -34.01 -5.80
N SER X 382 71.47 -35.03 -6.63
CA SER X 382 70.20 -35.74 -6.72
C SER X 382 69.02 -34.83 -7.05
N VAL X 383 69.01 -34.24 -8.25
CA VAL X 383 67.86 -33.47 -8.71
C VAL X 383 66.92 -34.38 -9.49
N ALA X 384 67.48 -35.41 -10.13
CA ALA X 384 66.68 -36.34 -10.91
C ALA X 384 65.80 -37.19 -10.01
N SER X 385 66.38 -37.74 -8.95
CA SER X 385 65.67 -38.65 -8.04
C SER X 385 64.62 -37.93 -7.21
N VAL X 386 64.58 -36.59 -7.29
CA VAL X 386 63.61 -35.79 -6.56
C VAL X 386 62.19 -36.28 -6.84
N ASP X 387 61.45 -36.58 -5.78
CA ASP X 387 60.07 -37.01 -5.90
C ASP X 387 59.13 -35.89 -5.47
N ILE X 388 57.84 -36.14 -5.59
CA ILE X 388 56.80 -35.17 -5.26
C ILE X 388 55.72 -35.76 -4.37
N SER X 389 55.59 -37.09 -4.40
CA SER X 389 54.35 -37.79 -4.03
C SER X 389 53.71 -37.34 -2.73
N THR X 390 54.33 -37.58 -1.58
CA THR X 390 53.56 -37.44 -0.35
C THR X 390 54.04 -36.32 0.57
N ALA X 391 55.28 -36.39 1.03
CA ALA X 391 55.75 -35.45 2.03
C ALA X 391 57.03 -34.75 1.61
N ASP X 392 58.04 -35.54 1.25
CA ASP X 392 59.38 -35.02 0.94
C ASP X 392 59.33 -33.97 -0.16
N GLY X 393 58.72 -34.31 -1.28
CA GLY X 393 58.69 -33.46 -2.46
C GLY X 393 58.41 -31.99 -2.23
N ALA X 394 57.27 -31.69 -1.60
CA ALA X 394 56.77 -30.33 -1.43
C ALA X 394 57.84 -29.35 -0.95
N GLN X 395 58.83 -29.84 -0.20
CA GLN X 395 59.88 -28.99 0.34
C GLN X 395 61.25 -29.31 -0.24
N ASN X 396 61.53 -30.59 -0.53
CA ASN X 396 62.81 -30.97 -1.10
C ASN X 396 62.99 -30.35 -2.48
N ALA X 397 61.91 -30.28 -3.26
CA ALA X 397 61.99 -29.66 -4.58
C ALA X 397 62.32 -28.18 -4.48
N ILE X 398 61.81 -27.52 -3.43
CA ILE X 398 62.20 -26.13 -3.17
C ILE X 398 63.69 -26.06 -2.84
N ALA X 399 64.13 -26.95 -1.94
CA ALA X 399 65.55 -27.02 -1.59
C ALA X 399 66.43 -27.27 -2.81
N VAL X 400 65.86 -27.88 -3.86
CA VAL X 400 66.57 -27.97 -5.13
C VAL X 400 66.54 -26.63 -5.85
N VAL X 401 65.34 -26.17 -6.19
CA VAL X 401 65.18 -25.10 -7.18
C VAL X 401 65.82 -23.80 -6.70
N ASP X 402 65.84 -23.54 -5.39
CA ASP X 402 66.46 -22.30 -4.93
C ASP X 402 67.91 -22.22 -5.37
N ASN X 403 68.73 -23.18 -4.93
CA ASN X 403 70.14 -23.17 -5.30
C ASN X 403 70.35 -23.46 -6.78
N ALA X 404 69.44 -24.21 -7.40
CA ALA X 404 69.55 -24.46 -8.83
C ALA X 404 69.46 -23.17 -9.62
N LEU X 405 68.41 -22.39 -9.38
CA LEU X 405 68.28 -21.09 -10.03
C LEU X 405 69.39 -20.14 -9.60
N ALA X 406 69.88 -20.25 -8.36
CA ALA X 406 71.01 -19.43 -7.95
C ALA X 406 72.23 -19.70 -8.82
N ALA X 407 72.56 -20.98 -9.03
CA ALA X 407 73.71 -21.32 -9.84
C ALA X 407 73.50 -20.96 -11.31
N ILE X 408 72.28 -21.17 -11.81
CA ILE X 408 71.98 -20.80 -13.20
C ILE X 408 72.14 -19.30 -13.40
N ASP X 409 71.70 -18.51 -12.42
CA ASP X 409 71.80 -17.06 -12.55
C ASP X 409 73.24 -16.61 -12.37
N ALA X 410 74.01 -17.30 -11.53
CA ALA X 410 75.44 -17.02 -11.45
C ALA X 410 76.13 -17.27 -12.78
N GLN X 411 75.78 -18.36 -13.45
CA GLN X 411 76.30 -18.61 -14.79
C GLN X 411 75.88 -17.52 -15.76
N ARG X 412 74.61 -17.11 -15.70
CA ARG X 412 74.13 -16.05 -16.58
C ARG X 412 74.88 -14.75 -16.34
N ALA X 413 75.21 -14.45 -15.08
CA ALA X 413 75.97 -13.24 -14.77
C ALA X 413 77.41 -13.35 -15.24
N ASP X 414 77.99 -14.55 -15.16
CA ASP X 414 79.32 -14.76 -15.74
C ASP X 414 79.31 -14.46 -17.24
N LEU X 415 78.33 -15.01 -17.96
CA LEU X 415 78.23 -14.74 -19.39
C LEU X 415 77.92 -13.28 -19.65
N ALA X 416 77.19 -12.63 -18.74
CA ALA X 416 76.93 -11.20 -18.86
C ALA X 416 78.23 -10.40 -18.81
N ALA X 417 79.08 -10.73 -17.83
CA ALA X 417 80.38 -10.07 -17.75
C ALA X 417 81.23 -10.36 -18.99
N VAL X 418 81.15 -11.60 -19.50
CA VAL X 418 81.89 -11.95 -20.71
C VAL X 418 81.46 -11.08 -21.88
N GLN X 419 80.15 -10.97 -22.09
CA GLN X 419 79.66 -10.15 -23.20
C GLN X 419 79.94 -8.67 -23.00
N ASN X 420 79.87 -8.17 -21.76
CA ASN X 420 80.20 -6.76 -21.52
C ASN X 420 81.65 -6.49 -21.85
N ARG X 421 82.55 -7.37 -21.42
CA ARG X 421 83.94 -7.26 -21.81
C ARG X 421 84.10 -7.33 -23.32
N PHE X 422 83.28 -8.16 -23.97
CA PHE X 422 83.31 -8.24 -25.44
C PHE X 422 82.96 -6.89 -26.06
N LYS X 423 81.89 -6.25 -25.60
CA LYS X 423 81.51 -4.95 -26.14
C LYS X 423 82.61 -3.92 -25.92
N ASN X 424 83.13 -3.84 -24.68
CA ASN X 424 84.16 -2.85 -24.41
C ASN X 424 85.41 -3.11 -25.25
N THR X 425 85.81 -4.37 -25.37
CA THR X 425 87.03 -4.71 -26.10
C THR X 425 86.85 -4.44 -27.60
N ILE X 426 85.68 -4.76 -28.15
CA ILE X 426 85.47 -4.52 -29.58
C ILE X 426 85.35 -3.03 -29.85
N ASP X 427 84.84 -2.26 -28.88
CA ASP X 427 84.79 -0.80 -29.06
C ASP X 427 86.20 -0.22 -29.08
N ASN X 428 87.02 -0.58 -28.08
CA ASN X 428 88.42 -0.15 -28.08
C ASN X 428 89.14 -0.65 -29.33
N LEU X 429 88.71 -1.81 -29.85
CA LEU X 429 89.38 -2.39 -31.00
C LEU X 429 89.06 -1.60 -32.27
N THR X 430 87.79 -1.22 -32.46
CA THR X 430 87.47 -0.34 -33.59
C THR X 430 88.15 1.01 -33.44
N ASN X 431 88.29 1.50 -32.20
CA ASN X 431 88.97 2.78 -31.99
C ASN X 431 90.43 2.70 -32.42
N ILE X 432 91.15 1.67 -31.95
CA ILE X 432 92.56 1.54 -32.30
C ILE X 432 92.71 1.19 -33.77
N SER X 433 91.70 0.54 -34.37
CA SER X 433 91.75 0.25 -35.79
C SER X 433 91.61 1.52 -36.61
N GLU X 434 90.72 2.43 -36.18
CA GLU X 434 90.63 3.73 -36.82
C GLU X 434 91.93 4.50 -36.68
N ASN X 435 92.54 4.46 -35.50
CA ASN X 435 93.82 5.16 -35.31
C ASN X 435 94.89 4.60 -36.24
N ALA X 436 94.98 3.27 -36.33
CA ALA X 436 95.98 2.64 -37.19
C ALA X 436 95.71 2.95 -38.66
N THR X 437 94.45 2.94 -39.08
CA THR X 437 94.15 3.26 -40.48
C THR X 437 94.43 4.71 -40.79
N ASN X 438 94.22 5.60 -39.82
CA ASN X 438 94.54 7.01 -40.03
C ASN X 438 96.04 7.20 -40.16
N ALA X 439 96.83 6.51 -39.32
CA ALA X 439 98.28 6.56 -39.47
C ALA X 439 98.72 5.98 -40.81
N ARG X 440 98.07 4.89 -41.23
CA ARG X 440 98.39 4.28 -42.52
C ARG X 440 98.08 5.21 -43.68
N SER X 441 97.01 6.00 -43.55
CA SER X 441 96.70 6.98 -44.59
C SER X 441 97.70 8.11 -44.58
N ARG X 442 98.07 8.60 -43.40
CA ARG X 442 99.06 9.66 -43.30
C ARG X 442 100.41 9.24 -43.88
N ILE X 443 100.78 7.96 -43.73
CA ILE X 443 102.07 7.50 -44.23
C ILE X 443 101.99 6.93 -45.65
N LYS X 444 100.79 6.62 -46.14
CA LYS X 444 100.61 5.97 -47.43
C LYS X 444 99.83 6.82 -48.43
N ASP X 445 98.64 7.30 -48.06
CA ASP X 445 97.79 8.03 -48.98
C ASP X 445 98.48 9.33 -49.38
N THR X 446 98.75 9.48 -50.67
CA THR X 446 99.43 10.67 -51.16
C THR X 446 98.53 11.90 -51.07
N ASP X 447 99.07 12.98 -50.53
CA ASP X 447 98.41 14.28 -50.55
C ASP X 447 98.68 14.96 -51.90
N PHE X 448 98.12 14.36 -52.95
CA PHE X 448 98.43 14.71 -54.33
C PHE X 448 98.01 16.11 -54.72
N ALA X 449 97.51 16.93 -53.78
CA ALA X 449 97.31 18.35 -54.06
C ALA X 449 98.60 19.03 -54.48
N ALA X 450 99.75 18.54 -54.02
CA ALA X 450 101.04 19.01 -54.47
C ALA X 450 101.67 18.14 -55.55
N GLU X 451 101.40 16.84 -55.54
CA GLU X 451 101.90 15.97 -56.60
C GLU X 451 101.29 16.29 -57.96
N THR X 452 100.10 16.88 -58.01
CA THR X 452 99.56 17.34 -59.28
C THR X 452 100.44 18.46 -59.86
N ALA X 453 100.75 19.47 -59.04
CA ALA X 453 101.67 20.51 -59.48
C ALA X 453 103.03 19.92 -59.83
N ALA X 454 103.46 18.91 -59.07
CA ALA X 454 104.74 18.27 -59.34
C ALA X 454 104.76 17.62 -60.73
N LEU X 455 103.73 16.83 -61.04
CA LEU X 455 103.70 16.14 -62.32
C LEU X 455 103.52 17.13 -63.47
N SER X 456 102.78 18.21 -63.24
CA SER X 456 102.68 19.24 -64.27
C SER X 456 104.03 19.88 -64.52
N LYS X 457 104.78 20.17 -63.46
CA LYS X 457 106.13 20.69 -63.62
C LYS X 457 107.02 19.70 -64.35
N ASN X 458 106.86 18.41 -64.07
CA ASN X 458 107.66 17.38 -64.75
C ASN X 458 107.37 17.36 -66.24
N GLN X 459 106.09 17.37 -66.63
CA GLN X 459 105.78 17.34 -68.06
C GLN X 459 106.19 18.64 -68.73
N VAL X 460 106.11 19.76 -68.01
CA VAL X 460 106.59 21.03 -68.54
C VAL X 460 108.09 20.95 -68.82
N LEU X 461 108.85 20.41 -67.86
CA LEU X 461 110.29 20.29 -68.05
C LEU X 461 110.61 19.33 -69.19
N GLN X 462 109.85 18.24 -69.32
CA GLN X 462 110.05 17.31 -70.42
C GLN X 462 109.84 18.00 -71.76
N GLN X 463 108.73 18.73 -71.89
CA GLN X 463 108.44 19.41 -73.15
C GLN X 463 109.49 20.49 -73.45
N ALA X 464 109.88 21.26 -72.44
CA ALA X 464 110.87 22.31 -72.65
C ALA X 464 112.22 21.73 -73.04
N GLY X 465 112.60 20.60 -72.43
CA GLY X 465 113.85 19.98 -72.77
C GLY X 465 113.84 19.40 -74.17
N THR X 466 112.72 18.78 -74.57
CA THR X 466 112.61 18.29 -75.94
C THR X 466 112.69 19.45 -76.93
N ALA X 467 112.06 20.58 -76.59
CA ALA X 467 112.11 21.74 -77.47
C ALA X 467 113.52 22.29 -77.61
N ILE X 468 114.24 22.45 -76.48
CA ILE X 468 115.58 23.01 -76.55
C ILE X 468 116.52 22.01 -77.23
N LEU X 469 116.24 20.72 -77.12
CA LEU X 469 117.05 19.73 -77.83
C LEU X 469 116.82 19.83 -79.34
N ALA X 470 115.56 19.93 -79.76
CA ALA X 470 115.26 20.09 -81.18
C ALA X 470 115.74 21.43 -81.71
N GLN X 471 115.98 22.39 -80.82
CA GLN X 471 116.56 23.66 -81.25
C GLN X 471 118.07 23.59 -81.33
N ALA X 472 118.71 22.82 -80.45
CA ALA X 472 120.17 22.79 -80.38
C ALA X 472 120.77 21.81 -81.38
N ASN X 473 120.06 20.73 -81.72
CA ASN X 473 120.62 19.76 -82.65
C ASN X 473 120.68 20.35 -84.05
N GLN X 474 120.00 21.47 -84.27
CA GLN X 474 120.03 22.18 -85.54
C GLN X 474 121.18 23.18 -85.63
N LEU X 475 121.85 23.46 -84.51
CA LEU X 475 122.96 24.42 -84.53
C LEU X 475 124.17 23.91 -85.31
N PRO X 476 124.71 22.72 -85.04
CA PRO X 476 125.91 22.29 -85.77
C PRO X 476 125.69 22.17 -87.26
N GLN X 477 124.49 21.76 -87.68
CA GLN X 477 124.16 21.77 -89.11
C GLN X 477 124.27 23.17 -89.69
N ALA X 478 123.77 24.17 -88.95
CA ALA X 478 123.86 25.55 -89.41
C ALA X 478 125.31 26.01 -89.52
N VAL X 479 126.13 25.68 -88.51
CA VAL X 479 127.54 26.08 -88.54
C VAL X 479 128.25 25.43 -89.72
N LEU X 480 128.00 24.13 -89.94
CA LEU X 480 128.61 23.44 -91.07
C LEU X 480 128.15 24.01 -92.41
N SER X 481 126.89 24.45 -92.49
CA SER X 481 126.40 25.00 -93.76
C SER X 481 126.96 26.39 -94.02
N LEU X 482 127.13 27.20 -92.98
CA LEU X 482 127.65 28.55 -93.17
C LEU X 482 129.16 28.57 -93.37
N LEU X 483 129.89 27.62 -92.76
CA LEU X 483 131.33 27.57 -92.88
C LEU X 483 131.78 26.91 -94.18
N ARG X 484 130.87 26.30 -94.94
CA ARG X 484 131.22 25.72 -96.23
C ARG X 484 130.59 26.52 -97.36
N VAL Y 1 34.01 -12.82 -9.95
CA VAL Y 1 33.26 -14.00 -9.54
C VAL Y 1 31.94 -14.05 -10.32
N ASN Y 2 31.92 -14.83 -11.40
CA ASN Y 2 30.75 -14.89 -12.26
C ASN Y 2 30.26 -16.29 -12.60
N THR Y 3 31.11 -17.32 -12.58
CA THR Y 3 30.65 -18.66 -12.95
C THR Y 3 29.81 -19.30 -11.86
N ASN Y 4 29.85 -18.78 -10.63
CA ASN Y 4 29.02 -19.26 -9.53
C ASN Y 4 29.07 -18.21 -8.43
N ILE Y 5 28.05 -18.22 -7.58
CA ILE Y 5 27.93 -17.26 -6.50
C ILE Y 5 27.87 -18.03 -5.19
N ALA Y 6 28.71 -17.65 -4.23
CA ALA Y 6 28.74 -18.32 -2.94
C ALA Y 6 27.55 -17.96 -2.06
N SER Y 7 26.62 -17.15 -2.55
CA SER Y 7 25.46 -16.75 -1.76
C SER Y 7 24.41 -17.85 -1.60
N LEU Y 8 24.70 -19.09 -2.04
CA LEU Y 8 23.70 -20.14 -1.93
C LEU Y 8 23.44 -20.57 -0.49
N ASN Y 9 24.18 -20.03 0.48
CA ASN Y 9 23.76 -20.13 1.86
C ASN Y 9 22.37 -19.52 2.04
N THR Y 10 22.03 -18.55 1.19
CA THR Y 10 20.69 -17.98 1.22
C THR Y 10 19.64 -19.01 0.81
N GLN Y 11 19.91 -19.80 -0.24
CA GLN Y 11 19.00 -20.90 -0.57
C GLN Y 11 18.95 -21.93 0.55
N ARG Y 12 20.09 -22.22 1.18
CA ARG Y 12 20.06 -23.17 2.31
C ARG Y 12 19.12 -22.68 3.40
N ASN Y 13 19.30 -21.43 3.83
CA ASN Y 13 18.50 -20.88 4.91
C ASN Y 13 17.05 -20.73 4.51
N LEU Y 14 16.78 -20.39 3.24
CA LEU Y 14 15.40 -20.30 2.77
C LEU Y 14 14.72 -21.66 2.79
N ASN Y 15 15.42 -22.71 2.36
CA ASN Y 15 14.84 -24.05 2.40
C ASN Y 15 14.57 -24.48 3.84
N ALA Y 16 15.53 -24.22 4.73
CA ALA Y 16 15.32 -24.57 6.14
C ALA Y 16 14.14 -23.81 6.73
N SER Y 17 14.06 -22.51 6.47
CA SER Y 17 12.96 -21.71 7.01
C SER Y 17 11.62 -22.14 6.41
N SER Y 18 11.62 -22.58 5.15
CA SER Y 18 10.39 -23.10 4.57
C SER Y 18 9.98 -24.41 5.23
N ASN Y 19 10.95 -25.25 5.57
CA ASN Y 19 10.65 -26.45 6.34
C ASN Y 19 9.99 -26.10 7.67
N ASP Y 20 10.63 -25.23 8.46
CA ASP Y 20 10.03 -24.84 9.73
C ASP Y 20 8.69 -24.14 9.52
N LEU Y 21 8.52 -23.46 8.39
CA LEU Y 21 7.27 -22.76 8.12
C LEU Y 21 6.14 -23.74 7.89
N ASN Y 22 6.37 -24.78 7.09
CA ASN Y 22 5.33 -25.77 6.86
C ASN Y 22 5.03 -26.55 8.13
N THR Y 23 6.07 -26.85 8.93
CA THR Y 23 5.82 -27.49 10.22
C THR Y 23 4.97 -26.60 11.13
N SER Y 24 5.23 -25.29 11.13
CA SER Y 24 4.46 -24.39 11.98
C SER Y 24 3.01 -24.29 11.51
N LEU Y 25 2.81 -24.20 10.19
CA LEU Y 25 1.45 -24.19 9.67
C LEU Y 25 0.71 -25.46 10.01
N GLN Y 26 1.39 -26.61 9.92
CA GLN Y 26 0.77 -27.87 10.30
C GLN Y 26 0.38 -27.86 11.77
N ARG Y 27 1.30 -27.44 12.64
CA ARG Y 27 1.04 -27.40 14.07
C ARG Y 27 -0.13 -26.48 14.39
N LEU Y 28 -0.23 -25.36 13.67
CA LEU Y 28 -1.31 -24.40 13.95
C LEU Y 28 -2.64 -24.89 13.42
N THR Y 29 -2.63 -25.62 12.30
CA THR Y 29 -3.89 -26.09 11.73
C THR Y 29 -4.40 -27.36 12.42
N THR Y 30 -3.52 -28.11 13.06
CA THR Y 30 -3.97 -29.28 13.81
C THR Y 30 -4.13 -29.00 15.30
N GLY Y 31 -3.68 -27.84 15.77
CA GLY Y 31 -3.75 -27.50 17.18
C GLY Y 31 -2.83 -28.30 18.07
N TYR Y 32 -1.97 -29.15 17.51
CA TYR Y 32 -1.10 -30.02 18.28
C TYR Y 32 0.35 -29.59 18.03
N ARG Y 33 1.08 -29.32 19.11
CA ARG Y 33 2.49 -28.98 18.98
C ARG Y 33 3.28 -30.14 18.40
N ILE Y 34 3.07 -31.34 18.94
CA ILE Y 34 3.58 -32.54 18.29
C ILE Y 34 2.52 -33.07 17.34
N ASN Y 35 2.83 -33.09 16.05
CA ASN Y 35 1.90 -33.61 15.06
C ASN Y 35 1.74 -35.12 15.26
N SER Y 36 0.66 -35.65 14.69
CA SER Y 36 0.51 -37.10 14.60
C SER Y 36 1.60 -37.73 13.73
N ALA Y 37 2.44 -36.91 13.12
CA ALA Y 37 3.58 -37.36 12.32
C ALA Y 37 4.75 -37.74 13.22
N LYS Y 38 5.92 -37.82 12.59
CA LYS Y 38 7.12 -38.37 13.25
C LYS Y 38 7.46 -37.68 14.56
N ASP Y 39 7.19 -36.38 14.68
CA ASP Y 39 7.83 -35.57 15.70
C ASP Y 39 7.54 -36.10 17.11
N ASP Y 40 8.61 -36.22 17.90
CA ASP Y 40 8.55 -36.64 19.29
C ASP Y 40 7.89 -38.02 19.43
N ALA Y 41 8.59 -39.01 18.88
CA ALA Y 41 8.11 -40.39 18.93
C ALA Y 41 7.80 -40.85 20.35
N ALA Y 42 8.59 -40.40 21.33
CA ALA Y 42 8.28 -40.71 22.72
C ALA Y 42 6.99 -40.03 23.14
N GLY Y 43 6.88 -38.73 22.88
CA GLY Y 43 5.63 -38.03 23.12
C GLY Y 43 4.48 -38.61 22.31
N LEU Y 44 4.79 -39.14 21.13
CA LEU Y 44 3.78 -39.83 20.34
C LEU Y 44 3.27 -41.07 21.06
N GLN Y 45 4.18 -41.85 21.64
CA GLN Y 45 3.78 -43.02 22.41
C GLN Y 45 2.93 -42.62 23.62
N ILE Y 46 3.35 -41.56 24.32
CA ILE Y 46 2.57 -41.09 25.46
C ILE Y 46 1.18 -40.67 25.03
N SER Y 47 1.09 -39.91 23.92
CA SER Y 47 -0.21 -39.49 23.42
C SER Y 47 -1.08 -40.69 23.09
N ASN Y 48 -0.49 -41.70 22.45
CA ASN Y 48 -1.25 -42.90 22.08
C ASN Y 48 -1.79 -43.60 23.32
N ARG Y 49 -0.93 -43.79 24.35
CA ARG Y 49 -1.38 -44.53 25.51
C ARG Y 49 -2.43 -43.75 26.30
N LEU Y 50 -2.27 -42.44 26.42
CA LEU Y 50 -3.30 -41.67 27.14
C LEU Y 50 -4.60 -41.60 26.34
N SER Y 51 -4.52 -41.60 25.01
CA SER Y 51 -5.75 -41.64 24.20
C SER Y 51 -6.46 -42.97 24.39
N ASN Y 52 -5.71 -44.08 24.35
CA ASN Y 52 -6.28 -45.38 24.64
C ASN Y 52 -6.93 -45.38 26.02
N GLN Y 53 -6.26 -44.76 27.00
CA GLN Y 53 -6.77 -44.74 28.36
C GLN Y 53 -8.10 -43.98 28.44
N ILE Y 54 -8.15 -42.77 27.86
CA ILE Y 54 -9.38 -41.96 27.99
C ILE Y 54 -10.51 -42.61 27.20
N SER Y 55 -10.20 -43.25 26.08
CA SER Y 55 -11.22 -43.97 25.34
C SER Y 55 -11.81 -45.09 26.18
N GLY Y 56 -10.94 -45.90 26.80
CA GLY Y 56 -11.42 -46.93 27.71
C GLY Y 56 -12.23 -46.37 28.85
N LEU Y 57 -11.80 -45.22 29.38
CA LEU Y 57 -12.53 -44.61 30.49
C LEU Y 57 -13.92 -44.19 30.09
N ASN Y 58 -14.08 -43.55 28.94
CA ASN Y 58 -15.42 -43.09 28.55
C ASN Y 58 -16.32 -44.25 28.19
N VAL Y 59 -15.79 -45.27 27.50
CA VAL Y 59 -16.65 -46.40 27.17
C VAL Y 59 -17.04 -47.17 28.43
N ALA Y 60 -16.13 -47.25 29.40
CA ALA Y 60 -16.47 -47.90 30.66
C ALA Y 60 -17.48 -47.08 31.45
N THR Y 61 -17.39 -45.75 31.37
CA THR Y 61 -18.39 -44.90 32.00
C THR Y 61 -19.77 -45.14 31.39
N ARG Y 62 -19.84 -45.25 30.06
CA ARG Y 62 -21.11 -45.56 29.41
C ARG Y 62 -21.64 -46.93 29.86
N ASN Y 63 -20.76 -47.94 29.89
CA ASN Y 63 -21.18 -49.27 30.32
C ASN Y 63 -21.68 -49.25 31.76
N ALA Y 64 -21.01 -48.51 32.63
CA ALA Y 64 -21.45 -48.40 34.02
C ALA Y 64 -22.75 -47.64 34.13
N ASN Y 65 -23.00 -46.70 33.22
CA ASN Y 65 -24.31 -46.04 33.20
C ASN Y 65 -25.41 -47.02 32.83
N ASP Y 66 -25.16 -47.87 31.83
CA ASP Y 66 -26.14 -48.92 31.52
C ASP Y 66 -26.34 -49.83 32.72
N GLY Y 67 -25.27 -50.15 33.43
CA GLY Y 67 -25.40 -50.96 34.63
C GLY Y 67 -26.22 -50.29 35.72
N ILE Y 68 -26.05 -48.97 35.86
CA ILE Y 68 -26.83 -48.22 36.85
C ILE Y 68 -28.30 -48.25 36.48
N SER Y 69 -28.62 -48.10 35.19
CA SER Y 69 -30.01 -48.18 34.76
C SER Y 69 -30.58 -49.57 35.04
N LEU Y 70 -29.78 -50.61 34.76
CA LEU Y 70 -30.22 -51.98 35.06
C LEU Y 70 -30.50 -52.16 36.54
N ALA Y 71 -29.60 -51.67 37.39
CA ALA Y 71 -29.81 -51.74 38.83
C ALA Y 71 -31.03 -50.94 39.27
N GLN Y 72 -31.34 -49.84 38.59
CA GLN Y 72 -32.53 -49.07 38.92
C GLN Y 72 -33.80 -49.86 38.60
N THR Y 73 -33.84 -50.51 37.43
CA THR Y 73 -34.95 -51.39 37.13
C THR Y 73 -35.06 -52.53 38.13
N ALA Y 74 -33.91 -53.06 38.56
CA ALA Y 74 -33.92 -54.12 39.56
C ALA Y 74 -34.50 -53.62 40.88
N GLU Y 75 -34.13 -52.40 41.29
CA GLU Y 75 -34.68 -51.83 42.50
C GLU Y 75 -36.19 -51.65 42.38
N GLY Y 76 -36.65 -51.20 41.21
CA GLY Y 76 -38.08 -51.06 41.01
C GLY Y 76 -38.82 -52.38 41.14
N ALA Y 77 -38.29 -53.43 40.49
CA ALA Y 77 -38.91 -54.74 40.60
C ALA Y 77 -38.89 -55.24 42.04
N LEU Y 78 -37.79 -55.04 42.75
CA LEU Y 78 -37.70 -55.49 44.14
C LEU Y 78 -38.66 -54.72 45.03
N GLN Y 79 -38.86 -53.43 44.76
CA GLN Y 79 -39.81 -52.64 45.55
C GLN Y 79 -41.23 -53.13 45.28
N GLN Y 80 -41.56 -53.42 44.03
CA GLN Y 80 -42.86 -53.99 43.73
C GLN Y 80 -43.07 -55.31 44.47
N SER Y 81 -42.05 -56.17 44.47
CA SER Y 81 -42.19 -57.48 45.10
C SER Y 81 -42.35 -57.36 46.61
N THR Y 82 -41.61 -56.44 47.24
CA THR Y 82 -41.74 -56.29 48.68
C THR Y 82 -43.07 -55.64 49.05
N ASN Y 83 -43.62 -54.80 48.16
CA ASN Y 83 -44.97 -54.29 48.39
C ASN Y 83 -46.00 -55.41 48.34
N ILE Y 84 -45.88 -56.31 47.35
CA ILE Y 84 -46.81 -57.44 47.30
C ILE Y 84 -46.63 -58.33 48.52
N LEU Y 85 -45.39 -58.49 48.99
CA LEU Y 85 -45.18 -59.30 50.19
C LEU Y 85 -45.74 -58.62 51.43
N GLN Y 86 -45.70 -57.29 51.48
CA GLN Y 86 -46.34 -56.57 52.57
C GLN Y 86 -47.84 -56.80 52.57
N ARG Y 87 -48.46 -56.70 51.39
CA ARG Y 87 -49.88 -57.01 51.26
C ARG Y 87 -50.17 -58.44 51.69
N ILE Y 88 -49.28 -59.38 51.33
CA ILE Y 88 -49.45 -60.76 51.76
C ILE Y 88 -49.41 -60.87 53.27
N ARG Y 89 -48.52 -60.12 53.91
CA ARG Y 89 -48.47 -60.11 55.37
C ARG Y 89 -49.78 -59.58 55.97
N ASP Y 90 -50.32 -58.51 55.38
CA ASP Y 90 -51.59 -57.98 55.89
C ASP Y 90 -52.71 -59.00 55.77
N LEU Y 91 -52.81 -59.64 54.61
CA LEU Y 91 -53.87 -60.66 54.44
C LEU Y 91 -53.59 -61.89 55.31
N ALA Y 92 -52.33 -62.12 55.65
CA ALA Y 92 -52.01 -63.23 56.55
C ALA Y 92 -52.47 -62.94 57.97
N LEU Y 93 -52.26 -61.71 58.43
CA LEU Y 93 -52.81 -61.32 59.72
C LEU Y 93 -54.34 -61.31 59.68
N GLN Y 94 -54.92 -60.95 58.55
CA GLN Y 94 -56.38 -61.02 58.41
C GLN Y 94 -56.87 -62.45 58.41
N SER Y 95 -56.02 -63.39 58.00
CA SER Y 95 -56.38 -64.80 57.91
C SER Y 95 -56.67 -65.43 59.26
N ALA Y 96 -56.37 -64.76 60.37
CA ALA Y 96 -56.71 -65.31 61.68
C ALA Y 96 -58.22 -65.42 61.86
N ASN Y 97 -58.96 -64.38 61.47
CA ASN Y 97 -60.42 -64.37 61.37
C ASN Y 97 -61.11 -64.88 62.64
N GLY Y 98 -60.43 -64.84 63.78
CA GLY Y 98 -60.99 -65.35 65.02
C GLY Y 98 -61.20 -66.86 65.01
N SER Y 99 -60.81 -67.50 63.90
CA SER Y 99 -60.85 -68.95 63.71
C SER Y 99 -62.25 -69.50 63.56
N ASN Y 100 -63.28 -68.65 63.74
CA ASN Y 100 -64.65 -69.10 63.53
C ASN Y 100 -65.55 -68.07 62.88
N SER Y 101 -65.05 -66.90 62.47
CA SER Y 101 -65.94 -65.83 62.03
C SER Y 101 -66.08 -65.77 60.51
N ASP Y 102 -64.98 -65.90 59.76
CA ASP Y 102 -64.98 -65.71 58.32
C ASP Y 102 -65.00 -67.09 57.64
N ALA Y 103 -66.20 -67.49 57.19
CA ALA Y 103 -66.33 -68.73 56.44
C ALA Y 103 -65.90 -68.55 54.99
N ASP Y 104 -65.40 -67.37 54.61
CA ASP Y 104 -64.95 -67.09 53.25
C ASP Y 104 -63.49 -67.45 53.02
N ARG Y 105 -62.98 -68.44 53.76
CA ARG Y 105 -61.61 -68.90 53.58
C ARG Y 105 -61.33 -69.34 52.15
N ALA Y 106 -62.35 -69.81 51.42
CA ALA Y 106 -62.15 -70.16 50.02
C ALA Y 106 -61.83 -68.91 49.20
N ALA Y 107 -62.58 -67.82 49.43
CA ALA Y 107 -62.28 -66.57 48.74
C ALA Y 107 -60.93 -66.02 49.16
N LEU Y 108 -60.57 -66.18 50.44
CA LEU Y 108 -59.25 -65.74 50.88
C LEU Y 108 -58.14 -66.52 50.19
N GLN Y 109 -58.33 -67.84 50.01
CA GLN Y 109 -57.33 -68.64 49.32
C GLN Y 109 -57.27 -68.25 47.85
N LYS Y 110 -58.41 -67.97 47.23
CA LYS Y 110 -58.40 -67.46 45.86
C LYS Y 110 -57.62 -66.15 45.78
N GLU Y 111 -57.79 -65.28 46.76
CA GLU Y 111 -57.11 -63.99 46.75
C GLU Y 111 -55.60 -64.15 46.91
N VAL Y 112 -55.19 -65.03 47.82
CA VAL Y 112 -53.75 -65.24 48.01
C VAL Y 112 -53.14 -65.94 46.81
N ALA Y 113 -53.89 -66.81 46.14
CA ALA Y 113 -53.40 -67.41 44.90
C ALA Y 113 -53.30 -66.36 43.80
N ALA Y 114 -54.21 -65.39 43.80
CA ALA Y 114 -54.12 -64.28 42.85
C ALA Y 114 -52.86 -63.47 43.10
N GLN Y 115 -52.55 -63.16 44.36
CA GLN Y 115 -51.32 -62.44 44.65
C GLN Y 115 -50.08 -63.28 44.32
N GLN Y 116 -50.16 -64.60 44.49
CA GLN Y 116 -49.07 -65.46 44.04
C GLN Y 116 -48.86 -65.36 42.54
N ALA Y 117 -49.94 -65.38 41.77
CA ALA Y 117 -49.83 -65.20 40.32
C ALA Y 117 -49.25 -63.84 39.98
N GLU Y 118 -49.68 -62.80 40.69
CA GLU Y 118 -49.17 -61.45 40.43
C GLU Y 118 -47.67 -61.37 40.72
N LEU Y 119 -47.23 -61.96 41.83
CA LEU Y 119 -45.81 -61.91 42.16
C LEU Y 119 -44.97 -62.72 41.18
N THR Y 120 -45.48 -63.87 40.74
CA THR Y 120 -44.77 -64.63 39.71
C THR Y 120 -44.74 -63.87 38.39
N ARG Y 121 -45.74 -63.03 38.14
CA ARG Y 121 -45.73 -62.19 36.95
C ARG Y 121 -44.73 -61.05 37.07
N ILE Y 122 -44.63 -60.44 38.25
CA ILE Y 122 -43.61 -59.41 38.47
C ILE Y 122 -42.22 -60.03 38.36
N SER Y 123 -42.09 -61.30 38.73
CA SER Y 123 -40.84 -62.01 38.49
C SER Y 123 -40.46 -61.96 37.03
N ASP Y 124 -41.39 -62.36 36.15
CA ASP Y 124 -41.20 -62.22 34.71
C ASP Y 124 -41.52 -60.79 34.30
N THR Y 125 -41.66 -60.56 32.98
CA THR Y 125 -42.04 -59.27 32.40
C THR Y 125 -41.09 -58.14 32.79
N THR Y 126 -39.88 -58.48 33.25
CA THR Y 126 -38.84 -57.50 33.53
C THR Y 126 -37.71 -57.62 32.53
N THR Y 127 -38.06 -57.94 31.27
CA THR Y 127 -37.09 -58.24 30.23
C THR Y 127 -36.41 -56.96 29.74
N PHE Y 128 -35.36 -56.56 30.44
CA PHE Y 128 -34.53 -55.45 30.01
C PHE Y 128 -33.64 -55.94 28.87
N GLY Y 129 -34.23 -56.15 27.69
CA GLY Y 129 -33.54 -56.73 26.57
C GLY Y 129 -33.86 -58.19 26.30
N GLY Y 130 -34.99 -58.69 26.77
CA GLY Y 130 -35.34 -60.08 26.60
C GLY Y 130 -34.49 -61.01 27.46
N ARG Y 131 -33.99 -60.47 28.57
CA ARG Y 131 -33.04 -61.16 29.43
C ARG Y 131 -33.45 -60.98 30.90
N LYS Y 132 -34.71 -61.31 31.19
CA LYS Y 132 -35.37 -61.05 32.48
C LYS Y 132 -34.41 -61.20 33.66
N LEU Y 133 -34.34 -60.17 34.50
CA LEU Y 133 -33.24 -60.04 35.45
C LEU Y 133 -33.44 -60.91 36.68
N LEU Y 134 -34.48 -60.61 37.47
CA LEU Y 134 -34.60 -61.22 38.78
C LEU Y 134 -35.07 -62.68 38.74
N ASP Y 135 -35.89 -63.06 37.77
CA ASP Y 135 -36.36 -64.43 37.70
C ASP Y 135 -35.62 -65.21 36.60
N GLY Y 136 -36.05 -66.44 36.40
CA GLY Y 136 -35.44 -67.27 35.37
C GLY Y 136 -34.06 -67.74 35.80
N SER Y 137 -33.13 -67.74 34.86
CA SER Y 137 -31.76 -68.18 35.10
C SER Y 137 -30.83 -67.00 34.80
N PHE Y 138 -30.47 -66.27 35.84
CA PHE Y 138 -29.56 -65.13 35.73
C PHE Y 138 -28.12 -65.63 35.74
N GLY Y 139 -27.36 -65.25 34.71
CA GLY Y 139 -26.01 -65.76 34.53
C GLY Y 139 -24.99 -65.24 35.52
N THR Y 140 -25.40 -64.39 36.46
CA THR Y 140 -24.50 -63.79 37.45
C THR Y 140 -23.35 -63.07 36.74
N THR Y 141 -23.72 -62.05 35.97
CA THR Y 141 -22.80 -61.39 35.07
C THR Y 141 -21.85 -60.46 35.85
N SER Y 142 -21.03 -59.72 35.11
CA SER Y 142 -20.05 -58.81 35.72
C SER Y 142 -19.83 -57.67 34.74
N PHE Y 143 -20.20 -56.46 35.14
CA PHE Y 143 -20.08 -55.30 34.27
C PHE Y 143 -18.64 -54.82 34.21
N GLN Y 144 -18.10 -54.70 33.00
CA GLN Y 144 -16.74 -54.21 32.82
C GLN Y 144 -16.69 -52.70 33.05
N VAL Y 145 -15.73 -52.26 33.86
CA VAL Y 145 -15.65 -50.87 34.26
C VAL Y 145 -14.25 -50.28 34.11
N GLY Y 146 -13.24 -51.09 33.76
CA GLY Y 146 -11.88 -50.63 33.69
C GLY Y 146 -11.30 -50.78 32.31
N SER Y 147 -10.15 -50.14 32.10
CA SER Y 147 -9.44 -50.20 30.83
C SER Y 147 -8.48 -51.39 30.75
N ASN Y 148 -8.60 -52.35 31.66
CA ASN Y 148 -7.76 -53.54 31.67
C ASN Y 148 -8.60 -54.79 31.51
N ALA Y 149 -7.96 -55.86 31.04
CA ALA Y 149 -8.67 -57.10 30.81
C ALA Y 149 -9.14 -57.71 32.12
N TYR Y 150 -10.36 -58.25 32.10
CA TYR Y 150 -10.96 -58.95 33.24
C TYR Y 150 -11.18 -58.04 34.44
N GLU Y 151 -10.92 -56.75 34.27
CA GLU Y 151 -11.20 -55.80 35.35
C GLU Y 151 -12.67 -55.42 35.32
N THR Y 152 -13.47 -56.06 36.17
CA THR Y 152 -14.91 -55.91 36.15
C THR Y 152 -15.46 -55.81 37.58
N ILE Y 153 -16.77 -55.68 37.66
CA ILE Y 153 -17.49 -55.57 38.93
C ILE Y 153 -18.49 -56.71 39.02
N ASP Y 154 -18.39 -57.52 40.06
CA ASP Y 154 -19.27 -58.65 40.23
C ASP Y 154 -20.66 -58.21 40.66
N ILE Y 155 -21.66 -58.98 40.27
CA ILE Y 155 -23.05 -58.77 40.68
C ILE Y 155 -23.65 -60.12 41.02
N SER Y 156 -24.40 -60.17 42.12
CA SER Y 156 -24.95 -61.41 42.66
C SER Y 156 -26.46 -61.31 42.80
N LEU Y 157 -27.12 -60.86 41.73
CA LEU Y 157 -28.57 -60.71 41.68
C LEU Y 157 -29.26 -62.01 42.08
N GLN Y 158 -30.42 -61.89 42.74
CA GLN Y 158 -31.13 -63.06 43.24
C GLN Y 158 -31.52 -63.98 42.08
N ASN Y 159 -31.59 -65.28 42.38
CA ASN Y 159 -31.95 -66.25 41.36
C ASN Y 159 -33.39 -66.04 40.88
N ALA Y 160 -34.31 -65.84 41.82
CA ALA Y 160 -35.71 -65.64 41.47
C ALA Y 160 -36.48 -65.12 42.68
N SER Y 161 -37.54 -64.38 42.40
CA SER Y 161 -38.55 -64.06 43.39
C SER Y 161 -39.65 -65.11 43.43
N ALA Y 162 -39.34 -66.34 43.01
CA ALA Y 162 -40.27 -67.44 42.84
C ALA Y 162 -40.40 -68.30 44.08
N SER Y 163 -40.87 -69.53 43.87
CA SER Y 163 -41.11 -70.50 44.92
C SER Y 163 -39.80 -71.00 45.53
N ALA Y 164 -39.86 -72.18 46.16
CA ALA Y 164 -38.84 -72.78 47.05
C ALA Y 164 -37.44 -72.58 46.49
N ILE Y 165 -37.28 -72.09 45.25
CA ILE Y 165 -36.01 -71.79 44.61
C ILE Y 165 -35.21 -70.75 45.43
N GLY Y 166 -35.66 -70.45 46.65
CA GLY Y 166 -35.09 -69.35 47.41
C GLY Y 166 -35.99 -68.58 48.36
N SER Y 167 -37.13 -69.16 48.71
CA SER Y 167 -37.91 -68.66 49.84
C SER Y 167 -37.43 -69.36 51.11
N TYR Y 168 -38.13 -69.19 52.23
CA TYR Y 168 -37.57 -69.52 53.54
C TYR Y 168 -37.45 -71.03 53.64
N GLN Y 169 -36.28 -71.53 54.00
CA GLN Y 169 -36.11 -72.98 54.12
C GLN Y 169 -36.82 -73.50 55.37
N VAL Y 170 -37.19 -74.78 55.34
CA VAL Y 170 -38.09 -75.36 56.34
C VAL Y 170 -37.42 -76.57 56.97
N GLY Y 171 -37.25 -76.52 58.29
CA GLY Y 171 -36.83 -77.69 59.05
C GLY Y 171 -37.99 -78.20 59.89
N SER Y 172 -38.58 -79.32 59.50
CA SER Y 172 -39.80 -79.82 60.12
C SER Y 172 -39.62 -81.27 60.54
N ASN Y 173 -40.56 -81.75 61.35
CA ASN Y 173 -40.49 -83.10 61.89
C ASN Y 173 -40.71 -84.16 60.82
N GLY Y 174 -41.91 -84.17 60.23
CA GLY Y 174 -42.20 -85.17 59.22
C GLY Y 174 -41.70 -84.78 57.83
N ALA Y 175 -40.67 -83.94 57.78
CA ALA Y 175 -40.13 -83.42 56.53
C ALA Y 175 -39.82 -84.51 55.51
N GLY Y 176 -38.93 -85.43 55.84
CA GLY Y 176 -38.53 -86.43 54.87
C GLY Y 176 -39.54 -87.54 54.64
N THR Y 177 -39.70 -88.42 55.62
CA THR Y 177 -40.69 -89.50 55.51
C THR Y 177 -41.69 -89.45 56.66
N VAL Y 178 -41.18 -89.47 57.88
CA VAL Y 178 -42.01 -89.57 59.09
C VAL Y 178 -41.16 -89.12 60.28
N ALA Y 179 -41.81 -88.72 61.36
CA ALA Y 179 -41.12 -88.17 62.52
C ALA Y 179 -41.08 -89.21 63.64
N SER Y 180 -39.97 -89.21 64.38
CA SER Y 180 -39.84 -90.02 65.58
C SER Y 180 -40.51 -89.32 66.75
N VAL Y 181 -40.14 -89.76 67.96
CA VAL Y 181 -40.77 -89.39 69.23
C VAL Y 181 -41.19 -87.92 69.26
N ALA Y 182 -40.33 -87.03 68.78
CA ALA Y 182 -40.70 -85.62 68.67
C ALA Y 182 -41.87 -85.45 67.70
N GLY Y 183 -43.03 -85.09 68.22
CA GLY Y 183 -44.21 -84.89 67.39
C GLY Y 183 -45.02 -86.15 67.15
N THR Y 184 -45.02 -87.07 68.13
CA THR Y 184 -45.84 -88.26 68.06
C THR Y 184 -45.89 -88.90 69.45
N ALA Y 185 -46.81 -89.84 69.62
CA ALA Y 185 -46.92 -90.57 70.87
C ALA Y 185 -45.81 -91.62 70.97
N THR Y 186 -45.42 -91.92 72.21
CA THR Y 186 -44.33 -92.86 72.46
C THR Y 186 -44.36 -93.31 73.90
N ALA Y 187 -43.71 -94.45 74.17
CA ALA Y 187 -43.65 -94.99 75.51
C ALA Y 187 -42.50 -94.40 76.31
N SER Y 188 -41.27 -94.56 75.78
CA SER Y 188 -40.09 -94.08 76.49
C SER Y 188 -40.00 -92.56 76.48
N GLY Y 189 -40.06 -91.96 75.30
CA GLY Y 189 -39.98 -90.53 75.18
C GLY Y 189 -38.66 -90.06 74.57
N ILE Y 190 -38.44 -88.75 74.69
CA ILE Y 190 -37.21 -88.13 74.20
C ILE Y 190 -36.02 -88.73 74.91
N ALA Y 191 -35.12 -89.36 74.16
CA ALA Y 191 -33.94 -89.98 74.72
C ALA Y 191 -32.77 -88.99 74.67
N SER Y 192 -31.57 -89.49 74.97
CA SER Y 192 -30.37 -88.66 74.94
C SER Y 192 -30.03 -88.29 73.50
N GLY Y 193 -28.99 -87.47 73.34
CA GLY Y 193 -28.55 -87.04 72.03
C GLY Y 193 -27.77 -85.74 72.11
N THR Y 194 -26.93 -85.55 71.09
CA THR Y 194 -26.07 -84.37 70.97
C THR Y 194 -26.19 -83.86 69.52
N VAL Y 195 -27.44 -83.68 69.09
CA VAL Y 195 -27.79 -83.28 67.73
C VAL Y 195 -26.93 -82.13 67.25
N ASN Y 196 -26.43 -82.24 66.02
CA ASN Y 196 -25.54 -81.23 65.48
C ASN Y 196 -26.34 -80.18 64.71
N LEU Y 197 -25.89 -78.93 64.81
CA LEU Y 197 -26.49 -77.81 64.10
C LEU Y 197 -25.46 -77.23 63.14
N VAL Y 198 -25.93 -76.86 61.94
CA VAL Y 198 -25.07 -76.37 60.87
C VAL Y 198 -25.66 -75.09 60.32
N GLY Y 199 -24.80 -74.12 60.01
CA GLY Y 199 -25.22 -72.88 59.39
C GLY Y 199 -24.29 -71.73 59.65
N GLY Y 200 -23.98 -70.96 58.60
CA GLY Y 200 -23.10 -69.81 58.68
C GLY Y 200 -21.75 -70.06 59.32
N GLY Y 201 -21.34 -71.31 59.41
CA GLY Y 201 -20.10 -71.67 60.08
C GLY Y 201 -20.12 -71.38 61.57
N GLN Y 202 -21.23 -71.74 62.24
CA GLN Y 202 -21.32 -71.64 63.68
C GLN Y 202 -21.88 -72.93 64.29
N VAL Y 203 -21.30 -74.08 63.93
CA VAL Y 203 -21.76 -75.38 64.40
C VAL Y 203 -21.84 -75.39 65.93
N LYS Y 204 -22.97 -75.86 66.46
CA LYS Y 204 -23.19 -75.89 67.91
C LYS Y 204 -23.91 -77.20 68.23
N ASN Y 205 -23.23 -78.08 68.94
CA ASN Y 205 -23.78 -79.38 69.30
C ASN Y 205 -24.78 -79.21 70.43
N ILE Y 206 -26.07 -79.18 70.08
CA ILE Y 206 -27.10 -79.04 71.09
C ILE Y 206 -27.24 -80.34 71.86
N ALA Y 207 -27.21 -80.24 73.19
CA ALA Y 207 -27.31 -81.40 74.07
C ALA Y 207 -28.78 -81.64 74.39
N ILE Y 208 -29.28 -82.81 74.05
CA ILE Y 208 -30.67 -83.20 74.29
C ILE Y 208 -30.66 -84.34 75.30
N ALA Y 209 -31.08 -84.06 76.53
CA ALA Y 209 -31.12 -85.09 77.55
C ALA Y 209 -32.28 -86.04 77.31
N ALA Y 210 -32.31 -87.11 78.11
CA ALA Y 210 -33.36 -88.12 78.00
C ALA Y 210 -34.49 -87.77 78.95
N GLY Y 211 -35.57 -87.18 78.41
CA GLY Y 211 -36.73 -86.87 79.22
C GLY Y 211 -37.27 -85.47 79.04
N ASP Y 212 -36.44 -84.55 78.56
CA ASP Y 212 -36.85 -83.16 78.42
C ASP Y 212 -38.02 -82.99 77.45
N SER Y 213 -38.89 -82.03 77.74
CA SER Y 213 -40.04 -81.80 76.88
C SER Y 213 -39.62 -81.08 75.60
N ALA Y 214 -40.55 -81.02 74.64
CA ALA Y 214 -40.31 -80.33 73.39
C ALA Y 214 -40.07 -78.85 73.62
N LYS Y 215 -40.70 -78.28 74.65
CA LYS Y 215 -40.49 -76.89 75.01
C LYS Y 215 -39.02 -76.64 75.36
N ALA Y 216 -38.45 -77.53 76.17
CA ALA Y 216 -37.04 -77.43 76.55
C ALA Y 216 -36.14 -77.57 75.33
N ILE Y 217 -36.52 -78.46 74.40
CA ILE Y 217 -35.77 -78.67 73.17
C ILE Y 217 -35.74 -77.37 72.37
N ALA Y 218 -36.90 -76.73 72.24
CA ALA Y 218 -37.01 -75.46 71.53
C ALA Y 218 -36.14 -74.40 72.20
N GLU Y 219 -36.24 -74.30 73.53
CA GLU Y 219 -35.46 -73.34 74.29
C GLU Y 219 -33.97 -73.52 74.06
N LYS Y 220 -33.49 -74.77 74.14
CA LYS Y 220 -32.08 -75.06 73.98
C LYS Y 220 -31.59 -74.78 72.57
N MET Y 221 -32.30 -75.30 71.56
CA MET Y 221 -31.83 -75.18 70.19
C MET Y 221 -31.87 -73.72 69.71
N ASP Y 222 -32.77 -72.91 70.26
CA ASP Y 222 -32.84 -71.50 69.93
C ASP Y 222 -31.58 -70.77 70.40
N GLY Y 223 -31.43 -69.54 69.94
CA GLY Y 223 -30.33 -68.70 70.41
C GLY Y 223 -29.08 -68.72 69.56
N ALA Y 224 -28.11 -69.55 69.95
CA ALA Y 224 -26.76 -69.55 69.40
C ALA Y 224 -26.69 -69.34 67.89
N ILE Y 225 -27.44 -70.12 67.13
CA ILE Y 225 -27.43 -70.01 65.67
C ILE Y 225 -28.06 -68.67 65.27
N PRO Y 226 -27.36 -67.83 64.51
CA PRO Y 226 -27.94 -66.53 64.11
C PRO Y 226 -29.23 -66.69 63.32
N ASN Y 227 -30.14 -65.72 63.48
CA ASN Y 227 -31.44 -65.64 62.81
C ASN Y 227 -32.14 -66.99 62.70
N LEU Y 228 -32.16 -67.75 63.79
CA LEU Y 228 -32.90 -69.01 63.84
C LEU Y 228 -33.86 -68.97 65.01
N SER Y 229 -35.13 -69.30 64.76
CA SER Y 229 -36.16 -69.34 65.79
C SER Y 229 -36.79 -70.72 65.81
N ALA Y 230 -37.47 -71.02 66.91
CA ALA Y 230 -38.09 -72.34 67.07
C ALA Y 230 -39.35 -72.17 67.90
N ARG Y 231 -40.51 -72.28 67.26
CA ARG Y 231 -41.78 -72.26 67.97
C ARG Y 231 -42.20 -73.69 68.33
N ALA Y 232 -42.62 -73.86 69.59
CA ALA Y 232 -43.05 -75.15 70.10
C ALA Y 232 -44.57 -75.17 70.22
N ARG Y 233 -45.16 -76.32 69.92
CA ARG Y 233 -46.62 -76.47 69.95
C ARG Y 233 -46.95 -77.94 70.13
N THR Y 234 -47.84 -78.24 71.08
CA THR Y 234 -48.30 -79.60 71.34
C THR Y 234 -49.81 -79.63 71.19
N VAL Y 235 -50.29 -80.17 70.07
CA VAL Y 235 -51.72 -80.28 69.78
C VAL Y 235 -52.06 -81.75 69.63
N PHE Y 236 -53.01 -82.23 70.42
CA PHE Y 236 -53.43 -83.62 70.39
C PHE Y 236 -54.91 -83.73 70.68
N THR Y 237 -55.59 -84.62 69.97
CA THR Y 237 -56.99 -84.90 70.18
C THR Y 237 -57.18 -86.09 71.11
N ALA Y 238 -58.44 -86.46 71.34
CA ALA Y 238 -58.76 -87.57 72.21
C ALA Y 238 -60.12 -88.13 71.83
N ASP Y 239 -60.28 -89.44 72.06
CA ASP Y 239 -61.54 -90.12 71.77
CA ASP Y 239 -61.54 -90.12 71.77
C ASP Y 239 -61.70 -91.35 72.67
N VAL Y 240 -62.52 -91.22 73.71
CA VAL Y 240 -62.76 -92.31 74.64
C VAL Y 240 -63.63 -93.37 73.97
N SER Y 241 -63.20 -94.63 74.03
CA SER Y 241 -63.96 -95.73 73.44
C SER Y 241 -64.98 -96.25 74.44
N GLY Y 242 -65.58 -97.40 74.15
CA GLY Y 242 -66.57 -98.00 75.03
C GLY Y 242 -66.02 -98.31 76.41
N VAL Y 243 -66.90 -98.30 77.41
CA VAL Y 243 -66.49 -98.55 78.80
C VAL Y 243 -67.25 -99.74 79.35
N THR Y 244 -66.61 -100.91 79.35
CA THR Y 244 -67.27 -102.12 79.83
C THR Y 244 -67.19 -102.22 81.34
N GLY Y 245 -68.33 -102.01 82.00
CA GLY Y 245 -68.43 -102.15 83.44
C GLY Y 245 -67.48 -101.29 84.24
N GLY Y 246 -67.66 -99.98 84.18
CA GLY Y 246 -66.88 -99.04 84.95
C GLY Y 246 -66.41 -97.87 84.11
N SER Y 247 -65.55 -97.07 84.71
CA SER Y 247 -64.98 -95.89 84.06
C SER Y 247 -63.46 -95.96 84.12
N LEU Y 248 -62.81 -95.04 83.40
CA LEU Y 248 -61.35 -94.99 83.35
C LEU Y 248 -60.85 -94.00 84.40
N ASN Y 249 -60.48 -94.55 85.56
CA ASN Y 249 -59.95 -93.75 86.66
C ASN Y 249 -58.44 -93.71 86.53
N PHE Y 250 -57.95 -92.81 85.68
CA PHE Y 250 -56.51 -92.69 85.45
C PHE Y 250 -56.03 -91.28 85.74
N ASP Y 251 -54.76 -91.01 85.47
CA ASP Y 251 -54.16 -89.71 85.76
C ASP Y 251 -53.55 -89.13 84.48
N VAL Y 252 -53.25 -87.84 84.53
CA VAL Y 252 -52.62 -87.12 83.42
C VAL Y 252 -51.53 -86.24 84.00
N THR Y 253 -50.28 -86.50 83.62
CA THR Y 253 -49.13 -85.77 84.13
C THR Y 253 -48.72 -84.72 83.10
N VAL Y 254 -49.13 -83.47 83.32
CA VAL Y 254 -48.74 -82.38 82.43
C VAL Y 254 -47.41 -81.83 82.89
N GLY Y 255 -46.32 -82.48 82.51
CA GLY Y 255 -45.00 -82.04 82.94
C GLY Y 255 -44.82 -82.22 84.44
N SER Y 256 -44.64 -81.10 85.14
CA SER Y 256 -44.43 -81.12 86.58
C SER Y 256 -45.64 -81.66 87.33
N ASN Y 257 -46.77 -80.97 87.23
CA ASN Y 257 -47.95 -81.36 87.98
C ASN Y 257 -48.65 -82.55 87.30
N THR Y 258 -49.56 -83.17 88.06
CA THR Y 258 -50.27 -84.36 87.58
C THR Y 258 -51.75 -84.20 87.89
N VAL Y 259 -52.59 -84.44 86.88
CA VAL Y 259 -54.03 -84.37 87.03
C VAL Y 259 -54.53 -85.66 87.68
N SER Y 260 -55.54 -85.56 88.53
CA SER Y 260 -56.07 -86.73 89.24
C SER Y 260 -57.52 -86.97 88.88
N LEU Y 261 -57.84 -86.91 87.59
CA LEU Y 261 -59.20 -87.09 87.11
C LEU Y 261 -59.73 -88.49 87.39
N ALA Y 262 -61.04 -88.67 87.27
CA ALA Y 262 -61.67 -89.97 87.49
C ALA Y 262 -63.05 -89.93 86.84
N GLY Y 263 -63.70 -91.09 86.76
CA GLY Y 263 -65.01 -91.19 86.15
C GLY Y 263 -65.04 -90.80 84.69
N VAL Y 264 -64.27 -91.49 83.88
CA VAL Y 264 -64.19 -91.23 82.44
C VAL Y 264 -64.94 -92.33 81.71
N THR Y 265 -66.02 -91.97 81.02
CA THR Y 265 -66.80 -92.93 80.26
C THR Y 265 -66.85 -92.55 78.79
N SER Y 266 -66.92 -91.25 78.51
CA SER Y 266 -66.97 -90.73 77.15
C SER Y 266 -65.99 -89.57 77.00
N THR Y 267 -65.86 -89.10 75.77
CA THR Y 267 -64.98 -87.97 75.48
C THR Y 267 -65.43 -86.72 76.22
N GLN Y 268 -66.75 -86.54 76.33
CA GLN Y 268 -67.31 -85.36 76.99
C GLN Y 268 -66.90 -85.29 78.46
N ASP Y 269 -66.87 -86.45 79.12
CA ASP Y 269 -66.50 -86.50 80.53
C ASP Y 269 -65.08 -86.00 80.76
N LEU Y 270 -64.12 -86.57 80.02
CA LEU Y 270 -62.74 -86.16 80.16
C LEU Y 270 -62.55 -84.71 79.72
N ALA Y 271 -63.31 -84.28 78.70
CA ALA Y 271 -63.27 -82.90 78.26
C ALA Y 271 -63.67 -81.94 79.37
N ASP Y 272 -64.79 -82.23 80.02
CA ASP Y 272 -65.27 -81.43 81.14
C ASP Y 272 -64.26 -81.45 82.28
N GLN Y 273 -63.66 -82.62 82.53
CA GLN Y 273 -62.67 -82.72 83.60
C GLN Y 273 -61.45 -81.86 83.30
N LEU Y 274 -61.06 -81.77 82.03
CA LEU Y 274 -59.94 -80.92 81.65
C LEU Y 274 -60.29 -79.45 81.78
N ASN Y 275 -61.44 -79.04 81.25
CA ASN Y 275 -61.80 -77.62 81.31
C ASN Y 275 -62.09 -77.17 82.74
N SER Y 276 -62.44 -78.09 83.62
CA SER Y 276 -62.66 -77.75 85.02
C SER Y 276 -61.32 -77.49 85.71
N ASN Y 277 -60.39 -78.44 85.59
CA ASN Y 277 -59.08 -78.30 86.21
C ASN Y 277 -58.15 -77.47 85.34
N SER Y 278 -58.71 -76.79 84.33
CA SER Y 278 -57.96 -75.98 83.37
C SER Y 278 -57.02 -74.99 84.05
N SER Y 279 -57.38 -74.52 85.24
CA SER Y 279 -56.52 -73.63 86.00
C SER Y 279 -55.15 -74.25 86.25
N LYS Y 280 -55.13 -75.45 86.83
CA LYS Y 280 -53.89 -76.13 87.15
C LYS Y 280 -53.19 -76.64 85.90
N LEU Y 281 -53.91 -77.41 85.07
CA LEU Y 281 -53.33 -78.00 83.86
C LEU Y 281 -53.15 -76.91 82.81
N GLY Y 282 -51.89 -76.67 82.46
CA GLY Y 282 -51.55 -75.64 81.50
C GLY Y 282 -51.67 -76.06 80.06
N ILE Y 283 -52.80 -76.67 79.69
CA ILE Y 283 -53.05 -77.08 78.32
C ILE Y 283 -54.49 -76.75 77.94
N THR Y 284 -54.66 -75.96 76.88
CA THR Y 284 -55.99 -75.58 76.44
C THR Y 284 -56.72 -76.77 75.82
N ALA Y 285 -57.92 -77.04 76.32
CA ALA Y 285 -58.76 -78.12 75.84
C ALA Y 285 -60.09 -77.57 75.36
N SER Y 286 -60.61 -78.18 74.29
CA SER Y 286 -61.88 -77.76 73.71
C SER Y 286 -62.43 -78.82 72.77
N ILE Y 287 -63.70 -79.15 72.91
CA ILE Y 287 -64.36 -80.14 72.07
C ILE Y 287 -65.26 -79.38 71.09
N ASN Y 288 -65.09 -79.67 69.79
CA ASN Y 288 -65.88 -79.01 68.76
C ASN Y 288 -67.29 -79.57 68.72
N ASP Y 289 -68.17 -78.84 68.04
CA ASP Y 289 -69.57 -79.26 67.90
C ASP Y 289 -69.68 -80.57 67.14
N LYS Y 290 -68.70 -80.87 66.29
CA LYS Y 290 -68.71 -82.13 65.55
C LYS Y 290 -68.63 -83.32 66.50
N GLY Y 291 -67.69 -83.27 67.45
CA GLY Y 291 -67.59 -84.31 68.45
C GLY Y 291 -66.18 -84.69 68.84
N VAL Y 292 -65.20 -84.35 68.01
CA VAL Y 292 -63.81 -84.70 68.28
C VAL Y 292 -63.18 -83.70 69.24
N LEU Y 293 -62.89 -84.15 70.47
CA LEU Y 293 -62.23 -83.31 71.45
C LEU Y 293 -60.80 -83.02 71.01
N THR Y 294 -60.36 -81.79 71.24
CA THR Y 294 -59.02 -81.37 70.88
C THR Y 294 -58.39 -80.63 72.06
N ILE Y 295 -57.12 -80.94 72.32
CA ILE Y 295 -56.37 -80.30 73.38
C ILE Y 295 -55.10 -79.71 72.77
N THR Y 296 -54.81 -78.47 73.16
CA THR Y 296 -53.67 -77.75 72.60
C THR Y 296 -52.80 -77.20 73.72
N SER Y 297 -51.49 -77.35 73.56
CA SER Y 297 -50.50 -76.79 74.47
C SER Y 297 -49.71 -75.73 73.72
N ALA Y 298 -50.05 -74.47 73.95
CA ALA Y 298 -49.40 -73.36 73.25
C ALA Y 298 -47.90 -73.33 73.52
N THR Y 299 -47.50 -73.61 74.76
CA THR Y 299 -46.08 -73.59 75.12
C THR Y 299 -45.32 -74.71 74.42
N GLY Y 300 -45.91 -75.90 74.37
CA GLY Y 300 -45.25 -77.04 73.76
C GLY Y 300 -44.85 -78.08 74.78
N GLU Y 301 -45.62 -78.19 75.86
CA GLU Y 301 -45.27 -79.09 76.95
C GLU Y 301 -45.63 -80.52 76.59
N ASN Y 302 -44.76 -81.46 76.99
CA ASN Y 302 -44.96 -82.88 76.71
C ASN Y 302 -45.96 -83.45 77.73
N VAL Y 303 -47.19 -83.65 77.26
CA VAL Y 303 -48.22 -84.20 78.13
C VAL Y 303 -47.97 -85.68 78.38
N LYS Y 304 -48.31 -86.12 79.59
CA LYS Y 304 -48.17 -87.51 79.98
C LYS Y 304 -49.49 -87.98 80.59
N PHE Y 305 -49.86 -89.21 80.26
CA PHE Y 305 -51.05 -89.84 80.80
C PHE Y 305 -50.62 -90.89 81.81
N GLY Y 306 -51.14 -90.78 83.04
CA GLY Y 306 -50.77 -91.69 84.10
C GLY Y 306 -51.26 -93.11 83.85
N ALA Y 307 -50.91 -93.98 84.79
CA ALA Y 307 -51.29 -95.39 84.69
C ALA Y 307 -52.81 -95.54 84.76
N GLN Y 308 -53.30 -96.63 84.17
CA GLN Y 308 -54.73 -96.88 84.12
C GLN Y 308 -55.15 -97.72 85.33
N THR Y 309 -55.33 -97.02 86.45
CA THR Y 309 -55.89 -97.62 87.66
C THR Y 309 -57.40 -97.43 87.76
N GLY Y 310 -58.13 -97.81 86.72
CA GLY Y 310 -59.56 -97.56 86.68
C GLY Y 310 -60.37 -98.71 87.27
N THR Y 311 -61.68 -98.60 87.08
CA THR Y 311 -62.62 -99.60 87.55
C THR Y 311 -63.31 -100.34 86.42
N ALA Y 312 -63.02 -100.00 85.16
CA ALA Y 312 -63.61 -100.67 84.02
C ALA Y 312 -62.89 -101.98 83.72
N THR Y 313 -63.22 -102.61 82.60
CA THR Y 313 -62.60 -103.87 82.22
C THR Y 313 -62.01 -103.79 80.81
N ALA Y 314 -62.61 -102.95 79.96
CA ALA Y 314 -62.14 -102.79 78.60
C ALA Y 314 -62.38 -101.35 78.15
N GLY Y 315 -61.69 -100.96 77.09
CA GLY Y 315 -61.75 -99.62 76.55
C GLY Y 315 -60.38 -99.01 76.44
N GLN Y 316 -60.32 -97.90 75.71
CA GLN Y 316 -59.07 -97.18 75.50
C GLN Y 316 -59.39 -95.77 75.04
N VAL Y 317 -58.40 -94.88 75.17
CA VAL Y 317 -58.52 -93.50 74.73
C VAL Y 317 -57.42 -93.20 73.72
N ALA Y 318 -57.74 -93.28 72.43
CA ALA Y 318 -56.75 -93.03 71.40
C ALA Y 318 -56.41 -91.55 71.33
N VAL Y 319 -55.18 -91.26 70.88
CA VAL Y 319 -54.70 -89.90 70.73
C VAL Y 319 -53.88 -89.81 69.46
N LYS Y 320 -53.96 -88.65 68.80
CA LYS Y 320 -53.15 -88.34 67.64
C LYS Y 320 -52.41 -87.04 67.91
N VAL Y 321 -51.33 -86.83 67.17
CA VAL Y 321 -50.44 -85.69 67.38
C VAL Y 321 -50.37 -84.88 66.09
N GLN Y 322 -50.47 -83.57 66.22
CA GLN Y 322 -50.40 -82.69 65.06
C GLN Y 322 -48.99 -82.66 64.49
N GLY Y 323 -48.89 -82.83 63.18
CA GLY Y 323 -47.59 -82.79 62.53
C GLY Y 323 -47.02 -81.38 62.47
N SER Y 324 -45.73 -81.31 62.17
CA SER Y 324 -45.04 -80.02 62.07
C SER Y 324 -45.65 -79.16 60.96
N ASP Y 325 -45.62 -79.66 59.73
CA ASP Y 325 -46.21 -78.93 58.60
C ASP Y 325 -47.73 -78.89 58.72
N GLY Y 326 -48.34 -79.99 59.14
CA GLY Y 326 -49.78 -80.08 59.23
C GLY Y 326 -50.24 -81.52 59.19
N LYS Y 327 -51.21 -81.82 58.31
CA LYS Y 327 -51.71 -83.17 58.05
C LYS Y 327 -51.86 -83.99 59.34
N PHE Y 328 -52.78 -83.55 60.21
CA PHE Y 328 -53.01 -84.20 61.50
C PHE Y 328 -53.09 -85.71 61.36
N GLU Y 329 -52.44 -86.41 62.29
CA GLU Y 329 -52.27 -87.86 62.21
C GLU Y 329 -53.61 -88.58 62.09
N ALA Y 330 -53.68 -89.51 61.15
CA ALA Y 330 -54.85 -90.34 60.97
C ALA Y 330 -54.79 -91.58 61.87
N ALA Y 331 -53.65 -92.26 61.86
CA ALA Y 331 -53.49 -93.46 62.68
C ALA Y 331 -53.56 -93.10 64.16
N ALA Y 332 -54.33 -93.88 64.91
CA ALA Y 332 -54.59 -93.60 66.31
C ALA Y 332 -53.72 -94.51 67.19
N LYS Y 333 -53.39 -94.02 68.39
CA LYS Y 333 -52.62 -94.80 69.36
C LYS Y 333 -53.13 -94.46 70.75
N ASN Y 334 -53.60 -95.48 71.47
CA ASN Y 334 -54.16 -95.25 72.81
C ASN Y 334 -53.05 -95.08 73.84
N VAL Y 335 -53.28 -94.18 74.79
CA VAL Y 335 -52.35 -93.99 75.91
C VAL Y 335 -52.78 -94.73 77.17
N VAL Y 336 -54.07 -94.91 77.38
CA VAL Y 336 -54.58 -95.63 78.55
C VAL Y 336 -55.60 -96.65 78.06
N ALA Y 337 -55.67 -97.78 78.75
CA ALA Y 337 -56.57 -98.86 78.37
C ALA Y 337 -56.99 -99.62 79.62
N ALA Y 338 -58.29 -99.72 79.85
CA ALA Y 338 -58.80 -100.46 80.99
C ALA Y 338 -58.43 -101.93 80.86
N GLY Y 339 -57.78 -102.48 81.89
CA GLY Y 339 -57.29 -103.84 81.84
C GLY Y 339 -55.80 -103.89 81.58
N THR Y 340 -55.40 -104.52 80.48
CA THR Y 340 -54.00 -104.58 80.10
C THR Y 340 -53.43 -103.19 79.85
N ALA Y 341 -52.20 -102.95 80.29
CA ALA Y 341 -51.58 -101.65 80.10
C ALA Y 341 -51.23 -101.43 78.63
N ALA Y 342 -51.60 -100.26 78.12
CA ALA Y 342 -51.33 -99.93 76.72
C ALA Y 342 -49.91 -99.41 76.56
N THR Y 343 -49.52 -99.10 75.33
CA THR Y 343 -48.21 -98.56 75.01
C THR Y 343 -48.36 -97.11 74.56
N THR Y 344 -47.22 -96.49 74.23
CA THR Y 344 -47.16 -95.09 73.83
C THR Y 344 -47.89 -94.19 74.83
N THR Y 345 -47.46 -94.30 76.09
CA THR Y 345 -48.17 -93.66 77.18
C THR Y 345 -48.04 -92.14 77.20
N ILE Y 346 -47.00 -91.58 76.59
CA ILE Y 346 -46.79 -90.13 76.62
C ILE Y 346 -46.94 -89.58 75.20
N VAL Y 347 -47.08 -88.26 75.12
CA VAL Y 347 -47.23 -87.56 73.86
C VAL Y 347 -46.28 -86.38 73.84
N THR Y 348 -45.47 -86.30 72.78
CA THR Y 348 -44.50 -85.22 72.61
C THR Y 348 -44.95 -84.33 71.46
N GLY Y 349 -44.92 -83.02 71.69
CA GLY Y 349 -45.33 -82.06 70.69
C GLY Y 349 -44.29 -81.90 69.59
N TYR Y 350 -44.57 -80.94 68.70
CA TYR Y 350 -43.72 -80.65 67.56
C TYR Y 350 -43.14 -79.25 67.66
N VAL Y 351 -41.97 -79.07 67.06
CA VAL Y 351 -41.34 -77.77 66.93
C VAL Y 351 -41.11 -77.48 65.46
N GLN Y 352 -40.67 -76.26 65.16
CA GLN Y 352 -40.43 -75.85 63.78
C GLN Y 352 -39.27 -74.87 63.75
N LEU Y 353 -38.20 -75.25 63.05
CA LEU Y 353 -37.03 -74.38 62.88
C LEU Y 353 -37.08 -73.74 61.50
N ASN Y 354 -37.66 -72.54 61.45
CA ASN Y 354 -37.67 -71.78 60.22
C ASN Y 354 -36.27 -71.28 59.89
N SER Y 355 -35.93 -71.32 58.60
CA SER Y 355 -34.60 -70.93 58.15
C SER Y 355 -34.71 -69.89 57.05
N PRO Y 356 -34.15 -68.70 57.27
CA PRO Y 356 -34.18 -67.67 56.22
C PRO Y 356 -33.33 -68.01 55.01
N THR Y 357 -32.07 -68.40 55.19
CA THR Y 357 -31.19 -68.68 54.06
C THR Y 357 -30.80 -70.14 54.01
N ALA Y 358 -30.21 -70.65 55.09
CA ALA Y 358 -29.72 -72.03 55.13
C ALA Y 358 -29.49 -72.46 56.57
N TYR Y 359 -30.02 -73.63 56.93
CA TYR Y 359 -29.85 -74.18 58.26
C TYR Y 359 -29.97 -75.70 58.25
N SER Y 360 -28.85 -76.40 58.31
CA SER Y 360 -28.84 -77.86 58.30
C SER Y 360 -28.75 -78.39 59.73
N VAL Y 361 -29.29 -79.60 59.92
CA VAL Y 361 -29.28 -80.27 61.21
C VAL Y 361 -28.94 -81.74 60.99
N SER Y 362 -28.21 -82.32 61.94
CA SER Y 362 -27.82 -83.72 61.86
C SER Y 362 -27.72 -84.29 63.27
N GLY Y 363 -27.73 -85.62 63.35
CA GLY Y 363 -27.67 -86.32 64.62
C GLY Y 363 -27.33 -87.79 64.45
N THR Y 364 -26.51 -88.33 65.35
CA THR Y 364 -26.08 -89.71 65.26
C THR Y 364 -27.23 -90.67 65.48
N GLY Y 365 -27.70 -91.31 64.40
CA GLY Y 365 -28.76 -92.29 64.49
C GLY Y 365 -30.06 -91.76 65.06
N THR Y 366 -30.38 -92.16 66.29
CA THR Y 366 -31.62 -91.77 66.95
C THR Y 366 -31.74 -90.26 67.09
N GLN Y 367 -30.61 -89.59 67.38
CA GLN Y 367 -30.59 -88.15 67.62
C GLN Y 367 -31.28 -87.36 66.53
N ALA Y 368 -30.87 -87.55 65.28
CA ALA Y 368 -31.49 -86.84 64.16
C ALA Y 368 -32.96 -87.23 64.02
N SER Y 369 -33.25 -88.53 64.14
CA SER Y 369 -34.62 -89.00 63.98
C SER Y 369 -35.51 -88.48 65.09
N GLN Y 370 -35.05 -88.58 66.35
CA GLN Y 370 -35.88 -88.21 67.49
C GLN Y 370 -36.13 -86.71 67.59
N VAL Y 371 -35.69 -85.92 66.61
CA VAL Y 371 -35.93 -84.48 66.59
C VAL Y 371 -36.72 -84.06 65.35
N PHE Y 372 -36.15 -84.31 64.16
CA PHE Y 372 -36.80 -83.91 62.92
C PHE Y 372 -36.78 -85.04 61.91
N GLY Y 373 -36.82 -86.28 62.40
CA GLY Y 373 -36.79 -87.44 61.54
C GLY Y 373 -35.56 -87.51 60.65
N ASN Y 374 -35.72 -88.08 59.46
CA ASN Y 374 -34.62 -88.20 58.49
C ASN Y 374 -34.74 -87.07 57.47
N ALA Y 375 -34.62 -85.83 57.96
CA ALA Y 375 -34.69 -84.67 57.08
C ALA Y 375 -33.31 -84.25 56.62
N SER Y 376 -32.44 -83.88 57.58
CA SER Y 376 -31.05 -83.52 57.34
C SER Y 376 -30.89 -82.34 56.40
N ALA Y 377 -32.00 -81.72 55.99
CA ALA Y 377 -31.99 -80.63 55.03
C ALA Y 377 -33.19 -79.73 55.27
N ALA Y 378 -32.96 -78.42 55.22
CA ALA Y 378 -34.02 -77.43 55.41
C ALA Y 378 -34.76 -77.18 54.11
N GLN Y 379 -34.45 -77.93 53.08
CA GLN Y 379 -34.94 -77.75 51.72
C GLN Y 379 -36.46 -77.96 51.72
N LYS Y 380 -37.12 -77.75 50.57
CA LYS Y 380 -38.58 -77.73 50.44
C LYS Y 380 -39.16 -76.54 51.19
N SER Y 381 -38.73 -75.35 50.78
CA SER Y 381 -39.19 -74.10 51.36
C SER Y 381 -40.72 -73.97 51.30
N SER Y 382 -41.31 -74.25 50.14
CA SER Y 382 -42.75 -74.29 49.94
C SER Y 382 -43.45 -72.98 50.31
N VAL Y 383 -43.15 -71.91 49.56
CA VAL Y 383 -43.87 -70.65 49.73
C VAL Y 383 -45.15 -70.71 48.92
N ALA Y 384 -45.18 -71.57 47.92
CA ALA Y 384 -46.38 -71.77 47.11
C ALA Y 384 -47.41 -72.60 47.85
N SER Y 385 -46.96 -73.67 48.52
CA SER Y 385 -47.83 -74.64 49.17
C SER Y 385 -48.68 -74.04 50.28
N VAL Y 386 -48.38 -72.79 50.67
CA VAL Y 386 -49.05 -72.13 51.78
C VAL Y 386 -50.57 -72.17 51.62
N ASP Y 387 -51.28 -72.41 52.71
CA ASP Y 387 -52.73 -72.36 52.74
C ASP Y 387 -53.21 -71.34 53.76
N ILE Y 388 -54.51 -71.05 53.72
CA ILE Y 388 -55.10 -70.01 54.55
C ILE Y 388 -56.31 -70.53 55.32
N SER Y 389 -56.92 -71.61 54.83
CA SER Y 389 -58.30 -71.96 55.15
C SER Y 389 -58.65 -71.96 56.64
N THR Y 390 -58.08 -72.87 57.43
CA THR Y 390 -58.56 -72.99 58.79
C THR Y 390 -57.51 -72.74 59.89
N ALA Y 391 -56.43 -73.52 59.88
CA ALA Y 391 -55.52 -73.51 61.02
C ALA Y 391 -54.10 -73.09 60.66
N ASP Y 392 -53.52 -73.76 59.67
CA ASP Y 392 -52.11 -73.60 59.34
C ASP Y 392 -51.76 -72.15 59.03
N GLY Y 393 -52.55 -71.53 58.16
CA GLY Y 393 -52.33 -70.18 57.68
C GLY Y 393 -51.87 -69.19 58.72
N ALA Y 394 -52.67 -69.01 59.78
CA ALA Y 394 -52.47 -67.99 60.80
C ALA Y 394 -51.02 -67.86 61.28
N GLN Y 395 -50.28 -68.97 61.30
CA GLN Y 395 -48.89 -68.97 61.74
C GLN Y 395 -47.91 -69.27 60.62
N ASN Y 396 -48.27 -70.18 59.71
CA ASN Y 396 -47.35 -70.57 58.65
C ASN Y 396 -47.11 -69.40 57.70
N ALA Y 397 -48.14 -68.61 57.42
CA ALA Y 397 -47.97 -67.46 56.55
C ALA Y 397 -47.03 -66.43 57.16
N ILE Y 398 -47.08 -66.28 58.49
CA ILE Y 398 -46.14 -65.40 59.17
C ILE Y 398 -44.73 -65.95 59.07
N ALA Y 399 -44.59 -67.26 59.30
CA ALA Y 399 -43.30 -67.93 59.14
C ALA Y 399 -42.79 -67.80 57.71
N VAL Y 400 -43.70 -67.61 56.75
CA VAL Y 400 -43.27 -67.28 55.39
C VAL Y 400 -42.75 -65.86 55.33
N VAL Y 401 -43.60 -64.91 55.71
CA VAL Y 401 -43.38 -63.52 55.35
C VAL Y 401 -42.17 -62.95 56.06
N ASP Y 402 -41.88 -63.39 57.29
CA ASP Y 402 -40.75 -62.81 57.99
C ASP Y 402 -39.45 -63.04 57.22
N ASN Y 403 -39.14 -64.30 56.90
CA ASN Y 403 -37.91 -64.58 56.18
C ASN Y 403 -38.02 -64.18 54.72
N ALA Y 404 -39.22 -64.12 54.15
CA ALA Y 404 -39.37 -63.63 52.79
C ALA Y 404 -38.94 -62.17 52.69
N LEU Y 405 -39.52 -61.32 53.55
CA LEU Y 405 -39.09 -59.93 53.62
C LEU Y 405 -37.62 -59.81 54.00
N ALA Y 406 -37.11 -60.71 54.84
CA ALA Y 406 -35.69 -60.68 55.17
C ALA Y 406 -34.83 -60.86 53.93
N ALA Y 407 -35.13 -61.89 53.12
CA ALA Y 407 -34.35 -62.13 51.91
C ALA Y 407 -34.52 -60.99 50.91
N ILE Y 408 -35.73 -60.44 50.81
CA ILE Y 408 -35.96 -59.36 49.85
C ILE Y 408 -35.19 -58.12 50.24
N ASP Y 409 -35.17 -57.77 51.53
CA ASP Y 409 -34.41 -56.59 51.93
C ASP Y 409 -32.91 -56.85 51.84
N ALA Y 410 -32.49 -58.10 52.03
CA ALA Y 410 -31.08 -58.43 51.80
C ALA Y 410 -30.69 -58.21 50.34
N GLN Y 411 -31.52 -58.66 49.42
CA GLN Y 411 -31.24 -58.45 48.00
C GLN Y 411 -31.28 -56.97 47.64
N ARG Y 412 -32.23 -56.22 48.24
CA ARG Y 412 -32.26 -54.78 48.02
C ARG Y 412 -31.00 -54.13 48.56
N ALA Y 413 -30.46 -54.66 49.66
CA ALA Y 413 -29.21 -54.14 50.20
C ALA Y 413 -28.04 -54.40 49.27
N ASP Y 414 -27.97 -55.61 48.69
CA ASP Y 414 -26.96 -55.85 47.67
C ASP Y 414 -27.11 -54.87 46.51
N LEU Y 415 -28.34 -54.65 46.05
CA LEU Y 415 -28.56 -53.74 44.93
C LEU Y 415 -28.12 -52.32 45.28
N ALA Y 416 -28.43 -51.87 46.49
CA ALA Y 416 -28.05 -50.52 46.92
C ALA Y 416 -26.54 -50.40 47.05
N ALA Y 417 -25.89 -51.45 47.55
CA ALA Y 417 -24.43 -51.43 47.64
C ALA Y 417 -23.81 -51.36 46.26
N VAL Y 418 -24.34 -52.13 45.31
CA VAL Y 418 -23.81 -52.10 43.94
C VAL Y 418 -24.05 -50.73 43.32
N GLN Y 419 -25.18 -50.10 43.63
CA GLN Y 419 -25.44 -48.77 43.09
C GLN Y 419 -24.54 -47.71 43.67
N ASN Y 420 -24.28 -47.75 44.99
CA ASN Y 420 -23.33 -46.83 45.58
C ASN Y 420 -21.94 -47.03 44.99
N ARG Y 421 -21.55 -48.30 44.83
CA ARG Y 421 -20.28 -48.62 44.19
C ARG Y 421 -20.23 -48.07 42.77
N PHE Y 422 -21.33 -48.16 42.03
CA PHE Y 422 -21.35 -47.72 40.65
C PHE Y 422 -21.25 -46.20 40.56
N LYS Y 423 -22.01 -45.48 41.39
CA LYS Y 423 -21.94 -44.02 41.33
C LYS Y 423 -20.55 -43.53 41.76
N ASN Y 424 -19.98 -44.18 42.80
CA ASN Y 424 -18.64 -43.80 43.21
C ASN Y 424 -17.61 -44.09 42.12
N THR Y 425 -17.74 -45.24 41.46
CA THR Y 425 -16.73 -45.60 40.46
C THR Y 425 -16.88 -44.75 39.20
N ILE Y 426 -18.09 -44.34 38.85
CA ILE Y 426 -18.23 -43.44 37.70
C ILE Y 426 -17.71 -42.06 38.06
N ASP Y 427 -17.81 -41.66 39.33
CA ASP Y 427 -17.18 -40.41 39.74
C ASP Y 427 -15.66 -40.52 39.64
N ASN Y 428 -15.09 -41.63 40.13
CA ASN Y 428 -13.65 -41.83 39.99
C ASN Y 428 -13.25 -41.78 38.52
N LEU Y 429 -14.03 -42.44 37.66
CA LEU Y 429 -13.73 -42.50 36.24
C LEU Y 429 -13.78 -41.12 35.59
N THR Y 430 -14.80 -40.32 35.90
CA THR Y 430 -14.88 -39.01 35.27
C THR Y 430 -13.75 -38.11 35.76
N ASN Y 431 -13.39 -38.19 37.04
CA ASN Y 431 -12.27 -37.38 37.53
C ASN Y 431 -10.95 -37.80 36.87
N ILE Y 432 -10.66 -39.09 36.84
CA ILE Y 432 -9.39 -39.53 36.27
C ILE Y 432 -9.38 -39.30 34.76
N SER Y 433 -10.56 -39.29 34.12
CA SER Y 433 -10.63 -39.00 32.70
C SER Y 433 -10.36 -37.52 32.44
N GLU Y 434 -10.89 -36.64 33.29
CA GLU Y 434 -10.57 -35.22 33.17
C GLU Y 434 -9.08 -34.97 33.39
N ASN Y 435 -8.49 -35.68 34.35
CA ASN Y 435 -7.06 -35.52 34.60
C ASN Y 435 -6.23 -36.02 33.42
N ALA Y 436 -6.60 -37.17 32.85
CA ALA Y 436 -5.87 -37.70 31.70
C ALA Y 436 -6.08 -36.82 30.47
N THR Y 437 -7.25 -36.20 30.33
CA THR Y 437 -7.46 -35.27 29.23
C THR Y 437 -6.63 -34.01 29.41
N ASN Y 438 -6.47 -33.56 30.65
CA ASN Y 438 -5.56 -32.44 30.92
C ASN Y 438 -4.13 -32.82 30.58
N ALA Y 439 -3.73 -34.07 30.88
CA ALA Y 439 -2.41 -34.55 30.50
C ALA Y 439 -2.26 -34.56 28.98
N ARG Y 440 -3.29 -35.03 28.28
CA ARG Y 440 -3.26 -35.04 26.82
C ARG Y 440 -3.15 -33.62 26.26
N SER Y 441 -3.82 -32.67 26.91
CA SER Y 441 -3.72 -31.27 26.47
C SER Y 441 -2.31 -30.73 26.70
N ARG Y 442 -1.73 -31.04 27.86
CA ARG Y 442 -0.38 -30.59 28.16
C ARG Y 442 0.66 -31.20 27.23
N ILE Y 443 0.44 -32.44 26.77
CA ILE Y 443 1.44 -33.12 25.95
C ILE Y 443 1.19 -32.95 24.45
N LYS Y 444 -0.03 -32.61 24.03
CA LYS Y 444 -0.40 -32.54 22.63
C LYS Y 444 -0.80 -31.14 22.17
N ASP Y 445 -1.78 -30.52 22.84
CA ASP Y 445 -2.29 -29.22 22.41
C ASP Y 445 -1.19 -28.18 22.47
N THR Y 446 -0.95 -27.50 21.34
CA THR Y 446 0.12 -26.53 21.26
C THR Y 446 -0.19 -25.30 22.09
N ASP Y 447 0.83 -24.76 22.75
CA ASP Y 447 0.73 -23.45 23.40
C ASP Y 447 1.07 -22.37 22.37
N PHE Y 448 0.14 -22.15 21.45
CA PHE Y 448 0.39 -21.30 20.29
C PHE Y 448 0.59 -19.84 20.64
N ALA Y 449 0.52 -19.46 21.91
CA ALA Y 449 0.87 -18.10 22.32
C ALA Y 449 2.29 -17.74 21.92
N ALA Y 450 3.19 -18.72 21.88
CA ALA Y 450 4.54 -18.52 21.36
C ALA Y 450 4.73 -19.10 19.98
N GLU Y 451 3.92 -20.08 19.59
CA GLU Y 451 4.02 -20.65 18.24
C GLU Y 451 3.62 -19.64 17.18
N THR Y 452 2.66 -18.76 17.47
CA THR Y 452 2.31 -17.71 16.50
C THR Y 452 3.48 -16.75 16.31
N ALA Y 453 4.17 -16.38 17.40
CA ALA Y 453 5.33 -15.53 17.27
C ALA Y 453 6.45 -16.23 16.51
N ALA Y 454 6.62 -17.54 16.73
CA ALA Y 454 7.60 -18.30 15.98
C ALA Y 454 7.26 -18.32 14.49
N LEU Y 455 5.98 -18.45 14.18
CA LEU Y 455 5.53 -18.43 12.78
C LEU Y 455 5.79 -17.08 12.15
N SER Y 456 5.52 -16.00 12.88
CA SER Y 456 5.80 -14.66 12.36
C SER Y 456 7.31 -14.47 12.14
N LYS Y 457 8.12 -14.99 13.05
CA LYS Y 457 9.57 -14.93 12.87
C LYS Y 457 10.00 -15.69 11.63
N ASN Y 458 9.44 -16.89 11.41
CA ASN Y 458 9.78 -17.67 10.23
C ASN Y 458 9.35 -16.93 8.96
N GLN Y 459 8.18 -16.29 8.99
CA GLN Y 459 7.70 -15.58 7.81
C GLN Y 459 8.58 -14.37 7.49
N VAL Y 460 8.96 -13.61 8.52
CA VAL Y 460 9.82 -12.45 8.27
C VAL Y 460 11.21 -12.90 7.85
N LEU Y 461 11.66 -14.06 8.35
CA LEU Y 461 12.93 -14.61 7.90
C LEU Y 461 12.87 -15.01 6.43
N GLN Y 462 11.75 -15.61 6.01
CA GLN Y 462 11.57 -15.96 4.60
C GLN Y 462 11.56 -14.72 3.72
N GLN Y 463 10.86 -13.67 4.16
CA GLN Y 463 10.82 -12.43 3.39
C GLN Y 463 12.21 -11.80 3.30
N ALA Y 464 12.93 -11.74 4.42
CA ALA Y 464 14.29 -11.21 4.38
C ALA Y 464 15.18 -12.05 3.48
N GLY Y 465 14.99 -13.36 3.49
CA GLY Y 465 15.82 -14.23 2.66
C GLY Y 465 15.57 -14.03 1.18
N THR Y 466 14.29 -13.91 0.78
CA THR Y 466 14.01 -13.71 -0.64
C THR Y 466 14.45 -12.32 -1.09
N ALA Y 467 14.35 -11.32 -0.21
CA ALA Y 467 14.87 -10.00 -0.54
C ALA Y 467 16.38 -10.04 -0.71
N ILE Y 468 17.08 -10.76 0.18
CA ILE Y 468 18.52 -10.91 0.07
C ILE Y 468 18.88 -11.63 -1.22
N LEU Y 469 18.08 -12.64 -1.60
CA LEU Y 469 18.33 -13.35 -2.86
C LEU Y 469 18.19 -12.42 -4.05
N ALA Y 470 17.12 -11.62 -4.08
CA ALA Y 470 16.92 -10.69 -5.18
C ALA Y 470 18.00 -9.63 -5.24
N GLN Y 471 18.55 -9.26 -4.08
CA GLN Y 471 19.64 -8.28 -4.08
C GLN Y 471 20.95 -8.91 -4.51
N ALA Y 472 21.19 -10.17 -4.16
CA ALA Y 472 22.47 -10.82 -4.46
C ALA Y 472 22.53 -11.29 -5.90
N ASN Y 473 21.38 -11.57 -6.52
CA ASN Y 473 21.38 -12.00 -7.92
C ASN Y 473 21.75 -10.85 -8.86
N GLN Y 474 21.90 -9.65 -8.30
CA GLN Y 474 22.15 -8.46 -9.10
C GLN Y 474 23.62 -8.06 -9.14
N LEU Y 475 24.44 -8.57 -8.22
CA LEU Y 475 25.83 -8.15 -8.13
C LEU Y 475 26.65 -8.51 -9.38
N PRO Y 476 26.77 -9.79 -9.77
CA PRO Y 476 27.68 -10.10 -10.89
C PRO Y 476 27.27 -9.45 -12.19
N GLN Y 477 25.98 -9.19 -12.39
CA GLN Y 477 25.54 -8.45 -13.57
C GLN Y 477 26.23 -7.10 -13.63
N ALA Y 478 26.17 -6.34 -12.53
CA ALA Y 478 26.83 -5.05 -12.48
C ALA Y 478 28.34 -5.18 -12.64
N VAL Y 479 28.93 -6.16 -11.95
CA VAL Y 479 30.39 -6.35 -12.05
C VAL Y 479 30.81 -6.52 -13.50
N LEU Y 480 30.18 -7.45 -14.21
CA LEU Y 480 30.58 -7.70 -15.59
C LEU Y 480 30.20 -6.56 -16.52
N SER Y 481 29.03 -5.95 -16.33
CA SER Y 481 28.60 -4.89 -17.25
C SER Y 481 29.45 -3.64 -17.09
N LEU Y 482 30.01 -3.40 -15.90
CA LEU Y 482 30.83 -2.21 -15.71
C LEU Y 482 32.31 -2.47 -15.93
N LEU Y 483 32.78 -3.69 -15.66
CA LEU Y 483 34.19 -4.02 -15.84
C LEU Y 483 34.54 -4.29 -17.31
N ARG Y 484 33.55 -4.62 -18.14
CA ARG Y 484 33.79 -4.88 -19.55
C ARG Y 484 33.63 -3.61 -20.38
N VAL Z 1 72.61 -3.18 -43.40
CA VAL Z 1 71.69 -4.15 -42.82
C VAL Z 1 70.42 -4.22 -43.65
N ASN Z 2 70.45 -5.05 -44.70
CA ASN Z 2 69.31 -5.16 -45.61
C ASN Z 2 68.79 -6.56 -45.84
N THR Z 3 69.62 -7.60 -45.77
CA THR Z 3 69.14 -8.95 -46.04
C THR Z 3 68.26 -9.50 -44.93
N ASN Z 4 68.27 -8.87 -43.75
CA ASN Z 4 67.43 -9.27 -42.64
C ASN Z 4 67.46 -8.17 -41.59
N ILE Z 5 66.47 -8.21 -40.70
CA ILE Z 5 66.31 -7.21 -39.65
C ILE Z 5 66.23 -7.92 -38.32
N ALA Z 6 66.94 -7.42 -37.31
CA ALA Z 6 66.92 -8.01 -35.99
C ALA Z 6 65.61 -7.74 -35.26
N SER Z 7 64.60 -7.17 -35.92
CA SER Z 7 63.34 -6.83 -35.29
C SER Z 7 62.49 -8.05 -34.94
N LEU Z 8 62.94 -9.27 -35.23
CA LEU Z 8 62.16 -10.46 -34.93
C LEU Z 8 61.90 -10.66 -33.44
N ASN Z 9 62.60 -9.92 -32.58
CA ASN Z 9 62.20 -9.87 -31.18
C ASN Z 9 60.77 -9.37 -31.04
N THR Z 10 60.40 -8.39 -31.86
CA THR Z 10 59.02 -7.91 -31.86
C THR Z 10 58.06 -8.99 -32.30
N GLN Z 11 58.46 -9.81 -33.29
CA GLN Z 11 57.60 -10.91 -33.72
C GLN Z 11 57.43 -11.94 -32.61
N ARG Z 12 58.52 -12.29 -31.93
CA ARG Z 12 58.44 -13.25 -30.84
C ARG Z 12 57.54 -12.73 -29.73
N ASN Z 13 57.71 -11.46 -29.34
CA ASN Z 13 56.87 -10.89 -28.30
C ASN Z 13 55.42 -10.79 -28.74
N LEU Z 14 55.18 -10.53 -30.03
CA LEU Z 14 53.80 -10.48 -30.51
C LEU Z 14 53.14 -11.85 -30.46
N ASN Z 15 53.88 -12.90 -30.86
CA ASN Z 15 53.34 -14.25 -30.75
C ASN Z 15 53.04 -14.62 -29.30
N ALA Z 16 53.98 -14.31 -28.39
CA ALA Z 16 53.76 -14.61 -26.98
C ALA Z 16 52.55 -13.85 -26.44
N SER Z 17 52.44 -12.56 -26.76
CA SER Z 17 51.32 -11.77 -26.28
C SER Z 17 50.00 -12.27 -26.87
N SER Z 18 50.02 -12.78 -28.10
CA SER Z 18 48.80 -13.32 -28.67
C SER Z 18 48.39 -14.61 -27.98
N ASN Z 19 49.37 -15.45 -27.62
CA ASN Z 19 49.03 -16.65 -26.85
C ASN Z 19 48.42 -16.29 -25.49
N ASP Z 20 49.08 -15.40 -24.75
CA ASP Z 20 48.49 -14.98 -23.47
C ASP Z 20 47.16 -14.28 -23.67
N LEU Z 21 46.99 -13.61 -24.82
CA LEU Z 21 45.74 -12.92 -25.10
C LEU Z 21 44.60 -13.90 -25.29
N ASN Z 22 44.79 -14.91 -26.14
CA ASN Z 22 43.73 -15.89 -26.33
C ASN Z 22 43.47 -16.66 -25.04
N THR Z 23 44.52 -16.91 -24.25
CA THR Z 23 44.32 -17.55 -22.95
C THR Z 23 43.44 -16.69 -22.04
N SER Z 24 43.72 -15.39 -21.97
CA SER Z 24 42.95 -14.51 -21.11
C SER Z 24 41.51 -14.37 -21.60
N LEU Z 25 41.33 -14.27 -22.92
CA LEU Z 25 39.97 -14.20 -23.45
C LEU Z 25 39.19 -15.47 -23.14
N GLN Z 26 39.83 -16.63 -23.29
CA GLN Z 26 39.20 -17.89 -22.89
C GLN Z 26 38.79 -17.87 -21.42
N ARG Z 27 39.73 -17.49 -20.55
CA ARG Z 27 39.46 -17.48 -19.11
C ARG Z 27 38.31 -16.54 -18.77
N LEU Z 28 38.24 -15.41 -19.49
CA LEU Z 28 37.19 -14.44 -19.19
C LEU Z 28 35.84 -14.87 -19.73
N THR Z 29 35.82 -15.56 -20.87
CA THR Z 29 34.54 -15.95 -21.47
C THR Z 29 33.99 -17.23 -20.86
N THR Z 30 34.84 -18.09 -20.29
CA THR Z 30 34.34 -19.32 -19.68
C THR Z 30 34.16 -19.20 -18.18
N GLY Z 31 34.61 -18.11 -17.56
CA GLY Z 31 34.53 -17.94 -16.13
C GLY Z 31 35.46 -18.80 -15.32
N TYR Z 32 36.38 -19.50 -15.97
CA TYR Z 32 37.31 -20.41 -15.30
C TYR Z 32 38.74 -19.92 -15.54
N ARG Z 33 39.41 -19.47 -14.48
CA ARG Z 33 40.83 -19.17 -14.59
C ARG Z 33 41.61 -20.43 -14.91
N ILE Z 34 41.30 -21.53 -14.21
CA ILE Z 34 41.72 -22.85 -14.64
C ILE Z 34 40.74 -23.35 -15.69
N ASN Z 35 41.06 -23.13 -16.96
CA ASN Z 35 40.17 -23.49 -18.04
C ASN Z 35 39.87 -24.98 -18.02
N SER Z 36 38.74 -25.35 -18.63
CA SER Z 36 38.40 -26.75 -18.81
C SER Z 36 39.44 -27.48 -19.64
N ALA Z 37 40.39 -26.76 -20.23
CA ALA Z 37 41.48 -27.35 -20.97
C ALA Z 37 42.54 -27.89 -20.01
N LYS Z 38 43.71 -28.18 -20.58
CA LYS Z 38 44.78 -28.86 -19.85
C LYS Z 38 45.32 -28.04 -18.68
N ASP Z 39 45.14 -26.72 -18.71
CA ASP Z 39 45.89 -25.84 -17.82
C ASP Z 39 45.67 -26.21 -16.35
N ASP Z 40 46.76 -26.23 -15.59
CA ASP Z 40 46.77 -26.61 -14.18
C ASP Z 40 46.14 -28.01 -14.01
N ALA Z 41 46.83 -28.99 -14.59
CA ALA Z 41 46.35 -30.37 -14.59
C ALA Z 41 46.02 -30.86 -13.18
N ALA Z 42 46.79 -30.45 -12.18
CA ALA Z 42 46.45 -30.78 -10.80
C ALA Z 42 45.17 -30.06 -10.38
N GLY Z 43 45.10 -28.76 -10.63
CA GLY Z 43 43.88 -28.03 -10.36
C GLY Z 43 42.71 -28.55 -11.18
N LEU Z 44 42.98 -28.98 -12.42
CA LEU Z 44 41.94 -29.60 -13.23
C LEU Z 44 41.42 -30.87 -12.59
N GLN Z 45 42.33 -31.71 -12.07
CA GLN Z 45 41.93 -32.92 -11.37
C GLN Z 45 41.06 -32.59 -10.17
N ILE Z 46 41.51 -31.65 -9.35
CA ILE Z 46 40.74 -31.26 -8.16
C ILE Z 46 39.36 -30.77 -8.56
N SER Z 47 39.29 -29.93 -9.60
CA SER Z 47 38.00 -29.38 -10.02
C SER Z 47 37.07 -30.48 -10.50
N ASN Z 48 37.59 -31.41 -11.29
CA ASN Z 48 36.77 -32.52 -11.78
C ASN Z 48 36.26 -33.37 -10.63
N ARG Z 49 37.10 -33.62 -9.63
CA ARG Z 49 36.67 -34.46 -8.52
C ARG Z 49 35.62 -33.75 -7.66
N LEU Z 50 35.80 -32.46 -7.39
CA LEU Z 50 34.79 -31.75 -6.62
C LEU Z 50 33.50 -31.59 -7.42
N SER Z 51 33.59 -31.52 -8.75
CA SER Z 51 32.37 -31.47 -9.57
C SER Z 51 31.62 -32.79 -9.49
N ASN Z 52 32.34 -33.91 -9.62
CA ASN Z 52 31.72 -35.22 -9.41
C ASN Z 52 31.08 -35.28 -8.03
N GLN Z 53 31.76 -34.75 -7.02
CA GLN Z 53 31.24 -34.82 -5.66
C GLN Z 53 29.97 -33.99 -5.51
N ILE Z 54 29.95 -32.76 -6.03
CA ILE Z 54 28.78 -31.91 -5.86
C ILE Z 54 27.59 -32.50 -6.62
N SER Z 55 27.84 -33.06 -7.81
CA SER Z 55 26.75 -33.72 -8.53
C SER Z 55 26.22 -34.90 -7.74
N GLY Z 56 27.12 -35.69 -7.15
CA GLY Z 56 26.69 -36.82 -6.35
C GLY Z 56 25.86 -36.41 -5.15
N LEU Z 57 26.31 -35.38 -4.43
CA LEU Z 57 25.56 -34.91 -3.27
C LEU Z 57 24.22 -34.30 -3.67
N ASN Z 58 24.14 -33.67 -4.84
CA ASN Z 58 22.85 -33.12 -5.28
C ASN Z 58 21.86 -34.24 -5.59
N VAL Z 59 22.29 -35.23 -6.38
CA VAL Z 59 21.37 -36.32 -6.70
C VAL Z 59 21.06 -37.14 -5.45
N ALA Z 60 21.98 -37.17 -4.48
CA ALA Z 60 21.71 -37.86 -3.22
C ALA Z 60 20.71 -37.08 -2.38
N THR Z 61 20.78 -35.75 -2.42
CA THR Z 61 19.75 -34.92 -1.81
C THR Z 61 18.38 -35.23 -2.40
N ARG Z 62 18.32 -35.37 -3.72
CA ARG Z 62 17.04 -35.69 -4.36
C ARG Z 62 16.54 -37.06 -3.92
N ASN Z 63 17.42 -38.06 -3.95
CA ASN Z 63 17.05 -39.41 -3.51
C ASN Z 63 16.58 -39.41 -2.07
N ALA Z 64 17.23 -38.62 -1.21
CA ALA Z 64 16.81 -38.53 0.18
C ALA Z 64 15.45 -37.87 0.30
N ASN Z 65 15.15 -36.90 -0.55
CA ASN Z 65 13.82 -36.31 -0.55
C ASN Z 65 12.76 -37.33 -0.90
N ASP Z 66 13.01 -38.13 -1.95
CA ASP Z 66 12.05 -39.20 -2.27
C ASP Z 66 11.95 -40.20 -1.12
N GLY Z 67 13.05 -40.45 -0.41
CA GLY Z 67 12.99 -41.32 0.74
C GLY Z 67 12.12 -40.77 1.85
N ILE Z 68 12.25 -39.47 2.13
CA ILE Z 68 11.39 -38.84 3.13
C ILE Z 68 9.93 -38.92 2.68
N SER Z 69 9.68 -38.82 1.38
CA SER Z 69 8.31 -38.96 0.89
C SER Z 69 7.76 -40.35 1.15
N LEU Z 70 8.54 -41.38 0.83
CA LEU Z 70 8.11 -42.76 1.10
C LEU Z 70 7.85 -42.96 2.59
N ALA Z 71 8.75 -42.46 3.43
CA ALA Z 71 8.57 -42.60 4.88
C ALA Z 71 7.37 -41.82 5.38
N GLN Z 72 7.05 -40.68 4.77
CA GLN Z 72 5.87 -39.93 5.16
C GLN Z 72 4.60 -40.68 4.81
N THR Z 73 4.55 -41.29 3.62
CA THR Z 73 3.42 -42.14 3.29
C THR Z 73 3.28 -43.30 4.27
N ALA Z 74 4.43 -43.89 4.66
CA ALA Z 74 4.40 -44.95 5.66
C ALA Z 74 3.84 -44.44 6.99
N GLU Z 75 4.25 -43.26 7.42
CA GLU Z 75 3.78 -42.71 8.68
C GLU Z 75 2.29 -42.41 8.63
N GLY Z 76 1.81 -41.93 7.48
CA GLY Z 76 0.38 -41.70 7.34
C GLY Z 76 -0.43 -42.98 7.41
N ALA Z 77 0.03 -44.02 6.70
CA ALA Z 77 -0.64 -45.31 6.77
C ALA Z 77 -0.64 -45.86 8.20
N LEU Z 78 0.47 -45.66 8.92
CA LEU Z 78 0.53 -46.13 10.30
C LEU Z 78 -0.40 -45.33 11.21
N GLN Z 79 -0.53 -44.02 10.96
CA GLN Z 79 -1.52 -43.24 11.71
C GLN Z 79 -2.92 -43.77 11.48
N GLN Z 80 -3.24 -44.09 10.24
CA GLN Z 80 -4.55 -44.66 9.94
C GLN Z 80 -4.77 -45.98 10.66
N SER Z 81 -3.75 -46.85 10.67
CA SER Z 81 -3.89 -48.12 11.36
C SER Z 81 -4.04 -47.92 12.87
N THR Z 82 -3.35 -46.92 13.43
CA THR Z 82 -3.50 -46.64 14.86
C THR Z 82 -4.91 -46.17 15.19
N ASN Z 83 -5.47 -45.29 14.34
CA ASN Z 83 -6.84 -44.86 14.55
C ASN Z 83 -7.82 -46.03 14.44
N ILE Z 84 -7.57 -46.94 13.49
CA ILE Z 84 -8.43 -48.09 13.34
C ILE Z 84 -8.35 -48.99 14.58
N LEU Z 85 -7.15 -49.20 15.11
CA LEU Z 85 -7.02 -50.03 16.30
C LEU Z 85 -7.62 -49.35 17.53
N GLN Z 86 -7.55 -48.02 17.58
CA GLN Z 86 -8.24 -47.29 18.64
C GLN Z 86 -9.74 -47.54 18.59
N ARG Z 87 -10.33 -47.37 17.40
CA ARG Z 87 -11.75 -47.69 17.23
C ARG Z 87 -12.04 -49.14 17.59
N ILE Z 88 -11.09 -50.04 17.31
CA ILE Z 88 -11.26 -51.44 17.66
C ILE Z 88 -11.36 -51.59 19.17
N ARG Z 89 -10.48 -50.91 19.92
CA ARG Z 89 -10.58 -50.94 21.37
C ARG Z 89 -11.91 -50.38 21.86
N ASP Z 90 -12.35 -49.26 21.27
CA ASP Z 90 -13.63 -48.69 21.68
C ASP Z 90 -14.76 -49.69 21.49
N LEU Z 91 -14.86 -50.29 20.31
CA LEU Z 91 -15.95 -51.21 20.03
C LEU Z 91 -15.81 -52.49 20.86
N ALA Z 92 -14.58 -52.90 21.17
CA ALA Z 92 -14.38 -54.10 21.98
C ALA Z 92 -14.83 -53.88 23.42
N LEU Z 93 -14.46 -52.74 24.01
CA LEU Z 93 -14.89 -52.44 25.36
C LEU Z 93 -16.39 -52.13 25.40
N GLN Z 94 -16.95 -51.61 24.31
CA GLN Z 94 -18.40 -51.50 24.22
C GLN Z 94 -19.05 -52.88 24.15
N SER Z 95 -18.34 -53.86 23.58
CA SER Z 95 -18.85 -55.22 23.46
C SER Z 95 -18.90 -55.95 24.80
N ALA Z 96 -18.57 -55.28 25.91
CA ALA Z 96 -18.79 -55.90 27.21
C ALA Z 96 -20.25 -56.26 27.40
N ASN Z 97 -21.16 -55.37 27.01
CA ASN Z 97 -22.61 -55.63 26.99
C ASN Z 97 -23.15 -56.13 28.32
N GLY Z 98 -22.43 -55.91 29.42
CA GLY Z 98 -22.77 -56.55 30.66
C GLY Z 98 -22.74 -58.06 30.53
N SER Z 99 -22.13 -58.54 29.44
CA SER Z 99 -21.96 -59.95 29.09
C SER Z 99 -23.28 -60.58 28.64
N ASN Z 100 -24.40 -59.88 28.81
CA ASN Z 100 -25.67 -60.43 28.34
C ASN Z 100 -26.65 -59.40 27.81
N SER Z 101 -26.34 -58.09 27.82
CA SER Z 101 -27.40 -57.10 27.61
C SER Z 101 -27.66 -56.83 26.13
N ASP Z 102 -26.62 -56.85 25.30
CA ASP Z 102 -26.74 -56.51 23.88
C ASP Z 102 -26.78 -57.82 23.09
N ALA Z 103 -27.99 -58.25 22.72
CA ALA Z 103 -28.15 -59.43 21.88
C ALA Z 103 -27.67 -59.19 20.46
N ASP Z 104 -27.25 -57.96 20.14
CA ASP Z 104 -26.71 -57.63 18.83
C ASP Z 104 -25.20 -57.86 18.75
N ARG Z 105 -24.69 -58.80 19.55
CA ARG Z 105 -23.30 -59.19 19.44
C ARG Z 105 -22.95 -59.73 18.06
N ALA Z 106 -23.92 -60.31 17.35
CA ALA Z 106 -23.67 -60.75 15.98
C ALA Z 106 -23.40 -59.56 15.07
N ALA Z 107 -24.21 -58.50 15.18
CA ALA Z 107 -23.98 -57.30 14.40
C ALA Z 107 -22.67 -56.63 14.81
N LEU Z 108 -22.34 -56.70 16.10
CA LEU Z 108 -21.06 -56.15 16.56
C LEU Z 108 -19.89 -56.93 15.97
N GLN Z 109 -20.02 -58.25 15.88
CA GLN Z 109 -18.98 -59.06 15.25
C GLN Z 109 -18.86 -58.76 13.77
N LYS Z 110 -19.99 -58.56 13.09
CA LYS Z 110 -19.95 -58.14 11.70
C LYS Z 110 -19.26 -56.80 11.54
N GLU Z 111 -19.52 -55.87 12.47
CA GLU Z 111 -18.88 -54.56 12.42
C GLU Z 111 -17.38 -54.65 12.62
N VAL Z 112 -16.94 -55.46 13.59
CA VAL Z 112 -15.51 -55.58 13.83
C VAL Z 112 -14.83 -56.34 12.69
N ALA Z 113 -15.55 -57.24 12.03
CA ALA Z 113 -14.99 -57.90 10.85
C ALA Z 113 -14.84 -56.90 9.71
N ALA Z 114 -15.81 -56.01 9.55
CA ALA Z 114 -15.68 -54.94 8.56
C ALA Z 114 -14.49 -54.04 8.88
N GLN Z 115 -14.30 -53.74 10.16
CA GLN Z 115 -13.16 -52.92 10.57
C GLN Z 115 -11.84 -53.62 10.27
N GLN Z 116 -11.78 -54.94 10.52
CA GLN Z 116 -10.56 -55.69 10.21
C GLN Z 116 -10.31 -55.75 8.71
N ALA Z 117 -11.35 -55.92 7.91
CA ALA Z 117 -11.18 -55.88 6.46
C ALA Z 117 -10.70 -54.51 6.01
N GLU Z 118 -11.20 -53.45 6.63
CA GLU Z 118 -10.74 -52.10 6.28
C GLU Z 118 -9.28 -51.91 6.68
N LEU Z 119 -8.87 -52.50 7.81
CA LEU Z 119 -7.46 -52.44 8.19
C LEU Z 119 -6.59 -53.16 7.19
N THR Z 120 -7.01 -54.35 6.75
CA THR Z 120 -6.24 -55.07 5.73
C THR Z 120 -6.24 -54.31 4.41
N ARG Z 121 -7.27 -53.50 4.17
CA ARG Z 121 -7.27 -52.64 2.99
C ARG Z 121 -6.28 -51.49 3.13
N ILE Z 122 -6.20 -50.88 4.32
CA ILE Z 122 -5.20 -49.86 4.57
C ILE Z 122 -3.79 -50.44 4.42
N SER Z 123 -3.65 -51.72 4.75
CA SER Z 123 -2.40 -52.42 4.44
C SER Z 123 -2.08 -52.31 2.95
N ASP Z 124 -3.08 -52.57 2.10
CA ASP Z 124 -2.92 -52.39 0.67
C ASP Z 124 -3.21 -50.93 0.32
N THR Z 125 -3.43 -50.64 -0.96
CA THR Z 125 -3.77 -49.31 -1.48
C THR Z 125 -2.73 -48.25 -1.13
N THR Z 126 -1.53 -48.67 -0.72
CA THR Z 126 -0.43 -47.76 -0.45
C THR Z 126 0.70 -47.96 -1.46
N THR Z 127 0.34 -48.23 -2.71
CA THR Z 127 1.30 -48.53 -3.77
C THR Z 127 2.00 -47.27 -4.25
N PHE Z 128 2.99 -46.83 -3.48
CA PHE Z 128 3.83 -45.72 -3.89
C PHE Z 128 4.82 -46.24 -4.94
N GLY Z 129 4.31 -46.52 -6.14
CA GLY Z 129 5.12 -47.11 -7.19
C GLY Z 129 4.77 -48.55 -7.54
N GLY Z 130 3.56 -49.01 -7.23
CA GLY Z 130 3.19 -50.39 -7.47
C GLY Z 130 3.98 -51.33 -6.59
N ARG Z 131 4.37 -50.85 -5.42
CA ARG Z 131 5.26 -51.56 -4.50
C ARG Z 131 4.70 -51.47 -3.08
N LYS Z 132 3.42 -51.85 -2.93
CA LYS Z 132 2.60 -51.59 -1.75
C LYS Z 132 3.41 -51.59 -0.46
N LEU Z 133 3.26 -50.53 0.33
CA LEU Z 133 4.31 -50.14 1.27
C LEU Z 133 4.32 -51.02 2.52
N LEU Z 134 3.24 -50.97 3.29
CA LEU Z 134 3.27 -51.57 4.63
C LEU Z 134 2.86 -53.03 4.66
N ASP Z 135 2.28 -53.56 3.59
CA ASP Z 135 2.06 -54.98 3.49
C ASP Z 135 2.82 -55.57 2.29
N GLY Z 136 2.75 -56.88 2.16
CA GLY Z 136 3.29 -57.53 0.97
C GLY Z 136 4.82 -57.54 0.99
N SER Z 137 5.41 -57.00 -0.06
CA SER Z 137 6.85 -57.12 -0.33
C SER Z 137 7.52 -55.75 -0.15
N PHE Z 138 7.96 -55.47 1.06
CA PHE Z 138 8.88 -54.37 1.31
C PHE Z 138 10.23 -54.96 1.73
N GLY Z 139 11.19 -54.90 0.81
CA GLY Z 139 12.45 -55.60 0.99
C GLY Z 139 13.36 -55.01 2.05
N THR Z 140 12.85 -54.13 2.91
CA THR Z 140 13.64 -53.50 3.96
C THR Z 140 14.87 -52.82 3.36
N THR Z 141 14.62 -52.07 2.29
CA THR Z 141 15.68 -51.54 1.44
C THR Z 141 16.44 -50.43 2.17
N SER Z 142 17.52 -49.96 1.55
CA SER Z 142 18.42 -49.00 2.18
C SER Z 142 18.73 -47.90 1.17
N PHE Z 143 18.48 -46.66 1.55
CA PHE Z 143 18.63 -45.54 0.62
C PHE Z 143 20.05 -44.98 0.70
N GLN Z 144 20.77 -45.00 -0.42
CA GLN Z 144 22.10 -44.43 -0.48
C GLN Z 144 22.00 -42.90 -0.45
N VAL Z 145 22.73 -42.28 0.48
CA VAL Z 145 22.60 -40.85 0.73
C VAL Z 145 23.86 -40.07 0.39
N GLY Z 146 24.95 -40.73 0.00
CA GLY Z 146 26.18 -40.05 -0.33
C GLY Z 146 26.73 -40.50 -1.67
N SER Z 147 27.81 -39.84 -2.08
CA SER Z 147 28.50 -40.15 -3.32
C SER Z 147 29.50 -41.29 -3.18
N ASN Z 148 29.43 -42.05 -2.10
CA ASN Z 148 30.33 -43.17 -1.88
C ASN Z 148 29.59 -44.49 -2.09
N ALA Z 149 30.34 -45.53 -2.43
CA ALA Z 149 29.74 -46.82 -2.71
C ALA Z 149 29.27 -47.48 -1.42
N TYR Z 150 28.02 -47.94 -1.43
CA TYR Z 150 27.43 -48.74 -0.36
C TYR Z 150 27.29 -47.96 0.95
N GLU Z 151 27.64 -46.67 0.94
CA GLU Z 151 27.35 -45.82 2.08
C GLU Z 151 25.88 -45.43 2.03
N THR Z 152 25.04 -46.16 2.74
CA THR Z 152 23.60 -46.07 2.58
C THR Z 152 22.91 -45.94 3.93
N ILE Z 153 21.62 -45.63 3.88
CA ILE Z 153 20.79 -45.46 5.06
C ILE Z 153 19.63 -46.44 4.97
N ASP Z 154 19.49 -47.29 5.98
CA ASP Z 154 18.50 -48.36 5.95
C ASP Z 154 17.18 -47.92 6.55
N ILE Z 155 16.11 -48.58 6.10
CA ILE Z 155 14.78 -48.45 6.69
C ILE Z 155 14.34 -49.84 7.13
N SER Z 156 13.67 -49.92 8.27
CA SER Z 156 13.27 -51.19 8.87
C SER Z 156 11.75 -51.28 8.95
N LEU Z 157 11.10 -50.95 7.84
CA LEU Z 157 9.64 -50.95 7.78
C LEU Z 157 9.09 -52.34 8.09
N GLN Z 158 7.93 -52.36 8.74
CA GLN Z 158 7.28 -53.61 9.11
C GLN Z 158 6.98 -54.45 7.86
N ASN Z 159 7.04 -55.77 8.04
CA ASN Z 159 6.81 -56.69 6.93
C ASN Z 159 5.39 -56.57 6.38
N ALA Z 160 4.39 -56.64 7.26
CA ALA Z 160 3.01 -56.60 6.83
C ALA Z 160 2.15 -56.06 7.96
N SER Z 161 1.06 -55.39 7.60
CA SER Z 161 0.09 -54.88 8.56
C SER Z 161 -1.27 -55.52 8.32
N ALA Z 162 -1.28 -56.81 8.05
CA ALA Z 162 -2.53 -57.55 7.83
C ALA Z 162 -3.14 -57.96 9.16
N SER Z 163 -4.13 -58.84 9.12
CA SER Z 163 -4.79 -59.29 10.34
C SER Z 163 -3.93 -60.29 11.11
N ALA Z 164 -2.66 -60.42 10.70
CA ALA Z 164 -1.70 -61.26 11.41
C ALA Z 164 -0.87 -60.49 12.43
N ILE Z 165 -1.05 -59.18 12.55
CA ILE Z 165 -0.35 -58.38 13.54
C ILE Z 165 -1.17 -58.38 14.82
N GLY Z 166 -0.49 -58.56 15.95
CA GLY Z 166 -1.17 -58.62 17.23
C GLY Z 166 -0.27 -58.99 18.38
N SER Z 167 -0.72 -59.92 19.22
CA SER Z 167 0.01 -60.35 20.41
C SER Z 167 0.69 -61.68 20.09
N TYR Z 168 1.99 -61.62 19.80
CA TYR Z 168 2.78 -62.83 19.54
C TYR Z 168 3.01 -63.50 20.88
N GLN Z 169 1.97 -64.17 21.38
CA GLN Z 169 1.98 -64.66 22.75
C GLN Z 169 0.90 -65.70 23.02
N VAL Z 170 1.29 -66.88 23.48
CA VAL Z 170 0.34 -67.86 23.99
C VAL Z 170 0.09 -67.56 25.47
N GLY Z 171 1.15 -67.47 26.26
CA GLY Z 171 1.10 -66.98 27.62
C GLY Z 171 1.30 -68.05 28.68
N SER Z 172 0.62 -69.19 28.54
CA SER Z 172 0.80 -70.34 29.41
C SER Z 172 -0.10 -71.49 28.99
N ASN Z 173 0.28 -72.72 29.34
CA ASN Z 173 -0.59 -73.89 29.43
C ASN Z 173 -1.41 -74.17 28.17
N GLY Z 174 -1.09 -73.51 27.06
CA GLY Z 174 -1.91 -73.64 25.87
C GLY Z 174 -1.15 -74.00 24.62
N ALA Z 175 0.18 -74.04 24.71
CA ALA Z 175 1.00 -74.42 23.56
C ALA Z 175 1.53 -75.84 23.71
N GLY Z 176 1.01 -76.76 22.91
CA GLY Z 176 1.43 -78.14 22.96
C GLY Z 176 0.74 -78.95 24.03
N THR Z 177 1.14 -78.76 25.29
CA THR Z 177 0.54 -79.45 26.42
C THR Z 177 0.33 -78.48 27.57
N VAL Z 178 -0.58 -78.82 28.47
CA VAL Z 178 -0.82 -77.97 29.63
C VAL Z 178 0.36 -78.07 30.60
N ALA Z 179 0.44 -77.10 31.50
CA ALA Z 179 1.48 -77.09 32.51
C ALA Z 179 1.14 -78.11 33.60
N SER Z 180 2.04 -78.22 34.58
CA SER Z 180 1.87 -79.17 35.68
C SER Z 180 1.30 -78.53 36.93
N VAL Z 181 1.74 -77.33 37.27
CA VAL Z 181 1.28 -76.62 38.46
C VAL Z 181 0.52 -75.35 38.08
N ALA Z 182 0.92 -74.70 37.00
CA ALA Z 182 0.22 -73.49 36.56
C ALA Z 182 -1.20 -73.83 36.11
N GLY Z 183 -2.17 -73.11 36.68
CA GLY Z 183 -3.56 -73.39 36.42
C GLY Z 183 -3.95 -74.80 36.80
N THR Z 184 -3.37 -75.29 37.90
CA THR Z 184 -3.56 -76.67 38.31
C THR Z 184 -3.27 -76.83 39.80
N ALA Z 185 -4.16 -77.51 40.52
CA ALA Z 185 -3.94 -77.75 41.93
C ALA Z 185 -2.81 -78.75 42.13
N THR Z 186 -1.81 -78.38 42.93
CA THR Z 186 -0.64 -79.21 43.18
C THR Z 186 -0.38 -79.30 44.68
N ALA Z 187 0.42 -80.30 45.05
CA ALA Z 187 0.71 -80.57 46.46
C ALA Z 187 1.92 -79.78 46.96
N SER Z 188 3.02 -79.80 46.19
CA SER Z 188 4.24 -79.14 46.62
C SER Z 188 4.25 -77.65 46.31
N GLY Z 189 3.56 -77.23 45.24
CA GLY Z 189 3.53 -75.84 44.86
C GLY Z 189 4.52 -75.52 43.76
N ILE Z 190 4.72 -74.22 43.56
CA ILE Z 190 5.67 -73.72 42.58
C ILE Z 190 7.07 -74.19 42.97
N ALA Z 191 7.82 -74.73 42.01
CA ALA Z 191 9.15 -75.22 42.25
C ALA Z 191 10.19 -74.13 41.98
N SER Z 192 11.39 -74.36 42.50
CA SER Z 192 12.49 -73.43 42.30
C SER Z 192 13.11 -73.61 40.91
N GLY Z 193 14.03 -72.72 40.57
CA GLY Z 193 14.74 -72.76 39.31
C GLY Z 193 14.63 -71.43 38.60
N THR Z 194 15.05 -71.42 37.33
CA THR Z 194 15.05 -70.22 36.51
C THR Z 194 14.26 -70.46 35.23
N VAL Z 195 13.86 -69.36 34.59
CA VAL Z 195 13.11 -69.43 33.35
C VAL Z 195 13.71 -68.45 32.35
N ASN Z 196 14.33 -68.99 31.30
CA ASN Z 196 15.01 -68.15 30.32
C ASN Z 196 14.01 -67.40 29.45
N LEU Z 197 14.27 -66.12 29.22
CA LEU Z 197 13.40 -65.26 28.40
C LEU Z 197 14.29 -64.53 27.40
N VAL Z 198 14.29 -65.02 26.16
CA VAL Z 198 15.04 -64.39 25.09
C VAL Z 198 14.07 -63.62 24.20
N GLY Z 199 14.48 -62.41 23.81
CA GLY Z 199 13.66 -61.59 22.94
C GLY Z 199 14.03 -60.12 22.95
N GLY Z 200 14.00 -59.49 21.79
CA GLY Z 200 14.34 -58.09 21.66
C GLY Z 200 15.75 -57.75 22.10
N GLY Z 201 16.72 -58.52 21.60
CA GLY Z 201 18.11 -58.28 21.91
C GLY Z 201 18.50 -58.74 23.31
N GLN Z 202 17.89 -58.13 24.33
CA GLN Z 202 18.24 -58.44 25.70
C GLN Z 202 17.80 -59.86 26.07
N VAL Z 203 18.68 -60.57 26.78
CA VAL Z 203 18.43 -61.93 27.24
C VAL Z 203 18.41 -61.91 28.76
N LYS Z 204 17.42 -62.59 29.35
CA LYS Z 204 17.24 -62.62 30.79
C LYS Z 204 17.24 -64.06 31.29
N ASN Z 205 17.55 -64.21 32.58
CA ASN Z 205 17.48 -65.51 33.23
C ASN Z 205 16.64 -65.47 34.50
N ILE Z 206 15.43 -64.91 34.43
CA ILE Z 206 14.58 -64.68 35.60
C ILE Z 206 14.34 -65.99 36.34
N ALA Z 207 14.66 -66.00 37.63
CA ALA Z 207 14.53 -67.22 38.44
C ALA Z 207 13.19 -67.23 39.16
N ILE Z 208 12.51 -68.37 39.09
CA ILE Z 208 11.23 -68.55 39.77
C ILE Z 208 11.48 -69.39 41.01
N ALA Z 209 11.54 -68.74 42.17
CA ALA Z 209 11.79 -69.44 43.41
C ALA Z 209 10.56 -70.27 43.82
N ALA Z 210 10.78 -71.19 44.75
CA ALA Z 210 9.71 -72.06 45.20
C ALA Z 210 8.75 -71.31 46.13
N GLY Z 211 7.48 -71.70 46.09
CA GLY Z 211 6.48 -71.09 46.94
C GLY Z 211 5.90 -69.82 46.37
N ASP Z 212 6.61 -69.21 45.42
CA ASP Z 212 6.19 -67.95 44.81
C ASP Z 212 4.81 -68.07 44.18
N SER Z 213 3.92 -67.12 44.50
CA SER Z 213 2.58 -67.12 43.94
C SER Z 213 2.60 -66.78 42.46
N ALA Z 214 1.43 -66.86 41.83
CA ALA Z 214 1.31 -66.47 40.42
C ALA Z 214 1.61 -64.99 40.23
N LYS Z 215 1.20 -64.15 41.18
CA LYS Z 215 1.49 -62.73 41.12
C LYS Z 215 2.99 -62.47 41.17
N ALA Z 216 3.71 -63.29 41.92
CA ALA Z 216 5.16 -63.20 42.01
C ALA Z 216 5.79 -63.40 40.64
N ILE Z 217 5.53 -64.56 40.04
CA ILE Z 217 6.02 -64.91 38.70
C ILE Z 217 5.64 -63.79 37.73
N ALA Z 218 4.42 -63.29 37.83
CA ALA Z 218 3.94 -62.23 36.96
C ALA Z 218 4.80 -60.98 37.07
N GLU Z 219 5.03 -60.51 38.30
CA GLU Z 219 5.76 -59.27 38.50
C GLU Z 219 7.24 -59.42 38.15
N LYS Z 220 7.80 -60.62 38.36
CA LYS Z 220 9.19 -60.84 37.98
C LYS Z 220 9.35 -60.88 36.47
N MET Z 221 8.56 -61.71 35.79
CA MET Z 221 8.71 -61.86 34.34
C MET Z 221 8.35 -60.60 33.58
N ASP Z 222 7.59 -59.69 34.19
CA ASP Z 222 7.28 -58.41 33.57
C ASP Z 222 8.49 -57.49 33.67
N GLY Z 223 8.48 -56.38 32.94
CA GLY Z 223 9.55 -55.42 33.05
C GLY Z 223 10.71 -55.62 32.09
N ALA Z 224 11.76 -56.30 32.57
CA ALA Z 224 13.05 -56.44 31.90
C ALA Z 224 12.96 -56.65 30.40
N ILE Z 225 12.16 -57.61 29.96
CA ILE Z 225 12.01 -57.90 28.53
C ILE Z 225 11.35 -56.69 27.85
N PRO Z 226 12.00 -56.12 26.84
CA PRO Z 226 11.42 -54.95 26.17
C PRO Z 226 10.09 -55.28 25.52
N ASN Z 227 9.10 -54.40 25.73
CA ASN Z 227 7.76 -54.55 25.17
C ASN Z 227 7.14 -55.87 25.61
N LEU Z 228 6.92 -56.00 26.92
CA LEU Z 228 6.32 -57.20 27.49
C LEU Z 228 5.54 -56.83 28.73
N SER Z 229 4.37 -57.42 28.88
CA SER Z 229 3.50 -57.21 30.04
C SER Z 229 3.27 -58.56 30.72
N ALA Z 230 2.45 -58.55 31.77
CA ALA Z 230 2.18 -59.78 32.51
C ALA Z 230 0.89 -59.63 33.29
N ARG Z 231 0.06 -60.67 33.23
CA ARG Z 231 -1.18 -60.74 34.00
C ARG Z 231 -1.12 -61.94 34.94
N ALA Z 232 -2.14 -62.09 35.79
CA ALA Z 232 -2.20 -63.22 36.71
C ALA Z 232 -3.62 -63.43 37.20
N ARG Z 233 -4.20 -64.60 36.89
CA ARG Z 233 -5.55 -64.93 37.33
C ARG Z 233 -5.55 -66.34 37.89
N THR Z 234 -6.40 -66.58 38.89
CA THR Z 234 -6.49 -67.87 39.58
C THR Z 234 -7.98 -68.24 39.69
N VAL Z 235 -8.69 -68.12 38.59
CA VAL Z 235 -10.11 -68.48 38.53
C VAL Z 235 -10.23 -70.00 38.54
N PHE Z 236 -10.97 -70.52 39.53
CA PHE Z 236 -11.16 -71.95 39.66
C PHE Z 236 -12.57 -72.23 40.18
N THR Z 237 -13.02 -73.46 39.97
CA THR Z 237 -14.34 -73.90 40.41
C THR Z 237 -14.23 -74.80 41.63
N ALA Z 238 -15.39 -75.15 42.18
CA ALA Z 238 -15.47 -76.02 43.35
C ALA Z 238 -16.86 -76.62 43.39
N ASP Z 239 -16.99 -77.74 44.11
CA ASP Z 239 -18.26 -78.43 44.23
CA ASP Z 239 -18.28 -78.42 44.24
C ASP Z 239 -18.25 -79.26 45.51
N VAL Z 240 -19.12 -78.92 46.45
CA VAL Z 240 -19.22 -79.67 47.71
C VAL Z 240 -20.28 -80.75 47.53
N SER Z 241 -19.86 -82.02 47.52
CA SER Z 241 -20.77 -83.14 47.37
C SER Z 241 -20.21 -84.35 48.10
N GLY Z 242 -21.08 -85.32 48.36
CA GLY Z 242 -20.68 -86.55 48.99
C GLY Z 242 -20.52 -86.45 50.50
N VAL Z 243 -20.69 -85.24 51.03
CA VAL Z 243 -20.54 -85.00 52.48
C VAL Z 243 -21.57 -85.82 53.24
N THR Z 244 -21.09 -86.74 54.07
CA THR Z 244 -21.96 -87.61 54.85
C THR Z 244 -21.39 -87.78 56.24
N GLY Z 245 -22.29 -87.76 57.24
CA GLY Z 245 -21.92 -87.97 58.62
C GLY Z 245 -20.91 -86.97 59.16
N GLY Z 246 -21.30 -85.71 59.24
CA GLY Z 246 -20.45 -84.66 59.75
C GLY Z 246 -20.28 -83.52 58.76
N SER Z 247 -19.55 -82.51 59.22
CA SER Z 247 -19.28 -81.32 58.44
C SER Z 247 -17.87 -81.37 57.86
N LEU Z 248 -17.68 -80.65 56.75
CA LEU Z 248 -16.41 -80.61 56.03
C LEU Z 248 -15.55 -79.41 56.42
N ASN Z 249 -15.59 -79.00 57.68
CA ASN Z 249 -14.83 -77.86 58.19
C ASN Z 249 -13.37 -77.94 57.77
N PHE Z 250 -12.90 -76.93 57.03
CA PHE Z 250 -11.55 -76.94 56.49
C PHE Z 250 -10.99 -75.52 56.49
N ASP Z 251 -9.67 -75.43 56.34
CA ASP Z 251 -8.98 -74.15 56.30
C ASP Z 251 -8.74 -73.73 54.86
N VAL Z 252 -8.84 -72.42 54.62
CA VAL Z 252 -8.60 -71.82 53.31
C VAL Z 252 -7.49 -70.79 53.47
N THR Z 253 -6.39 -70.98 52.73
CA THR Z 253 -5.22 -70.13 52.83
C THR Z 253 -4.99 -69.40 51.50
N VAL Z 254 -4.86 -68.08 51.56
CA VAL Z 254 -4.57 -67.27 50.38
C VAL Z 254 -3.58 -66.18 50.75
N GLY Z 255 -2.41 -66.21 50.13
CA GLY Z 255 -1.39 -65.19 50.35
C GLY Z 255 -0.94 -65.07 51.79
N SER Z 256 -1.31 -63.97 52.44
CA SER Z 256 -0.95 -63.72 53.83
C SER Z 256 -2.09 -64.04 54.78
N ASN Z 257 -3.26 -63.42 54.59
CA ASN Z 257 -4.40 -63.66 55.46
C ASN Z 257 -4.94 -65.07 55.28
N THR Z 258 -5.46 -65.65 56.36
CA THR Z 258 -5.94 -67.02 56.33
C THR Z 258 -7.05 -67.17 57.37
N VAL Z 259 -8.21 -67.64 56.92
CA VAL Z 259 -9.33 -67.95 57.80
C VAL Z 259 -9.65 -69.43 57.69
N SER Z 260 -10.51 -69.92 58.57
CA SER Z 260 -10.86 -71.35 58.59
C SER Z 260 -12.37 -71.47 58.54
N LEU Z 261 -12.88 -72.00 57.43
CA LEU Z 261 -14.32 -72.16 57.26
C LEU Z 261 -14.84 -73.28 58.16
N ALA Z 262 -16.17 -73.36 58.26
CA ALA Z 262 -16.82 -74.36 59.08
C ALA Z 262 -18.25 -74.53 58.58
N GLY Z 263 -18.86 -75.66 58.92
CA GLY Z 263 -20.24 -75.91 58.56
C GLY Z 263 -20.43 -76.25 57.09
N VAL Z 264 -19.34 -76.60 56.41
CA VAL Z 264 -19.41 -76.95 54.99
C VAL Z 264 -20.23 -78.22 54.83
N THR Z 265 -21.40 -78.10 54.21
CA THR Z 265 -22.27 -79.24 54.00
C THR Z 265 -22.85 -79.31 52.59
N SER Z 266 -22.72 -78.27 51.78
CA SER Z 266 -23.30 -78.27 50.45
C SER Z 266 -22.60 -77.21 49.61
N THR Z 267 -22.85 -77.26 48.29
CA THR Z 267 -22.26 -76.29 47.37
C THR Z 267 -22.66 -74.86 47.72
N GLN Z 268 -23.93 -74.65 48.07
CA GLN Z 268 -24.43 -73.30 48.34
C GLN Z 268 -23.83 -72.75 49.63
N ASP Z 269 -23.67 -73.61 50.64
CA ASP Z 269 -23.17 -73.18 51.94
C ASP Z 269 -21.77 -72.58 51.86
N LEU Z 270 -20.86 -73.31 51.22
CA LEU Z 270 -19.48 -72.86 51.05
C LEU Z 270 -19.45 -71.56 50.26
N ALA Z 271 -20.25 -71.49 49.20
CA ALA Z 271 -20.36 -70.27 48.40
C ALA Z 271 -20.77 -69.09 49.27
N ASP Z 272 -21.79 -69.28 50.10
CA ASP Z 272 -22.28 -68.21 50.97
C ASP Z 272 -21.21 -67.76 51.95
N GLN Z 273 -20.55 -68.70 52.63
CA GLN Z 273 -19.58 -68.30 53.64
C GLN Z 273 -18.34 -67.67 53.00
N LEU Z 274 -18.03 -68.05 51.76
CA LEU Z 274 -16.97 -67.37 51.02
C LEU Z 274 -17.40 -65.95 50.65
N ASN Z 275 -18.65 -65.79 50.25
CA ASN Z 275 -19.19 -64.46 50.00
C ASN Z 275 -19.10 -63.59 51.25
N SER Z 276 -19.28 -64.20 52.42
CA SER Z 276 -19.18 -63.46 53.66
C SER Z 276 -17.76 -62.94 53.90
N ASN Z 277 -16.76 -63.81 53.70
CA ASN Z 277 -15.38 -63.46 54.01
C ASN Z 277 -14.57 -63.02 52.80
N SER Z 278 -15.22 -62.76 51.66
CA SER Z 278 -14.50 -62.33 50.46
C SER Z 278 -13.67 -61.09 50.70
N SER Z 279 -14.14 -60.20 51.58
CA SER Z 279 -13.39 -59.01 51.95
C SER Z 279 -12.03 -59.39 52.53
N LYS Z 280 -12.00 -60.42 53.38
CA LYS Z 280 -10.75 -60.86 53.97
C LYS Z 280 -9.81 -61.45 52.92
N LEU Z 281 -10.27 -62.48 52.20
CA LEU Z 281 -9.41 -63.24 51.31
C LEU Z 281 -9.06 -62.48 50.04
N GLY Z 282 -9.79 -61.39 49.78
CA GLY Z 282 -9.53 -60.60 48.58
C GLY Z 282 -9.79 -61.36 47.30
N ILE Z 283 -10.85 -62.16 47.27
CA ILE Z 283 -11.19 -62.95 46.09
C ILE Z 283 -12.59 -62.55 45.64
N THR Z 284 -13.10 -63.21 44.60
CA THR Z 284 -14.42 -62.94 44.05
C THR Z 284 -15.25 -64.23 44.13
N ALA Z 285 -15.92 -64.41 45.27
CA ALA Z 285 -16.77 -65.58 45.48
C ALA Z 285 -18.13 -65.36 44.86
N SER Z 286 -18.37 -65.96 43.69
CA SER Z 286 -19.60 -65.79 42.94
C SER Z 286 -20.15 -67.15 42.57
N ILE Z 287 -21.38 -67.43 42.99
CA ILE Z 287 -22.08 -68.66 42.61
C ILE Z 287 -22.92 -68.36 41.38
N ASN Z 288 -22.79 -69.21 40.36
CA ASN Z 288 -23.51 -69.01 39.11
C ASN Z 288 -24.91 -69.61 39.20
N ASP Z 289 -25.64 -69.53 38.08
CA ASP Z 289 -26.99 -70.08 38.03
C ASP Z 289 -26.96 -71.61 38.13
N LYS Z 290 -25.88 -72.22 37.66
CA LYS Z 290 -25.78 -73.68 37.67
C LYS Z 290 -25.19 -74.18 38.97
N GLY Z 291 -25.03 -73.29 39.95
CA GLY Z 291 -24.57 -73.71 41.27
C GLY Z 291 -23.07 -73.80 41.42
N VAL Z 292 -22.38 -74.23 40.37
CA VAL Z 292 -20.93 -74.45 40.41
C VAL Z 292 -20.21 -73.17 40.84
N LEU Z 293 -19.15 -73.33 41.62
CA LEU Z 293 -18.40 -72.18 42.13
C LEU Z 293 -17.64 -71.48 41.00
N THR Z 294 -17.64 -70.15 41.02
CA THR Z 294 -16.88 -69.34 40.08
C THR Z 294 -15.88 -68.44 40.79
N ILE Z 295 -15.13 -68.99 41.74
CA ILE Z 295 -14.16 -68.23 42.52
C ILE Z 295 -13.16 -67.56 41.59
N THR Z 296 -12.98 -66.26 41.74
CA THR Z 296 -12.09 -65.47 40.89
C THR Z 296 -11.10 -64.71 41.75
N SER Z 297 -9.85 -64.72 41.32
CA SER Z 297 -8.77 -64.03 42.03
C SER Z 297 -8.56 -62.65 41.44
N ALA Z 298 -8.02 -61.75 42.26
CA ALA Z 298 -7.81 -60.37 41.86
C ALA Z 298 -6.54 -60.22 41.03
N THR Z 299 -5.39 -60.53 41.64
CA THR Z 299 -4.09 -60.36 40.99
C THR Z 299 -3.37 -61.70 40.89
N GLY Z 300 -4.14 -62.76 40.70
CA GLY Z 300 -3.58 -64.10 40.60
C GLY Z 300 -2.87 -64.55 41.85
N GLU Z 301 -3.62 -64.77 42.93
CA GLU Z 301 -3.05 -65.19 44.19
C GLU Z 301 -2.73 -66.69 44.20
N ASN Z 302 -2.44 -67.23 45.37
CA ASN Z 302 -2.00 -68.60 45.51
C ASN Z 302 -2.87 -69.36 46.50
N VAL Z 303 -4.19 -69.25 46.34
CA VAL Z 303 -5.17 -69.86 47.23
C VAL Z 303 -4.81 -71.31 47.52
N LYS Z 304 -4.92 -71.70 48.78
CA LYS Z 304 -4.58 -73.05 49.23
C LYS Z 304 -5.79 -73.65 49.96
N PHE Z 305 -5.72 -74.95 50.22
CA PHE Z 305 -6.82 -75.65 50.88
C PHE Z 305 -6.26 -76.44 52.05
N GLY Z 306 -6.87 -76.30 53.22
CA GLY Z 306 -6.39 -76.95 54.42
C GLY Z 306 -6.73 -78.42 54.51
N ALA Z 307 -6.99 -78.90 55.72
CA ALA Z 307 -7.30 -80.31 55.96
C ALA Z 307 -8.73 -80.44 56.47
N GLN Z 308 -9.22 -81.67 56.50
CA GLN Z 308 -10.58 -81.97 56.93
C GLN Z 308 -10.68 -81.94 58.45
N THR Z 309 -10.81 -80.72 58.98
CA THR Z 309 -10.87 -80.54 60.43
C THR Z 309 -12.22 -80.97 60.98
N GLY Z 310 -13.25 -81.04 60.14
CA GLY Z 310 -14.57 -81.39 60.60
C GLY Z 310 -14.70 -82.85 60.97
N THR Z 311 -15.95 -83.29 61.09
CA THR Z 311 -16.26 -84.67 61.46
C THR Z 311 -16.85 -85.48 60.31
N ALA Z 312 -16.88 -84.93 59.10
CA ALA Z 312 -17.42 -85.64 57.95
C ALA Z 312 -16.66 -86.92 57.67
N THR Z 313 -17.40 -88.03 57.62
CA THR Z 313 -16.80 -89.33 57.31
C THR Z 313 -16.33 -89.37 55.87
N ALA Z 314 -17.23 -89.08 54.93
CA ALA Z 314 -16.92 -89.08 53.51
C ALA Z 314 -17.20 -87.69 52.94
N GLY Z 315 -17.00 -87.55 51.64
CA GLY Z 315 -17.19 -86.29 50.96
C GLY Z 315 -15.88 -85.60 50.63
N GLN Z 316 -15.91 -84.79 49.58
CA GLN Z 316 -14.73 -84.09 49.13
C GLN Z 316 -15.07 -82.90 48.25
N VAL Z 317 -14.07 -82.12 47.88
CA VAL Z 317 -14.22 -80.97 47.00
C VAL Z 317 -13.16 -81.03 45.93
N ALA Z 318 -13.56 -80.84 44.68
CA ALA Z 318 -12.66 -80.86 43.54
C ALA Z 318 -12.55 -79.46 42.93
N VAL Z 319 -11.58 -79.30 42.03
CA VAL Z 319 -11.36 -78.01 41.37
C VAL Z 319 -11.13 -78.27 39.88
N LYS Z 320 -11.48 -77.26 39.07
CA LYS Z 320 -11.31 -77.34 37.62
C LYS Z 320 -10.64 -76.09 37.06
N VAL Z 321 -9.53 -75.67 37.65
CA VAL Z 321 -8.85 -74.40 37.34
C VAL Z 321 -8.71 -74.21 35.84
N GLN Z 322 -9.17 -73.06 35.34
CA GLN Z 322 -9.06 -72.76 33.92
C GLN Z 322 -7.75 -72.03 33.63
N GLY Z 323 -7.48 -71.85 32.34
CA GLY Z 323 -6.29 -71.13 31.92
C GLY Z 323 -6.62 -69.98 30.99
N SER Z 324 -5.65 -69.57 30.17
CA SER Z 324 -5.90 -68.52 29.20
C SER Z 324 -6.89 -68.96 28.13
N ASP Z 325 -6.97 -70.27 27.89
CA ASP Z 325 -7.91 -70.79 26.90
C ASP Z 325 -9.37 -70.61 27.32
N GLY Z 326 -9.62 -70.43 28.61
CA GLY Z 326 -10.97 -70.26 29.09
C GLY Z 326 -11.65 -71.58 29.46
N LYS Z 327 -11.25 -72.65 28.78
CA LYS Z 327 -11.83 -73.96 29.01
C LYS Z 327 -11.42 -74.49 30.38
N PHE Z 328 -12.38 -74.67 31.28
CA PHE Z 328 -12.11 -75.24 32.59
C PHE Z 328 -11.68 -76.69 32.44
N GLU Z 329 -10.59 -77.08 33.10
CA GLU Z 329 -10.06 -78.43 33.02
C GLU Z 329 -11.11 -79.46 33.40
N ALA Z 330 -11.34 -80.43 32.51
CA ALA Z 330 -12.38 -81.42 32.69
C ALA Z 330 -12.07 -82.37 33.85
N ALA Z 331 -10.84 -82.32 34.36
CA ALA Z 331 -10.43 -83.19 35.46
C ALA Z 331 -11.15 -82.82 36.76
N ALA Z 332 -11.04 -83.67 37.78
CA ALA Z 332 -11.68 -83.42 39.06
C ALA Z 332 -10.73 -83.62 40.23
N LYS Z 333 -9.54 -83.02 40.15
CA LYS Z 333 -8.51 -83.19 41.17
C LYS Z 333 -9.00 -82.78 42.56
N ASN Z 334 -8.81 -83.67 43.52
CA ASN Z 334 -9.28 -83.42 44.88
C ASN Z 334 -8.34 -82.48 45.62
N VAL Z 335 -8.92 -81.51 46.33
CA VAL Z 335 -8.15 -80.59 47.16
C VAL Z 335 -8.48 -80.84 48.62
N VAL Z 336 -9.77 -80.87 48.97
CA VAL Z 336 -10.18 -81.19 50.32
C VAL Z 336 -10.98 -82.48 50.31
N ALA Z 337 -10.56 -83.44 51.14
CA ALA Z 337 -11.22 -84.74 51.18
C ALA Z 337 -11.36 -85.17 52.62
N ALA Z 338 -12.44 -85.89 52.91
CA ALA Z 338 -12.66 -86.44 54.24
C ALA Z 338 -11.89 -87.74 54.41
N GLY Z 339 -11.73 -88.20 55.65
CA GLY Z 339 -10.95 -89.39 55.91
C GLY Z 339 -9.53 -89.27 55.42
N THR Z 340 -9.20 -90.03 54.37
CA THR Z 340 -7.88 -89.94 53.74
C THR Z 340 -7.83 -88.65 52.93
N ALA Z 341 -7.12 -87.65 53.45
CA ALA Z 341 -7.04 -86.36 52.78
C ALA Z 341 -6.28 -86.49 51.46
N ALA Z 342 -6.53 -85.54 50.56
CA ALA Z 342 -5.88 -85.53 49.26
C ALA Z 342 -4.46 -84.99 49.37
N THR Z 343 -3.81 -84.80 48.23
CA THR Z 343 -2.43 -84.30 48.21
C THR Z 343 -2.38 -82.89 47.64
N THR Z 344 -2.91 -82.71 46.43
CA THR Z 344 -2.88 -81.42 45.75
C THR Z 344 -3.74 -80.41 46.49
N THR Z 345 -3.09 -79.43 47.14
CA THR Z 345 -3.81 -78.41 47.90
C THR Z 345 -3.38 -76.99 47.57
N ILE Z 346 -2.20 -76.79 47.00
CA ILE Z 346 -1.71 -75.45 46.68
C ILE Z 346 -2.18 -75.08 45.27
N VAL Z 347 -3.37 -74.49 45.19
CA VAL Z 347 -3.93 -74.08 43.90
C VAL Z 347 -3.18 -72.84 43.39
N THR Z 348 -2.71 -72.91 42.15
CA THR Z 348 -2.03 -71.79 41.51
C THR Z 348 -2.56 -71.63 40.10
N GLY Z 349 -2.98 -70.41 39.77
CA GLY Z 349 -3.59 -70.13 38.49
C GLY Z 349 -2.56 -69.98 37.38
N TYR Z 350 -3.07 -69.57 36.22
CA TYR Z 350 -2.24 -69.39 35.04
C TYR Z 350 -1.66 -67.97 35.03
N VAL Z 351 -0.46 -67.84 34.48
CA VAL Z 351 0.28 -66.59 34.54
C VAL Z 351 0.46 -66.08 33.11
N GLN Z 352 -0.54 -66.33 32.27
CA GLN Z 352 -0.50 -65.88 30.89
C GLN Z 352 -0.21 -64.38 30.81
N LEU Z 353 0.85 -64.04 30.09
CA LEU Z 353 1.28 -62.67 29.90
C LEU Z 353 1.06 -62.25 28.45
N ASN Z 354 1.55 -61.07 28.10
CA ASN Z 354 1.42 -60.55 26.75
C ASN Z 354 2.68 -59.79 26.35
N SER Z 355 2.96 -59.80 25.05
CA SER Z 355 4.11 -59.10 24.47
C SER Z 355 3.93 -58.96 22.97
N PRO Z 356 4.07 -57.75 22.42
CA PRO Z 356 3.88 -57.59 20.97
C PRO Z 356 4.98 -58.24 20.13
N THR Z 357 6.23 -58.09 20.53
CA THR Z 357 7.35 -58.58 19.74
C THR Z 357 7.45 -60.10 19.84
N ALA Z 358 8.49 -60.66 19.24
CA ALA Z 358 8.72 -62.10 19.24
C ALA Z 358 9.63 -62.46 20.39
N TYR Z 359 9.17 -63.39 21.23
CA TYR Z 359 9.90 -63.80 22.42
C TYR Z 359 10.16 -65.31 22.36
N SER Z 360 10.77 -65.82 23.43
CA SER Z 360 11.02 -67.26 23.56
C SER Z 360 11.25 -67.58 25.03
N VAL Z 361 10.44 -68.46 25.59
CA VAL Z 361 10.52 -68.84 26.99
C VAL Z 361 11.00 -70.28 27.10
N SER Z 362 12.09 -70.48 27.82
CA SER Z 362 12.64 -71.82 28.04
C SER Z 362 13.09 -71.93 29.49
N GLY Z 363 13.41 -73.16 29.89
CA GLY Z 363 13.84 -73.41 31.26
C GLY Z 363 14.39 -74.80 31.46
N THR Z 364 15.39 -74.93 32.34
CA THR Z 364 16.02 -76.22 32.59
C THR Z 364 15.05 -77.17 33.28
N GLY Z 365 14.91 -78.36 32.71
CA GLY Z 365 14.06 -79.39 33.30
C GLY Z 365 12.59 -79.03 33.32
N THR Z 366 11.99 -79.11 34.50
CA THR Z 366 10.56 -78.86 34.67
C THR Z 366 10.24 -77.44 35.12
N GLN Z 367 11.25 -76.60 35.30
CA GLN Z 367 11.05 -75.23 35.75
C GLN Z 367 10.14 -74.46 34.80
N ALA Z 368 10.27 -74.72 33.49
CA ALA Z 368 9.43 -74.04 32.51
C ALA Z 368 8.14 -74.81 32.25
N SER Z 369 8.24 -76.15 32.22
CA SER Z 369 7.08 -76.99 31.92
C SER Z 369 5.98 -76.82 32.96
N GLN Z 370 6.38 -76.58 34.22
CA GLN Z 370 5.39 -76.40 35.28
C GLN Z 370 4.58 -75.14 35.09
N VAL Z 371 5.07 -74.19 34.31
CA VAL Z 371 4.40 -72.92 34.11
C VAL Z 371 3.91 -72.76 32.67
N PHE Z 372 4.67 -73.25 31.69
CA PHE Z 372 4.35 -73.03 30.29
C PHE Z 372 4.15 -74.34 29.54
N GLY Z 373 4.58 -75.45 30.12
CA GLY Z 373 4.39 -76.73 29.46
C GLY Z 373 5.25 -76.87 28.23
N ASN Z 374 4.62 -77.35 27.16
CA ASN Z 374 5.33 -77.64 25.91
C ASN Z 374 5.72 -76.37 25.17
N ALA Z 375 5.12 -75.23 25.57
CA ALA Z 375 5.40 -73.94 24.97
C ALA Z 375 6.90 -73.69 24.84
N SER Z 376 7.36 -73.36 23.62
CA SER Z 376 8.79 -73.23 23.40
C SER Z 376 9.20 -71.78 23.14
N ALA Z 377 8.63 -71.14 22.12
CA ALA Z 377 9.01 -69.76 21.86
C ALA Z 377 7.85 -68.78 21.97
N ALA Z 378 6.84 -68.95 21.12
CA ALA Z 378 5.80 -67.93 20.96
C ALA Z 378 4.70 -68.48 20.07
N GLN Z 379 3.73 -67.61 19.77
CA GLN Z 379 2.74 -67.83 18.72
C GLN Z 379 2.49 -66.50 18.02
N LYS Z 380 1.42 -66.40 17.24
CA LYS Z 380 1.11 -65.16 16.55
C LYS Z 380 -0.25 -64.63 17.00
N SER Z 381 -1.14 -65.55 17.36
CA SER Z 381 -2.51 -65.29 17.83
C SER Z 381 -3.41 -64.85 16.69
N SER Z 382 -2.82 -64.50 15.53
CA SER Z 382 -3.51 -64.40 14.25
C SER Z 382 -4.90 -63.78 14.36
N VAL Z 383 -5.00 -62.52 14.80
CA VAL Z 383 -6.30 -62.00 15.20
C VAL Z 383 -7.16 -61.71 13.97
N ALA Z 384 -7.97 -62.69 13.61
CA ALA Z 384 -9.05 -62.54 12.64
C ALA Z 384 -10.28 -63.21 13.24
N SER Z 385 -10.03 -64.12 14.18
CA SER Z 385 -10.97 -64.86 15.03
C SER Z 385 -11.34 -64.10 16.28
N VAL Z 386 -11.33 -62.77 16.18
CA VAL Z 386 -11.56 -61.86 17.30
C VAL Z 386 -12.72 -62.33 18.17
N ASP Z 387 -13.82 -62.77 17.53
CA ASP Z 387 -15.00 -63.28 18.23
C ASP Z 387 -15.39 -62.30 19.34
N ILE Z 388 -15.78 -61.09 18.95
CA ILE Z 388 -16.05 -60.05 19.94
C ILE Z 388 -17.36 -60.31 20.65
N SER Z 389 -18.17 -61.25 20.16
CA SER Z 389 -19.43 -61.62 20.79
C SER Z 389 -19.20 -62.18 22.18
N THR Z 390 -18.19 -63.03 22.33
CA THR Z 390 -17.91 -63.69 23.60
C THR Z 390 -17.13 -62.74 24.52
N ALA Z 391 -17.44 -62.82 25.81
CA ALA Z 391 -16.80 -61.96 26.81
C ALA Z 391 -15.31 -62.27 26.95
N ASP Z 392 -14.98 -63.54 27.21
CA ASP Z 392 -13.58 -63.94 27.28
C ASP Z 392 -12.88 -63.64 25.97
N GLY Z 393 -13.56 -63.90 24.86
CA GLY Z 393 -13.06 -63.51 23.56
C GLY Z 393 -12.84 -62.01 23.46
N ALA Z 394 -13.72 -61.24 24.09
CA ALA Z 394 -13.60 -59.78 24.09
C ALA Z 394 -12.34 -59.35 24.83
N GLN Z 395 -12.07 -59.95 25.99
CA GLN Z 395 -10.86 -59.59 26.74
C GLN Z 395 -9.60 -60.02 26.00
N ASN Z 396 -9.64 -61.21 25.38
CA ASN Z 396 -8.52 -61.64 24.55
C ASN Z 396 -8.29 -60.65 23.41
N ALA Z 397 -9.37 -60.16 22.81
CA ALA Z 397 -9.26 -59.15 21.77
C ALA Z 397 -8.65 -57.87 22.31
N ILE Z 398 -9.07 -57.45 23.50
CA ILE Z 398 -8.54 -56.26 24.15
C ILE Z 398 -7.02 -56.40 24.22
N ALA Z 399 -6.55 -57.52 24.78
CA ALA Z 399 -5.12 -57.73 24.95
C ALA Z 399 -4.38 -57.76 23.62
N VAL Z 400 -4.95 -58.46 22.63
CA VAL Z 400 -4.24 -58.65 21.36
C VAL Z 400 -4.16 -57.32 20.61
N VAL Z 401 -5.19 -56.49 20.72
CA VAL Z 401 -5.11 -55.20 20.03
C VAL Z 401 -4.25 -54.22 20.80
N ASP Z 402 -4.18 -54.34 22.14
CA ASP Z 402 -3.18 -53.59 22.88
C ASP Z 402 -1.78 -53.87 22.34
N ASN Z 403 -1.43 -55.16 22.25
CA ASN Z 403 -0.11 -55.52 21.72
C ASN Z 403 0.06 -55.08 20.27
N ALA Z 404 -1.01 -55.18 19.47
CA ALA Z 404 -0.91 -54.81 18.06
C ALA Z 404 -0.60 -53.32 17.90
N LEU Z 405 -1.35 -52.47 18.60
CA LEU Z 405 -1.09 -51.04 18.48
C LEU Z 405 0.22 -50.65 19.16
N ALA Z 406 0.65 -51.41 20.17
CA ALA Z 406 1.98 -51.18 20.72
C ALA Z 406 3.05 -51.41 19.66
N ALA Z 407 2.92 -52.51 18.92
CA ALA Z 407 3.89 -52.79 17.85
C ALA Z 407 3.80 -51.76 16.74
N ILE Z 408 2.59 -51.32 16.40
CA ILE Z 408 2.44 -50.31 15.36
C ILE Z 408 3.05 -48.99 15.79
N ASP Z 409 2.90 -48.63 17.07
CA ASP Z 409 3.48 -47.39 17.55
C ASP Z 409 5.00 -47.49 17.63
N ALA Z 410 5.52 -48.68 17.95
CA ALA Z 410 6.96 -48.89 17.87
C ALA Z 410 7.46 -48.72 16.44
N GLN Z 411 6.70 -49.23 15.46
CA GLN Z 411 7.06 -49.01 14.07
C GLN Z 411 7.01 -47.53 13.70
N ARG Z 412 6.02 -46.81 14.24
CA ARG Z 412 5.96 -45.37 14.04
C ARG Z 412 7.18 -44.68 14.62
N ALA Z 413 7.66 -45.16 15.77
CA ALA Z 413 8.85 -44.58 16.38
C ALA Z 413 10.10 -44.84 15.54
N ASP Z 414 10.21 -46.05 15.00
CA ASP Z 414 11.30 -46.33 14.07
C ASP Z 414 11.22 -45.41 12.85
N LEU Z 415 10.02 -45.20 12.33
CA LEU Z 415 9.85 -44.28 11.20
C LEU Z 415 10.25 -42.86 11.57
N ALA Z 416 9.90 -42.43 12.78
CA ALA Z 416 10.27 -41.09 13.25
C ALA Z 416 11.78 -40.97 13.34
N ALA Z 417 12.44 -42.00 13.86
CA ALA Z 417 13.90 -41.98 13.96
C ALA Z 417 14.55 -41.89 12.59
N VAL Z 418 14.11 -42.73 11.65
CA VAL Z 418 14.73 -42.76 10.33
C VAL Z 418 14.42 -41.46 9.57
N GLN Z 419 13.27 -40.85 9.86
CA GLN Z 419 12.95 -39.56 9.22
C GLN Z 419 13.75 -38.41 9.79
N ASN Z 420 13.96 -38.37 11.11
CA ASN Z 420 14.87 -37.37 11.67
C ASN Z 420 16.27 -37.56 11.11
N ARG Z 421 16.69 -38.82 10.99
CA ARG Z 421 17.96 -39.14 10.34
C ARG Z 421 18.00 -38.60 8.91
N PHE Z 422 16.92 -38.80 8.15
CA PHE Z 422 16.85 -38.28 6.79
C PHE Z 422 17.01 -36.77 6.76
N LYS Z 423 16.26 -36.07 7.61
CA LYS Z 423 16.25 -34.61 7.52
C LYS Z 423 17.61 -34.04 7.93
N ASN Z 424 18.22 -34.59 8.98
CA ASN Z 424 19.49 -34.01 9.42
C ASN Z 424 20.62 -34.42 8.48
N THR Z 425 20.53 -35.63 7.90
CA THR Z 425 21.50 -36.01 6.88
C THR Z 425 21.38 -35.14 5.64
N ILE Z 426 20.15 -34.75 5.27
CA ILE Z 426 20.00 -33.92 4.08
C ILE Z 426 20.48 -32.51 4.37
N ASP Z 427 20.36 -32.06 5.63
CA ASP Z 427 20.99 -30.80 6.01
C ASP Z 427 22.50 -30.88 5.91
N ASN Z 428 23.08 -31.97 6.42
CA ASN Z 428 24.53 -32.15 6.33
C ASN Z 428 24.99 -32.21 4.88
N LEU Z 429 24.22 -32.89 4.03
CA LEU Z 429 24.55 -32.97 2.62
C LEU Z 429 24.48 -31.61 1.95
N THR Z 430 23.45 -30.81 2.28
CA THR Z 430 23.39 -29.45 1.75
C THR Z 430 24.60 -28.63 2.17
N ASN Z 431 25.00 -28.76 3.43
CA ASN Z 431 26.15 -27.98 3.92
C ASN Z 431 27.44 -28.39 3.22
N ILE Z 432 27.70 -29.70 3.15
CA ILE Z 432 28.95 -30.16 2.52
C ILE Z 432 28.92 -29.86 1.03
N SER Z 433 27.74 -29.86 0.42
CA SER Z 433 27.62 -29.50 -0.99
C SER Z 433 27.94 -28.03 -1.21
N GLU Z 434 27.46 -27.16 -0.32
CA GLU Z 434 27.82 -25.75 -0.41
C GLU Z 434 29.31 -25.55 -0.22
N ASN Z 435 29.91 -26.29 0.71
CA ASN Z 435 31.34 -26.14 0.95
C ASN Z 435 32.15 -26.63 -0.25
N ALA Z 436 31.73 -27.73 -0.87
CA ALA Z 436 32.41 -28.21 -2.06
C ALA Z 436 32.23 -27.26 -3.24
N THR Z 437 31.06 -26.64 -3.36
CA THR Z 437 30.86 -25.64 -4.41
C THR Z 437 31.75 -24.43 -4.18
N ASN Z 438 31.89 -23.99 -2.92
CA ASN Z 438 32.79 -22.89 -2.62
C ASN Z 438 34.24 -23.25 -2.96
N ALA Z 439 34.64 -24.49 -2.66
CA ALA Z 439 35.99 -24.92 -3.03
C ALA Z 439 36.17 -24.93 -4.54
N ARG Z 440 35.18 -25.46 -5.27
CA ARG Z 440 35.25 -25.50 -6.72
C ARG Z 440 35.34 -24.10 -7.31
N SER Z 441 34.63 -23.14 -6.71
CA SER Z 441 34.72 -21.76 -7.19
C SER Z 441 36.10 -21.18 -6.90
N ARG Z 442 36.57 -21.30 -5.66
CA ARG Z 442 37.87 -20.75 -5.30
C ARG Z 442 39.01 -21.37 -6.09
N ILE Z 443 38.82 -22.59 -6.60
CA ILE Z 443 39.85 -23.21 -7.42
C ILE Z 443 39.63 -23.00 -8.92
N LYS Z 444 38.42 -22.66 -9.34
CA LYS Z 444 38.08 -22.53 -10.75
C LYS Z 444 37.56 -21.15 -11.14
N ASP Z 445 36.66 -20.57 -10.35
CA ASP Z 445 36.05 -19.30 -10.71
C ASP Z 445 37.13 -18.24 -10.82
N THR Z 446 37.29 -17.68 -12.02
CA THR Z 446 38.32 -16.68 -12.24
C THR Z 446 38.00 -15.41 -11.45
N ASP Z 447 38.95 -14.98 -10.61
CA ASP Z 447 38.87 -13.67 -9.99
C ASP Z 447 39.33 -12.62 -11.01
N PHE Z 448 38.51 -12.44 -12.04
CA PHE Z 448 38.90 -11.70 -13.24
C PHE Z 448 39.15 -10.23 -12.97
N ALA Z 449 39.08 -9.78 -11.72
CA ALA Z 449 39.54 -8.44 -11.39
C ALA Z 449 41.01 -8.24 -11.72
N ALA Z 450 41.78 -9.32 -11.85
CA ALA Z 450 43.16 -9.27 -12.29
C ALA Z 450 43.37 -9.73 -13.72
N GLU Z 451 42.63 -10.75 -14.16
CA GLU Z 451 42.73 -11.19 -15.55
C GLU Z 451 42.19 -10.17 -16.53
N THR Z 452 41.29 -9.28 -16.10
CA THR Z 452 40.86 -8.20 -16.98
C THR Z 452 42.01 -7.21 -17.21
N ALA Z 453 42.73 -6.86 -16.16
CA ALA Z 453 43.92 -6.01 -16.33
C ALA Z 453 44.98 -6.73 -17.14
N ALA Z 454 45.10 -8.05 -16.98
CA ALA Z 454 46.04 -8.82 -17.80
C ALA Z 454 45.63 -8.78 -19.27
N LEU Z 455 44.33 -8.88 -19.55
CA LEU Z 455 43.84 -8.78 -20.91
C LEU Z 455 44.13 -7.41 -21.50
N SER Z 456 43.91 -6.35 -20.71
CA SER Z 456 44.23 -5.01 -21.17
C SER Z 456 45.71 -4.87 -21.46
N LYS Z 457 46.55 -5.42 -20.59
CA LYS Z 457 48.00 -5.38 -20.80
C LYS Z 457 48.38 -6.12 -22.07
N ASN Z 458 47.76 -7.27 -22.33
CA ASN Z 458 48.08 -8.03 -23.53
C ASN Z 458 47.67 -7.27 -24.78
N GLN Z 459 46.49 -6.63 -24.74
CA GLN Z 459 46.05 -5.84 -25.88
C GLN Z 459 46.98 -4.65 -26.12
N VAL Z 460 47.43 -4.01 -25.04
CA VAL Z 460 48.37 -2.90 -25.16
C VAL Z 460 49.68 -3.38 -25.75
N LEU Z 461 50.15 -4.56 -25.32
CA LEU Z 461 51.38 -5.10 -25.86
C LEU Z 461 51.23 -5.44 -27.33
N GLN Z 462 50.07 -5.94 -27.74
CA GLN Z 462 49.83 -6.23 -29.14
C GLN Z 462 49.86 -4.95 -29.97
N GLN Z 463 49.18 -3.90 -29.50
CA GLN Z 463 49.20 -2.63 -30.21
C GLN Z 463 50.61 -2.06 -30.31
N ALA Z 464 51.36 -2.12 -29.21
CA ALA Z 464 52.72 -1.60 -29.20
C ALA Z 464 53.62 -2.39 -30.15
N GLY Z 465 53.44 -3.71 -30.18
CA GLY Z 465 54.24 -4.53 -31.09
C GLY Z 465 53.92 -4.22 -32.54
N THR Z 466 52.64 -4.07 -32.87
CA THR Z 466 52.28 -3.71 -34.23
C THR Z 466 52.89 -2.35 -34.61
N ALA Z 467 52.80 -1.38 -33.70
CA ALA Z 467 53.34 -0.06 -34.00
C ALA Z 467 54.85 -0.09 -34.20
N ILE Z 468 55.57 -0.77 -33.30
CA ILE Z 468 57.02 -0.79 -33.40
C ILE Z 468 57.46 -1.58 -34.62
N LEU Z 469 56.70 -2.61 -35.00
CA LEU Z 469 57.02 -3.34 -36.22
C LEU Z 469 56.84 -2.48 -37.45
N ALA Z 470 55.71 -1.77 -37.55
CA ALA Z 470 55.49 -0.88 -38.68
C ALA Z 470 56.50 0.24 -38.72
N GLN Z 471 57.02 0.65 -37.57
CA GLN Z 471 58.03 1.71 -37.53
C GLN Z 471 59.41 1.18 -37.91
N ALA Z 472 59.73 -0.04 -37.51
CA ALA Z 472 61.08 -0.56 -37.71
C ALA Z 472 61.28 -1.15 -39.10
N ASN Z 473 60.20 -1.64 -39.73
CA ASN Z 473 60.34 -2.23 -41.05
C ASN Z 473 60.68 -1.19 -42.12
N GLN Z 474 60.68 0.09 -41.75
CA GLN Z 474 61.02 1.17 -42.67
C GLN Z 474 62.48 1.60 -42.59
N LEU Z 475 63.26 1.03 -41.66
CA LEU Z 475 64.65 1.45 -41.50
C LEU Z 475 65.51 1.10 -42.71
N PRO Z 476 65.55 -0.17 -43.18
CA PRO Z 476 66.37 -0.45 -44.37
C PRO Z 476 65.92 0.32 -45.59
N GLN Z 477 64.62 0.56 -45.74
CA GLN Z 477 64.12 1.36 -46.85
C GLN Z 477 64.81 2.72 -46.89
N ALA Z 478 64.75 3.44 -45.77
CA ALA Z 478 65.36 4.77 -45.73
C ALA Z 478 66.86 4.71 -45.92
N VAL Z 479 67.54 3.77 -45.24
CA VAL Z 479 69.00 3.77 -45.27
C VAL Z 479 69.51 3.43 -46.67
N LEU Z 480 68.86 2.50 -47.37
CA LEU Z 480 69.25 2.22 -48.74
C LEU Z 480 68.86 3.34 -49.70
N SER Z 481 67.67 3.92 -49.54
CA SER Z 481 67.24 4.95 -50.47
C SER Z 481 68.08 6.22 -50.34
N LEU Z 482 68.66 6.45 -49.18
CA LEU Z 482 69.50 7.64 -49.03
C LEU Z 482 70.98 7.37 -49.26
N LEU Z 483 71.48 6.18 -48.88
CA LEU Z 483 72.88 5.85 -49.06
C LEU Z 483 73.22 5.47 -50.50
N ARG Z 484 72.23 5.36 -51.37
CA ARG Z 484 72.48 5.02 -52.77
C ARG Z 484 72.29 6.23 -53.68
N VAL AA 1 111.98 7.13 -76.72
CA VAL AA 1 111.20 6.07 -76.10
C VAL AA 1 109.85 5.95 -76.79
N ASN AA 2 109.76 5.04 -77.75
CA ASN AA 2 108.52 4.85 -78.51
C ASN AA 2 108.08 3.41 -78.70
N THR AA 3 108.98 2.43 -78.61
CA THR AA 3 108.59 1.04 -78.81
C THR AA 3 107.66 0.52 -77.73
N ASN AA 4 107.61 1.17 -76.57
CA ASN AA 4 106.75 0.76 -75.47
C ASN AA 4 106.61 1.93 -74.51
N ILE AA 5 105.64 1.83 -73.61
CA ILE AA 5 105.39 2.84 -72.60
C ILE AA 5 105.35 2.16 -71.24
N ALA AA 6 106.01 2.77 -70.25
CA ALA AA 6 106.07 2.19 -68.92
C ALA AA 6 104.77 2.38 -68.13
N SER AA 7 103.72 2.91 -68.76
CA SER AA 7 102.48 3.17 -68.04
C SER AA 7 101.66 1.93 -67.76
N LEU AA 8 102.13 0.74 -68.15
CA LEU AA 8 101.35 -0.49 -67.97
C LEU AA 8 101.03 -0.77 -66.51
N ASN AA 9 101.76 -0.18 -65.57
CA ASN AA 9 101.37 -0.27 -64.16
C ASN AA 9 99.99 0.33 -63.96
N THR AA 10 99.68 1.42 -64.68
CA THR AA 10 98.35 2.01 -64.59
C THR AA 10 97.30 1.06 -65.11
N GLN AA 11 97.59 0.37 -66.22
CA GLN AA 11 96.64 -0.62 -66.73
C GLN AA 11 96.42 -1.76 -65.74
N ARG AA 12 97.50 -2.24 -65.13
CA ARG AA 12 97.38 -3.31 -64.15
C ARG AA 12 96.54 -2.87 -62.96
N ASN AA 13 96.80 -1.66 -62.45
CA ASN AA 13 96.00 -1.12 -61.36
C ASN AA 13 94.54 -0.95 -61.76
N LEU AA 14 94.29 -0.57 -63.02
CA LEU AA 14 92.91 -0.40 -63.47
C LEU AA 14 92.19 -1.75 -63.53
N ASN AA 15 92.86 -2.79 -64.01
CA ASN AA 15 92.25 -4.12 -64.02
C ASN AA 15 91.96 -4.59 -62.59
N ALA AA 16 92.92 -4.38 -61.68
CA ALA AA 16 92.69 -4.75 -60.29
C ALA AA 16 91.50 -4.01 -59.70
N SER AA 17 91.45 -2.69 -59.91
CA SER AA 17 90.35 -1.90 -59.37
C SER AA 17 89.02 -2.29 -60.00
N SER AA 18 89.03 -2.71 -61.25
CA SER AA 18 87.79 -3.15 -61.88
C SER AA 18 87.31 -4.47 -61.30
N ASN AA 19 88.25 -5.37 -60.98
CA ASN AA 19 87.84 -6.60 -60.30
C ASN AA 19 87.26 -6.31 -58.92
N ASP AA 20 87.94 -5.46 -58.14
CA ASP AA 20 87.39 -5.09 -56.84
C ASP AA 20 86.06 -4.36 -56.99
N LEU AA 21 85.89 -3.61 -58.07
CA LEU AA 21 84.62 -2.93 -58.32
C LEU AA 21 83.51 -3.93 -58.60
N ASN AA 22 83.80 -4.95 -59.40
CA ASN AA 22 82.81 -6.00 -59.65
C ASN AA 22 82.44 -6.70 -58.34
N THR AA 23 83.43 -6.99 -57.50
CA THR AA 23 83.15 -7.62 -56.22
C THR AA 23 82.28 -6.73 -55.34
N SER AA 24 82.57 -5.42 -55.31
CA SER AA 24 81.80 -4.51 -54.47
C SER AA 24 80.37 -4.37 -54.98
N LEU AA 25 80.20 -4.27 -56.30
CA LEU AA 25 78.85 -4.23 -56.85
C LEU AA 25 78.08 -5.49 -56.54
N GLN AA 26 78.72 -6.66 -56.65
CA GLN AA 26 78.07 -7.91 -56.28
C GLN AA 26 77.65 -7.89 -54.81
N ARG AA 27 78.56 -7.46 -53.93
CA ARG AA 27 78.25 -7.39 -52.50
C ARG AA 27 77.07 -6.48 -52.23
N LEU AA 28 77.02 -5.33 -52.93
CA LEU AA 28 75.96 -4.36 -52.67
C LEU AA 28 74.63 -4.83 -53.24
N THR AA 29 74.65 -5.59 -54.34
CA THR AA 29 73.40 -6.02 -54.95
C THR AA 29 72.85 -7.30 -54.31
N THR AA 30 73.70 -8.11 -53.67
CA THR AA 30 73.23 -9.32 -53.04
C THR AA 30 72.98 -9.17 -51.55
N GLY AA 31 73.42 -8.06 -50.96
CA GLY AA 31 73.28 -7.85 -49.53
C GLY AA 31 74.19 -8.70 -48.67
N TYR AA 32 75.11 -9.45 -49.27
CA TYR AA 32 76.01 -10.35 -48.55
C TYR AA 32 77.44 -9.84 -48.73
N ARG AA 33 78.13 -9.59 -47.61
CA ARG AA 33 79.52 -9.15 -47.69
C ARG AA 33 80.39 -10.23 -48.32
N ILE AA 34 80.20 -11.49 -47.91
CA ILE AA 34 80.88 -12.60 -48.57
C ILE AA 34 79.94 -13.20 -49.61
N ASN AA 35 80.39 -13.20 -50.86
CA ASN AA 35 79.58 -13.75 -51.94
C ASN AA 35 79.46 -15.26 -51.79
N SER AA 36 78.49 -15.85 -52.51
CA SER AA 36 78.31 -17.29 -52.50
C SER AA 36 79.50 -18.02 -53.11
N ALA AA 37 80.46 -17.30 -53.67
CA ALA AA 37 81.64 -17.92 -54.25
C ALA AA 37 82.53 -18.52 -53.15
N LYS AA 38 83.67 -19.07 -53.58
CA LYS AA 38 84.58 -19.72 -52.64
C LYS AA 38 85.29 -18.72 -51.75
N ASP AA 39 85.07 -17.42 -51.97
CA ASP AA 39 85.69 -16.40 -51.13
C ASP AA 39 85.26 -16.56 -49.68
N ASP AA 40 86.25 -16.57 -48.78
CA ASP AA 40 86.02 -16.79 -47.35
C ASP AA 40 85.31 -18.13 -47.11
N ALA AA 41 86.03 -19.19 -47.49
CA ALA AA 41 85.47 -20.53 -47.44
C ALA AA 41 85.01 -20.92 -46.03
N ALA AA 42 85.74 -20.47 -45.00
CA ALA AA 42 85.30 -20.73 -43.63
C ALA AA 42 84.00 -20.03 -43.33
N GLY AA 43 83.91 -18.74 -43.67
CA GLY AA 43 82.66 -18.02 -43.49
C GLY AA 43 81.53 -18.62 -44.30
N LEU AA 44 81.82 -19.08 -45.52
CA LEU AA 44 80.80 -19.71 -46.34
C LEU AA 44 80.30 -21.00 -45.70
N GLN AA 45 81.21 -21.82 -45.18
CA GLN AA 45 80.82 -23.04 -44.48
C GLN AA 45 79.96 -22.74 -43.28
N ILE AA 46 80.36 -21.73 -42.48
CA ILE AA 46 79.58 -21.35 -41.31
C ILE AA 46 78.19 -20.89 -41.74
N SER AA 47 78.10 -20.12 -42.82
CA SER AA 47 76.81 -19.64 -43.29
C SER AA 47 75.94 -20.80 -43.75
N ASN AA 48 76.52 -21.78 -44.45
CA ASN AA 48 75.74 -22.92 -44.91
C ASN AA 48 75.21 -23.74 -43.72
N ARG AA 49 76.07 -23.97 -42.73
CA ARG AA 49 75.62 -24.72 -41.55
C ARG AA 49 74.54 -23.96 -40.79
N LEU AA 50 74.69 -22.64 -40.67
CA LEU AA 50 73.67 -21.85 -39.97
C LEU AA 50 72.36 -21.82 -40.74
N SER AA 51 72.43 -21.82 -42.07
CA SER AA 51 71.20 -21.85 -42.87
C SER AA 51 70.50 -23.19 -42.73
N ASN AA 52 71.25 -24.29 -42.78
CA ASN AA 52 70.67 -25.60 -42.51
C ASN AA 52 70.01 -25.62 -41.13
N GLN AA 53 70.70 -25.05 -40.14
CA GLN AA 53 70.18 -25.04 -38.78
C GLN AA 53 68.88 -24.24 -38.69
N ILE AA 54 68.84 -23.04 -39.28
CA ILE AA 54 67.65 -22.19 -39.14
C ILE AA 54 66.48 -22.82 -39.89
N SER AA 55 66.74 -23.44 -41.04
CA SER AA 55 65.67 -24.15 -41.73
C SER AA 55 65.14 -25.29 -40.89
N GLY AA 56 66.03 -26.06 -40.25
CA GLY AA 56 65.60 -27.11 -39.37
C GLY AA 56 64.77 -26.61 -38.21
N LEU AA 57 65.18 -25.48 -37.62
CA LEU AA 57 64.42 -24.90 -36.52
C LEU AA 57 63.04 -24.44 -36.97
N ASN AA 58 62.94 -23.85 -38.16
CA ASN AA 58 61.63 -23.42 -38.64
C ASN AA 58 60.70 -24.61 -38.87
N VAL AA 59 61.19 -25.65 -39.57
CA VAL AA 59 60.34 -26.80 -39.82
C VAL AA 59 60.01 -27.53 -38.52
N ALA AA 60 60.91 -27.49 -37.53
CA ALA AA 60 60.63 -28.13 -36.26
C ALA AA 60 59.59 -27.36 -35.47
N THR AA 61 59.66 -26.03 -35.49
CA THR AA 61 58.63 -25.22 -34.85
C THR AA 61 57.27 -25.47 -35.50
N ARG AA 62 57.24 -25.60 -36.83
CA ARG AA 62 55.99 -25.89 -37.51
C ARG AA 62 55.43 -27.25 -37.10
N ASN AA 63 56.28 -28.28 -37.12
CA ASN AA 63 55.83 -29.61 -36.72
C ASN AA 63 55.37 -29.63 -35.27
N ALA AA 64 56.03 -28.86 -34.41
CA ALA AA 64 55.60 -28.77 -33.03
C ALA AA 64 54.24 -28.07 -32.91
N ASN AA 65 53.99 -27.09 -33.78
CA ASN AA 65 52.68 -26.46 -33.81
C ASN AA 65 51.59 -27.47 -34.20
N ASP AA 66 51.86 -28.28 -35.23
CA ASP AA 66 50.90 -29.33 -35.57
C ASP AA 66 50.72 -30.31 -34.41
N GLY AA 67 51.80 -30.58 -33.67
CA GLY AA 67 51.67 -31.44 -32.50
C GLY AA 67 50.80 -30.84 -31.41
N ILE AA 68 50.97 -29.54 -31.15
CA ILE AA 68 50.09 -28.87 -30.19
C ILE AA 68 48.64 -28.94 -30.64
N SER AA 69 48.41 -28.78 -31.94
CA SER AA 69 47.04 -28.86 -32.46
C SER AA 69 46.46 -30.26 -32.25
N LEU AA 70 47.24 -31.29 -32.56
CA LEU AA 70 46.80 -32.67 -32.37
C LEU AA 70 46.47 -32.93 -30.91
N ALA AA 71 47.39 -32.58 -30.00
CA ALA AA 71 47.13 -32.78 -28.58
C ALA AA 71 45.97 -31.92 -28.10
N GLN AA 72 45.68 -30.81 -28.77
CA GLN AA 72 44.57 -29.97 -28.35
C GLN AA 72 43.23 -30.61 -28.72
N THR AA 73 43.15 -31.17 -29.93
CA THR AA 73 42.00 -32.01 -30.28
C THR AA 73 41.85 -33.16 -29.30
N ALA AA 74 42.97 -33.77 -28.92
CA ALA AA 74 42.92 -34.87 -27.96
C ALA AA 74 42.36 -34.40 -26.62
N GLU AA 75 42.81 -33.26 -26.12
CA GLU AA 75 42.36 -32.81 -24.80
C GLU AA 75 40.89 -32.42 -24.85
N GLY AA 76 40.43 -31.87 -25.98
CA GLY AA 76 39.01 -31.61 -26.12
C GLY AA 76 38.18 -32.88 -26.08
N ALA AA 77 38.61 -33.90 -26.81
CA ALA AA 77 37.89 -35.18 -26.78
C ALA AA 77 37.90 -35.78 -25.37
N LEU AA 78 39.03 -35.69 -24.68
CA LEU AA 78 39.09 -36.21 -23.31
C LEU AA 78 38.19 -35.43 -22.37
N GLN AA 79 38.10 -34.10 -22.54
CA GLN AA 79 37.15 -33.32 -21.76
C GLN AA 79 35.72 -33.78 -22.02
N GLN AA 80 35.40 -34.07 -23.28
CA GLN AA 80 34.09 -34.61 -23.60
C GLN AA 80 33.84 -35.93 -22.89
N SER AA 81 34.87 -36.79 -22.82
CA SER AA 81 34.71 -38.05 -22.10
C SER AA 81 34.49 -37.81 -20.61
N THR AA 82 35.16 -36.80 -20.04
CA THR AA 82 34.93 -36.47 -18.65
C THR AA 82 33.50 -36.01 -18.41
N ASN AA 83 32.96 -35.19 -19.31
CA ASN AA 83 31.57 -34.78 -19.17
C ASN AA 83 30.63 -35.97 -19.28
N ILE AA 84 30.94 -36.91 -20.19
CA ILE AA 84 30.13 -38.11 -20.34
C ILE AA 84 30.16 -38.93 -19.06
N LEU AA 85 31.33 -39.08 -18.45
CA LEU AA 85 31.43 -39.84 -17.20
C LEU AA 85 30.74 -39.13 -16.05
N GLN AA 86 30.76 -37.79 -16.05
CA GLN AA 86 30.00 -37.04 -15.06
C GLN AA 86 28.52 -37.35 -15.17
N ARG AA 87 27.98 -37.28 -16.39
CA ARG AA 87 26.58 -37.64 -16.61
C ARG AA 87 26.33 -39.10 -16.23
N ILE AA 88 27.31 -39.97 -16.45
CA ILE AA 88 27.14 -41.38 -16.13
C ILE AA 88 26.99 -41.58 -14.63
N ARG AA 89 27.89 -40.99 -13.83
CA ARG AA 89 27.74 -41.08 -12.38
C ARG AA 89 26.45 -40.44 -11.92
N ASP AA 90 26.04 -39.35 -12.57
CA ASP AA 90 24.77 -38.71 -12.22
C ASP AA 90 23.61 -39.69 -12.37
N LEU AA 91 23.48 -40.29 -13.56
CA LEU AA 91 22.40 -41.24 -13.79
C LEU AA 91 22.56 -42.49 -12.93
N ALA AA 92 23.80 -42.81 -12.54
CA ALA AA 92 24.03 -43.99 -11.73
C ALA AA 92 23.52 -43.79 -10.30
N LEU AA 93 23.89 -42.67 -9.68
CA LEU AA 93 23.39 -42.39 -8.35
C LEU AA 93 21.90 -42.05 -8.37
N GLN AA 94 21.39 -41.58 -9.51
CA GLN AA 94 19.94 -41.49 -9.65
C GLN AA 94 19.31 -42.86 -9.72
N SER AA 95 20.04 -43.84 -10.27
CA SER AA 95 19.55 -45.20 -10.36
C SER AA 95 19.44 -45.90 -9.02
N ALA AA 96 19.92 -45.28 -7.94
CA ALA AA 96 19.69 -45.84 -6.61
C ALA AA 96 18.20 -45.95 -6.32
N ASN AA 97 17.44 -44.87 -6.57
CA ASN AA 97 15.98 -44.84 -6.56
C ASN AA 97 15.36 -45.60 -5.39
N GLY AA 98 16.06 -45.66 -4.25
CA GLY AA 98 15.60 -46.44 -3.12
C GLY AA 98 15.62 -47.94 -3.37
N SER AA 99 16.18 -48.33 -4.51
CA SER AA 99 16.43 -49.73 -4.89
C SER AA 99 15.14 -50.47 -5.21
N ASN AA 100 13.98 -49.85 -4.99
CA ASN AA 100 12.73 -50.50 -5.30
C ASN AA 100 11.66 -49.57 -5.87
N SER AA 101 11.95 -48.28 -6.06
CA SER AA 101 10.89 -47.34 -6.39
C SER AA 101 10.70 -47.18 -7.89
N ASP AA 102 11.77 -47.27 -8.68
CA ASP AA 102 11.73 -47.02 -10.11
C ASP AA 102 11.61 -48.37 -10.81
N ALA AA 103 10.38 -48.73 -11.16
CA ALA AA 103 10.15 -49.97 -11.91
C ALA AA 103 10.74 -49.90 -13.32
N ASP AA 104 11.07 -48.70 -13.80
CA ASP AA 104 11.69 -48.52 -15.11
C ASP AA 104 13.22 -48.46 -15.03
N ARG AA 105 13.80 -49.22 -14.09
CA ARG AA 105 15.22 -49.51 -14.14
C ARG AA 105 15.64 -50.01 -15.52
N ALA AA 106 14.74 -50.66 -16.25
CA ALA AA 106 15.06 -51.09 -17.61
C ALA AA 106 15.28 -49.91 -18.53
N ALA AA 107 14.40 -48.90 -18.45
CA ALA AA 107 14.59 -47.70 -19.27
C ALA AA 107 15.83 -46.94 -18.83
N LEU AA 108 16.11 -46.93 -17.52
CA LEU AA 108 17.33 -46.30 -17.04
C LEU AA 108 18.57 -47.00 -17.60
N GLN AA 109 18.56 -48.33 -17.61
CA GLN AA 109 19.67 -49.08 -18.18
C GLN AA 109 19.77 -48.85 -19.69
N LYS AA 110 18.64 -48.67 -20.36
CA LYS AA 110 18.66 -48.33 -21.77
C LYS AA 110 19.34 -46.99 -21.99
N GLU AA 111 19.02 -45.99 -21.16
CA GLU AA 111 19.66 -44.69 -21.28
C GLU AA 111 21.16 -44.80 -21.01
N VAL AA 112 21.55 -45.58 -20.00
CA VAL AA 112 22.96 -45.75 -19.69
C VAL AA 112 23.68 -46.47 -20.82
N ALA AA 113 23.02 -47.42 -21.47
CA ALA AA 113 23.62 -48.11 -22.61
C ALA AA 113 23.78 -47.19 -23.80
N ALA AA 114 22.80 -46.30 -24.01
CA ALA AA 114 22.94 -45.28 -25.04
C ALA AA 114 24.11 -44.36 -24.75
N GLN AA 115 24.28 -43.99 -23.47
CA GLN AA 115 25.41 -43.16 -23.10
C GLN AA 115 26.74 -43.89 -23.30
N GLN AA 116 26.77 -45.20 -23.03
CA GLN AA 116 27.98 -45.98 -23.27
C GLN AA 116 28.29 -46.09 -24.76
N ALA AA 117 27.26 -46.25 -25.59
CA ALA AA 117 27.46 -46.24 -27.04
C ALA AA 117 27.99 -44.89 -27.49
N GLU AA 118 27.48 -43.80 -26.90
CA GLU AA 118 27.99 -42.48 -27.23
C GLU AA 118 29.43 -42.30 -26.78
N LEU AA 119 29.79 -42.93 -25.65
CA LEU AA 119 31.18 -42.93 -25.23
C LEU AA 119 32.06 -43.67 -26.23
N THR AA 120 31.61 -44.82 -26.71
CA THR AA 120 32.36 -45.54 -27.74
C THR AA 120 32.44 -44.71 -29.03
N ARG AA 121 31.41 -43.89 -29.29
CA ARG AA 121 31.43 -43.03 -30.46
C ARG AA 121 32.41 -41.89 -30.33
N ILE AA 122 32.42 -41.19 -29.19
CA ILE AA 122 33.37 -40.11 -28.98
C ILE AA 122 34.79 -40.66 -28.88
N SER AA 123 34.92 -41.95 -28.56
CA SER AA 123 36.20 -42.62 -28.72
C SER AA 123 36.67 -42.53 -30.16
N ASP AA 124 35.79 -42.85 -31.10
CA ASP AA 124 36.04 -42.63 -32.53
C ASP AA 124 35.71 -41.17 -32.86
N THR AA 125 35.58 -40.87 -34.15
CA THR AA 125 35.25 -39.54 -34.66
C THR AA 125 36.23 -38.47 -34.22
N THR AA 126 37.45 -38.87 -33.86
CA THR AA 126 38.55 -37.95 -33.63
C THR AA 126 39.56 -38.03 -34.77
N THR AA 127 39.05 -38.20 -35.99
CA THR AA 127 39.86 -38.51 -37.16
C THR AA 127 40.61 -37.25 -37.63
N PHE AA 128 41.60 -36.86 -36.82
CA PHE AA 128 42.52 -35.79 -37.20
C PHE AA 128 43.66 -36.36 -38.04
N GLY AA 129 43.41 -36.56 -39.33
CA GLY AA 129 44.42 -37.05 -40.24
C GLY AA 129 44.27 -38.49 -40.67
N GLY AA 130 43.06 -39.06 -40.59
CA GLY AA 130 42.83 -40.43 -41.02
C GLY AA 130 43.52 -41.45 -40.12
N ARG AA 131 43.97 -41.00 -38.95
CA ARG AA 131 44.74 -41.81 -38.02
C ARG AA 131 44.19 -41.61 -36.60
N LYS AA 132 42.87 -41.78 -36.47
CA LYS AA 132 42.09 -41.45 -35.28
C LYS AA 132 42.87 -41.65 -33.98
N LEU AA 133 42.86 -40.61 -33.13
CA LEU AA 133 43.90 -40.48 -32.11
C LEU AA 133 43.63 -41.36 -30.89
N LEU AA 134 42.57 -41.06 -30.15
CA LEU AA 134 42.46 -41.59 -28.80
C LEU AA 134 42.10 -43.07 -28.75
N ASP AA 135 41.28 -43.54 -29.68
CA ASP AA 135 40.84 -44.93 -29.64
C ASP AA 135 41.58 -45.76 -30.69
N GLY AA 136 41.20 -47.04 -30.77
CA GLY AA 136 41.83 -47.92 -31.73
C GLY AA 136 43.26 -48.22 -31.33
N SER AA 137 44.15 -48.27 -32.31
CA SER AA 137 45.56 -48.58 -32.11
C SER AA 137 46.37 -47.34 -32.52
N PHE AA 138 46.71 -46.51 -31.54
CA PHE AA 138 47.54 -45.34 -31.78
C PHE AA 138 49.00 -45.76 -31.74
N GLY AA 139 49.74 -45.40 -32.80
CA GLY AA 139 51.09 -45.89 -32.98
C GLY AA 139 52.11 -45.34 -31.99
N THR AA 140 51.68 -44.52 -31.04
CA THR AA 140 52.58 -43.91 -30.06
C THR AA 140 53.70 -43.14 -30.78
N THR AA 141 53.28 -42.13 -31.53
CA THR AA 141 54.19 -41.37 -32.39
C THR AA 141 55.07 -40.47 -31.54
N SER AA 142 56.01 -39.79 -32.19
CA SER AA 142 56.97 -38.93 -31.48
C SER AA 142 57.38 -37.83 -32.45
N PHE AA 143 56.88 -36.62 -32.19
CA PHE AA 143 57.16 -35.49 -33.08
C PHE AA 143 58.56 -34.97 -32.84
N GLN AA 144 59.35 -34.89 -33.92
CA GLN AA 144 60.71 -34.36 -33.82
C GLN AA 144 60.69 -32.85 -33.79
N VAL AA 145 61.36 -32.27 -32.80
CA VAL AA 145 61.39 -30.82 -32.63
C VAL AA 145 62.78 -30.22 -32.75
N GLY AA 146 63.78 -31.00 -33.16
CA GLY AA 146 65.12 -30.50 -33.31
C GLY AA 146 65.65 -30.77 -34.72
N SER AA 147 66.74 -30.07 -35.05
CA SER AA 147 67.41 -30.24 -36.33
C SER AA 147 68.42 -31.39 -36.32
N ASN AA 148 68.37 -32.26 -35.32
CA ASN AA 148 69.27 -33.40 -35.23
C ASN AA 148 68.47 -34.69 -35.27
N ALA AA 149 69.12 -35.77 -35.69
CA ALA AA 149 68.44 -37.05 -35.84
C ALA AA 149 68.03 -37.60 -34.48
N TYR AA 150 66.84 -38.21 -34.43
CA TYR AA 150 66.32 -38.90 -33.26
C TYR AA 150 66.08 -37.95 -32.08
N GLU AA 151 66.29 -36.65 -32.29
CA GLU AA 151 65.98 -35.67 -31.26
C GLU AA 151 64.49 -35.35 -31.28
N THR AA 152 63.70 -36.19 -30.61
CA THR AA 152 62.25 -36.14 -30.74
C THR AA 152 61.59 -36.07 -29.36
N ILE AA 153 60.29 -35.84 -29.37
CA ILE AA 153 59.48 -35.71 -28.16
C ILE AA 153 58.45 -36.83 -28.17
N ASP AA 154 58.52 -37.72 -27.19
CA ASP AA 154 57.62 -38.86 -27.13
C ASP AA 154 56.25 -38.44 -26.62
N ILE AA 155 55.22 -39.10 -27.12
CA ILE AA 155 53.83 -38.89 -26.69
C ILE AA 155 53.25 -40.24 -26.31
N SER AA 156 52.55 -40.28 -25.17
CA SER AA 156 52.02 -41.51 -24.59
C SER AA 156 50.51 -41.46 -24.54
N LEU AA 157 49.89 -41.08 -25.66
CA LEU AA 157 48.44 -41.00 -25.79
C LEU AA 157 47.77 -42.31 -25.35
N GLN AA 158 46.61 -42.19 -24.72
CA GLN AA 158 45.90 -43.36 -24.21
C GLN AA 158 45.52 -44.29 -25.36
N ASN AA 159 45.47 -45.59 -25.06
CA ASN AA 159 45.06 -46.56 -26.07
C ASN AA 159 43.62 -46.33 -26.51
N ALA AA 160 42.73 -46.06 -25.56
CA ALA AA 160 41.34 -45.74 -25.84
C ALA AA 160 40.64 -45.31 -24.57
N SER AA 161 39.58 -44.52 -24.74
CA SER AA 161 38.62 -44.27 -23.68
C SER AA 161 37.55 -45.36 -23.64
N ALA AA 162 37.87 -46.56 -24.12
CA ALA AA 162 36.93 -47.64 -24.38
C ALA AA 162 36.77 -48.59 -23.19
N SER AA 163 36.26 -49.78 -23.48
CA SER AA 163 35.95 -50.79 -22.48
C SER AA 163 37.20 -51.34 -21.81
N ALA AA 164 37.05 -52.51 -21.18
CA ALA AA 164 37.99 -53.18 -20.25
C ALA AA 164 39.44 -52.99 -20.73
N ILE AA 165 39.68 -52.62 -21.98
CA ILE AA 165 41.00 -52.42 -22.57
C ILE AA 165 41.73 -51.24 -21.93
N GLY AA 166 41.29 -50.80 -20.74
CA GLY AA 166 41.69 -49.51 -20.20
C GLY AA 166 40.67 -48.82 -19.32
N SER AA 167 39.67 -49.56 -18.85
CA SER AA 167 38.85 -49.10 -17.73
C SER AA 167 39.42 -49.69 -16.44
N TYR AA 168 38.75 -49.47 -15.30
CA TYR AA 168 39.38 -49.74 -14.00
C TYR AA 168 39.43 -51.25 -13.81
N GLN AA 169 40.61 -51.77 -13.48
CA GLN AA 169 40.77 -53.21 -13.32
C GLN AA 169 40.07 -53.68 -12.04
N VAL AA 170 39.64 -54.94 -12.04
CA VAL AA 170 38.78 -55.47 -11.00
C VAL AA 170 39.39 -56.74 -10.42
N GLY AA 171 39.62 -56.74 -9.11
CA GLY AA 171 39.99 -57.94 -8.41
C GLY AA 171 38.88 -58.39 -7.47
N SER AA 172 38.22 -59.49 -7.81
CA SER AA 172 37.00 -59.89 -7.12
C SER AA 172 37.08 -61.35 -6.72
N ASN AA 173 36.08 -61.79 -5.94
CA ASN AA 173 36.06 -63.15 -5.41
C ASN AA 173 35.86 -64.19 -6.50
N GLY AA 174 34.69 -64.16 -7.15
CA GLY AA 174 34.40 -65.15 -8.17
C GLY AA 174 34.98 -64.79 -9.52
N ALA AA 175 36.01 -63.94 -9.54
CA ALA AA 175 36.62 -63.45 -10.76
C ALA AA 175 37.01 -64.58 -11.72
N GLY AA 176 37.90 -65.47 -11.31
CA GLY AA 176 38.37 -66.50 -12.21
C GLY AA 176 37.38 -67.59 -12.52
N THR AA 177 37.13 -68.48 -11.55
CA THR AA 177 36.13 -69.52 -11.71
C THR AA 177 35.07 -69.46 -10.62
N VAL AA 178 35.51 -69.49 -9.37
CA VAL AA 178 34.62 -69.56 -8.22
C VAL AA 178 35.40 -69.13 -6.98
N ALA AA 179 34.69 -68.71 -5.94
CA ALA AA 179 35.32 -68.16 -4.74
C ALA AA 179 35.40 -69.23 -3.66
N SER AA 180 36.51 -69.23 -2.93
CA SER AA 180 36.66 -70.07 -1.76
C SER AA 180 35.98 -69.43 -0.56
N VAL AA 181 36.37 -69.90 0.64
CA VAL AA 181 35.75 -69.57 1.92
C VAL AA 181 35.32 -68.10 1.99
N ALA AA 182 36.20 -67.19 1.57
CA ALA AA 182 35.82 -65.78 1.51
C ALA AA 182 34.71 -65.59 0.48
N GLY AA 183 33.53 -65.22 0.94
CA GLY AA 183 32.39 -65.03 0.06
C GLY AA 183 31.60 -66.30 -0.18
N THR AA 184 31.51 -67.15 0.83
CA THR AA 184 30.69 -68.35 0.79
C THR AA 184 30.66 -68.95 2.19
N ALA AA 185 29.73 -69.88 2.40
CA ALA AA 185 29.63 -70.57 3.68
C ALA AA 185 30.71 -71.65 3.79
N THR AA 186 31.12 -71.93 5.03
CA THR AA 186 32.16 -72.91 5.29
C THR AA 186 32.11 -73.34 6.75
N ALA AA 187 32.79 -74.43 7.05
CA ALA AA 187 32.83 -74.95 8.41
C ALA AA 187 33.95 -74.31 9.23
N SER AA 188 35.18 -74.45 8.76
CA SER AA 188 36.33 -73.95 9.52
C SER AA 188 36.38 -72.42 9.52
N GLY AA 189 36.34 -71.82 8.34
CA GLY AA 189 36.43 -70.38 8.22
C GLY AA 189 37.72 -69.91 7.61
N ILE AA 190 37.93 -68.59 7.69
CA ILE AA 190 39.14 -67.96 7.17
C ILE AA 190 40.34 -68.51 7.91
N ALA AA 191 41.27 -69.14 7.18
CA ALA AA 191 42.46 -69.71 7.75
C ALA AA 191 43.62 -68.70 7.68
N SER AA 192 44.82 -69.17 8.00
CA SER AA 192 46.00 -68.35 7.95
C SER AA 192 46.35 -68.02 6.50
N GLY AA 193 47.38 -67.19 6.32
CA GLY AA 193 47.84 -66.80 5.00
C GLY AA 193 48.61 -65.49 5.03
N THR AA 194 49.42 -65.33 3.98
CA THR AA 194 50.29 -64.16 3.82
C THR AA 194 50.17 -63.64 2.39
N VAL AA 195 48.92 -63.50 1.93
CA VAL AA 195 48.56 -63.13 0.56
C VAL AA 195 49.40 -61.96 0.08
N ASN AA 196 49.95 -62.08 -1.13
CA ASN AA 196 50.84 -61.05 -1.66
C ASN AA 196 50.07 -60.04 -2.49
N LEU AA 197 50.43 -58.78 -2.33
CA LEU AA 197 49.84 -57.69 -3.10
C LEU AA 197 50.93 -57.01 -3.92
N VAL AA 198 50.65 -56.80 -5.20
CA VAL AA 198 51.63 -56.28 -6.14
C VAL AA 198 51.06 -55.06 -6.85
N GLY AA 199 51.90 -54.06 -7.06
CA GLY AA 199 51.50 -52.85 -7.77
C GLY AA 199 52.33 -51.64 -7.40
N GLY AA 200 52.72 -50.87 -8.41
CA GLY AA 200 53.56 -49.70 -8.22
C GLY AA 200 54.84 -49.96 -7.45
N GLY AA 201 55.38 -51.16 -7.57
CA GLY AA 201 56.57 -51.56 -6.84
C GLY AA 201 56.44 -51.39 -5.34
N GLN AA 202 55.27 -51.75 -4.80
CA GLN AA 202 55.01 -51.62 -3.36
C GLN AA 202 54.53 -52.94 -2.77
N VAL AA 203 55.21 -54.04 -3.09
CA VAL AA 203 54.82 -55.35 -2.59
C VAL AA 203 54.89 -55.38 -1.06
N LYS AA 204 53.77 -55.75 -0.43
CA LYS AA 204 53.70 -55.82 1.03
C LYS AA 204 52.85 -57.03 1.38
N ASN AA 205 53.45 -57.97 2.12
CA ASN AA 205 52.78 -59.22 2.47
C ASN AA 205 51.71 -58.94 3.53
N ILE AA 206 50.44 -58.97 3.11
CA ILE AA 206 49.35 -58.79 4.05
C ILE AA 206 49.17 -60.07 4.85
N ALA AA 207 49.11 -59.93 6.18
CA ALA AA 207 49.00 -61.07 7.08
C ALA AA 207 47.52 -61.28 7.42
N ILE AA 208 47.00 -62.45 7.08
CA ILE AA 208 45.61 -62.81 7.35
C ILE AA 208 45.65 -64.02 8.29
N ALA AA 209 45.34 -63.80 9.55
CA ALA AA 209 45.35 -64.89 10.52
C ALA AA 209 44.13 -65.77 10.36
N ALA AA 210 44.14 -66.90 11.07
CA ALA AA 210 43.05 -67.87 11.01
C ALA AA 210 41.94 -67.44 11.97
N GLY AA 211 40.84 -66.93 11.41
CA GLY AA 211 39.72 -66.52 12.22
C GLY AA 211 39.20 -65.13 11.91
N ASP AA 212 40.05 -64.30 11.28
CA ASP AA 212 39.69 -62.93 10.96
C ASP AA 212 38.47 -62.87 10.05
N SER AA 213 37.53 -62.00 10.39
CA SER AA 213 36.34 -61.82 9.56
C SER AA 213 36.70 -61.06 8.29
N ALA AA 214 35.73 -61.01 7.37
CA ALA AA 214 35.91 -60.30 6.11
C ALA AA 214 36.20 -58.82 6.35
N LYS AA 215 35.56 -58.24 7.36
CA LYS AA 215 35.79 -56.84 7.71
C LYS AA 215 37.24 -56.61 8.10
N ALA AA 216 37.79 -57.51 8.92
CA ALA AA 216 39.18 -57.41 9.35
C ALA AA 216 40.12 -57.50 8.17
N ILE AA 217 39.87 -58.44 7.26
CA ILE AA 217 40.69 -58.63 6.08
C ILE AA 217 40.66 -57.38 5.22
N ALA AA 218 39.47 -56.81 5.05
CA ALA AA 218 39.29 -55.58 4.28
C ALA AA 218 40.10 -54.45 4.88
N GLU AA 219 39.97 -54.26 6.20
CA GLU AA 219 40.72 -53.21 6.89
C GLU AA 219 42.22 -53.43 6.74
N LYS AA 220 42.66 -54.68 6.76
CA LYS AA 220 44.08 -55.00 6.63
C LYS AA 220 44.61 -54.65 5.24
N MET AA 221 43.96 -55.16 4.19
CA MET AA 221 44.47 -54.91 2.84
C MET AA 221 44.32 -53.45 2.43
N ASP AA 222 43.42 -52.72 3.09
CA ASP AA 222 43.29 -51.29 2.85
C ASP AA 222 44.57 -50.56 3.24
N GLY AA 223 44.79 -49.39 2.65
CA GLY AA 223 45.92 -48.58 3.04
C GLY AA 223 47.17 -48.75 2.21
N ALA AA 224 48.08 -49.61 2.69
CA ALA AA 224 49.45 -49.75 2.20
C ALA AA 224 49.61 -49.61 0.69
N ILE AA 225 48.84 -50.37 -0.09
CA ILE AA 225 48.93 -50.30 -1.54
C ILE AA 225 48.35 -48.96 -2.00
N PRO AA 226 49.13 -48.17 -2.75
CA PRO AA 226 48.63 -46.86 -3.20
C PRO AA 226 47.33 -46.94 -3.98
N ASN AA 227 46.46 -45.94 -3.80
CA ASN AA 227 45.15 -45.82 -4.44
C ASN AA 227 44.40 -47.13 -4.55
N LEU AA 228 44.35 -47.90 -3.45
CA LEU AA 228 43.56 -49.12 -3.40
C LEU AA 228 42.59 -49.02 -2.23
N SER AA 229 41.35 -49.45 -2.46
CA SER AA 229 40.32 -49.49 -1.43
C SER AA 229 39.75 -50.91 -1.35
N ALA AA 230 39.14 -51.23 -0.21
CA ALA AA 230 38.62 -52.58 0.00
C ALA AA 230 37.40 -52.48 0.90
N ARG AA 231 36.25 -52.89 0.38
CA ARG AA 231 35.03 -52.92 1.17
C ARG AA 231 34.73 -54.33 1.64
N ALA AA 232 33.89 -54.44 2.67
CA ALA AA 232 33.41 -55.71 3.17
C ALA AA 232 31.88 -55.72 3.14
N ARG AA 233 31.31 -56.87 2.78
CA ARG AA 233 29.86 -56.98 2.65
C ARG AA 233 29.48 -58.46 2.75
N THR AA 234 28.52 -58.77 3.59
CA THR AA 234 28.03 -60.14 3.78
C THR AA 234 26.53 -60.16 3.52
N VAL AA 235 26.14 -60.68 2.35
CA VAL AA 235 24.75 -60.81 1.96
C VAL AA 235 24.44 -62.30 1.81
N PHE AA 236 23.46 -62.79 2.57
CA PHE AA 236 23.07 -64.19 2.56
C PHE AA 236 21.58 -64.32 2.78
N THR AA 237 20.95 -65.24 2.06
CA THR AA 237 19.53 -65.52 2.22
C THR AA 237 19.32 -66.63 3.25
N ALA AA 238 18.06 -66.96 3.46
CA ALA AA 238 17.68 -68.02 4.41
C ALA AA 238 16.34 -68.59 3.98
N ASP AA 239 16.19 -69.89 4.23
CA ASP AA 239 14.95 -70.59 3.89
CA ASP AA 239 14.95 -70.58 3.90
C ASP AA 239 14.74 -71.78 4.82
N VAL AA 240 13.82 -71.65 5.78
CA VAL AA 240 13.52 -72.71 6.73
C VAL AA 240 12.70 -73.80 6.05
N SER AA 241 13.13 -75.04 6.19
CA SER AA 241 12.39 -76.17 5.64
C SER AA 241 11.36 -76.66 6.64
N GLY AA 242 10.74 -77.81 6.36
CA GLY AA 242 9.76 -78.39 7.27
C GLY AA 242 10.34 -78.75 8.62
N VAL AA 243 9.50 -78.71 9.66
CA VAL AA 243 9.95 -79.02 11.01
C VAL AA 243 9.13 -80.19 11.56
N THR AA 244 9.76 -81.37 11.64
CA THR AA 244 9.06 -82.56 12.10
C THR AA 244 9.09 -82.63 13.64
N GLY AA 245 7.93 -82.41 14.25
CA GLY AA 245 7.77 -82.55 15.68
C GLY AA 245 8.72 -81.71 16.51
N GLY AA 246 8.59 -80.39 16.43
CA GLY AA 246 9.41 -79.48 17.19
C GLY AA 246 9.88 -78.31 16.35
N SER AA 247 10.76 -77.51 16.94
CA SER AA 247 11.30 -76.32 16.29
C SER AA 247 12.82 -76.39 16.29
N LEU AA 248 13.43 -75.41 15.62
CA LEU AA 248 14.88 -75.34 15.49
C LEU AA 248 15.40 -74.28 16.47
N ASN AA 249 15.74 -74.74 17.68
CA ASN AA 249 16.27 -73.86 18.72
C ASN AA 249 17.79 -73.82 18.60
N PHE AA 250 18.28 -72.89 17.79
CA PHE AA 250 19.72 -72.73 17.61
C PHE AA 250 20.17 -71.33 17.99
N ASP AA 251 21.45 -71.03 17.76
CA ASP AA 251 22.02 -69.74 18.10
C ASP AA 251 22.65 -69.10 16.86
N VAL AA 252 22.95 -67.81 16.99
CA VAL AA 252 23.56 -67.04 15.91
C VAL AA 252 24.67 -66.18 16.51
N THR AA 253 25.90 -66.39 16.06
CA THR AA 253 27.06 -65.67 16.58
C THR AA 253 27.48 -64.62 15.57
N VAL AA 254 27.11 -63.36 15.83
CA VAL AA 254 27.52 -62.25 14.98
C VAL AA 254 28.66 -61.50 15.64
N GLY AA 255 29.88 -61.86 15.28
CA GLY AA 255 31.04 -61.15 15.83
C GLY AA 255 31.22 -61.44 17.31
N SER AA 256 31.35 -60.36 18.09
CA SER AA 256 31.57 -60.48 19.52
C SER AA 256 30.37 -61.11 20.22
N ASN AA 257 29.22 -60.45 20.16
CA ASN AA 257 28.04 -60.94 20.84
C ASN AA 257 27.43 -62.13 20.09
N THR AA 258 26.62 -62.90 20.82
CA THR AA 258 26.01 -64.11 20.28
C THR AA 258 24.52 -64.09 20.57
N VAL AA 259 23.71 -64.32 19.53
CA VAL AA 259 22.26 -64.34 19.68
C VAL AA 259 21.84 -65.68 20.25
N SER AA 260 20.78 -65.68 21.06
CA SER AA 260 20.27 -66.92 21.64
C SER AA 260 18.79 -67.09 21.29
N LEU AA 261 18.44 -66.85 20.03
CA LEU AA 261 17.06 -66.94 19.57
C LEU AA 261 16.54 -68.37 19.66
N ALA AA 262 15.25 -68.55 19.45
CA ALA AA 262 14.63 -69.87 19.53
C ALA AA 262 13.33 -69.86 18.72
N GLY AA 263 12.68 -71.00 18.62
CA GLY AA 263 11.41 -71.13 17.93
C GLY AA 263 11.45 -70.78 16.46
N VAL AA 264 12.21 -71.55 15.68
CA VAL AA 264 12.27 -71.38 14.23
C VAL AA 264 11.55 -72.55 13.59
N THR AA 265 10.40 -72.27 12.97
CA THR AA 265 9.63 -73.31 12.28
C THR AA 265 9.47 -72.95 10.81
N SER AA 266 9.39 -71.65 10.52
CA SER AA 266 9.26 -71.15 9.16
C SER AA 266 10.20 -69.98 8.95
N THR AA 267 10.32 -69.56 7.68
CA THR AA 267 11.15 -68.40 7.35
C THR AA 267 10.64 -67.15 8.05
N GLN AA 268 9.32 -67.04 8.20
CA GLN AA 268 8.72 -65.91 8.90
C GLN AA 268 9.19 -65.84 10.35
N ASP AA 269 9.27 -67.00 11.01
CA ASP AA 269 9.71 -67.05 12.40
C ASP AA 269 11.15 -66.55 12.54
N LEU AA 270 12.03 -67.05 11.67
CA LEU AA 270 13.43 -66.60 11.67
C LEU AA 270 13.52 -65.11 11.42
N ALA AA 271 12.73 -64.61 10.45
CA ALA AA 271 12.73 -63.19 10.13
C ALA AA 271 12.28 -62.35 11.32
N ASP AA 272 11.27 -62.83 12.05
CA ASP AA 272 10.77 -62.11 13.22
C ASP AA 272 11.82 -62.10 14.32
N GLN AA 273 12.44 -63.25 14.59
CA GLN AA 273 13.47 -63.31 15.62
C GLN AA 273 14.64 -62.39 15.27
N LEU AA 274 14.97 -62.28 13.98
CA LEU AA 274 16.04 -61.40 13.55
C LEU AA 274 15.66 -59.94 13.71
N ASN AA 275 14.47 -59.56 13.24
CA ASN AA 275 14.03 -58.17 13.31
C ASN AA 275 13.87 -57.71 14.76
N SER AA 276 13.56 -58.65 15.66
CA SER AA 276 13.42 -58.30 17.07
C SER AA 276 14.77 -57.94 17.68
N ASN AA 277 15.78 -58.78 17.45
CA ASN AA 277 17.06 -58.62 18.12
C ASN AA 277 17.95 -57.61 17.39
N SER AA 278 17.39 -56.91 16.41
CA SER AA 278 18.13 -55.94 15.59
C SER AA 278 18.93 -54.95 16.43
N SER AA 279 18.47 -54.66 17.64
CA SER AA 279 19.20 -53.79 18.56
C SER AA 279 20.58 -54.36 18.86
N LYS AA 280 20.62 -55.59 19.36
CA LYS AA 280 21.87 -56.24 19.75
C LYS AA 280 22.70 -56.61 18.52
N LEU AA 281 22.13 -57.40 17.62
CA LEU AA 281 22.84 -57.86 16.43
C LEU AA 281 22.90 -56.72 15.41
N GLY AA 282 24.12 -56.38 15.00
CA GLY AA 282 24.33 -55.32 14.05
C GLY AA 282 24.24 -55.78 12.60
N ILE AA 283 23.17 -56.50 12.27
CA ILE AA 283 22.99 -57.01 10.91
C ILE AA 283 21.51 -56.94 10.52
N THR AA 284 21.23 -56.35 9.37
CA THR AA 284 19.85 -56.12 8.96
C THR AA 284 19.27 -57.34 8.25
N ALA AA 285 17.96 -57.52 8.40
CA ALA AA 285 17.24 -58.63 7.78
C ALA AA 285 16.25 -58.09 6.76
N SER AA 286 15.80 -58.98 5.86
CA SER AA 286 14.89 -58.60 4.79
C SER AA 286 14.08 -59.80 4.30
N ILE AA 287 12.76 -59.74 4.41
CA ILE AA 287 11.88 -60.83 4.03
C ILE AA 287 10.81 -60.28 3.10
N ASN AA 288 10.79 -60.77 1.87
CA ASN AA 288 9.72 -60.46 0.93
C ASN AA 288 8.59 -61.48 1.04
N ASP AA 289 7.45 -61.16 0.43
CA ASP AA 289 6.33 -62.09 0.45
C ASP AA 289 6.59 -63.28 -0.47
N LYS AA 290 7.56 -63.13 -1.37
CA LYS AA 290 7.92 -64.23 -2.26
C LYS AA 290 8.35 -65.46 -1.46
N GLY AA 291 9.17 -65.26 -0.44
CA GLY AA 291 9.55 -66.34 0.45
C GLY AA 291 11.03 -66.40 0.74
N VAL AA 292 11.84 -65.68 -0.03
CA VAL AA 292 13.29 -65.71 0.14
C VAL AA 292 13.74 -64.68 1.17
N LEU AA 293 13.78 -65.10 2.43
CA LEU AA 293 14.32 -64.25 3.49
C LEU AA 293 15.81 -64.04 3.29
N THR AA 294 16.22 -62.77 3.26
CA THR AA 294 17.63 -62.43 3.08
C THR AA 294 18.08 -61.54 4.23
N ILE AA 295 19.34 -61.72 4.63
CA ILE AA 295 19.91 -61.01 5.76
C ILE AA 295 21.23 -60.39 5.31
N THR AA 296 21.43 -59.12 5.65
CA THR AA 296 22.55 -58.35 5.11
C THR AA 296 23.24 -57.58 6.23
N SER AA 297 24.57 -57.64 6.25
CA SER AA 297 25.39 -56.87 7.18
C SER AA 297 26.23 -55.89 6.35
N ALA AA 298 25.94 -54.60 6.51
CA ALA AA 298 26.69 -53.57 5.80
C ALA AA 298 28.17 -53.60 6.18
N THR AA 299 28.47 -53.96 7.42
CA THR AA 299 29.86 -54.01 7.88
C THR AA 299 30.66 -55.08 7.14
N GLY AA 300 30.16 -56.31 7.13
CA GLY AA 300 30.86 -57.41 6.50
C GLY AA 300 31.33 -58.44 7.49
N GLU AA 301 30.60 -58.58 8.60
CA GLU AA 301 30.99 -59.52 9.64
C GLU AA 301 30.72 -60.95 9.20
N ASN AA 302 31.63 -61.86 9.55
CA ASN AA 302 31.50 -63.28 9.20
C ASN AA 302 30.47 -63.91 10.13
N VAL AA 303 29.21 -63.89 9.67
CA VAL AA 303 28.12 -64.38 10.51
C VAL AA 303 28.29 -65.86 10.81
N LYS AA 304 27.99 -66.23 12.05
CA LYS AA 304 28.12 -67.61 12.51
C LYS AA 304 26.78 -68.06 13.08
N PHE AA 305 26.43 -69.30 12.77
CA PHE AA 305 25.21 -69.92 13.27
C PHE AA 305 25.60 -70.93 14.33
N GLY AA 306 25.09 -70.75 15.55
CA GLY AA 306 25.45 -71.61 16.66
C GLY AA 306 24.97 -73.04 16.47
N ALA AA 307 25.34 -73.87 17.44
CA ALA AA 307 24.96 -75.28 17.42
C ALA AA 307 23.44 -75.42 17.50
N GLN AA 308 22.93 -76.49 16.89
CA GLN AA 308 21.50 -76.72 16.82
C GLN AA 308 21.06 -77.60 18.00
N THR AA 309 20.76 -76.92 19.11
CA THR AA 309 20.15 -77.57 20.28
C THR AA 309 18.63 -77.46 20.28
N GLY AA 310 17.99 -77.89 19.19
CA GLY AA 310 16.56 -77.71 19.04
C GLY AA 310 15.77 -78.84 19.67
N THR AA 311 14.46 -78.80 19.42
CA THR AA 311 13.53 -79.80 19.91
C THR AA 311 12.87 -80.60 18.81
N ALA AA 312 13.18 -80.32 17.55
CA ALA AA 312 12.61 -81.06 16.43
C ALA AA 312 13.38 -82.34 16.17
N THR AA 313 13.07 -83.02 15.08
CA THR AA 313 13.77 -84.26 14.72
C THR AA 313 14.36 -84.16 13.33
N ALA AA 314 13.72 -83.38 12.45
CA ALA AA 314 14.20 -83.20 11.10
C ALA AA 314 13.91 -81.77 10.65
N GLY AA 315 14.66 -81.31 9.68
CA GLY AA 315 14.56 -79.97 9.16
C GLY AA 315 15.92 -79.31 9.02
N GLN AA 316 15.93 -78.22 8.24
CA GLN AA 316 17.18 -77.50 7.97
C GLN AA 316 16.82 -76.11 7.46
N VAL AA 317 17.77 -75.20 7.59
CA VAL AA 317 17.62 -73.84 7.08
C VAL AA 317 18.80 -73.53 6.16
N ALA AA 318 18.60 -73.73 4.86
CA ALA AA 318 19.66 -73.48 3.89
C ALA AA 318 19.91 -71.99 3.74
N VAL AA 319 21.11 -71.65 3.25
CA VAL AA 319 21.50 -70.27 3.02
C VAL AA 319 22.25 -70.19 1.70
N LYS AA 320 22.33 -68.97 1.17
CA LYS AA 320 23.13 -68.67 -0.01
C LYS AA 320 24.14 -67.59 0.34
N VAL AA 321 24.87 -67.12 -0.66
CA VAL AA 321 25.86 -66.08 -0.48
C VAL AA 321 25.90 -65.22 -1.74
N GLN AA 322 26.01 -63.90 -1.57
CA GLN AA 322 26.15 -63.01 -2.70
C GLN AA 322 27.57 -63.03 -3.25
N GLY AA 323 27.69 -63.10 -4.56
CA GLY AA 323 28.99 -63.04 -5.18
C GLY AA 323 29.55 -61.62 -5.18
N SER AA 324 30.85 -61.53 -5.43
CA SER AA 324 31.51 -60.23 -5.49
C SER AA 324 30.95 -59.37 -6.62
N ASP AA 325 31.10 -59.85 -7.85
CA ASP AA 325 30.54 -59.13 -9.00
C ASP AA 325 29.01 -59.16 -8.98
N GLY AA 326 28.44 -60.31 -8.62
CA GLY AA 326 27.01 -60.48 -8.58
C GLY AA 326 26.62 -61.92 -8.72
N LYS AA 327 25.63 -62.20 -9.60
CA LYS AA 327 25.18 -63.57 -9.86
C LYS AA 327 24.95 -64.34 -8.58
N PHE AA 328 23.98 -63.91 -7.79
CA PHE AA 328 23.68 -64.50 -6.48
C PHE AA 328 23.64 -66.02 -6.57
N GLU AA 329 24.26 -66.66 -5.57
CA GLU AA 329 24.45 -68.10 -5.58
C GLU AA 329 23.12 -68.85 -5.67
N ALA AA 330 23.07 -69.85 -6.54
CA ALA AA 330 21.90 -70.68 -6.69
C ALA AA 330 21.95 -71.87 -5.73
N ALA AA 331 23.08 -72.57 -5.71
CA ALA AA 331 23.23 -73.73 -4.84
C ALA AA 331 23.19 -73.33 -3.38
N ALA AA 332 22.44 -74.09 -2.59
CA ALA AA 332 22.27 -73.78 -1.18
C ALA AA 332 23.12 -74.74 -0.34
N LYS AA 333 23.29 -74.44 0.95
CA LYS AA 333 24.00 -75.32 1.87
C LYS AA 333 23.55 -74.97 3.28
N ASN AA 334 23.17 -75.99 4.05
CA ASN AA 334 22.59 -75.78 5.36
C ASN AA 334 23.63 -75.32 6.36
N VAL AA 335 23.22 -74.44 7.28
CA VAL AA 335 24.05 -74.06 8.42
C VAL AA 335 23.62 -74.74 9.70
N VAL AA 336 22.33 -75.00 9.88
CA VAL AA 336 21.81 -75.72 11.05
C VAL AA 336 20.77 -76.71 10.56
N ALA AA 337 20.68 -77.86 11.22
CA ALA AA 337 19.78 -78.92 10.80
C ALA AA 337 19.38 -79.74 12.01
N ALA AA 338 18.08 -79.99 12.17
CA ALA AA 338 17.57 -80.81 13.26
C ALA AA 338 18.09 -82.24 13.11
N GLY AA 339 18.66 -82.78 14.18
CA GLY AA 339 19.22 -84.11 14.14
C GLY AA 339 20.73 -84.10 14.02
N THR AA 340 21.25 -84.75 12.98
CA THR AA 340 22.68 -84.79 12.75
C THR AA 340 23.24 -83.39 12.50
N ALA AA 341 24.42 -83.11 13.04
CA ALA AA 341 25.06 -81.81 12.83
C ALA AA 341 25.52 -81.68 11.38
N ALA AA 342 25.15 -80.57 10.76
CA ALA AA 342 25.53 -80.31 9.37
C ALA AA 342 26.89 -79.65 9.29
N THR AA 343 27.33 -79.32 8.08
CA THR AA 343 28.58 -78.63 7.83
C THR AA 343 28.30 -77.20 7.38
N THR AA 344 29.36 -76.48 7.04
CA THR AA 344 29.28 -75.08 6.63
C THR AA 344 28.50 -74.26 7.65
N THR AA 345 29.02 -74.24 8.88
CA THR AA 345 28.30 -73.62 9.99
C THR AA 345 28.37 -72.10 9.99
N ILE AA 346 29.32 -71.49 9.28
CA ILE AA 346 29.45 -70.05 9.29
C ILE AA 346 29.17 -69.51 7.89
N VAL AA 347 29.04 -68.20 7.80
CA VAL AA 347 28.83 -67.51 6.52
C VAL AA 347 29.80 -66.34 6.45
N THR AA 348 30.62 -66.32 5.41
CA THR AA 348 31.65 -65.30 5.23
C THR AA 348 31.30 -64.43 4.04
N GLY AA 349 31.39 -63.12 4.22
CA GLY AA 349 31.12 -62.18 3.15
C GLY AA 349 32.26 -62.13 2.14
N TYR AA 350 32.07 -61.29 1.14
CA TYR AA 350 33.02 -61.11 0.05
C TYR AA 350 33.72 -59.77 0.15
N VAL AA 351 34.86 -59.66 -0.53
CA VAL AA 351 35.62 -58.43 -0.58
C VAL AA 351 35.80 -58.04 -2.06
N GLN AA 352 35.87 -56.73 -2.30
CA GLN AA 352 36.01 -56.21 -3.66
C GLN AA 352 37.17 -55.23 -3.67
N LEU AA 353 38.23 -55.56 -4.40
CA LEU AA 353 39.40 -54.71 -4.51
C LEU AA 353 39.35 -53.97 -5.85
N ASN AA 354 38.71 -52.80 -5.83
CA ASN AA 354 38.70 -51.94 -7.00
C ASN AA 354 40.08 -51.31 -7.21
N SER AA 355 40.49 -51.23 -8.48
CA SER AA 355 41.82 -50.76 -8.81
C SER AA 355 41.79 -49.83 -10.01
N PRO AA 356 42.42 -48.66 -9.92
CA PRO AA 356 42.43 -47.73 -11.06
C PRO AA 356 43.26 -48.19 -12.23
N THR AA 357 44.54 -48.54 -12.03
CA THR AA 357 45.42 -48.83 -13.14
C THR AA 357 45.86 -50.28 -13.19
N ALA AA 358 46.46 -50.77 -12.11
CA ALA AA 358 47.00 -52.11 -12.05
C ALA AA 358 47.19 -52.54 -10.60
N TYR AA 359 46.69 -53.73 -10.27
CA TYR AA 359 46.79 -54.24 -8.90
C TYR AA 359 46.72 -55.76 -8.91
N SER AA 360 47.87 -56.41 -8.77
CA SER AA 360 47.96 -57.86 -8.79
C SER AA 360 47.91 -58.42 -7.38
N VAL AA 361 47.44 -59.67 -7.28
CA VAL AA 361 47.32 -60.36 -6.00
C VAL AA 361 47.73 -61.81 -6.19
N SER AA 362 48.38 -62.37 -5.17
CA SER AA 362 48.82 -63.76 -5.21
C SER AA 362 48.92 -64.30 -3.79
N GLY AA 363 48.97 -65.62 -3.69
CA GLY AA 363 49.04 -66.28 -2.40
C GLY AA 363 49.40 -67.75 -2.52
N THR AA 364 50.17 -68.26 -1.56
CA THR AA 364 50.62 -69.64 -1.60
C THR AA 364 49.46 -70.61 -1.42
N GLY AA 365 49.05 -71.28 -2.50
CA GLY AA 365 48.01 -72.28 -2.44
C GLY AA 365 46.67 -71.77 -1.96
N THR AA 366 46.28 -72.17 -0.74
CA THR AA 366 44.98 -71.82 -0.19
C THR AA 366 44.82 -70.30 -0.04
N GLN AA 367 45.88 -69.63 0.39
CA GLN AA 367 45.84 -68.19 0.67
C GLN AA 367 45.23 -67.38 -0.46
N ALA AA 368 45.72 -67.58 -1.68
CA ALA AA 368 45.17 -66.88 -2.84
C ALA AA 368 43.70 -67.25 -3.07
N SER AA 369 43.42 -68.55 -3.02
CA SER AA 369 42.05 -69.01 -3.26
C SER AA 369 41.12 -68.56 -2.14
N GLN AA 370 41.56 -68.70 -0.89
CA GLN AA 370 40.68 -68.45 0.25
C GLN AA 370 40.29 -66.98 0.41
N VAL AA 371 40.69 -66.11 -0.51
CA VAL AA 371 40.31 -64.71 -0.50
C VAL AA 371 39.64 -64.28 -1.81
N PHE AA 372 40.26 -64.63 -2.94
CA PHE AA 372 39.79 -64.11 -4.22
C PHE AA 372 39.83 -65.21 -5.29
N GLY AA 373 39.75 -66.47 -4.85
CA GLY AA 373 39.80 -67.59 -5.76
C GLY AA 373 41.04 -67.62 -6.63
N ASN AA 374 40.91 -68.15 -7.85
CA ASN AA 374 42.03 -68.25 -8.78
C ASN AA 374 41.98 -67.08 -9.77
N ALA AA 375 42.16 -65.87 -9.24
CA ALA AA 375 42.16 -64.69 -10.07
C ALA AA 375 43.57 -64.32 -10.52
N SER AA 376 44.44 -64.01 -9.55
CA SER AA 376 45.85 -63.74 -9.79
C SER AA 376 46.08 -62.50 -10.67
N ALA AA 377 45.02 -61.82 -11.06
CA ALA AA 377 45.10 -60.65 -11.92
C ALA AA 377 43.82 -59.84 -11.81
N ALA AA 378 43.95 -58.51 -11.88
CA ALA AA 378 42.81 -57.61 -11.75
C ALA AA 378 42.12 -57.38 -13.08
N GLN AA 379 42.46 -58.16 -14.10
CA GLN AA 379 41.99 -57.97 -15.47
C GLN AA 379 40.47 -58.14 -15.53
N LYS AA 380 39.89 -57.93 -16.71
CA LYS AA 380 38.43 -57.87 -16.91
C LYS AA 380 37.82 -56.68 -16.18
N SER AA 381 38.27 -55.49 -16.57
CA SER AA 381 37.71 -54.24 -16.06
C SER AA 381 36.20 -54.20 -16.22
N SER AA 382 35.71 -54.51 -17.42
CA SER AA 382 34.30 -54.71 -17.73
C SER AA 382 33.43 -53.49 -17.39
N VAL AA 383 33.65 -52.37 -18.09
CA VAL AA 383 32.80 -51.19 -17.94
C VAL AA 383 31.56 -51.39 -18.81
N ALA AA 384 31.68 -52.23 -19.83
CA ALA AA 384 30.54 -52.54 -20.70
C ALA AA 384 29.45 -53.27 -19.92
N SER AA 385 29.85 -54.19 -19.04
CA SER AA 385 28.91 -55.03 -18.32
C SER AA 385 28.11 -54.26 -17.28
N VAL AA 386 28.46 -53.00 -17.04
CA VAL AA 386 27.80 -52.18 -16.02
C VAL AA 386 26.29 -52.22 -16.19
N ASP AA 387 25.59 -52.57 -15.13
CA ASP AA 387 24.14 -52.64 -15.12
C ASP AA 387 23.57 -51.55 -14.21
N ILE AA 388 22.26 -51.41 -14.25
CA ILE AA 388 21.55 -50.41 -13.46
C ILE AA 388 20.44 -51.02 -12.63
N SER AA 389 19.94 -52.20 -13.04
CA SER AA 389 18.59 -52.65 -12.70
C SER AA 389 18.22 -52.59 -11.23
N THR AA 390 18.82 -53.44 -10.38
CA THR AA 390 18.27 -53.52 -9.03
C THR AA 390 19.23 -53.12 -7.90
N ALA AA 391 20.31 -53.88 -7.73
CA ALA AA 391 21.17 -53.69 -6.56
C ALA AA 391 22.61 -53.37 -6.93
N ASP AA 392 23.20 -54.22 -7.77
CA ASP AA 392 24.63 -54.14 -8.08
C ASP AA 392 24.97 -52.79 -8.68
N GLY AA 393 24.25 -52.40 -9.74
CA GLY AA 393 24.52 -51.20 -10.49
C GLY AA 393 24.73 -49.94 -9.67
N ALA AA 394 23.79 -49.66 -8.75
CA ALA AA 394 23.78 -48.42 -7.98
C ALA AA 394 25.11 -48.09 -7.33
N GLN AA 395 25.95 -49.09 -7.10
CA GLN AA 395 27.26 -48.90 -6.50
C GLN AA 395 28.40 -49.33 -7.41
N ASN AA 396 28.18 -50.36 -8.22
CA ASN AA 396 29.22 -50.81 -9.15
C ASN AA 396 29.52 -49.74 -10.19
N ALA AA 397 28.52 -48.96 -10.57
CA ALA AA 397 28.72 -47.89 -11.53
C ALA AA 397 29.65 -46.83 -10.95
N ILE AA 398 29.51 -46.52 -9.66
CA ILE AA 398 30.43 -45.60 -9.01
C ILE AA 398 31.83 -46.21 -8.94
N ALA AA 399 31.90 -47.47 -8.50
CA ALA AA 399 33.18 -48.18 -8.42
C ALA AA 399 33.87 -48.21 -9.78
N VAL AA 400 33.10 -48.09 -10.86
CA VAL AA 400 33.70 -47.94 -12.19
C VAL AA 400 34.14 -46.50 -12.41
N VAL AA 401 33.19 -45.57 -12.36
CA VAL AA 401 33.41 -44.23 -12.89
C VAL AA 401 34.46 -43.47 -12.10
N ASP AA 402 34.62 -43.77 -10.80
CA ASP AA 402 35.65 -43.08 -10.03
C ASP AA 402 37.02 -43.25 -10.67
N ASN AA 403 37.49 -44.50 -10.76
CA ASN AA 403 38.80 -44.75 -11.37
C ASN AA 403 38.78 -44.48 -12.87
N ALA AA 404 37.62 -44.61 -13.51
CA ALA AA 404 37.54 -44.27 -14.93
C ALA AA 404 37.89 -42.81 -15.17
N LEU AA 405 37.20 -41.90 -14.48
CA LEU AA 405 37.51 -40.48 -14.61
C LEU AA 405 38.90 -40.17 -14.07
N ALA AA 406 39.38 -40.93 -13.09
CA ALA AA 406 40.75 -40.76 -12.63
C ALA AA 406 41.74 -40.98 -13.76
N ALA AA 407 41.59 -42.10 -14.48
CA ALA AA 407 42.50 -42.41 -15.58
C ALA AA 407 42.32 -41.44 -16.74
N ILE AA 408 41.08 -41.04 -17.02
CA ILE AA 408 40.84 -40.09 -18.10
C ILE AA 408 41.49 -38.75 -17.81
N ASP AA 409 41.36 -38.25 -16.58
CA ASP AA 409 41.95 -36.97 -16.23
C ASP AA 409 43.47 -37.11 -16.10
N ALA AA 410 43.95 -38.31 -15.79
CA ALA AA 410 45.40 -38.55 -15.83
C ALA AA 410 45.93 -38.45 -17.26
N GLN AA 411 45.17 -38.98 -18.23
CA GLN AA 411 45.55 -38.79 -19.63
C GLN AA 411 45.49 -37.31 -20.01
N ARG AA 412 44.49 -36.59 -19.49
CA ARG AA 412 44.44 -35.15 -19.69
C ARG AA 412 45.68 -34.46 -19.13
N ALA AA 413 46.17 -34.94 -17.98
CA ALA AA 413 47.39 -34.39 -17.39
C ALA AA 413 48.61 -34.72 -18.22
N ASP AA 414 48.66 -35.92 -18.80
CA ASP AA 414 49.70 -36.25 -19.78
C ASP AA 414 49.68 -35.23 -20.91
N LEU AA 415 48.50 -34.96 -21.47
CA LEU AA 415 48.37 -33.98 -22.54
C LEU AA 415 48.83 -32.60 -22.08
N ALA AA 416 48.49 -32.24 -20.84
CA ALA AA 416 48.91 -30.96 -20.28
C ALA AA 416 50.44 -30.86 -20.23
N ALA AA 417 51.08 -31.91 -19.72
CA ALA AA 417 52.53 -31.90 -19.62
C ALA AA 417 53.17 -31.81 -20.99
N VAL AA 418 52.70 -32.60 -21.95
CA VAL AA 418 53.31 -32.60 -23.27
C VAL AA 418 53.11 -31.26 -23.97
N GLN AA 419 51.95 -30.63 -23.76
CA GLN AA 419 51.75 -29.34 -24.42
C GLN AA 419 52.48 -28.18 -23.73
N ASN AA 420 52.63 -28.23 -22.41
CA ASN AA 420 53.49 -27.25 -21.75
C ASN AA 420 54.93 -27.40 -22.23
N ARG AA 421 55.38 -28.65 -22.32
CA ARG AA 421 56.67 -28.95 -22.93
C ARG AA 421 56.75 -28.37 -24.34
N PHE AA 422 55.67 -28.50 -25.11
CA PHE AA 422 55.66 -27.98 -26.48
C PHE AA 422 55.79 -26.47 -26.51
N LYS AA 423 55.06 -25.76 -25.65
CA LYS AA 423 55.13 -24.31 -25.68
C LYS AA 423 56.51 -23.81 -25.25
N ASN AA 424 57.05 -24.38 -24.16
CA ASN AA 424 58.39 -23.98 -23.75
C ASN AA 424 59.42 -24.30 -24.82
N THR AA 425 59.24 -25.44 -25.51
CA THR AA 425 60.14 -25.82 -26.58
C THR AA 425 60.06 -24.85 -27.75
N ILE AA 426 58.85 -24.40 -28.11
CA ILE AA 426 58.75 -23.52 -29.26
C ILE AA 426 59.26 -22.13 -28.92
N ASP AA 427 59.10 -21.70 -27.66
CA ASP AA 427 59.74 -20.45 -27.26
C ASP AA 427 61.26 -20.57 -27.37
N ASN AA 428 61.82 -21.67 -26.87
CA ASN AA 428 63.27 -21.89 -27.00
C ASN AA 428 63.69 -21.91 -28.46
N LEU AA 429 62.88 -22.54 -29.32
CA LEU AA 429 63.22 -22.65 -30.73
C LEU AA 429 63.18 -21.31 -31.43
N THR AA 430 62.16 -20.50 -31.17
CA THR AA 430 62.14 -19.14 -31.74
C THR AA 430 63.31 -18.33 -31.23
N ASN AA 431 63.66 -18.47 -29.95
CA ASN AA 431 64.82 -17.75 -29.41
C ASN AA 431 66.08 -18.13 -30.15
N ILE AA 432 66.38 -19.43 -30.23
CA ILE AA 432 67.62 -19.87 -30.85
C ILE AA 432 67.60 -19.58 -32.35
N SER AA 433 66.40 -19.55 -32.95
CA SER AA 433 66.29 -19.23 -34.37
C SER AA 433 66.64 -17.77 -34.62
N GLU AA 434 66.08 -16.86 -33.82
CA GLU AA 434 66.43 -15.46 -33.94
C GLU AA 434 67.93 -15.24 -33.69
N ASN AA 435 68.49 -15.95 -32.70
CA ASN AA 435 69.90 -15.76 -32.41
C ASN AA 435 70.78 -16.29 -33.53
N ALA AA 436 70.38 -17.42 -34.13
CA ALA AA 436 71.13 -17.98 -35.25
C ALA AA 436 71.04 -17.10 -36.48
N THR AA 437 69.87 -16.52 -36.77
CA THR AA 437 69.78 -15.63 -37.91
C THR AA 437 70.52 -14.32 -37.64
N ASN AA 438 70.59 -13.89 -36.38
CA ASN AA 438 71.44 -12.75 -36.04
C ASN AA 438 72.90 -13.07 -36.31
N ALA AA 439 73.35 -14.27 -35.95
CA ALA AA 439 74.71 -14.69 -36.28
C ALA AA 439 74.91 -14.74 -37.79
N ARG AA 440 73.92 -15.25 -38.52
CA ARG AA 440 74.01 -15.33 -39.97
C ARG AA 440 74.11 -13.94 -40.58
N SER AA 441 73.45 -12.96 -39.99
CA SER AA 441 73.59 -11.58 -40.47
C SER AA 441 74.97 -11.03 -40.14
N ARG AA 442 75.42 -11.20 -38.89
CA ARG AA 442 76.73 -10.69 -38.49
C ARG AA 442 77.86 -11.31 -39.31
N ILE AA 443 77.66 -12.51 -39.85
CA ILE AA 443 78.68 -13.15 -40.69
C ILE AA 443 78.42 -12.95 -42.18
N LYS AA 444 77.20 -12.61 -42.58
CA LYS AA 444 76.80 -12.51 -43.98
C LYS AA 444 76.30 -11.15 -44.39
N ASP AA 445 75.42 -10.53 -43.60
CA ASP AA 445 74.90 -9.21 -43.94
C ASP AA 445 76.01 -8.19 -44.04
N THR AA 446 76.15 -7.57 -45.20
CA THR AA 446 77.18 -6.55 -45.40
C THR AA 446 76.82 -5.28 -44.64
N ASP AA 447 77.76 -4.82 -43.81
CA ASP AA 447 77.64 -3.49 -43.19
C ASP AA 447 78.11 -2.44 -44.18
N PHE AA 448 77.33 -2.28 -45.25
CA PHE AA 448 77.74 -1.51 -46.42
C PHE AA 448 77.86 -0.02 -46.15
N ALA AA 449 77.71 0.43 -44.90
CA ALA AA 449 78.01 1.81 -44.56
C ALA AA 449 79.43 2.20 -44.96
N ALA AA 450 80.35 1.23 -44.99
CA ALA AA 450 81.69 1.44 -45.51
C ALA AA 450 81.87 0.91 -46.93
N GLU AA 451 81.08 -0.09 -47.33
CA GLU AA 451 81.16 -0.62 -48.68
C GLU AA 451 80.70 0.39 -49.72
N THR AA 452 79.78 1.29 -49.38
CA THR AA 452 79.40 2.34 -50.31
C THR AA 452 80.57 3.29 -50.57
N ALA AA 453 81.27 3.69 -49.52
CA ALA AA 453 82.45 4.53 -49.69
C ALA AA 453 83.54 3.79 -50.45
N ALA AA 454 83.68 2.48 -50.19
CA ALA AA 454 84.66 1.68 -50.94
C ALA AA 454 84.29 1.63 -52.42
N LEU AA 455 83.00 1.52 -52.72
CA LEU AA 455 82.55 1.49 -54.11
C LEU AA 455 82.79 2.81 -54.80
N SER AA 456 82.53 3.91 -54.09
CA SER AA 456 82.83 5.24 -54.64
C SER AA 456 84.32 5.39 -54.89
N LYS AA 457 85.14 4.94 -53.95
CA LYS AA 457 86.59 4.97 -54.13
C LYS AA 457 87.01 4.16 -55.35
N ASN AA 458 86.39 2.99 -55.54
CA ASN AA 458 86.75 2.14 -56.67
C ASN AA 458 86.37 2.80 -57.99
N GLN AA 459 85.17 3.37 -58.07
CA GLN AA 459 84.76 4.00 -59.32
C GLN AA 459 85.59 5.24 -59.62
N VAL AA 460 85.97 6.00 -58.58
CA VAL AA 460 86.78 7.19 -58.83
C VAL AA 460 88.21 6.80 -59.17
N LEU AA 461 88.68 5.67 -58.64
CA LEU AA 461 89.99 5.18 -59.05
C LEU AA 461 89.97 4.74 -60.51
N GLN AA 462 88.88 4.10 -60.93
CA GLN AA 462 88.73 3.74 -62.33
C GLN AA 462 88.73 4.97 -63.22
N GLN AA 463 87.96 5.99 -62.84
CA GLN AA 463 87.92 7.22 -63.62
C GLN AA 463 89.29 7.91 -63.67
N ALA AA 464 89.97 7.98 -62.53
CA ALA AA 464 91.29 8.60 -62.49
C ALA AA 464 92.28 7.84 -63.35
N GLY AA 465 92.21 6.51 -63.33
CA GLY AA 465 93.11 5.72 -64.16
C GLY AA 465 92.83 5.90 -65.64
N THR AA 466 91.54 6.00 -66.01
CA THR AA 466 91.21 6.28 -67.40
C THR AA 466 91.77 7.63 -67.84
N ALA AA 467 91.64 8.64 -66.97
CA ALA AA 467 92.22 9.95 -67.28
C ALA AA 467 93.74 9.86 -67.39
N ILE AA 468 94.37 9.04 -66.54
CA ILE AA 468 95.82 8.87 -66.59
C ILE AA 468 96.24 8.26 -67.92
N LEU AA 469 95.52 7.24 -68.39
CA LEU AA 469 95.83 6.67 -69.70
C LEU AA 469 95.64 7.70 -70.80
N ALA AA 470 94.51 8.42 -70.76
CA ALA AA 470 94.24 9.41 -71.80
C ALA AA 470 95.30 10.51 -71.82
N GLN AA 471 95.89 10.82 -70.68
CA GLN AA 471 96.93 11.85 -70.63
C GLN AA 471 98.29 11.29 -71.03
N ALA AA 472 98.58 10.05 -70.65
CA ALA AA 472 99.92 9.50 -70.86
C ALA AA 472 100.11 9.00 -72.28
N ASN AA 473 99.03 8.59 -72.96
CA ASN AA 473 99.16 8.10 -74.32
C ASN AA 473 99.48 9.21 -75.30
N GLN AA 474 99.47 10.46 -74.83
CA GLN AA 474 99.82 11.61 -75.66
C GLN AA 474 101.28 12.02 -75.54
N LEU AA 475 102.04 11.42 -74.61
CA LEU AA 475 103.44 11.78 -74.45
C LEU AA 475 104.30 11.35 -75.63
N PRO AA 476 104.30 10.08 -76.05
CA PRO AA 476 105.23 9.68 -77.13
C PRO AA 476 104.97 10.36 -78.44
N GLN AA 477 103.71 10.53 -78.84
CA GLN AA 477 103.41 11.22 -80.09
C GLN AA 477 103.95 12.65 -80.06
N ALA AA 478 103.77 13.34 -78.93
CA ALA AA 478 104.24 14.71 -78.82
C ALA AA 478 105.76 14.78 -78.89
N VAL AA 479 106.45 13.97 -78.10
CA VAL AA 479 107.92 14.05 -78.06
C VAL AA 479 108.50 13.68 -79.43
N LEU AA 480 107.91 12.66 -80.08
CA LEU AA 480 108.44 12.22 -81.36
C LEU AA 480 108.14 13.19 -82.48
N SER AA 481 106.97 13.83 -82.47
CA SER AA 481 106.67 14.82 -83.51
C SER AA 481 107.45 16.10 -83.30
N LEU AA 482 107.83 16.40 -82.05
CA LEU AA 482 108.62 17.61 -81.80
C LEU AA 482 110.10 17.38 -82.04
N LEU AA 483 110.60 16.16 -81.82
CA LEU AA 483 111.99 15.85 -82.09
C LEU AA 483 112.29 15.65 -83.57
N ARG AA 484 111.26 15.55 -84.40
CA ARG AA 484 111.45 15.36 -85.83
C ARG AA 484 111.20 16.65 -86.60
N VAL BA 1 47.26 -12.85 -38.44
CA VAL BA 1 46.08 -13.67 -38.20
C VAL BA 1 44.85 -12.97 -38.78
N ASN BA 2 44.54 -13.26 -40.04
CA ASN BA 2 43.41 -12.61 -40.70
C ASN BA 2 42.43 -13.57 -41.38
N THR BA 3 42.85 -14.75 -41.81
CA THR BA 3 41.93 -15.65 -42.50
C THR BA 3 40.97 -16.35 -41.54
N ASN BA 4 41.23 -16.30 -40.23
CA ASN BA 4 40.34 -16.88 -39.24
C ASN BA 4 40.79 -16.37 -37.87
N ILE BA 5 39.86 -16.44 -36.91
CA ILE BA 5 40.12 -16.00 -35.55
C ILE BA 5 39.67 -17.13 -34.61
N ALA BA 6 40.52 -17.46 -33.64
CA ALA BA 6 40.23 -18.54 -32.72
C ALA BA 6 39.18 -18.17 -31.68
N SER BA 7 38.50 -17.04 -31.84
CA SER BA 7 37.54 -16.58 -30.85
C SER BA 7 36.24 -17.36 -30.85
N LEU BA 8 36.10 -18.39 -31.69
CA LEU BA 8 34.87 -19.16 -31.74
C LEU BA 8 34.63 -19.97 -30.47
N ASN BA 9 35.60 -20.03 -29.57
CA ASN BA 9 35.33 -20.48 -28.20
C ASN BA 9 34.20 -19.67 -27.59
N THR BA 10 34.23 -18.36 -27.81
CA THR BA 10 33.16 -17.50 -27.30
C THR BA 10 31.82 -17.86 -27.95
N GLN BA 11 31.81 -18.15 -29.25
CA GLN BA 11 30.58 -18.54 -29.92
C GLN BA 11 30.03 -19.85 -29.36
N ARG BA 12 30.90 -20.83 -29.15
CA ARG BA 12 30.45 -22.09 -28.54
C ARG BA 12 29.87 -21.83 -27.15
N ASN BA 13 30.51 -20.94 -26.39
CA ASN BA 13 29.99 -20.60 -25.07
C ASN BA 13 28.63 -19.92 -25.16
N LEU BA 14 28.43 -19.03 -26.15
CA LEU BA 14 27.12 -18.42 -26.31
C LEU BA 14 26.07 -19.47 -26.67
N ASN BA 15 26.42 -20.43 -27.53
CA ASN BA 15 25.47 -21.49 -27.85
C ASN BA 15 25.09 -22.30 -26.60
N ALA BA 16 26.10 -22.70 -25.83
CA ALA BA 16 25.82 -23.46 -24.60
C ALA BA 16 24.96 -22.65 -23.63
N SER BA 17 25.33 -21.39 -23.40
CA SER BA 17 24.59 -20.55 -22.46
C SER BA 17 23.18 -20.29 -22.96
N SER BA 18 22.98 -20.23 -24.28
CA SER BA 18 21.64 -20.06 -24.81
C SER BA 18 20.79 -21.31 -24.56
N ASN BA 19 21.38 -22.49 -24.73
CA ASN BA 19 20.65 -23.71 -24.37
C ASN BA 19 20.27 -23.71 -22.89
N ASP BA 20 21.23 -23.37 -22.02
CA ASP BA 20 20.91 -23.29 -20.59
C ASP BA 20 19.84 -22.24 -20.33
N LEU BA 21 19.86 -21.14 -21.08
CA LEU BA 21 18.86 -20.09 -20.89
C LEU BA 21 17.47 -20.60 -21.25
N ASN BA 22 17.34 -21.25 -22.40
CA ASN BA 22 16.04 -21.80 -22.79
C ASN BA 22 15.54 -22.80 -21.76
N THR BA 23 16.39 -23.75 -21.34
CA THR BA 23 15.90 -24.78 -20.44
C THR BA 23 15.57 -24.21 -19.06
N SER BA 24 16.37 -23.25 -18.57
CA SER BA 24 16.10 -22.68 -17.26
C SER BA 24 14.86 -21.81 -17.27
N LEU BA 25 14.66 -21.03 -18.34
CA LEU BA 25 13.47 -20.20 -18.42
C LEU BA 25 12.22 -21.06 -18.62
N GLN BA 26 12.36 -22.19 -19.31
CA GLN BA 26 11.28 -23.17 -19.36
C GLN BA 26 10.96 -23.69 -17.97
N ARG BA 27 12.00 -24.06 -17.21
CA ARG BA 27 11.79 -24.53 -15.84
C ARG BA 27 11.06 -23.49 -15.01
N LEU BA 28 11.41 -22.21 -15.20
CA LEU BA 28 10.78 -21.16 -14.40
C LEU BA 28 9.34 -20.89 -14.83
N THR BA 29 9.07 -20.94 -16.14
CA THR BA 29 7.73 -20.60 -16.62
C THR BA 29 6.75 -21.75 -16.43
N THR BA 30 7.23 -22.99 -16.38
CA THR BA 30 6.34 -24.11 -16.08
C THR BA 30 6.35 -24.49 -14.61
N GLY BA 31 7.20 -23.86 -13.81
CA GLY BA 31 7.32 -24.18 -12.41
C GLY BA 31 7.92 -25.53 -12.11
N TYR BA 32 8.42 -26.24 -13.12
CA TYR BA 32 8.95 -27.59 -12.96
C TYR BA 32 10.44 -27.58 -13.30
N ARG BA 33 11.28 -27.85 -12.30
CA ARG BA 33 12.70 -28.01 -12.57
C ARG BA 33 12.95 -29.13 -13.57
N ILE BA 34 12.29 -30.28 -13.36
CA ILE BA 34 12.22 -31.29 -14.39
C ILE BA 34 11.07 -30.95 -15.32
N ASN BA 35 11.41 -30.43 -16.50
CA ASN BA 35 10.39 -30.10 -17.49
C ASN BA 35 9.64 -31.35 -17.92
N SER BA 36 8.45 -31.14 -18.50
CA SER BA 36 7.72 -32.25 -19.12
C SER BA 36 8.50 -32.82 -20.31
N ALA BA 37 9.63 -32.23 -20.65
CA ALA BA 37 10.48 -32.70 -21.74
C ALA BA 37 11.33 -33.88 -21.27
N LYS BA 38 12.36 -34.16 -22.08
CA LYS BA 38 13.18 -35.35 -21.89
C LYS BA 38 13.83 -35.44 -20.52
N ASP BA 39 14.11 -34.30 -19.89
CA ASP BA 39 15.09 -34.26 -18.80
C ASP BA 39 14.68 -35.16 -17.63
N ASP BA 40 15.66 -35.90 -17.12
CA ASP BA 40 15.49 -36.78 -15.97
C ASP BA 40 14.39 -37.82 -16.23
N ALA BA 41 14.67 -38.68 -17.21
CA ALA BA 41 13.73 -39.72 -17.61
C ALA BA 41 13.25 -40.56 -16.44
N ALA BA 42 14.14 -40.87 -15.49
CA ALA BA 42 13.71 -41.59 -14.30
C ALA BA 42 12.78 -40.74 -13.45
N GLY BA 43 13.18 -39.50 -13.19
CA GLY BA 43 12.30 -38.58 -12.49
C GLY BA 43 11.01 -38.31 -13.26
N LEU BA 44 11.10 -38.32 -14.59
CA LEU BA 44 9.90 -38.13 -15.40
C LEU BA 44 8.94 -39.29 -15.23
N GLN BA 45 9.46 -40.51 -15.22
CA GLN BA 45 8.64 -41.69 -14.96
C GLN BA 45 7.99 -41.61 -13.58
N ILE BA 46 8.79 -41.27 -12.57
CA ILE BA 46 8.27 -41.17 -11.21
C ILE BA 46 7.16 -40.14 -11.14
N SER BA 47 7.36 -38.99 -11.80
CA SER BA 47 6.37 -37.92 -11.75
C SER BA 47 5.09 -38.30 -12.48
N ASN BA 48 5.22 -38.97 -13.63
CA ASN BA 48 4.05 -39.39 -14.37
C ASN BA 48 3.24 -40.41 -13.58
N ARG BA 49 3.93 -41.39 -12.99
CA ARG BA 49 3.23 -42.39 -12.19
C ARG BA 49 2.58 -41.76 -10.96
N LEU BA 50 3.25 -40.78 -10.35
CA LEU BA 50 2.66 -40.12 -9.18
C LEU BA 50 1.46 -39.25 -9.57
N SER BA 51 1.51 -38.64 -10.76
CA SER BA 51 0.35 -37.89 -11.24
C SER BA 51 -0.82 -38.82 -11.49
N ASN BA 52 -0.57 -39.97 -12.11
CA ASN BA 52 -1.61 -40.97 -12.27
C ASN BA 52 -2.19 -41.37 -10.91
N GLN BA 53 -1.31 -41.57 -9.92
CA GLN BA 53 -1.77 -42.01 -8.61
C GLN BA 53 -2.60 -40.95 -7.92
N ILE BA 54 -2.18 -39.69 -7.98
CA ILE BA 54 -2.94 -38.63 -7.30
C ILE BA 54 -4.28 -38.42 -7.97
N SER BA 55 -4.31 -38.48 -9.31
CA SER BA 55 -5.59 -38.39 -10.01
C SER BA 55 -6.51 -39.54 -9.62
N GLY BA 56 -5.94 -40.74 -9.49
CA GLY BA 56 -6.74 -41.88 -9.06
C GLY BA 56 -7.29 -41.72 -7.67
N LEU BA 57 -6.46 -41.21 -6.74
CA LEU BA 57 -6.96 -40.97 -5.39
C LEU BA 57 -8.02 -39.89 -5.35
N ASN BA 58 -7.92 -38.87 -6.20
CA ASN BA 58 -8.98 -37.86 -6.23
C ASN BA 58 -10.30 -38.44 -6.75
N VAL BA 59 -10.25 -39.18 -7.86
CA VAL BA 59 -11.50 -39.74 -8.36
C VAL BA 59 -12.04 -40.79 -7.41
N ALA BA 60 -11.17 -41.50 -6.70
CA ALA BA 60 -11.63 -42.45 -5.68
C ALA BA 60 -12.25 -41.74 -4.50
N THR BA 61 -11.73 -40.57 -4.13
CA THR BA 61 -12.35 -39.77 -3.09
C THR BA 61 -13.74 -39.33 -3.50
N ARG BA 62 -13.91 -38.96 -4.77
CA ARG BA 62 -15.23 -38.53 -5.24
C ARG BA 62 -16.20 -39.72 -5.26
N ASN BA 63 -15.71 -40.89 -5.68
CA ASN BA 63 -16.52 -42.10 -5.61
C ASN BA 63 -16.89 -42.41 -4.17
N ALA BA 64 -15.99 -42.15 -3.23
CA ALA BA 64 -16.27 -42.42 -1.82
C ALA BA 64 -17.32 -41.46 -1.28
N ASN BA 65 -17.29 -40.21 -1.73
CA ASN BA 65 -18.35 -39.27 -1.37
C ASN BA 65 -19.70 -39.73 -1.92
N ASP BA 66 -19.72 -40.18 -3.17
CA ASP BA 66 -20.93 -40.77 -3.72
C ASP BA 66 -21.40 -41.94 -2.87
N GLY BA 67 -20.47 -42.77 -2.42
CA GLY BA 67 -20.82 -43.93 -1.63
C GLY BA 67 -21.37 -43.58 -0.26
N ILE BA 68 -20.76 -42.61 0.42
CA ILE BA 68 -21.26 -42.24 1.74
C ILE BA 68 -22.64 -41.58 1.61
N SER BA 69 -22.86 -40.82 0.54
CA SER BA 69 -24.19 -40.26 0.31
C SER BA 69 -25.22 -41.37 0.11
N LEU BA 70 -24.90 -42.36 -0.72
CA LEU BA 70 -25.82 -43.47 -0.94
C LEU BA 70 -26.09 -44.21 0.37
N ALA BA 71 -25.04 -44.49 1.13
CA ALA BA 71 -25.19 -45.19 2.40
C ALA BA 71 -26.02 -44.39 3.41
N GLN BA 72 -25.90 -43.06 3.39
CA GLN BA 72 -26.69 -42.25 4.32
C GLN BA 72 -28.15 -42.23 3.91
N THR BA 73 -28.42 -42.18 2.61
CA THR BA 73 -29.81 -42.32 2.15
C THR BA 73 -30.39 -43.67 2.57
N ALA BA 74 -29.60 -44.73 2.43
CA ALA BA 74 -30.05 -46.05 2.87
C ALA BA 74 -30.31 -46.06 4.38
N GLU BA 75 -29.45 -45.41 5.15
CA GLU BA 75 -29.64 -45.35 6.60
C GLU BA 75 -30.91 -44.60 6.96
N GLY BA 76 -31.21 -43.53 6.24
CA GLY BA 76 -32.46 -42.82 6.47
C GLY BA 76 -33.68 -43.67 6.15
N ALA BA 77 -33.65 -44.38 5.03
CA ALA BA 77 -34.75 -45.25 4.68
C ALA BA 77 -34.94 -46.34 5.74
N LEU BA 78 -33.84 -46.92 6.22
CA LEU BA 78 -33.95 -47.94 7.25
C LEU BA 78 -34.44 -47.37 8.57
N GLN BA 79 -34.06 -46.13 8.90
CA GLN BA 79 -34.60 -45.47 10.08
C GLN BA 79 -36.12 -45.31 9.96
N GLN BA 80 -36.59 -44.90 8.79
CA GLN BA 80 -38.03 -44.77 8.59
C GLN BA 80 -38.73 -46.12 8.73
N SER BA 81 -38.13 -47.17 8.18
CA SER BA 81 -38.75 -48.50 8.31
C SER BA 81 -38.77 -48.95 9.77
N THR BA 82 -37.72 -48.63 10.53
CA THR BA 82 -37.74 -48.94 11.96
C THR BA 82 -38.86 -48.19 12.66
N ASN BA 83 -39.09 -46.92 12.28
CA ASN BA 83 -40.18 -46.17 12.88
C ASN BA 83 -41.53 -46.82 12.58
N ILE BA 84 -41.73 -47.26 11.33
CA ILE BA 84 -42.98 -47.91 10.97
C ILE BA 84 -43.13 -49.22 11.75
N LEU BA 85 -42.05 -49.97 11.91
CA LEU BA 85 -42.13 -51.23 12.65
C LEU BA 85 -42.43 -50.98 14.12
N GLN BA 86 -41.89 -49.91 14.70
CA GLN BA 86 -42.21 -49.57 16.07
C GLN BA 86 -43.68 -49.20 16.22
N ARG BA 87 -44.19 -48.39 15.28
CA ARG BA 87 -45.61 -48.08 15.28
C ARG BA 87 -46.45 -49.34 15.16
N ILE BA 88 -46.01 -50.30 14.35
CA ILE BA 88 -46.73 -51.56 14.22
C ILE BA 88 -46.72 -52.33 15.54
N ARG BA 89 -45.59 -52.31 16.25
CA ARG BA 89 -45.53 -52.99 17.55
C ARG BA 89 -46.49 -52.35 18.54
N ASP BA 90 -46.52 -51.02 18.61
CA ASP BA 90 -47.47 -50.36 19.50
C ASP BA 90 -48.91 -50.66 19.11
N LEU BA 91 -49.19 -50.67 17.80
CA LEU BA 91 -50.55 -50.99 17.36
C LEU BA 91 -50.93 -52.42 17.74
N ALA BA 92 -49.98 -53.35 17.63
CA ALA BA 92 -50.25 -54.74 17.98
C ALA BA 92 -50.49 -54.89 19.48
N LEU BA 93 -49.69 -54.20 20.30
CA LEU BA 93 -49.94 -54.21 21.73
C LEU BA 93 -51.28 -53.57 22.06
N GLN BA 94 -51.72 -52.60 21.25
CA GLN BA 94 -53.04 -52.03 21.42
C GLN BA 94 -54.13 -53.03 21.00
N SER BA 95 -53.81 -53.95 20.10
CA SER BA 95 -54.79 -54.89 19.56
C SER BA 95 -55.25 -55.93 20.57
N ALA BA 96 -54.80 -55.86 21.83
CA ALA BA 96 -55.30 -56.79 22.84
C ALA BA 96 -56.80 -56.64 23.03
N ASN BA 97 -57.30 -55.41 22.99
CA ASN BA 97 -58.73 -55.10 23.01
C ASN BA 97 -59.44 -55.61 24.27
N GLY BA 98 -58.67 -56.02 25.28
CA GLY BA 98 -59.26 -56.64 26.45
C GLY BA 98 -59.91 -57.97 26.15
N SER BA 99 -59.83 -58.39 24.89
CA SER BA 99 -60.36 -59.65 24.35
C SER BA 99 -61.88 -59.63 24.22
N ASN BA 100 -62.55 -58.62 24.76
CA ASN BA 100 -63.99 -58.47 24.52
C ASN BA 100 -64.47 -57.03 24.41
N SER BA 101 -63.59 -56.03 24.42
CA SER BA 101 -64.06 -54.66 24.60
C SER BA 101 -64.18 -53.89 23.29
N ASP BA 102 -63.20 -54.00 22.41
CA ASP BA 102 -63.14 -53.20 21.19
C ASP BA 102 -63.57 -54.04 20.01
N ALA BA 103 -64.81 -53.83 19.54
CA ALA BA 103 -65.27 -54.46 18.31
C ALA BA 103 -64.67 -53.80 17.07
N ASP BA 104 -63.76 -52.84 17.25
CA ASP BA 104 -63.10 -52.15 16.15
C ASP BA 104 -61.83 -52.86 15.70
N ARG BA 105 -61.78 -54.18 15.87
CA ARG BA 105 -60.66 -54.96 15.36
C ARG BA 105 -60.55 -54.85 13.84
N ALA BA 106 -61.67 -54.67 13.14
CA ALA BA 106 -61.60 -54.46 11.69
C ALA BA 106 -60.93 -53.13 11.37
N ALA BA 107 -61.25 -52.09 12.15
CA ALA BA 107 -60.58 -50.80 11.97
C ALA BA 107 -59.10 -50.92 12.26
N LEU BA 108 -58.74 -51.65 13.32
CA LEU BA 108 -57.33 -51.90 13.62
C LEU BA 108 -56.65 -52.63 12.47
N GLN BA 109 -57.36 -53.59 11.85
CA GLN BA 109 -56.78 -54.38 10.78
C GLN BA 109 -56.55 -53.53 9.53
N LYS BA 110 -57.50 -52.67 9.18
CA LYS BA 110 -57.28 -51.80 8.03
C LYS BA 110 -56.22 -50.74 8.32
N GLU BA 111 -56.10 -50.34 9.59
CA GLU BA 111 -54.99 -49.47 9.99
C GLU BA 111 -53.66 -50.17 9.75
N VAL BA 112 -53.54 -51.42 10.17
CA VAL BA 112 -52.32 -52.19 9.94
C VAL BA 112 -52.07 -52.38 8.46
N ALA BA 113 -53.14 -52.54 7.67
CA ALA BA 113 -52.97 -52.70 6.23
C ALA BA 113 -52.43 -51.42 5.60
N ALA BA 114 -52.95 -50.27 6.05
CA ALA BA 114 -52.42 -48.99 5.57
C ALA BA 114 -50.95 -48.82 5.95
N GLN BA 115 -50.60 -49.19 7.18
CA GLN BA 115 -49.20 -49.11 7.61
C GLN BA 115 -48.31 -50.03 6.78
N GLN BA 116 -48.79 -51.24 6.48
CA GLN BA 116 -48.02 -52.18 5.67
C GLN BA 116 -47.84 -51.66 4.24
N ALA BA 117 -48.89 -51.10 3.65
CA ALA BA 117 -48.77 -50.53 2.32
C ALA BA 117 -47.81 -49.34 2.33
N GLU BA 118 -47.83 -48.54 3.39
CA GLU BA 118 -46.89 -47.42 3.48
C GLU BA 118 -45.47 -47.92 3.62
N LEU BA 119 -45.26 -49.00 4.37
CA LEU BA 119 -43.93 -49.59 4.46
C LEU BA 119 -43.46 -50.11 3.11
N THR BA 120 -44.35 -50.78 2.37
CA THR BA 120 -44.01 -51.26 1.04
C THR BA 120 -43.69 -50.11 0.09
N ARG BA 121 -44.35 -48.96 0.29
CA ARG BA 121 -44.04 -47.78 -0.50
C ARG BA 121 -42.69 -47.18 -0.11
N ILE BA 122 -42.38 -47.17 1.18
CA ILE BA 122 -41.06 -46.71 1.63
C ILE BA 122 -39.97 -47.60 1.06
N SER BA 123 -40.27 -48.89 0.88
CA SER BA 123 -39.36 -49.77 0.15
C SER BA 123 -39.05 -49.20 -1.23
N ASP BA 124 -40.09 -48.84 -1.99
CA ASP BA 124 -39.91 -48.18 -3.27
C ASP BA 124 -39.64 -46.70 -3.04
N THR BA 125 -39.67 -45.91 -4.11
CA THR BA 125 -39.57 -44.45 -4.06
C THR BA 125 -38.21 -43.98 -3.54
N THR BA 126 -37.29 -44.91 -3.27
CA THR BA 126 -35.95 -44.59 -2.80
C THR BA 126 -34.96 -44.62 -3.96
N THR BA 127 -35.42 -44.22 -5.14
CA THR BA 127 -34.62 -44.31 -6.37
C THR BA 127 -33.52 -43.24 -6.37
N PHE BA 128 -32.40 -43.60 -5.77
CA PHE BA 128 -31.21 -42.76 -5.82
C PHE BA 128 -30.59 -42.89 -7.21
N GLY BA 129 -31.21 -42.24 -8.20
CA GLY BA 129 -30.82 -42.38 -9.59
C GLY BA 129 -31.64 -43.36 -10.38
N GLY BA 130 -32.87 -43.65 -9.97
CA GLY BA 130 -33.71 -44.61 -10.67
C GLY BA 130 -33.27 -46.04 -10.45
N ARG BA 131 -32.59 -46.29 -9.35
CA ARG BA 131 -31.98 -47.59 -9.05
C ARG BA 131 -32.27 -47.98 -7.60
N LYS BA 132 -33.56 -47.94 -7.23
CA LYS BA 132 -34.03 -48.06 -5.85
C LYS BA 132 -33.19 -49.02 -5.02
N LEU BA 133 -32.74 -48.54 -3.86
CA LEU BA 133 -31.59 -49.15 -3.19
C LEU BA 133 -32.01 -50.37 -2.37
N LEU BA 134 -32.83 -50.17 -1.35
CA LEU BA 134 -33.09 -51.20 -0.36
C LEU BA 134 -34.11 -52.24 -0.81
N ASP BA 135 -34.99 -51.91 -1.74
CA ASP BA 135 -35.95 -52.88 -2.23
C ASP BA 135 -35.60 -53.34 -3.64
N GLY BA 136 -36.26 -54.41 -4.06
CA GLY BA 136 -36.14 -54.86 -5.44
C GLY BA 136 -34.78 -55.44 -5.73
N SER BA 137 -34.03 -54.75 -6.59
CA SER BA 137 -32.78 -55.28 -7.15
C SER BA 137 -31.62 -54.37 -6.76
N PHE BA 138 -30.88 -54.78 -5.74
CA PHE BA 138 -29.58 -54.19 -5.44
C PHE BA 138 -28.51 -55.26 -5.67
N GLY BA 139 -27.59 -54.97 -6.59
CA GLY BA 139 -26.63 -55.97 -7.04
C GLY BA 139 -25.55 -56.31 -6.04
N THR BA 140 -25.69 -55.92 -4.78
CA THR BA 140 -24.67 -56.13 -3.75
C THR BA 140 -23.31 -55.63 -4.26
N THR BA 141 -23.33 -54.38 -4.70
CA THR BA 141 -22.25 -53.80 -5.50
C THR BA 141 -21.03 -53.53 -4.62
N SER BA 142 -20.00 -52.95 -5.23
CA SER BA 142 -18.74 -52.66 -4.53
C SER BA 142 -18.14 -51.41 -5.17
N PHE BA 143 -18.07 -50.33 -4.40
CA PHE BA 143 -17.54 -49.07 -4.92
C PHE BA 143 -16.01 -49.09 -4.89
N GLN BA 144 -15.40 -48.83 -6.05
CA GLN BA 144 -13.95 -48.79 -6.12
C GLN BA 144 -13.41 -47.56 -5.42
N VAL BA 145 -12.45 -47.75 -4.51
CA VAL BA 145 -11.88 -46.67 -3.74
C VAL BA 145 -10.37 -46.58 -3.88
N GLY BA 146 -9.74 -47.35 -4.77
CA GLY BA 146 -8.31 -47.34 -4.93
C GLY BA 146 -7.92 -47.08 -6.37
N SER BA 147 -6.64 -46.79 -6.56
CA SER BA 147 -6.09 -46.47 -7.88
C SER BA 147 -5.60 -47.70 -8.64
N ASN BA 148 -5.82 -48.90 -8.13
CA ASN BA 148 -5.44 -50.12 -8.82
C ASN BA 148 -6.68 -50.92 -9.18
N ALA BA 149 -6.49 -51.90 -10.05
CA ALA BA 149 -7.63 -52.66 -10.57
C ALA BA 149 -8.22 -53.58 -9.51
N TYR BA 150 -9.54 -53.60 -9.45
CA TYR BA 150 -10.31 -54.56 -8.66
C TYR BA 150 -10.12 -54.42 -7.16
N GLU BA 151 -9.42 -53.38 -6.70
CA GLU BA 151 -9.43 -53.09 -5.28
C GLU BA 151 -10.65 -52.24 -4.95
N THR BA 152 -11.55 -52.79 -4.15
CA THR BA 152 -12.86 -52.19 -3.91
C THR BA 152 -13.35 -52.51 -2.52
N ILE BA 153 -14.47 -51.89 -2.16
CA ILE BA 153 -15.14 -52.09 -0.88
C ILE BA 153 -16.57 -52.56 -1.17
N ASP BA 154 -16.90 -53.75 -0.70
CA ASP BA 154 -18.21 -54.33 -1.00
C ASP BA 154 -19.29 -53.72 -0.12
N ILE BA 155 -20.53 -53.76 -0.63
CA ILE BA 155 -21.71 -53.34 0.11
C ILE BA 155 -22.76 -54.44 -0.02
N SER BA 156 -23.41 -54.77 1.09
CA SER BA 156 -24.33 -55.90 1.18
C SER BA 156 -25.70 -55.45 1.64
N LEU BA 157 -26.23 -54.43 0.97
CA LEU BA 157 -27.57 -53.92 1.28
C LEU BA 157 -28.60 -55.04 1.23
N GLN BA 158 -29.68 -54.85 1.99
CA GLN BA 158 -30.74 -55.84 2.03
C GLN BA 158 -31.35 -56.02 0.64
N ASN BA 159 -31.67 -57.28 0.31
CA ASN BA 159 -32.18 -57.60 -1.01
C ASN BA 159 -33.50 -56.88 -1.29
N ALA BA 160 -34.39 -56.83 -0.30
CA ALA BA 160 -35.68 -56.18 -0.45
C ALA BA 160 -36.23 -55.86 0.93
N SER BA 161 -36.99 -54.77 1.01
CA SER BA 161 -37.61 -54.33 2.25
C SER BA 161 -39.13 -54.28 2.10
N ALA BA 162 -39.69 -55.24 1.38
CA ALA BA 162 -41.13 -55.34 1.21
C ALA BA 162 -41.76 -56.08 2.37
N SER BA 163 -43.03 -56.49 2.22
CA SER BA 163 -43.73 -57.20 3.27
C SER BA 163 -43.31 -58.66 3.35
N ALA BA 164 -42.23 -59.01 2.65
CA ALA BA 164 -41.68 -60.36 2.68
C ALA BA 164 -40.57 -60.53 3.71
N ILE BA 165 -40.21 -59.49 4.44
CA ILE BA 165 -39.19 -59.57 5.47
C ILE BA 165 -39.86 -59.73 6.82
N GLY BA 166 -39.28 -60.57 7.67
CA GLY BA 166 -39.88 -60.84 8.97
C GLY BA 166 -39.20 -61.98 9.71
N SER BA 167 -40.01 -62.91 10.22
CA SER BA 167 -39.53 -64.04 11.02
C SER BA 167 -39.37 -65.24 10.10
N TYR BA 168 -38.13 -65.48 9.66
CA TYR BA 168 -37.81 -66.66 8.85
C TYR BA 168 -37.75 -67.87 9.78
N GLN BA 169 -38.93 -68.31 10.22
CA GLN BA 169 -39.00 -69.32 11.27
C GLN BA 169 -40.34 -70.03 11.32
N VAL BA 170 -40.30 -71.37 11.30
CA VAL BA 170 -41.50 -72.17 11.58
C VAL BA 170 -41.62 -72.30 13.09
N GLY BA 171 -40.64 -72.95 13.70
CA GLY BA 171 -40.52 -73.02 15.15
C GLY BA 171 -40.82 -74.39 15.72
N SER BA 172 -41.92 -75.00 15.27
CA SER BA 172 -42.27 -76.37 15.65
C SER BA 172 -43.52 -76.85 14.94
N ASN BA 173 -43.61 -78.16 14.70
CA ASN BA 173 -44.84 -78.91 14.44
C ASN BA 173 -45.72 -78.33 13.34
N GLY BA 174 -45.21 -77.40 12.55
CA GLY BA 174 -46.04 -76.73 11.57
C GLY BA 174 -45.51 -76.78 10.15
N ALA BA 175 -44.34 -77.37 9.96
CA ALA BA 175 -43.76 -77.50 8.62
C ALA BA 175 -43.87 -78.94 8.13
N GLY BA 176 -44.72 -79.17 7.14
CA GLY BA 176 -44.86 -80.49 6.56
C GLY BA 176 -45.79 -81.40 7.34
N THR BA 177 -45.32 -81.93 8.46
CA THR BA 177 -46.09 -82.81 9.31
C THR BA 177 -45.93 -82.40 10.77
N VAL BA 178 -46.94 -82.72 11.59
CA VAL BA 178 -46.86 -82.41 13.00
C VAL BA 178 -45.81 -83.32 13.67
N ALA BA 179 -45.31 -82.86 14.81
CA ALA BA 179 -44.32 -83.62 15.55
C ALA BA 179 -44.98 -84.81 16.25
N SER BA 180 -44.15 -85.66 16.84
CA SER BA 180 -44.63 -86.84 17.56
C SER BA 180 -44.65 -86.65 19.06
N VAL BA 181 -43.72 -85.87 19.61
CA VAL BA 181 -43.66 -85.59 21.04
C VAL BA 181 -44.01 -84.12 21.32
N ALA BA 182 -43.47 -83.21 20.52
CA ALA BA 182 -43.78 -81.80 20.70
C ALA BA 182 -45.25 -81.54 20.42
N GLY BA 183 -45.93 -80.92 21.39
CA GLY BA 183 -47.35 -80.66 21.29
C GLY BA 183 -48.16 -81.93 21.15
N THR BA 184 -47.74 -82.99 21.84
CA THR BA 184 -48.43 -84.28 21.76
C THR BA 184 -48.17 -85.10 23.02
N ALA BA 185 -49.22 -85.67 23.60
CA ALA BA 185 -49.06 -86.50 24.77
C ALA BA 185 -48.30 -87.78 24.41
N THR BA 186 -47.26 -88.08 25.17
CA THR BA 186 -46.40 -89.22 24.92
C THR BA 186 -46.23 -90.06 26.18
N ALA BA 187 -45.86 -91.32 26.00
CA ALA BA 187 -45.65 -92.24 27.11
C ALA BA 187 -44.25 -92.12 27.70
N SER BA 188 -43.22 -92.15 26.85
CA SER BA 188 -41.85 -92.00 27.31
C SER BA 188 -41.40 -90.55 27.35
N GLY BA 189 -42.02 -89.70 26.55
CA GLY BA 189 -41.66 -88.29 26.50
C GLY BA 189 -40.58 -88.01 25.49
N ILE BA 190 -39.94 -86.86 25.68
CA ILE BA 190 -38.81 -86.45 24.84
C ILE BA 190 -37.70 -87.49 24.96
N ALA BA 191 -37.15 -87.90 23.82
CA ALA BA 191 -36.09 -88.90 23.78
C ALA BA 191 -34.72 -88.22 23.72
N SER BA 192 -33.68 -89.03 23.90
CA SER BA 192 -32.32 -88.53 23.86
C SER BA 192 -31.87 -88.30 22.42
N GLY BA 193 -30.70 -87.67 22.27
CA GLY BA 193 -30.12 -87.40 20.98
C GLY BA 193 -29.75 -85.93 20.86
N THR BA 194 -29.52 -85.50 19.63
CA THR BA 194 -29.16 -84.13 19.33
C THR BA 194 -30.01 -83.60 18.18
N VAL BA 195 -30.07 -82.27 18.08
CA VAL BA 195 -30.81 -81.61 17.01
C VAL BA 195 -29.93 -80.53 16.40
N ASN BA 196 -29.51 -80.72 15.15
CA ASN BA 196 -28.60 -79.79 14.51
C ASN BA 196 -29.31 -78.51 14.10
N LEU BA 197 -28.72 -77.37 14.46
CA LEU BA 197 -29.23 -76.05 14.08
C LEU BA 197 -28.12 -75.30 13.36
N VAL BA 198 -28.22 -75.25 12.03
CA VAL BA 198 -27.26 -74.52 11.21
C VAL BA 198 -27.88 -73.19 10.81
N GLY BA 199 -27.04 -72.14 10.79
CA GLY BA 199 -27.50 -70.84 10.38
C GLY BA 199 -26.58 -69.71 10.79
N GLY BA 200 -26.42 -68.73 9.90
CA GLY BA 200 -25.58 -67.57 10.16
C GLY BA 200 -24.14 -67.91 10.48
N GLY BA 201 -23.50 -68.69 9.61
CA GLY BA 201 -22.11 -69.03 9.80
C GLY BA 201 -21.87 -70.06 10.89
N GLN BA 202 -22.25 -69.72 12.12
CA GLN BA 202 -22.02 -70.61 13.24
C GLN BA 202 -22.92 -71.85 13.14
N VAL BA 203 -22.33 -73.01 13.39
CA VAL BA 203 -23.04 -74.28 13.36
C VAL BA 203 -23.01 -74.89 14.76
N LYS BA 204 -24.16 -75.36 15.22
CA LYS BA 204 -24.28 -75.93 16.55
C LYS BA 204 -24.85 -77.34 16.46
N ASN BA 205 -24.60 -78.13 17.51
CA ASN BA 205 -25.11 -79.48 17.57
C ASN BA 205 -25.73 -79.78 18.94
N ILE BA 206 -26.63 -78.92 19.42
CA ILE BA 206 -27.22 -79.02 20.76
C ILE BA 206 -27.83 -80.40 20.97
N ALA BA 207 -27.39 -81.09 22.01
CA ALA BA 207 -27.92 -82.41 22.32
C ALA BA 207 -29.15 -82.30 23.20
N ILE BA 208 -30.24 -82.94 22.78
CA ILE BA 208 -31.49 -82.94 23.52
C ILE BA 208 -31.59 -84.24 24.32
N ALA BA 209 -31.48 -84.11 25.64
CA ALA BA 209 -31.55 -85.29 26.49
C ALA BA 209 -32.99 -85.75 26.66
N ALA BA 210 -33.14 -87.00 27.08
CA ALA BA 210 -34.47 -87.57 27.28
C ALA BA 210 -35.08 -87.07 28.59
N GLY BA 211 -36.40 -86.93 28.59
CA GLY BA 211 -37.11 -86.48 29.77
C GLY BA 211 -37.14 -84.97 29.93
N ASP BA 212 -36.32 -84.27 29.16
CA ASP BA 212 -36.23 -82.82 29.22
C ASP BA 212 -37.58 -82.15 28.95
N SER BA 213 -37.96 -81.20 29.80
CA SER BA 213 -39.21 -80.48 29.62
C SER BA 213 -39.14 -79.58 28.39
N ALA BA 214 -40.28 -78.98 28.05
CA ALA BA 214 -40.33 -78.06 26.92
C ALA BA 214 -39.48 -76.81 27.20
N LYS BA 215 -39.50 -76.34 28.44
CA LYS BA 215 -38.70 -75.18 28.83
C LYS BA 215 -37.21 -75.48 28.69
N ALA BA 216 -36.83 -76.73 28.94
CA ALA BA 216 -35.44 -77.14 28.82
C ALA BA 216 -34.96 -76.92 27.39
N ILE BA 217 -35.65 -77.54 26.43
CA ILE BA 217 -35.42 -77.35 25.00
C ILE BA 217 -35.43 -75.86 24.68
N ALA BA 218 -36.34 -75.13 25.31
CA ALA BA 218 -36.45 -73.69 25.08
C ALA BA 218 -35.14 -72.98 25.38
N GLU BA 219 -34.54 -73.20 26.56
CA GLU BA 219 -33.26 -72.55 26.81
C GLU BA 219 -32.15 -73.12 25.92
N LYS BA 220 -32.12 -74.45 25.74
CA LYS BA 220 -31.04 -75.08 25.00
C LYS BA 220 -30.93 -74.62 23.56
N MET BA 221 -32.07 -74.51 22.86
CA MET BA 221 -32.01 -74.03 21.49
C MET BA 221 -31.72 -72.54 21.41
N ASP BA 222 -31.96 -71.80 22.49
CA ASP BA 222 -31.64 -70.37 22.51
C ASP BA 222 -30.15 -70.16 22.70
N GLY BA 223 -29.73 -68.89 22.74
CA GLY BA 223 -28.34 -68.58 23.03
C GLY BA 223 -27.42 -68.61 21.83
N ALA BA 224 -26.67 -69.71 21.70
CA ALA BA 224 -25.59 -69.89 20.73
C ALA BA 224 -25.91 -69.34 19.34
N ILE BA 225 -27.04 -69.74 18.76
CA ILE BA 225 -27.39 -69.33 17.41
C ILE BA 225 -27.58 -67.82 17.36
N PRO BA 226 -26.81 -67.12 16.53
CA PRO BA 226 -26.93 -65.65 16.48
C PRO BA 226 -28.31 -65.22 15.98
N ASN BA 227 -28.87 -64.22 16.65
CA ASN BA 227 -30.17 -63.65 16.30
C ASN BA 227 -31.26 -64.73 16.30
N LEU BA 228 -31.50 -65.28 17.49
CA LEU BA 228 -32.50 -66.32 17.65
C LEU BA 228 -33.11 -66.22 19.04
N SER BA 229 -34.44 -66.31 19.11
CA SER BA 229 -35.17 -66.32 20.37
C SER BA 229 -35.84 -67.68 20.51
N ALA BA 230 -36.50 -67.89 21.65
CA ALA BA 230 -37.15 -69.18 21.91
C ALA BA 230 -38.27 -68.99 22.91
N ARG BA 231 -39.42 -69.59 22.60
CA ARG BA 231 -40.59 -69.56 23.47
C ARG BA 231 -40.92 -70.99 23.90
N ALA BA 232 -41.89 -71.13 24.82
CA ALA BA 232 -42.30 -72.44 25.31
C ALA BA 232 -43.68 -72.37 25.95
N ARG BA 233 -44.62 -73.16 25.44
CA ARG BA 233 -45.97 -73.19 25.98
C ARG BA 233 -46.49 -74.61 25.95
N THR BA 234 -47.36 -74.95 26.92
CA THR BA 234 -47.94 -76.28 27.06
C THR BA 234 -49.44 -76.13 27.29
N VAL BA 235 -50.07 -75.31 26.45
CA VAL BA 235 -51.52 -75.13 26.51
C VAL BA 235 -52.20 -76.39 26.02
N PHE BA 236 -53.08 -76.95 26.84
CA PHE BA 236 -53.77 -78.18 26.50
C PHE BA 236 -55.18 -78.15 27.07
N THR BA 237 -56.08 -78.87 26.40
CA THR BA 237 -57.47 -79.00 26.84
C THR BA 237 -57.72 -80.41 27.37
N ALA BA 238 -58.91 -80.59 27.96
CA ALA BA 238 -59.31 -81.86 28.52
C ALA BA 238 -60.82 -81.89 28.63
N ASP BA 239 -61.36 -83.06 28.97
CA ASP BA 239 -62.81 -83.23 29.11
CA ASP BA 239 -62.81 -83.23 29.11
C ASP BA 239 -63.06 -84.44 30.00
N VAL BA 240 -63.67 -84.20 31.16
CA VAL BA 240 -64.01 -85.29 32.08
C VAL BA 240 -65.37 -85.84 31.69
N SER BA 241 -65.40 -87.06 31.15
CA SER BA 241 -66.64 -87.70 30.74
C SER BA 241 -66.51 -89.20 30.92
N GLY BA 242 -67.66 -89.88 30.92
CA GLY BA 242 -67.69 -91.32 31.04
C GLY BA 242 -67.53 -91.83 32.45
N VAL BA 243 -67.37 -90.91 33.41
CA VAL BA 243 -67.17 -91.27 34.81
C VAL BA 243 -68.39 -92.04 35.32
N THR BA 244 -68.17 -93.30 35.69
CA THR BA 244 -69.25 -94.16 36.15
C THR BA 244 -68.75 -95.01 37.32
N GLY BA 245 -69.56 -95.07 38.37
CA GLY BA 245 -69.26 -95.89 39.53
C GLY BA 245 -67.93 -95.60 40.19
N GLY BA 246 -67.80 -94.41 40.76
CA GLY BA 246 -66.59 -94.02 41.47
C GLY BA 246 -66.02 -92.72 40.93
N SER BA 247 -64.91 -92.31 41.55
CA SER BA 247 -64.21 -91.08 41.21
C SER BA 247 -62.96 -91.38 40.40
N LEU BA 248 -62.51 -90.38 39.65
CA LEU BA 248 -61.33 -90.49 38.80
C LEU BA 248 -60.07 -89.91 39.42
N ASN BA 249 -59.90 -90.08 40.74
CA ASN BA 249 -58.75 -89.56 41.46
C ASN BA 249 -57.45 -89.93 40.78
N PHE BA 250 -56.64 -88.93 40.42
CA PHE BA 250 -55.41 -89.17 39.69
C PHE BA 250 -54.35 -88.17 40.12
N ASP BA 251 -53.10 -88.47 39.78
CA ASP BA 251 -51.97 -87.65 40.16
C ASP BA 251 -51.66 -86.61 39.08
N VAL BA 252 -51.28 -85.42 39.53
CA VAL BA 252 -50.92 -84.31 38.65
C VAL BA 252 -49.47 -83.96 38.91
N THR BA 253 -48.61 -84.18 37.92
CA THR BA 253 -47.18 -83.93 38.03
C THR BA 253 -46.79 -82.78 37.10
N VAL BA 254 -46.20 -81.74 37.66
CA VAL BA 254 -45.72 -80.60 36.88
C VAL BA 254 -44.32 -80.24 37.35
N GLY BA 255 -43.33 -80.56 36.52
CA GLY BA 255 -41.96 -80.24 36.82
C GLY BA 255 -41.43 -80.91 38.08
N SER BA 256 -41.21 -80.11 39.12
CA SER BA 256 -40.69 -80.62 40.39
C SER BA 256 -41.81 -80.89 41.39
N ASN BA 257 -42.63 -79.89 41.69
CA ASN BA 257 -43.74 -80.07 42.61
C ASN BA 257 -44.79 -81.00 42.00
N THR BA 258 -45.44 -81.78 42.84
CA THR BA 258 -46.40 -82.77 42.39
C THR BA 258 -47.48 -82.96 43.45
N VAL BA 259 -48.74 -82.80 43.05
CA VAL BA 259 -49.87 -83.05 43.95
C VAL BA 259 -50.68 -84.20 43.38
N SER BA 260 -51.62 -84.72 44.18
CA SER BA 260 -52.46 -85.84 43.73
C SER BA 260 -53.91 -85.41 43.91
N LEU BA 261 -54.58 -85.14 42.79
CA LEU BA 261 -55.96 -84.71 42.83
C LEU BA 261 -56.89 -85.88 43.14
N ALA BA 262 -58.10 -85.57 43.57
CA ALA BA 262 -59.09 -86.58 43.92
C ALA BA 262 -60.47 -85.98 43.79
N GLY BA 263 -61.47 -86.85 43.74
CA GLY BA 263 -62.86 -86.41 43.63
C GLY BA 263 -63.23 -85.95 42.25
N VAL BA 264 -62.41 -86.27 41.25
CA VAL BA 264 -62.68 -85.91 39.87
C VAL BA 264 -63.91 -86.65 39.39
N THR BA 265 -64.99 -85.90 39.11
CA THR BA 265 -66.23 -86.51 38.63
C THR BA 265 -66.84 -85.79 37.44
N SER BA 266 -66.38 -84.58 37.11
CA SER BA 266 -66.94 -83.85 35.99
C SER BA 266 -65.94 -82.80 35.54
N THR BA 267 -66.16 -82.26 34.34
CA THR BA 267 -65.27 -81.25 33.78
C THR BA 267 -65.18 -80.02 34.67
N GLN BA 268 -66.32 -79.57 35.20
CA GLN BA 268 -66.36 -78.37 36.04
C GLN BA 268 -65.63 -78.61 37.36
N ASP BA 269 -65.87 -79.78 37.97
CA ASP BA 269 -65.23 -80.14 39.23
C ASP BA 269 -63.72 -80.10 39.12
N LEU BA 270 -63.19 -80.76 38.09
CA LEU BA 270 -61.76 -80.78 37.82
C LEU BA 270 -61.27 -79.35 37.74
N ALA BA 271 -61.72 -78.61 36.72
CA ALA BA 271 -61.35 -77.22 36.50
C ALA BA 271 -61.30 -76.41 37.79
N ASP BA 272 -62.36 -76.51 38.61
CA ASP BA 272 -62.42 -75.78 39.87
C ASP BA 272 -61.30 -76.18 40.82
N GLN BA 273 -61.18 -77.47 41.13
CA GLN BA 273 -60.20 -77.87 42.14
C GLN BA 273 -58.78 -77.66 41.63
N LEU BA 274 -58.56 -77.80 40.32
CA LEU BA 274 -57.23 -77.56 39.75
C LEU BA 274 -56.89 -76.08 39.82
N ASN BA 275 -57.88 -75.22 39.56
CA ASN BA 275 -57.67 -73.79 39.72
C ASN BA 275 -57.36 -73.44 41.17
N SER BA 276 -57.98 -74.16 42.11
CA SER BA 276 -57.68 -73.94 43.52
C SER BA 276 -56.22 -74.23 43.84
N ASN BA 277 -55.63 -75.20 43.13
CA ASN BA 277 -54.26 -75.59 43.40
C ASN BA 277 -53.26 -75.13 42.34
N SER BA 278 -53.73 -74.44 41.29
CA SER BA 278 -52.84 -74.00 40.22
C SER BA 278 -51.74 -73.07 40.73
N SER BA 279 -51.99 -72.40 41.85
CA SER BA 279 -51.00 -71.54 42.48
C SER BA 279 -49.72 -72.32 42.76
N LYS BA 280 -49.85 -73.48 43.41
CA LYS BA 280 -48.69 -74.30 43.70
C LYS BA 280 -48.10 -74.92 42.42
N LEU BA 281 -48.98 -75.35 41.52
CA LEU BA 281 -48.53 -75.98 40.27
C LEU BA 281 -47.91 -74.95 39.34
N GLY BA 282 -48.17 -73.66 39.60
CA GLY BA 282 -47.58 -72.62 38.77
C GLY BA 282 -48.10 -72.61 37.34
N ILE BA 283 -49.34 -73.05 37.15
CA ILE BA 283 -49.96 -73.09 35.84
C ILE BA 283 -51.24 -72.28 35.86
N THR BA 284 -51.93 -72.20 34.72
CA THR BA 284 -53.09 -71.32 34.55
C THR BA 284 -54.31 -72.16 34.16
N ALA BA 285 -55.14 -72.50 35.15
CA ALA BA 285 -56.39 -73.20 34.90
C ALA BA 285 -57.52 -72.20 34.68
N SER BA 286 -58.00 -72.10 33.45
CA SER BA 286 -59.07 -71.16 33.09
C SER BA 286 -60.16 -71.93 32.37
N ILE BA 287 -61.39 -71.82 32.86
CA ILE BA 287 -62.55 -72.45 32.23
C ILE BA 287 -63.23 -71.41 31.34
N ASN BA 288 -63.60 -71.82 30.13
CA ASN BA 288 -64.27 -70.93 29.20
C ASN BA 288 -65.78 -71.08 29.31
N ASP BA 289 -66.50 -70.36 28.45
CA ASP BA 289 -67.96 -70.42 28.46
C ASP BA 289 -68.46 -71.78 27.96
N LYS BA 290 -67.64 -72.46 27.16
CA LYS BA 290 -68.03 -73.75 26.59
C LYS BA 290 -67.66 -74.90 27.53
N GLY BA 291 -67.27 -74.58 28.76
CA GLY BA 291 -66.98 -75.61 29.74
C GLY BA 291 -65.60 -76.23 29.64
N VAL BA 292 -65.15 -76.49 28.42
CA VAL BA 292 -63.87 -77.15 28.17
C VAL BA 292 -62.74 -76.40 28.86
N LEU BA 293 -61.84 -77.14 29.51
CA LEU BA 293 -60.70 -76.53 30.19
C LEU BA 293 -59.74 -75.89 29.19
N THR BA 294 -59.23 -74.71 29.53
CA THR BA 294 -58.25 -73.99 28.71
C THR BA 294 -56.92 -73.85 29.44
N ILE BA 295 -56.46 -74.92 30.08
CA ILE BA 295 -55.24 -74.93 30.89
C ILE BA 295 -54.07 -74.36 30.08
N THR BA 296 -53.36 -73.41 30.67
CA THR BA 296 -52.25 -72.73 30.02
C THR BA 296 -51.01 -72.83 30.88
N SER BA 297 -49.88 -73.08 30.24
CA SER BA 297 -48.60 -73.18 30.91
C SER BA 297 -47.90 -71.82 30.93
N ALA BA 298 -47.04 -71.62 31.91
CA ALA BA 298 -46.35 -70.35 32.08
C ALA BA 298 -45.15 -70.25 31.14
N THR BA 299 -44.18 -71.15 31.31
CA THR BA 299 -42.96 -71.15 30.50
C THR BA 299 -42.78 -72.52 29.83
N GLY BA 300 -43.89 -73.11 29.42
CA GLY BA 300 -43.85 -74.39 28.74
C GLY BA 300 -43.36 -75.54 29.61
N GLU BA 301 -44.17 -75.94 30.60
CA GLU BA 301 -43.79 -77.02 31.49
C GLU BA 301 -44.02 -78.38 30.86
N ASN BA 302 -43.92 -79.44 31.67
CA ASN BA 302 -43.97 -80.81 31.18
C ASN BA 302 -45.01 -81.62 31.96
N VAL BA 303 -46.21 -81.06 32.11
CA VAL BA 303 -47.29 -81.67 32.88
C VAL BA 303 -47.46 -83.14 32.54
N LYS BA 304 -47.61 -83.97 33.55
CA LYS BA 304 -47.77 -85.40 33.40
C LYS BA 304 -49.13 -85.81 33.99
N PHE BA 305 -49.54 -87.06 33.73
CA PHE BA 305 -50.83 -87.53 34.19
C PHE BA 305 -50.63 -88.83 34.96
N GLY BA 306 -51.26 -88.93 36.13
CA GLY BA 306 -51.09 -90.10 36.98
C GLY BA 306 -51.90 -91.30 36.54
N ALA BA 307 -52.36 -92.09 37.51
CA ALA BA 307 -53.10 -93.32 37.24
C ALA BA 307 -54.47 -93.24 37.89
N GLN BA 308 -55.27 -94.29 37.67
CA GLN BA 308 -56.64 -94.35 38.19
C GLN BA 308 -56.64 -94.75 39.66
N THR BA 309 -56.17 -93.84 40.50
CA THR BA 309 -56.16 -94.10 41.94
C THR BA 309 -57.57 -94.09 42.52
N GLY BA 310 -58.53 -93.54 41.78
CA GLY BA 310 -59.90 -93.51 42.24
C GLY BA 310 -60.57 -94.87 42.11
N THR BA 311 -61.90 -94.85 42.28
CA THR BA 311 -62.70 -96.06 42.23
C THR BA 311 -63.57 -96.15 40.98
N ALA BA 312 -63.48 -95.19 40.07
CA ALA BA 312 -64.30 -95.19 38.86
C ALA BA 312 -64.01 -96.40 38.00
N THR BA 313 -65.08 -97.11 37.63
CA THR BA 313 -64.95 -98.27 36.74
C THR BA 313 -64.55 -97.83 35.34
N ALA BA 314 -65.32 -96.89 34.77
CA ALA BA 314 -65.04 -96.36 33.45
C ALA BA 314 -64.84 -94.84 33.55
N GLY BA 315 -64.55 -94.22 32.43
CA GLY BA 315 -64.31 -92.79 32.38
C GLY BA 315 -62.85 -92.47 32.08
N GLN BA 316 -62.65 -91.34 31.40
CA GLN BA 316 -61.32 -90.94 31.00
C GLN BA 316 -61.26 -89.46 30.63
N VAL BA 317 -60.08 -88.97 30.28
CA VAL BA 317 -59.87 -87.60 29.84
C VAL BA 317 -58.92 -87.62 28.65
N ALA BA 318 -59.21 -86.77 27.66
CA ALA BA 318 -58.41 -86.66 26.46
C ALA BA 318 -57.64 -85.34 26.48
N VAL BA 319 -56.74 -85.17 25.51
CA VAL BA 319 -55.94 -83.96 25.40
C VAL BA 319 -55.91 -83.53 23.94
N LYS BA 320 -55.87 -82.21 23.73
CA LYS BA 320 -55.79 -81.65 22.39
C LYS BA 320 -54.72 -80.58 22.29
N VAL BA 321 -53.50 -80.87 22.77
CA VAL BA 321 -52.41 -79.91 22.89
C VAL BA 321 -52.21 -79.14 21.58
N GLN BA 322 -52.26 -77.81 21.66
CA GLN BA 322 -52.09 -76.99 20.48
C GLN BA 322 -50.62 -76.65 20.26
N GLY BA 323 -50.32 -76.08 19.10
CA GLY BA 323 -48.97 -75.65 18.79
C GLY BA 323 -48.92 -74.19 18.41
N SER BA 324 -47.85 -73.78 17.72
CA SER BA 324 -47.76 -72.40 17.25
C SER BA 324 -48.82 -72.10 16.19
N ASP BA 325 -49.30 -73.14 15.51
CA ASP BA 325 -50.36 -72.95 14.52
C ASP BA 325 -51.67 -72.48 15.14
N GLY BA 326 -51.84 -72.65 16.45
CA GLY BA 326 -53.01 -72.16 17.13
C GLY BA 326 -54.15 -73.15 17.23
N LYS BA 327 -54.42 -73.88 16.15
CA LYS BA 327 -55.52 -74.84 16.14
C LYS BA 327 -55.21 -76.04 17.02
N PHE BA 328 -56.13 -76.36 17.93
CA PHE BA 328 -55.99 -77.52 18.79
C PHE BA 328 -56.07 -78.81 17.97
N GLU BA 329 -55.24 -79.79 18.29
CA GLU BA 329 -55.26 -81.07 17.59
C GLU BA 329 -56.62 -81.73 17.69
N ALA BA 330 -57.15 -82.15 16.53
CA ALA BA 330 -58.48 -82.74 16.46
C ALA BA 330 -58.52 -84.11 17.14
N ALA BA 331 -57.35 -84.69 17.42
CA ALA BA 331 -57.28 -86.00 18.04
C ALA BA 331 -57.71 -85.93 19.50
N ALA BA 332 -57.94 -87.10 20.11
CA ALA BA 332 -58.39 -87.15 21.49
C ALA BA 332 -57.61 -88.19 22.30
N LYS BA 333 -56.28 -88.18 22.20
CA LYS BA 333 -55.44 -89.20 22.82
C LYS BA 333 -55.64 -89.24 24.33
N ASN BA 334 -55.86 -90.44 24.86
CA ASN BA 334 -56.15 -90.62 26.27
C ASN BA 334 -54.89 -90.47 27.11
N VAL BA 335 -55.02 -89.81 28.25
CA VAL BA 335 -53.93 -89.69 29.21
C VAL BA 335 -54.29 -90.43 30.51
N VAL BA 336 -55.44 -90.12 31.09
CA VAL BA 336 -55.91 -90.85 32.25
C VAL BA 336 -57.19 -91.59 31.89
N ALA BA 337 -57.20 -92.90 32.15
CA ALA BA 337 -58.37 -93.72 31.86
C ALA BA 337 -58.60 -94.67 33.03
N ALA BA 338 -59.88 -94.95 33.30
CA ALA BA 338 -60.23 -95.89 34.35
C ALA BA 338 -60.07 -97.31 33.84
N GLY BA 339 -60.18 -98.30 34.74
CA GLY BA 339 -59.95 -99.67 34.37
C GLY BA 339 -58.55 -99.90 33.85
N THR BA 340 -58.41 -100.12 32.54
CA THR BA 340 -57.10 -100.26 31.91
C THR BA 340 -56.50 -98.87 31.73
N ALA BA 341 -55.28 -98.69 32.22
CA ALA BA 341 -54.62 -97.39 32.12
C ALA BA 341 -54.18 -97.13 30.69
N ALA BA 342 -54.02 -95.84 30.35
CA ALA BA 342 -53.54 -95.46 29.04
C ALA BA 342 -52.01 -95.58 28.98
N THR BA 343 -51.42 -95.13 27.88
CA THR BA 343 -49.97 -95.21 27.73
C THR BA 343 -49.35 -93.82 27.77
N THR BA 344 -49.81 -92.92 26.90
CA THR BA 344 -49.26 -91.57 26.84
C THR BA 344 -49.71 -90.74 28.03
N THR BA 345 -48.77 -90.36 28.89
CA THR BA 345 -49.08 -89.54 30.05
C THR BA 345 -48.20 -88.32 30.18
N ILE BA 346 -47.05 -88.26 29.52
CA ILE BA 346 -46.16 -87.11 29.61
C ILE BA 346 -46.55 -86.09 28.55
N VAL BA 347 -47.45 -85.17 28.91
CA VAL BA 347 -47.89 -84.12 28.01
C VAL BA 347 -46.79 -83.07 27.88
N THR BA 348 -46.36 -82.81 26.65
CA THR BA 348 -45.32 -81.83 26.39
C THR BA 348 -45.81 -80.88 25.31
N GLY BA 349 -45.69 -79.58 25.56
CA GLY BA 349 -46.17 -78.56 24.65
C GLY BA 349 -45.19 -78.32 23.51
N TYR BA 350 -45.50 -77.28 22.74
CA TYR BA 350 -44.69 -76.91 21.59
C TYR BA 350 -43.61 -75.92 22.02
N VAL BA 351 -42.44 -76.03 21.38
CA VAL BA 351 -41.27 -75.24 21.74
C VAL BA 351 -40.91 -74.30 20.61
N GLN BA 352 -41.92 -73.85 19.86
CA GLN BA 352 -41.71 -72.96 18.74
C GLN BA 352 -40.85 -71.76 19.12
N LEU BA 353 -39.67 -71.67 18.51
CA LEU BA 353 -38.75 -70.57 18.72
C LEU BA 353 -38.88 -69.57 17.58
N ASN BA 354 -38.01 -68.54 17.61
CA ASN BA 354 -38.06 -67.49 16.60
C ASN BA 354 -36.64 -67.04 16.26
N SER BA 355 -36.48 -66.56 15.03
CA SER BA 355 -35.20 -66.04 14.55
C SER BA 355 -35.43 -65.20 13.29
N PRO BA 356 -34.88 -63.98 13.25
CA PRO BA 356 -35.05 -63.16 12.03
C PRO BA 356 -34.36 -63.74 10.81
N THR BA 357 -33.14 -64.21 10.96
CA THR BA 357 -32.35 -64.71 9.83
C THR BA 357 -32.87 -66.09 9.42
N ALA BA 358 -32.24 -66.67 8.39
CA ALA BA 358 -32.61 -67.98 7.88
C ALA BA 358 -31.81 -69.04 8.61
N TYR BA 359 -32.53 -69.96 9.26
CA TYR BA 359 -31.92 -71.04 10.02
C TYR BA 359 -31.98 -72.35 9.24
N SER BA 360 -31.56 -73.43 9.89
CA SER BA 360 -31.63 -74.76 9.29
C SER BA 360 -31.61 -75.78 10.43
N VAL BA 361 -32.71 -76.48 10.61
CA VAL BA 361 -32.86 -77.45 11.69
C VAL BA 361 -32.75 -78.85 11.11
N SER BA 362 -32.08 -79.75 11.84
CA SER BA 362 -31.91 -81.12 11.41
C SER BA 362 -31.66 -82.00 12.65
N GLY BA 363 -31.73 -83.31 12.43
CA GLY BA 363 -31.50 -84.25 13.51
C GLY BA 363 -31.50 -85.70 13.04
N THR BA 364 -30.59 -86.50 13.58
CA THR BA 364 -30.49 -87.90 13.19
C THR BA 364 -31.71 -88.68 13.68
N GLY BA 365 -32.30 -89.45 12.77
CA GLY BA 365 -33.44 -90.28 13.10
C GLY BA 365 -34.68 -89.49 13.47
N THR BA 366 -35.27 -89.82 14.61
CA THR BA 366 -36.50 -89.17 15.07
C THR BA 366 -36.25 -88.06 16.06
N GLN BA 367 -34.99 -87.75 16.37
CA GLN BA 367 -34.66 -86.69 17.34
C GLN BA 367 -35.22 -85.35 16.89
N ALA BA 368 -35.25 -85.11 15.58
CA ALA BA 368 -35.78 -83.84 15.06
C ALA BA 368 -37.28 -83.93 14.82
N SER BA 369 -37.76 -85.06 14.32
CA SER BA 369 -39.17 -85.24 14.00
C SER BA 369 -40.05 -85.10 15.24
N GLN BA 370 -39.56 -85.58 16.38
CA GLN BA 370 -40.34 -85.52 17.61
C GLN BA 370 -40.52 -84.08 18.08
N VAL BA 371 -39.66 -83.18 17.65
CA VAL BA 371 -39.71 -81.79 18.09
C VAL BA 371 -40.09 -80.85 16.95
N PHE BA 372 -39.52 -81.03 15.77
CA PHE BA 372 -39.71 -80.11 14.66
C PHE BA 372 -40.48 -80.75 13.51
N GLY BA 373 -40.61 -82.07 13.54
CA GLY BA 373 -41.37 -82.74 12.50
C GLY BA 373 -40.65 -82.72 11.16
N ASN BA 374 -41.43 -82.48 10.11
CA ASN BA 374 -40.91 -82.53 8.74
C ASN BA 374 -40.10 -81.28 8.40
N ALA BA 375 -40.11 -80.28 9.29
CA ALA BA 375 -39.36 -79.04 9.11
C ALA BA 375 -37.94 -79.30 8.65
N SER BA 376 -37.53 -78.65 7.56
CA SER BA 376 -36.23 -78.95 6.97
C SER BA 376 -35.24 -77.80 7.12
N ALA BA 377 -35.54 -76.63 6.56
CA ALA BA 377 -34.63 -75.51 6.72
C ALA BA 377 -35.24 -74.34 7.46
N ALA BA 378 -36.31 -73.77 6.92
CA ALA BA 378 -36.87 -72.54 7.45
C ALA BA 378 -38.17 -72.22 6.71
N GLN BA 379 -38.73 -71.06 7.04
CA GLN BA 379 -39.81 -70.45 6.27
C GLN BA 379 -39.53 -68.96 6.15
N LYS BA 380 -40.53 -68.18 5.72
CA LYS BA 380 -40.36 -66.73 5.63
C LYS BA 380 -41.46 -66.02 6.41
N SER BA 381 -42.61 -66.69 6.53
CA SER BA 381 -43.79 -66.24 7.26
C SER BA 381 -44.51 -65.11 6.55
N SER BA 382 -43.89 -64.55 5.51
CA SER BA 382 -44.53 -63.64 4.55
C SER BA 382 -45.49 -62.66 5.22
N VAL BA 383 -44.98 -61.79 6.09
CA VAL BA 383 -45.88 -61.05 6.98
C VAL BA 383 -46.64 -59.97 6.22
N ALA BA 384 -47.84 -60.33 5.77
CA ALA BA 384 -48.84 -59.38 5.28
C ALA BA 384 -50.18 -59.76 5.88
N SER BA 385 -50.31 -61.02 6.27
CA SER BA 385 -51.47 -61.70 6.84
C SER BA 385 -51.56 -61.61 8.35
N VAL BA 386 -51.06 -60.54 8.98
CA VAL BA 386 -51.00 -60.42 10.43
C VAL BA 386 -52.32 -60.81 11.09
N ASP BA 387 -53.44 -60.45 10.45
CA ASP BA 387 -54.78 -60.68 10.99
C ASP BA 387 -54.78 -60.18 12.43
N ILE BA 388 -54.62 -58.86 12.61
CA ILE BA 388 -54.45 -58.31 13.95
C ILE BA 388 -55.74 -58.40 14.75
N SER BA 389 -56.86 -58.67 14.07
CA SER BA 389 -58.14 -58.85 14.74
C SER BA 389 -58.09 -60.05 15.68
N THR BA 390 -57.50 -61.15 15.22
CA THR BA 390 -57.42 -62.36 16.01
C THR BA 390 -56.33 -62.24 17.07
N ALA BA 391 -56.64 -62.71 18.28
CA ALA BA 391 -55.69 -62.66 19.38
C ALA BA 391 -54.44 -63.46 19.08
N ASP BA 392 -54.60 -64.74 18.70
CA ASP BA 392 -53.48 -65.56 18.30
C ASP BA 392 -52.73 -64.92 17.14
N GLY BA 393 -53.48 -64.42 16.16
CA GLY BA 393 -52.91 -63.66 15.07
C GLY BA 393 -52.15 -62.45 15.57
N ALA BA 394 -52.67 -61.79 16.60
CA ALA BA 394 -52.00 -60.64 17.17
C ALA BA 394 -50.65 -61.01 17.78
N GLN BA 395 -50.60 -62.11 18.53
CA GLN BA 395 -49.35 -62.55 19.14
C GLN BA 395 -48.34 -62.95 18.07
N ASN BA 396 -48.81 -63.67 17.04
CA ASN BA 396 -47.94 -64.02 15.92
C ASN BA 396 -47.40 -62.77 15.26
N ALA BA 397 -48.25 -61.74 15.12
CA ALA BA 397 -47.81 -60.49 14.53
C ALA BA 397 -46.74 -59.83 15.39
N ILE BA 398 -46.94 -59.79 16.71
CA ILE BA 398 -45.95 -59.21 17.60
C ILE BA 398 -44.63 -59.93 17.40
N ALA BA 399 -44.65 -61.27 17.41
CA ALA BA 399 -43.42 -62.04 17.26
C ALA BA 399 -42.71 -61.72 15.94
N VAL BA 400 -43.47 -61.74 14.84
CA VAL BA 400 -42.85 -61.57 13.53
C VAL BA 400 -42.31 -60.14 13.37
N VAL BA 401 -42.96 -59.17 14.03
CA VAL BA 401 -42.44 -57.81 13.90
C VAL BA 401 -41.26 -57.58 14.83
N ASP BA 402 -41.16 -58.30 15.96
CA ASP BA 402 -39.91 -58.25 16.71
C ASP BA 402 -38.76 -58.83 15.89
N ASN BA 403 -39.01 -59.95 15.21
CA ASN BA 403 -37.98 -60.50 14.34
C ASN BA 403 -37.63 -59.56 13.21
N ALA BA 404 -38.62 -58.90 12.61
CA ALA BA 404 -38.37 -57.96 11.52
C ALA BA 404 -37.57 -56.77 12.01
N LEU BA 405 -37.89 -56.26 13.20
CA LEU BA 405 -37.11 -55.16 13.77
C LEU BA 405 -35.68 -55.59 14.07
N ALA BA 406 -35.48 -56.82 14.52
CA ALA BA 406 -34.12 -57.32 14.73
C ALA BA 406 -33.35 -57.36 13.42
N ALA BA 407 -34.00 -57.85 12.35
CA ALA BA 407 -33.33 -57.90 11.06
C ALA BA 407 -33.01 -56.50 10.53
N ILE BA 408 -33.94 -55.56 10.71
CA ILE BA 408 -33.71 -54.20 10.23
C ILE BA 408 -32.63 -53.52 11.06
N ASP BA 409 -32.55 -53.86 12.35
CA ASP BA 409 -31.47 -53.33 13.19
C ASP BA 409 -30.12 -53.90 12.76
N ALA BA 410 -30.09 -55.17 12.36
CA ALA BA 410 -28.87 -55.74 11.81
C ALA BA 410 -28.48 -55.03 10.52
N GLN BA 411 -29.47 -54.71 9.67
CA GLN BA 411 -29.19 -53.96 8.45
C GLN BA 411 -28.64 -52.57 8.75
N ARG BA 412 -29.21 -51.90 9.75
CA ARG BA 412 -28.73 -50.58 10.13
C ARG BA 412 -27.32 -50.65 10.71
N ALA BA 413 -27.02 -51.71 11.47
CA ALA BA 413 -25.68 -51.89 11.98
C ALA BA 413 -24.69 -52.13 10.85
N ASP BA 414 -25.10 -52.90 9.83
CA ASP BA 414 -24.26 -53.07 8.65
C ASP BA 414 -24.00 -51.73 7.97
N LEU BA 415 -25.05 -50.91 7.83
CA LEU BA 415 -24.89 -49.60 7.22
C LEU BA 415 -23.94 -48.71 8.02
N ALA BA 416 -24.05 -48.76 9.35
CA ALA BA 416 -23.14 -47.98 10.19
C ALA BA 416 -21.70 -48.46 10.04
N ALA BA 417 -21.53 -49.79 9.98
CA ALA BA 417 -20.19 -50.34 9.78
C ALA BA 417 -19.59 -49.89 8.46
N VAL BA 418 -20.38 -49.95 7.38
CA VAL BA 418 -19.85 -49.59 6.06
C VAL BA 418 -19.59 -48.10 5.98
N GLN BA 419 -20.40 -47.28 6.65
CA GLN BA 419 -20.13 -45.84 6.61
C GLN BA 419 -18.91 -45.46 7.44
N ASN BA 420 -18.70 -46.12 8.59
CA ASN BA 420 -17.46 -45.90 9.34
C ASN BA 420 -16.26 -46.35 8.53
N ARG BA 421 -16.38 -47.50 7.86
CA ARG BA 421 -15.32 -47.96 6.97
C ARG BA 421 -15.06 -46.95 5.85
N PHE BA 422 -16.12 -46.35 5.31
CA PHE BA 422 -15.96 -45.36 4.26
C PHE BA 422 -15.25 -44.11 4.75
N LYS BA 423 -15.59 -43.64 5.95
CA LYS BA 423 -14.95 -42.43 6.45
C LYS BA 423 -13.49 -42.68 6.81
N ASN BA 424 -13.19 -43.86 7.36
CA ASN BA 424 -11.80 -44.23 7.58
C ASN BA 424 -11.04 -44.32 6.26
N THR BA 425 -11.65 -44.93 5.24
CA THR BA 425 -11.02 -45.05 3.94
C THR BA 425 -10.77 -43.69 3.31
N ILE BA 426 -11.73 -42.77 3.41
CA ILE BA 426 -11.57 -41.46 2.79
C ILE BA 426 -10.55 -40.63 3.54
N ASP BA 427 -10.45 -40.82 4.86
CA ASP BA 427 -9.39 -40.13 5.61
C ASP BA 427 -8.01 -40.63 5.19
N ASN BA 428 -7.83 -41.95 5.15
CA ASN BA 428 -6.58 -42.50 4.67
C ASN BA 428 -6.28 -42.02 3.25
N LEU BA 429 -7.33 -41.91 2.43
CA LEU BA 429 -7.15 -41.57 1.03
C LEU BA 429 -6.71 -40.12 0.87
N THR BA 430 -7.35 -39.21 1.60
CA THR BA 430 -6.95 -37.80 1.51
C THR BA 430 -5.56 -37.59 2.10
N ASN BA 431 -5.22 -38.35 3.15
CA ASN BA 431 -3.86 -38.25 3.68
C ASN BA 431 -2.83 -38.72 2.67
N ILE BA 432 -3.05 -39.89 2.06
CA ILE BA 432 -2.10 -40.41 1.08
C ILE BA 432 -2.03 -39.51 -0.14
N SER BA 433 -3.14 -38.86 -0.50
CA SER BA 433 -3.12 -37.98 -1.66
C SER BA 433 -2.35 -36.70 -1.37
N GLU BA 434 -2.53 -36.13 -0.18
CA GLU BA 434 -1.72 -34.97 0.20
C GLU BA 434 -0.25 -35.33 0.24
N ASN BA 435 0.07 -36.55 0.71
CA ASN BA 435 1.46 -36.97 0.78
C ASN BA 435 2.04 -37.17 -0.62
N ALA BA 436 1.24 -37.73 -1.53
CA ALA BA 436 1.69 -37.91 -2.91
C ALA BA 436 1.87 -36.57 -3.62
N THR BA 437 1.02 -35.59 -3.32
CA THR BA 437 1.24 -34.26 -3.88
C THR BA 437 2.50 -33.63 -3.31
N ASN BA 438 2.79 -33.88 -2.04
CA ASN BA 438 4.05 -33.40 -1.47
C ASN BA 438 5.24 -34.02 -2.21
N ALA BA 439 5.17 -35.32 -2.46
CA ALA BA 439 6.26 -35.99 -3.18
C ALA BA 439 6.37 -35.46 -4.61
N ARG BA 440 5.23 -35.26 -5.27
CA ARG BA 440 5.24 -34.75 -6.64
C ARG BA 440 5.81 -33.33 -6.69
N SER BA 441 5.56 -32.53 -5.66
CA SER BA 441 6.12 -31.19 -5.61
C SER BA 441 7.63 -31.25 -5.37
N ARG BA 442 8.06 -32.10 -4.45
CA ARG BA 442 9.49 -32.24 -4.17
C ARG BA 442 10.26 -32.78 -5.37
N ILE BA 443 9.61 -33.57 -6.23
CA ILE BA 443 10.29 -34.13 -7.40
C ILE BA 443 10.11 -33.29 -8.66
N LYS BA 444 9.07 -32.47 -8.74
CA LYS BA 444 8.74 -31.72 -9.95
C LYS BA 444 8.86 -30.21 -9.79
N ASP BA 445 8.16 -29.62 -8.83
CA ASP BA 445 8.12 -28.17 -8.70
C ASP BA 445 9.52 -27.62 -8.42
N THR BA 446 9.95 -26.67 -9.24
CA THR BA 446 11.30 -26.14 -9.16
C THR BA 446 11.51 -25.38 -7.86
N ASP BA 447 12.65 -25.64 -7.21
CA ASP BA 447 13.13 -24.78 -6.12
C ASP BA 447 13.86 -23.57 -6.73
N PHE BA 448 13.08 -22.77 -7.46
CA PHE BA 448 13.63 -21.72 -8.30
C PHE BA 448 14.35 -20.62 -7.53
N ALA BA 449 14.44 -20.73 -6.20
CA ALA BA 449 15.34 -19.85 -5.45
C ALA BA 449 16.77 -19.98 -5.93
N ALA BA 450 17.17 -21.16 -6.42
CA ALA BA 450 18.48 -21.36 -7.01
C ALA BA 450 18.50 -21.18 -8.52
N GLU BA 451 17.45 -21.59 -9.23
CA GLU BA 451 17.39 -21.40 -10.67
C GLU BA 451 17.29 -19.94 -11.07
N THR BA 452 16.78 -19.08 -10.19
CA THR BA 452 16.81 -17.64 -10.48
C THR BA 452 18.25 -17.13 -10.55
N ALA BA 453 19.06 -17.47 -9.55
CA ALA BA 453 20.47 -17.10 -9.59
C ALA BA 453 21.18 -17.77 -10.76
N ALA BA 454 20.77 -19.00 -11.09
CA ALA BA 454 21.37 -19.69 -12.23
C ALA BA 454 21.11 -18.95 -13.53
N LEU BA 455 19.86 -18.55 -13.76
CA LEU BA 455 19.52 -17.86 -15.00
C LEU BA 455 20.12 -16.46 -15.03
N SER BA 456 20.23 -15.82 -13.86
CA SER BA 456 20.90 -14.52 -13.80
C SER BA 456 22.37 -14.66 -14.19
N LYS BA 457 23.05 -15.65 -13.63
CA LYS BA 457 24.43 -15.92 -14.00
C LYS BA 457 24.56 -16.23 -15.49
N ASN BA 458 23.60 -16.99 -16.03
CA ASN BA 458 23.67 -17.35 -17.43
C ASN BA 458 23.48 -16.14 -18.34
N GLN BA 459 22.56 -15.24 -17.96
CA GLN BA 459 22.38 -14.01 -18.71
C GLN BA 459 23.63 -13.13 -18.62
N VAL BA 460 24.27 -13.09 -17.45
CA VAL BA 460 25.52 -12.36 -17.31
C VAL BA 460 26.58 -12.95 -18.22
N LEU BA 461 26.65 -14.28 -18.30
CA LEU BA 461 27.61 -14.93 -19.18
C LEU BA 461 27.30 -14.62 -20.65
N GLN BA 462 26.02 -14.57 -21.02
CA GLN BA 462 25.64 -14.20 -22.37
C GLN BA 462 26.13 -12.80 -22.71
N GLN BA 463 25.84 -11.83 -21.83
CA GLN BA 463 26.28 -10.45 -22.07
C GLN BA 463 27.80 -10.36 -22.15
N ALA BA 464 28.49 -11.04 -21.24
CA ALA BA 464 29.95 -11.00 -21.21
C ALA BA 464 30.53 -11.59 -22.49
N GLY BA 465 29.99 -12.73 -22.93
CA GLY BA 465 30.48 -13.35 -24.15
C GLY BA 465 30.23 -12.50 -25.38
N THR BA 466 29.06 -11.85 -25.43
CA THR BA 466 28.78 -10.98 -26.58
C THR BA 466 29.73 -9.79 -26.59
N ALA BA 467 30.01 -9.21 -25.42
CA ALA BA 467 30.95 -8.10 -25.36
C ALA BA 467 32.35 -8.55 -25.76
N ILE BA 468 32.78 -9.72 -25.28
CA ILE BA 468 34.08 -10.28 -25.64
C ILE BA 468 34.16 -10.51 -27.14
N LEU BA 469 33.09 -11.00 -27.75
CA LEU BA 469 33.08 -11.24 -29.19
C LEU BA 469 33.19 -9.93 -29.95
N ALA BA 470 32.42 -8.92 -29.55
CA ALA BA 470 32.48 -7.62 -30.21
C ALA BA 470 33.85 -6.97 -30.04
N GLN BA 471 34.52 -7.25 -28.93
CA GLN BA 471 35.86 -6.70 -28.71
C GLN BA 471 36.91 -7.45 -29.52
N ALA BA 472 36.73 -8.76 -29.70
CA ALA BA 472 37.71 -9.56 -30.42
C ALA BA 472 37.58 -9.40 -31.93
N ASN BA 473 36.40 -9.03 -32.40
CA ASN BA 473 36.19 -8.88 -33.84
C ASN BA 473 37.00 -7.73 -34.45
N GLN BA 474 37.64 -6.92 -33.63
CA GLN BA 474 38.38 -5.76 -34.12
C GLN BA 474 39.89 -5.94 -34.07
N LEU BA 475 40.38 -7.07 -33.56
CA LEU BA 475 41.83 -7.30 -33.53
C LEU BA 475 42.44 -7.40 -34.92
N PRO BA 476 41.91 -8.24 -35.83
CA PRO BA 476 42.49 -8.26 -37.19
C PRO BA 476 42.38 -6.92 -37.89
N GLN BA 477 41.28 -6.19 -37.69
CA GLN BA 477 41.15 -4.85 -38.25
C GLN BA 477 42.31 -3.98 -37.82
N ALA BA 478 42.59 -3.97 -36.51
CA ALA BA 478 43.66 -3.14 -35.97
C ALA BA 478 45.02 -3.55 -36.54
N VAL BA 479 45.34 -4.84 -36.53
CA VAL BA 479 46.68 -5.25 -36.94
C VAL BA 479 46.89 -5.00 -38.42
N LEU BA 480 45.85 -5.22 -39.24
CA LEU BA 480 45.97 -4.97 -40.67
C LEU BA 480 46.01 -3.48 -40.99
N SER BA 481 45.29 -2.66 -40.24
CA SER BA 481 45.35 -1.22 -40.50
C SER BA 481 46.68 -0.63 -40.05
N LEU BA 482 47.32 -1.23 -39.05
CA LEU BA 482 48.59 -0.72 -38.56
C LEU BA 482 49.78 -1.23 -39.36
N LEU BA 483 49.71 -2.46 -39.88
CA LEU BA 483 50.84 -3.04 -40.61
C LEU BA 483 50.82 -2.72 -42.10
N ARG BA 484 49.79 -2.05 -42.60
CA ARG BA 484 49.71 -1.75 -44.02
C ARG BA 484 49.85 -0.26 -44.28
N VAL CA 1 86.25 -3.57 -71.77
CA VAL CA 1 85.01 -3.98 -71.13
C VAL CA 1 83.82 -3.19 -71.67
N ASN CA 2 83.55 -3.35 -72.97
CA ASN CA 2 82.46 -2.62 -73.61
C ASN CA 2 81.47 -3.50 -74.36
N THR CA 3 81.86 -4.68 -74.85
CA THR CA 3 80.92 -5.52 -75.58
C THR CA 3 79.90 -6.19 -74.67
N ASN CA 4 80.12 -6.20 -73.35
CA ASN CA 4 79.18 -6.76 -72.40
C ASN CA 4 79.57 -6.26 -71.01
N ILE CA 5 78.64 -6.41 -70.07
CA ILE CA 5 78.83 -5.97 -68.70
C ILE CA 5 78.55 -7.14 -67.77
N ALA CA 6 79.48 -7.42 -66.87
CA ALA CA 6 79.35 -8.54 -65.95
C ALA CA 6 78.32 -8.29 -64.85
N SER CA 7 77.57 -7.18 -64.91
CA SER CA 7 76.62 -6.85 -63.86
C SER CA 7 75.35 -7.68 -63.92
N LEU CA 8 75.30 -8.75 -64.72
CA LEU CA 8 74.10 -9.57 -64.81
C LEU CA 8 73.73 -10.26 -63.50
N ASN CA 9 74.66 -10.29 -62.54
CA ASN CA 9 74.30 -10.77 -61.20
C ASN CA 9 73.22 -9.91 -60.59
N THR CA 10 73.29 -8.60 -60.84
CA THR CA 10 72.22 -7.70 -60.38
C THR CA 10 70.90 -8.05 -61.05
N GLN CA 11 70.93 -8.39 -62.34
CA GLN CA 11 69.69 -8.81 -63.01
C GLN CA 11 69.14 -10.08 -62.40
N ARG CA 12 70.01 -11.05 -62.10
CA ARG CA 12 69.57 -12.27 -61.44
C ARG CA 12 68.92 -11.95 -60.09
N ASN CA 13 69.53 -11.05 -59.33
CA ASN CA 13 68.98 -10.67 -58.05
C ASN CA 13 67.62 -9.99 -58.21
N LEU CA 14 67.46 -9.15 -59.23
CA LEU CA 14 66.16 -8.53 -59.47
C LEU CA 14 65.11 -9.58 -59.83
N ASN CA 15 65.47 -10.56 -60.66
CA ASN CA 15 64.53 -11.62 -61.01
C ASN CA 15 64.10 -12.40 -59.77
N ALA CA 16 65.07 -12.81 -58.95
CA ALA CA 16 64.74 -13.59 -57.76
C ALA CA 16 63.92 -12.78 -56.77
N SER CA 17 64.28 -11.51 -56.58
CA SER CA 17 63.53 -10.67 -55.65
C SER CA 17 62.13 -10.38 -56.17
N SER CA 18 61.96 -10.27 -57.49
CA SER CA 18 60.62 -10.05 -58.02
C SER CA 18 59.76 -11.29 -57.85
N ASN CA 19 60.34 -12.48 -58.05
CA ASN CA 19 59.59 -13.71 -57.79
C ASN CA 19 59.18 -13.81 -56.33
N ASP CA 20 60.13 -13.58 -55.42
CA ASP CA 20 59.83 -13.65 -53.99
C ASP CA 20 58.81 -12.57 -53.62
N LEU CA 21 58.88 -11.41 -54.26
CA LEU CA 21 57.93 -10.33 -53.99
C LEU CA 21 56.54 -10.70 -54.45
N ASN CA 22 56.42 -11.34 -55.61
CA ASN CA 22 55.13 -11.83 -56.06
C ASN CA 22 54.57 -12.85 -55.08
N THR CA 23 55.42 -13.77 -54.60
CA THR CA 23 54.96 -14.74 -53.61
C THR CA 23 54.49 -14.06 -52.34
N SER CA 24 55.22 -13.06 -51.85
CA SER CA 24 54.85 -12.38 -50.62
C SER CA 24 53.57 -11.58 -50.79
N LEU CA 25 53.42 -10.91 -51.94
CA LEU CA 25 52.19 -10.18 -52.22
C LEU CA 25 51.00 -11.13 -52.27
N GLN CA 26 51.15 -12.30 -52.90
CA GLN CA 26 50.09 -13.28 -52.91
C GLN CA 26 49.75 -13.74 -51.49
N ARG CA 27 50.77 -14.05 -50.70
CA ARG CA 27 50.55 -14.50 -49.33
C ARG CA 27 49.83 -13.44 -48.51
N LEU CA 28 50.14 -12.17 -48.75
CA LEU CA 28 49.53 -11.11 -47.97
C LEU CA 28 48.10 -10.81 -48.43
N THR CA 29 47.83 -10.98 -49.73
CA THR CA 29 46.49 -10.68 -50.22
C THR CA 29 45.52 -11.84 -50.01
N THR CA 30 46.01 -13.08 -49.90
CA THR CA 30 45.14 -14.21 -49.67
C THR CA 30 45.06 -14.63 -48.21
N GLY CA 31 45.89 -14.05 -47.35
CA GLY CA 31 45.91 -14.41 -45.95
C GLY CA 31 46.51 -15.76 -45.65
N TYR CA 32 47.06 -16.46 -46.64
CA TYR CA 32 47.64 -17.78 -46.47
C TYR CA 32 49.14 -17.70 -46.69
N ARG CA 33 49.92 -18.06 -45.68
CA ARG CA 33 51.36 -18.21 -45.89
C ARG CA 33 51.64 -19.33 -46.87
N ILE CA 34 50.94 -20.45 -46.72
CA ILE CA 34 50.98 -21.51 -47.72
C ILE CA 34 49.85 -21.27 -48.71
N ASN CA 35 50.19 -20.76 -49.89
CA ASN CA 35 49.18 -20.47 -50.90
C ASN CA 35 48.48 -21.76 -51.33
N SER CA 36 47.28 -21.59 -51.90
CA SER CA 36 46.58 -22.72 -52.51
C SER CA 36 47.35 -23.30 -53.68
N ALA CA 37 48.47 -22.69 -54.05
CA ALA CA 37 49.31 -23.18 -55.13
C ALA CA 37 50.18 -24.35 -54.65
N LYS CA 38 51.20 -24.66 -55.45
CA LYS CA 38 52.03 -25.84 -55.24
C LYS CA 38 52.73 -25.84 -53.89
N ASP CA 39 52.96 -24.66 -53.30
CA ASP CA 39 53.91 -24.53 -52.21
C ASP CA 39 53.56 -25.44 -51.04
N ASP CA 40 54.56 -26.21 -50.59
CA ASP CA 40 54.45 -27.11 -49.44
C ASP CA 40 53.32 -28.12 -49.66
N ALA CA 41 53.53 -28.96 -50.67
CA ALA CA 41 52.54 -29.97 -51.03
C ALA CA 41 52.11 -30.80 -49.83
N ALA CA 42 53.02 -31.07 -48.89
CA ALA CA 42 52.65 -31.76 -47.67
C ALA CA 42 51.72 -30.90 -46.82
N GLY CA 43 52.10 -29.64 -46.60
CA GLY CA 43 51.22 -28.71 -45.91
C GLY CA 43 49.93 -28.48 -46.67
N LEU CA 44 49.99 -28.49 -48.00
CA LEU CA 44 48.79 -28.36 -48.79
C LEU CA 44 47.84 -29.53 -48.56
N GLN CA 45 48.39 -30.75 -48.49
CA GLN CA 45 47.57 -31.93 -48.23
C GLN CA 45 46.98 -31.87 -46.83
N ILE CA 46 47.78 -31.42 -45.86
CA ILE CA 46 47.28 -31.26 -44.50
C ILE CA 46 46.11 -30.27 -44.48
N SER CA 47 46.26 -29.14 -45.17
CA SER CA 47 45.21 -28.14 -45.21
C SER CA 47 43.96 -28.67 -45.89
N ASN CA 48 44.13 -29.42 -46.98
CA ASN CA 48 43.00 -30.00 -47.68
C ASN CA 48 42.23 -30.97 -46.78
N ARG CA 49 42.96 -31.83 -46.07
CA ARG CA 49 42.30 -32.80 -45.20
C ARG CA 49 41.61 -32.12 -44.03
N LEU CA 50 42.23 -31.09 -43.46
CA LEU CA 50 41.60 -30.37 -42.36
C LEU CA 50 40.37 -29.60 -42.84
N SER CA 51 40.40 -29.06 -44.06
CA SER CA 51 39.21 -28.39 -44.59
C SER CA 51 38.09 -29.39 -44.83
N ASN CA 52 38.42 -30.56 -45.38
CA ASN CA 52 37.45 -31.63 -45.49
C ASN CA 52 36.83 -31.95 -44.14
N GLN CA 53 37.68 -32.04 -43.11
CA GLN CA 53 37.21 -32.40 -41.78
C GLN CA 53 36.28 -31.33 -41.21
N ILE CA 54 36.66 -30.06 -41.31
CA ILE CA 54 35.84 -29.01 -40.72
C ILE CA 54 34.51 -28.89 -41.48
N SER CA 55 34.53 -29.10 -42.80
CA SER CA 55 33.29 -29.07 -43.55
C SER CA 55 32.37 -30.21 -43.14
N GLY CA 56 32.93 -31.42 -43.02
CA GLY CA 56 32.12 -32.55 -42.59
C GLY CA 56 31.55 -32.34 -41.21
N LEU CA 57 32.36 -31.79 -40.30
CA LEU CA 57 31.88 -31.54 -38.93
C LEU CA 57 30.81 -30.46 -38.89
N ASN CA 58 30.93 -29.43 -39.73
CA ASN CA 58 29.90 -28.40 -39.74
C ASN CA 58 28.58 -28.95 -40.28
N VAL CA 59 28.63 -29.67 -41.39
CA VAL CA 59 27.39 -30.24 -41.93
C VAL CA 59 26.83 -31.30 -41.00
N ALA CA 60 27.69 -32.01 -40.25
CA ALA CA 60 27.20 -32.96 -39.27
C ALA CA 60 26.53 -32.27 -38.11
N THR CA 61 27.08 -31.13 -37.67
CA THR CA 61 26.42 -30.34 -36.64
C THR CA 61 25.05 -29.86 -37.11
N ARG CA 62 24.95 -29.46 -38.37
CA ARG CA 62 23.66 -29.02 -38.88
C ARG CA 62 22.65 -30.18 -38.95
N ASN CA 63 23.11 -31.34 -39.40
CA ASN CA 63 22.24 -32.51 -39.44
C ASN CA 63 21.81 -32.91 -38.04
N ALA CA 64 22.71 -32.77 -37.06
CA ALA CA 64 22.35 -33.10 -35.68
C ALA CA 64 21.38 -32.08 -35.10
N ASN CA 65 21.48 -30.81 -35.53
CA ASN CA 65 20.48 -29.83 -35.13
C ASN CA 65 19.11 -30.19 -35.68
N ASP CA 66 19.05 -30.56 -36.97
CA ASP CA 66 17.80 -31.06 -37.54
C ASP CA 66 17.29 -32.24 -36.73
N GLY CA 67 18.18 -33.14 -36.35
CA GLY CA 67 17.76 -34.33 -35.62
C GLY CA 67 17.23 -34.02 -34.23
N ILE CA 68 17.88 -33.10 -33.51
CA ILE CA 68 17.42 -32.78 -32.16
C ILE CA 68 16.09 -32.04 -32.22
N SER CA 69 15.89 -31.21 -33.25
CA SER CA 69 14.59 -30.58 -33.42
C SER CA 69 13.51 -31.62 -33.71
N LEU CA 70 13.81 -32.59 -34.57
CA LEU CA 70 12.89 -33.69 -34.83
C LEU CA 70 12.57 -34.45 -33.55
N ALA CA 71 13.60 -34.71 -32.74
CA ALA CA 71 13.39 -35.41 -31.48
C ALA CA 71 12.55 -34.60 -30.51
N GLN CA 72 12.66 -33.27 -30.51
CA GLN CA 72 11.79 -32.46 -29.66
C GLN CA 72 10.34 -32.51 -30.15
N THR CA 73 10.15 -32.52 -31.47
CA THR CA 73 8.79 -32.74 -31.99
C THR CA 73 8.21 -34.06 -31.49
N ALA CA 74 9.01 -35.13 -31.60
CA ALA CA 74 8.55 -36.43 -31.13
C ALA CA 74 8.28 -36.41 -29.63
N GLU CA 75 9.11 -35.71 -28.86
CA GLU CA 75 8.92 -35.63 -27.42
C GLU CA 75 7.63 -34.92 -27.08
N GLY CA 76 7.30 -33.85 -27.81
CA GLY CA 76 6.03 -33.18 -27.59
C GLY CA 76 4.85 -34.07 -27.92
N ALA CA 77 4.93 -34.81 -29.03
CA ALA CA 77 3.87 -35.76 -29.36
C ALA CA 77 3.68 -36.79 -28.25
N LEU CA 78 4.79 -37.31 -27.72
CA LEU CA 78 4.69 -38.30 -26.65
C LEU CA 78 4.13 -37.69 -25.37
N GLN CA 79 4.49 -36.44 -25.06
CA GLN CA 79 3.89 -35.76 -23.91
C GLN CA 79 2.38 -35.66 -24.06
N GLN CA 80 1.93 -35.30 -25.26
CA GLN CA 80 0.49 -35.21 -25.50
C GLN CA 80 -0.19 -36.56 -25.37
N SER CA 81 0.48 -37.63 -25.82
CA SER CA 81 -0.09 -38.96 -25.62
C SER CA 81 -0.16 -39.31 -24.14
N THR CA 82 0.83 -38.88 -23.36
CA THR CA 82 0.78 -39.10 -21.92
C THR CA 82 -0.41 -38.37 -21.29
N ASN CA 83 -0.65 -37.12 -21.73
CA ASN CA 83 -1.81 -36.39 -21.23
C ASN CA 83 -3.10 -37.12 -21.56
N ILE CA 84 -3.20 -37.61 -22.80
CA ILE CA 84 -4.41 -38.35 -23.20
C ILE CA 84 -4.57 -39.60 -22.36
N LEU CA 85 -3.48 -40.31 -22.08
CA LEU CA 85 -3.58 -41.55 -21.31
C LEU CA 85 -3.96 -41.27 -19.87
N GLN CA 86 -3.43 -40.20 -19.27
CA GLN CA 86 -3.81 -39.89 -17.91
C GLN CA 86 -5.27 -39.46 -17.84
N ARG CA 87 -5.74 -38.71 -18.84
CA ARG CA 87 -7.15 -38.38 -18.89
C ARG CA 87 -8.01 -39.62 -19.06
N ILE CA 88 -7.54 -40.59 -19.85
CA ILE CA 88 -8.24 -41.87 -19.98
C ILE CA 88 -8.30 -42.57 -18.64
N ARG CA 89 -7.23 -42.48 -17.84
CA ARG CA 89 -7.26 -43.08 -16.51
C ARG CA 89 -8.29 -42.40 -15.62
N ASP CA 90 -8.37 -41.06 -15.68
CA ASP CA 90 -9.41 -40.36 -14.93
C ASP CA 90 -10.80 -40.84 -15.34
N LEU CA 91 -11.06 -40.89 -16.65
CA LEU CA 91 -12.37 -41.31 -17.14
C LEU CA 91 -12.66 -42.77 -16.79
N ALA CA 92 -11.61 -43.59 -16.68
CA ALA CA 92 -11.80 -45.00 -16.38
C ALA CA 92 -12.12 -45.21 -14.91
N LEU CA 93 -11.43 -44.50 -14.03
CA LEU CA 93 -11.73 -44.64 -12.60
C LEU CA 93 -13.02 -43.93 -12.23
N GLN CA 94 -13.39 -42.88 -12.97
CA GLN CA 94 -14.72 -42.31 -12.81
C GLN CA 94 -15.77 -43.24 -13.39
N SER CA 95 -15.38 -44.06 -14.36
CA SER CA 95 -16.26 -45.07 -14.96
C SER CA 95 -16.61 -46.19 -14.01
N ALA CA 96 -16.04 -46.20 -12.79
CA ALA CA 96 -16.50 -47.14 -11.78
C ALA CA 96 -17.99 -46.99 -11.52
N ASN CA 97 -18.49 -45.76 -11.51
CA ASN CA 97 -19.91 -45.46 -11.43
C ASN CA 97 -20.58 -46.02 -10.19
N GLY CA 98 -19.79 -46.42 -9.19
CA GLY CA 98 -20.32 -47.23 -8.10
C GLY CA 98 -20.85 -48.56 -8.60
N SER CA 99 -20.58 -48.84 -9.87
CA SER CA 99 -20.92 -50.07 -10.59
C SER CA 99 -22.42 -50.18 -10.88
N ASN CA 100 -23.24 -49.29 -10.31
CA ASN CA 100 -24.64 -49.30 -10.63
C ASN CA 100 -25.29 -47.92 -10.73
N SER CA 101 -24.55 -46.82 -10.53
CA SER CA 101 -25.21 -45.54 -10.31
C SER CA 101 -25.30 -44.66 -11.55
N ASP CA 102 -24.33 -44.74 -12.45
CA ASP CA 102 -24.20 -43.81 -13.56
C ASP CA 102 -24.90 -44.40 -14.78
N ALA CA 103 -26.15 -43.98 -15.00
CA ALA CA 103 -26.95 -44.54 -16.07
C ALA CA 103 -26.48 -44.10 -17.46
N ASP CA 104 -25.53 -43.17 -17.54
CA ASP CA 104 -25.03 -42.66 -18.81
C ASP CA 104 -23.81 -43.43 -19.32
N ARG CA 105 -23.74 -44.73 -19.03
CA ARG CA 105 -22.63 -45.57 -19.48
C ARG CA 105 -22.41 -45.51 -20.98
N ALA CA 106 -23.47 -45.36 -21.77
CA ALA CA 106 -23.29 -45.19 -23.21
C ALA CA 106 -22.54 -43.92 -23.54
N ALA CA 107 -22.92 -42.80 -22.91
CA ALA CA 107 -22.24 -41.54 -23.15
C ALA CA 107 -20.81 -41.58 -22.61
N LEU CA 108 -20.58 -42.34 -21.53
CA LEU CA 108 -19.24 -42.47 -21.00
C LEU CA 108 -18.34 -43.25 -21.95
N GLN CA 109 -18.86 -44.34 -22.52
CA GLN CA 109 -18.11 -45.08 -23.53
C GLN CA 109 -17.87 -44.20 -24.76
N LYS CA 110 -18.84 -43.35 -25.11
CA LYS CA 110 -18.65 -42.41 -26.21
C LYS CA 110 -17.53 -41.41 -25.91
N GLU CA 111 -17.49 -40.92 -24.66
CA GLU CA 111 -16.42 -40.03 -24.23
C GLU CA 111 -15.06 -40.70 -24.37
N VAL CA 112 -14.95 -41.92 -23.86
CA VAL CA 112 -13.68 -42.66 -23.93
C VAL CA 112 -13.31 -42.95 -25.38
N ALA CA 113 -14.29 -43.24 -26.22
CA ALA CA 113 -14.01 -43.51 -27.63
C ALA CA 113 -13.52 -42.26 -28.35
N ALA CA 114 -14.11 -41.10 -28.01
CA ALA CA 114 -13.64 -39.85 -28.58
C ALA CA 114 -12.22 -39.55 -28.14
N GLN CA 115 -11.90 -39.85 -26.87
CA GLN CA 115 -10.53 -39.66 -26.41
C GLN CA 115 -9.57 -40.61 -27.14
N GLN CA 116 -10.00 -41.85 -27.40
CA GLN CA 116 -9.17 -42.78 -28.17
C GLN CA 116 -8.95 -42.29 -29.59
N ALA CA 117 -10.00 -41.75 -30.22
CA ALA CA 117 -9.84 -41.20 -31.56
C ALA CA 117 -8.91 -39.99 -31.56
N GLU CA 118 -8.97 -39.19 -30.49
CA GLU CA 118 -8.05 -38.06 -30.38
C GLU CA 118 -6.62 -38.54 -30.20
N LEU CA 119 -6.43 -39.63 -29.47
CA LEU CA 119 -5.09 -40.22 -29.36
C LEU CA 119 -4.59 -40.70 -30.72
N THR CA 120 -5.44 -41.39 -31.47
CA THR CA 120 -5.03 -41.86 -32.80
C THR CA 120 -4.77 -40.68 -33.74
N ARG CA 121 -5.44 -39.55 -33.53
CA ARG CA 121 -5.14 -38.36 -34.30
C ARG CA 121 -3.81 -37.74 -33.89
N ILE CA 122 -3.50 -37.75 -32.60
CA ILE CA 122 -2.19 -37.31 -32.14
C ILE CA 122 -1.10 -38.17 -32.74
N SER CA 123 -1.38 -39.46 -32.94
CA SER CA 123 -0.48 -40.30 -33.70
C SER CA 123 -0.17 -39.67 -35.06
N ASP CA 124 -1.21 -39.19 -35.75
CA ASP CA 124 -1.03 -38.47 -37.01
C ASP CA 124 -0.76 -37.00 -36.71
N THR CA 125 -0.83 -36.16 -37.75
CA THR CA 125 -0.67 -34.71 -37.66
C THR CA 125 0.70 -34.29 -37.15
N THR CA 126 1.65 -35.23 -37.08
CA THR CA 126 3.02 -34.93 -36.71
C THR CA 126 3.93 -34.96 -37.94
N THR CA 127 3.39 -34.51 -39.08
CA THR CA 127 4.10 -34.57 -40.36
C THR CA 127 5.21 -33.51 -40.41
N PHE CA 128 6.31 -33.80 -39.72
CA PHE CA 128 7.50 -32.96 -39.79
C PHE CA 128 8.17 -33.19 -41.14
N GLY CA 129 7.60 -32.60 -42.19
CA GLY CA 129 8.02 -32.87 -43.54
C GLY CA 129 7.17 -33.87 -44.30
N GLY CA 130 5.98 -34.18 -43.82
CA GLY CA 130 5.12 -35.16 -44.47
C GLY CA 130 5.59 -36.58 -44.23
N ARG CA 131 6.26 -36.81 -43.11
CA ARG CA 131 6.88 -38.09 -42.80
C ARG CA 131 6.57 -38.48 -41.35
N LYS CA 132 5.28 -38.44 -40.98
CA LYS CA 132 4.80 -38.60 -39.62
C LYS CA 132 5.59 -39.62 -38.82
N LEU CA 133 6.07 -39.22 -37.64
CA LEU CA 133 7.11 -39.97 -36.95
C LEU CA 133 6.55 -41.15 -36.19
N LEU CA 134 5.73 -40.88 -35.16
CA LEU CA 134 5.43 -41.87 -34.15
C LEU CA 134 4.41 -42.90 -34.58
N ASP CA 135 3.62 -42.64 -35.62
CA ASP CA 135 2.64 -43.61 -36.06
C ASP CA 135 3.06 -44.28 -37.38
N GLY CA 136 2.20 -45.16 -37.86
CA GLY CA 136 2.40 -45.75 -39.18
C GLY CA 136 3.63 -46.61 -39.23
N SER CA 137 4.39 -46.47 -40.32
CA SER CA 137 5.59 -47.25 -40.57
C SER CA 137 6.79 -46.29 -40.55
N PHE CA 138 7.43 -46.18 -39.39
CA PHE CA 138 8.62 -45.37 -39.23
C PHE CA 138 9.84 -46.17 -39.63
N GLY CA 139 10.65 -45.60 -40.52
CA GLY CA 139 11.76 -46.31 -41.11
C GLY CA 139 12.92 -46.59 -40.17
N THR CA 140 12.80 -46.21 -38.90
CA THR CA 140 13.88 -46.37 -37.92
C THR CA 140 15.16 -45.73 -38.44
N THR CA 141 15.11 -44.41 -38.61
CA THR CA 141 16.17 -43.68 -39.26
C THR CA 141 17.41 -43.61 -38.37
N SER CA 142 18.49 -43.05 -38.91
CA SER CA 142 19.75 -42.94 -38.19
C SER CA 142 20.49 -41.72 -38.73
N PHE CA 143 20.65 -40.72 -37.88
CA PHE CA 143 21.24 -39.44 -38.31
C PHE CA 143 22.76 -39.53 -38.30
N GLN CA 144 23.37 -39.19 -39.43
CA GLN CA 144 24.83 -39.17 -39.51
C GLN CA 144 25.38 -37.93 -38.82
N VAL CA 145 26.25 -38.14 -37.84
CA VAL CA 145 26.82 -37.05 -37.04
C VAL CA 145 28.33 -36.94 -37.16
N GLY CA 146 28.97 -37.78 -37.99
CA GLY CA 146 30.42 -37.74 -38.12
C GLY CA 146 30.83 -37.51 -39.56
N SER CA 147 32.10 -37.18 -39.73
CA SER CA 147 32.68 -36.92 -41.04
C SER CA 147 33.15 -38.18 -41.76
N ASN CA 148 32.74 -39.35 -41.31
CA ASN CA 148 33.13 -40.62 -41.91
C ASN CA 148 31.91 -41.37 -42.40
N ALA CA 149 32.14 -42.31 -43.32
CA ALA CA 149 31.05 -43.09 -43.89
C ALA CA 149 30.45 -44.01 -42.84
N TYR CA 150 29.12 -44.13 -42.87
CA TYR CA 150 28.36 -45.02 -41.99
C TYR CA 150 28.50 -44.66 -40.52
N GLU CA 151 29.17 -43.54 -40.23
CA GLU CA 151 29.26 -43.06 -38.86
C GLU CA 151 27.95 -42.35 -38.52
N THR CA 152 27.04 -43.05 -37.85
CA THR CA 152 25.68 -42.57 -37.66
C THR CA 152 25.20 -42.91 -36.25
N ILE CA 153 24.08 -42.30 -35.88
CA ILE CA 153 23.45 -42.50 -34.57
C ILE CA 153 22.02 -42.95 -34.81
N ASP CA 154 21.68 -44.13 -34.31
CA ASP CA 154 20.38 -44.73 -34.58
C ASP CA 154 19.34 -44.24 -33.58
N ILE CA 155 18.09 -44.22 -34.03
CA ILE CA 155 16.94 -43.90 -33.20
C ILE CA 155 15.85 -44.92 -33.50
N SER CA 156 15.12 -45.33 -32.46
CA SER CA 156 14.19 -46.46 -32.50
C SER CA 156 12.79 -46.01 -32.10
N LEU CA 157 12.30 -44.94 -32.73
CA LEU CA 157 10.98 -44.38 -32.45
C LEU CA 157 9.88 -45.44 -32.40
N GLN CA 158 8.85 -45.18 -31.60
CA GLN CA 158 7.78 -46.15 -31.42
C GLN CA 158 7.02 -46.36 -32.73
N ASN CA 159 6.50 -47.58 -32.90
CA ASN CA 159 5.75 -47.90 -34.10
C ASN CA 159 4.48 -47.07 -34.21
N ALA CA 160 3.70 -47.01 -33.13
CA ALA CA 160 2.47 -46.24 -33.12
C ALA CA 160 1.97 -46.06 -31.69
N SER CA 161 1.26 -44.95 -31.48
CA SER CA 161 0.46 -44.76 -30.29
C SER CA 161 -0.96 -45.28 -30.48
N ALA CA 162 -1.15 -46.23 -31.39
CA ALA CA 162 -2.43 -46.77 -31.80
C ALA CA 162 -2.83 -47.99 -30.97
N SER CA 163 -3.70 -48.82 -31.54
CA SER CA 163 -4.23 -50.02 -30.92
C SER CA 163 -3.13 -51.06 -30.69
N ALA CA 164 -3.55 -52.30 -30.51
CA ALA CA 164 -2.76 -53.46 -30.01
C ALA CA 164 -1.37 -53.49 -30.64
N ILE CA 165 -1.07 -52.66 -31.63
CA ILE CA 165 0.20 -52.60 -32.36
C ILE CA 165 1.36 -52.28 -31.40
N GLY CA 166 1.11 -52.30 -30.09
CA GLY CA 166 2.07 -51.75 -29.15
C GLY CA 166 1.51 -51.23 -27.85
N SER CA 167 0.24 -51.53 -27.56
CA SER CA 167 -0.27 -51.36 -26.21
C SER CA 167 0.02 -52.63 -25.41
N TYR CA 168 -0.47 -52.74 -24.18
CA TYR CA 168 0.03 -53.75 -23.25
C TYR CA 168 -0.47 -55.10 -23.70
N GLN CA 169 0.43 -56.06 -23.84
CA GLN CA 169 0.05 -57.39 -24.30
C GLN CA 169 -0.73 -58.12 -23.20
N VAL CA 170 -1.63 -59.01 -23.62
CA VAL CA 170 -2.61 -59.61 -22.72
C VAL CA 170 -2.46 -61.12 -22.75
N GLY CA 171 -2.31 -61.72 -21.57
CA GLY CA 171 -2.41 -63.17 -21.42
C GLY CA 171 -3.66 -63.54 -20.66
N SER CA 172 -4.65 -64.10 -21.36
CA SER CA 172 -5.95 -64.36 -20.77
C SER CA 172 -6.37 -65.80 -20.99
N ASN CA 173 -7.42 -66.21 -20.27
CA ASN CA 173 -7.86 -67.60 -20.29
C ASN CA 173 -8.47 -68.00 -21.63
N GLY CA 174 -9.59 -67.36 -21.99
CA GLY CA 174 -10.25 -67.70 -23.23
C GLY CA 174 -9.64 -67.02 -24.44
N ALA CA 175 -8.38 -66.60 -24.33
CA ALA CA 175 -7.69 -65.86 -25.38
C ALA CA 175 -7.78 -66.53 -26.74
N GLY CA 176 -7.27 -67.75 -26.86
CA GLY CA 176 -7.25 -68.40 -28.16
C GLY CA 176 -8.60 -68.87 -28.65
N THR CA 177 -9.11 -69.96 -28.05
CA THR CA 177 -10.46 -70.42 -28.39
C THR CA 177 -11.35 -70.49 -27.15
N VAL CA 178 -10.91 -71.24 -26.15
CA VAL CA 178 -11.69 -71.50 -24.95
C VAL CA 178 -10.71 -71.74 -23.80
N ALA CA 179 -11.20 -71.76 -22.57
CA ALA CA 179 -10.36 -71.93 -21.40
C ALA CA 179 -10.63 -73.29 -20.77
N SER CA 180 -9.56 -73.93 -20.29
CA SER CA 180 -9.68 -75.15 -19.51
C SER CA 180 -10.03 -74.83 -18.06
N VAL CA 181 -9.79 -75.81 -17.19
CA VAL CA 181 -10.16 -75.78 -15.77
C VAL CA 181 -10.01 -74.40 -15.15
N ALA CA 182 -8.93 -73.69 -15.47
CA ALA CA 182 -8.77 -72.31 -15.02
C ALA CA 182 -9.88 -71.43 -15.59
N GLY CA 183 -10.80 -70.98 -14.75
CA GLY CA 183 -11.88 -70.12 -15.19
C GLY CA 183 -13.12 -70.87 -15.68
N THR CA 184 -13.37 -72.05 -15.12
CA THR CA 184 -14.57 -72.82 -15.43
C THR CA 184 -14.74 -73.90 -14.38
N ALA CA 185 -15.92 -74.51 -14.38
CA ALA CA 185 -16.21 -75.59 -13.45
C ALA CA 185 -15.66 -76.92 -13.97
N THR CA 186 -15.40 -77.83 -13.04
CA THR CA 186 -14.83 -79.12 -13.39
C THR CA 186 -15.01 -80.08 -12.22
N ALA CA 187 -14.66 -81.35 -12.43
CA ALA CA 187 -14.78 -82.36 -11.41
C ALA CA 187 -13.45 -82.55 -10.68
N SER CA 188 -12.40 -82.91 -11.41
CA SER CA 188 -11.11 -83.19 -10.80
C SER CA 188 -10.48 -81.95 -10.18
N GLY CA 189 -10.38 -80.88 -10.97
CA GLY CA 189 -9.78 -79.65 -10.47
C GLY CA 189 -8.46 -79.33 -11.12
N ILE CA 190 -7.80 -78.32 -10.57
CA ILE CA 190 -6.47 -77.92 -11.03
C ILE CA 190 -5.51 -79.09 -10.87
N ALA CA 191 -4.89 -79.50 -11.96
CA ALA CA 191 -3.98 -80.64 -11.96
C ALA CA 191 -2.55 -80.17 -11.78
N SER CA 192 -1.61 -81.11 -11.88
CA SER CA 192 -0.20 -80.79 -11.79
C SER CA 192 0.25 -80.04 -13.04
N GLY CA 193 1.53 -79.68 -13.08
CA GLY CA 193 2.10 -78.99 -14.21
C GLY CA 193 3.32 -78.17 -13.82
N THR CA 194 4.12 -77.88 -14.85
CA THR CA 194 5.35 -77.09 -14.71
C THR CA 194 5.39 -76.03 -15.80
N VAL CA 195 4.29 -75.30 -15.94
CA VAL CA 195 4.07 -74.30 -16.98
C VAL CA 195 5.30 -73.40 -17.14
N ASN CA 196 5.74 -73.21 -18.38
CA ASN CA 196 6.92 -72.42 -18.65
C ASN CA 196 6.56 -70.94 -18.82
N LEU CA 197 7.43 -70.09 -18.29
CA LEU CA 197 7.27 -68.65 -18.39
C LEU CA 197 8.44 -68.07 -19.19
N VAL CA 198 8.13 -67.11 -20.05
CA VAL CA 198 9.10 -66.53 -20.97
C VAL CA 198 9.04 -65.01 -20.87
N GLY CA 199 10.20 -64.37 -20.79
CA GLY CA 199 10.27 -62.94 -20.76
C GLY CA 199 11.51 -62.39 -20.07
N GLY CA 200 12.13 -61.38 -20.68
CA GLY CA 200 13.31 -60.75 -20.13
C GLY CA 200 14.46 -61.69 -19.82
N GLY CA 201 14.59 -62.76 -20.61
CA GLY CA 201 15.62 -63.75 -20.39
C GLY CA 201 15.62 -64.34 -18.99
N GLN CA 202 14.42 -64.55 -18.44
CA GLN CA 202 14.27 -65.03 -17.07
C GLN CA 202 13.27 -66.17 -16.98
N VAL CA 203 13.43 -67.19 -17.82
CA VAL CA 203 12.54 -68.35 -17.83
C VAL CA 203 12.47 -68.95 -16.44
N LYS CA 204 11.25 -69.22 -15.97
CA LYS CA 204 11.05 -69.76 -14.62
C LYS CA 204 9.88 -70.74 -14.70
N ASN CA 205 10.17 -72.02 -14.44
CA ASN CA 205 9.16 -73.08 -14.50
C ASN CA 205 8.33 -73.04 -13.22
N ILE CA 206 7.15 -72.40 -13.30
CA ILE CA 206 6.28 -72.34 -12.13
C ILE CA 206 5.66 -73.70 -11.87
N ALA CA 207 5.75 -74.16 -10.63
CA ALA CA 207 5.22 -75.46 -10.22
C ALA CA 207 3.80 -75.26 -9.69
N ILE CA 208 2.84 -75.90 -10.34
CA ILE CA 208 1.43 -75.83 -9.96
C ILE CA 208 1.02 -77.24 -9.56
N ALA CA 209 0.82 -77.46 -8.27
CA ALA CA 209 0.43 -78.78 -7.79
C ALA CA 209 -1.03 -79.05 -8.12
N ALA CA 210 -1.42 -80.32 -7.97
CA ALA CA 210 -2.77 -80.76 -8.27
C ALA CA 210 -3.68 -80.38 -7.11
N GLY CA 211 -4.47 -79.32 -7.29
CA GLY CA 211 -5.40 -78.89 -6.25
C GLY CA 211 -5.26 -77.43 -5.91
N ASP CA 212 -4.16 -76.80 -6.32
CA ASP CA 212 -3.90 -75.40 -6.01
C ASP CA 212 -5.01 -74.49 -6.51
N SER CA 213 -5.52 -73.63 -5.64
CA SER CA 213 -6.55 -72.68 -6.03
C SER CA 213 -5.97 -71.58 -6.89
N ALA CA 214 -6.86 -70.79 -7.52
CA ALA CA 214 -6.44 -69.71 -8.40
C ALA CA 214 -5.59 -68.69 -7.66
N LYS CA 215 -5.92 -68.43 -6.40
CA LYS CA 215 -5.14 -67.51 -5.58
C LYS CA 215 -3.70 -67.98 -5.45
N ALA CA 216 -3.52 -69.26 -5.10
CA ALA CA 216 -2.20 -69.84 -4.94
C ALA CA 216 -1.42 -69.80 -6.25
N ILE CA 217 -2.09 -70.12 -7.36
CA ILE CA 217 -1.47 -70.12 -8.68
C ILE CA 217 -0.98 -68.72 -9.02
N ALA CA 218 -1.83 -67.72 -8.77
CA ALA CA 218 -1.48 -66.32 -9.01
C ALA CA 218 -0.27 -65.92 -8.19
N GLU CA 219 -0.30 -66.23 -6.89
CA GLU CA 219 0.81 -65.91 -6.00
C GLU CA 219 2.10 -66.59 -6.47
N LYS CA 220 1.96 -67.79 -7.03
CA LYS CA 220 3.11 -68.54 -7.53
C LYS CA 220 3.74 -67.87 -8.73
N MET CA 221 2.93 -67.60 -9.77
CA MET CA 221 3.48 -67.03 -11.00
C MET CA 221 3.92 -65.58 -10.79
N ASP CA 222 3.42 -64.92 -9.74
CA ASP CA 222 3.86 -63.57 -9.41
C ASP CA 222 5.32 -63.58 -8.99
N GLY CA 223 5.92 -62.39 -8.98
CA GLY CA 223 7.28 -62.23 -8.49
C GLY CA 223 8.37 -62.30 -9.55
N ALA CA 224 8.97 -63.47 -9.70
CA ALA CA 224 10.18 -63.69 -10.50
C ALA CA 224 10.23 -62.90 -11.80
N ILE CA 225 9.20 -63.02 -12.63
CA ILE CA 225 9.17 -62.34 -13.91
C ILE CA 225 9.07 -60.84 -13.68
N PRO CA 226 10.02 -60.04 -14.18
CA PRO CA 226 9.95 -58.58 -13.99
C PRO CA 226 8.70 -57.96 -14.57
N ASN CA 227 8.22 -56.88 -13.94
CA ASN CA 227 7.05 -56.09 -14.33
C ASN CA 227 5.88 -56.93 -14.83
N LEU CA 228 5.57 -58.02 -14.13
CA LEU CA 228 4.37 -58.80 -14.39
C LEU CA 228 3.61 -58.96 -13.08
N SER CA 229 2.28 -58.82 -13.15
CA SER CA 229 1.43 -58.98 -11.98
C SER CA 229 0.37 -60.03 -12.29
N ALA CA 230 -0.27 -60.52 -11.22
CA ALA CA 230 -1.25 -61.60 -11.36
C ALA CA 230 -2.34 -61.41 -10.31
N ARG CA 231 -3.56 -61.15 -10.76
CA ARG CA 231 -4.70 -61.12 -9.87
C ARG CA 231 -5.48 -62.44 -9.97
N ALA CA 232 -6.30 -62.69 -8.96
CA ALA CA 232 -7.19 -63.84 -8.95
C ALA CA 232 -8.63 -63.36 -8.77
N ARG CA 233 -9.56 -64.04 -9.42
CA ARG CA 233 -10.97 -63.62 -9.41
C ARG CA 233 -11.85 -64.81 -9.75
N THR CA 234 -12.81 -65.10 -8.88
CA THR CA 234 -13.77 -66.17 -9.10
C THR CA 234 -15.17 -65.56 -9.06
N VAL CA 235 -15.76 -65.35 -10.23
CA VAL CA 235 -17.11 -64.81 -10.36
C VAL CA 235 -17.98 -65.91 -10.98
N PHE CA 236 -18.98 -66.36 -10.22
CA PHE CA 236 -19.85 -67.44 -10.65
C PHE CA 236 -21.28 -67.15 -10.23
N THR CA 237 -22.23 -67.44 -11.11
CA THR CA 237 -23.64 -67.31 -10.81
C THR CA 237 -24.23 -68.65 -10.41
N ALA CA 238 -25.52 -68.64 -10.09
CA ALA CA 238 -26.22 -69.86 -9.70
C ALA CA 238 -27.71 -69.66 -9.94
N ASP CA 239 -28.38 -70.77 -10.24
CA ASP CA 239 -29.82 -70.76 -10.47
CA ASP CA 239 -29.82 -70.76 -10.47
C ASP CA 239 -30.44 -72.10 -10.13
N VAL CA 240 -31.12 -72.18 -8.99
CA VAL CA 240 -31.75 -73.42 -8.54
C VAL CA 240 -32.96 -73.73 -9.41
N SER CA 241 -33.04 -74.97 -9.88
CA SER CA 241 -34.17 -75.41 -10.70
C SER CA 241 -35.29 -75.92 -9.81
N GLY CA 242 -36.30 -76.55 -10.42
CA GLY CA 242 -37.41 -77.10 -9.66
C GLY CA 242 -36.97 -78.20 -8.70
N VAL CA 243 -37.68 -78.33 -7.59
CA VAL CA 243 -37.35 -79.33 -6.58
C VAL CA 243 -38.54 -80.26 -6.35
N THR CA 244 -38.45 -81.48 -6.87
CA THR CA 244 -39.54 -82.44 -6.74
C THR CA 244 -39.52 -83.11 -5.37
N GLY CA 245 -40.48 -82.72 -4.52
CA GLY CA 245 -40.65 -83.34 -3.22
C GLY CA 245 -39.43 -83.29 -2.33
N GLY CA 246 -39.03 -82.10 -1.90
CA GLY CA 246 -37.91 -81.92 -1.01
C GLY CA 246 -37.04 -80.75 -1.43
N SER CA 247 -35.88 -80.66 -0.80
CA SER CA 247 -34.92 -79.60 -1.06
C SER CA 247 -33.53 -80.21 -1.21
N LEU CA 248 -32.57 -79.36 -1.57
CA LEU CA 248 -31.19 -79.80 -1.82
C LEU CA 248 -30.36 -79.50 -0.59
N ASN CA 249 -30.18 -80.52 0.24
CA ASN CA 249 -29.36 -80.42 1.45
C ASN CA 249 -27.92 -80.76 1.08
N PHE CA 250 -27.20 -79.76 0.58
CA PHE CA 250 -25.80 -79.98 0.19
C PHE CA 250 -24.88 -79.05 0.97
N ASP CA 251 -23.58 -79.14 0.70
CA ASP CA 251 -22.57 -78.37 1.40
C ASP CA 251 -21.69 -77.64 0.40
N VAL CA 252 -20.89 -76.70 0.92
CA VAL CA 252 -19.97 -75.90 0.12
C VAL CA 252 -18.66 -75.74 0.88
N THR CA 253 -17.57 -76.23 0.30
CA THR CA 253 -16.25 -76.12 0.92
C THR CA 253 -15.46 -75.05 0.18
N VAL CA 254 -15.44 -73.83 0.73
CA VAL CA 254 -14.66 -72.75 0.14
C VAL CA 254 -13.29 -72.66 0.82
N GLY CA 255 -12.32 -73.38 0.28
CA GLY CA 255 -11.00 -73.37 0.89
C GLY CA 255 -10.98 -74.21 2.15
N SER CA 256 -10.49 -73.63 3.24
CA SER CA 256 -10.38 -74.34 4.50
C SER CA 256 -11.75 -74.70 5.07
N ASN CA 257 -12.57 -73.69 5.37
CA ASN CA 257 -13.85 -73.92 6.02
C ASN CA 257 -14.85 -74.54 5.05
N THR CA 258 -15.93 -75.09 5.62
CA THR CA 258 -16.95 -75.78 4.85
C THR CA 258 -18.33 -75.32 5.30
N VAL CA 259 -19.15 -74.88 4.35
CA VAL CA 259 -20.50 -74.42 4.62
C VAL CA 259 -21.40 -75.64 4.83
N SER CA 260 -22.38 -75.51 5.73
CA SER CA 260 -23.30 -76.60 6.00
C SER CA 260 -24.74 -76.17 5.79
N LEU CA 261 -25.00 -75.48 4.69
CA LEU CA 261 -26.34 -75.01 4.38
C LEU CA 261 -27.28 -76.18 4.11
N ALA CA 262 -28.58 -75.91 4.07
CA ALA CA 262 -29.57 -76.96 3.82
C ALA CA 262 -30.85 -76.29 3.35
N GLY CA 263 -31.78 -77.10 2.84
CA GLY CA 263 -33.08 -76.62 2.41
C GLY CA 263 -33.03 -75.59 1.30
N VAL CA 264 -32.58 -76.00 0.11
CA VAL CA 264 -32.53 -75.14 -1.06
C VAL CA 264 -33.64 -75.55 -2.01
N THR CA 265 -34.60 -74.66 -2.24
CA THR CA 265 -35.71 -74.94 -3.14
C THR CA 265 -35.69 -73.97 -4.31
N SER CA 266 -35.29 -72.73 -4.06
CA SER CA 266 -35.21 -71.69 -5.07
C SER CA 266 -33.88 -70.96 -4.95
N THR CA 267 -33.60 -70.12 -5.96
CA THR CA 267 -32.38 -69.31 -5.93
C THR CA 267 -32.37 -68.37 -4.73
N GLN CA 268 -33.54 -67.86 -4.34
CA GLN CA 268 -33.64 -66.94 -3.22
C GLN CA 268 -33.20 -67.58 -1.91
N ASP CA 269 -33.56 -68.85 -1.72
CA ASP CA 269 -33.19 -69.56 -0.51
C ASP CA 269 -31.68 -69.64 -0.35
N LEU CA 270 -31.01 -70.11 -1.41
CA LEU CA 270 -29.55 -70.18 -1.41
C LEU CA 270 -28.95 -68.78 -1.24
N ALA CA 271 -29.61 -67.77 -1.82
CA ALA CA 271 -29.16 -66.40 -1.68
C ALA CA 271 -29.14 -65.97 -0.21
N ASP CA 272 -30.23 -66.21 0.51
CA ASP CA 272 -30.27 -65.89 1.93
C ASP CA 272 -29.25 -66.70 2.71
N GLN CA 273 -29.10 -67.98 2.36
CA GLN CA 273 -28.11 -68.82 3.06
C GLN CA 273 -26.71 -68.27 2.91
N LEU CA 274 -26.36 -67.78 1.72
CA LEU CA 274 -25.05 -67.18 1.50
C LEU CA 274 -24.93 -65.84 2.20
N ASN CA 275 -25.96 -64.99 2.11
CA ASN CA 275 -25.90 -63.67 2.73
C ASN CA 275 -25.77 -63.78 4.25
N SER CA 276 -26.37 -64.80 4.85
CA SER CA 276 -26.24 -65.03 6.29
C SER CA 276 -24.84 -65.55 6.61
N ASN CA 277 -24.35 -66.48 5.80
CA ASN CA 277 -23.07 -67.12 6.06
C ASN CA 277 -21.90 -66.22 5.64
N SER CA 278 -22.20 -64.99 5.21
CA SER CA 278 -21.19 -64.04 4.76
C SER CA 278 -20.09 -63.82 5.78
N SER CA 279 -20.40 -63.98 7.06
CA SER CA 279 -19.38 -63.88 8.11
C SER CA 279 -18.29 -64.93 7.90
N LYS CA 280 -18.69 -66.20 7.84
CA LYS CA 280 -17.75 -67.30 7.71
C LYS CA 280 -17.12 -67.33 6.32
N LEU CA 281 -17.94 -67.41 5.28
CA LEU CA 281 -17.45 -67.40 3.90
C LEU CA 281 -17.26 -65.96 3.46
N GLY CA 282 -16.01 -65.63 3.11
CA GLY CA 282 -15.69 -64.28 2.68
C GLY CA 282 -15.97 -64.05 1.21
N ILE CA 283 -17.14 -64.48 0.75
CA ILE CA 283 -17.53 -64.39 -0.65
C ILE CA 283 -18.94 -63.80 -0.75
N THR CA 284 -19.05 -62.60 -1.30
CA THR CA 284 -20.33 -61.91 -1.37
C THR CA 284 -21.22 -62.52 -2.45
N ALA CA 285 -22.52 -62.58 -2.15
CA ALA CA 285 -23.53 -63.09 -3.08
C ALA CA 285 -24.47 -61.95 -3.47
N SER CA 286 -25.14 -62.12 -4.60
CA SER CA 286 -26.04 -61.08 -5.10
C SER CA 286 -27.13 -61.66 -6.00
N ILE CA 287 -28.39 -61.38 -5.68
CA ILE CA 287 -29.53 -61.85 -6.47
C ILE CA 287 -30.29 -60.63 -6.96
N ASN CA 288 -30.23 -60.39 -8.27
CA ASN CA 288 -30.92 -59.27 -8.88
C ASN CA 288 -32.38 -59.64 -9.16
N ASP CA 289 -33.14 -58.64 -9.64
CA ASP CA 289 -34.54 -58.83 -9.96
C ASP CA 289 -34.73 -59.89 -11.05
N LYS CA 290 -33.68 -60.09 -11.87
CA LYS CA 290 -33.76 -61.07 -12.95
C LYS CA 290 -34.08 -62.45 -12.40
N GLY CA 291 -33.34 -62.89 -11.39
CA GLY CA 291 -33.52 -64.20 -10.82
C GLY CA 291 -32.22 -64.96 -10.73
N VAL CA 292 -31.21 -64.47 -11.45
CA VAL CA 292 -29.89 -65.10 -11.48
C VAL CA 292 -29.06 -64.63 -10.30
N LEU CA 293 -28.92 -65.50 -9.29
CA LEU CA 293 -28.06 -65.20 -8.16
C LEU CA 293 -26.61 -65.17 -8.61
N THR CA 294 -25.88 -64.14 -8.17
CA THR CA 294 -24.50 -63.94 -8.58
C THR CA 294 -23.62 -63.87 -7.34
N ILE CA 295 -22.52 -64.62 -7.38
CA ILE CA 295 -21.59 -64.71 -6.25
C ILE CA 295 -20.19 -64.39 -6.76
N THR CA 296 -19.50 -63.49 -6.05
CA THR CA 296 -18.17 -63.06 -6.46
C THR CA 296 -17.23 -63.08 -5.26
N SER CA 297 -15.99 -63.49 -5.50
CA SER CA 297 -14.95 -63.56 -4.48
C SER CA 297 -13.83 -62.61 -4.87
N ALA CA 298 -13.60 -61.59 -4.03
CA ALA CA 298 -12.50 -60.66 -4.29
C ALA CA 298 -11.16 -61.37 -4.32
N THR CA 299 -10.98 -62.37 -3.46
CA THR CA 299 -9.73 -63.12 -3.41
C THR CA 299 -9.54 -63.97 -4.66
N GLY CA 300 -10.45 -64.90 -4.90
CA GLY CA 300 -10.33 -65.80 -6.03
C GLY CA 300 -10.23 -67.27 -5.62
N GLU CA 301 -10.86 -67.60 -4.49
CA GLU CA 301 -10.80 -68.96 -3.98
C GLU CA 301 -11.59 -69.91 -4.89
N ASN CA 302 -11.07 -71.12 -5.08
CA ASN CA 302 -11.70 -72.13 -5.92
C ASN CA 302 -12.88 -72.74 -5.16
N VAL CA 303 -14.05 -72.12 -5.34
CA VAL CA 303 -15.24 -72.56 -4.62
C VAL CA 303 -15.62 -73.99 -5.04
N LYS CA 304 -15.99 -74.79 -4.04
CA LYS CA 304 -16.41 -76.17 -4.27
C LYS CA 304 -17.78 -76.37 -3.62
N PHE CA 305 -18.63 -77.13 -4.30
CA PHE CA 305 -19.94 -77.50 -3.79
C PHE CA 305 -19.85 -78.96 -3.32
N GLY CA 306 -20.16 -79.19 -2.05
CA GLY CA 306 -20.07 -80.51 -1.48
C GLY CA 306 -21.10 -81.46 -2.05
N ALA CA 307 -21.09 -82.68 -1.50
CA ALA CA 307 -22.02 -83.71 -1.95
C ALA CA 307 -23.45 -83.29 -1.67
N GLN CA 308 -24.36 -83.70 -2.56
CA GLN CA 308 -25.77 -83.34 -2.44
C GLN CA 308 -26.52 -84.44 -1.69
N THR CA 309 -26.50 -84.33 -0.36
CA THR CA 309 -27.25 -85.22 0.51
C THR CA 309 -28.64 -84.68 0.84
N GLY CA 310 -29.43 -84.36 -0.17
CA GLY CA 310 -30.71 -83.72 0.04
C GLY CA 310 -31.83 -84.73 0.26
N THR CA 311 -33.05 -84.20 0.29
CA THR CA 311 -34.25 -85.00 0.48
C THR CA 311 -35.16 -84.99 -0.73
N ALA CA 312 -34.81 -84.24 -1.78
CA ALA CA 312 -35.64 -84.19 -2.99
C ALA CA 312 -35.38 -85.40 -3.86
N THR CA 313 -35.97 -85.42 -5.06
CA THR CA 313 -35.81 -86.54 -5.97
C THR CA 313 -35.26 -86.08 -7.32
N ALA CA 314 -35.57 -84.84 -7.69
CA ALA CA 314 -35.11 -84.29 -8.96
C ALA CA 314 -34.84 -82.80 -8.80
N GLY CA 315 -33.98 -82.29 -9.67
CA GLY CA 315 -33.58 -80.90 -9.64
C GLY CA 315 -32.07 -80.76 -9.65
N GLN CA 316 -31.63 -79.53 -9.93
CA GLN CA 316 -30.20 -79.24 -10.00
C GLN CA 316 -30.02 -77.73 -9.89
N VAL CA 317 -28.78 -77.32 -9.65
CA VAL CA 317 -28.43 -75.91 -9.55
C VAL CA 317 -27.32 -75.61 -10.55
N ALA CA 318 -27.69 -75.13 -11.73
CA ALA CA 318 -26.69 -74.81 -12.74
C ALA CA 318 -25.91 -73.57 -12.35
N VAL CA 319 -24.65 -73.52 -12.78
CA VAL CA 319 -23.77 -72.40 -12.50
C VAL CA 319 -22.97 -72.07 -13.77
N LYS CA 320 -22.48 -70.84 -13.82
CA LYS CA 320 -21.59 -70.40 -14.88
C LYS CA 320 -20.39 -69.70 -14.25
N VAL CA 321 -19.31 -69.57 -15.01
CA VAL CA 321 -18.07 -68.98 -14.54
C VAL CA 321 -17.70 -67.82 -15.44
N GLN CA 322 -17.26 -66.72 -14.84
CA GLN CA 322 -16.87 -65.54 -15.61
C GLN CA 322 -15.58 -65.80 -16.38
N GLY CA 323 -15.54 -65.34 -17.63
CA GLY CA 323 -14.34 -65.47 -18.42
C GLY CA 323 -13.31 -64.42 -18.06
N SER CA 324 -12.09 -64.60 -18.60
CA SER CA 324 -11.00 -63.67 -18.34
C SER CA 324 -11.32 -62.27 -18.86
N ASP CA 325 -11.48 -62.14 -20.18
CA ASP CA 325 -11.79 -60.85 -20.77
C ASP CA 325 -13.21 -60.41 -20.44
N GLY CA 326 -14.15 -61.35 -20.47
CA GLY CA 326 -15.54 -61.05 -20.22
C GLY CA 326 -16.45 -62.12 -20.78
N LYS CA 327 -17.49 -61.70 -21.52
CA LYS CA 327 -18.44 -62.59 -22.18
C LYS CA 327 -18.85 -63.76 -21.28
N PHE CA 328 -19.51 -63.44 -20.17
CA PHE CA 328 -19.93 -64.42 -19.17
C PHE CA 328 -20.55 -65.65 -19.82
N GLU CA 329 -20.17 -66.82 -19.31
CA GLU CA 329 -20.54 -68.09 -19.93
C GLU CA 329 -22.05 -68.22 -20.09
N ALA CA 330 -22.46 -68.62 -21.30
CA ALA CA 330 -23.85 -68.88 -21.60
C ALA CA 330 -24.20 -70.32 -21.26
N ALA CA 331 -23.37 -71.26 -21.68
CA ALA CA 331 -23.60 -72.67 -21.38
C ALA CA 331 -23.55 -72.91 -19.88
N ALA CA 332 -24.58 -73.55 -19.37
CA ALA CA 332 -24.70 -73.80 -17.93
C ALA CA 332 -24.23 -75.21 -17.60
N LYS CA 333 -23.98 -75.46 -16.32
CA LYS CA 333 -23.61 -76.78 -15.83
C LYS CA 333 -23.82 -76.82 -14.33
N ASN CA 334 -24.52 -77.86 -13.87
CA ASN CA 334 -24.89 -77.94 -12.47
C ASN CA 334 -23.74 -78.47 -11.61
N VAL CA 335 -23.66 -77.97 -10.38
CA VAL CA 335 -22.70 -78.50 -9.40
C VAL CA 335 -23.35 -79.51 -8.46
N VAL CA 336 -24.64 -79.38 -8.17
CA VAL CA 336 -25.36 -80.32 -7.33
C VAL CA 336 -26.65 -80.68 -8.04
N ALA CA 337 -27.10 -81.92 -7.87
CA ALA CA 337 -28.31 -82.40 -8.53
C ALA CA 337 -29.00 -83.41 -7.64
N ALA CA 338 -30.30 -83.20 -7.40
CA ALA CA 338 -31.07 -84.15 -6.60
C ALA CA 338 -31.19 -85.48 -7.34
N GLY CA 339 -30.84 -86.56 -6.65
CA GLY CA 339 -30.84 -87.87 -7.27
C GLY CA 339 -29.46 -88.33 -7.65
N THR CA 340 -29.25 -88.58 -8.95
CA THR CA 340 -27.94 -88.98 -9.44
C THR CA 340 -26.90 -87.89 -9.21
N ALA CA 341 -25.67 -88.30 -8.88
CA ALA CA 341 -24.61 -87.33 -8.63
C ALA CA 341 -24.21 -86.64 -9.93
N ALA CA 342 -24.15 -85.31 -9.90
CA ALA CA 342 -23.80 -84.53 -11.07
C ALA CA 342 -22.28 -84.42 -11.21
N THR CA 343 -21.83 -83.76 -12.27
CA THR CA 343 -20.42 -83.53 -12.54
C THR CA 343 -20.10 -82.05 -12.37
N THR CA 344 -18.83 -81.71 -12.61
CA THR CA 344 -18.33 -80.34 -12.47
C THR CA 344 -18.68 -79.78 -11.10
N THR CA 345 -18.26 -80.50 -10.06
CA THR CA 345 -18.68 -80.18 -8.70
C THR CA 345 -17.97 -78.98 -8.10
N ILE CA 346 -16.88 -78.49 -8.70
CA ILE CA 346 -16.16 -77.36 -8.15
C ILE CA 346 -16.26 -76.19 -9.13
N VAL CA 347 -15.84 -75.03 -8.66
CA VAL CA 347 -15.80 -73.81 -9.47
C VAL CA 347 -14.43 -73.18 -9.29
N THR CA 348 -13.71 -73.00 -10.39
CA THR CA 348 -12.38 -72.40 -10.39
C THR CA 348 -12.43 -71.08 -11.15
N GLY CA 349 -11.92 -70.02 -10.52
CA GLY CA 349 -11.91 -68.71 -11.14
C GLY CA 349 -10.82 -68.59 -12.20
N TYR CA 350 -10.69 -67.38 -12.72
CA TYR CA 350 -9.73 -67.06 -13.75
C TYR CA 350 -8.68 -66.08 -13.21
N VAL CA 351 -7.56 -66.02 -13.92
CA VAL CA 351 -6.51 -65.05 -13.62
C VAL CA 351 -6.21 -64.27 -14.90
N GLN CA 352 -5.40 -63.22 -14.75
CA GLN CA 352 -5.07 -62.35 -15.88
C GLN CA 352 -3.64 -61.86 -15.70
N LEU CA 353 -2.82 -62.06 -16.73
CA LEU CA 353 -1.42 -61.63 -16.69
C LEU CA 353 -1.25 -60.40 -17.58
N ASN CA 354 -1.39 -59.24 -16.98
CA ASN CA 354 -1.11 -57.99 -17.68
C ASN CA 354 0.39 -57.83 -17.89
N SER CA 355 0.76 -57.48 -19.12
CA SER CA 355 2.17 -57.43 -19.51
C SER CA 355 2.46 -56.14 -20.28
N PRO CA 356 3.49 -55.40 -19.89
CA PRO CA 356 3.78 -54.13 -20.56
C PRO CA 356 4.31 -54.28 -21.98
N THR CA 357 5.36 -55.06 -22.20
CA THR CA 357 5.99 -55.09 -23.51
C THR CA 357 5.93 -56.47 -24.18
N ALA CA 358 6.33 -57.52 -23.47
CA ALA CA 358 6.39 -58.86 -24.04
C ALA CA 358 6.49 -59.90 -22.93
N TYR CA 359 5.58 -60.87 -22.96
CA TYR CA 359 5.56 -61.91 -21.94
C TYR CA 359 4.88 -63.17 -22.45
N SER CA 360 5.66 -64.17 -22.83
CA SER CA 360 5.14 -65.42 -23.37
C SER CA 360 5.03 -66.48 -22.27
N VAL CA 361 4.10 -67.42 -22.49
CA VAL CA 361 3.85 -68.49 -21.55
C VAL CA 361 3.55 -69.76 -22.34
N SER CA 362 3.93 -70.91 -21.79
CA SER CA 362 3.69 -72.19 -22.42
C SER CA 362 3.55 -73.27 -21.36
N GLY CA 363 3.13 -74.46 -21.79
CA GLY CA 363 2.95 -75.58 -20.89
C GLY CA 363 2.81 -76.90 -21.63
N THR CA 364 3.38 -77.96 -21.07
CA THR CA 364 3.34 -79.27 -21.72
C THR CA 364 1.93 -79.83 -21.73
N GLY CA 365 1.28 -79.80 -22.90
CA GLY CA 365 -0.06 -80.34 -23.04
C GLY CA 365 -1.10 -79.69 -22.16
N THR CA 366 -1.56 -80.43 -21.16
CA THR CA 366 -2.61 -79.96 -20.25
C THR CA 366 -2.17 -78.70 -19.49
N GLN CA 367 -0.89 -78.62 -19.13
CA GLN CA 367 -0.35 -77.51 -18.37
C GLN CA 367 -0.69 -76.16 -19.01
N ALA CA 368 -0.45 -76.03 -20.31
CA ALA CA 368 -0.77 -74.79 -21.01
C ALA CA 368 -2.27 -74.55 -21.03
N SER CA 369 -3.05 -75.58 -21.33
CA SER CA 369 -4.49 -75.44 -21.39
C SER CA 369 -5.08 -75.12 -20.02
N GLN CA 370 -4.63 -75.84 -18.99
CA GLN CA 370 -5.22 -75.71 -17.66
C GLN CA 370 -4.98 -74.36 -17.02
N VAL CA 371 -4.34 -73.42 -17.71
CA VAL CA 371 -4.11 -72.07 -17.21
C VAL CA 371 -4.76 -71.02 -18.09
N PHE CA 372 -4.38 -70.97 -19.37
CA PHE CA 372 -4.87 -69.95 -20.28
C PHE CA 372 -5.30 -70.57 -21.61
N GLY CA 373 -5.68 -71.84 -21.58
CA GLY CA 373 -6.04 -72.54 -22.80
C GLY CA 373 -4.89 -72.60 -23.79
N ASN CA 374 -5.21 -72.52 -25.08
CA ASN CA 374 -4.18 -72.55 -26.13
C ASN CA 374 -3.88 -71.12 -26.58
N ALA CA 375 -3.16 -70.39 -25.72
CA ALA CA 375 -2.78 -69.02 -26.04
C ALA CA 375 -1.38 -68.97 -26.62
N SER CA 376 -0.39 -69.38 -25.83
CA SER CA 376 1.02 -69.45 -26.22
C SER CA 376 1.59 -68.10 -26.65
N ALA CA 377 0.80 -67.03 -26.54
CA ALA CA 377 1.22 -65.71 -26.95
C ALA CA 377 0.39 -64.65 -26.22
N ALA CA 378 1.03 -63.54 -25.85
CA ALA CA 378 0.38 -62.46 -25.14
C ALA CA 378 -0.26 -61.45 -26.10
N GLN CA 379 -0.37 -61.81 -27.37
CA GLN CA 379 -0.82 -60.91 -28.43
C GLN CA 379 -2.28 -60.49 -28.17
N LYS CA 380 -2.81 -59.61 -29.01
CA LYS CA 380 -4.12 -58.99 -28.83
C LYS CA 380 -4.15 -58.10 -27.59
N SER CA 381 -3.27 -57.09 -27.61
CA SER CA 381 -3.23 -56.10 -26.55
C SER CA 381 -4.58 -55.46 -26.30
N SER CA 382 -5.32 -55.17 -27.38
CA SER CA 382 -6.72 -54.77 -27.33
C SER CA 382 -6.97 -53.52 -26.48
N VAL CA 383 -6.42 -52.38 -26.88
CA VAL CA 383 -6.72 -51.12 -26.23
C VAL CA 383 -7.91 -50.48 -26.94
N ALA CA 384 -8.10 -50.84 -28.22
CA ALA CA 384 -9.22 -50.33 -28.98
C ALA CA 384 -10.53 -50.92 -28.48
N SER CA 385 -10.57 -52.25 -28.31
CA SER CA 385 -11.78 -52.94 -27.89
C SER CA 385 -12.12 -52.69 -26.42
N VAL CA 386 -11.26 -51.95 -25.72
CA VAL CA 386 -11.51 -51.60 -24.33
C VAL CA 386 -12.90 -50.98 -24.18
N ASP CA 387 -13.71 -51.55 -23.31
CA ASP CA 387 -15.04 -51.04 -23.04
C ASP CA 387 -15.12 -50.42 -21.66
N ILE CA 388 -16.24 -49.79 -21.36
CA ILE CA 388 -16.45 -49.03 -20.14
C ILE CA 388 -17.72 -49.45 -19.42
N SER CA 389 -18.68 -50.01 -20.16
CA SER CA 389 -20.08 -50.04 -19.74
C SER CA 389 -20.35 -50.56 -18.34
N THR CA 390 -20.20 -51.87 -18.09
CA THR CA 390 -20.84 -52.38 -16.88
C THR CA 390 -19.89 -52.90 -15.81
N ALA CA 391 -19.09 -53.91 -16.13
CA ALA CA 391 -18.29 -54.56 -15.11
C ALA CA 391 -16.80 -54.49 -15.43
N ASP CA 392 -16.44 -54.93 -16.63
CA ASP CA 392 -15.05 -55.03 -17.05
C ASP CA 392 -14.36 -53.67 -17.02
N GLY CA 393 -14.99 -52.67 -17.65
CA GLY CA 393 -14.39 -51.37 -17.87
C GLY CA 393 -13.62 -50.77 -16.72
N ALA CA 394 -14.30 -50.54 -15.59
CA ALA CA 394 -13.76 -49.82 -14.45
C ALA CA 394 -12.34 -50.22 -14.08
N GLN CA 395 -12.00 -51.50 -14.23
CA GLN CA 395 -10.69 -52.01 -13.87
C GLN CA 395 -9.86 -52.43 -15.07
N ASN CA 396 -10.49 -52.93 -16.13
CA ASN CA 396 -9.73 -53.36 -17.31
C ASN CA 396 -9.11 -52.17 -18.01
N ALA CA 397 -9.82 -51.03 -18.05
CA ALA CA 397 -9.26 -49.85 -18.69
C ALA CA 397 -8.01 -49.38 -17.96
N ILE CA 398 -7.99 -49.50 -16.62
CA ILE CA 398 -6.80 -49.16 -15.86
C ILE CA 398 -5.69 -50.17 -16.13
N ALA CA 399 -6.06 -51.47 -16.14
CA ALA CA 399 -5.09 -52.50 -16.45
C ALA CA 399 -4.47 -52.32 -17.82
N VAL CA 400 -5.17 -51.63 -18.72
CA VAL CA 400 -4.57 -51.27 -20.00
C VAL CA 400 -3.69 -50.02 -19.84
N VAL CA 401 -4.26 -48.96 -19.29
CA VAL CA 401 -3.64 -47.63 -19.38
C VAL CA 401 -2.37 -47.56 -18.54
N ASP CA 402 -2.26 -48.35 -17.47
CA ASP CA 402 -1.05 -48.28 -16.66
C ASP CA 402 0.17 -48.71 -17.47
N ASN CA 403 0.12 -49.89 -18.09
CA ASN CA 403 1.24 -50.33 -18.91
C ASN CA 403 1.32 -49.56 -20.23
N ALA CA 404 0.19 -49.01 -20.70
CA ALA CA 404 0.26 -48.13 -21.86
C ALA CA 404 1.12 -46.90 -21.55
N LEU CA 405 0.86 -46.25 -20.43
CA LEU CA 405 1.69 -45.13 -19.99
C LEU CA 405 3.11 -45.58 -19.71
N ALA CA 406 3.30 -46.80 -19.20
CA ALA CA 406 4.64 -47.31 -19.00
C ALA CA 406 5.41 -47.37 -20.31
N ALA CA 407 4.79 -47.90 -21.36
CA ALA CA 407 5.45 -48.00 -22.66
C ALA CA 407 5.68 -46.62 -23.26
N ILE CA 408 4.71 -45.72 -23.11
CA ILE CA 408 4.87 -44.36 -23.62
C ILE CA 408 6.02 -43.65 -22.93
N ASP CA 409 6.14 -43.85 -21.61
CA ASP CA 409 7.24 -43.23 -20.87
C ASP CA 409 8.57 -43.89 -21.20
N ALA CA 410 8.54 -45.18 -21.55
CA ALA CA 410 9.76 -45.82 -22.04
C ALA CA 410 10.20 -45.20 -23.36
N GLN CA 411 9.24 -44.92 -24.25
CA GLN CA 411 9.55 -44.19 -25.47
C GLN CA 411 10.13 -42.82 -25.15
N ARG CA 412 9.55 -42.12 -24.18
CA ARG CA 412 10.06 -40.81 -23.78
C ARG CA 412 11.47 -40.92 -23.22
N ALA CA 413 11.78 -42.00 -22.49
CA ALA CA 413 13.12 -42.20 -21.96
C ALA CA 413 14.12 -42.50 -23.06
N ASP CA 414 13.72 -43.30 -24.05
CA ASP CA 414 14.58 -43.50 -25.21
C ASP CA 414 14.87 -42.17 -25.91
N LEU CA 415 13.83 -41.34 -26.09
CA LEU CA 415 14.02 -40.02 -26.67
C LEU CA 415 14.96 -39.18 -25.83
N ALA CA 416 14.83 -39.25 -24.50
CA ALA CA 416 15.71 -38.50 -23.62
C ALA CA 416 17.16 -38.93 -23.80
N ALA CA 417 17.39 -40.24 -23.86
CA ALA CA 417 18.74 -40.76 -24.06
C ALA CA 417 19.31 -40.25 -25.38
N VAL CA 418 18.55 -40.38 -26.47
CA VAL CA 418 19.08 -39.99 -27.78
C VAL CA 418 19.29 -38.48 -27.86
N GLN CA 419 18.47 -37.72 -27.14
CA GLN CA 419 18.63 -36.26 -27.18
C GLN CA 419 19.84 -35.80 -26.36
N ASN CA 420 20.06 -36.38 -25.17
CA ASN CA 420 21.27 -36.06 -24.42
C ASN CA 420 22.51 -36.50 -25.20
N ARG CA 421 22.40 -37.64 -25.88
CA ARG CA 421 23.47 -38.08 -26.76
C ARG CA 421 23.74 -37.07 -27.86
N PHE CA 422 22.68 -36.56 -28.50
CA PHE CA 422 22.84 -35.54 -29.53
C PHE CA 422 23.47 -34.27 -28.95
N LYS CA 423 23.11 -33.92 -27.72
CA LYS CA 423 23.65 -32.71 -27.10
C LYS CA 423 25.14 -32.82 -26.86
N ASN CA 424 25.56 -33.87 -26.15
CA ASN CA 424 27.00 -34.05 -25.93
C ASN CA 424 27.73 -34.24 -27.24
N THR CA 425 27.06 -34.84 -28.23
CA THR CA 425 27.68 -35.02 -29.54
C THR CA 425 27.93 -33.68 -30.22
N ILE CA 426 26.95 -32.76 -30.20
CA ILE CA 426 27.17 -31.49 -30.86
C ILE CA 426 28.23 -30.68 -30.10
N ASP CA 427 28.27 -30.81 -28.77
CA ASP CA 427 29.37 -30.17 -28.05
C ASP CA 427 30.73 -30.69 -28.52
N ASN CA 428 30.89 -32.01 -28.56
CA ASN CA 428 32.16 -32.59 -29.00
C ASN CA 428 32.48 -32.21 -30.43
N LEU CA 429 31.46 -32.17 -31.30
CA LEU CA 429 31.68 -31.89 -32.71
C LEU CA 429 32.09 -30.44 -32.92
N THR CA 430 31.43 -29.50 -32.24
CA THR CA 430 31.87 -28.10 -32.34
C THR CA 430 33.27 -27.91 -31.77
N ASN CA 431 33.58 -28.61 -30.67
CA ASN CA 431 34.93 -28.52 -30.11
C ASN CA 431 35.97 -28.99 -31.11
N ILE CA 432 35.75 -30.16 -31.71
CA ILE CA 432 36.72 -30.71 -32.66
C ILE CA 432 36.80 -29.86 -33.91
N SER CA 433 35.68 -29.26 -34.32
CA SER CA 433 35.68 -28.40 -35.50
C SER CA 433 36.50 -27.14 -35.25
N GLU CA 434 36.30 -26.51 -34.09
CA GLU CA 434 37.12 -25.36 -33.71
C GLU CA 434 38.59 -25.76 -33.64
N ASN CA 435 38.89 -26.93 -33.09
CA ASN CA 435 40.28 -27.35 -32.97
C ASN CA 435 40.92 -27.57 -34.33
N ALA CA 436 40.17 -28.17 -35.25
CA ALA CA 436 40.67 -28.40 -36.60
C ALA CA 436 40.84 -27.09 -37.35
N THR CA 437 39.95 -26.12 -37.14
CA THR CA 437 40.13 -24.81 -37.75
C THR CA 437 41.35 -24.10 -37.17
N ASN CA 438 41.62 -24.29 -35.88
CA ASN CA 438 42.83 -23.73 -35.29
C ASN CA 438 44.08 -24.37 -35.89
N ALA CA 439 44.04 -25.67 -36.12
CA ALA CA 439 45.16 -26.34 -36.80
C ALA CA 439 45.34 -25.81 -38.22
N ARG CA 440 44.21 -25.62 -38.93
CA ARG CA 440 44.27 -25.05 -40.27
C ARG CA 440 44.85 -23.64 -40.25
N SER CA 441 44.56 -22.88 -39.20
CA SER CA 441 45.13 -21.54 -39.07
C SER CA 441 46.63 -21.63 -38.82
N ARG CA 442 47.05 -22.49 -37.90
CA ARG CA 442 48.46 -22.64 -37.61
C ARG CA 442 49.25 -23.15 -38.81
N ILE CA 443 48.62 -23.89 -39.70
CA ILE CA 443 49.33 -24.42 -40.87
C ILE CA 443 49.17 -23.55 -42.12
N LYS CA 444 48.16 -22.68 -42.19
CA LYS CA 444 47.83 -21.92 -43.38
C LYS CA 444 47.82 -20.42 -43.17
N ASP CA 445 47.30 -19.93 -42.05
CA ASP CA 445 47.20 -18.49 -41.82
C ASP CA 445 48.60 -17.88 -41.78
N THR CA 446 48.81 -16.87 -42.61
CA THR CA 446 50.10 -16.20 -42.65
C THR CA 446 50.34 -15.44 -41.35
N ASP CA 447 51.47 -15.72 -40.71
CA ASP CA 447 51.93 -14.94 -39.55
C ASP CA 447 52.70 -13.71 -40.04
N PHE CA 448 51.98 -12.84 -40.74
CA PHE CA 448 52.58 -11.78 -41.53
C PHE CA 448 53.32 -10.74 -40.70
N ALA CA 449 53.42 -10.93 -39.37
CA ALA CA 449 54.34 -10.11 -38.59
C ALA CA 449 55.77 -10.22 -39.11
N ALA CA 450 56.11 -11.33 -39.78
CA ALA CA 450 57.37 -11.47 -40.49
C ALA CA 450 57.26 -11.29 -41.99
N GLU CA 451 56.10 -11.61 -42.58
CA GLU CA 451 55.91 -11.44 -44.02
C GLU CA 451 55.89 -9.97 -44.43
N THR CA 452 55.40 -9.08 -43.56
CA THR CA 452 55.46 -7.65 -43.87
C THR CA 452 56.90 -7.16 -43.92
N ALA CA 453 57.72 -7.56 -42.94
CA ALA CA 453 59.13 -7.22 -42.97
C ALA CA 453 59.82 -7.84 -44.18
N ALA CA 454 59.40 -9.05 -44.56
CA ALA CA 454 59.96 -9.68 -45.75
C ALA CA 454 59.62 -8.90 -47.01
N LEU CA 455 58.37 -8.44 -47.11
CA LEU CA 455 57.97 -7.61 -48.24
C LEU CA 455 58.76 -6.30 -48.28
N SER CA 456 58.95 -5.69 -47.11
CA SER CA 456 59.71 -4.45 -47.05
C SER CA 456 61.16 -4.68 -47.52
N LYS CA 457 61.79 -5.75 -47.01
CA LYS CA 457 63.15 -6.08 -47.42
C LYS CA 457 63.21 -6.37 -48.92
N ASN CA 458 62.19 -7.05 -49.45
CA ASN CA 458 62.18 -7.38 -50.87
C ASN CA 458 62.08 -6.13 -51.73
N GLN CA 459 61.21 -5.19 -51.34
CA GLN CA 459 61.10 -3.94 -52.09
C GLN CA 459 62.39 -3.13 -51.97
N VAL CA 460 63.04 -3.20 -50.81
CA VAL CA 460 64.32 -2.52 -50.63
C VAL CA 460 65.36 -3.10 -51.58
N LEU CA 461 65.45 -4.43 -51.65
CA LEU CA 461 66.42 -5.05 -52.55
C LEU CA 461 66.10 -4.73 -54.00
N GLN CA 462 64.82 -4.70 -54.36
CA GLN CA 462 64.42 -4.37 -55.72
C GLN CA 462 64.89 -2.96 -56.09
N GLN CA 463 64.51 -1.96 -55.29
CA GLN CA 463 64.91 -0.59 -55.61
C GLN CA 463 66.42 -0.43 -55.57
N ALA CA 464 67.10 -1.13 -54.65
CA ALA CA 464 68.54 -1.04 -54.56
C ALA CA 464 69.20 -1.59 -55.82
N GLY CA 465 68.80 -2.78 -56.27
CA GLY CA 465 69.41 -3.36 -57.46
C GLY CA 465 69.09 -2.57 -58.72
N THR CA 466 67.89 -1.99 -58.78
CA THR CA 466 67.57 -1.14 -59.93
C THR CA 466 68.45 0.11 -59.94
N ALA CA 467 68.72 0.67 -58.75
CA ALA CA 467 69.68 1.78 -58.68
C ALA CA 467 71.08 1.32 -59.05
N ILE CA 468 71.44 0.08 -58.69
CA ILE CA 468 72.74 -0.47 -59.09
C ILE CA 468 72.85 -0.51 -60.61
N LEU CA 469 71.80 -0.96 -61.30
CA LEU CA 469 71.84 -0.92 -62.76
C LEU CA 469 71.93 0.51 -63.27
N ALA CA 470 71.12 1.41 -62.72
CA ALA CA 470 71.15 2.80 -63.16
C ALA CA 470 72.53 3.43 -63.00
N GLN CA 471 73.29 2.97 -62.01
CA GLN CA 471 74.63 3.50 -61.78
C GLN CA 471 75.68 2.80 -62.64
N ALA CA 472 75.52 1.49 -62.85
CA ALA CA 472 76.58 0.71 -63.48
C ALA CA 472 76.50 0.75 -65.00
N ASN CA 473 75.30 0.89 -65.56
CA ASN CA 473 75.14 0.87 -67.01
C ASN CA 473 75.77 2.10 -67.65
N GLN CA 474 76.19 3.07 -66.84
CA GLN CA 474 76.87 4.27 -67.33
C GLN CA 474 78.39 4.14 -67.30
N LEU CA 475 78.91 3.06 -66.71
CA LEU CA 475 80.36 2.88 -66.62
C LEU CA 475 81.02 2.69 -67.98
N PRO CA 476 80.52 1.80 -68.86
CA PRO CA 476 81.17 1.69 -70.18
C PRO CA 476 81.12 2.97 -70.99
N GLN CA 477 79.98 3.68 -70.97
CA GLN CA 477 79.90 4.96 -71.65
C GLN CA 477 81.00 5.89 -71.17
N ALA CA 478 81.17 5.98 -69.85
CA ALA CA 478 82.18 6.89 -69.29
C ALA CA 478 83.58 6.48 -69.71
N VAL CA 479 83.92 5.19 -69.58
CA VAL CA 479 85.30 4.77 -69.83
C VAL CA 479 85.64 4.93 -71.31
N LEU CA 480 84.67 4.65 -72.19
CA LEU CA 480 84.93 4.85 -73.62
C LEU CA 480 85.02 6.33 -73.98
N SER CA 481 84.13 7.17 -73.43
CA SER CA 481 84.18 8.59 -73.77
C SER CA 481 85.43 9.25 -73.20
N LEU CA 482 86.01 8.69 -72.15
CA LEU CA 482 87.20 9.28 -71.55
C LEU CA 482 88.50 8.73 -72.13
N LEU CA 483 88.52 7.46 -72.53
CA LEU CA 483 89.75 6.86 -73.06
C LEU CA 483 89.94 7.15 -74.54
N ARG CA 484 88.87 7.33 -75.31
CA ARG CA 484 88.98 7.60 -76.73
C ARG CA 484 89.48 9.02 -76.97
N VAL DA 1 125.77 7.00 -104.71
CA VAL DA 1 124.64 6.30 -104.12
C VAL DA 1 123.34 6.96 -104.57
N ASN DA 2 122.93 6.65 -105.80
CA ASN DA 2 121.72 7.23 -106.38
C ASN DA 2 120.79 6.23 -107.04
N THR DA 3 121.27 5.05 -107.46
CA THR DA 3 120.41 4.09 -108.13
C THR DA 3 119.34 3.50 -107.22
N ASN DA 4 119.53 3.54 -105.91
CA ASN DA 4 118.56 3.02 -104.96
C ASN DA 4 118.81 3.63 -103.60
N ILE DA 5 117.85 3.47 -102.70
CA ILE DA 5 117.95 3.95 -101.32
C ILE DA 5 117.70 2.77 -100.40
N ALA DA 6 118.56 2.60 -99.41
CA ALA DA 6 118.41 1.49 -98.46
C ALA DA 6 117.29 1.71 -97.46
N SER DA 7 116.47 2.75 -97.63
CA SER DA 7 115.43 3.08 -96.67
C SER DA 7 114.22 2.16 -96.74
N LEU DA 8 114.23 1.12 -97.59
CA LEU DA 8 113.08 0.24 -97.73
C LEU DA 8 112.73 -0.49 -96.43
N ASN DA 9 113.66 -0.57 -95.48
CA ASN DA 9 113.32 -1.10 -94.17
C ASN DA 9 112.27 -0.22 -93.50
N THR DA 10 112.36 1.10 -93.71
CA THR DA 10 111.34 2.00 -93.17
C THR DA 10 110.00 1.78 -93.84
N GLN DA 11 110.00 1.50 -95.15
CA GLN DA 11 108.75 1.18 -95.82
C GLN DA 11 108.13 -0.11 -95.26
N ARG DA 12 108.97 -1.13 -95.04
CA ARG DA 12 108.47 -2.38 -94.47
C ARG DA 12 107.89 -2.15 -93.08
N ASN DA 13 108.59 -1.37 -92.25
CA ASN DA 13 108.08 -1.03 -90.93
C ASN DA 13 106.77 -0.26 -91.03
N LEU DA 14 106.64 0.63 -92.02
CA LEU DA 14 105.41 1.38 -92.18
C LEU DA 14 104.25 0.47 -92.55
N ASN DA 15 104.48 -0.48 -93.46
CA ASN DA 15 103.42 -1.42 -93.83
C ASN DA 15 103.01 -2.28 -92.63
N ALA DA 16 103.99 -2.80 -91.90
CA ALA DA 16 103.67 -3.60 -90.71
C ALA DA 16 102.88 -2.78 -89.70
N SER DA 17 103.31 -1.53 -89.44
CA SER DA 17 102.60 -0.68 -88.50
C SER DA 17 101.19 -0.37 -88.98
N SER DA 18 101.00 -0.25 -90.29
CA SER DA 18 99.66 -0.03 -90.81
C SER DA 18 98.78 -1.26 -90.61
N ASN DA 19 99.35 -2.45 -90.76
CA ASN DA 19 98.59 -3.65 -90.41
C ASN DA 19 98.21 -3.64 -88.93
N ASP DA 20 99.13 -3.22 -88.07
CA ASP DA 20 98.80 -3.12 -86.64
C ASP DA 20 97.68 -2.10 -86.41
N LEU DA 21 97.71 -0.98 -87.13
CA LEU DA 21 96.64 0.01 -87.01
C LEU DA 21 95.30 -0.58 -87.43
N ASN DA 22 95.28 -1.30 -88.55
CA ASN DA 22 94.03 -1.89 -89.02
C ASN DA 22 93.47 -2.88 -88.01
N THR DA 23 94.31 -3.80 -87.51
CA THR DA 23 93.81 -4.81 -86.60
C THR DA 23 93.38 -4.18 -85.26
N SER DA 24 94.12 -3.18 -84.79
CA SER DA 24 93.76 -2.53 -83.53
C SER DA 24 92.47 -1.74 -83.67
N LEU DA 25 92.27 -1.07 -84.82
CA LEU DA 25 91.03 -0.36 -85.03
C LEU DA 25 89.85 -1.32 -85.12
N GLN DA 26 90.05 -2.48 -85.77
CA GLN DA 26 89.01 -3.48 -85.82
C GLN DA 26 88.67 -3.99 -84.43
N ARG DA 27 89.69 -4.26 -83.61
CA ARG DA 27 89.46 -4.72 -82.24
C ARG DA 27 88.72 -3.66 -81.44
N LEU DA 28 89.05 -2.38 -81.66
CA LEU DA 28 88.41 -1.32 -80.88
C LEU DA 28 86.96 -1.14 -81.29
N THR DA 29 86.67 -1.12 -82.59
CA THR DA 29 85.30 -0.91 -83.03
C THR DA 29 84.44 -2.15 -82.84
N THR DA 30 85.06 -3.32 -82.68
CA THR DA 30 84.32 -4.55 -82.46
C THR DA 30 84.18 -4.91 -80.99
N GLY DA 31 85.14 -4.51 -80.16
CA GLY DA 31 85.16 -4.91 -78.76
C GLY DA 31 85.67 -6.31 -78.52
N TYR DA 32 86.16 -6.99 -79.55
CA TYR DA 32 86.67 -8.35 -79.43
C TYR DA 32 88.17 -8.33 -79.71
N ARG DA 33 88.97 -8.72 -78.72
CA ARG DA 33 90.41 -8.85 -78.95
C ARG DA 33 90.70 -9.92 -79.99
N ILE DA 34 89.94 -11.01 -79.96
CA ILE DA 34 90.03 -12.03 -81.00
C ILE DA 34 89.00 -11.71 -82.08
N ASN DA 35 89.48 -11.22 -83.22
CA ASN DA 35 88.58 -10.88 -84.32
C ASN DA 35 87.91 -12.14 -84.86
N SER DA 36 86.78 -11.93 -85.55
CA SER DA 36 86.04 -13.04 -86.14
C SER DA 36 86.83 -13.75 -87.23
N ALA DA 37 88.00 -13.24 -87.59
CA ALA DA 37 88.84 -13.86 -88.60
C ALA DA 37 89.46 -15.15 -88.07
N LYS DA 38 90.32 -15.75 -88.88
CA LYS DA 38 90.95 -17.02 -88.50
C LYS DA 38 91.98 -16.84 -87.39
N ASP DA 39 92.27 -15.60 -87.01
CA ASP DA 39 93.26 -15.35 -85.97
C ASP DA 39 92.81 -15.96 -84.64
N ASP DA 40 93.72 -16.72 -84.02
CA ASP DA 40 93.47 -17.41 -82.75
C ASP DA 40 92.27 -18.35 -82.88
N ALA DA 41 92.46 -19.35 -83.75
CA ALA DA 41 91.40 -20.30 -84.06
C ALA DA 41 90.89 -21.02 -82.80
N ALA DA 42 91.78 -21.28 -81.85
CA ALA DA 42 91.36 -21.93 -80.61
C ALA DA 42 90.40 -21.04 -79.82
N GLY DA 43 90.78 -19.77 -79.64
CA GLY DA 43 89.89 -18.83 -78.97
C GLY DA 43 88.59 -18.63 -79.73
N LEU DA 44 88.66 -18.62 -81.07
CA LEU DA 44 87.45 -18.49 -81.86
C LEU DA 44 86.53 -19.68 -81.66
N GLN DA 45 87.08 -20.90 -81.61
CA GLN DA 45 86.28 -22.08 -81.35
C GLN DA 45 85.66 -22.04 -79.97
N ILE DA 46 86.44 -21.62 -78.97
CA ILE DA 46 85.92 -21.52 -77.61
C ILE DA 46 84.77 -20.52 -77.56
N SER DA 47 84.94 -19.36 -78.20
CA SER DA 47 83.90 -18.34 -78.19
C SER DA 47 82.65 -18.81 -78.92
N ASN DA 48 82.83 -19.53 -80.03
CA ASN DA 48 81.68 -20.05 -80.77
C ASN DA 48 80.91 -21.06 -79.93
N ARG DA 49 81.63 -21.96 -79.25
CA ARG DA 49 80.96 -22.93 -78.39
C ARG DA 49 80.23 -22.23 -77.25
N LEU DA 50 80.86 -21.23 -76.64
CA LEU DA 50 80.24 -20.52 -75.54
C LEU DA 50 78.99 -19.76 -76.00
N SER DA 51 79.05 -19.16 -77.19
CA SER DA 51 77.89 -18.42 -77.70
C SER DA 51 76.75 -19.38 -78.05
N ASN DA 52 77.07 -20.52 -78.64
CA ASN DA 52 76.04 -21.53 -78.91
C ASN DA 52 75.40 -22.00 -77.62
N GLN DA 53 76.22 -22.25 -76.59
CA GLN DA 53 75.68 -22.65 -75.30
C GLN DA 53 74.80 -21.56 -74.70
N ILE DA 54 75.19 -20.30 -74.86
CA ILE DA 54 74.41 -19.19 -74.32
C ILE DA 54 73.05 -19.11 -75.00
N SER DA 55 73.04 -19.22 -76.33
CA SER DA 55 71.77 -19.18 -77.05
C SER DA 55 70.89 -20.36 -76.67
N GLY DA 56 71.48 -21.56 -76.58
CA GLY DA 56 70.72 -22.73 -76.19
C GLY DA 56 70.11 -22.59 -74.80
N LEU DA 57 70.89 -22.09 -73.84
CA LEU DA 57 70.36 -21.92 -72.50
C LEU DA 57 69.33 -20.80 -72.43
N ASN DA 58 69.44 -19.79 -73.29
CA ASN DA 58 68.41 -18.75 -73.32
C ASN DA 58 67.09 -19.32 -73.80
N VAL DA 59 67.11 -20.08 -74.90
CA VAL DA 59 65.89 -20.74 -75.34
C VAL DA 59 65.40 -21.73 -74.29
N ALA DA 60 66.32 -22.35 -73.54
CA ALA DA 60 65.92 -23.30 -72.51
C ALA DA 60 65.22 -22.60 -71.35
N THR DA 61 65.74 -21.45 -70.93
CA THR DA 61 65.06 -20.68 -69.89
C THR DA 61 63.70 -20.20 -70.37
N ARG DA 62 63.60 -19.83 -71.64
CA ARG DA 62 62.31 -19.42 -72.18
C ARG DA 62 61.32 -20.58 -72.15
N ASN DA 63 61.75 -21.77 -72.56
CA ASN DA 63 60.89 -22.94 -72.50
C ASN DA 63 60.53 -23.29 -71.06
N ALA DA 64 61.46 -23.07 -70.12
CA ALA DA 64 61.18 -23.34 -68.72
C ALA DA 64 60.13 -22.39 -68.17
N ASN DA 65 60.20 -21.11 -68.57
CA ASN DA 65 59.15 -20.17 -68.17
C ASN DA 65 57.81 -20.55 -68.76
N ASP DA 66 57.80 -20.96 -70.03
CA ASP DA 66 56.56 -21.46 -70.63
C ASP DA 66 56.02 -22.65 -69.85
N GLY DA 67 56.91 -23.55 -69.43
CA GLY DA 67 56.48 -24.73 -68.70
C GLY DA 67 55.93 -24.40 -67.31
N ILE DA 68 56.57 -23.47 -66.61
CA ILE DA 68 56.07 -23.11 -65.29
C ILE DA 68 54.74 -22.38 -65.40
N SER DA 69 54.55 -21.60 -66.47
CA SER DA 69 53.25 -20.98 -66.68
C SER DA 69 52.18 -22.04 -66.96
N LEU DA 70 52.52 -23.04 -67.77
CA LEU DA 70 51.58 -24.12 -68.05
C LEU DA 70 51.22 -24.88 -66.78
N ALA DA 71 52.24 -25.20 -65.97
CA ALA DA 71 51.97 -25.89 -64.71
C ALA DA 71 51.21 -25.02 -63.73
N GLN DA 72 51.33 -23.69 -63.81
CA GLN DA 72 50.52 -22.83 -62.96
C GLN DA 72 49.07 -22.84 -63.40
N THR DA 73 48.83 -22.84 -64.72
CA THR DA 73 47.47 -23.02 -65.23
C THR DA 73 46.88 -24.34 -64.74
N ALA DA 74 47.67 -25.42 -64.82
CA ALA DA 74 47.23 -26.71 -64.31
C ALA DA 74 46.94 -26.65 -62.82
N GLU DA 75 47.79 -25.95 -62.06
CA GLU DA 75 47.55 -25.81 -60.63
C GLU DA 75 46.22 -25.14 -60.35
N GLY DA 76 45.93 -24.06 -61.08
CA GLY DA 76 44.67 -23.36 -60.88
C GLY DA 76 43.48 -24.24 -61.20
N ALA DA 77 43.51 -24.93 -62.35
CA ALA DA 77 42.40 -25.80 -62.71
C ALA DA 77 42.23 -26.93 -61.69
N LEU DA 78 43.34 -27.52 -61.25
CA LEU DA 78 43.26 -28.62 -60.29
C LEU DA 78 42.74 -28.15 -58.94
N GLN DA 79 43.15 -26.97 -58.49
CA GLN DA 79 42.64 -26.43 -57.23
C GLN DA 79 41.15 -26.14 -57.33
N GLN DA 80 40.70 -25.62 -58.48
CA GLN DA 80 39.27 -25.43 -58.67
C GLN DA 80 38.51 -26.75 -58.60
N SER DA 81 39.07 -27.80 -59.20
CA SER DA 81 38.41 -29.10 -59.12
C SER DA 81 38.38 -29.62 -57.69
N THR DA 82 39.43 -29.34 -56.91
CA THR DA 82 39.39 -29.69 -55.49
C THR DA 82 38.29 -28.93 -54.76
N ASN DA 83 38.08 -27.67 -55.10
CA ASN DA 83 36.98 -26.92 -54.50
C ASN DA 83 35.63 -27.56 -54.86
N ILE DA 84 35.48 -27.98 -56.11
CA ILE DA 84 34.24 -28.66 -56.52
C ILE DA 84 34.06 -29.95 -55.74
N LEU DA 85 35.15 -30.69 -55.51
CA LEU DA 85 35.06 -31.93 -54.73
C LEU DA 85 34.68 -31.64 -53.28
N GLN DA 86 35.20 -30.55 -52.72
CA GLN DA 86 34.79 -30.13 -51.39
C GLN DA 86 33.29 -29.86 -51.34
N ARG DA 87 32.79 -29.07 -52.29
CA ARG DA 87 31.35 -28.80 -52.36
C ARG DA 87 30.56 -30.09 -52.54
N ILE DA 88 31.10 -31.05 -53.28
CA ILE DA 88 30.43 -32.33 -53.46
C ILE DA 88 30.33 -33.07 -52.13
N ARG DA 89 31.41 -33.05 -51.33
CA ARG DA 89 31.32 -33.65 -50.01
C ARG DA 89 30.28 -32.95 -49.15
N ASP DA 90 30.24 -31.61 -49.19
CA ASP DA 90 29.23 -30.90 -48.40
C ASP DA 90 27.83 -31.35 -48.77
N LEU DA 91 27.53 -31.38 -50.08
CA LEU DA 91 26.19 -31.78 -50.51
C LEU DA 91 25.91 -33.23 -50.21
N ALA DA 92 26.93 -34.09 -50.29
CA ALA DA 92 26.73 -35.51 -50.03
C ALA DA 92 26.42 -35.76 -48.55
N LEU DA 93 27.17 -35.11 -47.66
CA LEU DA 93 26.92 -35.28 -46.24
C LEU DA 93 25.63 -34.61 -45.81
N GLN DA 94 25.25 -33.50 -46.47
CA GLN DA 94 23.97 -32.88 -46.19
C GLN DA 94 22.83 -33.74 -46.71
N SER DA 95 23.09 -34.55 -47.74
CA SER DA 95 22.09 -35.46 -48.28
C SER DA 95 21.73 -36.59 -47.33
N ALA DA 96 22.40 -36.69 -46.17
CA ALA DA 96 21.97 -37.64 -45.16
C ALA DA 96 20.53 -37.38 -44.75
N ASN DA 97 20.20 -36.12 -44.46
CA ASN DA 97 18.83 -35.63 -44.23
C ASN DA 97 18.01 -36.56 -43.34
N GLY DA 98 18.65 -37.29 -42.44
CA GLY DA 98 17.95 -38.28 -41.65
C GLY DA 98 17.38 -39.42 -42.47
N SER DA 99 17.76 -39.46 -43.75
CA SER DA 99 17.43 -40.52 -44.69
C SER DA 99 15.95 -40.52 -45.08
N ASN DA 100 15.15 -39.67 -44.43
CA ASN DA 100 13.75 -39.58 -44.80
C ASN DA 100 13.17 -38.17 -44.73
N SER DA 101 13.95 -37.15 -44.37
CA SER DA 101 13.37 -35.84 -44.15
C SER DA 101 13.30 -35.00 -45.42
N ASP DA 102 14.26 -35.16 -46.31
CA ASP DA 102 14.33 -34.37 -47.55
C ASP DA 102 13.78 -35.23 -48.68
N ALA DA 103 12.46 -35.10 -48.93
CA ALA DA 103 11.85 -35.81 -50.05
C ALA DA 103 12.34 -35.27 -51.39
N ASP DA 104 13.03 -34.13 -51.39
CA ASP DA 104 13.63 -33.57 -52.59
C ASP DA 104 15.07 -34.03 -52.77
N ARG DA 105 15.40 -35.24 -52.31
CA ARG DA 105 16.66 -35.86 -52.66
C ARG DA 105 16.83 -35.95 -54.17
N ALA DA 106 15.74 -35.97 -54.92
CA ALA DA 106 15.84 -35.95 -56.39
C ALA DA 106 16.41 -34.62 -56.86
N ALA DA 107 15.92 -33.50 -56.32
CA ALA DA 107 16.47 -32.21 -56.69
C ALA DA 107 17.90 -32.06 -56.19
N LEU DA 108 18.21 -32.65 -55.03
CA LEU DA 108 19.58 -32.60 -54.53
C LEU DA 108 20.51 -33.38 -55.45
N GLN DA 109 20.06 -34.53 -55.94
CA GLN DA 109 20.84 -35.30 -56.92
C GLN DA 109 20.97 -34.54 -58.22
N LYS DA 110 19.93 -33.79 -58.60
CA LYS DA 110 20.03 -32.93 -59.78
C LYS DA 110 21.13 -31.89 -59.60
N GLU DA 111 21.19 -31.27 -58.43
CA GLU DA 111 22.23 -30.29 -58.15
C GLU DA 111 23.61 -30.94 -58.16
N VAL DA 112 23.71 -32.14 -57.59
CA VAL DA 112 24.99 -32.86 -57.59
C VAL DA 112 25.42 -33.20 -59.01
N ALA DA 113 24.47 -33.59 -59.86
CA ALA DA 113 24.80 -33.88 -61.25
C ALA DA 113 25.22 -32.62 -61.99
N ALA DA 114 24.59 -31.49 -61.68
CA ALA DA 114 25.03 -30.21 -62.23
C ALA DA 114 26.46 -29.91 -61.80
N GLN DA 115 26.79 -30.19 -60.54
CA GLN DA 115 28.16 -29.98 -60.07
C GLN DA 115 29.14 -30.89 -60.78
N GLN DA 116 28.75 -32.15 -61.02
CA GLN DA 116 29.64 -33.07 -61.75
C GLN DA 116 29.84 -32.63 -63.19
N ALA DA 117 28.79 -32.14 -63.84
CA ALA DA 117 28.94 -31.59 -65.19
C ALA DA 117 29.81 -30.35 -65.18
N GLU DA 118 29.72 -29.54 -64.12
CA GLU DA 118 30.58 -28.38 -63.99
C GLU DA 118 32.04 -28.81 -63.86
N LEU DA 119 32.29 -29.86 -63.08
CA LEU DA 119 33.65 -30.39 -62.97
C LEU DA 119 34.14 -30.93 -64.31
N THR DA 120 33.27 -31.60 -65.06
CA THR DA 120 33.64 -32.09 -66.38
C THR DA 120 33.96 -30.92 -67.32
N ARG DA 121 33.29 -29.79 -67.14
CA ARG DA 121 33.61 -28.61 -67.92
C ARG DA 121 34.94 -28.01 -67.50
N ILE DA 122 35.23 -27.99 -66.18
CA ILE DA 122 36.54 -27.56 -65.70
C ILE DA 122 37.64 -28.43 -66.30
N SER DA 123 37.34 -29.71 -66.52
CA SER DA 123 38.27 -30.57 -67.25
C SER DA 123 38.63 -29.96 -68.59
N ASP DA 124 37.63 -29.44 -69.30
CA ASP DA 124 37.84 -28.77 -70.57
C ASP DA 124 38.11 -27.28 -70.33
N THR DA 125 38.07 -26.50 -71.40
CA THR DA 125 38.22 -25.04 -71.37
C THR DA 125 39.55 -24.59 -70.77
N THR DA 126 40.54 -25.45 -70.76
CA THR DA 126 41.89 -25.12 -70.32
C THR DA 126 42.88 -25.20 -71.48
N THR DA 127 42.42 -24.88 -72.69
CA THR DA 127 43.20 -25.07 -73.90
C THR DA 127 44.30 -24.02 -74.01
N PHE DA 128 45.42 -24.31 -73.36
CA PHE DA 128 46.60 -23.47 -73.48
C PHE DA 128 47.23 -23.70 -74.85
N GLY DA 129 46.61 -23.14 -75.89
CA GLY DA 129 47.02 -23.39 -77.25
C GLY DA 129 46.20 -24.42 -78.00
N GLY DA 130 45.01 -24.75 -77.53
CA GLY DA 130 44.18 -25.74 -78.17
C GLY DA 130 44.63 -27.16 -77.91
N ARG DA 131 45.37 -27.36 -76.81
CA ARG DA 131 45.92 -28.65 -76.44
C ARG DA 131 45.57 -28.95 -74.98
N LYS DA 132 44.26 -28.84 -74.67
CA LYS DA 132 43.72 -28.93 -73.32
C LYS DA 132 44.46 -29.94 -72.45
N LEU DA 133 44.89 -29.49 -71.27
CA LEU DA 133 45.95 -30.19 -70.55
C LEU DA 133 45.41 -31.36 -69.73
N LEU DA 134 44.51 -31.08 -68.79
CA LEU DA 134 44.18 -32.05 -67.75
C LEU DA 134 43.09 -33.04 -68.14
N ASP DA 135 42.43 -32.86 -69.27
CA ASP DA 135 41.45 -33.84 -69.73
C ASP DA 135 41.90 -34.52 -71.02
N GLY DA 136 41.04 -35.39 -71.53
CA GLY DA 136 41.26 -35.98 -72.84
C GLY DA 136 42.49 -36.87 -72.86
N SER DA 137 43.33 -36.69 -73.86
CA SER DA 137 44.54 -37.48 -74.05
C SER DA 137 45.74 -36.52 -74.07
N PHE DA 138 46.39 -36.38 -72.93
CA PHE DA 138 47.59 -35.57 -72.83
C PHE DA 138 48.80 -36.40 -73.24
N GLY DA 139 49.64 -35.82 -74.10
CA GLY DA 139 50.74 -36.55 -74.70
C GLY DA 139 51.87 -36.90 -73.76
N THR DA 140 51.81 -36.43 -72.51
CA THR DA 140 52.87 -36.66 -71.52
C THR DA 140 54.21 -36.18 -72.07
N THR DA 141 54.27 -34.88 -72.35
CA THR DA 141 55.43 -34.27 -72.99
C THR DA 141 56.54 -34.06 -71.96
N SER DA 142 57.66 -33.50 -72.41
CA SER DA 142 58.81 -33.24 -71.53
C SER DA 142 59.51 -32.00 -72.08
N PHE DA 143 59.45 -30.91 -71.32
CA PHE DA 143 60.05 -29.65 -71.77
C PHE DA 143 61.57 -29.72 -71.63
N GLN DA 144 62.26 -29.53 -72.75
CA GLN DA 144 63.72 -29.56 -72.73
C GLN DA 144 64.27 -28.29 -72.09
N VAL DA 145 65.07 -28.46 -71.05
CA VAL DA 145 65.58 -27.34 -70.27
C VAL DA 145 67.10 -27.20 -70.37
N GLY DA 146 67.78 -28.08 -71.11
CA GLY DA 146 69.21 -28.00 -71.25
C GLY DA 146 69.61 -27.78 -72.70
N SER DA 147 70.88 -27.40 -72.88
CA SER DA 147 71.44 -27.14 -74.21
C SER DA 147 71.88 -28.41 -74.92
N ASN DA 148 71.49 -29.58 -74.42
CA ASN DA 148 71.87 -30.85 -75.02
C ASN DA 148 70.63 -31.67 -75.33
N ALA DA 149 70.77 -32.59 -76.29
CA ALA DA 149 69.65 -33.40 -76.71
C ALA DA 149 69.24 -34.39 -75.61
N TYR DA 150 67.94 -34.66 -75.54
CA TYR DA 150 67.36 -35.63 -74.61
C TYR DA 150 67.52 -35.20 -73.15
N GLU DA 151 68.09 -34.03 -72.92
CA GLU DA 151 68.18 -33.50 -71.56
C GLU DA 151 66.91 -32.72 -71.25
N THR DA 152 65.91 -33.39 -70.67
CA THR DA 152 64.60 -32.81 -70.46
C THR DA 152 64.06 -33.21 -69.10
N ILE DA 153 62.95 -32.57 -68.73
CA ILE DA 153 62.24 -32.86 -67.49
C ILE DA 153 60.82 -33.29 -67.85
N ASP DA 154 60.44 -34.49 -67.44
CA ASP DA 154 59.16 -35.05 -67.81
C ASP DA 154 58.04 -34.46 -66.97
N ILE DA 155 56.82 -34.49 -67.53
CA ILE DA 155 55.62 -34.05 -66.84
C ILE DA 155 54.60 -35.18 -66.93
N SER DA 156 53.91 -35.45 -65.82
CA SER DA 156 53.02 -36.59 -65.68
C SER DA 156 51.63 -36.13 -65.27
N LEU DA 157 51.10 -35.15 -65.99
CA LEU DA 157 49.76 -34.65 -65.73
C LEU DA 157 48.74 -35.79 -65.76
N GLN DA 158 47.64 -35.58 -65.04
CA GLN DA 158 46.56 -36.56 -65.01
C GLN DA 158 46.01 -36.78 -66.41
N ASN DA 159 45.72 -38.04 -66.72
CA ASN DA 159 45.24 -38.38 -68.06
C ASN DA 159 43.92 -37.69 -68.37
N ALA DA 160 42.99 -37.69 -67.42
CA ALA DA 160 41.70 -37.05 -67.61
C ALA DA 160 41.12 -36.70 -66.25
N SER DA 161 40.53 -35.51 -66.17
CA SER DA 161 39.88 -35.03 -64.95
C SER DA 161 38.37 -35.13 -65.10
N ALA DA 162 37.91 -36.08 -65.89
CA ALA DA 162 36.48 -36.28 -66.14
C ALA DA 162 35.86 -37.07 -65.00
N SER DA 163 34.65 -37.57 -65.22
CA SER DA 163 33.95 -38.34 -64.20
C SER DA 163 34.51 -39.75 -64.08
N ALA DA 164 35.70 -39.98 -64.66
CA ALA DA 164 36.36 -41.27 -64.59
C ALA DA 164 37.36 -41.38 -63.45
N ILE DA 165 37.71 -40.29 -62.77
CA ILE DA 165 38.61 -40.33 -61.64
C ILE DA 165 37.78 -40.52 -60.37
N GLY DA 166 38.32 -41.28 -59.42
CA GLY DA 166 37.61 -41.56 -58.20
C GLY DA 166 38.28 -42.64 -57.37
N SER DA 167 37.51 -43.63 -56.93
CA SER DA 167 38.00 -44.75 -56.14
C SER DA 167 38.24 -45.92 -57.08
N TYR DA 168 39.47 -46.06 -57.56
CA TYR DA 168 39.84 -47.20 -58.41
C TYR DA 168 39.94 -48.42 -57.49
N GLN DA 169 38.78 -48.96 -57.14
CA GLN DA 169 38.72 -49.95 -56.07
C GLN DA 169 37.42 -50.74 -56.09
N VAL DA 170 37.51 -52.06 -55.99
CA VAL DA 170 36.34 -52.91 -55.81
C VAL DA 170 35.95 -52.85 -54.34
N GLY DA 171 36.86 -53.33 -53.49
CA GLY DA 171 36.75 -53.21 -52.05
C GLY DA 171 36.43 -54.52 -51.37
N SER DA 172 35.43 -55.25 -51.89
CA SER DA 172 35.09 -56.58 -51.40
C SER DA 172 33.99 -57.23 -52.24
N ASN DA 173 34.07 -58.55 -52.42
CA ASN DA 173 32.96 -59.44 -52.73
C ASN DA 173 32.03 -58.97 -53.84
N GLY DA 174 32.47 -58.03 -54.67
CA GLY DA 174 31.58 -57.45 -55.65
C GLY DA 174 32.05 -57.58 -57.09
N ALA DA 175 33.24 -58.14 -57.29
CA ALA DA 175 33.75 -58.32 -58.64
C ALA DA 175 33.68 -59.78 -59.06
N GLY DA 176 32.87 -60.08 -60.08
CA GLY DA 176 32.74 -61.42 -60.60
C GLY DA 176 31.78 -62.30 -59.83
N THR DA 177 32.21 -62.79 -58.67
CA THR DA 177 31.39 -63.65 -57.83
C THR DA 177 31.54 -63.23 -56.37
N VAL DA 178 30.54 -63.57 -55.55
CA VAL DA 178 30.61 -63.25 -54.14
C VAL DA 178 31.66 -64.14 -53.46
N ALA DA 179 32.15 -63.66 -52.32
CA ALA DA 179 33.14 -64.41 -51.56
C ALA DA 179 32.48 -65.59 -50.86
N SER DA 180 33.31 -66.41 -50.22
CA SER DA 180 32.84 -67.58 -49.49
C SER DA 180 32.75 -67.36 -47.98
N VAL DA 181 33.68 -66.60 -47.42
CA VAL DA 181 33.71 -66.30 -46.00
C VAL DA 181 33.36 -64.84 -45.73
N ALA DA 182 33.94 -63.92 -46.52
CA ALA DA 182 33.65 -62.51 -46.35
C ALA DA 182 32.20 -62.21 -46.70
N GLY DA 183 31.51 -61.54 -45.78
CA GLY DA 183 30.10 -61.24 -45.96
C GLY DA 183 29.24 -62.47 -46.09
N THR DA 184 29.59 -63.53 -45.36
CA THR DA 184 28.87 -64.79 -45.43
C THR DA 184 29.14 -65.63 -44.19
N ALA DA 185 28.09 -66.18 -43.58
CA ALA DA 185 28.26 -67.03 -42.41
C ALA DA 185 28.94 -68.34 -42.80
N THR DA 186 29.97 -68.70 -42.05
CA THR DA 186 30.74 -69.91 -42.31
C THR DA 186 30.90 -70.72 -41.03
N ALA DA 187 31.26 -71.99 -41.19
CA ALA DA 187 31.44 -72.90 -40.08
C ALA DA 187 32.84 -72.77 -39.46
N SER DA 188 33.88 -72.79 -40.30
CA SER DA 188 35.24 -72.66 -39.82
C SER DA 188 35.70 -71.21 -39.73
N GLY DA 189 35.14 -70.33 -40.56
CA GLY DA 189 35.52 -68.94 -40.54
C GLY DA 189 36.66 -68.65 -41.50
N ILE DA 190 37.31 -67.51 -41.25
CA ILE DA 190 38.47 -67.08 -42.03
C ILE DA 190 39.58 -68.11 -41.87
N ALA DA 191 40.17 -68.52 -42.98
CA ALA DA 191 41.27 -69.48 -42.99
C ALA DA 191 42.61 -68.76 -43.04
N SER DA 192 43.67 -69.50 -42.74
CA SER DA 192 45.01 -68.95 -42.74
C SER DA 192 45.51 -68.77 -44.17
N GLY DA 193 46.65 -68.08 -44.30
CA GLY DA 193 47.28 -67.82 -45.57
C GLY DA 193 47.60 -66.35 -45.72
N THR DA 194 47.89 -65.95 -46.95
CA THR DA 194 48.22 -64.58 -47.28
C THR DA 194 47.40 -64.10 -48.46
N VAL DA 195 47.32 -62.78 -48.61
CA VAL DA 195 46.59 -62.17 -49.72
C VAL DA 195 47.50 -61.14 -50.39
N ASN DA 196 47.90 -61.40 -51.62
CA ASN DA 196 48.77 -60.48 -52.34
C ASN DA 196 48.03 -59.20 -52.67
N LEU DA 197 48.70 -58.06 -52.44
CA LEU DA 197 48.12 -56.74 -52.72
C LEU DA 197 49.24 -55.90 -53.36
N VAL DA 198 49.29 -55.93 -54.69
CA VAL DA 198 50.30 -55.20 -55.44
C VAL DA 198 49.66 -53.96 -56.05
N GLY DA 199 50.42 -52.87 -56.09
CA GLY DA 199 49.93 -51.63 -56.67
C GLY DA 199 50.87 -50.46 -56.46
N GLY DA 200 51.02 -49.63 -57.48
CA GLY DA 200 51.91 -48.49 -57.44
C GLY DA 200 53.35 -48.86 -57.15
N GLY DA 201 53.87 -49.85 -57.88
CA GLY DA 201 55.24 -50.28 -57.70
C GLY DA 201 55.47 -51.16 -56.48
N GLN DA 202 55.04 -50.69 -55.31
CA GLN DA 202 55.26 -51.42 -54.08
C GLN DA 202 54.51 -52.75 -54.09
N VAL DA 203 55.17 -53.80 -53.61
CA VAL DA 203 54.60 -55.13 -53.52
C VAL DA 203 54.54 -55.53 -52.06
N LYS DA 204 53.38 -56.01 -51.62
CA LYS DA 204 53.17 -56.46 -50.26
C LYS DA 204 52.51 -57.83 -50.25
N ASN DA 205 52.71 -58.55 -49.15
CA ASN DA 205 52.19 -59.91 -49.04
C ASN DA 205 51.49 -60.16 -47.71
N ILE DA 206 50.59 -59.28 -47.28
CA ILE DA 206 49.94 -59.34 -45.97
C ILE DA 206 49.34 -60.73 -45.74
N ALA DA 207 49.74 -61.37 -44.64
CA ALA DA 207 49.28 -62.71 -44.33
C ALA DA 207 48.12 -62.65 -43.35
N ILE DA 208 47.01 -63.30 -43.69
CA ILE DA 208 45.82 -63.31 -42.86
C ILE DA 208 45.70 -64.69 -42.22
N ALA DA 209 45.91 -64.77 -40.91
CA ALA DA 209 45.81 -66.04 -40.21
C ALA DA 209 44.35 -66.47 -40.09
N ALA DA 210 44.17 -67.72 -39.65
CA ALA DA 210 42.82 -68.24 -39.48
C ALA DA 210 42.19 -67.69 -38.21
N GLY DA 211 40.87 -67.53 -38.25
CA GLY DA 211 40.13 -67.04 -37.11
C GLY DA 211 40.09 -65.52 -37.03
N ASP DA 212 40.98 -64.86 -37.79
CA ASP DA 212 41.08 -63.41 -37.79
C ASP DA 212 39.76 -62.75 -38.18
N SER DA 213 39.32 -61.78 -37.39
CA SER DA 213 38.07 -61.09 -37.67
C SER DA 213 38.21 -60.19 -38.89
N ALA DA 214 37.10 -59.60 -39.31
CA ALA DA 214 37.11 -58.68 -40.43
C ALA DA 214 37.95 -57.46 -40.10
N LYS DA 215 37.81 -56.93 -38.89
CA LYS DA 215 38.59 -55.78 -38.45
C LYS DA 215 40.09 -56.09 -38.41
N ALA DA 216 40.44 -57.32 -38.05
CA ALA DA 216 41.84 -57.73 -38.03
C ALA DA 216 42.45 -57.55 -39.40
N ILE DA 217 41.90 -58.24 -40.40
CA ILE DA 217 42.29 -58.10 -41.80
C ILE DA 217 42.31 -56.63 -42.19
N ALA DA 218 41.30 -55.89 -41.72
CA ALA DA 218 41.17 -54.47 -42.03
C ALA DA 218 42.43 -53.70 -41.65
N GLU DA 219 42.88 -53.82 -40.40
CA GLU DA 219 44.10 -53.10 -40.04
C GLU DA 219 45.34 -53.71 -40.70
N LYS DA 220 45.42 -55.04 -40.80
CA LYS DA 220 46.62 -55.67 -41.35
C LYS DA 220 46.88 -55.28 -42.80
N MET DA 221 45.93 -55.53 -43.69
CA MET DA 221 46.16 -55.25 -45.10
C MET DA 221 46.13 -53.75 -45.42
N ASP DA 222 45.76 -52.92 -44.45
CA ASP DA 222 45.85 -51.47 -44.61
C ASP DA 222 47.29 -51.01 -44.38
N GLY DA 223 47.51 -49.70 -44.37
CA GLY DA 223 48.82 -49.18 -44.04
C GLY DA 223 49.79 -49.12 -45.20
N ALA DA 224 50.66 -50.13 -45.28
CA ALA DA 224 51.78 -50.18 -46.21
C ALA DA 224 51.46 -49.66 -47.61
N ILE DA 225 50.35 -50.09 -48.19
CA ILE DA 225 49.98 -49.68 -49.55
C ILE DA 225 49.81 -48.17 -49.59
N PRO DA 226 50.55 -47.47 -50.44
CA PRO DA 226 50.42 -46.01 -50.51
C PRO DA 226 49.02 -45.60 -50.96
N ASN DA 227 48.43 -44.68 -50.20
CA ASN DA 227 47.09 -44.13 -50.48
C ASN DA 227 46.07 -45.26 -50.59
N LEU DA 228 45.85 -45.93 -49.46
CA LEU DA 228 44.83 -46.97 -49.38
C LEU DA 228 44.21 -46.95 -48.00
N SER DA 229 42.89 -47.05 -47.94
CA SER DA 229 42.13 -47.12 -46.70
C SER DA 229 41.45 -48.48 -46.62
N ALA DA 230 40.75 -48.71 -45.51
CA ALA DA 230 40.09 -49.99 -45.31
C ALA DA 230 38.97 -49.83 -44.29
N ARG DA 231 37.79 -50.34 -44.62
CA ARG DA 231 36.65 -50.33 -43.74
C ARG DA 231 36.28 -51.76 -43.34
N ALA DA 232 35.32 -51.91 -42.43
CA ALA DA 232 34.88 -53.22 -41.98
C ALA DA 232 33.52 -53.14 -41.32
N ARG DA 233 32.55 -53.90 -41.83
CA ARG DA 233 31.21 -53.94 -41.26
C ARG DA 233 30.69 -55.36 -41.32
N THR DA 234 29.83 -55.70 -40.36
CA THR DA 234 29.27 -57.05 -40.23
C THR DA 234 27.76 -56.94 -40.04
N VAL DA 235 27.13 -56.15 -40.90
CA VAL DA 235 25.68 -55.96 -40.86
C VAL DA 235 25.01 -57.22 -41.36
N PHE DA 236 24.07 -57.75 -40.57
CA PHE DA 236 23.35 -58.95 -40.95
C PHE DA 236 21.97 -58.93 -40.30
N THR DA 237 21.03 -59.65 -40.92
CA THR DA 237 19.66 -59.73 -40.44
C THR DA 237 19.43 -61.04 -39.69
N ALA DA 238 18.25 -61.15 -39.08
CA ALA DA 238 17.88 -62.33 -38.33
C ALA DA 238 16.37 -62.40 -38.27
N ASP DA 239 15.85 -63.61 -38.05
CA ASP DA 239 14.40 -63.83 -37.98
CA ASP DA 239 14.41 -63.83 -37.98
C ASP DA 239 14.15 -65.09 -37.18
N VAL DA 240 13.49 -64.95 -36.04
CA VAL DA 240 13.15 -66.10 -35.20
C VAL DA 240 11.80 -66.65 -35.66
N SER DA 241 11.81 -67.86 -36.22
CA SER DA 241 10.59 -68.49 -36.69
C SER DA 241 10.70 -70.00 -36.53
N GLY DA 242 9.55 -70.66 -36.57
CA GLY DA 242 9.51 -72.11 -36.47
C GLY DA 242 9.68 -72.66 -35.08
N VAL DA 243 10.00 -71.79 -34.12
CA VAL DA 243 10.23 -72.19 -32.74
C VAL DA 243 8.98 -72.83 -32.18
N THR DA 244 9.07 -74.10 -31.81
CA THR DA 244 7.94 -74.85 -31.27
C THR DA 244 8.42 -75.75 -30.14
N GLY DA 245 7.64 -75.79 -29.07
CA GLY DA 245 7.92 -76.64 -27.94
C GLY DA 245 9.25 -76.35 -27.26
N GLY DA 246 9.37 -75.19 -26.63
CA GLY DA 246 10.56 -74.81 -25.91
C GLY DA 246 11.10 -73.46 -26.35
N SER DA 247 12.18 -73.07 -25.68
CA SER DA 247 12.85 -71.80 -25.95
C SER DA 247 14.09 -72.02 -26.81
N LEU DA 248 14.49 -70.97 -27.52
CA LEU DA 248 15.64 -71.01 -28.41
C LEU DA 248 16.90 -70.42 -27.76
N ASN DA 249 17.09 -70.67 -26.46
CA ASN DA 249 18.24 -70.17 -25.73
C ASN DA 249 19.54 -70.53 -26.42
N PHE DA 250 20.35 -69.53 -26.77
CA PHE DA 250 21.58 -69.76 -27.50
C PHE DA 250 22.65 -68.77 -27.05
N ASP DA 251 23.90 -69.10 -27.35
CA ASP DA 251 25.04 -68.29 -26.95
C ASP DA 251 25.37 -67.26 -28.03
N VAL DA 252 25.76 -66.07 -27.59
CA VAL DA 252 26.11 -64.97 -28.49
C VAL DA 252 27.56 -64.60 -28.21
N THR DA 253 28.44 -64.89 -29.17
CA THR DA 253 29.86 -64.58 -29.05
C THR DA 253 30.20 -63.42 -29.98
N VAL DA 254 30.71 -62.34 -29.39
CA VAL DA 254 31.09 -61.14 -30.15
C VAL DA 254 32.50 -60.75 -29.75
N GLY DA 255 33.48 -61.15 -30.55
CA GLY DA 255 34.86 -60.84 -30.26
C GLY DA 255 35.34 -61.43 -28.93
N SER DA 256 35.53 -60.56 -27.94
CA SER DA 256 35.96 -60.98 -26.61
C SER DA 256 34.79 -61.21 -25.68
N ASN DA 257 33.91 -60.21 -25.51
CA ASN DA 257 32.73 -60.36 -24.68
C ASN DA 257 31.78 -61.39 -25.27
N THR DA 258 31.22 -62.23 -24.40
CA THR DA 258 30.36 -63.32 -24.85
C THR DA 258 29.23 -63.50 -23.86
N VAL DA 259 27.99 -63.44 -24.36
CA VAL DA 259 26.81 -63.66 -23.54
C VAL DA 259 26.01 -64.82 -24.10
N SER DA 260 25.02 -65.30 -23.36
CA SER DA 260 24.19 -66.41 -23.82
C SER DA 260 22.73 -66.00 -23.63
N LEU DA 261 22.08 -65.64 -24.74
CA LEU DA 261 20.70 -65.17 -24.69
C LEU DA 261 19.76 -66.31 -24.32
N ALA DA 262 18.59 -65.93 -23.82
CA ALA DA 262 17.57 -66.89 -23.42
C ALA DA 262 16.21 -66.20 -23.50
N GLY DA 263 15.16 -67.02 -23.56
CA GLY DA 263 13.81 -66.50 -23.63
C GLY DA 263 13.40 -66.01 -25.00
N VAL DA 264 14.31 -66.12 -25.98
CA VAL DA 264 14.00 -65.71 -27.35
C VAL DA 264 13.00 -66.69 -27.97
N THR DA 265 11.85 -66.16 -28.37
CA THR DA 265 10.82 -66.98 -29.01
C THR DA 265 10.21 -66.33 -30.24
N SER DA 266 10.60 -65.10 -30.59
CA SER DA 266 10.06 -64.42 -31.76
C SER DA 266 11.09 -63.41 -32.24
N THR DA 267 10.88 -62.91 -33.46
CA THR DA 267 11.78 -61.92 -34.04
C THR DA 267 11.92 -60.69 -33.14
N GLN DA 268 10.80 -60.25 -32.55
CA GLN DA 268 10.84 -59.11 -31.66
C GLN DA 268 11.58 -59.43 -30.37
N ASP DA 269 11.42 -60.67 -29.89
CA ASP DA 269 12.05 -61.11 -28.65
C ASP DA 269 13.57 -61.03 -28.75
N LEU DA 270 14.14 -61.64 -29.78
CA LEU DA 270 15.59 -61.63 -30.00
C LEU DA 270 16.09 -60.20 -30.14
N ALA DA 271 15.35 -59.38 -30.89
CA ALA DA 271 15.70 -57.97 -31.08
C ALA DA 271 15.80 -57.25 -29.75
N ASP DA 272 14.77 -57.37 -28.92
CA ASP DA 272 14.74 -56.70 -27.62
C ASP DA 272 15.88 -57.20 -26.73
N GLN DA 273 16.07 -58.51 -26.67
CA GLN DA 273 17.10 -59.07 -25.80
C GLN DA 273 18.49 -58.63 -26.24
N LEU DA 274 18.72 -58.54 -27.55
CA LEU DA 274 20.02 -58.12 -28.06
C LEU DA 274 20.24 -56.64 -27.81
N ASN DA 275 19.22 -55.82 -28.04
CA ASN DA 275 19.33 -54.39 -27.79
C ASN DA 275 19.58 -54.10 -26.32
N SER DA 276 19.01 -54.94 -25.43
CA SER DA 276 19.25 -54.79 -24.00
C SER DA 276 20.72 -54.94 -23.67
N ASN DA 277 21.39 -55.91 -24.29
CA ASN DA 277 22.81 -56.14 -24.08
C ASN DA 277 23.68 -55.53 -25.16
N SER DA 278 23.12 -54.66 -26.01
CA SER DA 278 23.87 -54.08 -27.12
C SER DA 278 25.14 -53.37 -26.66
N SER DA 279 25.07 -52.68 -25.52
CA SER DA 279 26.21 -51.94 -24.99
C SER DA 279 27.39 -52.85 -24.70
N LYS DA 280 27.13 -53.96 -23.99
CA LYS DA 280 28.21 -54.87 -23.62
C LYS DA 280 28.85 -55.50 -24.84
N LEU DA 281 28.04 -55.95 -25.80
CA LEU DA 281 28.57 -56.58 -26.99
C LEU DA 281 29.16 -55.57 -27.97
N GLY DA 282 28.86 -54.28 -27.81
CA GLY DA 282 29.38 -53.28 -28.73
C GLY DA 282 28.80 -53.40 -30.13
N ILE DA 283 27.55 -53.83 -30.23
CA ILE DA 283 26.87 -53.96 -31.52
C ILE DA 283 25.65 -53.06 -31.52
N THR DA 284 24.92 -53.04 -32.64
CA THR DA 284 23.76 -52.17 -32.81
C THR DA 284 22.56 -53.02 -33.25
N ALA DA 285 21.83 -53.55 -32.26
CA ALA DA 285 20.61 -54.30 -32.53
C ALA DA 285 19.44 -53.35 -32.71
N SER DA 286 18.94 -53.23 -33.93
CA SER DA 286 17.86 -52.30 -34.26
C SER DA 286 16.78 -53.04 -35.03
N ILE DA 287 15.55 -52.95 -34.54
CA ILE DA 287 14.40 -53.53 -35.23
C ILE DA 287 13.84 -52.49 -36.19
N ASN DA 288 13.55 -52.91 -37.43
CA ASN DA 288 13.03 -52.01 -38.42
C ASN DA 288 11.50 -52.03 -38.40
N ASP DA 289 10.88 -51.25 -39.29
CA ASP DA 289 9.43 -51.20 -39.37
C ASP DA 289 8.85 -52.53 -39.83
N LYS DA 290 9.64 -53.28 -40.61
CA LYS DA 290 9.16 -54.55 -41.15
C LYS DA 290 9.50 -55.71 -40.23
N GLY DA 291 9.92 -55.40 -39.01
CA GLY DA 291 10.18 -56.43 -38.02
C GLY DA 291 11.55 -57.07 -38.10
N VAL DA 292 12.06 -57.27 -39.30
CA VAL DA 292 13.33 -57.97 -39.52
C VAL DA 292 14.46 -57.28 -38.77
N LEU DA 293 15.38 -58.07 -38.22
CA LEU DA 293 16.52 -57.54 -37.48
C LEU DA 293 17.47 -56.80 -38.40
N THR DA 294 18.00 -55.67 -37.93
CA THR DA 294 18.99 -54.88 -38.66
C THR DA 294 20.28 -54.75 -37.86
N ILE DA 295 20.76 -55.86 -37.30
CA ILE DA 295 21.95 -55.88 -36.46
C ILE DA 295 23.12 -55.27 -37.22
N THR DA 296 23.81 -54.33 -36.57
CA THR DA 296 24.92 -53.60 -37.19
C THR DA 296 26.17 -53.74 -36.33
N SER DA 297 27.31 -53.82 -36.99
CA SER DA 297 28.60 -53.90 -36.33
C SER DA 297 29.26 -52.52 -36.30
N ALA DA 298 30.09 -52.31 -35.29
CA ALA DA 298 30.74 -51.02 -35.10
C ALA DA 298 31.93 -50.87 -36.03
N THR DA 299 32.92 -51.76 -35.89
CA THR DA 299 34.12 -51.72 -36.72
C THR DA 299 34.37 -53.08 -37.36
N GLY DA 300 33.27 -53.73 -37.76
CA GLY DA 300 33.36 -55.03 -38.39
C GLY DA 300 33.88 -56.12 -37.48
N GLU DA 301 33.07 -56.51 -36.50
CA GLU DA 301 33.46 -57.56 -35.56
C GLU DA 301 33.27 -58.94 -36.17
N ASN DA 302 33.38 -59.98 -35.33
CA ASN DA 302 33.33 -61.35 -35.79
C ASN DA 302 32.27 -62.14 -35.04
N VAL DA 303 31.07 -61.57 -34.94
CA VAL DA 303 29.96 -62.15 -34.18
C VAL DA 303 29.78 -63.63 -34.54
N LYS DA 304 29.60 -64.45 -33.50
CA LYS DA 304 29.45 -65.88 -33.65
C LYS DA 304 28.11 -66.31 -33.04
N PHE DA 305 27.70 -67.55 -33.30
CA PHE DA 305 26.42 -68.06 -32.82
C PHE DA 305 26.65 -69.36 -32.10
N GLY DA 306 26.10 -69.48 -30.89
CA GLY DA 306 26.31 -70.65 -30.06
C GLY DA 306 25.50 -71.87 -30.47
N ALA DA 307 25.07 -72.65 -29.49
CA ALA DA 307 24.33 -73.88 -29.73
C ALA DA 307 22.92 -73.76 -29.15
N GLN DA 308 22.12 -74.79 -29.41
CA GLN DA 308 20.72 -74.82 -28.96
C GLN DA 308 20.63 -75.24 -27.48
N THR DA 309 21.06 -74.32 -26.62
CA THR DA 309 21.01 -74.58 -25.19
C THR DA 309 19.57 -74.63 -24.68
N GLY DA 310 18.62 -74.11 -25.44
CA GLY DA 310 17.24 -74.11 -25.04
C GLY DA 310 16.60 -75.48 -25.18
N THR DA 311 15.27 -75.49 -25.05
CA THR DA 311 14.49 -76.72 -25.11
C THR DA 311 13.63 -76.82 -26.36
N ALA DA 312 13.74 -75.87 -27.28
CA ALA DA 312 12.95 -75.88 -28.51
C ALA DA 312 13.24 -77.12 -29.34
N THR DA 313 12.17 -77.83 -29.73
CA THR DA 313 12.31 -79.00 -30.59
C THR DA 313 12.68 -78.59 -32.00
N ALA DA 314 11.92 -77.64 -32.57
CA ALA DA 314 12.17 -77.13 -33.91
C ALA DA 314 12.40 -75.62 -33.83
N GLY DA 315 12.63 -75.01 -34.98
CA GLY DA 315 12.89 -73.59 -35.07
C GLY DA 315 14.35 -73.27 -35.33
N GLN DA 316 14.57 -72.12 -35.97
CA GLN DA 316 15.91 -71.70 -36.34
C GLN DA 316 15.96 -70.23 -36.69
N VAL DA 317 17.15 -69.72 -37.00
CA VAL DA 317 17.34 -68.33 -37.41
C VAL DA 317 18.33 -68.31 -38.58
N ALA DA 318 18.03 -67.47 -39.57
CA ALA DA 318 18.85 -67.33 -40.75
C ALA DA 318 19.53 -65.96 -40.76
N VAL DA 319 20.49 -65.79 -41.66
CA VAL DA 319 21.24 -64.53 -41.77
C VAL DA 319 21.35 -64.17 -43.24
N LYS DA 320 21.42 -62.86 -43.51
CA LYS DA 320 21.53 -62.35 -44.87
C LYS DA 320 22.62 -61.30 -45.00
N VAL DA 321 23.84 -61.58 -44.52
CA VAL DA 321 24.92 -60.62 -44.39
C VAL DA 321 25.11 -59.81 -45.67
N GLN DA 322 25.03 -58.48 -45.56
CA GLN DA 322 25.21 -57.64 -46.73
C GLN DA 322 26.68 -57.31 -46.93
N GLY DA 323 27.02 -56.96 -48.17
CA GLY DA 323 28.39 -56.65 -48.51
C GLY DA 323 28.59 -55.23 -49.02
N SER DA 324 29.55 -55.04 -49.92
CA SER DA 324 29.79 -53.71 -50.47
C SER DA 324 28.62 -53.23 -51.31
N ASP DA 325 27.90 -54.16 -51.95
CA ASP DA 325 26.75 -53.79 -52.78
C ASP DA 325 25.56 -53.31 -51.95
N GLY DA 326 25.49 -53.71 -50.68
CA GLY DA 326 24.37 -53.32 -49.84
C GLY DA 326 23.22 -54.30 -49.91
N LYS DA 327 23.10 -55.00 -51.04
CA LYS DA 327 22.03 -55.98 -51.21
C LYS DA 327 22.25 -57.19 -50.31
N PHE DA 328 21.35 -57.41 -49.37
CA PHE DA 328 21.41 -58.57 -48.48
C PHE DA 328 21.28 -59.85 -49.29
N GLU DA 329 22.10 -60.85 -48.97
CA GLU DA 329 22.07 -62.12 -49.68
C GLU DA 329 20.69 -62.75 -49.63
N ALA DA 330 20.19 -63.16 -50.81
CA ALA DA 330 18.87 -63.76 -50.93
C ALA DA 330 18.81 -65.12 -50.24
N ALA DA 331 19.97 -65.70 -49.95
CA ALA DA 331 20.03 -67.00 -49.29
C ALA DA 331 19.59 -66.91 -47.84
N ALA DA 332 19.41 -68.06 -47.20
CA ALA DA 332 18.95 -68.09 -45.81
C ALA DA 332 19.78 -69.05 -44.96
N LYS DA 333 21.10 -68.96 -45.04
CA LYS DA 333 22.00 -69.87 -44.34
C LYS DA 333 21.73 -69.90 -42.84
N ASN DA 334 21.52 -71.11 -42.31
CA ASN DA 334 21.17 -71.27 -40.90
C ASN DA 334 22.40 -71.08 -40.02
N VAL DA 335 22.20 -70.39 -38.89
CA VAL DA 335 23.26 -70.22 -37.91
C VAL DA 335 22.91 -70.97 -36.63
N VAL DA 336 21.72 -70.72 -36.08
CA VAL DA 336 21.27 -71.48 -34.92
C VAL DA 336 20.00 -72.23 -35.28
N ALA DA 337 19.99 -73.53 -35.03
CA ALA DA 337 18.84 -74.36 -35.34
C ALA DA 337 18.61 -75.36 -34.21
N ALA DA 338 17.33 -75.69 -33.99
CA ALA DA 338 16.99 -76.70 -33.01
C ALA DA 338 17.11 -78.09 -33.63
N GLY DA 339 16.91 -79.14 -32.84
CA GLY DA 339 17.09 -80.49 -33.32
C GLY DA 339 18.50 -80.74 -33.81
N THR DA 340 18.66 -80.85 -35.12
CA THR DA 340 19.99 -80.98 -35.74
C THR DA 340 20.55 -79.58 -35.94
N ALA DA 341 21.56 -79.23 -35.15
CA ALA DA 341 22.16 -77.90 -35.24
C ALA DA 341 22.86 -77.72 -36.58
N ALA DA 342 22.96 -76.46 -37.01
CA ALA DA 342 23.58 -76.14 -38.28
C ALA DA 342 25.10 -76.17 -38.16
N THR DA 343 25.79 -75.79 -39.24
CA THR DA 343 27.26 -75.81 -39.24
C THR DA 343 27.80 -74.39 -39.27
N THR DA 344 27.36 -73.59 -40.24
CA THR DA 344 27.84 -72.22 -40.37
C THR DA 344 27.36 -71.36 -39.20
N THR DA 345 28.28 -71.02 -38.30
CA THR DA 345 27.93 -70.22 -37.12
C THR DA 345 28.79 -68.98 -36.97
N ILE DA 346 29.93 -68.88 -37.65
CA ILE DA 346 30.81 -67.72 -37.53
C ILE DA 346 30.42 -66.69 -38.58
N VAL DA 347 29.50 -65.79 -38.21
CA VAL DA 347 29.08 -64.72 -39.13
C VAL DA 347 30.22 -63.75 -39.33
N THR DA 348 30.64 -63.58 -40.57
CA THR DA 348 31.74 -62.68 -40.92
C THR DA 348 31.24 -61.65 -41.92
N GLY DA 349 31.63 -60.40 -41.70
CA GLY DA 349 31.20 -59.30 -42.56
C GLY DA 349 32.13 -59.09 -43.74
N TYR DA 350 31.84 -58.04 -44.49
CA TYR DA 350 32.63 -57.67 -45.66
C TYR DA 350 33.68 -56.65 -45.27
N VAL DA 351 34.78 -56.63 -46.02
CA VAL DA 351 35.96 -55.83 -45.67
C VAL DA 351 36.21 -54.78 -46.74
N GLN DA 352 35.14 -54.26 -47.34
CA GLN DA 352 35.26 -53.26 -48.40
C GLN DA 352 36.23 -52.15 -48.02
N LEU DA 353 37.24 -51.96 -48.85
CA LEU DA 353 38.24 -50.93 -48.64
C LEU DA 353 38.19 -49.93 -49.81
N ASN DA 354 39.04 -48.92 -49.73
CA ASN DA 354 39.07 -47.88 -50.75
C ASN DA 354 40.52 -47.48 -51.03
N SER DA 355 40.77 -47.09 -52.28
CA SER DA 355 42.10 -46.67 -52.71
C SER DA 355 42.00 -45.84 -53.99
N PRO DA 356 42.59 -44.64 -54.02
CA PRO DA 356 42.52 -43.84 -55.25
C PRO DA 356 43.27 -44.44 -56.41
N THR DA 357 44.49 -44.91 -56.20
CA THR DA 357 45.33 -45.39 -57.28
C THR DA 357 44.83 -46.75 -57.76
N ALA DA 358 45.52 -47.33 -58.73
CA ALA DA 358 45.17 -48.62 -59.30
C ALA DA 358 45.93 -49.71 -58.55
N TYR DA 359 45.18 -50.64 -57.95
CA TYR DA 359 45.75 -51.72 -57.16
C TYR DA 359 45.61 -53.04 -57.90
N SER DA 360 46.04 -54.11 -57.25
CA SER DA 360 45.87 -55.46 -57.78
C SER DA 360 45.91 -56.44 -56.61
N VAL DA 361 44.81 -57.14 -56.37
CA VAL DA 361 44.69 -58.06 -55.26
C VAL DA 361 44.81 -59.49 -55.78
N SER DA 362 45.47 -60.35 -55.02
CA SER DA 362 45.67 -61.73 -55.40
C SER DA 362 45.89 -62.58 -54.15
N GLY DA 363 45.92 -63.90 -54.35
CA GLY DA 363 46.15 -64.82 -53.26
C GLY DA 363 46.12 -66.26 -53.71
N THR DA 364 47.08 -67.06 -53.24
CA THR DA 364 47.15 -68.46 -53.63
C THR DA 364 46.01 -69.26 -53.00
N GLY DA 365 45.51 -70.24 -53.75
CA GLY DA 365 44.43 -71.08 -53.27
C GLY DA 365 43.11 -70.34 -53.12
N THR DA 366 42.44 -70.56 -52.00
CA THR DA 366 41.17 -69.89 -51.72
C THR DA 366 41.30 -68.72 -50.77
N GLN DA 367 42.52 -68.39 -50.33
CA GLN DA 367 42.76 -67.30 -49.40
C GLN DA 367 42.22 -65.98 -49.94
N ALA DA 368 42.30 -65.79 -51.25
CA ALA DA 368 41.79 -64.56 -51.85
C ALA DA 368 40.29 -64.66 -52.11
N SER DA 369 39.83 -65.83 -52.59
CA SER DA 369 38.42 -66.02 -52.91
C SER DA 369 37.53 -65.89 -51.68
N GLN DA 370 38.04 -66.35 -50.52
CA GLN DA 370 37.24 -66.30 -49.30
C GLN DA 370 37.02 -64.86 -48.82
N VAL DA 371 37.83 -63.92 -49.31
CA VAL DA 371 37.75 -62.54 -48.86
C VAL DA 371 37.30 -61.60 -49.98
N PHE DA 372 37.87 -61.74 -51.17
CA PHE DA 372 37.59 -60.81 -52.27
C PHE DA 372 36.90 -61.52 -53.43
N GLY DA 373 36.86 -62.85 -53.41
CA GLY DA 373 36.18 -63.58 -54.45
C GLY DA 373 36.89 -63.48 -55.79
N ASN DA 374 36.09 -63.32 -56.85
CA ASN DA 374 36.61 -63.33 -58.21
C ASN DA 374 37.37 -62.06 -58.54
N ALA DA 375 37.31 -61.06 -57.66
CA ALA DA 375 38.01 -59.80 -57.84
C ALA DA 375 39.46 -60.01 -58.22
N SER DA 376 39.90 -59.40 -59.33
CA SER DA 376 41.23 -59.70 -59.85
C SER DA 376 42.17 -58.51 -59.74
N ALA DA 377 41.84 -57.39 -60.36
CA ALA DA 377 42.76 -56.25 -60.30
C ALA DA 377 42.18 -55.03 -59.61
N ALA DA 378 41.11 -54.46 -60.17
CA ALA DA 378 40.57 -53.19 -59.68
C ALA DA 378 39.29 -52.87 -60.43
N GLN DA 379 38.75 -51.69 -60.15
CA GLN DA 379 37.70 -51.04 -60.94
C GLN DA 379 38.00 -49.55 -61.05
N LYS DA 380 37.03 -48.76 -61.48
CA LYS DA 380 37.21 -47.32 -61.57
C LYS DA 380 36.15 -46.59 -60.78
N SER DA 381 35.01 -47.26 -60.55
CA SER DA 381 33.86 -46.79 -59.79
C SER DA 381 33.08 -45.72 -60.55
N SER DA 382 33.65 -45.22 -61.66
CA SER DA 382 32.96 -44.39 -62.64
C SER DA 382 32.00 -43.38 -62.01
N VAL DA 383 32.52 -42.44 -61.22
CA VAL DA 383 31.64 -41.66 -60.37
C VAL DA 383 30.89 -40.61 -61.18
N ALA DA 384 29.69 -40.99 -61.64
CA ALA DA 384 28.69 -40.08 -62.14
C ALA DA 384 27.34 -40.53 -61.59
N SER DA 385 27.27 -41.80 -61.20
CA SER DA 385 26.15 -42.56 -60.66
C SER DA 385 26.04 -42.46 -59.16
N VAL DA 386 26.48 -41.35 -58.55
CA VAL DA 386 26.48 -41.18 -57.11
C VAL DA 386 25.16 -41.61 -56.49
N ASP DA 387 24.05 -41.30 -57.17
CA ASP DA 387 22.71 -41.59 -56.66
C ASP DA 387 22.58 -41.10 -55.23
N ILE DA 388 22.80 -39.80 -55.02
CA ILE DA 388 22.91 -39.25 -53.67
C ILE DA 388 21.59 -39.34 -52.93
N SER DA 389 20.50 -39.65 -53.64
CA SER DA 389 19.19 -39.83 -53.02
C SER DA 389 19.21 -40.94 -51.99
N THR DA 390 19.83 -42.06 -52.34
CA THR DA 390 19.86 -43.21 -51.45
C THR DA 390 20.99 -43.08 -50.43
N ALA DA 391 20.71 -43.49 -49.19
CA ALA DA 391 21.66 -43.35 -48.10
C ALA DA 391 22.95 -44.13 -48.34
N ASP DA 392 22.83 -45.43 -48.58
CA ASP DA 392 24.00 -46.26 -48.86
C ASP DA 392 24.75 -45.73 -50.08
N GLY DA 393 24.00 -45.33 -51.10
CA GLY DA 393 24.57 -44.65 -52.25
C GLY DA 393 25.33 -43.41 -51.85
N ALA DA 394 24.79 -42.66 -50.88
CA ALA DA 394 25.43 -41.45 -50.41
C ALA DA 394 26.78 -41.76 -49.74
N GLN DA 395 26.81 -42.78 -48.88
CA GLN DA 395 28.05 -43.15 -48.22
C GLN DA 395 29.08 -43.64 -49.23
N ASN DA 396 28.63 -44.45 -50.20
CA ASN DA 396 29.53 -44.89 -51.26
C ASN DA 396 30.09 -43.69 -52.02
N ALA DA 397 29.24 -42.69 -52.28
CA ALA DA 397 29.69 -41.50 -52.99
C ALA DA 397 30.72 -40.72 -52.18
N ILE DA 398 30.50 -40.64 -50.87
CA ILE DA 398 31.48 -39.98 -49.99
C ILE DA 398 32.82 -40.70 -50.09
N ALA DA 399 32.78 -42.03 -50.07
CA ALA DA 399 34.02 -42.80 -50.20
C ALA DA 399 34.72 -42.51 -51.53
N VAL DA 400 33.95 -42.54 -52.62
CA VAL DA 400 34.54 -42.34 -53.95
C VAL DA 400 35.14 -40.94 -54.07
N VAL DA 401 34.44 -39.93 -53.56
CA VAL DA 401 34.96 -38.57 -53.68
C VAL DA 401 36.14 -38.35 -52.75
N ASP DA 402 36.18 -39.06 -51.61
CA ASP DA 402 37.37 -39.00 -50.75
C ASP DA 402 38.59 -39.55 -51.49
N ASN DA 403 38.44 -40.71 -52.13
CA ASN DA 403 39.54 -41.25 -52.92
C ASN DA 403 39.90 -40.32 -54.09
N ALA DA 404 38.89 -39.70 -54.69
CA ALA DA 404 39.14 -38.82 -55.83
C ALA DA 404 39.95 -37.60 -55.40
N LEU DA 405 39.60 -37.00 -54.27
CA LEU DA 405 40.36 -35.85 -53.79
C LEU DA 405 41.76 -36.27 -53.31
N ALA DA 406 41.90 -37.49 -52.78
CA ALA DA 406 43.23 -37.98 -52.46
C ALA DA 406 44.10 -38.07 -53.72
N ALA DA 407 43.55 -38.63 -54.79
CA ALA DA 407 44.29 -38.73 -56.04
C ALA DA 407 44.60 -37.35 -56.62
N ILE DA 408 43.63 -36.42 -56.53
CA ILE DA 408 43.84 -35.11 -57.12
C ILE DA 408 44.89 -34.34 -56.32
N ASP DA 409 44.96 -34.59 -55.01
CA ASP DA 409 45.99 -33.98 -54.19
C ASP DA 409 47.36 -34.58 -54.52
N ALA DA 410 47.38 -35.88 -54.82
CA ALA DA 410 48.62 -36.49 -55.30
C ALA DA 410 49.10 -35.83 -56.59
N GLN DA 411 48.18 -35.57 -57.53
CA GLN DA 411 48.56 -34.88 -58.76
C GLN DA 411 49.05 -33.46 -58.47
N ARG DA 412 48.40 -32.77 -57.52
CA ARG DA 412 48.87 -31.44 -57.14
C ARG DA 412 50.28 -31.49 -56.56
N ALA DA 413 50.58 -32.53 -55.78
CA ALA DA 413 51.93 -32.69 -55.24
C ALA DA 413 52.94 -32.97 -56.35
N ASP DA 414 52.55 -33.76 -57.35
CA ASP DA 414 53.42 -33.98 -58.49
C ASP DA 414 53.71 -32.68 -59.23
N LEU DA 415 52.67 -31.86 -59.44
CA LEU DA 415 52.88 -30.56 -60.06
C LEU DA 415 53.79 -29.68 -59.22
N ALA DA 416 53.65 -29.76 -57.89
CA ALA DA 416 54.52 -29.02 -56.99
C ALA DA 416 55.98 -29.41 -57.19
N ALA DA 417 56.25 -30.71 -57.19
CA ALA DA 417 57.61 -31.20 -57.42
C ALA DA 417 58.12 -30.74 -58.79
N VAL DA 418 57.25 -30.77 -59.80
CA VAL DA 418 57.66 -30.41 -61.15
C VAL DA 418 58.09 -28.95 -61.21
N GLN DA 419 57.27 -28.05 -60.67
CA GLN DA 419 57.64 -26.64 -60.69
C GLN DA 419 58.81 -26.32 -59.78
N ASN DA 420 58.96 -27.03 -58.66
CA ASN DA 420 60.13 -26.82 -57.82
C ASN DA 420 61.41 -27.22 -58.56
N ARG DA 421 61.36 -28.34 -59.28
CA ARG DA 421 62.51 -28.75 -60.08
C ARG DA 421 62.77 -27.75 -61.20
N PHE DA 422 61.72 -27.23 -61.82
CA PHE DA 422 61.90 -26.18 -62.82
C PHE DA 422 62.59 -24.96 -62.23
N LYS DA 423 62.17 -24.54 -61.04
CA LYS DA 423 62.76 -23.36 -60.42
C LYS DA 423 64.22 -23.59 -60.09
N ASN DA 424 64.54 -24.73 -59.48
CA ASN DA 424 65.93 -25.03 -59.16
C ASN DA 424 66.79 -25.10 -60.42
N THR DA 425 66.26 -25.76 -61.47
CA THR DA 425 67.02 -25.89 -62.71
C THR DA 425 67.24 -24.54 -63.38
N ILE DA 426 66.23 -23.68 -63.39
CA ILE DA 426 66.38 -22.38 -64.05
C ILE DA 426 67.31 -21.48 -63.25
N ASP DA 427 67.33 -21.64 -61.92
CA ASP DA 427 68.29 -20.88 -61.12
C ASP DA 427 69.72 -21.33 -61.40
N ASN DA 428 69.96 -22.65 -61.38
CA ASN DA 428 71.28 -23.15 -61.71
C ASN DA 428 71.67 -22.77 -63.13
N LEU DA 429 70.70 -22.70 -64.03
CA LEU DA 429 70.99 -22.35 -65.42
C LEU DA 429 71.34 -20.88 -65.55
N THR DA 430 70.65 -20.02 -64.79
CA THR DA 430 71.04 -18.61 -64.75
C THR DA 430 72.46 -18.46 -64.22
N ASN DA 431 72.80 -19.22 -63.17
CA ASN DA 431 74.15 -19.15 -62.63
C ASN DA 431 75.19 -19.57 -63.66
N ILE DA 432 74.99 -20.72 -64.30
CA ILE DA 432 75.98 -21.21 -65.24
C ILE DA 432 76.02 -20.32 -66.48
N SER DA 433 74.90 -19.66 -66.80
CA SER DA 433 74.89 -18.75 -67.94
C SER DA 433 75.72 -17.50 -67.65
N GLU DA 434 75.58 -16.95 -66.44
CA GLU DA 434 76.42 -15.82 -66.08
C GLU DA 434 77.90 -16.23 -66.05
N ASN DA 435 78.18 -17.44 -65.57
CA ASN DA 435 79.56 -17.92 -65.59
C ASN DA 435 80.10 -18.01 -67.01
N ALA DA 436 79.31 -18.59 -67.92
CA ALA DA 436 79.75 -18.72 -69.31
C ALA DA 436 79.88 -17.36 -69.98
N THR DA 437 79.01 -16.42 -69.65
CA THR DA 437 79.12 -15.07 -70.21
C THR DA 437 80.38 -14.37 -69.71
N ASN DA 438 80.70 -14.54 -68.43
CA ASN DA 438 81.93 -13.98 -67.91
C ASN DA 438 83.15 -14.59 -68.59
N ALA DA 439 83.12 -15.91 -68.82
CA ALA DA 439 84.22 -16.56 -69.52
C ALA DA 439 84.33 -16.05 -70.96
N ARG DA 440 83.20 -15.88 -71.63
CA ARG DA 440 83.21 -15.37 -72.99
C ARG DA 440 83.75 -13.95 -73.05
N SER DA 441 83.44 -13.14 -72.04
CA SER DA 441 84.00 -11.79 -71.99
C SER DA 441 85.51 -11.84 -71.77
N ARG DA 442 85.95 -12.66 -70.81
CA ARG DA 442 87.38 -12.77 -70.54
C ARG DA 442 88.15 -13.29 -71.74
N ILE DA 443 87.53 -14.11 -72.60
CA ILE DA 443 88.22 -14.65 -73.75
C ILE DA 443 88.05 -13.79 -75.01
N LYS DA 444 87.02 -12.95 -75.08
CA LYS DA 444 86.72 -12.17 -76.26
C LYS DA 444 86.74 -10.66 -76.02
N ASP DA 445 86.05 -10.18 -74.98
CA ASP DA 445 85.98 -8.75 -74.73
C ASP DA 445 87.39 -8.19 -74.53
N THR DA 446 87.81 -7.34 -75.45
CA THR DA 446 89.14 -6.77 -75.37
C THR DA 446 89.25 -5.83 -74.17
N ASP DA 447 90.26 -6.06 -73.33
CA ASP DA 447 90.58 -5.16 -72.23
C ASP DA 447 91.41 -3.99 -72.78
N PHE DA 448 90.75 -3.17 -73.60
CA PHE DA 448 91.42 -2.19 -74.43
C PHE DA 448 92.04 -1.05 -73.64
N ALA DA 449 92.05 -1.11 -72.31
CA ALA DA 449 92.85 -0.17 -71.54
C ALA DA 449 94.32 -0.20 -71.96
N ALA DA 450 94.79 -1.34 -72.49
CA ALA DA 450 96.12 -1.45 -73.04
C ALA DA 450 96.17 -1.36 -74.56
N GLU DA 451 95.16 -1.90 -75.26
CA GLU DA 451 95.15 -1.85 -76.72
C GLU DA 451 94.91 -0.45 -77.26
N THR DA 452 94.22 0.42 -76.52
CA THR DA 452 94.12 1.82 -76.95
C THR DA 452 95.49 2.49 -76.92
N ALA DA 453 96.23 2.30 -75.83
CA ALA DA 453 97.61 2.79 -75.78
C ALA DA 453 98.45 2.18 -76.89
N ALA DA 454 98.24 0.89 -77.17
CA ALA DA 454 98.99 0.22 -78.21
C ALA DA 454 98.73 0.84 -79.58
N LEU DA 455 97.47 1.09 -79.91
CA LEU DA 455 97.14 1.67 -81.20
C LEU DA 455 97.62 3.12 -81.29
N SER DA 456 97.61 3.84 -80.16
CA SER DA 456 98.18 5.19 -80.17
C SER DA 456 99.68 5.14 -80.47
N LYS DA 457 100.41 4.25 -79.80
CA LYS DA 457 101.84 4.12 -80.08
C LYS DA 457 102.08 3.68 -81.51
N ASN DA 458 101.19 2.85 -82.06
CA ASN DA 458 101.31 2.43 -83.45
C ASN DA 458 101.13 3.61 -84.40
N GLN DA 459 100.17 4.49 -84.09
CA GLN DA 459 100.02 5.71 -84.88
C GLN DA 459 101.26 6.58 -84.78
N VAL DA 460 101.89 6.61 -83.60
CA VAL DA 460 103.14 7.34 -83.44
C VAL DA 460 104.22 6.75 -84.35
N LEU DA 461 104.34 5.42 -84.37
CA LEU DA 461 105.33 4.79 -85.24
C LEU DA 461 105.02 5.08 -86.70
N GLN DA 462 103.74 5.13 -87.06
CA GLN DA 462 103.37 5.43 -88.44
C GLN DA 462 103.81 6.84 -88.84
N GLN DA 463 103.50 7.83 -88.00
CA GLN DA 463 103.89 9.20 -88.32
C GLN DA 463 105.41 9.35 -88.30
N ALA DA 464 106.08 8.63 -87.40
CA ALA DA 464 107.54 8.67 -87.37
C ALA DA 464 108.13 8.09 -88.64
N GLY DA 465 107.59 6.95 -89.09
CA GLY DA 465 108.11 6.33 -90.30
C GLY DA 465 107.91 7.18 -91.53
N THR DA 466 106.72 7.80 -91.65
CA THR DA 466 106.50 8.68 -92.80
C THR DA 466 107.37 9.93 -92.70
N ALA DA 467 107.68 10.39 -91.48
CA ALA DA 467 108.60 11.51 -91.33
C ALA DA 467 110.01 11.13 -91.77
N ILE DA 468 110.49 9.95 -91.37
CA ILE DA 468 111.80 9.50 -91.81
C ILE DA 468 111.82 9.31 -93.32
N LEU DA 469 110.71 8.88 -93.90
CA LEU DA 469 110.64 8.79 -95.36
C LEU DA 469 110.75 10.16 -96.00
N ALA DA 470 110.01 11.14 -95.49
CA ALA DA 470 110.05 12.48 -96.06
C ALA DA 470 111.41 13.14 -95.88
N GLN DA 471 112.17 12.73 -94.86
CA GLN DA 471 113.51 13.30 -94.70
C GLN DA 471 114.55 12.54 -95.51
N ALA DA 472 114.32 11.23 -95.74
CA ALA DA 472 115.32 10.40 -96.40
C ALA DA 472 115.21 10.49 -97.92
N ASN DA 473 114.01 10.72 -98.46
CA ASN DA 473 113.86 10.79 -99.90
C ASN DA 473 114.44 12.09 -100.45
N GLN DA 474 115.08 12.88 -99.59
CA GLN DA 474 115.70 14.13 -99.99
C GLN DA 474 117.22 14.03 -100.07
N LEU DA 475 117.82 13.01 -99.45
CA LEU DA 475 119.28 12.88 -99.44
C LEU DA 475 119.88 12.71 -100.83
N PRO DA 476 119.49 11.71 -101.63
CA PRO DA 476 120.24 11.44 -102.86
C PRO DA 476 120.21 12.58 -103.86
N GLN DA 477 119.08 13.26 -104.03
CA GLN DA 477 119.02 14.41 -104.93
C GLN DA 477 119.96 15.51 -104.46
N ALA DA 478 120.04 15.71 -103.14
CA ALA DA 478 120.98 16.69 -102.60
C ALA DA 478 122.43 16.28 -102.88
N VAL DA 479 122.74 14.99 -102.74
CA VAL DA 479 124.09 14.52 -103.03
C VAL DA 479 124.45 14.78 -104.48
N LEU DA 480 123.53 14.44 -105.41
CA LEU DA 480 123.80 14.67 -106.82
C LEU DA 480 123.88 16.15 -107.17
N SER DA 481 123.08 17.00 -106.51
CA SER DA 481 123.19 18.44 -106.74
C SER DA 481 124.50 18.98 -106.20
N LEU DA 482 125.05 18.36 -105.17
CA LEU DA 482 126.34 18.78 -104.62
C LEU DA 482 127.51 18.32 -105.47
N LEU DA 483 127.50 17.09 -105.95
CA LEU DA 483 128.61 16.56 -106.74
C LEU DA 483 128.57 17.02 -108.19
N ARG DA 484 127.52 17.70 -108.61
CA ARG DA 484 127.44 18.21 -109.98
C ARG DA 484 127.58 19.73 -110.00
N VAL EA 1 20.18 -15.60 -33.01
CA VAL EA 1 18.77 -15.94 -32.86
C VAL EA 1 17.94 -14.65 -32.79
N ASN EA 2 17.49 -14.17 -33.95
CA ASN EA 2 16.73 -12.92 -33.99
C ASN EA 2 15.46 -12.99 -34.82
N THR EA 3 15.33 -13.90 -35.79
CA THR EA 3 14.09 -13.97 -36.56
C THR EA 3 12.96 -14.62 -35.78
N ASN EA 4 13.25 -15.21 -34.62
CA ASN EA 4 12.24 -15.77 -33.74
C ASN EA 4 12.90 -16.05 -32.39
N ILE EA 5 12.07 -16.20 -31.36
CA ILE EA 5 12.54 -16.44 -30.00
C ILE EA 5 11.88 -17.71 -29.50
N ALA EA 6 12.68 -18.61 -28.92
CA ALA EA 6 12.16 -19.88 -28.43
C ALA EA 6 11.32 -19.73 -27.17
N SER EA 7 11.08 -18.51 -26.70
CA SER EA 7 10.31 -18.30 -25.48
C SER EA 7 8.81 -18.43 -25.70
N LEU EA 8 8.35 -18.94 -26.85
CA LEU EA 8 6.90 -19.09 -27.05
C LEU EA 8 6.30 -20.20 -26.19
N ASN EA 9 7.14 -21.03 -25.56
CA ASN EA 9 6.64 -21.91 -24.50
C ASN EA 9 5.98 -21.09 -23.41
N THR EA 10 6.50 -19.89 -23.15
CA THR EA 10 5.88 -19.00 -22.18
C THR EA 10 4.48 -18.58 -22.61
N GLN EA 11 4.29 -18.26 -23.89
CA GLN EA 11 2.93 -17.99 -24.36
C GLN EA 11 2.04 -19.22 -24.22
N ARG EA 12 2.57 -20.41 -24.54
CA ARG EA 12 1.74 -21.61 -24.40
C ARG EA 12 1.29 -21.81 -22.96
N ASN EA 13 2.23 -21.72 -22.02
CA ASN EA 13 1.90 -21.86 -20.61
C ASN EA 13 0.98 -20.75 -20.13
N LEU EA 14 1.14 -19.54 -20.66
CA LEU EA 14 0.26 -18.44 -20.26
C LEU EA 14 -1.16 -18.67 -20.74
N ASN EA 15 -1.34 -19.16 -21.98
CA ASN EA 15 -2.67 -19.50 -22.45
C ASN EA 15 -3.28 -20.60 -21.60
N ALA EA 16 -2.51 -21.65 -21.31
CA ALA EA 16 -3.03 -22.74 -20.49
C ALA EA 16 -3.45 -22.23 -19.11
N SER EA 17 -2.61 -21.42 -18.47
CA SER EA 17 -2.93 -20.89 -17.16
C SER EA 17 -4.13 -19.94 -17.22
N SER EA 18 -4.29 -19.22 -18.33
CA SER EA 18 -5.43 -18.32 -18.44
C SER EA 18 -6.73 -19.09 -18.57
N ASN EA 19 -6.74 -20.17 -19.37
CA ASN EA 19 -7.93 -21.01 -19.44
C ASN EA 19 -8.24 -21.63 -18.08
N ASP EA 20 -7.21 -22.13 -17.40
CA ASP EA 20 -7.41 -22.69 -16.07
C ASP EA 20 -7.96 -21.63 -15.12
N LEU EA 21 -7.49 -20.39 -15.26
CA LEU EA 21 -7.94 -19.31 -14.40
C LEU EA 21 -9.39 -18.96 -14.64
N ASN EA 22 -9.81 -18.93 -15.92
CA ASN EA 22 -11.22 -18.70 -16.22
C ASN EA 22 -12.09 -19.82 -15.66
N THR EA 23 -11.64 -21.07 -15.79
CA THR EA 23 -12.40 -22.18 -15.22
C THR EA 23 -12.53 -22.04 -13.71
N SER EA 24 -11.44 -21.71 -13.03
CA SER EA 24 -11.48 -21.58 -11.57
C SER EA 24 -12.36 -20.40 -11.15
N LEU EA 25 -12.27 -19.28 -11.87
CA LEU EA 25 -13.12 -18.13 -11.55
C LEU EA 25 -14.58 -18.46 -11.74
N GLN EA 26 -14.92 -19.19 -12.80
CA GLN EA 26 -16.31 -19.59 -13.00
C GLN EA 26 -16.78 -20.53 -11.90
N ARG EA 27 -15.93 -21.48 -11.52
CA ARG EA 27 -16.29 -22.40 -10.44
C ARG EA 27 -16.48 -21.66 -9.12
N LEU EA 28 -15.69 -20.61 -8.90
CA LEU EA 28 -15.80 -19.87 -7.65
C LEU EA 28 -17.04 -18.98 -7.64
N THR EA 29 -17.29 -18.26 -8.73
CA THR EA 29 -18.45 -17.36 -8.77
C THR EA 29 -19.76 -18.13 -8.88
N THR EA 30 -19.71 -19.39 -9.33
CA THR EA 30 -20.89 -20.23 -9.36
C THR EA 30 -21.00 -21.11 -8.12
N GLY EA 31 -19.88 -21.42 -7.48
CA GLY EA 31 -19.87 -22.29 -6.32
C GLY EA 31 -19.90 -23.77 -6.63
N TYR EA 32 -19.89 -24.15 -7.91
CA TYR EA 32 -19.98 -25.55 -8.32
C TYR EA 32 -18.64 -25.95 -8.94
N ARG EA 33 -17.99 -26.97 -8.37
CA ARG EA 33 -16.81 -27.51 -9.01
C ARG EA 33 -17.17 -28.18 -10.32
N ILE EA 34 -18.27 -28.94 -10.33
CA ILE EA 34 -18.83 -29.42 -11.59
C ILE EA 34 -19.73 -28.33 -12.16
N ASN EA 35 -19.15 -27.50 -13.04
CA ASN EA 35 -19.90 -26.42 -13.66
C ASN EA 35 -21.03 -26.99 -14.50
N SER EA 36 -22.06 -26.17 -14.73
CA SER EA 36 -23.13 -26.54 -15.65
C SER EA 36 -22.63 -26.75 -17.06
N ALA EA 37 -21.36 -26.49 -17.31
CA ALA EA 37 -20.76 -26.70 -18.63
C ALA EA 37 -20.41 -28.18 -18.81
N LYS EA 38 -19.60 -28.45 -19.83
CA LYS EA 38 -19.28 -29.81 -20.23
C LYS EA 38 -18.61 -30.61 -19.13
N ASP EA 39 -17.92 -29.95 -18.20
CA ASP EA 39 -16.95 -30.63 -17.34
C ASP EA 39 -17.61 -31.75 -16.53
N ASP EA 40 -17.01 -32.94 -16.62
CA ASP EA 40 -17.45 -34.11 -15.87
C ASP EA 40 -18.91 -34.46 -16.18
N ALA EA 41 -19.12 -34.83 -17.45
CA ALA EA 41 -20.46 -35.15 -17.94
C ALA EA 41 -21.13 -36.23 -17.10
N ALA EA 42 -20.35 -37.17 -16.55
CA ALA EA 42 -20.92 -38.17 -15.65
C ALA EA 42 -21.47 -37.51 -14.39
N GLY EA 43 -20.64 -36.71 -13.71
CA GLY EA 43 -21.13 -35.94 -12.59
C GLY EA 43 -22.25 -34.99 -12.98
N LEU EA 44 -22.22 -34.53 -14.24
CA LEU EA 44 -23.31 -33.68 -14.72
C LEU EA 44 -24.63 -34.43 -14.74
N GLN EA 45 -24.61 -35.67 -15.25
CA GLN EA 45 -25.81 -36.51 -15.24
C GLN EA 45 -26.27 -36.78 -13.81
N ILE EA 46 -25.33 -37.12 -12.93
CA ILE EA 46 -25.70 -37.39 -11.54
C ILE EA 46 -26.34 -36.16 -10.91
N SER EA 47 -25.79 -34.98 -11.17
CA SER EA 47 -26.34 -33.75 -10.63
C SER EA 47 -27.73 -33.48 -11.20
N ASN EA 48 -27.91 -33.72 -12.50
CA ASN EA 48 -29.23 -33.52 -13.11
C ASN EA 48 -30.27 -34.43 -12.48
N ARG EA 49 -29.94 -35.72 -12.33
CA ARG EA 49 -30.88 -36.65 -11.73
C ARG EA 49 -31.17 -36.29 -10.28
N LEU EA 50 -30.15 -35.88 -9.53
CA LEU EA 50 -30.37 -35.51 -8.13
C LEU EA 50 -31.24 -34.26 -8.01
N SER EA 51 -31.04 -33.29 -8.91
CA SER EA 51 -31.87 -32.09 -8.88
C SER EA 51 -33.31 -32.43 -9.25
N ASN EA 52 -33.51 -33.25 -10.27
CA ASN EA 52 -34.85 -33.71 -10.61
C ASN EA 52 -35.50 -34.40 -9.42
N GLN EA 53 -34.74 -35.26 -8.74
CA GLN EA 53 -35.29 -36.00 -7.60
C GLN EA 53 -35.68 -35.06 -6.48
N ILE EA 54 -34.82 -34.09 -6.13
CA ILE EA 54 -35.12 -33.22 -5.00
C ILE EA 54 -36.29 -32.30 -5.33
N SER EA 55 -36.38 -31.85 -6.58
CA SER EA 55 -37.53 -31.04 -6.98
C SER EA 55 -38.81 -31.85 -6.89
N GLY EA 56 -38.77 -33.11 -7.36
CA GLY EA 56 -39.94 -33.96 -7.24
C GLY EA 56 -40.33 -34.19 -5.79
N LEU EA 57 -39.34 -34.40 -4.93
CA LEU EA 57 -39.64 -34.62 -3.52
C LEU EA 57 -40.20 -33.37 -2.85
N ASN EA 58 -39.73 -32.19 -3.24
CA ASN EA 58 -40.28 -30.95 -2.70
C ASN EA 58 -41.73 -30.77 -3.11
N VAL EA 59 -42.03 -30.93 -4.41
CA VAL EA 59 -43.40 -30.77 -4.85
C VAL EA 59 -44.28 -31.88 -4.28
N ALA EA 60 -43.71 -33.05 -4.01
CA ALA EA 60 -44.47 -34.13 -3.41
C ALA EA 60 -44.78 -33.84 -1.94
N THR EA 61 -43.82 -33.23 -1.22
CA THR EA 61 -44.11 -32.77 0.13
C THR EA 61 -45.21 -31.72 0.13
N ARG EA 62 -45.18 -30.83 -0.86
CA ARG EA 62 -46.26 -29.84 -0.98
C ARG EA 62 -47.61 -30.53 -1.18
N ASN EA 63 -47.68 -31.46 -2.14
CA ASN EA 63 -48.93 -32.17 -2.40
C ASN EA 63 -49.38 -32.95 -1.18
N ALA EA 64 -48.44 -33.52 -0.43
CA ALA EA 64 -48.79 -34.23 0.80
C ALA EA 64 -49.32 -33.26 1.85
N ASN EA 65 -48.79 -32.04 1.90
CA ASN EA 65 -49.33 -31.03 2.80
C ASN EA 65 -50.79 -30.70 2.43
N ASP EA 66 -51.06 -30.51 1.14
CA ASP EA 66 -52.45 -30.30 0.72
C ASP EA 66 -53.33 -31.48 1.09
N GLY EA 67 -52.82 -32.70 0.90
CA GLY EA 67 -53.60 -33.87 1.26
C GLY EA 67 -53.87 -33.97 2.75
N ILE EA 68 -52.89 -33.59 3.57
CA ILE EA 68 -53.08 -33.60 5.02
C ILE EA 68 -54.12 -32.56 5.42
N SER EA 69 -54.08 -31.39 4.80
CA SER EA 69 -55.11 -30.38 5.09
C SER EA 69 -56.49 -30.88 4.68
N LEU EA 70 -56.58 -31.53 3.52
CA LEU EA 70 -57.86 -32.07 3.06
C LEU EA 70 -58.38 -33.12 4.04
N ALA EA 71 -57.52 -34.04 4.47
CA ALA EA 71 -57.90 -35.02 5.46
C ALA EA 71 -58.29 -34.40 6.78
N GLN EA 72 -57.67 -33.28 7.16
CA GLN EA 72 -58.05 -32.59 8.39
C GLN EA 72 -59.46 -32.01 8.29
N THR EA 73 -59.77 -31.37 7.15
CA THR EA 73 -61.13 -30.88 6.95
C THR EA 73 -62.13 -32.03 6.94
N ALA EA 74 -61.77 -33.15 6.32
CA ALA EA 74 -62.66 -34.31 6.30
C ALA EA 74 -62.88 -34.85 7.72
N GLU EA 75 -61.82 -34.87 8.52
CA GLU EA 75 -61.94 -35.35 9.90
C GLU EA 75 -62.82 -34.42 10.73
N GLY EA 76 -62.69 -33.11 10.50
CA GLY EA 76 -63.57 -32.17 11.18
C GLY EA 76 -65.03 -32.37 10.80
N ALA EA 77 -65.29 -32.56 9.50
CA ALA EA 77 -66.65 -32.84 9.06
C ALA EA 77 -67.20 -34.11 9.68
N LEU EA 78 -66.37 -35.16 9.75
CA LEU EA 78 -66.83 -36.41 10.34
C LEU EA 78 -67.02 -36.29 11.84
N GLN EA 79 -66.24 -35.44 12.51
CA GLN EA 79 -66.48 -35.18 13.93
C GLN EA 79 -67.81 -34.46 14.13
N GLN EA 80 -68.10 -33.50 13.26
CA GLN EA 80 -69.42 -32.87 13.28
C GLN EA 80 -70.52 -33.91 13.10
N SER EA 81 -70.33 -34.83 12.16
CA SER EA 81 -71.32 -35.88 11.93
C SER EA 81 -71.46 -36.79 13.14
N THR EA 82 -70.35 -37.09 13.82
CA THR EA 82 -70.41 -37.97 14.99
C THR EA 82 -71.17 -37.30 16.12
N ASN EA 83 -70.93 -36.01 16.37
CA ASN EA 83 -71.70 -35.34 17.43
C ASN EA 83 -73.16 -35.22 17.05
N ILE EA 84 -73.45 -35.05 15.76
CA ILE EA 84 -74.85 -35.03 15.32
C ILE EA 84 -75.50 -36.39 15.57
N LEU EA 85 -74.79 -37.48 15.28
CA LEU EA 85 -75.35 -38.81 15.53
C LEU EA 85 -75.48 -39.09 17.02
N GLN EA 86 -74.58 -38.54 17.83
CA GLN EA 86 -74.71 -38.67 19.27
C GLN EA 86 -75.97 -37.98 19.77
N ARG EA 87 -76.21 -36.75 19.30
CA ARG EA 87 -77.45 -36.06 19.62
C ARG EA 87 -78.66 -36.85 19.13
N ILE EA 88 -78.53 -37.50 17.98
CA ILE EA 88 -79.60 -38.37 17.49
C ILE EA 88 -79.86 -39.50 18.47
N ARG EA 89 -78.80 -40.12 19.00
CA ARG EA 89 -78.97 -41.16 20.00
C ARG EA 89 -79.67 -40.63 21.24
N ASP EA 90 -79.29 -39.44 21.69
CA ASP EA 90 -79.92 -38.87 22.88
C ASP EA 90 -81.40 -38.63 22.66
N LEU EA 91 -81.76 -38.02 21.52
CA LEU EA 91 -83.17 -37.74 21.26
C LEU EA 91 -83.96 -39.03 21.05
N ALA EA 92 -83.32 -40.06 20.49
CA ALA EA 92 -84.00 -41.33 20.30
C ALA EA 92 -84.27 -42.01 21.64
N LEU EA 93 -83.30 -41.99 22.54
CA LEU EA 93 -83.52 -42.55 23.87
C LEU EA 93 -84.54 -41.73 24.64
N GLN EA 94 -84.58 -40.42 24.43
CA GLN EA 94 -85.59 -39.60 25.07
C GLN EA 94 -86.97 -39.86 24.47
N SER EA 95 -87.02 -40.34 23.23
CA SER EA 95 -88.29 -40.58 22.55
C SER EA 95 -89.08 -41.74 23.13
N ALA EA 96 -88.61 -42.37 24.21
CA ALA EA 96 -89.42 -43.40 24.86
C ALA EA 96 -90.73 -42.82 25.39
N ASN EA 97 -90.67 -41.62 25.98
CA ASN EA 97 -91.85 -40.86 26.41
C ASN EA 97 -92.70 -41.62 27.42
N GLY EA 98 -92.20 -42.71 27.99
CA GLY EA 98 -93.00 -43.56 28.84
C GLY EA 98 -94.16 -44.20 28.11
N SER EA 99 -94.20 -44.01 26.78
CA SER EA 99 -95.19 -44.55 25.85
C SER EA 99 -96.55 -43.89 26.02
N ASN EA 100 -96.73 -43.06 27.05
CA ASN EA 100 -98.01 -42.40 27.26
C ASN EA 100 -97.90 -40.98 27.77
N SER EA 101 -96.69 -40.42 27.94
CA SER EA 101 -96.58 -39.15 28.64
C SER EA 101 -96.41 -37.96 27.70
N ASP EA 102 -95.64 -38.12 26.62
CA ASP EA 102 -95.29 -37.00 25.74
C ASP EA 102 -96.21 -37.05 24.51
N ALA EA 103 -97.27 -36.24 24.55
CA ALA EA 103 -98.11 -36.07 23.38
C ALA EA 103 -97.47 -35.16 22.34
N ASP EA 104 -96.28 -34.61 22.66
CA ASP EA 104 -95.56 -33.73 21.75
C ASP EA 104 -94.61 -34.49 20.83
N ARG EA 105 -94.94 -35.74 20.51
CA ARG EA 105 -94.15 -36.50 19.55
C ARG EA 105 -94.14 -35.83 18.18
N ALA EA 106 -95.14 -34.99 17.88
CA ALA EA 106 -95.12 -34.25 16.62
C ALA EA 106 -93.97 -33.24 16.60
N ALA EA 107 -93.85 -32.44 17.67
CA ALA EA 107 -92.72 -31.51 17.75
C ALA EA 107 -91.41 -32.27 17.86
N LEU EA 108 -91.42 -33.45 18.50
CA LEU EA 108 -90.22 -34.27 18.55
C LEU EA 108 -89.78 -34.68 17.15
N GLN EA 109 -90.72 -35.16 16.33
CA GLN EA 109 -90.39 -35.54 14.96
C GLN EA 109 -89.97 -34.32 14.14
N LYS EA 110 -90.55 -33.15 14.42
CA LYS EA 110 -90.12 -31.93 13.75
C LYS EA 110 -88.67 -31.62 14.07
N GLU EA 111 -88.29 -31.75 15.34
CA GLU EA 111 -86.90 -31.53 15.75
C GLU EA 111 -85.99 -32.57 15.10
N VAL EA 112 -86.45 -33.81 15.01
CA VAL EA 112 -85.64 -34.85 14.37
C VAL EA 112 -85.44 -34.55 12.89
N ALA EA 113 -86.47 -34.07 12.21
CA ALA EA 113 -86.34 -33.72 10.79
C ALA EA 113 -85.43 -32.53 10.61
N ALA EA 114 -85.50 -31.56 11.52
CA ALA EA 114 -84.58 -30.43 11.47
C ALA EA 114 -83.14 -30.88 11.66
N GLN EA 115 -82.92 -31.83 12.57
CA GLN EA 115 -81.57 -32.34 12.80
C GLN EA 115 -81.08 -33.13 11.60
N GLN EA 116 -81.97 -33.89 10.95
CA GLN EA 116 -81.62 -34.57 9.71
C GLN EA 116 -81.25 -33.58 8.61
N ALA EA 117 -81.99 -32.47 8.51
CA ALA EA 117 -81.64 -31.44 7.53
C ALA EA 117 -80.29 -30.83 7.85
N GLU EA 118 -79.99 -30.64 9.14
CA GLU EA 118 -78.68 -30.10 9.52
C GLU EA 118 -77.57 -31.09 9.19
N LEU EA 119 -77.84 -32.39 9.35
CA LEU EA 119 -76.87 -33.40 8.92
C LEU EA 119 -76.64 -33.36 7.43
N THR EA 120 -77.72 -33.24 6.65
CA THR EA 120 -77.58 -33.14 5.20
C THR EA 120 -76.81 -31.89 4.81
N ARG EA 121 -76.99 -30.79 5.55
CA ARG EA 121 -76.29 -29.55 5.25
C ARG EA 121 -74.81 -29.62 5.60
N ILE EA 122 -74.46 -30.17 6.77
CA ILE EA 122 -73.06 -30.31 7.13
C ILE EA 122 -72.39 -31.33 6.21
N SER EA 123 -73.17 -32.27 5.67
CA SER EA 123 -72.65 -33.10 4.59
C SER EA 123 -72.21 -32.25 3.41
N ASP EA 124 -73.05 -31.29 3.01
CA ASP EA 124 -72.69 -30.36 1.96
C ASP EA 124 -71.81 -29.26 2.56
N THR EA 125 -71.58 -28.19 1.79
CA THR EA 125 -70.81 -27.03 2.22
C THR EA 125 -69.35 -27.38 2.56
N THR EA 126 -68.92 -28.59 2.20
CA THR EA 126 -67.54 -29.03 2.37
C THR EA 126 -66.77 -28.87 1.07
N THR EA 127 -67.11 -27.84 0.30
CA THR EA 127 -66.53 -27.61 -1.03
C THR EA 127 -65.12 -27.02 -0.91
N PHE EA 128 -64.17 -27.90 -0.63
CA PHE EA 128 -62.76 -27.49 -0.61
C PHE EA 128 -62.28 -27.33 -2.05
N GLY EA 129 -62.69 -26.23 -2.69
CA GLY EA 129 -62.43 -26.02 -4.10
C GLY EA 129 -63.57 -26.36 -5.02
N GLY EA 130 -64.81 -26.39 -4.53
CA GLY EA 130 -65.96 -26.75 -5.34
C GLY EA 130 -65.99 -28.23 -5.67
N ARG EA 131 -65.35 -29.03 -4.82
CA ARG EA 131 -65.19 -30.47 -5.04
C ARG EA 131 -65.54 -31.24 -3.75
N LYS EA 132 -66.73 -30.96 -3.22
CA LYS EA 132 -67.20 -31.46 -1.93
C LYS EA 132 -66.73 -32.87 -1.63
N LEU EA 133 -66.11 -33.07 -0.47
CA LEU EA 133 -65.29 -34.26 -0.25
C LEU EA 133 -66.14 -35.49 0.01
N LEU EA 134 -66.90 -35.50 1.10
CA LEU EA 134 -67.60 -36.70 1.55
C LEU EA 134 -68.89 -36.97 0.78
N ASP EA 135 -69.60 -35.94 0.36
CA ASP EA 135 -70.79 -36.14 -0.47
C ASP EA 135 -70.64 -35.42 -1.81
N GLY EA 136 -71.73 -35.42 -2.57
CA GLY EA 136 -71.74 -34.66 -3.81
C GLY EA 136 -71.05 -35.40 -4.94
N SER EA 137 -69.95 -34.83 -5.42
CA SER EA 137 -69.21 -35.38 -6.56
C SER EA 137 -67.77 -35.67 -6.12
N PHE EA 138 -67.53 -36.90 -5.70
CA PHE EA 138 -66.20 -37.35 -5.33
C PHE EA 138 -65.87 -38.66 -6.04
N GLY EA 139 -64.80 -38.65 -6.82
CA GLY EA 139 -64.43 -39.80 -7.63
C GLY EA 139 -63.51 -40.80 -6.95
N THR EA 140 -63.31 -40.68 -5.64
CA THR EA 140 -62.41 -41.57 -4.88
C THR EA 140 -61.01 -41.56 -5.49
N THR EA 141 -60.39 -40.38 -5.43
CA THR EA 141 -59.13 -40.14 -6.13
C THR EA 141 -57.95 -40.70 -5.34
N SER EA 142 -56.74 -40.34 -5.76
CA SER EA 142 -55.52 -40.87 -5.16
C SER EA 142 -54.45 -39.77 -5.26
N PHE EA 143 -53.85 -39.43 -4.13
CA PHE EA 143 -52.83 -38.38 -4.10
C PHE EA 143 -51.46 -38.99 -4.40
N GLN EA 144 -50.77 -38.44 -5.40
CA GLN EA 144 -49.42 -38.90 -5.71
C GLN EA 144 -48.43 -38.26 -4.76
N VAL EA 145 -47.51 -39.07 -4.23
CA VAL EA 145 -46.53 -38.60 -3.26
C VAL EA 145 -45.10 -38.95 -3.65
N GLY EA 146 -44.90 -39.67 -4.76
CA GLY EA 146 -43.58 -40.07 -5.17
C GLY EA 146 -43.13 -39.33 -6.43
N SER EA 147 -41.82 -39.27 -6.59
CA SER EA 147 -41.21 -38.60 -7.75
C SER EA 147 -41.19 -39.49 -8.99
N ASN EA 148 -41.83 -40.65 -8.94
CA ASN EA 148 -41.92 -41.55 -10.08
C ASN EA 148 -43.37 -41.66 -10.52
N ALA EA 149 -43.56 -42.18 -11.73
CA ALA EA 149 -44.89 -42.27 -12.29
C ALA EA 149 -45.75 -43.26 -11.52
N TYR EA 150 -46.99 -42.85 -11.24
CA TYR EA 150 -48.02 -43.70 -10.65
C TYR EA 150 -47.66 -44.17 -9.24
N GLU EA 151 -46.66 -43.55 -8.63
CA GLU EA 151 -46.37 -43.79 -7.22
C GLU EA 151 -47.29 -42.93 -6.38
N THR EA 152 -48.50 -43.43 -6.09
CA THR EA 152 -49.55 -42.63 -5.48
C THR EA 152 -50.05 -43.32 -4.22
N ILE EA 153 -50.89 -42.59 -3.47
CA ILE EA 153 -51.53 -43.08 -2.26
C ILE EA 153 -53.03 -42.96 -2.45
N ASP EA 154 -53.73 -44.08 -2.39
CA ASP EA 154 -55.17 -44.09 -2.61
C ASP EA 154 -55.91 -43.70 -1.34
N ILE EA 155 -57.08 -43.10 -1.52
CA ILE EA 155 -57.97 -42.72 -0.43
C ILE EA 155 -59.37 -43.20 -0.78
N SER EA 156 -60.10 -43.67 0.23
CA SER EA 156 -61.39 -44.34 0.05
C SER EA 156 -62.47 -43.64 0.84
N LEU EA 157 -62.55 -42.32 0.69
CA LEU EA 157 -63.59 -41.52 1.35
C LEU EA 157 -64.97 -42.08 1.06
N GLN EA 158 -65.88 -41.89 2.01
CA GLN EA 158 -67.25 -42.36 1.85
C GLN EA 158 -67.91 -41.67 0.65
N ASN EA 159 -68.73 -42.43 -0.07
CA ASN EA 159 -69.39 -41.90 -1.26
C ASN EA 159 -70.31 -40.74 -0.88
N ALA EA 160 -71.05 -40.88 0.21
CA ALA EA 160 -71.97 -39.83 0.65
C ALA EA 160 -72.35 -40.11 2.10
N SER EA 161 -72.40 -39.03 2.89
CA SER EA 161 -72.84 -39.09 4.28
C SER EA 161 -74.20 -38.42 4.42
N ALA EA 162 -75.05 -38.59 3.40
CA ALA EA 162 -76.40 -38.05 3.41
C ALA EA 162 -77.32 -38.92 4.25
N SER EA 163 -78.63 -38.74 4.11
CA SER EA 163 -79.58 -39.50 4.90
C SER EA 163 -79.72 -40.93 4.39
N ALA EA 164 -78.78 -41.35 3.53
CA ALA EA 164 -78.75 -42.71 3.01
C ALA EA 164 -77.82 -43.63 3.77
N ILE EA 165 -76.99 -43.12 4.67
CA ILE EA 165 -76.10 -43.95 5.48
C ILE EA 165 -76.87 -44.42 6.71
N GLY EA 166 -76.62 -45.67 7.10
CA GLY EA 166 -77.32 -46.24 8.23
C GLY EA 166 -77.09 -47.73 8.36
N SER EA 167 -78.17 -48.50 8.52
CA SER EA 167 -78.11 -49.95 8.69
C SER EA 167 -78.44 -50.59 7.35
N TYR EA 168 -77.40 -50.94 6.59
CA TYR EA 168 -77.58 -51.63 5.31
C TYR EA 168 -77.94 -53.08 5.62
N GLN EA 169 -79.17 -53.27 6.11
CA GLN EA 169 -79.59 -54.56 6.65
C GLN EA 169 -81.10 -54.68 6.76
N VAL EA 170 -81.67 -55.72 6.15
CA VAL EA 170 -83.06 -56.07 6.38
C VAL EA 170 -83.14 -56.74 7.74
N GLY EA 171 -82.45 -57.88 7.88
CA GLY EA 171 -82.32 -58.57 9.14
C GLY EA 171 -83.07 -59.88 9.18
N SER EA 172 -84.33 -59.86 8.71
CA SER EA 172 -85.13 -61.07 8.54
C SER EA 172 -86.51 -60.74 7.96
N ASN EA 173 -87.14 -61.72 7.32
CA ASN EA 173 -88.57 -61.81 7.10
C ASN EA 173 -89.21 -60.56 6.47
N GLY EA 174 -88.40 -59.64 5.97
CA GLY EA 174 -88.95 -58.41 5.45
C GLY EA 174 -88.53 -58.10 4.02
N ALA EA 175 -87.63 -58.91 3.46
CA ALA EA 175 -87.18 -58.70 2.09
C ALA EA 175 -87.82 -59.71 1.15
N GLY EA 176 -88.72 -59.25 0.29
CA GLY EA 176 -89.36 -60.10 -0.69
C GLY EA 176 -90.55 -60.88 -0.13
N THR EA 177 -90.28 -61.92 0.64
CA THR EA 177 -91.31 -62.75 1.25
C THR EA 177 -90.93 -63.04 2.70
N VAL EA 178 -91.94 -63.38 3.50
CA VAL EA 178 -91.68 -63.74 4.88
C VAL EA 178 -91.01 -65.11 4.94
N ALA EA 179 -90.37 -65.38 6.08
CA ALA EA 179 -89.74 -66.68 6.29
C ALA EA 179 -90.80 -67.74 6.57
N SER EA 180 -90.35 -69.00 6.63
CA SER EA 180 -91.23 -70.12 6.89
C SER EA 180 -91.19 -70.58 8.34
N VAL EA 181 -90.02 -70.53 8.98
CA VAL EA 181 -89.86 -70.91 10.38
C VAL EA 181 -89.56 -69.71 11.25
N ALA EA 182 -88.70 -68.80 10.78
CA ALA EA 182 -88.43 -67.58 11.52
C ALA EA 182 -89.68 -66.71 11.59
N GLY EA 183 -90.04 -66.31 12.81
CA GLY EA 183 -91.24 -65.54 13.04
C GLY EA 183 -92.50 -66.28 12.65
N THR EA 184 -92.49 -67.60 12.82
CA THR EA 184 -93.63 -68.44 12.46
C THR EA 184 -93.59 -69.76 13.21
N ALA EA 185 -94.72 -70.15 13.82
CA ALA EA 185 -94.78 -71.42 14.52
C ALA EA 185 -94.77 -72.57 13.51
N THR EA 186 -93.89 -73.54 13.75
CA THR EA 186 -93.74 -74.69 12.87
C THR EA 186 -93.80 -75.98 13.66
N ALA EA 187 -94.00 -77.08 12.94
CA ALA EA 187 -94.08 -78.41 13.56
C ALA EA 187 -92.70 -78.99 13.82
N SER EA 188 -91.83 -78.98 12.81
CA SER EA 188 -90.48 -79.52 12.97
C SER EA 188 -89.50 -78.50 13.53
N GLY EA 189 -89.75 -77.21 13.31
CA GLY EA 189 -88.85 -76.19 13.81
C GLY EA 189 -87.76 -75.85 12.80
N ILE EA 190 -86.66 -75.32 13.34
CA ILE EA 190 -85.49 -74.98 12.55
C ILE EA 190 -84.97 -76.24 11.86
N ALA EA 191 -84.69 -76.14 10.56
CA ALA EA 191 -84.11 -77.23 9.81
C ALA EA 191 -82.59 -77.14 9.83
N SER EA 192 -81.95 -78.28 9.60
CA SER EA 192 -80.49 -78.33 9.61
C SER EA 192 -79.93 -77.80 8.29
N GLY EA 193 -78.62 -77.56 8.27
CA GLY EA 193 -77.93 -77.05 7.11
C GLY EA 193 -77.07 -75.86 7.48
N THR EA 194 -76.68 -75.10 6.46
CA THR EA 194 -75.83 -73.95 6.63
C THR EA 194 -76.47 -72.71 6.01
N VAL EA 195 -76.07 -71.55 6.52
CA VAL EA 195 -76.54 -70.27 6.01
C VAL EA 195 -75.34 -69.39 5.71
N ASN EA 196 -74.99 -69.25 4.43
CA ASN EA 196 -73.81 -68.49 4.06
C ASN EA 196 -74.02 -67.00 4.25
N LEU EA 197 -72.96 -66.31 4.67
CA LEU EA 197 -72.98 -64.86 4.85
C LEU EA 197 -71.67 -64.30 4.31
N VAL EA 198 -71.69 -63.88 3.05
CA VAL EA 198 -70.51 -63.33 2.41
C VAL EA 198 -70.57 -61.81 2.47
N GLY EA 199 -69.42 -61.19 2.72
CA GLY EA 199 -69.36 -59.75 2.77
C GLY EA 199 -68.15 -59.21 3.51
N GLY EA 200 -67.66 -58.04 3.09
CA GLY EA 200 -66.50 -57.43 3.71
C GLY EA 200 -65.25 -58.29 3.64
N GLY EA 201 -64.96 -58.82 2.46
CA GLY EA 201 -63.78 -59.65 2.28
C GLY EA 201 -63.93 -61.04 2.85
N GLN EA 202 -64.15 -61.12 4.16
CA GLN EA 202 -64.27 -62.41 4.84
C GLN EA 202 -65.52 -63.15 4.36
N VAL EA 203 -65.36 -64.44 4.09
CA VAL EA 203 -66.45 -65.31 3.68
C VAL EA 203 -66.71 -66.31 4.81
N LYS EA 204 -67.97 -66.45 5.20
CA LYS EA 204 -68.35 -67.33 6.28
C LYS EA 204 -69.50 -68.23 5.84
N ASN EA 205 -69.56 -69.42 6.47
CA ASN EA 205 -70.60 -70.39 6.14
C ASN EA 205 -71.25 -70.98 7.39
N ILE EA 206 -71.65 -70.15 8.36
CA ILE EA 206 -72.20 -70.61 9.63
C ILE EA 206 -73.32 -71.60 9.41
N ALA EA 207 -73.20 -72.78 10.02
CA ALA EA 207 -74.20 -73.83 9.84
C ALA EA 207 -75.26 -73.74 10.93
N ILE EA 208 -76.51 -73.59 10.52
CA ILE EA 208 -77.63 -73.51 11.45
C ILE EA 208 -78.21 -74.90 11.61
N ALA EA 209 -77.89 -75.56 12.72
CA ALA EA 209 -78.37 -76.91 12.97
C ALA EA 209 -79.86 -76.89 13.32
N ALA EA 210 -80.48 -78.05 13.22
CA ALA EA 210 -81.90 -78.18 13.51
C ALA EA 210 -82.16 -78.16 15.01
N GLY EA 211 -83.33 -77.65 15.38
CA GLY EA 211 -83.71 -77.59 16.77
C GLY EA 211 -83.16 -76.37 17.51
N ASP EA 212 -82.13 -75.75 16.93
CA ASP EA 212 -81.49 -74.59 17.54
C ASP EA 212 -82.46 -73.46 17.76
N SER EA 213 -82.43 -72.87 18.95
CA SER EA 213 -83.31 -71.74 19.26
C SER EA 213 -82.90 -70.50 18.47
N ALA EA 214 -83.76 -69.49 18.49
CA ALA EA 214 -83.46 -68.23 17.81
C ALA EA 214 -82.22 -67.56 18.40
N LYS EA 215 -82.05 -67.69 19.72
CA LYS EA 215 -80.87 -67.10 20.36
C LYS EA 215 -79.60 -67.79 19.88
N ALA EA 216 -79.67 -69.08 19.61
CA ALA EA 216 -78.52 -69.83 19.11
C ALA EA 216 -78.14 -69.33 17.71
N ILE EA 217 -79.13 -69.19 16.84
CA ILE EA 217 -78.93 -68.67 15.50
C ILE EA 217 -78.30 -67.29 15.59
N ALA EA 218 -78.83 -66.45 16.49
CA ALA EA 218 -78.32 -65.10 16.67
C ALA EA 218 -76.85 -65.09 17.08
N GLU EA 219 -76.52 -65.84 18.14
CA GLU EA 219 -75.16 -65.83 18.67
C GLU EA 219 -74.17 -66.47 17.71
N LYS EA 220 -74.61 -67.46 16.94
CA LYS EA 220 -73.73 -68.09 15.96
C LYS EA 220 -73.49 -67.17 14.78
N MET EA 221 -74.56 -66.55 14.27
CA MET EA 221 -74.44 -65.66 13.12
C MET EA 221 -73.67 -64.39 13.47
N ASP EA 222 -73.61 -64.02 14.75
CA ASP EA 222 -72.85 -62.86 15.19
C ASP EA 222 -71.36 -63.20 15.20
N GLY EA 223 -70.52 -62.23 15.55
CA GLY EA 223 -69.10 -62.50 15.71
C GLY EA 223 -68.29 -62.36 14.44
N ALA EA 224 -67.99 -63.49 13.79
CA ALA EA 224 -67.07 -63.60 12.67
C ALA EA 224 -67.18 -62.46 11.66
N ILE EA 225 -68.38 -62.14 11.22
CA ILE EA 225 -68.59 -61.10 10.22
C ILE EA 225 -68.16 -59.75 10.78
N PRO EA 226 -67.21 -59.06 10.14
CA PRO EA 226 -66.76 -57.77 10.67
C PRO EA 226 -67.87 -56.73 10.67
N ASN EA 227 -68.02 -56.05 11.81
CA ASN EA 227 -69.02 -55.00 11.98
C ASN EA 227 -70.42 -55.51 11.67
N LEU EA 228 -70.85 -56.47 12.49
CA LEU EA 228 -72.17 -57.05 12.36
C LEU EA 228 -72.70 -57.40 13.74
N SER EA 229 -73.97 -57.09 13.99
CA SER EA 229 -74.62 -57.38 15.26
C SER EA 229 -75.71 -58.42 15.01
N ALA EA 230 -76.41 -58.79 16.09
CA ALA EA 230 -77.46 -59.79 15.98
C ALA EA 230 -78.42 -59.62 17.15
N ARG EA 231 -79.70 -59.48 16.84
CA ARG EA 231 -80.75 -59.40 17.85
C ARG EA 231 -81.65 -60.64 17.73
N ALA EA 232 -82.54 -60.82 18.70
CA ALA EA 232 -83.45 -61.96 18.70
C ALA EA 232 -84.64 -61.70 19.62
N ARG EA 233 -85.85 -61.79 19.07
CA ARG EA 233 -87.06 -61.62 19.86
C ARG EA 233 -88.09 -62.64 19.40
N THR EA 234 -88.98 -63.02 20.31
CA THR EA 234 -90.02 -64.02 20.05
C THR EA 234 -91.36 -63.47 20.56
N VAL EA 235 -91.66 -62.23 20.20
CA VAL EA 235 -92.90 -61.59 20.59
C VAL EA 235 -94.03 -62.12 19.72
N PHE EA 236 -95.06 -62.67 20.36
CA PHE EA 236 -96.22 -63.21 19.66
C PHE EA 236 -97.46 -63.01 20.51
N THR EA 237 -98.62 -63.23 19.89
CA THR EA 237 -99.91 -63.07 20.54
C THR EA 237 -100.56 -64.42 20.77
N ALA EA 238 -101.69 -64.40 21.48
CA ALA EA 238 -102.46 -65.61 21.78
C ALA EA 238 -103.88 -65.19 22.10
N ASP EA 239 -104.80 -66.14 21.97
CA ASP EA 239 -106.22 -65.87 22.22
CA ASP EA 239 -106.22 -65.87 22.22
C ASP EA 239 -106.90 -67.19 22.56
N VAL EA 240 -107.46 -67.28 23.76
CA VAL EA 240 -108.19 -68.49 24.18
C VAL EA 240 -109.65 -68.33 23.78
N SER EA 241 -110.10 -69.17 22.84
CA SER EA 241 -111.48 -69.11 22.36
C SER EA 241 -111.95 -70.51 22.03
N GLY EA 242 -113.27 -70.66 21.92
CA GLY EA 242 -113.87 -71.92 21.55
C GLY EA 242 -113.97 -72.92 22.67
N VAL EA 243 -113.53 -72.52 23.87
CA VAL EA 243 -113.52 -73.41 25.03
C VAL EA 243 -114.93 -73.87 25.36
N THR EA 244 -115.18 -75.17 25.25
CA THR EA 244 -116.48 -75.75 25.54
C THR EA 244 -116.29 -77.11 26.20
N GLY EA 245 -116.99 -77.30 27.32
CA GLY EA 245 -116.95 -78.56 28.04
C GLY EA 245 -115.57 -79.01 28.47
N GLY EA 246 -114.95 -78.27 29.37
CA GLY EA 246 -113.65 -78.62 29.90
C GLY EA 246 -112.66 -77.47 29.80
N SER EA 247 -111.46 -77.73 30.30
CA SER EA 247 -110.37 -76.77 30.31
C SER EA 247 -109.35 -77.10 29.23
N LEU EA 248 -108.59 -76.08 28.83
CA LEU EA 248 -107.60 -76.21 27.77
C LEU EA 248 -106.19 -76.47 28.30
N ASN EA 249 -106.08 -77.24 29.39
CA ASN EA 249 -104.81 -77.55 30.03
C ASN EA 249 -103.77 -78.01 29.02
N PHE EA 250 -102.62 -77.33 28.98
CA PHE EA 250 -101.57 -77.62 28.02
C PHE EA 250 -100.22 -77.32 28.64
N ASP EA 251 -99.18 -77.89 28.04
CA ASP EA 251 -97.82 -77.73 28.54
C ASP EA 251 -97.13 -76.57 27.84
N VAL EA 252 -96.33 -75.83 28.61
CA VAL EA 252 -95.58 -74.69 28.11
C VAL EA 252 -94.09 -75.02 28.26
N THR EA 253 -93.43 -75.32 27.15
CA THR EA 253 -92.02 -75.65 27.14
C THR EA 253 -91.23 -74.48 26.56
N VAL EA 254 -90.29 -73.97 27.35
CA VAL EA 254 -89.45 -72.84 26.93
C VAL EA 254 -88.00 -73.20 27.16
N GLY EA 255 -87.32 -73.66 26.11
CA GLY EA 255 -85.92 -74.01 26.22
C GLY EA 255 -85.65 -75.10 27.24
N SER EA 256 -85.05 -74.73 28.36
CA SER EA 256 -84.69 -75.67 29.42
C SER EA 256 -85.81 -75.84 30.44
N ASN EA 257 -86.22 -74.76 31.10
CA ASN EA 257 -87.29 -74.85 32.10
C ASN EA 257 -88.63 -75.07 31.43
N THR EA 258 -89.51 -75.79 32.12
CA THR EA 258 -90.80 -76.18 31.56
C THR EA 258 -91.84 -76.26 32.67
N VAL EA 259 -92.97 -75.60 32.47
CA VAL EA 259 -94.11 -75.70 33.38
C VAL EA 259 -95.31 -76.19 32.61
N SER EA 260 -96.40 -76.48 33.30
CA SER EA 260 -97.62 -76.98 32.66
C SER EA 260 -98.81 -76.25 33.30
N LEU EA 261 -99.41 -75.33 32.56
CA LEU EA 261 -100.55 -74.59 33.07
C LEU EA 261 -101.78 -75.50 33.16
N ALA EA 262 -102.80 -75.01 33.85
CA ALA EA 262 -104.04 -75.75 34.03
C ALA EA 262 -105.18 -74.75 34.23
N GLY EA 263 -106.40 -75.20 33.96
CA GLY EA 263 -107.56 -74.35 34.14
C GLY EA 263 -107.72 -73.30 33.06
N VAL EA 264 -107.09 -73.52 31.91
CA VAL EA 264 -107.16 -72.58 30.79
C VAL EA 264 -108.60 -72.54 30.29
N THR EA 265 -109.27 -71.40 30.49
CA THR EA 265 -110.66 -71.26 30.08
C THR EA 265 -110.96 -69.95 29.38
N SER EA 266 -110.06 -68.97 29.42
CA SER EA 266 -110.30 -67.67 28.81
C SER EA 266 -108.98 -66.98 28.58
N THR EA 267 -109.01 -65.91 27.77
CA THR EA 267 -107.79 -65.17 27.44
C THR EA 267 -107.19 -64.49 28.66
N GLN EA 268 -108.02 -64.18 29.66
CA GLN EA 268 -107.53 -63.54 30.87
C GLN EA 268 -106.84 -64.54 31.78
N ASP EA 269 -107.39 -65.75 31.86
CA ASP EA 269 -106.81 -66.82 32.68
C ASP EA 269 -105.39 -67.15 32.23
N LEU EA 270 -105.20 -67.29 30.92
CA LEU EA 270 -103.88 -67.53 30.35
C LEU EA 270 -102.94 -66.42 30.76
N ALA EA 271 -103.32 -65.17 30.51
CA ALA EA 271 -102.53 -64.00 30.90
C ALA EA 271 -102.09 -64.08 32.36
N ASP EA 272 -103.04 -64.38 33.25
CA ASP EA 272 -102.77 -64.43 34.67
C ASP EA 272 -101.76 -65.53 35.02
N GLN EA 273 -102.02 -66.76 34.54
CA GLN EA 273 -101.14 -67.87 34.92
C GLN EA 273 -99.76 -67.71 34.30
N LEU EA 274 -99.68 -67.10 33.12
CA LEU EA 274 -98.39 -66.82 32.51
C LEU EA 274 -97.63 -65.78 33.31
N ASN EA 275 -98.33 -64.74 33.77
CA ASN EA 275 -97.73 -63.73 34.63
C ASN EA 275 -97.22 -64.36 35.92
N SER EA 276 -97.94 -65.35 36.45
CA SER EA 276 -97.48 -66.06 37.64
C SER EA 276 -96.21 -66.84 37.38
N ASN EA 277 -96.14 -67.51 36.23
CA ASN EA 277 -94.99 -68.36 35.90
C ASN EA 277 -93.94 -67.65 35.04
N SER EA 278 -94.11 -66.36 34.76
CA SER EA 278 -93.14 -65.63 33.95
C SER EA 278 -91.75 -65.64 34.57
N SER EA 279 -91.69 -65.56 35.91
CA SER EA 279 -90.42 -65.57 36.62
C SER EA 279 -89.64 -66.86 36.34
N LYS EA 280 -90.32 -68.00 36.48
CA LYS EA 280 -89.65 -69.29 36.27
C LYS EA 280 -89.33 -69.50 34.80
N LEU EA 281 -90.29 -69.24 33.92
CA LEU EA 281 -90.12 -69.48 32.49
C LEU EA 281 -89.24 -68.41 31.84
N GLY EA 282 -89.06 -67.29 32.51
CA GLY EA 282 -88.28 -66.20 31.92
C GLY EA 282 -88.96 -65.52 30.76
N ILE EA 283 -90.28 -65.34 30.86
CA ILE EA 283 -91.06 -64.70 29.81
C ILE EA 283 -91.54 -63.34 30.32
N THR EA 284 -92.05 -62.51 29.41
CA THR EA 284 -92.60 -61.20 29.76
C THR EA 284 -94.10 -61.21 29.39
N ALA EA 285 -94.92 -61.63 30.35
CA ALA EA 285 -96.36 -61.71 30.13
C ALA EA 285 -97.00 -60.32 30.19
N SER EA 286 -97.49 -59.84 29.06
CA SER EA 286 -98.10 -58.51 28.97
C SER EA 286 -99.47 -58.65 28.31
N ILE EA 287 -100.52 -58.39 29.09
CA ILE EA 287 -101.87 -58.33 28.55
C ILE EA 287 -102.23 -56.86 28.33
N ASN EA 288 -102.71 -56.55 27.13
CA ASN EA 288 -102.98 -55.17 26.77
C ASN EA 288 -104.40 -54.78 27.14
N ASP EA 289 -104.77 -53.53 26.84
CA ASP EA 289 -106.10 -53.04 27.14
C ASP EA 289 -107.16 -53.74 26.30
N LYS EA 290 -106.77 -54.23 25.12
CA LYS EA 290 -107.72 -54.88 24.23
C LYS EA 290 -107.81 -56.37 24.52
N GLY EA 291 -107.22 -56.81 25.62
CA GLY EA 291 -107.32 -58.20 26.03
C GLY EA 291 -106.32 -59.15 25.40
N VAL EA 292 -106.01 -58.93 24.12
CA VAL EA 292 -105.13 -59.82 23.37
C VAL EA 292 -103.76 -59.89 24.04
N LEU EA 293 -103.25 -61.11 24.20
CA LEU EA 293 -101.95 -61.33 24.83
C LEU EA 293 -100.82 -60.76 23.98
N THR EA 294 -99.81 -60.21 24.63
CA THR EA 294 -98.64 -59.62 23.97
C THR EA 294 -97.34 -60.27 24.47
N ILE EA 295 -97.29 -61.60 24.49
CA ILE EA 295 -96.15 -62.36 25.00
C ILE EA 295 -94.85 -61.82 24.41
N THR EA 296 -93.87 -61.57 25.28
CA THR EA 296 -92.58 -61.01 24.88
C THR EA 296 -91.46 -61.86 25.43
N SER EA 297 -90.46 -62.13 24.59
CA SER EA 297 -89.28 -62.88 24.97
C SER EA 297 -88.12 -61.94 25.23
N ALA EA 298 -87.16 -62.42 26.03
CA ALA EA 298 -86.02 -61.60 26.42
C ALA EA 298 -84.96 -61.57 25.33
N THR EA 299 -84.40 -62.73 25.00
CA THR EA 299 -83.32 -62.82 24.02
C THR EA 299 -83.68 -63.79 22.89
N GLY EA 300 -84.93 -63.67 22.43
CA GLY EA 300 -85.40 -64.50 21.33
C GLY EA 300 -85.40 -65.98 21.65
N GLU EA 301 -86.28 -66.40 22.55
CA GLU EA 301 -86.32 -67.79 22.99
C GLU EA 301 -87.14 -68.64 22.02
N ASN EA 302 -87.33 -69.91 22.36
CA ASN EA 302 -87.98 -70.86 21.46
C ASN EA 302 -89.14 -71.56 22.15
N VAL EA 303 -90.01 -70.78 22.79
CA VAL EA 303 -91.18 -71.29 23.50
C VAL EA 303 -91.95 -72.29 22.65
N LYS EA 304 -92.30 -73.43 23.25
CA LYS EA 304 -93.05 -74.48 22.58
C LYS EA 304 -94.50 -74.42 23.02
N PHE EA 305 -95.30 -75.39 22.54
CA PHE EA 305 -96.69 -75.51 22.96
C PHE EA 305 -97.02 -76.99 23.05
N GLY EA 306 -97.51 -77.42 24.22
CA GLY EA 306 -97.76 -78.83 24.47
C GLY EA 306 -98.99 -79.37 23.80
N ALA EA 307 -99.62 -80.37 24.41
CA ALA EA 307 -100.79 -81.03 23.87
C ALA EA 307 -101.98 -80.74 24.78
N GLN EA 308 -103.17 -81.15 24.31
CA GLN EA 308 -104.42 -80.93 25.03
C GLN EA 308 -104.59 -81.97 26.14
N THR EA 309 -103.90 -81.73 27.25
CA THR EA 309 -103.99 -82.65 28.39
C THR EA 309 -105.33 -82.52 29.10
N GLY EA 310 -106.03 -81.41 28.92
CA GLY EA 310 -107.30 -81.20 29.58
C GLY EA 310 -108.41 -82.04 28.97
N THR EA 311 -109.63 -81.73 29.39
CA THR EA 311 -110.81 -82.47 28.96
C THR EA 311 -111.71 -81.67 28.01
N ALA EA 312 -111.28 -80.49 27.57
CA ALA EA 312 -112.06 -79.67 26.66
C ALA EA 312 -112.31 -80.37 25.34
N THR EA 313 -113.58 -80.44 24.94
CA THR EA 313 -113.95 -81.05 23.67
C THR EA 313 -113.44 -80.20 22.51
N ALA EA 314 -113.74 -78.90 22.54
CA ALA EA 314 -113.32 -77.96 21.52
C ALA EA 314 -112.52 -76.84 22.17
N GLY EA 315 -112.09 -75.89 21.35
CA GLY EA 315 -111.30 -74.77 21.82
C GLY EA 315 -109.85 -74.86 21.37
N GLN EA 316 -109.26 -73.70 21.16
CA GLN EA 316 -107.88 -73.62 20.67
C GLN EA 316 -107.29 -72.24 20.88
N VAL EA 317 -105.98 -72.12 20.67
CA VAL EA 317 -105.28 -70.83 20.73
C VAL EA 317 -104.39 -70.71 19.49
N ALA EA 318 -104.26 -69.50 18.98
CA ALA EA 318 -103.45 -69.23 17.81
C ALA EA 318 -102.29 -68.31 18.18
N VAL EA 319 -101.35 -68.14 17.24
CA VAL EA 319 -100.19 -67.29 17.43
C VAL EA 319 -99.99 -66.44 16.18
N LYS EA 320 -99.47 -65.23 16.38
CA LYS EA 320 -99.24 -64.29 15.29
C LYS EA 320 -97.84 -63.68 15.35
N VAL EA 321 -96.80 -64.50 15.48
CA VAL EA 321 -95.43 -64.07 15.74
C VAL EA 321 -95.02 -62.92 14.83
N GLN EA 322 -94.60 -61.81 15.42
CA GLN EA 322 -94.23 -60.64 14.64
C GLN EA 322 -92.75 -60.67 14.25
N GLY EA 323 -92.37 -59.75 13.39
CA GLY EA 323 -90.98 -59.62 12.98
C GLY EA 323 -90.44 -58.22 13.22
N SER EA 324 -89.38 -57.85 12.50
CA SER EA 324 -88.84 -56.50 12.63
C SER EA 324 -89.80 -55.45 12.09
N ASP EA 325 -90.70 -55.85 11.20
CA ASP EA 325 -91.68 -54.92 10.66
C ASP EA 325 -92.66 -54.42 11.73
N GLY EA 326 -92.88 -55.21 12.78
CA GLY EA 326 -93.79 -54.81 13.84
C GLY EA 326 -95.18 -55.37 13.66
N LYS EA 327 -95.62 -55.49 12.40
CA LYS EA 327 -96.97 -55.97 12.12
C LYS EA 327 -97.09 -57.46 12.41
N PHE EA 328 -97.95 -57.82 13.36
CA PHE EA 328 -98.26 -59.22 13.63
C PHE EA 328 -98.98 -59.80 12.41
N GLU EA 329 -98.50 -60.94 11.91
CA GLU EA 329 -99.07 -61.54 10.71
C GLU EA 329 -100.53 -61.89 10.90
N ALA EA 330 -101.32 -61.71 9.85
CA ALA EA 330 -102.77 -61.93 9.92
C ALA EA 330 -103.13 -63.41 9.91
N ALA EA 331 -102.12 -64.27 9.85
CA ALA EA 331 -102.35 -65.71 9.80
C ALA EA 331 -102.99 -66.21 11.10
N ALA EA 332 -103.55 -67.44 11.06
CA ALA EA 332 -104.20 -68.00 12.24
C ALA EA 332 -103.70 -69.41 12.53
N LYS EA 333 -102.40 -69.64 12.41
CA LYS EA 333 -101.80 -70.96 12.64
C LYS EA 333 -102.07 -71.45 14.05
N ASN EA 334 -102.62 -72.65 14.17
CA ASN EA 334 -102.97 -73.22 15.46
C ASN EA 334 -101.77 -73.90 16.10
N VAL EA 335 -101.60 -73.69 17.41
CA VAL EA 335 -100.55 -74.36 18.16
C VAL EA 335 -101.17 -75.38 19.12
N VAL EA 336 -102.14 -74.94 19.92
CA VAL EA 336 -102.83 -75.87 20.82
C VAL EA 336 -104.30 -75.92 20.44
N ALA EA 337 -104.79 -77.13 20.19
CA ALA EA 337 -106.18 -77.34 19.83
C ALA EA 337 -106.71 -78.58 20.53
N ALA EA 338 -108.00 -78.55 20.86
CA ALA EA 338 -108.64 -79.69 21.51
C ALA EA 338 -108.94 -80.77 20.48
N GLY EA 339 -109.33 -81.96 20.95
CA GLY EA 339 -109.59 -83.08 20.07
C GLY EA 339 -108.37 -83.44 19.24
N THR EA 340 -108.47 -83.18 17.93
CA THR EA 340 -107.34 -83.40 17.02
C THR EA 340 -106.35 -82.26 17.19
N ALA EA 341 -105.19 -82.56 17.79
CA ALA EA 341 -104.19 -81.54 18.04
C ALA EA 341 -103.60 -81.04 16.73
N ALA EA 342 -103.05 -79.83 16.77
CA ALA EA 342 -102.45 -79.23 15.58
C ALA EA 342 -101.05 -79.79 15.33
N THR EA 343 -100.34 -79.22 14.37
CA THR EA 343 -99.00 -79.69 14.03
C THR EA 343 -97.95 -78.65 14.41
N THR EA 344 -98.13 -77.41 13.93
CA THR EA 344 -97.19 -76.34 14.23
C THR EA 344 -97.21 -75.98 15.71
N THR EA 345 -96.14 -76.32 16.42
CA THR EA 345 -96.07 -76.05 17.86
C THR EA 345 -94.76 -75.39 18.27
N ILE EA 346 -93.74 -75.36 17.42
CA ILE EA 346 -92.46 -74.76 17.76
C ILE EA 346 -92.46 -73.30 17.37
N VAL EA 347 -92.85 -72.43 18.30
CA VAL EA 347 -92.86 -70.99 18.06
C VAL EA 347 -91.44 -70.46 18.07
N THR EA 348 -91.02 -69.85 16.97
CA THR EA 348 -89.71 -69.25 16.85
C THR EA 348 -89.85 -67.84 16.31
N GLY EA 349 -89.26 -66.88 17.01
CA GLY EA 349 -89.37 -65.48 16.65
C GLY EA 349 -88.43 -65.09 15.54
N TYR EA 350 -88.36 -63.79 15.28
CA TYR EA 350 -87.52 -63.23 14.24
C TYR EA 350 -86.12 -63.01 14.78
N VAL EA 351 -85.13 -63.17 13.90
CA VAL EA 351 -83.72 -63.05 14.27
C VAL EA 351 -83.10 -61.87 13.55
N GLN EA 352 -83.90 -60.83 13.32
CA GLN EA 352 -83.42 -59.64 12.61
C GLN EA 352 -82.15 -59.09 13.24
N LEU EA 353 -81.06 -59.16 12.49
CA LEU EA 353 -79.78 -58.66 12.93
C LEU EA 353 -79.49 -57.32 12.27
N ASN EA 354 -78.31 -56.76 12.56
CA ASN EA 354 -77.95 -55.45 12.04
C ASN EA 354 -76.47 -55.45 11.64
N SER EA 355 -76.16 -54.64 10.63
CA SER EA 355 -74.80 -54.48 10.14
C SER EA 355 -74.68 -53.19 9.34
N PRO EA 356 -73.70 -52.34 9.65
CA PRO EA 356 -73.55 -51.10 8.88
C PRO EA 356 -73.13 -51.33 7.43
N THR EA 357 -72.18 -52.23 7.21
CA THR EA 357 -71.65 -52.47 5.87
C THR EA 357 -72.66 -53.27 5.06
N ALA EA 358 -72.33 -53.51 3.79
CA ALA EA 358 -73.20 -54.26 2.88
C ALA EA 358 -72.84 -55.74 2.97
N TYR EA 359 -73.82 -56.55 3.34
CA TYR EA 359 -73.63 -57.99 3.50
C TYR EA 359 -74.21 -58.74 2.31
N SER EA 360 -74.21 -60.06 2.41
CA SER EA 360 -74.88 -60.92 1.43
C SER EA 360 -75.12 -62.27 2.09
N VAL EA 361 -76.38 -62.59 2.36
CA VAL EA 361 -76.75 -63.82 3.05
C VAL EA 361 -77.28 -64.81 2.02
N SER EA 362 -76.97 -66.08 2.22
CA SER EA 362 -77.38 -67.14 1.30
C SER EA 362 -77.50 -68.45 2.06
N GLY EA 363 -78.05 -69.46 1.38
CA GLY EA 363 -78.22 -70.77 1.97
C GLY EA 363 -78.80 -71.78 1.00
N THR EA 364 -78.26 -73.00 1.02
CA THR EA 364 -78.72 -74.02 0.10
C THR EA 364 -80.13 -74.46 0.43
N GLY EA 365 -80.98 -74.55 -0.61
CA GLY EA 365 -82.34 -75.00 -0.44
C GLY EA 365 -83.20 -74.06 0.38
N THR EA 366 -83.87 -74.61 1.41
CA THR EA 366 -84.76 -73.84 2.26
C THR EA 366 -84.10 -73.35 3.53
N GLN EA 367 -82.82 -73.67 3.74
CA GLN EA 367 -82.10 -73.27 4.95
C GLN EA 367 -82.08 -71.76 5.11
N ALA EA 368 -82.03 -71.02 3.99
CA ALA EA 368 -82.05 -69.57 4.05
C ALA EA 368 -83.47 -69.03 4.08
N SER EA 369 -84.37 -69.64 3.31
CA SER EA 369 -85.74 -69.16 3.23
C SER EA 369 -86.47 -69.30 4.56
N GLN EA 370 -86.13 -70.33 5.33
CA GLN EA 370 -86.79 -70.55 6.61
C GLN EA 370 -86.42 -69.49 7.63
N VAL EA 371 -85.29 -68.81 7.44
CA VAL EA 371 -84.76 -67.89 8.43
C VAL EA 371 -84.74 -66.45 7.92
N PHE EA 372 -84.40 -66.22 6.65
CA PHE EA 372 -84.37 -64.87 6.10
C PHE EA 372 -85.37 -64.71 4.96
N GLY EA 373 -85.95 -65.80 4.50
CA GLY EA 373 -86.91 -65.70 3.42
C GLY EA 373 -86.25 -65.35 2.10
N ASN EA 374 -86.92 -64.45 1.36
CA ASN EA 374 -86.46 -64.08 0.03
C ASN EA 374 -85.25 -63.17 0.07
N ALA EA 375 -84.91 -62.67 1.27
CA ALA EA 375 -83.76 -61.80 1.47
C ALA EA 375 -82.51 -62.33 0.77
N SER EA 376 -81.94 -61.54 -0.13
CA SER EA 376 -80.88 -62.05 -0.99
C SER EA 376 -79.52 -61.42 -0.68
N ALA EA 377 -79.41 -60.10 -0.80
CA ALA EA 377 -78.11 -59.48 -0.60
C ALA EA 377 -78.05 -58.54 0.59
N ALA EA 378 -78.85 -57.48 0.58
CA ALA EA 378 -78.72 -56.42 1.58
C ALA EA 378 -79.86 -55.43 1.40
N GLN EA 379 -79.80 -54.37 2.21
CA GLN EA 379 -80.71 -53.23 2.08
C GLN EA 379 -79.91 -51.95 2.31
N LYS EA 380 -80.59 -50.82 2.45
CA LYS EA 380 -79.91 -49.56 2.76
C LYS EA 380 -80.56 -48.90 3.97
N SER EA 381 -81.88 -49.10 4.11
CA SER EA 381 -82.73 -48.60 5.18
C SER EA 381 -82.96 -47.10 5.08
N SER EA 382 -82.17 -46.42 4.24
CA SER EA 382 -82.44 -45.06 3.77
C SER EA 382 -83.04 -44.16 4.86
N VAL EA 383 -82.32 -43.96 5.96
CA VAL EA 383 -82.96 -43.41 7.15
C VAL EA 383 -83.26 -41.93 6.98
N ALA EA 384 -84.49 -41.63 6.57
CA ALA EA 384 -85.07 -40.30 6.65
C ALA EA 384 -86.49 -40.46 7.20
N SER EA 385 -87.02 -41.68 7.08
CA SER EA 385 -88.31 -42.17 7.55
C SER EA 385 -88.27 -42.61 8.99
N VAL EA 386 -87.38 -42.01 9.77
CA VAL EA 386 -87.14 -42.34 11.18
C VAL EA 386 -88.44 -42.53 11.94
N ASP EA 387 -89.41 -41.62 11.72
CA ASP EA 387 -90.70 -41.66 12.40
C ASP EA 387 -90.48 -41.88 13.90
N ILE EA 388 -89.88 -40.89 14.56
CA ILE EA 388 -89.51 -41.05 15.96
C ILE EA 388 -90.75 -41.10 16.86
N SER EA 389 -91.90 -40.71 16.32
CA SER EA 389 -93.15 -40.74 17.07
C SER EA 389 -93.51 -42.15 17.51
N THR EA 390 -93.34 -43.12 16.61
CA THR EA 390 -93.68 -44.50 16.91
C THR EA 390 -92.59 -45.14 17.76
N ALA EA 391 -93.02 -45.95 18.74
CA ALA EA 391 -92.09 -46.64 19.62
C ALA EA 391 -91.23 -47.65 18.85
N ASP EA 392 -91.88 -48.56 18.12
CA ASP EA 392 -91.17 -49.51 17.28
C ASP EA 392 -90.26 -48.79 16.29
N GLY EA 393 -90.81 -47.73 15.67
CA GLY EA 393 -90.02 -46.87 14.81
C GLY EA 393 -88.84 -46.27 15.54
N ALA EA 394 -89.04 -45.91 16.81
CA ALA EA 394 -87.96 -45.35 17.62
C ALA EA 394 -86.83 -46.36 17.82
N GLN EA 395 -87.18 -47.60 18.17
CA GLN EA 395 -86.16 -48.62 18.38
C GLN EA 395 -85.43 -48.93 17.08
N ASN EA 396 -86.19 -49.04 15.98
CA ASN EA 396 -85.56 -49.23 14.68
C ASN EA 396 -84.60 -48.09 14.36
N ALA EA 397 -84.99 -46.87 14.75
CA ALA EA 397 -84.13 -45.71 14.54
C ALA EA 397 -82.85 -45.83 15.34
N ILE EA 398 -82.95 -46.24 16.60
CA ILE EA 398 -81.78 -46.43 17.45
C ILE EA 398 -80.84 -47.41 16.77
N ALA EA 399 -81.40 -48.52 16.27
CA ALA EA 399 -80.57 -49.53 15.61
C ALA EA 399 -79.87 -48.97 14.38
N VAL EA 400 -80.62 -48.27 13.52
CA VAL EA 400 -80.06 -47.78 12.28
C VAL EA 400 -78.98 -46.72 12.55
N VAL EA 401 -79.20 -45.89 13.58
CA VAL EA 401 -78.22 -44.86 13.86
C VAL EA 401 -77.00 -45.43 14.58
N ASP EA 402 -77.17 -46.53 15.32
CA ASP EA 402 -76.00 -47.23 15.85
C ASP EA 402 -75.14 -47.77 14.70
N ASN EA 403 -75.80 -48.39 13.71
CA ASN EA 403 -75.06 -48.83 12.53
C ASN EA 403 -74.42 -47.65 11.80
N ALA EA 404 -75.11 -46.52 11.71
CA ALA EA 404 -74.58 -45.35 11.02
C ALA EA 404 -73.34 -44.80 11.74
N LEU EA 405 -73.40 -44.71 13.07
CA LEU EA 405 -72.25 -44.23 13.80
C LEU EA 405 -71.10 -45.23 13.75
N ALA EA 406 -71.39 -46.53 13.67
CA ALA EA 406 -70.33 -47.50 13.46
C ALA EA 406 -69.65 -47.28 12.11
N ALA EA 407 -70.45 -47.02 11.08
CA ALA EA 407 -69.89 -46.76 9.76
C ALA EA 407 -69.05 -45.48 9.76
N ILE EA 408 -69.54 -44.44 10.45
CA ILE EA 408 -68.79 -43.19 10.51
C ILE EA 408 -67.50 -43.38 11.30
N ASP EA 409 -67.54 -44.25 12.32
CA ASP EA 409 -66.32 -44.56 13.06
C ASP EA 409 -65.32 -45.28 12.16
N ALA EA 410 -65.80 -46.22 11.34
CA ALA EA 410 -64.92 -46.88 10.38
C ALA EA 410 -64.32 -45.87 9.39
N GLN EA 411 -65.14 -44.91 8.95
CA GLN EA 411 -64.64 -43.89 8.02
C GLN EA 411 -63.59 -43.02 8.69
N ARG EA 412 -63.83 -42.62 9.93
CA ARG EA 412 -62.82 -41.87 10.68
C ARG EA 412 -61.56 -42.71 10.88
N ALA EA 413 -61.71 -44.03 10.96
CA ALA EA 413 -60.55 -44.89 11.04
C ALA EA 413 -59.75 -44.86 9.74
N ASP EA 414 -60.42 -44.91 8.59
CA ASP EA 414 -59.72 -44.72 7.32
C ASP EA 414 -59.02 -43.36 7.29
N LEU EA 415 -59.68 -42.32 7.80
CA LEU EA 415 -59.08 -40.99 7.79
C LEU EA 415 -57.84 -40.93 8.66
N ALA EA 416 -57.89 -41.50 9.87
CA ALA EA 416 -56.72 -41.55 10.72
C ALA EA 416 -55.61 -42.36 10.07
N ALA EA 417 -55.99 -43.44 9.38
CA ALA EA 417 -55.01 -44.26 8.67
C ALA EA 417 -54.27 -43.44 7.63
N VAL EA 418 -55.01 -42.72 6.78
CA VAL EA 418 -54.36 -41.98 5.70
C VAL EA 418 -53.59 -40.79 6.26
N GLN EA 419 -54.05 -40.24 7.38
CA GLN EA 419 -53.33 -39.13 8.00
C GLN EA 419 -51.99 -39.56 8.57
N ASN EA 420 -51.97 -40.63 9.38
CA ASN EA 420 -50.69 -41.10 9.91
C ASN EA 420 -49.80 -41.64 8.79
N ARG EA 421 -50.40 -42.21 7.75
CA ARG EA 421 -49.62 -42.65 6.60
C ARG EA 421 -48.97 -41.47 5.89
N PHE EA 422 -49.71 -40.37 5.72
CA PHE EA 422 -49.14 -39.17 5.13
C PHE EA 422 -48.05 -38.59 6.01
N LYS EA 423 -48.22 -38.67 7.33
CA LYS EA 423 -47.19 -38.18 8.24
C LYS EA 423 -45.90 -38.97 8.07
N ASN EA 424 -46.00 -40.31 8.10
CA ASN EA 424 -44.82 -41.14 7.91
C ASN EA 424 -44.20 -40.90 6.53
N THR EA 425 -45.04 -40.76 5.51
CA THR EA 425 -44.55 -40.57 4.15
C THR EA 425 -43.81 -39.25 4.02
N ILE EA 426 -44.35 -38.17 4.59
CA ILE EA 426 -43.70 -36.88 4.47
C ILE EA 426 -42.44 -36.85 5.31
N ASP EA 427 -42.41 -37.58 6.42
CA ASP EA 427 -41.18 -37.69 7.20
C ASP EA 427 -40.09 -38.36 6.37
N ASN EA 428 -40.40 -39.54 5.83
CA ASN EA 428 -39.45 -40.25 4.97
C ASN EA 428 -39.04 -39.37 3.79
N LEU EA 429 -39.97 -38.58 3.27
CA LEU EA 429 -39.70 -37.80 2.07
C LEU EA 429 -38.78 -36.63 2.37
N THR EA 430 -38.99 -35.95 3.50
CA THR EA 430 -38.04 -34.91 3.92
C THR EA 430 -36.66 -35.50 4.17
N ASN EA 431 -36.61 -36.68 4.80
CA ASN EA 431 -35.31 -37.32 5.01
C ASN EA 431 -34.61 -37.60 3.69
N ILE EA 432 -35.32 -38.23 2.75
CA ILE EA 432 -34.70 -38.57 1.47
C ILE EA 432 -34.30 -37.31 0.71
N SER EA 433 -35.10 -36.25 0.82
CA SER EA 433 -34.78 -35.03 0.08
C SER EA 433 -33.55 -34.34 0.67
N GLU EA 434 -33.45 -34.25 1.99
CA GLU EA 434 -32.27 -33.63 2.58
C GLU EA 434 -31.04 -34.48 2.31
N ASN EA 435 -31.19 -35.81 2.27
CA ASN EA 435 -30.06 -36.68 1.98
C ASN EA 435 -29.62 -36.54 0.53
N ALA EA 436 -30.58 -36.40 -0.40
CA ALA EA 436 -30.23 -36.21 -1.80
C ALA EA 436 -29.61 -34.85 -2.03
N THR EA 437 -30.03 -33.83 -1.28
CA THR EA 437 -29.37 -32.53 -1.37
C THR EA 437 -27.96 -32.60 -0.78
N ASN EA 438 -27.77 -33.43 0.26
CA ASN EA 438 -26.42 -33.66 0.77
C ASN EA 438 -25.55 -34.31 -0.30
N ALA EA 439 -26.11 -35.28 -1.03
CA ALA EA 439 -25.38 -35.89 -2.14
C ALA EA 439 -25.04 -34.85 -3.21
N ARG EA 440 -26.02 -34.00 -3.55
CA ARG EA 440 -25.79 -32.98 -4.56
C ARG EA 440 -24.72 -31.98 -4.12
N SER EA 441 -24.65 -31.70 -2.82
CA SER EA 441 -23.61 -30.80 -2.31
C SER EA 441 -22.25 -31.48 -2.37
N ARG EA 442 -22.19 -32.77 -2.01
CA ARG EA 442 -20.95 -33.51 -2.11
C ARG EA 442 -20.46 -33.63 -3.55
N ILE EA 443 -21.38 -33.64 -4.52
CA ILE EA 443 -20.99 -33.85 -5.91
C ILE EA 443 -20.82 -32.55 -6.71
N LYS EA 444 -21.46 -31.45 -6.30
CA LYS EA 444 -21.51 -30.24 -7.09
C LYS EA 444 -20.82 -29.04 -6.46
N ASP EA 445 -21.23 -28.65 -5.25
CA ASP EA 445 -20.66 -27.46 -4.63
C ASP EA 445 -19.18 -27.67 -4.32
N THR EA 446 -18.36 -26.76 -4.83
CA THR EA 446 -16.91 -26.92 -4.75
C THR EA 446 -16.42 -26.78 -3.31
N ASP EA 447 -15.46 -27.64 -2.95
CA ASP EA 447 -14.71 -27.47 -1.70
C ASP EA 447 -13.59 -26.45 -1.94
N PHE EA 448 -14.00 -25.19 -2.02
CA PHE EA 448 -13.12 -24.10 -2.43
C PHE EA 448 -11.94 -23.87 -1.51
N ALA EA 449 -11.84 -24.59 -0.39
CA ALA EA 449 -10.69 -24.46 0.49
C ALA EA 449 -9.37 -24.69 -0.24
N ALA EA 450 -9.38 -25.53 -1.28
CA ALA EA 450 -8.24 -25.68 -2.17
C ALA EA 450 -8.38 -24.91 -3.47
N GLU EA 451 -9.60 -24.53 -3.85
CA GLU EA 451 -9.80 -23.76 -5.07
C GLU EA 451 -9.24 -22.35 -4.95
N THR EA 452 -9.34 -21.72 -3.78
CA THR EA 452 -8.72 -20.41 -3.60
C THR EA 452 -7.21 -20.50 -3.71
N ALA EA 453 -6.61 -21.56 -3.15
CA ALA EA 453 -5.17 -21.75 -3.29
C ALA EA 453 -4.78 -21.98 -4.74
N ALA EA 454 -5.57 -22.76 -5.47
CA ALA EA 454 -5.31 -22.99 -6.89
C ALA EA 454 -5.42 -21.68 -7.67
N LEU EA 455 -6.39 -20.84 -7.30
CA LEU EA 455 -6.55 -19.56 -7.97
C LEU EA 455 -5.35 -18.64 -7.70
N SER EA 456 -4.88 -18.60 -6.46
CA SER EA 456 -3.71 -17.80 -6.14
C SER EA 456 -2.48 -18.31 -6.89
N LYS EA 457 -2.33 -19.63 -6.96
CA LYS EA 457 -1.23 -20.22 -7.73
C LYS EA 457 -1.32 -19.83 -9.20
N ASN EA 458 -2.52 -19.89 -9.78
CA ASN EA 458 -2.69 -19.50 -11.17
C ASN EA 458 -2.35 -18.03 -11.37
N GLN EA 459 -2.75 -17.18 -10.42
CA GLN EA 459 -2.49 -15.76 -10.56
C GLN EA 459 -0.99 -15.46 -10.50
N VAL EA 460 -0.30 -16.05 -9.52
CA VAL EA 460 1.14 -15.79 -9.40
C VAL EA 460 1.88 -16.39 -10.58
N LEU EA 461 1.39 -17.51 -11.12
CA LEU EA 461 2.02 -18.11 -12.29
C LEU EA 461 1.82 -17.23 -13.52
N GLN EA 462 0.64 -16.64 -13.67
CA GLN EA 462 0.41 -15.71 -14.78
C GLN EA 462 1.32 -14.49 -14.67
N GLN EA 463 1.43 -13.92 -13.46
CA GLN EA 463 2.30 -12.77 -13.26
C GLN EA 463 3.75 -13.14 -13.55
N ALA EA 464 4.18 -14.32 -13.10
CA ALA EA 464 5.54 -14.78 -13.39
C ALA EA 464 5.74 -14.95 -14.89
N GLY EA 465 4.71 -15.43 -15.60
CA GLY EA 465 4.84 -15.58 -17.04
C GLY EA 465 4.98 -14.25 -17.75
N THR EA 466 4.20 -13.25 -17.33
CA THR EA 466 4.38 -11.91 -17.88
C THR EA 466 5.78 -11.37 -17.58
N ALA EA 467 6.30 -11.66 -16.39
CA ALA EA 467 7.65 -11.21 -16.05
C ALA EA 467 8.70 -11.88 -16.94
N ILE EA 468 8.60 -13.20 -17.11
CA ILE EA 468 9.50 -13.91 -18.01
C ILE EA 468 9.40 -13.35 -19.42
N LEU EA 469 8.19 -13.01 -19.87
CA LEU EA 469 8.05 -12.44 -21.21
C LEU EA 469 8.74 -11.09 -21.30
N ALA EA 470 8.54 -10.22 -20.31
CA ALA EA 470 9.17 -8.91 -20.32
C ALA EA 470 10.69 -9.01 -20.28
N GLN EA 471 11.23 -10.04 -19.62
CA GLN EA 471 12.68 -10.20 -19.58
C GLN EA 471 13.21 -10.85 -20.87
N ALA EA 472 12.45 -11.74 -21.47
CA ALA EA 472 12.96 -12.51 -22.61
C ALA EA 472 12.80 -11.76 -23.92
N ASN EA 473 11.79 -10.90 -24.04
CA ASN EA 473 11.59 -10.15 -25.27
C ASN EA 473 12.68 -9.10 -25.46
N GLN EA 474 13.55 -8.94 -24.47
CA GLN EA 474 14.60 -7.94 -24.51
C GLN EA 474 15.99 -8.51 -24.81
N LEU EA 475 16.12 -9.84 -24.83
CA LEU EA 475 17.42 -10.47 -25.13
C LEU EA 475 17.88 -10.21 -26.55
N PRO EA 476 17.08 -10.46 -27.60
CA PRO EA 476 17.57 -10.20 -28.95
C PRO EA 476 17.92 -8.74 -29.19
N GLN EA 477 17.17 -7.80 -28.61
CA GLN EA 477 17.51 -6.39 -28.72
C GLN EA 477 18.94 -6.15 -28.23
N ALA EA 478 19.25 -6.68 -27.04
CA ALA EA 478 20.58 -6.48 -26.48
C ALA EA 478 21.66 -7.13 -27.34
N VAL EA 479 21.44 -8.38 -27.77
CA VAL EA 479 22.49 -9.09 -28.49
C VAL EA 479 22.76 -8.41 -29.84
N LEU EA 480 21.69 -7.95 -30.51
CA LEU EA 480 21.90 -7.24 -31.77
C LEU EA 480 22.54 -5.87 -31.56
N SER EA 481 22.12 -5.13 -30.53
CA SER EA 481 22.66 -3.79 -30.34
C SER EA 481 24.11 -3.83 -29.91
N LEU EA 482 24.53 -4.89 -29.23
CA LEU EA 482 25.91 -4.96 -28.76
C LEU EA 482 26.84 -5.67 -29.75
N LEU EA 483 26.33 -6.62 -30.53
CA LEU EA 483 27.17 -7.30 -31.50
C LEU EA 483 27.35 -6.51 -32.80
N ARG EA 484 26.44 -5.59 -33.10
CA ARG EA 484 26.55 -4.80 -34.32
C ARG EA 484 27.34 -3.52 -34.08
N VAL FA 1 59.17 -5.32 -66.40
CA VAL FA 1 57.78 -5.72 -66.26
C VAL FA 1 56.89 -4.49 -66.18
N ASN FA 2 56.43 -4.02 -67.35
CA ASN FA 2 55.61 -2.81 -67.39
C ASN FA 2 54.32 -2.93 -68.18
N THR FA 3 54.21 -3.84 -69.15
CA THR FA 3 52.97 -3.96 -69.92
C THR FA 3 51.86 -4.63 -69.13
N ASN FA 4 52.18 -5.27 -68.01
CA ASN FA 4 51.19 -5.93 -67.16
C ASN FA 4 51.85 -6.27 -65.84
N ILE FA 5 51.02 -6.43 -64.81
CA ILE FA 5 51.48 -6.75 -63.47
C ILE FA 5 50.71 -7.97 -62.99
N ALA FA 6 51.42 -8.93 -62.38
CA ALA FA 6 50.78 -10.13 -61.85
C ALA FA 6 49.90 -9.86 -60.64
N SER FA 7 49.69 -8.59 -60.28
CA SER FA 7 48.92 -8.25 -59.08
C SER FA 7 47.42 -8.49 -59.25
N LEU FA 8 46.95 -9.06 -60.36
CA LEU FA 8 45.53 -9.30 -60.51
C LEU FA 8 45.02 -10.42 -59.61
N ASN FA 9 45.93 -11.16 -58.96
CA ASN FA 9 45.51 -12.04 -57.88
C ASN FA 9 44.83 -11.25 -56.78
N THR FA 10 45.30 -10.03 -56.53
CA THR FA 10 44.63 -9.15 -55.57
C THR FA 10 43.24 -8.78 -56.04
N GLN FA 11 43.06 -8.56 -57.35
CA GLN FA 11 41.71 -8.32 -57.88
C GLN FA 11 40.82 -9.54 -57.70
N ARG FA 12 41.36 -10.73 -57.95
CA ARG FA 12 40.58 -11.95 -57.72
C ARG FA 12 40.13 -12.06 -56.28
N ASN FA 13 41.07 -11.88 -55.34
CA ASN FA 13 40.73 -11.95 -53.93
C ASN FA 13 39.76 -10.87 -53.51
N LEU FA 14 39.90 -9.66 -54.08
CA LEU FA 14 38.97 -8.58 -53.76
C LEU FA 14 37.56 -8.89 -54.24
N ASN FA 15 37.44 -9.42 -55.46
CA ASN FA 15 36.12 -9.79 -55.96
C ASN FA 15 35.50 -10.88 -55.11
N ALA FA 16 36.27 -11.91 -54.77
CA ALA FA 16 35.75 -12.99 -53.94
C ALA FA 16 35.34 -12.48 -52.56
N SER FA 17 36.17 -11.62 -51.96
CA SER FA 17 35.86 -11.08 -50.65
C SER FA 17 34.63 -10.18 -50.69
N SER FA 18 34.43 -9.46 -51.79
CA SER FA 18 33.21 -8.67 -51.93
C SER FA 18 31.99 -9.57 -52.07
N ASN FA 19 32.14 -10.71 -52.76
CA ASN FA 19 31.04 -11.68 -52.80
C ASN FA 19 30.69 -12.16 -51.40
N ASP FA 20 31.69 -12.61 -50.64
CA ASP FA 20 31.41 -13.08 -49.28
C ASP FA 20 30.89 -11.95 -48.40
N LEU FA 21 31.30 -10.71 -48.68
CA LEU FA 21 30.86 -9.58 -47.88
C LEU FA 21 29.39 -9.28 -48.10
N ASN FA 22 28.97 -9.22 -49.36
CA ASN FA 22 27.55 -9.00 -49.64
C ASN FA 22 26.72 -10.18 -49.17
N THR FA 23 27.28 -11.39 -49.22
CA THR FA 23 26.58 -12.56 -48.67
C THR FA 23 26.37 -12.41 -47.16
N SER FA 24 27.41 -11.98 -46.44
CA SER FA 24 27.29 -11.81 -45.01
C SER FA 24 26.32 -10.68 -44.66
N LEU FA 25 26.35 -9.60 -45.44
CA LEU FA 25 25.39 -8.51 -45.21
C LEU FA 25 23.96 -8.98 -45.44
N GLN FA 26 23.74 -9.79 -46.48
CA GLN FA 26 22.41 -10.34 -46.71
C GLN FA 26 21.98 -11.23 -45.54
N ARG FA 27 22.87 -12.12 -45.12
CA ARG FA 27 22.58 -13.00 -43.98
C ARG FA 27 22.23 -12.19 -42.74
N LEU FA 28 22.89 -11.04 -42.56
CA LEU FA 28 22.66 -10.23 -41.38
C LEU FA 28 21.33 -9.48 -41.48
N THR FA 29 20.99 -8.97 -42.66
CA THR FA 29 19.78 -8.17 -42.79
C THR FA 29 18.52 -9.03 -42.84
N THR FA 30 18.61 -10.26 -43.33
CA THR FA 30 17.42 -11.11 -43.35
C THR FA 30 17.27 -11.95 -42.09
N GLY FA 31 18.31 -12.04 -41.27
CA GLY FA 31 18.28 -12.89 -40.10
C GLY FA 31 18.41 -14.38 -40.40
N TYR FA 32 18.68 -14.74 -41.64
CA TYR FA 32 18.74 -16.14 -42.06
C TYR FA 32 20.17 -16.46 -42.50
N ARG FA 33 20.76 -17.48 -41.90
CA ARG FA 33 22.08 -17.93 -42.35
C ARG FA 33 22.03 -18.39 -43.80
N ILE FA 34 21.05 -19.21 -44.15
CA ILE FA 34 20.78 -19.51 -45.55
C ILE FA 34 19.74 -18.52 -46.06
N ASN FA 35 20.14 -17.71 -47.04
CA ASN FA 35 19.24 -16.72 -47.60
C ASN FA 35 18.03 -17.41 -48.24
N SER FA 36 16.94 -16.64 -48.35
CA SER FA 36 15.78 -17.10 -49.11
C SER FA 36 16.14 -17.36 -50.57
N ALA FA 37 17.35 -16.98 -50.99
CA ALA FA 37 17.83 -17.23 -52.34
C ALA FA 37 18.32 -18.67 -52.47
N LYS FA 38 19.08 -18.91 -53.54
CA LYS FA 38 19.53 -20.25 -53.91
C LYS FA 38 20.21 -21.00 -52.77
N ASP FA 39 20.80 -20.28 -51.81
CA ASP FA 39 21.78 -20.88 -50.90
C ASP FA 39 21.19 -22.08 -50.15
N ASP FA 40 21.83 -23.24 -50.36
CA ASP FA 40 21.47 -24.49 -49.69
C ASP FA 40 20.00 -24.86 -49.96
N ALA FA 41 19.75 -25.16 -51.24
CA ALA FA 41 18.42 -25.51 -51.70
C ALA FA 41 17.77 -26.60 -50.86
N ALA FA 42 18.57 -27.49 -50.28
CA ALA FA 42 18.01 -28.49 -49.37
C ALA FA 42 17.51 -27.84 -48.08
N GLY FA 43 18.33 -26.99 -47.47
CA GLY FA 43 17.87 -26.22 -46.33
C GLY FA 43 16.72 -25.31 -46.69
N LEU FA 44 16.74 -24.76 -47.90
CA LEU FA 44 15.61 -23.96 -48.37
C LEU FA 44 14.34 -24.81 -48.44
N GLN FA 45 14.47 -26.07 -48.86
CA GLN FA 45 13.34 -26.98 -48.91
C GLN FA 45 12.78 -27.25 -47.52
N ILE FA 46 13.68 -27.55 -46.57
CA ILE FA 46 13.25 -27.78 -45.20
C ILE FA 46 12.55 -26.55 -44.63
N SER FA 47 13.09 -25.36 -44.91
CA SER FA 47 12.48 -24.13 -44.43
C SER FA 47 11.11 -23.93 -45.05
N ASN FA 48 10.98 -24.21 -46.35
CA ASN FA 48 9.70 -24.02 -47.04
C ASN FA 48 8.64 -24.96 -46.47
N ARG FA 49 8.99 -26.24 -46.31
CA ARG FA 49 7.99 -27.17 -45.78
C ARG FA 49 7.65 -26.85 -44.34
N LEU FA 50 8.64 -26.41 -43.55
CA LEU FA 50 8.35 -26.03 -42.17
C LEU FA 50 7.46 -24.80 -42.09
N SER FA 51 7.66 -23.84 -43.00
CA SER FA 51 6.80 -22.66 -43.01
C SER FA 51 5.38 -23.02 -43.42
N ASN FA 52 5.24 -23.85 -44.46
CA ASN FA 52 3.92 -24.38 -44.82
C ASN FA 52 3.26 -25.04 -43.61
N GLN FA 53 4.03 -25.87 -42.90
CA GLN FA 53 3.49 -26.60 -41.77
C GLN FA 53 3.02 -25.66 -40.67
N ILE FA 54 3.83 -24.66 -40.31
CA ILE FA 54 3.48 -23.80 -39.18
C ILE FA 54 2.31 -22.90 -39.55
N SER FA 55 2.25 -22.46 -40.81
CA SER FA 55 1.09 -21.67 -41.24
C SER FA 55 -0.18 -22.50 -41.17
N GLY FA 56 -0.13 -23.74 -41.68
CA GLY FA 56 -1.29 -24.61 -41.58
C GLY FA 56 -1.67 -24.87 -40.13
N LEU FA 57 -0.67 -25.00 -39.26
CA LEU FA 57 -0.95 -25.25 -37.86
C LEU FA 57 -1.60 -24.05 -37.18
N ASN FA 58 -1.18 -22.84 -37.54
CA ASN FA 58 -1.80 -21.65 -36.97
C ASN FA 58 -3.24 -21.49 -37.44
N VAL FA 59 -3.49 -21.71 -38.73
CA VAL FA 59 -4.87 -21.56 -39.19
C VAL FA 59 -5.75 -22.69 -38.63
N ALA FA 60 -5.17 -23.88 -38.42
CA ALA FA 60 -5.90 -24.95 -37.76
C ALA FA 60 -6.19 -24.58 -36.30
N THR FA 61 -5.26 -23.88 -35.65
CA THR FA 61 -5.50 -23.41 -34.28
C THR FA 61 -6.67 -22.45 -34.24
N ARG FA 62 -6.73 -21.52 -35.21
CA ARG FA 62 -7.82 -20.56 -35.21
C ARG FA 62 -9.16 -21.22 -35.52
N ASN FA 63 -9.15 -22.18 -36.46
CA ASN FA 63 -10.37 -22.93 -36.75
C ASN FA 63 -10.81 -23.73 -35.53
N ALA FA 64 -9.85 -24.29 -34.78
CA ALA FA 64 -10.19 -25.06 -33.59
C ALA FA 64 -10.74 -24.16 -32.49
N ASN FA 65 -10.23 -22.93 -32.39
CA ASN FA 65 -10.80 -21.99 -31.42
C ASN FA 65 -12.22 -21.60 -31.81
N ASP FA 66 -12.47 -21.39 -33.10
CA ASP FA 66 -13.83 -21.12 -33.56
C ASP FA 66 -14.75 -22.30 -33.24
N GLY FA 67 -14.27 -23.52 -33.45
CA GLY FA 67 -15.07 -24.69 -33.12
C GLY FA 67 -15.32 -24.83 -31.63
N ILE FA 68 -14.33 -24.48 -30.81
CA ILE FA 68 -14.51 -24.47 -29.36
C ILE FA 68 -15.61 -23.48 -28.98
N SER FA 69 -15.60 -22.30 -29.57
CA SER FA 69 -16.64 -21.31 -29.28
C SER FA 69 -18.01 -21.82 -29.71
N LEU FA 70 -18.09 -22.42 -30.89
CA LEU FA 70 -19.37 -22.97 -31.36
C LEU FA 70 -19.89 -24.04 -30.40
N ALA FA 71 -19.03 -25.00 -30.04
CA ALA FA 71 -19.44 -26.05 -29.12
C ALA FA 71 -19.80 -25.50 -27.75
N GLN FA 72 -19.17 -24.42 -27.30
CA GLN FA 72 -19.50 -23.86 -26.00
C GLN FA 72 -20.86 -23.18 -26.04
N THR FA 73 -21.16 -22.47 -27.14
CA THR FA 73 -22.51 -21.96 -27.33
C THR FA 73 -23.53 -23.08 -27.32
N ALA FA 74 -23.20 -24.20 -27.98
CA ALA FA 74 -24.11 -25.34 -27.99
C ALA FA 74 -24.30 -25.90 -26.58
N GLU FA 75 -23.23 -25.95 -25.79
CA GLU FA 75 -23.34 -26.44 -24.42
C GLU FA 75 -24.22 -25.53 -23.57
N GLY FA 76 -24.08 -24.22 -23.76
CA GLY FA 76 -24.96 -23.30 -23.07
C GLY FA 76 -26.41 -23.48 -23.44
N ALA FA 77 -26.69 -23.64 -24.73
CA ALA FA 77 -28.05 -23.89 -25.17
C ALA FA 77 -28.61 -25.18 -24.57
N LEU FA 78 -27.78 -26.23 -24.54
CA LEU FA 78 -28.25 -27.51 -24.01
C LEU FA 78 -28.46 -27.47 -22.50
N GLN FA 79 -27.64 -26.73 -21.75
CA GLN FA 79 -27.87 -26.61 -20.32
C GLN FA 79 -29.12 -25.78 -20.05
N GLN FA 80 -29.38 -24.78 -20.89
CA GLN FA 80 -30.63 -24.04 -20.79
C GLN FA 80 -31.82 -24.97 -21.02
N SER FA 81 -31.75 -25.80 -22.06
CA SER FA 81 -32.84 -26.75 -22.32
C SER FA 81 -32.99 -27.75 -21.18
N THR FA 82 -31.87 -28.09 -20.53
CA THR FA 82 -31.93 -28.96 -19.36
C THR FA 82 -32.69 -28.29 -18.22
N ASN FA 83 -32.45 -27.00 -18.00
CA ASN FA 83 -33.22 -26.27 -17.00
C ASN FA 83 -34.69 -26.20 -17.37
N ILE FA 84 -34.99 -26.05 -18.67
CA ILE FA 84 -36.38 -26.07 -19.11
C ILE FA 84 -37.03 -27.42 -18.81
N LEU FA 85 -36.30 -28.51 -19.05
CA LEU FA 85 -36.85 -29.84 -18.73
C LEU FA 85 -37.03 -30.02 -17.23
N GLN FA 86 -36.12 -29.45 -16.44
CA GLN FA 86 -36.28 -29.45 -14.99
C GLN FA 86 -37.58 -28.77 -14.59
N ARG FA 87 -37.83 -27.58 -15.13
CA ARG FA 87 -39.07 -26.88 -14.83
C ARG FA 87 -40.28 -27.63 -15.36
N ILE FA 88 -40.13 -28.36 -16.46
CA ILE FA 88 -41.25 -29.11 -17.00
C ILE FA 88 -41.62 -30.27 -16.09
N ARG FA 89 -40.62 -31.01 -15.60
CA ARG FA 89 -40.91 -32.04 -14.61
C ARG FA 89 -41.49 -31.44 -13.34
N ASP FA 90 -41.00 -30.27 -12.93
CA ASP FA 90 -41.55 -29.59 -11.78
C ASP FA 90 -43.05 -29.35 -11.95
N LEU FA 91 -43.43 -28.73 -13.06
CA LEU FA 91 -44.84 -28.45 -13.32
C LEU FA 91 -45.64 -29.74 -13.49
N ALA FA 92 -45.01 -30.79 -14.02
CA ALA FA 92 -45.71 -32.05 -14.24
C ALA FA 92 -46.03 -32.75 -12.93
N LEU FA 93 -45.08 -32.79 -12.01
CA LEU FA 93 -45.34 -33.38 -10.71
C LEU FA 93 -46.21 -32.46 -9.86
N GLN FA 94 -46.23 -31.17 -10.17
CA GLN FA 94 -47.23 -30.29 -9.57
C GLN FA 94 -48.61 -30.60 -10.11
N SER FA 95 -48.69 -31.06 -11.36
CA SER FA 95 -49.95 -31.43 -11.99
C SER FA 95 -50.57 -32.68 -11.38
N ALA FA 96 -49.87 -33.37 -10.47
CA ALA FA 96 -50.51 -34.42 -9.71
C ALA FA 96 -51.70 -33.87 -8.93
N ASN FA 97 -51.49 -32.78 -8.18
CA ASN FA 97 -52.53 -31.96 -7.57
C ASN FA 97 -53.59 -32.78 -6.84
N GLY FA 98 -53.26 -33.98 -6.39
CA GLY FA 98 -54.24 -34.86 -5.80
C GLY FA 98 -55.21 -35.43 -6.82
N SER FA 99 -55.00 -35.09 -8.09
CA SER FA 99 -55.72 -35.59 -9.27
C SER FA 99 -57.14 -35.05 -9.35
N ASN FA 100 -57.60 -34.35 -8.31
CA ASN FA 100 -58.89 -33.68 -8.41
C ASN FA 100 -58.93 -32.33 -7.69
N SER FA 101 -57.83 -31.89 -7.07
CA SER FA 101 -57.92 -30.73 -6.20
C SER FA 101 -57.73 -29.41 -6.94
N ASP FA 102 -57.05 -29.44 -8.09
CA ASP FA 102 -56.73 -28.23 -8.84
C ASP FA 102 -57.61 -28.19 -10.09
N ALA FA 103 -58.71 -27.43 -10.01
CA ALA FA 103 -59.54 -27.19 -11.19
C ALA FA 103 -58.87 -26.25 -12.18
N ASP FA 104 -57.64 -25.82 -11.89
CA ASP FA 104 -56.86 -24.94 -12.75
C ASP FA 104 -56.03 -25.74 -13.75
N ARG FA 105 -56.47 -26.95 -14.09
CA ARG FA 105 -55.74 -27.80 -15.02
C ARG FA 105 -55.64 -27.20 -16.41
N ALA FA 106 -56.65 -26.42 -16.83
CA ALA FA 106 -56.58 -25.78 -18.14
C ALA FA 106 -55.46 -24.74 -18.18
N ALA FA 107 -55.37 -23.92 -17.13
CA ALA FA 107 -54.28 -22.95 -17.05
C ALA FA 107 -52.94 -23.65 -16.86
N LEU FA 108 -52.94 -24.82 -16.22
CA LEU FA 108 -51.70 -25.58 -16.08
C LEU FA 108 -51.23 -26.09 -17.44
N GLN FA 109 -52.17 -26.55 -18.27
CA GLN FA 109 -51.83 -26.96 -19.62
C GLN FA 109 -51.35 -25.75 -20.43
N LYS FA 110 -51.95 -24.59 -20.22
CA LYS FA 110 -51.45 -23.37 -20.85
C LYS FA 110 -50.02 -23.09 -20.41
N GLU FA 111 -49.72 -23.30 -19.12
CA GLU FA 111 -48.37 -23.14 -18.61
C GLU FA 111 -47.39 -24.04 -19.36
N VAL FA 112 -47.69 -25.34 -19.40
CA VAL FA 112 -46.74 -26.27 -20.00
C VAL FA 112 -46.63 -26.04 -21.50
N ALA FA 113 -47.70 -25.59 -22.15
CA ALA FA 113 -47.62 -25.26 -23.56
C ALA FA 113 -46.75 -24.03 -23.79
N ALA FA 114 -46.83 -23.06 -22.87
CA ALA FA 114 -45.97 -21.87 -22.97
C ALA FA 114 -44.51 -22.26 -22.82
N GLN FA 115 -44.20 -23.14 -21.86
CA GLN FA 115 -42.80 -23.57 -21.71
C GLN FA 115 -42.35 -24.41 -22.90
N GLN FA 116 -43.25 -25.19 -23.50
CA GLN FA 116 -42.89 -25.94 -24.69
C GLN FA 116 -42.59 -25.00 -25.86
N ALA FA 117 -43.41 -23.97 -26.05
CA ALA FA 117 -43.13 -23.00 -27.09
C ALA FA 117 -41.83 -22.25 -26.81
N GLU FA 118 -41.54 -22.00 -25.53
CA GLU FA 118 -40.28 -21.34 -25.18
C GLU FA 118 -39.09 -22.25 -25.49
N LEU FA 119 -39.24 -23.56 -25.25
CA LEU FA 119 -38.20 -24.49 -25.64
C LEU FA 119 -38.01 -24.53 -27.15
N THR FA 120 -39.11 -24.50 -27.90
CA THR FA 120 -39.01 -24.45 -29.35
C THR FA 120 -38.32 -23.16 -29.80
N ARG FA 121 -38.50 -22.08 -29.05
CA ARG FA 121 -37.80 -20.83 -29.36
C ARG FA 121 -36.30 -20.92 -29.01
N ILE FA 122 -35.97 -21.55 -27.89
CA ILE FA 122 -34.56 -21.78 -27.56
C ILE FA 122 -33.91 -22.66 -28.63
N SER FA 123 -34.70 -23.53 -29.26
CA SER FA 123 -34.19 -24.26 -30.42
C SER FA 123 -33.67 -23.30 -31.48
N ASP FA 124 -34.48 -22.30 -31.83
CA ASP FA 124 -34.05 -21.24 -32.73
C ASP FA 124 -33.26 -20.20 -31.95
N THR FA 125 -33.01 -19.05 -32.58
CA THR FA 125 -32.35 -17.90 -31.95
C THR FA 125 -30.91 -18.20 -31.54
N THR FA 126 -30.44 -19.42 -31.78
CA THR FA 126 -29.06 -19.81 -31.50
C THR FA 126 -28.24 -19.81 -32.78
N THR FA 127 -28.57 -18.90 -33.70
CA THR FA 127 -27.94 -18.84 -35.01
C THR FA 127 -26.53 -18.25 -34.91
N PHE FA 128 -25.58 -19.11 -34.53
CA PHE FA 128 -24.18 -18.73 -34.54
C PHE FA 128 -23.69 -18.69 -35.98
N GLY FA 129 -24.04 -17.64 -36.70
CA GLY FA 129 -23.75 -17.54 -38.11
C GLY FA 129 -24.95 -17.62 -39.04
N GLY FA 130 -26.16 -17.37 -38.54
CA GLY FA 130 -27.36 -17.52 -39.35
C GLY FA 130 -27.56 -18.96 -39.76
N ARG FA 131 -26.99 -19.88 -38.98
CA ARG FA 131 -26.92 -21.30 -39.32
C ARG FA 131 -27.32 -22.13 -38.10
N LYS FA 132 -28.48 -21.80 -37.52
CA LYS FA 132 -28.94 -22.34 -36.24
C LYS FA 132 -28.56 -23.81 -36.07
N LEU FA 133 -27.80 -24.10 -35.02
CA LEU FA 133 -27.04 -25.35 -34.98
C LEU FA 133 -27.84 -26.49 -34.35
N LEU FA 134 -28.48 -26.24 -33.21
CA LEU FA 134 -29.09 -27.33 -32.46
C LEU FA 134 -30.39 -27.83 -33.08
N ASP FA 135 -31.12 -26.97 -33.78
CA ASP FA 135 -32.36 -27.38 -34.43
C ASP FA 135 -32.22 -27.35 -35.94
N GLY FA 136 -33.34 -27.60 -36.62
CA GLY FA 136 -33.35 -27.50 -38.07
C GLY FA 136 -32.51 -28.59 -38.70
N SER FA 137 -31.76 -28.23 -39.73
CA SER FA 137 -30.94 -29.17 -40.50
C SER FA 137 -29.47 -28.79 -40.28
N PHE FA 138 -28.85 -29.43 -39.30
CA PHE FA 138 -27.42 -29.30 -39.07
C PHE FA 138 -26.68 -30.29 -39.95
N GLY FA 139 -25.73 -29.78 -40.73
CA GLY FA 139 -25.07 -30.58 -41.74
C GLY FA 139 -24.09 -31.61 -41.21
N THR FA 140 -24.03 -31.81 -39.89
CA THR FA 140 -23.08 -32.72 -39.26
C THR FA 140 -21.65 -32.35 -39.69
N THR FA 141 -21.25 -31.16 -39.28
CA THR FA 141 -20.00 -30.56 -39.76
C THR FA 141 -18.80 -31.29 -39.16
N SER FA 142 -17.59 -30.87 -39.58
CA SER FA 142 -16.36 -31.49 -39.12
C SER FA 142 -15.27 -30.44 -39.23
N PHE FA 143 -14.74 -30.01 -38.08
CA PHE FA 143 -13.74 -28.95 -38.06
C PHE FA 143 -12.35 -29.52 -38.32
N GLN FA 144 -11.66 -28.97 -39.32
CA GLN FA 144 -10.31 -29.43 -39.63
C GLN FA 144 -9.30 -28.79 -38.68
N VAL FA 145 -8.50 -29.64 -38.04
CA VAL FA 145 -7.51 -29.17 -37.07
C VAL FA 145 -6.09 -29.56 -37.45
N GLY FA 146 -5.87 -30.17 -38.61
CA GLY FA 146 -4.54 -30.56 -39.04
C GLY FA 146 -4.13 -29.84 -40.30
N SER FA 147 -2.83 -29.84 -40.55
CA SER FA 147 -2.26 -29.22 -41.74
C SER FA 147 -2.33 -30.11 -42.96
N ASN FA 148 -3.16 -31.16 -42.94
CA ASN FA 148 -3.31 -32.09 -44.05
C ASN FA 148 -4.75 -32.11 -44.52
N ALA FA 149 -4.94 -32.58 -45.76
CA ALA FA 149 -6.28 -32.61 -46.33
C ALA FA 149 -7.13 -33.69 -45.66
N TYR FA 150 -8.41 -33.36 -45.43
CA TYR FA 150 -9.41 -34.28 -44.92
C TYR FA 150 -9.11 -34.75 -43.49
N GLU FA 151 -8.05 -34.25 -42.88
CA GLU FA 151 -7.75 -34.60 -41.50
C GLU FA 151 -8.57 -33.70 -40.58
N THR FA 152 -9.77 -34.13 -40.22
CA THR FA 152 -10.75 -33.28 -39.57
C THR FA 152 -11.25 -33.93 -38.29
N ILE FA 153 -12.04 -33.16 -37.54
CA ILE FA 153 -12.64 -33.61 -36.29
C ILE FA 153 -14.16 -33.58 -36.45
N ASP FA 154 -14.79 -34.75 -36.44
CA ASP FA 154 -16.21 -34.85 -36.67
C ASP FA 154 -17.00 -34.41 -35.44
N ILE FA 155 -18.23 -33.94 -35.69
CA ILE FA 155 -19.17 -33.58 -34.65
C ILE FA 155 -20.53 -34.17 -35.00
N SER FA 156 -21.19 -34.75 -34.00
CA SER FA 156 -22.48 -35.42 -34.17
C SER FA 156 -23.55 -34.67 -33.38
N LEU FA 157 -23.54 -33.35 -33.50
CA LEU FA 157 -24.44 -32.47 -32.74
C LEU FA 157 -25.89 -32.85 -32.95
N GLN FA 158 -26.72 -32.62 -31.93
CA GLN FA 158 -28.11 -33.09 -31.93
C GLN FA 158 -28.89 -32.44 -33.07
N ASN FA 159 -29.84 -33.22 -33.61
CA ASN FA 159 -30.65 -32.72 -34.71
C ASN FA 159 -31.61 -31.62 -34.26
N ALA FA 160 -32.28 -31.84 -33.12
CA ALA FA 160 -33.21 -30.86 -32.58
C ALA FA 160 -33.62 -31.25 -31.17
N SER FA 161 -33.96 -30.24 -30.38
CA SER FA 161 -34.65 -30.44 -29.11
C SER FA 161 -36.16 -30.35 -29.27
N ALA FA 162 -36.67 -30.64 -30.46
CA ALA FA 162 -38.06 -30.50 -30.84
C ALA FA 162 -38.86 -31.78 -30.57
N SER FA 163 -40.00 -31.90 -31.24
CA SER FA 163 -40.89 -33.05 -31.12
C SER FA 163 -40.24 -34.31 -31.69
N ALA FA 164 -41.08 -35.31 -31.99
CA ALA FA 164 -40.75 -36.74 -32.20
C ALA FA 164 -39.46 -36.91 -33.00
N ILE FA 165 -38.88 -35.86 -33.58
CA ILE FA 165 -37.64 -35.88 -34.33
C ILE FA 165 -36.47 -36.37 -33.46
N GLY FA 166 -36.76 -36.91 -32.27
CA GLY FA 166 -35.72 -37.14 -31.28
C GLY FA 166 -36.09 -36.90 -29.83
N SER FA 167 -37.38 -37.06 -29.51
CA SER FA 167 -37.81 -37.16 -28.12
C SER FA 167 -38.10 -38.64 -27.82
N TYR FA 168 -38.62 -38.96 -26.65
CA TYR FA 168 -38.59 -40.34 -26.14
C TYR FA 168 -39.47 -41.18 -27.03
N GLN FA 169 -38.92 -42.25 -27.61
CA GLN FA 169 -39.71 -43.09 -28.48
C GLN FA 169 -40.74 -43.88 -27.67
N VAL FA 170 -41.85 -44.24 -28.31
CA VAL FA 170 -43.02 -44.74 -27.61
C VAL FA 170 -43.38 -46.12 -28.15
N GLY FA 171 -43.32 -47.12 -27.28
CA GLY FA 171 -43.86 -48.43 -27.61
C GLY FA 171 -45.07 -48.75 -26.77
N SER FA 172 -46.25 -48.76 -27.39
CA SER FA 172 -47.50 -48.94 -26.67
C SER FA 172 -48.40 -49.92 -27.40
N ASN FA 173 -49.51 -50.28 -26.75
CA ASN FA 173 -50.41 -51.31 -27.25
C ASN FA 173 -51.14 -50.87 -28.51
N GLY FA 174 -51.97 -49.82 -28.40
CA GLY FA 174 -52.76 -49.39 -29.54
C GLY FA 174 -52.00 -48.48 -30.48
N ALA FA 175 -50.66 -48.56 -30.47
CA ALA FA 175 -49.80 -47.69 -31.25
C ALA FA 175 -50.20 -47.60 -32.72
N GLY FA 176 -50.17 -48.72 -33.43
CA GLY FA 176 -50.43 -48.68 -34.86
C GLY FA 176 -51.87 -48.43 -35.23
N THR FA 177 -52.73 -49.43 -35.06
CA THR FA 177 -54.15 -49.27 -35.34
C THR FA 177 -55.00 -49.57 -34.10
N VAL FA 178 -54.80 -50.76 -33.53
CA VAL FA 178 -55.61 -51.24 -32.42
C VAL FA 178 -54.86 -52.40 -31.78
N ALA FA 179 -55.09 -52.63 -30.49
CA ALA FA 179 -54.33 -53.61 -29.72
C ALA FA 179 -55.12 -54.90 -29.57
N SER FA 180 -54.41 -56.02 -29.51
CA SER FA 180 -55.01 -57.31 -29.18
C SER FA 180 -55.18 -57.43 -27.68
N VAL FA 181 -55.32 -58.68 -27.22
CA VAL FA 181 -55.67 -59.04 -25.85
C VAL FA 181 -55.00 -58.13 -24.81
N ALA FA 182 -53.72 -57.82 -25.01
CA ALA FA 182 -53.06 -56.86 -24.13
C ALA FA 182 -53.74 -55.50 -24.24
N GLY FA 183 -54.46 -55.10 -23.19
CA GLY FA 183 -55.18 -53.84 -23.20
C GLY FA 183 -56.59 -53.91 -23.76
N THR FA 184 -57.23 -55.06 -23.63
CA THR FA 184 -58.63 -55.22 -24.03
C THR FA 184 -59.14 -56.53 -23.45
N ALA FA 185 -60.47 -56.68 -23.46
CA ALA FA 185 -61.09 -57.90 -23.01
C ALA FA 185 -61.06 -58.97 -24.09
N THR FA 186 -61.08 -60.23 -23.67
CA THR FA 186 -61.06 -61.36 -24.60
C THR FA 186 -61.51 -62.61 -23.86
N ALA FA 187 -61.76 -63.67 -24.63
CA ALA FA 187 -62.20 -64.93 -24.06
C ALA FA 187 -61.03 -65.78 -23.58
N SER FA 188 -60.10 -66.10 -24.49
CA SER FA 188 -59.00 -66.99 -24.15
C SER FA 188 -58.00 -66.33 -23.21
N GLY FA 189 -57.48 -65.17 -23.60
CA GLY FA 189 -56.48 -64.49 -22.80
C GLY FA 189 -55.14 -64.41 -23.51
N ILE FA 190 -54.13 -64.00 -22.74
CA ILE FA 190 -52.77 -63.91 -23.23
C ILE FA 190 -52.30 -65.29 -23.68
N ALA FA 191 -51.91 -65.41 -24.95
CA ALA FA 191 -51.49 -66.67 -25.53
C ALA FA 191 -49.98 -66.80 -25.49
N SER FA 192 -49.46 -67.85 -26.12
CA SER FA 192 -48.03 -68.09 -26.18
C SER FA 192 -47.37 -67.10 -27.13
N GLY FA 193 -46.05 -67.16 -27.23
CA GLY FA 193 -45.29 -66.29 -28.09
C GLY FA 193 -43.86 -66.13 -27.63
N THR FA 194 -43.02 -65.71 -28.58
CA THR FA 194 -41.59 -65.51 -28.36
C THR FA 194 -41.17 -64.17 -28.94
N VAL FA 195 -41.92 -63.13 -28.59
CA VAL FA 195 -41.71 -61.77 -29.08
C VAL FA 195 -40.25 -61.35 -28.92
N ASN FA 196 -39.71 -60.68 -29.95
CA ASN FA 196 -38.31 -60.28 -29.94
C ASN FA 196 -38.19 -58.81 -29.56
N LEU FA 197 -37.00 -58.44 -29.08
CA LEU FA 197 -36.65 -57.07 -28.74
C LEU FA 197 -35.47 -56.61 -29.59
N VAL FA 198 -35.50 -55.33 -29.96
CA VAL FA 198 -34.44 -54.74 -30.78
C VAL FA 198 -33.94 -53.48 -30.09
N GLY FA 199 -32.62 -53.35 -30.01
CA GLY FA 199 -31.99 -52.17 -29.45
C GLY FA 199 -30.63 -52.43 -28.86
N GLY FA 200 -29.68 -51.54 -29.16
CA GLY FA 200 -28.31 -51.68 -28.68
C GLY FA 200 -27.67 -53.01 -28.96
N GLY FA 201 -28.04 -53.64 -30.07
CA GLY FA 201 -27.53 -54.94 -30.44
C GLY FA 201 -27.71 -56.00 -29.37
N GLN FA 202 -28.91 -56.06 -28.80
CA GLN FA 202 -29.20 -57.00 -27.72
C GLN FA 202 -30.53 -57.71 -27.95
N VAL FA 203 -30.71 -58.32 -29.12
CA VAL FA 203 -31.93 -59.04 -29.45
C VAL FA 203 -32.17 -60.14 -28.42
N LYS FA 204 -33.40 -60.24 -27.91
CA LYS FA 204 -33.73 -61.22 -26.89
C LYS FA 204 -35.20 -61.60 -27.06
N ASN FA 205 -35.45 -62.86 -27.41
CA ASN FA 205 -36.82 -63.36 -27.57
C ASN FA 205 -37.45 -63.52 -26.18
N ILE FA 206 -38.30 -62.57 -25.81
CA ILE FA 206 -39.00 -62.66 -24.53
C ILE FA 206 -40.04 -63.75 -24.61
N ALA FA 207 -40.05 -64.63 -23.60
CA ALA FA 207 -40.96 -65.76 -23.54
C ALA FA 207 -42.24 -65.33 -22.84
N ILE FA 208 -43.35 -65.34 -23.58
CA ILE FA 208 -44.66 -65.00 -23.05
C ILE FA 208 -45.52 -66.25 -23.16
N ALA FA 209 -45.75 -66.93 -22.04
CA ALA FA 209 -46.54 -68.14 -22.05
C ALA FA 209 -48.03 -67.81 -22.14
N ALA FA 210 -48.83 -68.85 -22.39
CA ALA FA 210 -50.28 -68.71 -22.52
C ALA FA 210 -50.90 -68.66 -21.13
N GLY FA 211 -51.29 -67.46 -20.70
CA GLY FA 211 -51.91 -67.31 -19.40
C GLY FA 211 -51.26 -66.25 -18.54
N ASP FA 212 -50.05 -65.85 -18.89
CA ASP FA 212 -49.31 -64.84 -18.14
C ASP FA 212 -50.05 -63.51 -18.10
N SER FA 213 -50.20 -62.95 -16.90
CA SER FA 213 -50.86 -61.66 -16.77
C SER FA 213 -49.96 -60.53 -17.27
N ALA FA 214 -50.54 -59.33 -17.38
CA ALA FA 214 -49.82 -58.17 -17.85
C ALA FA 214 -48.64 -57.84 -16.94
N LYS FA 215 -48.81 -58.03 -15.64
CA LYS FA 215 -47.74 -57.79 -14.67
C LYS FA 215 -46.53 -58.68 -14.96
N ALA FA 216 -46.78 -59.96 -15.19
CA ALA FA 216 -45.72 -60.91 -15.50
C ALA FA 216 -45.01 -60.54 -16.80
N ILE FA 217 -45.79 -60.14 -17.81
CA ILE FA 217 -45.24 -59.72 -19.10
C ILE FA 217 -44.32 -58.54 -18.91
N ALA FA 218 -44.77 -57.55 -18.13
CA ALA FA 218 -43.97 -56.37 -17.84
C ALA FA 218 -42.68 -56.74 -17.13
N GLU FA 219 -42.77 -57.62 -16.13
CA GLU FA 219 -41.60 -58.08 -15.39
C GLU FA 219 -40.59 -58.75 -16.31
N LYS FA 220 -41.06 -59.63 -17.19
CA LYS FA 220 -40.17 -60.35 -18.10
C LYS FA 220 -39.52 -59.40 -19.10
N MET FA 221 -40.31 -58.57 -19.77
CA MET FA 221 -39.73 -57.67 -20.78
C MET FA 221 -38.81 -56.63 -20.14
N ASP FA 222 -38.97 -56.36 -18.85
CA ASP FA 222 -38.05 -55.49 -18.14
C ASP FA 222 -36.68 -56.13 -18.06
N GLY FA 223 -35.67 -55.31 -17.80
CA GLY FA 223 -34.33 -55.84 -17.56
C GLY FA 223 -33.40 -55.88 -18.75
N ALA FA 224 -33.33 -57.04 -19.40
CA ALA FA 224 -32.34 -57.38 -20.42
C ALA FA 224 -31.99 -56.23 -21.35
N ILE FA 225 -32.99 -55.61 -21.96
CA ILE FA 225 -32.76 -54.47 -22.85
C ILE FA 225 -32.28 -53.29 -22.01
N PRO FA 226 -31.07 -52.76 -22.26
CA PRO FA 226 -30.55 -51.67 -21.45
C PRO FA 226 -31.43 -50.42 -21.46
N ASN FA 227 -31.38 -49.66 -20.36
CA ASN FA 227 -32.13 -48.41 -20.16
C ASN FA 227 -33.55 -48.45 -20.71
N LEU FA 228 -34.26 -49.54 -20.45
CA LEU FA 228 -35.68 -49.64 -20.81
C LEU FA 228 -36.47 -50.07 -19.59
N SER FA 229 -37.66 -49.51 -19.42
CA SER FA 229 -38.54 -49.86 -18.32
C SER FA 229 -39.90 -50.29 -18.86
N ALA FA 230 -40.67 -50.97 -18.02
CA ALA FA 230 -41.96 -51.50 -18.44
C ALA FA 230 -42.89 -51.54 -17.24
N ARG FA 231 -43.90 -50.68 -17.25
CA ARG FA 231 -44.93 -50.69 -16.21
C ARG FA 231 -46.17 -51.43 -16.68
N ALA FA 232 -46.98 -51.85 -15.71
CA ALA FA 232 -48.24 -52.53 -16.00
C ALA FA 232 -49.39 -51.80 -15.32
N ARG FA 233 -50.56 -51.83 -15.95
CA ARG FA 233 -51.72 -51.10 -15.44
C ARG FA 233 -52.98 -51.69 -16.07
N THR FA 234 -53.94 -52.06 -15.21
CA THR FA 234 -55.23 -52.59 -15.67
C THR FA 234 -56.33 -51.71 -15.09
N VAL FA 235 -56.86 -50.81 -15.91
CA VAL FA 235 -57.94 -49.91 -15.53
C VAL FA 235 -59.16 -50.29 -16.35
N PHE FA 236 -60.23 -50.72 -15.67
CA PHE FA 236 -61.46 -51.12 -16.34
C PHE FA 236 -62.66 -50.60 -15.55
N THR FA 237 -63.64 -50.07 -16.26
CA THR FA 237 -64.87 -49.58 -15.65
C THR FA 237 -65.93 -50.69 -15.65
N ALA FA 238 -67.12 -50.33 -15.17
CA ALA FA 238 -68.24 -51.27 -15.12
C ALA FA 238 -69.53 -50.48 -15.04
N ASP FA 239 -70.59 -51.05 -15.63
CA ASP FA 239 -71.91 -50.44 -15.59
CA ASP FA 239 -71.91 -50.44 -15.59
C ASP FA 239 -72.99 -51.52 -15.69
N VAL FA 240 -73.68 -51.78 -14.58
CA VAL FA 240 -74.71 -52.81 -14.53
C VAL FA 240 -75.94 -52.34 -15.28
N SER FA 241 -76.47 -53.20 -16.15
CA SER FA 241 -77.69 -52.89 -16.89
C SER FA 241 -78.91 -53.30 -16.08
N GLY FA 242 -80.09 -53.29 -16.71
CA GLY FA 242 -81.31 -53.69 -16.05
C GLY FA 242 -81.27 -55.11 -15.52
N VAL FA 243 -82.01 -55.37 -14.44
CA VAL FA 243 -82.01 -56.69 -13.82
C VAL FA 243 -83.43 -57.24 -13.77
N THR FA 244 -83.76 -58.11 -14.73
CA THR FA 244 -85.10 -58.68 -14.80
C THR FA 244 -85.23 -59.87 -13.85
N GLY FA 245 -85.95 -59.66 -12.75
CA GLY FA 245 -86.25 -60.74 -11.82
C GLY FA 245 -85.05 -61.45 -11.23
N GLY FA 246 -84.28 -60.75 -10.42
CA GLY FA 246 -83.14 -61.33 -9.73
C GLY FA 246 -81.93 -60.43 -9.81
N SER FA 247 -80.80 -60.98 -9.35
CA SER FA 247 -79.53 -60.28 -9.33
C SER FA 247 -78.48 -61.13 -10.04
N LEU FA 248 -77.34 -60.51 -10.33
CA LEU FA 248 -76.22 -61.19 -10.98
C LEU FA 248 -75.29 -61.74 -9.91
N ASN FA 249 -75.50 -63.00 -9.57
CA ASN FA 249 -74.66 -63.69 -8.59
C ASN FA 249 -73.53 -64.38 -9.34
N PHE FA 250 -72.42 -63.66 -9.50
CA PHE FA 250 -71.29 -64.18 -10.27
C PHE FA 250 -70.01 -64.17 -9.44
N ASP FA 251 -68.88 -64.46 -10.07
CA ASP FA 251 -67.58 -64.48 -9.42
C ASP FA 251 -66.60 -63.62 -10.18
N VAL FA 252 -65.53 -63.22 -9.48
CA VAL FA 252 -64.43 -62.48 -10.06
C VAL FA 252 -63.12 -63.12 -9.60
N THR FA 253 -62.32 -63.59 -10.55
CA THR FA 253 -61.05 -64.24 -10.23
C THR FA 253 -59.94 -63.19 -10.29
N VAL FA 254 -59.52 -62.71 -9.12
CA VAL FA 254 -58.45 -61.72 -9.03
C VAL FA 254 -57.13 -62.44 -8.86
N GLY FA 255 -56.51 -62.81 -9.97
CA GLY FA 255 -55.24 -63.52 -9.91
C GLY FA 255 -55.41 -64.87 -9.25
N SER FA 256 -54.65 -65.09 -8.18
CA SER FA 256 -54.75 -66.33 -7.41
C SER FA 256 -56.11 -66.46 -6.75
N ASN FA 257 -56.48 -65.47 -5.93
CA ASN FA 257 -57.75 -65.53 -5.22
C ASN FA 257 -58.92 -65.27 -6.17
N THR FA 258 -60.12 -65.61 -5.71
CA THR FA 258 -61.33 -65.45 -6.50
C THR FA 258 -62.43 -64.90 -5.60
N VAL FA 259 -63.12 -63.86 -6.07
CA VAL FA 259 -64.19 -63.23 -5.30
C VAL FA 259 -65.43 -64.10 -5.34
N SER FA 260 -66.17 -64.14 -4.24
CA SER FA 260 -67.40 -64.91 -4.15
C SER FA 260 -68.59 -63.98 -3.92
N LEU FA 261 -68.63 -62.88 -4.67
CA LEU FA 261 -69.65 -61.84 -4.49
C LEU FA 261 -71.03 -62.31 -4.92
N ALA FA 262 -72.04 -61.51 -4.59
CA ALA FA 262 -73.42 -61.79 -4.97
C ALA FA 262 -74.20 -60.48 -4.89
N GLY FA 263 -75.48 -60.53 -5.22
CA GLY FA 263 -76.36 -59.39 -5.12
C GLY FA 263 -75.94 -58.19 -5.96
N VAL FA 264 -75.92 -58.36 -7.27
CA VAL FA 264 -75.58 -57.28 -8.19
C VAL FA 264 -76.84 -56.90 -8.96
N THR FA 265 -77.37 -55.72 -8.69
CA THR FA 265 -78.55 -55.22 -9.39
C THR FA 265 -78.25 -53.87 -10.04
N SER FA 266 -77.36 -53.09 -9.43
CA SER FA 266 -76.96 -51.79 -9.94
C SER FA 266 -75.46 -51.61 -9.82
N THR FA 267 -74.95 -50.51 -10.40
CA THR FA 267 -73.54 -50.22 -10.34
C THR FA 267 -73.08 -49.98 -8.91
N GLN FA 268 -73.95 -49.35 -8.10
CA GLN FA 268 -73.62 -49.09 -6.70
C GLN FA 268 -73.42 -50.39 -5.93
N ASP FA 269 -74.20 -51.42 -6.28
CA ASP FA 269 -74.05 -52.72 -5.64
C ASP FA 269 -72.65 -53.29 -5.86
N LEU FA 270 -72.23 -53.35 -7.13
CA LEU FA 270 -70.88 -53.78 -7.47
C LEU FA 270 -69.84 -52.94 -6.75
N ALA FA 271 -70.07 -51.61 -6.72
CA ALA FA 271 -69.15 -50.70 -6.08
C ALA FA 271 -68.92 -51.05 -4.61
N ASP FA 272 -70.01 -51.11 -3.83
CA ASP FA 272 -69.88 -51.38 -2.40
C ASP FA 272 -69.33 -52.77 -2.17
N GLN FA 273 -69.76 -53.75 -2.98
CA GLN FA 273 -69.30 -55.13 -2.79
C GLN FA 273 -67.80 -55.25 -3.05
N LEU FA 274 -67.28 -54.50 -4.03
CA LEU FA 274 -65.87 -54.56 -4.35
C LEU FA 274 -65.05 -53.78 -3.33
N ASN FA 275 -65.56 -52.62 -2.90
CA ASN FA 275 -64.86 -51.84 -1.88
C ASN FA 275 -64.81 -52.59 -0.56
N SER FA 276 -65.80 -53.45 -0.29
CA SER FA 276 -65.78 -54.28 0.90
C SER FA 276 -64.74 -55.39 0.76
N ASN FA 277 -64.72 -56.05 -0.41
CA ASN FA 277 -63.79 -57.13 -0.65
C ASN FA 277 -62.38 -56.60 -0.94
N SER FA 278 -62.26 -55.27 -1.05
CA SER FA 278 -61.00 -54.62 -1.35
C SER FA 278 -59.89 -54.98 -0.36
N SER FA 279 -60.27 -55.48 0.81
CA SER FA 279 -59.31 -55.91 1.83
C SER FA 279 -58.33 -56.93 1.27
N LYS FA 280 -58.86 -58.08 0.81
CA LYS FA 280 -58.00 -59.17 0.36
C LYS FA 280 -57.46 -58.89 -1.05
N LEU FA 281 -58.29 -58.34 -1.93
CA LEU FA 281 -57.89 -58.09 -3.32
C LEU FA 281 -57.19 -56.75 -3.41
N GLY FA 282 -55.96 -56.77 -3.90
CA GLY FA 282 -55.18 -55.56 -4.05
C GLY FA 282 -55.54 -54.77 -5.28
N ILE FA 283 -56.84 -54.53 -5.48
CA ILE FA 283 -57.33 -53.81 -6.65
C ILE FA 283 -58.18 -52.64 -6.16
N THR FA 284 -57.64 -51.43 -6.25
CA THR FA 284 -58.34 -50.25 -5.78
C THR FA 284 -59.59 -49.98 -6.61
N ALA FA 285 -60.71 -49.76 -5.92
CA ALA FA 285 -61.99 -49.48 -6.57
C ALA FA 285 -62.35 -48.02 -6.39
N SER FA 286 -62.99 -47.44 -7.40
CA SER FA 286 -63.37 -46.04 -7.36
C SER FA 286 -64.58 -45.76 -8.25
N ILE FA 287 -65.76 -45.64 -7.65
CA ILE FA 287 -66.98 -45.31 -8.38
C ILE FA 287 -67.14 -43.80 -8.34
N ASN FA 288 -67.10 -43.16 -9.50
CA ASN FA 288 -67.37 -41.73 -9.57
C ASN FA 288 -68.81 -41.45 -9.24
N ASP FA 289 -69.06 -40.26 -8.68
CA ASP FA 289 -70.43 -39.87 -8.37
C ASP FA 289 -71.20 -39.53 -9.64
N LYS FA 290 -70.50 -39.52 -10.78
CA LYS FA 290 -71.16 -39.37 -12.07
C LYS FA 290 -72.06 -40.57 -12.36
N GLY FA 291 -71.53 -41.78 -12.13
CA GLY FA 291 -72.31 -42.98 -12.33
C GLY FA 291 -71.52 -44.15 -12.91
N VAL FA 292 -70.35 -43.86 -13.48
CA VAL FA 292 -69.55 -44.89 -14.14
C VAL FA 292 -68.55 -45.46 -13.14
N LEU FA 293 -68.90 -46.60 -12.53
CA LEU FA 293 -67.99 -47.27 -11.61
C LEU FA 293 -66.69 -47.62 -12.31
N THR FA 294 -65.57 -47.28 -11.67
CA THR FA 294 -64.25 -47.51 -12.23
C THR FA 294 -63.44 -48.38 -11.28
N ILE FA 295 -62.72 -49.34 -11.85
CA ILE FA 295 -61.84 -50.22 -11.08
C ILE FA 295 -60.44 -50.12 -11.64
N THR FA 296 -59.46 -49.99 -10.74
CA THR FA 296 -58.09 -49.79 -11.14
C THR FA 296 -57.21 -50.83 -10.47
N SER FA 297 -56.38 -51.50 -11.29
CA SER FA 297 -55.41 -52.49 -10.81
C SER FA 297 -54.04 -51.84 -10.85
N ALA FA 298 -53.57 -51.36 -9.69
CA ALA FA 298 -52.28 -50.69 -9.60
C ALA FA 298 -51.15 -51.57 -10.13
N THR FA 299 -51.17 -52.84 -9.75
CA THR FA 299 -50.16 -53.77 -10.25
C THR FA 299 -50.33 -54.03 -11.74
N GLY FA 300 -51.55 -54.39 -12.15
CA GLY FA 300 -51.82 -54.70 -13.54
C GLY FA 300 -52.20 -56.15 -13.74
N GLU FA 301 -52.85 -56.75 -12.75
CA GLU FA 301 -53.22 -58.16 -12.83
C GLU FA 301 -54.41 -58.32 -13.77
N ASN FA 302 -54.38 -59.41 -14.54
CA ASN FA 302 -55.42 -59.70 -15.54
C ASN FA 302 -56.67 -60.16 -14.82
N VAL FA 303 -57.54 -59.19 -14.48
CA VAL FA 303 -58.76 -59.52 -13.76
C VAL FA 303 -59.70 -60.35 -14.64
N LYS FA 304 -60.28 -61.37 -14.03
CA LYS FA 304 -61.25 -62.22 -14.73
C LYS FA 304 -62.52 -62.31 -13.90
N PHE FA 305 -63.65 -62.20 -14.58
CA PHE FA 305 -64.97 -62.32 -13.96
C PHE FA 305 -65.45 -63.74 -14.19
N GLY FA 306 -65.69 -64.46 -13.09
CA GLY FA 306 -66.10 -65.84 -13.16
C GLY FA 306 -67.47 -66.03 -13.80
N ALA FA 307 -67.89 -67.30 -13.83
CA ALA FA 307 -69.17 -67.64 -14.42
C ALA FA 307 -70.31 -66.96 -13.66
N GLN FA 308 -71.34 -66.56 -14.40
CA GLN FA 308 -72.48 -65.86 -13.82
C GLN FA 308 -73.58 -66.87 -13.48
N THR FA 309 -73.44 -67.44 -12.29
CA THR FA 309 -74.46 -68.35 -11.75
C THR FA 309 -75.50 -67.61 -10.92
N GLY FA 310 -76.13 -66.58 -11.49
CA GLY FA 310 -77.05 -65.75 -10.75
C GLY FA 310 -78.46 -66.32 -10.74
N THR FA 311 -79.38 -65.48 -10.30
CA THR FA 311 -80.80 -65.82 -10.22
C THR FA 311 -81.67 -65.01 -11.16
N ALA FA 312 -81.09 -64.05 -11.90
CA ALA FA 312 -81.86 -63.23 -12.82
C ALA FA 312 -82.06 -63.96 -14.14
N THR FA 313 -82.73 -63.30 -15.09
CA THR FA 313 -83.00 -63.91 -16.39
C THR FA 313 -82.38 -63.08 -17.51
N ALA FA 314 -82.27 -61.77 -17.30
CA ALA FA 314 -81.71 -60.89 -18.31
C ALA FA 314 -80.91 -59.79 -17.60
N GLY FA 315 -79.95 -59.23 -18.33
CA GLY FA 315 -79.08 -58.20 -17.83
C GLY FA 315 -77.62 -58.51 -18.12
N GLN FA 316 -76.80 -57.49 -18.01
CA GLN FA 316 -75.37 -57.61 -18.28
C GLN FA 316 -74.65 -56.45 -17.62
N VAL FA 317 -73.33 -56.61 -17.47
CA VAL FA 317 -72.49 -55.56 -16.91
C VAL FA 317 -71.37 -55.25 -17.89
N ALA FA 318 -71.55 -54.23 -18.71
CA ALA FA 318 -70.55 -53.87 -19.70
C ALA FA 318 -69.32 -53.28 -19.03
N VAL FA 319 -68.15 -53.54 -19.63
CA VAL FA 319 -66.88 -53.02 -19.14
C VAL FA 319 -66.05 -52.56 -20.33
N LYS FA 320 -65.10 -51.67 -20.05
CA LYS FA 320 -64.15 -51.22 -21.04
C LYS FA 320 -62.74 -51.35 -20.45
N VAL FA 321 -61.74 -51.17 -21.31
CA VAL FA 321 -60.34 -51.27 -20.89
C VAL FA 321 -59.64 -49.99 -21.30
N GLN FA 322 -58.88 -49.41 -20.36
CA GLN FA 322 -58.13 -48.19 -20.65
C GLN FA 322 -57.01 -48.47 -21.63
N GLY FA 323 -56.85 -47.57 -22.61
CA GLY FA 323 -55.79 -47.74 -23.58
C GLY FA 323 -54.43 -47.41 -22.99
N SER FA 324 -53.39 -47.79 -23.71
CA SER FA 324 -52.02 -47.55 -23.28
C SER FA 324 -51.73 -46.05 -23.13
N ASP FA 325 -51.80 -45.32 -24.24
CA ASP FA 325 -51.56 -43.88 -24.20
C ASP FA 325 -52.72 -43.16 -23.50
N GLY FA 326 -53.92 -43.67 -23.66
CA GLY FA 326 -55.11 -43.08 -23.06
C GLY FA 326 -56.34 -43.33 -23.89
N LYS FA 327 -57.20 -42.31 -24.03
CA LYS FA 327 -58.42 -42.40 -24.83
C LYS FA 327 -59.22 -43.64 -24.42
N PHE FA 328 -59.78 -43.61 -23.21
CA PHE FA 328 -60.53 -44.73 -22.67
C PHE FA 328 -61.54 -45.26 -23.69
N GLU FA 329 -61.63 -46.59 -23.76
CA GLU FA 329 -62.44 -47.26 -24.77
C GLU FA 329 -63.89 -46.83 -24.70
N ALA FA 330 -64.46 -46.54 -25.88
CA ALA FA 330 -65.87 -46.21 -26.00
C ALA FA 330 -66.70 -47.48 -26.16
N ALA FA 331 -66.27 -48.35 -27.07
CA ALA FA 331 -66.98 -49.60 -27.29
C ALA FA 331 -66.93 -50.48 -26.06
N ALA FA 332 -68.09 -50.98 -25.63
CA ALA FA 332 -68.20 -51.77 -24.42
C ALA FA 332 -68.17 -53.26 -24.75
N LYS FA 333 -67.80 -54.08 -23.77
CA LYS FA 333 -67.77 -55.53 -23.93
C LYS FA 333 -68.22 -56.15 -22.63
N ASN FA 334 -69.28 -56.97 -22.70
CA ASN FA 334 -69.85 -57.57 -21.49
C ASN FA 334 -68.98 -58.72 -21.00
N VAL FA 335 -68.76 -58.77 -19.69
CA VAL FA 335 -68.07 -59.90 -19.07
C VAL FA 335 -69.02 -60.87 -18.39
N VAL FA 336 -70.16 -60.39 -17.87
CA VAL FA 336 -71.16 -61.25 -17.26
C VAL FA 336 -72.52 -60.86 -17.84
N ALA FA 337 -73.38 -61.85 -18.01
CA ALA FA 337 -74.69 -61.61 -18.60
C ALA FA 337 -75.68 -62.63 -18.03
N ALA FA 338 -76.78 -62.15 -17.47
CA ALA FA 338 -77.81 -63.03 -16.96
C ALA FA 338 -78.46 -63.80 -18.10
N GLY FA 339 -78.42 -65.12 -18.01
CA GLY FA 339 -78.94 -65.96 -19.07
C GLY FA 339 -77.83 -66.70 -19.82
N THR FA 340 -77.74 -66.47 -21.13
CA THR FA 340 -76.73 -67.11 -21.96
C THR FA 340 -75.32 -66.69 -21.53
N ALA FA 341 -74.33 -67.54 -21.80
CA ALA FA 341 -72.96 -67.23 -21.44
C ALA FA 341 -72.42 -66.08 -22.30
N ALA FA 342 -71.67 -65.19 -21.66
CA ALA FA 342 -71.12 -64.03 -22.36
C ALA FA 342 -69.78 -64.36 -23.01
N THR FA 343 -69.23 -63.39 -23.74
CA THR FA 343 -67.95 -63.52 -24.42
C THR FA 343 -67.02 -62.42 -23.92
N THR FA 344 -65.72 -62.69 -23.97
CA THR FA 344 -64.68 -61.80 -23.41
C THR FA 344 -64.91 -61.59 -21.92
N THR FA 345 -64.81 -62.68 -21.16
CA THR FA 345 -65.09 -62.66 -19.73
C THR FA 345 -63.94 -62.09 -18.89
N ILE FA 346 -62.74 -61.95 -19.46
CA ILE FA 346 -61.59 -61.49 -18.70
C ILE FA 346 -61.32 -60.03 -19.07
N VAL FA 347 -60.47 -59.39 -18.29
CA VAL FA 347 -60.01 -58.03 -18.55
C VAL FA 347 -58.50 -57.99 -18.42
N THR FA 348 -57.84 -57.60 -19.51
CA THR FA 348 -56.38 -57.53 -19.56
C THR FA 348 -55.95 -56.08 -19.71
N GLY FA 349 -55.07 -55.63 -18.82
CA GLY FA 349 -54.58 -54.27 -18.86
C GLY FA 349 -53.56 -54.06 -19.96
N TYR FA 350 -52.95 -52.88 -19.93
CA TYR FA 350 -51.98 -52.46 -20.92
C TYR FA 350 -50.58 -52.35 -20.32
N VAL FA 351 -49.58 -52.57 -21.16
CA VAL FA 351 -48.18 -52.39 -20.80
C VAL FA 351 -47.61 -51.26 -21.65
N GLN FA 352 -46.69 -50.50 -21.07
CA GLN FA 352 -46.15 -49.32 -21.74
C GLN FA 352 -44.62 -49.40 -21.70
N LEU FA 353 -44.01 -49.48 -22.88
CA LEU FA 353 -42.55 -49.57 -23.00
C LEU FA 353 -42.02 -48.23 -23.52
N ASN FA 354 -41.81 -47.30 -22.60
CA ASN FA 354 -41.22 -46.02 -22.96
C ASN FA 354 -39.76 -46.21 -23.35
N SER FA 355 -39.36 -45.58 -24.46
CA SER FA 355 -38.09 -45.85 -25.09
C SER FA 355 -37.25 -44.58 -25.22
N PRO FA 356 -36.06 -44.55 -24.61
CA PRO FA 356 -35.22 -43.35 -24.72
C PRO FA 356 -34.66 -43.09 -26.11
N THR FA 357 -34.00 -44.07 -26.73
CA THR FA 357 -33.30 -43.83 -27.98
C THR FA 357 -33.88 -44.64 -29.14
N ALA FA 358 -33.92 -45.96 -28.99
CA ALA FA 358 -34.36 -46.86 -30.04
C ALA FA 358 -34.77 -48.20 -29.46
N TYR FA 359 -36.01 -48.61 -29.72
CA TYR FA 359 -36.54 -49.84 -29.14
C TYR FA 359 -37.62 -50.43 -30.02
N SER FA 360 -37.26 -51.43 -30.83
CA SER FA 360 -38.22 -52.09 -31.71
C SER FA 360 -38.60 -53.46 -31.13
N VAL FA 361 -39.84 -53.85 -31.39
CA VAL FA 361 -40.39 -55.11 -30.91
C VAL FA 361 -41.02 -55.84 -32.09
N SER FA 362 -40.72 -57.12 -32.22
CA SER FA 362 -41.26 -57.94 -33.30
C SER FA 362 -41.83 -59.23 -32.72
N GLY FA 363 -42.73 -59.85 -33.47
CA GLY FA 363 -43.38 -61.07 -33.03
C GLY FA 363 -44.09 -61.78 -34.16
N THR FA 364 -44.01 -63.12 -34.16
CA THR FA 364 -44.62 -63.91 -35.22
C THR FA 364 -46.15 -63.83 -35.18
N GLY FA 365 -46.73 -63.07 -36.10
CA GLY FA 365 -48.17 -62.95 -36.19
C GLY FA 365 -48.85 -62.44 -34.93
N THR FA 366 -49.57 -63.32 -34.25
CA THR FA 366 -50.35 -62.96 -33.07
C THR FA 366 -49.47 -62.40 -31.96
N GLN FA 367 -48.26 -62.95 -31.82
CA GLN FA 367 -47.34 -62.56 -30.75
C GLN FA 367 -47.10 -61.06 -30.72
N ALA FA 368 -46.78 -60.47 -31.88
CA ALA FA 368 -46.58 -59.02 -31.95
C ALA FA 368 -47.87 -58.28 -31.66
N SER FA 369 -48.98 -58.76 -32.23
CA SER FA 369 -50.26 -58.11 -32.03
C SER FA 369 -50.72 -58.22 -30.58
N GLN FA 370 -50.51 -59.38 -29.97
CA GLN FA 370 -50.99 -59.61 -28.61
C GLN FA 370 -50.18 -58.85 -27.55
N VAL FA 371 -49.23 -58.02 -27.96
CA VAL FA 371 -48.44 -57.20 -27.05
C VAL FA 371 -48.60 -55.72 -27.33
N PHE FA 372 -48.18 -55.28 -28.52
CA PHE FA 372 -48.25 -53.87 -28.89
C PHE FA 372 -48.98 -53.69 -30.22
N GLY FA 373 -49.89 -54.60 -30.52
CA GLY FA 373 -50.60 -54.56 -31.80
C GLY FA 373 -49.66 -54.61 -32.98
N ASN FA 374 -50.01 -53.89 -34.05
CA ASN FA 374 -49.18 -53.83 -35.26
C ASN FA 374 -48.36 -52.54 -35.22
N ALA FA 375 -47.47 -52.45 -34.22
CA ALA FA 375 -46.63 -51.27 -34.10
C ALA FA 375 -45.28 -51.48 -34.77
N SER FA 376 -44.51 -52.46 -34.28
CA SER FA 376 -43.23 -52.86 -34.86
C SER FA 376 -42.19 -51.75 -34.84
N ALA FA 377 -42.52 -50.61 -34.24
CA ALA FA 377 -41.63 -49.45 -34.20
C ALA FA 377 -42.05 -48.52 -33.06
N ALA FA 378 -41.06 -47.98 -32.36
CA ALA FA 378 -41.30 -47.09 -31.23
C ALA FA 378 -41.49 -45.64 -31.66
N GLN FA 379 -41.64 -45.41 -32.95
CA GLN FA 379 -41.70 -44.05 -33.51
C GLN FA 379 -42.95 -43.33 -32.99
N LYS FA 380 -43.14 -42.08 -33.41
CA LYS FA 380 -44.15 -41.18 -32.84
C LYS FA 380 -43.84 -40.90 -31.38
N SER FA 381 -42.64 -40.36 -31.14
CA SER FA 381 -42.19 -40.03 -29.79
C SER FA 381 -43.16 -39.10 -29.06
N SER FA 382 -43.66 -38.08 -29.76
CA SER FA 382 -44.77 -37.25 -29.31
C SER FA 382 -44.54 -36.58 -27.96
N VAL FA 383 -43.57 -35.65 -27.89
CA VAL FA 383 -43.40 -34.83 -26.70
C VAL FA 383 -44.37 -33.65 -26.76
N ALA FA 384 -44.68 -33.20 -27.97
CA ALA FA 384 -45.56 -32.05 -28.16
C ALA FA 384 -46.97 -32.31 -27.64
N SER FA 385 -47.51 -33.48 -27.92
CA SER FA 385 -48.88 -33.82 -27.58
C SER FA 385 -49.09 -34.05 -26.08
N VAL FA 386 -48.05 -33.80 -25.28
CA VAL FA 386 -48.12 -33.97 -23.83
C VAL FA 386 -49.31 -33.21 -23.27
N ASP FA 387 -50.02 -33.81 -22.33
CA ASP FA 387 -51.16 -33.18 -21.68
C ASP FA 387 -50.93 -33.07 -20.18
N ILE FA 388 -51.85 -32.38 -19.51
CA ILE FA 388 -51.80 -32.20 -18.07
C ILE FA 388 -53.15 -32.49 -17.42
N SER FA 389 -54.23 -32.37 -18.20
CA SER FA 389 -55.57 -32.08 -17.67
C SER FA 389 -56.01 -32.91 -16.48
N THR FA 390 -56.24 -34.21 -16.66
CA THR FA 390 -56.83 -34.95 -15.54
C THR FA 390 -55.99 -36.11 -15.00
N ALA FA 391 -55.72 -37.13 -15.82
CA ALA FA 391 -55.10 -38.34 -15.29
C ALA FA 391 -53.78 -38.70 -15.96
N ASP FA 392 -53.81 -38.82 -17.29
CA ASP FA 392 -52.69 -39.35 -18.03
C ASP FA 392 -51.46 -38.46 -17.95
N GLY FA 393 -51.66 -37.16 -18.20
CA GLY FA 393 -50.58 -36.20 -18.26
C GLY FA 393 -49.63 -36.21 -17.08
N ALA FA 394 -50.19 -36.25 -15.87
CA ALA FA 394 -49.42 -36.18 -14.63
C ALA FA 394 -48.26 -37.15 -14.61
N GLN FA 395 -48.39 -38.29 -15.29
CA GLN FA 395 -47.35 -39.30 -15.34
C GLN FA 395 -46.70 -39.41 -16.71
N ASN FA 396 -47.48 -39.19 -17.77
CA ASN FA 396 -46.92 -39.23 -19.12
C ASN FA 396 -45.83 -38.18 -19.28
N ALA FA 397 -46.00 -37.02 -18.65
CA ALA FA 397 -45.01 -35.96 -18.75
C ALA FA 397 -43.70 -36.36 -18.07
N ILE FA 398 -43.79 -37.10 -16.96
CA ILE FA 398 -42.58 -37.64 -16.35
C ILE FA 398 -41.91 -38.63 -17.28
N ALA FA 399 -42.73 -39.53 -17.86
CA ALA FA 399 -42.22 -40.46 -18.86
C ALA FA 399 -41.51 -39.74 -20.00
N VAL FA 400 -41.99 -38.55 -20.35
CA VAL FA 400 -41.28 -37.74 -21.34
C VAL FA 400 -39.95 -37.27 -20.77
N VAL FA 401 -40.01 -36.46 -19.72
CA VAL FA 401 -38.86 -35.68 -19.28
C VAL FA 401 -37.70 -36.57 -18.87
N ASP FA 402 -37.97 -37.78 -18.40
CA ASP FA 402 -36.88 -38.68 -18.03
C ASP FA 402 -35.98 -38.94 -19.24
N ASN FA 403 -36.51 -39.55 -20.28
CA ASN FA 403 -35.70 -39.86 -21.45
C ASN FA 403 -35.30 -38.59 -22.20
N ALA FA 404 -36.10 -37.51 -22.06
CA ALA FA 404 -35.74 -36.25 -22.69
C ALA FA 404 -34.43 -35.72 -22.14
N LEU FA 405 -34.33 -35.58 -20.81
CA LEU FA 405 -33.08 -35.15 -20.22
C LEU FA 405 -31.98 -36.19 -20.42
N ALA FA 406 -32.34 -37.47 -20.50
CA ALA FA 406 -31.33 -38.48 -20.81
C ALA FA 406 -30.66 -38.18 -22.14
N ALA FA 407 -31.46 -37.93 -23.19
CA ALA FA 407 -30.90 -37.62 -24.49
C ALA FA 407 -30.17 -36.28 -24.48
N ILE FA 408 -30.71 -35.30 -23.75
CA ILE FA 408 -30.06 -34.00 -23.68
C ILE FA 408 -28.68 -34.11 -23.06
N ASP FA 409 -28.56 -34.87 -21.96
CA ASP FA 409 -27.27 -35.03 -21.32
C ASP FA 409 -26.36 -35.92 -22.15
N ALA FA 410 -26.93 -36.82 -22.97
CA ALA FA 410 -26.09 -37.56 -23.91
C ALA FA 410 -25.45 -36.62 -24.93
N GLN FA 411 -26.23 -35.67 -25.45
CA GLN FA 411 -25.66 -34.68 -26.36
C GLN FA 411 -24.66 -33.79 -25.64
N ARG FA 412 -24.93 -33.46 -24.38
CA ARG FA 412 -23.99 -32.66 -23.60
C ARG FA 412 -22.68 -33.41 -23.38
N ALA FA 413 -22.76 -34.74 -23.19
CA ALA FA 413 -21.55 -35.54 -23.03
C ALA FA 413 -20.79 -35.65 -24.36
N ASP FA 414 -21.50 -35.73 -25.47
CA ASP FA 414 -20.83 -35.67 -26.77
C ASP FA 414 -20.11 -34.34 -26.95
N LEU FA 415 -20.76 -33.24 -26.56
CA LEU FA 415 -20.11 -31.94 -26.60
C LEU FA 415 -18.89 -31.88 -25.68
N ALA FA 416 -19.01 -32.49 -24.49
CA ALA FA 416 -17.87 -32.56 -23.59
C ALA FA 416 -16.71 -33.31 -24.24
N ALA FA 417 -17.01 -34.42 -24.91
CA ALA FA 417 -15.98 -35.19 -25.59
C ALA FA 417 -15.30 -34.35 -26.65
N VAL FA 418 -16.09 -33.69 -27.51
CA VAL FA 418 -15.50 -32.95 -28.62
C VAL FA 418 -14.70 -31.75 -28.11
N GLN FA 419 -15.17 -31.13 -27.01
CA GLN FA 419 -14.43 -29.99 -26.47
C GLN FA 419 -13.15 -30.39 -25.76
N ASN FA 420 -13.17 -31.47 -24.97
CA ASN FA 420 -11.94 -31.95 -24.36
C ASN FA 420 -10.94 -32.38 -25.44
N ARG FA 421 -11.44 -33.04 -26.48
CA ARG FA 421 -10.60 -33.36 -27.62
C ARG FA 421 -10.03 -32.10 -28.25
N PHE FA 422 -10.81 -31.02 -28.29
CA PHE FA 422 -10.33 -29.77 -28.84
C PHE FA 422 -9.23 -29.16 -27.98
N LYS FA 423 -9.40 -29.17 -26.66
CA LYS FA 423 -8.35 -28.67 -25.77
C LYS FA 423 -7.06 -29.47 -25.98
N ASN FA 424 -7.19 -30.81 -26.00
CA ASN FA 424 -6.01 -31.65 -26.17
C ASN FA 424 -5.34 -31.40 -27.51
N THR FA 425 -6.13 -31.32 -28.59
CA THR FA 425 -5.53 -31.14 -29.91
C THR FA 425 -4.94 -29.75 -30.06
N ILE FA 426 -5.51 -28.73 -29.41
CA ILE FA 426 -4.96 -27.39 -29.53
C ILE FA 426 -3.67 -27.28 -28.73
N ASP FA 427 -3.58 -27.98 -27.59
CA ASP FA 427 -2.32 -28.01 -26.84
C ASP FA 427 -1.24 -28.73 -27.64
N ASN FA 428 -1.57 -29.92 -28.16
CA ASN FA 428 -0.66 -30.64 -29.05
C ASN FA 428 -0.24 -29.76 -30.22
N LEU FA 429 -1.20 -28.98 -30.73
CA LEU FA 429 -0.96 -28.18 -31.93
C LEU FA 429 0.00 -27.04 -31.65
N THR FA 430 -0.22 -26.32 -30.54
CA THR FA 430 0.73 -25.29 -30.14
C THR FA 430 2.11 -25.88 -29.89
N ASN FA 431 2.18 -27.04 -29.24
CA ASN FA 431 3.48 -27.63 -28.94
C ASN FA 431 4.22 -28.03 -30.22
N ILE FA 432 3.53 -28.69 -31.15
CA ILE FA 432 4.18 -29.14 -32.37
C ILE FA 432 4.55 -27.96 -33.26
N SER FA 433 3.72 -26.91 -33.26
CA SER FA 433 4.08 -25.72 -34.02
C SER FA 433 5.29 -25.04 -33.41
N GLU FA 434 5.41 -25.05 -32.09
CA GLU FA 434 6.57 -24.45 -31.46
C GLU FA 434 7.84 -25.24 -31.74
N ASN FA 435 7.74 -26.57 -31.70
CA ASN FA 435 8.90 -27.38 -32.05
C ASN FA 435 9.28 -27.21 -33.51
N ALA FA 436 8.28 -27.05 -34.40
CA ALA FA 436 8.57 -26.80 -35.80
C ALA FA 436 9.22 -25.45 -36.01
N THR FA 437 8.80 -24.43 -35.26
CA THR FA 437 9.45 -23.13 -35.36
C THR FA 437 10.86 -23.18 -34.80
N ASN FA 438 11.09 -24.00 -33.77
CA ASN FA 438 12.44 -24.20 -33.27
C ASN FA 438 13.31 -24.86 -34.33
N ALA FA 439 12.75 -25.83 -35.05
CA ALA FA 439 13.47 -26.44 -36.17
C ALA FA 439 13.77 -25.41 -37.25
N ARG FA 440 12.78 -24.57 -37.56
CA ARG FA 440 12.97 -23.54 -38.58
C ARG FA 440 14.06 -22.55 -38.17
N SER FA 441 14.17 -22.27 -36.88
CA SER FA 441 15.23 -21.40 -36.41
C SER FA 441 16.59 -22.09 -36.50
N ARG FA 442 16.67 -23.33 -36.00
CA ARG FA 442 17.92 -24.07 -36.06
C ARG FA 442 18.41 -24.28 -37.49
N ILE FA 443 17.50 -24.29 -38.46
CA ILE FA 443 17.91 -24.45 -39.86
C ILE FA 443 18.04 -23.11 -40.60
N LYS FA 444 17.41 -22.04 -40.10
CA LYS FA 444 17.36 -20.76 -40.79
C LYS FA 444 17.95 -19.61 -40.00
N ASP FA 445 17.57 -19.47 -38.72
CA ASP FA 445 18.06 -18.36 -37.91
C ASP FA 445 19.58 -18.36 -37.87
N THR FA 446 20.19 -17.30 -38.40
CA THR FA 446 21.64 -17.21 -38.42
C THR FA 446 22.19 -17.10 -37.00
N ASP FA 447 23.18 -17.93 -36.70
CA ASP FA 447 23.96 -17.78 -35.47
C ASP FA 447 25.02 -16.70 -35.68
N PHE FA 448 24.54 -15.47 -35.86
CA PHE FA 448 25.35 -14.35 -36.31
C PHE FA 448 26.48 -14.01 -35.36
N ALA FA 449 26.61 -14.71 -34.24
CA ALA FA 449 27.83 -14.61 -33.43
C ALA FA 449 29.07 -14.97 -34.23
N ALA FA 450 28.92 -15.77 -35.29
CA ALA FA 450 30.01 -16.07 -36.20
C ALA FA 450 29.96 -15.26 -37.48
N GLU FA 451 28.77 -14.95 -38.00
CA GLU FA 451 28.66 -14.13 -39.19
C GLU FA 451 29.11 -12.69 -38.95
N THR FA 452 29.07 -12.20 -37.71
CA THR FA 452 29.65 -10.89 -37.43
C THR FA 452 31.16 -10.91 -37.61
N ALA FA 453 31.82 -11.94 -37.07
CA ALA FA 453 33.25 -12.10 -37.29
C ALA FA 453 33.55 -12.30 -38.78
N ALA FA 454 32.68 -13.02 -39.48
CA ALA FA 454 32.86 -13.20 -40.92
C ALA FA 454 32.78 -11.88 -41.66
N LEU FA 455 31.80 -11.05 -41.34
CA LEU FA 455 31.67 -9.75 -41.97
C LEU FA 455 32.89 -8.88 -41.67
N SER FA 456 33.35 -8.89 -40.42
CA SER FA 456 34.51 -8.08 -40.06
C SER FA 456 35.76 -8.53 -40.80
N LYS FA 457 36.01 -9.84 -40.83
CA LYS FA 457 37.19 -10.32 -41.55
C LYS FA 457 37.06 -10.07 -43.05
N ASN FA 458 35.83 -10.08 -43.57
CA ASN FA 458 35.64 -9.80 -44.99
C ASN FA 458 36.00 -8.36 -45.32
N GLN FA 459 35.50 -7.41 -44.53
CA GLN FA 459 35.85 -6.01 -44.78
C GLN FA 459 37.33 -5.76 -44.53
N VAL FA 460 37.92 -6.47 -43.57
CA VAL FA 460 39.34 -6.33 -43.31
C VAL FA 460 40.15 -6.82 -44.51
N LEU FA 461 39.78 -7.97 -45.07
CA LEU FA 461 40.47 -8.49 -46.24
C LEU FA 461 40.26 -7.57 -47.45
N GLN FA 462 39.06 -6.97 -47.57
CA GLN FA 462 38.82 -6.01 -48.63
C GLN FA 462 39.75 -4.82 -48.53
N GLN FA 463 39.80 -4.19 -47.35
CA GLN FA 463 40.69 -3.05 -47.16
C GLN FA 463 42.15 -3.45 -47.37
N ALA FA 464 42.53 -4.64 -46.92
CA ALA FA 464 43.89 -5.12 -47.12
C ALA FA 464 44.22 -5.26 -48.59
N GLY FA 465 43.29 -5.84 -49.37
CA GLY FA 465 43.52 -5.98 -50.80
C GLY FA 465 43.62 -4.66 -51.52
N THR FA 466 42.76 -3.70 -51.16
CA THR FA 466 42.84 -2.38 -51.75
C THR FA 466 44.18 -1.71 -51.44
N ALA FA 467 44.62 -1.79 -50.18
CA ALA FA 467 45.91 -1.20 -49.83
C ALA FA 467 47.05 -1.90 -50.55
N ILE FA 468 46.98 -3.23 -50.66
CA ILE FA 468 47.99 -3.99 -51.38
C ILE FA 468 48.08 -3.54 -52.82
N LEU FA 469 46.94 -3.41 -53.50
CA LEU FA 469 46.96 -2.97 -54.88
C LEU FA 469 47.48 -1.54 -55.00
N ALA FA 470 47.09 -0.66 -54.07
CA ALA FA 470 47.54 0.72 -54.13
C ALA FA 470 49.06 0.83 -53.96
N GLN FA 471 49.65 -0.02 -53.12
CA GLN FA 471 51.08 0.05 -52.93
C GLN FA 471 51.85 -0.74 -53.99
N ALA FA 472 51.16 -1.69 -54.64
CA ALA FA 472 51.81 -2.47 -55.69
C ALA FA 472 51.83 -1.73 -57.02
N ASN FA 473 50.84 -0.88 -57.27
CA ASN FA 473 50.80 -0.14 -58.52
C ASN FA 473 51.91 0.91 -58.60
N GLN FA 474 52.65 1.10 -57.51
CA GLN FA 474 53.74 2.06 -57.49
C GLN FA 474 55.08 1.47 -57.94
N LEU FA 475 55.15 0.15 -58.10
CA LEU FA 475 56.39 -0.48 -58.56
C LEU FA 475 56.75 -0.09 -59.99
N PRO FA 476 55.87 -0.24 -60.98
CA PRO FA 476 56.31 0.02 -62.37
C PRO FA 476 56.73 1.46 -62.61
N GLN FA 477 55.96 2.44 -62.13
CA GLN FA 477 56.35 3.83 -62.32
C GLN FA 477 57.73 4.09 -61.71
N ALA FA 478 57.98 3.53 -60.53
CA ALA FA 478 59.27 3.73 -59.88
C ALA FA 478 60.41 3.14 -60.71
N VAL FA 479 60.29 1.87 -61.10
CA VAL FA 479 61.40 1.21 -61.77
C VAL FA 479 61.65 1.84 -63.14
N LEU FA 480 60.58 2.21 -63.85
CA LEU FA 480 60.78 2.85 -65.14
C LEU FA 480 61.33 4.26 -65.01
N SER FA 481 60.85 5.04 -64.05
CA SER FA 481 61.35 6.40 -63.89
C SER FA 481 62.80 6.43 -63.45
N LEU FA 482 63.25 5.40 -62.72
CA LEU FA 482 64.66 5.36 -62.35
C LEU FA 482 65.53 4.76 -63.45
N LEU FA 483 64.99 3.82 -64.24
CA LEU FA 483 65.77 3.14 -65.26
C LEU FA 483 65.81 3.91 -66.58
N ARG FA 484 65.31 5.14 -66.62
CA ARG FA 484 65.33 5.93 -67.83
C ARG FA 484 66.01 7.28 -67.60
N VAL GA 1 97.58 3.95 -100.30
CA VAL GA 1 96.80 3.90 -99.07
C VAL GA 1 95.80 5.06 -99.02
N ASN GA 2 95.51 5.63 -100.19
CA ASN GA 2 94.57 6.73 -100.28
C ASN GA 2 93.37 6.48 -101.18
N THR GA 3 93.44 5.51 -102.10
CA THR GA 3 92.30 5.21 -102.96
C THR GA 3 91.12 4.65 -102.18
N ASN GA 4 91.36 4.01 -101.05
CA ASN GA 4 90.29 3.46 -100.22
C ASN GA 4 90.80 3.35 -98.78
N ILE GA 5 89.86 3.11 -97.87
CA ILE GA 5 90.17 2.96 -96.45
C ILE GA 5 89.57 1.64 -95.99
N ALA GA 6 90.39 0.83 -95.33
CA ALA GA 6 89.93 -0.47 -94.85
C ALA GA 6 88.99 -0.36 -93.66
N SER GA 7 88.63 0.85 -93.24
CA SER GA 7 87.78 1.02 -92.07
C SER GA 7 86.31 0.71 -92.34
N LEU GA 8 85.95 0.23 -93.52
CA LEU GA 8 84.55 -0.08 -93.82
C LEU GA 8 83.97 -1.16 -92.90
N ASN GA 9 84.82 -1.98 -92.27
CA ASN GA 9 84.33 -2.88 -91.24
C ASN GA 9 83.70 -2.10 -90.10
N THR GA 10 84.26 -0.93 -89.78
CA THR GA 10 83.66 -0.09 -88.75
C THR GA 10 82.29 0.42 -89.20
N GLN GA 11 82.15 0.77 -90.48
CA GLN GA 11 80.84 1.16 -90.99
C GLN GA 11 79.83 0.02 -90.86
N ARG GA 12 80.22 -1.18 -91.28
CA ARG GA 12 79.34 -2.34 -91.14
C ARG GA 12 78.93 -2.55 -89.69
N ASN GA 13 79.91 -2.47 -88.78
CA ASN GA 13 79.63 -2.65 -87.36
C ASN GA 13 78.67 -1.59 -86.84
N LEU GA 14 78.83 -0.33 -87.26
CA LEU GA 14 77.97 0.72 -86.74
C LEU GA 14 76.55 0.58 -87.30
N ASN GA 15 76.41 0.18 -88.56
CA ASN GA 15 75.07 -0.08 -89.09
C ASN GA 15 74.41 -1.22 -88.33
N ALA GA 16 75.14 -2.31 -88.09
CA ALA GA 16 74.57 -3.43 -87.33
C ALA GA 16 74.16 -3.00 -85.93
N SER GA 17 75.02 -2.24 -85.25
CA SER GA 17 74.70 -1.80 -83.89
C SER GA 17 73.52 -0.86 -83.89
N SER GA 18 73.36 -0.04 -84.94
CA SER GA 18 72.19 0.81 -85.03
C SER GA 18 70.92 0.00 -85.23
N ASN GA 19 71.01 -1.09 -86.01
CA ASN GA 19 69.86 -1.98 -86.16
C ASN GA 19 69.45 -2.57 -84.81
N ASP GA 20 70.42 -3.14 -84.08
CA ASP GA 20 70.10 -3.71 -82.77
C ASP GA 20 69.62 -2.63 -81.80
N LEU GA 21 70.13 -1.40 -81.94
CA LEU GA 21 69.72 -0.31 -81.07
C LEU GA 21 68.26 0.04 -81.33
N ASN GA 22 67.87 0.13 -82.60
CA ASN GA 22 66.48 0.41 -82.94
C ASN GA 22 65.56 -0.72 -82.48
N THR GA 23 66.00 -1.97 -82.62
CA THR GA 23 65.19 -3.09 -82.16
C THR GA 23 65.00 -3.04 -80.64
N SER GA 24 66.06 -2.76 -79.89
CA SER GA 24 65.94 -2.66 -78.45
C SER GA 24 65.05 -1.49 -78.05
N LEU GA 25 65.13 -0.38 -78.78
CA LEU GA 25 64.28 0.77 -78.48
C LEU GA 25 62.82 0.44 -78.72
N GLN GA 26 62.52 -0.27 -79.81
CA GLN GA 26 61.16 -0.73 -80.04
C GLN GA 26 60.71 -1.65 -78.91
N ARG GA 27 61.55 -2.62 -78.54
CA ARG GA 27 61.22 -3.56 -77.48
C ARG GA 27 60.86 -2.83 -76.19
N LEU GA 28 61.63 -1.81 -75.84
CA LEU GA 28 61.39 -1.11 -74.58
C LEU GA 28 60.18 -0.17 -74.69
N THR GA 29 59.92 0.38 -75.87
CA THR GA 29 58.82 1.32 -75.99
C THR GA 29 57.47 0.61 -76.10
N THR GA 30 57.45 -0.66 -76.50
CA THR GA 30 56.19 -1.40 -76.52
C THR GA 30 56.02 -2.32 -75.33
N GLY GA 31 57.06 -2.49 -74.51
CA GLY GA 31 57.03 -3.46 -73.44
C GLY GA 31 57.11 -4.90 -73.89
N TYR GA 32 57.21 -5.15 -75.20
CA TYR GA 32 57.25 -6.49 -75.76
C TYR GA 32 58.63 -6.70 -76.38
N ARG GA 33 59.39 -7.65 -75.85
CA ARG GA 33 60.67 -7.97 -76.46
C ARG GA 33 60.49 -8.57 -77.85
N ILE GA 34 59.36 -9.25 -78.07
CA ILE GA 34 58.98 -9.64 -79.42
C ILE GA 34 58.08 -8.56 -80.01
N ASN GA 35 58.63 -7.81 -80.97
CA ASN GA 35 57.84 -6.84 -81.69
C ASN GA 35 56.75 -7.54 -82.50
N SER GA 36 55.76 -6.75 -82.94
CA SER GA 36 54.70 -7.29 -83.79
C SER GA 36 55.23 -7.77 -85.14
N ALA GA 37 56.51 -7.56 -85.42
CA ALA GA 37 57.10 -8.01 -86.67
C ALA GA 37 57.22 -9.54 -86.69
N LYS GA 38 57.79 -10.06 -87.78
CA LYS GA 38 57.89 -11.50 -87.95
C LYS GA 38 58.97 -12.11 -87.07
N ASP GA 39 59.70 -11.29 -86.33
CA ASP GA 39 60.75 -11.81 -85.45
C ASP GA 39 60.15 -12.74 -84.40
N ASP GA 40 60.75 -13.92 -84.26
CA ASP GA 40 60.32 -14.94 -83.31
C ASP GA 40 58.85 -15.32 -83.56
N ALA GA 41 58.64 -15.89 -84.75
CA ALA GA 41 57.29 -16.23 -85.19
C ALA GA 41 56.60 -17.20 -84.24
N ALA GA 42 57.36 -18.07 -83.57
CA ALA GA 42 56.77 -18.98 -82.60
C ALA GA 42 56.19 -18.22 -81.43
N GLY GA 43 56.98 -17.32 -80.84
CA GLY GA 43 56.46 -16.48 -79.76
C GLY GA 43 55.31 -15.61 -80.21
N LEU GA 44 55.36 -15.12 -81.45
CA LEU GA 44 54.27 -14.31 -81.99
C LEU GA 44 52.98 -15.13 -82.06
N GLN GA 45 53.06 -16.36 -82.59
CA GLN GA 45 51.89 -17.22 -82.66
C GLN GA 45 51.34 -17.52 -81.27
N ILE GA 46 52.24 -17.81 -80.33
CA ILE GA 46 51.82 -18.10 -78.95
C ILE GA 46 51.11 -16.88 -78.36
N SER GA 47 51.63 -15.68 -78.62
CA SER GA 47 51.02 -14.47 -78.08
C SER GA 47 49.65 -14.23 -78.69
N ASN GA 48 49.50 -14.48 -79.99
CA ASN GA 48 48.20 -14.31 -80.64
C ASN GA 48 47.18 -15.29 -80.06
N ARG GA 49 47.58 -16.55 -79.92
CA ARG GA 49 46.66 -17.54 -79.33
C ARG GA 49 46.29 -17.16 -77.90
N LEU GA 50 47.26 -16.69 -77.11
CA LEU GA 50 46.98 -16.32 -75.73
C LEU GA 50 46.06 -15.11 -75.67
N SER GA 51 46.25 -14.14 -76.56
CA SER GA 51 45.39 -12.97 -76.57
C SER GA 51 43.96 -13.33 -76.96
N ASN GA 52 43.81 -14.16 -77.99
CA ASN GA 52 42.49 -14.67 -78.35
C ASN GA 52 41.86 -15.39 -77.17
N GLN GA 53 42.64 -16.20 -76.46
CA GLN GA 53 42.12 -16.95 -75.33
C GLN GA 53 41.63 -16.03 -74.23
N ILE GA 54 42.43 -15.01 -73.86
CA ILE GA 54 42.04 -14.16 -72.74
C ILE GA 54 40.88 -13.26 -73.13
N SER GA 55 40.81 -12.85 -74.40
CA SER GA 55 39.68 -12.05 -74.84
C SER GA 55 38.38 -12.85 -74.80
N GLY GA 56 38.39 -14.06 -75.37
CA GLY GA 56 37.23 -14.92 -75.28
C GLY GA 56 36.87 -15.25 -73.83
N LEU GA 57 37.89 -15.42 -72.99
CA LEU GA 57 37.66 -15.69 -71.59
C LEU GA 57 36.97 -14.51 -70.90
N ASN GA 58 37.42 -13.29 -71.18
CA ASN GA 58 36.79 -12.12 -70.58
C ASN GA 58 35.33 -11.98 -71.02
N VAL GA 59 35.09 -12.12 -72.32
CA VAL GA 59 33.70 -11.99 -72.79
C VAL GA 59 32.84 -13.13 -72.24
N ALA GA 60 33.43 -14.31 -72.04
CA ALA GA 60 32.67 -15.42 -71.47
C ALA GA 60 32.35 -15.18 -70.01
N THR GA 61 33.29 -14.62 -69.25
CA THR GA 61 33.02 -14.28 -67.87
C THR GA 61 31.94 -13.20 -67.77
N ARG GA 62 31.96 -12.24 -68.70
CA ARG GA 62 30.91 -11.23 -68.71
C ARG GA 62 29.54 -11.85 -68.99
N ASN GA 63 29.48 -12.73 -70.00
CA ASN GA 63 28.21 -13.41 -70.29
C ASN GA 63 27.75 -14.25 -69.12
N ALA GA 64 28.69 -14.88 -68.41
CA ALA GA 64 28.34 -15.66 -67.23
C ALA GA 64 27.81 -14.76 -66.12
N ASN GA 65 28.34 -13.54 -66.00
CA ASN GA 65 27.82 -12.60 -65.01
C ASN GA 65 26.40 -12.18 -65.35
N ASP GA 66 26.14 -11.88 -66.64
CA ASP GA 66 24.77 -11.57 -67.04
C ASP GA 66 23.85 -12.76 -66.79
N GLY GA 67 24.33 -13.97 -67.01
CA GLY GA 67 23.53 -15.15 -66.71
C GLY GA 67 23.24 -15.31 -65.23
N ILE GA 68 24.23 -15.01 -64.38
CA ILE GA 68 24.02 -15.03 -62.95
C ILE GA 68 22.93 -14.04 -62.55
N SER GA 69 22.98 -12.83 -63.12
CA SER GA 69 21.96 -11.83 -62.80
C SER GA 69 20.59 -12.27 -63.28
N LEU GA 70 20.52 -12.85 -64.47
CA LEU GA 70 19.25 -13.35 -65.01
C LEU GA 70 18.66 -14.42 -64.10
N ALA GA 71 19.49 -15.40 -63.73
CA ALA GA 71 19.04 -16.43 -62.80
C ALA GA 71 18.66 -15.85 -61.45
N GLN GA 72 19.29 -14.75 -61.03
CA GLN GA 72 18.92 -14.12 -59.77
C GLN GA 72 17.53 -13.51 -59.85
N THR GA 73 17.23 -12.83 -60.95
CA THR GA 73 15.86 -12.34 -61.15
C THR GA 73 14.86 -13.49 -61.19
N ALA GA 74 15.23 -14.59 -61.84
CA ALA GA 74 14.35 -15.75 -61.88
C ALA GA 74 14.11 -16.31 -60.48
N GLU GA 75 15.17 -16.38 -59.67
CA GLU GA 75 15.03 -16.90 -58.31
C GLU GA 75 14.18 -15.98 -57.46
N GLY GA 76 14.29 -14.67 -57.65
CA GLY GA 76 13.43 -13.74 -56.94
C GLY GA 76 11.97 -13.92 -57.31
N ALA GA 77 11.69 -14.04 -58.61
CA ALA GA 77 10.32 -14.28 -59.05
C ALA GA 77 9.79 -15.60 -58.48
N LEU GA 78 10.63 -16.63 -58.44
CA LEU GA 78 10.19 -17.91 -57.89
C LEU GA 78 9.92 -17.81 -56.40
N GLN GA 79 10.74 -17.06 -55.66
CA GLN GA 79 10.48 -16.83 -54.24
C GLN GA 79 9.16 -16.11 -54.04
N GLN GA 80 8.88 -15.12 -54.88
CA GLN GA 80 7.57 -14.46 -54.84
C GLN GA 80 6.45 -15.46 -55.08
N SER GA 81 6.66 -16.38 -56.02
CA SER GA 81 5.65 -17.41 -56.28
C SER GA 81 5.44 -18.31 -55.07
N THR GA 82 6.53 -18.64 -54.36
CA THR GA 82 6.40 -19.43 -53.13
C THR GA 82 5.62 -18.68 -52.08
N ASN GA 83 5.87 -17.37 -51.93
CA ASN GA 83 5.08 -16.58 -50.98
C ASN GA 83 3.60 -16.58 -51.36
N ILE GA 84 3.32 -16.46 -52.66
CA ILE GA 84 1.93 -16.45 -53.11
C ILE GA 84 1.26 -17.79 -52.82
N LEU GA 85 1.96 -18.90 -53.06
CA LEU GA 85 1.38 -20.21 -52.78
C LEU GA 85 1.21 -20.43 -51.28
N GLN GA 86 2.12 -19.88 -50.47
CA GLN GA 86 1.97 -19.93 -49.02
C GLN GA 86 0.70 -19.20 -48.59
N ARG GA 87 0.49 -18.00 -49.12
CA ARG GA 87 -0.74 -17.26 -48.81
C ARG GA 87 -1.97 -18.00 -49.33
N ILE GA 88 -1.83 -18.70 -50.45
CA ILE GA 88 -2.94 -19.48 -50.99
C ILE GA 88 -3.33 -20.60 -50.04
N ARG GA 89 -2.35 -21.36 -49.55
CA ARG GA 89 -2.65 -22.40 -48.58
C ARG GA 89 -3.20 -21.81 -47.29
N ASP GA 90 -2.67 -20.65 -46.89
CA ASP GA 90 -3.21 -19.94 -45.73
C ASP GA 90 -4.70 -19.73 -45.86
N LEU GA 91 -5.12 -19.05 -46.94
CA LEU GA 91 -6.54 -18.74 -47.10
C LEU GA 91 -7.35 -20.00 -47.38
N ALA GA 92 -6.72 -21.03 -47.94
CA ALA GA 92 -7.44 -22.26 -48.25
C ALA GA 92 -7.78 -23.03 -46.97
N LEU GA 93 -6.81 -23.18 -46.07
CA LEU GA 93 -7.08 -23.82 -44.80
C LEU GA 93 -7.94 -22.93 -43.91
N GLN GA 94 -7.87 -21.61 -44.09
CA GLN GA 94 -8.81 -20.73 -43.41
C GLN GA 94 -10.22 -20.94 -43.93
N SER GA 95 -10.36 -21.34 -45.19
CA SER GA 95 -11.66 -21.59 -45.79
C SER GA 95 -12.33 -22.85 -45.26
N ALA GA 96 -11.67 -23.62 -44.39
CA ALA GA 96 -12.36 -24.73 -43.73
C ALA GA 96 -13.56 -24.23 -42.93
N ASN GA 97 -13.35 -23.22 -42.09
CA ASN GA 97 -14.40 -22.43 -41.43
C ASN GA 97 -15.52 -23.28 -40.83
N GLY GA 98 -15.22 -24.54 -40.49
CA GLY GA 98 -16.26 -25.43 -40.02
C GLY GA 98 -17.22 -25.86 -41.11
N SER GA 99 -16.91 -25.45 -42.35
CA SER GA 99 -17.59 -25.90 -43.57
C SER GA 99 -18.98 -25.31 -43.71
N ASN GA 100 -19.47 -24.59 -42.69
CA ASN GA 100 -20.77 -23.94 -42.82
C ASN GA 100 -20.84 -22.57 -42.17
N SER GA 101 -19.76 -22.07 -41.56
CA SER GA 101 -19.86 -20.84 -40.78
C SER GA 101 -19.52 -19.60 -41.61
N ASP GA 102 -18.80 -19.76 -42.71
CA ASP GA 102 -18.33 -18.64 -43.51
C ASP GA 102 -19.36 -18.41 -44.62
N ALA GA 103 -20.24 -17.42 -44.39
CA ALA GA 103 -21.29 -17.13 -45.36
C ALA GA 103 -20.75 -16.45 -46.61
N ASP GA 104 -19.57 -15.83 -46.53
CA ASP GA 104 -18.97 -15.16 -47.68
C ASP GA 104 -17.90 -16.02 -48.36
N ARG GA 105 -18.11 -17.34 -48.46
CA ARG GA 105 -17.23 -18.16 -49.27
C ARG GA 105 -17.15 -17.65 -50.70
N ALA GA 106 -18.14 -16.90 -51.17
CA ALA GA 106 -18.03 -16.24 -52.46
C ALA GA 106 -16.94 -15.18 -52.44
N ALA GA 107 -16.88 -14.37 -51.38
CA ALA GA 107 -15.80 -13.40 -51.25
C ALA GA 107 -14.45 -14.09 -51.08
N LEU GA 108 -14.44 -15.21 -50.37
CA LEU GA 108 -13.23 -16.02 -50.27
C LEU GA 108 -12.76 -16.48 -51.65
N GLN GA 109 -13.69 -16.94 -52.47
CA GLN GA 109 -13.34 -17.39 -53.82
C GLN GA 109 -12.84 -16.23 -54.68
N LYS GA 110 -13.48 -15.06 -54.57
CA LYS GA 110 -13.05 -13.94 -55.39
C LYS GA 110 -11.68 -13.44 -54.96
N GLU GA 111 -11.38 -13.45 -53.66
CA GLU GA 111 -10.06 -13.04 -53.21
C GLU GA 111 -9.00 -14.08 -53.60
N VAL GA 112 -9.35 -15.36 -53.57
CA VAL GA 112 -8.43 -16.38 -54.06
C VAL GA 112 -8.17 -16.19 -55.55
N ALA GA 113 -9.20 -15.83 -56.31
CA ALA GA 113 -9.01 -15.55 -57.73
C ALA GA 113 -8.13 -14.32 -57.93
N ALA GA 114 -8.26 -13.34 -57.04
CA ALA GA 114 -7.36 -12.18 -57.09
C ALA GA 114 -5.91 -12.60 -56.86
N GLN GA 115 -5.68 -13.49 -55.90
CA GLN GA 115 -4.32 -13.99 -55.68
C GLN GA 115 -3.81 -14.78 -56.88
N GLN GA 116 -4.67 -15.56 -57.51
CA GLN GA 116 -4.24 -16.30 -58.71
C GLN GA 116 -3.92 -15.36 -59.86
N ALA GA 117 -4.71 -14.30 -60.05
CA ALA GA 117 -4.41 -13.33 -61.08
C ALA GA 117 -3.10 -12.59 -60.77
N GLU GA 118 -2.85 -12.32 -59.49
CA GLU GA 118 -1.59 -11.71 -59.09
C GLU GA 118 -0.41 -12.65 -59.38
N LEU GA 119 -0.62 -13.95 -59.16
CA LEU GA 119 0.42 -14.93 -59.48
C LEU GA 119 0.69 -14.95 -60.98
N THR GA 120 -0.36 -14.92 -61.80
CA THR GA 120 -0.17 -14.90 -63.24
C THR GA 120 0.48 -13.60 -63.70
N ARG GA 121 0.29 -12.52 -62.94
CA ARG GA 121 1.01 -11.29 -63.23
C ARG GA 121 2.48 -11.38 -62.83
N ILE GA 122 2.77 -12.04 -61.71
CA ILE GA 122 4.16 -12.30 -61.33
C ILE GA 122 4.83 -13.18 -62.40
N SER GA 123 4.05 -14.03 -63.05
CA SER GA 123 4.56 -14.76 -64.21
C SER GA 123 5.12 -13.79 -65.24
N ASP GA 124 4.37 -12.73 -65.53
CA ASP GA 124 4.85 -11.66 -66.40
C ASP GA 124 5.70 -10.70 -65.56
N THR GA 125 5.98 -9.52 -66.12
CA THR GA 125 6.75 -8.46 -65.46
C THR GA 125 8.21 -8.85 -65.25
N THR GA 126 8.60 -10.04 -65.70
CA THR GA 126 9.98 -10.50 -65.65
C THR GA 126 10.66 -10.30 -67.00
N THR GA 127 10.31 -9.20 -67.67
CA THR GA 127 10.76 -8.94 -69.05
C THR GA 127 12.21 -8.45 -69.07
N PHE GA 128 13.09 -9.26 -68.48
CA PHE GA 128 14.51 -8.97 -68.52
C PHE GA 128 15.06 -9.24 -69.91
N GLY GA 129 14.94 -8.27 -70.80
CA GLY GA 129 15.40 -8.41 -72.16
C GLY GA 129 14.30 -8.51 -73.21
N GLY GA 130 13.05 -8.22 -72.84
CA GLY GA 130 11.94 -8.42 -73.75
C GLY GA 130 11.72 -9.89 -74.06
N ARG GA 131 12.32 -10.75 -73.23
CA ARG GA 131 12.30 -12.19 -73.43
C ARG GA 131 11.93 -12.86 -72.10
N LYS GA 132 10.79 -12.42 -71.54
CA LYS GA 132 10.29 -12.83 -70.22
C LYS GA 132 10.60 -14.28 -69.89
N LEU GA 133 11.18 -14.51 -68.71
CA LEU GA 133 11.93 -15.73 -68.46
C LEU GA 133 11.02 -16.93 -68.22
N LEU GA 134 10.25 -16.89 -67.13
CA LEU GA 134 9.60 -18.09 -66.62
C LEU GA 134 8.31 -18.45 -67.35
N ASP GA 135 7.54 -17.47 -67.82
CA ASP GA 135 6.27 -17.78 -68.47
C ASP GA 135 6.41 -17.73 -69.98
N GLY GA 136 5.29 -17.93 -70.66
CA GLY GA 136 5.29 -17.91 -72.11
C GLY GA 136 6.08 -19.06 -72.67
N SER GA 137 6.87 -18.80 -73.71
CA SER GA 137 7.71 -19.79 -74.36
C SER GA 137 9.15 -19.34 -74.22
N PHE GA 138 9.84 -19.87 -73.22
CA PHE GA 138 11.26 -19.60 -73.01
C PHE GA 138 12.08 -20.50 -73.91
N GLY GA 139 13.02 -19.91 -74.64
CA GLY GA 139 13.77 -20.66 -75.64
C GLY GA 139 14.74 -21.68 -75.09
N THR GA 140 14.88 -21.78 -73.76
CA THR GA 140 15.83 -22.68 -73.11
C THR GA 140 17.23 -22.44 -73.66
N THR GA 141 17.72 -21.22 -73.42
CA THR GA 141 18.98 -20.77 -74.00
C THR GA 141 20.15 -21.44 -73.31
N SER GA 142 21.37 -21.07 -73.71
CA SER GA 142 22.58 -21.67 -73.16
C SER GA 142 23.68 -20.62 -73.24
N PHE GA 143 24.02 -20.05 -72.08
CA PHE GA 143 25.06 -19.02 -72.03
C PHE GA 143 26.44 -19.67 -72.15
N GLN GA 144 27.15 -19.32 -73.21
CA GLN GA 144 28.49 -19.87 -73.44
C GLN GA 144 29.49 -19.23 -72.49
N VAL GA 145 30.27 -20.07 -71.81
CA VAL GA 145 31.24 -19.60 -70.82
C VAL GA 145 32.67 -20.03 -71.16
N GLY GA 146 32.88 -20.78 -72.24
CA GLY GA 146 34.21 -21.20 -72.63
C GLY GA 146 34.70 -20.41 -73.83
N SER GA 147 36.01 -20.43 -74.03
CA SER GA 147 36.66 -19.69 -75.10
C SER GA 147 36.63 -20.42 -76.44
N ASN GA 148 35.99 -21.58 -76.52
CA ASN GA 148 35.85 -22.32 -77.77
C ASN GA 148 34.37 -22.48 -78.11
N ALA GA 149 34.11 -22.97 -79.32
CA ALA GA 149 32.75 -23.06 -79.81
C ALA GA 149 31.97 -24.17 -79.11
N TYR GA 150 30.69 -23.92 -78.87
CA TYR GA 150 29.72 -24.91 -78.41
C TYR GA 150 29.94 -25.40 -77.00
N GLU GA 151 30.98 -24.91 -76.31
CA GLU GA 151 31.11 -25.23 -74.89
C GLU GA 151 30.28 -24.23 -74.08
N THR GA 152 29.06 -24.62 -73.72
CA THR GA 152 28.11 -23.72 -73.08
C THR GA 152 27.50 -24.39 -71.86
N ILE GA 153 26.69 -23.62 -71.15
CA ILE GA 153 25.97 -24.08 -69.96
C ILE GA 153 24.48 -23.90 -70.23
N ASP GA 154 23.74 -25.01 -70.19
CA ASP GA 154 22.31 -24.95 -70.44
C ASP GA 154 21.57 -24.41 -69.23
N ILE GA 155 20.42 -23.80 -69.49
CA ILE GA 155 19.56 -23.25 -68.45
C ILE GA 155 18.15 -23.76 -68.68
N SER GA 156 17.50 -24.22 -67.62
CA SER GA 156 16.26 -24.98 -67.71
C SER GA 156 15.16 -24.34 -66.87
N LEU GA 157 14.95 -23.03 -67.06
CA LEU GA 157 13.83 -22.35 -66.40
C LEU GA 157 12.51 -23.03 -66.74
N GLN GA 158 11.57 -22.96 -65.82
CA GLN GA 158 10.25 -23.54 -66.01
C GLN GA 158 9.60 -22.94 -67.25
N ASN GA 159 8.85 -23.78 -67.98
CA ASN GA 159 8.18 -23.31 -69.20
C ASN GA 159 7.15 -22.24 -68.87
N ALA GA 160 6.43 -22.39 -67.77
CA ALA GA 160 5.42 -21.42 -67.36
C ALA GA 160 5.07 -21.64 -65.90
N SER GA 161 5.06 -20.54 -65.14
CA SER GA 161 4.60 -20.54 -63.76
C SER GA 161 3.26 -19.82 -63.67
N ALA GA 162 2.44 -19.97 -64.70
CA ALA GA 162 1.10 -19.40 -64.75
C ALA GA 162 0.13 -20.28 -63.96
N SER GA 163 -1.17 -20.06 -64.15
CA SER GA 163 -2.17 -20.83 -63.43
C SER GA 163 -2.30 -22.24 -64.01
N ALA GA 164 -1.33 -22.65 -64.82
CA ALA GA 164 -1.28 -24.00 -65.36
C ALA GA 164 -0.38 -24.94 -64.58
N ILE GA 165 0.35 -24.45 -63.59
CA ILE GA 165 1.19 -25.28 -62.73
C ILE GA 165 0.33 -25.88 -61.63
N GLY GA 166 0.73 -27.03 -61.12
CA GLY GA 166 0.00 -27.66 -60.04
C GLY GA 166 0.24 -29.15 -59.91
N SER GA 167 -0.83 -29.91 -59.76
CA SER GA 167 -0.77 -31.37 -59.63
C SER GA 167 -1.04 -31.98 -60.99
N TYR GA 168 0.03 -32.39 -61.67
CA TYR GA 168 -0.12 -33.08 -62.96
C TYR GA 168 -0.58 -34.51 -62.68
N GLN GA 169 -1.77 -34.61 -62.10
CA GLN GA 169 -2.24 -35.86 -61.51
C GLN GA 169 -3.75 -35.93 -61.43
N VAL GA 170 -4.35 -36.95 -62.04
CA VAL GA 170 -5.74 -37.27 -61.76
C VAL GA 170 -5.78 -38.09 -60.47
N GLY GA 171 -5.07 -39.22 -60.46
CA GLY GA 171 -4.86 -40.00 -59.26
C GLY GA 171 -5.62 -41.30 -59.24
N SER GA 172 -6.90 -41.25 -59.63
CA SER GA 172 -7.74 -42.44 -59.71
C SER GA 172 -9.10 -42.12 -60.29
N ASN GA 173 -9.72 -43.11 -60.96
CA ASN GA 173 -11.16 -43.20 -61.20
C ASN GA 173 -11.77 -41.96 -61.84
N GLY GA 174 -10.94 -41.02 -62.31
CA GLY GA 174 -11.47 -39.77 -62.83
C GLY GA 174 -11.04 -39.46 -64.25
N ALA GA 175 -10.18 -40.30 -64.82
CA ALA GA 175 -9.74 -40.10 -66.20
C ALA GA 175 -10.32 -41.16 -67.12
N GLY GA 176 -11.26 -40.75 -67.98
CA GLY GA 176 -11.87 -41.66 -68.93
C GLY GA 176 -13.03 -42.44 -68.35
N THR GA 177 -12.74 -43.46 -67.55
CA THR GA 177 -13.75 -44.29 -66.92
C THR GA 177 -13.40 -44.54 -65.47
N VAL GA 178 -14.41 -44.89 -64.67
CA VAL GA 178 -14.17 -45.21 -63.27
C VAL GA 178 -13.44 -46.54 -63.16
N ALA GA 179 -12.83 -46.77 -62.00
CA ALA GA 179 -12.09 -48.00 -61.75
C ALA GA 179 -13.07 -49.17 -61.57
N SER GA 180 -12.50 -50.36 -61.37
CA SER GA 180 -13.31 -51.57 -61.20
C SER GA 180 -13.45 -52.00 -59.75
N VAL GA 181 -12.37 -51.96 -58.97
CA VAL GA 181 -12.40 -52.31 -57.56
C VAL GA 181 -12.15 -51.08 -56.68
N ALA GA 182 -11.30 -50.16 -57.15
CA ALA GA 182 -11.06 -48.93 -56.41
C ALA GA 182 -12.32 -48.08 -56.39
N GLY GA 183 -12.69 -47.64 -55.19
CA GLY GA 183 -13.89 -46.85 -55.01
C GLY GA 183 -15.16 -47.55 -55.41
N THR GA 184 -15.18 -48.87 -55.25
CA THR GA 184 -16.35 -49.68 -55.63
C THR GA 184 -16.33 -51.02 -54.91
N ALA GA 185 -17.45 -51.41 -54.31
CA ALA GA 185 -17.53 -52.71 -53.64
C ALA GA 185 -17.50 -53.82 -54.68
N THR GA 186 -16.61 -54.78 -54.47
CA THR GA 186 -16.47 -55.93 -55.35
C THR GA 186 -16.45 -57.22 -54.55
N ALA GA 187 -16.64 -58.33 -55.24
CA ALA GA 187 -16.71 -59.64 -54.60
C ALA GA 187 -15.34 -60.19 -54.28
N SER GA 188 -14.42 -60.17 -55.23
CA SER GA 188 -13.09 -60.73 -55.02
C SER GA 188 -12.13 -59.72 -54.41
N GLY GA 189 -12.37 -58.43 -54.62
CA GLY GA 189 -11.49 -57.41 -54.10
C GLY GA 189 -10.34 -57.09 -55.03
N ILE GA 190 -9.28 -56.55 -54.45
CA ILE GA 190 -8.07 -56.22 -55.19
C ILE GA 190 -7.48 -57.49 -55.80
N ALA GA 191 -7.14 -57.44 -57.08
CA ALA GA 191 -6.52 -58.56 -57.78
C ALA GA 191 -5.00 -58.41 -57.77
N SER GA 192 -4.33 -59.52 -58.07
CA SER GA 192 -2.87 -59.54 -58.10
C SER GA 192 -2.37 -58.98 -59.43
N GLY GA 193 -1.05 -58.79 -59.49
CA GLY GA 193 -0.39 -58.28 -60.67
C GLY GA 193 0.45 -57.07 -60.33
N THR GA 194 0.94 -56.40 -61.37
CA THR GA 194 1.77 -55.21 -61.22
C THR GA 194 1.10 -54.02 -61.87
N VAL GA 195 1.46 -52.83 -61.40
CA VAL GA 195 0.96 -51.58 -61.97
C VAL GA 195 2.13 -50.68 -62.28
N ASN GA 196 2.44 -50.51 -63.56
CA ASN GA 196 3.59 -49.73 -63.97
C ASN GA 196 3.38 -48.25 -63.69
N LEU GA 197 4.45 -47.58 -63.24
CA LEU GA 197 4.43 -46.15 -62.98
C LEU GA 197 5.75 -45.56 -63.51
N VAL GA 198 5.71 -45.10 -64.75
CA VAL GA 198 6.88 -44.50 -65.38
C VAL GA 198 6.74 -42.98 -65.32
N GLY GA 199 7.87 -42.30 -65.16
CA GLY GA 199 7.87 -40.85 -65.12
C GLY GA 199 9.18 -40.25 -64.64
N GLY GA 200 9.61 -39.16 -65.28
CA GLY GA 200 10.85 -38.52 -64.93
C GLY GA 200 12.07 -39.40 -65.08
N GLY GA 201 12.15 -40.10 -66.20
CA GLY GA 201 13.28 -40.97 -66.47
C GLY GA 201 13.24 -42.29 -65.73
N GLN GA 202 13.24 -42.24 -64.40
CA GLN GA 202 13.27 -43.46 -63.60
C GLN GA 202 11.97 -44.23 -63.77
N VAL GA 203 12.08 -45.55 -63.87
CA VAL GA 203 10.96 -46.43 -64.13
C VAL GA 203 10.79 -47.37 -62.95
N LYS GA 204 9.54 -47.62 -62.55
CA LYS GA 204 9.20 -48.54 -61.48
C LYS GA 204 8.12 -49.50 -61.93
N ASN GA 205 8.10 -50.68 -61.30
CA ASN GA 205 7.09 -51.69 -61.62
C ASN GA 205 6.49 -52.32 -60.38
N ILE GA 206 6.07 -51.52 -59.40
CA ILE GA 206 5.52 -52.02 -58.14
C ILE GA 206 4.37 -52.99 -58.41
N ALA GA 207 4.39 -54.13 -57.72
CA ALA GA 207 3.36 -55.14 -57.91
C ALA GA 207 2.26 -54.99 -56.87
N ILE GA 208 1.01 -54.95 -57.34
CA ILE GA 208 -0.14 -54.85 -56.45
C ILE GA 208 -0.69 -56.25 -56.25
N ALA GA 209 -0.36 -56.87 -55.12
CA ALA GA 209 -0.82 -58.22 -54.84
C ALA GA 209 -2.31 -58.21 -54.50
N ALA GA 210 -2.93 -59.38 -54.57
CA ALA GA 210 -4.35 -59.50 -54.31
C ALA GA 210 -4.65 -59.49 -52.82
N GLY GA 211 -5.84 -59.00 -52.47
CA GLY GA 211 -6.25 -58.92 -51.09
C GLY GA 211 -5.74 -57.68 -50.38
N ASP GA 212 -4.72 -57.05 -50.94
CA ASP GA 212 -4.09 -55.88 -50.35
C ASP GA 212 -5.09 -54.73 -50.17
N SER GA 213 -5.11 -54.15 -48.97
CA SER GA 213 -5.99 -53.01 -48.71
C SER GA 213 -5.46 -51.76 -49.39
N ALA GA 214 -6.21 -50.67 -49.25
CA ALA GA 214 -5.81 -49.39 -49.83
C ALA GA 214 -4.52 -48.88 -49.19
N LYS GA 215 -4.28 -49.23 -47.93
CA LYS GA 215 -3.03 -48.87 -47.25
C LYS GA 215 -1.83 -49.35 -48.05
N ALA GA 216 -1.85 -50.62 -48.44
CA ALA GA 216 -0.79 -51.20 -49.24
C ALA GA 216 -0.62 -50.40 -50.52
N ILE GA 217 -1.65 -50.39 -51.36
CA ILE GA 217 -1.63 -49.69 -52.64
C ILE GA 217 -0.97 -48.32 -52.48
N ALA GA 218 -1.41 -47.58 -51.45
CA ALA GA 218 -0.86 -46.27 -51.16
C ALA GA 218 0.63 -46.30 -50.89
N GLU GA 219 1.06 -47.05 -49.88
CA GLU GA 219 2.46 -46.94 -49.45
C GLU GA 219 3.42 -47.59 -50.42
N LYS GA 220 3.02 -48.72 -51.04
CA LYS GA 220 3.84 -49.34 -52.08
C LYS GA 220 3.95 -48.41 -53.29
N MET GA 221 2.83 -47.86 -53.76
CA MET GA 221 2.87 -46.99 -54.91
C MET GA 221 3.61 -45.69 -54.62
N ASP GA 222 3.61 -45.24 -53.36
CA ASP GA 222 4.34 -44.05 -52.96
C ASP GA 222 5.82 -44.36 -52.80
N GLY GA 223 6.63 -43.36 -52.47
CA GLY GA 223 8.03 -43.58 -52.19
C GLY GA 223 8.92 -43.48 -53.41
N ALA GA 224 9.17 -44.62 -54.06
CA ALA GA 224 10.13 -44.76 -55.15
C ALA GA 224 10.11 -43.62 -56.16
N ILE GA 225 8.93 -43.26 -56.66
CA ILE GA 225 8.80 -42.20 -57.65
C ILE GA 225 9.20 -40.87 -57.01
N PRO GA 226 10.15 -40.14 -57.60
CA PRO GA 226 10.59 -38.88 -57.00
C PRO GA 226 9.47 -37.85 -56.99
N ASN GA 227 9.29 -37.22 -55.82
CA ASN GA 227 8.30 -36.17 -55.62
C ASN GA 227 6.89 -36.65 -56.00
N LEU GA 228 6.42 -37.64 -55.24
CA LEU GA 228 5.08 -38.17 -55.44
C LEU GA 228 4.46 -38.48 -54.10
N SER GA 229 3.19 -38.10 -53.93
CA SER GA 229 2.43 -38.36 -52.71
C SER GA 229 1.32 -39.34 -53.03
N ALA GA 230 0.68 -39.87 -51.98
CA ALA GA 230 -0.39 -40.84 -52.16
C ALA GA 230 -1.25 -40.86 -50.90
N ARG GA 231 -2.56 -40.75 -51.09
CA ARG GA 231 -3.51 -40.78 -50.00
C ARG GA 231 -4.43 -42.00 -50.16
N ALA GA 232 -5.37 -42.17 -49.23
CA ALA GA 232 -6.33 -43.28 -49.30
C ALA GA 232 -7.54 -42.98 -48.43
N ARG GA 233 -8.73 -43.01 -49.04
CA ARG GA 233 -9.97 -42.77 -48.31
C ARG GA 233 -10.99 -43.81 -48.76
N THR GA 234 -11.89 -44.18 -47.84
CA THR GA 234 -12.91 -45.19 -48.09
C THR GA 234 -14.26 -44.64 -47.60
N VAL GA 235 -14.57 -43.42 -48.01
CA VAL GA 235 -15.83 -42.77 -47.65
C VAL GA 235 -16.93 -43.33 -48.53
N PHE GA 236 -17.98 -43.87 -47.90
CA PHE GA 236 -19.11 -44.43 -48.62
C PHE GA 236 -20.39 -44.21 -47.82
N THR GA 237 -21.51 -44.29 -48.52
CA THR GA 237 -22.82 -44.16 -47.89
C THR GA 237 -23.48 -45.53 -47.78
N ALA GA 238 -24.55 -45.57 -46.98
CA ALA GA 238 -25.28 -46.81 -46.75
C ALA GA 238 -26.73 -46.46 -46.40
N ASP GA 239 -27.60 -47.44 -46.58
CA ASP GA 239 -29.03 -47.24 -46.30
CA ASP GA 239 -29.03 -47.24 -46.30
C ASP GA 239 -29.66 -48.58 -46.03
N VAL GA 240 -30.10 -48.80 -44.80
CA VAL GA 240 -30.75 -50.05 -44.41
C VAL GA 240 -32.25 -49.90 -44.66
N SER GA 241 -32.77 -50.64 -45.64
CA SER GA 241 -34.17 -50.57 -46.00
C SER GA 241 -34.66 -51.96 -46.39
N GLY GA 242 -35.98 -52.09 -46.47
CA GLY GA 242 -36.59 -53.34 -46.88
C GLY GA 242 -36.66 -54.38 -45.78
N VAL GA 243 -36.16 -54.04 -44.60
CA VAL GA 243 -36.11 -54.95 -43.46
C VAL GA 243 -37.53 -55.41 -43.10
N THR GA 244 -37.80 -56.69 -43.26
CA THR GA 244 -39.11 -57.26 -42.96
C THR GA 244 -38.93 -58.64 -42.34
N GLY GA 245 -39.68 -58.89 -41.27
CA GLY GA 245 -39.66 -60.18 -40.60
C GLY GA 245 -38.30 -60.60 -40.09
N GLY GA 246 -37.76 -59.85 -39.13
CA GLY GA 246 -36.49 -60.18 -38.51
C GLY GA 246 -35.49 -59.05 -38.65
N SER GA 247 -34.31 -59.31 -38.10
CA SER GA 247 -33.20 -58.36 -38.13
C SER GA 247 -32.18 -58.77 -39.19
N LEU GA 248 -31.46 -57.78 -39.72
CA LEU GA 248 -30.47 -57.98 -40.76
C LEU GA 248 -29.05 -58.09 -40.20
N ASN GA 249 -28.91 -58.65 -38.99
CA ASN GA 249 -27.64 -58.80 -38.30
C ASN GA 249 -26.55 -59.32 -39.23
N PHE GA 250 -25.43 -58.60 -39.30
CA PHE GA 250 -24.36 -58.93 -40.23
C PHE GA 250 -23.01 -58.63 -39.59
N ASP GA 251 -21.96 -59.17 -40.20
CA ASP GA 251 -20.61 -58.98 -39.70
C ASP GA 251 -19.95 -57.78 -40.38
N VAL GA 252 -19.17 -57.04 -39.61
CA VAL GA 252 -18.43 -55.87 -40.10
C VAL GA 252 -16.95 -56.19 -39.95
N THR GA 253 -16.30 -56.51 -41.06
CA THR GA 253 -14.88 -56.86 -41.09
C THR GA 253 -14.09 -55.70 -41.65
N VAL GA 254 -13.16 -55.17 -40.85
CA VAL GA 254 -12.33 -54.04 -41.26
C VAL GA 254 -10.89 -54.38 -40.95
N GLY GA 255 -10.15 -54.84 -41.96
CA GLY GA 255 -8.75 -55.19 -41.78
C GLY GA 255 -8.52 -56.26 -40.74
N SER GA 256 -7.94 -55.87 -39.60
CA SER GA 256 -7.62 -56.79 -38.52
C SER GA 256 -8.75 -56.89 -37.50
N ASN GA 257 -9.14 -55.77 -36.87
CA ASN GA 257 -10.22 -55.79 -35.91
C ASN GA 257 -11.57 -56.00 -36.61
N THR GA 258 -12.44 -56.76 -35.96
CA THR GA 258 -13.71 -57.15 -36.58
C THR GA 258 -14.73 -57.44 -35.50
N VAL GA 259 -15.86 -56.75 -35.55
CA VAL GA 259 -17.00 -57.04 -34.67
C VAL GA 259 -18.21 -57.35 -35.54
N SER GA 260 -19.31 -57.74 -34.90
CA SER GA 260 -20.52 -58.10 -35.64
C SER GA 260 -21.71 -57.38 -34.99
N LEU GA 261 -22.26 -56.41 -35.70
CA LEU GA 261 -23.41 -55.67 -35.21
C LEU GA 261 -24.65 -56.57 -35.22
N ALA GA 262 -25.66 -56.17 -34.46
CA ALA GA 262 -26.90 -56.92 -34.36
C ALA GA 262 -28.05 -55.95 -34.12
N GLY GA 263 -29.26 -56.42 -34.38
CA GLY GA 263 -30.43 -55.58 -34.19
C GLY GA 263 -30.64 -54.58 -35.31
N VAL GA 264 -30.03 -54.84 -36.47
CA VAL GA 264 -30.16 -53.95 -37.61
C VAL GA 264 -31.60 -53.93 -38.09
N THR GA 265 -32.29 -52.80 -37.91
CA THR GA 265 -33.67 -52.69 -38.34
C THR GA 265 -33.97 -51.39 -39.08
N SER GA 266 -33.07 -50.41 -39.08
CA SER GA 266 -33.34 -49.15 -39.75
C SER GA 266 -32.02 -48.43 -39.99
N THR GA 267 -32.08 -47.34 -40.77
CA THR GA 267 -30.90 -46.57 -41.09
C THR GA 267 -30.25 -45.98 -39.84
N GLN GA 268 -31.06 -45.43 -38.94
CA GLN GA 268 -30.53 -44.80 -37.73
C GLN GA 268 -29.91 -45.84 -36.80
N ASP GA 269 -30.48 -47.05 -36.79
CA ASP GA 269 -29.99 -48.13 -35.95
C ASP GA 269 -28.53 -48.44 -36.26
N LEU GA 270 -28.23 -48.66 -37.55
CA LEU GA 270 -26.85 -48.86 -38.00
C LEU GA 270 -25.99 -47.71 -37.51
N ALA GA 271 -26.30 -46.49 -37.98
CA ALA GA 271 -25.58 -45.28 -37.59
C ALA GA 271 -25.19 -45.31 -36.11
N ASP GA 272 -26.16 -45.54 -35.24
CA ASP GA 272 -25.92 -45.58 -33.80
C ASP GA 272 -24.94 -46.68 -33.40
N GLN GA 273 -25.21 -47.92 -33.79
CA GLN GA 273 -24.37 -49.02 -33.31
C GLN GA 273 -22.95 -48.94 -33.87
N LEU GA 274 -22.83 -48.53 -35.14
CA LEU GA 274 -21.51 -48.33 -35.74
C LEU GA 274 -20.79 -47.17 -35.06
N ASN GA 275 -21.53 -46.13 -34.66
CA ASN GA 275 -20.92 -45.07 -33.88
C ASN GA 275 -20.39 -45.58 -32.56
N SER GA 276 -21.11 -46.53 -31.95
CA SER GA 276 -20.66 -47.14 -30.71
C SER GA 276 -19.37 -47.93 -30.92
N ASN GA 277 -19.30 -48.69 -32.01
CA ASN GA 277 -18.16 -49.56 -32.27
C ASN GA 277 -17.10 -48.93 -33.16
N SER GA 278 -17.23 -47.65 -33.49
CA SER GA 278 -16.27 -47.00 -34.38
C SER GA 278 -14.85 -47.00 -33.80
N SER GA 279 -14.74 -46.83 -32.48
CA SER GA 279 -13.43 -46.80 -31.84
C SER GA 279 -12.68 -48.11 -32.03
N LYS GA 280 -13.35 -49.23 -31.76
CA LYS GA 280 -12.70 -50.53 -31.93
C LYS GA 280 -12.39 -50.81 -33.39
N LEU GA 281 -13.37 -50.61 -34.27
CA LEU GA 281 -13.18 -50.92 -35.68
C LEU GA 281 -12.36 -49.86 -36.41
N GLY GA 282 -12.16 -48.69 -35.82
CA GLY GA 282 -11.41 -47.64 -36.50
C GLY GA 282 -12.20 -46.97 -37.61
N ILE GA 283 -13.49 -46.78 -37.41
CA ILE GA 283 -14.36 -46.19 -38.42
C ILE GA 283 -14.78 -44.80 -37.96
N THR GA 284 -15.34 -44.01 -38.87
CA THR GA 284 -15.94 -42.71 -38.54
C THR GA 284 -17.40 -42.74 -38.97
N ALA GA 285 -18.26 -43.26 -38.09
CA ALA GA 285 -19.68 -43.38 -38.39
C ALA GA 285 -20.40 -42.06 -38.13
N SER GA 286 -20.79 -41.37 -39.19
CA SER GA 286 -21.44 -40.06 -39.09
C SER GA 286 -22.76 -40.10 -39.85
N ILE GA 287 -23.85 -39.84 -39.14
CA ILE GA 287 -25.17 -39.70 -39.75
C ILE GA 287 -25.41 -38.23 -40.04
N ASN GA 288 -25.83 -37.93 -41.26
CA ASN GA 288 -26.04 -36.55 -41.67
C ASN GA 288 -27.50 -36.15 -41.42
N ASP GA 289 -27.83 -34.90 -41.76
CA ASP GA 289 -29.19 -34.41 -41.59
C ASP GA 289 -30.15 -35.13 -42.52
N LYS GA 290 -29.65 -35.64 -43.65
CA LYS GA 290 -30.49 -36.32 -44.62
C LYS GA 290 -30.60 -37.80 -44.30
N GLY GA 291 -30.13 -38.21 -43.13
CA GLY GA 291 -30.27 -39.59 -42.69
C GLY GA 291 -29.22 -40.54 -43.23
N VAL GA 292 -28.90 -40.41 -44.51
CA VAL GA 292 -27.95 -41.29 -45.19
C VAL GA 292 -26.61 -41.27 -44.49
N LEU GA 293 -26.03 -42.45 -44.26
CA LEU GA 293 -24.74 -42.57 -43.59
C LEU GA 293 -23.63 -41.92 -44.41
N THR GA 294 -22.64 -41.35 -43.72
CA THR GA 294 -21.44 -40.77 -44.33
C THR GA 294 -20.19 -41.44 -43.81
N ILE GA 295 -20.19 -42.78 -43.77
CA ILE GA 295 -19.10 -43.59 -43.24
C ILE GA 295 -17.77 -43.16 -43.83
N THR GA 296 -16.78 -42.95 -42.98
CA THR GA 296 -15.47 -42.46 -43.39
C THR GA 296 -14.37 -43.30 -42.74
N SER GA 297 -13.36 -43.63 -43.53
CA SER GA 297 -12.17 -44.31 -43.04
C SER GA 297 -11.08 -43.30 -42.74
N ALA GA 298 -10.11 -43.72 -41.92
CA ALA GA 298 -9.05 -42.83 -41.50
C ALA GA 298 -7.99 -42.68 -42.60
N THR GA 299 -7.34 -43.78 -42.96
CA THR GA 299 -6.30 -43.77 -43.99
C THR GA 299 -6.58 -44.82 -45.06
N GLY GA 300 -7.84 -44.87 -45.50
CA GLY GA 300 -8.23 -45.78 -46.55
C GLY GA 300 -8.25 -47.24 -46.12
N GLU GA 301 -9.20 -47.59 -45.26
CA GLU GA 301 -9.32 -48.97 -44.79
C GLU GA 301 -10.00 -49.84 -45.84
N ASN GA 302 -10.29 -51.09 -45.48
CA ASN GA 302 -10.83 -52.07 -46.42
C ASN GA 302 -12.05 -52.76 -45.84
N VAL GA 303 -12.99 -51.97 -45.31
CA VAL GA 303 -14.20 -52.49 -44.66
C VAL GA 303 -14.90 -53.51 -45.55
N LYS GA 304 -15.22 -54.65 -44.97
CA LYS GA 304 -15.91 -55.73 -45.68
C LYS GA 304 -17.31 -55.90 -45.07
N PHE GA 305 -18.15 -56.67 -45.75
CA PHE GA 305 -19.53 -56.86 -45.29
C PHE GA 305 -19.80 -58.35 -45.21
N GLY GA 306 -20.26 -58.81 -44.05
CA GLY GA 306 -20.47 -60.23 -43.81
C GLY GA 306 -21.73 -60.78 -44.45
N ALA GA 307 -22.36 -61.75 -43.79
CA ALA GA 307 -23.54 -62.42 -44.30
C ALA GA 307 -24.74 -62.10 -43.41
N GLN GA 308 -25.91 -62.59 -43.83
CA GLN GA 308 -27.15 -62.35 -43.12
C GLN GA 308 -27.31 -63.30 -41.93
N THR GA 309 -26.56 -63.00 -40.87
CA THR GA 309 -26.65 -63.82 -39.66
C THR GA 309 -27.99 -63.64 -38.95
N GLY GA 310 -28.71 -62.57 -39.27
CA GLY GA 310 -30.01 -62.32 -38.67
C GLY GA 310 -31.08 -63.22 -39.25
N THR GA 311 -32.34 -62.88 -38.91
CA THR GA 311 -33.49 -63.65 -39.33
C THR GA 311 -34.37 -62.91 -40.32
N ALA GA 312 -33.95 -61.75 -40.81
CA ALA GA 312 -34.73 -60.96 -41.75
C ALA GA 312 -34.98 -61.74 -43.04
N THR GA 313 -36.25 -61.83 -43.44
CA THR GA 313 -36.62 -62.50 -44.68
C THR GA 313 -36.13 -61.68 -45.87
N ALA GA 314 -36.44 -60.39 -45.89
CA ALA GA 314 -36.02 -59.48 -46.94
C ALA GA 314 -35.24 -58.33 -46.33
N GLY GA 315 -34.81 -57.41 -47.19
CA GLY GA 315 -34.06 -56.25 -46.76
C GLY GA 315 -32.62 -56.31 -47.22
N GLN GA 316 -32.03 -55.12 -47.40
CA GLN GA 316 -30.67 -55.01 -47.86
C GLN GA 316 -30.08 -53.63 -47.58
N VAL GA 317 -28.84 -53.41 -48.00
CA VAL GA 317 -28.17 -52.12 -47.88
C VAL GA 317 -27.29 -51.92 -49.10
N ALA GA 318 -27.30 -50.71 -49.63
CA ALA GA 318 -26.54 -50.36 -50.83
C ALA GA 318 -25.25 -49.63 -50.44
N VAL GA 319 -24.37 -49.43 -51.41
CA VAL GA 319 -23.10 -48.76 -51.19
C VAL GA 319 -22.82 -47.83 -52.36
N LYS GA 320 -22.25 -46.66 -52.03
CA LYS GA 320 -21.97 -45.64 -53.03
C LYS GA 320 -20.58 -45.03 -52.88
N VAL GA 321 -19.54 -45.87 -52.78
CA VAL GA 321 -18.18 -45.42 -52.47
C VAL GA 321 -17.76 -44.28 -53.40
N GLN GA 322 -17.45 -43.13 -52.82
CA GLN GA 322 -17.06 -41.98 -53.63
C GLN GA 322 -15.57 -42.03 -53.96
N GLY GA 323 -15.17 -41.21 -54.90
CA GLY GA 323 -13.79 -41.16 -55.32
C GLY GA 323 -13.16 -39.78 -55.18
N SER GA 324 -12.08 -39.53 -55.92
CA SER GA 324 -11.45 -38.22 -55.89
C SER GA 324 -12.36 -37.14 -56.46
N ASP GA 325 -13.29 -37.52 -57.33
CA ASP GA 325 -14.21 -36.55 -57.91
C ASP GA 325 -15.21 -36.01 -56.90
N GLY GA 326 -15.40 -36.70 -55.78
CA GLY GA 326 -16.31 -36.25 -54.75
C GLY GA 326 -17.71 -36.78 -54.90
N LYS GA 327 -18.15 -36.97 -56.15
CA LYS GA 327 -19.51 -37.44 -56.41
C LYS GA 327 -19.66 -38.92 -56.06
N PHE GA 328 -20.67 -39.23 -55.25
CA PHE GA 328 -20.97 -40.62 -54.90
C PHE GA 328 -21.57 -41.34 -56.10
N GLU GA 329 -21.16 -42.59 -56.33
CA GLU GA 329 -21.68 -43.38 -57.44
C GLU GA 329 -23.18 -43.54 -57.34
N ALA GA 330 -23.88 -43.29 -58.45
CA ALA GA 330 -25.33 -43.38 -58.49
C ALA GA 330 -25.80 -44.83 -58.39
N ALA GA 331 -24.88 -45.78 -58.58
CA ALA GA 331 -25.22 -47.19 -58.55
C ALA GA 331 -25.55 -47.64 -57.13
N ALA GA 332 -26.09 -48.86 -56.99
CA ALA GA 332 -26.52 -49.35 -55.68
C ALA GA 332 -26.06 -50.78 -55.44
N LYS GA 333 -24.77 -51.06 -55.64
CA LYS GA 333 -24.22 -52.40 -55.45
C LYS GA 333 -24.56 -52.95 -54.07
N ASN GA 334 -25.25 -54.08 -54.03
CA ASN GA 334 -25.67 -54.68 -52.77
C ASN GA 334 -24.49 -55.35 -52.08
N VAL GA 335 -24.31 -55.05 -50.80
CA VAL GA 335 -23.26 -55.66 -50.00
C VAL GA 335 -23.87 -56.65 -49.00
N VAL GA 336 -24.87 -56.22 -48.24
CA VAL GA 336 -25.58 -57.13 -47.36
C VAL GA 336 -27.04 -57.21 -47.78
N ALA GA 337 -27.51 -58.43 -48.02
CA ALA GA 337 -28.89 -58.63 -48.44
C ALA GA 337 -29.42 -59.91 -47.82
N ALA GA 338 -30.72 -59.91 -47.52
CA ALA GA 338 -31.38 -61.10 -47.00
C ALA GA 338 -31.75 -62.03 -48.14
N GLY GA 339 -32.41 -63.15 -47.83
CA GLY GA 339 -32.75 -64.13 -48.84
C GLY GA 339 -31.53 -64.70 -49.54
N THR GA 340 -31.31 -64.31 -50.79
CA THR GA 340 -30.13 -64.73 -51.53
C THR GA 340 -28.99 -63.77 -51.20
N ALA GA 341 -27.79 -64.31 -51.00
CA ALA GA 341 -26.65 -63.49 -50.66
C ALA GA 341 -26.13 -62.77 -51.89
N ALA GA 342 -25.54 -61.59 -51.67
CA ALA GA 342 -24.96 -60.81 -52.75
C ALA GA 342 -23.54 -61.30 -53.03
N THR GA 343 -22.83 -60.61 -53.93
CA THR GA 343 -21.47 -60.98 -54.26
C THR GA 343 -20.49 -59.90 -53.81
N THR GA 344 -20.71 -58.67 -54.25
CA THR GA 344 -19.82 -57.56 -53.93
C THR GA 344 -19.90 -57.21 -52.45
N THR GA 345 -18.86 -57.56 -51.70
CA THR GA 345 -18.84 -57.29 -50.27
C THR GA 345 -17.56 -56.62 -49.79
N ILE GA 346 -16.48 -56.66 -50.56
CA ILE GA 346 -15.22 -56.06 -50.16
C ILE GA 346 -15.19 -54.60 -50.59
N VAL GA 347 -15.67 -53.72 -49.71
CA VAL GA 347 -15.69 -52.29 -49.99
C VAL GA 347 -14.27 -51.75 -49.93
N THR GA 348 -13.81 -51.16 -51.03
CA THR GA 348 -12.48 -50.55 -51.08
C THR GA 348 -12.61 -49.15 -51.67
N GLY GA 349 -12.01 -48.18 -50.99
CA GLY GA 349 -12.09 -46.79 -51.39
C GLY GA 349 -11.10 -46.45 -52.49
N TYR GA 350 -11.04 -45.16 -52.81
CA TYR GA 350 -10.18 -44.64 -53.84
C TYR GA 350 -8.81 -44.31 -53.27
N VAL GA 351 -7.77 -44.51 -54.08
CA VAL GA 351 -6.40 -44.38 -53.62
C VAL GA 351 -5.67 -43.31 -54.42
N GLN GA 352 -6.41 -42.29 -54.87
CA GLN GA 352 -5.85 -41.26 -55.74
C GLN GA 352 -4.58 -40.68 -55.14
N LEU GA 353 -3.59 -40.46 -56.00
CA LEU GA 353 -2.28 -39.99 -55.60
C LEU GA 353 -1.92 -38.71 -56.35
N ASN GA 354 -0.90 -38.02 -55.87
CA ASN GA 354 -0.54 -36.71 -56.39
C ASN GA 354 0.98 -36.60 -56.53
N SER GA 355 1.41 -35.72 -57.43
CA SER GA 355 2.81 -35.47 -57.72
C SER GA 355 2.95 -34.20 -58.57
N PRO GA 356 3.95 -33.37 -58.29
CA PRO GA 356 4.13 -32.16 -59.11
C PRO GA 356 4.47 -32.47 -60.56
N THR GA 357 5.36 -33.43 -60.80
CA THR GA 357 5.80 -33.73 -62.16
C THR GA 357 4.72 -34.55 -62.88
N ALA GA 358 4.95 -34.85 -64.15
CA ALA GA 358 4.01 -35.61 -64.97
C ALA GA 358 4.39 -37.07 -64.91
N TYR GA 359 3.44 -37.91 -64.51
CA TYR GA 359 3.66 -39.33 -64.35
C TYR GA 359 3.05 -40.10 -65.53
N SER GA 360 3.06 -41.43 -65.42
CA SER GA 360 2.42 -42.29 -66.41
C SER GA 360 2.14 -43.63 -65.75
N VAL GA 361 0.87 -43.99 -65.61
CA VAL GA 361 0.46 -45.21 -64.94
C VAL GA 361 0.00 -46.22 -65.99
N SER GA 362 0.40 -47.47 -65.82
CA SER GA 362 0.04 -48.54 -66.74
C SER GA 362 0.00 -49.86 -65.99
N GLY GA 363 -0.49 -50.90 -66.68
CA GLY GA 363 -0.58 -52.22 -66.10
C GLY GA 363 -1.13 -53.25 -67.07
N THR GA 364 -0.58 -54.46 -67.02
CA THR GA 364 -1.02 -55.52 -67.92
C THR GA 364 -2.44 -55.96 -67.59
N GLY GA 365 -3.28 -55.99 -68.62
CA GLY GA 365 -4.66 -56.43 -68.46
C GLY GA 365 -5.51 -55.49 -67.62
N THR GA 366 -6.16 -56.02 -66.58
CA THR GA 366 -7.03 -55.24 -65.74
C THR GA 366 -6.37 -54.75 -64.46
N GLN GA 367 -5.10 -55.09 -64.23
CA GLN GA 367 -4.39 -54.70 -63.03
C GLN GA 367 -4.37 -53.18 -62.84
N ALA GA 368 -4.28 -52.43 -63.94
CA ALA GA 368 -4.28 -50.98 -63.86
C ALA GA 368 -5.70 -50.43 -63.86
N SER GA 369 -6.56 -50.96 -64.75
CA SER GA 369 -7.92 -50.47 -64.90
C SER GA 369 -8.73 -50.63 -63.62
N GLN GA 370 -8.44 -51.69 -62.85
CA GLN GA 370 -9.20 -51.95 -61.63
C GLN GA 370 -8.98 -50.87 -60.59
N VAL GA 371 -7.84 -50.17 -60.64
CA VAL GA 371 -7.49 -49.18 -59.64
C VAL GA 371 -7.56 -47.76 -60.19
N PHE GA 372 -7.06 -47.55 -61.42
CA PHE GA 372 -6.95 -46.21 -61.98
C PHE GA 372 -7.87 -46.02 -63.18
N GLY GA 373 -8.50 -47.10 -63.65
CA GLY GA 373 -9.43 -47.00 -64.74
C GLY GA 373 -8.75 -46.68 -66.05
N ASN GA 374 -9.41 -45.84 -66.85
CA ASN GA 374 -8.94 -45.51 -68.18
C ASN GA 374 -7.73 -44.57 -68.14
N ALA GA 375 -7.44 -44.02 -66.96
CA ALA GA 375 -6.31 -43.12 -66.75
C ALA GA 375 -5.04 -43.65 -67.39
N SER GA 376 -4.39 -42.85 -68.24
CA SER GA 376 -3.26 -43.34 -69.00
C SER GA 376 -1.94 -42.72 -68.56
N ALA GA 377 -1.82 -41.39 -68.64
CA ALA GA 377 -0.54 -40.79 -68.27
C ALA GA 377 -0.64 -39.86 -67.07
N ALA GA 378 -1.42 -38.78 -67.20
CA ALA GA 378 -1.41 -37.71 -66.20
C ALA GA 378 -2.48 -36.70 -66.56
N GLN GA 379 -2.48 -35.59 -65.81
CA GLN GA 379 -3.33 -34.43 -66.08
C GLN GA 379 -2.51 -33.17 -65.86
N LYS GA 380 -3.17 -32.02 -65.72
CA LYS GA 380 -2.47 -30.78 -65.41
C LYS GA 380 -3.10 -30.12 -64.19
N SER GA 381 -4.41 -30.29 -64.05
CA SER GA 381 -5.24 -29.78 -62.95
C SER GA 381 -5.45 -28.28 -63.02
N SER GA 382 -4.69 -27.59 -63.88
CA SER GA 382 -4.99 -26.26 -64.38
C SER GA 382 -5.61 -25.34 -63.32
N VAL GA 383 -4.87 -25.04 -62.25
CA VAL GA 383 -5.52 -24.52 -61.05
C VAL GA 383 -6.01 -23.09 -61.29
N ALA GA 384 -7.27 -22.98 -61.68
CA ALA GA 384 -8.03 -21.74 -61.66
C ALA GA 384 -9.41 -22.08 -61.08
N SER GA 385 -9.76 -23.36 -61.15
CA SER GA 385 -10.97 -24.04 -60.70
C SER GA 385 -10.90 -24.46 -59.25
N VAL GA 386 -10.18 -23.70 -58.41
CA VAL GA 386 -10.08 -23.96 -56.98
C VAL GA 386 -11.44 -24.25 -56.38
N ASP GA 387 -12.42 -23.39 -56.65
CA ASP GA 387 -13.71 -23.44 -55.97
C ASP GA 387 -13.52 -23.59 -54.47
N ILE GA 388 -12.83 -22.62 -53.85
CA ILE GA 388 -12.49 -22.71 -52.44
C ILE GA 388 -13.73 -22.70 -51.56
N SER GA 389 -14.87 -22.31 -52.13
CA SER GA 389 -16.13 -22.24 -51.38
C SER GA 389 -16.50 -23.60 -50.81
N THR GA 390 -16.41 -24.65 -51.62
CA THR GA 390 -16.79 -25.99 -51.18
C THR GA 390 -15.63 -26.65 -50.46
N ALA GA 391 -15.96 -27.50 -49.49
CA ALA GA 391 -14.95 -28.16 -48.65
C ALA GA 391 -14.03 -29.07 -49.46
N ASP GA 392 -14.63 -30.01 -50.22
CA ASP GA 392 -13.83 -30.91 -51.04
C ASP GA 392 -12.97 -30.13 -52.02
N GLY GA 393 -13.52 -29.06 -52.59
CA GLY GA 393 -12.76 -28.14 -53.41
C GLY GA 393 -11.59 -27.56 -52.66
N ALA GA 394 -11.80 -27.25 -51.39
CA ALA GA 394 -10.72 -26.68 -50.56
C ALA GA 394 -9.60 -27.68 -50.36
N GLN GA 395 -9.94 -28.95 -50.06
CA GLN GA 395 -8.92 -29.96 -49.86
C GLN GA 395 -8.17 -30.24 -51.16
N ASN GA 396 -8.90 -30.28 -52.27
CA ASN GA 396 -8.26 -30.42 -53.58
C ASN GA 396 -7.31 -29.26 -53.83
N ALA GA 397 -7.71 -28.06 -53.41
CA ALA GA 397 -6.84 -26.90 -53.54
C ALA GA 397 -5.58 -27.05 -52.70
N ILE GA 398 -5.73 -27.61 -51.50
CA ILE GA 398 -4.58 -27.86 -50.63
C ILE GA 398 -3.60 -28.77 -51.35
N ALA GA 399 -4.12 -29.87 -51.91
CA ALA GA 399 -3.26 -30.81 -52.63
C ALA GA 399 -2.59 -30.16 -53.83
N VAL GA 400 -3.35 -29.38 -54.60
CA VAL GA 400 -2.82 -28.78 -55.82
C VAL GA 400 -1.76 -27.75 -55.48
N VAL GA 401 -1.98 -26.95 -54.44
CA VAL GA 401 -0.99 -25.94 -54.08
C VAL GA 401 0.25 -26.59 -53.47
N ASP GA 402 0.08 -27.73 -52.78
CA ASP GA 402 1.24 -28.46 -52.28
C ASP GA 402 2.10 -28.96 -53.44
N ASN GA 403 1.48 -29.58 -54.43
CA ASN GA 403 2.25 -30.04 -55.59
C ASN GA 403 2.83 -28.87 -56.37
N ALA GA 404 2.12 -27.74 -56.42
CA ALA GA 404 2.62 -26.56 -57.14
C ALA GA 404 3.86 -26.00 -56.47
N LEU GA 405 3.83 -25.87 -55.14
CA LEU GA 405 5.01 -25.40 -54.43
C LEU GA 405 6.13 -26.42 -54.51
N ALA GA 406 5.80 -27.71 -54.60
CA ALA GA 406 6.83 -28.72 -54.84
C ALA GA 406 7.54 -28.49 -56.17
N ALA GA 407 6.77 -28.27 -57.23
CA ALA GA 407 7.37 -27.99 -58.53
C ALA GA 407 8.17 -26.70 -58.49
N ILE GA 408 7.67 -25.69 -57.78
CA ILE GA 408 8.35 -24.40 -57.72
C ILE GA 408 9.68 -24.54 -56.99
N ASP GA 409 9.71 -25.30 -55.90
CA ASP GA 409 10.98 -25.46 -55.17
C ASP GA 409 11.93 -26.36 -55.94
N ALA GA 410 11.40 -27.28 -56.75
CA ALA GA 410 12.26 -28.04 -57.65
C ALA GA 410 12.92 -27.11 -58.67
N GLN GA 411 12.15 -26.18 -59.23
CA GLN GA 411 12.73 -25.21 -60.15
C GLN GA 411 13.73 -24.30 -59.43
N ARG GA 412 13.46 -23.98 -58.16
CA ARG GA 412 14.39 -23.17 -57.39
C ARG GA 412 15.68 -23.91 -57.12
N ALA GA 413 15.61 -25.22 -56.88
CA ALA GA 413 16.82 -26.01 -56.72
C ALA GA 413 17.59 -26.10 -58.03
N ASP GA 414 16.88 -26.19 -59.16
CA ASP GA 414 17.53 -26.10 -60.46
C ASP GA 414 18.29 -24.79 -60.60
N LEU GA 415 17.64 -23.68 -60.25
CA LEU GA 415 18.29 -22.37 -60.31
C LEU GA 415 19.49 -22.30 -59.37
N ALA GA 416 19.37 -22.93 -58.19
CA ALA GA 416 20.47 -22.94 -57.23
C ALA GA 416 21.68 -23.67 -57.81
N ALA GA 417 21.45 -24.84 -58.40
CA ALA GA 417 22.53 -25.58 -59.05
C ALA GA 417 23.14 -24.75 -60.17
N VAL GA 418 22.30 -24.08 -60.97
CA VAL GA 418 22.79 -23.30 -62.09
C VAL GA 418 23.70 -22.18 -61.60
N GLN GA 419 23.25 -21.46 -60.55
CA GLN GA 419 24.03 -20.33 -60.06
C GLN GA 419 25.30 -20.77 -59.35
N ASN GA 420 25.25 -21.88 -58.60
CA ASN GA 420 26.48 -22.40 -57.98
C ASN GA 420 27.48 -22.80 -59.04
N ARG GA 421 27.00 -23.45 -60.10
CA ARG GA 421 27.86 -23.82 -61.22
C ARG GA 421 28.45 -22.58 -61.89
N PHE GA 422 27.64 -21.54 -62.05
CA PHE GA 422 28.13 -20.30 -62.66
C PHE GA 422 29.20 -19.65 -61.79
N LYS GA 423 29.00 -19.65 -60.47
CA LYS GA 423 29.98 -19.06 -59.57
C LYS GA 423 31.30 -19.83 -59.62
N ASN GA 424 31.23 -21.15 -59.52
CA ASN GA 424 32.44 -21.97 -59.63
C ASN GA 424 33.11 -21.76 -60.98
N THR GA 425 32.32 -21.63 -62.05
CA THR GA 425 32.87 -21.44 -63.38
C THR GA 425 33.57 -20.09 -63.50
N ILE GA 426 32.96 -19.02 -62.98
CA ILE GA 426 33.59 -17.71 -63.09
C ILE GA 426 34.84 -17.63 -62.25
N ASP GA 427 34.86 -18.33 -61.10
CA ASP GA 427 36.09 -18.38 -60.31
C ASP GA 427 37.20 -19.12 -61.06
N ASN GA 428 36.88 -20.30 -61.60
CA ASN GA 428 37.86 -21.06 -62.37
C ASN GA 428 38.37 -20.27 -63.55
N LEU GA 429 37.47 -19.58 -64.25
CA LEU GA 429 37.87 -18.84 -65.44
C LEU GA 429 38.70 -17.61 -65.08
N THR GA 430 38.41 -16.99 -63.94
CA THR GA 430 39.26 -15.89 -63.49
C THR GA 430 40.66 -16.38 -63.14
N ASN GA 431 40.75 -17.54 -62.49
CA ASN GA 431 42.06 -18.13 -62.22
C ASN GA 431 42.80 -18.43 -63.52
N ILE GA 432 42.11 -19.01 -64.49
CA ILE GA 432 42.74 -19.33 -65.77
C ILE GA 432 43.15 -18.06 -66.50
N SER GA 433 42.37 -16.99 -66.35
CA SER GA 433 42.72 -15.73 -66.98
C SER GA 433 43.98 -15.14 -66.37
N GLU GA 434 44.08 -15.16 -65.04
CA GLU GA 434 45.31 -14.72 -64.39
C GLU GA 434 46.51 -15.56 -64.82
N ASN GA 435 46.32 -16.88 -64.91
CA ASN GA 435 47.44 -17.74 -65.29
C ASN GA 435 47.86 -17.50 -66.73
N ALA GA 436 46.89 -17.25 -67.61
CA ALA GA 436 47.20 -16.96 -69.01
C ALA GA 436 47.85 -15.59 -69.16
N THR GA 437 47.45 -14.61 -68.36
CA THR GA 437 48.14 -13.33 -68.39
C THR GA 437 49.56 -13.45 -67.86
N ASN GA 438 49.78 -14.32 -66.86
CA ASN GA 438 51.13 -14.59 -66.40
C ASN GA 438 51.97 -15.23 -67.51
N ALA GA 439 51.38 -16.18 -68.24
CA ALA GA 439 52.07 -16.79 -69.37
C ALA GA 439 52.36 -15.74 -70.45
N ARG GA 440 51.42 -14.83 -70.69
CA ARG GA 440 51.61 -13.81 -71.70
C ARG GA 440 52.72 -12.85 -71.30
N SER GA 441 52.83 -12.54 -70.01
CA SER GA 441 53.93 -11.71 -69.54
C SER GA 441 55.26 -12.43 -69.68
N ARG GA 442 55.31 -13.71 -69.30
CA ARG GA 442 56.54 -14.47 -69.43
C ARG GA 442 56.94 -14.68 -70.89
N ILE GA 443 55.99 -14.61 -71.81
CA ILE GA 443 56.28 -14.86 -73.22
C ILE GA 443 56.51 -13.58 -74.02
N LYS GA 444 55.95 -12.45 -73.59
CA LYS GA 444 56.03 -11.20 -74.34
C LYS GA 444 56.63 -10.04 -73.56
N ASP GA 445 56.27 -9.87 -72.28
CA ASP GA 445 56.76 -8.75 -71.50
C ASP GA 445 58.27 -8.80 -71.40
N THR GA 446 58.93 -7.75 -71.90
CA THR GA 446 60.38 -7.69 -71.85
C THR GA 446 60.85 -7.40 -70.42
N ASP GA 447 61.75 -8.25 -69.93
CA ASP GA 447 62.39 -8.01 -68.63
C ASP GA 447 63.58 -7.07 -68.84
N PHE GA 448 63.26 -5.81 -69.08
CA PHE GA 448 64.24 -4.82 -69.53
C PHE GA 448 65.30 -4.48 -68.48
N ALA GA 449 65.34 -5.18 -67.36
CA ALA GA 449 66.47 -5.03 -66.45
C ALA GA 449 67.80 -5.32 -67.14
N ALA GA 450 67.82 -6.19 -68.14
CA ALA GA 450 68.99 -6.43 -68.96
C ALA GA 450 68.98 -5.67 -70.28
N GLU GA 451 67.81 -5.35 -70.81
CA GLU GA 451 67.73 -4.51 -72.00
C GLU GA 451 68.19 -3.09 -71.75
N THR GA 452 68.16 -2.63 -70.50
CA THR GA 452 68.76 -1.33 -70.19
C THR GA 452 70.27 -1.37 -70.41
N ALA GA 453 70.94 -2.40 -69.87
CA ALA GA 453 72.36 -2.58 -70.15
C ALA GA 453 72.60 -2.77 -71.64
N ALA GA 454 71.68 -3.47 -72.32
CA ALA GA 454 71.82 -3.70 -73.75
C ALA GA 454 71.79 -2.38 -74.52
N LEU GA 455 70.82 -1.52 -74.22
CA LEU GA 455 70.73 -0.24 -74.94
C LEU GA 455 71.91 0.66 -74.60
N SER GA 456 72.36 0.64 -73.35
CA SER GA 456 73.51 1.46 -72.98
C SER GA 456 74.77 1.01 -73.71
N LYS GA 457 74.97 -0.30 -73.82
CA LYS GA 457 76.16 -0.80 -74.51
C LYS GA 457 76.06 -0.57 -76.01
N ASN GA 458 74.84 -0.67 -76.57
CA ASN GA 458 74.64 -0.30 -77.96
C ASN GA 458 75.01 1.16 -78.19
N GLN GA 459 74.57 2.04 -77.29
CA GLN GA 459 74.82 3.47 -77.46
C GLN GA 459 76.30 3.80 -77.33
N VAL GA 460 76.98 3.19 -76.37
CA VAL GA 460 78.41 3.47 -76.22
C VAL GA 460 79.19 2.87 -77.39
N LEU GA 461 78.76 1.71 -77.89
CA LEU GA 461 79.43 1.14 -79.05
C LEU GA 461 79.26 2.03 -80.28
N GLN GA 462 78.06 2.59 -80.46
CA GLN GA 462 77.83 3.46 -81.61
C GLN GA 462 78.62 4.76 -81.49
N GLN GA 463 78.68 5.35 -80.29
CA GLN GA 463 79.46 6.57 -80.13
C GLN GA 463 80.95 6.29 -80.31
N ALA GA 464 81.41 5.12 -79.86
CA ALA GA 464 82.80 4.74 -80.10
C ALA GA 464 83.06 4.54 -81.58
N GLY GA 465 82.06 4.03 -82.31
CA GLY GA 465 82.18 3.91 -83.75
C GLY GA 465 82.32 5.26 -84.42
N THR GA 466 81.48 6.22 -84.05
CA THR GA 466 81.61 7.57 -84.58
C THR GA 466 82.99 8.15 -84.27
N ALA GA 467 83.48 7.93 -83.05
CA ALA GA 467 84.78 8.45 -82.67
C ALA GA 467 85.91 7.80 -83.46
N ILE GA 468 85.82 6.49 -83.71
CA ILE GA 468 86.89 5.82 -84.41
C ILE GA 468 86.87 6.18 -85.89
N LEU GA 469 85.69 6.45 -86.46
CA LEU GA 469 85.66 7.04 -87.79
C LEU GA 469 86.33 8.41 -87.79
N ALA GA 470 85.96 9.28 -86.85
CA ALA GA 470 86.56 10.62 -86.80
C ALA GA 470 88.06 10.55 -86.62
N GLN GA 471 88.56 9.48 -85.99
CA GLN GA 471 90.00 9.33 -85.80
C GLN GA 471 90.68 8.77 -87.04
N ALA GA 472 90.10 7.73 -87.65
CA ALA GA 472 90.76 7.03 -88.75
C ALA GA 472 90.67 7.79 -90.06
N ASN GA 473 89.63 8.60 -90.24
CA ASN GA 473 89.47 9.34 -91.49
C ASN GA 473 90.47 10.49 -91.60
N GLN GA 474 91.34 10.64 -90.59
CA GLN GA 474 92.39 11.65 -90.62
C GLN GA 474 93.77 11.07 -90.92
N LEU GA 475 93.90 9.74 -91.02
CA LEU GA 475 95.21 9.15 -91.26
C LEU GA 475 95.74 9.43 -92.67
N PRO GA 476 95.00 9.13 -93.76
CA PRO GA 476 95.56 9.41 -95.08
C PRO GA 476 95.86 10.88 -95.31
N GLN GA 477 95.15 11.77 -94.63
CA GLN GA 477 95.44 13.20 -94.71
C GLN GA 477 96.90 13.47 -94.37
N ALA GA 478 97.30 13.13 -93.14
CA ALA GA 478 98.68 13.35 -92.71
C ALA GA 478 99.65 12.51 -93.54
N VAL GA 479 99.26 11.29 -93.89
CA VAL GA 479 100.15 10.42 -94.67
C VAL GA 479 100.54 11.11 -95.97
N LEU GA 480 99.55 11.48 -96.79
CA LEU GA 480 99.82 12.09 -98.07
C LEU GA 480 100.40 13.49 -97.93
N SER GA 481 100.03 14.22 -96.88
CA SER GA 481 100.56 15.57 -96.69
C SER GA 481 102.04 15.54 -96.33
N LEU GA 482 102.48 14.48 -95.66
CA LEU GA 482 103.88 14.40 -95.27
C LEU GA 482 104.75 13.67 -96.28
N LEU GA 483 104.18 12.75 -97.07
CA LEU GA 483 104.97 12.12 -98.12
C LEU GA 483 105.13 13.03 -99.33
N ARG GA 484 104.42 14.15 -99.38
CA ARG GA 484 104.54 15.09 -100.50
C ARG GA 484 105.33 16.32 -100.07
#